data_8JZF
#
_entry.id   8JZF
#
_cell.length_a   1.00
_cell.length_b   1.00
_cell.length_c   1.00
_cell.angle_alpha   90.00
_cell.angle_beta   90.00
_cell.angle_gamma   90.00
#
_symmetry.space_group_name_H-M   'P 1'
#
loop_
_entity.id
_entity.type
_entity.pdbx_description
1 polymer 'Chlorophyll a-chlorophyll c-peridinin-protein-complex I-7, acpPCI-7'
2 polymer 'Chlorophyll a-chlorophyll c-peridinin-protein-complex I-6, acpPCI-6'
3 polymer 'Photosystem I unk'
4 polymer 'Photosystem I unk'
5 polymer 'Chlorophyll a-chlorophyll c-peridinin-protein-complex I-8, acpPCI-8'
6 polymer 'Chlorophyll a-chlorophyll c-peridinin-protein-complex I-10, acpPCI-10'
7 polymer 'Photosystem I PsaC'
8 polymer 'Photosystem I PsaD'
9 polymer 'Photosystem I PsaE'
10 polymer 'Photosystem I PsaF'
11 polymer 'Photosystem I PsaR'
12 polymer 'Photosystem I PsaI'
13 polymer 'Photosystem I PsaJ'
14 polymer 'Photosystem I PsaL'
15 polymer 'Photosystem I PsaM'
16 polymer 'Photosystem I PsaA'
17 polymer 'Photosystem I PsaB'
18 polymer 'Chlorophyll a-chlorophyll c-peridinin-protein-complex I-11, acpPCI-11'
19 polymer 'Chlorophyll a-chlorophyll c-peridinin-protein-complex I-9, acpPCI-9'
20 polymer 'Chlorophyll a-chlorophyll c-peridinin-protein-complex I-2, acpPCI-2'
21 polymer 'Chlorophyll a-chlorophyll c-peridinin-protein-complex I-12, acpPCI-12'
22 polymer 'Chlorophyll a-chlorophyll c-peridinin-protein-complex I-3, acpPCI-3'
23 polymer 'Chlorophyll a-chlorophyll c-peridinin-protein-complex I-5, acpPCI-5'
24 polymer 'Chlorophyll a-chlorophyll c-peridinin-protein-complex I-4, acpPCI-4'
25 polymer 'Chlorophyll a-chlorophyll c-peridinin-protein-complex I-13, acpPCI-13'
26 non-polymer "(3S,3'R,5R,6S,7cis)-7',8'-didehydro-5,6-dihydro-5,6-epoxy-beta,beta-carotene-3,3'-diol"
27 non-polymer '[(1~{S},5~{R})-3,3,5-trimethyl-5-oxidanyl-4-[(3~{E},5~{E},7~{E},9~{E},11~{E},13~{E},15~{E},17~{E})-3,7,12,16-tetramethyl-18-[(1~{S},4~{S},6~{R})-2,2,6-trimethyl-4-oxidanyl-7-oxabicyclo[4.1.0]heptan-1-yl]octadeca-1,3,5,7,9,11,13,15,17-nonaenylidene]cyclohexyl] ethanoate'
28 non-polymer 'CHLOROPHYLL A'
29 non-polymer 'Chlorophyll c1'
30 non-polymer 'DIGALACTOSYL DIACYL GLYCEROL (DGDG)'
31 non-polymer 1,2-DISTEAROYL-MONOGALACTOSYL-DIGLYCERIDE
32 non-polymer PERIDININ
33 non-polymer 1,2-DI-O-ACYL-3-O-[6-DEOXY-6-SULFO-ALPHA-D-GLUCOPYRANOSYL]-SN-GLYCEROL
34 non-polymer 'IRON/SULFUR CLUSTER'
35 non-polymer BETA-CAROTENE
36 non-polymer PHYLLOQUINONE
37 non-polymer 1,2-DIPALMITOYL-PHOSPHATIDYL-GLYCEROLE
#
loop_
_entity_poly.entity_id
_entity_poly.type
_entity_poly.pdbx_seq_one_letter_code
_entity_poly.pdbx_strand_id
1 'polypeptide(L)'
;KETSASVPFLPKPKNLAGWVGGETEFDPIGFSNWFDMKWLREAELKHGRVCMMATVGFVLQPYIGAYPGVEMPADSLQAV
YAAPSEAWFAFIFAAGYIESSSYNGKITQLNMFEDSDRVPGNLGWGSTRLEGMSKEESELMQLKELKNGRLAMLAFSGMV
HHNIVVKGALFPLVPDGWTGPEPWAVGSIMNN(UNK)(UNK)(UNK)(UNK)(UNK)(UNK)(UNK)(UNK)
;
I
2 'polypeptide(L)'
;GGYKMSKAVPFLPMSPALEGYVGAEEEGFDPMGFSLALDIRWLREAELKHGRICMLATVGWIATDLGMRLPGPAYQVSTL
EAHDAMVKFGPMAQILIWLGIIEVFSFLAITNMMEGTTDRQPGDYGLRRLYPKDEEGQYEMQLKELRNGRLAMLAFSGIV
TTAVLTGRTWPF(UNK)(UNK)(UNK)(UNK)(UNK)
;
K
3 'polypeptide(L)'
;(UNK)(UNK)(UNK)(UNK)(UNK)(UNK)(UNK)(UNK)(UNK)(UNK)(UNK)(UNK)(UNK)(UNK)(UNK)(UNK)
(UNK)(UNK)(UNK)(UNK)(UNK)(UNK)(UNK)(UNK)(UNK)(UNK)(UNK)(UNK)(UNK)(UNK)(UNK)(UNK)
(UNK)(UNK)(UNK)(UNK)(UNK)(UNK)(UNK)(UNK)(UNK)(UNK)(UNK)(UNK)(UNK)(UNK)(UNK)(UNK)
(UNK)(UNK)(UNK)(UNK)(UNK)(UNK)(UNK)(UNK)(UNK)(UNK)(UNK)(UNK)(UNK)(UNK)(UNK)(UNK)
(UNK)(UNK)(UNK)(UNK)(UNK)(UNK)(UNK)(UNK)(UNK)(UNK)(UNK)(UNK)(UNK)(UNK)
;
z
4 'polypeptide(L)'
;(UNK)(UNK)(UNK)(UNK)(UNK)(UNK)(UNK)(UNK)(UNK)(UNK)(UNK)(UNK)(UNK)(UNK)(UNK)(UNK)
(UNK)(UNK)(UNK)(UNK)(UNK)(UNK)(UNK)(UNK)(UNK)(UNK)(UNK)(UNK)(UNK)(UNK)(UNK)(UNK)
(UNK)(UNK)(UNK)(UNK)(UNK)(UNK)(UNK)(UNK)(UNK)(UNK)(UNK)(UNK)(UNK)(UNK)(UNK)(UNK)
(UNK)(UNK)(UNK)(UNK)(UNK)(UNK)(UNK)(UNK)(UNK)(UNK)(UNK)(UNK)(UNK)(UNK)(UNK)(UNK)
(UNK)(UNK)(UNK)(UNK)(UNK)(UNK)(UNK)(UNK)(UNK)(UNK)(UNK)(UNK)(UNK)(UNK)(UNK)(UNK)
(UNK)(UNK)(UNK)(UNK)(UNK)(UNK)(UNK)(UNK)(UNK)(UNK)(UNK)(UNK)(UNK)(UNK)(UNK)(UNK)
(UNK)(UNK)(UNK)(UNK)(UNK)(UNK)(UNK)(UNK)(UNK)(UNK)(UNK)(UNK)(UNK)(UNK)(UNK)(UNK)
(UNK)(UNK)(UNK)(UNK)(UNK)(UNK)(UNK)(UNK)(UNK)(UNK)(UNK)(UNK)(UNK)(UNK)(UNK)(UNK)
(UNK)(UNK)(UNK)
;
y
5 'polypeptide(L)'
;(UNK)(UNK)(UNK)(UNK)(UNK)(UNK)(UNK)(UNK)(UNK)(UNK)HPKHMLVAGVRGYEMEWQPIPGDAVKYPKP
NSEEMFKTMIGADVETGGEAWDPLGFHKLFDRNFDFNMLPVYPHVQWLREAEIKHGRVCMLAFIGCFAQAGYHIGSYPVQ
PDWSKALAECYASPTGAVGLFQISVLIGWIEGKNYNGDAWVGMSEKEPGDLGFDPAGFTKNPDFDLKKAQLQEIKNGRLA
MVGCASIAANHFIPGSVPLLTGFY
;
G
6 'polypeptide(L)'
;EFAGGLIGGQSAFASQEYNFDPLGLAEKFPEQLPFFREAELKHGRIAMLAWVGLVVPEFVRIPGPEKCWQASAVDAHSAC
V(UNK)(UNK)(UNK)(UNK)(UNK)(UNK)(UNK)(UNK)(UNK)(UNK)(UNK)(UNK)(UNK)(UNK)(UNK)
(UNK)(UNK)(UNK)(UNK)(UNK)GALTQVFIFCGTLEICGTWAKMNPM(UNK)(UNK)(UNK)GLTMENAGDYRLGVN
FLPDEPEKVKEMKLKELKNGRLAMLAFGGAITQATLTGSGFPWLY
;
A
7 'polypeptide(L)'
;SHAVKIYDTCIGCTLCVRACPTDVLEMVPASINAAKQVASSPRVEDCVGCKRCETACPTDFLSIRVYLQDNEETQYSLGL
DLVDWS
;
c
8 'polypeptide(L)'
;VVAEAIPRPEDLLDSPKFPMFEGSTGGYMSRSTRERHAITWTAKGQAKFEMPTGGFAIMNQGENLCYFRKKEQCIALGKQ
LRKMKIENYKIYRLKKDGTVIFMHPADGVFPEKVNKGRVQVNGRPFTIRGNPQQSELKFTKYQGKGYEADPLTTMFVKAR
VMAFADVPNLFALPQPNMDELVPAEEVDKYTRQEYTTRMMEALKRVQDDRAAKAAKSL
;
d
9 'polypeptide(L)' PWVGPKKGSWVKILRPESYWFQQRGQVVNVNQKPEVKYPVTVKFDSVNYANVNTNGYALWEVIEAPAPGPGEV e
10 'polypeptide(L)'
;AKPLEMFGGVDIDLEDTPAHWTIKASPVLEPCKDNKKFHKKLKDELYKVKKNQQKFAEGSAAYARFNKKIKMIELRETAY
GDRLCGKKDGLPRTIATGEWNVRGSAMWPAAIFLYIAGWIGWAGRSYLIRTNDAAKEINIDVPLAVTCMASGFSWPVAAW
QEIVNGEMAVPNDQIHNGGPWNQS
;
f
11 'polypeptide(L)'
;YTETVADERLFEQVYLQYTSEYLKGPLYWHPDKLQGWLPDYPGTPMIKEGKYTSHVIGNLKAFSSNELAFLSMLFFGVGL
YGNLQFNFYDPQWAKVDAGGFFNVSYIVESFLLPISFFMHIACYIQRQNGK
;
h
12 'polypeptide(L)'
;KYGDQRKFAAVLVPLTTLVFPAVAMGMFVLYSFQEDAFWRIVPGTKRARELDEAWREHPLFANSKDPLDGLINPDDYEKG
LEEAWERAKPAGSTVTVKDKLKQLSKQNNPHWESWRAMS
;
i
13 'polypeptide(L)'
;AETEEGLIIKPEEAGKITSRDKNNNPPRIVVKTNDWDIPEYQLSTGASNQVSYITPVVESEDIKAWLSLNVNFFSIIILF
TVGGLIEIQRFFPDTLYW
;
j
14 'polypeptide(L)'
;KIAYLQDIPRTIVEKDALELILKNTPKEQWENPPEDSYLYTVKAFAEMYGPGKATKMGWWDYYRLKMDMPDTTRLSSERE
LQEIEEYEKLMMSGKVPFAVPGPSGYFFTGFVTQWKGKEPFAGDQVITLTENGLFAKQFLSALAFYREGLKPWQRGLEIG
MAHGYFLIGPFTSLGPLRNTPEAATVGLLCGCAIVGIVSIGGLIFGSTIKPTRFDKDGDKPGAGFIEMINWHAVGGLGGA
GFAHALITVF
;
l
15 'polypeptide(L)' RVPGGKRTQELGLVIPMADEDGLTDGQVAGLFVIALVVFISAMDLAKTMYNGINPAKFKTSKGKGYISPLVKRYIENGF m
16 'polypeptide(L)'
;IFRYINTTLWAKAGHFNKALSKGAKTTTWIWNLHDYAHDFDIQQRSTGLIARKVFSSNLAHLSLVFFWISGMHLHGAYLS
NYDIWLKDPKSITPSSHLAYSLIGQDILNSYTSEYFSGITITSGFFQLYRSEGIITQSQLKYACATSLIATLICLSGSYL
HMQLMSKFTSFYKKFQSLSQDHLIIIFGSRSTSLSAHQIHKMLPANPLLDSGISKPSILQVISNSLSYTLALFSTNLSST
GKLLNPSTRSVFLSQVAAHHKTTGVVFITLGLIRFLTMYKSQFSILTSYIDYHIVLSINLALIASLSIIVADHLTRTPIY
PHKSTSYPTILCLSIHHAWLSGFLIIGSGAHASIFNLLGSPTSEIRHRDPIYSHLIWVCIAIGLHSFSLYCHNDTLEALG
RPEDIFHDNSIQLKAIFAKQSFLRAELQPDIEMLDKKIIRITQELGTADFIVHHIHAFTIHVTLLILSKGVLYARNSRFV
SDKLELGFTYPCDGPGRGGTCQISPWDHLFSAVFWMYNCLNVVTFHYFWKMQSDVWGFVSIQKHISHYSQGDFSVNSITI
NGWLRNLLWSEASQVIQSYALSSICPYGFIFLIGHFIWAFSLMFLFSGRAYWQELIESILWSHHKLKIIPHIQPRALSIS
QGRAVGFIHYTLGGIGSTWAFIISRLLVLT
;
a
17 'polypeptide(L)'
;GRCASSRYLQVLGSIHDIECGFGIDNTLSLNLQIFTAHWGHLTIILIWVSSNLYHIASNANYSLWVKNPIPSMPIAHNIW
DPHFTNSTSTPYSHTIITTILIAYSGIYNQLYTSGFNTINQIYKTTFTFSCLAVISILLAKIHINTHSELLHKLASHTSQ
IPSFFQLLYFLDVAISSVNIRFNFHTGILVGLFSIGYTGHLLDITIPASRAPLIHTSPSYLTFFGGLKSNTSSLYLTDIA
HHHLAIGIISILTGHLYSSFRAALGTYIRDILYTSHLTHSIKSLHLALSLILASCTPLTSTTAQHIYSLTPYFYLSYDHI
YSTALYVHHSYITSFLAIASHAHTAITLVRDWVAPLEQESSSKQIRIHTHKAAIISHLSWVSLWLGFHTLAVYSHNDTCI
AFNSPSKQILIEASNGQLIQQASGKALYGTINSINNYNKSFDSFIHPISPGDLYVHHAIALGLHITVLILLKGGLEARGS
KLMPDKMEHSFGFSCDGPGRGGTCDISAWDSFYLATFWMLNSNAWISFYFHYKHLTPRQFSESSTYLESWFRDYLWFNST
PLIHGYSTLGANDLSVQSWSFLLTHLAWASGFMFLISWRGYWQELIDIILYIHLKTPILINLWNGDIYTPLALSIVQARF
IGLVHFSTGLILTYPPFIIGATS
;
b
18 'polypeptide(L)'
;(UNK)(UNK)(UNK)(UNK)(UNK)(UNK)(UNK)(UNK)(UNK)(UNK)(UNK)(UNK)(UNK)(UNK)(UNK)(UNK)
(UNK)(UNK)(UNK)(UNK)VKMSPSVPYLPYPERLEGWVGGEKGFDPLRTSDIIDVYWLREAELKHGRICMLATLGWIS
VDAGWRFEAEMFQGVSVINAHNKMVEMGVMQQMLSIVGVCEIFSLYLIKEGLLGKIQRKAGDYFIGKNFLPKEEDKAKDM
QLKELENGRLAMLAFSGICTQANLFPESHFPY
;
B
19 'polypeptide(L)'
;FENELGVQAPTGFFDPLGLSSDGSIDNFKRRRASEIKHGRVAMLATMGYMTPEITGKFPGYLSYSQSIKFADVPNGLAAM
SKVPVLGWAQVAAYGAVCELSQDQSPGTPGAAGDFGF(UNK)(UNK)(UNK)(UNK)(UNK)KVITSEDEETLKRKLNSE
LANGRLAMMAIIGLFFQDGLTGGAY
;
D
20 'polypeptide(L)'
;FEGELGVTPPMGYFDPLGLSSDGDKKTFIRRRKSELKNGRVAMWACMGWIVPEWYRFPGELSPSSGLKFSEIPNGMAALK
ALPTEAWAQMGAFVALLELGPLWQDESRAPGDFKTCAKYGFPMFFVGGREGSDSDPVKNQYSLNSEINNGRLAMMAITGM
VFQNGITGTTGPEMWA
;
F
21 'polypeptide(L)'
;FESELGVQAPTGFWDPLGFAKDGSMKAFKRRRASEIKHGRIAMLATMGYITPEITGKFPGYLSPSTLLKYDDIPNGLGAI
SKVPALGWAQIFVYCGYAELSQDQTPGSPGAEGNFGFKVLTSSDPDSLEKKLASEIANGRLAMMAFTGMATQDGLTGSAW
;
H
22 'polypeptide(L)'
;REAPKVLAGTGGPLPESFWDPAGFTNNKTDEELLFYRAAELKHGRIAMAAVVGWFTNASGFHYLGDLWLKKPASDNPIEA
FNQLSLLGVFQMVFFIGCLEWLTTVPCPPPKDAPWDVIGMSDVLEEDTDENPMAEYKKIQMQELNNSRLAMVAIIGLIVQ
ATTTG(UNK)(UNK)(UNK)(UNK)(UNK)(UNK)(UNK)(UNK)(UNK)(UNK)(UNK)(UNK)(UNK)(UNK)(UNK)
(UNK)(UNK)(UNK)(UNK)(UNK)(UNK)(UNK)(UNK)(UNK)(UNK)(UNK)(UNK)(UNK)(UNK)(UNK)(UNK)
(UNK)(UNK)(UNK)(UNK)(UNK)(UNK)(UNK)(UNK)(UNK)(UNK)(UNK)(UNK)(UNK)(UNK)(UNK)(UNK)
(UNK)(UNK)(UNK)(UNK)(UNK)(UNK)(UNK)(UNK)
;
J
23 'polypeptide(L)'
;ARRELAVAYEDAGIDLMDNGKFAQGLVGAEAAFGRYEFDPIGFSKYTELVPWFREAELKHGRIAMLAWLGLVVPDFVRIP
GEAYSFEAVPRVIDAHDALNADAGPNFQIILFISIVELCCAKKVFEWNSVETAGDYNLTRLFPEDDEAQKQMRIAELKNG
RLAMIAFGGAVTQAVITGKPFPWTF
;
L
24 'polypeptide(L)'
;FAGGLTGSDYGGFGGKYEWDPVGFSTRWPEHLAWYREAELKHGRIAMLAFAGLLAPDLFRLPWAEFQDSSLDFANAHDKF
VAG(UNK)(UNK)(UNK)(UNK)(UNK)FGPMWWGFIACGGIEYQRFRKLGLGMEGLTLENAGNLGWFDLPKNSEERLFY
ETAELKNGRLAMLAVSGIFTAGIFWDQHHFPFI
;
M
25 'polypeptide(L)'
;FENELGVQAPVGFWDPVGFTADGNVASFRRRRTVELKHGRISMLAAMGYMTPEITGKFPGYLSPSTLLKYDDIPNGLGAI
SKVPALGWAQIFVYCGYAELSQDQTPGSPGAEGNFGFKVLTSSDPDSLEKKLASEIANGRLAMMAFTGMATQDGLTGSAW
;
N
#
loop_
_chem_comp.id
_chem_comp.type
_chem_comp.name
_chem_comp.formula
BCR non-polymer BETA-CAROTENE 'C40 H56'
CLA non-polymer 'CHLOROPHYLL A' 'C55 H72 Mg N4 O5'
DD6 non-polymer (3S,3'R,5R,6S,7cis)-7',8'-didehydro-5,6-dihydro-5,6-epoxy-beta,beta-carotene-3,3'-diol 'C40 H54 O3'
DGD saccharide 'DIGALACTOSYL DIACYL GLYCEROL (DGDG)' 'C51 H96 O15'
KC1 non-polymer 'Chlorophyll c1' 'C35 H30 Mg N4 O5'
LHG non-polymer 1,2-DIPALMITOYL-PHOSPHATIDYL-GLYCEROLE 'C38 H75 O10 P'
LMG non-polymer 1,2-DISTEAROYL-MONOGALACTOSYL-DIGLYCERIDE 'C45 H86 O10'
PID non-polymer PERIDININ 'C39 H50 O7'
PQN non-polymer PHYLLOQUINONE 'C31 H46 O2'
SF4 non-polymer 'IRON/SULFUR CLUSTER' 'Fe4 S4'
SQD non-polymer 1,2-DI-O-ACYL-3-O-[6-DEOXY-6-SULFO-ALPHA-D-GLUCOPYRANOSYL]-SN-GLYCEROL 'C41 H78 O12 S'
UIX non-polymer '[(1~{S},5~{R})-3,3,5-trimethyl-5-oxidanyl-4-[(3~{E},5~{E},7~{E},9~{E},11~{E},13~{E},15~{E},17~{E})-3,7,12,16-tetramethyl-18-[(1~{S},4~{S},6~{R})-2,2,6-trimethyl-4-oxidanyl-7-oxabicyclo[4.1.0]heptan-1-yl]octadeca-1,3,5,7,9,11,13,15,17-nonaenylidene]cyclohexyl] ethanoate' 'C42 H58 O5'
#
# COMPACT_ATOMS: atom_id res chain seq x y z
N LYS A 1 -29.78 -59.78 -5.36
CA LYS A 1 -28.47 -59.20 -5.59
C LYS A 1 -27.41 -60.28 -5.68
N GLU A 2 -27.03 -60.63 -6.91
CA GLU A 2 -26.05 -61.67 -7.13
C GLU A 2 -24.65 -61.20 -6.74
N THR A 3 -23.74 -62.16 -6.62
CA THR A 3 -22.34 -61.88 -6.33
C THR A 3 -21.47 -62.43 -7.46
N SER A 4 -20.27 -61.88 -7.58
CA SER A 4 -19.34 -62.35 -8.59
C SER A 4 -18.88 -63.76 -8.26
N ALA A 5 -18.68 -64.57 -9.31
CA ALA A 5 -18.18 -65.92 -9.10
C ALA A 5 -16.76 -65.92 -8.55
N SER A 6 -15.92 -65.02 -9.04
CA SER A 6 -14.53 -64.98 -8.58
C SER A 6 -14.45 -64.55 -7.12
N VAL A 7 -14.83 -63.31 -6.83
CA VAL A 7 -14.83 -62.83 -5.45
C VAL A 7 -16.27 -62.89 -4.94
N PRO A 8 -16.65 -63.93 -4.19
CA PRO A 8 -18.07 -64.11 -3.82
C PRO A 8 -18.57 -63.13 -2.79
N PHE A 9 -17.68 -62.38 -2.14
CA PHE A 9 -18.08 -61.38 -1.16
C PHE A 9 -18.29 -60.00 -1.78
N LEU A 10 -18.24 -59.89 -3.10
CA LEU A 10 -18.45 -58.64 -3.80
C LEU A 10 -19.59 -58.77 -4.79
N PRO A 11 -20.30 -57.68 -5.07
CA PRO A 11 -21.41 -57.76 -6.03
C PRO A 11 -20.91 -58.12 -7.42
N LYS A 12 -21.76 -58.82 -8.16
CA LYS A 12 -21.41 -59.26 -9.50
C LYS A 12 -21.22 -58.04 -10.41
N PRO A 13 -20.08 -57.91 -11.08
CA PRO A 13 -19.85 -56.74 -11.93
C PRO A 13 -20.78 -56.71 -13.13
N LYS A 14 -21.66 -55.72 -13.18
CA LYS A 14 -22.47 -55.49 -14.37
C LYS A 14 -21.60 -54.93 -15.49
N ASN A 15 -22.15 -54.92 -16.70
CA ASN A 15 -21.48 -54.55 -17.94
C ASN A 15 -20.41 -55.54 -18.34
N LEU A 16 -20.12 -56.55 -17.52
CA LEU A 16 -19.22 -57.63 -17.89
C LEU A 16 -20.07 -58.83 -18.31
N ALA A 17 -20.62 -58.74 -19.52
CA ALA A 17 -21.32 -59.83 -20.14
C ALA A 17 -20.29 -60.85 -20.63
N GLY A 18 -20.72 -61.84 -21.40
CA GLY A 18 -19.78 -62.83 -21.85
C GLY A 18 -18.82 -62.33 -22.90
N TRP A 19 -17.57 -62.09 -22.51
CA TRP A 19 -16.50 -61.90 -23.49
C TRP A 19 -15.44 -62.99 -23.38
N VAL A 20 -14.75 -63.11 -22.24
CA VAL A 20 -13.99 -64.32 -21.95
C VAL A 20 -14.28 -64.81 -20.53
N GLY A 21 -14.05 -63.95 -19.54
CA GLY A 21 -14.16 -64.33 -18.15
C GLY A 21 -15.55 -64.16 -17.60
N GLY A 22 -16.56 -64.41 -18.44
CA GLY A 22 -17.95 -64.33 -18.00
C GLY A 22 -18.33 -65.37 -16.97
N GLU A 23 -17.52 -66.40 -16.79
CA GLU A 23 -17.74 -67.40 -15.76
C GLU A 23 -17.10 -67.03 -14.43
N THR A 24 -16.14 -66.12 -14.44
CA THR A 24 -15.40 -65.69 -13.25
C THR A 24 -15.29 -64.17 -13.22
N GLU A 25 -16.45 -63.50 -13.37
CA GLU A 25 -16.47 -62.05 -13.47
C GLU A 25 -15.65 -61.41 -12.37
N PHE A 26 -14.58 -60.73 -12.77
CA PHE A 26 -13.56 -60.25 -11.85
C PHE A 26 -13.30 -58.78 -12.13
N ASP A 27 -13.94 -57.91 -11.36
CA ASP A 27 -13.72 -56.47 -11.46
C ASP A 27 -14.04 -55.84 -10.10
N PRO A 28 -13.17 -56.05 -9.12
CA PRO A 28 -13.45 -55.49 -7.77
C PRO A 28 -13.50 -53.98 -7.76
N ILE A 29 -12.48 -53.32 -8.32
CA ILE A 29 -12.45 -51.86 -8.34
C ILE A 29 -13.62 -51.31 -9.15
N GLY A 30 -13.89 -51.90 -10.31
CA GLY A 30 -15.03 -51.49 -11.10
C GLY A 30 -14.69 -50.59 -12.27
N PHE A 31 -13.59 -50.90 -12.97
CA PHE A 31 -13.23 -50.10 -14.14
C PHE A 31 -14.25 -50.26 -15.26
N SER A 32 -14.86 -51.44 -15.39
CA SER A 32 -15.87 -51.66 -16.42
C SER A 32 -17.07 -50.75 -16.23
N ASN A 33 -17.43 -50.45 -14.99
CA ASN A 33 -18.50 -49.50 -14.72
C ASN A 33 -18.05 -48.05 -14.88
N TRP A 34 -16.75 -47.80 -14.87
CA TRP A 34 -16.22 -46.46 -15.01
C TRP A 34 -15.75 -46.14 -16.42
N PHE A 35 -15.36 -47.14 -17.21
CA PHE A 35 -14.81 -46.93 -18.53
C PHE A 35 -15.54 -47.81 -19.55
N ASP A 36 -15.37 -47.45 -20.82
CA ASP A 36 -15.90 -48.26 -21.92
C ASP A 36 -15.15 -49.57 -21.95
N MET A 37 -15.82 -50.65 -21.53
CA MET A 37 -15.14 -51.93 -21.34
C MET A 37 -14.64 -52.53 -22.65
N LYS A 38 -15.12 -52.06 -23.80
CA LYS A 38 -14.53 -52.48 -25.06
C LYS A 38 -13.09 -51.99 -25.17
N TRP A 39 -12.84 -50.74 -24.76
CA TRP A 39 -11.47 -50.25 -24.70
C TRP A 39 -10.64 -51.05 -23.70
N LEU A 40 -11.25 -51.43 -22.57
CA LEU A 40 -10.54 -52.24 -21.59
C LEU A 40 -10.16 -53.59 -22.17
N ARG A 41 -11.06 -54.21 -22.93
CA ARG A 41 -10.76 -55.49 -23.58
C ARG A 41 -9.66 -55.32 -24.61
N GLU A 42 -9.70 -54.25 -25.39
CA GLU A 42 -8.65 -54.01 -26.37
C GLU A 42 -7.30 -53.85 -25.68
N ALA A 43 -7.27 -53.10 -24.58
CA ALA A 43 -6.02 -52.90 -23.86
C ALA A 43 -5.52 -54.21 -23.26
N GLU A 44 -6.42 -55.01 -22.69
CA GLU A 44 -6.02 -56.29 -22.11
C GLU A 44 -5.47 -57.22 -23.18
N LEU A 45 -6.12 -57.28 -24.34
CA LEU A 45 -5.65 -58.16 -25.41
C LEU A 45 -4.30 -57.71 -25.95
N LYS A 46 -4.13 -56.40 -26.16
CA LYS A 46 -2.84 -55.91 -26.64
C LYS A 46 -1.75 -56.17 -25.62
N HIS A 47 -2.05 -55.96 -24.34
CA HIS A 47 -1.08 -56.25 -23.29
C HIS A 47 -0.71 -57.72 -23.29
N GLY A 48 -1.71 -58.61 -23.39
CA GLY A 48 -1.43 -60.02 -23.38
C GLY A 48 -0.56 -60.47 -24.54
N ARG A 49 -0.86 -59.94 -25.74
CA ARG A 49 -0.09 -60.33 -26.91
C ARG A 49 1.33 -59.78 -26.85
N VAL A 50 1.47 -58.50 -26.49
CA VAL A 50 2.79 -57.90 -26.35
C VAL A 50 3.59 -58.65 -25.31
N CYS A 51 2.93 -59.11 -24.23
CA CYS A 51 3.64 -59.81 -23.18
C CYS A 51 3.98 -61.24 -23.55
N MET A 52 3.16 -61.93 -24.35
CA MET A 52 3.58 -63.22 -24.89
C MET A 52 4.85 -63.06 -25.71
N MET A 53 4.83 -62.11 -26.66
CA MET A 53 6.02 -61.86 -27.47
C MET A 53 7.19 -61.45 -26.59
N ALA A 54 6.92 -60.67 -25.54
CA ALA A 54 7.98 -60.18 -24.66
C ALA A 54 8.60 -61.30 -23.85
N THR A 55 7.78 -62.22 -23.34
CA THR A 55 8.32 -63.36 -22.61
C THR A 55 9.18 -64.22 -23.53
N VAL A 56 8.71 -64.46 -24.76
CA VAL A 56 9.48 -65.30 -25.68
C VAL A 56 10.81 -64.63 -26.01
N GLY A 57 10.79 -63.33 -26.32
CA GLY A 57 12.02 -62.64 -26.63
C GLY A 57 12.97 -62.51 -25.45
N PHE A 58 12.42 -62.23 -24.27
CA PHE A 58 13.23 -62.10 -23.07
C PHE A 58 13.92 -63.41 -22.73
N VAL A 59 13.21 -64.53 -22.88
CA VAL A 59 13.82 -65.83 -22.68
C VAL A 59 14.87 -66.11 -23.74
N LEU A 60 14.56 -65.79 -25.01
CA LEU A 60 15.42 -66.21 -26.11
C LEU A 60 16.72 -65.42 -26.16
N GLN A 61 16.69 -64.14 -25.80
CA GLN A 61 17.83 -63.26 -26.02
C GLN A 61 19.14 -63.78 -25.44
N PRO A 62 19.19 -64.26 -24.18
CA PRO A 62 20.49 -64.70 -23.64
C PRO A 62 21.10 -65.88 -24.38
N TYR A 63 20.31 -66.67 -25.11
CA TYR A 63 20.80 -67.91 -25.69
C TYR A 63 20.82 -67.89 -27.22
N ILE A 64 19.68 -67.66 -27.87
CA ILE A 64 19.59 -67.73 -29.33
C ILE A 64 19.33 -66.33 -29.86
N GLY A 65 19.84 -65.34 -29.15
CA GLY A 65 19.83 -63.99 -29.67
C GLY A 65 20.94 -63.86 -30.67
N ALA A 66 21.75 -62.80 -30.55
CA ALA A 66 22.97 -62.63 -31.36
C ALA A 66 22.66 -62.69 -32.85
N TYR A 67 21.90 -61.69 -33.30
CA TYR A 67 21.83 -61.42 -34.71
C TYR A 67 23.25 -61.17 -35.22
N PRO A 68 23.58 -61.63 -36.43
CA PRO A 68 24.96 -61.44 -36.92
C PRO A 68 25.38 -59.98 -36.90
N GLY A 69 26.34 -59.65 -36.04
CA GLY A 69 26.84 -58.30 -35.89
C GLY A 69 26.36 -57.55 -34.67
N VAL A 70 25.35 -58.04 -33.96
CA VAL A 70 24.84 -57.35 -32.77
C VAL A 70 25.54 -57.90 -31.54
N GLU A 71 25.71 -57.06 -30.54
CA GLU A 71 26.40 -57.42 -29.31
C GLU A 71 25.43 -58.06 -28.32
N MET A 72 25.99 -58.83 -27.40
CA MET A 72 25.20 -59.73 -26.55
C MET A 72 25.37 -59.44 -25.07
N PRO A 73 24.40 -58.78 -24.43
CA PRO A 73 24.39 -58.71 -22.96
C PRO A 73 23.63 -59.88 -22.35
N ALA A 74 24.21 -60.45 -21.30
CA ALA A 74 23.57 -61.57 -20.62
C ALA A 74 22.27 -61.13 -19.95
N ASP A 75 22.27 -59.97 -19.31
CA ASP A 75 21.08 -59.43 -18.68
C ASP A 75 20.17 -58.86 -19.78
N SER A 76 19.05 -59.53 -20.02
CA SER A 76 18.17 -59.17 -21.13
C SER A 76 17.59 -57.76 -20.98
N LEU A 77 17.54 -57.23 -19.76
CA LEU A 77 17.09 -55.86 -19.58
C LEU A 77 18.04 -54.88 -20.28
N GLN A 78 19.34 -55.15 -20.20
CA GLN A 78 20.34 -54.28 -20.81
C GLN A 78 20.36 -54.38 -22.33
N ALA A 79 19.62 -55.32 -22.92
CA ALA A 79 19.64 -55.51 -24.36
C ALA A 79 19.16 -54.29 -25.13
N VAL A 80 18.36 -53.43 -24.50
CA VAL A 80 17.92 -52.21 -25.16
C VAL A 80 19.12 -51.33 -25.50
N TYR A 81 20.05 -51.18 -24.56
CA TYR A 81 21.23 -50.36 -24.78
C TYR A 81 22.26 -51.08 -25.65
N ALA A 82 22.43 -52.38 -25.46
CA ALA A 82 23.40 -53.15 -26.23
C ALA A 82 22.77 -53.73 -27.49
N ALA A 83 22.13 -52.87 -28.27
CA ALA A 83 21.53 -53.22 -29.54
C ALA A 83 21.73 -52.07 -30.51
N PRO A 84 21.78 -52.34 -31.82
CA PRO A 84 21.91 -51.25 -32.78
C PRO A 84 20.74 -50.29 -32.68
N SER A 85 21.03 -49.00 -32.71
CA SER A 85 19.97 -48.00 -32.71
C SER A 85 19.17 -48.06 -34.00
N GLU A 86 19.78 -48.51 -35.10
CA GLU A 86 19.07 -48.59 -36.37
C GLU A 86 17.99 -49.68 -36.32
N ALA A 87 18.33 -50.85 -35.81
CA ALA A 87 17.34 -51.93 -35.72
C ALA A 87 16.22 -51.56 -34.77
N TRP A 88 16.55 -50.95 -33.64
CA TRP A 88 15.52 -50.51 -32.70
C TRP A 88 14.63 -49.45 -33.32
N PHE A 89 15.22 -48.51 -34.07
CA PHE A 89 14.42 -47.49 -34.74
C PHE A 89 13.47 -48.10 -35.76
N ALA A 90 13.97 -49.04 -36.58
CA ALA A 90 13.13 -49.69 -37.56
C ALA A 90 12.02 -50.48 -36.89
N PHE A 91 12.33 -51.14 -35.78
CA PHE A 91 11.34 -51.92 -35.05
C PHE A 91 10.23 -51.02 -34.49
N ILE A 92 10.61 -49.89 -33.88
CA ILE A 92 9.60 -48.98 -33.35
C ILE A 92 8.79 -48.38 -34.50
N PHE A 93 9.44 -48.12 -35.63
CA PHE A 93 8.72 -47.62 -36.81
C PHE A 93 7.67 -48.62 -37.27
N ALA A 94 8.04 -49.91 -37.34
CA ALA A 94 7.09 -50.93 -37.75
C ALA A 94 5.95 -51.06 -36.75
N ALA A 95 6.27 -51.01 -35.45
CA ALA A 95 5.23 -51.11 -34.42
C ALA A 95 4.25 -49.94 -34.53
N GLY A 96 4.78 -48.73 -34.74
CA GLY A 96 3.91 -47.57 -34.90
C GLY A 96 3.05 -47.67 -36.15
N TYR A 97 3.62 -48.16 -37.25
CA TYR A 97 2.84 -48.33 -38.46
C TYR A 97 1.70 -49.32 -38.24
N ILE A 98 1.99 -50.44 -37.57
CA ILE A 98 0.96 -51.44 -37.31
C ILE A 98 -0.12 -50.86 -36.40
N GLU A 99 0.28 -50.13 -35.36
CA GLU A 99 -0.68 -49.55 -34.45
C GLU A 99 -1.58 -48.53 -35.15
N SER A 100 -1.00 -47.71 -36.02
CA SER A 100 -1.76 -46.65 -36.67
C SER A 100 -2.69 -47.20 -37.74
N SER A 101 -2.18 -48.11 -38.57
CA SER A 101 -2.97 -48.58 -39.71
C SER A 101 -4.07 -49.54 -39.30
N SER A 102 -3.88 -50.28 -38.20
CA SER A 102 -4.87 -51.29 -37.80
C SER A 102 -6.19 -50.65 -37.40
N TYR A 103 -6.13 -49.48 -36.78
CA TYR A 103 -7.33 -48.80 -36.28
C TYR A 103 -7.79 -47.68 -37.21
N ASN A 104 -7.22 -47.59 -38.42
CA ASN A 104 -7.60 -46.58 -39.42
C ASN A 104 -7.47 -45.16 -38.88
N GLY A 105 -6.49 -44.93 -38.01
CA GLY A 105 -6.25 -43.60 -37.49
C GLY A 105 -7.12 -43.19 -36.32
N LYS A 106 -8.08 -44.03 -35.92
CA LYS A 106 -8.89 -43.74 -34.74
C LYS A 106 -8.23 -44.29 -33.48
N ILE A 107 -6.96 -43.95 -33.32
CA ILE A 107 -6.15 -44.50 -32.22
C ILE A 107 -6.29 -43.52 -31.06
N THR A 108 -7.40 -43.67 -30.33
CA THR A 108 -7.73 -42.73 -29.26
C THR A 108 -8.90 -43.25 -28.43
N GLN A 109 -8.78 -43.22 -27.10
CA GLN A 109 -9.83 -43.76 -26.24
C GLN A 109 -11.18 -43.10 -26.51
N LEU A 110 -11.18 -41.83 -26.92
CA LEU A 110 -12.42 -41.18 -27.30
C LEU A 110 -12.92 -41.68 -28.66
N ASN A 111 -12.02 -41.83 -29.62
CA ASN A 111 -12.38 -42.16 -31.00
C ASN A 111 -12.15 -43.62 -31.35
N MET A 112 -11.73 -44.45 -30.41
CA MET A 112 -11.46 -45.86 -30.72
C MET A 112 -12.72 -46.57 -31.19
N PHE A 113 -13.80 -46.47 -30.43
CA PHE A 113 -15.08 -47.05 -30.78
C PHE A 113 -16.11 -45.93 -30.80
N GLU A 114 -16.20 -45.24 -31.94
CA GLU A 114 -17.17 -44.18 -32.13
C GLU A 114 -18.01 -44.38 -33.39
N ASP A 115 -17.40 -44.85 -34.47
CA ASP A 115 -18.12 -45.19 -35.69
C ASP A 115 -17.85 -46.62 -36.15
N SER A 116 -16.61 -47.11 -35.98
CA SER A 116 -16.25 -48.48 -36.31
C SER A 116 -16.21 -49.29 -35.02
N ASP A 117 -17.38 -49.64 -34.52
CA ASP A 117 -17.50 -50.51 -33.34
C ASP A 117 -17.45 -51.97 -33.80
N ARG A 118 -16.29 -52.34 -34.33
CA ARG A 118 -16.08 -53.65 -34.94
C ARG A 118 -16.25 -54.80 -33.96
N VAL A 119 -15.32 -54.91 -33.02
CA VAL A 119 -15.28 -55.97 -32.01
C VAL A 119 -14.12 -55.67 -31.08
N PRO A 120 -14.23 -55.95 -29.79
CA PRO A 120 -13.12 -55.62 -28.88
C PRO A 120 -11.93 -56.55 -29.07
N GLY A 121 -10.83 -56.02 -29.61
CA GLY A 121 -9.62 -56.79 -29.79
C GLY A 121 -9.51 -57.55 -31.09
N ASN A 122 -10.36 -57.26 -32.07
CA ASN A 122 -10.32 -57.93 -33.37
C ASN A 122 -9.62 -57.05 -34.38
N LEU A 123 -8.64 -57.63 -35.09
CA LEU A 123 -7.87 -56.90 -36.09
C LEU A 123 -7.88 -57.60 -37.44
N GLY A 124 -8.69 -58.64 -37.62
CA GLY A 124 -8.73 -59.34 -38.89
C GLY A 124 -7.45 -60.03 -39.27
N TRP A 125 -6.57 -60.28 -38.30
CA TRP A 125 -5.26 -60.89 -38.55
C TRP A 125 -5.33 -62.36 -38.17
N GLY A 126 -5.26 -63.23 -39.16
CA GLY A 126 -5.34 -64.66 -38.90
C GLY A 126 -6.72 -65.16 -38.56
N SER A 127 -7.78 -64.43 -38.92
CA SER A 127 -9.13 -64.91 -38.66
C SER A 127 -9.50 -66.12 -39.51
N THR A 128 -8.74 -66.39 -40.57
CA THR A 128 -9.01 -67.56 -41.40
C THR A 128 -8.83 -68.86 -40.64
N ARG A 129 -8.01 -68.87 -39.59
CA ARG A 129 -7.82 -70.04 -38.75
C ARG A 129 -8.83 -70.12 -37.62
N LEU A 130 -9.76 -69.17 -37.54
CA LEU A 130 -10.84 -69.16 -36.55
C LEU A 130 -12.17 -69.39 -37.27
N GLU A 131 -13.24 -69.43 -36.48
CA GLU A 131 -14.64 -69.50 -36.90
C GLU A 131 -15.02 -70.85 -37.48
N GLY A 132 -14.08 -71.78 -37.66
CA GLY A 132 -14.41 -73.12 -38.09
C GLY A 132 -14.91 -74.01 -36.99
N MET A 133 -14.99 -73.49 -35.77
CA MET A 133 -15.43 -74.23 -34.60
C MET A 133 -16.89 -73.96 -34.25
N SER A 134 -17.63 -73.32 -35.16
CA SER A 134 -19.08 -73.10 -35.00
C SER A 134 -19.40 -72.24 -33.78
N LYS A 135 -18.61 -71.18 -33.59
CA LYS A 135 -18.84 -70.15 -32.58
C LYS A 135 -18.90 -70.68 -31.16
N GLU A 136 -18.53 -71.95 -30.94
CA GLU A 136 -18.54 -72.55 -29.62
C GLU A 136 -17.13 -72.79 -29.11
N GLU A 137 -16.30 -73.51 -29.87
CA GLU A 137 -14.89 -73.63 -29.54
C GLU A 137 -14.07 -72.44 -30.00
N SER A 138 -14.66 -71.56 -30.81
CA SER A 138 -14.02 -70.28 -31.09
C SER A 138 -13.98 -69.42 -29.82
N GLU A 139 -15.05 -69.46 -29.03
CA GLU A 139 -15.03 -68.80 -27.73
C GLU A 139 -13.98 -69.41 -26.83
N LEU A 140 -13.80 -70.74 -26.90
CA LEU A 140 -12.75 -71.38 -26.13
C LEU A 140 -11.36 -70.95 -26.61
N MET A 141 -11.20 -70.75 -27.92
CA MET A 141 -9.93 -70.25 -28.43
C MET A 141 -9.64 -68.85 -27.92
N GLN A 142 -10.67 -67.99 -27.90
CA GLN A 142 -10.52 -66.65 -27.34
C GLN A 142 -10.17 -66.73 -25.86
N LEU A 143 -10.80 -67.65 -25.13
CA LEU A 143 -10.48 -67.85 -23.73
C LEU A 143 -9.03 -68.25 -23.54
N LYS A 144 -8.54 -69.18 -24.37
CA LYS A 144 -7.15 -69.60 -24.28
C LYS A 144 -6.21 -68.44 -24.57
N GLU A 145 -6.54 -67.62 -25.57
CA GLU A 145 -5.73 -66.45 -25.86
C GLU A 145 -5.65 -65.52 -24.65
N LEU A 146 -6.80 -65.27 -24.01
CA LEU A 146 -6.83 -64.37 -22.87
C LEU A 146 -6.05 -64.94 -21.69
N LYS A 147 -6.22 -66.24 -21.41
CA LYS A 147 -5.51 -66.83 -20.28
C LYS A 147 -4.00 -66.80 -20.50
N ASN A 148 -3.57 -67.15 -21.73
CA ASN A 148 -2.15 -67.09 -22.04
C ASN A 148 -1.64 -65.66 -21.95
N GLY A 149 -2.45 -64.69 -22.37
CA GLY A 149 -2.02 -63.30 -22.28
C GLY A 149 -1.82 -62.83 -20.85
N ARG A 150 -2.78 -63.14 -19.98
CA ARG A 150 -2.66 -62.75 -18.58
C ARG A 150 -1.47 -63.44 -17.91
N LEU A 151 -1.32 -64.74 -18.17
CA LEU A 151 -0.17 -65.46 -17.62
C LEU A 151 1.13 -64.88 -18.13
N ALA A 152 1.17 -64.51 -19.41
CA ALA A 152 2.38 -63.92 -19.98
C ALA A 152 2.69 -62.56 -19.38
N MET A 153 1.66 -61.76 -19.10
CA MET A 153 1.88 -60.47 -18.46
C MET A 153 2.50 -60.65 -17.08
N LEU A 154 1.89 -61.51 -16.27
CA LEU A 154 2.44 -61.75 -14.93
C LEU A 154 3.85 -62.34 -15.02
N ALA A 155 4.06 -63.24 -15.97
CA ALA A 155 5.36 -63.89 -16.14
C ALA A 155 6.43 -62.90 -16.56
N PHE A 156 6.13 -61.98 -17.48
CA PHE A 156 7.11 -61.00 -17.89
C PHE A 156 7.44 -60.05 -16.76
N SER A 157 6.43 -59.65 -15.98
CA SER A 157 6.69 -58.85 -14.80
C SER A 157 7.66 -59.56 -13.86
N GLY A 158 7.40 -60.86 -13.62
CA GLY A 158 8.27 -61.63 -12.76
C GLY A 158 9.68 -61.76 -13.31
N MET A 159 9.81 -61.93 -14.62
CA MET A 159 11.12 -62.06 -15.23
C MET A 159 11.93 -60.77 -15.11
N VAL A 160 11.28 -59.63 -15.37
CA VAL A 160 11.96 -58.34 -15.22
C VAL A 160 12.44 -58.16 -13.79
N HIS A 161 11.56 -58.40 -12.82
CA HIS A 161 11.96 -58.16 -11.44
C HIS A 161 12.94 -59.21 -10.91
N HIS A 162 12.92 -60.44 -11.45
CA HIS A 162 13.96 -61.40 -11.13
C HIS A 162 15.31 -60.96 -11.66
N ASN A 163 15.35 -60.47 -12.91
CA ASN A 163 16.60 -59.95 -13.44
C ASN A 163 17.10 -58.75 -12.64
N ILE A 164 16.19 -57.98 -12.04
CA ILE A 164 16.64 -56.86 -11.22
C ILE A 164 17.17 -57.34 -9.86
N VAL A 165 16.46 -58.28 -9.20
CA VAL A 165 16.92 -58.73 -7.89
C VAL A 165 18.23 -59.51 -8.01
N VAL A 166 18.43 -60.19 -9.14
CA VAL A 166 19.66 -60.96 -9.33
C VAL A 166 20.80 -60.10 -9.89
N LYS A 167 20.47 -59.06 -10.66
CA LYS A 167 21.46 -58.22 -11.34
C LYS A 167 22.38 -59.06 -12.21
N GLY A 168 21.79 -59.97 -12.96
CA GLY A 168 22.54 -60.82 -13.87
C GLY A 168 21.62 -61.37 -14.92
N ALA A 169 21.92 -62.59 -15.38
CA ALA A 169 21.09 -63.27 -16.37
C ALA A 169 19.80 -63.72 -15.69
N LEU A 170 18.95 -64.44 -16.45
CA LEU A 170 17.66 -64.88 -15.96
C LEU A 170 17.66 -66.35 -15.55
N PHE A 171 18.01 -67.25 -16.47
CA PHE A 171 17.87 -68.68 -16.24
C PHE A 171 18.81 -69.25 -15.18
N PRO A 172 19.99 -68.66 -14.91
CA PRO A 172 20.69 -69.05 -13.68
C PRO A 172 19.93 -68.58 -12.45
N LEU A 173 18.68 -69.06 -12.32
CA LEU A 173 17.84 -68.69 -11.19
C LEU A 173 18.49 -69.11 -9.89
N VAL A 174 18.44 -68.23 -8.90
CA VAL A 174 19.15 -68.41 -7.64
C VAL A 174 20.62 -68.67 -7.96
N PRO A 175 21.37 -67.68 -8.40
CA PRO A 175 22.77 -67.91 -8.76
C PRO A 175 23.61 -68.23 -7.55
N ASP A 176 24.86 -68.61 -7.80
CA ASP A 176 25.76 -69.01 -6.73
C ASP A 176 26.09 -67.83 -5.83
N GLY A 177 26.00 -68.06 -4.51
CA GLY A 177 26.28 -67.01 -3.55
C GLY A 177 25.25 -65.90 -3.50
N TRP A 178 24.04 -66.16 -4.00
CA TRP A 178 23.01 -65.12 -4.02
C TRP A 178 22.38 -64.90 -2.64
N THR A 179 22.30 -65.95 -1.83
CA THR A 179 21.84 -65.95 -0.44
C THR A 179 20.66 -65.01 -0.17
N GLY A 180 19.68 -64.98 -1.07
CA GLY A 180 18.46 -64.27 -0.83
C GLY A 180 18.50 -62.83 -1.32
N PRO A 181 17.32 -62.25 -1.59
CA PRO A 181 17.27 -60.88 -2.11
C PRO A 181 17.20 -59.82 -1.02
N GLU A 182 18.16 -58.91 -1.02
CA GLU A 182 18.04 -57.64 -0.29
C GLU A 182 18.58 -56.51 -1.15
N PRO A 183 18.17 -56.40 -2.41
CA PRO A 183 18.86 -55.49 -3.35
C PRO A 183 18.24 -54.10 -3.49
N TRP A 184 17.09 -53.84 -2.89
CA TRP A 184 16.41 -52.55 -3.07
C TRP A 184 17.14 -51.52 -2.24
N ALA A 185 18.12 -50.86 -2.86
CA ALA A 185 18.98 -49.90 -2.17
C ALA A 185 18.48 -48.47 -2.40
N VAL A 186 17.28 -48.21 -1.89
CA VAL A 186 16.69 -46.87 -1.90
C VAL A 186 16.26 -46.53 -0.49
N GLY A 187 16.68 -45.36 0.00
CA GLY A 187 16.33 -44.95 1.35
C GLY A 187 14.84 -44.65 1.50
N SER A 188 14.34 -44.88 2.70
CA SER A 188 12.94 -44.66 3.02
C SER A 188 12.84 -44.06 4.41
N ILE A 189 11.73 -43.37 4.67
CA ILE A 189 11.54 -42.75 5.99
C ILE A 189 11.51 -43.82 7.07
N MET A 190 10.78 -44.90 6.84
CA MET A 190 10.82 -46.03 7.77
C MET A 190 12.21 -46.65 7.77
N ASN A 191 12.86 -46.71 6.61
CA ASN A 191 14.24 -47.18 6.55
C ASN A 191 15.16 -46.25 7.32
N ASN A 192 14.97 -44.94 7.18
CA ASN A 192 15.83 -43.97 7.86
C ASN A 192 15.69 -44.11 9.37
N UNK A 193 14.46 -44.23 9.87
CA UNK A 193 14.27 -44.34 11.31
C UNK A 193 14.71 -45.71 11.83
N UNK A 194 14.50 -46.76 11.04
CA UNK A 194 14.91 -48.10 11.47
C UNK A 194 16.42 -48.24 11.51
N UNK A 195 17.10 -47.76 10.47
CA UNK A 195 18.54 -47.90 10.36
C UNK A 195 19.31 -46.85 11.15
N UNK A 196 18.61 -46.02 11.91
CA UNK A 196 19.19 -44.95 12.71
C UNK A 196 19.98 -43.95 11.88
N UNK A 197 19.60 -43.76 10.62
CA UNK A 197 20.25 -42.78 9.77
C UNK A 197 20.07 -41.36 10.32
N UNK A 198 18.83 -41.01 10.63
CA UNK A 198 18.53 -39.75 11.30
C UNK A 198 18.77 -39.93 12.80
N UNK A 199 18.34 -38.96 13.59
CA UNK A 199 18.40 -39.01 15.05
C UNK A 199 19.82 -39.06 15.57
N UNK A 200 19.97 -39.13 16.90
CA UNK A 200 21.26 -39.20 17.56
C UNK A 200 22.17 -38.03 17.18
N GLY B 1 -40.46 -60.93 32.15
CA GLY B 1 -41.70 -60.20 31.97
C GLY B 1 -41.49 -58.76 31.56
N GLY B 2 -40.25 -58.29 31.67
CA GLY B 2 -39.92 -56.93 31.29
C GLY B 2 -38.89 -56.87 30.18
N TYR B 3 -37.77 -56.20 30.44
CA TYR B 3 -36.72 -56.10 29.43
C TYR B 3 -36.10 -57.47 29.17
N LYS B 4 -35.62 -57.65 27.94
CA LYS B 4 -34.85 -58.85 27.61
C LYS B 4 -33.50 -58.74 28.29
N MET B 5 -33.39 -59.27 29.50
CA MET B 5 -32.20 -59.06 30.32
C MET B 5 -31.01 -59.80 29.74
N SER B 6 -29.85 -59.14 29.72
CA SER B 6 -28.64 -59.76 29.23
C SER B 6 -28.23 -60.91 30.13
N LYS B 7 -27.77 -62.01 29.51
CA LYS B 7 -27.37 -63.17 30.29
C LYS B 7 -26.04 -62.96 30.98
N ALA B 8 -25.10 -62.26 30.31
CA ALA B 8 -23.79 -62.03 30.91
C ALA B 8 -23.90 -61.12 32.12
N VAL B 9 -24.33 -59.89 31.91
CA VAL B 9 -24.45 -58.91 33.00
C VAL B 9 -25.91 -58.87 33.44
N PRO B 10 -26.27 -59.60 34.50
CA PRO B 10 -27.70 -59.77 34.82
C PRO B 10 -28.40 -58.51 35.24
N PHE B 11 -27.67 -57.47 35.66
CA PHE B 11 -28.31 -56.23 36.09
C PHE B 11 -28.38 -55.18 35.00
N LEU B 12 -28.03 -55.54 33.76
CA LEU B 12 -28.10 -54.61 32.64
C LEU B 12 -28.90 -55.28 31.51
N PRO B 13 -29.92 -54.61 30.97
CA PRO B 13 -30.68 -55.20 29.86
C PRO B 13 -29.82 -55.35 28.63
N MET B 14 -30.13 -56.39 27.85
CA MET B 14 -29.36 -56.68 26.65
C MET B 14 -29.62 -55.63 25.58
N SER B 15 -28.56 -55.20 24.91
CA SER B 15 -28.70 -54.19 23.87
C SER B 15 -29.47 -54.78 22.69
N PRO B 16 -30.39 -54.01 22.08
CA PRO B 16 -31.20 -54.55 20.98
C PRO B 16 -30.39 -54.95 19.76
N ALA B 17 -29.17 -54.40 19.59
CA ALA B 17 -28.34 -54.75 18.45
C ALA B 17 -27.77 -56.15 18.55
N LEU B 18 -27.88 -56.80 19.70
CA LEU B 18 -27.34 -58.13 19.91
C LEU B 18 -28.36 -59.22 19.59
N GLU B 19 -29.52 -58.87 19.03
CA GLU B 19 -30.55 -59.84 18.74
C GLU B 19 -30.28 -60.54 17.41
N GLY B 20 -30.41 -61.86 17.41
CA GLY B 20 -30.32 -62.62 16.18
C GLY B 20 -28.93 -62.72 15.57
N TYR B 21 -27.90 -62.38 16.32
CA TYR B 21 -26.53 -62.46 15.83
C TYR B 21 -25.78 -63.61 16.51
N VAL B 22 -24.70 -64.03 15.86
CA VAL B 22 -23.87 -65.08 16.41
C VAL B 22 -23.26 -64.63 17.72
N GLY B 23 -22.98 -65.58 18.61
CA GLY B 23 -22.63 -65.22 19.97
C GLY B 23 -23.86 -64.54 20.54
N ALA B 24 -23.68 -63.28 20.97
CA ALA B 24 -24.79 -62.37 21.17
C ALA B 24 -25.90 -62.97 22.03
N GLU B 25 -26.94 -63.50 21.39
CA GLU B 25 -28.09 -64.00 22.15
C GLU B 25 -27.81 -65.37 22.72
N GLU B 26 -26.67 -65.51 23.40
CA GLU B 26 -26.40 -66.64 24.28
C GLU B 26 -25.75 -66.10 25.54
N GLU B 27 -25.07 -64.97 25.41
CA GLU B 27 -24.45 -64.25 26.52
C GLU B 27 -24.83 -62.77 26.56
N GLY B 28 -24.93 -62.12 25.40
CA GLY B 28 -25.34 -60.73 25.35
C GLY B 28 -24.48 -59.79 26.15
N PHE B 29 -23.16 -59.99 26.12
CA PHE B 29 -22.25 -59.19 26.93
C PHE B 29 -21.97 -57.86 26.23
N ASP B 30 -22.52 -56.79 26.77
CA ASP B 30 -22.22 -55.43 26.33
C ASP B 30 -22.59 -54.44 27.41
N PRO B 31 -21.89 -54.44 28.55
CA PRO B 31 -22.27 -53.52 29.62
C PRO B 31 -22.00 -52.07 29.31
N MET B 32 -20.93 -51.76 28.57
CA MET B 32 -20.61 -50.38 28.23
C MET B 32 -21.42 -49.86 27.05
N GLY B 33 -22.19 -50.71 26.39
CA GLY B 33 -23.05 -50.28 25.31
C GLY B 33 -22.33 -49.76 24.07
N PHE B 34 -21.26 -50.45 23.65
CA PHE B 34 -20.63 -50.09 22.38
C PHE B 34 -21.56 -50.36 21.21
N SER B 35 -22.33 -51.46 21.28
CA SER B 35 -23.30 -51.75 20.23
C SER B 35 -24.42 -50.72 20.17
N LEU B 36 -24.64 -49.97 21.26
CA LEU B 36 -25.62 -48.90 21.25
C LEU B 36 -25.10 -47.63 20.58
N ALA B 37 -23.79 -47.54 20.32
CA ALA B 37 -23.19 -46.37 19.71
C ALA B 37 -22.62 -46.60 18.33
N LEU B 38 -22.30 -47.85 17.97
CA LEU B 38 -21.75 -48.16 16.66
C LEU B 38 -22.59 -49.25 16.01
N ASP B 39 -22.50 -49.33 14.68
CA ASP B 39 -23.22 -50.36 13.94
C ASP B 39 -22.74 -51.74 14.37
N ILE B 40 -23.70 -52.63 14.64
CA ILE B 40 -23.37 -53.98 15.10
C ILE B 40 -22.62 -54.73 14.01
N ARG B 41 -22.94 -54.46 12.74
CA ARG B 41 -22.26 -55.13 11.64
C ARG B 41 -20.78 -54.79 11.60
N TRP B 42 -20.44 -53.50 11.76
CA TRP B 42 -19.03 -53.11 11.75
C TRP B 42 -18.30 -53.66 12.97
N LEU B 43 -18.95 -53.63 14.13
CA LEU B 43 -18.34 -54.19 15.33
C LEU B 43 -18.08 -55.68 15.16
N ARG B 44 -19.03 -56.42 14.59
CA ARG B 44 -18.84 -57.85 14.36
C ARG B 44 -17.73 -58.11 13.37
N GLU B 45 -17.65 -57.30 12.30
CA GLU B 45 -16.57 -57.44 11.34
C GLU B 45 -15.22 -57.25 12.03
N ALA B 46 -15.10 -56.19 12.83
CA ALA B 46 -13.84 -55.94 13.53
C ALA B 46 -13.52 -57.05 14.51
N GLU B 47 -14.53 -57.56 15.22
CA GLU B 47 -14.30 -58.63 16.18
C GLU B 47 -13.82 -59.90 15.49
N LEU B 48 -14.45 -60.26 14.36
CA LEU B 48 -14.04 -61.46 13.65
C LEU B 48 -12.64 -61.31 13.06
N LYS B 49 -12.34 -60.12 12.52
CA LYS B 49 -10.99 -59.89 11.97
C LYS B 49 -9.95 -59.98 13.08
N HIS B 50 -10.22 -59.36 14.23
CA HIS B 50 -9.30 -59.45 15.35
C HIS B 50 -9.12 -60.89 15.81
N GLY B 51 -10.22 -61.64 15.90
CA GLY B 51 -10.12 -63.02 16.32
C GLY B 51 -9.25 -63.84 15.38
N ARG B 52 -9.45 -63.68 14.07
CA ARG B 52 -8.64 -64.42 13.10
C ARG B 52 -7.17 -64.02 13.17
N ILE B 53 -6.91 -62.71 13.27
CA ILE B 53 -5.55 -62.23 13.37
C ILE B 53 -4.86 -62.82 14.60
N CYS B 54 -5.58 -62.85 15.73
CA CYS B 54 -5.00 -63.39 16.96
C CYS B 54 -4.82 -64.90 16.89
N MET B 55 -5.74 -65.60 16.25
CA MET B 55 -5.60 -67.05 16.13
C MET B 55 -4.38 -67.41 15.28
N LEU B 56 -4.09 -66.60 14.25
CA LEU B 56 -2.85 -66.82 13.51
C LEU B 56 -1.63 -66.39 14.32
N ALA B 57 -1.72 -65.26 15.01
CA ALA B 57 -0.56 -64.69 15.68
C ALA B 57 -0.13 -65.50 16.90
N THR B 58 -1.10 -66.03 17.64
CA THR B 58 -0.79 -66.85 18.79
C THR B 58 -0.02 -68.09 18.37
N VAL B 59 -0.51 -68.78 17.33
CA VAL B 59 0.17 -69.99 16.86
C VAL B 59 1.52 -69.64 16.28
N GLY B 60 1.63 -68.49 15.62
CA GLY B 60 2.94 -68.06 15.14
C GLY B 60 3.92 -67.84 16.27
N TRP B 61 3.48 -67.20 17.35
CA TRP B 61 4.34 -66.99 18.50
C TRP B 61 4.73 -68.33 19.14
N ILE B 62 3.77 -69.25 19.25
CA ILE B 62 4.07 -70.57 19.81
C ILE B 62 5.15 -71.25 18.98
N ALA B 63 4.95 -71.29 17.65
CA ALA B 63 5.88 -71.98 16.78
C ALA B 63 7.27 -71.34 16.82
N THR B 64 7.32 -70.01 16.83
CA THR B 64 8.61 -69.33 16.84
C THR B 64 9.34 -69.54 18.17
N ASP B 65 8.61 -69.47 19.29
CA ASP B 65 9.24 -69.67 20.59
C ASP B 65 9.72 -71.10 20.77
N LEU B 66 8.92 -72.08 20.32
CA LEU B 66 9.29 -73.48 20.49
C LEU B 66 10.48 -73.88 19.62
N GLY B 67 10.90 -73.03 18.68
CA GLY B 67 12.09 -73.28 17.89
C GLY B 67 11.86 -73.50 16.41
N MET B 68 10.63 -73.48 15.93
CA MET B 68 10.38 -73.65 14.51
C MET B 68 10.84 -72.41 13.76
N ARG B 69 11.67 -72.61 12.74
CA ARG B 69 12.28 -71.51 12.00
C ARG B 69 12.32 -71.86 10.52
N LEU B 70 12.42 -70.83 9.70
CA LEU B 70 12.61 -71.02 8.28
C LEU B 70 14.08 -71.33 7.99
N PRO B 71 14.37 -72.13 6.96
CA PRO B 71 15.75 -72.59 6.75
C PRO B 71 16.70 -71.50 6.27
N GLY B 72 16.79 -70.41 7.03
CA GLY B 72 17.68 -69.32 6.70
C GLY B 72 18.38 -68.76 7.92
N PRO B 73 19.68 -68.51 7.79
CA PRO B 73 20.43 -67.93 8.93
C PRO B 73 19.94 -66.55 9.32
N ALA B 74 19.24 -65.85 8.42
CA ALA B 74 18.68 -64.54 8.75
C ALA B 74 17.55 -64.62 9.76
N TYR B 75 16.99 -65.79 9.99
CA TYR B 75 15.84 -65.96 10.88
C TYR B 75 16.25 -66.47 12.26
N GLN B 76 17.54 -66.53 12.56
CA GLN B 76 18.01 -67.03 13.85
C GLN B 76 17.98 -65.88 14.87
N VAL B 77 16.76 -65.44 15.16
CA VAL B 77 16.50 -64.39 16.14
C VAL B 77 15.37 -64.84 17.05
N SER B 78 15.30 -64.21 18.22
CA SER B 78 14.21 -64.48 19.13
C SER B 78 12.90 -63.88 18.59
N THR B 79 11.79 -64.34 19.16
CA THR B 79 10.49 -63.86 18.71
C THR B 79 10.30 -62.38 19.00
N LEU B 80 10.91 -61.88 20.07
CA LEU B 80 10.79 -60.45 20.40
C LEU B 80 11.44 -59.60 19.32
N GLU B 81 12.65 -59.96 18.91
CA GLU B 81 13.37 -59.21 17.87
C GLU B 81 12.96 -59.63 16.47
N ALA B 82 12.06 -60.61 16.33
CA ALA B 82 11.66 -61.07 15.00
C ALA B 82 11.05 -59.93 14.20
N HIS B 83 10.21 -59.11 14.83
CA HIS B 83 9.56 -58.04 14.10
C HIS B 83 10.57 -57.04 13.56
N ASP B 84 11.45 -56.52 14.43
CA ASP B 84 12.42 -55.52 13.98
C ASP B 84 13.43 -56.12 13.01
N ALA B 85 13.91 -57.33 13.29
CA ALA B 85 14.89 -57.96 12.42
C ALA B 85 14.32 -58.19 11.03
N MET B 86 13.06 -58.62 10.96
CA MET B 86 12.45 -58.88 9.65
C MET B 86 11.99 -57.60 8.97
N VAL B 87 11.67 -56.55 9.73
CA VAL B 87 11.40 -55.26 9.12
C VAL B 87 12.64 -54.74 8.43
N LYS B 88 13.79 -54.85 9.10
CA LYS B 88 15.06 -54.47 8.49
C LYS B 88 15.48 -55.46 7.39
N PHE B 89 15.02 -56.70 7.47
CA PHE B 89 15.37 -57.70 6.46
C PHE B 89 14.60 -57.51 5.16
N GLY B 90 13.36 -57.03 5.24
CA GLY B 90 12.55 -56.87 4.05
C GLY B 90 11.19 -57.57 4.02
N PRO B 91 11.08 -58.80 4.54
CA PRO B 91 9.82 -59.54 4.37
C PRO B 91 8.64 -58.89 5.07
N MET B 92 8.85 -58.07 6.10
CA MET B 92 7.71 -57.42 6.74
C MET B 92 7.06 -56.41 5.80
N ALA B 93 7.86 -55.70 5.00
CA ALA B 93 7.29 -54.79 4.01
C ALA B 93 6.47 -55.54 2.97
N GLN B 94 6.97 -56.68 2.50
CA GLN B 94 6.24 -57.48 1.51
C GLN B 94 4.96 -58.06 2.11
N ILE B 95 5.04 -58.54 3.35
CA ILE B 95 3.84 -59.02 4.05
C ILE B 95 2.84 -57.88 4.16
N LEU B 96 3.32 -56.66 4.44
CA LEU B 96 2.41 -55.53 4.53
C LEU B 96 1.76 -55.22 3.19
N ILE B 97 2.52 -55.36 2.09
CA ILE B 97 1.95 -55.14 0.77
C ILE B 97 0.84 -56.15 0.48
N TRP B 98 1.10 -57.43 0.79
CA TRP B 98 0.11 -58.46 0.52
C TRP B 98 -1.12 -58.29 1.41
N LEU B 99 -0.92 -58.03 2.70
CA LEU B 99 -2.05 -57.75 3.56
C LEU B 99 -2.76 -56.47 3.12
N GLY B 100 -2.05 -55.55 2.49
CA GLY B 100 -2.69 -54.37 1.95
C GLY B 100 -3.64 -54.67 0.81
N ILE B 101 -3.23 -55.53 -0.11
CA ILE B 101 -4.14 -55.87 -1.21
C ILE B 101 -5.33 -56.68 -0.67
N ILE B 102 -5.07 -57.60 0.26
CA ILE B 102 -6.18 -58.38 0.83
C ILE B 102 -7.12 -57.46 1.60
N GLU B 103 -6.58 -56.45 2.28
CA GLU B 103 -7.42 -55.51 3.02
C GLU B 103 -8.12 -54.52 2.11
N VAL B 104 -7.57 -54.25 0.93
CA VAL B 104 -8.32 -53.49 -0.08
C VAL B 104 -9.56 -54.28 -0.49
N PHE B 105 -9.40 -55.58 -0.70
CA PHE B 105 -10.56 -56.40 -1.02
C PHE B 105 -11.55 -56.46 0.15
N SER B 106 -11.03 -56.55 1.38
CA SER B 106 -11.89 -56.55 2.55
C SER B 106 -12.63 -55.22 2.71
N PHE B 107 -11.95 -54.11 2.41
CA PHE B 107 -12.59 -52.80 2.46
C PHE B 107 -13.69 -52.69 1.42
N LEU B 108 -13.45 -53.23 0.22
CA LEU B 108 -14.52 -53.27 -0.78
C LEU B 108 -15.69 -54.11 -0.28
N ALA B 109 -15.41 -55.23 0.38
CA ALA B 109 -16.48 -56.06 0.94
C ALA B 109 -17.29 -55.28 1.96
N ILE B 110 -16.62 -54.56 2.85
CA ILE B 110 -17.32 -53.78 3.88
C ILE B 110 -18.15 -52.67 3.24
N THR B 111 -17.58 -51.95 2.27
CA THR B 111 -18.30 -50.86 1.65
C THR B 111 -19.53 -51.37 0.91
N ASN B 112 -19.40 -52.49 0.20
CA ASN B 112 -20.54 -53.03 -0.55
C ASN B 112 -21.54 -53.75 0.34
N MET B 113 -21.16 -54.14 1.55
CA MET B 113 -22.11 -54.74 2.48
C MET B 113 -22.87 -53.69 3.27
N MET B 114 -22.17 -52.66 3.77
CA MET B 114 -22.82 -51.62 4.55
C MET B 114 -23.79 -50.80 3.70
N GLU B 115 -23.47 -50.62 2.42
CA GLU B 115 -24.38 -49.94 1.50
C GLU B 115 -25.48 -50.84 0.98
N GLY B 116 -25.44 -52.13 1.29
CA GLY B 116 -26.48 -53.04 0.84
C GLY B 116 -26.36 -53.49 -0.59
N THR B 117 -25.28 -53.14 -1.29
CA THR B 117 -25.12 -53.59 -2.67
C THR B 117 -25.04 -55.11 -2.75
N THR B 118 -24.46 -55.74 -1.74
CA THR B 118 -24.45 -57.19 -1.60
C THR B 118 -25.23 -57.58 -0.34
N ASP B 119 -25.37 -58.88 -0.13
CA ASP B 119 -26.09 -59.43 1.02
C ASP B 119 -25.13 -60.19 1.94
N ARG B 120 -23.97 -59.59 2.20
CA ARG B 120 -22.90 -60.27 2.92
C ARG B 120 -23.13 -60.19 4.42
N GLN B 121 -22.95 -61.33 5.10
CA GLN B 121 -22.88 -61.33 6.55
C GLN B 121 -21.58 -60.66 6.97
N PRO B 122 -21.52 -60.10 8.20
CA PRO B 122 -20.38 -59.27 8.60
C PRO B 122 -19.02 -59.88 8.33
N GLY B 123 -18.73 -61.05 8.90
CA GLY B 123 -17.43 -61.65 8.71
C GLY B 123 -17.31 -62.60 7.54
N ASP B 124 -18.38 -62.79 6.77
CA ASP B 124 -18.38 -63.80 5.71
C ASP B 124 -17.55 -63.33 4.52
N TYR B 125 -16.61 -64.17 4.10
CA TYR B 125 -15.87 -63.95 2.87
C TYR B 125 -16.15 -65.03 1.82
N GLY B 126 -17.06 -65.96 2.11
CA GLY B 126 -17.45 -66.96 1.14
C GLY B 126 -16.86 -68.33 1.40
N LEU B 127 -15.76 -68.39 2.17
CA LEU B 127 -15.12 -69.66 2.48
C LEU B 127 -16.08 -70.59 3.20
N ARG B 128 -16.47 -71.69 2.55
CA ARG B 128 -17.39 -72.66 3.14
C ARG B 128 -16.72 -74.04 3.07
N ARG B 129 -15.87 -74.32 4.06
CA ARG B 129 -15.22 -75.60 4.20
C ARG B 129 -15.34 -76.04 5.65
N LEU B 130 -15.69 -77.31 5.85
CA LEU B 130 -15.99 -77.86 7.18
C LEU B 130 -17.14 -77.10 7.84
N TYR B 131 -17.98 -76.46 7.03
CA TYR B 131 -19.10 -75.69 7.53
C TYR B 131 -20.35 -76.57 7.56
N PRO B 132 -21.02 -76.71 8.70
CA PRO B 132 -22.19 -77.59 8.77
C PRO B 132 -23.29 -77.14 7.81
N LYS B 133 -24.01 -78.12 7.27
CA LYS B 133 -25.11 -77.81 6.36
C LYS B 133 -26.33 -77.27 7.12
N ASP B 134 -26.65 -77.87 8.27
CA ASP B 134 -27.82 -77.45 9.03
C ASP B 134 -27.62 -76.05 9.59
N GLU B 135 -28.72 -75.28 9.61
CA GLU B 135 -28.64 -73.89 10.02
C GLU B 135 -28.18 -73.76 11.48
N GLU B 136 -28.71 -74.60 12.37
CA GLU B 136 -28.23 -74.60 13.74
C GLU B 136 -26.75 -74.98 13.80
N GLY B 137 -26.34 -75.91 12.94
CA GLY B 137 -24.93 -76.26 12.85
C GLY B 137 -24.07 -75.08 12.42
N GLN B 138 -24.54 -74.31 11.43
CA GLN B 138 -23.82 -73.11 11.03
C GLN B 138 -23.73 -72.11 12.17
N TYR B 139 -24.83 -71.92 12.89
CA TYR B 139 -24.84 -70.97 14.00
C TYR B 139 -23.85 -71.38 15.08
N GLU B 140 -23.83 -72.67 15.43
CA GLU B 140 -22.91 -73.10 16.48
C GLU B 140 -21.46 -73.13 15.99
N MET B 141 -21.23 -73.36 14.70
CA MET B 141 -19.88 -73.25 14.17
C MET B 141 -19.38 -71.82 14.23
N GLN B 142 -20.23 -70.86 13.88
CA GLN B 142 -19.86 -69.46 14.03
C GLN B 142 -19.62 -69.11 15.50
N LEU B 143 -20.42 -69.70 16.39
CA LEU B 143 -20.18 -69.54 17.82
C LEU B 143 -18.79 -70.03 18.20
N LYS B 144 -18.40 -71.20 17.70
CA LYS B 144 -17.09 -71.75 18.00
C LYS B 144 -15.99 -70.84 17.48
N GLU B 145 -16.18 -70.31 16.27
CA GLU B 145 -15.19 -69.38 15.72
C GLU B 145 -15.03 -68.16 16.60
N LEU B 146 -16.15 -67.59 17.05
CA LEU B 146 -16.08 -66.40 17.90
C LEU B 146 -15.41 -66.70 19.23
N ARG B 147 -15.76 -67.83 19.85
CA ARG B 147 -15.18 -68.17 21.14
C ARG B 147 -13.68 -68.39 21.01
N ASN B 148 -13.26 -69.12 19.98
CA ASN B 148 -11.84 -69.36 19.77
C ASN B 148 -11.11 -68.06 19.46
N GLY B 149 -11.74 -67.17 18.68
CA GLY B 149 -11.11 -65.91 18.37
C GLY B 149 -10.88 -65.06 19.61
N ARG B 150 -11.89 -64.94 20.46
CA ARG B 150 -11.75 -64.16 21.69
C ARG B 150 -10.71 -64.78 22.61
N LEU B 151 -10.72 -66.11 22.75
CA LEU B 151 -9.72 -66.77 23.57
C LEU B 151 -8.33 -66.51 23.05
N ALA B 152 -8.15 -66.58 21.73
CA ALA B 152 -6.83 -66.33 21.14
C ALA B 152 -6.41 -64.89 21.30
N MET B 153 -7.35 -63.95 21.25
CA MET B 153 -7.02 -62.55 21.47
C MET B 153 -6.45 -62.34 22.87
N LEU B 154 -7.17 -62.83 23.88
CA LEU B 154 -6.67 -62.70 25.24
C LEU B 154 -5.36 -63.45 25.43
N ALA B 155 -5.25 -64.64 24.83
CA ALA B 155 -4.06 -65.46 24.98
C ALA B 155 -2.84 -64.79 24.37
N PHE B 156 -2.99 -64.23 23.16
CA PHE B 156 -1.86 -63.54 22.54
C PHE B 156 -1.47 -62.30 23.32
N SER B 157 -2.46 -61.58 23.85
CA SER B 157 -2.15 -60.44 24.70
C SER B 157 -1.27 -60.86 25.87
N GLY B 158 -1.69 -61.90 26.58
CA GLY B 158 -0.91 -62.39 27.71
C GLY B 158 0.46 -62.89 27.29
N ILE B 159 0.53 -63.59 26.16
CA ILE B 159 1.79 -64.15 25.70
C ILE B 159 2.79 -63.04 25.40
N VAL B 160 2.36 -62.01 24.68
CA VAL B 160 3.26 -60.91 24.34
C VAL B 160 3.71 -60.18 25.60
N THR B 161 2.76 -59.87 26.49
CA THR B 161 3.13 -59.12 27.69
C THR B 161 4.10 -59.91 28.56
N THR B 162 3.82 -61.20 28.77
CA THR B 162 4.70 -62.01 29.60
C THR B 162 6.07 -62.21 28.95
N ALA B 163 6.10 -62.39 27.62
CA ALA B 163 7.37 -62.58 26.94
C ALA B 163 8.24 -61.33 27.02
N VAL B 164 7.62 -60.15 26.89
CA VAL B 164 8.40 -58.92 27.01
C VAL B 164 8.86 -58.72 28.45
N LEU B 165 7.98 -58.97 29.42
CA LEU B 165 8.35 -58.78 30.82
C LEU B 165 9.45 -59.73 31.25
N THR B 166 9.35 -61.00 30.86
CA THR B 166 10.34 -62.01 31.21
C THR B 166 10.87 -62.61 29.92
N GLY B 167 12.14 -62.32 29.60
CA GLY B 167 12.76 -62.92 28.43
C GLY B 167 12.75 -64.42 28.57
N ARG B 168 11.88 -65.07 27.81
CA ARG B 168 11.56 -66.48 28.02
C ARG B 168 10.65 -66.94 26.88
N THR B 169 10.80 -68.21 26.50
CA THR B 169 9.98 -68.75 25.43
C THR B 169 8.56 -69.01 25.94
N TRP B 170 7.68 -69.40 25.02
CA TRP B 170 6.24 -69.26 25.21
C TRP B 170 5.68 -69.83 26.51
N PRO B 171 6.00 -71.05 26.94
CA PRO B 171 5.27 -71.60 28.10
C PRO B 171 5.39 -70.75 29.36
N PHE B 172 6.45 -69.97 29.50
CA PHE B 172 6.65 -69.05 30.62
C PHE B 172 6.58 -69.75 31.97
N UNK B 173 6.68 -71.09 31.98
CA UNK B 173 6.45 -71.83 33.21
C UNK B 173 7.54 -71.59 34.25
N UNK B 174 8.80 -71.60 33.81
CA UNK B 174 9.90 -71.40 34.75
C UNK B 174 9.84 -70.01 35.37
N UNK B 175 10.09 -68.99 34.55
CA UNK B 175 10.01 -67.57 34.92
C UNK B 175 10.59 -67.23 36.30
N UNK B 176 10.30 -66.02 36.77
CA UNK B 176 10.60 -65.61 38.14
C UNK B 176 9.81 -64.35 38.44
N UNK B 177 8.89 -64.43 39.39
CA UNK B 177 8.08 -63.27 39.75
C UNK B 177 7.94 -63.15 41.27
N UNK C 1 -35.14 33.67 -3.77
CA UNK C 1 -36.07 32.59 -3.45
C UNK C 1 -36.32 31.72 -4.69
N UNK C 2 -37.35 32.09 -5.45
CA UNK C 2 -37.68 31.39 -6.69
C UNK C 2 -37.61 32.31 -7.90
N UNK C 3 -37.04 33.51 -7.75
CA UNK C 3 -36.84 34.38 -8.91
C UNK C 3 -35.88 33.76 -9.90
N UNK C 4 -34.82 33.12 -9.40
CA UNK C 4 -33.91 32.37 -10.24
C UNK C 4 -33.20 31.33 -9.38
N UNK C 5 -33.50 30.05 -9.61
CA UNK C 5 -32.86 28.96 -8.90
C UNK C 5 -31.59 28.49 -9.59
N UNK C 6 -30.98 29.34 -10.41
CA UNK C 6 -29.84 28.94 -11.23
C UNK C 6 -28.50 29.38 -10.65
N UNK C 7 -28.50 30.38 -9.77
CA UNK C 7 -27.24 30.92 -9.24
C UNK C 7 -26.43 29.83 -8.55
N UNK C 8 -25.13 29.81 -8.83
CA UNK C 8 -24.20 28.85 -8.24
C UNK C 8 -24.74 27.43 -8.33
N UNK C 9 -24.94 26.80 -7.17
CA UNK C 9 -25.63 25.52 -7.09
C UNK C 9 -27.01 25.65 -6.49
N UNK C 10 -27.42 26.85 -6.08
CA UNK C 10 -28.73 27.13 -5.52
C UNK C 10 -28.89 28.64 -5.41
N UNK C 11 -30.15 29.08 -5.33
CA UNK C 11 -30.47 30.50 -5.27
C UNK C 11 -29.96 31.19 -3.99
N UNK C 12 -29.28 30.47 -3.10
CA UNK C 12 -28.68 31.08 -1.91
C UNK C 12 -27.43 31.83 -2.35
N UNK C 13 -27.53 33.17 -2.38
CA UNK C 13 -26.42 33.98 -2.86
C UNK C 13 -25.21 33.85 -1.95
N UNK C 14 -24.04 33.69 -2.56
CA UNK C 14 -22.79 33.58 -1.80
C UNK C 14 -21.63 34.34 -2.43
N UNK C 15 -21.85 35.08 -3.51
CA UNK C 15 -20.76 35.81 -4.15
C UNK C 15 -20.17 36.86 -3.21
N UNK C 16 -21.00 37.47 -2.36
CA UNK C 16 -20.48 38.46 -1.43
C UNK C 16 -19.64 37.82 -0.33
N UNK C 17 -19.97 36.59 0.06
CA UNK C 17 -19.20 35.91 1.10
C UNK C 17 -17.94 35.26 0.56
N UNK C 18 -17.83 35.11 -0.76
CA UNK C 18 -16.65 34.55 -1.39
C UNK C 18 -15.73 35.61 -1.99
N UNK C 19 -16.21 36.84 -2.10
CA UNK C 19 -15.35 37.98 -2.44
C UNK C 19 -14.79 38.60 -1.17
N UNK C 20 -14.15 37.76 -0.34
CA UNK C 20 -13.57 38.15 0.93
C UNK C 20 -14.62 38.71 1.89
N UNK C 21 -14.16 39.42 2.93
CA UNK C 21 -15.04 40.01 3.94
C UNK C 21 -15.89 38.93 4.62
N UNK C 22 -15.20 38.04 5.33
CA UNK C 22 -15.89 37.02 6.10
C UNK C 22 -16.75 37.68 7.18
N UNK C 23 -17.98 37.18 7.33
CA UNK C 23 -18.99 37.76 8.21
C UNK C 23 -19.26 39.22 7.84
N UNK C 24 -19.69 39.41 6.59
CA UNK C 24 -19.92 40.74 6.03
C UNK C 24 -21.36 41.18 6.28
N UNK C 25 -21.66 41.39 7.55
CA UNK C 25 -22.99 41.85 7.95
C UNK C 25 -22.86 42.64 9.25
N UNK C 26 -23.99 42.86 9.92
CA UNK C 26 -24.03 43.48 11.24
C UNK C 26 -24.53 42.43 12.23
N UNK C 27 -23.96 41.23 12.14
CA UNK C 27 -24.47 40.03 12.78
C UNK C 27 -24.81 40.26 14.26
N UNK C 28 -26.00 39.82 14.65
CA UNK C 28 -26.40 39.80 16.05
C UNK C 28 -25.67 38.64 16.75
N UNK C 29 -25.93 38.45 18.04
CA UNK C 29 -25.19 37.49 18.85
C UNK C 29 -26.15 36.45 19.40
N UNK C 30 -26.35 35.37 18.63
CA UNK C 30 -27.06 34.20 19.13
C UNK C 30 -26.08 33.44 20.03
N UNK C 31 -26.10 33.79 21.31
CA UNK C 31 -25.09 33.31 22.25
C UNK C 31 -25.07 31.79 22.31
N UNK C 32 -23.87 31.23 22.19
CA UNK C 32 -23.66 29.79 22.29
C UNK C 32 -22.93 29.39 23.55
N UNK C 33 -22.56 30.34 24.41
CA UNK C 33 -21.97 30.04 25.71
C UNK C 33 -22.17 31.25 26.60
N UNK C 34 -23.08 31.16 27.56
CA UNK C 34 -23.39 32.28 28.44
C UNK C 34 -22.50 32.19 29.68
N UNK C 35 -21.60 33.16 29.83
CA UNK C 35 -20.75 33.20 31.02
C UNK C 35 -21.57 33.43 32.28
N UNK C 36 -22.43 34.46 32.26
CA UNK C 36 -23.42 34.69 33.30
C UNK C 36 -22.80 34.80 34.69
N UNK C 37 -21.65 35.46 34.78
CA UNK C 37 -21.01 35.73 36.06
C UNK C 37 -21.53 37.07 36.57
N UNK C 38 -22.50 37.01 37.48
CA UNK C 38 -23.18 38.19 38.02
C UNK C 38 -23.89 38.95 36.91
N UNK C 39 -23.11 39.54 36.01
CA UNK C 39 -23.65 40.10 34.78
C UNK C 39 -23.56 39.04 33.69
N UNK C 40 -24.57 39.00 32.82
CA UNK C 40 -24.67 37.91 31.85
C UNK C 40 -23.42 37.79 30.99
N UNK C 41 -23.01 38.89 30.36
CA UNK C 41 -21.79 38.94 29.56
C UNK C 41 -21.67 37.72 28.64
N UNK C 42 -22.77 37.40 27.96
CA UNK C 42 -22.84 36.21 27.14
C UNK C 42 -21.81 36.24 26.03
N UNK C 43 -21.11 35.12 25.83
CA UNK C 43 -20.19 34.99 24.71
C UNK C 43 -20.99 34.86 23.42
N UNK C 44 -20.32 34.68 22.29
CA UNK C 44 -20.96 34.88 21.00
C UNK C 44 -20.81 33.66 20.10
N UNK C 45 -21.81 33.48 19.25
CA UNK C 45 -21.71 32.65 18.06
C UNK C 45 -21.86 33.46 16.78
N UNK C 46 -22.30 34.70 16.86
CA UNK C 46 -22.27 35.67 15.77
C UNK C 46 -23.07 35.18 14.55
N UNK C 47 -24.37 35.05 14.75
CA UNK C 47 -25.29 34.74 13.66
C UNK C 47 -25.89 36.02 13.11
N UNK C 48 -25.97 36.10 11.77
CA UNK C 48 -26.58 37.24 11.11
C UNK C 48 -28.10 37.14 11.23
N UNK C 49 -28.82 38.03 10.55
CA UNK C 49 -30.26 38.09 10.68
C UNK C 49 -30.94 37.17 9.67
N UNK C 50 -32.16 36.77 10.02
CA UNK C 50 -33.01 35.97 9.14
C UNK C 50 -34.31 36.72 8.91
N UNK C 51 -34.79 36.71 7.67
CA UNK C 51 -35.98 37.47 7.32
C UNK C 51 -37.20 36.97 8.09
N UNK C 52 -38.08 37.91 8.45
CA UNK C 52 -39.24 37.59 9.25
C UNK C 52 -40.26 36.79 8.44
N UNK C 53 -40.76 35.71 9.04
CA UNK C 53 -41.78 34.84 8.47
C UNK C 53 -41.27 34.05 7.27
N UNK C 54 -40.05 34.35 6.83
CA UNK C 54 -39.36 33.68 5.72
C UNK C 54 -40.31 33.52 4.53
N UNK C 55 -40.16 32.42 3.79
CA UNK C 55 -41.05 32.11 2.68
C UNK C 55 -40.88 30.64 2.33
N UNK C 56 -41.86 30.11 1.59
CA UNK C 56 -41.80 28.76 1.05
C UNK C 56 -41.63 28.86 -0.46
N UNK C 57 -40.57 28.23 -0.98
CA UNK C 57 -40.17 28.46 -2.36
C UNK C 57 -41.23 28.03 -3.37
N UNK C 58 -41.47 26.74 -3.49
CA UNK C 58 -42.41 26.19 -4.46
C UNK C 58 -42.55 24.69 -4.17
N UNK C 59 -43.31 24.00 -5.03
CA UNK C 59 -43.46 22.56 -4.97
C UNK C 59 -42.95 21.93 -6.26
N UNK C 60 -42.65 20.64 -6.19
CA UNK C 60 -42.06 19.89 -7.30
C UNK C 60 -40.74 20.52 -7.75
N UNK C 61 -39.79 20.53 -6.84
CA UNK C 61 -38.49 21.16 -7.06
C UNK C 61 -37.60 20.22 -7.86
N UNK C 62 -37.45 20.51 -9.16
CA UNK C 62 -36.46 19.85 -10.00
C UNK C 62 -35.16 20.64 -10.08
N UNK C 63 -34.84 21.39 -9.02
CA UNK C 63 -33.69 22.30 -9.00
C UNK C 63 -33.75 23.24 -10.20
N UNK C 64 -32.78 23.13 -11.09
CA UNK C 64 -32.86 23.80 -12.39
C UNK C 64 -33.98 23.13 -13.16
N UNK C 65 -35.13 23.81 -13.26
CA UNK C 65 -36.31 23.19 -13.83
C UNK C 65 -36.12 22.92 -15.32
N UNK C 66 -37.07 22.19 -15.89
CA UNK C 66 -36.93 21.68 -17.25
C UNK C 66 -36.64 22.80 -18.25
N UNK C 67 -35.89 22.46 -19.29
CA UNK C 67 -35.37 23.42 -20.25
C UNK C 67 -36.37 23.77 -21.34
N UNK C 68 -37.67 23.60 -21.07
CA UNK C 68 -38.68 23.98 -22.06
C UNK C 68 -38.62 25.47 -22.37
N UNK C 69 -38.47 26.30 -21.35
CA UNK C 69 -38.37 27.74 -21.53
C UNK C 69 -36.94 28.24 -21.54
N UNK C 70 -35.97 27.42 -21.13
CA UNK C 70 -34.57 27.80 -21.05
C UNK C 70 -34.37 29.03 -20.18
N UNK C 71 -33.20 29.67 -20.30
CA UNK C 71 -32.84 30.87 -19.52
C UNK C 71 -32.96 30.54 -18.05
N UNK C 72 -33.79 31.24 -17.26
CA UNK C 72 -33.97 30.87 -15.86
C UNK C 72 -34.75 29.57 -15.71
N UNK C 73 -35.46 29.13 -16.75
CA UNK C 73 -36.22 27.88 -16.77
C UNK C 73 -37.21 27.79 -15.61
N UNK C 74 -37.68 28.95 -15.12
CA UNK C 74 -38.52 28.96 -13.92
C UNK C 74 -39.80 28.18 -14.14
N UNK C 75 -40.15 27.36 -13.16
CA UNK C 75 -41.35 26.53 -13.26
C UNK C 75 -41.80 26.10 -11.87
N UNK C 76 -43.11 26.13 -11.64
CA UNK C 76 -43.67 25.42 -10.50
C UNK C 76 -43.84 23.94 -10.77
N UNK C 77 -43.56 23.50 -12.01
CA UNK C 77 -43.53 22.10 -12.41
C UNK C 77 -44.88 21.43 -12.28
N UNK C 78 -44.92 20.12 -12.54
CA UNK C 78 -46.15 19.33 -12.55
C UNK C 78 -47.17 19.93 -13.51
N UNK D 1 60.13 12.61 -7.68
CA UNK D 1 61.33 13.44 -7.61
C UNK D 1 60.96 14.90 -7.40
N UNK D 2 61.06 15.36 -6.15
CA UNK D 2 60.76 16.74 -5.79
C UNK D 2 59.32 17.11 -6.18
N UNK D 3 58.38 16.48 -5.46
CA UNK D 3 56.97 16.68 -5.75
C UNK D 3 56.58 18.15 -5.76
N UNK D 4 57.24 18.96 -4.93
CA UNK D 4 57.06 20.40 -5.03
C UNK D 4 57.46 20.92 -6.40
N UNK D 5 58.60 20.45 -6.92
CA UNK D 5 59.03 20.87 -8.25
C UNK D 5 58.09 20.33 -9.33
N UNK D 6 57.57 19.12 -9.14
CA UNK D 6 56.61 18.57 -10.10
C UNK D 6 55.34 19.41 -10.15
N UNK D 7 54.84 19.83 -8.98
CA UNK D 7 53.65 20.67 -8.96
C UNK D 7 53.94 22.09 -9.44
N UNK D 8 55.19 22.54 -9.29
CA UNK D 8 55.55 23.87 -9.78
C UNK D 8 55.65 23.90 -11.30
N UNK D 9 56.28 22.87 -11.88
CA UNK D 9 56.38 22.80 -13.34
C UNK D 9 55.05 22.49 -14.00
N UNK D 10 54.08 21.97 -13.24
CA UNK D 10 52.76 21.63 -13.74
C UNK D 10 52.82 20.64 -14.90
N UNK D 11 51.70 20.47 -15.60
CA UNK D 11 51.66 19.59 -16.75
C UNK D 11 50.64 20.12 -17.74
N UNK D 12 50.90 19.86 -19.02
CA UNK D 12 49.99 20.26 -20.09
C UNK D 12 50.13 19.24 -21.22
N UNK D 13 49.05 18.49 -21.48
CA UNK D 13 49.10 17.43 -22.48
C UNK D 13 49.40 17.98 -23.88
N UNK D 14 49.18 19.26 -24.12
CA UNK D 14 49.46 19.87 -25.41
C UNK D 14 50.88 20.42 -25.53
N UNK D 15 51.63 20.50 -24.43
CA UNK D 15 53.00 21.00 -24.44
C UNK D 15 53.85 20.02 -23.63
N UNK D 16 54.40 19.01 -24.32
CA UNK D 16 55.13 17.92 -23.70
C UNK D 16 54.26 17.20 -22.68
N UNK D 17 54.89 16.46 -21.76
CA UNK D 17 54.18 15.71 -20.72
C UNK D 17 53.10 14.80 -21.32
N UNK D 18 53.40 14.23 -22.48
CA UNK D 18 52.41 13.39 -23.16
C UNK D 18 52.23 12.05 -22.47
N UNK D 19 53.33 11.48 -21.94
CA UNK D 19 53.27 10.20 -21.28
C UNK D 19 52.33 10.25 -20.08
N UNK D 20 51.42 9.27 -20.00
CA UNK D 20 50.45 9.25 -18.91
C UNK D 20 51.10 9.11 -17.56
N UNK D 21 52.34 8.60 -17.50
CA UNK D 21 53.05 8.52 -16.23
C UNK D 21 53.29 9.89 -15.65
N UNK D 22 53.71 10.85 -16.48
CA UNK D 22 53.98 12.20 -15.99
C UNK D 22 52.70 12.88 -15.50
N UNK D 23 51.61 12.73 -16.26
CA UNK D 23 50.34 13.33 -15.85
C UNK D 23 49.83 12.71 -14.55
N UNK D 24 49.93 11.39 -14.43
CA UNK D 24 49.50 10.73 -13.20
C UNK D 24 50.38 11.14 -12.03
N UNK D 25 51.67 11.33 -12.27
CA UNK D 25 52.56 11.78 -11.20
C UNK D 25 52.21 13.19 -10.74
N UNK D 26 51.91 14.09 -11.68
CA UNK D 26 51.50 15.44 -11.30
C UNK D 26 50.19 15.40 -10.52
N UNK D 27 49.25 14.55 -10.95
CA UNK D 27 47.99 14.42 -10.23
C UNK D 27 48.21 13.88 -8.83
N UNK D 28 49.10 12.89 -8.67
CA UNK D 28 49.39 12.36 -7.35
C UNK D 28 50.03 13.41 -6.47
N UNK D 29 50.93 14.23 -7.03
CA UNK D 29 51.52 15.32 -6.27
C UNK D 29 50.46 16.29 -5.79
N UNK D 30 49.53 16.67 -6.69
CA UNK D 30 48.47 17.60 -6.30
C UNK D 30 47.58 16.99 -5.21
N UNK D 31 47.24 15.70 -5.35
CA UNK D 31 46.41 15.04 -4.35
C UNK D 31 47.11 14.97 -3.00
N UNK D 32 48.41 14.67 -3.00
CA UNK D 32 49.15 14.63 -1.75
C UNK D 32 49.23 16.01 -1.12
N UNK D 33 49.34 17.05 -1.95
CA UNK D 33 49.49 18.40 -1.41
C UNK D 33 48.18 18.93 -0.84
N UNK D 34 47.07 18.74 -1.55
CA UNK D 34 45.84 19.46 -1.24
C UNK D 34 44.67 18.59 -0.80
N UNK D 35 44.80 17.26 -0.81
CA UNK D 35 43.72 16.37 -0.43
C UNK D 35 44.08 15.64 0.86
N UNK D 36 43.11 15.57 1.78
CA UNK D 36 43.30 14.93 3.07
C UNK D 36 42.45 13.66 3.15
N UNK D 37 42.91 12.71 3.98
CA UNK D 37 42.24 11.43 4.06
C UNK D 37 40.92 11.51 4.83
N UNK D 38 40.91 12.24 5.95
CA UNK D 38 39.76 12.31 6.83
C UNK D 38 39.37 13.76 7.08
N UNK D 39 38.07 13.99 7.26
CA UNK D 39 37.54 15.32 7.52
C UNK D 39 37.89 15.83 8.92
N UNK D 40 38.61 15.05 9.71
CA UNK D 40 39.09 15.43 11.04
C UNK D 40 37.93 15.76 11.98
N UNK D 41 37.09 14.76 12.18
CA UNK D 41 36.06 14.80 13.22
C UNK D 41 36.65 14.22 14.50
N UNK D 42 36.27 14.81 15.63
CA UNK D 42 36.83 14.42 16.92
C UNK D 42 36.58 12.93 17.18
N UNK D 43 37.61 12.27 17.72
CA UNK D 43 37.50 10.84 17.98
C UNK D 43 36.47 10.52 19.06
N UNK D 44 36.01 11.53 19.80
CA UNK D 44 35.04 11.31 20.87
C UNK D 44 33.73 10.76 20.32
N UNK D 45 33.28 11.30 19.18
CA UNK D 45 31.98 10.91 18.64
C UNK D 45 31.94 9.43 18.28
N UNK D 46 33.06 8.87 17.79
CA UNK D 46 33.08 7.48 17.37
C UNK D 46 33.09 6.51 18.55
N UNK D 47 33.51 6.96 19.73
CA UNK D 47 33.63 6.07 20.88
C UNK D 47 32.26 5.62 21.35
N UNK D 48 32.12 4.31 21.58
CA UNK D 48 30.85 3.76 22.05
C UNK D 48 30.50 4.32 23.42
N UNK D 49 29.22 4.61 23.63
CA UNK D 49 28.75 5.28 24.84
C UNK D 49 27.99 4.36 25.79
N UNK D 50 27.13 3.48 25.27
CA UNK D 50 26.23 2.70 26.09
C UNK D 50 26.53 1.20 26.05
N UNK D 51 27.72 0.80 25.61
CA UNK D 51 28.07 -0.60 25.52
C UNK D 51 29.30 -0.97 26.34
N UNK D 52 30.40 -0.23 26.20
CA UNK D 52 31.67 -0.63 26.79
C UNK D 52 31.88 -0.03 28.18
N UNK D 53 30.88 -0.18 29.05
CA UNK D 53 30.98 0.14 30.47
C UNK D 53 31.33 1.60 30.75
N UNK D 54 31.49 2.41 29.71
CA UNK D 54 31.78 3.83 29.86
C UNK D 54 30.51 4.67 29.84
N UNK D 55 29.54 4.29 30.67
CA UNK D 55 28.25 4.96 30.71
C UNK D 55 28.15 6.04 31.77
N UNK D 56 28.83 5.87 32.90
CA UNK D 56 28.81 6.89 33.94
C UNK D 56 29.56 8.15 33.54
N UNK D 57 30.46 8.05 32.56
CA UNK D 57 31.20 9.23 32.11
C UNK D 57 30.27 10.26 31.48
N UNK D 58 29.30 9.81 30.68
CA UNK D 58 28.38 10.72 30.02
C UNK D 58 27.35 11.30 30.99
N UNK D 59 27.11 10.64 32.12
CA UNK D 59 26.14 11.10 33.13
C UNK D 59 24.75 11.28 32.54
N UNK D 60 24.36 10.36 31.64
CA UNK D 60 23.01 10.35 31.10
C UNK D 60 22.01 9.70 32.05
N UNK D 61 22.47 9.14 33.16
CA UNK D 61 21.60 8.49 34.12
C UNK D 61 21.71 9.18 35.48
N UNK D 62 21.65 10.51 35.47
CA UNK D 62 21.84 11.30 36.69
C UNK D 62 20.62 11.23 37.58
N UNK D 63 20.57 12.08 38.61
CA UNK D 63 19.55 12.02 39.65
C UNK D 63 19.55 10.65 40.32
N UNK D 64 18.49 9.87 40.07
CA UNK D 64 18.34 8.55 40.68
C UNK D 64 19.05 7.54 39.80
N UNK D 65 20.32 7.25 40.11
CA UNK D 65 21.13 6.40 39.27
C UNK D 65 20.69 4.94 39.36
N UNK D 66 21.15 4.15 38.40
CA UNK D 66 20.82 2.73 38.32
C UNK D 66 21.91 1.91 38.99
N UNK D 67 21.48 0.96 39.83
CA UNK D 67 22.44 0.20 40.64
C UNK D 67 23.29 -0.72 39.79
N UNK D 68 22.68 -1.38 38.79
CA UNK D 68 23.35 -2.49 38.11
C UNK D 68 24.50 -2.02 37.21
N UNK D 69 24.53 -0.75 36.83
CA UNK D 69 25.63 -0.26 36.01
C UNK D 69 26.93 -0.29 36.81
N UNK D 70 28.04 -0.46 36.09
CA UNK D 70 29.33 -0.66 36.74
C UNK D 70 29.74 0.54 37.58
N UNK D 71 29.51 1.75 37.07
CA UNK D 71 29.88 3.00 37.72
C UNK D 71 31.38 3.12 37.94
N UNK D 72 32.18 2.31 37.24
CA UNK D 72 33.63 2.35 37.34
C UNK D 72 34.28 3.00 36.14
N UNK D 73 33.48 3.56 35.20
CA UNK D 73 33.98 4.04 33.93
C UNK D 73 34.86 2.98 33.27
N UNK D 74 36.09 3.36 32.90
CA UNK D 74 37.09 2.46 32.30
C UNK D 74 36.41 1.70 31.17
N UNK D 75 36.58 0.39 31.07
CA UNK D 75 35.85 -0.40 30.07
C UNK D 75 35.40 -1.76 30.60
N UNK D 76 35.56 -2.05 31.88
CA UNK D 76 35.39 -3.38 32.41
C UNK D 76 34.14 -3.50 33.27
N UNK D 77 33.52 -4.68 33.23
CA UNK D 77 32.43 -5.06 34.11
C UNK D 77 33.00 -5.73 35.36
N UNK D 78 32.12 -6.35 36.16
CA UNK D 78 32.56 -6.92 37.43
C UNK D 78 32.01 -8.30 37.76
N UNK D 79 31.27 -8.94 36.87
CA UNK D 79 30.87 -10.35 37.00
C UNK D 79 30.09 -10.58 38.31
N UNK D 80 28.87 -10.04 38.32
CA UNK D 80 28.03 -10.02 39.52
C UNK D 80 27.94 -11.40 40.17
N UNK D 81 27.85 -11.37 41.51
CA UNK D 81 27.71 -12.58 42.32
C UNK D 81 28.86 -13.55 42.08
N UNK D 82 30.09 -13.05 42.19
CA UNK D 82 31.27 -13.90 42.02
C UNK D 82 31.36 -14.94 43.13
N UNK D 83 31.08 -14.54 44.38
CA UNK D 83 31.13 -15.48 45.49
C UNK D 83 30.07 -16.56 45.38
N UNK D 84 28.96 -16.27 44.68
CA UNK D 84 27.93 -17.29 44.48
C UNK D 84 28.47 -18.47 43.69
N UNK D 85 29.39 -18.24 42.76
CA UNK D 85 29.99 -19.35 42.02
C UNK D 85 30.81 -20.24 42.94
N UNK D 86 31.60 -19.63 43.83
CA UNK D 86 32.39 -20.42 44.77
C UNK D 86 31.50 -21.21 45.71
N UNK D 87 30.41 -20.61 46.18
CA UNK D 87 29.47 -21.34 47.02
C UNK D 87 28.78 -22.46 46.26
N UNK D 88 28.40 -22.20 45.00
CA UNK D 88 27.67 -23.19 44.22
C UNK D 88 28.55 -24.38 43.85
N UNK D 89 29.85 -24.17 43.66
CA UNK D 89 30.74 -25.31 43.40
C UNK D 89 30.71 -26.28 44.57
N UNK D 90 30.83 -25.76 45.79
CA UNK D 90 30.77 -26.62 46.98
C UNK D 90 29.40 -27.26 47.14
N UNK D 91 28.34 -26.52 46.84
CA UNK D 91 27.00 -27.09 46.95
C UNK D 91 26.81 -28.24 45.98
N UNK D 92 27.28 -28.07 44.74
CA UNK D 92 27.18 -29.15 43.75
C UNK D 92 28.02 -30.34 44.15
N UNK D 93 29.22 -30.11 44.68
CA UNK D 93 30.04 -31.22 45.14
C UNK D 93 29.36 -31.98 46.27
N UNK D 94 28.75 -31.26 47.21
CA UNK D 94 28.03 -31.92 48.30
C UNK D 94 26.85 -32.72 47.78
N UNK D 95 26.11 -32.17 46.82
CA UNK D 95 24.98 -32.91 46.24
C UNK D 95 25.46 -34.18 45.55
N UNK D 96 26.57 -34.08 44.80
CA UNK D 96 27.11 -35.26 44.13
C UNK D 96 27.55 -36.32 45.14
N UNK D 97 28.18 -35.88 46.23
CA UNK D 97 28.61 -36.84 47.26
C UNK D 97 27.41 -37.52 47.91
N UNK D 98 26.37 -36.76 48.22
CA UNK D 98 25.17 -37.35 48.83
C UNK D 98 24.51 -38.33 47.88
N UNK D 99 24.41 -37.98 46.59
CA UNK D 99 23.81 -38.89 45.62
C UNK D 99 24.64 -40.16 45.48
N UNK D 100 25.97 -40.03 45.48
CA UNK D 100 26.83 -41.20 45.39
C UNK D 100 26.65 -42.10 46.60
N UNK D 101 26.55 -41.50 47.79
CA UNK D 101 26.32 -42.29 48.99
C UNK D 101 24.99 -43.02 48.95
N UNK D 102 23.94 -42.33 48.46
CA UNK D 102 22.62 -42.96 48.37
C UNK D 102 22.63 -44.11 47.37
N UNK D 103 23.23 -43.89 46.19
CA UNK D 103 23.28 -44.95 45.18
C UNK D 103 24.30 -46.02 45.53
N UNK D 104 25.32 -45.68 46.32
CA UNK D 104 26.34 -46.62 46.79
C UNK D 104 27.09 -47.27 45.64
N UNK D 105 27.27 -46.55 44.54
CA UNK D 105 28.03 -47.05 43.40
C UNK D 105 28.46 -45.86 42.55
N UNK D 106 29.43 -46.11 41.68
CA UNK D 106 29.85 -45.09 40.72
C UNK D 106 28.73 -44.76 39.77
N UNK D 107 28.58 -43.48 39.46
CA UNK D 107 27.49 -43.03 38.60
C UNK D 107 27.64 -43.59 37.19
N UNK D 108 26.51 -43.94 36.58
CA UNK D 108 26.47 -44.50 35.24
C UNK D 108 25.64 -43.62 34.33
N UNK D 109 26.14 -43.37 33.13
CA UNK D 109 25.47 -42.49 32.19
C UNK D 109 24.14 -43.08 31.73
N UNK D 110 23.18 -42.21 31.47
CA UNK D 110 21.87 -42.61 30.98
C UNK D 110 21.88 -42.54 29.45
N UNK D 111 21.64 -43.68 28.80
CA UNK D 111 21.57 -43.74 27.35
C UNK D 111 20.15 -43.45 26.91
N UNK D 112 20.00 -42.50 25.98
CA UNK D 112 18.66 -42.10 25.54
C UNK D 112 17.95 -43.25 24.85
N UNK D 113 18.65 -43.96 23.98
CA UNK D 113 18.03 -45.07 23.26
C UNK D 113 17.64 -46.20 24.20
N UNK D 114 18.48 -46.47 25.20
CA UNK D 114 18.25 -47.60 26.09
C UNK D 114 17.03 -47.36 26.98
N UNK D 115 16.51 -48.45 27.52
CA UNK D 115 15.34 -48.43 28.41
C UNK D 115 15.65 -49.32 29.61
N UNK D 116 16.21 -48.71 30.66
CA UNK D 116 16.50 -49.45 31.87
C UNK D 116 15.22 -49.91 32.55
N UNK D 117 15.30 -51.05 33.23
CA UNK D 117 14.14 -51.59 33.92
C UNK D 117 13.85 -50.80 35.20
N UNK D 118 12.58 -50.81 35.60
CA UNK D 118 12.19 -50.20 36.86
C UNK D 118 12.73 -51.01 38.02
N UNK D 119 13.12 -50.32 39.10
CA UNK D 119 13.73 -50.99 40.23
C UNK D 119 12.75 -51.91 40.94
N UNK D 120 11.50 -51.49 41.07
CA UNK D 120 10.49 -52.23 41.83
C UNK D 120 9.68 -53.17 40.96
N UNK D 121 10.21 -53.59 39.82
CA UNK D 121 9.49 -54.53 38.96
C UNK D 121 9.37 -55.89 39.64
N UNK D 122 8.30 -56.61 39.30
CA UNK D 122 8.05 -57.92 39.89
C UNK D 122 8.85 -59.03 39.22
N UNK D 123 9.37 -58.77 38.02
CA UNK D 123 10.12 -59.80 37.26
C UNK D 123 11.62 -59.44 37.25
N UNK D 124 12.45 -60.35 36.73
CA UNK D 124 13.91 -60.08 36.65
C UNK D 124 14.15 -58.82 35.82
N UNK D 125 15.05 -57.95 36.28
CA UNK D 125 15.33 -56.69 35.55
C UNK D 125 16.27 -56.97 34.37
N UNK D 126 15.75 -57.56 33.29
CA UNK D 126 16.57 -57.83 32.10
C UNK D 126 17.16 -56.51 31.59
N UNK D 127 16.33 -55.46 31.54
CA UNK D 127 16.82 -54.12 31.14
C UNK D 127 17.78 -53.59 32.20
N UNK D 128 17.60 -54.03 33.46
CA UNK D 128 18.50 -53.62 34.57
C UNK D 128 18.21 -52.16 34.96
N UNK D 129 18.69 -51.74 36.14
CA UNK D 129 18.46 -50.35 36.61
C UNK D 129 19.81 -49.65 36.84
N UNK D 130 20.80 -49.96 36.00
CA UNK D 130 22.11 -49.31 36.13
C UNK D 130 22.63 -49.37 37.56
N UNK D 131 22.78 -50.61 38.05
CA UNK D 131 23.36 -50.88 39.37
C UNK D 131 22.68 -50.11 40.48
N UNK E 1 -47.90 -17.35 -39.01
CA UNK E 1 -47.35 -16.43 -40.01
C UNK E 1 -46.48 -15.37 -39.36
N UNK E 2 -45.22 -15.31 -39.75
CA UNK E 2 -44.28 -14.33 -39.21
C UNK E 2 -44.21 -13.13 -40.15
N UNK E 3 -44.42 -11.94 -39.58
CA UNK E 3 -44.39 -10.72 -40.38
C UNK E 3 -42.96 -10.43 -40.84
N UNK E 4 -42.85 -9.97 -42.08
CA UNK E 4 -41.54 -9.60 -42.62
C UNK E 4 -41.09 -8.27 -42.02
N UNK E 5 -39.86 -8.25 -41.52
CA UNK E 5 -39.30 -7.01 -40.96
C UNK E 5 -39.00 -6.04 -42.09
N UNK E 6 -39.48 -4.81 -41.95
CA UNK E 6 -39.22 -3.80 -42.96
C UNK E 6 -37.73 -3.46 -43.00
N UNK E 7 -37.30 -2.91 -44.14
CA UNK E 7 -35.90 -2.55 -44.31
C UNK E 7 -35.47 -1.51 -43.28
N UNK E 8 -36.40 -0.70 -42.78
CA UNK E 8 -36.07 0.26 -41.75
C UNK E 8 -35.60 -0.43 -40.47
N UNK E 9 -36.21 -1.55 -40.13
CA UNK E 9 -35.90 -2.29 -38.90
C UNK E 9 -35.16 -3.59 -39.18
N UNK E 10 -34.49 -3.71 -40.33
CA UNK E 10 -33.72 -4.90 -40.65
C UNK E 10 -32.39 -4.87 -39.92
N HIS E 11 -31.49 -5.79 -40.25
CA HIS E 11 -30.24 -5.91 -39.52
C HIS E 11 -29.05 -5.83 -40.48
N PRO E 12 -27.89 -5.36 -40.00
CA PRO E 12 -26.71 -5.32 -40.86
C PRO E 12 -26.00 -6.66 -40.95
N LYS E 13 -26.13 -7.47 -39.90
CA LYS E 13 -25.45 -8.76 -39.80
C LYS E 13 -23.94 -8.54 -39.89
N HIS E 14 -23.19 -9.60 -40.18
CA HIS E 14 -21.75 -9.49 -40.37
C HIS E 14 -21.31 -10.19 -41.65
N MET E 15 -22.07 -9.96 -42.73
CA MET E 15 -21.60 -10.35 -44.05
C MET E 15 -20.48 -9.44 -44.52
N LEU E 16 -20.40 -8.23 -43.98
CA LEU E 16 -19.36 -7.27 -44.33
C LEU E 16 -18.13 -7.56 -43.49
N VAL E 17 -17.12 -8.17 -44.10
CA VAL E 17 -15.93 -8.61 -43.40
C VAL E 17 -14.74 -7.73 -43.79
N ALA E 18 -13.61 -7.95 -43.11
CA ALA E 18 -12.44 -7.12 -43.32
C ALA E 18 -11.83 -7.31 -44.71
N GLY E 19 -12.15 -8.39 -45.39
CA GLY E 19 -11.63 -8.63 -46.72
C GLY E 19 -12.41 -7.99 -47.85
N VAL E 20 -13.48 -7.25 -47.53
CA VAL E 20 -14.33 -6.63 -48.54
C VAL E 20 -14.63 -5.20 -48.10
N ARG E 21 -15.10 -4.41 -49.05
CA ARG E 21 -15.50 -3.04 -48.75
C ARG E 21 -16.64 -3.03 -47.73
N GLY E 22 -16.70 -1.97 -46.95
CA GLY E 22 -17.66 -1.90 -45.86
C GLY E 22 -19.06 -1.52 -46.33
N TYR E 23 -19.68 -0.55 -45.66
CA TYR E 23 -21.03 -0.13 -46.05
C TYR E 23 -21.04 0.36 -47.48
N GLU E 24 -20.16 1.29 -47.82
CA GLU E 24 -20.03 1.77 -49.20
C GLU E 24 -18.67 2.42 -49.37
N MET E 25 -17.78 1.76 -50.10
CA MET E 25 -16.45 2.29 -50.37
C MET E 25 -15.81 1.42 -51.46
N GLU E 26 -14.53 1.68 -51.73
CA GLU E 26 -13.72 0.84 -52.59
C GLU E 26 -12.43 0.51 -51.87
N TRP E 27 -11.96 -0.72 -52.03
CA TRP E 27 -10.74 -1.16 -51.37
C TRP E 27 -9.52 -0.49 -52.01
N GLN E 28 -8.40 -0.56 -51.29
CA GLN E 28 -7.16 0.05 -51.77
C GLN E 28 -6.69 -0.65 -53.05
N PRO E 29 -6.29 0.08 -54.07
CA PRO E 29 -5.83 -0.51 -55.35
C PRO E 29 -4.39 -1.02 -55.31
N ILE E 30 -4.23 -2.24 -54.80
CA ILE E 30 -2.88 -2.80 -54.70
C ILE E 30 -2.41 -3.25 -56.07
N PRO E 31 -1.14 -3.01 -56.44
CA PRO E 31 -0.58 -3.59 -57.66
C PRO E 31 -0.46 -5.09 -57.54
N GLY E 32 0.16 -5.76 -58.52
CA GLY E 32 0.09 -7.20 -58.63
C GLY E 32 0.36 -7.95 -57.33
N ASP E 33 -0.71 -8.51 -56.77
CA ASP E 33 -0.75 -9.13 -55.46
C ASP E 33 -2.08 -9.86 -55.37
N ALA E 34 -2.46 -10.27 -54.15
CA ALA E 34 -3.85 -10.66 -53.92
C ALA E 34 -4.78 -9.48 -54.18
N VAL E 35 -5.57 -9.54 -55.25
CA VAL E 35 -6.52 -8.50 -55.60
C VAL E 35 -7.92 -9.10 -55.54
N LYS E 36 -8.93 -8.22 -55.66
CA LYS E 36 -10.33 -8.60 -55.78
C LYS E 36 -10.85 -9.30 -54.53
N TYR E 37 -12.15 -9.62 -54.51
CA TYR E 37 -12.77 -10.18 -53.32
C TYR E 37 -12.60 -11.70 -53.29
N PRO E 38 -11.96 -12.25 -52.27
CA PRO E 38 -11.77 -13.70 -52.22
C PRO E 38 -13.06 -14.42 -51.91
N LYS E 39 -13.13 -15.68 -52.35
CA LYS E 39 -14.25 -16.56 -52.08
C LYS E 39 -13.74 -17.96 -51.77
N PRO E 40 -14.35 -18.66 -50.82
CA PRO E 40 -13.85 -19.99 -50.46
C PRO E 40 -14.13 -21.05 -51.51
N ASN E 41 -13.08 -21.57 -52.14
CA ASN E 41 -13.25 -22.62 -53.12
C ASN E 41 -12.07 -23.52 -53.28
N SER E 42 -11.04 -23.35 -52.47
CA SER E 42 -9.84 -24.13 -52.67
C SER E 42 -10.09 -25.61 -52.64
N GLU E 43 -10.63 -26.14 -51.57
CA GLU E 43 -10.77 -27.59 -51.51
C GLU E 43 -11.65 -28.11 -52.65
N GLU E 44 -12.74 -27.40 -52.94
CA GLU E 44 -13.67 -27.88 -53.97
C GLU E 44 -13.01 -27.95 -55.34
N MET E 45 -12.32 -26.89 -55.74
CA MET E 45 -11.60 -26.93 -57.00
C MET E 45 -10.38 -27.84 -56.93
N PHE E 46 -9.91 -28.17 -55.73
CA PHE E 46 -8.81 -29.12 -55.58
C PHE E 46 -9.27 -30.54 -55.88
N LYS E 47 -10.54 -30.85 -55.63
CA LYS E 47 -11.07 -32.17 -55.94
C LYS E 47 -11.37 -32.34 -57.43
N THR E 48 -11.36 -31.26 -58.20
CA THR E 48 -11.49 -31.33 -59.65
C THR E 48 -10.17 -31.22 -60.38
N MET E 49 -9.13 -30.71 -59.72
CA MET E 49 -7.82 -30.58 -60.33
C MET E 49 -7.19 -31.95 -60.53
N ILE E 50 -6.44 -32.09 -61.62
CA ILE E 50 -5.83 -33.37 -61.96
C ILE E 50 -4.44 -33.44 -61.32
N GLY E 51 -3.92 -34.66 -61.20
CA GLY E 51 -2.64 -34.88 -60.56
C GLY E 51 -2.68 -36.07 -59.64
N ALA E 52 -3.85 -36.34 -59.07
CA ALA E 52 -4.04 -37.55 -58.28
C ALA E 52 -3.90 -38.78 -59.17
N ASP E 53 -3.23 -39.81 -58.64
CA ASP E 53 -2.96 -41.01 -59.42
C ASP E 53 -2.87 -42.20 -58.48
N VAL E 54 -2.67 -43.39 -59.05
CA VAL E 54 -2.79 -44.64 -58.32
C VAL E 54 -1.63 -44.94 -57.39
N GLU E 55 -0.54 -44.17 -57.46
CA GLU E 55 0.58 -44.41 -56.56
C GLU E 55 0.18 -44.20 -55.10
N THR E 56 -0.63 -43.16 -54.84
CA THR E 56 -1.10 -42.84 -53.50
C THR E 56 -2.62 -42.71 -53.56
N GLY E 57 -3.32 -43.83 -53.45
CA GLY E 57 -4.77 -43.79 -53.44
C GLY E 57 -5.37 -43.78 -54.82
N GLY E 58 -5.69 -42.58 -55.31
CA GLY E 58 -6.35 -42.41 -56.59
C GLY E 58 -7.28 -41.22 -56.57
N GLU E 59 -7.54 -40.71 -55.36
CA GLU E 59 -8.26 -39.46 -55.18
C GLU E 59 -7.27 -38.37 -54.81
N ALA E 60 -7.79 -37.17 -54.53
CA ALA E 60 -6.93 -36.01 -54.29
C ALA E 60 -6.08 -36.24 -53.05
N TRP E 61 -4.80 -36.55 -53.26
CA TRP E 61 -3.91 -36.92 -52.16
C TRP E 61 -3.34 -35.66 -51.54
N ASP E 62 -3.79 -35.35 -50.34
CA ASP E 62 -3.27 -34.21 -49.63
C ASP E 62 -3.41 -34.46 -48.18
N PRO E 63 -2.49 -35.22 -47.58
CA PRO E 63 -2.57 -35.31 -46.13
C PRO E 63 -2.08 -33.95 -45.64
N LEU E 64 -2.06 -33.65 -44.36
CA LEU E 64 -1.68 -32.28 -43.95
C LEU E 64 -2.62 -31.23 -44.52
N GLY E 65 -3.49 -31.58 -45.45
CA GLY E 65 -4.55 -30.69 -45.93
C GLY E 65 -4.06 -29.30 -46.33
N PHE E 66 -2.93 -29.22 -47.02
CA PHE E 66 -2.39 -27.93 -47.40
C PHE E 66 -3.29 -27.18 -48.39
N HIS E 67 -4.16 -27.89 -49.08
CA HIS E 67 -5.04 -27.22 -50.01
C HIS E 67 -6.03 -26.41 -49.23
N LYS E 68 -6.62 -27.02 -48.21
CA LYS E 68 -7.67 -26.36 -47.46
C LYS E 68 -7.35 -25.07 -46.72
N LEU E 69 -6.09 -24.71 -46.55
CA LEU E 69 -5.73 -23.54 -45.75
C LEU E 69 -6.29 -22.25 -46.35
N PHE E 70 -6.46 -22.19 -47.67
CA PHE E 70 -7.11 -21.01 -48.25
C PHE E 70 -8.55 -20.89 -47.76
N ASP E 71 -9.24 -22.02 -47.68
CA ASP E 71 -10.66 -22.00 -47.25
C ASP E 71 -10.71 -21.61 -45.77
N ARG E 72 -9.64 -21.93 -45.03
CA ARG E 72 -9.61 -21.63 -43.57
C ARG E 72 -9.28 -20.15 -43.36
N ASN E 73 -8.60 -19.53 -44.31
CA ASN E 73 -8.16 -18.12 -44.13
C ASN E 73 -9.36 -17.32 -43.63
N PHE E 74 -10.56 -17.62 -44.15
CA PHE E 74 -11.77 -16.84 -43.79
C PHE E 74 -12.11 -17.04 -42.31
N ASP E 75 -11.94 -18.27 -41.81
CA ASP E 75 -12.19 -18.56 -40.37
C ASP E 75 -11.09 -17.95 -39.53
N PHE E 76 -9.84 -18.05 -39.97
CA PHE E 76 -8.71 -17.59 -39.12
C PHE E 76 -8.73 -16.07 -38.96
N ASN E 77 -8.00 -15.35 -39.82
CA ASN E 77 -7.94 -13.87 -39.72
C ASN E 77 -8.81 -13.25 -40.82
N MET E 78 -9.63 -14.07 -41.48
CA MET E 78 -10.49 -13.56 -42.59
C MET E 78 -9.59 -12.94 -43.66
N LEU E 79 -8.32 -13.36 -43.72
CA LEU E 79 -7.36 -12.82 -44.72
C LEU E 79 -6.70 -13.99 -45.46
N PRO E 80 -6.55 -13.95 -46.79
CA PRO E 80 -5.99 -15.07 -47.56
C PRO E 80 -4.46 -15.17 -47.37
N VAL E 81 -4.01 -15.39 -46.13
CA VAL E 81 -2.56 -15.55 -45.85
C VAL E 81 -2.06 -16.81 -46.59
N TYR E 82 -2.89 -17.85 -46.61
CA TYR E 82 -2.50 -19.13 -47.27
C TYR E 82 -2.95 -19.11 -48.73
N PRO E 83 -2.12 -19.56 -49.70
CA PRO E 83 -2.48 -19.50 -51.12
C PRO E 83 -3.59 -20.46 -51.48
N HIS E 84 -4.33 -20.10 -52.53
CA HIS E 84 -5.34 -20.96 -53.12
C HIS E 84 -4.66 -22.11 -53.86
N VAL E 85 -5.45 -23.15 -54.16
CA VAL E 85 -4.92 -24.32 -54.85
C VAL E 85 -4.39 -23.95 -56.23
N GLN E 86 -4.92 -22.87 -56.82
CA GLN E 86 -4.41 -22.43 -58.12
C GLN E 86 -2.96 -21.99 -58.01
N TRP E 87 -2.63 -21.20 -56.99
CA TRP E 87 -1.24 -20.84 -56.75
C TRP E 87 -0.40 -22.05 -56.40
N LEU E 88 -0.97 -22.99 -55.65
CA LEU E 88 -0.24 -24.21 -55.31
C LEU E 88 0.09 -25.02 -56.55
N ARG E 89 -0.82 -25.06 -57.52
CA ARG E 89 -0.56 -25.78 -58.76
C ARG E 89 0.44 -25.02 -59.63
N GLU E 90 0.38 -23.68 -59.62
CA GLU E 90 1.40 -22.91 -60.32
C GLU E 90 2.78 -23.21 -59.77
N ALA E 91 2.90 -23.24 -58.44
CA ALA E 91 4.16 -23.62 -57.81
C ALA E 91 4.53 -25.06 -58.13
N GLU E 92 3.54 -25.96 -58.12
CA GLU E 92 3.74 -27.35 -58.52
C GLU E 92 4.45 -27.44 -59.85
N ILE E 93 3.85 -26.86 -60.89
CA ILE E 93 4.37 -27.05 -62.24
C ILE E 93 5.65 -26.26 -62.43
N LYS E 94 5.77 -25.08 -61.82
CA LYS E 94 7.02 -24.33 -61.95
C LYS E 94 8.18 -25.10 -61.33
N HIS E 95 7.98 -25.65 -60.14
CA HIS E 95 9.01 -26.49 -59.52
C HIS E 95 9.28 -27.71 -60.38
N GLY E 96 8.24 -28.31 -60.95
CA GLY E 96 8.45 -29.49 -61.77
C GLY E 96 9.31 -29.22 -63.00
N ARG E 97 8.99 -28.13 -63.71
CA ARG E 97 9.78 -27.76 -64.88
C ARG E 97 11.21 -27.43 -64.49
N VAL E 98 11.38 -26.61 -63.44
CA VAL E 98 12.72 -26.20 -63.02
C VAL E 98 13.53 -27.41 -62.59
N CYS E 99 12.89 -28.37 -61.93
CA CYS E 99 13.61 -29.58 -61.50
C CYS E 99 13.94 -30.48 -62.67
N MET E 100 13.02 -30.64 -63.61
CA MET E 100 13.32 -31.47 -64.78
C MET E 100 14.47 -30.91 -65.57
N LEU E 101 14.60 -29.58 -65.61
CA LEU E 101 15.79 -28.98 -66.22
C LEU E 101 17.02 -29.17 -65.33
N ALA E 102 16.87 -28.93 -64.03
CA ALA E 102 18.01 -28.85 -63.13
C ALA E 102 18.66 -30.21 -62.90
N PHE E 103 17.88 -31.29 -62.91
CA PHE E 103 18.45 -32.62 -62.68
C PHE E 103 19.37 -33.02 -63.82
N ILE E 104 18.90 -32.90 -65.06
CA ILE E 104 19.78 -33.19 -66.18
C ILE E 104 20.90 -32.16 -66.28
N GLY E 105 20.70 -30.95 -65.75
CA GLY E 105 21.81 -30.03 -65.63
C GLY E 105 22.90 -30.55 -64.71
N CYS E 106 22.50 -31.05 -63.53
CA CYS E 106 23.44 -31.66 -62.61
C CYS E 106 24.19 -32.82 -63.27
N PHE E 107 23.45 -33.65 -64.00
CA PHE E 107 24.09 -34.79 -64.66
C PHE E 107 25.05 -34.36 -65.76
N ALA E 108 24.65 -33.37 -66.57
CA ALA E 108 25.47 -33.00 -67.72
C ALA E 108 26.71 -32.24 -67.30
N GLN E 109 26.60 -31.34 -66.32
CA GLN E 109 27.77 -30.59 -65.88
C GLN E 109 28.84 -31.51 -65.31
N ALA E 110 28.44 -32.66 -64.78
CA ALA E 110 29.39 -33.71 -64.39
C ALA E 110 29.62 -34.63 -65.59
N GLY E 111 30.33 -34.08 -66.58
CA GLY E 111 30.58 -34.80 -67.81
C GLY E 111 30.58 -33.94 -69.06
N TYR E 112 30.20 -32.67 -68.92
CA TYR E 112 30.24 -31.73 -70.03
C TYR E 112 30.66 -30.36 -69.52
N HIS E 113 31.19 -29.54 -70.42
CA HIS E 113 31.63 -28.20 -70.06
C HIS E 113 31.69 -27.34 -71.31
N ILE E 114 31.68 -26.03 -71.10
CA ILE E 114 31.81 -25.05 -72.18
C ILE E 114 33.05 -24.21 -71.93
N GLY E 115 33.47 -23.50 -72.98
CA GLY E 115 34.65 -22.67 -72.89
C GLY E 115 34.44 -21.42 -72.06
N VAL E 119 32.95 -21.44 -66.78
CA VAL E 119 34.02 -21.78 -65.85
C VAL E 119 33.70 -23.12 -65.19
N GLN E 120 34.74 -23.83 -64.74
CA GLN E 120 34.60 -25.20 -64.24
C GLN E 120 34.61 -25.21 -62.72
N PRO E 121 33.50 -25.58 -62.06
CA PRO E 121 33.52 -25.64 -60.59
C PRO E 121 32.35 -26.44 -60.01
N ASP E 122 32.55 -27.74 -59.83
CA ASP E 122 31.59 -28.63 -59.16
C ASP E 122 30.22 -28.49 -59.83
N TRP E 123 29.14 -28.77 -59.09
CA TRP E 123 27.79 -28.42 -59.52
C TRP E 123 27.12 -27.63 -58.41
N SER E 124 27.44 -27.97 -57.16
CA SER E 124 26.88 -27.29 -56.00
C SER E 124 27.51 -25.93 -55.76
N LYS E 125 28.59 -25.60 -56.45
CA LYS E 125 29.22 -24.29 -56.36
C LYS E 125 29.36 -23.63 -57.72
N ALA E 126 28.68 -24.16 -58.75
CA ALA E 126 28.81 -23.59 -60.09
C ALA E 126 28.27 -22.17 -60.15
N LEU E 127 27.10 -21.93 -59.55
CA LEU E 127 26.51 -20.60 -59.63
C LEU E 127 27.29 -19.59 -58.81
N ALA E 128 27.65 -19.95 -57.58
CA ALA E 128 28.41 -19.03 -56.74
C ALA E 128 29.75 -18.69 -57.36
N GLU E 129 30.34 -19.63 -58.10
CA GLU E 129 31.56 -19.35 -58.85
C GLU E 129 31.26 -18.40 -60.00
N CYS E 130 30.22 -18.70 -60.78
CA CYS E 130 29.87 -17.85 -61.92
C CYS E 130 29.48 -16.45 -61.46
N TYR E 131 28.88 -16.33 -60.28
CA TYR E 131 28.53 -15.04 -59.70
C TYR E 131 29.71 -14.38 -59.00
N ALA E 132 30.91 -14.92 -59.15
CA ALA E 132 32.10 -14.37 -58.50
C ALA E 132 33.31 -14.29 -59.42
N SER E 133 33.17 -14.60 -60.72
CA SER E 133 34.29 -14.52 -61.66
C SER E 133 33.77 -14.27 -63.07
N PRO E 134 33.31 -13.06 -63.35
CA PRO E 134 32.86 -12.74 -64.72
C PRO E 134 34.01 -12.35 -65.64
N THR E 135 34.29 -13.16 -66.65
CA THR E 135 35.20 -12.80 -67.72
C THR E 135 34.50 -12.75 -69.06
N GLY E 136 33.85 -13.84 -69.47
CA GLY E 136 32.97 -13.84 -70.61
C GLY E 136 31.61 -14.33 -70.18
N ALA E 137 31.32 -14.14 -68.89
CA ALA E 137 30.09 -14.65 -68.28
C ALA E 137 29.04 -13.55 -68.22
N VAL E 138 28.58 -13.14 -69.40
CA VAL E 138 27.31 -12.41 -69.49
C VAL E 138 26.14 -13.38 -69.53
N GLY E 139 26.43 -14.68 -69.62
CA GLY E 139 25.36 -15.66 -69.59
C GLY E 139 24.52 -15.58 -68.33
N LEU E 140 25.12 -15.16 -67.22
CA LEU E 140 24.34 -14.90 -66.02
C LEU E 140 23.33 -13.78 -66.28
N PHE E 141 23.77 -12.71 -66.93
CA PHE E 141 22.86 -11.61 -67.25
C PHE E 141 21.75 -12.09 -68.19
N GLN E 142 22.11 -12.85 -69.22
CA GLN E 142 21.11 -13.30 -70.19
C GLN E 142 20.10 -14.24 -69.54
N ILE E 143 20.57 -15.18 -68.72
CA ILE E 143 19.66 -16.11 -68.05
C ILE E 143 18.76 -15.37 -67.10
N SER E 144 19.31 -14.43 -66.32
CA SER E 144 18.51 -13.70 -65.35
C SER E 144 17.49 -12.80 -66.04
N VAL E 145 17.84 -12.18 -67.16
CA VAL E 145 16.87 -11.35 -67.85
C VAL E 145 15.80 -12.20 -68.52
N LEU E 146 16.16 -13.39 -69.03
CA LEU E 146 15.13 -14.28 -69.54
C LEU E 146 14.16 -14.66 -68.44
N ILE E 147 14.68 -14.99 -67.25
CA ILE E 147 13.80 -15.36 -66.15
C ILE E 147 12.92 -14.18 -65.75
N GLY E 148 13.50 -12.97 -65.71
CA GLY E 148 12.72 -11.81 -65.32
C GLY E 148 11.61 -11.50 -66.31
N TRP E 149 11.94 -11.53 -67.60
CA TRP E 149 10.91 -11.30 -68.62
C TRP E 149 9.85 -12.39 -68.58
N ILE E 150 10.26 -13.65 -68.39
CA ILE E 150 9.33 -14.75 -68.50
C ILE E 150 8.31 -14.71 -67.36
N GLU E 151 8.75 -14.51 -66.12
CA GLU E 151 7.79 -14.41 -65.04
C GLU E 151 7.48 -12.97 -64.64
N GLY E 152 7.72 -12.03 -65.55
CA GLY E 152 7.02 -10.77 -65.49
C GLY E 152 5.83 -10.81 -66.43
N LYS E 153 6.04 -11.39 -67.62
CA LYS E 153 4.94 -11.55 -68.56
C LYS E 153 3.95 -12.61 -68.06
N ASN E 154 4.46 -13.75 -67.60
CA ASN E 154 3.62 -14.86 -67.17
C ASN E 154 3.44 -14.90 -65.66
N TYR E 155 3.52 -13.75 -65.00
CA TYR E 155 3.12 -13.69 -63.60
C TYR E 155 1.67 -14.14 -63.48
N ASN E 156 1.41 -15.04 -62.54
CA ASN E 156 0.16 -15.79 -62.55
C ASN E 156 -1.03 -14.96 -62.06
N GLY E 157 -1.24 -13.80 -62.69
CA GLY E 157 -2.45 -13.02 -62.48
C GLY E 157 -2.81 -12.81 -61.02
N ASP E 158 -3.90 -13.44 -60.61
CA ASP E 158 -4.39 -13.41 -59.24
C ASP E 158 -4.60 -14.83 -58.73
N ALA E 159 -3.63 -15.70 -58.99
CA ALA E 159 -3.75 -17.11 -58.63
C ALA E 159 -3.79 -17.33 -57.13
N TRP E 160 -3.34 -16.37 -56.32
CA TRP E 160 -3.29 -16.56 -54.88
C TRP E 160 -4.69 -16.69 -54.29
N VAL E 161 -5.69 -16.01 -54.86
CA VAL E 161 -7.05 -16.07 -54.38
C VAL E 161 -7.95 -16.89 -55.30
N GLY E 162 -7.36 -17.69 -56.18
CA GLY E 162 -8.14 -18.58 -57.01
C GLY E 162 -8.89 -17.92 -58.15
N MET E 163 -8.48 -16.72 -58.56
CA MET E 163 -9.14 -16.02 -59.65
C MET E 163 -8.17 -15.76 -60.79
N SER E 164 -7.39 -16.77 -61.17
CA SER E 164 -6.47 -16.67 -62.29
C SER E 164 -7.19 -17.09 -63.56
N GLU E 165 -7.32 -16.16 -64.50
CA GLU E 165 -7.93 -16.48 -65.79
C GLU E 165 -7.13 -17.53 -66.55
N LYS E 166 -5.80 -17.43 -66.50
CA LYS E 166 -4.94 -18.43 -67.12
C LYS E 166 -5.02 -19.73 -66.33
N GLU E 167 -5.10 -20.85 -67.06
CA GLU E 167 -5.05 -22.14 -66.40
C GLU E 167 -3.66 -22.35 -65.80
N PRO E 168 -3.57 -22.93 -64.60
CA PRO E 168 -2.28 -23.03 -63.91
C PRO E 168 -1.25 -23.77 -64.76
N GLY E 169 -0.07 -23.17 -64.88
CA GLY E 169 1.01 -23.73 -65.66
C GLY E 169 0.89 -23.57 -67.15
N ASP E 170 -0.18 -22.94 -67.64
CA ASP E 170 -0.40 -22.78 -69.08
C ASP E 170 0.18 -21.44 -69.51
N LEU E 171 1.46 -21.46 -69.90
CA LEU E 171 2.13 -20.26 -70.37
C LEU E 171 1.96 -20.06 -71.87
N GLY E 172 1.19 -20.90 -72.53
CA GLY E 172 1.06 -20.80 -73.98
C GLY E 172 2.29 -21.21 -74.75
N PHE E 173 3.16 -22.01 -74.14
CA PHE E 173 4.40 -22.45 -74.78
C PHE E 173 4.17 -23.86 -75.30
N ASP E 174 3.69 -23.95 -76.54
CA ASP E 174 3.55 -25.23 -77.24
C ASP E 174 4.06 -25.04 -78.66
N PRO E 175 5.37 -24.82 -78.83
CA PRO E 175 5.91 -24.46 -80.15
C PRO E 175 5.67 -25.50 -81.22
N ALA E 176 6.17 -26.71 -81.02
CA ALA E 176 6.08 -27.75 -82.05
C ALA E 176 4.82 -28.60 -81.89
N GLY E 177 3.68 -27.95 -81.70
CA GLY E 177 2.37 -28.57 -81.69
C GLY E 177 2.28 -29.95 -81.07
N PHE E 178 2.96 -30.16 -79.95
CA PHE E 178 3.09 -31.51 -79.40
C PHE E 178 1.73 -32.07 -78.96
N THR E 179 0.90 -31.25 -78.33
CA THR E 179 -0.43 -31.67 -77.91
C THR E 179 -1.48 -30.61 -78.26
N LYS E 180 -1.37 -30.03 -79.45
CA LYS E 180 -2.43 -29.14 -79.92
C LYS E 180 -3.68 -29.90 -80.34
N ASN E 181 -3.67 -31.23 -80.20
CA ASN E 181 -4.84 -32.03 -80.55
C ASN E 181 -6.00 -31.65 -79.63
N PRO E 182 -7.25 -31.79 -80.11
CA PRO E 182 -8.39 -31.26 -79.35
C PRO E 182 -8.44 -31.72 -77.91
N ASP E 183 -8.22 -33.00 -77.65
CA ASP E 183 -7.94 -33.40 -76.29
C ASP E 183 -6.65 -34.18 -76.16
N PHE E 184 -6.41 -35.15 -77.05
CA PHE E 184 -5.26 -36.07 -76.94
C PHE E 184 -5.16 -36.66 -75.53
N ASP E 185 -6.28 -36.69 -74.81
CA ASP E 185 -6.28 -36.81 -73.36
C ASP E 185 -5.26 -35.86 -72.76
N LEU E 186 -5.50 -34.55 -72.98
CA LEU E 186 -4.61 -33.53 -72.42
C LEU E 186 -4.52 -33.67 -70.91
N LYS E 187 -5.57 -34.20 -70.27
CA LYS E 187 -5.47 -34.60 -68.88
C LYS E 187 -4.34 -35.59 -68.67
N LYS E 188 -4.17 -36.57 -69.56
CA LYS E 188 -3.10 -37.56 -69.46
C LYS E 188 -1.72 -36.95 -69.68
N ALA E 189 -1.58 -36.08 -70.68
CA ALA E 189 -0.29 -35.43 -70.91
C ALA E 189 0.09 -34.55 -69.74
N GLN E 190 -0.87 -33.78 -69.22
CA GLN E 190 -0.61 -32.96 -68.04
C GLN E 190 -0.26 -33.83 -66.84
N LEU E 191 -0.95 -34.97 -66.69
CA LEU E 191 -0.64 -35.87 -65.59
C LEU E 191 0.77 -36.41 -65.70
N GLN E 192 1.18 -36.80 -66.90
CA GLN E 192 2.56 -37.28 -67.09
C GLN E 192 3.56 -36.18 -66.78
N GLU E 193 3.28 -34.95 -67.21
CA GLU E 193 4.15 -33.82 -66.88
C GLU E 193 4.27 -33.64 -65.38
N ILE E 194 3.14 -33.71 -64.66
CA ILE E 194 3.16 -33.49 -63.23
C ILE E 194 3.91 -34.61 -62.52
N LYS E 195 3.70 -35.86 -62.96
CA LYS E 195 4.41 -36.99 -62.35
C LYS E 195 5.91 -36.86 -62.55
N ASN E 196 6.34 -36.50 -63.77
CA ASN E 196 7.76 -36.34 -64.03
C ASN E 196 8.33 -35.16 -63.26
N GLY E 197 7.56 -34.07 -63.13
CA GLY E 197 8.03 -32.93 -62.35
C GLY E 197 8.20 -33.27 -60.89
N ARG E 198 7.26 -34.02 -60.32
CA ARG E 198 7.39 -34.47 -58.94
C ARG E 198 8.60 -35.38 -58.77
N LEU E 199 8.82 -36.28 -59.73
CA LEU E 199 9.97 -37.17 -59.67
C LEU E 199 11.27 -36.38 -59.72
N ALA E 200 11.33 -35.37 -60.58
CA ALA E 200 12.53 -34.53 -60.67
C ALA E 200 12.71 -33.69 -59.41
N MET E 201 11.61 -33.24 -58.79
CA MET E 201 11.71 -32.55 -57.51
C MET E 201 12.32 -33.45 -56.45
N VAL E 202 11.85 -34.70 -56.38
CA VAL E 202 12.41 -35.64 -55.42
C VAL E 202 13.88 -35.91 -55.71
N GLY E 203 14.23 -36.02 -57.00
CA GLY E 203 15.62 -36.23 -57.36
C GLY E 203 16.52 -35.07 -56.95
N CYS E 204 16.08 -33.84 -57.23
CA CYS E 204 16.87 -32.67 -56.86
C CYS E 204 16.99 -32.53 -55.36
N ALA E 205 15.89 -32.80 -54.63
CA ALA E 205 15.96 -32.78 -53.18
C ALA E 205 16.92 -33.83 -52.65
N SER E 206 16.91 -35.03 -53.26
CA SER E 206 17.83 -36.07 -52.86
C SER E 206 19.28 -35.63 -53.06
N ILE E 207 19.58 -35.04 -54.22
CA ILE E 207 20.95 -34.63 -54.50
C ILE E 207 21.39 -33.51 -53.56
N ALA E 208 20.51 -32.52 -53.36
CA ALA E 208 20.87 -31.41 -52.48
C ALA E 208 21.06 -31.86 -51.04
N ALA E 209 20.20 -32.75 -50.55
CA ALA E 209 20.34 -33.24 -49.18
C ALA E 209 21.55 -34.15 -49.04
N ASN E 210 21.90 -34.89 -50.10
CA ASN E 210 23.03 -35.80 -50.02
C ASN E 210 24.36 -35.06 -50.06
N HIS E 211 24.48 -34.04 -50.91
CA HIS E 211 25.76 -33.35 -51.02
C HIS E 211 26.13 -32.66 -49.72
N PHE E 212 25.15 -32.22 -48.94
CA PHE E 212 25.41 -31.54 -47.69
C PHE E 212 25.23 -32.43 -46.46
N ILE E 213 24.57 -33.57 -46.60
CA ILE E 213 24.55 -34.60 -45.56
C ILE E 213 25.17 -35.85 -46.16
N PRO E 214 26.47 -36.06 -45.96
CA PRO E 214 27.13 -37.20 -46.62
C PRO E 214 26.55 -38.53 -46.19
N GLY E 215 26.46 -39.45 -47.15
CA GLY E 215 25.93 -40.77 -46.87
C GLY E 215 24.45 -40.80 -46.53
N SER E 216 23.72 -39.74 -46.84
CA SER E 216 22.29 -39.70 -46.55
C SER E 216 21.51 -40.49 -47.59
N VAL E 217 21.56 -40.05 -48.84
CA VAL E 217 20.92 -40.74 -49.96
C VAL E 217 21.90 -41.78 -50.50
N PRO E 218 21.47 -43.00 -50.80
CA PRO E 218 22.37 -43.97 -51.42
C PRO E 218 22.90 -43.47 -52.74
N LEU E 219 24.21 -43.66 -52.97
CA LEU E 219 24.94 -43.08 -54.10
C LEU E 219 24.96 -41.56 -54.01
N LEU E 220 25.89 -40.92 -54.71
CA LEU E 220 26.03 -39.48 -54.64
C LEU E 220 24.93 -38.78 -55.43
N GLU F 1 -2.98 22.47 -79.84
CA GLU F 1 -1.92 23.43 -80.13
C GLU F 1 -0.56 22.88 -79.69
N PHE F 2 0.45 23.06 -80.53
CA PHE F 2 1.76 22.48 -80.28
C PHE F 2 2.55 23.34 -79.30
N ALA F 3 3.01 22.71 -78.21
CA ALA F 3 3.88 23.34 -77.22
C ALA F 3 3.29 24.63 -76.68
N GLY F 4 1.98 24.63 -76.47
CA GLY F 4 1.32 25.81 -75.93
C GLY F 4 1.39 27.03 -76.81
N GLY F 5 1.65 26.85 -78.10
CA GLY F 5 1.76 27.98 -79.00
C GLY F 5 2.97 28.84 -78.73
N LEU F 6 4.15 28.25 -78.79
CA LEU F 6 5.40 28.99 -78.60
C LEU F 6 6.05 29.27 -79.94
N ILE F 7 6.75 30.38 -80.02
CA ILE F 7 7.50 30.74 -81.23
C ILE F 7 8.75 29.87 -81.30
N GLY F 8 9.06 29.38 -82.50
CA GLY F 8 10.25 28.58 -82.70
C GLY F 8 10.01 27.26 -83.38
N GLY F 9 8.77 26.77 -83.33
CA GLY F 9 8.44 25.49 -83.90
C GLY F 9 8.01 25.50 -85.35
N GLN F 10 8.03 26.66 -86.01
CA GLN F 10 7.58 26.76 -87.39
C GLN F 10 8.72 26.48 -88.36
N SER F 11 8.40 25.74 -89.42
CA SER F 11 9.39 25.39 -90.42
C SER F 11 9.80 26.61 -91.23
N ALA F 12 10.88 26.45 -91.99
CA ALA F 12 11.40 27.53 -92.83
C ALA F 12 10.97 27.43 -94.28
N PHE F 13 10.54 26.23 -94.68
CA PHE F 13 10.04 26.03 -96.06
C PHE F 13 8.64 26.62 -96.12
N ALA F 14 8.12 27.06 -94.97
CA ALA F 14 6.78 27.70 -94.91
C ALA F 14 5.70 26.70 -95.34
N SER F 15 4.44 27.02 -95.08
CA SER F 15 3.32 26.12 -95.44
C SER F 15 3.50 24.79 -94.69
N GLN F 16 4.42 24.76 -93.74
CA GLN F 16 4.68 23.51 -92.96
C GLN F 16 5.13 23.93 -91.56
N GLU F 17 5.03 23.02 -90.59
CA GLU F 17 5.51 23.34 -89.22
C GLU F 17 6.49 22.25 -88.79
N TYR F 18 7.73 22.63 -88.51
CA TYR F 18 8.75 21.64 -88.09
C TYR F 18 8.33 21.06 -86.74
N ASN F 19 7.68 21.88 -85.91
CA ASN F 19 7.29 21.38 -84.59
C ASN F 19 8.19 20.25 -84.13
N PHE F 20 9.49 20.53 -84.08
CA PHE F 20 10.47 19.50 -83.74
C PHE F 20 10.38 19.18 -82.25
N ASP F 21 9.95 17.96 -81.94
CA ASP F 21 9.92 17.43 -80.59
C ASP F 21 9.83 15.90 -80.65
N PRO F 22 10.88 15.22 -81.11
CA PRO F 22 10.79 13.76 -81.26
C PRO F 22 10.50 13.03 -79.97
N LEU F 23 11.03 13.52 -78.84
CA LEU F 23 10.70 12.92 -77.55
C LEU F 23 9.33 13.34 -77.04
N GLY F 24 8.69 14.31 -77.67
CA GLY F 24 7.37 14.76 -77.23
C GLY F 24 7.37 15.35 -75.83
N LEU F 25 8.40 16.11 -75.49
CA LEU F 25 8.48 16.69 -74.15
C LEU F 25 7.49 17.82 -73.95
N ALA F 26 7.08 18.47 -75.03
CA ALA F 26 6.10 19.56 -74.92
C ALA F 26 4.77 19.05 -74.38
N GLU F 27 4.33 17.89 -74.87
CA GLU F 27 3.08 17.32 -74.38
C GLU F 27 3.25 16.55 -73.07
N LYS F 28 4.46 16.08 -72.77
CA LYS F 28 4.68 15.40 -71.50
C LYS F 28 4.75 16.40 -70.35
N PHE F 29 5.30 17.59 -70.59
CA PHE F 29 5.52 18.59 -69.56
C PHE F 29 4.94 19.93 -70.02
N PRO F 30 3.61 20.04 -70.09
CA PRO F 30 3.01 21.33 -70.48
C PRO F 30 3.04 22.36 -69.37
N GLU F 31 3.15 21.94 -68.10
CA GLU F 31 3.20 22.88 -66.99
C GLU F 31 4.59 23.47 -66.78
N GLN F 32 5.62 22.89 -67.41
CA GLN F 32 6.97 23.44 -67.36
C GLN F 32 7.43 23.96 -68.70
N LEU F 33 6.51 24.13 -69.66
CA LEU F 33 6.88 24.74 -70.93
C LEU F 33 7.40 26.17 -70.80
N PRO F 34 6.80 27.06 -70.00
CA PRO F 34 7.43 28.38 -69.82
C PRO F 34 8.85 28.29 -69.27
N PHE F 35 9.09 27.37 -68.33
CA PHE F 35 10.44 27.18 -67.82
C PHE F 35 11.36 26.62 -68.90
N PHE F 36 10.82 25.73 -69.75
CA PHE F 36 11.63 25.19 -70.84
C PHE F 36 12.05 26.28 -71.81
N ARG F 37 11.13 27.20 -72.14
CA ARG F 37 11.49 28.29 -73.05
C ARG F 37 12.44 29.27 -72.37
N GLU F 38 12.25 29.52 -71.07
CA GLU F 38 13.21 30.32 -70.33
C GLU F 38 14.61 29.73 -70.41
N ALA F 39 14.72 28.42 -70.19
CA ALA F 39 16.01 27.76 -70.26
C ALA F 39 16.58 27.79 -71.66
N GLU F 40 15.74 27.59 -72.67
CA GLU F 40 16.21 27.60 -74.06
C GLU F 40 16.78 28.98 -74.42
N LEU F 41 16.05 30.04 -74.07
CA LEU F 41 16.51 31.38 -74.39
C LEU F 41 17.76 31.75 -73.59
N LYS F 42 17.83 31.34 -72.32
CA LYS F 42 19.02 31.61 -71.52
C LYS F 42 20.23 30.89 -72.12
N HIS F 43 20.08 29.63 -72.49
CA HIS F 43 21.17 28.90 -73.12
C HIS F 43 21.58 29.55 -74.43
N GLY F 44 20.61 29.98 -75.24
CA GLY F 44 20.94 30.60 -76.50
C GLY F 44 21.72 31.89 -76.34
N ARG F 45 21.29 32.75 -75.40
CA ARG F 45 21.97 34.01 -75.19
C ARG F 45 23.38 33.80 -74.63
N ILE F 46 23.49 32.93 -73.62
CA ILE F 46 24.79 32.63 -73.04
C ILE F 46 25.71 32.04 -74.09
N ALA F 47 25.16 31.22 -74.99
CA ALA F 47 25.99 30.58 -76.02
C ALA F 47 26.40 31.58 -77.10
N MET F 48 25.53 32.54 -77.44
CA MET F 48 25.94 33.60 -78.35
C MET F 48 27.14 34.35 -77.78
N LEU F 49 27.02 34.82 -76.54
CA LEU F 49 28.11 35.54 -75.92
C LEU F 49 29.35 34.66 -75.78
N ALA F 50 29.13 33.36 -75.52
CA ALA F 50 30.24 32.43 -75.35
C ALA F 50 31.00 32.22 -76.65
N TRP F 51 30.29 32.10 -77.77
CA TRP F 51 30.97 31.94 -79.05
C TRP F 51 31.71 33.21 -79.43
N VAL F 52 31.10 34.37 -79.19
CA VAL F 52 31.78 35.63 -79.50
C VAL F 52 33.06 35.76 -78.69
N GLY F 53 32.99 35.44 -77.39
CA GLY F 53 34.16 35.47 -76.52
C GLY F 53 35.03 34.25 -76.57
N LEU F 54 34.67 33.28 -77.41
CA LEU F 54 35.58 32.20 -77.77
C LEU F 54 36.39 32.55 -79.00
N VAL F 55 35.83 33.38 -79.88
CA VAL F 55 36.59 33.84 -81.03
C VAL F 55 37.49 35.02 -80.68
N VAL F 56 36.95 36.00 -79.93
CA VAL F 56 37.65 37.29 -79.77
C VAL F 56 39.02 37.15 -79.11
N PRO F 57 39.17 36.44 -77.98
CA PRO F 57 40.48 36.43 -77.29
C PRO F 57 41.64 35.91 -78.14
N GLU F 58 41.37 35.27 -79.28
CA GLU F 58 42.44 34.90 -80.20
C GLU F 58 43.12 36.11 -80.81
N PHE F 59 42.52 37.30 -80.71
CA PHE F 59 43.06 38.52 -81.27
C PHE F 59 43.50 39.53 -80.21
N VAL F 60 42.62 39.83 -79.24
CA VAL F 60 42.89 40.80 -78.20
C VAL F 60 42.77 40.10 -76.85
N ARG F 61 43.69 40.43 -75.94
CA ARG F 61 43.63 39.83 -74.58
C ARG F 61 43.80 40.93 -73.53
N ILE F 62 42.75 41.20 -72.76
CA ILE F 62 42.79 42.28 -71.73
C ILE F 62 44.03 42.06 -70.86
N PRO F 63 44.86 43.10 -70.60
CA PRO F 63 46.09 42.90 -69.83
C PRO F 63 45.79 42.92 -68.33
N GLY F 64 45.86 41.76 -67.68
CA GLY F 64 45.49 41.69 -66.25
C GLY F 64 46.22 40.59 -65.51
N PRO F 65 45.76 40.18 -64.31
CA PRO F 65 46.40 39.12 -63.55
C PRO F 65 47.06 38.11 -64.49
N GLU F 66 48.38 38.21 -64.68
CA GLU F 66 49.05 37.34 -65.68
C GLU F 66 48.79 35.86 -65.40
N LYS F 67 48.45 35.50 -64.16
CA LYS F 67 48.11 34.07 -63.89
C LYS F 67 47.03 33.67 -64.89
N CYS F 68 46.05 34.54 -65.13
CA CYS F 68 45.04 34.29 -66.18
C CYS F 68 45.48 35.11 -67.39
N TRP F 69 44.54 35.69 -68.11
CA TRP F 69 44.93 36.58 -69.24
C TRP F 69 46.12 35.97 -69.98
N GLN F 70 46.08 34.65 -70.21
CA GLN F 70 47.17 33.97 -70.98
C GLN F 70 46.74 32.55 -71.38
N ALA F 71 47.20 32.04 -72.54
CA ALA F 71 46.96 30.64 -72.98
C ALA F 71 45.89 30.51 -74.06
N SER F 72 45.54 29.28 -74.45
CA SER F 72 44.51 29.02 -75.43
C SER F 72 43.14 29.22 -74.80
N ALA F 73 42.10 29.24 -75.64
CA ALA F 73 40.75 29.40 -75.13
C ALA F 73 40.35 28.22 -74.25
N VAL F 74 40.94 27.05 -74.47
CA VAL F 74 40.65 25.89 -73.64
C VAL F 74 41.25 26.06 -72.25
N ASP F 75 42.53 26.42 -72.19
CA ASP F 75 43.18 26.60 -70.89
C ASP F 75 42.93 28.00 -70.36
N ALA F 76 41.68 28.44 -70.40
CA ALA F 76 41.31 29.78 -69.96
C ALA F 76 40.27 29.77 -68.85
N HIS F 77 39.65 28.63 -68.56
CA HIS F 77 38.73 28.52 -67.44
C HIS F 77 39.45 28.07 -66.18
N SER F 78 40.05 26.88 -66.22
CA SER F 78 40.76 26.37 -65.05
C SER F 78 41.97 27.22 -64.71
N ALA F 79 42.46 28.01 -65.67
CA ALA F 79 43.53 28.96 -65.39
C ALA F 79 43.00 30.25 -64.77
N CYS F 80 41.85 30.72 -65.23
CA CYS F 80 41.27 31.96 -64.71
C CYS F 80 40.43 31.75 -63.48
N VAL F 81 40.49 30.56 -62.88
CA VAL F 81 39.91 30.33 -61.56
C VAL F 81 40.96 29.88 -60.55
N UNK F 82 42.07 29.30 -61.01
CA UNK F 82 43.17 28.84 -60.15
C UNK F 82 42.73 27.72 -59.22
N UNK F 83 43.69 27.16 -58.48
CA UNK F 83 43.43 26.01 -57.62
C UNK F 83 42.68 26.47 -56.38
N UNK F 84 41.38 26.73 -56.57
CA UNK F 84 40.52 27.06 -55.44
C UNK F 84 40.52 25.93 -54.43
N UNK F 85 40.15 26.28 -53.19
CA UNK F 85 40.22 25.33 -52.09
C UNK F 85 39.44 24.06 -52.40
N UNK F 86 38.11 24.16 -52.52
CA UNK F 86 37.32 23.03 -53.00
C UNK F 86 36.63 23.32 -54.32
N UNK F 87 35.72 24.30 -54.35
CA UNK F 87 35.12 24.78 -55.58
C UNK F 87 34.39 26.10 -55.33
N UNK F 88 34.84 27.18 -55.96
CA UNK F 88 34.22 28.51 -55.81
C UNK F 88 34.15 28.92 -54.34
N UNK F 89 35.12 28.51 -53.54
CA UNK F 89 35.20 28.87 -52.13
C UNK F 89 36.46 29.71 -51.94
N UNK F 90 36.27 30.99 -51.60
CA UNK F 90 37.38 31.89 -51.41
C UNK F 90 38.22 31.46 -50.22
N UNK F 91 39.53 31.66 -50.33
CA UNK F 91 40.46 31.33 -49.26
C UNK F 91 40.59 32.54 -48.34
N UNK F 92 39.84 32.53 -47.24
CA UNK F 92 39.85 33.65 -46.31
C UNK F 92 41.15 33.73 -45.52
N UNK F 93 41.87 32.63 -45.37
CA UNK F 93 43.13 32.66 -44.64
C UNK F 93 44.18 33.47 -45.38
N UNK F 94 44.15 33.41 -46.71
CA UNK F 94 45.14 34.15 -47.51
C UNK F 94 44.47 34.91 -48.66
N UNK F 95 43.58 35.85 -48.33
CA UNK F 95 43.00 36.68 -49.41
C UNK F 95 44.16 37.43 -50.05
N UNK F 96 43.95 38.00 -51.23
CA UNK F 96 45.05 38.69 -51.95
C UNK F 96 45.97 37.63 -52.55
N UNK F 97 45.46 36.41 -52.75
CA UNK F 97 46.22 35.33 -53.43
C UNK F 97 47.40 34.85 -52.59
N UNK F 98 48.57 34.71 -53.22
CA UNK F 98 49.79 34.17 -52.53
C UNK F 98 49.74 32.64 -52.55
N UNK F 99 48.85 32.05 -53.34
CA UNK F 99 48.77 30.57 -53.47
C UNK F 99 47.52 30.15 -54.24
N UNK F 100 46.33 30.28 -53.64
CA UNK F 100 45.11 29.76 -54.29
C UNK F 100 43.88 30.65 -54.04
N UNK F 101 43.19 31.10 -55.09
CA UNK F 101 41.96 31.91 -54.98
C UNK F 101 41.40 32.10 -56.39
N GLY F 102 40.14 32.50 -56.55
CA GLY F 102 39.56 32.58 -57.91
C GLY F 102 39.84 33.91 -58.62
N ALA F 103 39.61 33.99 -59.94
CA ALA F 103 39.76 35.28 -60.69
C ALA F 103 38.47 35.55 -61.45
N LEU F 104 37.59 34.54 -61.53
CA LEU F 104 36.28 34.69 -62.23
C LEU F 104 35.20 34.73 -61.16
N THR F 105 35.49 34.30 -59.92
CA THR F 105 34.39 34.29 -58.97
C THR F 105 33.65 35.63 -58.92
N GLN F 106 34.27 36.71 -59.38
CA GLN F 106 33.53 37.96 -59.52
C GLN F 106 32.45 37.85 -60.60
N VAL F 107 32.80 37.24 -61.74
CA VAL F 107 31.80 36.97 -62.75
C VAL F 107 30.73 36.04 -62.21
N PHE F 108 31.14 35.06 -61.39
CA PHE F 108 30.18 34.12 -60.81
C PHE F 108 29.19 34.82 -59.89
N ILE F 109 29.68 35.71 -59.02
CA ILE F 109 28.80 36.38 -58.08
C ILE F 109 27.92 37.40 -58.80
N PHE F 110 28.46 38.08 -59.81
CA PHE F 110 27.63 39.00 -60.59
C PHE F 110 26.52 38.23 -61.31
N CYS F 111 26.85 37.09 -61.90
CA CYS F 111 25.83 36.27 -62.55
C CYS F 111 24.81 35.78 -61.55
N GLY F 112 25.24 35.41 -60.35
CA GLY F 112 24.30 34.94 -59.34
C GLY F 112 23.35 36.03 -58.89
N THR F 113 23.88 37.22 -58.62
CA THR F 113 23.03 38.34 -58.22
C THR F 113 22.05 38.70 -59.33
N LEU F 114 22.54 38.79 -60.57
CA LEU F 114 21.66 39.12 -61.69
C LEU F 114 20.61 38.04 -61.89
N GLU F 115 21.00 36.77 -61.76
CA GLU F 115 20.06 35.68 -61.98
C GLU F 115 18.97 35.65 -60.91
N ILE F 116 19.34 35.88 -59.65
CA ILE F 116 18.35 35.88 -58.57
C ILE F 116 17.40 37.07 -58.72
N CYS F 117 17.92 38.24 -59.04
CA CYS F 117 17.04 39.35 -59.24
C CYS F 117 16.69 39.40 -60.69
N GLY F 118 16.46 38.25 -61.32
CA GLY F 118 16.18 38.19 -62.75
C GLY F 118 15.16 37.11 -62.95
N THR F 119 15.58 35.86 -63.09
CA THR F 119 14.69 34.72 -63.24
C THR F 119 13.96 34.40 -61.94
N TRP F 120 14.72 34.34 -60.83
CA TRP F 120 14.11 34.00 -59.55
C TRP F 120 13.06 35.03 -59.14
N ALA F 121 13.38 36.31 -59.33
CA ALA F 121 12.40 37.36 -59.04
C ALA F 121 11.23 37.34 -60.01
N LYS F 122 11.42 36.78 -61.21
CA LYS F 122 10.33 36.68 -62.16
C LYS F 122 9.38 35.53 -61.82
N MET F 123 9.90 34.48 -61.19
CA MET F 123 9.09 33.29 -60.93
C MET F 123 8.55 33.22 -59.49
N ASN F 124 9.40 33.49 -58.49
CA ASN F 124 8.96 33.27 -57.11
C ASN F 124 8.00 34.34 -56.62
N PRO F 125 8.34 35.65 -56.65
CA PRO F 125 7.48 36.66 -56.01
C PRO F 125 6.16 36.89 -56.72
N MET F 126 5.40 37.86 -56.22
CA MET F 126 4.16 38.29 -56.86
C MET F 126 4.41 38.80 -58.27
N GLY F 130 5.40 34.37 -61.74
CA GLY F 130 4.37 35.00 -62.54
C GLY F 130 4.63 34.92 -64.04
N LEU F 131 5.62 34.12 -64.42
CA LEU F 131 5.92 33.94 -65.83
C LEU F 131 4.91 33.02 -66.48
N THR F 132 4.60 33.30 -67.74
CA THR F 132 3.64 32.52 -68.50
C THR F 132 4.24 32.11 -69.85
N MET F 133 3.39 31.59 -70.74
CA MET F 133 3.87 31.16 -72.05
C MET F 133 4.45 32.33 -72.84
N GLU F 134 3.73 33.45 -72.88
CA GLU F 134 4.13 34.55 -73.75
C GLU F 134 5.32 35.33 -73.21
N ASN F 135 5.35 35.58 -71.90
CA ASN F 135 6.45 36.35 -71.31
C ASN F 135 7.57 35.45 -70.79
N ALA F 136 8.04 34.55 -71.65
CA ALA F 136 9.01 33.55 -71.19
C ALA F 136 10.40 34.16 -71.06
N GLY F 137 10.99 34.58 -72.17
CA GLY F 137 12.27 35.23 -72.13
C GLY F 137 12.21 36.73 -72.01
N ASP F 138 11.00 37.29 -71.92
CA ASP F 138 10.79 38.73 -71.92
C ASP F 138 11.11 39.29 -70.54
N TYR F 139 12.30 39.88 -70.41
CA TYR F 139 12.67 40.64 -69.22
C TYR F 139 12.49 42.13 -69.41
N ARG F 140 11.77 42.55 -70.45
CA ARG F 140 11.49 43.94 -70.74
C ARG F 140 12.76 44.75 -70.91
N LEU F 141 13.79 44.14 -71.49
CA LEU F 141 15.08 44.78 -71.72
C LEU F 141 15.19 45.10 -73.21
N GLY F 142 15.25 46.39 -73.52
CA GLY F 142 15.32 46.82 -74.91
C GLY F 142 14.08 46.50 -75.72
N VAL F 143 12.89 46.60 -75.11
CA VAL F 143 11.65 46.41 -75.85
C VAL F 143 11.28 47.64 -76.65
N ASN F 144 11.75 48.83 -76.25
CA ASN F 144 11.52 50.03 -77.04
C ASN F 144 12.08 49.89 -78.45
N PHE F 145 13.15 49.10 -78.61
CA PHE F 145 13.70 48.82 -79.92
C PHE F 145 12.86 47.81 -80.70
N LEU F 146 11.97 47.11 -80.04
CA LEU F 146 11.14 46.12 -80.72
C LEU F 146 10.08 46.83 -81.56
N PRO F 147 9.92 46.48 -82.83
CA PRO F 147 8.97 47.19 -83.69
C PRO F 147 7.54 46.98 -83.24
N ASP F 148 6.69 47.97 -83.54
CA ASP F 148 5.28 47.90 -83.17
C ASP F 148 4.47 47.32 -84.33
N GLU F 149 4.50 46.00 -84.42
CA GLU F 149 3.76 45.25 -85.44
C GLU F 149 3.64 43.79 -85.00
N PRO F 150 2.45 43.21 -85.06
CA PRO F 150 2.25 41.87 -84.47
C PRO F 150 3.14 40.78 -85.05
N GLU F 151 3.42 40.83 -86.36
CA GLU F 151 4.28 39.82 -86.97
C GLU F 151 5.75 40.18 -86.87
N LYS F 152 6.07 41.48 -86.81
CA LYS F 152 7.47 41.87 -86.70
C LYS F 152 8.07 41.41 -85.37
N VAL F 153 7.32 41.55 -84.27
CA VAL F 153 7.81 41.06 -82.98
C VAL F 153 7.97 39.55 -83.02
N LYS F 154 7.02 38.85 -83.64
CA LYS F 154 7.08 37.39 -83.69
C LYS F 154 8.30 36.93 -84.49
N GLU F 155 8.56 37.55 -85.63
CA GLU F 155 9.71 37.15 -86.43
C GLU F 155 11.02 37.54 -85.76
N MET F 156 11.06 38.66 -85.05
CA MET F 156 12.26 39.00 -84.30
C MET F 156 12.53 37.99 -83.19
N LYS F 157 11.48 37.55 -82.48
CA LYS F 157 11.65 36.53 -81.47
C LYS F 157 12.11 35.21 -82.09
N LEU F 158 11.55 34.86 -83.25
CA LEU F 158 11.98 33.65 -83.94
C LEU F 158 13.44 33.72 -84.34
N LYS F 159 13.88 34.88 -84.83
CA LYS F 159 15.29 35.05 -85.18
C LYS F 159 16.18 34.92 -83.95
N GLU F 160 15.75 35.50 -82.83
CA GLU F 160 16.50 35.35 -81.59
C GLU F 160 16.62 33.88 -81.21
N LEU F 161 15.51 33.14 -81.27
CA LEU F 161 15.52 31.74 -80.90
C LEU F 161 16.43 30.92 -81.79
N LYS F 162 16.35 31.14 -83.10
CA LYS F 162 17.14 30.32 -84.03
C LYS F 162 18.62 30.67 -83.96
N ASN F 163 18.94 31.96 -83.77
CA ASN F 163 20.32 32.34 -83.52
C ASN F 163 20.83 31.72 -82.23
N GLY F 164 19.97 31.64 -81.20
CA GLY F 164 20.38 31.03 -79.95
C GLY F 164 20.67 29.55 -80.09
N ARG F 165 19.79 28.82 -80.79
CA ARG F 165 20.04 27.40 -81.02
C ARG F 165 21.30 27.17 -81.84
N LEU F 166 21.48 27.97 -82.89
CA LEU F 166 22.69 27.86 -83.70
C LEU F 166 23.92 28.16 -82.87
N ALA F 167 23.84 29.15 -81.99
CA ALA F 167 24.99 29.50 -81.16
C ALA F 167 25.29 28.42 -80.14
N MET F 168 24.26 27.76 -79.61
CA MET F 168 24.49 26.67 -78.68
C MET F 168 25.23 25.52 -79.35
N LEU F 169 24.73 25.09 -80.52
CA LEU F 169 25.40 24.02 -81.25
C LEU F 169 26.80 24.44 -81.66
N ALA F 170 26.95 25.69 -82.10
CA ALA F 170 28.24 26.20 -82.55
C ALA F 170 29.24 26.26 -81.41
N PHE F 171 28.81 26.70 -80.23
CA PHE F 171 29.73 26.74 -79.10
C PHE F 171 30.14 25.34 -78.70
N GLY F 172 29.20 24.39 -78.68
CA GLY F 172 29.60 23.03 -78.37
C GLY F 172 30.65 22.51 -79.32
N GLY F 173 30.41 22.68 -80.63
CA GLY F 173 31.39 22.23 -81.60
C GLY F 173 32.71 22.95 -81.49
N ALA F 174 32.67 24.27 -81.30
CA ALA F 174 33.89 25.06 -81.24
C ALA F 174 34.74 24.67 -80.05
N ILE F 175 34.13 24.54 -78.87
CA ILE F 175 34.91 24.21 -77.69
C ILE F 175 35.44 22.78 -77.78
N THR F 176 34.65 21.86 -78.34
CA THR F 176 35.14 20.49 -78.49
C THR F 176 36.31 20.42 -79.46
N GLN F 177 36.22 21.12 -80.60
CA GLN F 177 37.32 21.13 -81.56
C GLN F 177 38.55 21.79 -80.96
N ALA F 178 38.37 22.87 -80.20
CA ALA F 178 39.51 23.54 -79.57
C ALA F 178 40.18 22.63 -78.57
N THR F 179 39.40 21.89 -77.78
CA THR F 179 39.99 20.93 -76.85
C THR F 179 40.73 19.82 -77.59
N LEU F 180 40.18 19.36 -78.71
CA LEU F 180 40.81 18.26 -79.43
C LEU F 180 42.08 18.69 -80.15
N THR F 181 42.12 19.91 -80.67
CA THR F 181 43.20 20.36 -81.54
C THR F 181 43.97 21.56 -81.02
N GLY F 182 43.29 22.50 -80.37
CA GLY F 182 43.88 23.80 -80.10
C GLY F 182 43.60 24.79 -81.23
N SER F 183 44.66 25.21 -81.93
CA SER F 183 44.55 25.99 -83.15
C SER F 183 43.80 27.30 -82.97
N GLY F 184 43.54 28.00 -84.07
CA GLY F 184 42.90 29.31 -84.04
C GLY F 184 41.40 29.23 -84.28
N PHE F 185 40.87 30.32 -84.84
CA PHE F 185 39.43 30.41 -85.07
C PHE F 185 38.85 29.26 -85.90
N PRO F 186 39.48 28.77 -86.96
CA PRO F 186 38.89 27.63 -87.67
C PRO F 186 38.65 26.41 -86.79
N TRP F 187 39.46 26.23 -85.74
CA TRP F 187 39.36 25.09 -84.83
C TRP F 187 39.40 23.77 -85.60
N LEU F 188 40.47 23.60 -86.38
CA LEU F 188 40.65 22.45 -87.23
C LEU F 188 41.98 21.79 -86.93
N TYR F 189 42.09 20.52 -87.31
CA TYR F 189 43.33 19.77 -87.13
C TYR F 189 44.45 20.36 -87.99
N SER G 1 -21.48 19.90 -10.24
CA SER G 1 -22.55 18.93 -10.42
C SER G 1 -22.21 17.94 -11.52
N HIS G 2 -22.58 16.69 -11.32
CA HIS G 2 -22.33 15.63 -12.30
C HIS G 2 -23.38 15.70 -13.41
N ALA G 3 -23.39 14.69 -14.28
CA ALA G 3 -24.37 14.61 -15.37
C ALA G 3 -24.92 13.19 -15.40
N VAL G 4 -26.18 13.03 -15.00
CA VAL G 4 -26.85 11.74 -14.97
C VAL G 4 -27.84 11.71 -16.11
N LYS G 5 -27.61 10.83 -17.09
CA LYS G 5 -28.44 10.73 -18.28
C LYS G 5 -29.14 9.37 -18.31
N ILE G 6 -30.40 9.38 -18.73
CA ILE G 6 -31.20 8.17 -18.86
C ILE G 6 -31.40 7.90 -20.34
N TYR G 7 -31.15 6.66 -20.75
CA TYR G 7 -31.23 6.27 -22.15
C TYR G 7 -32.49 5.44 -22.40
N ASP G 8 -32.81 5.26 -23.68
CA ASP G 8 -34.06 4.61 -24.07
C ASP G 8 -34.15 3.16 -23.63
N THR G 9 -33.01 2.50 -23.40
CA THR G 9 -33.01 1.10 -23.03
C THR G 9 -33.62 0.84 -21.65
N CYS G 10 -34.03 1.89 -20.94
CA CYS G 10 -34.63 1.71 -19.62
C CYS G 10 -35.90 0.86 -19.72
N ILE G 11 -36.08 -0.01 -18.74
CA ILE G 11 -37.24 -0.91 -18.70
C ILE G 11 -38.08 -0.67 -17.44
N GLY G 12 -37.94 0.49 -16.81
CA GLY G 12 -38.74 0.82 -15.66
C GLY G 12 -38.53 -0.08 -14.46
N CYS G 13 -37.28 -0.38 -14.14
CA CYS G 13 -36.98 -1.23 -12.98
C CYS G 13 -37.39 -0.56 -11.69
N THR G 14 -37.18 0.75 -11.60
CA THR G 14 -37.25 1.58 -10.39
C THR G 14 -36.13 1.26 -9.41
N LEU G 15 -35.25 0.30 -9.73
CA LEU G 15 -34.13 -0.01 -8.85
C LEU G 15 -33.15 1.14 -8.75
N CYS G 16 -32.90 1.84 -9.86
CA CYS G 16 -32.00 2.99 -9.83
C CYS G 16 -32.56 4.08 -8.93
N VAL G 17 -33.86 4.32 -8.98
CA VAL G 17 -34.48 5.32 -8.12
C VAL G 17 -34.34 4.93 -6.65
N ARG G 18 -34.58 3.65 -6.34
CA ARG G 18 -34.51 3.19 -4.96
C ARG G 18 -33.08 3.22 -4.42
N ALA G 19 -32.08 3.00 -5.28
CA ALA G 19 -30.70 2.96 -4.84
C ALA G 19 -30.10 4.35 -4.64
N CYS G 20 -30.71 5.39 -5.17
CA CYS G 20 -30.12 6.73 -5.08
C CYS G 20 -30.21 7.25 -3.65
N PRO G 21 -29.10 7.67 -3.05
CA PRO G 21 -29.12 8.13 -1.66
C PRO G 21 -29.46 9.60 -1.45
N THR G 22 -29.70 10.35 -2.53
CA THR G 22 -30.00 11.77 -2.41
C THR G 22 -31.21 12.19 -3.24
N ASP G 23 -32.05 11.25 -3.64
CA ASP G 23 -33.29 11.51 -4.38
C ASP G 23 -33.01 12.37 -5.62
N VAL G 24 -32.12 11.85 -6.46
CA VAL G 24 -31.84 12.49 -7.74
C VAL G 24 -32.77 11.99 -8.83
N LEU G 25 -33.09 10.70 -8.80
CA LEU G 25 -33.85 10.05 -9.85
C LEU G 25 -35.33 9.95 -9.48
N GLU G 26 -36.16 9.79 -10.51
CA GLU G 26 -37.60 9.62 -10.32
C GLU G 26 -38.15 8.87 -11.52
N MET G 27 -39.34 8.32 -11.34
CA MET G 27 -40.02 7.55 -12.38
C MET G 27 -41.04 8.44 -13.09
N VAL G 28 -40.97 8.46 -14.42
CA VAL G 28 -41.91 9.25 -15.22
C VAL G 28 -42.64 8.30 -16.17
N PRO G 29 -43.90 8.58 -16.51
CA PRO G 29 -44.60 7.71 -17.47
C PRO G 29 -44.01 7.84 -18.86
N ALA G 30 -44.07 6.73 -19.59
CA ALA G 30 -43.56 6.68 -20.96
C ALA G 30 -44.25 5.52 -21.68
N SER G 31 -43.86 5.31 -22.94
CA SER G 31 -44.52 4.30 -23.76
C SER G 31 -43.51 3.51 -24.60
N ILE G 32 -42.27 3.40 -24.13
CA ILE G 32 -41.20 2.73 -24.88
C ILE G 32 -40.85 1.38 -24.27
N ASN G 33 -41.60 0.90 -23.29
CA ASN G 33 -41.33 -0.38 -22.67
C ASN G 33 -42.62 -0.95 -22.10
N ALA G 34 -42.59 -2.25 -21.77
CA ALA G 34 -43.76 -2.92 -21.24
C ALA G 34 -44.17 -2.37 -19.88
N ALA G 35 -43.25 -1.73 -19.16
CA ALA G 35 -43.57 -1.16 -17.86
C ALA G 35 -44.22 0.21 -17.97
N LYS G 36 -44.25 0.81 -19.17
CA LYS G 36 -44.87 2.11 -19.41
C LYS G 36 -44.28 3.20 -18.51
N GLN G 37 -42.99 3.09 -18.20
CA GLN G 37 -42.32 4.05 -17.32
C GLN G 37 -40.83 4.01 -17.59
N VAL G 38 -40.19 5.16 -17.50
CA VAL G 38 -38.74 5.28 -17.62
C VAL G 38 -38.24 6.18 -16.50
N ALA G 39 -36.96 6.03 -16.18
CA ALA G 39 -36.35 6.85 -15.16
C ALA G 39 -36.08 8.26 -15.68
N SER G 40 -35.90 9.18 -14.74
CA SER G 40 -35.51 10.55 -15.06
C SER G 40 -34.64 11.07 -13.93
N SER G 41 -33.81 12.06 -14.24
CA SER G 41 -32.88 12.65 -13.27
C SER G 41 -33.11 14.14 -13.23
N PRO G 42 -34.19 14.59 -12.58
CA PRO G 42 -34.50 16.03 -12.54
C PRO G 42 -33.66 16.81 -11.56
N ARG G 43 -32.91 16.16 -10.67
CA ARG G 43 -32.22 16.82 -9.57
C ARG G 43 -30.77 16.36 -9.48
N VAL G 44 -30.06 16.35 -10.61
CA VAL G 44 -28.67 15.92 -10.60
C VAL G 44 -27.76 16.87 -9.85
N GLU G 45 -28.25 18.07 -9.50
CA GLU G 45 -27.48 18.96 -8.64
C GLU G 45 -27.25 18.35 -7.26
N ASP G 46 -28.06 17.36 -6.87
CA ASP G 46 -27.86 16.64 -5.62
C ASP G 46 -27.16 15.30 -5.84
N CYS G 47 -26.68 15.03 -7.05
CA CYS G 47 -26.01 13.77 -7.35
C CYS G 47 -24.59 13.81 -6.79
N VAL G 48 -24.36 13.06 -5.72
CA VAL G 48 -23.01 12.96 -5.16
C VAL G 48 -22.07 12.26 -6.13
N GLY G 49 -22.57 11.26 -6.86
CA GLY G 49 -21.77 10.48 -7.77
C GLY G 49 -21.45 9.08 -7.30
N CYS G 50 -22.20 8.54 -6.34
CA CYS G 50 -21.90 7.23 -5.78
C CYS G 50 -22.04 6.12 -6.81
N LYS G 51 -22.77 6.35 -7.89
CA LYS G 51 -22.99 5.38 -8.96
C LYS G 51 -23.70 4.12 -8.48
N ARG G 52 -24.43 4.19 -7.37
CA ARG G 52 -25.27 3.06 -6.96
C ARG G 52 -26.34 2.78 -8.00
N CYS G 53 -26.84 3.83 -8.66
CA CYS G 53 -27.82 3.66 -9.71
C CYS G 53 -27.27 2.80 -10.85
N GLU G 54 -26.00 2.98 -11.18
CA GLU G 54 -25.39 2.15 -12.21
C GLU G 54 -25.20 0.72 -11.74
N THR G 55 -24.93 0.52 -10.45
CA THR G 55 -24.82 -0.83 -9.91
C THR G 55 -26.16 -1.55 -9.98
N ALA G 56 -27.25 -0.82 -9.73
CA ALA G 56 -28.58 -1.41 -9.67
C ALA G 56 -29.21 -1.63 -11.04
N CYS G 57 -28.69 -1.00 -12.10
CA CYS G 57 -29.34 -1.09 -13.40
C CYS G 57 -29.05 -2.42 -14.05
N PRO G 58 -30.06 -3.21 -14.42
CA PRO G 58 -29.85 -4.55 -14.98
C PRO G 58 -29.82 -4.64 -16.50
N THR G 59 -29.94 -3.54 -17.23
CA THR G 59 -29.87 -3.62 -18.68
C THR G 59 -28.46 -3.99 -19.12
N ASP G 60 -28.34 -4.47 -20.37
CA ASP G 60 -27.09 -5.04 -20.84
C ASP G 60 -25.92 -4.08 -20.63
N PHE G 61 -26.06 -2.86 -21.12
CA PHE G 61 -25.26 -1.75 -20.63
C PHE G 61 -26.21 -0.69 -20.07
N LEU G 62 -25.80 -0.11 -18.95
CA LEU G 62 -26.63 0.73 -18.10
C LEU G 62 -27.49 1.71 -18.91
N SER G 63 -28.80 1.66 -18.67
CA SER G 63 -29.70 2.66 -19.23
C SER G 63 -29.53 4.00 -18.54
N ILE G 64 -28.91 4.03 -17.36
CA ILE G 64 -28.60 5.25 -16.64
C ILE G 64 -27.09 5.35 -16.54
N ARG G 65 -26.54 6.49 -16.97
CA ARG G 65 -25.10 6.70 -16.99
C ARG G 65 -24.78 7.98 -16.24
N VAL G 66 -23.83 7.90 -15.30
CA VAL G 66 -23.40 9.04 -14.50
C VAL G 66 -22.01 9.44 -14.99
N TYR G 67 -21.87 10.68 -15.44
CA TYR G 67 -20.61 11.20 -15.95
C TYR G 67 -20.00 12.10 -14.89
N LEU G 68 -18.86 11.71 -14.35
CA LEU G 68 -18.20 12.49 -13.32
C LEU G 68 -17.56 13.74 -13.91
N GLN G 69 -17.72 14.87 -13.21
CA GLN G 69 -17.17 16.16 -13.63
C GLN G 69 -16.50 16.77 -12.41
N ASP G 70 -15.20 16.51 -12.25
CA ASP G 70 -14.48 16.91 -11.04
C ASP G 70 -14.18 18.41 -11.01
N ASN G 71 -13.94 19.03 -12.17
CA ASN G 71 -13.76 20.47 -12.22
C ASN G 71 -15.07 21.23 -12.13
N GLU G 72 -16.14 20.53 -11.75
CA GLU G 72 -17.49 21.08 -11.69
C GLU G 72 -18.10 20.96 -10.30
N GLU G 73 -17.37 20.39 -9.33
CA GLU G 73 -17.96 20.00 -8.06
C GLU G 73 -18.57 21.18 -7.33
N THR G 74 -19.79 20.97 -6.83
CA THR G 74 -20.48 21.89 -5.95
C THR G 74 -20.49 21.31 -4.54
N GLN G 75 -21.05 22.07 -3.58
CA GLN G 75 -21.09 21.58 -2.20
C GLN G 75 -21.98 20.36 -2.06
N TYR G 76 -23.03 20.28 -2.88
CA TYR G 76 -23.91 19.12 -2.84
C TYR G 76 -23.29 17.90 -3.50
N SER G 77 -22.58 18.11 -4.62
CA SER G 77 -21.91 17.00 -5.29
C SER G 77 -20.70 16.48 -4.53
N LEU G 78 -20.21 17.24 -3.54
CA LEU G 78 -19.09 16.81 -2.72
C LEU G 78 -19.52 16.26 -1.36
N GLY G 79 -20.78 16.44 -0.98
CA GLY G 79 -21.25 16.00 0.32
C GLY G 79 -20.55 16.73 1.45
N LEU G 80 -20.40 18.04 1.32
CA LEU G 80 -19.75 18.82 2.36
C LEU G 80 -20.64 18.90 3.60
N ASP G 81 -20.06 18.62 4.76
CA ASP G 81 -20.76 18.65 6.04
C ASP G 81 -20.22 19.72 6.97
N LEU G 82 -18.90 19.75 7.16
CA LEU G 82 -18.30 20.72 8.07
C LEU G 82 -18.34 22.15 7.52
N VAL G 83 -18.58 22.30 6.22
CA VAL G 83 -18.40 23.57 5.53
C VAL G 83 -19.61 23.85 4.65
N ASP G 84 -20.08 25.10 4.67
CA ASP G 84 -21.20 25.55 3.86
C ASP G 84 -20.68 26.45 2.74
N TRP G 85 -21.17 26.22 1.52
CA TRP G 85 -20.86 27.06 0.37
C TRP G 85 -22.05 27.92 -0.03
N SER G 86 -22.87 28.32 0.94
CA SER G 86 -24.05 29.12 0.67
C SER G 86 -24.35 30.04 1.85
N VAL H 1 -49.46 20.38 -2.92
CA VAL H 1 -48.67 20.12 -1.73
C VAL H 1 -48.35 21.43 -1.02
N VAL H 2 -48.50 21.46 0.29
CA VAL H 2 -48.28 22.67 1.09
C VAL H 2 -47.02 22.48 1.91
N ALA H 3 -46.03 23.33 1.67
CA ALA H 3 -44.82 23.32 2.47
C ALA H 3 -45.13 23.77 3.89
N GLU H 4 -44.52 23.11 4.86
CA GLU H 4 -44.73 23.45 6.27
C GLU H 4 -43.99 24.73 6.61
N ALA H 5 -43.95 25.07 7.89
CA ALA H 5 -43.32 26.30 8.37
C ALA H 5 -42.09 25.99 9.20
N ILE H 6 -41.27 25.06 8.72
CA ILE H 6 -40.06 24.61 9.40
C ILE H 6 -39.20 25.80 9.81
N PRO H 7 -39.10 26.08 11.10
CA PRO H 7 -38.29 27.22 11.54
C PRO H 7 -36.81 26.87 11.55
N ARG H 8 -35.99 27.93 11.57
CA ARG H 8 -34.56 27.75 11.59
C ARG H 8 -34.15 26.99 12.85
N PRO H 9 -33.23 26.03 12.75
CA PRO H 9 -32.88 25.22 13.92
C PRO H 9 -32.27 26.02 15.07
N GLU H 10 -31.70 27.20 14.80
CA GLU H 10 -31.16 28.03 15.87
C GLU H 10 -32.24 28.82 16.60
N ASP H 11 -33.48 28.79 16.12
CA ASP H 11 -34.57 29.51 16.75
C ASP H 11 -35.65 28.58 17.30
N LEU H 12 -35.46 27.26 17.20
CA LEU H 12 -36.45 26.32 17.72
C LEU H 12 -35.83 25.42 18.78
N LEU H 13 -35.10 26.03 19.72
CA LEU H 13 -34.57 25.28 20.84
C LEU H 13 -35.71 24.71 21.68
N ASP H 14 -35.56 23.46 22.11
CA ASP H 14 -36.50 22.79 23.01
C ASP H 14 -37.90 22.73 22.38
N SER H 15 -37.99 21.98 21.29
CA SER H 15 -39.30 21.79 20.67
C SER H 15 -39.89 20.45 21.04
N PRO H 16 -41.22 20.36 21.20
CA PRO H 16 -41.84 19.05 21.51
C PRO H 16 -41.76 18.07 20.37
N LYS H 17 -41.49 18.52 19.14
CA LYS H 17 -41.42 17.63 17.99
C LYS H 17 -40.10 16.86 17.92
N PHE H 18 -39.09 17.28 18.66
CA PHE H 18 -37.78 16.62 18.59
C PHE H 18 -37.86 15.24 19.22
N PRO H 19 -37.46 14.19 18.51
CA PRO H 19 -37.41 12.86 19.14
C PRO H 19 -36.32 12.81 20.19
N MET H 20 -36.50 11.92 21.16
CA MET H 20 -35.48 11.70 22.17
C MET H 20 -34.29 11.00 21.51
N PHE H 21 -33.20 11.74 21.31
CA PHE H 21 -31.99 11.19 20.73
C PHE H 21 -30.81 11.53 21.61
N GLU H 22 -29.81 10.64 21.59
CA GLU H 22 -28.69 10.74 22.53
C GLU H 22 -27.89 12.01 22.30
N GLY H 23 -27.63 12.36 21.05
CA GLY H 23 -26.85 13.55 20.76
C GLY H 23 -25.37 13.24 20.71
N SER H 24 -24.71 13.57 19.60
CA SER H 24 -23.31 13.24 19.40
C SER H 24 -22.62 14.41 18.73
N THR H 25 -21.33 14.25 18.47
CA THR H 25 -20.55 15.26 17.73
C THR H 25 -20.83 15.21 16.24
N GLY H 26 -21.56 14.20 15.76
CA GLY H 26 -21.84 14.07 14.35
C GLY H 26 -22.88 15.01 13.81
N GLY H 27 -23.57 15.76 14.67
CA GLY H 27 -24.58 16.69 14.22
C GLY H 27 -23.98 17.81 13.39
N TYR H 28 -24.89 18.60 12.79
CA TYR H 28 -24.45 19.66 11.88
C TYR H 28 -23.56 20.66 12.61
N MET H 29 -22.50 21.09 11.94
CA MET H 29 -21.49 21.95 12.53
C MET H 29 -21.98 23.39 12.49
N SER H 30 -22.52 23.87 13.60
CA SER H 30 -22.86 25.28 13.70
C SER H 30 -21.59 26.12 13.73
N ARG H 31 -21.76 27.44 13.73
CA ARG H 31 -20.67 28.41 13.75
C ARG H 31 -19.88 28.39 12.45
N SER H 32 -20.20 27.47 11.56
CA SER H 32 -19.59 27.43 10.23
C SER H 32 -20.57 27.16 9.10
N THR H 33 -21.72 26.53 9.35
CA THR H 33 -22.70 26.21 8.32
C THR H 33 -24.04 26.81 8.68
N ARG H 34 -24.73 27.36 7.67
CA ARG H 34 -26.04 27.93 7.86
C ARG H 34 -27.13 27.24 7.06
N GLU H 35 -26.78 26.36 6.12
CA GLU H 35 -27.77 25.59 5.36
C GLU H 35 -28.05 24.29 6.09
N ARG H 36 -29.30 24.10 6.49
CA ARG H 36 -29.71 22.90 7.22
C ARG H 36 -30.86 22.24 6.49
N HIS H 37 -30.90 20.92 6.57
CA HIS H 37 -31.98 20.13 6.01
C HIS H 37 -32.81 19.55 7.15
N ALA H 38 -34.13 19.63 7.03
CA ALA H 38 -35.04 19.16 8.05
C ALA H 38 -35.98 18.11 7.47
N ILE H 39 -36.18 17.02 8.22
CA ILE H 39 -37.09 15.95 7.83
C ILE H 39 -38.13 15.79 8.94
N THR H 40 -39.40 15.81 8.56
CA THR H 40 -40.51 15.65 9.49
C THR H 40 -41.32 14.41 9.12
N TRP H 41 -41.88 13.76 10.13
CA TRP H 41 -42.74 12.61 9.88
C TRP H 41 -43.66 12.40 11.08
N THR H 42 -44.74 11.67 10.83
CA THR H 42 -45.70 11.30 11.86
C THR H 42 -45.64 9.79 12.05
N ALA H 43 -45.39 9.36 13.28
CA ALA H 43 -45.26 7.95 13.61
C ALA H 43 -46.47 7.48 14.40
N LYS H 44 -46.53 6.16 14.60
CA LYS H 44 -47.59 5.54 15.37
C LYS H 44 -47.15 5.05 16.74
N GLY H 45 -45.92 4.59 16.87
CA GLY H 45 -45.39 4.18 18.15
C GLY H 45 -43.95 4.62 18.29
N GLN H 46 -43.53 4.78 19.54
CA GLN H 46 -42.18 5.27 19.85
C GLN H 46 -41.18 4.14 19.59
N ALA H 47 -40.91 3.91 18.31
CA ALA H 47 -39.97 2.89 17.89
C ALA H 47 -38.57 3.47 17.79
N LYS H 48 -37.60 2.80 18.40
CA LYS H 48 -36.23 3.28 18.36
C LYS H 48 -35.65 3.16 16.96
N PHE H 49 -34.88 4.17 16.57
CA PHE H 49 -34.18 4.17 15.28
C PHE H 49 -32.78 4.71 15.50
N GLU H 50 -32.02 4.82 14.41
CA GLU H 50 -30.64 5.26 14.45
C GLU H 50 -30.50 6.58 13.69
N MET H 51 -29.94 7.58 14.37
CA MET H 51 -29.70 8.86 13.72
C MET H 51 -28.61 8.72 12.66
N PRO H 52 -28.70 9.43 11.54
CA PRO H 52 -27.64 9.37 10.54
C PRO H 52 -26.32 9.94 11.02
N THR H 53 -26.33 10.72 12.11
CA THR H 53 -25.14 11.37 12.63
C THR H 53 -24.63 10.72 13.91
N GLY H 54 -24.75 9.40 14.02
CA GLY H 54 -24.29 8.70 15.20
C GLY H 54 -25.26 8.79 16.36
N GLY H 55 -25.40 7.72 17.12
CA GLY H 55 -26.33 7.73 18.23
C GLY H 55 -27.73 7.32 17.82
N PHE H 56 -28.45 6.74 18.76
CA PHE H 56 -29.80 6.25 18.50
C PHE H 56 -30.85 7.25 19.00
N ALA H 57 -32.09 7.01 18.61
CA ALA H 57 -33.16 7.94 18.90
C ALA H 57 -34.47 7.17 19.04
N ILE H 58 -35.43 7.80 19.73
CA ILE H 58 -36.77 7.25 19.91
C ILE H 58 -37.76 8.27 19.37
N MET H 59 -38.58 7.85 18.42
CA MET H 59 -39.56 8.75 17.83
C MET H 59 -40.61 9.16 18.87
N ASN H 60 -41.47 10.08 18.45
CA ASN H 60 -42.63 10.48 19.25
C ASN H 60 -43.88 9.86 18.65
N GLN H 61 -44.88 9.60 19.50
CA GLN H 61 -46.13 9.03 19.02
C GLN H 61 -46.85 9.96 18.05
N GLY H 62 -46.56 11.26 18.11
CA GLY H 62 -47.16 12.20 17.19
C GLY H 62 -46.19 12.69 16.13
N GLU H 63 -46.03 14.01 16.03
CA GLU H 63 -45.14 14.58 15.03
C GLU H 63 -43.68 14.40 15.44
N ASN H 64 -42.81 14.36 14.43
CA ASN H 64 -41.37 14.30 14.65
C ASN H 64 -40.69 15.32 13.75
N LEU H 65 -39.53 15.79 14.19
CA LEU H 65 -38.76 16.78 13.44
C LEU H 65 -37.29 16.63 13.77
N CYS H 66 -36.46 16.58 12.73
CA CYS H 66 -35.01 16.46 12.89
C CYS H 66 -34.33 17.42 11.94
N TYR H 67 -33.14 17.88 12.32
CA TYR H 67 -32.35 18.80 11.51
C TYR H 67 -31.02 18.14 11.16
N PHE H 68 -30.62 18.28 9.90
CA PHE H 68 -29.37 17.71 9.44
C PHE H 68 -28.68 18.68 8.49
N ARG H 69 -27.35 18.54 8.39
CA ARG H 69 -26.56 19.41 7.52
C ARG H 69 -26.75 19.06 6.05
N LYS H 70 -26.85 17.77 5.74
CA LYS H 70 -26.85 17.29 4.37
C LYS H 70 -28.18 16.64 4.02
N LYS H 71 -28.59 16.77 2.76
CA LYS H 71 -29.78 16.09 2.29
C LYS H 71 -29.58 14.57 2.31
N GLU H 72 -28.34 14.11 2.15
CA GLU H 72 -28.08 12.67 2.14
C GLU H 72 -28.45 12.03 3.47
N GLN H 73 -28.14 12.71 4.59
CA GLN H 73 -28.52 12.18 5.89
C GLN H 73 -30.03 12.12 6.04
N CYS H 74 -30.75 13.14 5.56
CA CYS H 74 -32.20 13.13 5.62
C CYS H 74 -32.78 11.99 4.79
N ILE H 75 -32.21 11.74 3.61
CA ILE H 75 -32.70 10.66 2.77
C ILE H 75 -32.39 9.31 3.38
N ALA H 76 -31.23 9.17 4.02
CA ALA H 76 -30.90 7.93 4.72
C ALA H 76 -31.89 7.66 5.84
N LEU H 77 -32.20 8.69 6.63
CA LEU H 77 -33.21 8.54 7.67
C LEU H 77 -34.58 8.26 7.08
N GLY H 78 -34.88 8.83 5.91
CA GLY H 78 -36.16 8.56 5.27
C GLY H 78 -36.28 7.11 4.83
N LYS H 79 -35.22 6.55 4.27
CA LYS H 79 -35.22 5.13 3.92
C LYS H 79 -35.37 4.27 5.17
N GLN H 80 -34.67 4.64 6.25
CA GLN H 80 -34.78 3.89 7.50
C GLN H 80 -36.21 3.92 8.03
N LEU H 81 -36.86 5.09 7.98
CA LEU H 81 -38.25 5.19 8.41
C LEU H 81 -39.17 4.39 7.51
N ARG H 82 -38.98 4.49 6.19
CA ARG H 82 -39.84 3.80 5.25
C ARG H 82 -39.72 2.29 5.39
N LYS H 83 -38.56 1.81 5.84
CA LYS H 83 -38.44 0.39 6.17
C LYS H 83 -39.35 0.01 7.33
N MET H 84 -39.65 0.96 8.22
CA MET H 84 -40.56 0.74 9.33
C MET H 84 -42.00 1.09 8.98
N LYS H 85 -42.36 1.07 7.71
CA LYS H 85 -43.72 1.36 7.24
C LYS H 85 -44.21 2.72 7.70
N ILE H 86 -43.32 3.72 7.65
CA ILE H 86 -43.66 5.09 7.98
C ILE H 86 -43.56 5.91 6.70
N GLU H 87 -44.71 6.19 6.10
CA GLU H 87 -44.79 7.07 4.95
C GLU H 87 -45.05 8.49 5.44
N ASN H 88 -45.41 9.39 4.52
CA ASN H 88 -45.83 10.76 4.84
C ASN H 88 -44.71 11.55 5.51
N TYR H 89 -43.46 11.19 5.26
CA TYR H 89 -42.32 11.95 5.75
C TYR H 89 -41.85 12.91 4.66
N LYS H 90 -41.60 14.15 5.04
CA LYS H 90 -41.20 15.19 4.10
C LYS H 90 -39.84 15.74 4.49
N ILE H 91 -39.03 16.08 3.49
CA ILE H 91 -37.68 16.56 3.69
C ILE H 91 -37.58 17.96 3.10
N TYR H 92 -37.15 18.91 3.93
CA TYR H 92 -37.06 20.31 3.54
C TYR H 92 -35.61 20.78 3.59
N ARG H 93 -35.25 21.65 2.66
CA ARG H 93 -33.97 22.35 2.70
C ARG H 93 -34.21 23.75 3.21
N LEU H 94 -33.50 24.12 4.27
CA LEU H 94 -33.64 25.43 4.88
C LEU H 94 -32.51 26.33 4.38
N LYS H 95 -32.87 27.42 3.72
CA LYS H 95 -31.86 28.39 3.30
C LYS H 95 -31.38 29.18 4.51
N LYS H 96 -30.29 29.93 4.32
CA LYS H 96 -29.74 30.73 5.41
C LYS H 96 -30.73 31.78 5.87
N ASP H 97 -31.49 32.36 4.95
CA ASP H 97 -32.51 33.34 5.29
C ASP H 97 -33.70 32.73 6.00
N GLY H 98 -33.81 31.41 6.03
CA GLY H 98 -34.96 30.73 6.59
C GLY H 98 -35.97 30.25 5.57
N THR H 99 -35.73 30.48 4.28
CA THR H 99 -36.62 30.00 3.24
C THR H 99 -36.69 28.47 3.29
N VAL H 100 -37.91 27.95 3.19
CA VAL H 100 -38.15 26.51 3.28
C VAL H 100 -38.40 25.99 1.87
N ILE H 101 -37.59 25.03 1.43
CA ILE H 101 -37.73 24.40 0.12
C ILE H 101 -38.11 22.95 0.32
N PHE H 102 -39.19 22.52 -0.31
CA PHE H 102 -39.72 21.17 -0.16
C PHE H 102 -39.08 20.27 -1.20
N MET H 103 -38.36 19.24 -0.76
CA MET H 103 -37.42 18.55 -1.64
C MET H 103 -37.81 17.10 -1.93
N HIS H 104 -37.90 16.22 -0.93
CA HIS H 104 -37.86 14.80 -1.27
C HIS H 104 -39.15 14.30 -1.94
N PRO H 105 -40.31 14.28 -1.26
CA PRO H 105 -41.48 13.81 -2.04
C PRO H 105 -42.06 14.97 -2.84
N ALA H 106 -41.29 15.39 -3.84
CA ALA H 106 -41.45 16.71 -4.44
C ALA H 106 -42.89 16.98 -4.88
N ASP H 107 -43.49 16.04 -5.61
CA ASP H 107 -44.87 16.15 -6.03
C ASP H 107 -45.83 15.42 -5.10
N GLY H 108 -45.36 15.00 -3.91
CA GLY H 108 -46.19 14.28 -2.97
C GLY H 108 -46.21 12.78 -3.18
N VAL H 109 -45.61 12.28 -4.24
CA VAL H 109 -45.54 10.86 -4.54
C VAL H 109 -44.07 10.47 -4.61
N PHE H 110 -43.72 9.36 -3.95
CA PHE H 110 -42.33 8.97 -3.87
C PHE H 110 -41.76 8.68 -5.26
N PRO H 111 -40.48 9.00 -5.47
CA PRO H 111 -39.94 8.94 -6.85
C PRO H 111 -39.97 7.56 -7.49
N GLU H 112 -40.04 6.49 -6.69
CA GLU H 112 -40.13 5.15 -7.25
C GLU H 112 -41.52 4.80 -7.74
N LYS H 113 -42.50 5.67 -7.51
CA LYS H 113 -43.88 5.45 -7.95
C LYS H 113 -44.21 6.42 -9.06
N VAL H 114 -44.71 5.90 -10.18
CA VAL H 114 -45.02 6.73 -11.34
C VAL H 114 -46.13 7.70 -10.98
N ASN H 115 -45.93 8.98 -11.31
CA ASN H 115 -46.93 10.02 -11.08
C ASN H 115 -47.09 10.83 -12.36
N LYS H 116 -48.35 11.13 -12.69
CA LYS H 116 -48.64 11.90 -13.89
C LYS H 116 -48.11 13.33 -13.75
N GLY H 117 -47.79 13.93 -14.90
CA GLY H 117 -47.25 15.27 -14.93
C GLY H 117 -45.74 15.35 -14.90
N ARG H 118 -45.06 14.23 -14.70
CA ARG H 118 -43.61 14.19 -14.76
C ARG H 118 -43.14 13.99 -16.20
N VAL H 119 -41.97 14.53 -16.50
CA VAL H 119 -41.37 14.43 -17.83
C VAL H 119 -39.93 13.94 -17.66
N GLN H 120 -39.50 13.07 -18.57
CA GLN H 120 -38.15 12.50 -18.48
C GLN H 120 -37.13 13.60 -18.70
N VAL H 121 -36.50 14.05 -17.63
CA VAL H 121 -35.41 15.02 -17.67
C VAL H 121 -34.10 14.27 -17.91
N ASN H 122 -33.20 14.87 -18.68
CA ASN H 122 -31.92 14.26 -19.02
C ASN H 122 -32.11 12.91 -19.71
N GLY H 123 -33.12 12.82 -20.56
CA GLY H 123 -33.37 11.61 -21.34
C GLY H 123 -32.72 11.70 -22.70
N ARG H 124 -32.19 10.56 -23.17
CA ARG H 124 -31.52 10.48 -24.45
C ARG H 124 -32.16 9.37 -25.28
N PRO H 125 -32.68 9.65 -26.47
CA PRO H 125 -33.51 8.68 -27.21
C PRO H 125 -32.70 7.72 -28.08
N PHE H 126 -31.78 6.99 -27.45
CA PHE H 126 -31.01 5.95 -28.12
C PHE H 126 -30.28 5.15 -27.06
N THR H 127 -29.68 4.03 -27.50
CA THR H 127 -28.79 3.28 -26.62
C THR H 127 -27.60 4.13 -26.23
N ILE H 128 -26.96 3.75 -25.12
CA ILE H 128 -25.85 4.54 -24.60
C ILE H 128 -24.72 4.63 -25.62
N ARG H 129 -24.58 3.61 -26.47
CA ARG H 129 -23.56 3.66 -27.51
C ARG H 129 -23.89 4.65 -28.62
N GLY H 130 -25.14 5.12 -28.70
CA GLY H 130 -25.53 6.04 -29.75
C GLY H 130 -24.98 7.45 -29.62
N ASN H 131 -24.27 7.75 -28.53
CA ASN H 131 -23.73 9.08 -28.35
C ASN H 131 -22.68 9.39 -29.41
N PRO H 132 -22.60 10.65 -29.84
CA PRO H 132 -21.61 11.01 -30.87
C PRO H 132 -20.19 10.94 -30.33
N GLN H 133 -19.25 10.74 -31.24
CA GLN H 133 -17.84 10.69 -30.88
C GLN H 133 -17.38 12.06 -30.39
N GLN H 134 -16.54 12.05 -29.36
CA GLN H 134 -15.99 13.31 -28.84
C GLN H 134 -15.16 14.02 -29.91
N SER H 135 -14.46 13.27 -30.75
CA SER H 135 -13.61 13.88 -31.77
C SER H 135 -14.41 14.69 -32.77
N GLU H 136 -15.68 14.33 -32.98
CA GLU H 136 -16.47 15.01 -33.99
C GLU H 136 -16.91 16.39 -33.53
N LEU H 137 -17.08 16.59 -32.22
CA LEU H 137 -17.64 17.83 -31.68
C LEU H 137 -16.57 18.77 -31.13
N LYS H 138 -15.37 18.75 -31.71
CA LYS H 138 -14.30 19.60 -31.22
C LYS H 138 -14.61 21.06 -31.51
N PHE H 139 -14.44 21.90 -30.48
CA PHE H 139 -14.58 23.35 -30.58
C PHE H 139 -16.00 23.77 -30.97
N THR H 140 -16.97 22.90 -30.74
CA THR H 140 -18.39 23.21 -30.87
C THR H 140 -18.98 23.42 -29.48
N LYS H 141 -20.32 23.50 -29.40
CA LYS H 141 -20.98 23.63 -28.10
C LYS H 141 -20.66 22.47 -27.16
N TYR H 142 -20.24 21.33 -27.70
CA TYR H 142 -20.04 20.11 -26.93
C TYR H 142 -18.58 19.67 -27.00
N GLN H 143 -17.66 20.60 -26.75
CA GLN H 143 -16.24 20.38 -27.01
C GLN H 143 -15.73 19.10 -26.37
N GLY H 144 -15.99 18.91 -25.08
CA GLY H 144 -15.58 17.70 -24.40
C GLY H 144 -16.74 17.01 -23.71
N LYS H 145 -17.94 17.20 -24.25
CA LYS H 145 -19.19 16.77 -23.62
C LYS H 145 -20.09 16.09 -24.64
N GLY H 146 -19.55 15.11 -25.36
CA GLY H 146 -20.30 14.43 -26.40
C GLY H 146 -21.58 13.77 -25.92
N TYR H 147 -21.68 13.47 -24.63
CA TYR H 147 -22.90 12.89 -24.07
C TYR H 147 -24.00 13.92 -23.85
N GLU H 148 -23.71 15.20 -24.03
CA GLU H 148 -24.71 16.25 -23.88
C GLU H 148 -25.33 16.69 -25.20
N ALA H 149 -24.91 16.09 -26.31
CA ALA H 149 -25.39 16.51 -27.61
C ALA H 149 -26.86 16.16 -27.81
N ASP H 150 -27.61 17.10 -28.38
CA ASP H 150 -28.99 16.85 -28.74
C ASP H 150 -29.04 15.78 -29.83
N PRO H 151 -30.12 14.98 -29.87
CA PRO H 151 -30.15 13.87 -30.85
C PRO H 151 -30.02 14.33 -32.29
N LEU H 152 -30.48 15.53 -32.63
CA LEU H 152 -30.30 16.03 -33.98
C LEU H 152 -28.82 16.20 -34.32
N THR H 153 -28.03 16.73 -33.38
CA THR H 153 -26.60 16.84 -33.61
C THR H 153 -25.94 15.48 -33.74
N THR H 154 -26.39 14.50 -32.95
CA THR H 154 -25.85 13.16 -33.06
C THR H 154 -26.13 12.56 -34.43
N MET H 155 -27.35 12.72 -34.93
CA MET H 155 -27.67 12.24 -36.27
C MET H 155 -26.88 12.97 -37.33
N PHE H 156 -26.69 14.29 -37.16
CA PHE H 156 -25.95 15.07 -38.15
C PHE H 156 -24.49 14.61 -38.22
N VAL H 157 -23.85 14.40 -37.06
CA VAL H 157 -22.46 13.95 -37.08
C VAL H 157 -22.38 12.50 -37.55
N LYS H 158 -23.40 11.68 -37.30
CA LYS H 158 -23.41 10.33 -37.82
C LYS H 158 -23.49 10.33 -39.34
N ALA H 159 -24.33 11.20 -39.91
CA ALA H 159 -24.41 11.34 -41.35
C ALA H 159 -23.09 11.86 -41.93
N ARG H 160 -22.45 12.78 -41.21
CA ARG H 160 -21.14 13.27 -41.64
C ARG H 160 -20.10 12.16 -41.63
N VAL H 161 -20.14 11.29 -40.63
CA VAL H 161 -19.24 10.14 -40.59
C VAL H 161 -19.50 9.22 -41.76
N MET H 162 -20.78 8.98 -42.05
CA MET H 162 -21.13 8.15 -43.21
C MET H 162 -20.61 8.76 -44.50
N ALA H 163 -20.72 10.08 -44.64
CA ALA H 163 -20.33 10.75 -45.88
C ALA H 163 -18.82 10.78 -46.04
N PHE H 164 -18.09 11.13 -44.98
CA PHE H 164 -16.65 11.33 -45.10
C PHE H 164 -15.91 10.00 -44.98
N ALA H 165 -16.37 9.01 -45.73
CA ALA H 165 -15.63 7.78 -45.98
C ALA H 165 -15.58 7.42 -47.45
N ASP H 166 -16.50 7.94 -48.26
CA ASP H 166 -16.46 7.80 -49.71
C ASP H 166 -15.60 8.94 -50.24
N VAL H 167 -14.29 8.77 -50.09
CA VAL H 167 -13.36 9.84 -50.45
C VAL H 167 -13.42 10.23 -51.92
N PRO H 168 -13.47 9.30 -52.89
CA PRO H 168 -13.40 9.73 -54.30
C PRO H 168 -14.52 10.67 -54.73
N ASN H 169 -15.70 10.58 -54.12
CA ASN H 169 -16.82 11.41 -54.53
C ASN H 169 -16.96 12.69 -53.72
N LEU H 170 -16.03 12.98 -52.82
CA LEU H 170 -16.09 14.22 -52.05
C LEU H 170 -15.82 15.42 -52.95
N PHE H 171 -16.15 16.60 -52.43
CA PHE H 171 -15.92 17.87 -53.12
C PHE H 171 -14.88 18.65 -52.33
N ALA H 172 -13.71 18.84 -52.92
CA ALA H 172 -12.68 19.65 -52.28
C ALA H 172 -13.12 21.10 -52.25
N LEU H 173 -12.94 21.74 -51.11
CA LEU H 173 -13.36 23.14 -50.96
C LEU H 173 -12.40 24.04 -51.73
N PRO H 174 -12.89 24.92 -52.59
CA PRO H 174 -12.00 25.78 -53.38
C PRO H 174 -11.17 26.69 -52.50
N GLN H 175 -9.95 26.94 -52.92
CA GLN H 175 -9.07 27.82 -52.16
C GLN H 175 -9.50 29.28 -52.34
N PRO H 176 -9.68 30.03 -51.27
CA PRO H 176 -10.12 31.42 -51.42
C PRO H 176 -9.08 32.27 -52.12
N ASN H 177 -9.57 33.27 -52.85
CA ASN H 177 -8.71 34.19 -53.60
C ASN H 177 -8.47 35.42 -52.74
N MET H 178 -7.49 35.30 -51.84
CA MET H 178 -7.27 36.33 -50.82
C MET H 178 -6.85 37.65 -51.44
N ASP H 179 -5.97 37.62 -52.45
CA ASP H 179 -5.32 38.83 -52.93
C ASP H 179 -6.30 39.80 -53.57
N GLU H 180 -7.33 39.28 -54.24
CA GLU H 180 -8.21 40.12 -55.03
C GLU H 180 -9.62 40.25 -54.47
N LEU H 181 -10.03 39.31 -53.62
CA LEU H 181 -11.16 39.51 -52.73
C LEU H 181 -10.67 40.30 -51.53
N VAL H 182 -11.45 40.31 -50.45
CA VAL H 182 -11.05 40.97 -49.21
C VAL H 182 -10.95 42.48 -49.44
N PRO H 183 -12.07 43.18 -49.78
CA PRO H 183 -12.06 44.64 -49.68
C PRO H 183 -12.53 45.07 -48.30
N ALA H 184 -12.61 46.38 -48.07
CA ALA H 184 -13.17 46.87 -46.83
C ALA H 184 -14.62 46.42 -46.69
N GLU H 185 -15.04 46.11 -45.45
CA GLU H 185 -16.35 45.53 -45.24
C GLU H 185 -17.48 46.44 -45.70
N GLU H 186 -17.24 47.76 -45.71
CA GLU H 186 -18.24 48.67 -46.27
C GLU H 186 -18.40 48.47 -47.77
N VAL H 187 -17.43 47.83 -48.41
CA VAL H 187 -17.49 47.58 -49.87
C VAL H 187 -18.16 46.22 -50.04
N ASP H 188 -19.49 46.24 -50.05
CA ASP H 188 -20.28 45.06 -50.33
C ASP H 188 -21.46 45.44 -51.22
N LYS H 189 -21.96 44.46 -51.96
CA LYS H 189 -23.02 44.69 -52.94
C LYS H 189 -24.41 44.39 -52.40
N TYR H 190 -24.54 44.05 -51.12
CA TYR H 190 -25.81 43.67 -50.50
C TYR H 190 -26.40 42.53 -51.31
N THR H 191 -27.69 42.56 -51.66
CA THR H 191 -28.34 41.53 -52.47
C THR H 191 -28.04 40.14 -51.93
N ARG H 192 -28.48 39.89 -50.70
CA ARG H 192 -28.16 38.63 -50.04
C ARG H 192 -28.73 37.45 -50.82
N GLN H 193 -29.96 37.58 -51.31
CA GLN H 193 -30.55 36.48 -52.08
C GLN H 193 -29.82 36.28 -53.40
N GLU H 194 -29.22 37.34 -53.94
CA GLU H 194 -28.39 37.19 -55.13
C GLU H 194 -27.05 36.54 -54.78
N TYR H 195 -26.61 36.67 -53.53
CA TYR H 195 -25.32 36.11 -53.15
C TYR H 195 -25.35 34.59 -53.21
N THR H 196 -26.48 33.96 -52.88
CA THR H 196 -26.59 32.52 -53.04
C THR H 196 -26.60 32.11 -54.51
N THR H 197 -27.19 32.91 -55.39
CA THR H 197 -27.09 32.65 -56.82
C THR H 197 -25.65 32.75 -57.30
N ARG H 198 -24.91 33.73 -56.79
CA ARG H 198 -23.48 33.83 -57.09
C ARG H 198 -22.73 32.63 -56.57
N MET H 199 -23.08 32.14 -55.38
CA MET H 199 -22.52 30.90 -54.87
C MET H 199 -22.76 29.76 -55.85
N MET H 200 -24.00 29.62 -56.31
CA MET H 200 -24.34 28.54 -57.23
C MET H 200 -23.50 28.61 -58.50
N GLU H 201 -23.43 29.80 -59.12
CA GLU H 201 -22.72 29.91 -60.39
C GLU H 201 -21.21 29.74 -60.21
N ALA H 202 -20.65 30.29 -59.12
CA ALA H 202 -19.22 30.14 -58.88
C ALA H 202 -18.84 28.70 -58.62
N LEU H 203 -19.65 27.99 -57.82
CA LEU H 203 -19.38 26.58 -57.57
C LEU H 203 -19.56 25.74 -58.82
N LYS H 204 -20.53 26.10 -59.66
CA LYS H 204 -20.67 25.42 -60.94
C LYS H 204 -19.44 25.61 -61.81
N ARG H 205 -18.91 26.83 -61.85
CA ARG H 205 -17.68 27.08 -62.61
C ARG H 205 -16.52 26.28 -62.04
N VAL H 206 -16.42 26.21 -60.71
CA VAL H 206 -15.33 25.45 -60.09
C VAL H 206 -15.43 23.97 -60.44
N GLN H 207 -16.64 23.41 -60.35
CA GLN H 207 -16.83 22.00 -60.66
C GLN H 207 -16.56 21.70 -62.13
N ASP H 208 -17.01 22.59 -63.03
CA ASP H 208 -16.75 22.38 -64.45
C ASP H 208 -15.25 22.44 -64.74
N ASP H 209 -14.54 23.40 -64.12
CA ASP H 209 -13.10 23.48 -64.31
C ASP H 209 -12.40 22.23 -63.80
N ARG H 210 -12.82 21.73 -62.64
CA ARG H 210 -12.21 20.52 -62.09
C ARG H 210 -12.47 19.31 -62.99
N ALA H 211 -13.69 19.19 -63.51
CA ALA H 211 -13.98 18.08 -64.42
C ALA H 211 -13.13 18.18 -65.69
N ALA H 212 -13.01 19.39 -66.25
CA ALA H 212 -12.21 19.56 -67.45
C ALA H 212 -10.75 19.24 -67.20
N LYS H 213 -10.21 19.67 -66.06
CA LYS H 213 -8.82 19.36 -65.73
C LYS H 213 -8.61 17.87 -65.50
N ALA H 214 -9.56 17.22 -64.82
CA ALA H 214 -9.43 15.79 -64.57
C ALA H 214 -9.50 14.99 -65.87
N ALA H 215 -10.32 15.44 -66.83
CA ALA H 215 -10.43 14.74 -68.09
C ALA H 215 -9.31 15.14 -69.05
N LYS H 216 -8.06 15.05 -68.58
CA LYS H 216 -6.88 15.30 -69.39
C LYS H 216 -5.90 14.14 -69.39
N SER H 217 -5.72 13.49 -68.24
CA SER H 217 -4.86 12.32 -68.14
C SER H 217 -5.53 11.13 -67.47
N LEU H 218 -6.70 11.31 -66.87
CA LEU H 218 -7.42 10.22 -66.23
C LEU H 218 -7.87 9.18 -67.24
N PRO I 1 -50.30 -11.48 -36.71
CA PRO I 1 -49.03 -11.76 -37.38
C PRO I 1 -47.84 -11.57 -36.45
N TRP I 2 -47.12 -12.66 -36.17
CA TRP I 2 -45.97 -12.58 -35.27
C TRP I 2 -44.88 -11.70 -35.86
N VAL I 3 -44.19 -10.97 -35.00
CA VAL I 3 -43.12 -10.07 -35.41
C VAL I 3 -41.86 -10.41 -34.63
N GLY I 4 -40.72 -10.40 -35.30
CA GLY I 4 -39.46 -10.74 -34.69
C GLY I 4 -39.21 -12.23 -34.71
N PRO I 5 -38.09 -12.66 -34.12
CA PRO I 5 -37.77 -14.09 -34.10
C PRO I 5 -38.74 -14.87 -33.24
N LYS I 6 -38.87 -16.16 -33.56
CA LYS I 6 -39.76 -17.04 -32.81
C LYS I 6 -39.22 -17.28 -31.41
N LYS I 7 -40.12 -17.68 -30.51
CA LYS I 7 -39.71 -18.03 -29.15
C LYS I 7 -38.82 -19.27 -29.17
N GLY I 8 -37.81 -19.26 -28.31
CA GLY I 8 -36.90 -20.39 -28.25
C GLY I 8 -35.94 -20.50 -29.41
N SER I 9 -35.87 -19.49 -30.27
CA SER I 9 -34.99 -19.50 -31.43
C SER I 9 -33.72 -18.74 -31.11
N TRP I 10 -32.58 -19.31 -31.48
CA TRP I 10 -31.30 -18.66 -31.21
C TRP I 10 -31.12 -17.45 -32.12
N VAL I 11 -30.56 -16.39 -31.55
CA VAL I 11 -30.32 -15.13 -32.27
C VAL I 11 -28.92 -14.65 -31.93
N LYS I 12 -28.24 -14.06 -32.91
CA LYS I 12 -26.93 -13.48 -32.68
C LYS I 12 -27.10 -12.00 -32.35
N ILE I 13 -26.46 -11.56 -31.28
CA ILE I 13 -26.61 -10.19 -30.80
C ILE I 13 -25.77 -9.26 -31.65
N LEU I 14 -26.38 -8.16 -32.12
CA LEU I 14 -25.69 -7.17 -32.95
C LEU I 14 -25.52 -5.84 -32.25
N ARG I 15 -25.78 -5.77 -30.94
CA ARG I 15 -25.60 -4.54 -30.18
C ARG I 15 -24.13 -4.39 -29.83
N PRO I 16 -23.44 -3.36 -30.35
CA PRO I 16 -21.98 -3.30 -30.16
C PRO I 16 -21.53 -3.19 -28.71
N GLU I 17 -22.28 -2.46 -27.88
CA GLU I 17 -21.89 -2.28 -26.48
C GLU I 17 -22.40 -3.40 -25.59
N SER I 18 -23.16 -4.35 -26.13
CA SER I 18 -23.66 -5.46 -25.34
C SER I 18 -22.51 -6.36 -24.89
N TYR I 19 -22.64 -6.91 -23.68
CA TYR I 19 -21.66 -7.88 -23.20
C TYR I 19 -21.65 -9.11 -24.08
N TRP I 20 -22.77 -9.42 -24.72
CA TRP I 20 -22.90 -10.59 -25.59
C TRP I 20 -22.89 -10.21 -27.07
N PHE I 21 -22.16 -9.16 -27.44
CA PHE I 21 -22.05 -8.78 -28.83
C PHE I 21 -21.50 -9.95 -29.65
N GLN I 22 -22.17 -10.26 -30.76
CA GLN I 22 -21.85 -11.38 -31.64
C GLN I 22 -21.95 -12.74 -30.96
N GLN I 23 -22.46 -12.79 -29.73
CA GLN I 23 -22.77 -14.06 -29.09
C GLN I 23 -24.17 -14.50 -29.49
N ARG I 24 -24.63 -15.61 -28.89
CA ARG I 24 -25.95 -16.15 -29.20
C ARG I 24 -26.70 -16.44 -27.91
N GLY I 25 -28.02 -16.34 -27.99
CA GLY I 25 -28.87 -16.62 -26.85
C GLY I 25 -30.29 -16.90 -27.29
N GLN I 26 -30.97 -17.73 -26.50
CA GLN I 26 -32.34 -18.09 -26.82
C GLN I 26 -33.27 -16.91 -26.62
N VAL I 27 -34.27 -16.80 -27.49
CA VAL I 27 -35.28 -15.77 -27.36
C VAL I 27 -36.33 -16.23 -26.35
N VAL I 28 -36.43 -15.52 -25.23
CA VAL I 28 -37.44 -15.85 -24.23
C VAL I 28 -38.82 -15.44 -24.73
N ASN I 29 -38.97 -14.19 -25.14
CA ASN I 29 -40.25 -13.68 -25.64
C ASN I 29 -39.98 -12.42 -26.45
N VAL I 30 -40.94 -12.10 -27.31
CA VAL I 30 -40.90 -10.87 -28.10
C VAL I 30 -42.19 -10.10 -27.82
N ASN I 31 -42.06 -8.88 -27.30
CA ASN I 31 -43.23 -8.07 -27.03
C ASN I 31 -43.87 -7.63 -28.35
N GLN I 32 -45.18 -7.80 -28.45
CA GLN I 32 -45.89 -7.56 -29.69
C GLN I 32 -46.44 -6.14 -29.81
N LYS I 33 -46.27 -5.32 -28.79
CA LYS I 33 -46.69 -3.93 -28.87
C LYS I 33 -45.77 -3.17 -29.81
N PRO I 34 -46.28 -2.51 -30.85
CA PRO I 34 -45.39 -1.74 -31.73
C PRO I 34 -44.73 -0.57 -31.04
N GLU I 35 -45.27 -0.11 -29.91
CA GLU I 35 -44.71 1.02 -29.19
C GLU I 35 -43.45 0.67 -28.43
N VAL I 36 -43.16 -0.60 -28.22
CA VAL I 36 -41.99 -1.03 -27.46
C VAL I 36 -40.77 -0.96 -28.36
N LYS I 37 -39.74 -0.21 -27.94
CA LYS I 37 -38.55 -0.04 -28.76
C LYS I 37 -37.63 -1.25 -28.72
N TYR I 38 -37.55 -1.93 -27.58
CA TYR I 38 -36.66 -3.08 -27.41
C TYR I 38 -37.50 -4.25 -26.93
N PRO I 39 -38.28 -4.86 -27.83
CA PRO I 39 -39.23 -5.89 -27.40
C PRO I 39 -38.60 -7.27 -27.24
N VAL I 40 -37.56 -7.57 -28.01
CA VAL I 40 -36.99 -8.91 -28.01
C VAL I 40 -36.25 -9.15 -26.70
N THR I 41 -36.63 -10.21 -26.00
CA THR I 41 -35.98 -10.61 -24.76
C THR I 41 -35.16 -11.88 -25.00
N VAL I 42 -33.87 -11.82 -24.68
CA VAL I 42 -32.94 -12.90 -24.96
C VAL I 42 -32.24 -13.30 -23.68
N LYS I 43 -32.13 -14.60 -23.42
CA LYS I 43 -31.41 -15.12 -22.27
C LYS I 43 -30.15 -15.84 -22.73
N PHE I 44 -29.09 -15.72 -21.94
CA PHE I 44 -27.78 -16.24 -22.31
C PHE I 44 -27.26 -17.18 -21.22
N ASP I 45 -26.38 -18.11 -21.64
CA ASP I 45 -25.73 -19.00 -20.68
C ASP I 45 -24.62 -18.31 -19.92
N SER I 46 -23.98 -17.30 -20.52
CA SER I 46 -22.87 -16.59 -19.90
C SER I 46 -23.39 -15.27 -19.33
N VAL I 47 -23.29 -15.13 -18.01
CA VAL I 47 -23.72 -13.91 -17.34
C VAL I 47 -22.68 -12.81 -17.54
N ASN I 48 -23.13 -11.57 -17.50
CA ASN I 48 -22.23 -10.43 -17.61
C ASN I 48 -21.71 -10.07 -16.21
N TYR I 49 -21.04 -8.93 -16.10
CA TYR I 49 -20.41 -8.55 -14.83
C TYR I 49 -21.44 -8.21 -13.76
N ALA I 50 -22.66 -7.88 -14.14
CA ALA I 50 -23.75 -7.66 -13.19
C ALA I 50 -24.48 -8.94 -12.82
N ASN I 51 -23.93 -10.09 -13.22
CA ASN I 51 -24.53 -11.39 -12.93
C ASN I 51 -25.94 -11.50 -13.47
N VAL I 52 -26.18 -10.88 -14.63
CA VAL I 52 -27.47 -10.91 -15.31
C VAL I 52 -27.29 -11.64 -16.63
N ASN I 53 -28.13 -12.65 -16.85
CA ASN I 53 -28.01 -13.49 -18.04
C ASN I 53 -29.11 -13.23 -19.07
N THR I 54 -29.94 -12.20 -18.86
CA THR I 54 -31.02 -11.88 -19.77
C THR I 54 -31.07 -10.39 -20.01
N ASN I 55 -31.50 -9.99 -21.21
CA ASN I 55 -31.60 -8.58 -21.55
C ASN I 55 -32.59 -8.42 -22.69
N GLY I 56 -33.16 -7.22 -22.80
CA GLY I 56 -34.08 -6.91 -23.87
C GLY I 56 -33.44 -6.15 -25.00
N TYR I 57 -33.53 -6.70 -26.20
CA TYR I 57 -32.94 -6.07 -27.35
C TYR I 57 -33.93 -5.56 -28.34
N ALA I 58 -33.49 -4.69 -29.22
CA ALA I 58 -34.30 -4.10 -30.27
C ALA I 58 -34.58 -5.12 -31.37
N LEU I 59 -35.54 -4.80 -32.23
CA LEU I 59 -35.88 -5.68 -33.34
C LEU I 59 -34.76 -5.77 -34.36
N TRP I 60 -33.87 -4.78 -34.42
CA TRP I 60 -32.79 -4.71 -35.39
C TRP I 60 -31.45 -5.13 -34.79
N GLU I 61 -31.45 -5.85 -33.68
CA GLU I 61 -30.22 -6.29 -33.03
C GLU I 61 -30.15 -7.79 -32.83
N VAL I 62 -31.02 -8.55 -33.50
CA VAL I 62 -31.03 -10.02 -33.42
C VAL I 62 -31.25 -10.56 -34.82
N ILE I 63 -30.44 -11.55 -35.21
CA ILE I 63 -30.34 -11.97 -36.61
C ILE I 63 -30.68 -13.44 -36.81
N GLU I 64 -31.22 -14.11 -35.79
CA GLU I 64 -31.69 -15.50 -35.90
C GLU I 64 -30.56 -16.43 -36.35
N ALA I 65 -29.55 -16.55 -35.51
CA ALA I 65 -28.42 -17.42 -35.77
C ALA I 65 -28.73 -18.86 -35.38
N PRO I 66 -27.99 -19.83 -35.93
CA PRO I 66 -28.23 -21.24 -35.57
C PRO I 66 -27.84 -21.56 -34.13
N ALA I 67 -27.97 -22.83 -33.75
CA ALA I 67 -27.60 -23.24 -32.40
C ALA I 67 -26.09 -23.13 -32.21
N PRO I 68 -25.63 -22.88 -30.98
CA PRO I 68 -24.18 -22.68 -30.77
C PRO I 68 -23.33 -23.87 -31.17
N GLY I 69 -23.65 -25.06 -30.67
CA GLY I 69 -22.86 -26.23 -30.97
C GLY I 69 -21.83 -26.52 -29.90
N PRO I 70 -20.94 -27.49 -30.15
CA PRO I 70 -19.97 -27.91 -29.13
C PRO I 70 -18.85 -26.89 -29.00
N GLY I 71 -18.65 -26.41 -27.78
CA GLY I 71 -17.54 -25.49 -27.49
C GLY I 71 -17.59 -24.22 -28.29
N GLU I 72 -18.77 -23.61 -28.41
CA GLU I 72 -18.93 -22.40 -29.21
C GLU I 72 -19.91 -21.47 -28.51
N VAL I 73 -19.56 -20.20 -28.40
CA VAL I 73 -20.40 -19.21 -27.73
C VAL I 73 -21.51 -18.72 -28.65
N ALA J 1 45.34 -8.49 -38.08
CA ALA J 1 46.01 -7.50 -37.26
C ALA J 1 45.50 -7.53 -35.82
N LYS J 2 45.47 -8.74 -35.24
CA LYS J 2 45.07 -8.95 -33.85
C LYS J 2 43.66 -8.43 -33.58
N PRO J 3 42.62 -9.12 -34.05
CA PRO J 3 41.26 -8.65 -33.80
C PRO J 3 40.90 -8.58 -32.33
N LEU J 4 41.63 -9.27 -31.46
CA LEU J 4 41.34 -9.22 -30.03
C LEU J 4 41.51 -7.81 -29.49
N GLU J 5 42.62 -7.15 -29.82
CA GLU J 5 42.84 -5.78 -29.35
C GLU J 5 42.03 -4.76 -30.13
N MET J 6 41.74 -5.05 -31.40
CA MET J 6 40.99 -4.10 -32.22
C MET J 6 39.58 -3.90 -31.69
N PHE J 7 38.95 -4.96 -31.20
CA PHE J 7 37.57 -4.93 -30.77
C PHE J 7 37.43 -4.94 -29.24
N GLY J 8 38.49 -4.59 -28.53
CA GLY J 8 38.42 -4.54 -27.07
C GLY J 8 38.26 -5.88 -26.38
N GLY J 9 39.00 -6.89 -26.81
CA GLY J 9 39.00 -8.16 -26.12
C GLY J 9 38.33 -9.30 -26.85
N VAL J 10 37.19 -9.03 -27.49
CA VAL J 10 36.46 -10.08 -28.20
C VAL J 10 37.21 -10.45 -29.48
N ASP J 11 37.14 -11.73 -29.83
CA ASP J 11 37.83 -12.27 -31.00
C ASP J 11 36.81 -12.73 -32.04
N ILE J 12 37.20 -12.63 -33.31
CA ILE J 12 36.31 -12.92 -34.43
C ILE J 12 36.85 -14.12 -35.17
N ASP J 13 35.93 -14.91 -35.76
CA ASP J 13 36.32 -16.14 -36.45
C ASP J 13 37.19 -15.85 -37.67
N LEU J 14 36.83 -14.83 -38.46
CA LEU J 14 37.55 -14.39 -39.64
C LEU J 14 37.58 -15.41 -40.76
N GLU J 15 36.83 -16.52 -40.63
CA GLU J 15 36.82 -17.57 -41.62
C GLU J 15 35.38 -17.88 -42.03
N ASP J 16 35.15 -18.00 -43.33
CA ASP J 16 33.82 -18.26 -43.88
C ASP J 16 33.81 -19.67 -44.46
N THR J 17 33.52 -20.65 -43.61
CA THR J 17 33.36 -22.04 -44.01
C THR J 17 32.15 -22.62 -43.30
N PRO J 18 31.40 -23.50 -43.96
CA PRO J 18 30.25 -24.13 -43.30
C PRO J 18 30.63 -24.98 -42.10
N ALA J 19 31.88 -25.45 -42.02
CA ALA J 19 32.30 -26.30 -40.90
C ALA J 19 32.35 -25.55 -39.58
N HIS J 20 32.34 -24.22 -39.60
CA HIS J 20 32.37 -23.43 -38.38
C HIS J 20 30.98 -23.01 -37.91
N TRP J 21 29.92 -23.41 -38.61
CA TRP J 21 28.57 -23.06 -38.19
C TRP J 21 28.14 -23.81 -36.95
N THR J 22 28.78 -24.93 -36.64
CA THR J 22 28.47 -25.65 -35.41
C THR J 22 28.94 -24.85 -34.20
N ILE J 23 28.28 -25.10 -33.06
CA ILE J 23 28.68 -24.43 -31.83
C ILE J 23 30.05 -24.92 -31.36
N LYS J 24 30.40 -26.16 -31.70
CA LYS J 24 31.65 -26.75 -31.21
C LYS J 24 32.88 -26.05 -31.78
N ALA J 25 32.74 -25.29 -32.86
CA ALA J 25 33.86 -24.58 -33.46
C ALA J 25 34.06 -23.19 -32.87
N SER J 26 33.22 -22.78 -31.94
CA SER J 26 33.33 -21.44 -31.37
C SER J 26 34.61 -21.31 -30.57
N PRO J 27 35.33 -20.19 -30.69
CA PRO J 27 36.53 -19.99 -29.87
C PRO J 27 36.23 -19.52 -28.45
N VAL J 28 35.00 -19.08 -28.18
CA VAL J 28 34.61 -18.75 -26.81
C VAL J 28 34.53 -20.02 -25.96
N LEU J 29 34.02 -21.10 -26.54
CA LEU J 29 33.78 -22.33 -25.81
C LEU J 29 34.98 -23.28 -25.93
N GLU J 30 34.91 -24.37 -25.16
CA GLU J 30 35.94 -25.40 -25.11
C GLU J 30 35.35 -26.61 -24.39
N PRO J 31 35.69 -27.83 -24.82
CA PRO J 31 35.18 -29.01 -24.10
C PRO J 31 35.58 -28.98 -22.64
N CYS J 32 34.63 -29.38 -21.78
CA CYS J 32 34.82 -29.20 -20.35
C CYS J 32 35.94 -30.06 -19.79
N LYS J 33 36.19 -31.23 -20.39
CA LYS J 33 37.17 -32.14 -19.84
C LYS J 33 38.61 -31.65 -19.99
N ASP J 34 38.85 -30.59 -20.76
CA ASP J 34 40.18 -30.02 -20.89
C ASP J 34 40.17 -28.52 -20.64
N ASN J 35 39.33 -28.05 -19.72
CA ASN J 35 39.23 -26.65 -19.37
C ASN J 35 39.70 -26.45 -17.93
N LYS J 36 40.60 -25.48 -17.73
CA LYS J 36 41.18 -25.27 -16.41
C LYS J 36 40.14 -24.83 -15.39
N LYS J 37 39.23 -23.94 -15.79
CA LYS J 37 38.23 -23.44 -14.85
C LYS J 37 37.28 -24.54 -14.42
N PHE J 38 36.92 -25.45 -15.33
CA PHE J 38 36.09 -26.59 -14.98
C PHE J 38 36.78 -27.45 -13.92
N HIS J 39 38.06 -27.76 -14.14
CA HIS J 39 38.82 -28.55 -13.18
C HIS J 39 38.86 -27.85 -11.83
N LYS J 40 39.17 -26.55 -11.83
CA LYS J 40 39.30 -25.83 -10.57
C LYS J 40 37.97 -25.77 -9.82
N LYS J 41 36.86 -25.53 -10.54
CA LYS J 41 35.56 -25.43 -9.89
C LYS J 41 35.14 -26.76 -9.27
N LEU J 42 35.28 -27.85 -10.02
CA LEU J 42 34.83 -29.12 -9.45
C LEU J 42 35.81 -29.65 -8.40
N LYS J 43 37.09 -29.31 -8.51
CA LYS J 43 38.03 -29.62 -7.44
C LYS J 43 37.68 -28.86 -6.18
N ASP J 44 37.26 -27.59 -6.31
CA ASP J 44 36.84 -26.83 -5.15
C ASP J 44 35.56 -27.40 -4.53
N GLU J 45 34.64 -27.86 -5.37
CA GLU J 45 33.45 -28.53 -4.86
C GLU J 45 33.83 -29.77 -4.06
N LEU J 46 34.70 -30.60 -4.62
CA LEU J 46 35.15 -31.79 -3.92
C LEU J 46 35.85 -31.44 -2.62
N TYR J 47 36.70 -30.40 -2.64
CA TYR J 47 37.43 -30.01 -1.45
C TYR J 47 36.50 -29.52 -0.36
N LYS J 48 35.51 -28.69 -0.71
CA LYS J 48 34.58 -28.18 0.28
C LYS J 48 33.75 -29.29 0.89
N VAL J 49 33.21 -30.18 0.05
CA VAL J 49 32.38 -31.26 0.56
C VAL J 49 33.21 -32.22 1.41
N LYS J 50 34.44 -32.51 1.00
CA LYS J 50 35.31 -33.37 1.78
C LYS J 50 35.66 -32.73 3.12
N LYS J 51 35.92 -31.42 3.13
CA LYS J 51 36.23 -30.73 4.38
C LYS J 51 35.03 -30.75 5.32
N ASN J 52 33.82 -30.62 4.77
CA ASN J 52 32.63 -30.81 5.59
C ASN J 52 32.55 -32.23 6.13
N GLN J 53 32.92 -33.21 5.31
CA GLN J 53 32.80 -34.62 5.71
C GLN J 53 33.72 -34.95 6.88
N GLN J 54 34.96 -34.46 6.86
CA GLN J 54 35.91 -34.77 7.93
C GLN J 54 35.44 -34.24 9.28
N LYS J 55 34.57 -33.24 9.30
CA LYS J 55 34.11 -32.66 10.56
C LYS J 55 33.28 -33.64 11.38
N PHE J 56 32.72 -34.68 10.75
CA PHE J 56 31.87 -35.63 11.44
C PHE J 56 32.67 -36.87 11.83
N ALA J 57 32.01 -37.77 12.56
CA ALA J 57 32.64 -39.02 12.97
C ALA J 57 32.85 -39.93 11.76
N GLU J 58 33.79 -40.87 11.90
CA GLU J 58 34.13 -41.75 10.80
C GLU J 58 33.02 -42.77 10.55
N GLY J 59 32.48 -43.36 11.60
CA GLY J 59 31.48 -44.41 11.47
C GLY J 59 30.04 -43.95 11.46
N SER J 60 29.79 -42.64 11.42
CA SER J 60 28.44 -42.12 11.47
C SER J 60 27.75 -42.29 10.11
N ALA J 61 26.42 -42.10 10.13
CA ALA J 61 25.65 -42.12 8.89
C ALA J 61 25.93 -40.89 8.04
N ALA J 62 26.23 -39.76 8.69
CA ALA J 62 26.56 -38.55 7.96
C ALA J 62 27.80 -38.75 7.09
N TYR J 63 28.76 -39.52 7.59
CA TYR J 63 29.96 -39.82 6.80
C TYR J 63 29.60 -40.59 5.54
N ALA J 64 28.72 -41.58 5.66
CA ALA J 64 28.29 -42.34 4.49
C ALA J 64 27.53 -41.47 3.49
N ARG J 65 26.65 -40.60 4.00
CA ARG J 65 25.91 -39.72 3.10
C ARG J 65 26.85 -38.74 2.40
N PHE J 66 27.89 -38.28 3.09
CA PHE J 66 28.88 -37.42 2.43
C PHE J 66 29.70 -38.19 1.41
N ASN J 67 29.99 -39.47 1.66
CA ASN J 67 30.65 -40.29 0.64
C ASN J 67 29.78 -40.42 -0.60
N LYS J 68 28.48 -40.62 -0.40
CA LYS J 68 27.56 -40.68 -1.53
C LYS J 68 27.52 -39.36 -2.28
N LYS J 69 27.53 -38.24 -1.55
CA LYS J 69 27.57 -36.93 -2.20
C LYS J 69 28.85 -36.74 -3.00
N ILE J 70 29.98 -37.20 -2.46
CA ILE J 70 31.26 -37.10 -3.18
C ILE J 70 31.21 -37.92 -4.46
N LYS J 71 30.64 -39.13 -4.39
CA LYS J 71 30.50 -39.94 -5.59
C LYS J 71 29.60 -39.26 -6.62
N MET J 72 28.53 -38.62 -6.15
CA MET J 72 27.67 -37.88 -7.07
C MET J 72 28.41 -36.73 -7.73
N ILE J 73 29.25 -36.02 -6.97
CA ILE J 73 30.01 -34.90 -7.53
C ILE J 73 31.00 -35.39 -8.57
N GLU J 74 31.71 -36.49 -8.28
CA GLU J 74 32.67 -37.01 -9.24
C GLU J 74 31.97 -37.54 -10.49
N LEU J 75 30.81 -38.17 -10.34
CA LEU J 75 30.03 -38.59 -11.48
C LEU J 75 29.58 -37.39 -12.31
N ARG J 76 29.21 -36.29 -11.66
CA ARG J 76 28.85 -35.08 -12.39
C ARG J 76 30.05 -34.52 -13.14
N GLU J 77 31.24 -34.58 -12.53
CA GLU J 77 32.44 -34.10 -13.21
C GLU J 77 32.73 -34.92 -14.46
N THR J 78 32.64 -36.25 -14.36
CA THR J 78 32.94 -37.07 -15.52
C THR J 78 31.83 -37.05 -16.56
N ALA J 79 30.58 -36.75 -16.15
CA ALA J 79 29.47 -36.75 -17.08
C ALA J 79 29.41 -35.47 -17.92
N TYR J 80 29.84 -34.35 -17.35
CA TYR J 80 29.83 -33.08 -18.06
C TYR J 80 31.11 -32.85 -18.87
N GLY J 81 32.01 -33.83 -18.93
CA GLY J 81 33.26 -33.65 -19.63
C GLY J 81 33.07 -33.36 -21.10
N ASP J 82 32.12 -34.04 -21.75
CA ASP J 82 31.85 -33.80 -23.16
C ASP J 82 31.02 -32.55 -23.40
N ARG J 83 30.45 -31.95 -22.36
CA ARG J 83 29.67 -30.73 -22.52
C ARG J 83 30.60 -29.53 -22.72
N LEU J 84 30.16 -28.58 -23.54
CA LEU J 84 30.97 -27.42 -23.85
C LEU J 84 30.85 -26.36 -22.76
N CYS J 85 31.98 -25.82 -22.32
CA CYS J 85 31.99 -24.70 -21.38
C CYS J 85 32.94 -23.61 -21.89
N GLY J 86 32.67 -22.39 -21.45
CA GLY J 86 33.46 -21.26 -21.90
C GLY J 86 34.90 -21.35 -21.43
N LYS J 87 35.80 -20.79 -22.25
CA LYS J 87 37.23 -20.82 -21.97
C LYS J 87 37.64 -19.95 -20.79
N LYS J 88 36.68 -19.33 -20.10
CA LYS J 88 37.00 -18.45 -18.97
C LYS J 88 36.15 -18.70 -17.74
N ASP J 89 34.98 -19.32 -17.86
CA ASP J 89 34.12 -19.61 -16.72
C ASP J 89 34.23 -21.04 -16.23
N GLY J 90 34.31 -22.01 -17.15
CA GLY J 90 34.29 -23.40 -16.77
C GLY J 90 32.90 -23.96 -16.55
N LEU J 91 31.86 -23.15 -16.69
CA LEU J 91 30.49 -23.61 -16.50
C LEU J 91 29.95 -24.12 -17.83
N PRO J 92 29.47 -25.36 -17.89
CA PRO J 92 29.02 -25.91 -19.18
C PRO J 92 27.84 -25.14 -19.75
N ARG J 93 27.78 -25.08 -21.07
CA ARG J 93 26.79 -24.29 -21.78
C ARG J 93 25.69 -25.18 -22.35
N THR J 94 24.55 -24.55 -22.63
CA THR J 94 23.41 -25.19 -23.27
C THR J 94 23.32 -24.69 -24.70
N ILE J 95 23.20 -25.62 -25.64
CA ILE J 95 23.23 -25.28 -27.06
C ILE J 95 21.80 -25.03 -27.53
N ALA J 96 21.57 -23.82 -28.07
CA ALA J 96 20.26 -23.42 -28.56
C ALA J 96 20.34 -22.98 -30.01
N THR J 97 21.09 -23.74 -30.82
CA THR J 97 21.17 -23.50 -32.25
C THR J 97 20.42 -24.54 -33.08
N GLY J 98 19.66 -25.41 -32.43
CA GLY J 98 19.03 -26.49 -33.16
C GLY J 98 19.98 -27.55 -33.67
N GLU J 99 21.06 -27.80 -32.92
CA GLU J 99 22.10 -28.72 -33.40
C GLU J 99 21.59 -30.17 -33.44
N TRP J 100 20.84 -30.58 -32.42
CA TRP J 100 20.23 -31.90 -32.30
C TRP J 100 21.23 -33.01 -31.99
N ASN J 101 22.53 -32.71 -32.07
CA ASN J 101 23.55 -33.76 -31.92
C ASN J 101 24.75 -33.25 -31.14
N VAL J 102 24.51 -32.52 -30.05
CA VAL J 102 25.57 -32.11 -29.15
C VAL J 102 25.10 -32.31 -27.71
N ARG J 103 26.08 -32.47 -26.82
CA ARG J 103 25.78 -32.58 -25.40
C ARG J 103 25.17 -31.26 -24.89
N GLY J 104 24.10 -31.38 -24.12
CA GLY J 104 23.46 -30.19 -23.59
C GLY J 104 22.65 -29.40 -24.59
N SER J 105 22.26 -30.01 -25.71
CA SER J 105 21.43 -29.33 -26.69
C SER J 105 20.03 -29.12 -26.16
N ALA J 106 19.42 -28.01 -26.59
CA ALA J 106 18.06 -27.67 -26.15
C ALA J 106 16.98 -28.21 -27.07
N MET J 107 17.35 -28.97 -28.11
CA MET J 107 16.35 -29.48 -29.04
C MET J 107 15.54 -30.61 -28.42
N TRP J 108 16.19 -31.55 -27.74
CA TRP J 108 15.48 -32.66 -27.13
C TRP J 108 14.54 -32.21 -26.01
N PRO J 109 14.97 -31.38 -25.04
CA PRO J 109 14.00 -30.89 -24.05
C PRO J 109 12.88 -30.08 -24.68
N ALA J 110 13.17 -29.31 -25.72
CA ALA J 110 12.14 -28.53 -26.39
C ALA J 110 11.10 -29.45 -27.02
N ALA J 111 11.55 -30.50 -27.70
CA ALA J 111 10.62 -31.43 -28.33
C ALA J 111 9.76 -32.13 -27.29
N ILE J 112 10.40 -32.64 -26.22
CA ILE J 112 9.66 -33.35 -25.19
C ILE J 112 8.62 -32.43 -24.55
N PHE J 113 9.04 -31.22 -24.17
CA PHE J 113 8.10 -30.31 -23.51
C PHE J 113 6.98 -29.91 -24.44
N LEU J 114 7.29 -29.62 -25.70
CA LEU J 114 6.24 -29.21 -26.62
C LEU J 114 5.21 -30.32 -26.80
N TYR J 115 5.68 -31.57 -26.91
CA TYR J 115 4.74 -32.67 -27.01
C TYR J 115 3.84 -32.76 -25.78
N ILE J 116 4.43 -32.74 -24.58
CA ILE J 116 3.60 -32.94 -23.40
C ILE J 116 2.73 -31.72 -23.09
N ALA J 117 3.20 -30.52 -23.42
CA ALA J 117 2.39 -29.33 -23.21
C ALA J 117 1.22 -29.28 -24.18
N GLY J 118 1.43 -29.64 -25.44
CA GLY J 118 0.32 -29.79 -26.36
C GLY J 118 -0.63 -30.87 -25.89
N TRP J 119 -0.11 -31.93 -25.30
CA TRP J 119 -0.96 -32.97 -24.73
C TRP J 119 -1.86 -32.41 -23.63
N ILE J 120 -1.28 -31.63 -22.70
CA ILE J 120 -2.06 -31.05 -21.62
C ILE J 120 -3.14 -30.12 -22.16
N GLY J 121 -2.74 -29.22 -23.06
CA GLY J 121 -3.70 -28.28 -23.62
C GLY J 121 -4.80 -28.97 -24.41
N TRP J 122 -4.44 -30.00 -25.17
CA TRP J 122 -5.43 -30.72 -25.95
C TRP J 122 -6.40 -31.47 -25.05
N ALA J 123 -5.90 -32.09 -23.97
CA ALA J 123 -6.80 -32.76 -23.05
C ALA J 123 -7.76 -31.77 -22.40
N GLY J 124 -7.26 -30.62 -21.98
CA GLY J 124 -8.14 -29.62 -21.39
C GLY J 124 -9.18 -29.10 -22.37
N ARG J 125 -8.76 -28.84 -23.61
CA ARG J 125 -9.69 -28.35 -24.63
C ARG J 125 -10.73 -29.41 -24.96
N SER J 126 -10.33 -30.67 -25.06
CA SER J 126 -11.27 -31.74 -25.33
C SER J 126 -12.29 -31.87 -24.21
N TYR J 127 -11.83 -31.79 -22.96
CA TYR J 127 -12.77 -31.86 -21.84
C TYR J 127 -13.73 -30.68 -21.85
N LEU J 128 -13.24 -29.48 -22.14
CA LEU J 128 -14.12 -28.31 -22.17
C LEU J 128 -15.14 -28.42 -23.30
N ILE J 129 -14.73 -28.96 -24.45
CA ILE J 129 -15.65 -29.11 -25.57
C ILE J 129 -16.71 -30.17 -25.25
N ARG J 130 -16.31 -31.26 -24.61
CA ARG J 130 -17.25 -32.35 -24.33
C ARG J 130 -18.08 -32.09 -23.07
N THR J 131 -17.73 -31.10 -22.26
CA THR J 131 -18.52 -30.69 -21.10
C THR J 131 -18.81 -29.19 -21.26
N ASN J 132 -19.88 -28.88 -22.00
CA ASN J 132 -20.24 -27.49 -22.29
C ASN J 132 -21.16 -26.95 -21.19
N ASP J 133 -20.66 -27.03 -19.96
CA ASP J 133 -21.44 -26.63 -18.79
C ASP J 133 -20.51 -26.18 -17.68
N ALA J 134 -21.00 -25.23 -16.87
CA ALA J 134 -20.24 -24.78 -15.72
C ALA J 134 -20.25 -25.80 -14.59
N ALA J 135 -21.34 -26.58 -14.48
CA ALA J 135 -21.43 -27.58 -13.43
C ALA J 135 -20.35 -28.65 -13.58
N LYS J 136 -19.93 -28.93 -14.82
CA LYS J 136 -18.92 -29.93 -15.08
C LYS J 136 -17.50 -29.42 -14.86
N GLU J 137 -17.33 -28.13 -14.62
CA GLU J 137 -16.00 -27.57 -14.36
C GLU J 137 -15.69 -27.49 -12.87
N ILE J 138 -16.70 -27.41 -12.02
CA ILE J 138 -16.49 -27.43 -10.57
C ILE J 138 -16.55 -28.85 -10.03
N ASN J 139 -17.48 -29.66 -10.55
CA ASN J 139 -17.58 -31.08 -10.23
C ASN J 139 -17.10 -31.84 -11.46
N ILE J 140 -15.80 -32.14 -11.49
CA ILE J 140 -15.20 -32.75 -12.67
C ILE J 140 -15.79 -34.14 -12.91
N ASP J 141 -16.18 -34.41 -14.15
CA ASP J 141 -16.58 -35.76 -14.56
C ASP J 141 -15.29 -36.56 -14.71
N VAL J 142 -14.88 -37.21 -13.62
CA VAL J 142 -13.56 -37.85 -13.59
C VAL J 142 -13.41 -38.90 -14.66
N PRO J 143 -14.36 -39.81 -14.92
CA PRO J 143 -14.17 -40.75 -16.03
C PRO J 143 -13.93 -40.07 -17.36
N LEU J 144 -14.72 -39.05 -17.68
CA LEU J 144 -14.51 -38.31 -18.93
C LEU J 144 -13.20 -37.54 -18.89
N ALA J 145 -12.83 -37.00 -17.72
CA ALA J 145 -11.59 -36.25 -17.61
C ALA J 145 -10.39 -37.14 -17.91
N VAL J 146 -10.34 -38.33 -17.30
CA VAL J 146 -9.22 -39.22 -17.54
C VAL J 146 -9.29 -39.80 -18.96
N THR J 147 -10.49 -39.96 -19.51
CA THR J 147 -10.60 -40.38 -20.91
C THR J 147 -9.95 -39.36 -21.84
N CYS J 148 -10.25 -38.07 -21.63
CA CYS J 148 -9.62 -37.03 -22.43
C CYS J 148 -8.12 -36.96 -22.18
N MET J 149 -7.71 -37.14 -20.92
CA MET J 149 -6.28 -37.11 -20.59
C MET J 149 -5.52 -38.20 -21.31
N ALA J 150 -6.08 -39.42 -21.36
CA ALA J 150 -5.45 -40.49 -22.11
C ALA J 150 -5.54 -40.26 -23.61
N SER J 151 -6.63 -39.66 -24.09
CA SER J 151 -6.83 -39.43 -25.51
C SER J 151 -5.93 -38.33 -26.06
N GLY J 152 -5.36 -37.49 -25.18
CA GLY J 152 -4.56 -36.38 -25.63
C GLY J 152 -3.23 -36.75 -26.27
N PHE J 153 -2.83 -38.02 -26.28
CA PHE J 153 -1.53 -38.38 -26.81
C PHE J 153 -1.41 -38.11 -28.31
N SER J 154 -2.52 -38.21 -29.04
CA SER J 154 -2.53 -38.00 -30.48
C SER J 154 -2.77 -36.54 -30.85
N TRP J 155 -2.44 -35.62 -29.96
CA TRP J 155 -2.67 -34.20 -30.24
C TRP J 155 -1.94 -33.66 -31.46
N PRO J 156 -0.68 -34.01 -31.75
CA PRO J 156 -0.01 -33.38 -32.91
C PRO J 156 -0.67 -33.68 -34.24
N VAL J 157 -1.43 -34.77 -34.33
CA VAL J 157 -2.14 -35.12 -35.56
C VAL J 157 -3.59 -34.65 -35.54
N ALA J 158 -4.28 -34.90 -34.42
CA ALA J 158 -5.69 -34.49 -34.32
C ALA J 158 -5.83 -32.98 -34.37
N ALA J 159 -4.92 -32.26 -33.70
CA ALA J 159 -4.98 -30.80 -33.71
C ALA J 159 -4.78 -30.25 -35.12
N TRP J 160 -3.82 -30.79 -35.86
CA TRP J 160 -3.61 -30.32 -37.22
C TRP J 160 -4.79 -30.67 -38.12
N GLN J 161 -5.34 -31.88 -37.95
CA GLN J 161 -6.49 -32.28 -38.75
C GLN J 161 -7.70 -31.41 -38.44
N GLU J 162 -7.79 -30.89 -37.21
CA GLU J 162 -8.85 -29.93 -36.90
C GLU J 162 -8.55 -28.55 -37.46
N ILE J 163 -7.27 -28.17 -37.48
CA ILE J 163 -6.90 -26.86 -38.02
C ILE J 163 -7.25 -26.78 -39.50
N VAL J 164 -6.84 -27.79 -40.28
CA VAL J 164 -7.07 -27.72 -41.72
C VAL J 164 -8.53 -27.97 -42.09
N ASN J 165 -9.29 -28.69 -41.26
CA ASN J 165 -10.68 -29.01 -41.57
C ASN J 165 -11.66 -28.02 -40.95
N GLY J 166 -11.18 -26.91 -40.43
CA GLY J 166 -12.07 -25.89 -39.88
C GLY J 166 -12.82 -26.30 -38.64
N GLU J 167 -12.14 -26.93 -37.69
CA GLU J 167 -12.77 -27.36 -36.45
C GLU J 167 -12.04 -26.88 -35.21
N MET J 168 -10.93 -26.13 -35.36
CA MET J 168 -10.25 -25.53 -34.22
C MET J 168 -10.59 -24.05 -34.08
N ALA J 169 -10.35 -23.26 -35.13
CA ALA J 169 -10.61 -21.83 -35.06
C ALA J 169 -12.08 -21.55 -35.30
N VAL J 170 -12.48 -20.32 -34.97
CA VAL J 170 -13.84 -19.85 -35.14
C VAL J 170 -13.77 -18.47 -35.79
N PRO J 171 -14.63 -18.16 -36.76
CA PRO J 171 -14.60 -16.83 -37.37
C PRO J 171 -14.83 -15.74 -36.34
N ASN J 172 -14.17 -14.60 -36.56
CA ASN J 172 -14.23 -13.49 -35.61
C ASN J 172 -15.66 -12.99 -35.40
N ASP J 173 -16.54 -13.21 -36.38
CA ASP J 173 -17.92 -12.76 -36.30
C ASP J 173 -18.80 -13.69 -35.46
N GLN J 174 -18.21 -14.61 -34.70
CA GLN J 174 -18.96 -15.49 -33.82
C GLN J 174 -18.55 -15.37 -32.36
N ILE J 175 -17.51 -14.59 -32.04
CA ILE J 175 -17.09 -14.35 -30.67
C ILE J 175 -17.02 -12.85 -30.46
N HIS J 176 -17.11 -12.43 -29.20
CA HIS J 176 -17.11 -11.01 -28.87
C HIS J 176 -15.78 -10.39 -29.25
N ASN J 177 -15.80 -9.50 -30.25
CA ASN J 177 -14.57 -8.90 -30.74
C ASN J 177 -13.89 -8.04 -29.67
N GLY J 178 -14.67 -7.28 -28.93
CA GLY J 178 -14.14 -6.39 -27.92
C GLY J 178 -15.05 -5.19 -27.80
N GLY J 179 -14.58 -4.22 -27.01
CA GLY J 179 -15.34 -3.02 -26.77
C GLY J 179 -15.57 -2.22 -28.03
N PRO J 180 -16.73 -1.57 -28.12
CA PRO J 180 -16.99 -0.70 -29.27
C PRO J 180 -16.06 0.50 -29.26
N TRP J 181 -15.60 0.90 -30.45
CA TRP J 181 -14.71 2.04 -30.56
C TRP J 181 -15.34 3.16 -31.33
N ASN J 182 -16.60 2.98 -31.72
CA ASN J 182 -17.29 3.96 -32.55
C ASN J 182 -18.75 3.70 -32.68
N GLN J 183 -19.53 4.74 -32.97
CA GLN J 183 -20.95 4.59 -33.29
C GLN J 183 -21.51 5.93 -33.76
N SER J 184 -21.54 6.91 -32.85
CA SER J 184 -22.12 8.22 -33.11
C SER J 184 -23.54 8.13 -33.64
N TYR K 1 -52.89 7.91 -36.17
CA TYR K 1 -51.48 7.56 -36.27
C TYR K 1 -50.69 8.08 -35.07
N THR K 2 -49.87 7.20 -34.50
CA THR K 2 -48.91 7.57 -33.47
C THR K 2 -47.53 7.11 -33.91
N GLU K 3 -46.50 7.87 -33.51
CA GLU K 3 -45.15 7.64 -34.00
C GLU K 3 -44.55 6.46 -33.24
N THR K 4 -44.64 5.28 -33.84
CA THR K 4 -44.02 4.10 -33.28
C THR K 4 -42.50 4.21 -33.39
N VAL K 5 -41.81 3.37 -32.61
CA VAL K 5 -40.35 3.38 -32.64
C VAL K 5 -39.83 2.97 -34.01
N ALA K 6 -40.58 2.12 -34.72
CA ALA K 6 -40.19 1.76 -36.08
C ALA K 6 -40.26 2.96 -37.01
N ASP K 7 -41.28 3.82 -36.84
CA ASP K 7 -41.37 5.03 -37.66
C ASP K 7 -40.24 5.99 -37.35
N GLU K 8 -39.87 6.13 -36.07
CA GLU K 8 -38.72 6.96 -35.73
C GLU K 8 -37.44 6.41 -36.35
N ARG K 9 -37.26 5.09 -36.30
CA ARG K 9 -36.09 4.47 -36.94
C ARG K 9 -36.10 4.69 -38.45
N LEU K 10 -37.29 4.63 -39.06
CA LEU K 10 -37.40 4.92 -40.49
C LEU K 10 -36.99 6.36 -40.80
N PHE K 11 -37.40 7.30 -39.95
CA PHE K 11 -36.97 8.68 -40.15
C PHE K 11 -35.47 8.80 -39.98
N GLU K 12 -34.90 8.08 -39.01
CA GLU K 12 -33.45 8.06 -38.84
C GLU K 12 -32.77 7.62 -40.12
N GLN K 13 -33.25 6.51 -40.70
CA GLN K 13 -32.64 5.98 -41.91
C GLN K 13 -32.78 6.94 -43.08
N VAL K 14 -33.96 7.54 -43.25
CA VAL K 14 -34.17 8.48 -44.34
C VAL K 14 -33.27 9.69 -44.18
N TYR K 15 -33.22 10.26 -42.97
CA TYR K 15 -32.40 11.42 -42.71
C TYR K 15 -30.93 11.14 -42.96
N LEU K 16 -30.44 10.00 -42.47
CA LEU K 16 -29.04 9.66 -42.66
C LEU K 16 -28.71 9.42 -44.12
N GLN K 17 -29.56 8.68 -44.84
CA GLN K 17 -29.31 8.40 -46.23
C GLN K 17 -29.30 9.68 -47.07
N TYR K 18 -30.21 10.61 -46.77
CA TYR K 18 -30.22 11.87 -47.51
C TYR K 18 -29.03 12.74 -47.16
N THR K 19 -28.74 12.89 -45.86
CA THR K 19 -27.71 13.83 -45.44
C THR K 19 -26.32 13.35 -45.79
N SER K 20 -26.07 12.03 -45.72
CA SER K 20 -24.75 11.53 -46.09
C SER K 20 -24.46 11.77 -47.56
N GLU K 21 -25.49 11.76 -48.40
CA GLU K 21 -25.30 12.13 -49.80
C GLU K 21 -25.17 13.63 -49.97
N TYR K 22 -25.90 14.41 -49.18
CA TYR K 22 -25.86 15.86 -49.32
C TYR K 22 -24.51 16.44 -48.89
N LEU K 23 -23.92 15.90 -47.82
CA LEU K 23 -22.70 16.47 -47.27
C LEU K 23 -21.51 16.24 -48.19
N LYS K 24 -21.56 15.21 -49.03
CA LYS K 24 -20.49 14.99 -50.02
C LYS K 24 -20.47 16.09 -51.07
N GLY K 25 -21.59 16.79 -51.28
CA GLY K 25 -21.70 17.73 -52.35
C GLY K 25 -21.02 19.06 -52.06
N PRO K 26 -21.20 20.03 -52.94
CA PRO K 26 -20.51 21.31 -52.80
C PRO K 26 -21.20 22.26 -51.83
N LEU K 27 -22.11 21.75 -51.00
CA LEU K 27 -22.95 22.59 -50.16
C LEU K 27 -22.87 22.18 -48.69
N TYR K 28 -21.70 21.74 -48.23
CA TYR K 28 -21.59 21.53 -46.78
C TYR K 28 -20.39 22.22 -46.15
N TRP K 29 -19.24 22.26 -46.84
CA TRP K 29 -18.11 23.11 -46.46
C TRP K 29 -17.67 22.87 -45.01
N HIS K 30 -17.19 21.66 -44.78
CA HIS K 30 -16.63 21.29 -43.49
C HIS K 30 -15.10 21.36 -43.56
N PRO K 31 -14.42 21.67 -42.45
CA PRO K 31 -12.95 21.72 -42.49
C PRO K 31 -12.31 20.40 -42.87
N ASP K 32 -12.97 19.27 -42.61
CA ASP K 32 -12.46 17.98 -43.07
C ASP K 32 -12.57 17.82 -44.58
N LYS K 33 -13.24 18.74 -45.27
CA LYS K 33 -13.35 18.70 -46.73
C LYS K 33 -12.39 19.65 -47.43
N LEU K 34 -11.42 20.19 -46.71
CA LEU K 34 -10.43 21.08 -47.32
C LEU K 34 -9.41 20.28 -48.12
N GLN K 35 -8.64 20.99 -48.95
CA GLN K 35 -7.50 20.38 -49.62
C GLN K 35 -6.43 20.05 -48.59
N GLY K 36 -5.81 18.87 -48.75
CA GLY K 36 -4.94 18.32 -47.75
C GLY K 36 -5.66 17.51 -46.69
N TRP K 37 -6.98 17.65 -46.60
CA TRP K 37 -7.85 16.82 -45.78
C TRP K 37 -8.34 15.65 -46.63
N LEU K 38 -9.38 14.97 -46.17
CA LEU K 38 -9.87 13.75 -46.82
C LEU K 38 -10.05 13.87 -48.34
N PRO K 39 -10.74 14.87 -48.89
CA PRO K 39 -11.00 14.86 -50.33
C PRO K 39 -9.73 15.04 -51.15
N ASP K 40 -9.75 14.47 -52.36
CA ASP K 40 -8.62 14.61 -53.27
C ASP K 40 -8.50 16.06 -53.74
N TYR K 41 -7.29 16.40 -54.20
CA TYR K 41 -7.05 17.72 -54.74
C TYR K 41 -7.87 17.90 -56.03
N PRO K 42 -8.27 19.14 -56.36
CA PRO K 42 -9.29 19.34 -57.40
C PRO K 42 -9.02 18.66 -58.73
N GLY K 43 -7.90 19.00 -59.37
CA GLY K 43 -7.60 18.46 -60.68
C GLY K 43 -6.79 17.18 -60.68
N THR K 44 -6.52 16.60 -59.51
CA THR K 44 -5.60 15.48 -59.38
C THR K 44 -6.27 14.37 -58.57
N PRO K 45 -7.20 13.63 -59.18
CA PRO K 45 -7.78 12.47 -58.49
C PRO K 45 -6.77 11.34 -58.43
N MET K 46 -6.57 10.80 -57.23
CA MET K 46 -5.56 9.76 -57.03
C MET K 46 -6.12 8.36 -57.30
N ILE K 47 -7.21 8.00 -56.64
CA ILE K 47 -7.78 6.66 -56.73
C ILE K 47 -9.21 6.78 -57.25
N LYS K 48 -9.48 6.13 -58.38
CA LYS K 48 -10.83 5.98 -58.91
C LYS K 48 -11.04 4.55 -59.37
N GLU K 49 -12.27 4.07 -59.22
CA GLU K 49 -12.65 2.71 -59.63
C GLU K 49 -11.84 1.65 -58.89
N GLY K 50 -11.29 2.01 -57.74
CA GLY K 50 -10.38 1.11 -57.05
C GLY K 50 -9.12 0.83 -57.84
N LYS K 51 -8.64 1.83 -58.58
CA LYS K 51 -7.40 1.72 -59.35
C LYS K 51 -6.66 3.04 -59.27
N TYR K 52 -5.33 2.95 -59.15
CA TYR K 52 -4.50 4.15 -59.15
C TYR K 52 -4.69 4.91 -60.45
N THR K 53 -5.21 6.13 -60.36
CA THR K 53 -5.37 6.95 -61.54
C THR K 53 -4.01 7.40 -62.05
N SER K 54 -3.99 7.89 -63.30
CA SER K 54 -2.74 8.30 -63.92
C SER K 54 -2.09 9.46 -63.19
N HIS K 55 -2.87 10.25 -62.45
CA HIS K 55 -2.33 11.41 -61.74
C HIS K 55 -1.46 11.02 -60.55
N VAL K 56 -1.43 9.74 -60.16
CA VAL K 56 -0.61 9.32 -59.03
C VAL K 56 0.86 9.53 -59.33
N ILE K 57 1.29 9.23 -60.55
CA ILE K 57 2.70 9.21 -60.91
C ILE K 57 3.18 10.61 -61.24
N GLY K 58 2.35 11.62 -60.96
CA GLY K 58 2.80 13.00 -61.06
C GLY K 58 3.12 13.40 -62.48
N ASN K 59 4.34 13.91 -62.67
CA ASN K 59 4.77 14.39 -63.98
C ASN K 59 4.92 13.27 -65.00
N LEU K 60 4.90 12.01 -64.57
CA LEU K 60 4.98 10.87 -65.47
C LEU K 60 3.61 10.45 -66.00
N LYS K 61 2.55 11.18 -65.67
CA LYS K 61 1.20 10.79 -66.10
C LYS K 61 1.07 10.80 -67.61
N ALA K 62 1.85 11.63 -68.30
CA ALA K 62 1.80 11.68 -69.75
C ALA K 62 2.64 10.62 -70.43
N PHE K 63 3.51 9.94 -69.69
CA PHE K 63 4.36 8.91 -70.28
C PHE K 63 3.54 7.71 -70.71
N SER K 64 3.97 7.07 -71.80
CA SER K 64 3.35 5.84 -72.26
C SER K 64 3.81 4.66 -71.43
N SER K 65 3.01 3.59 -71.45
CA SER K 65 3.38 2.39 -70.72
C SER K 65 4.65 1.77 -71.28
N ASN K 66 4.80 1.79 -72.61
CA ASN K 66 6.02 1.26 -73.22
C ASN K 66 7.23 2.09 -72.86
N GLU K 67 7.09 3.42 -72.85
CA GLU K 67 8.21 4.28 -72.46
C GLU K 67 8.62 4.02 -71.02
N LEU K 68 7.65 3.89 -70.12
CA LEU K 68 7.96 3.61 -68.72
C LEU K 68 8.58 2.24 -68.55
N ALA K 69 8.11 1.25 -69.32
CA ALA K 69 8.72 -0.09 -69.25
C ALA K 69 10.16 -0.06 -69.70
N PHE K 70 10.43 0.63 -70.82
CA PHE K 70 11.80 0.74 -71.31
C PHE K 70 12.68 1.45 -70.31
N LEU K 71 12.19 2.57 -69.74
CA LEU K 71 12.98 3.30 -68.76
C LEU K 71 13.21 2.44 -67.51
N SER K 72 12.21 1.68 -67.09
CA SER K 72 12.35 0.82 -65.91
C SER K 72 13.43 -0.23 -66.13
N MET K 73 13.36 -0.94 -67.26
CA MET K 73 14.35 -1.99 -67.50
C MET K 73 15.74 -1.40 -67.70
N LEU K 74 15.84 -0.27 -68.41
CA LEU K 74 17.14 0.36 -68.63
C LEU K 74 17.76 0.82 -67.32
N PHE K 75 16.95 1.48 -66.47
CA PHE K 75 17.46 1.93 -65.19
C PHE K 75 17.80 0.77 -64.28
N PHE K 76 17.04 -0.33 -64.34
CA PHE K 76 17.39 -1.51 -63.55
C PHE K 76 18.73 -2.06 -63.98
N GLY K 77 18.94 -2.20 -65.29
CA GLY K 77 20.22 -2.70 -65.77
C GLY K 77 21.37 -1.80 -65.37
N VAL K 78 21.22 -0.49 -65.57
CA VAL K 78 22.31 0.44 -65.29
C VAL K 78 22.59 0.50 -63.79
N GLY K 79 21.55 0.56 -62.96
CA GLY K 79 21.75 0.65 -61.52
C GLY K 79 22.32 -0.63 -60.93
N LEU K 80 21.83 -1.78 -61.40
CA LEU K 80 22.40 -3.05 -60.94
C LEU K 80 23.86 -3.17 -61.36
N TYR K 81 24.17 -2.72 -62.58
CA TYR K 81 25.56 -2.72 -63.02
C TYR K 81 26.41 -1.83 -62.13
N GLY K 82 25.91 -0.64 -61.80
CA GLY K 82 26.67 0.25 -60.92
C GLY K 82 26.89 -0.34 -59.54
N ASN K 83 25.85 -0.94 -58.96
CA ASN K 83 26.00 -1.53 -57.63
C ASN K 83 26.97 -2.70 -57.65
N LEU K 84 26.88 -3.56 -58.66
CA LEU K 84 27.77 -4.72 -58.71
C LEU K 84 29.19 -4.32 -59.03
N GLN K 85 29.39 -3.27 -59.83
CA GLN K 85 30.72 -2.78 -60.16
C GLN K 85 31.29 -1.84 -59.10
N PHE K 86 30.48 -1.46 -58.11
CA PHE K 86 31.00 -0.69 -56.98
C PHE K 86 31.26 -1.56 -55.76
N ASN K 87 30.46 -2.60 -55.53
CA ASN K 87 30.60 -3.39 -54.32
C ASN K 87 31.52 -4.59 -54.51
N PHE K 88 31.20 -5.47 -55.46
CA PHE K 88 31.86 -6.77 -55.57
C PHE K 88 32.94 -6.80 -56.64
N TYR K 89 32.57 -6.49 -57.89
CA TYR K 89 33.54 -6.41 -58.97
C TYR K 89 34.03 -4.98 -59.08
N ASP K 90 35.32 -4.81 -59.40
CA ASP K 90 35.95 -3.50 -59.50
C ASP K 90 35.69 -2.64 -58.26
N PRO K 91 36.11 -3.09 -57.07
CA PRO K 91 35.86 -2.29 -55.86
C PRO K 91 36.60 -0.97 -55.91
N GLN K 92 35.95 0.06 -55.39
CA GLN K 92 36.53 1.40 -55.35
C GLN K 92 37.16 1.74 -54.01
N TRP K 93 37.00 0.89 -52.99
CA TRP K 93 37.42 1.23 -51.64
C TRP K 93 38.94 1.37 -51.55
N ALA K 94 39.67 0.40 -52.11
CA ALA K 94 41.13 0.47 -52.07
C ALA K 94 41.64 1.67 -52.88
N LYS K 95 41.03 1.94 -54.03
CA LYS K 95 41.48 3.04 -54.87
C LYS K 95 41.29 4.39 -54.18
N VAL K 96 40.13 4.60 -53.56
CA VAL K 96 39.89 5.85 -52.85
C VAL K 96 40.66 5.93 -51.55
N ASP K 97 41.02 4.78 -50.95
CA ASP K 97 41.75 4.79 -49.69
C ASP K 97 43.15 5.37 -49.86
N ALA K 98 43.81 5.08 -50.98
CA ALA K 98 45.17 5.53 -51.22
C ALA K 98 45.23 6.94 -51.78
N GLY K 99 44.17 7.75 -51.61
CA GLY K 99 44.15 9.11 -52.09
C GLY K 99 43.45 9.29 -53.42
N GLY K 100 42.88 8.24 -53.99
CA GLY K 100 42.19 8.34 -55.26
C GLY K 100 40.80 8.93 -55.11
N PHE K 101 40.01 8.76 -56.17
CA PHE K 101 38.64 9.26 -56.20
C PHE K 101 37.73 8.16 -56.73
N PHE K 102 36.46 8.24 -56.32
CA PHE K 102 35.47 7.27 -56.79
C PHE K 102 35.27 7.40 -58.30
N ASN K 103 34.93 6.28 -58.92
CA ASN K 103 34.43 6.31 -60.30
C ASN K 103 33.03 6.90 -60.25
N VAL K 104 32.92 8.19 -60.57
CA VAL K 104 31.67 8.93 -60.38
C VAL K 104 30.53 8.29 -61.17
N SER K 105 30.85 7.65 -62.29
CA SER K 105 29.82 6.97 -63.06
C SER K 105 29.14 5.89 -62.24
N TYR K 106 29.91 5.12 -61.47
CA TYR K 106 29.32 4.09 -60.63
C TYR K 106 28.37 4.69 -59.60
N ILE K 107 28.77 5.78 -58.96
CA ILE K 107 27.93 6.40 -57.94
C ILE K 107 26.64 6.91 -58.55
N VAL K 108 26.73 7.57 -59.71
CA VAL K 108 25.53 8.07 -60.36
C VAL K 108 24.61 6.93 -60.78
N GLU K 109 25.19 5.87 -61.36
CA GLU K 109 24.37 4.76 -61.85
C GLU K 109 23.68 4.02 -60.71
N SER K 110 24.39 3.79 -59.59
CA SER K 110 23.85 2.97 -58.51
C SER K 110 22.56 3.54 -57.93
N PHE K 111 22.35 4.84 -58.08
CA PHE K 111 21.11 5.48 -57.61
C PHE K 111 19.94 5.22 -58.53
N LEU K 112 20.15 4.57 -59.66
CA LEU K 112 19.09 4.28 -60.62
C LEU K 112 18.37 2.96 -60.34
N LEU K 113 18.76 2.22 -59.30
CA LEU K 113 18.07 0.98 -58.98
C LEU K 113 16.71 1.23 -58.33
N PRO K 114 16.62 1.94 -57.19
CA PRO K 114 15.28 2.26 -56.66
C PRO K 114 14.45 3.11 -57.61
N ILE K 115 15.11 4.00 -58.35
CA ILE K 115 14.42 4.75 -59.40
C ILE K 115 13.78 3.79 -60.39
N SER K 116 14.49 2.72 -60.75
CA SER K 116 13.93 1.72 -61.65
C SER K 116 12.76 0.98 -61.00
N PHE K 117 12.86 0.68 -59.71
CA PHE K 117 11.75 0.03 -59.02
C PHE K 117 10.48 0.87 -59.12
N PHE K 118 10.58 2.13 -58.76
CA PHE K 118 9.40 2.99 -58.83
C PHE K 118 8.99 3.26 -60.27
N MET K 119 9.93 3.22 -61.21
CA MET K 119 9.60 3.39 -62.61
C MET K 119 8.78 2.23 -63.13
N HIS K 120 9.11 1.01 -62.73
CA HIS K 120 8.31 -0.13 -63.16
C HIS K 120 6.95 -0.17 -62.45
N ILE K 121 6.90 0.32 -61.21
CA ILE K 121 5.60 0.51 -60.56
C ILE K 121 4.74 1.47 -61.38
N ALA K 122 5.34 2.59 -61.82
CA ALA K 122 4.62 3.56 -62.64
C ALA K 122 4.22 2.97 -63.99
N CYS K 123 5.08 2.12 -64.55
CA CYS K 123 4.74 1.45 -65.80
C CYS K 123 3.50 0.59 -65.64
N TYR K 124 3.43 -0.18 -64.55
CA TYR K 124 2.23 -0.98 -64.31
C TYR K 124 1.01 -0.12 -64.10
N ILE K 125 1.16 0.98 -63.35
CA ILE K 125 0.02 1.87 -63.12
C ILE K 125 -0.49 2.45 -64.43
N GLN K 126 0.43 2.87 -65.31
CA GLN K 126 0.02 3.37 -66.63
C GLN K 126 -0.67 2.29 -67.45
N ARG K 127 -0.14 1.05 -67.40
CA ARG K 127 -0.74 -0.02 -68.18
C ARG K 127 -2.16 -0.31 -67.72
N GLN K 128 -2.41 -0.26 -66.41
CA GLN K 128 -3.75 -0.53 -65.89
C GLN K 128 -4.76 0.47 -66.45
N ASN K 129 -4.37 1.74 -66.54
CA ASN K 129 -5.28 2.79 -67.01
C ASN K 129 -5.37 2.85 -68.52
N GLY K 130 -4.65 2.00 -69.25
CA GLY K 130 -4.72 1.96 -70.68
C GLY K 130 -3.89 3.01 -71.40
N LYS K 131 -3.16 3.84 -70.67
CA LYS K 131 -2.32 4.87 -71.28
C LYS K 131 -1.11 4.25 -71.97
N LYS L 1 41.78 36.07 -5.99
CA LYS L 1 41.65 34.74 -5.41
C LYS L 1 40.54 33.96 -6.10
N TYR L 2 40.52 32.63 -5.93
CA TYR L 2 39.47 31.83 -6.54
C TYR L 2 38.10 32.15 -5.97
N GLY L 3 38.03 32.77 -4.80
CA GLY L 3 36.77 33.23 -4.29
C GLY L 3 36.36 34.52 -4.97
N ASP L 4 35.81 35.45 -4.21
CA ASP L 4 35.47 36.79 -4.68
C ASP L 4 34.28 36.77 -5.64
N GLN L 5 33.83 35.57 -6.01
CA GLN L 5 32.52 35.41 -6.62
C GLN L 5 31.45 35.12 -5.59
N ARG L 6 31.86 34.75 -4.38
CA ARG L 6 30.92 34.54 -3.28
C ARG L 6 30.28 35.86 -2.83
N LYS L 7 30.85 36.99 -3.23
CA LYS L 7 30.18 38.27 -2.98
C LYS L 7 28.86 38.34 -3.73
N PHE L 8 28.81 37.75 -4.93
CA PHE L 8 27.56 37.64 -5.66
C PHE L 8 26.65 36.60 -5.03
N ALA L 9 27.22 35.47 -4.59
CA ALA L 9 26.42 34.38 -4.05
C ALA L 9 25.70 34.81 -2.77
N ALA L 10 26.40 35.51 -1.88
CA ALA L 10 25.84 35.88 -0.58
C ALA L 10 24.62 36.77 -0.72
N VAL L 11 24.42 37.39 -1.87
CA VAL L 11 23.21 38.15 -2.15
C VAL L 11 22.22 37.34 -2.97
N LEU L 12 22.69 36.64 -4.01
CA LEU L 12 21.78 36.00 -4.94
C LEU L 12 21.11 34.76 -4.33
N VAL L 13 21.90 33.89 -3.68
CA VAL L 13 21.34 32.66 -3.13
C VAL L 13 20.26 32.96 -2.09
N PRO L 14 20.51 33.77 -1.05
CA PRO L 14 19.41 34.13 -0.15
C PRO L 14 18.25 34.78 -0.87
N LEU L 15 18.52 35.70 -1.78
CA LEU L 15 17.45 36.36 -2.53
C LEU L 15 16.62 35.33 -3.28
N THR L 16 17.16 34.72 -4.32
CA THR L 16 16.35 33.84 -5.16
C THR L 16 15.89 32.54 -4.59
N THR L 17 16.38 32.12 -3.43
CA THR L 17 15.88 30.91 -2.83
C THR L 17 15.17 31.14 -1.52
N LEU L 18 14.96 32.39 -1.12
CA LEU L 18 14.18 32.69 0.09
C LEU L 18 13.24 33.86 -0.15
N VAL L 19 13.73 35.01 -0.59
CA VAL L 19 12.91 36.20 -0.75
C VAL L 19 11.97 36.04 -1.94
N PHE L 20 12.52 35.66 -3.10
CA PHE L 20 11.66 35.41 -4.25
C PHE L 20 10.67 34.28 -4.03
N PRO L 21 11.05 33.13 -3.48
CA PRO L 21 10.03 32.09 -3.25
C PRO L 21 8.95 32.50 -2.26
N ALA L 22 9.30 33.22 -1.20
CA ALA L 22 8.29 33.65 -0.24
C ALA L 22 7.35 34.69 -0.86
N VAL L 23 7.91 35.64 -1.60
CA VAL L 23 7.08 36.63 -2.29
C VAL L 23 6.19 35.94 -3.31
N ALA L 24 6.71 34.94 -4.00
CA ALA L 24 5.93 34.21 -4.99
C ALA L 24 4.78 33.45 -4.33
N MET L 25 5.04 32.80 -3.20
CA MET L 25 3.97 32.08 -2.51
C MET L 25 2.91 33.04 -1.98
N GLY L 26 3.32 34.17 -1.40
CA GLY L 26 2.36 35.14 -0.94
C GLY L 26 1.53 35.72 -2.08
N MET L 27 2.19 36.06 -3.19
CA MET L 27 1.48 36.56 -4.35
C MET L 27 0.53 35.50 -4.93
N PHE L 28 0.93 34.22 -4.88
CA PHE L 28 0.06 33.17 -5.39
C PHE L 28 -1.18 33.00 -4.52
N VAL L 29 -1.00 33.02 -3.20
CA VAL L 29 -2.18 32.88 -2.34
C VAL L 29 -3.06 34.13 -2.44
N LEU L 30 -2.48 35.31 -2.67
CA LEU L 30 -3.28 36.49 -2.95
C LEU L 30 -4.05 36.34 -4.26
N TYR L 31 -3.38 35.85 -5.30
CA TYR L 31 -4.01 35.66 -6.61
C TYR L 31 -5.13 34.63 -6.54
N SER L 32 -5.00 33.66 -5.62
CA SER L 32 -6.02 32.63 -5.48
C SER L 32 -7.38 33.20 -5.09
N PHE L 33 -7.42 34.39 -4.49
CA PHE L 33 -8.66 34.99 -4.05
C PHE L 33 -9.20 36.05 -5.00
N GLN L 34 -8.57 36.23 -6.16
CA GLN L 34 -9.12 37.09 -7.19
C GLN L 34 -10.28 36.38 -7.88
N GLU L 35 -11.22 37.18 -8.39
CA GLU L 35 -12.32 36.62 -9.17
C GLU L 35 -11.85 36.07 -10.50
N ASP L 36 -10.64 36.46 -10.94
CA ASP L 36 -10.05 36.00 -12.18
C ASP L 36 -9.17 34.78 -12.00
N ALA L 37 -9.07 34.24 -10.79
CA ALA L 37 -8.11 33.20 -10.49
C ALA L 37 -8.37 31.95 -11.33
N PHE L 38 -7.32 31.51 -12.04
CA PHE L 38 -7.36 30.29 -12.85
C PHE L 38 -8.55 30.29 -13.81
N TRP L 39 -8.76 31.43 -14.46
CA TRP L 39 -9.94 31.62 -15.30
C TRP L 39 -9.96 30.72 -16.53
N ARG L 40 -8.84 30.07 -16.87
CA ARG L 40 -8.80 29.20 -18.04
C ARG L 40 -9.15 27.75 -17.73
N ILE L 41 -9.16 27.35 -16.46
CA ILE L 41 -9.43 25.95 -16.12
C ILE L 41 -10.60 25.87 -15.14
N VAL L 42 -10.81 26.93 -14.36
CA VAL L 42 -11.89 26.98 -13.38
C VAL L 42 -13.15 27.48 -14.08
N PRO L 43 -14.25 26.73 -14.04
CA PRO L 43 -15.47 27.19 -14.70
C PRO L 43 -16.09 28.39 -14.00
N GLY L 44 -16.90 29.12 -14.75
CA GLY L 44 -17.67 30.22 -14.21
C GLY L 44 -16.87 31.43 -13.76
N THR L 45 -15.85 31.81 -14.51
CA THR L 45 -15.11 33.04 -14.26
C THR L 45 -15.57 34.12 -15.24
N LYS L 46 -15.49 35.37 -14.78
CA LYS L 46 -15.97 36.49 -15.58
C LYS L 46 -15.19 36.62 -16.89
N ARG L 47 -13.86 36.50 -16.80
CA ARG L 47 -13.02 36.67 -17.97
C ARG L 47 -13.31 35.61 -19.03
N ALA L 48 -13.69 34.39 -18.61
CA ALA L 48 -14.05 33.36 -19.58
C ALA L 48 -15.28 33.78 -20.39
N ARG L 49 -16.28 34.34 -19.71
CA ARG L 49 -17.47 34.83 -20.41
C ARG L 49 -17.10 35.94 -21.38
N GLU L 50 -16.27 36.88 -20.92
CA GLU L 50 -15.91 38.00 -21.80
C GLU L 50 -15.14 37.51 -23.01
N LEU L 51 -14.24 36.54 -22.82
CA LEU L 51 -13.47 36.00 -23.94
C LEU L 51 -14.37 35.27 -24.93
N ASP L 52 -15.31 34.46 -24.42
CA ASP L 52 -16.23 33.76 -25.32
C ASP L 52 -17.08 34.74 -26.12
N GLU L 53 -17.59 35.79 -25.46
CA GLU L 53 -18.39 36.77 -26.18
C GLU L 53 -17.54 37.55 -27.18
N ALA L 54 -16.28 37.85 -26.83
CA ALA L 54 -15.40 38.52 -27.77
C ALA L 54 -15.15 37.67 -29.00
N TRP L 55 -14.97 36.36 -28.81
CA TRP L 55 -14.85 35.47 -29.96
C TRP L 55 -16.12 35.48 -30.79
N ARG L 56 -17.29 35.46 -30.13
CA ARG L 56 -18.54 35.44 -30.88
C ARG L 56 -18.78 36.74 -31.64
N GLU L 57 -18.18 37.84 -31.18
CA GLU L 57 -18.36 39.12 -31.88
C GLU L 57 -17.56 39.19 -33.17
N HIS L 58 -16.53 38.37 -33.32
CA HIS L 58 -15.75 38.37 -34.55
C HIS L 58 -16.61 37.86 -35.70
N PRO L 59 -16.61 38.52 -36.85
CA PRO L 59 -17.49 38.08 -37.95
C PRO L 59 -17.21 36.67 -38.43
N LEU L 60 -15.96 36.19 -38.33
CA LEU L 60 -15.66 34.83 -38.76
C LEU L 60 -16.20 33.79 -37.78
N PHE L 61 -16.15 34.08 -36.49
CA PHE L 61 -16.47 33.11 -35.45
C PHE L 61 -17.86 33.31 -34.85
N ALA L 62 -18.76 33.96 -35.59
CA ALA L 62 -20.12 34.15 -35.09
C ALA L 62 -20.81 32.80 -34.90
N ASN L 63 -21.02 32.07 -35.99
CA ASN L 63 -21.62 30.73 -35.94
C ASN L 63 -20.54 29.66 -35.97
N SER L 64 -19.63 29.73 -35.01
CA SER L 64 -18.55 28.74 -34.92
C SER L 64 -18.89 27.58 -33.98
N LYS L 65 -19.65 27.85 -32.92
CA LYS L 65 -19.99 26.81 -31.96
C LYS L 65 -21.11 25.90 -32.45
N ASP L 66 -21.85 26.30 -33.48
CA ASP L 66 -22.97 25.50 -33.96
C ASP L 66 -22.44 24.23 -34.63
N PRO L 67 -22.80 23.04 -34.13
CA PRO L 67 -22.34 21.80 -34.79
C PRO L 67 -22.86 21.65 -36.20
N LEU L 68 -23.96 22.31 -36.55
CA LEU L 68 -24.55 22.22 -37.88
C LEU L 68 -24.06 23.31 -38.83
N ASP L 69 -23.11 24.15 -38.40
CA ASP L 69 -22.59 25.19 -39.26
C ASP L 69 -21.91 24.58 -40.48
N GLY L 70 -22.14 25.18 -41.63
CA GLY L 70 -21.52 24.71 -42.86
C GLY L 70 -22.48 24.67 -44.04
N LEU L 71 -23.76 24.38 -43.76
CA LEU L 71 -24.75 24.30 -44.82
C LEU L 71 -24.83 25.63 -45.56
N ILE L 72 -24.33 25.66 -46.80
CA ILE L 72 -24.30 26.90 -47.56
C ILE L 72 -25.71 27.42 -47.81
N ASN L 73 -26.62 26.53 -48.19
CA ASN L 73 -28.02 26.87 -48.48
C ASN L 73 -28.90 25.94 -47.65
N PRO L 74 -29.10 26.25 -46.37
CA PRO L 74 -29.91 25.37 -45.52
C PRO L 74 -31.33 25.19 -46.02
N ASP L 75 -31.88 26.17 -46.74
CA ASP L 75 -33.22 26.02 -47.30
C ASP L 75 -33.25 24.89 -48.33
N ASP L 76 -32.23 24.83 -49.20
CA ASP L 76 -32.15 23.74 -50.17
C ASP L 76 -32.03 22.39 -49.47
N TYR L 77 -31.20 22.31 -48.44
CA TYR L 77 -31.05 21.06 -47.70
C TYR L 77 -32.37 20.64 -47.07
N GLU L 78 -33.08 21.58 -46.45
CA GLU L 78 -34.34 21.25 -45.80
C GLU L 78 -35.39 20.83 -46.83
N LYS L 79 -35.44 21.51 -47.98
CA LYS L 79 -36.40 21.15 -49.01
C LYS L 79 -36.11 19.75 -49.56
N GLY L 80 -34.84 19.45 -49.82
CA GLY L 80 -34.49 18.11 -50.29
C GLY L 80 -34.82 17.04 -49.27
N LEU L 81 -34.55 17.32 -47.99
CA LEU L 81 -34.88 16.35 -46.94
C LEU L 81 -36.39 16.14 -46.86
N GLU L 82 -37.17 17.22 -46.96
CA GLU L 82 -38.62 17.08 -46.91
C GLU L 82 -39.14 16.29 -48.11
N GLU L 83 -38.59 16.55 -49.29
CA GLU L 83 -39.00 15.79 -50.48
C GLU L 83 -38.67 14.31 -50.32
N ALA L 84 -37.47 14.00 -49.81
CA ALA L 84 -37.08 12.61 -49.63
C ALA L 84 -37.92 11.92 -48.56
N TRP L 85 -38.34 12.66 -47.53
CA TRP L 85 -39.18 12.07 -46.50
C TRP L 85 -40.62 11.88 -46.99
N GLU L 86 -41.07 12.73 -47.91
CA GLU L 86 -42.44 12.59 -48.42
C GLU L 86 -42.62 11.26 -49.16
N ARG L 87 -41.64 10.88 -49.98
CA ARG L 87 -41.73 9.63 -50.72
C ARG L 87 -41.57 8.40 -49.82
N ALA L 88 -41.06 8.58 -48.61
CA ALA L 88 -40.85 7.46 -47.68
C ALA L 88 -41.73 7.56 -46.44
N LYS L 89 -42.61 8.56 -46.38
CA LYS L 89 -43.47 8.72 -45.21
C LYS L 89 -44.38 7.50 -45.07
N PRO L 90 -44.45 6.87 -43.90
CA PRO L 90 -45.19 5.61 -43.75
C PRO L 90 -46.69 5.84 -43.68
N ALA L 91 -47.38 5.46 -44.75
CA ALA L 91 -48.86 5.44 -44.83
C ALA L 91 -49.38 6.84 -44.48
N GLY L 92 -50.36 6.97 -43.59
CA GLY L 92 -50.89 8.26 -43.24
C GLY L 92 -50.20 8.89 -42.04
N SER L 93 -48.87 8.88 -42.06
CA SER L 93 -48.10 9.48 -40.98
C SER L 93 -48.30 11.00 -40.97
N THR L 94 -48.39 11.56 -39.77
CA THR L 94 -48.69 12.98 -39.59
C THR L 94 -47.47 13.80 -39.17
N VAL L 95 -46.28 13.23 -39.21
CA VAL L 95 -45.07 13.94 -38.81
C VAL L 95 -44.45 14.58 -40.05
N THR L 96 -44.16 15.88 -39.95
CA THR L 96 -43.44 16.60 -40.99
C THR L 96 -41.96 16.65 -40.66
N VAL L 97 -41.16 17.05 -41.63
CA VAL L 97 -39.72 17.17 -41.40
C VAL L 97 -39.42 18.34 -40.48
N LYS L 98 -40.12 19.46 -40.65
CA LYS L 98 -39.80 20.67 -39.91
C LYS L 98 -39.96 20.47 -38.41
N ASP L 99 -41.13 19.99 -37.97
CA ASP L 99 -41.35 19.82 -36.54
C ASP L 99 -40.56 18.63 -36.00
N LYS L 100 -40.30 17.63 -36.84
CA LYS L 100 -39.46 16.52 -36.41
C LYS L 100 -38.05 16.99 -36.08
N LEU L 101 -37.45 17.80 -36.95
CA LEU L 101 -36.14 18.37 -36.66
C LEU L 101 -36.20 19.33 -35.47
N LYS L 102 -37.29 20.10 -35.37
CA LYS L 102 -37.42 21.04 -34.26
C LYS L 102 -37.46 20.31 -32.92
N GLN L 103 -38.17 19.19 -32.85
CA GLN L 103 -38.24 18.43 -31.60
C GLN L 103 -37.03 17.52 -31.39
N LEU L 104 -36.28 17.22 -32.45
CA LEU L 104 -35.04 16.49 -32.29
C LEU L 104 -33.89 17.40 -31.89
N SER L 105 -34.03 18.71 -32.10
CA SER L 105 -33.02 19.65 -31.63
C SER L 105 -33.24 20.02 -30.16
N LYS L 106 -34.50 20.08 -29.73
CA LYS L 106 -34.84 20.48 -28.37
C LYS L 106 -34.79 19.25 -27.46
N GLN L 107 -33.72 19.16 -26.66
CA GLN L 107 -33.62 18.17 -25.60
C GLN L 107 -33.84 18.85 -24.25
N ASN L 108 -33.85 18.04 -23.19
CA ASN L 108 -34.15 18.52 -21.83
C ASN L 108 -32.96 18.17 -20.94
N ASN L 109 -31.97 19.06 -20.89
CA ASN L 109 -30.80 18.90 -20.02
C ASN L 109 -30.56 20.21 -19.25
N PRO L 110 -31.40 20.50 -18.26
CA PRO L 110 -31.23 21.74 -17.51
C PRO L 110 -29.88 21.87 -16.83
N HIS L 111 -29.30 20.76 -16.37
CA HIS L 111 -28.04 20.79 -15.65
C HIS L 111 -26.85 20.59 -16.59
N TRP L 112 -26.77 21.39 -17.66
CA TRP L 112 -25.62 21.39 -18.54
C TRP L 112 -25.05 22.80 -18.59
N GLU L 113 -23.79 22.94 -18.15
CA GLU L 113 -23.10 24.23 -18.10
C GLU L 113 -23.94 25.25 -17.33
N SER L 114 -24.57 24.80 -16.25
CA SER L 114 -25.29 25.72 -15.38
C SER L 114 -24.37 26.65 -14.62
N TRP L 115 -23.06 26.39 -14.65
CA TRP L 115 -22.07 27.28 -14.06
C TRP L 115 -21.93 28.60 -14.80
N ARG L 116 -22.71 28.83 -15.84
CA ARG L 116 -22.73 30.12 -16.52
C ARG L 116 -23.82 31.02 -15.93
N ALA L 117 -23.82 31.13 -14.60
CA ALA L 117 -24.82 31.95 -13.92
C ALA L 117 -24.28 32.78 -12.77
N MET L 118 -23.00 32.66 -12.40
CA MET L 118 -22.44 33.43 -11.29
C MET L 118 -21.62 34.63 -11.75
N SER L 119 -20.66 34.41 -12.63
CA SER L 119 -19.72 35.44 -13.04
C SER L 119 -20.35 36.53 -13.91
N ALA M 1 -36.62 -44.88 9.09
CA ALA M 1 -35.62 -45.84 8.62
C ALA M 1 -34.82 -46.41 9.79
N GLU M 2 -34.02 -45.55 10.42
CA GLU M 2 -33.25 -45.93 11.60
C GLU M 2 -34.10 -45.96 12.86
N THR M 3 -35.33 -45.45 12.81
CA THR M 3 -36.25 -45.49 13.93
C THR M 3 -37.50 -46.27 13.55
N GLU M 4 -37.31 -47.43 12.92
CA GLU M 4 -38.43 -48.24 12.49
C GLU M 4 -39.34 -48.63 13.66
N GLU M 5 -38.78 -48.73 14.85
CA GLU M 5 -39.55 -49.06 16.06
C GLU M 5 -39.10 -48.12 17.18
N GLY M 6 -39.82 -47.01 17.33
CA GLY M 6 -39.52 -46.08 18.40
C GLY M 6 -40.73 -45.62 19.17
N LEU M 7 -41.92 -45.91 18.64
CA LEU M 7 -43.18 -45.38 19.16
C LEU M 7 -43.09 -43.86 19.30
N ILE M 8 -42.58 -43.23 18.25
CA ILE M 8 -42.35 -41.78 18.27
C ILE M 8 -43.69 -41.06 18.36
N ILE M 9 -43.78 -40.12 19.29
CA ILE M 9 -45.01 -39.39 19.55
C ILE M 9 -44.71 -37.89 19.56
N LYS M 10 -45.76 -37.11 19.35
CA LYS M 10 -45.73 -35.66 19.26
C LYS M 10 -45.89 -35.04 20.64
N PRO M 11 -45.34 -33.82 20.84
CA PRO M 11 -45.52 -33.10 22.10
C PRO M 11 -46.94 -33.08 22.65
N GLU M 12 -47.94 -33.04 21.77
CA GLU M 12 -49.33 -32.95 22.22
C GLU M 12 -49.76 -34.14 23.05
N GLU M 13 -49.09 -35.29 22.91
CA GLU M 13 -49.43 -36.50 23.64
C GLU M 13 -48.26 -36.97 24.48
N ALA M 14 -47.61 -36.02 25.18
CA ALA M 14 -46.44 -36.36 25.99
C ALA M 14 -46.81 -37.33 27.11
N GLY M 15 -47.91 -37.07 27.81
CA GLY M 15 -48.37 -37.92 28.88
C GLY M 15 -49.55 -38.81 28.53
N LYS M 16 -49.92 -38.91 27.26
CA LYS M 16 -51.08 -39.70 26.84
C LYS M 16 -50.69 -41.06 26.29
N ILE M 17 -49.71 -41.10 25.39
CA ILE M 17 -49.25 -42.37 24.81
C ILE M 17 -48.34 -43.06 25.82
N THR M 18 -48.57 -44.35 26.04
CA THR M 18 -47.76 -45.15 26.95
C THR M 18 -47.29 -46.47 26.38
N SER M 19 -47.92 -46.99 25.32
CA SER M 19 -47.44 -48.19 24.65
C SER M 19 -45.96 -48.05 24.32
N ARG M 20 -45.14 -48.94 24.87
CA ARG M 20 -43.71 -48.66 24.95
C ARG M 20 -43.00 -48.86 23.62
N ASP M 21 -42.91 -50.10 23.15
CA ASP M 21 -42.10 -50.42 21.98
C ASP M 21 -42.14 -51.92 21.66
N LYS M 22 -41.49 -52.32 20.55
CA LYS M 22 -41.13 -53.73 20.42
C LYS M 22 -40.09 -54.12 21.46
N ASN M 23 -39.21 -53.19 21.82
CA ASN M 23 -38.43 -53.25 23.04
C ASN M 23 -39.33 -52.76 24.18
N ASN M 24 -38.75 -52.49 25.35
CA ASN M 24 -39.51 -51.90 26.44
C ASN M 24 -39.18 -50.43 26.64
N ASN M 25 -38.57 -49.79 25.64
CA ASN M 25 -38.27 -48.37 25.73
C ASN M 25 -39.56 -47.55 25.71
N PRO M 26 -39.70 -46.56 26.58
CA PRO M 26 -40.90 -45.71 26.57
C PRO M 26 -40.93 -44.86 25.32
N PRO M 27 -42.10 -44.33 24.95
CA PRO M 27 -42.18 -43.52 23.72
C PRO M 27 -41.30 -42.28 23.80
N ARG M 28 -40.78 -41.89 22.65
CA ARG M 28 -39.88 -40.74 22.54
C ARG M 28 -40.61 -39.56 21.91
N ILE M 29 -40.41 -38.38 22.48
CA ILE M 29 -41.00 -37.15 21.97
C ILE M 29 -40.13 -36.63 20.83
N VAL M 30 -40.75 -36.35 19.69
CA VAL M 30 -40.04 -35.77 18.54
C VAL M 30 -40.35 -34.28 18.51
N VAL M 31 -39.30 -33.47 18.55
CA VAL M 31 -39.42 -32.01 18.48
C VAL M 31 -38.90 -31.58 17.13
N LYS M 32 -39.74 -30.90 16.35
CA LYS M 32 -39.39 -30.47 15.00
C LYS M 32 -38.68 -29.13 15.10
N THR M 33 -37.36 -29.18 15.24
CA THR M 33 -36.59 -27.95 15.24
C THR M 33 -36.47 -27.43 13.83
N ASN M 34 -36.18 -26.17 13.67
CA ASN M 34 -36.07 -25.58 12.33
C ASN M 34 -34.67 -25.66 11.75
N ASP M 35 -33.69 -26.10 12.52
CA ASP M 35 -32.33 -26.27 12.01
C ASP M 35 -32.32 -27.36 10.95
N TRP M 36 -31.63 -27.11 9.83
CA TRP M 36 -31.53 -28.13 8.80
C TRP M 36 -30.56 -29.23 9.19
N ASP M 37 -29.52 -28.90 9.97
CA ASP M 37 -28.58 -29.92 10.40
C ASP M 37 -29.16 -30.81 11.50
N ILE M 38 -30.09 -30.28 12.28
CA ILE M 38 -30.82 -31.07 13.27
C ILE M 38 -32.31 -30.83 13.07
N PRO M 39 -32.91 -31.38 12.02
CA PRO M 39 -34.34 -31.11 11.78
C PRO M 39 -35.25 -31.61 12.89
N GLU M 40 -34.91 -32.71 13.55
CA GLU M 40 -35.77 -33.28 14.58
C GLU M 40 -34.90 -33.75 15.75
N TYR M 41 -35.15 -33.18 16.92
CA TYR M 41 -34.49 -33.61 18.16
C TYR M 41 -35.47 -34.49 18.93
N GLN M 42 -35.05 -35.71 19.23
CA GLN M 42 -35.90 -36.67 19.92
C GLN M 42 -35.60 -36.66 21.41
N LEU M 43 -36.65 -36.57 22.22
CA LEU M 43 -36.53 -36.54 23.67
C LEU M 43 -37.12 -37.81 24.26
N SER M 44 -36.49 -38.31 25.32
CA SER M 44 -36.93 -39.56 25.94
C SER M 44 -37.94 -39.29 27.05
N THR M 45 -38.65 -40.35 27.43
CA THR M 45 -39.61 -40.31 28.52
C THR M 45 -39.15 -41.13 29.72
N GLY M 46 -38.10 -41.91 29.58
CA GLY M 46 -37.57 -42.67 30.70
C GLY M 46 -36.30 -43.38 30.31
N ALA M 47 -35.86 -44.28 31.18
CA ALA M 47 -34.68 -45.09 30.87
C ALA M 47 -34.96 -45.97 29.67
N SER M 48 -33.96 -46.11 28.79
CA SER M 48 -34.14 -46.86 27.56
C SER M 48 -32.77 -47.26 27.02
N ASN M 49 -32.70 -48.46 26.43
CA ASN M 49 -31.51 -48.89 25.71
C ASN M 49 -31.67 -48.64 24.21
N GLN M 50 -31.78 -47.36 23.87
CA GLN M 50 -31.99 -46.97 22.48
C GLN M 50 -30.66 -46.96 21.72
N VAL M 51 -30.67 -47.52 20.52
CA VAL M 51 -29.49 -47.59 19.68
C VAL M 51 -29.41 -46.29 18.89
N SER M 52 -28.58 -45.36 19.36
CA SER M 52 -28.34 -44.09 18.69
C SER M 52 -26.87 -44.09 18.25
N TYR M 53 -26.65 -44.34 16.96
CA TYR M 53 -25.29 -44.37 16.43
C TYR M 53 -24.67 -42.99 16.47
N ILE M 54 -23.40 -42.92 16.89
CA ILE M 54 -22.64 -41.68 16.82
C ILE M 54 -21.83 -41.57 15.54
N THR M 55 -21.72 -42.65 14.77
CA THR M 55 -21.02 -42.61 13.51
C THR M 55 -21.82 -41.82 12.48
N PRO M 56 -21.16 -41.18 11.53
CA PRO M 56 -21.86 -40.45 10.47
C PRO M 56 -22.45 -41.42 9.45
N VAL M 57 -23.19 -40.86 8.50
CA VAL M 57 -23.73 -41.63 7.38
C VAL M 57 -23.02 -41.14 6.12
N VAL M 58 -22.02 -41.90 5.68
CA VAL M 58 -21.32 -41.63 4.43
C VAL M 58 -21.61 -42.79 3.48
N GLU M 59 -21.42 -42.54 2.20
CA GLU M 59 -21.56 -43.58 1.19
C GLU M 59 -20.47 -43.41 0.14
N SER M 60 -20.20 -44.49 -0.58
CA SER M 60 -19.14 -44.47 -1.58
C SER M 60 -19.45 -43.45 -2.68
N GLU M 61 -20.73 -43.33 -3.04
CA GLU M 61 -21.10 -42.48 -4.18
C GLU M 61 -20.75 -41.02 -3.93
N ASP M 62 -21.18 -40.46 -2.80
CA ASP M 62 -20.91 -39.05 -2.58
C ASP M 62 -19.49 -38.79 -2.08
N ILE M 63 -18.82 -39.78 -1.50
CA ILE M 63 -17.39 -39.64 -1.23
C ILE M 63 -16.62 -39.53 -2.55
N LYS M 64 -16.97 -40.36 -3.53
CA LYS M 64 -16.37 -40.26 -4.86
C LYS M 64 -16.75 -38.94 -5.53
N ALA M 65 -17.98 -38.47 -5.30
CA ALA M 65 -18.38 -37.17 -5.82
C ALA M 65 -17.54 -36.06 -5.22
N TRP M 66 -17.25 -36.13 -3.93
CA TRP M 66 -16.36 -35.15 -3.30
C TRP M 66 -14.95 -35.25 -3.87
N LEU M 67 -14.46 -36.46 -4.07
CA LEU M 67 -13.15 -36.63 -4.69
C LEU M 67 -13.17 -36.23 -6.16
N SER M 68 -14.35 -36.17 -6.78
CA SER M 68 -14.49 -35.67 -8.14
C SER M 68 -14.60 -34.16 -8.20
N LEU M 69 -14.64 -33.47 -7.06
CA LEU M 69 -14.61 -32.03 -7.04
C LEU M 69 -13.29 -31.54 -7.62
N ASN M 70 -13.34 -30.39 -8.30
CA ASN M 70 -12.19 -29.93 -9.07
C ASN M 70 -10.96 -29.74 -8.20
N VAL M 71 -11.15 -29.36 -6.93
CA VAL M 71 -10.02 -29.20 -6.03
C VAL M 71 -9.31 -30.53 -5.80
N ASN M 72 -10.08 -31.56 -5.45
CA ASN M 72 -9.49 -32.86 -5.19
C ASN M 72 -8.85 -33.44 -6.43
N PHE M 73 -9.51 -33.31 -7.58
CA PHE M 73 -8.95 -33.81 -8.83
C PHE M 73 -7.63 -33.12 -9.17
N PHE M 74 -7.64 -31.79 -9.18
CA PHE M 74 -6.47 -31.01 -9.56
C PHE M 74 -5.43 -30.93 -8.46
N SER M 75 -5.73 -31.42 -7.26
CA SER M 75 -4.73 -31.59 -6.22
C SER M 75 -4.09 -32.96 -6.27
N ILE M 76 -4.88 -34.00 -6.55
CA ILE M 76 -4.30 -35.33 -6.72
C ILE M 76 -3.38 -35.36 -7.94
N ILE M 77 -3.81 -34.76 -9.06
CA ILE M 77 -2.97 -34.80 -10.25
C ILE M 77 -1.68 -34.01 -10.02
N ILE M 78 -1.76 -32.84 -9.40
CA ILE M 78 -0.56 -32.04 -9.19
C ILE M 78 0.34 -32.67 -8.14
N LEU M 79 -0.25 -33.31 -7.11
CA LEU M 79 0.56 -34.02 -6.13
C LEU M 79 1.32 -35.17 -6.77
N PHE M 80 0.64 -35.93 -7.63
CA PHE M 80 1.31 -37.02 -8.33
C PHE M 80 2.40 -36.49 -9.25
N THR M 81 2.15 -35.36 -9.92
CA THR M 81 3.15 -34.78 -10.81
C THR M 81 4.39 -34.34 -10.02
N VAL M 82 4.18 -33.65 -8.91
CA VAL M 82 5.30 -33.19 -8.09
C VAL M 82 6.06 -34.38 -7.51
N GLY M 83 5.34 -35.39 -7.04
CA GLY M 83 6.00 -36.59 -6.55
C GLY M 83 6.79 -37.31 -7.62
N GLY M 84 6.26 -37.36 -8.84
CA GLY M 84 6.99 -37.96 -9.93
C GLY M 84 8.26 -37.19 -10.26
N LEU M 85 8.18 -35.87 -10.24
CA LEU M 85 9.39 -35.06 -10.44
C LEU M 85 10.43 -35.33 -9.37
N ILE M 86 9.99 -35.41 -8.11
CA ILE M 86 10.91 -35.67 -7.01
C ILE M 86 11.55 -37.05 -7.14
N GLU M 87 10.73 -38.05 -7.50
CA GLU M 87 11.26 -39.40 -7.67
C GLU M 87 12.25 -39.48 -8.84
N ILE M 88 11.94 -38.79 -9.94
CA ILE M 88 12.87 -38.74 -11.07
C ILE M 88 14.18 -38.09 -10.66
N GLN M 89 14.10 -37.01 -9.87
CA GLN M 89 15.31 -36.35 -9.40
C GLN M 89 16.13 -37.27 -8.50
N ARG M 90 15.45 -38.06 -7.65
CA ARG M 90 16.17 -39.02 -6.81
C ARG M 90 16.84 -40.09 -7.67
N PHE M 91 16.15 -40.58 -8.70
CA PHE M 91 16.66 -41.71 -9.47
C PHE M 91 17.66 -41.29 -10.54
N PHE M 92 17.51 -40.10 -11.11
CA PHE M 92 18.39 -39.61 -12.16
C PHE M 92 18.88 -38.22 -11.79
N PRO M 93 19.68 -38.10 -10.73
CA PRO M 93 20.13 -36.78 -10.28
C PRO M 93 21.16 -36.18 -11.22
N ASP M 94 21.23 -34.85 -11.19
CA ASP M 94 22.22 -34.05 -11.89
C ASP M 94 22.12 -34.17 -13.42
N THR M 95 21.02 -34.74 -13.93
CA THR M 95 20.75 -34.93 -15.36
C THR M 95 22.02 -35.26 -16.15
N LEU M 96 22.72 -36.29 -15.69
CA LEU M 96 23.97 -36.70 -16.32
C LEU M 96 23.77 -37.17 -17.75
N TYR M 97 22.61 -37.77 -18.03
CA TYR M 97 22.32 -38.30 -19.37
C TYR M 97 22.24 -37.21 -20.42
N TRP M 98 21.97 -35.96 -20.03
CA TRP M 98 21.81 -34.88 -20.99
C TRP M 98 23.12 -34.53 -21.68
N LYS N 1 -53.64 -16.69 33.71
CA LYS N 1 -52.24 -16.38 33.46
C LYS N 1 -51.71 -17.26 32.33
N ILE N 2 -50.40 -17.26 32.13
CA ILE N 2 -49.79 -18.06 31.08
C ILE N 2 -49.77 -19.52 31.49
N ALA N 3 -50.09 -20.41 30.53
CA ALA N 3 -50.34 -21.80 30.86
C ALA N 3 -49.08 -22.51 31.33
N TYR N 4 -47.99 -22.39 30.58
CA TYR N 4 -46.81 -23.22 30.85
C TYR N 4 -45.99 -22.74 32.04
N LEU N 5 -46.29 -21.57 32.59
CA LEU N 5 -45.58 -21.06 33.76
C LEU N 5 -46.22 -21.48 35.07
N GLN N 6 -47.26 -22.31 35.03
CA GLN N 6 -47.96 -22.77 36.22
C GLN N 6 -47.58 -24.21 36.52
N ASP N 7 -47.37 -24.50 37.81
CA ASP N 7 -47.14 -25.86 38.29
C ASP N 7 -45.92 -26.50 37.62
N ILE N 8 -44.97 -25.67 37.19
CA ILE N 8 -43.75 -26.21 36.57
C ILE N 8 -42.92 -26.91 37.62
N PRO N 9 -42.49 -28.16 37.39
CA PRO N 9 -41.74 -28.89 38.42
C PRO N 9 -40.46 -28.16 38.78
N ARG N 10 -40.09 -28.25 40.07
CA ARG N 10 -38.83 -27.66 40.51
C ARG N 10 -37.64 -28.32 39.85
N THR N 11 -37.77 -29.61 39.51
CA THR N 11 -36.67 -30.32 38.86
C THR N 11 -36.33 -29.72 37.50
N ILE N 12 -37.34 -29.20 36.78
CA ILE N 12 -37.07 -28.57 35.50
C ILE N 12 -36.34 -27.25 35.69
N VAL N 13 -36.84 -26.40 36.59
CA VAL N 13 -36.14 -25.18 37.00
C VAL N 13 -36.69 -24.78 38.35
N GLU N 14 -35.81 -24.20 39.19
CA GLU N 14 -36.20 -23.83 40.54
C GLU N 14 -37.12 -22.61 40.52
N LYS N 15 -37.80 -22.39 41.64
CA LYS N 15 -38.77 -21.30 41.73
C LYS N 15 -38.09 -19.95 41.63
N ASP N 16 -37.03 -19.73 42.43
CA ASP N 16 -36.33 -18.46 42.42
C ASP N 16 -35.69 -18.20 41.07
N ALA N 17 -35.10 -19.22 40.46
CA ALA N 17 -34.50 -19.06 39.13
C ALA N 17 -35.56 -18.70 38.09
N LEU N 18 -36.73 -19.33 38.16
CA LEU N 18 -37.80 -19.01 37.23
C LEU N 18 -38.29 -17.57 37.41
N GLU N 19 -38.41 -17.13 38.66
CA GLU N 19 -38.82 -15.75 38.91
C GLU N 19 -37.78 -14.78 38.38
N LEU N 20 -36.49 -15.12 38.55
CA LEU N 20 -35.42 -14.27 38.02
C LEU N 20 -35.49 -14.21 36.50
N ILE N 21 -35.76 -15.34 35.85
CA ILE N 21 -35.95 -15.36 34.39
C ILE N 21 -37.08 -14.44 33.99
N LEU N 22 -38.24 -14.59 34.65
CA LEU N 22 -39.40 -13.80 34.29
C LEU N 22 -39.14 -12.31 34.48
N LYS N 23 -38.40 -11.95 35.52
CA LYS N 23 -38.04 -10.55 35.73
C LYS N 23 -37.11 -10.05 34.63
N ASN N 24 -36.07 -10.83 34.31
CA ASN N 24 -35.12 -10.41 33.28
C ASN N 24 -35.79 -10.35 31.91
N THR N 25 -36.59 -11.34 31.57
CA THR N 25 -37.28 -11.35 30.29
C THR N 25 -38.33 -10.25 30.25
N PRO N 26 -38.42 -9.47 29.18
CA PRO N 26 -39.48 -8.47 29.08
C PRO N 26 -40.86 -9.10 29.13
N LYS N 27 -41.82 -8.35 29.65
CA LYS N 27 -43.14 -8.91 29.93
C LYS N 27 -43.82 -9.40 28.66
N GLU N 28 -43.66 -8.68 27.55
CA GLU N 28 -44.36 -9.04 26.32
C GLU N 28 -43.89 -10.37 25.73
N GLN N 29 -42.72 -10.86 26.15
CA GLN N 29 -42.17 -12.09 25.61
C GLN N 29 -42.55 -13.34 26.41
N TRP N 30 -43.29 -13.18 27.51
CA TRP N 30 -43.66 -14.34 28.31
C TRP N 30 -44.57 -15.28 27.55
N GLU N 31 -45.56 -14.72 26.87
CA GLU N 31 -46.57 -15.59 26.20
C GLU N 31 -45.87 -16.47 25.17
N ASN N 32 -45.13 -15.86 24.25
CA ASN N 32 -44.37 -16.64 23.24
C ASN N 32 -42.90 -16.24 23.35
N PRO N 33 -42.10 -16.90 24.21
CA PRO N 33 -40.69 -16.58 24.28
C PRO N 33 -40.20 -16.57 22.83
N PRO N 34 -39.21 -15.73 22.46
CA PRO N 34 -38.69 -15.74 21.11
C PRO N 34 -38.00 -17.10 20.83
N GLU N 35 -36.71 -17.09 20.51
CA GLU N 35 -35.97 -18.35 20.33
C GLU N 35 -34.55 -18.10 20.82
N ASP N 36 -33.89 -19.12 21.37
CA ASP N 36 -32.55 -18.89 21.96
C ASP N 36 -32.69 -18.02 23.22
N SER N 37 -33.86 -18.04 23.86
CA SER N 37 -34.06 -17.31 25.14
C SER N 37 -34.37 -18.35 26.21
N TYR N 38 -33.72 -18.29 27.36
CA TYR N 38 -33.93 -19.36 28.34
C TYR N 38 -35.40 -19.66 28.52
N LEU N 39 -36.24 -18.63 28.44
CA LEU N 39 -37.68 -18.82 28.57
C LEU N 39 -38.23 -19.67 27.43
N TYR N 40 -37.62 -19.59 26.25
CA TYR N 40 -38.07 -20.46 25.15
C TYR N 40 -37.84 -21.92 25.49
N THR N 41 -36.69 -22.25 26.05
CA THR N 41 -36.43 -23.63 26.46
C THR N 41 -37.35 -24.04 27.60
N VAL N 42 -37.60 -23.13 28.55
CA VAL N 42 -38.52 -23.43 29.65
C VAL N 42 -39.91 -23.76 29.11
N LYS N 43 -40.38 -23.00 28.11
CA LYS N 43 -41.68 -23.29 27.52
C LYS N 43 -41.64 -24.61 26.74
N ALA N 44 -40.60 -24.83 25.95
CA ALA N 44 -40.53 -26.01 25.11
C ALA N 44 -40.38 -27.29 25.92
N PHE N 45 -39.96 -27.19 27.19
CA PHE N 45 -39.85 -28.37 28.03
C PHE N 45 -40.98 -28.50 29.05
N ALA N 46 -41.40 -27.40 29.69
CA ALA N 46 -42.50 -27.46 30.64
C ALA N 46 -43.81 -27.88 30.00
N GLU N 47 -43.94 -27.71 28.68
CA GLU N 47 -45.10 -28.20 27.96
C GLU N 47 -44.97 -29.67 27.59
N MET N 48 -43.82 -30.29 27.87
CA MET N 48 -43.62 -31.72 27.66
C MET N 48 -43.51 -32.50 28.96
N TYR N 49 -42.87 -31.92 29.98
CA TYR N 49 -42.66 -32.59 31.25
C TYR N 49 -43.37 -31.81 32.35
N GLY N 50 -44.14 -32.53 33.17
CA GLY N 50 -44.90 -31.92 34.23
C GLY N 50 -45.81 -32.92 34.93
N PRO N 51 -46.74 -32.41 35.74
CA PRO N 51 -47.64 -33.33 36.48
C PRO N 51 -48.52 -34.17 35.57
N GLY N 52 -49.21 -33.55 34.63
CA GLY N 52 -50.08 -34.27 33.72
C GLY N 52 -49.41 -34.83 32.48
N LYS N 53 -48.09 -34.71 32.39
CA LYS N 53 -47.34 -35.10 31.20
C LYS N 53 -46.23 -36.07 31.57
N ALA N 54 -45.30 -36.30 30.65
CA ALA N 54 -44.16 -37.16 30.91
C ALA N 54 -43.42 -36.74 32.18
N THR N 55 -43.45 -37.60 33.19
CA THR N 55 -42.88 -37.29 34.49
C THR N 55 -41.45 -37.79 34.66
N LYS N 56 -40.89 -38.43 33.64
CA LYS N 56 -39.55 -38.98 33.72
C LYS N 56 -38.77 -38.62 32.47
N MET N 57 -37.45 -38.60 32.60
CA MET N 57 -36.55 -38.32 31.49
C MET N 57 -35.36 -39.27 31.58
N GLY N 58 -34.76 -39.53 30.43
CA GLY N 58 -33.47 -40.20 30.43
C GLY N 58 -32.41 -39.34 31.10
N TRP N 59 -31.42 -40.00 31.70
CA TRP N 59 -30.41 -39.27 32.46
C TRP N 59 -29.67 -38.27 31.58
N TRP N 60 -29.38 -38.64 30.34
CA TRP N 60 -28.65 -37.74 29.45
C TRP N 60 -29.52 -36.59 28.99
N ASP N 61 -30.80 -36.85 28.73
CA ASP N 61 -31.71 -35.76 28.36
C ASP N 61 -31.86 -34.78 29.50
N TYR N 62 -32.01 -35.26 30.73
CA TYR N 62 -32.08 -34.36 31.88
C TYR N 62 -30.77 -33.62 32.08
N TYR N 63 -29.65 -34.29 31.85
CA TYR N 63 -28.35 -33.63 31.97
C TYR N 63 -28.22 -32.49 30.97
N ARG N 64 -28.66 -32.72 29.73
CA ARG N 64 -28.59 -31.67 28.72
C ARG N 64 -29.57 -30.54 29.05
N LEU N 65 -30.75 -30.88 29.57
CA LEU N 65 -31.70 -29.85 29.99
C LEU N 65 -31.12 -28.98 31.08
N LYS N 66 -30.45 -29.60 32.06
CA LYS N 66 -29.87 -28.83 33.17
C LYS N 66 -28.74 -27.91 32.70
N MET N 67 -28.17 -28.16 31.52
CA MET N 67 -27.17 -27.28 30.96
C MET N 67 -27.74 -26.32 29.92
N ASP N 68 -29.05 -26.33 29.72
CA ASP N 68 -29.72 -25.33 28.91
C ASP N 68 -30.43 -24.28 29.74
N MET N 69 -30.81 -24.62 30.96
CA MET N 69 -31.43 -23.68 31.87
C MET N 69 -30.39 -22.77 32.51
N PRO N 70 -30.78 -21.59 32.96
CA PRO N 70 -29.86 -20.74 33.70
C PRO N 70 -29.45 -21.38 35.01
N ASP N 71 -28.23 -21.09 35.44
CA ASP N 71 -27.68 -21.60 36.68
C ASP N 71 -27.80 -20.59 37.82
N THR N 72 -28.83 -19.75 37.79
CA THR N 72 -29.24 -18.88 38.90
C THR N 72 -28.23 -17.78 39.20
N THR N 73 -27.09 -17.80 38.52
CA THR N 73 -26.06 -16.79 38.72
C THR N 73 -25.76 -15.96 37.49
N ARG N 74 -26.20 -16.38 36.31
CA ARG N 74 -25.97 -15.66 35.06
C ARG N 74 -27.08 -14.68 34.74
N LEU N 75 -27.98 -14.41 35.68
CA LEU N 75 -29.11 -13.52 35.47
C LEU N 75 -28.94 -12.25 36.30
N SER N 76 -29.26 -11.11 35.71
CA SER N 76 -29.15 -9.84 36.40
C SER N 76 -30.19 -9.77 37.53
N SER N 77 -29.76 -9.23 38.67
CA SER N 77 -30.67 -9.04 39.79
C SER N 77 -31.45 -7.74 39.61
N GLU N 78 -32.30 -7.42 40.59
CA GLU N 78 -33.16 -6.25 40.46
C GLU N 78 -32.36 -4.97 40.40
N ARG N 79 -31.31 -4.87 41.23
CA ARG N 79 -30.51 -3.65 41.24
C ARG N 79 -29.76 -3.46 39.94
N GLU N 80 -29.24 -4.55 39.35
CA GLU N 80 -28.58 -4.44 38.05
C GLU N 80 -29.55 -4.02 36.96
N LEU N 81 -30.76 -4.60 36.96
CA LEU N 81 -31.77 -4.19 35.99
C LEU N 81 -32.11 -2.71 36.16
N GLN N 82 -32.16 -2.24 37.41
CA GLN N 82 -32.39 -0.82 37.64
C GLN N 82 -31.23 0.00 37.10
N GLU N 83 -29.99 -0.47 37.31
CA GLU N 83 -28.81 0.21 36.76
C GLU N 83 -28.95 0.40 35.26
N ILE N 84 -29.32 -0.66 34.55
CA ILE N 84 -29.44 -0.58 33.09
C ILE N 84 -30.60 0.32 32.70
N GLU N 85 -31.77 0.12 33.32
CA GLU N 85 -32.96 0.87 32.94
C GLU N 85 -32.80 2.36 33.20
N GLU N 86 -31.92 2.73 34.11
CA GLU N 86 -31.66 4.14 34.41
C GLU N 86 -30.47 4.69 33.62
N TYR N 87 -29.45 3.89 33.37
CA TYR N 87 -28.34 4.32 32.53
C TYR N 87 -28.81 4.62 31.11
N GLU N 88 -29.62 3.73 30.55
CA GLU N 88 -30.17 3.97 29.21
C GLU N 88 -31.07 5.19 29.21
N LYS N 89 -31.84 5.38 30.27
CA LYS N 89 -32.69 6.57 30.37
C LYS N 89 -31.85 7.84 30.36
N LEU N 90 -30.76 7.85 31.12
CA LEU N 90 -29.85 9.00 31.10
C LEU N 90 -29.30 9.23 29.70
N MET N 91 -28.81 8.17 29.06
CA MET N 91 -28.17 8.32 27.76
C MET N 91 -29.15 8.84 26.72
N MET N 92 -30.39 8.34 26.73
CA MET N 92 -31.38 8.80 25.76
C MET N 92 -31.92 10.19 26.10
N SER N 93 -31.87 10.59 27.37
CA SER N 93 -32.33 11.91 27.77
C SER N 93 -31.33 13.02 27.44
N GLY N 94 -30.20 12.68 26.80
CA GLY N 94 -29.21 13.68 26.46
C GLY N 94 -28.22 13.99 27.56
N LYS N 95 -28.18 13.20 28.63
CA LYS N 95 -27.25 13.39 29.72
C LYS N 95 -26.30 12.20 29.78
N VAL N 96 -25.04 12.46 30.08
CA VAL N 96 -23.99 11.43 30.07
C VAL N 96 -23.45 11.30 31.48
N PRO N 97 -23.44 10.09 32.06
CA PRO N 97 -22.71 9.90 33.31
C PRO N 97 -21.23 10.14 33.07
N PHE N 98 -20.69 11.21 33.66
CA PHE N 98 -19.36 11.67 33.26
C PHE N 98 -18.30 10.64 33.64
N ALA N 99 -17.45 10.32 32.67
CA ALA N 99 -16.36 9.37 32.86
C ALA N 99 -15.10 9.96 32.25
N VAL N 100 -13.95 9.52 32.79
CA VAL N 100 -12.66 10.07 32.40
C VAL N 100 -11.73 8.93 32.04
N PRO N 101 -11.12 8.95 30.86
CA PRO N 101 -10.24 7.84 30.46
C PRO N 101 -9.07 7.68 31.42
N GLY N 102 -8.65 6.43 31.60
CA GLY N 102 -7.53 6.12 32.46
C GLY N 102 -6.59 5.11 31.83
N PRO N 103 -5.93 4.30 32.64
CA PRO N 103 -5.01 3.30 32.10
C PRO N 103 -5.74 2.19 31.36
N SER N 104 -6.06 2.43 30.09
CA SER N 104 -6.86 1.53 29.27
C SER N 104 -8.23 1.28 29.91
N GLY N 105 -9.00 2.34 29.99
CA GLY N 105 -10.28 2.31 30.66
C GLY N 105 -10.64 3.70 31.14
N TYR N 106 -11.77 3.78 31.83
CA TYR N 106 -12.26 5.07 32.32
C TYR N 106 -12.87 4.92 33.70
N PHE N 107 -12.62 5.92 34.55
CA PHE N 107 -13.23 5.99 35.87
C PHE N 107 -14.49 6.83 35.78
N PHE N 108 -15.60 6.31 36.30
CA PHE N 108 -16.81 7.11 36.41
C PHE N 108 -16.66 8.11 37.54
N THR N 109 -16.86 9.39 37.24
CA THR N 109 -16.69 10.45 38.21
C THR N 109 -17.98 10.74 38.99
N GLY N 110 -19.04 9.99 38.74
CA GLY N 110 -20.29 10.20 39.47
C GLY N 110 -20.90 11.55 39.25
N PHE N 111 -20.89 12.05 38.01
CA PHE N 111 -21.45 13.34 37.68
C PHE N 111 -22.28 13.23 36.42
N VAL N 112 -23.40 13.95 36.39
CA VAL N 112 -24.29 13.98 35.24
C VAL N 112 -24.06 15.31 34.54
N THR N 113 -23.19 15.31 33.53
CA THR N 113 -23.02 16.48 32.68
C THR N 113 -24.05 16.42 31.57
N GLN N 114 -24.92 17.42 31.51
CA GLN N 114 -25.87 17.50 30.42
C GLN N 114 -25.10 17.63 29.10
N TRP N 115 -25.34 16.69 28.19
CA TRP N 115 -24.48 16.53 27.02
C TRP N 115 -24.95 17.34 25.81
N LYS N 116 -26.19 17.16 25.39
CA LYS N 116 -26.70 17.89 24.22
C LYS N 116 -26.78 19.38 24.54
N GLY N 117 -26.32 20.20 23.60
CA GLY N 117 -26.30 21.63 23.78
C GLY N 117 -27.67 22.25 23.60
N LYS N 118 -27.68 23.58 23.48
CA LYS N 118 -28.93 24.30 23.27
C LYS N 118 -29.55 23.92 21.93
N GLU N 119 -28.73 23.75 20.89
CA GLU N 119 -29.20 23.16 19.64
C GLU N 119 -28.91 21.66 19.69
N PRO N 120 -29.89 20.84 20.04
CA PRO N 120 -29.62 19.42 20.26
C PRO N 120 -29.09 18.69 19.03
N PHE N 121 -29.42 19.15 17.82
CA PHE N 121 -28.93 18.54 16.61
C PHE N 121 -27.58 19.08 16.17
N ALA N 122 -27.06 20.12 16.81
CA ALA N 122 -25.78 20.68 16.44
C ALA N 122 -24.65 19.81 17.00
N GLY N 123 -23.65 19.52 16.16
CA GLY N 123 -22.58 18.65 16.58
C GLY N 123 -21.52 19.33 17.43
N ASP N 124 -21.32 20.63 17.24
CA ASP N 124 -20.30 21.36 17.97
C ASP N 124 -20.82 22.04 19.22
N GLN N 125 -22.10 21.91 19.53
CA GLN N 125 -22.66 22.50 20.73
C GLN N 125 -22.78 21.52 21.89
N VAL N 126 -22.35 20.28 21.70
CA VAL N 126 -22.32 19.33 22.81
C VAL N 126 -21.37 19.87 23.87
N ILE N 127 -21.91 20.24 25.02
CA ILE N 127 -21.17 21.01 26.01
C ILE N 127 -20.28 20.08 26.83
N THR N 128 -19.00 20.42 26.90
CA THR N 128 -18.02 19.68 27.70
C THR N 128 -17.42 20.62 28.73
N LEU N 129 -16.76 20.03 29.74
CA LEU N 129 -16.21 20.84 30.81
C LEU N 129 -15.10 21.75 30.31
N THR N 130 -14.25 21.25 29.42
CA THR N 130 -13.06 21.99 29.00
C THR N 130 -13.38 23.14 28.05
N GLU N 131 -14.61 23.25 27.55
CA GLU N 131 -14.94 24.34 26.63
C GLU N 131 -16.19 25.09 27.08
N ASN N 132 -17.09 24.40 27.79
CA ASN N 132 -18.35 25.00 28.19
C ASN N 132 -18.50 25.12 29.70
N GLY N 133 -17.49 24.73 30.48
CA GLY N 133 -17.52 25.02 31.90
C GLY N 133 -17.35 26.50 32.17
N LEU N 134 -17.68 26.90 33.40
CA LEU N 134 -17.60 28.30 33.77
C LEU N 134 -16.18 28.83 33.63
N PHE N 135 -15.20 28.08 34.16
CA PHE N 135 -13.81 28.52 34.06
C PHE N 135 -13.35 28.57 32.61
N ALA N 136 -13.70 27.56 31.81
CA ALA N 136 -13.27 27.55 30.42
C ALA N 136 -13.88 28.70 29.64
N LYS N 137 -15.18 28.96 29.86
CA LYS N 137 -15.83 30.07 29.17
C LYS N 137 -15.21 31.41 29.55
N GLN N 138 -14.99 31.63 30.84
CA GLN N 138 -14.44 32.90 31.28
C GLN N 138 -12.97 33.06 30.90
N PHE N 139 -12.24 31.94 30.77
CA PHE N 139 -10.86 32.02 30.32
C PHE N 139 -10.78 32.35 28.83
N LEU N 140 -11.61 31.69 28.02
CA LEU N 140 -11.62 31.98 26.59
C LEU N 140 -12.10 33.41 26.33
N SER N 141 -13.12 33.86 27.05
CA SER N 141 -13.65 35.19 26.84
C SER N 141 -12.66 36.28 27.25
N ALA N 142 -11.81 35.99 28.23
CA ALA N 142 -10.86 36.97 28.74
C ALA N 142 -9.53 36.94 28.00
N LEU N 143 -9.38 36.11 26.97
CA LEU N 143 -8.19 36.15 26.15
C LEU N 143 -8.12 37.48 25.40
N ALA N 144 -6.91 37.83 24.96
CA ALA N 144 -6.71 39.10 24.27
C ALA N 144 -7.54 39.15 22.99
N PHE N 145 -7.68 38.02 22.30
CA PHE N 145 -8.48 37.97 21.08
C PHE N 145 -9.96 38.20 21.34
N TYR N 146 -10.44 37.90 22.55
CA TYR N 146 -11.86 37.99 22.86
C TYR N 146 -12.22 39.00 23.93
N ARG N 147 -11.25 39.56 24.66
CA ARG N 147 -11.57 40.37 25.83
C ARG N 147 -12.39 41.59 25.44
N GLU N 148 -13.45 41.83 26.21
CA GLU N 148 -14.35 42.94 25.92
C GLU N 148 -13.68 44.27 26.26
N GLY N 149 -13.96 45.29 25.45
CA GLY N 149 -13.48 46.62 25.72
C GLY N 149 -12.07 46.90 25.27
N LEU N 150 -11.41 45.99 24.58
CA LEU N 150 -10.06 46.20 24.10
C LEU N 150 -10.08 46.74 22.67
N LYS N 151 -9.36 47.83 22.46
CA LYS N 151 -9.13 48.32 21.12
C LYS N 151 -8.31 47.29 20.34
N PRO N 152 -8.48 47.21 19.02
CA PRO N 152 -7.77 46.17 18.25
C PRO N 152 -6.27 46.22 18.43
N TRP N 153 -5.70 47.42 18.50
CA TRP N 153 -4.25 47.54 18.70
C TRP N 153 -3.84 47.00 20.06
N GLN N 154 -4.71 47.07 21.06
CA GLN N 154 -4.37 46.51 22.37
C GLN N 154 -4.29 44.98 22.31
N ARG N 155 -5.25 44.35 21.65
CA ARG N 155 -5.19 42.91 21.47
C ARG N 155 -3.93 42.51 20.70
N GLY N 156 -3.64 43.23 19.62
CA GLY N 156 -2.44 42.95 18.86
C GLY N 156 -1.19 43.11 19.70
N LEU N 157 -1.12 44.19 20.50
CA LEU N 157 0.05 44.43 21.32
C LEU N 157 0.25 43.33 22.34
N GLU N 158 -0.83 42.90 23.00
CA GLU N 158 -0.71 41.87 24.03
C GLU N 158 -0.26 40.54 23.43
N ILE N 159 -0.92 40.12 22.34
CA ILE N 159 -0.56 38.87 21.70
C ILE N 159 0.87 38.92 21.19
N GLY N 160 1.26 40.04 20.59
CA GLY N 160 2.61 40.18 20.09
C GLY N 160 3.65 40.15 21.18
N MET N 161 3.38 40.80 22.31
CA MET N 161 4.33 40.76 23.42
C MET N 161 4.54 39.34 23.88
N ALA N 162 3.44 38.59 24.04
CA ALA N 162 3.57 37.18 24.43
C ALA N 162 4.42 36.40 23.44
N HIS N 163 4.08 36.52 22.15
CA HIS N 163 4.78 35.73 21.13
C HIS N 163 6.24 36.11 21.03
N GLY N 164 6.54 37.41 21.03
CA GLY N 164 7.92 37.85 20.90
C GLY N 164 8.77 37.47 22.10
N TYR N 165 8.20 37.57 23.30
CA TYR N 165 8.94 37.16 24.48
C TYR N 165 9.22 35.65 24.45
N PHE N 166 8.24 34.85 24.03
CA PHE N 166 8.44 33.41 24.04
C PHE N 166 9.40 32.96 22.94
N LEU N 167 9.30 33.57 21.75
CA LEU N 167 10.00 33.03 20.58
C LEU N 167 11.51 33.19 20.65
N ILE N 168 12.03 34.03 21.55
CA ILE N 168 13.47 34.22 21.63
C ILE N 168 14.14 32.94 22.13
N GLY N 169 13.54 32.28 23.12
CA GLY N 169 14.14 31.15 23.79
C GLY N 169 14.59 30.00 22.89
N PRO N 170 13.72 29.53 21.99
CA PRO N 170 14.09 28.38 21.16
C PRO N 170 15.31 28.61 20.28
N PHE N 171 15.66 29.87 19.99
CA PHE N 171 16.81 30.17 19.15
C PHE N 171 18.07 30.48 19.95
N THR N 172 17.98 31.35 20.95
CA THR N 172 19.16 31.70 21.75
C THR N 172 19.70 30.48 22.48
N SER N 173 18.84 29.51 22.80
CA SER N 173 19.25 28.22 23.32
C SER N 173 19.08 27.17 22.24
N LEU N 174 19.94 26.15 22.29
CA LEU N 174 19.97 25.03 21.33
C LEU N 174 19.90 25.52 19.88
N GLY N 175 20.42 26.70 19.60
CA GLY N 175 20.47 27.22 18.25
C GLY N 175 21.81 26.97 17.59
N PRO N 176 21.95 27.41 16.33
CA PRO N 176 23.24 27.22 15.65
C PRO N 176 24.39 27.94 16.32
N LEU N 177 24.14 29.10 16.93
CA LEU N 177 25.15 29.87 17.62
C LEU N 177 24.87 29.92 19.12
N ARG N 178 24.39 28.80 19.66
CA ARG N 178 24.01 28.71 21.08
C ARG N 178 25.20 28.87 22.01
N ASN N 179 26.41 28.56 21.55
CA ASN N 179 27.60 28.59 22.39
C ASN N 179 28.50 29.79 22.11
N THR N 180 28.14 30.64 21.15
CA THR N 180 28.93 31.81 20.85
C THR N 180 28.84 32.81 22.01
N PRO N 181 29.79 33.74 22.11
CA PRO N 181 29.73 34.73 23.21
C PRO N 181 28.44 35.54 23.21
N GLU N 182 27.87 35.83 22.05
CA GLU N 182 26.61 36.56 22.02
C GLU N 182 25.43 35.62 22.27
N ALA N 183 25.20 34.70 21.33
CA ALA N 183 24.28 33.57 21.50
C ALA N 183 22.85 33.98 21.81
N ALA N 184 22.59 35.29 21.89
CA ALA N 184 21.27 35.80 22.23
C ALA N 184 20.79 36.87 21.25
N THR N 185 21.69 37.70 20.74
CA THR N 185 21.33 38.62 19.66
C THR N 185 20.92 37.83 18.43
N VAL N 186 21.57 36.69 18.19
CA VAL N 186 21.13 35.79 17.12
C VAL N 186 19.71 35.31 17.40
N GLY N 187 19.45 34.90 18.64
CA GLY N 187 18.10 34.49 19.01
C GLY N 187 17.11 35.63 18.89
N LEU N 188 17.53 36.85 19.24
CA LEU N 188 16.65 38.01 19.10
C LEU N 188 16.29 38.24 17.64
N LEU N 189 17.29 38.17 16.76
CA LEU N 189 17.04 38.37 15.33
C LEU N 189 16.12 37.29 14.78
N CYS N 190 16.35 36.03 15.17
CA CYS N 190 15.50 34.95 14.68
C CYS N 190 14.07 35.07 15.20
N GLY N 191 13.90 35.46 16.47
CA GLY N 191 12.57 35.65 17.00
C GLY N 191 11.83 36.79 16.32
N CYS N 192 12.53 37.90 16.08
CA CYS N 192 11.93 39.00 15.35
C CYS N 192 11.56 38.57 13.93
N ALA N 193 12.39 37.72 13.30
CA ALA N 193 12.07 37.21 11.98
C ALA N 193 10.83 36.35 12.00
N ILE N 194 10.68 35.49 13.00
CA ILE N 194 9.50 34.66 13.12
C ILE N 194 8.26 35.52 13.34
N VAL N 195 8.37 36.54 14.19
CA VAL N 195 7.26 37.45 14.42
C VAL N 195 6.88 38.16 13.13
N GLY N 196 7.86 38.62 12.37
CA GLY N 196 7.57 39.27 11.11
C GLY N 196 6.92 38.35 10.09
N ILE N 197 7.37 37.09 10.04
CA ILE N 197 6.81 36.13 9.10
C ILE N 197 5.35 35.84 9.44
N VAL N 198 5.07 35.60 10.72
CA VAL N 198 3.68 35.31 11.09
C VAL N 198 2.81 36.56 10.95
N SER N 199 3.39 37.75 11.13
CA SER N 199 2.64 38.98 10.89
C SER N 199 2.33 39.15 9.41
N ILE N 200 3.27 38.80 8.54
CA ILE N 200 3.01 38.82 7.10
C ILE N 200 1.90 37.83 6.75
N GLY N 201 1.93 36.65 7.35
CA GLY N 201 0.85 35.71 7.15
C GLY N 201 -0.48 36.25 7.61
N GLY N 202 -0.50 36.93 8.75
CA GLY N 202 -1.73 37.54 9.21
C GLY N 202 -2.23 38.64 8.28
N LEU N 203 -1.30 39.40 7.70
CA LEU N 203 -1.70 40.41 6.72
C LEU N 203 -2.27 39.76 5.46
N ILE N 204 -1.69 38.65 5.03
CA ILE N 204 -2.26 37.89 3.91
C ILE N 204 -3.67 37.44 4.26
N PHE N 205 -3.86 36.92 5.47
CA PHE N 205 -5.18 36.45 5.90
C PHE N 205 -6.18 37.60 5.91
N GLY N 206 -5.78 38.76 6.43
CA GLY N 206 -6.68 39.90 6.50
C GLY N 206 -6.96 40.56 5.17
N SER N 207 -6.07 40.39 4.19
CA SER N 207 -6.31 40.91 2.86
C SER N 207 -6.97 39.90 1.94
N THR N 208 -7.09 38.63 2.36
CA THR N 208 -7.77 37.62 1.57
C THR N 208 -9.10 37.19 2.18
N ILE N 209 -9.10 36.76 3.44
CA ILE N 209 -10.35 36.40 4.10
C ILE N 209 -11.09 37.66 4.56
N LYS N 210 -10.35 38.65 5.07
CA LYS N 210 -10.87 39.90 5.59
C LYS N 210 -11.89 39.66 6.70
N PRO N 211 -11.47 39.17 7.87
CA PRO N 211 -12.41 39.09 9.00
C PRO N 211 -12.91 40.48 9.37
N THR N 212 -14.20 40.57 9.71
CA THR N 212 -14.84 41.85 10.00
C THR N 212 -15.37 41.92 11.42
N ARG N 213 -14.89 41.06 12.32
CA ARG N 213 -15.37 41.04 13.69
C ARG N 213 -14.69 42.08 14.57
N PHE N 214 -13.58 42.66 14.13
CA PHE N 214 -12.90 43.72 14.87
C PHE N 214 -13.10 45.10 14.26
N ASP N 215 -13.65 45.19 13.05
CA ASP N 215 -13.90 46.48 12.45
C ASP N 215 -15.00 47.22 13.20
N LYS N 216 -14.76 48.49 13.50
CA LYS N 216 -15.83 49.33 14.01
C LYS N 216 -16.81 49.66 12.87
N ASP N 217 -17.99 50.15 13.25
CA ASP N 217 -19.03 50.39 12.26
C ASP N 217 -18.57 51.42 11.23
N GLY N 218 -18.94 51.18 9.97
CA GLY N 218 -18.63 52.11 8.91
C GLY N 218 -17.16 52.31 8.65
N ASP N 219 -16.41 51.21 8.53
CA ASP N 219 -14.98 51.26 8.25
C ASP N 219 -14.66 50.32 7.10
N LYS N 220 -13.46 50.48 6.55
CA LYS N 220 -12.98 49.59 5.50
C LYS N 220 -12.96 48.16 6.04
N PRO N 221 -13.58 47.21 5.34
CA PRO N 221 -13.68 45.84 5.87
C PRO N 221 -12.31 45.24 6.13
N GLY N 222 -12.18 44.60 7.29
CA GLY N 222 -10.92 44.03 7.71
C GLY N 222 -9.93 44.99 8.32
N ALA N 223 -10.30 46.25 8.49
CA ALA N 223 -9.35 47.24 9.03
C ALA N 223 -8.97 46.90 10.46
N GLY N 224 -9.93 46.42 11.26
CA GLY N 224 -9.62 46.04 12.63
C GLY N 224 -8.62 44.91 12.70
N PHE N 225 -8.80 43.89 11.84
CA PHE N 225 -7.87 42.77 11.83
C PHE N 225 -6.47 43.20 11.40
N ILE N 226 -6.39 44.08 10.40
CA ILE N 226 -5.10 44.55 9.91
C ILE N 226 -4.38 45.34 11.01
N GLU N 227 -5.13 46.19 11.73
CA GLU N 227 -4.56 46.94 12.84
C GLU N 227 -4.07 45.99 13.92
N MET N 228 -4.85 44.95 14.24
CA MET N 228 -4.43 43.97 15.22
C MET N 228 -3.15 43.28 14.80
N ILE N 229 -3.02 42.94 13.51
CA ILE N 229 -1.83 42.23 13.05
C ILE N 229 -0.61 43.14 13.08
N ASN N 230 -0.77 44.40 12.64
CA ASN N 230 0.35 45.34 12.69
C ASN N 230 0.83 45.54 14.13
N TRP N 231 -0.12 45.70 15.06
CA TRP N 231 0.29 45.87 16.45
C TRP N 231 0.78 44.57 17.06
N HIS N 232 0.40 43.41 16.51
CA HIS N 232 1.06 42.17 16.91
C HIS N 232 2.51 42.16 16.49
N ALA N 233 2.80 42.66 15.29
CA ALA N 233 4.20 42.76 14.85
C ALA N 233 4.98 43.68 15.78
N VAL N 234 4.39 44.83 16.12
CA VAL N 234 5.06 45.78 17.02
C VAL N 234 5.28 45.13 18.39
N GLY N 235 4.25 44.47 18.92
CA GLY N 235 4.38 43.80 20.20
C GLY N 235 5.36 42.66 20.20
N GLY N 236 5.46 41.94 19.07
CA GLY N 236 6.46 40.89 18.97
C GLY N 236 7.86 41.45 19.00
N LEU N 237 8.10 42.54 18.28
CA LEU N 237 9.37 43.23 18.37
C LEU N 237 9.67 43.62 19.82
N GLY N 238 8.67 44.22 20.48
CA GLY N 238 8.88 44.67 21.86
C GLY N 238 9.16 43.54 22.82
N GLY N 239 8.38 42.46 22.73
CA GLY N 239 8.58 41.33 23.61
C GLY N 239 9.91 40.63 23.38
N ALA N 240 10.31 40.48 22.11
CA ALA N 240 11.60 39.91 21.80
C ALA N 240 12.72 40.76 22.38
N GLY N 241 12.62 42.09 22.18
CA GLY N 241 13.64 42.97 22.73
C GLY N 241 13.68 42.94 24.24
N PHE N 242 12.52 42.85 24.88
CA PHE N 242 12.48 42.81 26.34
C PHE N 242 13.07 41.53 26.88
N ALA N 243 12.77 40.38 26.24
CA ALA N 243 13.37 39.13 26.66
C ALA N 243 14.88 39.16 26.47
N HIS N 244 15.35 39.71 25.35
CA HIS N 244 16.78 39.83 25.13
C HIS N 244 17.43 40.74 26.16
N ALA N 245 16.77 41.85 26.50
CA ALA N 245 17.31 42.76 27.50
C ALA N 245 17.41 42.08 28.86
N LEU N 246 16.39 41.31 29.24
CA LEU N 246 16.44 40.58 30.50
C LEU N 246 17.57 39.56 30.50
N ILE N 247 17.74 38.84 29.38
CA ILE N 247 18.79 37.83 29.30
C ILE N 247 20.17 38.47 29.42
N THR N 248 20.40 39.57 28.69
CA THR N 248 21.71 40.21 28.72
C THR N 248 21.99 40.85 30.07
N VAL N 249 21.04 41.61 30.60
CA VAL N 249 21.23 42.29 31.87
C VAL N 249 21.38 41.29 33.01
N PHE N 250 20.50 40.29 33.05
CA PHE N 250 20.51 39.31 34.12
C PHE N 250 21.09 37.98 33.63
N ARG O 1 40.30 18.95 -0.08
CA ARG O 1 39.19 18.08 -0.41
C ARG O 1 39.41 16.69 0.17
N VAL O 2 38.35 16.09 0.68
CA VAL O 2 38.42 14.73 1.23
C VAL O 2 37.75 13.80 0.24
N PRO O 3 38.51 13.08 -0.59
CA PRO O 3 37.89 12.29 -1.66
C PRO O 3 37.13 11.08 -1.13
N GLY O 4 36.10 10.70 -1.87
CA GLY O 4 35.39 9.47 -1.63
C GLY O 4 35.37 8.62 -2.88
N GLY O 5 35.07 7.34 -2.69
CA GLY O 5 35.09 6.42 -3.80
C GLY O 5 36.46 5.79 -4.00
N LYS O 6 36.48 4.51 -4.37
CA LYS O 6 37.74 3.76 -4.45
C LYS O 6 38.65 4.33 -5.52
N ARG O 7 38.09 4.69 -6.68
CA ARG O 7 38.92 5.00 -7.84
C ARG O 7 39.69 6.30 -7.66
N THR O 8 39.06 7.31 -7.05
CA THR O 8 39.75 8.59 -6.85
C THR O 8 40.98 8.40 -5.96
N GLN O 9 40.87 7.58 -4.93
CA GLN O 9 42.00 7.37 -4.02
C GLN O 9 43.05 6.45 -4.63
N GLU O 10 42.63 5.41 -5.37
CA GLU O 10 43.61 4.46 -5.89
C GLU O 10 44.22 4.89 -7.22
N LEU O 11 43.70 5.95 -7.85
CA LEU O 11 44.30 6.51 -9.04
C LEU O 11 44.93 7.87 -8.82
N GLY O 12 44.64 8.53 -7.70
CA GLY O 12 45.15 9.86 -7.46
C GLY O 12 44.47 10.95 -8.23
N LEU O 13 43.23 10.73 -8.67
CA LEU O 13 42.50 11.76 -9.38
C LEU O 13 42.32 12.99 -8.52
N VAL O 14 42.65 14.16 -9.07
CA VAL O 14 42.62 15.42 -8.34
C VAL O 14 41.76 16.40 -9.13
N ILE O 15 41.26 17.40 -8.42
CA ILE O 15 40.40 18.42 -9.01
C ILE O 15 41.11 19.75 -8.91
N PRO O 16 41.78 20.19 -9.97
CA PRO O 16 42.50 21.47 -9.92
C PRO O 16 41.55 22.63 -9.79
N MET O 17 42.00 23.67 -9.09
CA MET O 17 41.23 24.89 -8.93
C MET O 17 42.10 26.06 -9.39
N ALA O 18 41.54 26.90 -10.26
CA ALA O 18 42.25 28.09 -10.69
C ALA O 18 42.50 29.03 -9.51
N ASP O 19 43.71 29.54 -9.41
CA ASP O 19 44.03 30.53 -8.40
C ASP O 19 43.54 31.93 -8.77
N GLU O 20 43.19 32.15 -10.03
CA GLU O 20 42.63 33.43 -10.46
C GLU O 20 41.13 33.44 -10.16
N ASP O 21 40.42 34.44 -10.69
CA ASP O 21 39.03 34.64 -10.34
C ASP O 21 38.07 33.97 -11.31
N GLY O 22 38.48 33.74 -12.55
CA GLY O 22 37.54 33.32 -13.57
C GLY O 22 37.01 34.49 -14.35
N LEU O 23 35.84 35.00 -13.99
CA LEU O 23 35.27 36.19 -14.59
C LEU O 23 35.34 37.35 -13.61
N THR O 24 35.73 38.52 -14.12
CA THR O 24 35.72 39.73 -13.31
C THR O 24 34.29 40.17 -13.05
N ASP O 25 34.12 41.05 -12.05
CA ASP O 25 32.80 41.53 -11.70
C ASP O 25 32.14 42.27 -12.85
N GLY O 26 32.93 42.96 -13.67
CA GLY O 26 32.36 43.66 -14.81
C GLY O 26 31.70 42.72 -15.80
N GLN O 27 32.34 41.58 -16.06
CA GLN O 27 31.75 40.59 -16.98
C GLN O 27 30.47 40.00 -16.41
N VAL O 28 30.45 39.73 -15.10
CA VAL O 28 29.24 39.22 -14.47
C VAL O 28 28.11 40.24 -14.57
N ALA O 29 28.42 41.52 -14.37
CA ALA O 29 27.41 42.55 -14.52
C ALA O 29 26.91 42.66 -15.96
N GLY O 30 27.83 42.52 -16.92
CA GLY O 30 27.43 42.54 -18.31
C GLY O 30 26.48 41.39 -18.65
N LEU O 31 26.74 40.22 -18.07
CA LEU O 31 25.81 39.11 -18.25
C LEU O 31 24.48 39.36 -17.54
N PHE O 32 24.53 40.02 -16.37
CA PHE O 32 23.30 40.25 -15.63
C PHE O 32 22.40 41.27 -16.31
N VAL O 33 22.97 42.22 -17.04
CA VAL O 33 22.14 43.17 -17.79
C VAL O 33 21.27 42.43 -18.81
N ILE O 34 21.88 41.54 -19.60
CA ILE O 34 21.11 40.82 -20.59
C ILE O 34 20.20 39.79 -19.92
N ALA O 35 20.59 39.24 -18.77
CA ALA O 35 19.69 38.37 -18.03
C ALA O 35 18.44 39.13 -17.58
N LEU O 36 18.61 40.38 -17.14
CA LEU O 36 17.47 41.20 -16.77
C LEU O 36 16.60 41.50 -17.98
N VAL O 37 17.22 41.72 -19.15
CA VAL O 37 16.45 41.93 -20.37
C VAL O 37 15.60 40.69 -20.68
N VAL O 38 16.21 39.50 -20.60
CA VAL O 38 15.48 38.25 -20.78
C VAL O 38 14.33 38.18 -19.78
N PHE O 39 14.59 38.58 -18.54
CA PHE O 39 13.60 38.47 -17.48
C PHE O 39 12.39 39.36 -17.76
N ILE O 40 12.64 40.61 -18.15
CA ILE O 40 11.54 41.53 -18.46
C ILE O 40 10.74 41.00 -19.65
N SER O 41 11.43 40.56 -20.70
CA SER O 41 10.74 40.07 -21.89
C SER O 41 9.94 38.82 -21.56
N ALA O 42 10.47 37.97 -20.68
CA ALA O 42 9.77 36.74 -20.31
C ALA O 42 8.53 37.04 -19.47
N MET O 43 8.62 38.03 -18.58
CA MET O 43 7.43 38.43 -17.84
C MET O 43 6.36 38.97 -18.77
N ASP O 44 6.77 39.78 -19.76
CA ASP O 44 5.80 40.28 -20.75
C ASP O 44 5.18 39.13 -21.53
N LEU O 45 5.99 38.16 -21.95
CA LEU O 45 5.47 37.02 -22.69
C LEU O 45 4.52 36.20 -21.85
N ALA O 46 4.83 36.03 -20.56
CA ALA O 46 3.94 35.30 -19.67
C ALA O 46 2.60 36.02 -19.54
N LYS O 47 2.63 37.35 -19.43
CA LYS O 47 1.38 38.12 -19.40
C LYS O 47 0.57 37.89 -20.67
N THR O 48 1.23 37.97 -21.83
CA THR O 48 0.52 37.83 -23.10
C THR O 48 -0.08 36.44 -23.26
N MET O 49 0.67 35.40 -22.85
CA MET O 49 0.14 34.05 -22.92
C MET O 49 -1.00 33.83 -21.94
N TYR O 50 -0.91 34.43 -20.76
CA TYR O 50 -1.98 34.30 -19.78
C TYR O 50 -3.27 34.93 -20.28
N ASN O 51 -3.17 36.14 -20.83
CA ASN O 51 -4.37 36.81 -21.32
C ASN O 51 -4.85 36.25 -22.65
N GLY O 52 -3.95 35.75 -23.49
CA GLY O 52 -4.35 35.16 -24.74
C GLY O 52 -4.70 36.19 -25.79
N ILE O 53 -5.19 35.70 -26.93
CA ILE O 53 -5.54 36.57 -28.04
C ILE O 53 -6.82 37.33 -27.71
N ASN O 54 -6.87 38.58 -28.14
CA ASN O 54 -8.08 39.40 -28.01
C ASN O 54 -8.71 39.58 -29.37
N PRO O 55 -9.81 38.90 -29.69
CA PRO O 55 -10.39 39.01 -31.03
C PRO O 55 -11.13 40.32 -31.24
N ALA O 56 -11.63 40.90 -30.15
CA ALA O 56 -12.42 42.13 -30.21
C ALA O 56 -11.57 43.37 -30.42
N LYS O 57 -10.29 43.22 -30.78
CA LYS O 57 -9.42 44.38 -31.00
C LYS O 57 -9.86 45.18 -32.22
N PHE O 58 -10.49 44.53 -33.20
CA PHE O 58 -10.90 45.24 -34.41
C PHE O 58 -11.96 46.29 -34.15
N LYS O 59 -12.63 46.25 -33.00
CA LYS O 59 -13.62 47.26 -32.66
C LYS O 59 -12.98 48.51 -32.07
N THR O 60 -11.83 48.39 -31.41
CA THR O 60 -11.20 49.50 -30.72
C THR O 60 -9.81 49.85 -31.23
N SER O 61 -8.98 48.85 -31.53
CA SER O 61 -7.61 49.12 -31.94
C SER O 61 -7.58 49.83 -33.29
N LYS O 62 -6.56 50.66 -33.48
CA LYS O 62 -6.41 51.43 -34.70
C LYS O 62 -5.85 50.54 -35.81
N GLY O 63 -5.59 51.12 -36.97
CA GLY O 63 -5.11 50.35 -38.09
C GLY O 63 -6.24 49.51 -38.69
N LYS O 64 -5.84 48.62 -39.60
CA LYS O 64 -6.81 47.74 -40.24
C LYS O 64 -6.27 46.32 -40.38
N GLY O 65 -5.27 45.95 -39.60
CA GLY O 65 -4.67 44.64 -39.72
C GLY O 65 -3.83 44.55 -40.98
N TYR O 66 -3.16 43.41 -41.11
CA TYR O 66 -2.31 43.17 -42.28
C TYR O 66 -2.04 41.68 -42.40
N ILE O 67 -2.16 41.17 -43.62
CA ILE O 67 -1.76 39.81 -43.97
C ILE O 67 -0.60 39.94 -44.95
N SER O 68 0.55 39.42 -44.58
CA SER O 68 1.73 39.56 -45.42
C SER O 68 1.50 38.88 -46.77
N PRO O 69 2.08 39.40 -47.85
CA PRO O 69 1.81 38.81 -49.17
C PRO O 69 2.19 37.35 -49.28
N LEU O 70 3.15 36.86 -48.49
CA LEU O 70 3.44 35.44 -48.50
C LEU O 70 2.39 34.66 -47.72
N VAL O 71 1.82 35.26 -46.67
CA VAL O 71 0.82 34.55 -45.88
C VAL O 71 -0.43 34.29 -46.73
N LYS O 72 -0.78 35.23 -47.60
CA LYS O 72 -1.90 35.01 -48.52
C LYS O 72 -1.60 33.85 -49.46
N ARG O 73 -0.37 33.80 -50.00
CA ARG O 73 0.02 32.71 -50.88
C ARG O 73 -0.04 31.37 -50.15
N TYR O 74 0.43 31.34 -48.90
CA TYR O 74 0.36 30.13 -48.10
C TYR O 74 -1.08 29.74 -47.80
N ILE O 75 -1.97 30.73 -47.67
CA ILE O 75 -3.38 30.42 -47.49
C ILE O 75 -3.95 29.74 -48.73
N GLU O 76 -3.69 30.31 -49.90
CA GLU O 76 -4.29 29.78 -51.12
C GLU O 76 -3.46 28.67 -51.78
N ASN O 77 -2.26 28.39 -51.27
CA ASN O 77 -1.50 27.26 -51.79
C ASN O 77 -2.06 25.93 -51.29
N GLY O 78 -2.85 25.93 -50.22
CA GLY O 78 -3.39 24.70 -49.68
C GLY O 78 -3.27 24.62 -48.17
N PHE O 79 -3.17 23.42 -47.64
CA PHE O 79 -3.13 23.22 -46.21
C PHE O 79 -2.34 21.97 -45.82
N ILE P 1 -30.03 -38.37 15.82
CA ILE P 1 -29.22 -37.20 16.13
C ILE P 1 -28.06 -37.07 15.13
N PHE P 2 -27.20 -38.09 15.11
CA PHE P 2 -26.05 -38.11 14.21
C PHE P 2 -26.39 -38.62 12.81
N ARG P 3 -27.62 -39.08 12.59
CA ARG P 3 -28.03 -39.54 11.26
C ARG P 3 -28.03 -38.41 10.24
N TYR P 4 -27.99 -37.16 10.70
CA TYR P 4 -27.94 -36.01 9.81
C TYR P 4 -26.51 -35.58 9.48
N ILE P 5 -25.51 -36.25 10.02
CA ILE P 5 -24.12 -36.01 9.64
C ILE P 5 -23.85 -36.79 8.36
N ASN P 6 -24.11 -36.16 7.23
CA ASN P 6 -24.07 -36.82 5.93
C ASN P 6 -23.01 -36.18 5.05
N THR P 7 -22.43 -36.97 4.15
CA THR P 7 -21.45 -36.49 3.19
C THR P 7 -22.08 -35.84 1.97
N THR P 8 -23.41 -35.81 1.88
CA THR P 8 -24.09 -35.30 0.69
C THR P 8 -23.73 -33.85 0.40
N LEU P 9 -23.30 -33.08 1.40
CA LEU P 9 -22.91 -31.70 1.19
C LEU P 9 -21.43 -31.52 0.86
N TRP P 10 -20.62 -32.59 0.97
CA TRP P 10 -19.21 -32.47 0.63
C TRP P 10 -19.02 -32.13 -0.85
N ALA P 11 -19.77 -32.81 -1.72
CA ALA P 11 -19.68 -32.50 -3.15
C ALA P 11 -20.31 -31.16 -3.47
N LYS P 12 -21.31 -30.74 -2.69
CA LYS P 12 -22.02 -29.48 -2.93
C LYS P 12 -21.24 -28.35 -2.26
N ALA P 13 -20.23 -27.86 -2.97
CA ALA P 13 -19.43 -26.76 -2.47
C ALA P 13 -20.26 -25.48 -2.39
N GLY P 14 -19.96 -24.65 -1.39
CA GLY P 14 -20.67 -23.41 -1.21
C GLY P 14 -22.04 -23.54 -0.60
N HIS P 15 -22.37 -24.71 -0.02
CA HIS P 15 -23.70 -24.92 0.55
C HIS P 15 -23.96 -24.00 1.73
N PHE P 16 -22.93 -23.67 2.50
CA PHE P 16 -23.12 -22.95 3.76
C PHE P 16 -23.66 -21.55 3.58
N ASN P 17 -23.43 -20.91 2.44
CA ASN P 17 -23.89 -19.56 2.18
C ASN P 17 -24.96 -19.58 1.09
N LYS P 18 -26.06 -18.88 1.35
CA LYS P 18 -27.15 -18.81 0.38
C LYS P 18 -26.86 -17.88 -0.78
N ALA P 19 -25.80 -17.09 -0.71
CA ALA P 19 -25.39 -16.27 -1.85
C ALA P 19 -24.60 -17.06 -2.88
N LEU P 20 -24.09 -18.23 -2.52
CA LEU P 20 -23.36 -19.09 -3.42
C LEU P 20 -24.23 -20.20 -4.01
N SER P 21 -25.52 -20.23 -3.70
CA SER P 21 -26.38 -21.32 -4.15
C SER P 21 -26.68 -21.24 -5.64
N LYS P 22 -26.44 -20.10 -6.29
CA LYS P 22 -26.70 -19.96 -7.71
C LYS P 22 -25.74 -20.75 -8.58
N GLY P 23 -24.65 -21.28 -8.00
CA GLY P 23 -23.67 -22.02 -8.76
C GLY P 23 -22.48 -21.16 -9.16
N ALA P 24 -21.41 -21.83 -9.56
CA ALA P 24 -20.16 -21.16 -9.91
C ALA P 24 -20.26 -20.65 -11.35
N LYS P 25 -20.95 -19.52 -11.49
CA LYS P 25 -21.08 -18.89 -12.79
C LYS P 25 -19.79 -18.17 -13.20
N THR P 26 -19.05 -17.62 -12.24
CA THR P 26 -17.81 -16.91 -12.49
C THR P 26 -16.75 -17.37 -11.50
N THR P 27 -15.50 -16.98 -11.76
CA THR P 27 -14.40 -17.33 -10.86
C THR P 27 -14.46 -16.57 -9.55
N THR P 28 -15.21 -15.47 -9.50
CA THR P 28 -15.44 -14.78 -8.23
C THR P 28 -16.13 -15.69 -7.23
N TRP P 29 -16.89 -16.67 -7.73
CA TRP P 29 -17.59 -17.61 -6.86
C TRP P 29 -16.60 -18.40 -6.00
N ILE P 30 -15.46 -18.78 -6.59
CA ILE P 30 -14.47 -19.56 -5.86
C ILE P 30 -13.92 -18.75 -4.69
N TRP P 31 -13.54 -17.49 -4.96
CA TRP P 31 -12.97 -16.66 -3.90
C TRP P 31 -14.01 -16.34 -2.83
N ASN P 32 -15.25 -16.11 -3.23
CA ASN P 32 -16.31 -15.90 -2.25
C ASN P 32 -16.52 -17.15 -1.39
N LEU P 33 -16.46 -18.33 -2.01
CA LEU P 33 -16.59 -19.58 -1.27
C LEU P 33 -15.49 -19.70 -0.22
N HIS P 34 -14.27 -19.36 -0.59
CA HIS P 34 -13.18 -19.40 0.38
C HIS P 34 -13.30 -18.32 1.44
N ASP P 35 -13.86 -17.16 1.08
CA ASP P 35 -13.98 -16.03 1.99
C ASP P 35 -15.05 -16.24 3.05
N TYR P 36 -16.16 -16.89 2.70
CA TYR P 36 -17.26 -17.11 3.62
C TYR P 36 -17.16 -18.44 4.37
N ALA P 37 -16.04 -19.15 4.23
CA ALA P 37 -15.94 -20.49 4.77
C ALA P 37 -16.10 -20.49 6.30
N HIS P 38 -15.41 -19.58 6.97
CA HIS P 38 -15.44 -19.52 8.43
C HIS P 38 -16.36 -18.42 8.95
N ASP P 39 -17.06 -17.71 8.07
CA ASP P 39 -18.00 -16.66 8.48
C ASP P 39 -19.32 -17.31 8.87
N PHE P 40 -19.31 -17.90 10.07
CA PHE P 40 -20.47 -18.66 10.54
C PHE P 40 -21.70 -17.77 10.73
N ASP P 41 -21.49 -16.48 10.99
CA ASP P 41 -22.60 -15.58 11.27
C ASP P 41 -23.52 -15.45 10.06
N ILE P 42 -22.93 -15.29 8.87
CA ILE P 42 -23.73 -15.06 7.65
C ILE P 42 -24.17 -16.34 6.98
N GLN P 43 -23.75 -17.50 7.47
CA GLN P 43 -24.09 -18.76 6.83
C GLN P 43 -25.53 -19.16 7.19
N GLN P 44 -26.04 -20.16 6.47
CA GLN P 44 -27.44 -20.53 6.56
C GLN P 44 -27.73 -21.23 7.89
N ARG P 45 -28.98 -21.05 8.37
CA ARG P 45 -29.63 -21.69 9.52
C ARG P 45 -29.63 -20.78 10.74
N SER P 46 -30.10 -21.30 11.87
CA SER P 46 -30.40 -20.49 13.04
C SER P 46 -29.14 -20.17 13.83
N THR P 47 -29.33 -19.49 14.96
CA THR P 47 -28.20 -19.04 15.77
C THR P 47 -27.55 -20.20 16.52
N GLY P 48 -28.32 -21.26 16.82
CA GLY P 48 -27.74 -22.41 17.47
C GLY P 48 -26.64 -23.05 16.66
N LEU P 49 -26.83 -23.09 15.33
CA LEU P 49 -25.79 -23.61 14.46
C LEU P 49 -24.53 -22.76 14.54
N ILE P 50 -24.68 -21.45 14.73
CA ILE P 50 -23.52 -20.58 14.87
C ILE P 50 -22.70 -20.99 16.09
N ALA P 51 -23.38 -21.22 17.22
CA ALA P 51 -22.68 -21.64 18.43
C ALA P 51 -22.02 -22.99 18.24
N ARG P 52 -22.74 -23.95 17.63
CA ARG P 52 -22.16 -25.26 17.41
C ARG P 52 -20.91 -25.18 16.54
N LYS P 53 -21.00 -24.42 15.45
CA LYS P 53 -19.86 -24.26 14.55
C LYS P 53 -18.69 -23.63 15.27
N VAL P 54 -18.93 -22.54 16.01
CA VAL P 54 -17.84 -21.85 16.69
C VAL P 54 -17.14 -22.78 17.68
N PHE P 55 -17.92 -23.45 18.53
CA PHE P 55 -17.31 -24.29 19.56
C PHE P 55 -16.58 -25.48 18.95
N SER P 56 -17.19 -26.14 17.96
CA SER P 56 -16.55 -27.31 17.35
C SER P 56 -15.31 -26.91 16.57
N SER P 57 -15.34 -25.75 15.92
CA SER P 57 -14.15 -25.28 15.21
C SER P 57 -13.03 -24.94 16.19
N ASN P 58 -13.38 -24.38 17.35
CA ASN P 58 -12.37 -24.16 18.38
C ASN P 58 -11.74 -25.47 18.79
N LEU P 59 -12.56 -26.51 19.00
CA LEU P 59 -12.03 -27.81 19.38
C LEU P 59 -11.14 -28.38 18.28
N ALA P 60 -11.55 -28.23 17.02
CA ALA P 60 -10.76 -28.75 15.91
C ALA P 60 -9.40 -28.04 15.82
N HIS P 61 -9.39 -26.73 16.00
CA HIS P 61 -8.12 -26.01 16.00
C HIS P 61 -7.25 -26.42 17.18
N LEU P 62 -7.88 -26.69 18.34
CA LEU P 62 -7.11 -27.16 19.49
C LEU P 62 -6.47 -28.51 19.17
N SER P 63 -7.21 -29.39 18.50
CA SER P 63 -6.63 -30.66 18.06
C SER P 63 -5.47 -30.42 17.10
N LEU P 64 -5.60 -29.42 16.23
CA LEU P 64 -4.51 -29.11 15.30
C LEU P 64 -3.26 -28.66 16.05
N VAL P 65 -3.43 -27.81 17.07
CA VAL P 65 -2.28 -27.38 17.87
C VAL P 65 -1.65 -28.56 18.59
N PHE P 66 -2.49 -29.46 19.12
CA PHE P 66 -1.96 -30.66 19.76
C PHE P 66 -1.20 -31.54 18.78
N PHE P 67 -1.68 -31.64 17.54
CA PHE P 67 -0.96 -32.39 16.52
C PHE P 67 0.38 -31.76 16.22
N TRP P 68 0.43 -30.43 16.17
CA TRP P 68 1.70 -29.73 15.97
C TRP P 68 2.68 -30.00 17.11
N ILE P 69 2.18 -29.97 18.35
CA ILE P 69 3.01 -30.27 19.51
C ILE P 69 3.52 -31.70 19.41
N SER P 70 2.66 -32.64 19.01
CA SER P 70 3.06 -34.03 18.87
C SER P 70 4.15 -34.19 17.81
N GLY P 71 4.01 -33.45 16.71
CA GLY P 71 5.04 -33.49 15.68
C GLY P 71 6.38 -32.98 16.19
N MET P 72 6.35 -31.88 16.95
CA MET P 72 7.58 -31.38 17.53
C MET P 72 8.20 -32.40 18.47
N HIS P 73 7.37 -33.06 19.28
CA HIS P 73 7.87 -34.05 20.22
C HIS P 73 8.48 -35.25 19.49
N LEU P 74 7.84 -35.73 18.42
CA LEU P 74 8.40 -36.85 17.69
C LEU P 74 9.68 -36.45 16.97
N HIS P 75 9.75 -35.22 16.46
CA HIS P 75 11.00 -34.76 15.86
C HIS P 75 12.12 -34.71 16.89
N GLY P 76 11.77 -34.38 18.11
CA GLY P 76 12.76 -34.33 19.15
C GLY P 76 13.16 -35.69 19.63
N ALA P 77 12.37 -36.70 19.38
CA ALA P 77 12.70 -37.99 19.94
C ALA P 77 13.37 -38.81 18.93
N TYR P 78 13.04 -38.59 17.68
CA TYR P 78 13.54 -39.48 16.64
C TYR P 78 14.28 -38.78 15.50
N LEU P 79 14.35 -37.46 15.49
CA LEU P 79 15.00 -36.74 14.41
C LEU P 79 15.84 -35.60 14.95
N SER P 80 16.46 -35.86 16.09
CA SER P 80 17.22 -34.82 16.75
C SER P 80 18.49 -35.20 17.44
N ASN P 81 19.34 -34.22 17.65
CA ASN P 81 20.57 -34.42 18.42
C ASN P 81 20.38 -33.97 19.87
N TYR P 82 19.17 -34.19 20.41
CA TYR P 82 18.88 -33.76 21.78
C TYR P 82 19.73 -34.49 22.81
N ASP P 83 20.24 -35.67 22.50
CA ASP P 83 21.09 -36.39 23.44
C ASP P 83 22.39 -35.63 23.69
N ILE P 84 23.13 -35.34 22.63
CA ILE P 84 24.40 -34.64 22.79
C ILE P 84 24.17 -33.22 23.27
N TRP P 85 23.04 -32.60 22.89
CA TRP P 85 22.72 -31.30 23.44
C TRP P 85 22.51 -31.37 24.95
N LEU P 86 21.85 -32.43 25.42
CA LEU P 86 21.73 -32.63 26.86
C LEU P 86 23.09 -32.77 27.50
N LYS P 87 23.96 -33.58 26.90
CA LYS P 87 25.29 -33.79 27.48
C LYS P 87 26.12 -32.52 27.47
N ASP P 88 26.07 -31.74 26.39
CA ASP P 88 26.86 -30.52 26.25
C ASP P 88 26.07 -29.48 25.48
N PRO P 89 25.22 -28.70 26.17
CA PRO P 89 24.39 -27.71 25.45
C PRO P 89 25.17 -26.51 24.97
N LYS P 90 26.32 -26.20 25.56
CA LYS P 90 27.08 -25.02 25.20
C LYS P 90 27.97 -25.23 23.97
N SER P 91 28.06 -26.45 23.46
CA SER P 91 28.87 -26.74 22.28
C SER P 91 28.06 -27.34 21.14
N ILE P 92 26.78 -27.62 21.35
CA ILE P 92 25.93 -28.25 20.34
C ILE P 92 24.75 -27.33 20.07
N THR P 93 24.52 -27.01 18.79
CA THR P 93 23.35 -26.24 18.41
C THR P 93 22.13 -27.16 18.36
N PRO P 94 20.98 -26.72 18.89
CA PRO P 94 19.77 -27.56 18.83
C PRO P 94 19.39 -27.85 17.38
N SER P 95 18.95 -29.08 17.13
CA SER P 95 18.56 -29.47 15.79
C SER P 95 17.64 -30.68 15.89
N SER P 96 16.36 -30.48 15.58
CA SER P 96 15.39 -31.57 15.43
C SER P 96 14.76 -31.52 14.05
N HIS P 97 15.54 -31.16 13.04
CA HIS P 97 15.00 -30.83 11.72
C HIS P 97 16.06 -31.17 10.69
N LEU P 98 15.84 -32.23 9.92
CA LEU P 98 16.75 -32.66 8.86
C LEU P 98 16.18 -32.29 7.50
N ALA P 99 17.02 -32.46 6.47
CA ALA P 99 16.63 -32.27 5.10
C ALA P 99 17.10 -33.47 4.28
N TYR P 100 16.24 -33.92 3.37
CA TYR P 100 16.55 -35.10 2.53
C TYR P 100 17.68 -34.73 1.57
N SER P 101 18.47 -35.72 1.17
CA SER P 101 19.57 -35.49 0.20
C SER P 101 19.01 -35.53 -1.22
N LEU P 102 18.21 -34.54 -1.60
CA LEU P 102 17.66 -34.48 -2.97
C LEU P 102 18.05 -33.13 -3.58
N ILE P 103 18.25 -33.08 -4.89
CA ILE P 103 18.59 -31.79 -5.58
C ILE P 103 19.70 -31.08 -4.81
N GLY P 104 20.56 -31.83 -4.12
CA GLY P 104 21.70 -31.23 -3.40
C GLY P 104 21.25 -30.54 -2.13
N GLN P 105 19.97 -30.69 -1.76
CA GLN P 105 19.42 -30.06 -0.53
C GLN P 105 20.28 -30.52 0.65
N ASP P 106 21.11 -31.54 0.44
CA ASP P 106 22.00 -32.04 1.51
C ASP P 106 22.86 -30.88 2.03
N ILE P 107 23.01 -29.83 1.23
CA ILE P 107 23.90 -28.70 1.64
C ILE P 107 23.22 -27.93 2.76
N LEU P 108 21.95 -28.22 3.06
CA LEU P 108 21.28 -27.41 4.08
C LEU P 108 21.62 -27.93 5.48
N ASN P 109 21.69 -29.24 5.65
CA ASN P 109 22.14 -29.81 6.91
C ASN P 109 23.58 -29.37 7.17
N SER P 110 23.85 -28.95 8.41
CA SER P 110 25.18 -28.49 8.80
C SER P 110 25.62 -29.22 10.05
N TYR P 111 26.91 -29.12 10.34
CA TYR P 111 27.50 -29.77 11.50
C TYR P 111 26.93 -29.15 12.77
N THR P 112 26.11 -29.91 13.49
CA THR P 112 25.70 -29.55 14.84
C THR P 112 26.36 -30.40 15.90
N SER P 113 26.66 -31.66 15.58
CA SER P 113 27.38 -32.56 16.47
C SER P 113 28.22 -33.49 15.60
N GLU P 114 29.15 -34.19 16.25
CA GLU P 114 30.04 -35.10 15.51
C GLU P 114 29.28 -36.25 14.87
N TYR P 115 28.08 -36.56 15.36
CA TYR P 115 27.28 -37.65 14.82
C TYR P 115 25.97 -37.17 14.19
N PHE P 116 25.76 -35.86 14.11
CA PHE P 116 24.48 -35.33 13.62
C PHE P 116 24.73 -34.15 12.70
N SER P 117 24.00 -34.12 11.59
CA SER P 117 23.98 -32.99 10.68
C SER P 117 22.52 -32.64 10.39
N GLY P 118 22.18 -31.37 10.56
CA GLY P 118 20.80 -30.96 10.35
C GLY P 118 20.65 -29.46 10.46
N ILE P 119 19.41 -29.02 10.40
CA ILE P 119 19.09 -27.60 10.44
C ILE P 119 18.95 -27.17 11.89
N THR P 120 19.72 -26.14 12.27
CA THR P 120 19.68 -25.63 13.63
C THR P 120 18.31 -25.02 13.91
N ILE P 121 17.55 -25.64 14.80
CA ILE P 121 16.24 -25.11 15.17
C ILE P 121 16.43 -23.99 16.18
N THR P 122 15.58 -22.97 16.09
CA THR P 122 15.63 -21.85 17.02
C THR P 122 14.31 -21.68 17.76
N SER P 123 13.49 -22.73 17.81
CA SER P 123 12.24 -22.69 18.54
C SER P 123 12.43 -22.76 20.05
N GLY P 124 13.61 -23.16 20.52
CA GLY P 124 13.83 -23.28 21.94
C GLY P 124 13.18 -24.50 22.57
N PHE P 125 12.83 -25.50 21.78
CA PHE P 125 12.18 -26.69 22.32
C PHE P 125 13.13 -27.52 23.18
N PHE P 126 14.43 -27.50 22.86
CA PHE P 126 15.38 -28.27 23.66
C PHE P 126 15.50 -27.71 25.08
N GLN P 127 15.55 -26.38 25.20
CA GLN P 127 15.58 -25.76 26.52
C GLN P 127 14.30 -26.04 27.28
N LEU P 128 13.16 -26.04 26.57
CA LEU P 128 11.89 -26.38 27.22
C LEU P 128 11.90 -27.82 27.73
N TYR P 129 12.43 -28.74 26.92
CA TYR P 129 12.50 -30.14 27.34
C TYR P 129 13.39 -30.30 28.57
N ARG P 130 14.56 -29.64 28.56
CA ARG P 130 15.45 -29.73 29.71
C ARG P 130 14.80 -29.14 30.96
N SER P 131 14.12 -28.00 30.81
CA SER P 131 13.35 -27.44 31.91
C SER P 131 12.16 -28.31 32.29
N GLU P 132 11.76 -29.22 31.40
CA GLU P 132 10.70 -30.18 31.67
C GLU P 132 11.26 -31.55 32.06
N GLY P 133 12.53 -31.62 32.43
CA GLY P 133 13.10 -32.84 32.97
C GLY P 133 13.04 -34.01 32.02
N ILE P 134 13.08 -33.75 30.71
CA ILE P 134 13.01 -34.80 29.71
C ILE P 134 14.44 -35.16 29.31
N ILE P 135 14.85 -36.39 29.64
CA ILE P 135 16.23 -36.84 29.45
C ILE P 135 16.32 -38.02 28.49
N THR P 136 15.46 -39.02 28.65
CA THR P 136 15.51 -40.20 27.81
C THR P 136 14.57 -40.05 26.61
N GLN P 137 14.85 -40.86 25.57
CA GLN P 137 14.00 -40.85 24.38
C GLN P 137 12.60 -41.35 24.70
N SER P 138 12.47 -42.23 25.71
CA SER P 138 11.16 -42.75 26.06
C SER P 138 10.23 -41.65 26.55
N GLN P 139 10.79 -40.68 27.29
CA GLN P 139 9.97 -39.57 27.78
C GLN P 139 9.40 -38.76 26.62
N LEU P 140 10.22 -38.49 25.60
CA LEU P 140 9.72 -37.78 24.42
C LEU P 140 8.74 -38.65 23.64
N LYS P 141 8.97 -39.95 23.60
CA LYS P 141 8.01 -40.86 22.94
C LYS P 141 6.65 -40.75 23.60
N TYR P 142 6.61 -40.76 24.93
CA TYR P 142 5.33 -40.73 25.62
C TYR P 142 4.71 -39.34 25.59
N ALA P 143 5.53 -38.29 25.53
CA ALA P 143 4.98 -36.94 25.31
C ALA P 143 4.30 -36.86 23.95
N CYS P 144 4.95 -37.40 22.91
CA CYS P 144 4.36 -37.42 21.58
C CYS P 144 3.09 -38.26 21.56
N ALA P 145 3.10 -39.40 22.26
CA ALA P 145 1.92 -40.25 22.32
C ALA P 145 0.76 -39.54 23.00
N THR P 146 1.03 -38.85 24.12
CA THR P 146 -0.02 -38.13 24.81
C THR P 146 -0.56 -36.99 23.96
N SER P 147 0.32 -36.32 23.21
CA SER P 147 -0.15 -35.23 22.35
C SER P 147 -0.99 -35.77 21.20
N LEU P 148 -0.62 -36.94 20.64
CA LEU P 148 -1.45 -37.55 19.61
C LEU P 148 -2.81 -37.98 20.16
N ILE P 149 -2.82 -38.52 21.38
CA ILE P 149 -4.08 -38.90 22.01
C ILE P 149 -4.95 -37.67 22.23
N ALA P 150 -4.33 -36.56 22.64
CA ALA P 150 -5.07 -35.32 22.81
C ALA P 150 -5.62 -34.82 21.48
N THR P 151 -4.84 -34.96 20.41
CA THR P 151 -5.33 -34.60 19.08
C THR P 151 -6.57 -35.40 18.72
N LEU P 152 -6.51 -36.73 18.93
CA LEU P 152 -7.67 -37.57 18.62
C LEU P 152 -8.87 -37.19 19.49
N ILE P 153 -8.63 -36.93 20.77
CA ILE P 153 -9.72 -36.60 21.69
C ILE P 153 -10.38 -35.29 21.28
N CYS P 154 -9.59 -34.27 20.97
CA CYS P 154 -10.16 -32.98 20.59
C CYS P 154 -10.86 -33.06 19.24
N LEU P 155 -10.31 -33.84 18.30
CA LEU P 155 -10.99 -34.04 17.02
C LEU P 155 -12.33 -34.71 17.22
N SER P 156 -12.38 -35.76 18.06
CA SER P 156 -13.63 -36.45 18.31
C SER P 156 -14.63 -35.54 19.02
N GLY P 157 -14.15 -34.69 19.93
CA GLY P 157 -15.04 -33.77 20.60
C GLY P 157 -15.62 -32.73 19.67
N SER P 158 -14.79 -32.21 18.75
CA SER P 158 -15.30 -31.29 17.74
C SER P 158 -16.33 -31.98 16.86
N TYR P 159 -16.09 -33.24 16.51
CA TYR P 159 -17.08 -33.99 15.74
C TYR P 159 -18.38 -34.16 16.53
N LEU P 160 -18.28 -34.48 17.82
CA LEU P 160 -19.46 -34.78 18.61
C LEU P 160 -20.29 -33.54 18.89
N HIS P 161 -19.64 -32.41 19.17
CA HIS P 161 -20.38 -31.23 19.61
C HIS P 161 -21.23 -30.61 18.51
N MET P 162 -21.00 -30.97 17.25
CA MET P 162 -21.88 -30.50 16.19
C MET P 162 -23.27 -31.09 16.29
N GLN P 163 -23.44 -32.14 17.09
CA GLN P 163 -24.75 -32.76 17.31
C GLN P 163 -25.13 -32.89 18.78
N LEU P 164 -24.17 -32.85 19.71
CA LEU P 164 -24.52 -32.80 21.12
C LEU P 164 -25.20 -31.48 21.46
N MET P 165 -24.61 -30.37 21.03
CA MET P 165 -25.28 -29.09 21.16
C MET P 165 -26.49 -29.05 20.24
N SER P 166 -27.54 -28.35 20.68
CA SER P 166 -28.80 -28.32 19.96
C SER P 166 -29.32 -26.89 19.95
N LYS P 167 -30.58 -26.73 19.54
CA LYS P 167 -31.21 -25.42 19.54
C LYS P 167 -31.35 -24.87 20.95
N PHE P 168 -31.51 -25.75 21.94
CA PHE P 168 -31.66 -25.33 23.33
C PHE P 168 -30.33 -25.08 24.03
N THR P 169 -29.20 -25.37 23.37
CA THR P 169 -27.89 -25.25 24.00
C THR P 169 -27.64 -23.83 24.47
N SER P 170 -27.17 -23.70 25.71
CA SER P 170 -26.94 -22.38 26.30
C SER P 170 -25.70 -22.30 27.17
N PHE P 171 -24.88 -23.35 27.25
CA PHE P 171 -23.72 -23.32 28.14
C PHE P 171 -22.68 -22.31 27.72
N TYR P 172 -22.64 -21.95 26.44
CA TYR P 172 -21.67 -20.95 25.99
C TYR P 172 -22.05 -19.55 26.41
N LYS P 173 -23.35 -19.29 26.60
CA LYS P 173 -23.82 -17.97 27.01
C LYS P 173 -23.70 -17.72 28.51
N LYS P 174 -23.38 -18.75 29.30
CA LYS P 174 -23.26 -18.59 30.75
C LYS P 174 -21.86 -18.05 31.07
N PHE P 175 -21.73 -16.72 30.96
CA PHE P 175 -20.42 -16.10 31.08
C PHE P 175 -19.91 -16.14 32.52
N GLN P 176 -20.80 -16.06 33.51
CA GLN P 176 -20.36 -16.22 34.90
C GLN P 176 -19.74 -17.58 35.10
N SER P 177 -20.39 -18.63 34.61
CA SER P 177 -19.85 -19.98 34.74
C SER P 177 -18.51 -20.10 34.04
N LEU P 178 -18.43 -19.62 32.79
CA LEU P 178 -17.19 -19.69 32.03
C LEU P 178 -16.05 -19.01 32.78
N SER P 179 -16.27 -17.76 33.20
CA SER P 179 -15.22 -17.02 33.88
C SER P 179 -14.79 -17.72 35.16
N GLN P 180 -15.76 -18.15 35.97
CA GLN P 180 -15.42 -18.76 37.26
C GLN P 180 -14.63 -20.06 37.07
N ASP P 181 -15.15 -20.98 36.25
CA ASP P 181 -14.47 -22.26 36.10
C ASP P 181 -13.13 -22.09 35.40
N HIS P 182 -13.06 -21.31 34.32
CA HIS P 182 -11.79 -21.01 33.69
C HIS P 182 -10.80 -20.51 34.73
N LEU P 183 -11.09 -19.36 35.34
CA LEU P 183 -10.19 -18.74 36.31
C LEU P 183 -9.71 -19.77 37.33
N ILE P 184 -10.64 -20.29 38.14
CA ILE P 184 -10.26 -21.17 39.25
C ILE P 184 -9.56 -22.41 38.73
N ILE P 185 -10.28 -23.26 38.00
CA ILE P 185 -9.79 -24.59 37.69
C ILE P 185 -8.57 -24.58 36.77
N ILE P 186 -8.37 -23.54 35.97
CA ILE P 186 -7.27 -23.56 35.01
C ILE P 186 -6.15 -22.65 35.50
N PHE P 187 -6.44 -21.37 35.71
CA PHE P 187 -5.39 -20.46 36.10
C PHE P 187 -4.93 -20.74 37.53
N GLY P 188 -5.84 -21.19 38.40
CA GLY P 188 -5.45 -21.54 39.75
C GLY P 188 -5.14 -23.01 39.97
N SER P 189 -6.07 -23.89 39.60
CA SER P 189 -5.92 -25.31 39.91
C SER P 189 -5.01 -26.05 38.95
N ARG P 190 -4.68 -25.47 37.79
CA ARG P 190 -3.68 -26.05 36.91
C ARG P 190 -2.30 -25.43 37.07
N SER P 191 -2.23 -24.18 37.52
CA SER P 191 -0.93 -23.59 37.85
C SER P 191 -0.30 -24.31 39.03
N THR P 192 -1.09 -24.62 40.06
CA THR P 192 -0.57 -25.41 41.17
C THR P 192 -0.26 -26.84 40.72
N SER P 193 -0.98 -27.36 39.74
CA SER P 193 -0.65 -28.68 39.21
C SER P 193 0.71 -28.67 38.53
N LEU P 194 1.00 -27.62 37.75
CA LEU P 194 2.33 -27.52 37.15
C LEU P 194 3.39 -27.27 38.21
N SER P 195 3.06 -26.53 39.26
CA SER P 195 3.99 -26.38 40.37
C SER P 195 4.31 -27.72 41.00
N ALA P 196 3.30 -28.57 41.16
CA ALA P 196 3.51 -29.93 41.64
C ALA P 196 4.42 -30.71 40.68
N HIS P 197 4.15 -30.60 39.39
CA HIS P 197 4.97 -31.28 38.40
C HIS P 197 6.42 -30.87 38.51
N GLN P 198 6.67 -29.57 38.65
CA GLN P 198 8.04 -29.10 38.77
C GLN P 198 8.67 -29.58 40.07
N ILE P 199 7.98 -29.39 41.19
CA ILE P 199 8.54 -29.77 42.49
C ILE P 199 8.89 -31.26 42.52
N HIS P 200 8.09 -32.09 41.83
CA HIS P 200 8.28 -33.53 41.90
C HIS P 200 9.07 -34.12 40.74
N LYS P 201 9.37 -33.35 39.69
CA LYS P 201 10.10 -33.95 38.58
C LYS P 201 11.27 -33.12 38.07
N MET P 202 11.22 -31.78 38.24
CA MET P 202 12.30 -30.90 37.81
C MET P 202 13.38 -30.80 38.89
N LEU P 203 12.98 -30.32 40.07
CA LEU P 203 13.90 -30.27 41.20
C LEU P 203 14.52 -31.63 41.52
N PRO P 204 13.82 -32.76 41.41
CA PRO P 204 14.52 -34.05 41.46
C PRO P 204 15.49 -34.27 40.31
N ALA P 205 15.32 -33.59 39.18
CA ALA P 205 16.11 -33.88 37.99
C ALA P 205 17.07 -32.75 37.62
N ASN P 206 16.56 -31.52 37.42
CA ASN P 206 17.43 -30.44 36.97
C ASN P 206 18.59 -30.16 37.91
N PRO P 207 18.42 -30.12 39.24
CA PRO P 207 19.60 -30.06 40.11
C PRO P 207 20.55 -31.24 39.93
N LEU P 208 20.05 -32.44 39.63
CA LEU P 208 20.95 -33.56 39.39
C LEU P 208 21.84 -33.31 38.18
N LEU P 209 21.26 -32.78 37.10
CA LEU P 209 22.07 -32.42 35.93
C LEU P 209 23.03 -31.28 36.26
N ASP P 210 22.55 -30.25 36.96
CA ASP P 210 23.41 -29.13 37.33
C ASP P 210 24.47 -29.56 38.33
N SER P 211 24.20 -30.58 39.15
CA SER P 211 25.20 -31.13 40.05
C SER P 211 26.30 -31.88 39.32
N GLY P 212 26.27 -31.84 37.99
CA GLY P 212 27.28 -32.49 37.19
C GLY P 212 27.00 -33.92 36.84
N ILE P 213 25.98 -34.53 37.45
CA ILE P 213 25.64 -35.93 37.13
C ILE P 213 24.66 -35.87 35.98
N SER P 214 25.20 -35.69 34.77
CA SER P 214 24.42 -35.96 33.57
C SER P 214 24.16 -37.45 33.44
N LYS P 215 25.05 -38.25 34.00
CA LYS P 215 24.75 -39.65 34.25
C LYS P 215 23.51 -39.82 35.13
N PRO P 216 23.35 -39.06 36.24
CA PRO P 216 22.22 -39.28 37.15
C PRO P 216 22.02 -40.73 37.54
N SER P 217 23.10 -41.52 37.49
CA SER P 217 23.05 -42.96 37.74
C SER P 217 21.99 -43.62 36.86
N ILE P 218 21.90 -43.15 35.61
CA ILE P 218 20.80 -43.48 34.71
C ILE P 218 19.48 -43.27 35.45
N LEU P 219 18.68 -44.33 35.55
CA LEU P 219 17.39 -44.24 36.21
C LEU P 219 17.47 -44.42 37.72
N GLN P 220 18.62 -44.82 38.25
CA GLN P 220 18.73 -45.06 39.68
C GLN P 220 18.48 -43.79 40.49
N VAL P 221 18.83 -42.63 39.93
CA VAL P 221 18.59 -41.34 40.59
C VAL P 221 17.64 -40.47 39.79
N ILE P 222 17.75 -40.48 38.45
CA ILE P 222 16.93 -39.59 37.62
C ILE P 222 15.46 -39.98 37.71
N SER P 223 15.16 -41.28 37.80
CA SER P 223 13.78 -41.75 37.84
C SER P 223 13.22 -41.56 39.25
N ASN P 224 13.08 -40.28 39.63
CA ASN P 224 12.56 -39.85 40.93
C ASN P 224 13.33 -40.60 42.03
N SER P 225 12.67 -41.11 43.07
CA SER P 225 13.34 -41.82 44.16
C SER P 225 14.47 -40.99 44.77
N LEU P 226 14.24 -39.68 44.86
CA LEU P 226 15.23 -38.73 45.35
C LEU P 226 14.61 -37.81 46.40
N SER P 227 13.88 -38.39 47.35
CA SER P 227 13.24 -37.62 48.41
C SER P 227 14.24 -37.16 49.47
N TYR P 228 15.54 -37.32 49.23
CA TYR P 228 16.57 -36.84 50.13
C TYR P 228 17.27 -35.59 49.59
N THR P 229 16.61 -34.86 48.70
CA THR P 229 17.20 -33.67 48.08
C THR P 229 16.57 -32.36 48.53
N LEU P 230 15.36 -32.41 49.12
CA LEU P 230 14.65 -31.23 49.61
C LEU P 230 14.15 -30.36 48.46
N ALA P 231 12.99 -29.74 48.64
CA ALA P 231 12.40 -28.94 47.57
C ALA P 231 13.22 -27.69 47.28
N LEU P 232 13.56 -26.93 48.32
CA LEU P 232 14.36 -25.72 48.16
C LEU P 232 15.83 -26.06 48.45
N PHE P 233 16.39 -26.90 47.58
CA PHE P 233 17.73 -27.43 47.79
C PHE P 233 18.79 -26.35 47.61
N SER P 234 18.65 -25.51 46.58
CA SER P 234 19.69 -24.56 46.23
C SER P 234 19.10 -23.18 45.95
N THR P 235 18.13 -22.77 46.78
CA THR P 235 17.60 -21.42 46.66
C THR P 235 18.67 -20.37 46.95
N ASN P 236 19.61 -20.69 47.84
CA ASN P 236 20.71 -19.79 48.20
C ASN P 236 20.21 -18.43 48.68
N LEU P 237 19.13 -18.45 49.45
CA LEU P 237 18.47 -17.23 49.93
C LEU P 237 18.25 -16.25 48.79
N SER P 238 18.82 -15.04 48.91
CA SER P 238 18.75 -14.02 47.87
C SER P 238 17.30 -13.69 47.51
N SER P 239 17.11 -13.08 46.34
CA SER P 239 15.78 -12.81 45.82
C SER P 239 15.66 -13.40 44.42
N THR P 240 14.47 -13.89 44.10
CA THR P 240 14.22 -14.50 42.80
C THR P 240 14.53 -13.52 41.67
N GLY P 241 15.53 -13.86 40.87
CA GLY P 241 15.96 -13.04 39.76
C GLY P 241 17.21 -12.23 40.02
N LYS P 242 17.48 -11.90 41.29
CA LYS P 242 18.72 -11.21 41.62
C LYS P 242 19.93 -12.09 41.40
N LEU P 243 19.83 -13.37 41.75
CA LEU P 243 20.92 -14.33 41.60
C LEU P 243 20.45 -15.44 40.67
N LEU P 244 21.11 -15.58 39.53
CA LEU P 244 20.80 -16.62 38.57
C LEU P 244 21.58 -17.89 38.91
N ASN P 245 21.13 -19.00 38.35
CA ASN P 245 21.83 -20.27 38.53
C ASN P 245 23.12 -20.21 37.73
N PRO P 246 24.29 -20.30 38.38
CA PRO P 246 25.55 -20.13 37.64
C PRO P 246 25.80 -21.19 36.58
N SER P 247 25.18 -22.36 36.71
CA SER P 247 25.46 -23.46 35.78
C SER P 247 24.63 -23.33 34.50
N THR P 248 23.32 -23.16 34.63
CA THR P 248 22.44 -23.09 33.48
C THR P 248 22.14 -21.66 33.03
N ARG P 249 22.56 -20.66 33.78
CA ARG P 249 22.34 -19.25 33.44
C ARG P 249 20.84 -18.94 33.33
N SER P 250 20.12 -19.25 34.40
CA SER P 250 18.68 -19.05 34.46
C SER P 250 18.26 -18.96 35.91
N VAL P 251 17.00 -18.54 36.12
CA VAL P 251 16.42 -18.54 37.44
C VAL P 251 16.28 -19.97 37.93
N PHE P 252 16.59 -20.20 39.21
CA PHE P 252 16.48 -21.53 39.78
C PHE P 252 15.05 -22.05 39.64
N LEU P 253 14.93 -23.31 39.24
CA LEU P 253 13.61 -23.89 38.98
C LEU P 253 12.77 -24.04 40.24
N SER P 254 13.41 -24.09 41.42
CA SER P 254 12.65 -24.08 42.66
C SER P 254 11.86 -22.78 42.80
N GLN P 255 12.48 -21.66 42.42
CA GLN P 255 11.78 -20.37 42.46
C GLN P 255 10.65 -20.34 41.45
N VAL P 256 10.83 -20.97 40.28
CA VAL P 256 9.77 -21.03 39.29
C VAL P 256 8.59 -21.86 39.81
N ALA P 257 8.89 -22.99 40.47
CA ALA P 257 7.83 -23.81 41.04
C ALA P 257 7.09 -23.05 42.13
N ALA P 258 7.81 -22.33 42.99
CA ALA P 258 7.16 -21.50 43.99
C ALA P 258 6.29 -20.43 43.34
N HIS P 259 6.78 -19.84 42.24
CA HIS P 259 6.00 -18.85 41.51
C HIS P 259 4.70 -19.43 41.01
N HIS P 260 4.76 -20.62 40.42
CA HIS P 260 3.55 -21.23 39.90
C HIS P 260 2.58 -21.59 41.01
N LYS P 261 3.10 -22.10 42.14
CA LYS P 261 2.23 -22.41 43.28
C LYS P 261 1.53 -21.14 43.78
N THR P 262 2.29 -20.06 43.94
CA THR P 262 1.72 -18.84 44.48
C THR P 262 0.75 -18.19 43.50
N THR P 263 1.06 -18.27 42.19
CA THR P 263 0.15 -17.72 41.19
C THR P 263 -1.16 -18.52 41.13
N GLY P 264 -1.07 -19.85 41.28
CA GLY P 264 -2.29 -20.64 41.37
C GLY P 264 -3.11 -20.30 42.60
N VAL P 265 -2.43 -20.10 43.74
CA VAL P 265 -3.14 -19.69 44.95
C VAL P 265 -3.81 -18.33 44.73
N VAL P 266 -3.11 -17.40 44.09
CA VAL P 266 -3.66 -16.07 43.84
C VAL P 266 -4.87 -16.16 42.92
N PHE P 267 -4.80 -16.98 41.87
CA PHE P 267 -5.91 -17.12 40.96
C PHE P 267 -7.12 -17.76 41.65
N ILE P 268 -6.90 -18.77 42.49
CA ILE P 268 -8.00 -19.37 43.24
C ILE P 268 -8.63 -18.34 44.17
N THR P 269 -7.80 -17.55 44.86
CA THR P 269 -8.33 -16.53 45.75
C THR P 269 -9.08 -15.44 44.98
N LEU P 270 -8.63 -15.11 43.77
CA LEU P 270 -9.37 -14.13 42.96
C LEU P 270 -10.70 -14.71 42.51
N GLY P 271 -10.74 -16.00 42.18
CA GLY P 271 -12.01 -16.64 41.86
C GLY P 271 -12.97 -16.62 43.03
N LEU P 272 -12.43 -16.80 44.25
CA LEU P 272 -13.27 -16.69 45.44
C LEU P 272 -13.72 -15.24 45.67
N ILE P 273 -12.83 -14.28 45.39
CA ILE P 273 -13.15 -12.87 45.59
C ILE P 273 -14.26 -12.44 44.64
N ARG P 274 -14.23 -12.93 43.40
CA ARG P 274 -15.23 -12.55 42.40
C ARG P 274 -16.65 -12.84 42.84
N PHE P 275 -16.85 -13.56 43.94
CA PHE P 275 -18.18 -13.69 44.52
C PHE P 275 -18.68 -12.35 45.07
N LEU P 276 -17.77 -11.48 45.49
CA LEU P 276 -18.14 -10.14 45.96
C LEU P 276 -16.94 -9.22 45.75
N THR P 277 -17.00 -8.40 44.70
CA THR P 277 -15.92 -7.48 44.39
C THR P 277 -16.50 -6.24 43.70
N MET P 278 -15.63 -5.45 43.08
CA MET P 278 -16.05 -4.20 42.46
C MET P 278 -16.76 -4.47 41.14
N TYR P 279 -17.97 -3.94 41.02
CA TYR P 279 -18.81 -4.12 39.83
C TYR P 279 -19.70 -2.89 39.69
N LYS P 280 -20.76 -3.02 38.90
CA LYS P 280 -21.78 -1.99 38.68
C LYS P 280 -21.25 -0.77 37.93
N SER P 281 -20.01 -0.80 37.48
CA SER P 281 -19.46 0.23 36.59
C SER P 281 -19.09 -0.33 35.23
N GLN P 282 -18.43 -1.49 35.20
CA GLN P 282 -18.24 -2.25 33.97
C GLN P 282 -19.50 -3.01 33.57
N PHE P 283 -20.64 -2.67 34.18
CA PHE P 283 -21.87 -3.42 33.94
C PHE P 283 -22.46 -3.12 32.58
N SER P 284 -22.37 -1.87 32.12
CA SER P 284 -22.77 -1.57 30.74
C SER P 284 -21.92 -2.38 29.77
N ILE P 285 -20.62 -2.46 30.04
CA ILE P 285 -19.74 -3.34 29.28
C ILE P 285 -20.18 -4.79 29.42
N LEU P 286 -20.65 -5.17 30.61
CA LEU P 286 -21.07 -6.55 30.85
C LEU P 286 -22.25 -6.92 29.98
N THR P 287 -23.26 -6.06 29.89
CA THR P 287 -24.46 -6.38 29.13
C THR P 287 -24.30 -6.16 27.63
N SER P 288 -23.51 -5.16 27.23
CA SER P 288 -23.42 -4.79 25.83
C SER P 288 -22.38 -5.58 25.05
N TYR P 289 -21.56 -6.38 25.73
CA TYR P 289 -20.46 -7.09 25.08
C TYR P 289 -20.65 -8.61 25.09
N ILE P 290 -21.89 -9.07 25.21
CA ILE P 290 -22.18 -10.52 25.14
C ILE P 290 -22.48 -10.82 23.67
N ASP P 291 -21.39 -11.05 22.93
CA ASP P 291 -21.48 -11.38 21.51
C ASP P 291 -20.18 -12.06 21.11
N TYR P 292 -20.25 -12.80 20.01
CA TYR P 292 -19.07 -13.56 19.56
C TYR P 292 -17.93 -12.63 19.18
N HIS P 293 -18.22 -11.63 18.35
CA HIS P 293 -17.14 -10.81 17.79
C HIS P 293 -16.50 -9.90 18.84
N ILE P 294 -17.29 -9.39 19.79
CA ILE P 294 -16.73 -8.52 20.80
C ILE P 294 -15.81 -9.30 21.75
N VAL P 295 -16.28 -10.45 22.22
CA VAL P 295 -15.43 -11.26 23.10
C VAL P 295 -14.23 -11.76 22.34
N LEU P 296 -14.38 -12.07 21.06
CA LEU P 296 -13.24 -12.46 20.24
C LEU P 296 -12.22 -11.34 20.16
N SER P 297 -12.68 -10.10 19.94
CA SER P 297 -11.76 -8.98 19.87
C SER P 297 -11.07 -8.73 21.21
N ILE P 298 -11.83 -8.83 22.30
CA ILE P 298 -11.26 -8.63 23.63
C ILE P 298 -10.19 -9.67 23.91
N ASN P 299 -10.50 -10.94 23.62
CA ASN P 299 -9.54 -12.01 23.84
C ASN P 299 -8.32 -11.86 22.92
N LEU P 300 -8.53 -11.44 21.67
CA LEU P 300 -7.40 -11.25 20.77
C LEU P 300 -6.47 -10.15 21.28
N ALA P 301 -7.04 -9.02 21.73
CA ALA P 301 -6.21 -7.95 22.27
C ALA P 301 -5.47 -8.41 23.51
N LEU P 302 -6.17 -9.12 24.40
CA LEU P 302 -5.54 -9.59 25.64
C LEU P 302 -4.41 -10.56 25.35
N ILE P 303 -4.65 -11.51 24.45
CA ILE P 303 -3.64 -12.51 24.13
C ILE P 303 -2.46 -11.88 23.41
N ALA P 304 -2.71 -10.88 22.57
CA ALA P 304 -1.61 -10.19 21.91
C ALA P 304 -0.77 -9.39 22.90
N SER P 305 -1.42 -8.70 23.84
CA SER P 305 -0.67 -8.00 24.87
C SER P 305 0.15 -8.98 25.69
N LEU P 306 -0.43 -10.12 26.06
CA LEU P 306 0.33 -11.14 26.76
C LEU P 306 1.49 -11.64 25.92
N SER P 307 1.29 -11.73 24.61
CA SER P 307 2.37 -12.17 23.73
C SER P 307 3.53 -11.19 23.72
N ILE P 308 3.23 -9.88 23.71
CA ILE P 308 4.32 -8.92 23.72
C ILE P 308 5.01 -8.91 25.10
N ILE P 309 4.25 -9.13 26.17
CA ILE P 309 4.89 -9.24 27.49
C ILE P 309 5.81 -10.46 27.52
N VAL P 310 5.37 -11.56 26.91
CA VAL P 310 6.20 -12.75 26.82
C VAL P 310 7.45 -12.47 25.99
N ALA P 311 7.29 -11.72 24.90
CA ALA P 311 8.43 -11.39 24.06
C ALA P 311 9.48 -10.61 24.84
N ASP P 312 9.03 -9.62 25.62
CA ASP P 312 10.00 -8.84 26.39
C ASP P 312 10.50 -9.56 27.63
N HIS P 313 9.76 -10.54 28.16
CA HIS P 313 10.17 -11.22 29.38
C HIS P 313 10.93 -12.51 29.14
N LEU P 314 10.94 -13.04 27.92
CA LEU P 314 11.66 -14.28 27.65
C LEU P 314 13.14 -14.06 27.39
N THR P 315 13.57 -12.81 27.22
CA THR P 315 14.94 -12.54 26.79
C THR P 315 15.87 -12.20 27.94
N ARG P 316 15.51 -11.22 28.78
CA ARG P 316 16.35 -10.78 29.88
C ARG P 316 15.71 -11.04 31.23
N THR P 317 14.78 -11.98 31.31
CA THR P 317 14.35 -12.61 32.56
C THR P 317 14.51 -14.11 32.35
N PRO P 318 15.75 -14.59 32.29
CA PRO P 318 16.00 -15.95 31.78
C PRO P 318 15.40 -17.01 32.69
N ILE P 319 14.52 -17.84 32.14
CA ILE P 319 13.87 -18.86 32.92
C ILE P 319 14.37 -20.19 32.46
N TYR P 320 14.57 -20.34 31.18
CA TYR P 320 14.97 -21.63 30.65
C TYR P 320 16.47 -21.99 30.80
N PRO P 321 16.82 -23.26 31.17
CA PRO P 321 18.27 -23.52 31.29
C PRO P 321 18.95 -23.44 29.94
N HIS P 322 20.19 -22.93 29.96
CA HIS P 322 21.07 -22.90 28.79
C HIS P 322 20.42 -22.18 27.61
N LYS P 323 19.51 -21.25 27.90
CA LYS P 323 18.78 -20.55 26.86
C LYS P 323 19.29 -19.13 26.63
N SER P 324 19.76 -18.45 27.67
CA SER P 324 20.28 -17.10 27.51
C SER P 324 21.52 -17.08 26.62
N THR P 325 22.36 -18.13 26.70
CA THR P 325 23.55 -18.17 25.85
C THR P 325 23.20 -18.53 24.41
N SER P 326 22.12 -19.28 24.20
CA SER P 326 21.67 -19.64 22.85
C SER P 326 21.01 -18.40 22.24
N TYR P 327 21.86 -17.54 21.69
CA TYR P 327 21.39 -16.25 21.19
C TYR P 327 20.36 -16.36 20.06
N PRO P 328 20.51 -17.23 19.05
CA PRO P 328 19.43 -17.36 18.07
C PRO P 328 18.09 -17.74 18.68
N THR P 329 18.10 -18.61 19.69
CA THR P 329 16.86 -18.97 20.37
C THR P 329 16.23 -17.78 21.07
N ILE P 330 17.05 -16.98 21.78
CA ILE P 330 16.55 -15.78 22.45
C ILE P 330 15.93 -14.82 21.44
N LEU P 331 16.65 -14.59 20.33
CA LEU P 331 16.18 -13.67 19.31
C LEU P 331 14.85 -14.14 18.73
N CYS P 332 14.76 -15.42 18.39
CA CYS P 332 13.52 -15.96 17.83
C CYS P 332 12.38 -15.85 18.82
N LEU P 333 12.63 -16.22 20.08
CA LEU P 333 11.55 -16.20 21.07
C LEU P 333 11.02 -14.80 21.29
N SER P 334 11.90 -13.78 21.26
CA SER P 334 11.41 -12.41 21.35
C SER P 334 10.62 -12.02 20.10
N ILE P 335 11.20 -12.25 18.92
CA ILE P 335 10.67 -11.61 17.72
C ILE P 335 9.39 -12.29 17.25
N HIS P 336 9.31 -13.61 17.37
CA HIS P 336 8.10 -14.33 16.96
C HIS P 336 6.90 -13.87 17.77
N HIS P 337 7.08 -13.75 19.08
CA HIS P 337 5.98 -13.29 19.92
C HIS P 337 5.68 -11.82 19.69
N ALA P 338 6.68 -11.01 19.32
CA ALA P 338 6.40 -9.63 18.93
C ALA P 338 5.48 -9.59 17.71
N TRP P 339 5.79 -10.38 16.69
CA TRP P 339 4.97 -10.39 15.48
C TRP P 339 3.57 -10.90 15.79
N LEU P 340 3.45 -11.93 16.62
CA LEU P 340 2.13 -12.43 16.96
C LEU P 340 1.34 -11.40 17.75
N SER P 341 2.01 -10.65 18.63
CA SER P 341 1.33 -9.56 19.33
C SER P 341 0.76 -8.56 18.35
N GLY P 342 1.56 -8.14 17.37
CA GLY P 342 1.07 -7.18 16.39
C GLY P 342 -0.12 -7.72 15.60
N PHE P 343 -0.01 -8.95 15.12
CA PHE P 343 -1.07 -9.52 14.29
C PHE P 343 -2.36 -9.70 15.08
N LEU P 344 -2.27 -10.18 16.32
CA LEU P 344 -3.48 -10.42 17.09
C LEU P 344 -4.10 -9.11 17.57
N ILE P 345 -3.29 -8.08 17.79
CA ILE P 345 -3.84 -6.76 18.06
C ILE P 345 -4.64 -6.25 16.86
N ILE P 346 -4.08 -6.42 15.66
CA ILE P 346 -4.81 -6.00 14.45
C ILE P 346 -6.12 -6.78 14.33
N GLY P 347 -6.08 -8.08 14.61
CA GLY P 347 -7.31 -8.87 14.58
C GLY P 347 -8.33 -8.41 15.60
N SER P 348 -7.86 -8.00 16.78
CA SER P 348 -8.76 -7.44 17.78
C SER P 348 -9.44 -6.19 17.26
N GLY P 349 -8.70 -5.31 16.59
CA GLY P 349 -9.32 -4.13 15.99
C GLY P 349 -10.35 -4.50 14.95
N ALA P 350 -10.03 -5.48 14.09
CA ALA P 350 -10.97 -5.89 13.06
C ALA P 350 -12.26 -6.41 13.66
N HIS P 351 -12.16 -7.26 14.68
CA HIS P 351 -13.37 -7.82 15.26
C HIS P 351 -14.12 -6.81 16.12
N ALA P 352 -13.43 -5.79 16.64
CA ALA P 352 -14.15 -4.67 17.23
C ALA P 352 -15.02 -3.98 16.19
N SER P 353 -14.46 -3.76 14.99
CA SER P 353 -15.25 -3.18 13.91
C SER P 353 -16.44 -4.06 13.54
N ILE P 354 -16.20 -5.37 13.45
CA ILE P 354 -17.27 -6.30 13.10
C ILE P 354 -18.38 -6.28 14.16
N PHE P 355 -18.00 -6.25 15.43
CA PHE P 355 -18.99 -6.15 16.50
C PHE P 355 -19.79 -4.87 16.40
N ASN P 356 -19.11 -3.75 16.11
CA ASN P 356 -19.82 -2.50 15.94
C ASN P 356 -20.85 -2.59 14.82
N LEU P 357 -20.49 -3.26 13.73
CA LEU P 357 -21.43 -3.35 12.60
C LEU P 357 -22.56 -4.35 12.85
N LEU P 358 -22.31 -5.42 13.59
CA LEU P 358 -23.36 -6.40 13.87
C LEU P 358 -24.15 -6.03 15.12
N GLY P 359 -23.48 -5.89 16.25
CA GLY P 359 -24.13 -5.49 17.48
C GLY P 359 -24.33 -3.99 17.53
N SER P 360 -24.60 -3.49 18.72
CA SER P 360 -24.82 -2.07 18.92
C SER P 360 -23.69 -1.48 19.76
N PRO P 361 -23.10 -0.35 19.34
CA PRO P 361 -21.92 0.17 20.04
C PRO P 361 -22.25 0.80 21.38
N THR P 362 -21.25 1.42 22.01
CA THR P 362 -21.39 1.99 23.34
C THR P 362 -21.23 3.51 23.28
N SER P 363 -21.16 4.12 24.47
CA SER P 363 -21.24 5.58 24.57
C SER P 363 -20.07 6.28 23.92
N GLU P 364 -18.89 5.66 23.90
CA GLU P 364 -17.69 6.33 23.44
C GLU P 364 -17.74 6.68 21.95
N ILE P 365 -18.67 6.11 21.19
CA ILE P 365 -18.73 6.37 19.75
C ILE P 365 -19.39 7.70 19.44
N ARG P 366 -19.99 8.36 20.42
CA ARG P 366 -20.73 9.59 20.16
C ARG P 366 -19.86 10.84 20.18
N HIS P 367 -18.76 10.83 20.94
CA HIS P 367 -17.74 11.86 20.85
C HIS P 367 -16.52 11.37 20.11
N ARG P 368 -16.77 10.60 19.04
CA ARG P 368 -15.70 9.97 18.28
C ARG P 368 -14.78 10.99 17.62
N ASP P 369 -15.33 12.15 17.24
CA ASP P 369 -14.49 13.16 16.59
C ASP P 369 -13.39 13.68 17.53
N PRO P 370 -13.68 14.10 18.77
CA PRO P 370 -12.57 14.46 19.66
C PRO P 370 -11.57 13.34 19.88
N ILE P 371 -12.04 12.09 20.01
CA ILE P 371 -11.14 10.98 20.26
C ILE P 371 -10.18 10.79 19.08
N TYR P 372 -10.74 10.47 17.92
CA TYR P 372 -9.95 10.22 16.71
C TYR P 372 -9.35 11.48 16.13
N SER P 373 -9.54 12.63 16.77
CA SER P 373 -8.89 13.87 16.38
C SER P 373 -7.67 14.19 17.24
N HIS P 374 -7.81 14.07 18.55
CA HIS P 374 -6.63 14.17 19.40
C HIS P 374 -5.67 13.03 19.14
N LEU P 375 -6.18 11.87 18.74
CA LEU P 375 -5.28 10.80 18.29
C LEU P 375 -4.52 11.23 17.05
N ILE P 376 -5.19 11.87 16.10
CA ILE P 376 -4.52 12.38 14.91
C ILE P 376 -3.43 13.37 15.29
N TRP P 377 -3.77 14.31 16.19
CA TRP P 377 -2.79 15.33 16.57
C TRP P 377 -1.60 14.71 17.26
N VAL P 378 -1.83 13.75 18.16
CA VAL P 378 -0.71 13.14 18.87
C VAL P 378 0.16 12.35 17.90
N CYS P 379 -0.46 11.66 16.94
CA CYS P 379 0.32 10.95 15.93
C CYS P 379 1.20 11.90 15.14
N ILE P 380 0.63 13.04 14.71
CA ILE P 380 1.40 14.02 13.96
C ILE P 380 2.51 14.59 14.82
N ALA P 381 2.23 14.85 16.10
CA ALA P 381 3.22 15.45 16.98
C ALA P 381 4.41 14.53 17.19
N ILE P 382 4.14 13.26 17.51
CA ILE P 382 5.25 12.33 17.76
C ILE P 382 5.87 11.79 16.49
N GLY P 383 5.25 11.98 15.34
CA GLY P 383 5.92 11.65 14.09
C GLY P 383 6.83 12.78 13.65
N LEU P 384 6.37 14.00 13.83
CA LEU P 384 7.16 15.14 13.44
C LEU P 384 8.20 15.39 14.47
N HIS P 385 8.19 14.69 15.60
CA HIS P 385 9.22 14.83 16.62
C HIS P 385 10.17 13.65 16.70
N SER P 386 9.68 12.42 16.81
CA SER P 386 10.57 11.28 16.99
C SER P 386 11.44 11.05 15.75
N PHE P 387 10.79 10.97 14.60
CA PHE P 387 11.52 10.67 13.37
C PHE P 387 12.41 11.78 12.96
N SER P 388 12.01 12.98 13.23
CA SER P 388 12.78 14.06 12.74
C SER P 388 14.01 14.28 13.55
N LEU P 389 14.08 13.75 14.75
CA LEU P 389 15.31 13.89 15.47
C LEU P 389 16.29 13.06 14.67
N TYR P 390 15.83 11.97 14.05
CA TYR P 390 16.73 11.23 13.17
C TYR P 390 17.08 12.04 11.94
N CYS P 391 16.10 12.72 11.35
CA CYS P 391 16.38 13.53 10.17
C CYS P 391 17.33 14.69 10.50
N HIS P 392 17.15 15.30 11.67
CA HIS P 392 18.02 16.39 12.10
C HIS P 392 19.45 15.89 12.31
N ASN P 393 19.60 14.78 13.03
CA ASN P 393 20.93 14.22 13.24
C ASN P 393 21.57 13.87 11.89
N ASP P 394 20.79 13.28 10.99
CA ASP P 394 21.29 12.90 9.68
C ASP P 394 21.77 14.10 8.89
N THR P 395 20.94 15.15 8.82
CA THR P 395 21.30 16.33 8.05
C THR P 395 22.53 17.02 8.63
N LEU P 396 22.58 17.18 9.95
CA LEU P 396 23.69 17.91 10.54
C LEU P 396 24.97 17.08 10.55
N GLU P 397 24.87 15.74 10.53
CA GLU P 397 26.05 14.91 10.39
C GLU P 397 26.56 14.96 8.96
N ALA P 398 25.66 14.98 7.98
CA ALA P 398 26.07 15.12 6.59
C ALA P 398 26.73 16.47 6.35
N LEU P 399 26.21 17.52 6.99
CA LEU P 399 26.79 18.84 6.89
C LEU P 399 28.12 18.97 7.62
N GLY P 400 28.53 17.96 8.40
CA GLY P 400 29.77 18.04 9.13
C GLY P 400 29.69 18.77 10.45
N ARG P 401 28.51 18.85 11.06
CA ARG P 401 28.30 19.56 12.31
C ARG P 401 27.86 18.56 13.38
N PRO P 402 28.75 17.67 13.82
CA PRO P 402 28.34 16.64 14.78
C PRO P 402 27.99 17.18 16.15
N GLU P 403 28.44 18.40 16.48
CA GLU P 403 28.15 18.97 17.79
C GLU P 403 26.73 19.52 17.88
N ASP P 404 25.98 19.52 16.78
CA ASP P 404 24.61 20.01 16.75
C ASP P 404 23.58 18.90 16.61
N ILE P 405 23.99 17.64 16.73
CA ILE P 405 23.09 16.52 16.54
C ILE P 405 22.62 16.01 17.91
N PHE P 406 21.62 15.14 17.91
CA PHE P 406 21.11 14.55 19.14
C PHE P 406 21.85 13.25 19.39
N HIS P 407 22.91 13.30 20.20
CA HIS P 407 23.71 12.15 20.57
C HIS P 407 24.14 12.30 22.02
N ASP P 408 24.82 11.27 22.53
CA ASP P 408 25.34 11.34 23.89
C ASP P 408 26.50 12.32 23.98
N ASN P 409 27.35 12.38 22.94
CA ASN P 409 28.47 13.30 22.88
C ASN P 409 28.08 14.67 22.36
N SER P 410 26.78 14.98 22.36
CA SER P 410 26.24 16.20 21.78
C SER P 410 25.01 16.57 22.59
N ILE P 411 24.13 17.40 22.01
CA ILE P 411 22.83 17.65 22.63
C ILE P 411 22.20 16.30 22.91
N GLN P 412 21.99 15.98 24.19
CA GLN P 412 21.58 14.64 24.60
C GLN P 412 20.19 14.68 25.21
N LEU P 413 19.35 13.74 24.80
CA LEU P 413 17.99 13.60 25.32
C LEU P 413 17.99 12.42 26.27
N LYS P 414 18.16 12.72 27.56
CA LYS P 414 18.27 11.67 28.56
C LYS P 414 16.93 10.98 28.77
N ALA P 415 16.97 9.65 28.84
CA ALA P 415 15.79 8.85 29.16
C ALA P 415 15.59 8.93 30.67
N ILE P 416 14.89 9.97 31.11
CA ILE P 416 14.84 10.29 32.53
C ILE P 416 14.11 9.20 33.32
N PHE P 417 12.94 8.78 32.83
CA PHE P 417 12.14 7.84 33.60
C PHE P 417 12.74 6.43 33.54
N ALA P 418 13.31 6.05 32.40
CA ALA P 418 13.99 4.76 32.31
C ALA P 418 15.25 4.74 33.16
N LYS P 419 16.04 5.82 33.13
CA LYS P 419 17.24 5.89 33.95
C LYS P 419 16.89 5.87 35.43
N GLN P 420 15.72 6.42 35.78
CA GLN P 420 15.19 6.30 37.12
C GLN P 420 14.31 5.07 37.29
N SER P 421 14.26 4.19 36.29
CA SER P 421 13.51 2.94 36.37
C SER P 421 14.39 1.77 36.75
N PHE P 422 15.38 1.98 37.62
CA PHE P 422 16.17 0.87 38.17
C PHE P 422 15.34 -0.04 39.06
N LEU P 423 14.03 0.22 39.18
CA LEU P 423 13.15 -0.65 39.97
C LEU P 423 13.15 -2.06 39.42
N ARG P 424 12.92 -2.20 38.11
CA ARG P 424 12.94 -3.52 37.49
C ARG P 424 14.31 -4.14 37.64
N ALA P 425 14.33 -5.47 37.84
CA ALA P 425 15.56 -6.22 38.09
C ALA P 425 16.21 -5.79 39.39
N GLU P 426 16.77 -4.58 39.42
CA GLU P 426 17.48 -4.06 40.58
C GLU P 426 18.64 -4.97 40.96
N LEU P 427 19.34 -5.48 39.96
CA LEU P 427 20.42 -6.43 40.17
C LEU P 427 21.67 -5.71 40.71
N GLN P 428 22.64 -6.51 41.14
CA GLN P 428 23.87 -5.98 41.69
C GLN P 428 24.71 -5.33 40.60
N PRO P 429 25.68 -4.49 40.98
CA PRO P 429 26.36 -3.61 40.02
C PRO P 429 27.42 -4.32 39.19
N ASP P 430 27.01 -5.35 38.45
CA ASP P 430 27.90 -6.07 37.55
C ASP P 430 27.05 -6.90 36.59
N ILE P 431 27.69 -7.82 35.89
CA ILE P 431 27.05 -8.63 34.86
C ILE P 431 27.10 -10.10 35.26
N GLU P 432 26.46 -10.95 34.45
CA GLU P 432 26.48 -12.39 34.63
C GLU P 432 26.88 -13.05 33.31
N MET P 433 27.71 -14.08 33.39
CA MET P 433 28.23 -14.78 32.22
C MET P 433 28.38 -16.26 32.53
N LEU P 434 28.09 -17.11 31.54
CA LEU P 434 28.22 -18.55 31.74
C LEU P 434 29.48 -19.14 31.13
N ASP P 435 29.64 -19.03 29.81
CA ASP P 435 30.75 -19.67 29.09
C ASP P 435 31.08 -18.83 27.86
N LYS P 436 32.00 -17.87 28.03
CA LYS P 436 32.45 -17.02 26.94
C LYS P 436 31.30 -16.17 26.41
N LYS P 437 30.12 -16.35 26.98
CA LYS P 437 28.89 -15.73 26.52
C LYS P 437 28.28 -14.92 27.64
N ILE P 438 27.73 -13.77 27.30
CA ILE P 438 27.09 -12.91 28.28
C ILE P 438 25.66 -13.38 28.51
N ILE P 439 25.30 -13.59 29.77
CA ILE P 439 23.95 -14.02 30.11
C ILE P 439 22.99 -12.83 30.06
N ARG P 440 23.27 -11.82 30.87
CA ARG P 440 22.51 -10.57 30.81
C ARG P 440 23.35 -9.48 31.45
N ILE P 441 23.47 -8.34 30.76
CA ILE P 441 23.98 -7.12 31.35
C ILE P 441 22.93 -6.05 31.16
N THR P 442 22.82 -5.15 32.14
CA THR P 442 21.78 -4.13 32.09
C THR P 442 21.99 -3.22 30.89
N GLN P 443 20.94 -3.03 30.10
CA GLN P 443 21.01 -2.17 28.93
C GLN P 443 21.10 -0.72 29.41
N GLU P 444 22.25 -0.10 29.20
CA GLU P 444 22.44 1.30 29.57
C GLU P 444 21.71 2.17 28.55
N LEU P 445 20.61 2.77 28.97
CA LEU P 445 19.74 3.53 28.06
C LEU P 445 20.23 4.97 27.96
N GLY P 446 20.44 5.43 26.74
CA GLY P 446 20.95 6.77 26.47
C GLY P 446 20.01 7.52 25.54
N THR P 447 20.63 8.35 24.69
CA THR P 447 19.84 9.18 23.77
C THR P 447 19.20 8.34 22.67
N ALA P 448 19.97 7.43 22.07
CA ALA P 448 19.44 6.62 20.97
C ALA P 448 18.26 5.78 21.43
N ASP P 449 18.35 5.23 22.64
CA ASP P 449 17.24 4.46 23.19
C ASP P 449 16.00 5.34 23.37
N PHE P 450 16.20 6.58 23.84
CA PHE P 450 15.09 7.52 23.96
C PHE P 450 14.41 7.74 22.61
N ILE P 451 15.21 8.03 21.58
CA ILE P 451 14.64 8.34 20.28
C ILE P 451 13.91 7.13 19.70
N VAL P 452 14.50 5.94 19.83
CA VAL P 452 13.87 4.77 19.23
C VAL P 452 12.61 4.37 20.01
N HIS P 453 12.59 4.59 21.33
CA HIS P 453 11.36 4.35 22.09
C HIS P 453 10.27 5.31 21.66
N HIS P 454 10.62 6.57 21.37
CA HIS P 454 9.61 7.49 20.85
C HIS P 454 9.15 7.09 19.46
N ILE P 455 10.04 6.53 18.63
CA ILE P 455 9.62 5.99 17.35
C ILE P 455 8.61 4.87 17.53
N HIS P 456 8.87 3.99 18.50
CA HIS P 456 7.93 2.92 18.82
C HIS P 456 6.58 3.49 19.24
N ALA P 457 6.60 4.50 20.11
CA ALA P 457 5.36 5.12 20.57
C ALA P 457 4.59 5.72 19.40
N PHE P 458 5.29 6.39 18.50
CA PHE P 458 4.64 7.02 17.34
C PHE P 458 4.00 5.98 16.44
N THR P 459 4.72 4.91 16.13
CA THR P 459 4.17 3.88 15.25
C THR P 459 2.97 3.19 15.90
N ILE P 460 3.06 2.91 17.20
CA ILE P 460 1.94 2.31 17.93
C ILE P 460 0.72 3.23 17.86
N HIS P 461 0.94 4.53 18.06
CA HIS P 461 -0.17 5.48 18.05
C HIS P 461 -0.81 5.59 16.68
N VAL P 462 -0.02 5.53 15.61
CA VAL P 462 -0.61 5.62 14.28
C VAL P 462 -1.41 4.36 13.94
N THR P 463 -0.87 3.18 14.29
CA THR P 463 -1.64 1.96 14.09
C THR P 463 -2.95 1.99 14.88
N LEU P 464 -2.88 2.48 16.12
CA LEU P 464 -4.08 2.62 16.93
C LEU P 464 -5.04 3.64 16.34
N LEU P 465 -4.52 4.71 15.72
CA LEU P 465 -5.38 5.67 15.05
C LEU P 465 -6.16 5.01 13.94
N ILE P 466 -5.48 4.21 13.12
CA ILE P 466 -6.16 3.54 12.02
C ILE P 466 -7.23 2.60 12.57
N LEU P 467 -6.88 1.82 13.59
CA LEU P 467 -7.81 0.83 14.14
C LEU P 467 -9.04 1.50 14.75
N SER P 468 -8.81 2.51 15.61
CA SER P 468 -9.92 3.18 16.27
C SER P 468 -10.76 4.00 15.30
N LYS P 469 -10.13 4.55 14.25
CA LYS P 469 -10.91 5.25 13.24
C LYS P 469 -11.80 4.29 12.47
N GLY P 470 -11.30 3.10 12.16
CA GLY P 470 -12.15 2.10 11.53
C GLY P 470 -13.29 1.66 12.43
N VAL P 471 -13.00 1.49 13.73
CA VAL P 471 -14.01 1.01 14.66
C VAL P 471 -15.09 2.07 14.87
N LEU P 472 -14.69 3.31 15.15
CA LEU P 472 -15.66 4.34 15.52
C LEU P 472 -16.49 4.81 14.33
N TYR P 473 -15.90 4.83 13.14
CA TYR P 473 -16.59 5.29 11.94
C TYR P 473 -17.11 4.12 11.10
N ALA P 474 -17.53 3.03 11.76
CA ALA P 474 -18.03 1.87 11.04
C ALA P 474 -19.50 2.04 10.65
N ARG P 475 -20.33 2.47 11.59
CA ARG P 475 -21.77 2.55 11.33
C ARG P 475 -22.10 3.68 10.36
N ASN P 476 -21.53 4.86 10.57
CA ASN P 476 -21.83 6.02 9.73
C ASN P 476 -20.72 7.04 9.90
N SER P 477 -20.75 8.05 9.03
CA SER P 477 -19.74 9.10 9.02
C SER P 477 -20.32 10.34 8.37
N ARG P 478 -19.63 11.47 8.58
CA ARG P 478 -19.98 12.69 7.85
C ARG P 478 -19.78 12.53 6.36
N PHE P 479 -18.97 11.57 5.94
CA PHE P 479 -18.72 11.33 4.53
C PHE P 479 -19.84 10.52 3.91
N VAL P 480 -20.14 9.36 4.48
CA VAL P 480 -21.25 8.51 4.06
C VAL P 480 -22.12 8.24 5.27
N SER P 481 -23.42 8.50 5.14
CA SER P 481 -24.34 8.45 6.28
C SER P 481 -25.07 7.13 6.43
N ASP P 482 -24.78 6.14 5.58
CA ASP P 482 -25.40 4.83 5.69
C ASP P 482 -24.36 3.73 5.50
N LYS P 483 -23.21 3.87 6.14
CA LYS P 483 -22.17 2.85 6.08
C LYS P 483 -22.63 1.54 6.74
N LEU P 484 -23.61 1.60 7.64
CA LEU P 484 -24.10 0.38 8.28
C LEU P 484 -24.73 -0.56 7.26
N GLU P 485 -25.52 -0.02 6.33
CA GLU P 485 -26.16 -0.85 5.32
C GLU P 485 -25.16 -1.42 4.33
N LEU P 486 -23.99 -0.81 4.19
CA LEU P 486 -22.98 -1.31 3.26
C LEU P 486 -22.28 -2.57 3.78
N GLY P 487 -22.50 -2.96 5.03
CA GLY P 487 -21.88 -4.15 5.57
C GLY P 487 -20.55 -3.85 6.23
N PHE P 488 -19.85 -4.93 6.59
CA PHE P 488 -18.54 -4.78 7.21
C PHE P 488 -17.45 -4.52 6.17
N THR P 489 -17.42 -5.34 5.14
CA THR P 489 -16.38 -5.18 4.18
C THR P 489 -16.89 -4.84 2.80
N TYR P 490 -16.46 -3.69 2.32
CA TYR P 490 -16.89 -3.27 1.02
C TYR P 490 -15.75 -2.50 0.33
N PRO P 491 -15.66 -2.53 -1.04
CA PRO P 491 -14.53 -1.77 -1.61
C PRO P 491 -14.65 -0.27 -1.37
N CYS P 492 -15.83 0.30 -1.60
CA CYS P 492 -16.05 1.74 -1.52
C CYS P 492 -17.55 1.97 -1.51
N ASP P 493 -17.95 3.25 -1.65
CA ASP P 493 -19.31 3.62 -1.95
C ASP P 493 -19.44 4.26 -3.31
N GLY P 494 -18.34 4.43 -4.04
CA GLY P 494 -18.37 5.01 -5.36
C GLY P 494 -17.40 6.16 -5.51
N PRO P 495 -17.14 6.57 -6.76
CA PRO P 495 -16.25 7.70 -7.00
C PRO P 495 -16.86 9.04 -6.64
N GLY P 496 -18.09 9.07 -6.12
CA GLY P 496 -18.73 10.32 -5.79
C GLY P 496 -18.20 10.93 -4.51
N ARG P 497 -18.69 12.14 -4.22
CA ARG P 497 -18.24 12.92 -3.08
C ARG P 497 -16.73 13.12 -3.10
N GLY P 498 -16.16 13.21 -4.30
CA GLY P 498 -14.72 13.29 -4.49
C GLY P 498 -14.04 11.94 -4.60
N GLY P 499 -14.62 10.90 -4.02
CA GLY P 499 -14.04 9.58 -4.01
C GLY P 499 -14.18 8.92 -2.64
N THR P 500 -14.73 7.71 -2.60
CA THR P 500 -15.06 7.04 -1.35
C THR P 500 -14.32 5.71 -1.20
N CYS P 501 -13.14 5.58 -1.82
CA CYS P 501 -12.40 4.34 -1.75
C CYS P 501 -11.87 4.11 -0.35
N GLN P 502 -12.02 2.88 0.16
CA GLN P 502 -11.42 2.44 1.42
C GLN P 502 -12.00 3.18 2.63
N ILE P 503 -13.33 3.27 2.69
CA ILE P 503 -14.00 3.77 3.88
C ILE P 503 -14.45 2.66 4.81
N SER P 504 -14.47 1.40 4.34
CA SER P 504 -14.98 0.32 5.15
C SER P 504 -14.01 0.01 6.29
N PRO P 505 -14.52 -0.55 7.39
CA PRO P 505 -13.61 -1.00 8.46
C PRO P 505 -12.63 -2.05 7.99
N TRP P 506 -13.00 -2.85 6.99
CA TRP P 506 -12.08 -3.83 6.43
C TRP P 506 -10.87 -3.14 5.81
N ASP P 507 -11.09 -2.05 5.08
CA ASP P 507 -9.97 -1.30 4.51
C ASP P 507 -9.16 -0.62 5.60
N HIS P 508 -9.79 -0.24 6.70
CA HIS P 508 -9.06 0.30 7.82
C HIS P 508 -8.13 -0.75 8.42
N LEU P 509 -8.58 -2.00 8.54
CA LEU P 509 -7.66 -3.07 8.90
C LEU P 509 -6.59 -3.24 7.84
N PHE P 510 -6.96 -3.10 6.57
CA PHE P 510 -6.00 -3.27 5.48
C PHE P 510 -4.83 -2.30 5.63
N SER P 511 -5.13 -1.05 5.98
CA SER P 511 -4.05 -0.08 6.24
C SER P 511 -3.36 -0.35 7.57
N ALA P 512 -4.12 -0.79 8.57
CA ALA P 512 -3.56 -1.00 9.90
C ALA P 512 -2.57 -2.16 9.91
N VAL P 513 -2.74 -3.14 9.02
CA VAL P 513 -1.77 -4.23 8.91
C VAL P 513 -0.43 -3.69 8.43
N PHE P 514 -0.46 -2.84 7.39
CA PHE P 514 0.75 -2.20 6.94
C PHE P 514 1.41 -1.40 8.07
N TRP P 515 0.60 -0.66 8.82
CA TRP P 515 1.21 0.19 9.85
C TRP P 515 1.71 -0.61 11.04
N MET P 516 1.04 -1.70 11.41
CA MET P 516 1.55 -2.58 12.45
C MET P 516 2.86 -3.25 12.01
N TYR P 517 2.90 -3.70 10.75
CA TYR P 517 4.12 -4.29 10.22
C TYR P 517 5.28 -3.29 10.30
N ASN P 518 5.03 -2.05 9.86
CA ASN P 518 6.05 -1.01 9.96
C ASN P 518 6.39 -0.70 11.42
N CYS P 519 5.40 -0.84 12.31
CA CYS P 519 5.63 -0.52 13.71
C CYS P 519 6.60 -1.49 14.35
N LEU P 520 6.39 -2.78 14.18
CA LEU P 520 7.25 -3.74 14.85
C LEU P 520 8.40 -4.25 13.99
N ASN P 521 8.51 -3.83 12.73
CA ASN P 521 9.81 -4.00 12.07
C ASN P 521 10.86 -3.14 12.76
N VAL P 522 10.47 -1.93 13.17
CA VAL P 522 11.38 -1.08 13.94
C VAL P 522 11.64 -1.70 15.31
N VAL P 523 10.65 -2.36 15.90
CA VAL P 523 10.86 -3.04 17.18
C VAL P 523 11.86 -4.18 17.01
N THR P 524 11.67 -4.98 15.95
CA THR P 524 12.60 -6.06 15.65
C THR P 524 14.01 -5.54 15.44
N PHE P 525 14.16 -4.46 14.68
CA PHE P 525 15.48 -3.91 14.40
C PHE P 525 16.10 -3.32 15.66
N HIS P 526 15.31 -2.60 16.47
CA HIS P 526 15.81 -2.05 17.72
C HIS P 526 16.33 -3.16 18.62
N TYR P 527 15.54 -4.22 18.78
CA TYR P 527 15.99 -5.35 19.61
C TYR P 527 17.24 -6.00 19.01
N PHE P 528 17.21 -6.27 17.71
CA PHE P 528 18.28 -7.03 17.06
C PHE P 528 19.60 -6.27 17.10
N TRP P 529 19.54 -4.94 16.99
CA TRP P 529 20.76 -4.15 17.03
C TRP P 529 21.21 -3.87 18.46
N LYS P 530 20.26 -3.56 19.35
CA LYS P 530 20.61 -3.23 20.73
C LYS P 530 21.22 -4.42 21.44
N MET P 531 20.62 -5.61 21.29
CA MET P 531 21.15 -6.77 21.98
C MET P 531 22.56 -7.11 21.51
N GLN P 532 22.78 -7.09 20.19
CA GLN P 532 24.11 -7.37 19.67
C GLN P 532 25.12 -6.33 20.13
N SER P 533 24.73 -5.06 20.11
CA SER P 533 25.68 -3.99 20.39
C SER P 533 26.02 -3.90 21.88
N ASP P 534 25.02 -4.08 22.75
CA ASP P 534 25.17 -3.71 24.14
C ASP P 534 24.97 -4.86 25.13
N VAL P 535 24.48 -6.02 24.71
CA VAL P 535 24.24 -7.11 25.66
C VAL P 535 25.01 -8.36 25.25
N TRP P 536 24.67 -8.93 24.10
CA TRP P 536 25.27 -10.18 23.66
C TRP P 536 26.74 -9.98 23.32
N GLY P 537 27.46 -11.09 23.23
CA GLY P 537 28.84 -11.05 22.79
C GLY P 537 29.80 -11.91 23.59
N PHE P 538 31.08 -11.84 23.22
CA PHE P 538 32.11 -12.61 23.89
C PHE P 538 32.52 -11.90 25.18
N VAL P 539 33.64 -12.33 25.76
CA VAL P 539 34.16 -11.74 27.00
C VAL P 539 35.67 -11.83 26.96
N SER P 540 36.31 -11.06 27.84
CA SER P 540 37.74 -11.16 28.08
C SER P 540 37.97 -11.44 29.56
N ILE P 541 39.01 -12.24 29.85
CA ILE P 541 39.27 -12.66 31.23
C ILE P 541 39.58 -11.48 32.12
N GLN P 542 39.97 -10.35 31.55
CA GLN P 542 40.23 -9.13 32.31
C GLN P 542 38.97 -8.29 32.50
N LYS P 543 37.79 -8.92 32.48
CA LYS P 543 36.49 -8.31 32.72
C LYS P 543 36.06 -7.36 31.60
N HIS P 544 36.79 -7.33 30.49
CA HIS P 544 36.41 -6.53 29.34
C HIS P 544 35.46 -7.31 28.44
N ILE P 545 34.56 -6.60 27.80
CA ILE P 545 33.48 -7.19 27.00
C ILE P 545 33.68 -6.82 25.54
N SER P 546 33.61 -7.82 24.67
CA SER P 546 33.63 -7.62 23.22
C SER P 546 32.30 -8.09 22.66
N HIS P 547 31.38 -7.16 22.42
CA HIS P 547 30.06 -7.51 21.90
C HIS P 547 30.15 -7.88 20.42
N TYR P 548 29.03 -8.33 19.87
CA TYR P 548 28.99 -8.74 18.47
C TYR P 548 29.07 -7.54 17.54
N SER P 549 28.31 -6.48 17.83
CA SER P 549 28.31 -5.29 17.00
C SER P 549 29.32 -4.24 17.47
N GLN P 550 30.10 -4.54 18.52
CA GLN P 550 31.15 -3.65 19.00
C GLN P 550 30.62 -2.27 19.37
N GLY P 551 29.46 -2.24 20.00
CA GLY P 551 28.88 -0.98 20.47
C GLY P 551 28.55 0.00 19.37
N ASP P 552 27.99 -0.48 18.26
CA ASP P 552 27.61 0.41 17.18
C ASP P 552 26.34 1.21 17.48
N PHE P 553 25.49 0.73 18.39
CA PHE P 553 24.17 1.31 18.56
C PHE P 553 24.24 2.75 19.05
N SER P 554 25.02 3.00 20.11
CA SER P 554 25.03 4.33 20.71
C SER P 554 25.69 5.36 19.83
N VAL P 555 26.43 4.94 18.80
CA VAL P 555 27.15 5.88 17.95
C VAL P 555 26.58 5.96 16.54
N ASN P 556 25.84 4.95 16.08
CA ASN P 556 25.31 4.93 14.73
C ASN P 556 23.80 5.03 14.66
N SER P 557 23.07 4.48 15.64
CA SER P 557 21.60 4.47 15.59
C SER P 557 21.00 5.84 15.81
N ILE P 558 21.78 6.92 15.95
CA ILE P 558 21.22 8.26 16.06
C ILE P 558 20.84 8.84 14.71
N THR P 559 21.26 8.22 13.61
CA THR P 559 20.97 8.70 12.27
C THR P 559 20.43 7.55 11.42
N ILE P 560 19.58 7.90 10.46
CA ILE P 560 19.00 6.89 9.57
C ILE P 560 20.09 6.19 8.77
N ASN P 561 21.11 6.96 8.35
CA ASN P 561 22.24 6.35 7.65
C ASN P 561 22.94 5.32 8.52
N GLY P 562 22.97 5.53 9.83
CA GLY P 562 23.53 4.52 10.72
C GLY P 562 22.75 3.22 10.67
N TRP P 563 21.42 3.31 10.66
CA TRP P 563 20.60 2.12 10.51
C TRP P 563 20.83 1.45 9.17
N LEU P 564 20.94 2.24 8.11
CA LEU P 564 21.14 1.68 6.77
C LEU P 564 22.47 0.96 6.66
N ARG P 565 23.54 1.56 7.19
CA ARG P 565 24.89 1.05 7.02
C ARG P 565 25.25 -0.04 8.03
N ASN P 566 25.11 0.25 9.32
CA ASN P 566 25.59 -0.66 10.36
C ASN P 566 24.59 -1.77 10.70
N LEU P 567 23.34 -1.68 10.23
CA LEU P 567 22.36 -2.72 10.51
C LEU P 567 21.91 -3.45 9.25
N LEU P 568 21.39 -2.73 8.26
CA LEU P 568 20.85 -3.39 7.07
C LEU P 568 21.92 -3.74 6.04
N TRP P 569 23.13 -3.22 6.17
CA TRP P 569 24.19 -3.52 5.22
C TRP P 569 25.32 -4.33 5.85
N SER P 570 25.93 -3.83 6.93
CA SER P 570 27.06 -4.54 7.52
C SER P 570 26.60 -5.84 8.18
N GLU P 571 25.46 -5.82 8.85
CA GLU P 571 24.94 -7.01 9.50
C GLU P 571 24.18 -7.91 8.54
N ALA P 572 24.00 -7.50 7.30
CA ALA P 572 23.44 -8.35 6.26
C ALA P 572 24.51 -9.08 5.47
N SER P 573 25.78 -8.93 5.84
CA SER P 573 26.85 -9.63 5.15
C SER P 573 26.75 -11.13 5.33
N GLN P 574 26.26 -11.58 6.50
CA GLN P 574 26.13 -13.00 6.75
C GLN P 574 25.09 -13.63 5.82
N VAL P 575 23.93 -12.99 5.67
CA VAL P 575 22.87 -13.56 4.84
C VAL P 575 23.21 -13.42 3.36
N ILE P 576 23.79 -12.29 2.95
CA ILE P 576 24.03 -12.06 1.54
C ILE P 576 25.15 -12.97 1.03
N GLN P 577 26.19 -13.19 1.82
CA GLN P 577 27.27 -14.11 1.47
C GLN P 577 27.03 -15.50 2.06
N SER P 578 25.85 -16.06 1.82
CA SER P 578 25.45 -17.32 2.44
C SER P 578 25.27 -18.44 1.42
N TYR P 579 25.71 -18.25 0.18
CA TYR P 579 25.61 -19.30 -0.82
C TYR P 579 26.75 -20.31 -0.66
N ALA P 580 26.41 -21.59 -0.80
CA ALA P 580 27.28 -22.75 -0.64
C ALA P 580 27.76 -22.94 0.80
N LEU P 581 27.35 -22.08 1.74
CA LEU P 581 27.68 -22.26 3.15
C LEU P 581 26.61 -23.15 3.78
N SER P 582 27.03 -24.25 4.39
CA SER P 582 26.14 -25.38 4.63
C SER P 582 24.89 -24.98 5.40
N SER P 583 25.05 -24.30 6.53
CA SER P 583 23.90 -24.04 7.39
C SER P 583 22.97 -22.99 6.79
N ILE P 584 23.51 -21.99 6.12
CA ILE P 584 22.80 -20.75 5.86
C ILE P 584 22.44 -20.56 4.39
N CYS P 585 22.56 -21.60 3.57
CA CYS P 585 22.06 -21.51 2.20
C CYS P 585 20.57 -21.20 2.13
N PRO P 586 19.69 -21.92 2.85
CA PRO P 586 18.26 -21.60 2.75
C PRO P 586 17.96 -20.19 3.21
N TYR P 587 18.73 -19.63 4.13
CA TYR P 587 18.45 -18.28 4.59
C TYR P 587 18.76 -17.25 3.52
N GLY P 588 19.86 -17.40 2.79
CA GLY P 588 20.10 -16.53 1.65
C GLY P 588 19.04 -16.67 0.58
N PHE P 589 18.67 -17.92 0.26
CA PHE P 589 17.63 -18.11 -0.75
C PHE P 589 16.31 -17.49 -0.31
N ILE P 590 15.94 -17.68 0.95
CA ILE P 590 14.68 -17.14 1.47
C ILE P 590 14.74 -15.62 1.55
N PHE P 591 15.92 -15.05 1.79
CA PHE P 591 16.09 -13.60 1.68
C PHE P 591 15.72 -13.13 0.28
N LEU P 592 16.27 -13.81 -0.73
CA LEU P 592 15.94 -13.47 -2.11
C LEU P 592 14.44 -13.63 -2.40
N ILE P 593 13.86 -14.73 -1.92
CA ILE P 593 12.45 -15.00 -2.17
C ILE P 593 11.56 -13.98 -1.46
N GLY P 594 11.95 -13.56 -0.26
CA GLY P 594 11.20 -12.56 0.45
C GLY P 594 11.20 -11.24 -0.27
N HIS P 595 12.36 -10.86 -0.83
CA HIS P 595 12.39 -9.67 -1.68
C HIS P 595 11.45 -9.83 -2.86
N PHE P 596 11.47 -11.00 -3.50
CA PHE P 596 10.62 -11.21 -4.67
C PHE P 596 9.14 -11.10 -4.31
N ILE P 597 8.74 -11.74 -3.21
CA ILE P 597 7.33 -11.75 -2.81
C ILE P 597 6.90 -10.34 -2.41
N TRP P 598 7.76 -9.62 -1.68
CA TRP P 598 7.42 -8.27 -1.26
C TRP P 598 7.21 -7.36 -2.47
N ALA P 599 8.11 -7.45 -3.46
CA ALA P 599 7.93 -6.66 -4.66
C ALA P 599 6.72 -7.13 -5.46
N PHE P 600 6.43 -8.43 -5.43
CA PHE P 600 5.28 -8.97 -6.14
C PHE P 600 3.97 -8.45 -5.58
N SER P 601 3.91 -8.21 -4.28
CA SER P 601 2.70 -7.67 -3.67
C SER P 601 2.31 -6.32 -4.27
N LEU P 602 3.30 -5.55 -4.73
CA LEU P 602 3.02 -4.21 -5.21
C LEU P 602 2.15 -4.21 -6.46
N MET P 603 2.19 -5.30 -7.23
CA MET P 603 1.31 -5.39 -8.41
C MET P 603 -0.16 -5.36 -7.99
N PHE P 604 -0.50 -6.07 -6.91
CA PHE P 604 -1.86 -6.03 -6.39
C PHE P 604 -2.14 -4.75 -5.63
N LEU P 605 -1.13 -4.19 -4.94
CA LEU P 605 -1.36 -3.02 -4.12
C LEU P 605 -1.60 -1.77 -4.94
N PHE P 606 -0.86 -1.60 -6.05
CA PHE P 606 -0.90 -0.36 -6.81
C PHE P 606 -1.96 -0.35 -7.91
N SER P 607 -2.40 -1.52 -8.36
CA SER P 607 -3.28 -1.61 -9.53
C SER P 607 -4.74 -1.82 -9.12
N GLY P 608 -5.64 -1.41 -10.01
CA GLY P 608 -7.05 -1.67 -9.87
C GLY P 608 -7.48 -2.86 -10.69
N ARG P 609 -8.66 -3.39 -10.37
CA ARG P 609 -9.12 -4.63 -10.99
C ARG P 609 -9.68 -4.43 -12.39
N ALA P 610 -10.01 -3.20 -12.78
CA ALA P 610 -10.61 -3.00 -14.11
C ALA P 610 -9.61 -3.26 -15.22
N TYR P 611 -8.35 -2.84 -15.05
CA TYR P 611 -7.33 -3.13 -16.05
C TYR P 611 -7.15 -4.63 -16.21
N TRP P 612 -7.08 -5.35 -15.10
CA TRP P 612 -6.90 -6.79 -15.17
C TRP P 612 -8.13 -7.47 -15.77
N GLN P 613 -9.33 -6.95 -15.49
CA GLN P 613 -10.53 -7.49 -16.11
C GLN P 613 -10.49 -7.32 -17.62
N GLU P 614 -10.09 -6.13 -18.09
CA GLU P 614 -10.01 -5.91 -19.53
C GLU P 614 -8.95 -6.80 -20.18
N LEU P 615 -7.80 -6.98 -19.51
CA LEU P 615 -6.78 -7.88 -20.03
C LEU P 615 -7.29 -9.31 -20.09
N ILE P 616 -8.00 -9.74 -19.05
CA ILE P 616 -8.57 -11.08 -19.03
C ILE P 616 -9.58 -11.26 -20.16
N GLU P 617 -10.35 -10.22 -20.46
CA GLU P 617 -11.27 -10.30 -21.59
C GLU P 617 -10.52 -10.42 -22.92
N SER P 618 -9.42 -9.66 -23.06
CA SER P 618 -8.62 -9.77 -24.27
C SER P 618 -8.09 -11.19 -24.45
N ILE P 619 -7.63 -11.80 -23.37
CA ILE P 619 -7.14 -13.18 -23.43
C ILE P 619 -8.29 -14.16 -23.70
N LEU P 620 -9.44 -13.91 -23.08
CA LEU P 620 -10.60 -14.76 -23.29
C LEU P 620 -11.06 -14.72 -24.74
N TRP P 621 -10.79 -13.63 -25.44
CA TRP P 621 -11.04 -13.61 -26.89
C TRP P 621 -10.26 -14.71 -27.59
N SER P 622 -8.96 -14.81 -27.29
CA SER P 622 -8.15 -15.84 -27.92
C SER P 622 -8.61 -17.23 -27.50
N HIS P 623 -9.05 -17.38 -26.25
CA HIS P 623 -9.56 -18.67 -25.81
C HIS P 623 -10.82 -19.06 -26.56
N HIS P 624 -11.75 -18.12 -26.73
CA HIS P 624 -12.98 -18.38 -27.48
C HIS P 624 -12.69 -18.63 -28.96
N LYS P 625 -11.61 -18.05 -29.48
CA LYS P 625 -11.25 -18.25 -30.88
C LYS P 625 -11.00 -19.72 -31.18
N LEU P 626 -10.32 -20.42 -30.27
CA LEU P 626 -9.98 -21.82 -30.44
C LEU P 626 -10.97 -22.76 -29.77
N LYS P 627 -12.21 -22.30 -29.56
CA LYS P 627 -13.28 -23.12 -28.98
C LYS P 627 -12.93 -23.62 -27.59
N ILE P 628 -12.15 -22.82 -26.84
CA ILE P 628 -11.84 -23.12 -25.45
C ILE P 628 -12.61 -22.15 -24.57
N ILE P 629 -13.81 -22.55 -24.15
CA ILE P 629 -14.70 -21.66 -23.40
C ILE P 629 -14.72 -22.14 -21.94
N PRO P 630 -14.13 -21.39 -21.03
CA PRO P 630 -14.31 -21.67 -19.59
C PRO P 630 -15.68 -21.20 -19.14
N HIS P 631 -16.56 -22.13 -18.80
CA HIS P 631 -17.91 -21.76 -18.40
C HIS P 631 -17.97 -21.20 -16.99
N ILE P 632 -16.96 -21.47 -16.17
CA ILE P 632 -16.71 -20.65 -14.97
C ILE P 632 -16.00 -19.40 -15.48
N GLN P 633 -16.76 -18.35 -15.74
CA GLN P 633 -16.24 -17.22 -16.50
C GLN P 633 -15.09 -16.55 -15.76
N PRO P 634 -13.96 -16.30 -16.43
CA PRO P 634 -12.81 -15.68 -15.75
C PRO P 634 -13.10 -14.23 -15.42
N ARG P 635 -13.07 -13.92 -14.13
CA ARG P 635 -13.21 -12.56 -13.64
C ARG P 635 -11.98 -12.20 -12.83
N ALA P 636 -11.54 -10.95 -12.94
CA ALA P 636 -10.43 -10.49 -12.13
C ALA P 636 -10.81 -10.50 -10.65
N LEU P 637 -9.80 -10.46 -9.79
CA LEU P 637 -10.04 -10.46 -8.36
C LEU P 637 -10.87 -9.23 -7.97
N SER P 638 -11.77 -9.42 -7.01
CA SER P 638 -12.53 -8.29 -6.49
C SER P 638 -11.60 -7.31 -5.80
N ILE P 639 -12.07 -6.06 -5.68
CA ILE P 639 -11.22 -4.98 -5.15
C ILE P 639 -10.72 -5.35 -3.76
N SER P 640 -11.63 -5.80 -2.89
CA SER P 640 -11.24 -6.20 -1.55
C SER P 640 -10.25 -7.36 -1.58
N GLN P 641 -10.47 -8.32 -2.49
CA GLN P 641 -9.53 -9.43 -2.60
C GLN P 641 -8.18 -8.97 -3.12
N GLY P 642 -8.17 -8.04 -4.07
CA GLY P 642 -6.90 -7.51 -4.54
C GLY P 642 -6.11 -6.88 -3.42
N ARG P 643 -6.80 -6.07 -2.60
CA ARG P 643 -6.13 -5.46 -1.45
C ARG P 643 -5.64 -6.51 -0.46
N ALA P 644 -6.46 -7.55 -0.21
CA ALA P 644 -6.07 -8.58 0.74
C ALA P 644 -4.84 -9.34 0.27
N VAL P 645 -4.83 -9.71 -1.01
CA VAL P 645 -3.68 -10.42 -1.58
C VAL P 645 -2.43 -9.56 -1.51
N GLY P 646 -2.57 -8.27 -1.86
CA GLY P 646 -1.43 -7.37 -1.78
C GLY P 646 -0.88 -7.27 -0.38
N PHE P 647 -1.76 -7.10 0.61
CA PHE P 647 -1.31 -6.98 1.99
C PHE P 647 -0.64 -8.25 2.47
N ILE P 648 -1.21 -9.41 2.12
CA ILE P 648 -0.66 -10.68 2.57
C ILE P 648 0.72 -10.90 1.98
N HIS P 649 0.86 -10.68 0.68
CA HIS P 649 2.18 -10.86 0.06
C HIS P 649 3.18 -9.85 0.60
N TYR P 650 2.75 -8.60 0.82
CA TYR P 650 3.64 -7.58 1.35
C TYR P 650 4.20 -8.00 2.70
N THR P 651 3.30 -8.32 3.64
CA THR P 651 3.75 -8.69 4.98
C THR P 651 4.56 -9.98 4.96
N LEU P 652 4.14 -10.97 4.17
CA LEU P 652 4.86 -12.24 4.13
C LEU P 652 6.28 -12.05 3.59
N GLY P 653 6.41 -11.30 2.50
CA GLY P 653 7.73 -11.08 1.93
C GLY P 653 8.65 -10.30 2.85
N GLY P 654 8.12 -9.24 3.47
CA GLY P 654 8.94 -8.48 4.39
C GLY P 654 9.33 -9.26 5.63
N ILE P 655 8.40 -10.03 6.18
CA ILE P 655 8.68 -10.86 7.34
C ILE P 655 9.73 -11.90 6.98
N GLY P 656 9.63 -12.50 5.79
CA GLY P 656 10.63 -13.46 5.37
C GLY P 656 12.00 -12.83 5.20
N SER P 657 12.04 -11.61 4.65
CA SER P 657 13.31 -10.90 4.51
C SER P 657 13.96 -10.69 5.87
N THR P 658 13.24 -10.12 6.83
CA THR P 658 13.79 -9.95 8.17
C THR P 658 14.15 -11.27 8.77
N TRP P 659 13.29 -12.25 8.63
CA TRP P 659 13.51 -13.56 9.23
C TRP P 659 14.85 -14.13 8.79
N ALA P 660 15.08 -14.18 7.48
CA ALA P 660 16.36 -14.66 6.98
C ALA P 660 17.51 -13.79 7.48
N PHE P 661 17.33 -12.47 7.41
CA PHE P 661 18.42 -11.56 7.76
C PHE P 661 18.87 -11.74 9.20
N ILE P 662 17.92 -11.87 10.14
CA ILE P 662 18.32 -12.02 11.53
C ILE P 662 18.84 -13.43 11.80
N ILE P 663 18.16 -14.45 11.29
CA ILE P 663 18.48 -15.82 11.68
C ILE P 663 19.84 -16.23 11.13
N SER P 664 20.12 -15.92 9.86
CA SER P 664 21.39 -16.32 9.30
C SER P 664 22.56 -15.67 10.03
N ARG P 665 22.43 -14.38 10.34
CA ARG P 665 23.50 -13.69 11.06
C ARG P 665 23.70 -14.29 12.45
N LEU P 666 22.63 -14.56 13.18
CA LEU P 666 22.81 -15.09 14.52
C LEU P 666 23.34 -16.52 14.50
N LEU P 667 23.01 -17.30 13.46
CA LEU P 667 23.56 -18.64 13.35
C LEU P 667 25.04 -18.60 13.00
N VAL P 668 25.45 -17.66 12.14
CA VAL P 668 26.86 -17.55 11.80
C VAL P 668 27.68 -17.08 12.99
N LEU P 669 27.20 -16.04 13.69
CA LEU P 669 27.97 -15.49 14.80
C LEU P 669 28.10 -16.48 15.94
N THR P 670 27.04 -17.22 16.25
CA THR P 670 27.08 -18.20 17.33
C THR P 670 27.90 -19.43 16.91
N GLY Q 1 -21.65 29.74 -4.44
CA GLY Q 1 -20.71 28.66 -4.21
C GLY Q 1 -19.33 28.93 -4.74
N ARG Q 2 -18.33 28.29 -4.15
CA ARG Q 2 -16.93 28.45 -4.56
C ARG Q 2 -16.26 27.10 -4.47
N CYS Q 3 -14.92 27.09 -4.48
CA CYS Q 3 -14.13 25.89 -4.63
C CYS Q 3 -13.59 25.39 -3.30
N ALA Q 4 -12.98 24.22 -3.34
CA ALA Q 4 -12.34 23.57 -2.22
C ALA Q 4 -10.83 23.51 -2.44
N SER Q 5 -10.12 22.84 -1.54
CA SER Q 5 -8.66 22.74 -1.63
C SER Q 5 -8.22 21.95 -2.84
N SER Q 6 -9.08 21.10 -3.41
CA SER Q 6 -8.72 20.33 -4.58
C SER Q 6 -8.62 21.16 -5.85
N ARG Q 7 -8.99 22.45 -5.79
CA ARG Q 7 -8.88 23.30 -6.97
C ARG Q 7 -7.45 23.41 -7.45
N TYR Q 8 -6.50 23.55 -6.52
CA TYR Q 8 -5.10 23.68 -6.92
C TYR Q 8 -4.63 22.45 -7.70
N LEU Q 9 -4.90 21.26 -7.17
CA LEU Q 9 -4.49 20.04 -7.86
C LEU Q 9 -5.23 19.89 -9.18
N GLN Q 10 -6.53 20.20 -9.21
CA GLN Q 10 -7.29 20.09 -10.45
C GLN Q 10 -6.73 21.02 -11.52
N VAL Q 11 -6.39 22.25 -11.15
CA VAL Q 11 -5.87 23.22 -12.11
C VAL Q 11 -4.49 22.81 -12.58
N LEU Q 12 -3.61 22.43 -11.65
CA LEU Q 12 -2.24 22.08 -12.02
C LEU Q 12 -2.17 20.76 -12.77
N GLY Q 13 -3.20 19.91 -12.68
CA GLY Q 13 -3.20 18.68 -13.44
C GLY Q 13 -3.45 18.89 -14.93
N SER Q 14 -3.96 20.05 -15.30
CA SER Q 14 -4.16 20.39 -16.71
C SER Q 14 -3.72 21.83 -16.95
N ILE Q 15 -2.65 22.25 -16.27
CA ILE Q 15 -2.19 23.63 -16.38
C ILE Q 15 -1.67 23.92 -17.78
N HIS Q 16 -1.14 22.91 -18.47
CA HIS Q 16 -0.64 23.07 -19.83
C HIS Q 16 -1.51 22.37 -20.86
N ASP Q 17 -2.67 21.85 -20.45
CA ASP Q 17 -3.61 21.22 -21.38
C ASP Q 17 -4.38 22.33 -22.08
N ILE Q 18 -3.74 22.91 -23.10
CA ILE Q 18 -4.29 24.07 -23.79
C ILE Q 18 -5.60 23.73 -24.50
N GLU Q 19 -5.80 22.46 -24.85
CA GLU Q 19 -7.09 22.05 -25.42
C GLU Q 19 -8.21 22.20 -24.40
N CYS Q 20 -7.91 22.09 -23.12
CA CYS Q 20 -8.91 22.19 -22.06
C CYS Q 20 -9.12 23.61 -21.58
N GLY Q 21 -8.44 24.60 -22.17
CA GLY Q 21 -8.66 25.98 -21.78
C GLY Q 21 -10.10 26.40 -22.04
N PHE Q 22 -10.57 27.34 -21.21
CA PHE Q 22 -11.96 27.78 -21.29
C PHE Q 22 -12.19 28.91 -22.28
N GLY Q 23 -11.24 29.83 -22.42
CA GLY Q 23 -11.38 30.90 -23.39
C GLY Q 23 -11.12 30.46 -24.81
N ILE Q 24 -10.31 29.41 -24.97
CA ILE Q 24 -9.95 28.90 -26.28
C ILE Q 24 -11.19 28.38 -27.00
N ASP Q 25 -11.45 28.90 -28.20
CA ASP Q 25 -12.64 28.55 -28.96
C ASP Q 25 -12.35 27.93 -30.32
N ASN Q 26 -11.13 28.01 -30.82
CA ASN Q 26 -10.82 27.57 -32.17
C ASN Q 26 -9.39 27.09 -32.26
N THR Q 27 -9.08 26.39 -33.35
CA THR Q 27 -7.72 25.91 -33.58
C THR Q 27 -6.73 27.06 -33.75
N LEU Q 28 -7.20 28.25 -34.12
CA LEU Q 28 -6.30 29.40 -34.19
C LEU Q 28 -5.70 29.71 -32.83
N SER Q 29 -6.55 29.84 -31.81
CA SER Q 29 -6.06 30.12 -30.47
C SER Q 29 -5.17 29.01 -29.95
N LEU Q 30 -5.58 27.75 -30.17
CA LEU Q 30 -4.79 26.62 -29.69
C LEU Q 30 -3.42 26.61 -30.33
N ASN Q 31 -3.37 26.75 -31.65
CA ASN Q 31 -2.09 26.71 -32.36
C ASN Q 31 -1.21 27.89 -31.98
N LEU Q 32 -1.79 29.09 -31.82
CA LEU Q 32 -0.96 30.24 -31.44
C LEU Q 32 -0.42 30.09 -30.03
N GLN Q 33 -1.25 29.58 -29.10
CA GLN Q 33 -0.77 29.34 -27.74
C GLN Q 33 0.36 28.33 -27.74
N ILE Q 34 0.21 27.27 -28.54
CA ILE Q 34 1.25 26.23 -28.61
C ILE Q 34 2.53 26.80 -29.20
N PHE Q 35 2.41 27.62 -30.25
CA PHE Q 35 3.58 28.22 -30.87
C PHE Q 35 4.32 29.15 -29.89
N THR Q 36 3.57 29.98 -29.17
CA THR Q 36 4.19 30.87 -28.19
C THR Q 36 4.84 30.07 -27.06
N ALA Q 37 4.20 28.99 -26.63
CA ALA Q 37 4.80 28.13 -25.61
C ALA Q 37 6.08 27.49 -26.12
N HIS Q 38 6.11 27.12 -27.40
CA HIS Q 38 7.34 26.61 -28.00
C HIS Q 38 8.44 27.65 -27.96
N TRP Q 39 8.12 28.90 -28.27
CA TRP Q 39 9.12 29.96 -28.21
C TRP Q 39 9.65 30.13 -26.80
N GLY Q 40 8.76 30.15 -25.81
CA GLY Q 40 9.20 30.27 -24.43
C GLY Q 40 10.06 29.11 -23.99
N HIS Q 41 9.71 27.89 -24.41
CA HIS Q 41 10.50 26.72 -24.07
C HIS Q 41 11.89 26.77 -24.70
N LEU Q 42 11.96 27.23 -25.96
CA LEU Q 42 13.27 27.40 -26.58
C LEU Q 42 14.09 28.45 -25.84
N THR Q 43 13.45 29.51 -25.37
CA THR Q 43 14.15 30.49 -24.54
C THR Q 43 14.70 29.85 -23.27
N ILE Q 44 13.90 28.99 -22.64
CA ILE Q 44 14.36 28.30 -21.42
C ILE Q 44 15.57 27.43 -21.74
N ILE Q 45 15.52 26.70 -22.86
CA ILE Q 45 16.66 25.85 -23.23
C ILE Q 45 17.91 26.69 -23.46
N LEU Q 46 17.76 27.81 -24.15
CA LEU Q 46 18.92 28.67 -24.41
C LEU Q 46 19.49 29.25 -23.12
N ILE Q 47 18.61 29.63 -22.19
CA ILE Q 47 19.07 30.14 -20.91
C ILE Q 47 19.79 29.05 -20.11
N TRP Q 48 19.31 27.81 -20.21
CA TRP Q 48 19.98 26.70 -19.54
C TRP Q 48 21.38 26.47 -20.11
N VAL Q 49 21.50 26.53 -21.44
CA VAL Q 49 22.81 26.38 -22.08
C VAL Q 49 23.74 27.50 -21.62
N SER Q 50 23.24 28.74 -21.64
CA SER Q 50 24.05 29.86 -21.19
C SER Q 50 24.41 29.72 -19.71
N SER Q 51 23.52 29.12 -18.92
CA SER Q 51 23.80 28.89 -17.51
C SER Q 51 24.99 27.97 -17.32
N ASN Q 52 24.96 26.82 -17.99
CA ASN Q 52 26.06 25.89 -17.88
C ASN Q 52 27.36 26.52 -18.37
N LEU Q 53 27.29 27.26 -19.48
CA LEU Q 53 28.49 27.90 -20.01
C LEU Q 53 29.03 28.96 -19.05
N TYR Q 54 28.15 29.73 -18.42
CA TYR Q 54 28.60 30.72 -17.45
C TYR Q 54 29.28 30.07 -16.27
N HIS Q 55 28.64 29.06 -15.68
CA HIS Q 55 29.20 28.45 -14.48
C HIS Q 55 30.51 27.74 -14.79
N ILE Q 56 30.66 27.19 -15.99
CA ILE Q 56 31.97 26.68 -16.41
C ILE Q 56 32.95 27.84 -16.55
N ALA Q 57 32.48 28.99 -17.02
CA ALA Q 57 33.36 30.14 -17.19
C ALA Q 57 33.79 30.73 -15.84
N SER Q 58 32.83 30.90 -14.93
CA SER Q 58 33.11 31.65 -13.70
C SER Q 58 33.50 30.74 -12.54
N ASN Q 59 32.61 29.86 -12.12
CA ASN Q 59 32.83 29.02 -10.93
C ASN Q 59 33.39 27.66 -11.30
N ALA Q 60 34.47 27.60 -12.06
CA ALA Q 60 34.97 26.31 -12.55
C ALA Q 60 36.42 26.44 -12.96
N ASN Q 61 36.97 25.34 -13.48
CA ASN Q 61 38.39 25.19 -13.77
C ASN Q 61 38.61 24.63 -15.17
N TYR Q 62 37.89 25.17 -16.15
CA TYR Q 62 38.06 24.70 -17.52
C TYR Q 62 39.46 25.01 -18.03
N SER Q 63 40.02 26.15 -17.63
CA SER Q 63 41.35 26.53 -18.10
C SER Q 63 42.42 25.57 -17.62
N LEU Q 64 42.20 24.90 -16.49
CA LEU Q 64 43.15 23.93 -15.97
C LEU Q 64 42.83 22.50 -16.36
N TRP Q 65 41.54 22.15 -16.46
CA TRP Q 65 41.17 20.80 -16.87
C TRP Q 65 41.59 20.53 -18.31
N VAL Q 66 41.56 21.55 -19.17
CA VAL Q 66 41.91 21.36 -20.57
C VAL Q 66 43.37 20.96 -20.73
N LYS Q 67 44.23 21.38 -19.79
CA LYS Q 67 45.65 21.07 -19.89
C LYS Q 67 45.94 19.61 -19.59
N ASN Q 68 45.34 19.06 -18.53
CA ASN Q 68 45.62 17.70 -18.08
C ASN Q 68 44.30 16.98 -17.82
N PRO Q 69 43.56 16.64 -18.89
CA PRO Q 69 42.19 16.17 -18.68
C PRO Q 69 42.08 14.78 -18.07
N ILE Q 70 43.03 13.88 -18.33
CA ILE Q 70 42.86 12.49 -17.91
C ILE Q 70 42.78 12.35 -16.40
N PRO Q 71 43.70 12.91 -15.59
CA PRO Q 71 43.59 12.71 -14.14
C PRO Q 71 42.82 13.81 -13.44
N SER Q 72 42.60 14.93 -14.11
CA SER Q 72 41.91 16.06 -13.50
C SER Q 72 40.41 15.80 -13.45
N MET Q 73 39.72 16.62 -12.65
CA MET Q 73 38.28 16.55 -12.54
C MET Q 73 37.67 17.93 -12.73
N PRO Q 74 36.61 18.04 -13.52
CA PRO Q 74 35.97 19.32 -13.76
C PRO Q 74 35.14 19.77 -12.56
N ILE Q 75 34.77 21.05 -12.58
CA ILE Q 75 33.97 21.66 -11.52
C ILE Q 75 32.63 22.06 -12.11
N ALA Q 76 31.55 21.64 -11.46
CA ALA Q 76 30.21 22.06 -11.89
C ALA Q 76 29.96 23.52 -11.54
N HIS Q 77 30.01 23.84 -10.25
CA HIS Q 77 29.83 25.20 -9.75
C HIS Q 77 30.26 25.21 -8.29
N ASN Q 78 30.36 26.42 -7.74
CA ASN Q 78 30.69 26.55 -6.33
C ASN Q 78 29.52 26.13 -5.46
N ILE Q 79 29.80 25.88 -4.19
CA ILE Q 79 28.79 25.59 -3.18
C ILE Q 79 28.73 26.80 -2.25
N TRP Q 80 27.57 27.45 -2.20
CA TRP Q 80 27.32 28.49 -1.21
C TRP Q 80 26.06 28.09 -0.46
N ASP Q 81 26.26 27.47 0.70
CA ASP Q 81 25.17 27.01 1.55
C ASP Q 81 25.49 27.37 3.00
N PRO Q 82 24.69 28.24 3.63
CA PRO Q 82 25.00 28.67 5.00
C PRO Q 82 24.85 27.58 6.03
N HIS Q 83 24.33 26.41 5.66
CA HIS Q 83 24.16 25.31 6.60
C HIS Q 83 25.43 24.54 6.89
N PHE Q 84 26.47 24.70 6.07
CA PHE Q 84 27.71 23.99 6.29
C PHE Q 84 28.42 24.54 7.53
N THR Q 85 29.56 23.93 7.86
CA THR Q 85 30.32 24.36 9.02
C THR Q 85 31.04 25.66 8.72
N ASN Q 86 30.71 26.71 9.48
CA ASN Q 86 31.46 27.96 9.38
C ASN Q 86 32.89 27.82 9.89
N SER Q 87 33.20 26.73 10.59
CA SER Q 87 34.54 26.40 11.04
C SER Q 87 35.08 25.24 10.21
N THR Q 88 36.32 24.86 10.51
CA THR Q 88 37.02 23.75 9.86
C THR Q 88 36.96 23.93 8.35
N SER Q 89 36.93 22.83 7.60
CA SER Q 89 36.81 22.85 6.16
C SER Q 89 35.96 21.68 5.71
N THR Q 90 35.03 21.95 4.80
CA THR Q 90 34.18 20.88 4.28
C THR Q 90 35.01 19.93 3.42
N PRO Q 91 34.57 18.68 3.29
CA PRO Q 91 35.28 17.74 2.40
C PRO Q 91 35.21 18.11 0.93
N TYR Q 92 34.54 19.20 0.58
CA TYR Q 92 34.38 19.63 -0.80
C TYR Q 92 35.26 20.84 -1.14
N SER Q 93 36.20 21.20 -0.27
CA SER Q 93 37.05 22.36 -0.48
C SER Q 93 38.47 22.05 -0.02
N HIS Q 94 39.43 22.67 -0.69
CA HIS Q 94 40.84 22.55 -0.32
C HIS Q 94 41.12 23.55 0.79
N THR Q 95 40.82 23.12 2.03
CA THR Q 95 41.02 23.92 3.23
C THR Q 95 40.30 25.27 3.15
N ILE Q 96 41.05 26.36 3.13
CA ILE Q 96 40.48 27.70 3.17
C ILE Q 96 39.82 28.12 1.87
N ILE Q 97 40.07 27.39 0.78
CA ILE Q 97 39.53 27.75 -0.53
C ILE Q 97 38.03 27.50 -0.54
N THR Q 98 37.35 28.01 -1.57
CA THR Q 98 35.91 27.89 -1.66
C THR Q 98 35.50 26.44 -1.93
N THR Q 99 34.20 26.19 -1.82
CA THR Q 99 33.61 24.86 -1.95
C THR Q 99 33.16 24.64 -3.39
N ILE Q 100 33.43 23.44 -3.92
CA ILE Q 100 33.19 23.15 -5.33
C ILE Q 100 32.49 21.80 -5.48
N LEU Q 101 31.87 21.61 -6.65
CA LEU Q 101 31.21 20.37 -7.03
C LEU Q 101 31.78 19.86 -8.35
N ILE Q 102 32.00 18.55 -8.42
CA ILE Q 102 32.57 17.93 -9.62
C ILE Q 102 31.45 17.71 -10.63
N ALA Q 103 31.64 18.21 -11.84
CA ALA Q 103 30.62 18.10 -12.88
C ALA Q 103 30.61 16.69 -13.47
N TYR Q 104 29.43 16.09 -13.52
CA TYR Q 104 29.24 14.76 -14.11
C TYR Q 104 28.36 14.82 -15.36
N SER Q 105 28.18 16.01 -15.93
CA SER Q 105 27.36 16.16 -17.12
C SER Q 105 28.11 15.75 -18.38
N GLY Q 106 29.29 16.31 -18.59
CA GLY Q 106 30.08 16.00 -19.76
C GLY Q 106 30.30 17.19 -20.67
N ILE Q 107 29.95 18.38 -20.17
CA ILE Q 107 30.08 19.58 -20.99
C ILE Q 107 31.55 19.92 -21.22
N TYR Q 108 32.44 19.56 -20.29
CA TYR Q 108 33.85 19.85 -20.47
C TYR Q 108 34.40 19.18 -21.72
N ASN Q 109 34.11 17.89 -21.90
CA ASN Q 109 34.56 17.20 -23.10
C ASN Q 109 33.88 17.76 -24.34
N GLN Q 110 32.60 18.14 -24.22
CA GLN Q 110 31.88 18.73 -25.35
C GLN Q 110 32.56 20.01 -25.82
N LEU Q 111 32.87 20.90 -24.89
CA LEU Q 111 33.50 22.17 -25.25
C LEU Q 111 34.93 21.96 -25.75
N TYR Q 112 35.67 21.05 -25.11
CA TYR Q 112 37.03 20.76 -25.54
C TYR Q 112 37.05 20.23 -26.98
N THR Q 113 36.14 19.30 -27.29
CA THR Q 113 36.07 18.76 -28.64
C THR Q 113 35.61 19.83 -29.63
N SER Q 114 34.64 20.66 -29.23
CA SER Q 114 34.12 21.68 -30.12
C SER Q 114 35.12 22.78 -30.45
N GLY Q 115 36.24 22.85 -29.73
CA GLY Q 115 37.28 23.81 -30.03
C GLY Q 115 37.49 24.91 -29.02
N PHE Q 116 36.84 24.85 -27.85
CA PHE Q 116 37.06 25.85 -26.84
C PHE Q 116 38.43 25.67 -26.19
N ASN Q 117 39.13 26.79 -25.98
CA ASN Q 117 40.47 26.76 -25.39
C ASN Q 117 40.55 27.69 -24.19
N THR Q 118 39.80 28.79 -24.20
CA THR Q 118 39.92 29.83 -23.19
C THR Q 118 38.58 30.07 -22.50
N ILE Q 119 38.66 30.63 -21.29
CA ILE Q 119 37.46 31.03 -20.56
C ILE Q 119 36.74 32.16 -21.30
N ASN Q 120 37.49 33.05 -21.96
CA ASN Q 120 36.88 34.18 -22.64
C ASN Q 120 35.93 33.73 -23.74
N GLN Q 121 36.29 32.66 -24.47
CA GLN Q 121 35.40 32.13 -25.49
C GLN Q 121 34.10 31.62 -24.88
N ILE Q 122 34.20 30.97 -23.72
CA ILE Q 122 33.01 30.48 -23.04
C ILE Q 122 32.14 31.63 -22.57
N TYR Q 123 32.77 32.71 -22.09
CA TYR Q 123 32.01 33.89 -21.68
C TYR Q 123 31.27 34.53 -22.85
N LYS Q 124 31.95 34.67 -23.98
CA LYS Q 124 31.31 35.21 -25.17
C LYS Q 124 30.17 34.31 -25.63
N THR Q 125 30.36 32.99 -25.52
CA THR Q 125 29.31 32.04 -25.88
C THR Q 125 28.10 32.19 -24.97
N THR Q 126 28.33 32.36 -23.67
CA THR Q 126 27.24 32.60 -22.74
C THR Q 126 26.47 33.87 -23.12
N PHE Q 127 27.19 34.94 -23.45
CA PHE Q 127 26.54 36.18 -23.85
C PHE Q 127 25.71 35.96 -25.11
N THR Q 128 26.25 35.24 -26.10
CA THR Q 128 25.52 35.01 -27.34
C THR Q 128 24.25 34.20 -27.10
N PHE Q 129 24.32 33.19 -26.22
CA PHE Q 129 23.13 32.39 -25.98
C PHE Q 129 22.07 33.15 -25.18
N SER Q 130 22.48 34.05 -24.28
CA SER Q 130 21.51 34.94 -23.66
C SER Q 130 20.86 35.85 -24.70
N CYS Q 131 21.66 36.35 -25.65
CA CYS Q 131 21.10 37.12 -26.75
C CYS Q 131 20.08 36.31 -27.53
N LEU Q 132 20.38 35.03 -27.77
CA LEU Q 132 19.46 34.18 -28.51
C LEU Q 132 18.17 33.94 -27.73
N ALA Q 133 18.26 33.87 -26.40
CA ALA Q 133 17.04 33.78 -25.59
C ALA Q 133 16.18 35.03 -25.76
N VAL Q 134 16.82 36.20 -25.73
CA VAL Q 134 16.08 37.44 -26.00
C VAL Q 134 15.42 37.37 -27.37
N ILE Q 135 16.15 36.89 -28.37
CA ILE Q 135 15.64 36.81 -29.73
C ILE Q 135 14.43 35.89 -29.80
N SER Q 136 14.48 34.77 -29.09
CA SER Q 136 13.36 33.83 -29.09
C SER Q 136 12.11 34.45 -28.47
N ILE Q 137 12.27 35.14 -27.33
CA ILE Q 137 11.11 35.77 -26.72
C ILE Q 137 10.53 36.85 -27.64
N LEU Q 138 11.41 37.64 -28.27
CA LEU Q 138 10.93 38.67 -29.18
C LEU Q 138 10.24 38.06 -30.39
N LEU Q 139 10.70 36.90 -30.87
CA LEU Q 139 10.00 36.22 -31.95
C LEU Q 139 8.62 35.75 -31.51
N ALA Q 140 8.50 35.29 -30.26
CA ALA Q 140 7.19 34.94 -29.73
C ALA Q 140 6.24 36.14 -29.78
N LYS Q 141 6.73 37.30 -29.30
CA LYS Q 141 5.91 38.51 -29.34
C LYS Q 141 5.57 38.89 -30.78
N ILE Q 142 6.53 38.76 -31.68
CA ILE Q 142 6.33 39.11 -33.09
C ILE Q 142 5.22 38.27 -33.68
N HIS Q 143 5.23 36.97 -33.42
CA HIS Q 143 4.25 36.09 -34.04
C HIS Q 143 2.87 36.27 -33.41
N ILE Q 144 2.81 36.52 -32.10
CA ILE Q 144 1.54 36.86 -31.48
C ILE Q 144 0.95 38.09 -32.15
N ASN Q 145 1.78 39.12 -32.36
CA ASN Q 145 1.29 40.33 -33.02
C ASN Q 145 0.88 40.08 -34.47
N THR Q 146 1.64 39.28 -35.21
CA THR Q 146 1.30 39.05 -36.61
C THR Q 146 -0.04 38.31 -36.73
N HIS Q 147 -0.27 37.32 -35.86
CA HIS Q 147 -1.55 36.63 -35.92
C HIS Q 147 -2.70 37.52 -35.45
N SER Q 148 -2.47 38.34 -34.42
CA SER Q 148 -3.49 39.30 -34.03
C SER Q 148 -3.75 40.32 -35.13
N GLU Q 149 -2.72 40.64 -35.92
CA GLU Q 149 -2.89 41.57 -37.03
C GLU Q 149 -3.66 40.94 -38.18
N LEU Q 150 -3.47 39.65 -38.44
CA LEU Q 150 -4.34 38.95 -39.38
C LEU Q 150 -5.79 38.98 -38.88
N LEU Q 151 -5.98 38.71 -37.59
CA LEU Q 151 -7.32 38.75 -37.01
C LEU Q 151 -7.94 40.13 -37.17
N HIS Q 152 -7.16 41.19 -36.96
CA HIS Q 152 -7.64 42.54 -37.17
C HIS Q 152 -7.87 42.84 -38.65
N LYS Q 153 -7.09 42.19 -39.53
CA LYS Q 153 -7.31 42.34 -40.96
C LYS Q 153 -8.59 41.65 -41.40
N LEU Q 154 -9.16 40.82 -40.52
CA LEU Q 154 -10.51 40.34 -40.78
C LEU Q 154 -11.56 41.43 -40.53
N ALA Q 155 -11.14 42.62 -40.06
CA ALA Q 155 -12.03 43.77 -40.05
C ALA Q 155 -12.10 44.46 -41.40
N SER Q 156 -11.18 44.14 -42.31
CA SER Q 156 -11.20 44.61 -43.69
C SER Q 156 -11.21 43.43 -44.64
N HIS Q 157 -11.95 42.38 -44.29
CA HIS Q 157 -11.96 41.14 -45.05
C HIS Q 157 -13.39 40.68 -45.30
N THR Q 158 -13.73 40.48 -46.56
CA THR Q 158 -14.98 39.87 -46.98
C THR Q 158 -14.81 39.37 -48.40
N SER Q 159 -15.38 38.21 -48.70
CA SER Q 159 -15.30 37.67 -50.04
C SER Q 159 -16.44 38.15 -50.93
N GLN Q 160 -17.31 39.01 -50.41
CA GLN Q 160 -18.49 39.51 -51.12
C GLN Q 160 -19.45 38.36 -51.41
N ILE Q 161 -19.11 37.16 -50.92
CA ILE Q 161 -19.92 35.97 -51.14
C ILE Q 161 -19.98 35.15 -49.86
N PRO Q 162 -21.02 34.32 -49.72
CA PRO Q 162 -21.14 33.50 -48.50
C PRO Q 162 -19.97 32.56 -48.25
N SER Q 163 -19.06 32.38 -49.20
CA SER Q 163 -17.90 31.53 -48.97
C SER Q 163 -16.83 32.22 -48.12
N PHE Q 164 -17.07 33.46 -47.70
CA PHE Q 164 -16.06 34.19 -46.91
C PHE Q 164 -15.74 33.48 -45.61
N PHE Q 165 -16.69 32.72 -45.06
CA PHE Q 165 -16.44 32.01 -43.81
C PHE Q 165 -15.40 30.91 -43.95
N GLN Q 166 -15.04 30.54 -45.17
CA GLN Q 166 -14.00 29.54 -45.37
C GLN Q 166 -12.66 30.00 -44.81
N LEU Q 167 -12.46 31.32 -44.71
CA LEU Q 167 -11.21 31.85 -44.19
C LEU Q 167 -11.00 31.45 -42.73
N LEU Q 168 -12.06 31.00 -42.06
CA LEU Q 168 -11.93 30.55 -40.68
C LEU Q 168 -10.91 29.42 -40.55
N TYR Q 169 -10.86 28.54 -41.54
CA TYR Q 169 -9.99 27.37 -41.46
C TYR Q 169 -8.54 27.66 -41.85
N PHE Q 170 -8.26 28.80 -42.48
CA PHE Q 170 -6.93 29.11 -42.96
C PHE Q 170 -6.19 30.15 -42.12
N LEU Q 171 -6.77 30.60 -41.02
CA LEU Q 171 -6.11 31.63 -40.22
C LEU Q 171 -4.81 31.12 -39.63
N ASP Q 172 -4.77 29.87 -39.20
CA ASP Q 172 -3.57 29.27 -38.64
C ASP Q 172 -2.85 28.36 -39.64
N VAL Q 173 -2.98 28.65 -40.93
CA VAL Q 173 -2.25 27.90 -41.95
C VAL Q 173 -0.74 28.07 -41.75
N ALA Q 174 -0.33 29.14 -41.08
CA ALA Q 174 1.08 29.34 -40.77
C ALA Q 174 1.62 28.21 -39.90
N ILE Q 175 0.84 27.80 -38.90
CA ILE Q 175 1.29 26.77 -37.97
C ILE Q 175 0.90 25.38 -38.45
N SER Q 176 -0.33 25.22 -38.94
CA SER Q 176 -0.87 23.91 -39.25
C SER Q 176 -0.41 23.35 -40.58
N SER Q 177 0.24 24.14 -41.44
CA SER Q 177 0.73 23.61 -42.71
C SER Q 177 1.80 22.56 -42.45
N VAL Q 178 1.74 21.47 -43.21
CA VAL Q 178 2.57 20.30 -42.98
C VAL Q 178 3.65 20.15 -44.06
N ASN Q 179 3.29 20.36 -45.33
CA ASN Q 179 4.26 20.16 -46.41
C ASN Q 179 5.42 21.15 -46.28
N ILE Q 180 5.12 22.42 -46.07
CA ILE Q 180 6.17 23.42 -45.91
C ILE Q 180 7.03 23.10 -44.70
N ARG Q 181 6.39 22.73 -43.59
CA ARG Q 181 7.13 22.42 -42.37
C ARG Q 181 8.05 21.22 -42.59
N PHE Q 182 7.56 20.16 -43.22
CA PHE Q 182 8.40 18.99 -43.47
C PHE Q 182 9.56 19.34 -44.37
N ASN Q 183 9.28 20.04 -45.48
CA ASN Q 183 10.34 20.42 -46.40
C ASN Q 183 11.42 21.21 -45.70
N PHE Q 184 11.03 22.26 -44.97
CA PHE Q 184 12.03 23.15 -44.41
C PHE Q 184 12.72 22.54 -43.20
N HIS Q 185 12.01 21.75 -42.39
CA HIS Q 185 12.67 21.03 -41.33
C HIS Q 185 13.74 20.11 -41.91
N THR Q 186 13.33 19.12 -42.71
CA THR Q 186 14.27 18.12 -43.20
C THR Q 186 15.39 18.76 -44.01
N GLY Q 187 15.11 19.78 -44.80
CA GLY Q 187 16.20 20.44 -45.50
C GLY Q 187 17.04 21.31 -44.60
N ILE Q 188 16.50 22.45 -44.17
CA ILE Q 188 17.32 23.42 -43.45
C ILE Q 188 17.73 22.82 -42.12
N LEU Q 189 16.75 22.59 -41.23
CA LEU Q 189 17.02 22.35 -39.82
C LEU Q 189 17.87 21.11 -39.59
N VAL Q 190 17.87 20.18 -40.54
CA VAL Q 190 18.65 18.96 -40.41
C VAL Q 190 19.89 19.03 -41.31
N GLY Q 191 19.67 19.07 -42.63
CA GLY Q 191 20.79 18.99 -43.55
C GLY Q 191 21.70 20.20 -43.47
N LEU Q 192 21.13 21.42 -43.53
CA LEU Q 192 22.02 22.57 -43.54
C LEU Q 192 22.59 22.85 -42.16
N PHE Q 193 21.90 22.44 -41.09
CA PHE Q 193 22.52 22.52 -39.78
C PHE Q 193 23.72 21.58 -39.68
N SER Q 194 23.60 20.38 -40.26
CA SER Q 194 24.73 19.47 -40.30
C SER Q 194 25.87 20.05 -41.14
N ILE Q 195 25.54 20.68 -42.27
CA ILE Q 195 26.57 21.26 -43.13
C ILE Q 195 27.26 22.44 -42.43
N GLY Q 196 26.48 23.26 -41.73
CA GLY Q 196 27.07 24.34 -40.96
C GLY Q 196 27.94 23.83 -39.83
N TYR Q 197 27.56 22.72 -39.21
CA TYR Q 197 28.43 22.16 -38.18
C TYR Q 197 29.69 21.56 -38.79
N THR Q 198 29.61 21.00 -39.99
CA THR Q 198 30.82 20.58 -40.70
C THR Q 198 31.74 21.77 -40.95
N GLY Q 199 31.16 22.90 -41.35
CA GLY Q 199 31.95 24.11 -41.49
C GLY Q 199 32.60 24.54 -40.18
N HIS Q 200 31.84 24.45 -39.08
CA HIS Q 200 32.39 24.78 -37.78
C HIS Q 200 33.58 23.89 -37.44
N LEU Q 201 33.43 22.59 -37.67
CA LEU Q 201 34.51 21.67 -37.38
C LEU Q 201 35.74 21.99 -38.21
N LEU Q 202 35.55 22.16 -39.53
CA LEU Q 202 36.68 22.42 -40.42
C LEU Q 202 37.36 23.74 -40.11
N ASP Q 203 36.61 24.72 -39.58
CA ASP Q 203 37.20 26.03 -39.34
C ASP Q 203 37.80 26.18 -37.95
N ILE Q 204 37.29 25.44 -36.96
CA ILE Q 204 37.73 25.63 -35.59
C ILE Q 204 38.21 24.32 -34.98
N THR Q 205 37.35 23.30 -35.00
CA THR Q 205 37.58 22.12 -34.17
C THR Q 205 38.82 21.36 -34.60
N ILE Q 206 38.97 21.14 -35.91
CA ILE Q 206 40.13 20.44 -36.44
C ILE Q 206 41.35 21.36 -36.40
N PRO Q 207 41.23 22.65 -36.76
CA PRO Q 207 42.38 23.55 -36.55
C PRO Q 207 42.84 23.62 -35.10
N ALA Q 208 41.91 23.70 -34.15
CA ALA Q 208 42.30 23.74 -32.73
C ALA Q 208 42.31 22.36 -32.10
N SER Q 209 42.94 21.40 -32.78
CA SER Q 209 43.23 20.09 -32.18
C SER Q 209 44.59 19.53 -32.57
N ARG Q 210 45.24 20.05 -33.60
CA ARG Q 210 46.52 19.52 -34.09
C ARG Q 210 47.40 20.69 -34.50
N ALA Q 211 48.59 20.36 -35.01
CA ALA Q 211 49.51 21.38 -35.47
C ALA Q 211 48.92 22.12 -36.67
N PRO Q 212 49.38 23.34 -36.93
CA PRO Q 212 48.82 24.13 -38.03
C PRO Q 212 48.94 23.39 -39.35
N LEU Q 213 47.88 23.47 -40.15
CA LEU Q 213 47.81 22.71 -41.39
C LEU Q 213 47.39 23.61 -42.55
N ILE Q 214 47.06 22.99 -43.69
CA ILE Q 214 46.70 23.71 -44.91
C ILE Q 214 45.39 24.44 -44.68
N HIS Q 215 45.00 25.30 -45.62
CA HIS Q 215 43.84 26.16 -45.42
C HIS Q 215 42.55 25.35 -45.47
N THR Q 216 42.38 24.47 -44.48
CA THR Q 216 41.17 23.66 -44.32
C THR Q 216 40.85 22.88 -45.59
N SER Q 217 41.87 22.29 -46.21
CA SER Q 217 41.74 21.61 -47.48
C SER Q 217 40.76 20.43 -47.39
N PRO Q 218 40.33 19.87 -48.52
CA PRO Q 218 39.41 18.72 -48.47
C PRO Q 218 40.02 17.46 -47.91
N SER Q 219 41.32 17.48 -47.54
CA SER Q 219 41.92 16.38 -46.82
C SER Q 219 41.42 16.29 -45.38
N TYR Q 220 40.66 17.29 -44.92
CA TYR Q 220 40.01 17.28 -43.62
C TYR Q 220 38.80 16.36 -43.57
N LEU Q 221 38.42 15.74 -44.68
CA LEU Q 221 37.31 14.81 -44.75
C LEU Q 221 37.89 13.40 -44.91
N THR Q 222 37.96 12.67 -43.80
CA THR Q 222 38.57 11.34 -43.79
C THR Q 222 37.50 10.26 -43.61
N PHE Q 223 37.95 9.02 -43.74
CA PHE Q 223 37.10 7.84 -43.63
C PHE Q 223 37.81 6.77 -42.82
N PHE Q 224 38.42 7.18 -41.70
CA PHE Q 224 39.30 6.28 -40.95
C PHE Q 224 38.50 5.17 -40.27
N GLY Q 225 37.58 5.54 -39.39
CA GLY Q 225 36.94 4.57 -38.52
C GLY Q 225 36.57 5.20 -37.20
N GLY Q 226 37.06 4.63 -36.09
CA GLY Q 226 36.76 5.16 -34.78
C GLY Q 226 37.98 5.17 -33.87
N LEU Q 227 37.84 5.90 -32.77
CA LEU Q 227 38.74 5.83 -31.62
C LEU Q 227 40.19 6.16 -31.99
N LYS Q 228 40.39 7.44 -32.35
CA LYS Q 228 41.73 7.99 -32.45
C LYS Q 228 42.50 7.68 -31.17
N SER Q 229 43.73 7.17 -31.33
CA SER Q 229 44.42 6.53 -30.22
C SER Q 229 44.71 7.50 -29.08
N ASN Q 230 45.19 8.70 -29.38
CA ASN Q 230 45.67 9.59 -28.33
C ASN Q 230 44.53 10.10 -27.45
N THR Q 231 43.47 10.60 -28.06
CA THR Q 231 42.35 11.15 -27.31
C THR Q 231 41.25 10.13 -27.03
N SER Q 232 41.39 8.90 -27.51
CA SER Q 232 40.42 7.83 -27.30
C SER Q 232 39.01 8.27 -27.71
N SER Q 233 38.91 8.90 -28.88
CA SER Q 233 37.63 9.38 -29.38
C SER Q 233 37.65 9.33 -30.91
N LEU Q 234 36.49 9.59 -31.50
CA LEU Q 234 36.36 9.60 -32.94
C LEU Q 234 37.22 10.70 -33.55
N TYR Q 235 37.69 10.46 -34.77
CA TYR Q 235 38.45 11.49 -35.48
C TYR Q 235 37.53 12.65 -35.82
N LEU Q 236 37.99 13.87 -35.53
CA LEU Q 236 37.22 15.06 -35.86
C LEU Q 236 37.01 15.18 -37.36
N THR Q 237 37.99 14.75 -38.15
CA THR Q 237 37.80 14.70 -39.59
C THR Q 237 36.68 13.74 -39.97
N ASP Q 238 36.62 12.59 -39.32
CA ASP Q 238 35.53 11.65 -39.55
C ASP Q 238 34.18 12.26 -39.16
N ILE Q 239 34.14 12.99 -38.06
CA ILE Q 239 32.89 13.62 -37.61
C ILE Q 239 32.44 14.68 -38.61
N ALA Q 240 33.38 15.51 -39.09
CA ALA Q 240 33.05 16.51 -40.09
C ALA Q 240 32.54 15.87 -41.36
N HIS Q 241 33.19 14.81 -41.81
CA HIS Q 241 32.75 14.12 -43.02
C HIS Q 241 31.37 13.49 -42.82
N HIS Q 242 31.12 12.92 -41.64
CA HIS Q 242 29.82 12.34 -41.35
C HIS Q 242 28.73 13.39 -41.41
N HIS Q 243 28.96 14.53 -40.78
CA HIS Q 243 27.97 15.60 -40.79
C HIS Q 243 27.77 16.12 -42.20
N LEU Q 244 28.85 16.19 -43.00
CA LEU Q 244 28.71 16.63 -44.39
C LEU Q 244 27.84 15.66 -45.18
N ALA Q 245 28.07 14.36 -45.02
CA ALA Q 245 27.28 13.38 -45.76
C ALA Q 245 25.81 13.43 -45.35
N ILE Q 246 25.55 13.47 -44.05
CA ILE Q 246 24.18 13.56 -43.56
C ILE Q 246 23.52 14.84 -44.05
N GLY Q 247 24.26 15.95 -44.04
CA GLY Q 247 23.71 17.21 -44.52
C GLY Q 247 23.34 17.16 -45.98
N ILE Q 248 24.22 16.60 -46.82
CA ILE Q 248 23.92 16.51 -48.25
C ILE Q 248 22.68 15.64 -48.47
N ILE Q 249 22.62 14.50 -47.79
CA ILE Q 249 21.50 13.58 -47.98
C ILE Q 249 20.19 14.26 -47.56
N SER Q 250 20.19 14.92 -46.41
CA SER Q 250 18.96 15.53 -45.93
C SER Q 250 18.58 16.78 -46.72
N ILE Q 251 19.57 17.52 -47.24
CA ILE Q 251 19.26 18.64 -48.12
C ILE Q 251 18.57 18.14 -49.39
N LEU Q 252 19.09 17.07 -49.98
CA LEU Q 252 18.44 16.49 -51.14
C LEU Q 252 17.03 16.01 -50.80
N THR Q 253 16.87 15.35 -49.65
CA THR Q 253 15.57 14.85 -49.25
C THR Q 253 14.57 15.98 -48.98
N GLY Q 254 15.05 17.13 -48.53
CA GLY Q 254 14.16 18.22 -48.15
C GLY Q 254 13.41 18.86 -49.30
N HIS Q 255 13.71 18.47 -50.54
CA HIS Q 255 13.01 18.99 -51.71
C HIS Q 255 11.88 18.07 -52.14
N LEU Q 256 11.27 17.35 -51.20
CA LEU Q 256 10.29 16.32 -51.52
C LEU Q 256 8.86 16.86 -51.60
N TYR Q 257 8.43 17.59 -50.58
CA TYR Q 257 7.04 18.02 -50.50
C TYR Q 257 6.84 19.37 -51.19
N SER Q 258 5.57 19.69 -51.47
CA SER Q 258 5.19 20.94 -52.11
C SER Q 258 5.11 22.03 -51.05
N SER Q 259 6.19 22.79 -50.89
CA SER Q 259 6.28 23.73 -49.79
C SER Q 259 5.84 25.14 -50.19
N PHE Q 260 6.54 25.76 -51.13
CA PHE Q 260 6.31 27.17 -51.45
C PHE Q 260 5.55 27.38 -52.74
N ARG Q 261 5.66 26.46 -53.70
CA ARG Q 261 4.96 26.55 -54.96
C ARG Q 261 4.11 25.31 -55.17
N ALA Q 262 2.99 25.48 -55.86
CA ALA Q 262 2.09 24.37 -56.15
C ALA Q 262 2.56 23.51 -57.31
N ALA Q 263 3.62 23.91 -58.01
CA ALA Q 263 4.09 23.21 -59.18
C ALA Q 263 5.30 22.31 -58.91
N LEU Q 264 5.77 22.23 -57.67
CA LEU Q 264 6.91 21.40 -57.33
C LEU Q 264 6.61 20.60 -56.08
N GLY Q 265 6.99 19.33 -56.10
CA GLY Q 265 6.86 18.49 -54.92
C GLY Q 265 5.49 17.84 -54.80
N THR Q 266 5.47 16.68 -54.15
CA THR Q 266 4.23 15.95 -53.90
C THR Q 266 3.68 16.28 -52.52
N TYR Q 267 2.37 16.22 -52.40
CA TYR Q 267 1.69 16.54 -51.15
C TYR Q 267 1.71 15.33 -50.22
N ILE Q 268 1.84 15.60 -48.92
CA ILE Q 268 1.89 14.52 -47.93
C ILE Q 268 0.57 13.76 -47.91
N ARG Q 269 -0.54 14.46 -48.11
CA ARG Q 269 -1.85 13.81 -48.12
C ARG Q 269 -1.95 12.80 -49.25
N ASP Q 270 -1.45 13.15 -50.44
CA ASP Q 270 -1.47 12.20 -51.55
C ASP Q 270 -0.49 11.06 -51.33
N ILE Q 271 0.63 11.32 -50.65
CA ILE Q 271 1.57 10.25 -50.32
C ILE Q 271 0.91 9.23 -49.39
N LEU Q 272 0.20 9.72 -48.37
CA LEU Q 272 -0.43 8.82 -47.40
C LEU Q 272 -1.64 8.11 -48.01
N TYR Q 273 -2.42 8.82 -48.83
CA TYR Q 273 -3.66 8.25 -49.36
C TYR Q 273 -3.41 7.03 -50.24
N THR Q 274 -2.22 6.89 -50.81
CA THR Q 274 -1.87 5.76 -51.66
C THR Q 274 -0.92 4.80 -50.94
N SER Q 275 -1.06 4.69 -49.62
CA SER Q 275 -0.22 3.82 -48.82
C SER Q 275 -1.07 3.24 -47.69
N HIS Q 276 -0.40 2.51 -46.79
CA HIS Q 276 -1.07 1.93 -45.63
C HIS Q 276 -1.01 2.93 -44.47
N LEU Q 277 -1.67 4.06 -44.66
CA LEU Q 277 -1.73 5.10 -43.65
C LEU Q 277 -3.00 5.94 -43.78
N THR Q 278 -2.87 7.14 -44.33
CA THR Q 278 -3.98 8.10 -44.47
C THR Q 278 -4.60 8.44 -43.12
N HIS Q 279 -3.75 8.66 -42.12
CA HIS Q 279 -4.20 9.02 -40.79
C HIS Q 279 -4.65 10.49 -40.76
N SER Q 280 -5.28 10.86 -39.65
CA SER Q 280 -5.72 12.24 -39.44
C SER Q 280 -4.55 13.12 -39.05
N ILE Q 281 -3.85 13.67 -40.05
CA ILE Q 281 -2.63 14.44 -39.79
C ILE Q 281 -2.89 15.81 -39.18
N LYS Q 282 -4.15 16.23 -39.06
CA LYS Q 282 -4.45 17.51 -38.44
C LYS Q 282 -4.48 17.43 -36.92
N SER Q 283 -4.40 16.24 -36.35
CA SER Q 283 -4.36 16.10 -34.90
C SER Q 283 -3.00 16.51 -34.37
N LEU Q 284 -2.99 17.40 -33.37
CA LEU Q 284 -1.74 17.78 -32.74
C LEU Q 284 -1.22 16.68 -31.83
N HIS Q 285 -2.11 15.95 -31.17
CA HIS Q 285 -1.70 14.85 -30.32
C HIS Q 285 -1.05 13.73 -31.14
N LEU Q 286 -1.57 13.46 -32.33
CA LEU Q 286 -0.98 12.42 -33.18
C LEU Q 286 0.44 12.80 -33.61
N ALA Q 287 0.62 14.05 -34.05
CA ALA Q 287 1.96 14.50 -34.43
C ALA Q 287 2.90 14.45 -33.24
N LEU Q 288 2.44 14.89 -32.07
CA LEU Q 288 3.27 14.86 -30.87
C LEU Q 288 3.66 13.42 -30.53
N SER Q 289 2.71 12.50 -30.63
CA SER Q 289 2.99 11.10 -30.32
C SER Q 289 4.03 10.53 -31.27
N LEU Q 290 3.90 10.81 -32.57
CA LEU Q 290 4.80 10.19 -33.53
C LEU Q 290 6.14 10.91 -33.64
N ILE Q 291 6.30 12.08 -33.03
CA ILE Q 291 7.62 12.71 -33.00
C ILE Q 291 8.30 12.40 -31.67
N LEU Q 292 7.51 12.19 -30.62
CA LEU Q 292 8.07 11.65 -29.38
C LEU Q 292 8.57 10.23 -29.61
N ALA Q 293 7.84 9.45 -30.42
CA ALA Q 293 8.30 8.15 -30.86
C ALA Q 293 9.49 8.23 -31.81
N SER Q 294 9.84 9.42 -32.28
CA SER Q 294 11.03 9.61 -33.09
C SER Q 294 12.23 10.06 -32.24
N CYS Q 295 12.00 10.95 -31.27
CA CYS Q 295 13.06 11.32 -30.34
C CYS Q 295 13.48 10.15 -29.46
N THR Q 296 12.66 9.10 -29.38
CA THR Q 296 13.00 7.96 -28.54
C THR Q 296 14.13 7.12 -29.14
N PRO Q 297 14.05 6.65 -30.40
CA PRO Q 297 15.23 5.98 -30.96
C PRO Q 297 16.45 6.87 -31.03
N LEU Q 298 16.26 8.17 -31.29
CA LEU Q 298 17.38 9.09 -31.34
C LEU Q 298 18.09 9.17 -29.99
N THR Q 299 17.31 9.31 -28.90
CA THR Q 299 17.92 9.43 -27.58
C THR Q 299 18.51 8.09 -27.11
N SER Q 300 17.84 6.98 -27.43
CA SER Q 300 18.37 5.68 -27.06
C SER Q 300 19.69 5.39 -27.78
N THR Q 301 19.74 5.70 -29.08
CA THR Q 301 20.98 5.53 -29.82
C THR Q 301 22.04 6.53 -29.37
N THR Q 302 21.62 7.71 -28.91
CA THR Q 302 22.57 8.64 -28.30
C THR Q 302 23.21 8.02 -27.08
N ALA Q 303 22.39 7.44 -26.20
CA ALA Q 303 22.92 6.76 -25.02
C ALA Q 303 23.87 5.64 -25.42
N GLN Q 304 23.48 4.83 -26.41
CA GLN Q 304 24.30 3.69 -26.80
C GLN Q 304 25.63 4.14 -27.42
N HIS Q 305 25.60 5.14 -28.29
CA HIS Q 305 26.76 5.48 -29.11
C HIS Q 305 27.64 6.57 -28.51
N ILE Q 306 27.19 7.29 -27.48
CA ILE Q 306 28.11 8.10 -26.70
C ILE Q 306 29.09 7.20 -25.96
N TYR Q 307 28.62 6.04 -25.52
CA TYR Q 307 29.47 5.09 -24.79
C TYR Q 307 30.24 4.19 -25.75
N SER Q 308 29.56 3.55 -26.69
CA SER Q 308 30.21 2.57 -27.56
C SER Q 308 31.30 3.23 -28.40
N LEU Q 309 30.99 4.35 -29.02
CA LEU Q 309 31.93 5.10 -29.87
C LEU Q 309 32.03 6.50 -29.30
N THR Q 310 32.90 6.70 -28.33
CA THR Q 310 32.99 7.97 -27.64
C THR Q 310 33.43 9.06 -28.60
N PRO Q 311 32.63 10.12 -28.79
CA PRO Q 311 32.98 11.14 -29.77
C PRO Q 311 33.75 12.33 -29.21
N TYR Q 312 33.87 12.42 -27.89
CA TYR Q 312 34.49 13.56 -27.25
C TYR Q 312 35.83 13.27 -26.67
N PHE Q 313 36.69 14.27 -26.63
CA PHE Q 313 38.06 14.07 -26.16
C PHE Q 313 38.06 13.59 -24.72
N TYR Q 314 38.79 12.49 -24.47
CA TYR Q 314 39.02 11.97 -23.13
C TYR Q 314 37.72 11.66 -22.38
N LEU Q 315 36.65 11.37 -23.13
CA LEU Q 315 35.39 11.04 -22.47
C LEU Q 315 35.43 9.63 -21.88
N SER Q 316 36.10 8.70 -22.57
CA SER Q 316 36.24 7.35 -22.05
C SER Q 316 37.15 7.28 -20.84
N TYR Q 317 38.02 8.26 -20.66
CA TYR Q 317 38.93 8.29 -19.51
C TYR Q 317 38.24 8.72 -18.23
N ASP Q 318 37.00 9.19 -18.29
CA ASP Q 318 36.22 9.55 -17.12
C ASP Q 318 35.31 8.39 -16.77
N HIS Q 319 35.52 7.81 -15.59
CA HIS Q 319 34.75 6.63 -15.18
C HIS Q 319 33.33 6.98 -14.76
N ILE Q 320 33.04 8.26 -14.50
CA ILE Q 320 31.73 8.69 -14.06
C ILE Q 320 30.92 9.30 -15.20
N TYR Q 321 31.58 10.04 -16.08
CA TYR Q 321 30.91 10.63 -17.24
C TYR Q 321 30.22 9.57 -18.07
N SER Q 322 30.93 8.48 -18.36
CA SER Q 322 30.42 7.47 -19.29
C SER Q 322 29.16 6.79 -18.77
N THR Q 323 29.10 6.50 -17.47
CA THR Q 323 27.90 5.89 -16.91
C THR Q 323 26.77 6.91 -16.76
N ALA Q 324 27.09 8.12 -16.29
CA ALA Q 324 26.05 9.11 -16.04
C ALA Q 324 25.35 9.50 -17.34
N LEU Q 325 26.12 9.72 -18.40
CA LEU Q 325 25.52 10.09 -19.68
C LEU Q 325 24.60 8.99 -20.19
N TYR Q 326 25.06 7.74 -20.14
CA TYR Q 326 24.25 6.63 -20.64
C TYR Q 326 22.96 6.49 -19.86
N VAL Q 327 23.04 6.54 -18.52
CA VAL Q 327 21.85 6.38 -17.70
C VAL Q 327 20.88 7.54 -17.94
N HIS Q 328 21.42 8.77 -18.02
CA HIS Q 328 20.58 9.94 -18.25
C HIS Q 328 19.81 9.81 -19.57
N HIS Q 329 20.51 9.48 -20.64
CA HIS Q 329 19.83 9.42 -21.94
C HIS Q 329 18.91 8.22 -22.03
N SER Q 330 19.23 7.11 -21.36
CA SER Q 330 18.30 5.99 -21.32
C SER Q 330 17.00 6.38 -20.62
N TYR Q 331 17.09 7.11 -19.51
CA TYR Q 331 15.88 7.55 -18.84
C TYR Q 331 15.10 8.55 -19.69
N ILE Q 332 15.79 9.47 -20.36
CA ILE Q 332 15.10 10.43 -21.21
C ILE Q 332 14.36 9.73 -22.33
N THR Q 333 15.00 8.75 -22.98
CA THR Q 333 14.35 8.06 -24.09
C THR Q 333 13.23 7.15 -23.60
N SER Q 334 13.34 6.59 -22.39
CA SER Q 334 12.21 5.83 -21.84
C SER Q 334 11.01 6.73 -21.60
N PHE Q 335 11.26 7.93 -21.06
CA PHE Q 335 10.16 8.87 -20.87
C PHE Q 335 9.52 9.26 -22.19
N LEU Q 336 10.33 9.51 -23.22
CA LEU Q 336 9.77 9.87 -24.52
C LEU Q 336 9.02 8.71 -25.14
N ALA Q 337 9.51 7.48 -24.95
CA ALA Q 337 8.84 6.30 -25.49
C ALA Q 337 7.47 6.11 -24.87
N ILE Q 338 7.38 6.24 -23.55
CA ILE Q 338 6.05 6.11 -22.93
C ILE Q 338 5.18 7.32 -23.26
N ALA Q 339 5.80 8.48 -23.51
CA ALA Q 339 5.04 9.65 -23.95
C ALA Q 339 4.36 9.41 -25.28
N SER Q 340 5.06 8.75 -26.20
CA SER Q 340 4.48 8.49 -27.52
C SER Q 340 3.19 7.69 -27.38
N HIS Q 341 3.21 6.65 -26.55
CA HIS Q 341 2.01 5.84 -26.35
C HIS Q 341 0.93 6.61 -25.61
N ALA Q 342 1.31 7.42 -24.61
CA ALA Q 342 0.32 8.20 -23.88
C ALA Q 342 -0.41 9.14 -24.81
N HIS Q 343 0.31 9.83 -25.68
CA HIS Q 343 -0.32 10.75 -26.61
C HIS Q 343 -1.02 10.04 -27.76
N THR Q 344 -0.63 8.81 -28.10
CA THR Q 344 -1.44 8.02 -29.02
C THR Q 344 -2.80 7.70 -28.41
N ALA Q 345 -2.81 7.34 -27.13
CA ALA Q 345 -4.07 7.11 -26.44
C ALA Q 345 -4.91 8.37 -26.37
N ILE Q 346 -4.27 9.51 -26.10
CA ILE Q 346 -4.99 10.78 -26.06
C ILE Q 346 -5.53 11.12 -27.46
N THR Q 347 -4.77 10.79 -28.50
CA THR Q 347 -5.24 10.99 -29.86
C THR Q 347 -6.49 10.18 -30.14
N LEU Q 348 -6.49 8.91 -29.72
CA LEU Q 348 -7.66 8.07 -29.96
C LEU Q 348 -8.86 8.56 -29.16
N VAL Q 349 -8.63 9.06 -27.95
CA VAL Q 349 -9.74 9.58 -27.14
C VAL Q 349 -10.31 10.85 -27.75
N ARG Q 350 -9.44 11.77 -28.16
CA ARG Q 350 -9.83 13.15 -28.46
C ARG Q 350 -9.91 13.46 -29.95
N ASP Q 351 -8.91 13.06 -30.74
CA ASP Q 351 -8.75 13.57 -32.09
C ASP Q 351 -8.78 12.46 -33.14
N TRP Q 352 -9.72 11.52 -33.02
CA TRP Q 352 -9.85 10.48 -34.03
C TRP Q 352 -11.31 10.24 -34.37
N VAL Q 353 -11.65 10.38 -35.64
CA VAL Q 353 -12.99 10.15 -36.15
C VAL Q 353 -13.01 8.77 -36.80
N ALA Q 354 -13.95 7.92 -36.38
CA ALA Q 354 -14.00 6.56 -36.87
C ALA Q 354 -15.26 6.32 -37.69
N PRO Q 355 -15.22 5.39 -38.64
CA PRO Q 355 -16.43 5.04 -39.40
C PRO Q 355 -17.53 4.45 -38.54
N LEU Q 356 -18.65 4.06 -39.15
CA LEU Q 356 -19.82 3.67 -38.38
C LEU Q 356 -19.57 2.43 -37.52
N GLU Q 357 -19.45 1.26 -38.15
CA GLU Q 357 -19.01 0.07 -37.43
C GLU Q 357 -18.05 -0.82 -38.20
N GLN Q 358 -18.09 -0.85 -39.53
CA GLN Q 358 -17.44 -1.91 -40.31
C GLN Q 358 -16.50 -1.41 -41.39
N GLU Q 359 -16.49 -0.11 -41.69
CA GLU Q 359 -15.64 0.40 -42.77
C GLU Q 359 -14.19 0.28 -42.35
N SER Q 360 -13.51 -0.77 -42.83
CA SER Q 360 -12.12 -1.04 -42.47
C SER Q 360 -11.20 -0.32 -43.45
N SER Q 361 -11.16 1.01 -43.30
CA SER Q 361 -10.36 1.87 -44.17
C SER Q 361 -9.21 2.54 -43.43
N SER Q 362 -9.48 3.16 -42.29
CA SER Q 362 -8.41 3.77 -41.50
C SER Q 362 -7.50 2.70 -40.93
N LYS Q 363 -6.22 3.05 -40.72
CA LYS Q 363 -5.29 2.12 -40.10
C LYS Q 363 -5.69 1.84 -38.66
N GLN Q 364 -6.12 2.87 -37.92
CA GLN Q 364 -6.62 2.66 -36.57
C GLN Q 364 -7.84 1.75 -36.57
N ILE Q 365 -8.67 1.82 -37.61
CA ILE Q 365 -9.82 0.94 -37.71
C ILE Q 365 -9.38 -0.51 -37.80
N ARG Q 366 -8.43 -0.78 -38.71
CA ARG Q 366 -7.97 -2.16 -38.89
C ARG Q 366 -7.27 -2.67 -37.63
N ILE Q 367 -6.54 -1.79 -36.94
CA ILE Q 367 -5.94 -2.19 -35.67
C ILE Q 367 -7.01 -2.51 -34.63
N HIS Q 368 -8.06 -1.69 -34.56
CA HIS Q 368 -9.12 -1.89 -33.57
C HIS Q 368 -9.99 -3.11 -33.88
N THR Q 369 -10.06 -3.52 -35.14
CA THR Q 369 -10.88 -4.68 -35.48
C THR Q 369 -10.37 -5.95 -34.80
N HIS Q 370 -9.05 -6.10 -34.71
CA HIS Q 370 -8.41 -7.28 -34.13
C HIS Q 370 -7.57 -6.91 -32.92
N LYS Q 371 -7.96 -5.87 -32.19
CA LYS Q 371 -7.16 -5.42 -31.04
C LYS Q 371 -7.03 -6.52 -30.00
N ALA Q 372 -8.06 -7.36 -29.86
CA ALA Q 372 -7.99 -8.47 -28.91
C ALA Q 372 -6.88 -9.43 -29.26
N ALA Q 373 -6.70 -9.70 -30.56
CA ALA Q 373 -5.60 -10.57 -30.98
C ALA Q 373 -4.25 -9.96 -30.62
N ILE Q 374 -4.09 -8.65 -30.86
CA ILE Q 374 -2.85 -7.98 -30.52
C ILE Q 374 -2.55 -8.12 -29.04
N ILE Q 375 -3.54 -7.82 -28.20
CA ILE Q 375 -3.31 -7.82 -26.76
C ILE Q 375 -3.08 -9.24 -26.25
N SER Q 376 -3.80 -10.22 -26.81
CA SER Q 376 -3.62 -11.60 -26.38
C SER Q 376 -2.22 -12.11 -26.73
N HIS Q 377 -1.73 -11.80 -27.93
CA HIS Q 377 -0.40 -12.27 -28.30
C HIS Q 377 0.69 -11.53 -27.53
N LEU Q 378 0.48 -10.23 -27.26
CA LEU Q 378 1.42 -9.50 -26.43
C LEU Q 378 1.47 -10.08 -25.02
N SER Q 379 0.31 -10.43 -24.48
CA SER Q 379 0.27 -11.11 -23.18
C SER Q 379 0.98 -12.44 -23.23
N TRP Q 380 0.82 -13.19 -24.33
CA TRP Q 380 1.48 -14.49 -24.44
C TRP Q 380 2.99 -14.34 -24.45
N VAL Q 381 3.51 -13.40 -25.25
CA VAL Q 381 4.96 -13.25 -25.31
C VAL Q 381 5.51 -12.72 -24.00
N SER Q 382 4.77 -11.80 -23.35
CA SER Q 382 5.19 -11.32 -22.04
C SER Q 382 5.24 -12.45 -21.03
N LEU Q 383 4.20 -13.30 -21.01
CA LEU Q 383 4.18 -14.42 -20.09
C LEU Q 383 5.33 -15.39 -20.36
N TRP Q 384 5.59 -15.69 -21.64
CA TRP Q 384 6.68 -16.59 -21.96
C TRP Q 384 8.01 -16.03 -21.47
N LEU Q 385 8.28 -14.77 -21.79
CA LEU Q 385 9.56 -14.18 -21.40
C LEU Q 385 9.71 -14.15 -19.88
N GLY Q 386 8.66 -13.74 -19.18
CA GLY Q 386 8.75 -13.69 -17.72
C GLY Q 386 8.96 -15.06 -17.11
N PHE Q 387 8.14 -16.04 -17.53
CA PHE Q 387 8.26 -17.39 -17.01
C PHE Q 387 9.65 -17.94 -17.24
N HIS Q 388 10.14 -17.89 -18.47
CA HIS Q 388 11.38 -18.57 -18.82
C HIS Q 388 12.63 -17.78 -18.45
N THR Q 389 12.51 -16.49 -18.14
CA THR Q 389 13.65 -15.79 -17.58
C THR Q 389 13.72 -15.96 -16.07
N LEU Q 390 12.59 -15.77 -15.38
CA LEU Q 390 12.59 -15.95 -13.93
C LEU Q 390 12.89 -17.38 -13.54
N ALA Q 391 12.38 -18.36 -14.30
CA ALA Q 391 12.59 -19.76 -13.94
C ALA Q 391 14.03 -20.18 -14.13
N VAL Q 392 14.67 -19.72 -15.21
CA VAL Q 392 16.08 -20.05 -15.42
C VAL Q 392 16.95 -19.33 -14.41
N TYR Q 393 16.62 -18.08 -14.08
CA TYR Q 393 17.35 -17.38 -13.03
C TYR Q 393 17.19 -18.10 -11.70
N SER Q 394 15.99 -18.59 -11.40
CA SER Q 394 15.75 -19.33 -10.17
C SER Q 394 16.52 -20.65 -10.16
N HIS Q 395 16.58 -21.34 -11.30
CA HIS Q 395 17.40 -22.54 -11.40
C HIS Q 395 18.84 -22.23 -11.07
N ASN Q 396 19.39 -21.17 -11.68
CA ASN Q 396 20.78 -20.83 -11.42
C ASN Q 396 21.00 -20.45 -9.97
N ASP Q 397 20.09 -19.66 -9.39
CA ASP Q 397 20.20 -19.26 -7.99
C ASP Q 397 20.18 -20.48 -7.07
N THR Q 398 19.25 -21.40 -7.30
CA THR Q 398 19.12 -22.57 -6.44
C THR Q 398 20.32 -23.49 -6.57
N CYS Q 399 20.76 -23.74 -7.81
CA CYS Q 399 21.85 -24.69 -8.03
C CYS Q 399 23.20 -24.09 -7.63
N ILE Q 400 23.33 -22.77 -7.61
CA ILE Q 400 24.57 -22.17 -7.13
C ILE Q 400 24.54 -21.94 -5.62
N ALA Q 401 23.36 -21.85 -5.02
CA ALA Q 401 23.28 -21.86 -3.56
C ALA Q 401 23.59 -23.24 -3.02
N PHE Q 402 23.33 -24.29 -3.80
CA PHE Q 402 23.58 -25.67 -3.40
C PHE Q 402 24.97 -26.14 -3.78
N ASN Q 403 25.94 -25.23 -3.89
CA ASN Q 403 27.35 -25.55 -4.12
C ASN Q 403 27.58 -26.23 -5.46
N SER Q 404 26.72 -25.99 -6.44
CA SER Q 404 26.81 -26.64 -7.74
C SER Q 404 26.76 -25.60 -8.85
N PRO Q 405 27.86 -24.86 -9.06
CA PRO Q 405 27.89 -23.93 -10.19
C PRO Q 405 27.77 -24.60 -11.54
N SER Q 406 28.15 -25.88 -11.64
CA SER Q 406 28.14 -26.59 -12.90
C SER Q 406 26.78 -27.15 -13.27
N LYS Q 407 25.79 -27.03 -12.40
CA LYS Q 407 24.44 -27.50 -12.69
C LYS Q 407 23.54 -26.41 -13.28
N GLN Q 408 24.09 -25.23 -13.55
CA GLN Q 408 23.30 -24.13 -14.08
C GLN Q 408 22.89 -24.39 -15.52
N ILE Q 409 21.79 -23.77 -15.92
CA ILE Q 409 21.36 -23.74 -17.31
C ILE Q 409 21.88 -22.45 -17.92
N LEU Q 410 22.90 -22.56 -18.77
CA LEU Q 410 23.54 -21.40 -19.39
C LEU Q 410 23.40 -21.53 -20.90
N ILE Q 411 22.37 -20.92 -21.46
CA ILE Q 411 22.20 -20.90 -22.91
C ILE Q 411 23.22 -19.92 -23.49
N GLU Q 412 24.12 -20.44 -24.32
CA GLU Q 412 25.10 -19.58 -24.95
C GLU Q 412 24.40 -18.64 -25.93
N ALA Q 413 24.71 -17.35 -25.83
CA ALA Q 413 24.03 -16.33 -26.62
C ALA Q 413 24.52 -16.42 -28.06
N SER Q 414 23.98 -17.40 -28.78
CA SER Q 414 24.51 -17.75 -30.10
C SER Q 414 24.08 -16.76 -31.18
N ASN Q 415 22.85 -16.25 -31.11
CA ASN Q 415 22.37 -15.34 -32.16
C ASN Q 415 23.08 -13.99 -32.09
N GLY Q 416 23.17 -13.42 -30.89
CA GLY Q 416 23.93 -12.19 -30.72
C GLY Q 416 25.40 -12.38 -31.07
N GLN Q 417 25.95 -13.55 -30.75
CA GLN Q 417 27.32 -13.84 -31.14
C GLN Q 417 27.48 -13.93 -32.65
N LEU Q 418 26.50 -14.50 -33.36
CA LEU Q 418 26.57 -14.55 -34.81
C LEU Q 418 26.52 -13.15 -35.41
N ILE Q 419 25.64 -12.30 -34.89
CA ILE Q 419 25.57 -10.92 -35.37
C ILE Q 419 26.89 -10.21 -35.11
N GLN Q 420 27.45 -10.39 -33.91
CA GLN Q 420 28.74 -9.78 -33.59
C GLN Q 420 29.85 -10.30 -34.50
N GLN Q 421 29.84 -11.60 -34.79
CA GLN Q 421 30.86 -12.17 -35.68
C GLN Q 421 30.76 -11.60 -37.08
N ALA Q 422 29.54 -11.46 -37.60
CA ALA Q 422 29.37 -10.88 -38.93
C ALA Q 422 29.85 -9.43 -38.96
N SER Q 423 29.46 -8.65 -37.95
CA SER Q 423 29.89 -7.26 -37.90
C SER Q 423 31.40 -7.15 -37.73
N GLY Q 424 31.99 -8.03 -36.93
CA GLY Q 424 33.43 -8.01 -36.74
C GLY Q 424 34.18 -8.40 -37.99
N LYS Q 425 33.66 -9.38 -38.73
CA LYS Q 425 34.27 -9.73 -40.01
C LYS Q 425 34.21 -8.55 -40.98
N ALA Q 426 33.07 -7.86 -41.02
CA ALA Q 426 32.95 -6.69 -41.89
C ALA Q 426 33.93 -5.61 -41.49
N LEU Q 427 34.02 -5.31 -40.19
CA LEU Q 427 34.94 -4.28 -39.71
C LEU Q 427 36.39 -4.67 -39.96
N TYR Q 428 36.73 -5.93 -39.74
CA TYR Q 428 38.11 -6.37 -39.95
C TYR Q 428 38.47 -6.36 -41.42
N GLY Q 429 37.53 -6.68 -42.30
CA GLY Q 429 37.77 -6.54 -43.72
C GLY Q 429 37.96 -5.09 -44.13
N THR Q 430 37.21 -4.19 -43.49
CA THR Q 430 37.43 -2.76 -43.73
C THR Q 430 38.83 -2.35 -43.28
N ILE Q 431 39.25 -2.80 -42.10
CA ILE Q 431 40.52 -2.36 -41.53
C ILE Q 431 41.70 -2.93 -42.32
N ASN Q 432 41.63 -4.22 -42.66
CA ASN Q 432 42.75 -4.87 -43.34
C ASN Q 432 43.01 -4.23 -44.70
N SER Q 433 42.00 -3.66 -45.33
CA SER Q 433 42.17 -2.95 -46.59
C SER Q 433 42.44 -1.46 -46.36
N ILE Q 434 43.39 -1.17 -45.47
CA ILE Q 434 43.81 0.20 -45.16
C ILE Q 434 45.32 0.21 -45.04
N ASN Q 435 45.95 1.27 -45.56
CA ASN Q 435 47.38 1.49 -45.34
C ASN Q 435 47.66 2.13 -43.99
N ASN Q 436 46.63 2.54 -43.25
CA ASN Q 436 46.73 3.16 -41.94
C ASN Q 436 45.86 2.40 -40.95
N TYR Q 437 46.03 1.08 -40.94
CA TYR Q 437 45.21 0.16 -40.14
C TYR Q 437 45.63 0.17 -38.67
N ASN Q 438 45.20 -0.86 -37.93
CA ASN Q 438 45.34 -0.93 -36.47
C ASN Q 438 44.44 0.10 -35.79
N LYS Q 439 43.17 0.07 -36.15
CA LYS Q 439 42.17 0.95 -35.57
C LYS Q 439 41.46 0.26 -34.41
N SER Q 440 40.66 1.03 -33.68
CA SER Q 440 39.92 0.53 -32.54
C SER Q 440 38.49 1.03 -32.61
N PHE Q 441 37.57 0.23 -32.08
CA PHE Q 441 36.15 0.57 -32.07
C PHE Q 441 35.57 0.59 -30.65
N ASP Q 442 36.42 0.46 -29.63
CA ASP Q 442 36.03 0.55 -28.22
C ASP Q 442 34.98 -0.53 -27.96
N SER Q 443 33.77 -0.17 -27.54
CA SER Q 443 32.77 -1.15 -27.11
C SER Q 443 31.64 -1.33 -28.12
N PHE Q 444 31.94 -1.17 -29.41
CA PHE Q 444 30.89 -1.41 -30.41
C PHE Q 444 30.45 -2.86 -30.40
N ILE Q 445 31.40 -3.79 -30.29
CA ILE Q 445 31.11 -5.18 -30.03
C ILE Q 445 31.78 -5.57 -28.72
N HIS Q 446 30.99 -6.12 -27.80
CA HIS Q 446 31.40 -6.46 -26.46
C HIS Q 446 31.27 -7.96 -26.25
N PRO Q 447 32.03 -8.53 -25.30
CA PRO Q 447 31.89 -9.97 -25.03
C PRO Q 447 30.47 -10.31 -24.59
N ILE Q 448 29.86 -11.26 -25.30
CA ILE Q 448 28.50 -11.68 -25.03
C ILE Q 448 28.55 -13.06 -24.40
N SER Q 449 27.88 -13.22 -23.26
CA SER Q 449 27.91 -14.41 -22.45
C SER Q 449 26.48 -14.82 -22.11
N PRO Q 450 26.28 -15.99 -21.48
CA PRO Q 450 24.92 -16.36 -21.06
C PRO Q 450 24.26 -15.33 -20.16
N GLY Q 451 25.03 -14.66 -19.29
CA GLY Q 451 24.45 -13.58 -18.52
C GLY Q 451 23.88 -12.48 -19.40
N ASP Q 452 24.58 -12.15 -20.48
CA ASP Q 452 24.06 -11.18 -21.45
C ASP Q 452 22.75 -11.67 -22.05
N LEU Q 453 22.66 -12.95 -22.38
CA LEU Q 453 21.44 -13.50 -22.95
C LEU Q 453 20.28 -13.37 -21.98
N TYR Q 454 20.51 -13.73 -20.71
CA TYR Q 454 19.43 -13.65 -19.72
C TYR Q 454 19.00 -12.21 -19.48
N VAL Q 455 19.96 -11.29 -19.40
CA VAL Q 455 19.61 -9.89 -19.19
C VAL Q 455 18.86 -9.33 -20.39
N HIS Q 456 19.26 -9.73 -21.60
CA HIS Q 456 18.54 -9.28 -22.79
C HIS Q 456 17.12 -9.83 -22.81
N HIS Q 457 16.93 -11.06 -22.36
CA HIS Q 457 15.56 -11.59 -22.26
C HIS Q 457 14.76 -10.81 -21.23
N ALA Q 458 15.38 -10.44 -20.12
CA ALA Q 458 14.68 -9.63 -19.11
C ALA Q 458 14.30 -8.27 -19.67
N ILE Q 459 15.21 -7.64 -20.42
CA ILE Q 459 14.92 -6.34 -21.02
C ILE Q 459 13.81 -6.45 -22.05
N ALA Q 460 13.83 -7.52 -22.86
CA ALA Q 460 12.76 -7.75 -23.82
C ALA Q 460 11.43 -7.95 -23.11
N LEU Q 461 11.45 -8.67 -21.98
CA LEU Q 461 10.24 -8.83 -21.18
C LEU Q 461 9.70 -7.49 -20.71
N GLY Q 462 10.58 -6.64 -20.19
CA GLY Q 462 10.15 -5.34 -19.72
C GLY Q 462 9.57 -4.48 -20.83
N LEU Q 463 10.25 -4.46 -21.99
CA LEU Q 463 9.74 -3.70 -23.12
C LEU Q 463 8.39 -4.25 -23.59
N HIS Q 464 8.27 -5.57 -23.65
CA HIS Q 464 7.01 -6.18 -24.08
C HIS Q 464 5.88 -5.82 -23.16
N ILE Q 465 6.10 -5.85 -21.84
CA ILE Q 465 5.03 -5.56 -20.91
C ILE Q 465 4.68 -4.08 -20.92
N THR Q 466 5.68 -3.21 -21.02
CA THR Q 466 5.39 -1.78 -21.11
C THR Q 466 4.55 -1.48 -22.35
N VAL Q 467 4.95 -2.06 -23.49
CA VAL Q 467 4.18 -1.87 -24.72
C VAL Q 467 2.80 -2.50 -24.57
N LEU Q 468 2.69 -3.62 -23.85
CA LEU Q 468 1.40 -4.26 -23.64
C LEU Q 468 0.45 -3.34 -22.90
N ILE Q 469 0.90 -2.79 -21.77
CA ILE Q 469 0.04 -1.91 -20.98
C ILE Q 469 -0.34 -0.67 -21.79
N LEU Q 470 0.65 -0.04 -22.43
CA LEU Q 470 0.38 1.18 -23.18
C LEU Q 470 -0.54 0.93 -24.36
N LEU Q 471 -0.31 -0.17 -25.10
CA LEU Q 471 -1.11 -0.50 -26.27
C LEU Q 471 -2.53 -0.89 -25.88
N LYS Q 472 -2.68 -1.63 -24.79
CA LYS Q 472 -4.02 -1.95 -24.30
C LYS Q 472 -4.76 -0.69 -23.91
N GLY Q 473 -4.09 0.23 -23.21
CA GLY Q 473 -4.73 1.49 -22.87
C GLY Q 473 -5.14 2.30 -24.09
N GLY Q 474 -4.26 2.35 -25.09
CA GLY Q 474 -4.60 3.07 -26.31
C GLY Q 474 -5.76 2.45 -27.06
N LEU Q 475 -5.75 1.12 -27.18
CA LEU Q 475 -6.78 0.44 -27.99
C LEU Q 475 -8.12 0.40 -27.28
N GLU Q 476 -8.14 0.30 -25.96
CA GLU Q 476 -9.38 0.28 -25.20
C GLU Q 476 -9.70 1.63 -24.57
N ALA Q 477 -9.01 2.69 -24.99
CA ALA Q 477 -9.33 4.03 -24.50
C ALA Q 477 -10.71 4.47 -24.96
N ARG Q 478 -11.15 4.03 -26.12
CA ARG Q 478 -12.44 4.40 -26.67
C ARG Q 478 -13.55 3.43 -26.29
N GLY Q 479 -13.25 2.39 -25.53
CA GLY Q 479 -14.26 1.45 -25.09
C GLY Q 479 -13.77 0.02 -25.03
N SER Q 480 -14.02 -0.64 -23.91
CA SER Q 480 -13.72 -2.05 -23.71
C SER Q 480 -15.01 -2.78 -23.37
N LYS Q 481 -14.91 -4.10 -23.23
CA LYS Q 481 -16.09 -4.89 -22.87
C LYS Q 481 -16.60 -4.49 -21.48
N LEU Q 482 -15.69 -4.18 -20.56
CA LEU Q 482 -16.10 -3.81 -19.21
C LEU Q 482 -16.82 -2.46 -19.20
N MET Q 483 -16.31 -1.48 -19.94
CA MET Q 483 -16.86 -0.12 -19.98
C MET Q 483 -17.02 0.31 -21.43
N PRO Q 484 -18.10 -0.11 -22.10
CA PRO Q 484 -18.24 0.20 -23.52
C PRO Q 484 -18.77 1.61 -23.80
N ASP Q 485 -18.28 2.61 -23.06
CA ASP Q 485 -18.56 4.00 -23.40
C ASP Q 485 -17.37 4.90 -23.03
N LYS Q 486 -16.17 4.35 -23.01
CA LYS Q 486 -15.03 5.05 -22.40
C LYS Q 486 -14.63 6.30 -23.18
N MET Q 487 -15.05 6.44 -24.43
CA MET Q 487 -14.71 7.64 -25.18
C MET Q 487 -15.66 8.81 -24.90
N GLU Q 488 -16.75 8.57 -24.17
CA GLU Q 488 -17.60 9.66 -23.72
C GLU Q 488 -17.02 10.39 -22.52
N HIS Q 489 -16.12 9.76 -21.77
CA HIS Q 489 -15.52 10.35 -20.59
C HIS Q 489 -14.18 10.97 -20.93
N SER Q 490 -13.54 11.57 -19.93
CA SER Q 490 -12.24 12.20 -20.12
C SER Q 490 -11.17 11.14 -20.36
N PHE Q 491 -9.98 11.60 -20.77
CA PHE Q 491 -8.84 10.69 -20.88
C PHE Q 491 -8.48 10.11 -19.54
N GLY Q 492 -8.55 10.92 -18.48
CA GLY Q 492 -8.34 10.43 -17.14
C GLY Q 492 -9.54 10.70 -16.24
N PHE Q 493 -10.06 9.64 -15.63
CA PHE Q 493 -11.17 9.77 -14.68
C PHE Q 493 -10.99 8.72 -13.60
N SER Q 494 -11.68 8.94 -12.48
CA SER Q 494 -11.44 8.16 -11.28
C SER Q 494 -11.69 6.66 -11.49
N CYS Q 495 -12.92 6.29 -11.78
CA CYS Q 495 -13.32 4.90 -11.92
C CYS Q 495 -14.73 4.87 -12.52
N ASP Q 496 -15.36 3.69 -12.50
CA ASP Q 496 -16.74 3.55 -12.94
C ASP Q 496 -17.63 2.99 -11.84
N GLY Q 497 -17.22 3.11 -10.58
CA GLY Q 497 -18.02 2.67 -9.46
C GLY Q 497 -17.66 1.26 -9.00
N PRO Q 498 -18.10 0.91 -7.78
CA PRO Q 498 -17.81 -0.43 -7.28
C PRO Q 498 -18.64 -1.52 -7.93
N GLY Q 499 -19.74 -1.17 -8.59
CA GLY Q 499 -20.59 -2.15 -9.22
C GLY Q 499 -20.01 -2.68 -10.51
N ARG Q 500 -20.75 -3.59 -11.13
CA ARG Q 500 -20.32 -4.28 -12.34
C ARG Q 500 -18.98 -5.00 -12.12
N GLY Q 501 -18.75 -5.45 -10.89
CA GLY Q 501 -17.56 -6.15 -10.52
C GLY Q 501 -16.49 -5.31 -9.83
N GLY Q 502 -16.56 -3.99 -9.96
CA GLY Q 502 -15.50 -3.12 -9.47
C GLY Q 502 -14.63 -2.62 -10.60
N THR Q 503 -14.35 -1.31 -10.64
CA THR Q 503 -13.76 -0.70 -11.82
C THR Q 503 -12.66 0.29 -11.44
N CYS Q 504 -11.78 -0.10 -10.52
CA CYS Q 504 -10.61 0.73 -10.22
C CYS Q 504 -9.60 0.66 -11.35
N ASP Q 505 -8.98 1.80 -11.66
CA ASP Q 505 -7.94 1.90 -12.68
C ASP Q 505 -8.48 1.46 -14.05
N ILE Q 506 -9.53 2.14 -14.50
CA ILE Q 506 -10.20 1.78 -15.74
C ILE Q 506 -9.90 2.75 -16.88
N SER Q 507 -9.51 3.99 -16.58
CA SER Q 507 -9.26 4.96 -17.64
C SER Q 507 -7.98 4.63 -18.39
N ALA Q 508 -7.83 5.22 -19.57
CA ALA Q 508 -6.58 5.10 -20.31
C ALA Q 508 -5.43 5.75 -19.56
N TRP Q 509 -5.71 6.85 -18.85
CA TRP Q 509 -4.68 7.44 -18.00
C TRP Q 509 -4.21 6.46 -16.94
N ASP Q 510 -5.13 5.64 -16.44
CA ASP Q 510 -4.73 4.60 -15.49
C ASP Q 510 -3.85 3.54 -16.14
N SER Q 511 -4.09 3.25 -17.43
CA SER Q 511 -3.17 2.37 -18.15
C SER Q 511 -1.78 2.99 -18.25
N PHE Q 512 -1.72 4.30 -18.53
CA PHE Q 512 -0.42 4.97 -18.51
C PHE Q 512 0.24 4.89 -17.13
N TYR Q 513 -0.57 5.10 -16.09
CA TYR Q 513 -0.05 5.06 -14.73
C TYR Q 513 0.53 3.70 -14.40
N LEU Q 514 -0.16 2.63 -14.79
CA LEU Q 514 0.37 1.29 -14.60
C LEU Q 514 1.62 1.05 -15.43
N ALA Q 515 1.64 1.57 -16.66
CA ALA Q 515 2.77 1.33 -17.55
C ALA Q 515 4.02 2.11 -17.15
N THR Q 516 3.87 3.21 -16.41
CA THR Q 516 5.05 3.96 -15.99
C THR Q 516 5.89 3.16 -15.00
N PHE Q 517 5.25 2.36 -14.15
CA PHE Q 517 6.01 1.48 -13.26
C PHE Q 517 6.85 0.50 -14.07
N TRP Q 518 6.28 -0.06 -15.13
CA TRP Q 518 7.04 -1.01 -15.95
C TRP Q 518 8.11 -0.32 -16.76
N MET Q 519 7.87 0.93 -17.20
CA MET Q 519 8.92 1.70 -17.85
C MET Q 519 10.09 1.91 -16.90
N LEU Q 520 9.80 2.30 -15.65
CA LEU Q 520 10.85 2.51 -14.66
C LEU Q 520 11.60 1.21 -14.39
N ASN Q 521 10.88 0.09 -14.30
CA ASN Q 521 11.52 -1.20 -14.02
C ASN Q 521 12.40 -1.64 -15.17
N SER Q 522 11.92 -1.50 -16.41
CA SER Q 522 12.73 -1.87 -17.57
C SER Q 522 13.98 -0.99 -17.67
N ASN Q 523 13.81 0.31 -17.41
CA ASN Q 523 14.96 1.21 -17.43
C ASN Q 523 15.94 0.87 -16.33
N ALA Q 524 15.44 0.49 -15.15
CA ALA Q 524 16.32 0.06 -14.07
C ALA Q 524 17.09 -1.19 -14.46
N TRP Q 525 16.44 -2.12 -15.14
CA TRP Q 525 17.12 -3.32 -15.61
C TRP Q 525 18.22 -2.97 -16.61
N ILE Q 526 17.91 -2.10 -17.56
CA ILE Q 526 18.89 -1.71 -18.58
C ILE Q 526 20.08 -1.01 -17.92
N SER Q 527 19.80 -0.08 -17.00
CA SER Q 527 20.85 0.67 -16.34
C SER Q 527 21.69 -0.24 -15.45
N PHE Q 528 21.06 -1.17 -14.74
CA PHE Q 528 21.81 -2.13 -13.93
C PHE Q 528 22.70 -3.00 -14.80
N TYR Q 529 22.18 -3.47 -15.93
CA TYR Q 529 23.00 -4.23 -16.87
C TYR Q 529 24.22 -3.45 -17.30
N PHE Q 530 24.02 -2.23 -17.78
CA PHE Q 530 25.13 -1.42 -18.26
C PHE Q 530 26.13 -1.14 -17.14
N HIS Q 531 25.64 -0.73 -15.96
CA HIS Q 531 26.53 -0.33 -14.88
C HIS Q 531 27.30 -1.53 -14.33
N TYR Q 532 26.65 -2.68 -14.19
CA TYR Q 532 27.32 -3.89 -13.73
C TYR Q 532 28.40 -4.32 -14.71
N LYS Q 533 28.08 -4.31 -16.02
CA LYS Q 533 29.09 -4.66 -17.00
C LYS Q 533 30.21 -3.64 -17.05
N HIS Q 534 29.91 -2.38 -16.69
CA HIS Q 534 30.92 -1.33 -16.69
C HIS Q 534 31.86 -1.47 -15.51
N LEU Q 535 31.33 -1.84 -14.33
CA LEU Q 535 32.14 -1.90 -13.13
C LEU Q 535 33.16 -3.04 -13.19
N THR Q 536 32.71 -4.23 -13.55
CA THR Q 536 33.60 -5.39 -13.62
C THR Q 536 33.12 -6.33 -14.71
N PRO Q 537 33.67 -6.19 -15.93
CA PRO Q 537 33.24 -7.09 -17.02
C PRO Q 537 33.47 -8.56 -16.73
N ARG Q 538 34.57 -8.89 -16.05
CA ARG Q 538 34.91 -10.29 -15.80
C ARG Q 538 33.90 -10.93 -14.84
N GLN Q 539 33.65 -10.27 -13.70
CA GLN Q 539 32.71 -10.81 -12.73
C GLN Q 539 31.29 -10.86 -13.29
N PHE Q 540 30.91 -9.88 -14.10
CA PHE Q 540 29.61 -9.96 -14.76
C PHE Q 540 29.56 -11.14 -15.72
N SER Q 541 30.63 -11.33 -16.49
CA SER Q 541 30.63 -12.42 -17.47
C SER Q 541 30.48 -13.77 -16.78
N GLU Q 542 31.18 -13.97 -15.66
CA GLU Q 542 31.09 -15.26 -14.98
C GLU Q 542 29.86 -15.36 -14.09
N SER Q 543 29.78 -14.55 -13.04
CA SER Q 543 28.70 -14.62 -12.07
C SER Q 543 27.69 -13.50 -12.30
N SER Q 544 26.85 -13.67 -13.32
CA SER Q 544 25.65 -12.88 -13.46
C SER Q 544 24.48 -13.70 -13.96
N THR Q 545 24.61 -15.02 -14.03
CA THR Q 545 23.54 -15.89 -14.46
C THR Q 545 22.56 -16.25 -13.33
N TYR Q 546 22.92 -15.94 -12.09
CA TYR Q 546 22.04 -16.14 -10.94
C TYR Q 546 21.80 -14.80 -10.26
N LEU Q 547 20.55 -14.55 -9.88
CA LEU Q 547 20.16 -13.23 -9.40
C LEU Q 547 20.84 -12.86 -8.10
N GLU Q 548 21.26 -13.85 -7.31
CA GLU Q 548 21.99 -13.57 -6.08
C GLU Q 548 23.28 -12.82 -6.37
N SER Q 549 23.90 -13.08 -7.51
CA SER Q 549 25.08 -12.31 -7.90
C SER Q 549 24.74 -10.84 -8.08
N TRP Q 550 23.63 -10.56 -8.79
CA TRP Q 550 23.18 -9.18 -8.93
C TRP Q 550 22.89 -8.55 -7.57
N PHE Q 551 22.34 -9.33 -6.64
CA PHE Q 551 21.97 -8.79 -5.33
C PHE Q 551 23.21 -8.51 -4.48
N ARG Q 552 24.23 -9.37 -4.56
CA ARG Q 552 25.37 -9.32 -3.65
C ARG Q 552 26.57 -8.60 -4.26
N ASP Q 553 27.07 -9.12 -5.39
CA ASP Q 553 28.30 -8.61 -5.97
C ASP Q 553 28.13 -7.26 -6.65
N TYR Q 554 26.90 -6.79 -6.82
CA TYR Q 554 26.64 -5.48 -7.41
C TYR Q 554 26.02 -4.51 -6.42
N LEU Q 555 24.83 -4.82 -5.91
CA LEU Q 555 24.12 -3.86 -5.06
C LEU Q 555 24.77 -3.77 -3.69
N TRP Q 556 24.82 -4.89 -2.96
CA TRP Q 556 25.39 -4.88 -1.62
C TRP Q 556 26.86 -4.52 -1.64
N PHE Q 557 27.62 -5.04 -2.61
CA PHE Q 557 29.06 -4.81 -2.62
C PHE Q 557 29.41 -3.40 -3.03
N ASN Q 558 28.77 -2.88 -4.09
CA ASN Q 558 29.18 -1.58 -4.61
C ASN Q 558 28.61 -0.40 -3.83
N SER Q 559 27.74 -0.65 -2.85
CA SER Q 559 27.16 0.41 -2.04
C SER Q 559 28.03 0.75 -0.82
N THR Q 560 29.21 0.13 -0.71
CA THR Q 560 30.08 0.40 0.43
C THR Q 560 30.53 1.86 0.50
N PRO Q 561 31.09 2.47 -0.55
CA PRO Q 561 31.60 3.84 -0.40
C PRO Q 561 30.51 4.87 -0.12
N LEU Q 562 29.30 4.63 -0.62
CA LEU Q 562 28.23 5.63 -0.50
C LEU Q 562 27.73 5.75 0.94
N ILE Q 563 27.48 4.62 1.59
CA ILE Q 563 26.97 4.66 2.97
C ILE Q 563 28.01 5.22 3.92
N HIS Q 564 29.30 4.93 3.68
CA HIS Q 564 30.38 5.44 4.48
C HIS Q 564 30.61 6.94 4.29
N GLY Q 565 29.86 7.58 3.38
CA GLY Q 565 30.07 8.98 3.06
C GLY Q 565 30.11 9.90 4.26
N TYR Q 566 28.97 10.08 4.93
CA TYR Q 566 28.92 10.75 6.21
C TYR Q 566 28.59 9.72 7.28
N SER Q 567 29.39 9.70 8.35
CA SER Q 567 29.22 8.74 9.42
C SER Q 567 29.77 9.36 10.70
N THR Q 568 29.92 8.55 11.74
CA THR Q 568 30.57 9.04 12.96
C THR Q 568 32.06 8.75 12.91
N LEU Q 569 32.65 9.12 11.78
CA LEU Q 569 34.10 9.02 11.56
C LEU Q 569 34.62 10.15 10.67
N GLY Q 570 33.77 11.08 10.27
CA GLY Q 570 34.11 12.09 9.28
C GLY Q 570 33.22 11.98 8.05
N ALA Q 571 33.45 12.89 7.12
CA ALA Q 571 32.68 12.96 5.89
C ALA Q 571 33.61 12.95 4.69
N ASN Q 572 33.09 12.48 3.56
CA ASN Q 572 33.77 12.51 2.28
C ASN Q 572 33.09 13.53 1.37
N ASP Q 573 33.57 13.62 0.13
CA ASP Q 573 32.90 14.40 -0.89
C ASP Q 573 31.70 13.66 -1.47
N LEU Q 574 31.35 12.51 -0.90
CA LEU Q 574 30.14 11.78 -1.25
C LEU Q 574 29.02 12.01 -0.24
N SER Q 575 29.19 12.98 0.67
CA SER Q 575 28.18 13.22 1.69
C SER Q 575 26.85 13.63 1.07
N VAL Q 576 26.89 14.50 0.06
CA VAL Q 576 25.66 14.87 -0.63
C VAL Q 576 25.04 13.65 -1.30
N GLN Q 577 25.88 12.76 -1.83
CA GLN Q 577 25.37 11.57 -2.49
C GLN Q 577 24.61 10.69 -1.51
N SER Q 578 25.18 10.46 -0.32
CA SER Q 578 24.50 9.62 0.68
C SER Q 578 23.24 10.30 1.20
N TRP Q 579 23.29 11.61 1.44
CA TRP Q 579 22.11 12.31 1.95
C TRP Q 579 20.99 12.29 0.92
N SER Q 580 21.31 12.52 -0.35
CA SER Q 580 20.30 12.43 -1.41
C SER Q 580 19.82 11.00 -1.59
N PHE Q 581 20.69 10.02 -1.37
CA PHE Q 581 20.28 8.62 -1.41
C PHE Q 581 19.17 8.35 -0.41
N LEU Q 582 19.40 8.76 0.85
CA LEU Q 582 18.37 8.56 1.88
C LEU Q 582 17.13 9.39 1.60
N LEU Q 583 17.29 10.62 1.13
CA LEU Q 583 16.14 11.46 0.83
C LEU Q 583 15.28 10.86 -0.28
N THR Q 584 15.92 10.30 -1.30
CA THR Q 584 15.17 9.68 -2.39
C THR Q 584 14.53 8.38 -1.97
N HIS Q 585 15.16 7.65 -1.04
CA HIS Q 585 14.45 6.51 -0.45
C HIS Q 585 13.20 6.96 0.28
N LEU Q 586 13.29 8.05 1.04
CA LEU Q 586 12.12 8.57 1.73
C LEU Q 586 11.05 9.02 0.76
N ALA Q 587 11.45 9.68 -0.34
CA ALA Q 587 10.49 10.11 -1.35
C ALA Q 587 9.83 8.91 -2.02
N TRP Q 588 10.61 7.87 -2.32
CA TRP Q 588 10.06 6.67 -2.95
C TRP Q 588 9.04 5.98 -2.04
N ALA Q 589 9.37 5.87 -0.76
CA ALA Q 589 8.45 5.21 0.16
C ALA Q 589 7.25 6.08 0.49
N SER Q 590 7.41 7.40 0.45
CA SER Q 590 6.31 8.30 0.75
C SER Q 590 5.19 8.20 -0.27
N GLY Q 591 5.53 7.89 -1.52
CA GLY Q 591 4.51 7.73 -2.53
C GLY Q 591 3.76 6.43 -2.48
N PHE Q 592 4.20 5.50 -1.62
CA PHE Q 592 3.46 4.27 -1.43
C PHE Q 592 2.07 4.54 -0.86
N MET Q 593 1.97 5.47 0.10
CA MET Q 593 0.67 5.74 0.73
C MET Q 593 -0.30 6.40 -0.23
N PHE Q 594 0.20 7.22 -1.16
CA PHE Q 594 -0.68 7.78 -2.18
C PHE Q 594 -1.14 6.71 -3.17
N LEU Q 595 -0.42 5.60 -3.28
CA LEU Q 595 -0.79 4.52 -4.17
C LEU Q 595 -1.59 3.43 -3.47
N ILE Q 596 -1.22 3.08 -2.24
CA ILE Q 596 -1.89 2.00 -1.53
C ILE Q 596 -3.15 2.51 -0.82
N SER Q 597 -2.98 3.44 0.11
CA SER Q 597 -4.13 4.04 0.78
C SER Q 597 -4.88 4.94 -0.20
N TRP Q 598 -6.19 4.79 -0.25
CA TRP Q 598 -7.01 5.52 -1.20
C TRP Q 598 -7.88 6.56 -0.48
N ARG Q 599 -8.76 7.22 -1.23
CA ARG Q 599 -9.22 8.54 -0.83
C ARG Q 599 -10.09 8.51 0.43
N GLY Q 600 -11.08 7.62 0.48
CA GLY Q 600 -12.13 7.76 1.48
C GLY Q 600 -11.62 7.80 2.91
N TYR Q 601 -10.59 7.02 3.18
CA TYR Q 601 -9.98 7.01 4.50
C TYR Q 601 -9.56 8.40 4.79
N TRP Q 602 -8.81 8.99 3.88
CA TRP Q 602 -8.27 10.30 4.12
C TRP Q 602 -9.32 11.37 4.14
N GLN Q 603 -10.35 11.21 3.35
CA GLN Q 603 -11.44 12.18 3.40
C GLN Q 603 -12.08 12.20 4.78
N GLU Q 604 -12.28 11.02 5.38
CA GLU Q 604 -12.78 10.99 6.75
C GLU Q 604 -11.77 11.62 7.71
N LEU Q 605 -10.48 11.35 7.50
CA LEU Q 605 -9.44 11.95 8.33
C LEU Q 605 -9.46 13.48 8.22
N ILE Q 606 -9.63 14.00 7.01
CA ILE Q 606 -9.68 15.44 6.79
C ILE Q 606 -10.94 16.02 7.41
N ASP Q 607 -12.05 15.29 7.38
CA ASP Q 607 -13.26 15.75 8.05
C ASP Q 607 -13.04 15.85 9.55
N ILE Q 608 -12.31 14.91 10.14
CA ILE Q 608 -12.01 14.97 11.57
C ILE Q 608 -11.11 16.16 11.88
N ILE Q 609 -10.07 16.36 11.06
CA ILE Q 609 -9.16 17.48 11.28
C ILE Q 609 -9.90 18.81 11.14
N LEU Q 610 -10.76 18.91 10.13
CA LEU Q 610 -11.55 20.11 9.92
C LEU Q 610 -12.51 20.33 11.10
N TYR Q 611 -13.07 19.25 11.64
CA TYR Q 611 -13.85 19.37 12.87
C TYR Q 611 -13.01 20.02 13.97
N ILE Q 612 -11.76 19.58 14.11
CA ILE Q 612 -10.90 20.17 15.14
C ILE Q 612 -10.73 21.66 14.89
N HIS Q 613 -10.41 22.03 13.65
CA HIS Q 613 -10.14 23.44 13.36
C HIS Q 613 -11.37 24.31 13.60
N LEU Q 614 -12.54 23.83 13.20
CA LEU Q 614 -13.79 24.54 13.45
C LEU Q 614 -14.22 24.44 14.91
N LYS Q 615 -13.47 23.72 15.75
CA LYS Q 615 -13.75 23.60 17.17
C LYS Q 615 -12.72 24.30 18.04
N THR Q 616 -11.60 24.73 17.47
CA THR Q 616 -10.58 25.39 18.27
C THR Q 616 -10.95 26.81 18.52
N PRO Q 617 -10.88 27.26 19.77
CA PRO Q 617 -11.23 28.60 20.15
C PRO Q 617 -10.94 29.71 19.19
N ILE Q 618 -9.69 30.01 18.88
CA ILE Q 618 -9.46 31.16 18.01
C ILE Q 618 -9.74 30.91 16.54
N LEU Q 619 -9.46 29.70 16.04
CA LEU Q 619 -9.60 29.48 14.60
C LEU Q 619 -11.02 29.70 14.13
N ILE Q 620 -12.01 29.25 14.92
CA ILE Q 620 -13.41 29.24 14.48
C ILE Q 620 -13.91 30.66 14.22
N ASN Q 621 -13.37 31.66 14.92
CA ASN Q 621 -13.80 33.04 14.75
C ASN Q 621 -13.04 33.76 13.65
N LEU Q 622 -12.14 33.08 12.95
CA LEU Q 622 -11.43 33.66 11.82
C LEU Q 622 -11.59 32.87 10.52
N TRP Q 623 -11.84 31.57 10.60
CA TRP Q 623 -11.78 30.70 9.43
C TRP Q 623 -12.80 29.59 9.60
N ASN Q 624 -13.92 29.67 8.89
CA ASN Q 624 -14.97 28.67 8.95
C ASN Q 624 -14.82 27.59 7.88
N GLY Q 625 -13.80 27.68 7.02
CA GLY Q 625 -13.58 26.69 6.00
C GLY Q 625 -14.42 26.86 4.75
N ASP Q 626 -15.26 27.89 4.70
CA ASP Q 626 -16.16 28.08 3.56
C ASP Q 626 -15.46 28.60 2.33
N ILE Q 627 -14.19 28.97 2.42
CA ILE Q 627 -13.52 29.67 1.34
C ILE Q 627 -12.68 28.71 0.50
N TYR Q 628 -11.79 27.98 1.16
CA TYR Q 628 -10.88 27.04 0.51
C TYR Q 628 -10.93 25.69 1.19
N THR Q 629 -12.16 25.18 1.36
CA THR Q 629 -12.50 23.96 2.09
C THR Q 629 -11.46 22.85 1.89
N PRO Q 630 -10.81 22.41 2.96
CA PRO Q 630 -9.83 21.33 2.84
C PRO Q 630 -10.53 20.01 2.53
N LEU Q 631 -10.10 19.37 1.44
CA LEU Q 631 -10.61 18.08 1.05
C LEU Q 631 -9.46 17.16 0.69
N ALA Q 632 -9.69 15.86 0.85
CA ALA Q 632 -8.69 14.88 0.45
C ALA Q 632 -8.51 14.91 -1.07
N LEU Q 633 -7.30 14.59 -1.51
CA LEU Q 633 -6.99 14.58 -2.93
C LEU Q 633 -7.91 13.62 -3.67
N SER Q 634 -8.35 14.01 -4.87
CA SER Q 634 -9.20 13.13 -5.65
C SER Q 634 -8.41 11.91 -6.10
N ILE Q 635 -9.14 10.94 -6.68
CA ILE Q 635 -8.55 9.63 -6.94
C ILE Q 635 -7.44 9.74 -7.99
N VAL Q 636 -7.72 10.42 -9.11
CA VAL Q 636 -6.72 10.56 -10.16
C VAL Q 636 -5.53 11.38 -9.67
N GLN Q 637 -5.81 12.46 -8.93
CA GLN Q 637 -4.73 13.26 -8.35
C GLN Q 637 -3.89 12.43 -7.40
N ALA Q 638 -4.52 11.58 -6.60
CA ALA Q 638 -3.79 10.72 -5.68
C ALA Q 638 -2.89 9.75 -6.42
N ARG Q 639 -3.43 9.10 -7.46
CA ARG Q 639 -2.61 8.17 -8.25
C ARG Q 639 -1.44 8.89 -8.89
N PHE Q 640 -1.68 10.09 -9.42
CA PHE Q 640 -0.60 10.84 -10.06
C PHE Q 640 0.46 11.26 -9.06
N ILE Q 641 0.05 11.70 -7.86
CA ILE Q 641 1.02 12.14 -6.87
C ILE Q 641 1.86 10.96 -6.37
N GLY Q 642 1.20 9.81 -6.14
CA GLY Q 642 1.96 8.62 -5.80
C GLY Q 642 2.91 8.19 -6.90
N LEU Q 643 2.47 8.30 -8.15
CA LEU Q 643 3.33 7.98 -9.28
C LEU Q 643 4.52 8.92 -9.34
N VAL Q 644 4.30 10.21 -9.07
CA VAL Q 644 5.38 11.19 -9.08
C VAL Q 644 6.39 10.88 -7.99
N HIS Q 645 5.91 10.59 -6.79
CA HIS Q 645 6.82 10.23 -5.70
C HIS Q 645 7.62 8.98 -6.05
N PHE Q 646 6.94 7.95 -6.56
CA PHE Q 646 7.61 6.69 -6.90
C PHE Q 646 8.65 6.91 -7.98
N SER Q 647 8.30 7.67 -9.02
CA SER Q 647 9.22 7.93 -10.11
C SER Q 647 10.42 8.74 -9.64
N THR Q 648 10.17 9.79 -8.85
CA THR Q 648 11.27 10.60 -8.34
C THR Q 648 12.21 9.77 -7.48
N GLY Q 649 11.65 8.97 -6.56
CA GLY Q 649 12.50 8.15 -5.72
C GLY Q 649 13.31 7.16 -6.52
N LEU Q 650 12.66 6.42 -7.42
CA LEU Q 650 13.35 5.39 -8.18
C LEU Q 650 14.43 6.00 -9.08
N ILE Q 651 14.15 7.13 -9.71
CA ILE Q 651 15.10 7.74 -10.62
C ILE Q 651 16.25 8.36 -9.85
N LEU Q 652 15.94 9.25 -8.90
CA LEU Q 652 16.95 10.01 -8.19
C LEU Q 652 17.72 9.20 -7.16
N THR Q 653 17.34 7.97 -6.86
CA THR Q 653 18.13 7.12 -5.93
C THR Q 653 19.35 6.56 -6.67
N TYR Q 654 19.29 6.52 -7.98
CA TYR Q 654 20.36 5.88 -8.75
C TYR Q 654 21.61 6.73 -8.94
N PRO Q 655 21.52 8.03 -9.25
CA PRO Q 655 22.75 8.82 -9.48
C PRO Q 655 23.69 8.83 -8.30
N PRO Q 656 23.19 8.91 -7.05
CA PRO Q 656 24.13 8.75 -5.92
C PRO Q 656 24.86 7.42 -5.95
N PHE Q 657 24.17 6.33 -6.29
CA PHE Q 657 24.83 5.03 -6.36
C PHE Q 657 25.87 5.01 -7.47
N ILE Q 658 25.53 5.60 -8.63
CA ILE Q 658 26.47 5.64 -9.75
C ILE Q 658 27.73 6.40 -9.36
N ILE Q 659 27.56 7.56 -8.74
CA ILE Q 659 28.71 8.39 -8.37
C ILE Q 659 29.54 7.69 -7.30
N GLY Q 660 28.90 7.08 -6.31
CA GLY Q 660 29.64 6.37 -5.28
C GLY Q 660 30.40 5.18 -5.82
N ALA Q 661 29.81 4.48 -6.79
CA ALA Q 661 30.44 3.25 -7.29
C ALA Q 661 31.55 3.55 -8.29
N THR Q 662 31.35 4.51 -9.19
CA THR Q 662 32.32 4.76 -10.25
C THR Q 662 33.44 5.71 -9.81
N SER Q 663 33.09 6.80 -9.14
CA SER Q 663 34.09 7.75 -8.66
C SER Q 663 34.82 7.22 -7.43
N UNK R 1 -4.32 47.50 -63.18
CA UNK R 1 -4.78 46.36 -62.41
C UNK R 1 -3.86 46.09 -61.22
N UNK R 2 -4.21 46.67 -60.06
CA UNK R 2 -3.41 46.47 -58.86
C UNK R 2 -3.53 45.04 -58.34
N UNK R 3 -4.72 44.46 -58.44
CA UNK R 3 -4.94 43.10 -57.95
C UNK R 3 -4.17 42.10 -58.81
N UNK R 4 -3.73 41.01 -58.16
CA UNK R 4 -2.97 39.98 -58.86
C UNK R 4 -3.81 39.26 -59.92
N UNK R 5 -5.13 39.27 -59.78
CA UNK R 5 -6.05 38.69 -60.76
C UNK R 5 -7.44 39.27 -60.47
N UNK R 6 -8.47 38.62 -61.02
CA UNK R 6 -9.85 39.02 -60.74
C UNK R 6 -10.71 37.76 -60.75
N UNK R 7 -11.17 37.32 -59.58
CA UNK R 7 -11.90 36.07 -59.46
C UNK R 7 -12.65 36.04 -58.14
N UNK R 8 -13.16 34.85 -57.79
CA UNK R 8 -13.74 34.57 -56.49
C UNK R 8 -13.04 33.45 -55.73
N UNK R 9 -12.52 32.44 -56.44
CA UNK R 9 -11.76 31.35 -55.85
C UNK R 9 -10.53 31.11 -56.71
N UNK R 10 -9.42 30.75 -56.07
CA UNK R 10 -8.15 30.62 -56.78
C UNK R 10 -8.05 29.25 -57.47
N UNK R 11 -9.09 28.88 -58.20
CA UNK R 11 -9.05 27.71 -59.08
C UNK R 11 -9.60 28.12 -60.44
N UNK R 12 -10.54 29.06 -60.44
CA UNK R 12 -11.08 29.65 -61.65
C UNK R 12 -10.65 31.12 -61.76
N UNK R 13 -9.41 31.39 -61.37
CA UNK R 13 -8.92 32.75 -61.35
C UNK R 13 -8.71 33.29 -62.77
N UNK R 14 -9.05 34.56 -62.96
CA UNK R 14 -8.84 35.25 -64.22
C UNK R 14 -7.72 36.26 -64.01
N UNK R 15 -6.53 35.92 -64.50
CA UNK R 15 -5.37 36.79 -64.33
C UNK R 15 -5.58 38.10 -65.09
N UNK R 16 -5.03 39.18 -64.53
CA UNK R 16 -5.17 40.50 -65.13
C UNK R 16 -4.46 40.55 -66.48
N UNK R 17 -4.96 41.43 -67.35
CA UNK R 17 -4.38 41.60 -68.67
C UNK R 17 -2.93 42.04 -68.57
N UNK R 18 -2.07 41.44 -69.41
CA UNK R 18 -0.63 41.64 -69.28
C UNK R 18 -0.24 43.10 -69.46
N UNK R 19 -0.82 43.76 -70.46
CA UNK R 19 -0.54 45.18 -70.66
C UNK R 19 -1.21 46.06 -69.60
N UNK R 20 -2.10 45.50 -68.79
CA UNK R 20 -2.84 46.27 -67.80
C UNK R 20 -2.29 46.13 -66.39
N VAL R 21 -1.23 45.34 -66.20
CA VAL R 21 -0.64 45.22 -64.87
C VAL R 21 0.15 46.49 -64.55
N LYS R 22 0.28 46.76 -63.25
CA LYS R 22 0.86 48.03 -62.82
C LYS R 22 2.34 48.12 -63.15
N MET R 23 3.11 47.07 -62.81
CA MET R 23 4.52 46.92 -63.14
C MET R 23 5.40 47.91 -62.37
N SER R 24 6.57 47.42 -61.91
CA SER R 24 7.52 48.27 -61.23
C SER R 24 8.28 49.16 -62.23
N PRO R 25 8.59 50.40 -61.85
CA PRO R 25 9.36 51.26 -62.76
C PRO R 25 10.85 50.96 -62.70
N SER R 26 11.34 50.49 -61.55
CA SER R 26 12.74 50.10 -61.46
C SER R 26 12.99 48.82 -62.25
N VAL R 27 12.40 47.72 -61.82
CA VAL R 27 12.48 46.46 -62.57
C VAL R 27 11.26 46.36 -63.47
N PRO R 28 11.38 46.71 -64.76
CA PRO R 28 10.18 46.84 -65.61
C PRO R 28 9.45 45.53 -65.83
N TYR R 29 10.10 44.38 -65.67
CA TYR R 29 9.49 43.09 -65.93
C TYR R 29 8.79 42.51 -64.72
N LEU R 30 8.74 43.23 -63.60
CA LEU R 30 8.10 42.74 -62.41
C LEU R 30 6.86 43.55 -62.08
N PRO R 31 5.81 42.91 -61.56
CA PRO R 31 4.65 43.67 -61.08
C PRO R 31 5.02 44.50 -59.87
N TYR R 32 4.29 45.60 -59.70
CA TYR R 32 4.58 46.54 -58.62
C TYR R 32 4.25 45.90 -57.27
N PRO R 33 5.16 45.96 -56.29
CA PRO R 33 4.82 45.49 -54.95
C PRO R 33 3.89 46.47 -54.25
N GLU R 34 2.60 46.10 -54.11
CA GLU R 34 1.61 47.03 -53.58
C GLU R 34 1.80 47.31 -52.10
N ARG R 35 2.55 46.46 -51.39
CA ARG R 35 2.79 46.69 -49.97
C ARG R 35 3.65 47.93 -49.73
N LEU R 36 4.44 48.34 -50.72
CA LEU R 36 5.30 49.51 -50.60
C LEU R 36 4.57 50.82 -50.85
N GLU R 37 3.32 50.78 -51.30
CA GLU R 37 2.61 51.99 -51.68
C GLU R 37 2.20 52.75 -50.42
N GLY R 38 2.59 54.02 -50.35
CA GLY R 38 2.34 54.84 -49.18
C GLY R 38 3.62 55.27 -48.50
N TRP R 39 4.63 54.40 -48.53
CA TRP R 39 5.91 54.74 -47.93
C TRP R 39 6.67 55.70 -48.84
N VAL R 40 7.76 56.25 -48.29
CA VAL R 40 8.41 57.41 -48.91
C VAL R 40 8.96 57.05 -50.28
N GLY R 41 9.81 56.03 -50.35
CA GLY R 41 10.45 55.67 -51.59
C GLY R 41 9.58 54.92 -52.57
N GLY R 42 8.30 54.71 -52.25
CA GLY R 42 7.45 53.86 -53.06
C GLY R 42 6.99 54.49 -54.36
N GLU R 43 7.93 55.08 -55.10
CA GLU R 43 7.69 55.48 -56.48
C GLU R 43 8.65 54.85 -57.46
N LYS R 44 9.85 54.46 -57.03
CA LYS R 44 10.68 53.59 -57.85
C LYS R 44 10.28 52.12 -57.73
N GLY R 45 9.47 51.79 -56.72
CA GLY R 45 8.90 50.46 -56.56
C GLY R 45 9.90 49.33 -56.74
N PHE R 46 11.01 49.38 -56.03
CA PHE R 46 12.10 48.44 -56.21
C PHE R 46 12.10 47.44 -55.06
N ASP R 47 11.66 46.24 -55.36
CA ASP R 47 11.76 45.17 -54.38
C ASP R 47 11.77 43.89 -55.16
N PRO R 48 12.94 43.46 -55.61
CA PRO R 48 12.99 42.14 -56.22
C PRO R 48 13.37 41.29 -55.01
N LEU R 49 13.78 40.03 -55.13
CA LEU R 49 14.07 39.21 -53.94
C LEU R 49 12.85 39.09 -53.03
N ARG R 50 11.84 39.92 -53.26
CA ARG R 50 10.59 39.91 -52.48
C ARG R 50 10.84 39.75 -50.98
N THR R 51 11.52 40.74 -50.41
CA THR R 51 11.68 40.77 -48.96
C THR R 51 10.59 41.57 -48.27
N SER R 52 9.80 42.35 -49.01
CA SER R 52 8.62 43.01 -48.47
C SER R 52 7.36 42.20 -48.68
N ASP R 53 7.41 41.12 -49.46
CA ASP R 53 6.31 40.19 -49.56
C ASP R 53 6.18 39.32 -48.32
N ILE R 54 7.14 39.41 -47.40
CA ILE R 54 7.18 38.50 -46.25
C ILE R 54 7.28 39.25 -44.94
N ILE R 55 7.87 40.44 -44.97
CA ILE R 55 8.23 41.17 -43.76
C ILE R 55 7.55 42.52 -43.80
N ASP R 56 6.95 42.91 -42.67
CA ASP R 56 6.29 44.21 -42.59
C ASP R 56 7.24 45.31 -42.99
N VAL R 57 6.79 46.19 -43.89
CA VAL R 57 7.65 47.26 -44.40
C VAL R 57 8.12 48.16 -43.27
N TYR R 58 7.32 48.29 -42.21
CA TYR R 58 7.73 49.07 -41.06
C TYR R 58 9.09 48.61 -40.52
N TRP R 59 9.33 47.30 -40.54
CA TRP R 59 10.63 46.78 -40.12
C TRP R 59 11.73 47.19 -41.09
N LEU R 60 11.50 46.96 -42.39
CA LEU R 60 12.53 47.21 -43.38
C LEU R 60 12.90 48.69 -43.46
N ARG R 61 11.90 49.57 -43.45
CA ARG R 61 12.18 51.01 -43.45
C ARG R 61 12.89 51.42 -42.17
N GLU R 62 12.56 50.77 -41.05
CA GLU R 62 13.32 50.99 -39.84
C GLU R 62 14.77 50.55 -40.01
N ALA R 63 14.99 49.40 -40.65
CA ALA R 63 16.35 48.91 -40.87
C ALA R 63 17.05 49.72 -41.95
N GLU R 64 16.31 50.14 -42.99
CA GLU R 64 16.92 50.94 -44.04
C GLU R 64 17.41 52.28 -43.51
N LEU R 65 16.59 52.94 -42.69
CA LEU R 65 16.99 54.22 -42.12
C LEU R 65 18.17 54.07 -41.18
N LYS R 66 18.15 53.04 -40.33
CA LYS R 66 19.24 52.84 -39.39
C LYS R 66 20.55 52.57 -40.12
N HIS R 67 20.50 51.78 -41.19
CA HIS R 67 21.70 51.52 -41.96
C HIS R 67 22.21 52.79 -42.63
N GLY R 68 21.31 53.55 -43.26
CA GLY R 68 21.72 54.76 -43.94
C GLY R 68 22.26 55.80 -42.98
N ARG R 69 21.56 56.02 -41.88
CA ARG R 69 22.02 56.99 -40.89
C ARG R 69 23.36 56.59 -40.28
N ILE R 70 23.51 55.31 -39.94
CA ILE R 70 24.75 54.85 -39.34
C ILE R 70 25.88 54.89 -40.37
N CYS R 71 25.57 54.68 -41.66
CA CYS R 71 26.59 54.77 -42.69
C CYS R 71 26.96 56.21 -43.02
N MET R 72 26.00 57.13 -42.95
CA MET R 72 26.30 58.53 -43.19
C MET R 72 27.28 59.06 -42.15
N LEU R 73 27.10 58.66 -40.89
CA LEU R 73 28.07 59.03 -39.86
C LEU R 73 29.39 58.29 -40.04
N ALA R 74 29.33 56.98 -40.30
CA ALA R 74 30.55 56.19 -40.42
C ALA R 74 31.40 56.66 -41.59
N THR R 75 30.77 57.01 -42.72
CA THR R 75 31.53 57.53 -43.85
C THR R 75 32.22 58.83 -43.48
N LEU R 76 31.51 59.73 -42.78
CA LEU R 76 32.14 60.97 -42.34
C LEU R 76 33.23 60.71 -41.31
N GLY R 77 32.99 59.77 -40.40
CA GLY R 77 34.01 59.44 -39.42
C GLY R 77 35.28 58.91 -40.06
N TRP R 78 35.13 57.99 -41.02
CA TRP R 78 36.31 57.44 -41.67
C TRP R 78 37.05 58.50 -42.47
N ILE R 79 36.31 59.36 -43.18
CA ILE R 79 36.94 60.40 -43.99
C ILE R 79 37.71 61.37 -43.11
N SER R 80 37.09 61.82 -42.01
CA SER R 80 37.73 62.81 -41.15
C SER R 80 38.93 62.23 -40.43
N VAL R 81 38.80 61.02 -39.89
CA VAL R 81 39.92 60.38 -39.20
C VAL R 81 41.05 60.08 -40.17
N ASP R 82 40.72 59.73 -41.41
CA ASP R 82 41.75 59.48 -42.42
C ASP R 82 42.44 60.77 -42.85
N ALA R 83 41.67 61.81 -43.13
CA ALA R 83 42.27 63.10 -43.44
C ALA R 83 43.05 63.66 -42.27
N GLY R 84 42.76 63.17 -41.07
CA GLY R 84 43.47 63.55 -39.86
C GLY R 84 42.68 64.58 -39.08
N TRP R 85 41.91 64.10 -38.10
CA TRP R 85 41.11 65.02 -37.29
C TRP R 85 41.04 64.59 -35.84
N ARG R 86 42.00 63.80 -35.35
CA ARG R 86 41.94 63.20 -34.02
C ARG R 86 41.44 64.19 -32.99
N PHE R 87 40.56 63.71 -32.10
CA PHE R 87 39.93 64.55 -31.08
C PHE R 87 40.97 65.35 -30.30
N GLU R 88 40.54 66.46 -29.71
CA GLU R 88 41.48 67.39 -29.10
C GLU R 88 42.29 66.74 -27.99
N ALA R 89 41.66 65.89 -27.18
CA ALA R 89 42.35 65.25 -26.07
C ALA R 89 43.44 64.31 -26.58
N GLU R 90 44.45 64.09 -25.74
CA GLU R 90 45.48 63.11 -26.04
C GLU R 90 44.90 61.71 -25.85
N MET R 91 45.76 60.69 -25.91
CA MET R 91 45.36 59.29 -25.94
C MET R 91 44.58 58.94 -27.22
N PHE R 92 44.41 59.92 -28.11
CA PHE R 92 43.69 59.74 -29.36
C PHE R 92 44.63 59.74 -30.56
N GLN R 93 45.87 59.29 -30.37
CA GLN R 93 46.85 59.25 -31.45
C GLN R 93 46.92 57.84 -32.02
N GLY R 94 45.82 57.45 -32.68
CA GLY R 94 45.72 56.14 -33.29
C GLY R 94 46.43 55.99 -34.62
N VAL R 95 47.00 57.08 -35.14
CA VAL R 95 47.83 57.14 -36.33
C VAL R 95 47.05 56.75 -37.60
N SER R 96 46.24 55.70 -37.52
CA SER R 96 45.51 55.21 -38.68
C SER R 96 44.14 54.71 -38.28
N VAL R 97 43.14 54.96 -39.14
CA VAL R 97 41.76 54.61 -38.83
C VAL R 97 41.58 53.10 -38.81
N ILE R 98 42.30 52.38 -39.68
CA ILE R 98 42.13 50.93 -39.77
C ILE R 98 42.47 50.26 -38.44
N ASN R 99 43.46 50.79 -37.73
CA ASN R 99 43.83 50.28 -36.41
C ASN R 99 43.22 51.10 -35.28
N ALA R 100 42.34 52.05 -35.58
CA ALA R 100 41.72 52.84 -34.54
C ALA R 100 40.80 52.00 -33.66
N HIS R 101 40.08 51.05 -34.27
CA HIS R 101 39.13 50.25 -33.51
C HIS R 101 39.83 49.41 -32.45
N ASN R 102 40.85 48.65 -32.86
CA ASN R 102 41.55 47.80 -31.91
C ASN R 102 42.35 48.62 -30.90
N LYS R 103 42.88 49.76 -31.34
CA LYS R 103 43.61 50.63 -30.43
C LYS R 103 42.70 51.16 -29.32
N MET R 104 41.52 51.64 -29.70
CA MET R 104 40.65 52.31 -28.73
C MET R 104 39.99 51.32 -27.78
N VAL R 105 39.59 50.15 -28.30
CA VAL R 105 39.03 49.13 -27.42
C VAL R 105 40.05 48.67 -26.40
N GLU R 106 41.34 48.76 -26.73
CA GLU R 106 42.38 48.50 -25.75
C GLU R 106 42.46 49.63 -24.72
N MET R 107 42.38 50.88 -25.17
CA MET R 107 42.49 52.01 -24.26
C MET R 107 41.35 52.02 -23.25
N GLY R 108 40.14 51.69 -23.68
CA GLY R 108 38.99 51.63 -22.79
C GLY R 108 37.86 52.56 -23.14
N VAL R 109 37.93 53.31 -24.25
CA VAL R 109 36.87 54.25 -24.59
C VAL R 109 35.81 53.65 -25.50
N MET R 110 36.11 52.53 -26.16
CA MET R 110 35.10 51.87 -26.98
C MET R 110 34.05 51.18 -26.12
N GLN R 111 34.45 50.62 -24.98
CA GLN R 111 33.50 49.97 -24.10
C GLN R 111 32.46 50.96 -23.57
N GLN R 112 32.86 52.22 -23.40
CA GLN R 112 31.90 53.24 -23.00
C GLN R 112 30.89 53.51 -24.10
N MET R 113 31.38 53.73 -25.33
CA MET R 113 30.47 54.05 -26.43
C MET R 113 29.55 52.89 -26.76
N LEU R 114 30.06 51.66 -26.71
CA LEU R 114 29.21 50.50 -26.95
C LEU R 114 28.07 50.44 -25.94
N SER R 115 28.34 50.84 -24.69
CA SER R 115 27.28 50.92 -23.69
C SER R 115 26.26 51.99 -24.06
N ILE R 116 26.75 53.17 -24.47
CA ILE R 116 25.84 54.28 -24.77
C ILE R 116 25.02 53.98 -26.03
N VAL R 117 25.64 53.36 -27.03
CA VAL R 117 24.87 52.91 -28.19
C VAL R 117 23.92 51.80 -27.79
N GLY R 118 24.34 50.94 -26.86
CA GLY R 118 23.49 49.83 -26.44
C GLY R 118 22.20 50.28 -25.78
N VAL R 119 22.31 51.23 -24.85
CA VAL R 119 21.11 51.68 -24.14
C VAL R 119 20.15 52.39 -25.09
N CYS R 120 20.67 53.24 -25.97
CA CYS R 120 19.81 53.91 -26.93
C CYS R 120 19.15 52.91 -27.88
N GLU R 121 19.86 51.84 -28.24
CA GLU R 121 19.27 50.83 -29.11
C GLU R 121 18.24 49.99 -28.38
N ILE R 122 18.46 49.70 -27.10
CA ILE R 122 17.43 49.03 -26.31
C ILE R 122 16.20 49.92 -26.20
N PHE R 123 16.40 51.22 -26.00
CA PHE R 123 15.29 52.16 -26.08
C PHE R 123 14.68 52.16 -27.48
N SER R 124 15.51 52.03 -28.51
CA SER R 124 15.00 51.92 -29.86
C SER R 124 14.16 50.65 -30.03
N LEU R 125 14.61 49.54 -29.43
CA LEU R 125 13.87 48.28 -29.55
C LEU R 125 12.47 48.41 -28.95
N TYR R 126 12.36 49.07 -27.80
CA TYR R 126 11.05 49.34 -27.22
C TYR R 126 10.21 50.20 -28.16
N LEU R 127 10.82 51.21 -28.78
CA LEU R 127 10.11 52.07 -29.72
C LEU R 127 9.65 51.30 -30.95
N ILE R 128 10.52 50.45 -31.49
CA ILE R 128 10.20 49.74 -32.74
C ILE R 128 9.01 48.81 -32.54
N LYS R 129 9.02 48.06 -31.43
CA LYS R 129 7.91 47.15 -31.14
C LYS R 129 6.60 47.92 -31.01
N GLU R 130 6.53 48.83 -30.05
CA GLU R 130 5.30 49.59 -29.84
C GLU R 130 4.92 50.42 -31.06
N GLY R 131 5.91 50.85 -31.84
CA GLY R 131 5.59 51.51 -33.10
C GLY R 131 4.90 50.57 -34.08
N LEU R 132 5.42 49.36 -34.21
CA LEU R 132 4.78 48.37 -35.06
C LEU R 132 3.41 47.97 -34.53
N LEU R 133 3.31 47.76 -33.21
CA LEU R 133 2.08 47.27 -32.60
C LEU R 133 0.95 48.30 -32.64
N GLY R 134 1.18 49.48 -33.20
CA GLY R 134 0.14 50.48 -33.28
C GLY R 134 -0.32 51.00 -31.95
N LYS R 135 0.51 50.88 -30.91
CA LYS R 135 0.17 51.39 -29.59
C LYS R 135 0.58 52.85 -29.43
N ILE R 136 1.86 53.15 -29.66
CA ILE R 136 2.34 54.52 -29.74
C ILE R 136 2.08 55.06 -31.13
N GLN R 137 2.19 56.38 -31.30
CA GLN R 137 2.06 57.01 -32.60
C GLN R 137 3.46 57.31 -33.13
N ARG R 138 4.09 56.31 -33.73
CA ARG R 138 5.45 56.42 -34.22
C ARG R 138 5.58 55.76 -35.58
N LYS R 139 6.26 56.43 -36.50
CA LYS R 139 6.51 55.90 -37.83
C LYS R 139 7.80 55.08 -37.81
N ALA R 140 8.29 54.70 -39.00
CA ALA R 140 9.51 53.92 -39.10
C ALA R 140 10.72 54.84 -39.07
N GLY R 141 11.70 54.50 -38.23
CA GLY R 141 12.90 55.29 -38.12
C GLY R 141 12.68 56.70 -37.61
N ASP R 142 11.56 56.94 -36.94
CA ASP R 142 11.21 58.27 -36.42
C ASP R 142 11.41 58.24 -34.91
N TYR R 143 12.59 58.70 -34.47
CA TYR R 143 12.91 58.79 -33.05
C TYR R 143 12.53 60.14 -32.45
N PHE R 144 11.66 60.90 -33.13
CA PHE R 144 11.11 62.16 -32.66
C PHE R 144 12.15 63.25 -32.47
N ILE R 145 13.37 63.04 -32.97
CA ILE R 145 14.38 64.10 -32.92
C ILE R 145 14.14 65.06 -34.08
N GLY R 146 14.61 66.29 -33.91
CA GLY R 146 14.34 67.31 -34.90
C GLY R 146 12.86 67.62 -34.93
N LYS R 147 12.22 67.29 -36.07
CA LYS R 147 10.78 67.44 -36.26
C LYS R 147 10.36 68.91 -36.32
N ASN R 148 11.31 69.82 -36.08
CA ASN R 148 11.06 71.25 -36.24
C ASN R 148 11.62 71.78 -37.55
N PHE R 149 12.73 71.23 -38.03
CA PHE R 149 13.25 71.56 -39.34
C PHE R 149 12.60 70.74 -40.45
N LEU R 150 11.75 69.77 -40.10
CA LEU R 150 11.07 68.98 -41.11
C LEU R 150 10.10 69.86 -41.88
N PRO R 151 10.21 69.93 -43.21
CA PRO R 151 9.29 70.77 -43.97
C PRO R 151 7.85 70.32 -43.79
N LYS R 152 6.93 71.28 -43.81
CA LYS R 152 5.54 71.08 -43.44
C LYS R 152 4.62 71.43 -44.61
N GLU R 153 5.01 71.05 -45.82
CA GLU R 153 4.20 71.33 -47.00
C GLU R 153 3.48 70.09 -47.51
N GLU R 154 3.59 68.96 -46.82
CA GLU R 154 2.92 67.70 -47.14
C GLU R 154 3.45 67.10 -48.44
N ASP R 155 4.32 67.81 -49.12
CA ASP R 155 5.09 67.35 -50.28
C ASP R 155 6.57 67.60 -50.10
N LYS R 156 6.95 68.72 -49.49
CA LYS R 156 8.35 68.96 -49.17
C LYS R 156 8.85 67.96 -48.13
N ALA R 157 7.99 67.57 -47.18
CA ALA R 157 8.35 66.51 -46.25
C ALA R 157 8.62 65.20 -46.97
N LYS R 158 7.81 64.91 -48.00
CA LYS R 158 8.04 63.72 -48.81
C LYS R 158 9.41 63.77 -49.48
N ASP R 159 9.82 64.97 -49.93
CA ASP R 159 11.10 65.09 -50.61
C ASP R 159 12.26 64.93 -49.63
N MET R 160 12.16 65.58 -48.47
CA MET R 160 13.25 65.51 -47.48
C MET R 160 13.40 64.09 -46.94
N GLN R 161 12.27 63.42 -46.65
CA GLN R 161 12.34 62.03 -46.24
C GLN R 161 12.95 61.17 -47.33
N LEU R 162 12.61 61.45 -48.60
CA LEU R 162 13.28 60.78 -49.71
C LEU R 162 14.75 61.17 -49.77
N LYS R 163 15.07 62.45 -49.53
CA LYS R 163 16.47 62.87 -49.57
C LYS R 163 17.29 62.15 -48.52
N GLU R 164 16.71 61.94 -47.32
CA GLU R 164 17.42 61.19 -46.28
C GLU R 164 17.71 59.77 -46.75
N LEU R 165 16.75 59.14 -47.43
CA LEU R 165 16.95 57.78 -47.91
C LEU R 165 18.02 57.72 -48.99
N GLU R 166 17.97 58.65 -49.95
CA GLU R 166 18.94 58.62 -51.05
C GLU R 166 20.35 58.85 -50.54
N ASN R 167 20.53 59.81 -49.63
CA ASN R 167 21.84 60.01 -49.02
C ASN R 167 22.24 58.80 -48.18
N GLY R 168 21.28 58.20 -47.47
CA GLY R 168 21.58 57.01 -46.70
C GLY R 168 21.99 55.84 -47.57
N ARG R 169 21.29 55.64 -48.69
CA ARG R 169 21.66 54.57 -49.61
C ARG R 169 23.03 54.80 -50.22
N LEU R 170 23.32 56.06 -50.58
CA LEU R 170 24.65 56.36 -51.13
C LEU R 170 25.74 56.11 -50.11
N ALA R 171 25.49 56.49 -48.85
CA ALA R 171 26.49 56.28 -47.81
C ALA R 171 26.73 54.79 -47.56
N MET R 172 25.68 53.97 -47.65
CA MET R 172 25.84 52.54 -47.46
C MET R 172 26.81 51.97 -48.47
N LEU R 173 26.65 52.34 -49.75
CA LEU R 173 27.59 51.87 -50.77
C LEU R 173 28.90 52.64 -50.72
N ALA R 174 28.87 53.87 -50.20
CA ALA R 174 30.11 54.64 -50.09
C ALA R 174 31.02 54.06 -49.01
N PHE R 175 30.48 53.80 -47.82
CA PHE R 175 31.32 53.33 -46.73
C PHE R 175 31.88 51.95 -47.02
N SER R 176 31.08 51.09 -47.66
CA SER R 176 31.58 49.76 -48.01
C SER R 176 32.78 49.85 -48.93
N GLY R 177 32.74 50.75 -49.92
CA GLY R 177 33.90 50.98 -50.74
C GLY R 177 35.04 51.63 -49.98
N ILE R 178 34.71 52.54 -49.07
CA ILE R 178 35.74 53.20 -48.28
C ILE R 178 36.48 52.19 -47.41
N CYS R 179 35.74 51.37 -46.67
CA CYS R 179 36.37 50.39 -45.79
C CYS R 179 37.12 49.34 -46.59
N THR R 180 36.51 48.81 -47.66
CA THR R 180 37.13 47.74 -48.44
C THR R 180 38.42 48.24 -49.11
N GLN R 181 38.39 49.45 -49.66
CA GLN R 181 39.60 49.99 -50.29
C GLN R 181 40.70 50.22 -49.28
N ALA R 182 40.34 50.58 -48.05
CA ALA R 182 41.35 50.82 -47.01
C ALA R 182 42.14 49.56 -46.72
N ASN R 183 41.45 48.42 -46.59
CA ASN R 183 42.14 47.18 -46.27
C ASN R 183 42.99 46.69 -47.44
N LEU R 184 42.43 46.73 -48.66
CA LEU R 184 43.19 46.28 -49.83
C LEU R 184 44.44 47.12 -50.02
N PHE R 185 44.28 48.44 -50.06
CA PHE R 185 45.40 49.37 -50.18
C PHE R 185 45.47 50.19 -48.89
N PRO R 186 46.42 49.89 -48.00
CA PRO R 186 46.50 50.63 -46.73
C PRO R 186 46.68 52.13 -46.92
N GLU R 187 47.02 52.60 -48.12
CA GLU R 187 46.86 54.00 -48.45
C GLU R 187 45.44 54.41 -48.06
N SER R 188 45.31 55.25 -47.05
CA SER R 188 44.03 55.48 -46.40
C SER R 188 43.70 56.95 -46.45
N HIS R 189 42.59 57.29 -47.11
CA HIS R 189 42.12 58.65 -47.26
C HIS R 189 40.78 58.59 -47.97
N PHE R 190 40.00 59.67 -47.82
CA PHE R 190 38.79 59.83 -48.62
C PHE R 190 39.06 59.73 -50.12
N PRO R 191 40.14 60.30 -50.68
CA PRO R 191 40.44 60.03 -52.10
C PRO R 191 40.98 58.64 -52.37
N TYR R 192 41.76 58.08 -51.44
CA TYR R 192 42.45 56.80 -51.65
C TYR R 192 43.38 56.88 -52.87
N PHE S 1 -2.31 -18.70 -98.66
CA PHE S 1 -2.03 -17.35 -98.23
C PHE S 1 -1.41 -16.51 -99.35
N GLU S 2 -1.50 -17.01 -100.58
CA GLU S 2 -0.99 -16.25 -101.71
C GLU S 2 -1.80 -14.97 -101.90
N ASN S 3 -1.32 -14.13 -102.83
CA ASN S 3 -1.73 -12.76 -103.10
C ASN S 3 -1.22 -11.81 -102.02
N GLU S 4 -0.64 -12.32 -100.93
CA GLU S 4 0.09 -11.49 -99.99
C GLU S 4 1.48 -11.18 -100.54
N LEU S 5 2.06 -10.09 -100.08
CA LEU S 5 3.36 -9.66 -100.56
C LEU S 5 4.43 -10.72 -100.26
N GLY S 6 5.25 -11.02 -101.26
CA GLY S 6 6.31 -12.00 -101.10
C GLY S 6 6.47 -12.93 -102.28
N VAL S 7 5.42 -13.07 -103.10
CA VAL S 7 5.42 -13.98 -104.24
C VAL S 7 5.71 -13.17 -105.49
N GLN S 8 6.96 -13.13 -105.96
CA GLN S 8 7.10 -12.36 -107.19
C GLN S 8 7.58 -13.12 -108.43
N ALA S 9 8.90 -13.34 -108.58
CA ALA S 9 9.31 -13.97 -109.83
C ALA S 9 9.63 -15.47 -109.81
N PRO S 10 10.64 -15.92 -109.06
CA PRO S 10 11.21 -17.24 -109.34
C PRO S 10 10.44 -18.37 -108.69
N THR S 11 9.61 -18.06 -107.70
CA THR S 11 8.69 -19.03 -107.13
C THR S 11 7.44 -18.28 -106.71
N GLY S 12 6.30 -18.96 -106.80
CA GLY S 12 5.07 -18.39 -106.32
C GLY S 12 4.96 -18.60 -104.82
N PHE S 13 3.81 -19.07 -104.35
CA PHE S 13 3.69 -19.48 -102.95
C PHE S 13 4.66 -20.62 -102.72
N PHE S 14 5.74 -20.35 -101.98
CA PHE S 14 6.90 -21.24 -102.03
C PHE S 14 6.77 -22.49 -101.18
N ASP S 15 5.93 -22.47 -100.14
CA ASP S 15 5.98 -23.44 -99.03
C ASP S 15 6.11 -24.88 -99.50
N PRO S 16 7.29 -25.49 -99.34
CA PRO S 16 7.41 -26.93 -99.60
C PRO S 16 6.95 -27.74 -98.41
N LEU S 17 7.19 -27.21 -97.21
CA LEU S 17 6.86 -27.88 -95.96
C LEU S 17 5.55 -27.38 -95.37
N GLY S 18 4.80 -26.59 -96.13
CA GLY S 18 3.56 -26.03 -95.63
C GLY S 18 3.80 -24.90 -94.65
N LEU S 19 3.50 -25.16 -93.36
CA LEU S 19 3.69 -24.20 -92.27
C LEU S 19 2.74 -23.01 -92.40
N SER S 20 2.00 -22.95 -93.51
CA SER S 20 0.97 -21.93 -93.68
C SER S 20 -0.27 -22.49 -94.35
N SER S 21 -0.31 -23.81 -94.63
CA SER S 21 -1.53 -24.41 -95.18
C SER S 21 -2.66 -24.42 -94.17
N ASP S 22 -2.36 -24.19 -92.89
CA ASP S 22 -3.40 -24.09 -91.88
C ASP S 22 -4.32 -22.89 -92.15
N GLY S 23 -3.77 -21.84 -92.74
CA GLY S 23 -4.56 -20.66 -93.04
C GLY S 23 -4.79 -19.74 -91.86
N SER S 24 -4.16 -19.99 -90.72
CA SER S 24 -4.32 -19.15 -89.54
C SER S 24 -3.82 -17.74 -89.83
N ILE S 25 -4.74 -16.77 -89.89
CA ILE S 25 -4.38 -15.42 -90.30
C ILE S 25 -3.48 -14.76 -89.25
N ASP S 26 -3.75 -15.00 -87.97
CA ASP S 26 -2.91 -14.45 -86.91
C ASP S 26 -1.50 -15.04 -86.98
N ASN S 27 -1.40 -16.34 -87.26
CA ASN S 27 -0.08 -16.98 -87.36
C ASN S 27 0.73 -16.39 -88.50
N PHE S 28 0.10 -16.14 -89.64
CA PHE S 28 0.83 -15.58 -90.78
C PHE S 28 1.35 -14.18 -90.49
N LYS S 29 0.53 -13.35 -89.82
CA LYS S 29 0.96 -11.99 -89.52
C LYS S 29 2.20 -11.98 -88.64
N ARG S 30 2.23 -12.85 -87.62
CA ARG S 30 3.40 -12.94 -86.76
C ARG S 30 4.61 -13.45 -87.53
N ARG S 31 4.42 -14.44 -88.40
CA ARG S 31 5.51 -14.91 -89.24
C ARG S 31 5.97 -13.82 -90.20
N ARG S 32 5.02 -13.08 -90.78
CA ARG S 32 5.39 -11.99 -91.70
C ARG S 32 6.20 -10.92 -90.97
N ALA S 33 5.75 -10.53 -89.77
CA ALA S 33 6.50 -9.55 -88.99
C ALA S 33 7.88 -10.08 -88.63
N SER S 34 7.96 -11.36 -88.27
CA SER S 34 9.27 -11.97 -88.00
C SER S 34 10.13 -12.01 -89.25
N GLU S 35 9.56 -12.43 -90.39
CA GLU S 35 10.34 -12.53 -91.62
C GLU S 35 10.92 -11.17 -92.01
N ILE S 36 10.11 -10.13 -91.92
CA ILE S 36 10.56 -8.79 -92.29
C ILE S 36 11.58 -8.27 -91.29
N LYS S 37 11.33 -8.50 -89.99
CA LYS S 37 12.26 -8.01 -88.98
C LYS S 37 13.63 -8.66 -89.10
N HIS S 38 13.64 -9.93 -89.43
CA HIS S 38 14.90 -10.63 -89.55
C HIS S 38 15.62 -10.07 -90.72
N GLY S 39 14.91 -9.82 -91.81
CA GLY S 39 15.54 -9.34 -93.00
C GLY S 39 16.11 -7.99 -92.70
N ARG S 40 15.32 -7.10 -92.18
CA ARG S 40 15.74 -5.75 -91.81
C ARG S 40 16.97 -5.78 -90.91
N VAL S 41 17.00 -6.71 -89.95
CA VAL S 41 18.19 -6.86 -89.12
C VAL S 41 19.35 -7.42 -89.94
N ALA S 42 19.07 -8.43 -90.77
CA ALA S 42 20.14 -9.06 -91.55
C ALA S 42 20.74 -8.09 -92.57
N MET S 43 19.90 -7.25 -93.18
CA MET S 43 20.39 -6.31 -94.17
C MET S 43 21.39 -5.33 -93.56
N LEU S 44 21.09 -4.80 -92.36
CA LEU S 44 22.07 -4.02 -91.65
C LEU S 44 23.27 -4.87 -91.23
N ALA S 45 23.02 -6.14 -90.94
CA ALA S 45 24.12 -7.03 -90.55
C ALA S 45 25.10 -7.24 -91.69
N THR S 46 24.59 -7.44 -92.92
CA THR S 46 25.47 -7.62 -94.05
C THR S 46 26.28 -6.35 -94.32
N MET S 47 25.64 -5.18 -94.19
CA MET S 47 26.40 -3.93 -94.19
C MET S 47 27.44 -3.91 -93.09
N GLY S 48 27.14 -4.55 -91.94
CA GLY S 48 28.07 -4.53 -90.84
C GLY S 48 29.28 -5.41 -91.06
N TYR S 49 29.18 -6.36 -91.99
CA TYR S 49 30.33 -7.20 -92.30
C TYR S 49 31.21 -6.55 -93.36
N MET S 50 30.61 -5.86 -94.32
CA MET S 50 31.37 -5.29 -95.42
C MET S 50 32.17 -4.05 -94.98
N THR S 51 31.52 -3.14 -94.24
CA THR S 51 32.14 -1.83 -94.03
C THR S 51 33.34 -1.90 -93.10
N PRO S 52 33.24 -2.42 -91.86
CA PRO S 52 34.44 -2.49 -91.01
C PRO S 52 35.55 -3.32 -91.62
N GLU S 53 35.23 -4.27 -92.49
CA GLU S 53 36.27 -5.05 -93.17
C GLU S 53 37.15 -4.15 -94.03
N ILE S 54 36.55 -3.40 -94.95
CA ILE S 54 37.33 -2.71 -95.97
C ILE S 54 37.88 -1.40 -95.44
N THR S 55 37.05 -0.63 -94.72
CA THR S 55 37.46 0.71 -94.27
C THR S 55 36.61 1.11 -93.06
N GLY S 56 36.60 2.41 -92.76
CA GLY S 56 35.81 2.98 -91.70
C GLY S 56 36.47 2.83 -90.34
N LYS S 57 36.28 1.68 -89.71
CA LYS S 57 36.99 1.31 -88.48
C LYS S 57 37.13 2.49 -87.53
N PHE S 58 35.97 3.00 -87.08
CA PHE S 58 35.79 4.32 -86.49
C PHE S 58 36.99 4.76 -85.65
N PRO S 59 37.54 5.95 -85.89
CA PRO S 59 38.60 6.44 -85.01
C PRO S 59 38.08 6.60 -83.61
N GLY S 60 38.92 6.30 -82.63
CA GLY S 60 38.51 6.39 -81.25
C GLY S 60 38.76 5.10 -80.52
N TYR S 61 38.01 4.90 -79.44
CA TYR S 61 38.27 3.81 -78.50
C TYR S 61 37.13 2.81 -78.41
N LEU S 62 35.90 3.27 -78.18
CA LEU S 62 34.71 2.45 -77.93
C LEU S 62 34.79 1.83 -76.54
N SER S 63 35.97 1.89 -75.91
CA SER S 63 36.12 1.52 -74.51
C SER S 63 37.37 2.24 -74.00
N TYR S 64 37.17 3.39 -73.37
CA TYR S 64 38.29 4.14 -72.84
C TYR S 64 38.86 3.48 -71.60
N SER S 65 37.99 2.86 -70.78
CA SER S 65 38.45 2.21 -69.56
C SER S 65 39.29 0.98 -69.87
N GLN S 66 38.84 0.14 -70.81
CA GLN S 66 39.60 -1.04 -71.20
C GLN S 66 40.67 -0.73 -72.23
N SER S 67 40.79 0.52 -72.65
CA SER S 67 41.77 1.00 -73.63
C SER S 67 41.59 0.36 -75.00
N ILE S 68 40.46 -0.33 -75.23
CA ILE S 68 40.20 -0.86 -76.56
C ILE S 68 40.05 0.30 -77.55
N LYS S 69 40.29 0.00 -78.82
CA LYS S 69 40.04 0.92 -79.91
C LYS S 69 39.28 0.17 -80.99
N PHE S 70 38.45 0.89 -81.76
CA PHE S 70 37.61 0.27 -82.78
C PHE S 70 38.46 -0.58 -83.72
N ALA S 71 39.68 -0.12 -84.00
CA ALA S 71 40.58 -0.89 -84.86
C ALA S 71 40.99 -2.21 -84.21
N ASP S 72 41.07 -2.24 -82.87
CA ASP S 72 41.51 -3.45 -82.19
C ASP S 72 40.47 -4.56 -82.30
N VAL S 73 39.19 -4.22 -82.27
CA VAL S 73 38.14 -5.24 -82.28
C VAL S 73 38.15 -5.96 -83.62
N PRO S 74 38.28 -7.29 -83.65
CA PRO S 74 38.26 -7.99 -84.94
C PRO S 74 36.87 -7.99 -85.54
N ASN S 75 36.82 -7.87 -86.87
CA ASN S 75 35.54 -7.90 -87.57
C ASN S 75 34.98 -9.31 -87.60
N GLY S 76 33.65 -9.41 -87.56
CA GLY S 76 32.99 -10.70 -87.69
C GLY S 76 32.69 -11.39 -86.39
N LEU S 77 32.77 -12.73 -86.41
CA LEU S 77 32.37 -13.54 -85.26
C LEU S 77 33.20 -13.22 -84.02
N ALA S 78 34.51 -13.05 -84.19
CA ALA S 78 35.39 -12.92 -83.04
C ALA S 78 35.11 -11.68 -82.21
N ALA S 79 34.34 -10.73 -82.74
CA ALA S 79 34.05 -9.50 -82.01
C ALA S 79 33.22 -9.75 -80.76
N MET S 80 32.26 -10.69 -80.82
CA MET S 80 31.31 -10.85 -79.73
C MET S 80 31.94 -11.35 -78.44
N SER S 81 33.18 -11.82 -78.48
CA SER S 81 33.95 -12.09 -77.28
C SER S 81 35.01 -11.03 -77.02
N LYS S 82 35.18 -10.07 -77.94
CA LYS S 82 36.15 -8.99 -77.79
C LYS S 82 35.51 -7.63 -77.55
N VAL S 83 34.35 -7.38 -78.16
CA VAL S 83 33.61 -6.17 -77.82
C VAL S 83 33.28 -6.19 -76.34
N PRO S 84 33.56 -5.13 -75.58
CA PRO S 84 33.27 -5.17 -74.14
C PRO S 84 31.79 -5.45 -73.91
N VAL S 85 31.52 -6.32 -72.93
CA VAL S 85 30.18 -6.86 -72.77
C VAL S 85 29.19 -5.75 -72.46
N LEU S 86 29.66 -4.65 -71.89
CA LEU S 86 28.80 -3.50 -71.65
C LEU S 86 28.28 -2.93 -72.96
N GLY S 87 29.05 -3.05 -74.03
CA GLY S 87 28.59 -2.58 -75.33
C GLY S 87 27.42 -3.38 -75.85
N TRP S 88 27.48 -4.71 -75.72
CA TRP S 88 26.42 -5.56 -76.26
C TRP S 88 25.10 -5.33 -75.54
N ALA S 89 25.14 -5.19 -74.21
CA ALA S 89 23.91 -4.95 -73.47
C ALA S 89 23.29 -3.61 -73.84
N GLN S 90 24.12 -2.64 -74.22
CA GLN S 90 23.61 -1.34 -74.65
C GLN S 90 23.07 -1.39 -76.07
N VAL S 91 23.60 -2.27 -76.92
CA VAL S 91 22.99 -2.51 -78.22
C VAL S 91 21.58 -3.07 -78.04
N ALA S 92 21.42 -4.00 -77.09
CA ALA S 92 20.10 -4.51 -76.76
C ALA S 92 19.18 -3.39 -76.28
N ALA S 93 19.73 -2.39 -75.60
CA ALA S 93 18.92 -1.27 -75.15
C ALA S 93 18.48 -0.39 -76.32
N TYR S 94 19.42 -0.04 -77.20
CA TYR S 94 19.07 0.78 -78.35
C TYR S 94 18.10 0.07 -79.28
N GLY S 95 18.18 -1.26 -79.34
CA GLY S 95 17.16 -2.01 -80.04
C GLY S 95 15.82 -1.90 -79.35
N ALA S 96 15.82 -2.03 -78.02
CA ALA S 96 14.57 -2.04 -77.26
C ALA S 96 13.82 -0.73 -77.37
N VAL S 97 14.54 0.40 -77.27
CA VAL S 97 13.87 1.69 -77.34
C VAL S 97 13.20 1.87 -78.70
N CYS S 98 13.82 1.36 -79.76
CA CYS S 98 13.20 1.37 -81.08
C CYS S 98 12.17 0.25 -81.24
N GLU S 99 12.28 -0.83 -80.47
CA GLU S 99 11.19 -1.79 -80.42
C GLU S 99 9.95 -1.20 -79.76
N LEU S 100 10.12 -0.15 -78.97
CA LEU S 100 9.02 0.55 -78.32
C LEU S 100 8.90 1.99 -78.80
N SER S 101 9.60 2.35 -79.87
CA SER S 101 9.39 3.59 -80.60
C SER S 101 8.87 3.36 -82.01
N GLN S 102 9.11 2.19 -82.58
CA GLN S 102 8.52 1.79 -83.86
C GLN S 102 7.22 1.04 -83.61
N ASP S 103 6.20 1.79 -83.20
CA ASP S 103 4.91 1.20 -82.91
C ASP S 103 4.25 0.68 -84.19
N GLN S 104 3.45 -0.37 -84.03
CA GLN S 104 2.79 -1.02 -85.16
C GLN S 104 1.41 -0.41 -85.35
N SER S 105 1.14 0.10 -86.55
CA SER S 105 -0.16 0.70 -86.83
C SER S 105 -1.24 -0.34 -87.14
N PRO S 106 -1.03 -1.27 -88.10
CA PRO S 106 -2.13 -2.17 -88.46
C PRO S 106 -1.86 -3.63 -88.13
N GLY S 107 -1.79 -4.46 -89.16
CA GLY S 107 -1.58 -5.89 -88.98
C GLY S 107 -0.14 -6.33 -89.13
N THR S 108 0.54 -5.81 -90.14
CA THR S 108 1.91 -6.18 -90.47
C THR S 108 2.80 -4.93 -90.44
N PRO S 109 4.14 -5.11 -90.24
CA PRO S 109 5.04 -3.98 -89.94
C PRO S 109 4.80 -2.71 -90.74
N GLY S 110 4.86 -1.57 -90.07
CA GLY S 110 4.58 -0.31 -90.74
C GLY S 110 4.92 0.89 -89.88
N ALA S 111 4.47 2.06 -90.36
CA ALA S 111 4.59 3.35 -89.67
C ALA S 111 6.04 3.86 -89.57
N ALA S 112 6.78 3.79 -90.69
CA ALA S 112 8.06 4.48 -90.75
C ALA S 112 8.38 5.12 -92.10
N GLY S 113 7.47 5.09 -93.08
CA GLY S 113 7.85 5.56 -94.40
C GLY S 113 8.77 4.56 -95.08
N ASP S 114 9.36 4.98 -96.21
CA ASP S 114 10.20 4.08 -96.99
C ASP S 114 11.27 3.42 -96.10
N PHE S 115 12.19 4.22 -95.57
CA PHE S 115 12.98 3.79 -94.42
C PHE S 115 13.20 4.98 -93.50
N GLY S 116 12.24 5.90 -93.46
CA GLY S 116 12.44 7.20 -92.86
C GLY S 116 12.29 7.28 -91.35
N PHE S 117 13.30 6.82 -90.62
CA PHE S 117 13.32 6.99 -89.17
C PHE S 117 14.71 7.40 -88.71
N LYS S 123 8.34 12.64 -89.81
CA LYS S 123 7.34 11.64 -90.17
C LYS S 123 7.16 11.56 -91.68
N VAL S 124 7.66 10.47 -92.28
CA VAL S 124 7.55 10.26 -93.72
C VAL S 124 6.21 9.59 -94.01
N ILE S 125 5.75 9.74 -95.25
CA ILE S 125 4.45 9.19 -95.67
C ILE S 125 4.67 8.03 -96.63
N THR S 126 3.57 7.39 -97.03
CA THR S 126 3.64 6.16 -97.81
C THR S 126 4.08 6.46 -99.25
N SER S 127 4.11 5.40 -100.06
CA SER S 127 4.43 5.51 -101.47
C SER S 127 3.21 5.82 -102.33
N GLU S 128 2.03 5.91 -101.72
CA GLU S 128 0.79 6.31 -102.40
C GLU S 128 0.45 5.38 -103.55
N ASP S 129 1.02 5.64 -104.73
CA ASP S 129 0.78 4.79 -105.90
C ASP S 129 1.00 3.33 -105.54
N GLU S 130 -0.08 2.55 -105.65
CA GLU S 130 -0.05 1.17 -105.15
C GLU S 130 0.98 0.33 -105.90
N GLU S 131 1.14 0.57 -107.20
CA GLU S 131 2.12 -0.19 -107.97
C GLU S 131 3.52 -0.07 -107.37
N THR S 132 3.88 1.13 -106.91
CA THR S 132 5.12 1.31 -106.18
C THR S 132 5.01 0.79 -104.75
N LEU S 133 3.82 0.86 -104.15
CA LEU S 133 3.63 0.35 -102.79
C LEU S 133 3.92 -1.14 -102.73
N LYS S 134 3.42 -1.91 -103.71
CA LYS S 134 3.69 -3.34 -103.75
C LYS S 134 5.11 -3.62 -104.22
N ARG S 135 5.58 -2.89 -105.24
CA ARG S 135 6.90 -3.16 -105.79
C ARG S 135 7.99 -2.94 -104.75
N LYS S 136 7.90 -1.84 -104.01
CA LYS S 136 8.88 -1.58 -102.96
C LYS S 136 8.75 -2.59 -101.83
N LEU S 137 7.52 -2.95 -101.46
CA LEU S 137 7.31 -3.92 -100.39
C LEU S 137 7.89 -5.27 -100.77
N ASN S 138 7.65 -5.71 -102.01
CA ASN S 138 8.26 -6.95 -102.48
C ASN S 138 9.78 -6.83 -102.55
N SER S 139 10.27 -5.64 -102.93
CA SER S 139 11.72 -5.43 -102.97
C SER S 139 12.32 -5.56 -101.58
N GLU S 140 11.63 -5.04 -100.56
CA GLU S 140 12.12 -5.18 -99.20
C GLU S 140 12.17 -6.64 -98.78
N LEU S 141 11.13 -7.40 -99.12
CA LEU S 141 11.10 -8.82 -98.74
C LEU S 141 12.21 -9.59 -99.43
N ALA S 142 12.35 -9.40 -100.75
CA ALA S 142 13.37 -10.14 -101.49
C ALA S 142 14.77 -9.76 -101.02
N ASN S 143 15.01 -8.47 -100.80
CA ASN S 143 16.30 -8.04 -100.27
C ASN S 143 16.53 -8.60 -98.87
N GLY S 144 15.50 -8.57 -98.02
CA GLY S 144 15.66 -9.07 -96.67
C GLY S 144 15.98 -10.55 -96.62
N ARG S 145 15.28 -11.35 -97.43
CA ARG S 145 15.53 -12.78 -97.46
C ARG S 145 16.94 -13.08 -97.96
N LEU S 146 17.39 -12.37 -99.00
CA LEU S 146 18.74 -12.57 -99.51
C LEU S 146 19.79 -12.25 -98.45
N ALA S 147 19.60 -11.14 -97.74
CA ALA S 147 20.53 -10.78 -96.68
C ALA S 147 20.50 -11.80 -95.55
N MET S 148 19.33 -12.36 -95.26
CA MET S 148 19.24 -13.42 -94.28
C MET S 148 20.11 -14.61 -94.68
N MET S 149 20.01 -15.02 -95.95
CA MET S 149 20.87 -16.10 -96.44
C MET S 149 22.33 -15.67 -96.53
N ALA S 150 22.56 -14.37 -96.73
CA ALA S 150 23.94 -13.90 -96.86
C ALA S 150 24.65 -13.86 -95.52
N ILE S 151 23.99 -13.38 -94.48
CA ILE S 151 24.68 -13.16 -93.20
C ILE S 151 25.06 -14.48 -92.55
N ILE S 152 24.19 -15.49 -92.66
CA ILE S 152 24.56 -16.83 -92.19
C ILE S 152 25.69 -17.39 -93.04
N GLY S 153 25.69 -17.09 -94.34
CA GLY S 153 26.82 -17.46 -95.17
C GLY S 153 28.10 -16.77 -94.76
N LEU S 154 28.00 -15.50 -94.37
CA LEU S 154 29.17 -14.79 -93.86
C LEU S 154 29.59 -15.32 -92.49
N PHE S 155 28.63 -15.76 -91.67
CA PHE S 155 28.98 -16.44 -90.43
C PHE S 155 29.74 -17.72 -90.72
N PHE S 156 29.23 -18.54 -91.65
CA PHE S 156 29.90 -19.78 -92.01
C PHE S 156 31.25 -19.52 -92.66
N GLN S 157 31.33 -18.52 -93.54
CA GLN S 157 32.61 -18.19 -94.16
C GLN S 157 33.62 -17.71 -93.13
N ASP S 158 33.15 -16.96 -92.14
CA ASP S 158 34.03 -16.52 -91.06
C ASP S 158 34.59 -17.71 -90.29
N GLY S 159 33.73 -18.68 -89.97
CA GLY S 159 34.21 -19.86 -89.28
C GLY S 159 35.14 -20.72 -90.13
N LEU S 160 34.83 -20.84 -91.43
CA LEU S 160 35.62 -21.72 -92.29
C LEU S 160 37.03 -21.20 -92.50
N THR S 161 37.18 -19.90 -92.68
CA THR S 161 38.44 -19.32 -93.16
C THR S 161 38.94 -18.23 -92.21
N GLY S 162 38.99 -18.53 -90.91
CA GLY S 162 39.61 -17.63 -89.97
C GLY S 162 38.87 -16.32 -89.80
N GLY S 163 39.41 -15.25 -90.37
CA GLY S 163 38.73 -13.97 -90.37
C GLY S 163 37.49 -13.99 -91.26
N ALA S 164 36.83 -12.83 -91.29
CA ALA S 164 35.57 -12.73 -92.03
C ALA S 164 35.73 -12.96 -93.53
N TYR S 165 36.95 -12.82 -94.05
CA TYR S 165 37.20 -13.06 -95.47
C TYR S 165 38.58 -13.68 -95.68
N PHE T 1 -11.88 68.18 27.98
CA PHE T 1 -11.84 67.52 29.29
C PHE T 1 -11.43 68.48 30.38
N GLU T 2 -11.54 69.78 30.12
CA GLU T 2 -11.28 70.79 31.13
C GLU T 2 -12.23 70.61 32.30
N GLY T 3 -11.69 70.63 33.52
CA GLY T 3 -12.42 70.28 34.71
C GLY T 3 -12.09 68.90 35.24
N GLU T 4 -11.46 68.04 34.43
CA GLU T 4 -10.95 66.78 34.92
C GLU T 4 -9.76 67.03 35.84
N LEU T 5 -9.59 66.16 36.82
CA LEU T 5 -8.55 66.34 37.81
C LEU T 5 -7.14 66.27 37.29
N GLY T 6 -6.63 67.33 36.68
CA GLY T 6 -5.29 67.29 36.10
C GLY T 6 -5.07 68.61 35.43
N VAL T 7 -6.08 69.45 35.43
CA VAL T 7 -5.97 70.78 34.85
C VAL T 7 -5.42 71.73 35.89
N THR T 8 -4.38 72.48 35.53
CA THR T 8 -3.71 73.37 36.46
C THR T 8 -3.53 74.75 35.84
N PRO T 9 -3.44 75.79 36.68
CA PRO T 9 -3.32 77.17 36.17
C PRO T 9 -2.14 77.39 35.24
N PRO T 10 -0.96 76.76 35.48
CA PRO T 10 0.18 77.03 34.59
C PRO T 10 -0.10 76.78 33.11
N MET T 11 -0.91 75.77 32.79
CA MET T 11 -1.23 75.47 31.40
C MET T 11 -2.72 75.42 31.13
N GLY T 12 -3.57 75.51 32.16
CA GLY T 12 -4.98 75.28 31.96
C GLY T 12 -5.22 73.85 31.53
N TYR T 13 -5.83 73.68 30.37
CA TYR T 13 -6.01 72.37 29.74
C TYR T 13 -4.95 72.29 28.63
N PHE T 14 -3.86 71.58 28.91
CA PHE T 14 -2.65 71.68 28.09
C PHE T 14 -2.87 71.24 26.65
N ASP T 15 -3.04 69.92 26.46
CA ASP T 15 -3.30 69.25 25.17
C ASP T 15 -2.68 69.98 23.98
N PRO T 16 -1.37 70.23 23.94
CA PRO T 16 -0.81 70.97 22.81
C PRO T 16 -0.93 70.23 21.48
N LEU T 17 -0.51 68.97 21.44
CA LEU T 17 -0.58 68.18 20.23
C LEU T 17 -1.98 67.66 19.94
N GLY T 18 -2.95 67.91 20.81
CA GLY T 18 -4.32 67.52 20.57
C GLY T 18 -4.53 66.02 20.51
N LEU T 19 -4.05 65.31 21.53
CA LEU T 19 -4.17 63.85 21.59
C LEU T 19 -5.51 63.39 22.15
N SER T 20 -6.37 64.31 22.59
CA SER T 20 -7.67 63.94 23.13
C SER T 20 -8.76 64.90 22.66
N SER T 21 -8.65 65.42 21.44
CA SER T 21 -9.65 66.35 20.93
C SER T 21 -11.03 65.72 20.91
N ASP T 22 -11.14 64.53 20.33
CA ASP T 22 -12.38 63.78 20.40
C ASP T 22 -12.59 63.27 21.83
N GLY T 23 -13.85 62.98 22.16
CA GLY T 23 -14.20 62.54 23.50
C GLY T 23 -13.39 61.36 23.98
N ASP T 24 -13.60 60.21 23.36
CA ASP T 24 -12.91 58.95 23.67
C ASP T 24 -12.70 58.79 25.18
N LYS T 25 -13.81 58.81 25.92
CA LYS T 25 -13.74 58.75 27.36
C LYS T 25 -12.99 57.52 27.84
N LYS T 26 -13.05 56.42 27.08
CA LYS T 26 -12.23 55.26 27.40
C LYS T 26 -10.75 55.58 27.26
N THR T 27 -10.36 56.29 26.20
CA THR T 27 -8.97 56.65 26.02
C THR T 27 -8.46 57.52 27.16
N PHE T 28 -9.25 58.49 27.59
CA PHE T 28 -8.84 59.35 28.69
C PHE T 28 -8.67 58.55 29.98
N ILE T 29 -9.59 57.62 30.25
CA ILE T 29 -9.50 56.82 31.47
C ILE T 29 -8.22 55.99 31.47
N ARG T 30 -7.89 55.37 30.33
CA ARG T 30 -6.66 54.59 30.24
C ARG T 30 -5.43 55.47 30.38
N ARG T 31 -5.41 56.62 29.71
CA ARG T 31 -4.24 57.48 29.77
C ARG T 31 -4.09 58.13 31.14
N ARG T 32 -5.21 58.44 31.81
CA ARG T 32 -5.11 58.98 33.16
C ARG T 32 -4.57 57.94 34.13
N LYS T 33 -5.03 56.71 34.04
CA LYS T 33 -4.50 55.65 34.89
C LYS T 33 -3.00 55.48 34.66
N SER T 34 -2.57 55.56 33.40
CA SER T 34 -1.15 55.52 33.11
C SER T 34 -0.43 56.73 33.70
N GLU T 35 -1.03 57.92 33.59
CA GLU T 35 -0.39 59.13 34.10
C GLU T 35 -0.19 59.06 35.60
N LEU T 36 -1.21 58.61 36.33
CA LEU T 36 -1.09 58.46 37.77
C LEU T 36 -0.08 57.38 38.13
N LYS T 37 -0.19 56.20 37.51
CA LYS T 37 0.67 55.08 37.86
C LYS T 37 2.13 55.36 37.48
N ASN T 38 2.34 55.96 36.30
CA ASN T 38 3.71 56.34 35.93
C ASN T 38 4.25 57.42 36.85
N GLY T 39 3.39 58.34 37.30
CA GLY T 39 3.84 59.33 38.25
C GLY T 39 4.24 58.73 39.58
N ARG T 40 3.42 57.80 40.10
CA ARG T 40 3.72 57.15 41.37
C ARG T 40 5.00 56.33 41.29
N VAL T 41 5.20 55.61 40.18
CA VAL T 41 6.44 54.89 39.98
C VAL T 41 7.61 55.86 39.88
N ALA T 42 7.43 56.94 39.12
CA ALA T 42 8.47 57.95 39.00
C ALA T 42 8.76 58.63 40.34
N MET T 43 7.71 58.93 41.11
CA MET T 43 7.90 59.56 42.41
C MET T 43 8.70 58.63 43.34
N TRP T 44 8.34 57.36 43.37
CA TRP T 44 9.10 56.40 44.17
C TRP T 44 10.49 56.20 43.58
N ALA T 45 10.61 56.30 42.25
CA ALA T 45 11.91 56.16 41.62
C ALA T 45 12.80 57.36 41.91
N CYS T 46 12.22 58.57 41.87
CA CYS T 46 13.01 59.77 42.11
C CYS T 46 13.59 59.78 43.51
N MET T 47 12.81 59.38 44.50
CA MET T 47 13.37 59.20 45.84
C MET T 47 14.35 58.04 45.87
N GLY T 48 14.23 57.11 44.93
CA GLY T 48 15.13 55.96 44.93
C GLY T 48 16.53 56.31 44.45
N TRP T 49 16.69 57.46 43.81
CA TRP T 49 18.02 57.89 43.38
C TRP T 49 18.65 58.83 44.40
N ILE T 50 17.84 59.68 45.02
CA ILE T 50 18.37 60.69 45.94
C ILE T 50 18.89 60.05 47.22
N VAL T 51 18.10 59.18 47.84
CA VAL T 51 18.39 58.66 49.17
C VAL T 51 19.68 57.85 49.21
N PRO T 52 19.93 56.92 48.28
CA PRO T 52 21.20 56.18 48.33
C PRO T 52 22.43 57.07 48.22
N GLU T 53 22.28 58.26 47.62
CA GLU T 53 23.40 59.20 47.57
C GLU T 53 23.70 59.83 48.93
N TRP T 54 22.80 59.68 49.91
CA TRP T 54 23.03 60.14 51.27
C TRP T 54 23.14 59.00 52.26
N TYR T 55 22.17 58.09 52.25
CA TYR T 55 22.09 57.03 53.25
C TYR T 55 21.97 55.67 52.57
N ARG T 56 22.56 54.65 53.20
CA ARG T 56 22.48 53.28 52.75
C ARG T 56 21.98 52.40 53.89
N PHE T 57 21.14 51.43 53.57
CA PHE T 57 20.55 50.56 54.58
C PHE T 57 21.65 49.73 55.26
N PRO T 58 21.48 49.39 56.54
CA PRO T 58 22.60 48.83 57.32
C PRO T 58 23.05 47.43 56.89
N GLY T 59 22.11 46.50 56.77
CA GLY T 59 22.44 45.10 56.66
C GLY T 59 23.02 44.64 55.34
N GLU T 60 22.75 43.39 54.97
CA GLU T 60 23.24 42.80 53.74
C GLU T 60 22.07 42.48 52.82
N LEU T 61 22.22 42.83 51.53
CA LEU T 61 21.18 42.50 50.57
C LEU T 61 21.06 40.98 50.39
N SER T 62 22.18 40.32 50.14
CA SER T 62 22.23 38.86 50.02
C SER T 62 23.30 38.35 50.95
N PRO T 63 22.94 38.04 52.19
CA PRO T 63 23.95 37.63 53.18
C PRO T 63 24.81 36.46 52.74
N SER T 64 24.25 35.48 52.03
CA SER T 64 25.09 34.45 51.43
C SER T 64 25.63 34.86 50.07
N SER T 65 26.11 36.10 49.96
CA SER T 65 26.95 36.51 48.85
C SER T 65 28.00 37.53 49.27
N GLY T 66 28.10 37.89 50.55
CA GLY T 66 28.96 38.98 50.96
C GLY T 66 28.36 40.34 50.67
N LEU T 67 27.38 40.38 49.78
CA LEU T 67 26.82 41.63 49.29
C LEU T 67 26.04 42.36 50.38
N LYS T 68 26.46 43.59 50.66
CA LYS T 68 25.79 44.48 51.60
C LYS T 68 25.29 45.71 50.85
N PHE T 69 24.24 46.34 51.39
CA PHE T 69 23.58 47.47 50.75
C PHE T 69 24.56 48.55 50.33
N SER T 70 25.65 48.71 51.08
CA SER T 70 26.60 49.79 50.82
C SER T 70 27.27 49.62 49.45
N GLU T 71 27.76 48.41 49.16
CA GLU T 71 28.58 48.23 47.96
C GLU T 71 27.77 48.09 46.68
N ILE T 72 26.45 48.02 46.76
CA ILE T 72 25.67 48.02 45.51
C ILE T 72 25.78 49.39 44.86
N PRO T 73 26.17 49.47 43.59
CA PRO T 73 26.22 50.77 42.92
C PRO T 73 24.82 51.36 42.76
N ASN T 74 24.76 52.68 42.74
CA ASN T 74 23.50 53.39 42.58
C ASN T 74 23.26 53.68 41.10
N GLY T 75 21.99 53.78 40.74
CA GLY T 75 21.63 54.06 39.37
C GLY T 75 21.46 52.81 38.54
N MET T 76 21.47 53.00 37.21
CA MET T 76 21.28 51.88 36.30
C MET T 76 22.58 51.10 36.12
N ALA T 77 23.20 50.74 37.24
CA ALA T 77 24.26 49.75 37.29
C ALA T 77 24.02 48.71 38.36
N ALA T 78 23.08 48.95 39.28
CA ALA T 78 22.68 47.94 40.24
C ALA T 78 21.96 46.79 39.57
N LEU T 79 21.39 47.02 38.40
CA LEU T 79 20.69 45.96 37.68
C LEU T 79 21.62 44.80 37.35
N LYS T 80 22.89 45.10 37.04
CA LYS T 80 23.87 44.08 36.72
C LYS T 80 24.84 43.81 37.87
N ALA T 81 24.60 44.40 39.04
CA ALA T 81 25.40 44.13 40.23
C ALA T 81 24.60 43.56 41.40
N LEU T 82 23.30 43.82 41.47
CA LEU T 82 22.40 43.15 42.41
C LEU T 82 22.00 41.80 41.83
N PRO T 83 22.10 40.72 42.62
CA PRO T 83 21.89 39.38 42.05
C PRO T 83 20.51 39.23 41.43
N THR T 84 20.45 38.44 40.36
CA THR T 84 19.22 38.32 39.58
C THR T 84 18.06 37.81 40.43
N GLU T 85 18.34 36.98 41.43
CA GLU T 85 17.28 36.52 42.33
C GLU T 85 16.69 37.70 43.11
N ALA T 86 17.53 38.67 43.46
CA ALA T 86 17.03 39.86 44.16
C ALA T 86 16.05 40.62 43.29
N TRP T 87 16.44 40.93 42.06
CA TRP T 87 15.58 41.71 41.17
C TRP T 87 14.33 40.92 40.78
N ALA T 88 14.44 39.60 40.65
CA ALA T 88 13.26 38.80 40.31
C ALA T 88 12.22 38.84 41.42
N GLN T 89 12.65 38.96 42.68
CA GLN T 89 11.71 39.00 43.79
C GLN T 89 11.00 40.35 43.89
N MET T 90 11.67 41.44 43.50
CA MET T 90 10.95 42.71 43.36
C MET T 90 9.90 42.61 42.26
N GLY T 91 10.24 41.98 41.15
CA GLY T 91 9.26 41.79 40.09
C GLY T 91 8.08 40.94 40.53
N ALA T 92 8.35 39.90 41.31
CA ALA T 92 7.26 39.09 41.86
C ALA T 92 6.40 39.91 42.82
N PHE T 93 7.02 40.75 43.64
CA PHE T 93 6.24 41.57 44.58
C PHE T 93 5.40 42.61 43.85
N VAL T 94 6.00 43.31 42.89
CA VAL T 94 5.22 44.27 42.11
C VAL T 94 4.12 43.56 41.34
N ALA T 95 4.35 42.29 40.96
CA ALA T 95 3.29 41.50 40.35
C ALA T 95 2.13 41.30 41.32
N LEU T 96 2.43 41.05 42.59
CA LEU T 96 1.39 40.93 43.59
C LEU T 96 0.58 42.22 43.70
N LEU T 97 1.27 43.36 43.74
CA LEU T 97 0.57 44.63 43.86
C LEU T 97 -0.32 44.88 42.65
N GLU T 98 0.21 44.64 41.45
CA GLU T 98 -0.55 44.94 40.24
C GLU T 98 -1.74 44.00 40.06
N LEU T 99 -1.64 42.78 40.58
CA LEU T 99 -2.71 41.80 40.44
C LEU T 99 -3.61 41.71 41.66
N GLY T 100 -3.09 41.97 42.85
CA GLY T 100 -3.84 41.82 44.07
C GLY T 100 -4.35 43.15 44.60
N PRO T 101 -3.65 43.70 45.60
CA PRO T 101 -4.15 44.92 46.26
C PRO T 101 -4.31 46.11 45.32
N LEU T 102 -3.25 46.49 44.60
CA LEU T 102 -3.29 47.67 43.74
C LEU T 102 -3.84 47.29 42.36
N TRP T 103 -5.04 46.72 42.38
CA TRP T 103 -5.76 46.33 41.17
C TRP T 103 -6.83 47.39 40.92
N GLN T 104 -6.67 48.16 39.84
CA GLN T 104 -7.63 49.20 39.53
C GLN T 104 -8.98 48.61 39.16
N ASP T 105 -9.95 48.73 40.04
CA ASP T 105 -11.31 48.33 39.72
C ASP T 105 -11.88 49.27 38.66
N GLU T 106 -12.63 48.69 37.72
CA GLU T 106 -13.18 49.48 36.62
C GLU T 106 -14.12 50.56 37.13
N SER T 107 -14.99 50.23 38.09
CA SER T 107 -15.96 51.19 38.57
C SER T 107 -15.35 52.26 39.47
N ARG T 108 -14.13 52.04 39.96
CA ARG T 108 -13.51 52.96 40.91
C ARG T 108 -12.92 54.17 40.19
N ALA T 109 -12.32 55.06 40.96
CA ALA T 109 -11.66 56.23 40.42
C ALA T 109 -10.41 55.81 39.64
N PRO T 110 -9.90 56.68 38.75
CA PRO T 110 -8.73 56.33 37.93
C PRO T 110 -7.59 55.68 38.71
N GLY T 111 -7.09 56.36 39.75
CA GLY T 111 -6.00 55.83 40.54
C GLY T 111 -6.39 55.14 41.82
N ASP T 112 -7.68 54.95 42.07
CA ASP T 112 -8.14 54.38 43.33
C ASP T 112 -7.80 52.90 43.42
N PHE T 113 -7.22 52.48 44.55
CA PHE T 113 -6.97 51.09 44.85
C PHE T 113 -7.75 50.71 46.11
N LYS T 114 -8.28 49.49 46.13
CA LYS T 114 -9.21 49.06 47.15
C LYS T 114 -8.52 48.61 48.45
N THR T 115 -7.23 48.93 48.62
CA THR T 115 -6.53 48.55 49.84
C THR T 115 -5.57 49.61 50.37
N CYS T 116 -5.54 50.82 49.81
CA CYS T 116 -4.58 51.83 50.21
C CYS T 116 -5.29 53.12 50.61
N ALA T 117 -4.62 53.90 51.47
CA ALA T 117 -5.22 55.04 52.14
C ALA T 117 -4.98 56.33 51.35
N LYS T 118 -5.20 57.46 52.01
CA LYS T 118 -5.13 58.78 51.37
C LYS T 118 -3.88 59.32 50.70
N TYR T 119 -2.73 58.75 50.98
CA TYR T 119 -1.54 59.21 50.28
C TYR T 119 -0.86 57.97 49.86
N GLY T 120 -1.50 56.85 50.14
CA GLY T 120 -0.94 55.58 49.77
C GLY T 120 -0.69 54.75 50.98
N PHE T 121 -0.89 55.32 52.16
CA PHE T 121 -0.63 54.61 53.39
C PHE T 121 -1.22 53.17 53.37
N PRO T 122 -0.38 52.10 53.53
CA PRO T 122 -1.05 50.81 53.50
C PRO T 122 -2.01 50.62 54.67
N MET T 123 -3.19 50.10 54.36
CA MET T 123 -4.29 49.97 55.33
C MET T 123 -4.63 51.32 55.96
N GLY T 131 -7.25 51.06 54.18
CA GLY T 131 -7.31 52.16 53.24
C GLY T 131 -8.62 52.92 53.32
N SER T 132 -9.03 53.50 52.20
CA SER T 132 -10.30 54.24 52.14
C SER T 132 -10.72 54.37 50.68
N ASP T 133 -12.03 54.41 50.48
CA ASP T 133 -12.57 54.73 49.17
C ASP T 133 -12.37 56.21 48.86
N SER T 134 -12.10 56.52 47.60
CA SER T 134 -11.73 57.87 47.22
C SER T 134 -12.91 58.83 47.32
N ASP T 135 -12.60 60.09 47.61
CA ASP T 135 -13.56 61.19 47.63
C ASP T 135 -12.98 62.29 46.77
N PRO T 136 -13.09 62.19 45.44
CA PRO T 136 -12.37 63.13 44.56
C PRO T 136 -12.75 64.59 44.77
N VAL T 137 -14.02 64.89 45.01
CA VAL T 137 -14.46 66.29 45.08
C VAL T 137 -13.81 66.98 46.28
N LYS T 138 -13.86 66.34 47.44
CA LYS T 138 -13.22 66.92 48.63
C LYS T 138 -11.70 66.96 48.47
N ASN T 139 -11.12 65.90 47.92
CA ASN T 139 -9.67 65.76 47.78
C ASN T 139 -9.15 66.27 46.45
N GLN T 140 -9.89 67.17 45.79
CA GLN T 140 -9.46 67.68 44.48
C GLN T 140 -8.10 68.36 44.56
N TYR T 141 -7.75 68.91 45.72
CA TYR T 141 -6.46 69.56 45.88
C TYR T 141 -5.32 68.56 45.84
N SER T 142 -5.41 67.50 46.65
CA SER T 142 -4.32 66.53 46.73
C SER T 142 -4.26 65.64 45.49
N LEU T 143 -5.41 65.31 44.90
CA LEU T 143 -5.41 64.55 43.65
C LEU T 143 -4.66 65.31 42.57
N ASN T 144 -4.91 66.62 42.45
CA ASN T 144 -4.12 67.44 41.54
C ASN T 144 -2.66 67.49 41.97
N SER T 145 -2.42 67.60 43.28
CA SER T 145 -1.05 67.65 43.79
C SER T 145 -0.28 66.39 43.43
N GLU T 146 -0.94 65.22 43.55
CA GLU T 146 -0.28 63.97 43.19
C GLU T 146 0.09 63.94 41.71
N ILE T 147 -0.82 64.38 40.84
CA ILE T 147 -0.56 64.33 39.41
C ILE T 147 0.60 65.25 39.05
N ASN T 148 0.58 66.48 39.55
CA ASN T 148 1.66 67.43 39.25
C ASN T 148 2.99 66.94 39.80
N ASN T 149 2.99 66.41 41.02
CA ASN T 149 4.21 65.82 41.57
C ASN T 149 4.66 64.62 40.75
N GLY T 150 3.71 63.77 40.36
CA GLY T 150 4.04 62.68 39.45
C GLY T 150 4.53 63.20 38.11
N ARG T 151 3.88 64.24 37.58
CA ARG T 151 4.33 64.85 36.35
C ARG T 151 5.76 65.40 36.48
N LEU T 152 6.03 66.07 37.60
CA LEU T 152 7.38 66.56 37.86
C LEU T 152 8.37 65.41 37.99
N ALA T 153 7.96 64.35 38.71
CA ALA T 153 8.86 63.23 38.93
C ALA T 153 9.21 62.53 37.63
N MET T 154 8.24 62.39 36.73
CA MET T 154 8.48 61.71 35.46
C MET T 154 9.52 62.44 34.63
N MET T 155 9.49 63.77 34.64
CA MET T 155 10.54 64.54 33.99
C MET T 155 11.88 64.32 34.67
N ALA T 156 11.88 64.27 36.00
CA ALA T 156 13.13 64.15 36.75
C ALA T 156 13.76 62.78 36.59
N ILE T 157 12.97 61.72 36.75
CA ILE T 157 13.53 60.36 36.70
C ILE T 157 14.04 60.07 35.29
N THR T 158 13.36 60.59 34.26
CA THR T 158 13.89 60.49 32.91
C THR T 158 15.21 61.24 32.80
N GLY T 159 15.35 62.34 33.55
CA GLY T 159 16.61 63.03 33.62
C GLY T 159 17.69 62.21 34.30
N MET T 160 17.43 61.79 35.54
CA MET T 160 18.45 61.12 36.35
C MET T 160 19.00 59.89 35.63
N VAL T 161 18.11 59.08 35.04
CA VAL T 161 18.56 57.91 34.27
C VAL T 161 19.41 58.37 33.09
N PHE T 162 18.97 59.43 32.40
CA PHE T 162 19.75 59.97 31.30
C PHE T 162 21.09 60.51 31.78
N GLN T 163 21.11 61.16 32.95
CA GLN T 163 22.38 61.65 33.51
C GLN T 163 23.33 60.50 33.77
N ASN T 164 22.81 59.40 34.34
CA ASN T 164 23.65 58.23 34.59
C ASN T 164 24.12 57.60 33.29
N GLY T 165 23.27 57.63 32.25
CA GLY T 165 23.65 57.02 30.99
C GLY T 165 24.83 57.69 30.32
N ILE T 166 24.99 59.00 30.53
CA ILE T 166 26.05 59.75 29.87
C ILE T 166 27.25 59.90 30.80
N THR T 167 27.02 60.47 31.99
CA THR T 167 28.13 60.67 32.93
C THR T 167 28.72 59.35 33.38
N GLY T 168 27.87 58.36 33.63
CA GLY T 168 28.35 57.04 34.00
C GLY T 168 28.54 56.81 35.48
N THR T 169 27.79 57.51 36.33
CA THR T 169 27.89 57.35 37.77
C THR T 169 26.59 57.83 38.41
N THR T 170 26.60 57.97 39.73
CA THR T 170 25.50 58.58 40.47
C THR T 170 26.00 59.66 41.43
N GLY T 171 27.26 60.06 41.32
CA GLY T 171 27.84 61.02 42.23
C GLY T 171 27.63 62.45 41.79
N PRO T 172 28.55 63.34 42.20
CA PRO T 172 28.37 64.76 41.91
C PRO T 172 28.30 65.10 40.43
N GLU T 173 29.06 64.39 39.58
CA GLU T 173 29.05 64.70 38.16
C GLU T 173 27.69 64.41 37.53
N MET T 174 27.04 63.33 37.96
CA MET T 174 25.74 62.97 37.40
C MET T 174 24.70 64.06 37.64
N TRP T 175 24.85 64.82 38.73
CA TRP T 175 23.96 65.93 39.05
C TRP T 175 24.83 67.15 39.34
N ALA T 176 25.15 67.91 38.29
CA ALA T 176 26.05 69.06 38.39
C ALA T 176 25.53 70.09 39.39
N PHE U 1 -18.57 56.21 64.76
CA PHE U 1 -18.71 55.83 66.16
C PHE U 1 -17.89 56.76 67.05
N GLU U 2 -18.58 57.45 67.97
CA GLU U 2 -17.92 58.37 68.88
C GLU U 2 -18.43 58.30 70.30
N SER U 3 -19.20 57.27 70.66
CA SER U 3 -19.82 57.24 71.98
C SER U 3 -19.74 55.86 72.65
N GLU U 4 -18.67 55.11 72.41
CA GLU U 4 -18.53 53.78 72.97
C GLU U 4 -17.76 53.84 74.29
N LEU U 5 -17.35 52.68 74.80
CA LEU U 5 -16.71 52.60 76.10
C LEU U 5 -15.28 53.13 76.10
N GLY U 6 -14.71 53.38 74.92
CA GLY U 6 -13.31 53.74 74.86
C GLY U 6 -13.00 55.19 75.20
N VAL U 7 -13.93 56.10 74.94
CA VAL U 7 -13.70 57.52 75.18
C VAL U 7 -13.83 57.76 76.69
N GLN U 8 -12.70 57.85 77.37
CA GLN U 8 -12.72 57.98 78.84
C GLN U 8 -12.93 59.42 79.27
N ALA U 9 -11.94 60.29 78.99
CA ALA U 9 -11.91 61.69 79.42
C ALA U 9 -10.61 62.38 79.02
N PRO U 10 -9.42 61.89 79.41
CA PRO U 10 -8.19 62.63 79.12
C PRO U 10 -7.97 62.86 77.63
N THR U 11 -8.40 61.93 76.78
CA THR U 11 -8.44 62.11 75.35
C THR U 11 -9.83 61.79 74.85
N GLY U 12 -10.29 62.50 73.83
CA GLY U 12 -11.59 62.25 73.26
C GLY U 12 -11.57 61.05 72.33
N PHE U 13 -12.20 61.18 71.16
CA PHE U 13 -12.14 60.11 70.18
C PHE U 13 -10.75 60.10 69.53
N TRP U 14 -9.82 59.40 70.17
CA TRP U 14 -8.41 59.45 69.79
C TRP U 14 -8.18 58.49 68.62
N ASP U 15 -8.35 59.01 67.41
CA ASP U 15 -8.03 58.29 66.18
C ASP U 15 -7.20 59.19 65.28
N PRO U 16 -5.95 59.48 65.66
CA PRO U 16 -5.12 60.37 64.81
C PRO U 16 -4.89 59.85 63.40
N LEU U 17 -4.77 58.54 63.22
CA LEU U 17 -4.44 57.97 61.92
C LEU U 17 -5.66 57.66 61.07
N GLY U 18 -6.85 58.01 61.54
CA GLY U 18 -8.05 57.87 60.74
C GLY U 18 -8.46 56.45 60.41
N PHE U 19 -8.42 55.54 61.39
CA PHE U 19 -9.01 54.23 61.20
C PHE U 19 -10.52 54.24 61.30
N ALA U 20 -11.12 55.36 61.72
CA ALA U 20 -12.56 55.47 61.89
C ALA U 20 -13.26 56.25 60.79
N LYS U 21 -12.51 57.05 60.00
CA LYS U 21 -13.11 57.69 58.84
C LYS U 21 -13.66 56.66 57.87
N ASP U 22 -13.06 55.47 57.84
CA ASP U 22 -13.54 54.35 57.05
C ASP U 22 -13.88 53.14 57.88
N GLY U 23 -13.69 53.20 59.20
CA GLY U 23 -14.01 52.08 60.07
C GLY U 23 -15.49 51.75 60.04
N SER U 24 -15.83 50.60 59.45
CA SER U 24 -17.22 50.19 59.40
C SER U 24 -17.73 49.87 60.80
N MET U 25 -19.06 49.82 60.92
CA MET U 25 -19.67 49.60 62.23
C MET U 25 -19.27 48.25 62.81
N LYS U 26 -19.26 47.21 61.96
CA LYS U 26 -18.77 45.92 62.42
C LYS U 26 -17.26 45.93 62.62
N ALA U 27 -16.54 46.74 61.85
CA ALA U 27 -15.09 46.82 62.00
C ALA U 27 -14.72 47.36 63.38
N PHE U 28 -15.51 48.30 63.90
CA PHE U 28 -15.28 48.79 65.26
C PHE U 28 -15.34 47.64 66.26
N LYS U 29 -16.43 46.85 66.20
CA LYS U 29 -16.57 45.74 67.13
C LYS U 29 -15.49 44.70 66.92
N ARG U 30 -15.14 44.43 65.67
CA ARG U 30 -14.02 43.54 65.38
C ARG U 30 -12.73 44.09 65.99
N ARG U 31 -12.43 45.37 65.75
CA ARG U 31 -11.26 45.98 66.34
C ARG U 31 -11.42 46.15 67.85
N ARG U 32 -12.64 46.41 68.32
CA ARG U 32 -12.87 46.42 69.76
C ARG U 32 -12.63 45.05 70.36
N ALA U 33 -13.10 44.00 69.69
CA ALA U 33 -12.81 42.64 70.14
C ALA U 33 -11.31 42.39 70.15
N SER U 34 -10.59 42.93 69.17
CA SER U 34 -9.14 42.86 69.17
C SER U 34 -8.56 43.64 70.34
N GLU U 35 -9.11 44.82 70.62
CA GLU U 35 -8.60 45.63 71.72
C GLU U 35 -8.87 44.98 73.07
N ILE U 36 -10.08 44.48 73.28
CA ILE U 36 -10.41 43.82 74.54
C ILE U 36 -9.54 42.58 74.75
N LYS U 37 -9.40 41.78 73.69
CA LYS U 37 -8.57 40.58 73.80
C LYS U 37 -7.11 40.94 74.03
N HIS U 38 -6.61 41.97 73.34
CA HIS U 38 -5.24 42.42 73.54
C HIS U 38 -5.04 42.93 74.97
N GLY U 39 -5.98 43.74 75.46
CA GLY U 39 -5.84 44.30 76.79
C GLY U 39 -5.86 43.24 77.87
N ARG U 40 -6.77 42.27 77.76
CA ARG U 40 -6.87 41.21 78.76
C ARG U 40 -5.61 40.35 78.77
N ILE U 41 -5.05 40.07 77.59
CA ILE U 41 -3.78 39.34 77.53
C ILE U 41 -2.67 40.15 78.19
N ALA U 42 -2.63 41.45 77.92
CA ALA U 42 -1.58 42.30 78.48
C ALA U 42 -1.65 42.34 80.01
N MET U 43 -2.86 42.44 80.55
CA MET U 43 -3.01 42.42 82.01
C MET U 43 -2.49 41.10 82.58
N LEU U 44 -2.85 39.99 81.95
CA LEU U 44 -2.31 38.69 82.37
C LEU U 44 -0.81 38.63 82.12
N ALA U 45 -0.34 39.18 81.00
CA ALA U 45 1.10 39.18 80.72
C ALA U 45 1.86 40.01 81.75
N THR U 46 1.36 41.20 82.07
CA THR U 46 2.04 42.06 83.04
C THR U 46 2.12 41.39 84.41
N MET U 47 1.01 40.82 84.84
CA MET U 47 1.01 40.21 86.15
C MET U 47 2.05 39.13 86.06
N GLY U 48 2.05 38.40 84.96
CA GLY U 48 3.01 37.32 84.76
C GLY U 48 4.48 37.65 84.83
N TYR U 49 4.84 38.92 84.93
CA TYR U 49 6.24 39.31 85.07
C TYR U 49 6.48 40.00 86.43
N ILE U 50 5.60 40.90 86.84
CA ILE U 50 5.78 41.62 88.09
C ILE U 50 5.54 40.70 89.28
N THR U 51 4.69 39.68 89.14
CA THR U 51 4.41 38.81 90.27
C THR U 51 5.54 37.81 90.54
N PRO U 52 6.15 37.17 89.54
CA PRO U 52 7.31 36.32 89.85
C PRO U 52 8.54 37.10 90.29
N GLU U 53 8.54 38.42 90.14
CA GLU U 53 9.68 39.21 90.59
C GLU U 53 9.65 39.41 92.11
N ILE U 54 8.54 39.90 92.64
CA ILE U 54 8.42 40.07 94.09
C ILE U 54 8.15 38.73 94.76
N THR U 55 7.05 38.08 94.42
CA THR U 55 6.80 36.73 94.89
C THR U 55 7.74 35.76 94.20
N GLY U 56 8.35 34.88 94.97
CA GLY U 56 9.32 33.96 94.40
C GLY U 56 8.69 33.01 93.39
N LYS U 57 9.56 32.37 92.62
CA LYS U 57 9.09 31.43 91.61
C LYS U 57 8.35 30.28 92.26
N PHE U 58 7.43 29.67 91.50
CA PHE U 58 6.53 28.62 91.97
C PHE U 58 7.26 27.57 92.80
N PRO U 59 6.82 27.31 94.02
CA PRO U 59 7.34 26.15 94.75
C PRO U 59 6.81 24.86 94.14
N GLY U 60 7.64 24.15 93.40
CA GLY U 60 7.18 23.00 92.67
C GLY U 60 8.28 22.48 91.75
N TYR U 61 7.85 21.82 90.67
CA TYR U 61 8.77 21.14 89.77
C TYR U 61 8.49 21.35 88.30
N LEU U 62 7.42 22.08 87.93
CA LEU U 62 7.11 22.45 86.55
C LEU U 62 7.05 21.24 85.62
N SER U 63 8.18 20.58 85.40
CA SER U 63 8.23 19.36 84.63
C SER U 63 8.73 18.24 85.51
N PRO U 64 7.88 17.27 85.88
CA PRO U 64 8.32 16.22 86.82
C PRO U 64 9.42 15.32 86.28
N SER U 65 9.83 15.51 85.02
CA SER U 65 10.86 14.67 84.42
C SER U 65 12.14 15.41 84.05
N THR U 66 12.10 16.75 83.92
CA THR U 66 13.25 17.50 83.44
C THR U 66 13.66 18.61 84.39
N LEU U 67 13.47 18.39 85.70
CA LEU U 67 14.09 19.17 86.78
C LEU U 67 14.02 20.69 86.54
N LEU U 68 12.79 21.20 86.56
CA LEU U 68 12.54 22.63 86.41
C LEU U 68 11.96 23.18 87.71
N LYS U 69 12.83 23.65 88.59
CA LYS U 69 12.40 24.21 89.88
C LYS U 69 11.81 25.61 89.77
N TYR U 70 11.53 26.08 88.54
CA TYR U 70 11.00 27.41 88.25
C TYR U 70 12.05 28.49 88.49
N ASP U 71 13.20 28.10 89.04
CA ASP U 71 14.27 29.04 89.33
C ASP U 71 15.31 29.09 88.22
N ASP U 72 15.51 28.00 87.50
CA ASP U 72 16.36 28.00 86.32
C ASP U 72 15.70 28.71 85.14
N ILE U 73 14.39 28.92 85.19
CA ILE U 73 13.67 29.66 84.15
C ILE U 73 13.61 31.12 84.57
N PRO U 74 14.27 32.03 83.87
CA PRO U 74 14.23 33.44 84.27
C PRO U 74 12.90 34.10 83.95
N ASN U 75 12.57 35.11 84.74
CA ASN U 75 11.37 35.90 84.50
C ASN U 75 11.68 36.93 83.42
N GLY U 76 11.12 36.71 82.23
CA GLY U 76 11.32 37.61 81.11
C GLY U 76 11.55 36.84 79.84
N LEU U 77 11.96 37.56 78.79
CA LEU U 77 12.30 36.93 77.53
C LEU U 77 13.50 36.01 77.72
N GLY U 78 13.53 34.94 76.93
CA GLY U 78 14.45 33.85 77.13
C GLY U 78 13.85 32.69 77.90
N ALA U 79 12.80 32.93 78.68
CA ALA U 79 12.04 31.86 79.29
C ALA U 79 11.28 31.02 78.27
N ILE U 80 11.08 31.57 77.07
CA ILE U 80 10.42 30.81 76.00
C ILE U 80 11.24 29.58 75.64
N SER U 81 12.57 29.69 75.68
CA SER U 81 13.44 28.54 75.43
C SER U 81 13.72 27.72 76.68
N LYS U 82 13.29 28.19 77.84
CA LYS U 82 13.50 27.43 79.09
C LYS U 82 12.28 26.59 79.45
N VAL U 83 11.09 27.16 79.33
CA VAL U 83 9.86 26.39 79.57
C VAL U 83 9.75 25.31 78.51
N PRO U 84 9.33 24.09 78.84
CA PRO U 84 9.26 23.04 77.82
C PRO U 84 8.27 23.39 76.72
N ALA U 85 8.56 22.89 75.53
CA ALA U 85 7.65 23.08 74.40
C ALA U 85 6.27 22.48 74.67
N LEU U 86 6.19 21.47 75.54
CA LEU U 86 4.90 20.88 75.88
C LEU U 86 4.13 21.74 76.89
N GLY U 87 4.81 22.21 77.93
CA GLY U 87 4.24 23.26 78.76
C GLY U 87 3.90 24.48 77.94
N TRP U 88 4.66 24.72 76.88
CA TRP U 88 4.28 25.71 75.88
C TRP U 88 3.13 25.21 75.01
N ALA U 89 3.16 23.94 74.63
CA ALA U 89 2.04 23.38 73.88
C ALA U 89 0.77 23.35 74.72
N GLN U 90 0.89 23.01 76.00
CA GLN U 90 -0.30 22.89 76.84
C GLN U 90 -0.94 24.24 77.14
N ILE U 91 -0.14 25.30 77.29
CA ILE U 91 -0.73 26.63 77.41
C ILE U 91 -1.30 27.08 76.07
N PHE U 92 -0.65 26.70 74.98
CA PHE U 92 -1.21 26.96 73.65
C PHE U 92 -2.55 26.25 73.48
N VAL U 93 -2.64 25.01 73.95
CA VAL U 93 -3.90 24.27 73.86
C VAL U 93 -4.96 24.92 74.74
N TYR U 94 -4.60 25.29 75.97
CA TYR U 94 -5.58 25.90 76.87
C TYR U 94 -6.11 27.22 76.29
N CYS U 95 -5.22 28.06 75.78
CA CYS U 95 -5.66 29.27 75.10
C CYS U 95 -6.37 28.92 73.80
N GLY U 96 -6.02 27.79 73.18
CA GLY U 96 -6.70 27.37 71.97
C GLY U 96 -8.19 27.12 72.21
N TYR U 97 -8.51 26.43 73.31
CA TYR U 97 -9.91 26.21 73.63
C TYR U 97 -10.63 27.50 73.96
N ALA U 98 -10.00 28.35 74.78
CA ALA U 98 -10.66 29.56 75.29
C ALA U 98 -11.23 30.43 74.19
N GLU U 99 -10.82 30.19 72.95
CA GLU U 99 -11.43 30.82 71.78
C GLU U 99 -12.27 29.85 70.95
N LEU U 100 -11.94 28.55 71.01
CA LEU U 100 -12.76 27.51 70.37
C LEU U 100 -13.91 27.05 71.26
N SER U 101 -14.10 27.82 72.33
CA SER U 101 -15.26 27.72 73.21
C SER U 101 -16.44 28.41 72.57
N GLN U 102 -17.45 28.77 73.37
CA GLN U 102 -18.52 29.64 72.92
C GLN U 102 -17.97 30.73 72.00
N ASP U 103 -18.51 30.79 70.78
CA ASP U 103 -17.82 31.43 69.67
C ASP U 103 -17.73 32.94 69.84
N GLN U 104 -16.65 33.50 69.31
CA GLN U 104 -16.49 34.94 69.18
C GLN U 104 -16.58 35.38 67.72
N THR U 105 -17.36 34.65 66.92
CA THR U 105 -17.56 35.00 65.52
C THR U 105 -18.27 36.34 65.42
N PRO U 106 -18.09 37.06 64.30
CA PRO U 106 -18.74 38.37 64.14
C PRO U 106 -20.25 38.30 64.37
N GLY U 107 -20.74 39.12 65.31
CA GLY U 107 -22.12 39.14 65.70
C GLY U 107 -22.46 38.27 66.90
N SER U 108 -21.59 37.30 67.23
CA SER U 108 -21.83 36.45 68.37
C SER U 108 -21.59 37.23 69.67
N PRO U 109 -22.15 36.76 70.78
CA PRO U 109 -21.89 37.43 72.07
C PRO U 109 -20.43 37.45 72.46
N GLY U 110 -19.62 36.54 71.93
CA GLY U 110 -18.19 36.56 72.19
C GLY U 110 -17.42 37.59 71.39
N ALA U 111 -18.09 38.28 70.45
CA ALA U 111 -17.42 39.23 69.56
C ALA U 111 -17.34 40.64 70.13
N GLU U 112 -17.96 40.91 71.27
CA GLU U 112 -17.85 42.22 71.91
C GLU U 112 -17.13 42.13 73.25
N GLY U 113 -16.33 41.10 73.45
CA GLY U 113 -15.61 40.91 74.70
C GLY U 113 -16.39 40.19 75.78
N ASN U 114 -17.63 39.81 75.52
CA ASN U 114 -18.44 39.10 76.51
C ASN U 114 -18.21 37.59 76.37
N PHE U 115 -17.78 36.97 77.46
CA PHE U 115 -17.55 35.52 77.48
C PHE U 115 -18.20 34.81 78.65
N GLY U 116 -18.51 35.48 79.75
CA GLY U 116 -19.19 34.83 80.85
C GLY U 116 -18.37 34.72 82.12
N PHE U 117 -17.43 35.64 82.32
CA PHE U 117 -16.65 35.64 83.56
C PHE U 117 -17.49 36.13 84.73
N LYS U 118 -17.96 37.38 84.65
CA LYS U 118 -18.87 37.96 85.64
C LYS U 118 -18.29 37.87 87.06
N VAL U 119 -17.00 38.14 87.19
CA VAL U 119 -16.41 38.25 88.53
C VAL U 119 -16.92 39.50 89.24
N LEU U 120 -17.06 40.59 88.49
CA LEU U 120 -17.54 41.87 89.02
C LEU U 120 -18.77 42.25 88.20
N THR U 121 -19.94 41.76 88.63
CA THR U 121 -21.22 42.12 88.04
C THR U 121 -21.97 42.95 89.08
N SER U 122 -21.69 44.25 89.08
CA SER U 122 -22.43 45.16 89.95
C SER U 122 -23.88 45.23 89.49
N SER U 123 -24.80 45.40 90.45
CA SER U 123 -26.22 45.34 90.14
C SER U 123 -26.67 46.59 89.41
N ASP U 124 -26.13 46.80 88.21
CA ASP U 124 -26.41 47.92 87.30
C ASP U 124 -26.53 49.25 88.01
N PRO U 125 -25.57 49.65 88.89
CA PRO U 125 -25.64 50.94 89.57
C PRO U 125 -24.94 52.05 88.79
N ASP U 126 -25.29 52.19 87.51
CA ASP U 126 -24.57 53.08 86.58
C ASP U 126 -23.08 52.77 86.59
N SER U 127 -22.74 51.50 86.79
CA SER U 127 -21.35 51.06 86.88
C SER U 127 -20.96 50.08 85.80
N LEU U 128 -21.90 49.63 84.97
CA LEU U 128 -21.56 48.74 83.87
C LEU U 128 -20.61 49.43 82.90
N GLU U 129 -20.82 50.72 82.66
CA GLU U 129 -19.87 51.49 81.86
C GLU U 129 -18.56 51.69 82.61
N LYS U 130 -18.63 51.83 83.94
CA LYS U 130 -17.41 52.03 84.73
C LYS U 130 -16.50 50.82 84.63
N LYS U 131 -17.05 49.63 84.89
CA LYS U 131 -16.24 48.42 84.82
C LYS U 131 -15.78 48.15 83.40
N LEU U 132 -16.64 48.39 82.41
CA LEU U 132 -16.25 48.20 81.02
C LEU U 132 -15.13 49.16 80.62
N ALA U 133 -15.32 50.45 80.90
CA ALA U 133 -14.32 51.45 80.53
C ALA U 133 -13.01 51.23 81.27
N SER U 134 -13.09 50.83 82.55
CA SER U 134 -11.89 50.53 83.31
C SER U 134 -11.10 49.39 82.69
N GLU U 135 -11.80 48.34 82.26
CA GLU U 135 -11.13 47.21 81.64
C GLU U 135 -10.45 47.62 80.34
N ILE U 136 -11.12 48.43 79.52
CA ILE U 136 -10.53 48.90 78.28
C ILE U 136 -9.35 49.82 78.57
N ALA U 137 -9.53 50.77 79.48
CA ALA U 137 -8.47 51.72 79.79
C ALA U 137 -7.26 51.03 80.39
N ASN U 138 -7.49 50.10 81.32
CA ASN U 138 -6.38 49.35 81.91
C ASN U 138 -5.69 48.48 80.86
N GLY U 139 -6.46 47.87 79.96
CA GLY U 139 -5.86 47.09 78.90
C GLY U 139 -4.98 47.94 78.00
N ARG U 140 -5.42 49.16 77.70
CA ARG U 140 -4.58 50.09 76.95
C ARG U 140 -3.31 50.42 77.72
N LEU U 141 -3.43 50.66 79.03
CA LEU U 141 -2.25 50.90 79.85
C LEU U 141 -1.38 49.65 79.92
N ALA U 142 -2.01 48.47 80.05
CA ALA U 142 -1.24 47.23 80.17
C ALA U 142 -0.45 46.93 78.92
N MET U 143 -1.05 47.18 77.74
CA MET U 143 -0.32 46.96 76.48
C MET U 143 0.90 47.87 76.39
N MET U 144 0.72 49.16 76.71
CA MET U 144 1.86 50.08 76.71
C MET U 144 2.88 49.69 77.77
N ALA U 145 2.40 49.28 78.95
CA ALA U 145 3.31 48.85 80.02
C ALA U 145 4.09 47.62 79.60
N PHE U 146 3.43 46.67 78.94
CA PHE U 146 4.11 45.45 78.52
C PHE U 146 5.21 45.73 77.51
N THR U 147 4.89 46.51 76.48
CA THR U 147 5.86 46.78 75.42
C THR U 147 7.10 47.47 75.98
N GLY U 148 6.91 48.42 76.89
CA GLY U 148 8.05 48.96 77.62
C GLY U 148 8.74 47.91 78.45
N MET U 149 7.97 47.05 79.13
CA MET U 149 8.55 45.97 79.92
C MET U 149 9.31 44.99 79.04
N ALA U 150 8.77 44.68 77.86
CA ALA U 150 9.48 43.82 76.92
C ALA U 150 10.77 44.48 76.46
N THR U 151 10.74 45.79 76.18
CA THR U 151 11.96 46.50 75.84
C THR U 151 12.89 46.63 77.04
N GLN U 152 12.32 46.75 78.25
CA GLN U 152 13.16 46.74 79.45
C GLN U 152 13.91 45.44 79.58
N ASP U 153 13.22 44.31 79.39
CA ASP U 153 13.85 43.01 79.56
C ASP U 153 14.82 42.71 78.42
N GLY U 154 14.60 43.29 77.25
CA GLY U 154 15.47 43.03 76.11
C GLY U 154 16.69 43.93 76.05
N LEU U 155 16.47 45.25 76.03
CA LEU U 155 17.59 46.18 75.84
C LEU U 155 18.56 46.13 77.01
N THR U 156 18.06 46.07 78.24
CA THR U 156 18.97 45.94 79.37
C THR U 156 19.62 44.57 79.32
N GLY U 157 18.84 43.54 79.05
CA GLY U 157 19.37 42.20 79.03
C GLY U 157 18.54 41.20 79.81
N SER U 158 18.07 41.57 81.00
CA SER U 158 17.32 40.64 81.83
C SER U 158 16.39 41.42 82.76
N ALA U 159 15.19 40.87 82.96
CA ALA U 159 14.22 41.39 83.91
C ALA U 159 13.92 42.88 83.70
N TRP U 160 14.40 43.72 84.61
CA TRP U 160 14.17 45.15 84.52
C TRP U 160 15.49 45.92 84.44
N ARG V 1 -31.32 24.08 61.76
CA ARG V 1 -30.03 24.65 61.40
C ARG V 1 -30.20 25.91 60.54
N GLU V 2 -31.03 25.79 59.50
CA GLU V 2 -31.38 26.86 58.58
C GLU V 2 -30.27 27.14 57.60
N ALA V 3 -29.30 27.98 57.99
CA ALA V 3 -28.22 28.36 57.09
C ALA V 3 -27.19 27.25 56.91
N PRO V 4 -26.81 26.49 57.96
CA PRO V 4 -25.91 25.35 57.74
C PRO V 4 -26.49 24.25 56.88
N LYS V 5 -27.73 24.41 56.43
CA LYS V 5 -28.31 23.46 55.49
C LYS V 5 -27.70 23.56 54.10
N VAL V 6 -27.04 24.68 53.79
CA VAL V 6 -26.39 24.82 52.48
C VAL V 6 -25.13 23.95 52.39
N LEU V 7 -24.50 23.65 53.51
CA LEU V 7 -23.39 22.70 53.58
C LEU V 7 -23.80 21.46 54.37
N ALA V 8 -25.06 21.04 54.22
CA ALA V 8 -25.57 19.90 54.95
C ALA V 8 -25.31 18.61 54.18
N GLY V 9 -25.23 17.51 54.93
CA GLY V 9 -24.98 16.22 54.33
C GLY V 9 -23.65 16.14 53.61
N THR V 10 -22.64 16.82 54.13
CA THR V 10 -21.35 16.89 53.46
C THR V 10 -20.15 16.78 54.38
N GLY V 11 -20.35 16.55 55.68
CA GLY V 11 -19.24 16.41 56.60
C GLY V 11 -19.46 15.33 57.64
N GLY V 12 -18.79 15.45 58.78
CA GLY V 12 -18.93 14.48 59.85
C GLY V 12 -18.29 13.15 59.52
N PRO V 13 -18.18 12.27 60.52
CA PRO V 13 -17.72 10.90 60.23
C PRO V 13 -18.59 10.22 59.18
N LEU V 14 -19.88 10.11 59.45
CA LEU V 14 -20.89 9.74 58.47
C LEU V 14 -21.34 11.00 57.73
N PRO V 15 -21.75 10.87 56.46
CA PRO V 15 -21.88 12.05 55.61
C PRO V 15 -22.88 13.09 56.10
N GLU V 16 -23.84 12.71 56.93
CA GLU V 16 -24.90 13.65 57.31
C GLU V 16 -24.83 14.00 58.79
N SER V 17 -23.61 14.23 59.29
CA SER V 17 -23.39 14.59 60.70
C SER V 17 -22.70 15.94 60.75
N PHE V 18 -23.47 17.01 60.99
CA PHE V 18 -22.88 18.32 61.17
C PHE V 18 -22.08 18.33 62.47
N TRP V 19 -20.75 18.31 62.37
CA TRP V 19 -19.93 18.07 63.55
C TRP V 19 -19.85 19.31 64.45
N ASP V 20 -19.19 20.37 63.95
CA ASP V 20 -19.06 21.69 64.57
C ASP V 20 -19.11 21.64 66.10
N PRO V 21 -18.16 21.01 66.79
CA PRO V 21 -18.23 21.01 68.25
C PRO V 21 -17.59 22.26 68.84
N ALA V 22 -17.79 23.40 68.19
CA ALA V 22 -17.38 24.68 68.73
C ALA V 22 -18.35 25.81 68.42
N GLY V 23 -19.47 25.52 67.76
CA GLY V 23 -20.38 26.57 67.36
C GLY V 23 -19.81 27.56 66.36
N PHE V 24 -18.80 27.16 65.59
CA PHE V 24 -18.18 28.08 64.64
C PHE V 24 -19.13 28.48 63.52
N THR V 25 -20.17 27.68 63.26
CA THR V 25 -21.10 27.96 62.16
C THR V 25 -22.42 28.56 62.60
N ASN V 26 -22.91 28.22 63.79
CA ASN V 26 -24.17 28.77 64.24
C ASN V 26 -24.04 30.29 64.37
N ASN V 27 -25.14 30.99 64.08
CA ASN V 27 -25.25 32.44 64.07
C ASN V 27 -24.54 33.04 62.86
N LYS V 28 -23.84 32.22 62.08
CA LYS V 28 -23.20 32.72 60.87
C LYS V 28 -24.15 32.62 59.68
N THR V 29 -24.00 33.56 58.75
CA THR V 29 -24.93 33.67 57.63
C THR V 29 -24.56 32.69 56.52
N ASP V 30 -25.47 32.58 55.55
CA ASP V 30 -25.31 31.58 54.49
C ASP V 30 -24.06 31.83 53.67
N GLU V 31 -23.80 33.08 53.31
CA GLU V 31 -22.61 33.40 52.52
C GLU V 31 -21.34 33.11 53.31
N GLU V 32 -21.34 33.41 54.61
CA GLU V 32 -20.18 33.12 55.44
C GLU V 32 -19.92 31.63 55.53
N LEU V 33 -20.98 30.83 55.65
CA LEU V 33 -20.82 29.38 55.70
C LEU V 33 -20.28 28.85 54.38
N LEU V 34 -20.78 29.37 53.26
CA LEU V 34 -20.24 28.99 51.96
C LEU V 34 -18.78 29.39 51.81
N PHE V 35 -18.43 30.59 52.30
CA PHE V 35 -17.05 31.02 52.27
C PHE V 35 -16.16 30.17 53.17
N TYR V 36 -16.71 29.69 54.30
CA TYR V 36 -15.97 28.80 55.17
C TYR V 36 -15.65 27.49 54.47
N ARG V 37 -16.61 26.97 53.70
CA ARG V 37 -16.35 25.76 52.92
C ARG V 37 -15.32 26.01 51.83
N ALA V 38 -15.41 27.16 51.16
CA ALA V 38 -14.42 27.49 50.14
C ALA V 38 -13.01 27.49 50.71
N ALA V 39 -12.86 27.96 51.95
CA ALA V 39 -11.57 27.86 52.62
C ALA V 39 -11.21 26.41 52.93
N GLU V 40 -12.21 25.60 53.33
CA GLU V 40 -11.93 24.21 53.68
C GLU V 40 -11.48 23.41 52.47
N LEU V 41 -12.21 23.51 51.36
CA LEU V 41 -11.86 22.74 50.18
C LEU V 41 -10.52 23.18 49.60
N LYS V 42 -10.26 24.49 49.60
CA LYS V 42 -8.99 24.99 49.07
C LYS V 42 -7.82 24.51 49.91
N HIS V 43 -7.96 24.53 51.23
CA HIS V 43 -6.93 23.97 52.09
C HIS V 43 -6.74 22.48 51.82
N GLY V 44 -7.85 21.76 51.71
CA GLY V 44 -7.76 20.32 51.53
C GLY V 44 -7.19 19.92 50.18
N ARG V 45 -7.59 20.63 49.12
CA ARG V 45 -7.06 20.33 47.79
C ARG V 45 -5.56 20.56 47.74
N ILE V 46 -5.09 21.64 48.35
CA ILE V 46 -3.64 21.87 48.44
C ILE V 46 -2.99 20.84 49.35
N ALA V 47 -3.67 20.46 50.44
CA ALA V 47 -3.11 19.47 51.36
C ALA V 47 -2.93 18.12 50.66
N MET V 48 -3.91 17.72 49.84
CA MET V 48 -3.78 16.47 49.09
C MET V 48 -2.57 16.48 48.19
N ALA V 49 -2.40 17.57 47.42
CA ALA V 49 -1.22 17.70 46.59
C ALA V 49 0.04 17.86 47.44
N ALA V 50 -0.07 18.54 48.58
CA ALA V 50 1.10 18.70 49.46
C ALA V 50 1.60 17.35 49.95
N VAL V 51 0.68 16.47 50.38
CA VAL V 51 1.08 15.16 50.87
C VAL V 51 1.69 14.33 49.74
N VAL V 52 1.08 14.36 48.55
CA VAL V 52 1.64 13.65 47.41
C VAL V 52 3.00 14.22 47.04
N GLY V 53 3.12 15.55 47.03
CA GLY V 53 4.41 16.16 46.75
C GLY V 53 5.45 15.84 47.81
N TRP V 54 5.01 15.73 49.07
CA TRP V 54 5.94 15.35 50.14
C TRP V 54 6.49 13.95 49.91
N PHE V 55 5.64 13.01 49.50
CA PHE V 55 6.07 11.62 49.40
C PHE V 55 6.90 11.36 48.15
N THR V 56 6.56 11.99 47.02
CA THR V 56 7.39 11.87 45.83
C THR V 56 8.72 12.60 45.98
N ASN V 57 8.87 13.43 47.01
CA ASN V 57 10.11 14.13 47.28
C ASN V 57 10.90 13.51 48.44
N ALA V 58 10.21 12.87 49.38
CA ALA V 58 10.90 12.21 50.49
C ALA V 58 11.39 10.82 50.12
N SER V 59 11.05 10.33 48.93
CA SER V 59 11.52 9.03 48.48
C SER V 59 12.76 9.10 47.61
N GLY V 60 13.05 10.26 47.02
CA GLY V 60 14.27 10.42 46.24
C GLY V 60 14.06 10.94 44.85
N PHE V 61 12.88 11.48 44.55
CA PHE V 61 12.52 11.96 43.22
C PHE V 61 12.35 13.47 43.29
N HIS V 62 13.46 14.20 43.12
CA HIS V 62 13.47 15.66 43.06
C HIS V 62 14.25 16.12 41.84
N TYR V 63 13.89 15.55 40.68
CA TYR V 63 14.62 15.78 39.43
C TYR V 63 14.89 17.27 39.20
N LEU V 64 13.82 18.06 39.05
CA LEU V 64 13.96 19.50 38.90
C LEU V 64 14.29 20.09 40.27
N GLY V 65 15.57 20.30 40.53
CA GLY V 65 16.11 20.48 41.86
C GLY V 65 17.31 19.62 42.13
N ASP V 66 17.39 18.46 41.49
CA ASP V 66 18.65 17.72 41.35
C ASP V 66 19.37 18.11 40.07
N LEU V 67 18.62 18.39 39.00
CA LEU V 67 19.19 18.86 37.75
C LEU V 67 19.44 20.36 37.74
N TRP V 68 18.80 21.12 38.64
CA TRP V 68 19.05 22.54 38.78
C TRP V 68 20.15 22.84 39.78
N LEU V 69 20.24 22.05 40.85
CA LEU V 69 21.30 22.21 41.84
C LEU V 69 22.56 21.44 41.48
N LYS V 70 22.50 20.58 40.45
CA LYS V 70 23.64 19.77 40.01
C LYS V 70 24.16 18.86 41.12
N LYS V 71 23.26 18.42 41.99
CA LYS V 71 23.59 17.51 43.09
C LYS V 71 22.30 16.95 43.68
N PRO V 72 22.29 15.69 44.11
CA PRO V 72 21.06 15.14 44.70
C PRO V 72 20.69 15.84 46.00
N ALA V 73 19.58 16.55 45.99
CA ALA V 73 19.13 17.24 47.20
C ALA V 73 18.73 16.22 48.26
N SER V 74 18.73 16.68 49.51
CA SER V 74 18.40 15.79 50.63
C SER V 74 16.94 15.34 50.53
N ASP V 75 16.70 14.11 50.98
CA ASP V 75 15.36 13.53 50.87
C ASP V 75 14.36 14.27 51.75
N ASN V 76 14.80 14.76 52.92
CA ASN V 76 13.93 15.50 53.84
C ASN V 76 13.36 16.71 53.12
N PRO V 77 12.05 16.75 52.88
CA PRO V 77 11.48 17.83 52.07
C PRO V 77 11.70 19.21 52.65
N ILE V 78 11.73 19.34 53.98
CA ILE V 78 11.99 20.64 54.60
C ILE V 78 13.41 21.10 54.29
N GLU V 79 14.38 20.20 54.38
CA GLU V 79 15.76 20.56 54.11
C GLU V 79 16.00 20.74 52.61
N ALA V 80 15.26 20.00 51.78
CA ALA V 80 15.40 20.15 50.34
C ALA V 80 14.89 21.51 49.87
N PHE V 81 13.96 22.12 50.62
CA PHE V 81 13.48 23.45 50.28
C PHE V 81 14.60 24.47 50.35
N ASN V 82 15.45 24.37 51.37
CA ASN V 82 16.57 25.29 51.50
C ASN V 82 17.56 25.11 50.35
N GLN V 83 17.87 23.86 50.02
CA GLN V 83 18.85 23.60 48.97
C GLN V 83 18.33 24.03 47.60
N LEU V 84 17.01 23.97 47.40
CA LEU V 84 16.42 24.37 46.13
C LEU V 84 16.80 25.82 45.82
N SER V 85 17.28 26.03 44.59
CA SER V 85 17.81 27.33 44.22
C SER V 85 16.74 28.40 44.33
N LEU V 86 17.14 29.60 44.76
CA LEU V 86 16.17 30.66 45.03
C LEU V 86 15.39 31.04 43.79
N LEU V 87 15.99 30.88 42.61
CA LEU V 87 15.24 31.12 41.38
C LEU V 87 14.05 30.18 41.28
N GLY V 88 14.24 28.92 41.68
CA GLY V 88 13.15 27.95 41.61
C GLY V 88 11.99 28.30 42.53
N VAL V 89 12.29 28.74 43.75
CA VAL V 89 11.24 29.05 44.71
C VAL V 89 10.43 30.26 44.24
N PHE V 90 11.12 31.30 43.77
CA PHE V 90 10.42 32.51 43.36
C PHE V 90 9.51 32.24 42.17
N GLN V 91 9.97 31.41 41.22
CA GLN V 91 9.11 31.01 40.11
C GLN V 91 7.93 30.18 40.62
N MET V 92 8.16 29.35 41.63
CA MET V 92 7.07 28.56 42.20
C MET V 92 6.00 29.46 42.81
N VAL V 93 6.42 30.48 43.55
CA VAL V 93 5.46 31.43 44.12
C VAL V 93 4.72 32.17 43.02
N PHE V 94 5.44 32.60 41.98
CA PHE V 94 4.80 33.38 40.92
C PHE V 94 3.76 32.55 40.18
N PHE V 95 4.05 31.28 39.93
CA PHE V 95 3.08 30.43 39.22
C PHE V 95 1.80 30.26 40.02
N ILE V 96 1.92 30.06 41.33
CA ILE V 96 0.72 29.97 42.17
C ILE V 96 0.03 31.32 42.24
N GLY V 97 0.80 32.40 42.29
CA GLY V 97 0.21 33.73 42.27
C GLY V 97 -0.60 33.99 41.02
N CYS V 98 -0.09 33.55 39.86
CA CYS V 98 -0.85 33.67 38.63
C CYS V 98 -2.12 32.82 38.68
N LEU V 99 -2.01 31.59 39.21
CA LEU V 99 -3.19 30.74 39.33
C LEU V 99 -4.21 31.35 40.27
N GLU V 100 -3.75 31.88 41.41
CA GLU V 100 -4.68 32.50 42.36
C GLU V 100 -5.30 33.75 41.77
N TRP V 101 -4.51 34.55 41.04
CA TRP V 101 -5.09 35.69 40.33
C TRP V 101 -6.10 35.21 39.30
N LEU V 102 -5.73 34.20 38.50
CA LEU V 102 -6.58 33.74 37.41
C LEU V 102 -7.95 33.30 37.92
N THR V 103 -7.97 32.51 38.99
CA THR V 103 -9.23 32.02 39.52
C THR V 103 -10.07 33.15 40.11
N THR V 104 -9.44 34.08 40.82
CA THR V 104 -10.21 35.10 41.53
C THR V 104 -10.79 36.16 40.59
N VAL V 105 -9.93 36.96 39.94
CA VAL V 105 -10.41 38.13 39.21
C VAL V 105 -10.94 37.78 37.82
N PRO V 106 -10.16 37.14 36.91
CA PRO V 106 -10.67 36.92 35.54
C PRO V 106 -11.77 35.87 35.44
N CYS V 107 -11.59 34.73 36.10
CA CYS V 107 -12.52 33.61 36.01
C CYS V 107 -13.07 33.28 37.39
N PRO V 108 -13.83 34.19 38.00
CA PRO V 108 -14.27 34.00 39.37
C PRO V 108 -15.24 32.84 39.49
N PRO V 109 -15.13 32.05 40.55
CA PRO V 109 -16.15 31.04 40.82
C PRO V 109 -17.45 31.71 41.21
N PRO V 110 -18.59 31.01 41.10
CA PRO V 110 -19.86 31.63 41.47
C PRO V 110 -19.87 32.03 42.94
N LYS V 111 -20.90 32.80 43.31
CA LYS V 111 -21.06 33.19 44.70
C LYS V 111 -21.93 32.23 45.50
N ASP V 112 -22.70 31.38 44.83
CA ASP V 112 -23.46 30.34 45.54
C ASP V 112 -22.63 29.10 45.81
N ALA V 113 -21.66 28.80 44.95
CA ALA V 113 -20.72 27.69 45.15
C ALA V 113 -19.32 28.22 44.92
N PRO V 114 -18.72 28.88 45.92
CA PRO V 114 -17.44 29.55 45.71
C PRO V 114 -16.24 28.61 45.63
N TRP V 115 -16.50 27.30 45.56
CA TRP V 115 -15.44 26.32 45.40
C TRP V 115 -15.40 25.70 44.01
N ASP V 116 -16.25 26.16 43.10
CA ASP V 116 -16.30 25.62 41.74
C ASP V 116 -15.30 26.34 40.84
N VAL V 117 -14.02 26.21 41.21
CA VAL V 117 -12.96 26.89 40.49
C VAL V 117 -12.81 26.40 39.06
N ILE V 118 -13.27 25.17 38.77
CA ILE V 118 -13.27 24.66 37.40
C ILE V 118 -14.62 25.01 36.78
N GLY V 119 -15.64 25.17 37.63
CA GLY V 119 -16.92 25.64 37.15
C GLY V 119 -17.79 24.57 36.52
N MET V 120 -17.95 23.44 37.20
CA MET V 120 -18.81 22.38 36.69
C MET V 120 -20.29 22.74 36.80
N SER V 121 -20.63 23.74 37.61
CA SER V 121 -22.03 24.04 37.89
C SER V 121 -22.81 24.44 36.64
N ASP V 122 -22.13 24.87 35.57
CA ASP V 122 -22.80 25.25 34.34
C ASP V 122 -23.05 24.07 33.41
N VAL V 123 -22.39 22.94 33.63
CA VAL V 123 -22.69 21.73 32.89
C VAL V 123 -23.18 20.59 33.78
N LEU V 124 -23.02 20.70 35.09
CA LEU V 124 -23.44 19.64 36.01
C LEU V 124 -24.95 19.67 36.22
N GLU V 125 -25.49 18.54 36.67
CA GLU V 125 -26.89 18.44 37.06
C GLU V 125 -27.06 18.50 38.58
N GLU V 126 -26.45 17.54 39.30
CA GLU V 126 -26.37 17.52 40.75
C GLU V 126 -27.73 17.35 41.43
N ASP V 127 -28.81 17.32 40.64
CA ASP V 127 -30.16 17.26 41.20
C ASP V 127 -31.04 16.27 40.45
N THR V 128 -30.47 15.40 39.62
CA THR V 128 -31.23 14.38 38.93
C THR V 128 -31.39 13.17 39.87
N ASP V 129 -31.95 12.07 39.36
CA ASP V 129 -32.28 10.92 40.18
C ASP V 129 -31.65 9.61 39.72
N GLU V 130 -30.81 9.64 38.69
CA GLU V 130 -30.20 8.41 38.18
C GLU V 130 -29.27 7.80 39.21
N ASN V 131 -29.17 6.47 39.22
CA ASN V 131 -28.23 5.80 40.10
C ASN V 131 -26.83 5.74 39.49
N PRO V 132 -26.70 5.35 38.21
CA PRO V 132 -25.36 5.21 37.62
C PRO V 132 -24.69 6.55 37.41
N MET V 133 -25.32 7.58 37.97
CA MET V 133 -24.80 8.94 38.04
C MET V 133 -25.48 9.59 39.24
N ALA V 134 -25.38 10.92 39.33
CA ALA V 134 -25.99 11.69 40.42
C ALA V 134 -25.44 11.28 41.79
N GLU V 135 -24.35 10.52 41.79
CA GLU V 135 -23.57 10.24 42.99
C GLU V 135 -22.58 11.35 43.28
N TYR V 136 -22.83 12.55 42.75
CA TYR V 136 -21.94 13.68 42.93
C TYR V 136 -21.81 14.06 44.40
N LYS V 137 -22.86 13.84 45.19
CA LYS V 137 -22.74 14.09 46.61
C LYS V 137 -21.74 13.14 47.25
N LYS V 138 -21.73 11.88 46.81
CA LYS V 138 -20.76 10.93 47.35
C LYS V 138 -19.34 11.34 47.01
N ILE V 139 -19.09 11.77 45.76
CA ILE V 139 -17.75 12.17 45.40
C ILE V 139 -17.37 13.49 46.06
N GLN V 140 -18.36 14.30 46.46
CA GLN V 140 -18.07 15.45 47.31
C GLN V 140 -17.60 14.99 48.68
N MET V 141 -18.18 13.90 49.21
CA MET V 141 -17.73 13.35 50.48
C MET V 141 -16.28 12.89 50.39
N GLN V 142 -15.95 12.17 49.32
CA GLN V 142 -14.60 11.62 49.17
C GLN V 142 -13.57 12.72 49.04
N GLU V 143 -13.92 13.82 48.35
CA GLU V 143 -13.00 14.95 48.28
C GLU V 143 -12.81 15.57 49.66
N LEU V 144 -13.90 15.81 50.39
CA LEU V 144 -13.80 16.48 51.67
C LEU V 144 -13.13 15.59 52.71
N ASN V 145 -13.58 14.35 52.83
CA ASN V 145 -13.02 13.46 53.86
C ASN V 145 -11.55 13.16 53.61
N ASN V 146 -11.18 12.93 52.34
CA ASN V 146 -9.76 12.75 52.03
C ASN V 146 -8.97 14.01 52.30
N SER V 147 -9.50 15.16 51.88
CA SER V 147 -8.80 16.42 52.06
C SER V 147 -8.60 16.76 53.53
N ARG V 148 -9.64 16.53 54.34
CA ARG V 148 -9.51 16.77 55.78
C ARG V 148 -8.43 15.89 56.38
N LEU V 149 -8.36 14.64 55.96
CA LEU V 149 -7.29 13.76 56.42
C LEU V 149 -5.93 14.27 55.96
N ALA V 150 -5.86 14.76 54.72
CA ALA V 150 -4.59 15.28 54.22
C ALA V 150 -4.15 16.52 54.98
N MET V 151 -5.11 17.33 55.46
CA MET V 151 -4.75 18.54 56.20
C MET V 151 -4.04 18.21 57.50
N VAL V 152 -4.60 17.28 58.28
CA VAL V 152 -3.94 16.88 59.52
C VAL V 152 -2.70 16.03 59.22
N ALA V 153 -2.69 15.34 58.08
CA ALA V 153 -1.53 14.53 57.73
C ALA V 153 -0.32 15.40 57.42
N ILE V 154 -0.49 16.41 56.58
CA ILE V 154 0.64 17.23 56.17
C ILE V 154 1.18 18.04 57.36
N ILE V 155 0.30 18.47 58.26
CA ILE V 155 0.76 19.15 59.47
C ILE V 155 1.60 18.19 60.32
N GLY V 156 1.15 16.95 60.43
CA GLY V 156 1.94 15.96 61.15
C GLY V 156 3.32 15.78 60.55
N LEU V 157 3.40 15.76 59.21
CA LEU V 157 4.69 15.65 58.55
C LEU V 157 5.59 16.83 58.89
N ILE V 158 5.03 18.05 58.82
CA ILE V 158 5.83 19.24 59.06
C ILE V 158 6.23 19.34 60.53
N VAL V 159 5.30 19.05 61.44
CA VAL V 159 5.58 19.16 62.87
C VAL V 159 6.62 18.13 63.29
N GLN V 160 6.45 16.89 62.85
CA GLN V 160 7.42 15.85 63.20
C GLN V 160 8.78 16.12 62.58
N ALA V 161 8.80 16.56 61.31
CA ALA V 161 10.07 16.85 60.66
C ALA V 161 10.82 17.98 61.35
N THR V 162 10.07 19.00 61.75
CA THR V 162 10.71 20.21 62.35
C THR V 162 11.10 19.92 63.79
N THR V 163 10.66 18.78 64.33
CA THR V 163 10.95 18.49 65.76
C THR V 163 11.72 17.17 65.86
N THR V 164 11.02 16.05 65.75
CA THR V 164 11.69 14.74 65.95
C THR V 164 12.23 14.21 64.63
N GLY V 165 12.79 15.08 63.79
CA GLY V 165 13.26 14.64 62.45
C GLY V 165 12.16 13.90 61.72
N UNK V 166 12.44 12.74 61.13
CA UNK V 166 11.38 11.91 60.52
C UNK V 166 10.74 12.61 59.31
N UNK V 167 11.48 12.77 58.22
CA UNK V 167 10.87 13.34 57.00
C UNK V 167 9.54 12.62 56.82
N UNK V 168 9.56 11.29 56.99
CA UNK V 168 8.34 10.47 56.85
C UNK V 168 8.78 9.01 56.80
N UNK V 169 9.52 8.62 55.76
CA UNK V 169 10.01 7.23 55.58
C UNK V 169 9.96 6.91 54.08
N UNK V 170 8.77 6.60 53.57
CA UNK V 170 8.60 6.30 52.14
C UNK V 170 9.58 5.19 51.73
N UNK V 171 9.54 4.04 52.41
CA UNK V 171 10.54 3.00 52.05
C UNK V 171 10.04 2.27 50.79
N UNK V 172 10.25 2.84 49.60
CA UNK V 172 9.81 2.21 48.32
C UNK V 172 11.03 1.56 47.67
N UNK V 173 11.05 0.24 47.53
CA UNK V 173 12.27 -0.43 47.02
C UNK V 173 12.32 -0.37 45.50
N UNK V 174 12.57 0.81 44.93
CA UNK V 174 12.62 0.97 43.46
C UNK V 174 13.29 2.30 43.14
N UNK V 175 13.63 2.53 41.87
CA UNK V 175 14.18 3.83 41.46
C UNK V 175 15.34 4.26 42.35
N UNK V 176 15.16 5.36 43.08
CA UNK V 176 16.24 5.90 43.93
C UNK V 176 16.65 4.87 44.98
N UNK V 177 15.68 4.18 45.57
CA UNK V 177 15.98 3.19 46.63
C UNK V 177 16.36 1.85 45.99
N UNK V 178 17.46 1.25 46.43
CA UNK V 178 17.86 -0.09 45.93
C UNK V 178 17.81 -1.09 47.09
N UNK V 179 17.07 -2.18 46.92
CA UNK V 179 16.91 -3.18 48.00
C UNK V 179 17.45 -4.50 47.46
N UNK V 180 18.47 -5.09 48.10
CA UNK V 180 19.11 -6.30 47.52
C UNK V 180 18.87 -7.55 48.35
N UNK V 181 18.02 -7.50 49.38
CA UNK V 181 17.71 -8.75 50.12
C UNK V 181 16.26 -8.71 50.59
N UNK V 182 15.62 -9.87 50.76
CA UNK V 182 14.20 -9.90 51.12
C UNK V 182 13.97 -8.89 52.24
N UNK V 183 14.90 -8.81 53.18
CA UNK V 183 14.72 -7.91 54.35
C UNK V 183 14.54 -6.49 53.83
N UNK V 184 15.38 -6.08 52.88
CA UNK V 184 15.33 -4.68 52.40
C UNK V 184 13.92 -4.37 51.88
N UNK V 185 13.24 -5.36 51.31
CA UNK V 185 11.91 -5.11 50.74
C UNK V 185 10.84 -5.42 51.80
N UNK V 186 10.58 -6.70 52.08
CA UNK V 186 9.63 -7.07 53.14
C UNK V 186 10.38 -7.12 54.47
N UNK V 187 10.06 -6.23 55.40
CA UNK V 187 10.77 -6.14 56.66
C UNK V 187 10.74 -7.46 57.41
N UNK V 188 11.89 -7.81 58.00
CA UNK V 188 12.04 -8.94 58.91
C UNK V 188 11.94 -10.30 58.21
N UNK V 189 11.70 -10.29 56.91
CA UNK V 189 11.70 -11.54 56.13
C UNK V 189 13.11 -11.81 55.64
N UNK V 190 13.66 -12.97 56.01
CA UNK V 190 15.08 -13.25 55.80
C UNK V 190 15.36 -14.42 54.87
N UNK V 191 14.35 -15.17 54.45
CA UNK V 191 14.58 -16.35 53.63
C UNK V 191 13.38 -16.57 52.73
N UNK V 192 13.43 -17.67 51.97
CA UNK V 192 12.35 -17.96 51.02
C UNK V 192 11.07 -18.36 51.74
N UNK V 193 11.17 -19.22 52.75
CA UNK V 193 9.99 -19.83 53.37
C UNK V 193 9.55 -18.99 54.57
N UNK V 194 8.90 -17.86 54.26
CA UNK V 194 8.24 -17.02 55.26
C UNK V 194 9.17 -16.54 56.36
N UNK V 195 8.59 -15.94 57.41
CA UNK V 195 9.36 -15.42 58.54
C UNK V 195 8.73 -15.84 59.86
N UNK V 196 8.10 -17.00 59.90
CA UNK V 196 7.44 -17.48 61.11
C UNK V 196 8.50 -17.99 62.10
N UNK V 197 8.04 -18.56 63.21
CA UNK V 197 8.94 -19.08 64.24
C UNK V 197 8.65 -20.51 64.66
N UNK V 198 7.44 -21.02 64.46
CA UNK V 198 7.12 -22.39 64.84
C UNK V 198 7.91 -23.38 64.00
N UNK V 199 8.24 -24.52 64.61
CA UNK V 199 8.99 -25.55 63.90
C UNK V 199 8.15 -26.32 62.90
N UNK V 200 6.83 -26.18 62.95
CA UNK V 200 5.92 -26.92 62.08
C UNK V 200 6.19 -28.42 62.17
N UNK V 201 6.01 -28.95 63.38
CA UNK V 201 6.36 -30.33 63.66
C UNK V 201 5.52 -31.28 62.82
N UNK V 202 6.08 -32.46 62.53
CA UNK V 202 5.39 -33.44 61.72
C UNK V 202 4.12 -33.93 62.40
N UNK V 203 3.04 -34.00 61.63
CA UNK V 203 1.76 -34.45 62.17
C UNK V 203 1.77 -35.95 62.41
N UNK V 204 2.00 -36.72 61.34
CA UNK V 204 2.06 -38.17 61.46
C UNK V 204 3.43 -38.59 62.01
N UNK V 205 3.43 -39.64 62.81
CA UNK V 205 4.67 -40.20 63.31
C UNK V 205 5.49 -40.80 62.17
N UNK V 206 6.80 -40.82 62.34
CA UNK V 206 7.70 -41.28 61.30
C UNK V 206 7.56 -42.79 61.11
N UNK V 207 8.36 -43.33 60.19
CA UNK V 207 8.31 -44.74 59.84
C UNK V 207 9.21 -45.60 60.73
N UNK V 208 9.83 -45.01 61.74
CA UNK V 208 10.73 -45.70 62.68
C UNK V 208 11.89 -46.27 61.86
N UNK V 209 12.12 -47.58 61.85
CA UNK V 209 13.14 -48.15 60.99
C UNK V 209 12.67 -48.10 59.55
N UNK V 210 13.02 -47.03 58.83
CA UNK V 210 12.44 -46.74 57.52
C UNK V 210 13.16 -47.54 56.44
N UNK V 211 13.02 -48.86 56.53
CA UNK V 211 13.43 -49.79 55.47
C UNK V 211 12.24 -50.73 55.25
N UNK V 212 11.30 -50.29 54.41
CA UNK V 212 10.05 -51.01 54.20
C UNK V 212 9.63 -50.97 52.74
N UNK V 213 10.61 -50.98 51.83
CA UNK V 213 10.35 -51.07 50.38
C UNK V 213 9.46 -49.92 49.92
N UNK V 214 10.05 -48.72 49.97
CA UNK V 214 9.51 -47.43 49.54
C UNK V 214 8.86 -46.69 50.71
N UNK V 215 9.34 -45.48 50.98
CA UNK V 215 8.95 -44.69 52.14
C UNK V 215 9.28 -43.23 51.85
N UNK V 216 9.33 -42.41 52.91
CA UNK V 216 9.89 -41.06 52.90
C UNK V 216 8.93 -40.02 52.35
N UNK V 217 9.07 -38.79 52.84
CA UNK V 217 8.24 -37.67 52.43
C UNK V 217 9.12 -36.49 52.05
N UNK V 218 8.62 -35.65 51.16
CA UNK V 218 9.37 -34.49 50.70
C UNK V 218 9.55 -33.49 51.85
N UNK V 219 10.73 -32.88 51.91
CA UNK V 219 11.09 -31.96 52.97
C UNK V 219 11.22 -30.54 52.42
N UNK V 220 11.20 -29.58 53.33
CA UNK V 220 11.32 -28.15 52.99
C UNK V 220 10.26 -27.72 51.99
N ALA W 1 -41.62 -56.97 48.28
CA ALA W 1 -41.77 -55.91 47.29
C ALA W 1 -40.40 -55.43 46.79
N ARG W 2 -39.67 -56.31 46.10
CA ARG W 2 -38.37 -55.91 45.50
C ARG W 2 -38.45 -56.18 44.00
N ARG W 3 -39.17 -55.33 43.27
CA ARG W 3 -39.37 -55.60 41.82
C ARG W 3 -38.02 -55.95 41.18
N GLU W 4 -37.98 -56.98 40.33
CA GLU W 4 -36.76 -57.43 39.63
C GLU W 4 -36.32 -56.35 38.64
N LEU W 5 -35.01 -56.15 38.48
CA LEU W 5 -34.49 -55.11 37.57
C LEU W 5 -35.14 -55.29 36.19
N ALA W 6 -35.44 -56.53 35.80
CA ALA W 6 -36.03 -56.81 34.48
C ALA W 6 -37.28 -55.94 34.28
N VAL W 7 -38.12 -55.83 35.31
CA VAL W 7 -39.36 -55.00 35.23
C VAL W 7 -39.11 -53.66 35.92
N ALA W 8 -38.51 -53.69 37.11
CA ALA W 8 -38.19 -52.45 37.83
C ALA W 8 -37.57 -51.42 36.91
N TYR W 9 -36.77 -51.85 35.93
CA TYR W 9 -36.11 -50.92 35.03
C TYR W 9 -37.08 -50.15 34.15
N GLU W 10 -38.33 -50.62 34.05
CA GLU W 10 -39.32 -49.93 33.23
C GLU W 10 -39.79 -48.61 33.85
N ASP W 11 -39.49 -48.37 35.13
CA ASP W 11 -39.83 -47.10 35.78
C ASP W 11 -38.58 -46.35 36.21
N ALA W 12 -37.47 -46.56 35.51
CA ALA W 12 -36.21 -45.90 35.82
C ALA W 12 -36.07 -44.61 35.02
N GLY W 13 -35.09 -43.79 35.43
CA GLY W 13 -34.84 -42.51 34.83
C GLY W 13 -34.86 -41.40 35.86
N ILE W 14 -34.56 -40.19 35.39
CA ILE W 14 -34.53 -39.00 36.25
C ILE W 14 -35.98 -38.60 36.51
N ASP W 15 -36.52 -38.97 37.67
CA ASP W 15 -37.90 -38.62 37.99
C ASP W 15 -38.02 -37.12 38.19
N LEU W 16 -39.04 -36.53 37.57
CA LEU W 16 -39.27 -35.09 37.62
C LEU W 16 -40.37 -34.71 38.59
N MET W 17 -40.81 -35.66 39.43
CA MET W 17 -41.89 -35.42 40.38
C MET W 17 -41.38 -35.69 41.79
N ASP W 18 -42.20 -35.32 42.78
CA ASP W 18 -41.85 -35.43 44.18
C ASP W 18 -42.79 -36.41 44.87
N ASN W 19 -42.22 -37.40 45.54
CA ASN W 19 -43.04 -38.35 46.29
C ASN W 19 -43.72 -37.69 47.47
N GLY W 20 -43.09 -36.67 48.06
CA GLY W 20 -43.59 -36.06 49.27
C GLY W 20 -43.07 -36.65 50.55
N LYS W 21 -42.27 -37.73 50.46
CA LYS W 21 -41.66 -38.33 51.63
C LYS W 21 -40.39 -37.59 51.99
N PHE W 22 -39.64 -38.10 52.97
CA PHE W 22 -38.43 -37.42 53.41
C PHE W 22 -37.39 -37.34 52.29
N ALA W 23 -36.88 -38.48 51.85
CA ALA W 23 -36.02 -38.55 50.68
C ALA W 23 -36.65 -39.54 49.72
N GLN W 24 -37.67 -39.06 48.99
CA GLN W 24 -38.43 -39.84 48.02
C GLN W 24 -38.75 -41.26 48.51
N GLY W 25 -39.10 -41.38 49.79
CA GLY W 25 -39.47 -42.67 50.35
C GLY W 25 -38.36 -43.70 50.33
N LEU W 26 -37.16 -43.30 50.73
CA LEU W 26 -36.00 -44.17 50.70
C LEU W 26 -35.63 -44.61 52.11
N VAL W 27 -35.06 -45.82 52.19
CA VAL W 27 -34.68 -46.41 53.48
C VAL W 27 -33.49 -45.66 54.04
N GLY W 28 -33.19 -45.89 55.33
CA GLY W 28 -32.05 -45.28 55.99
C GLY W 28 -32.42 -44.22 57.02
N ALA W 29 -33.66 -43.77 57.05
CA ALA W 29 -34.06 -42.73 57.97
C ALA W 29 -34.61 -43.28 59.28
N GLU W 30 -35.30 -44.42 59.24
CA GLU W 30 -35.88 -44.99 60.44
C GLU W 30 -34.81 -45.36 61.45
N ALA W 31 -34.81 -44.67 62.59
CA ALA W 31 -33.86 -44.92 63.66
C ALA W 31 -34.47 -45.89 64.68
N ALA W 32 -33.84 -45.97 65.85
CA ALA W 32 -34.28 -46.89 66.88
C ALA W 32 -35.60 -46.44 67.51
N PHE W 33 -35.60 -45.26 68.14
CA PHE W 33 -36.75 -44.79 68.89
C PHE W 33 -37.85 -44.24 67.98
N GLY W 34 -37.60 -44.14 66.69
CA GLY W 34 -38.58 -43.61 65.75
C GLY W 34 -37.89 -43.27 64.43
N ARG W 35 -38.38 -42.21 63.80
CA ARG W 35 -37.78 -41.72 62.57
C ARG W 35 -36.69 -40.71 62.89
N TYR W 36 -35.63 -40.74 62.09
CA TYR W 36 -34.49 -39.83 62.21
C TYR W 36 -34.11 -39.28 60.84
N GLU W 37 -35.12 -38.75 60.14
CA GLU W 37 -34.85 -38.01 58.91
C GLU W 37 -33.77 -36.98 59.19
N PHE W 38 -32.58 -37.16 58.60
CA PHE W 38 -31.40 -36.45 59.09
C PHE W 38 -31.06 -35.19 58.32
N ASP W 39 -31.17 -35.23 56.98
CA ASP W 39 -30.53 -34.24 56.09
C ASP W 39 -30.75 -32.82 56.59
N PRO W 40 -29.72 -32.20 57.18
CA PRO W 40 -29.87 -30.85 57.73
C PRO W 40 -29.49 -29.76 56.74
N ILE W 41 -28.69 -30.12 55.73
CA ILE W 41 -28.26 -29.19 54.70
C ILE W 41 -29.20 -29.24 53.49
N GLY W 42 -30.23 -30.07 53.55
CA GLY W 42 -31.23 -30.10 52.48
C GLY W 42 -30.70 -30.58 51.16
N PHE W 43 -29.82 -31.58 51.16
CA PHE W 43 -29.38 -32.18 49.91
C PHE W 43 -30.48 -33.01 49.27
N SER W 44 -31.35 -33.63 50.07
CA SER W 44 -32.43 -34.44 49.54
C SER W 44 -33.57 -33.62 48.95
N LYS W 45 -33.60 -32.31 49.20
CA LYS W 45 -34.58 -31.45 48.54
C LYS W 45 -34.37 -31.42 47.03
N TYR W 46 -33.15 -31.66 46.57
CA TYR W 46 -32.87 -31.89 45.14
C TYR W 46 -33.27 -33.32 44.80
N THR W 47 -34.59 -33.52 44.70
CA THR W 47 -35.15 -34.86 44.59
C THR W 47 -34.67 -35.59 43.35
N GLU W 48 -34.29 -34.86 42.30
CA GLU W 48 -33.81 -35.49 41.08
C GLU W 48 -32.55 -36.30 41.31
N LEU W 49 -31.78 -35.99 42.35
CA LEU W 49 -30.52 -36.66 42.63
C LEU W 49 -30.60 -37.66 43.78
N VAL W 50 -31.78 -37.83 44.38
CA VAL W 50 -31.89 -38.76 45.52
C VAL W 50 -31.51 -40.19 45.14
N PRO W 51 -31.97 -40.76 44.01
CA PRO W 51 -31.46 -42.08 43.62
C PRO W 51 -29.95 -42.10 43.45
N TRP W 52 -29.36 -41.02 42.93
CA TRP W 52 -27.92 -40.94 42.80
C TRP W 52 -27.23 -40.92 44.15
N PHE W 53 -27.75 -40.12 45.08
CA PHE W 53 -27.12 -40.00 46.40
C PHE W 53 -27.16 -41.33 47.14
N ARG W 54 -28.29 -42.04 47.07
CA ARG W 54 -28.38 -43.36 47.70
C ARG W 54 -27.38 -44.33 47.09
N GLU W 55 -27.20 -44.28 45.78
CA GLU W 55 -26.19 -45.12 45.14
C GLU W 55 -24.80 -44.79 45.66
N ALA W 56 -24.49 -43.49 45.82
CA ALA W 56 -23.21 -43.09 46.35
C ALA W 56 -23.05 -43.54 47.80
N GLU W 57 -24.11 -43.42 48.60
CA GLU W 57 -24.03 -43.83 50.00
C GLU W 57 -23.80 -45.33 50.12
N LEU W 58 -24.50 -46.11 49.31
CA LEU W 58 -24.28 -47.55 49.32
C LEU W 58 -22.89 -47.91 48.81
N LYS W 59 -22.45 -47.26 47.73
CA LYS W 59 -21.13 -47.56 47.18
C LYS W 59 -20.04 -47.22 48.17
N HIS W 60 -20.14 -46.07 48.85
CA HIS W 60 -19.15 -45.71 49.84
C HIS W 60 -19.16 -46.66 51.03
N GLY W 61 -20.36 -47.00 51.53
CA GLY W 61 -20.43 -47.93 52.64
C GLY W 61 -19.87 -49.29 52.29
N ARG W 62 -20.14 -49.77 51.08
CA ARG W 62 -19.63 -51.07 50.65
C ARG W 62 -18.10 -51.07 50.56
N ILE W 63 -17.53 -50.00 50.01
CA ILE W 63 -16.07 -49.90 49.98
C ILE W 63 -15.51 -49.81 51.39
N ALA W 64 -16.13 -48.99 52.25
CA ALA W 64 -15.62 -48.79 53.60
C ALA W 64 -15.76 -50.05 54.44
N MET W 65 -16.85 -50.81 54.22
CA MET W 65 -17.04 -52.05 54.98
C MET W 65 -15.91 -53.04 54.67
N LEU W 66 -15.52 -53.15 53.40
CA LEU W 66 -14.36 -53.96 53.06
C LEU W 66 -13.07 -53.28 53.53
N ALA W 67 -12.98 -51.96 53.37
CA ALA W 67 -11.75 -51.25 53.69
C ALA W 67 -11.41 -51.35 55.18
N TRP W 68 -12.42 -51.19 56.05
CA TRP W 68 -12.15 -51.36 57.47
C TRP W 68 -11.75 -52.79 57.79
N LEU W 69 -12.50 -53.76 57.26
CA LEU W 69 -12.07 -55.15 57.36
C LEU W 69 -10.71 -55.34 56.72
N GLY W 70 -10.37 -54.50 55.76
CA GLY W 70 -9.05 -54.48 55.17
C GLY W 70 -7.95 -54.16 56.16
N LEU W 71 -8.12 -53.11 56.97
CA LEU W 71 -7.05 -52.73 57.89
C LEU W 71 -6.94 -53.68 59.08
N VAL W 72 -7.91 -54.57 59.27
CA VAL W 72 -7.89 -55.46 60.43
C VAL W 72 -7.10 -56.73 60.11
N VAL W 73 -7.37 -57.34 58.97
CA VAL W 73 -6.94 -58.71 58.70
C VAL W 73 -5.45 -58.78 58.39
N PRO W 74 -4.87 -57.91 57.53
CA PRO W 74 -3.40 -57.87 57.40
C PRO W 74 -2.64 -57.82 58.72
N ASP W 75 -3.22 -57.23 59.76
CA ASP W 75 -2.55 -57.19 61.05
C ASP W 75 -2.55 -58.52 61.77
N PHE W 76 -3.30 -59.51 61.27
CA PHE W 76 -3.31 -60.84 61.87
C PHE W 76 -2.97 -61.96 60.90
N VAL W 77 -3.06 -61.74 59.59
CA VAL W 77 -2.65 -62.73 58.60
C VAL W 77 -2.32 -61.99 57.32
N ARG W 78 -1.35 -62.52 56.57
CA ARG W 78 -0.98 -61.91 55.30
C ARG W 78 -0.84 -62.95 54.22
N ILE W 79 -0.91 -62.54 52.95
CA ILE W 79 -0.83 -63.45 51.82
C ILE W 79 0.47 -64.23 51.88
N PRO W 80 0.48 -65.53 51.61
CA PRO W 80 1.73 -66.30 51.71
C PRO W 80 2.75 -65.85 50.69
N GLY W 81 3.82 -65.20 51.15
CA GLY W 81 4.83 -64.67 50.27
C GLY W 81 5.69 -63.68 51.00
N GLU W 82 6.80 -63.32 50.36
CA GLU W 82 7.76 -62.40 50.97
C GLU W 82 7.38 -60.94 50.76
N ALA W 83 6.67 -60.62 49.70
CA ALA W 83 6.35 -59.23 49.42
C ALA W 83 5.32 -58.73 50.39
N TYR W 84 4.64 -59.63 51.08
CA TYR W 84 3.57 -59.22 51.95
C TYR W 84 3.89 -59.60 53.36
N SER W 85 5.09 -60.08 53.60
CA SER W 85 5.47 -60.55 54.92
C SER W 85 5.41 -59.41 55.94
N PHE W 86 5.31 -59.79 57.21
CA PHE W 86 5.20 -58.82 58.30
C PHE W 86 6.47 -58.01 58.46
N GLU W 87 7.55 -58.45 57.80
CA GLU W 87 8.82 -57.74 57.86
C GLU W 87 9.02 -56.75 56.72
N ALA W 88 8.41 -57.00 55.56
CA ALA W 88 8.52 -56.08 54.44
C ALA W 88 7.51 -54.94 54.52
N VAL W 89 6.30 -55.24 54.98
CA VAL W 89 5.27 -54.23 55.23
C VAL W 89 4.80 -54.41 56.66
N PRO W 90 5.47 -53.79 57.64
CA PRO W 90 5.15 -54.06 59.05
C PRO W 90 3.71 -53.76 59.43
N ARG W 91 3.29 -52.51 59.24
CA ARG W 91 1.93 -52.11 59.51
C ARG W 91 1.12 -52.14 58.22
N VAL W 92 -0.20 -52.22 58.37
CA VAL W 92 -1.08 -52.41 57.22
C VAL W 92 -1.08 -51.15 56.34
N ILE W 93 -1.05 -49.96 56.94
CA ILE W 93 -1.23 -48.75 56.17
C ILE W 93 -0.07 -48.48 55.22
N ASP W 94 1.13 -48.97 55.51
CA ASP W 94 2.23 -48.78 54.59
C ASP W 94 2.20 -49.83 53.50
N ALA W 95 1.05 -50.00 52.87
CA ALA W 95 0.85 -50.92 51.76
C ALA W 95 0.55 -50.21 50.45
N HIS W 96 -0.21 -49.11 50.51
CA HIS W 96 -0.37 -48.27 49.32
C HIS W 96 0.96 -47.67 48.88
N ASP W 97 1.90 -47.49 49.81
CA ASP W 97 3.20 -46.94 49.45
C ASP W 97 4.18 -48.04 49.04
N ALA W 98 4.07 -49.22 49.65
CA ALA W 98 4.99 -50.32 49.32
C ALA W 98 4.55 -51.05 48.06
N LEU W 99 3.36 -51.65 48.10
CA LEU W 99 2.84 -52.44 46.98
C LEU W 99 2.02 -51.51 46.09
N ASN W 100 2.68 -50.85 45.15
CA ASN W 100 1.99 -49.93 44.24
C ASN W 100 2.94 -49.56 43.11
N ALA W 101 2.37 -48.92 42.09
CA ALA W 101 3.11 -48.36 40.95
C ALA W 101 3.83 -49.50 40.23
N ASP W 102 5.15 -49.44 40.04
CA ASP W 102 5.85 -50.49 39.30
C ASP W 102 5.81 -51.83 40.01
N ALA W 103 5.47 -51.86 41.29
CA ALA W 103 5.43 -53.12 42.02
C ALA W 103 4.42 -54.08 41.40
N GLY W 104 3.21 -53.60 41.11
CA GLY W 104 2.21 -54.42 40.48
C GLY W 104 0.92 -54.66 41.24
N PRO W 105 0.99 -54.99 42.56
CA PRO W 105 -0.24 -55.36 43.27
C PRO W 105 -1.35 -54.32 43.21
N ASN W 106 -1.09 -53.09 43.67
CA ASN W 106 -2.14 -52.08 43.70
C ASN W 106 -2.56 -51.67 42.30
N PHE W 107 -1.61 -51.64 41.36
CA PHE W 107 -1.94 -51.23 40.00
C PHE W 107 -2.95 -52.18 39.35
N GLN W 108 -2.78 -53.48 39.56
CA GLN W 108 -3.73 -54.45 39.03
C GLN W 108 -5.09 -54.29 39.70
N ILE W 109 -5.11 -54.01 41.01
CA ILE W 109 -6.37 -53.77 41.69
C ILE W 109 -7.07 -52.55 41.11
N ILE W 110 -6.30 -51.52 40.76
CA ILE W 110 -6.89 -50.32 40.16
C ILE W 110 -7.53 -50.66 38.82
N LEU W 111 -6.83 -51.43 37.99
CA LEU W 111 -7.34 -51.73 36.66
C LEU W 111 -8.63 -52.54 36.73
N PHE W 112 -8.62 -53.62 37.52
CA PHE W 112 -9.79 -54.50 37.54
C PHE W 112 -10.97 -53.87 38.26
N ILE W 113 -10.72 -52.98 39.23
CA ILE W 113 -11.81 -52.20 39.80
C ILE W 113 -12.33 -51.21 38.76
N SER W 114 -11.43 -50.66 37.95
CA SER W 114 -11.84 -49.78 36.86
C SER W 114 -12.71 -50.52 35.84
N ILE W 115 -12.32 -51.76 35.51
CA ILE W 115 -13.08 -52.53 34.53
C ILE W 115 -14.49 -52.80 35.05
N VAL W 116 -14.61 -53.20 36.32
CA VAL W 116 -15.92 -53.44 36.90
C VAL W 116 -16.74 -52.15 36.91
N GLU W 117 -16.12 -51.04 37.32
CA GLU W 117 -16.86 -49.78 37.41
C GLU W 117 -17.28 -49.28 36.04
N LEU W 118 -16.38 -49.35 35.05
CA LEU W 118 -16.73 -48.93 33.69
C LEU W 118 -17.81 -49.82 33.08
N CYS W 119 -17.95 -51.05 33.55
CA CYS W 119 -19.01 -51.93 33.06
C CYS W 119 -20.32 -51.71 33.80
N CYS W 120 -20.28 -51.51 35.11
CA CYS W 120 -21.48 -51.24 35.90
C CYS W 120 -21.76 -49.76 36.04
N ALA W 121 -21.28 -48.94 35.10
CA ALA W 121 -21.52 -47.50 35.15
C ALA W 121 -22.83 -47.11 34.48
N LYS W 122 -23.29 -47.88 33.49
CA LYS W 122 -24.56 -47.57 32.86
C LYS W 122 -25.74 -47.80 33.81
N LYS W 123 -25.56 -48.64 34.83
CA LYS W 123 -26.59 -48.81 35.86
C LYS W 123 -26.65 -47.63 36.81
N VAL W 124 -25.52 -46.95 37.02
CA VAL W 124 -25.51 -45.82 37.95
C VAL W 124 -26.23 -44.62 37.37
N PHE W 125 -26.04 -44.36 36.07
CA PHE W 125 -26.65 -43.20 35.43
C PHE W 125 -28.00 -43.54 34.81
N GLU W 126 -28.02 -44.45 33.85
CA GLU W 126 -29.26 -45.02 33.34
C GLU W 126 -29.71 -46.15 34.28
N TRP W 127 -30.97 -46.54 34.15
CA TRP W 127 -31.51 -47.69 34.89
C TRP W 127 -31.48 -47.49 36.40
N ASN W 128 -31.08 -46.31 36.86
CA ASN W 128 -31.02 -46.00 38.28
C ASN W 128 -32.24 -45.17 38.66
N SER W 129 -33.09 -45.73 39.51
CA SER W 129 -34.29 -45.05 39.98
C SER W 129 -34.27 -45.02 41.50
N VAL W 130 -35.31 -44.42 42.08
CA VAL W 130 -35.48 -44.42 43.54
C VAL W 130 -35.85 -45.80 44.07
N GLU W 131 -36.05 -46.77 43.18
CA GLU W 131 -36.41 -48.14 43.55
C GLU W 131 -35.25 -49.12 43.38
N THR W 132 -34.44 -48.96 42.34
CA THR W 132 -33.34 -49.88 42.05
C THR W 132 -31.99 -49.21 42.27
N ALA W 133 -31.87 -48.38 43.30
CA ALA W 133 -30.63 -47.69 43.61
C ALA W 133 -29.76 -48.59 44.48
N GLY W 134 -28.60 -48.97 43.96
CA GLY W 134 -27.71 -49.89 44.64
C GLY W 134 -28.01 -51.35 44.42
N ASP W 135 -29.10 -51.67 43.74
CA ASP W 135 -29.50 -53.05 43.49
C ASP W 135 -28.78 -53.55 42.25
N TYR W 136 -27.83 -54.47 42.46
CA TYR W 136 -27.09 -55.10 41.37
C TYR W 136 -27.48 -56.57 41.20
N ASN W 137 -28.73 -56.91 41.52
CA ASN W 137 -29.37 -58.21 41.36
C ASN W 137 -28.81 -59.26 42.31
N LEU W 138 -27.82 -58.93 43.13
CA LEU W 138 -27.20 -59.90 44.04
C LEU W 138 -28.05 -60.02 45.32
N THR W 139 -29.19 -60.66 45.17
CA THR W 139 -30.15 -60.86 46.25
C THR W 139 -30.23 -62.35 46.56
N ARG W 140 -29.34 -62.82 47.43
CA ARG W 140 -29.29 -64.22 47.82
C ARG W 140 -29.94 -64.45 49.18
N LEU W 141 -29.44 -63.76 50.21
CA LEU W 141 -29.97 -63.86 51.56
C LEU W 141 -31.05 -62.83 51.85
N PHE W 142 -31.49 -62.11 50.83
CA PHE W 142 -32.52 -61.09 51.00
C PHE W 142 -33.81 -61.75 51.48
N PRO W 143 -34.43 -61.25 52.55
CA PRO W 143 -35.75 -61.77 52.93
C PRO W 143 -36.78 -61.46 51.87
N GLU W 144 -37.92 -62.15 51.96
CA GLU W 144 -38.95 -62.03 50.94
C GLU W 144 -40.03 -61.02 51.33
N ASP W 145 -40.40 -60.97 52.60
CA ASP W 145 -41.42 -60.02 53.05
C ASP W 145 -40.91 -58.59 52.94
N ASP W 146 -41.84 -57.65 52.74
CA ASP W 146 -41.47 -56.26 52.50
C ASP W 146 -40.82 -55.63 53.73
N GLU W 147 -41.39 -55.86 54.92
CA GLU W 147 -40.88 -55.18 56.11
C GLU W 147 -39.50 -55.70 56.48
N ALA W 148 -39.24 -57.00 56.28
CA ALA W 148 -37.91 -57.54 56.57
C ALA W 148 -36.89 -57.10 55.54
N GLN W 149 -37.33 -56.92 54.28
CA GLN W 149 -36.44 -56.34 53.28
C GLN W 149 -36.00 -54.93 53.69
N LYS W 150 -36.90 -54.18 54.31
CA LYS W 150 -36.54 -52.86 54.81
C LYS W 150 -35.50 -52.95 55.91
N GLN W 151 -35.62 -53.96 56.78
CA GLN W 151 -34.64 -54.12 57.86
C GLN W 151 -33.26 -54.41 57.31
N MET W 152 -33.17 -55.32 56.34
CA MET W 152 -31.88 -55.63 55.73
C MET W 152 -31.33 -54.42 54.98
N ARG W 153 -32.19 -53.69 54.28
CA ARG W 153 -31.76 -52.44 53.66
C ARG W 153 -31.30 -51.44 54.71
N ILE W 154 -32.04 -51.35 55.83
CA ILE W 154 -31.62 -50.49 56.93
C ILE W 154 -30.35 -51.01 57.56
N ALA W 155 -30.21 -52.34 57.65
CA ALA W 155 -29.01 -52.92 58.27
C ALA W 155 -27.76 -52.60 57.45
N GLU W 156 -27.86 -52.72 56.11
CA GLU W 156 -26.71 -52.42 55.27
C GLU W 156 -26.32 -50.96 55.38
N LEU W 157 -27.31 -50.05 55.35
CA LEU W 157 -27.02 -48.63 55.39
C LEU W 157 -26.35 -48.24 56.70
N LYS W 158 -26.87 -48.74 57.83
CA LYS W 158 -26.28 -48.40 59.13
C LYS W 158 -24.87 -48.98 59.25
N ASN W 159 -24.67 -50.20 58.76
CA ASN W 159 -23.33 -50.77 58.74
C ASN W 159 -22.41 -50.02 57.79
N GLY W 160 -22.92 -49.66 56.62
CA GLY W 160 -22.11 -48.90 55.67
C GLY W 160 -21.75 -47.52 56.19
N ARG W 161 -22.73 -46.83 56.80
CA ARG W 161 -22.45 -45.54 57.41
C ARG W 161 -21.42 -45.67 58.53
N LEU W 162 -21.56 -46.71 59.35
CA LEU W 162 -20.62 -46.91 60.44
C LEU W 162 -19.21 -47.18 59.93
N ALA W 163 -19.09 -48.02 58.90
CA ALA W 163 -17.78 -48.34 58.34
C ALA W 163 -17.14 -47.11 57.70
N MET W 164 -17.95 -46.28 57.04
CA MET W 164 -17.43 -45.03 56.47
C MET W 164 -16.78 -44.18 57.55
N ILE W 165 -17.45 -44.00 58.68
CA ILE W 165 -16.88 -43.26 59.78
C ILE W 165 -15.75 -44.05 60.44
N ALA W 166 -15.96 -45.36 60.62
CA ALA W 166 -14.95 -46.18 61.28
C ALA W 166 -13.64 -46.22 60.50
N PHE W 167 -13.73 -46.34 59.17
CA PHE W 167 -12.51 -46.34 58.36
C PHE W 167 -11.77 -45.01 58.50
N GLY W 168 -12.50 -43.91 58.55
CA GLY W 168 -11.87 -42.62 58.72
C GLY W 168 -11.00 -42.57 59.96
N GLY W 169 -11.53 -43.06 61.08
CA GLY W 169 -10.71 -43.19 62.27
C GLY W 169 -9.59 -44.19 62.10
N ALA W 170 -9.85 -45.26 61.35
CA ALA W 170 -8.87 -46.34 61.22
C ALA W 170 -7.58 -45.84 60.61
N VAL W 171 -7.66 -45.15 59.47
CA VAL W 171 -6.45 -44.64 58.83
C VAL W 171 -5.84 -43.51 59.66
N THR W 172 -6.68 -42.63 60.21
CA THR W 172 -6.15 -41.50 60.96
C THR W 172 -5.47 -41.96 62.24
N GLN W 173 -6.09 -42.88 62.98
CA GLN W 173 -5.47 -43.40 64.19
C GLN W 173 -4.22 -44.20 63.86
N ALA W 174 -4.26 -44.99 62.79
CA ALA W 174 -3.10 -45.80 62.42
C ALA W 174 -1.92 -44.94 62.01
N VAL W 175 -2.18 -43.91 61.19
CA VAL W 175 -1.10 -43.08 60.67
C VAL W 175 -0.43 -42.28 61.79
N ILE W 176 -1.21 -41.80 62.76
CA ILE W 176 -0.63 -41.06 63.88
C ILE W 176 0.00 -41.97 64.92
N THR W 177 -0.12 -43.28 64.77
CA THR W 177 0.38 -44.20 65.78
C THR W 177 1.37 -45.20 65.19
N GLY W 178 1.11 -45.68 63.98
CA GLY W 178 1.92 -46.74 63.42
C GLY W 178 1.84 -48.02 64.24
N LYS W 179 0.64 -48.39 64.69
CA LYS W 179 0.43 -49.48 65.63
C LYS W 179 -0.50 -50.53 65.04
N PRO W 180 -0.55 -51.75 65.62
CA PRO W 180 -1.41 -52.79 65.07
C PRO W 180 -2.90 -52.52 65.26
N PHE W 181 -3.75 -53.51 64.92
CA PHE W 181 -5.20 -53.36 64.75
C PHE W 181 -5.86 -52.41 65.74
N PRO W 182 -5.73 -52.60 67.06
CA PRO W 182 -6.28 -51.58 67.95
C PRO W 182 -5.39 -50.36 67.91
N TRP W 183 -5.82 -49.34 67.16
CA TRP W 183 -4.94 -48.22 66.82
C TRP W 183 -4.78 -47.23 67.96
N THR W 184 -5.16 -47.61 69.17
CA THR W 184 -4.88 -46.78 70.34
C THR W 184 -3.38 -46.68 70.56
N PHE W 185 -2.95 -45.53 71.08
CA PHE W 185 -1.53 -45.25 71.32
C PHE W 185 -0.85 -46.33 72.16
N PHE X 1 -35.44 -10.65 60.83
CA PHE X 1 -34.16 -11.29 60.56
C PHE X 1 -33.77 -12.25 61.68
N ALA X 2 -33.61 -13.52 61.32
CA ALA X 2 -33.24 -14.58 62.25
C ALA X 2 -34.17 -14.62 63.46
N GLY X 3 -35.47 -14.75 63.16
CA GLY X 3 -36.47 -14.74 64.20
C GLY X 3 -36.42 -13.45 65.00
N GLY X 4 -36.44 -13.58 66.32
CA GLY X 4 -36.29 -12.43 67.20
C GLY X 4 -34.96 -12.43 67.90
N LEU X 5 -33.98 -13.13 67.34
CA LEU X 5 -32.66 -13.24 67.96
C LEU X 5 -32.02 -11.86 68.08
N THR X 6 -31.26 -11.67 69.15
CA THR X 6 -30.75 -10.36 69.53
C THR X 6 -29.34 -10.10 69.02
N GLY X 7 -28.85 -10.86 68.05
CA GLY X 7 -27.54 -10.58 67.49
C GLY X 7 -27.47 -9.20 66.89
N SER X 8 -28.47 -8.84 66.10
CA SER X 8 -28.64 -7.45 65.67
C SER X 8 -29.32 -6.66 66.78
N ASP X 9 -29.57 -5.38 66.49
CA ASP X 9 -30.18 -4.43 67.43
C ASP X 9 -29.20 -4.05 68.52
N TYR X 10 -29.18 -2.78 68.92
CA TYR X 10 -28.23 -2.26 69.89
C TYR X 10 -26.79 -2.59 69.48
N GLY X 11 -26.53 -2.47 68.17
CA GLY X 11 -25.27 -2.95 67.62
C GLY X 11 -24.37 -1.89 67.01
N GLY X 12 -24.22 -0.76 67.69
CA GLY X 12 -23.27 0.25 67.26
C GLY X 12 -23.87 1.55 66.79
N PHE X 13 -23.22 2.24 65.84
CA PHE X 13 -23.74 3.53 65.39
C PHE X 13 -25.12 3.37 64.76
N GLY X 14 -25.31 2.30 64.00
CA GLY X 14 -26.66 1.92 63.60
C GLY X 14 -27.31 1.11 64.69
N GLY X 15 -28.61 1.33 64.87
CA GLY X 15 -29.35 0.57 65.86
C GLY X 15 -29.29 -0.92 65.59
N LYS X 16 -29.52 -1.32 64.35
CA LYS X 16 -29.54 -2.72 63.94
C LYS X 16 -28.54 -2.93 62.81
N TYR X 17 -27.78 -4.02 62.91
CA TYR X 17 -26.82 -4.40 61.88
C TYR X 17 -27.35 -5.47 60.94
N GLU X 18 -27.76 -6.61 61.49
CA GLU X 18 -28.30 -7.74 60.70
C GLU X 18 -27.30 -8.20 59.65
N TRP X 19 -26.16 -8.70 60.12
CA TRP X 19 -25.08 -9.16 59.25
C TRP X 19 -25.25 -10.64 58.96
N ASP X 20 -25.85 -10.95 57.82
CA ASP X 20 -25.94 -12.32 57.32
C ASP X 20 -25.64 -12.33 55.82
N PRO X 21 -24.41 -11.98 55.42
CA PRO X 21 -24.12 -11.86 53.99
C PRO X 21 -23.72 -13.16 53.32
N VAL X 22 -24.37 -14.27 53.70
CA VAL X 22 -24.36 -15.50 52.91
C VAL X 22 -25.77 -16.07 52.88
N GLY X 23 -26.62 -15.57 53.77
CA GLY X 23 -27.98 -16.09 53.87
C GLY X 23 -28.09 -17.40 54.60
N PHE X 24 -27.16 -17.72 55.51
CA PHE X 24 -27.22 -18.98 56.24
C PHE X 24 -28.43 -19.07 57.15
N SER X 25 -29.11 -17.96 57.40
CA SER X 25 -30.36 -17.94 58.15
C SER X 25 -31.59 -18.10 57.26
N THR X 26 -31.68 -17.33 56.18
CA THR X 26 -32.80 -17.47 55.27
C THR X 26 -32.76 -18.82 54.55
N ARG X 27 -31.57 -19.26 54.14
CA ARG X 27 -31.45 -20.54 53.45
C ARG X 27 -31.81 -21.70 54.38
N TRP X 28 -31.42 -21.62 55.64
CA TRP X 28 -31.69 -22.68 56.62
C TRP X 28 -32.38 -22.06 57.83
N PRO X 29 -33.67 -21.76 57.72
CA PRO X 29 -34.38 -21.14 58.86
C PRO X 29 -34.67 -22.10 60.00
N GLU X 30 -34.72 -23.40 59.73
CA GLU X 30 -34.95 -24.39 60.79
C GLU X 30 -33.79 -24.50 61.74
N HIS X 31 -32.61 -23.98 61.39
CA HIS X 31 -31.43 -24.10 62.22
C HIS X 31 -31.08 -22.82 62.97
N LEU X 32 -31.95 -21.81 62.93
CA LEU X 32 -31.67 -20.59 63.70
C LEU X 32 -31.57 -20.88 65.18
N ALA X 33 -32.32 -21.88 65.67
CA ALA X 33 -32.13 -22.34 67.04
C ALA X 33 -30.75 -22.96 67.21
N TRP X 34 -30.35 -23.81 66.28
CA TRP X 34 -29.05 -24.46 66.37
C TRP X 34 -27.91 -23.45 66.22
N TYR X 35 -28.06 -22.48 65.32
CA TYR X 35 -27.00 -21.51 65.09
C TYR X 35 -26.79 -20.62 66.31
N ARG X 36 -27.88 -20.17 66.93
CA ARG X 36 -27.72 -19.35 68.12
C ARG X 36 -27.08 -20.16 69.19
N GLU X 37 -27.61 -21.35 69.40
CA GLU X 37 -27.03 -22.22 70.43
C GLU X 37 -25.54 -22.39 70.20
N ALA X 38 -25.14 -22.61 68.94
CA ALA X 38 -23.73 -22.76 68.62
C ALA X 38 -22.97 -21.45 68.78
N GLU X 39 -23.55 -20.35 68.31
CA GLU X 39 -22.87 -19.05 68.41
C GLU X 39 -22.63 -18.67 69.86
N LEU X 40 -23.65 -18.82 70.70
CA LEU X 40 -23.48 -18.50 72.11
C LEU X 40 -22.45 -19.41 72.76
N LYS X 41 -22.63 -20.73 72.61
CA LYS X 41 -21.69 -21.68 73.23
C LYS X 41 -20.27 -21.46 72.74
N HIS X 42 -20.11 -21.01 71.50
CA HIS X 42 -18.78 -20.63 71.03
C HIS X 42 -18.25 -19.42 71.79
N GLY X 43 -19.09 -18.40 71.95
CA GLY X 43 -18.64 -17.21 72.63
C GLY X 43 -18.24 -17.48 74.07
N ARG X 44 -19.09 -18.20 74.81
CA ARG X 44 -18.80 -18.46 76.22
C ARG X 44 -17.49 -19.20 76.39
N ILE X 45 -17.26 -20.22 75.56
CA ILE X 45 -16.03 -21.00 75.66
C ILE X 45 -14.82 -20.16 75.27
N ALA X 46 -14.96 -19.36 74.21
CA ALA X 46 -13.86 -18.50 73.79
C ALA X 46 -13.51 -17.49 74.87
N MET X 47 -14.52 -16.91 75.51
CA MET X 47 -14.27 -15.95 76.59
C MET X 47 -13.56 -16.63 77.75
N LEU X 48 -13.98 -17.84 78.11
CA LEU X 48 -13.25 -18.60 79.12
C LEU X 48 -11.88 -19.02 78.62
N ALA X 49 -11.74 -19.22 77.30
CA ALA X 49 -10.45 -19.58 76.74
C ALA X 49 -9.45 -18.43 76.86
N PHE X 50 -9.87 -17.23 76.46
CA PHE X 50 -8.97 -16.08 76.53
C PHE X 50 -8.62 -15.76 77.98
N ALA X 51 -9.63 -15.66 78.85
CA ALA X 51 -9.37 -15.49 80.27
C ALA X 51 -8.65 -16.70 80.84
N GLY X 52 -8.68 -17.84 80.15
CA GLY X 52 -7.88 -18.98 80.51
C GLY X 52 -6.41 -18.69 80.38
N LEU X 53 -5.93 -18.48 79.15
CA LEU X 53 -4.50 -18.35 78.86
C LEU X 53 -3.76 -17.41 79.80
N LEU X 54 -4.48 -16.48 80.43
CA LEU X 54 -3.83 -15.48 81.27
C LEU X 54 -3.68 -15.96 82.72
N ALA X 55 -4.69 -16.66 83.25
CA ALA X 55 -4.72 -16.92 84.69
C ALA X 55 -3.76 -18.01 85.13
N PRO X 56 -3.65 -19.16 84.40
CA PRO X 56 -2.56 -20.09 84.68
C PRO X 56 -1.18 -19.45 84.81
N ASP X 57 -0.95 -18.34 84.13
CA ASP X 57 0.33 -17.65 84.27
C ASP X 57 0.55 -17.11 85.68
N LEU X 58 -0.51 -16.98 86.48
CA LEU X 58 -0.39 -16.48 87.84
C LEU X 58 -0.71 -17.54 88.88
N PHE X 59 -1.89 -18.13 88.83
CA PHE X 59 -2.29 -19.20 89.74
C PHE X 59 -2.37 -20.51 88.97
N ARG X 60 -2.09 -21.61 89.66
CA ARG X 60 -2.22 -22.95 89.09
C ARG X 60 -3.08 -23.80 90.01
N LEU X 61 -3.91 -24.66 89.41
CA LEU X 61 -4.83 -25.47 90.18
C LEU X 61 -4.07 -26.43 91.10
N PRO X 62 -4.66 -26.80 92.23
CA PRO X 62 -3.98 -27.68 93.18
C PRO X 62 -3.93 -29.15 92.78
N TRP X 63 -4.20 -29.48 91.52
CA TRP X 63 -4.20 -30.86 91.09
C TRP X 63 -2.83 -31.52 91.23
N ALA X 64 -1.77 -30.73 91.35
CA ALA X 64 -0.40 -31.18 91.61
C ALA X 64 0.21 -31.92 90.42
N GLU X 65 -0.57 -32.14 89.36
CA GLU X 65 0.01 -32.50 88.07
C GLU X 65 0.05 -31.29 87.14
N PHE X 66 -0.98 -30.45 87.19
CA PHE X 66 -0.94 -29.14 86.55
C PHE X 66 0.01 -28.19 87.27
N GLN X 67 0.44 -28.51 88.48
CA GLN X 67 1.34 -27.66 89.26
C GLN X 67 2.78 -27.84 88.78
N ASP X 68 3.00 -27.50 87.52
CA ASP X 68 4.32 -27.61 86.91
C ASP X 68 4.47 -26.50 85.88
N SER X 69 5.67 -25.93 85.81
CA SER X 69 5.97 -24.92 84.81
C SER X 69 6.04 -25.55 83.42
N SER X 70 6.33 -24.71 82.42
CA SER X 70 6.50 -25.09 81.02
C SER X 70 5.23 -25.63 80.39
N LEU X 71 4.09 -25.59 81.08
CA LEU X 71 2.81 -26.01 80.50
C LEU X 71 2.09 -24.77 79.98
N ASP X 72 2.60 -24.24 78.87
CA ASP X 72 2.00 -23.10 78.21
C ASP X 72 0.86 -23.59 77.31
N PHE X 73 0.35 -22.73 76.43
CA PHE X 73 -0.83 -23.05 75.65
C PHE X 73 -0.51 -23.84 74.38
N ALA X 74 0.76 -24.18 74.16
CA ALA X 74 1.16 -24.99 73.03
C ALA X 74 1.52 -26.42 73.42
N ASN X 75 1.58 -26.72 74.71
CA ASN X 75 1.94 -28.05 75.18
C ASN X 75 1.06 -28.60 76.29
N ALA X 76 0.19 -27.78 76.90
CA ALA X 76 -0.62 -28.26 78.01
C ALA X 76 -1.54 -29.40 77.58
N HIS X 77 -2.09 -29.29 76.36
CA HIS X 77 -2.99 -30.33 75.86
C HIS X 77 -2.29 -31.67 75.76
N ASP X 78 -1.26 -31.74 74.90
CA ASP X 78 -0.59 -33.01 74.62
C ASP X 78 0.19 -33.54 75.82
N LYS X 79 0.39 -32.74 76.86
CA LYS X 79 1.13 -33.16 78.04
C LYS X 79 0.23 -33.81 79.09
N PHE X 80 -0.96 -33.24 79.33
CA PHE X 80 -1.81 -33.70 80.42
C PHE X 80 -2.46 -35.04 80.09
N VAL X 81 -2.97 -35.21 78.87
CA VAL X 81 -3.53 -36.50 78.48
C VAL X 81 -2.41 -37.52 78.48
N ALA X 82 -2.57 -38.56 79.31
CA ALA X 82 -1.48 -39.45 79.66
C ALA X 82 -1.78 -40.86 79.14
N GLY X 83 -0.93 -41.81 79.55
CA GLY X 83 -1.00 -43.18 79.07
C GLY X 83 -2.36 -43.87 79.13
N PHE X 89 -7.83 -40.03 81.67
CA PHE X 89 -6.65 -40.43 82.43
C PHE X 89 -6.07 -39.25 83.22
N GLY X 90 -5.63 -38.23 82.49
CA GLY X 90 -5.01 -37.08 83.12
C GLY X 90 -5.98 -35.94 83.37
N PRO X 91 -5.45 -34.75 83.60
CA PRO X 91 -6.32 -33.59 83.86
C PRO X 91 -7.27 -33.26 82.71
N MET X 92 -6.85 -33.46 81.46
CA MET X 92 -7.71 -33.13 80.34
C MET X 92 -8.98 -33.97 80.34
N TRP X 93 -8.89 -35.22 80.80
CA TRP X 93 -10.09 -36.04 80.94
C TRP X 93 -10.94 -35.59 82.11
N TRP X 94 -10.32 -35.02 83.15
CA TRP X 94 -11.10 -34.44 84.24
C TRP X 94 -11.94 -33.28 83.72
N GLY X 95 -11.37 -32.44 82.86
CA GLY X 95 -12.14 -31.36 82.26
C GLY X 95 -13.21 -31.88 81.30
N PHE X 96 -12.86 -32.87 80.47
CA PHE X 96 -13.80 -33.38 79.48
C PHE X 96 -15.00 -34.03 80.14
N ILE X 97 -14.77 -34.80 81.22
CA ILE X 97 -15.88 -35.40 81.95
C ILE X 97 -16.78 -34.32 82.54
N ALA X 98 -16.18 -33.25 83.07
CA ALA X 98 -16.96 -32.14 83.61
C ALA X 98 -17.82 -31.51 82.53
N CYS X 99 -17.24 -31.27 81.35
CA CYS X 99 -18.01 -30.69 80.26
C CYS X 99 -19.14 -31.63 79.81
N GLY X 100 -18.93 -32.94 79.97
CA GLY X 100 -20.01 -33.87 79.70
C GLY X 100 -21.15 -33.73 80.68
N GLY X 101 -20.84 -33.53 81.95
CA GLY X 101 -21.89 -33.36 82.95
C GLY X 101 -22.75 -32.14 82.68
N ILE X 102 -22.13 -31.01 82.36
CA ILE X 102 -22.89 -29.80 82.06
C ILE X 102 -23.69 -29.97 80.77
N GLU X 103 -23.05 -30.53 79.73
CA GLU X 103 -23.74 -30.65 78.45
C GLU X 103 -24.91 -31.62 78.52
N TYR X 104 -24.84 -32.61 79.41
CA TYR X 104 -25.97 -33.52 79.60
C TYR X 104 -27.18 -32.78 80.14
N GLN X 105 -26.95 -31.79 80.99
CA GLN X 105 -28.06 -31.01 81.54
C GLN X 105 -28.83 -30.30 80.43
N ARG X 106 -28.12 -29.75 79.45
CA ARG X 106 -28.77 -29.08 78.32
C ARG X 106 -29.67 -30.03 77.56
N PHE X 107 -29.29 -31.31 77.47
CA PHE X 107 -30.13 -32.29 76.79
C PHE X 107 -31.46 -32.47 77.49
N ARG X 108 -31.44 -32.52 78.82
CA ARG X 108 -32.67 -32.77 79.58
C ARG X 108 -33.68 -31.65 79.37
N LYS X 109 -33.20 -30.40 79.32
CA LYS X 109 -34.11 -29.26 79.23
C LYS X 109 -34.77 -29.18 77.86
N LEU X 110 -34.07 -29.59 76.79
CA LEU X 110 -34.57 -29.44 75.43
C LEU X 110 -34.86 -30.79 74.76
N GLY X 111 -34.92 -31.87 75.52
CA GLY X 111 -35.16 -33.18 74.95
C GLY X 111 -33.90 -33.77 74.33
N LEU X 112 -33.99 -35.07 74.01
CA LEU X 112 -32.83 -35.78 73.50
C LEU X 112 -32.43 -35.27 72.11
N GLY X 113 -33.40 -35.15 71.21
CA GLY X 113 -33.11 -34.65 69.88
C GLY X 113 -33.05 -33.15 69.79
N MET X 114 -33.07 -32.45 70.93
CA MET X 114 -33.14 -30.99 70.99
C MET X 114 -34.33 -30.48 70.18
N GLU X 115 -35.46 -31.18 70.30
CA GLU X 115 -36.68 -30.74 69.63
C GLU X 115 -37.22 -29.45 70.24
N GLY X 116 -37.09 -29.28 71.55
CA GLY X 116 -37.56 -28.07 72.19
C GLY X 116 -36.74 -26.84 71.86
N LEU X 117 -35.55 -27.03 71.28
CA LEU X 117 -34.70 -25.90 70.90
C LEU X 117 -35.42 -25.03 69.88
N THR X 118 -35.74 -23.80 70.28
CA THR X 118 -36.34 -22.83 69.38
C THR X 118 -35.52 -21.55 69.33
N LEU X 119 -36.06 -20.52 68.69
CA LEU X 119 -35.33 -19.28 68.46
C LEU X 119 -35.36 -18.33 69.66
N GLU X 120 -35.90 -18.77 70.80
CA GLU X 120 -35.98 -17.91 71.96
C GLU X 120 -35.36 -18.56 73.19
N ASN X 121 -35.38 -19.89 73.24
CA ASN X 121 -34.74 -20.62 74.33
C ASN X 121 -33.31 -21.00 74.03
N ALA X 122 -32.80 -20.64 72.85
CA ALA X 122 -31.45 -21.01 72.46
C ALA X 122 -30.41 -20.30 73.34
N GLY X 123 -29.40 -21.05 73.77
CA GLY X 123 -28.34 -20.50 74.59
C GLY X 123 -28.84 -19.95 75.91
N ASN X 124 -29.95 -20.48 76.41
CA ASN X 124 -30.57 -20.06 77.66
C ASN X 124 -30.61 -21.27 78.58
N LEU X 125 -29.54 -21.48 79.35
CA LEU X 125 -29.49 -22.58 80.29
C LEU X 125 -30.31 -22.31 81.54
N GLY X 126 -30.75 -21.08 81.76
CA GLY X 126 -31.60 -20.75 82.89
C GLY X 126 -30.89 -20.18 84.10
N TRP X 127 -29.57 -19.98 84.02
CA TRP X 127 -28.80 -19.44 85.15
C TRP X 127 -29.02 -17.94 85.20
N PHE X 128 -29.98 -17.51 86.02
CA PHE X 128 -30.35 -16.10 86.15
C PHE X 128 -30.02 -15.66 87.58
N ASP X 129 -28.90 -14.96 87.75
CA ASP X 129 -28.57 -14.35 89.05
C ASP X 129 -28.46 -12.84 88.96
N LEU X 130 -27.65 -12.32 88.04
CA LEU X 130 -27.45 -10.89 87.82
C LEU X 130 -28.57 -10.19 87.05
N PRO X 131 -29.15 -10.79 86.00
CA PRO X 131 -30.06 -10.02 85.14
C PRO X 131 -31.32 -9.59 85.88
N LYS X 132 -31.90 -8.49 85.42
CA LYS X 132 -33.13 -7.97 86.00
C LYS X 132 -34.00 -7.42 84.88
N ASN X 133 -35.31 -7.37 85.11
CA ASN X 133 -36.26 -6.74 84.20
C ASN X 133 -36.31 -7.47 82.87
N SER X 134 -36.95 -6.87 81.86
CA SER X 134 -37.11 -7.47 80.54
C SER X 134 -36.29 -6.78 79.47
N GLU X 135 -36.17 -5.45 79.50
CA GLU X 135 -35.36 -4.76 78.51
C GLU X 135 -33.87 -4.95 78.77
N GLU X 136 -33.46 -5.05 80.03
CA GLU X 136 -32.07 -5.33 80.33
C GLU X 136 -31.65 -6.69 79.82
N ARG X 137 -32.54 -7.69 79.95
CA ARG X 137 -32.25 -9.00 79.37
C ARG X 137 -31.97 -8.89 77.88
N LEU X 138 -32.73 -8.04 77.19
CA LEU X 138 -32.42 -7.76 75.79
C LEU X 138 -31.07 -7.05 75.67
N PHE X 139 -30.83 -6.06 76.53
CA PHE X 139 -29.56 -5.35 76.49
C PHE X 139 -28.40 -6.26 76.88
N TYR X 140 -28.60 -7.09 77.91
CA TYR X 140 -27.54 -7.99 78.35
C TYR X 140 -27.28 -9.09 77.32
N GLU X 141 -28.32 -9.56 76.64
CA GLU X 141 -28.14 -10.60 75.62
C GLU X 141 -27.28 -10.10 74.48
N THR X 142 -27.47 -8.85 74.07
CA THR X 142 -26.60 -8.27 73.05
C THR X 142 -25.21 -8.01 73.60
N ALA X 143 -25.12 -7.59 74.86
CA ALA X 143 -23.82 -7.42 75.50
C ALA X 143 -23.09 -8.75 75.61
N GLU X 144 -23.83 -9.84 75.86
CA GLU X 144 -23.23 -11.16 75.86
C GLU X 144 -22.59 -11.44 74.51
N LEU X 145 -23.38 -11.38 73.44
CA LEU X 145 -22.90 -11.77 72.12
C LEU X 145 -21.74 -10.88 71.68
N LYS X 146 -21.89 -9.57 71.85
CA LYS X 146 -20.85 -8.64 71.37
C LYS X 146 -19.53 -8.93 72.05
N ASN X 147 -19.54 -9.23 73.35
CA ASN X 147 -18.35 -9.74 74.01
C ASN X 147 -17.98 -11.12 73.48
N GLY X 148 -18.97 -11.99 73.30
CA GLY X 148 -18.69 -13.36 72.88
C GLY X 148 -18.09 -13.44 71.49
N ARG X 149 -18.68 -12.71 70.54
CA ARG X 149 -18.16 -12.71 69.18
C ARG X 149 -16.74 -12.14 69.13
N LEU X 150 -16.49 -11.10 69.93
CA LEU X 150 -15.16 -10.50 69.97
C LEU X 150 -14.12 -11.47 70.50
N ALA X 151 -14.44 -12.19 71.58
CA ALA X 151 -13.49 -13.13 72.15
C ALA X 151 -13.27 -14.33 71.24
N MET X 152 -14.28 -14.69 70.46
CA MET X 152 -14.11 -15.78 69.49
C MET X 152 -13.04 -15.44 68.47
N LEU X 153 -13.03 -14.19 67.99
CA LEU X 153 -11.95 -13.74 67.13
C LEU X 153 -10.67 -13.51 67.91
N ALA X 154 -10.79 -13.10 69.18
CA ALA X 154 -9.60 -12.83 69.99
C ALA X 154 -8.81 -14.10 70.26
N VAL X 155 -9.49 -15.14 70.77
CA VAL X 155 -8.79 -16.39 71.04
C VAL X 155 -8.31 -17.02 69.75
N SER X 156 -9.01 -16.78 68.64
CA SER X 156 -8.54 -17.23 67.34
C SER X 156 -7.20 -16.59 67.00
N GLY X 157 -7.10 -15.27 67.20
CA GLY X 157 -5.83 -14.60 67.02
C GLY X 157 -4.80 -15.01 68.05
N ILE X 158 -5.23 -15.30 69.27
CA ILE X 158 -4.30 -15.73 70.31
C ILE X 158 -3.66 -17.05 69.95
N PHE X 159 -4.49 -18.04 69.59
CA PHE X 159 -3.98 -19.38 69.31
C PHE X 159 -3.06 -19.36 68.10
N THR X 160 -3.46 -18.68 67.04
CA THR X 160 -2.66 -18.68 65.81
C THR X 160 -1.37 -17.87 65.99
N ALA X 161 -1.49 -16.64 66.48
CA ALA X 161 -0.31 -15.79 66.61
C ALA X 161 0.64 -16.33 67.67
N GLY X 162 0.09 -16.83 68.78
CA GLY X 162 0.95 -17.30 69.86
C GLY X 162 1.77 -18.52 69.48
N ILE X 163 1.19 -19.42 68.70
CA ILE X 163 1.92 -20.63 68.35
C ILE X 163 2.76 -20.44 67.10
N PHE X 164 2.37 -19.53 66.21
CA PHE X 164 3.17 -19.28 65.01
C PHE X 164 4.41 -18.46 65.33
N TRP X 165 4.22 -17.33 66.01
CA TRP X 165 5.31 -16.46 66.40
C TRP X 165 5.98 -16.89 67.70
N ASP X 166 5.50 -17.98 68.31
CA ASP X 166 6.10 -18.54 69.53
C ASP X 166 6.06 -17.54 70.67
N GLN X 167 4.87 -17.05 71.00
CA GLN X 167 4.69 -16.10 72.09
C GLN X 167 4.29 -16.80 73.38
N HIS X 168 3.15 -17.50 73.36
CA HIS X 168 2.67 -18.35 74.45
C HIS X 168 2.30 -17.56 75.72
N HIS X 169 2.16 -16.24 75.62
CA HIS X 169 1.86 -15.42 76.80
C HIS X 169 1.00 -14.23 76.36
N PHE X 170 0.43 -13.54 77.35
CA PHE X 170 -0.65 -12.55 77.11
C PHE X 170 -0.41 -11.59 75.95
N PRO X 171 0.78 -11.00 75.76
CA PRO X 171 0.95 -10.14 74.58
C PRO X 171 0.71 -10.88 73.28
N PHE X 172 1.05 -12.18 73.22
CA PHE X 172 0.83 -13.02 72.05
C PHE X 172 1.34 -12.34 70.78
N ILE X 173 2.57 -11.85 70.86
CA ILE X 173 3.20 -11.14 69.76
C ILE X 173 4.66 -11.58 69.61
N GLU Y 4 -33.83 20.27 91.92
CA GLU Y 4 -33.82 19.09 91.06
C GLU Y 4 -32.40 18.60 90.81
N LEU Y 5 -32.27 17.41 90.24
CA LEU Y 5 -30.99 16.81 89.90
C LEU Y 5 -30.04 16.76 91.09
N GLY Y 6 -28.92 17.48 90.98
CA GLY Y 6 -27.85 17.39 91.96
C GLY Y 6 -28.10 18.09 93.28
N VAL Y 7 -29.33 18.58 93.49
CA VAL Y 7 -29.61 19.19 94.77
C VAL Y 7 -29.49 18.05 95.75
N GLN Y 8 -28.79 18.29 96.83
CA GLN Y 8 -28.60 17.16 97.70
C GLN Y 8 -29.42 17.16 98.93
N ALA Y 9 -28.92 16.45 99.91
CA ALA Y 9 -29.65 16.31 101.16
C ALA Y 9 -28.99 17.08 102.31
N PRO Y 10 -27.67 16.95 102.54
CA PRO Y 10 -27.07 17.68 103.68
C PRO Y 10 -26.99 19.18 103.49
N VAL Y 11 -27.13 19.69 102.27
CA VAL Y 11 -27.07 21.12 101.98
C VAL Y 11 -28.08 21.44 100.89
N GLY Y 12 -28.36 22.73 100.72
CA GLY Y 12 -29.36 23.16 99.75
C GLY Y 12 -28.77 23.42 98.38
N PHE Y 13 -28.88 24.66 97.90
CA PHE Y 13 -28.30 25.04 96.62
C PHE Y 13 -26.81 25.35 96.72
N TRP Y 14 -26.29 25.49 97.94
CA TRP Y 14 -24.87 25.73 98.21
C TRP Y 14 -24.27 26.72 97.22
N ASP Y 15 -24.87 27.91 97.18
CA ASP Y 15 -24.47 28.98 96.27
C ASP Y 15 -24.22 30.28 97.02
N PRO Y 16 -23.14 30.35 97.82
CA PRO Y 16 -22.79 31.63 98.45
C PRO Y 16 -22.08 32.57 97.49
N VAL Y 17 -22.02 32.19 96.22
CA VAL Y 17 -21.38 33.00 95.20
C VAL Y 17 -22.36 33.29 94.07
N ASP Y 22 -23.45 30.27 90.44
CA ASP Y 22 -24.41 30.63 89.40
C ASP Y 22 -25.72 31.17 89.99
N GLY Y 23 -26.78 30.37 89.89
CA GLY Y 23 -28.09 30.80 90.35
C GLY Y 23 -28.99 31.25 89.22
N ASN Y 24 -29.00 30.48 88.14
CA ASN Y 24 -29.83 30.76 86.97
C ASN Y 24 -30.18 29.43 86.31
N VAL Y 25 -30.61 29.47 85.06
CA VAL Y 25 -31.00 28.27 84.31
C VAL Y 25 -29.96 27.90 83.26
N ALA Y 26 -29.73 28.78 82.29
CA ALA Y 26 -28.75 28.47 81.24
C ALA Y 26 -27.34 28.41 81.79
N SER Y 27 -26.97 29.36 82.66
CA SER Y 27 -25.65 29.35 83.25
C SER Y 27 -25.44 28.14 84.15
N PHE Y 28 -26.48 27.74 84.89
CA PHE Y 28 -26.37 26.53 85.70
C PHE Y 28 -26.18 25.30 84.83
N ARG Y 29 -26.83 25.26 83.67
CA ARG Y 29 -26.71 24.11 82.78
C ARG Y 29 -25.27 23.90 82.33
N ARG Y 30 -24.60 25.00 81.95
CA ARG Y 30 -23.19 24.89 81.59
C ARG Y 30 -22.35 24.50 82.80
N ARG Y 31 -22.65 25.09 83.96
CA ARG Y 31 -21.93 24.73 85.18
C ARG Y 31 -22.15 23.28 85.56
N ARG Y 32 -23.38 22.79 85.37
CA ARG Y 32 -23.67 21.38 85.64
C ARG Y 32 -22.84 20.47 84.75
N THR Y 33 -22.71 20.83 83.47
CA THR Y 33 -21.88 20.04 82.56
C THR Y 33 -20.44 19.99 83.05
N VAL Y 34 -19.92 21.11 83.53
CA VAL Y 34 -18.58 21.12 84.12
C VAL Y 34 -18.53 20.25 85.36
N GLU Y 35 -19.56 20.34 86.20
CA GLU Y 35 -19.56 19.60 87.47
C GLU Y 35 -19.52 18.10 87.23
N LEU Y 36 -20.44 17.59 86.40
CA LEU Y 36 -20.45 16.15 86.13
C LEU Y 36 -19.16 15.72 85.45
N LYS Y 37 -18.68 16.52 84.49
CA LYS Y 37 -17.45 16.18 83.78
C LYS Y 37 -16.28 16.04 84.75
N HIS Y 38 -16.11 17.01 85.64
CA HIS Y 38 -15.06 16.92 86.64
C HIS Y 38 -15.28 15.76 87.59
N GLY Y 39 -16.55 15.43 87.87
CA GLY Y 39 -16.83 14.30 88.73
C GLY Y 39 -16.36 12.98 88.13
N ARG Y 40 -16.61 12.79 86.83
CA ARG Y 40 -16.24 11.53 86.20
C ARG Y 40 -14.73 11.30 86.24
N ILE Y 41 -13.95 12.35 85.93
CA ILE Y 41 -12.50 12.20 85.85
C ILE Y 41 -11.92 11.85 87.21
N SER Y 42 -12.39 12.53 88.26
CA SER Y 42 -11.88 12.28 89.61
C SER Y 42 -12.13 10.84 90.02
N MET Y 43 -13.34 10.33 89.77
CA MET Y 43 -13.64 8.94 90.09
C MET Y 43 -12.76 7.99 89.28
N LEU Y 44 -12.53 8.30 88.01
CA LEU Y 44 -11.58 7.53 87.22
C LEU Y 44 -10.16 7.70 87.76
N ALA Y 45 -9.80 8.93 88.12
CA ALA Y 45 -8.45 9.19 88.62
C ALA Y 45 -8.24 8.58 90.01
N ALA Y 46 -9.23 8.70 90.88
CA ALA Y 46 -9.09 8.19 92.24
C ALA Y 46 -8.90 6.68 92.25
N MET Y 47 -9.83 5.95 91.62
CA MET Y 47 -9.64 4.51 91.45
C MET Y 47 -8.47 4.23 90.53
N GLY Y 48 -8.15 5.18 89.64
CA GLY Y 48 -7.00 5.00 88.77
C GLY Y 48 -5.68 5.10 89.51
N TYR Y 49 -5.62 5.92 90.56
CA TYR Y 49 -4.40 6.05 91.34
C TYR Y 49 -4.17 4.88 92.29
N MET Y 50 -5.25 4.25 92.78
CA MET Y 50 -5.10 3.14 93.72
C MET Y 50 -4.59 1.87 93.06
N THR Y 51 -4.68 1.77 91.75
CA THR Y 51 -4.36 0.56 91.01
C THR Y 51 -2.86 0.35 90.77
N PRO Y 52 -2.06 1.39 90.44
CA PRO Y 52 -0.60 1.20 90.41
C PRO Y 52 -0.03 0.83 91.77
N GLU Y 53 -0.79 1.06 92.83
CA GLU Y 53 -0.62 0.49 94.15
C GLU Y 53 -1.12 -0.94 94.07
N ILE Y 54 -1.61 -1.50 95.17
CA ILE Y 54 -2.02 -2.91 95.24
C ILE Y 54 -2.66 -3.36 93.92
N THR Y 55 -2.26 -4.55 93.47
CA THR Y 55 -2.28 -5.10 92.11
C THR Y 55 -1.10 -4.57 91.30
N GLY Y 56 -0.28 -3.66 91.83
CA GLY Y 56 0.96 -3.29 91.20
C GLY Y 56 0.79 -2.41 89.98
N LYS Y 57 1.93 -2.12 89.35
CA LYS Y 57 1.97 -1.31 88.13
C LYS Y 57 1.63 -2.16 86.90
N PHE Y 58 0.35 -2.55 86.83
CA PHE Y 58 -0.10 -3.48 85.82
C PHE Y 58 -0.07 -2.86 84.43
N PRO Y 59 0.66 -3.44 83.46
CA PRO Y 59 0.66 -2.90 82.10
C PRO Y 59 1.18 -3.93 81.10
N GLY Y 60 2.48 -3.88 80.83
CA GLY Y 60 3.13 -4.90 80.03
C GLY Y 60 2.88 -4.75 78.54
N TYR Y 61 3.43 -5.73 77.80
CA TYR Y 61 3.25 -5.90 76.36
C TYR Y 61 3.96 -4.82 75.54
N LEU Y 62 4.01 -5.01 74.22
CA LEU Y 62 4.88 -4.22 73.34
C LEU Y 62 4.27 -2.84 73.11
N SER Y 63 4.84 -1.83 73.76
CA SER Y 63 4.40 -0.45 73.67
C SER Y 63 5.45 0.43 73.00
N PRO Y 64 5.04 1.59 72.48
CA PRO Y 64 5.96 2.44 71.70
C PRO Y 64 7.06 3.01 72.59
N SER Y 65 8.30 2.60 72.31
CA SER Y 65 9.45 2.90 73.15
C SER Y 65 9.26 2.38 74.59
N THR Y 66 8.24 1.56 74.79
CA THR Y 66 7.91 0.99 76.09
C THR Y 66 7.49 -0.47 75.94
N LEU Y 67 8.20 -1.22 75.10
CA LEU Y 67 7.84 -2.62 74.90
C LEU Y 67 7.99 -3.40 76.21
N LEU Y 68 6.95 -4.15 76.54
CA LEU Y 68 6.90 -4.93 77.79
C LEU Y 68 7.11 -4.02 79.00
N LYS Y 69 6.56 -2.81 78.94
CA LYS Y 69 6.70 -1.85 80.03
C LYS Y 69 5.73 -2.20 81.15
N TYR Y 70 6.27 -2.52 82.33
CA TYR Y 70 5.44 -2.80 83.48
C TYR Y 70 5.02 -1.49 84.14
N ASP Y 71 4.48 -0.58 83.34
CA ASP Y 71 4.05 0.74 83.81
C ASP Y 71 5.16 1.43 84.60
N ASP Y 72 6.28 1.67 83.91
CA ASP Y 72 7.46 2.24 84.54
C ASP Y 72 7.28 3.67 85.00
N ILE Y 73 6.09 4.25 84.84
CA ILE Y 73 5.81 5.58 85.38
C ILE Y 73 5.44 5.42 86.84
N PRO Y 74 6.38 5.64 87.77
CA PRO Y 74 6.09 5.42 89.19
C PRO Y 74 5.60 6.70 89.85
N ASN Y 75 5.21 6.56 91.13
CA ASN Y 75 4.76 7.66 91.97
C ASN Y 75 3.41 8.20 91.52
N GLY Y 76 2.74 8.95 92.41
CA GLY Y 76 1.41 9.45 92.08
C GLY Y 76 1.40 10.41 90.91
N LEU Y 77 2.43 11.25 90.80
CA LEU Y 77 2.51 12.16 89.67
C LEU Y 77 2.81 11.43 88.37
N GLY Y 78 3.41 10.25 88.45
CA GLY Y 78 3.75 9.48 87.29
C GLY Y 78 5.10 9.81 86.68
N ALA Y 79 5.63 11.01 86.94
CA ALA Y 79 6.88 11.51 86.37
C ALA Y 79 6.82 11.33 84.85
N ILE Y 80 7.87 10.84 84.20
CA ILE Y 80 7.87 10.56 82.78
C ILE Y 80 9.12 9.77 82.42
N SER Y 81 10.14 10.47 81.92
CA SER Y 81 11.40 9.84 81.51
C SER Y 81 11.16 8.74 80.49
N LYS Y 82 10.27 9.02 79.53
CA LYS Y 82 9.93 8.08 78.46
C LYS Y 82 9.39 6.76 79.02
N VAL Y 83 8.68 6.85 80.15
CA VAL Y 83 8.10 5.67 80.79
C VAL Y 83 6.60 5.86 80.92
N PRO Y 84 5.79 5.24 80.03
CA PRO Y 84 4.33 5.24 80.18
C PRO Y 84 3.68 6.61 80.26
N ALA Y 85 4.29 7.57 80.95
CA ALA Y 85 3.72 8.91 81.03
C ALA Y 85 3.73 9.58 79.66
N LEU Y 86 4.75 9.31 78.84
CA LEU Y 86 4.69 9.73 77.45
C LEU Y 86 3.54 9.04 76.73
N GLY Y 87 3.24 7.79 77.10
CA GLY Y 87 2.05 7.12 76.61
C GLY Y 87 0.76 7.67 77.18
N TRP Y 88 0.84 8.35 78.34
CA TRP Y 88 -0.35 9.01 78.86
C TRP Y 88 -0.81 10.12 77.93
N ALA Y 89 0.10 10.64 77.09
CA ALA Y 89 -0.32 11.60 76.07
C ALA Y 89 -1.28 10.96 75.08
N GLN Y 90 -1.08 9.68 74.77
CA GLN Y 90 -2.06 8.96 73.95
C GLN Y 90 -3.40 8.88 74.65
N ILE Y 91 -3.39 8.68 75.98
CA ILE Y 91 -4.62 8.79 76.75
C ILE Y 91 -5.21 10.19 76.60
N PHE Y 92 -4.34 11.21 76.64
CA PHE Y 92 -4.81 12.58 76.47
C PHE Y 92 -5.42 12.79 75.09
N VAL Y 93 -4.79 12.23 74.05
CA VAL Y 93 -5.28 12.41 72.69
C VAL Y 93 -6.61 11.69 72.51
N TYR Y 94 -6.68 10.43 72.93
CA TYR Y 94 -7.91 9.67 72.74
C TYR Y 94 -9.01 10.15 73.67
N CYS Y 95 -8.65 10.76 74.80
CA CYS Y 95 -9.65 11.42 75.63
C CYS Y 95 -10.30 12.57 74.88
N GLY Y 96 -9.51 13.29 74.06
CA GLY Y 96 -10.07 14.35 73.25
C GLY Y 96 -11.01 13.84 72.17
N TYR Y 97 -10.71 12.66 71.61
CA TYR Y 97 -11.56 12.10 70.58
C TYR Y 97 -12.96 11.85 71.10
N ALA Y 98 -13.08 11.27 72.30
CA ALA Y 98 -14.38 11.13 72.93
C ALA Y 98 -14.96 12.48 73.33
N GLU Y 99 -14.10 13.46 73.60
CA GLU Y 99 -14.54 14.81 73.96
C GLU Y 99 -14.95 15.64 72.75
N LEU Y 100 -14.63 15.19 71.54
CA LEU Y 100 -15.04 15.89 70.33
C LEU Y 100 -16.08 15.12 69.53
N SER Y 101 -16.30 13.84 69.84
CA SER Y 101 -17.35 13.05 69.20
C SER Y 101 -18.58 12.92 70.10
N GLN Y 102 -18.41 12.41 71.31
CA GLN Y 102 -19.48 12.32 72.29
C GLN Y 102 -19.27 13.45 73.31
N ASP Y 103 -19.74 14.64 72.95
CA ASP Y 103 -19.39 15.88 73.64
C ASP Y 103 -20.65 16.57 74.18
N GLN Y 104 -20.45 17.78 74.69
CA GLN Y 104 -21.53 18.54 75.31
C GLN Y 104 -22.26 19.46 74.36
N THR Y 105 -21.67 19.80 73.21
CA THR Y 105 -22.41 20.58 72.22
C THR Y 105 -23.65 19.84 71.71
N PRO Y 106 -23.58 18.55 71.33
CA PRO Y 106 -24.81 17.81 71.06
C PRO Y 106 -25.39 17.08 72.28
N GLY Y 107 -24.83 17.31 73.47
CA GLY Y 107 -25.32 16.73 74.69
C GLY Y 107 -26.51 17.49 75.24
N SER Y 108 -27.70 17.23 74.69
CA SER Y 108 -28.90 18.02 74.97
C SER Y 108 -29.18 18.24 76.45
N PRO Y 109 -29.13 17.21 77.34
CA PRO Y 109 -29.27 17.50 78.77
C PRO Y 109 -27.97 18.00 79.37
N GLY Y 110 -27.90 18.11 80.70
CA GLY Y 110 -26.71 18.58 81.36
C GLY Y 110 -25.42 17.90 80.92
N ALA Y 111 -25.27 16.62 81.23
CA ALA Y 111 -24.09 15.87 80.82
C ALA Y 111 -24.49 14.45 80.38
N GLU Y 112 -25.54 14.35 79.58
CA GLU Y 112 -26.00 13.07 79.05
C GLU Y 112 -25.29 12.77 77.73
N GLY Y 113 -24.71 11.58 77.64
CA GLY Y 113 -24.07 11.14 76.41
C GLY Y 113 -24.89 10.07 75.70
N ASN Y 114 -26.21 10.08 75.95
CA ASN Y 114 -27.19 9.16 75.40
C ASN Y 114 -27.06 7.74 75.96
N PHE Y 115 -26.19 7.54 76.94
CA PHE Y 115 -26.07 6.24 77.62
C PHE Y 115 -25.71 5.14 76.64
N GLY Y 116 -24.51 5.25 76.06
CA GLY Y 116 -24.08 4.27 75.07
C GLY Y 116 -24.09 2.86 75.60
N PHE Y 117 -23.57 2.66 76.81
CA PHE Y 117 -23.53 1.34 77.42
C PHE Y 117 -24.91 0.81 77.76
N LYS Y 118 -25.93 1.66 77.82
CA LYS Y 118 -27.29 1.26 78.19
C LYS Y 118 -27.31 0.58 79.56
N VAL Y 119 -26.40 0.99 80.45
CA VAL Y 119 -26.36 0.44 81.81
C VAL Y 119 -27.66 0.75 82.53
N LEU Y 120 -28.30 1.85 82.19
CA LEU Y 120 -29.53 2.30 82.84
C LEU Y 120 -30.78 1.68 82.23
N THR Y 121 -30.65 0.97 81.11
CA THR Y 121 -31.79 0.27 80.54
C THR Y 121 -32.05 -0.98 81.35
N SER Y 122 -32.33 -0.79 82.65
CA SER Y 122 -32.67 -1.82 83.61
C SER Y 122 -31.49 -2.73 83.97
N SER Y 123 -30.30 -2.48 83.41
CA SER Y 123 -29.14 -3.28 83.80
C SER Y 123 -28.78 -3.07 85.27
N ASP Y 124 -29.04 -1.87 85.82
CA ASP Y 124 -29.06 -1.56 87.24
C ASP Y 124 -29.32 -0.06 87.47
N PRO Y 125 -28.55 0.88 86.86
CA PRO Y 125 -28.87 2.30 87.05
C PRO Y 125 -30.27 2.68 86.57
N ASP Y 126 -30.78 3.80 87.06
CA ASP Y 126 -32.11 4.29 86.72
C ASP Y 126 -32.02 5.74 86.28
N SER Y 127 -33.06 6.18 85.58
CA SER Y 127 -33.14 7.55 85.09
C SER Y 127 -33.62 8.48 86.20
N LEU Y 128 -32.88 9.57 86.42
CA LEU Y 128 -33.26 10.59 87.39
C LEU Y 128 -33.24 10.03 88.81
N GLU Y 129 -33.89 10.73 89.72
CA GLU Y 129 -34.08 10.30 91.12
C GLU Y 129 -32.69 10.16 91.77
N LYS Y 130 -32.46 9.13 92.58
CA LYS Y 130 -31.22 9.02 93.33
C LYS Y 130 -30.02 8.84 92.42
N LYS Y 131 -30.15 8.04 91.37
CA LYS Y 131 -29.00 7.69 90.54
C LYS Y 131 -28.35 8.91 89.94
N LEU Y 132 -29.14 9.83 89.39
CA LEU Y 132 -28.58 11.07 88.87
C LEU Y 132 -28.01 11.92 89.98
N ALA Y 133 -28.66 11.91 91.15
CA ALA Y 133 -28.12 12.61 92.30
C ALA Y 133 -26.92 11.89 92.90
N SER Y 134 -26.91 10.55 92.82
CA SER Y 134 -25.79 9.80 93.39
C SER Y 134 -24.54 9.96 92.55
N GLU Y 135 -24.68 10.05 91.23
CA GLU Y 135 -23.52 10.24 90.36
C GLU Y 135 -22.81 11.54 90.67
N ILE Y 136 -23.57 12.64 90.75
CA ILE Y 136 -22.96 13.95 90.95
C ILE Y 136 -22.39 14.06 92.35
N ALA Y 137 -23.10 13.53 93.35
CA ALA Y 137 -22.60 13.59 94.72
C ALA Y 137 -21.31 12.79 94.88
N ASN Y 138 -21.25 11.60 94.26
CA ASN Y 138 -20.04 10.80 94.30
C ASN Y 138 -18.89 11.50 93.58
N GLY Y 139 -19.20 12.19 92.47
CA GLY Y 139 -18.18 12.95 91.77
C GLY Y 139 -17.58 14.04 92.64
N ARG Y 140 -18.42 14.74 93.40
CA ARG Y 140 -17.92 15.80 94.28
C ARG Y 140 -16.97 15.24 95.33
N LEU Y 141 -17.31 14.10 95.91
CA LEU Y 141 -16.43 13.49 96.90
C LEU Y 141 -15.10 13.09 96.28
N ALA Y 142 -15.13 12.51 95.09
CA ALA Y 142 -13.90 12.06 94.45
C ALA Y 142 -13.02 13.23 94.06
N MET Y 143 -13.62 14.34 93.62
CA MET Y 143 -12.84 15.51 93.23
C MET Y 143 -12.03 16.05 94.41
N MET Y 144 -12.65 16.14 95.58
CA MET Y 144 -11.90 16.52 96.78
C MET Y 144 -10.89 15.44 97.14
N ALA Y 145 -11.26 14.17 97.00
CA ALA Y 145 -10.35 13.08 97.33
C ALA Y 145 -9.14 13.08 96.40
N PHE Y 146 -9.35 13.30 95.10
CA PHE Y 146 -8.23 13.33 94.17
C PHE Y 146 -7.31 14.51 94.46
N THR Y 147 -7.88 15.68 94.76
CA THR Y 147 -7.07 16.83 95.11
C THR Y 147 -6.31 16.60 96.42
N GLY Y 148 -6.99 16.03 97.42
CA GLY Y 148 -6.31 15.69 98.65
C GLY Y 148 -5.22 14.65 98.44
N MET Y 149 -5.46 13.71 97.53
CA MET Y 149 -4.43 12.73 97.18
C MET Y 149 -3.26 13.40 96.48
N ALA Y 150 -3.53 14.46 95.71
CA ALA Y 150 -2.44 15.21 95.06
C ALA Y 150 -1.55 15.88 96.11
N THR Y 151 -2.15 16.43 97.17
CA THR Y 151 -1.36 17.03 98.23
C THR Y 151 -0.53 15.98 98.95
N GLN Y 152 -1.07 14.78 99.12
CA GLN Y 152 -0.36 13.71 99.83
C GLN Y 152 0.91 13.32 99.08
N ASP Y 153 0.82 13.14 97.77
CA ASP Y 153 1.99 12.72 96.99
C ASP Y 153 3.04 13.82 96.97
N GLY Y 154 2.62 15.08 96.92
CA GLY Y 154 3.55 16.19 96.82
C GLY Y 154 4.46 16.40 98.01
N LEU Y 155 3.89 16.44 99.22
CA LEU Y 155 4.66 16.79 100.41
C LEU Y 155 4.38 15.90 101.61
N THR Y 156 3.68 14.78 101.43
CA THR Y 156 3.37 13.89 102.55
C THR Y 156 3.59 12.43 102.15
N GLY Y 157 4.66 12.17 101.40
CA GLY Y 157 4.99 10.80 101.03
C GLY Y 157 4.25 10.38 99.77
N SER Y 158 3.70 9.18 99.79
CA SER Y 158 2.94 8.63 98.68
C SER Y 158 1.52 8.31 99.16
N ALA Y 159 0.73 7.70 98.27
CA ALA Y 159 -0.67 7.43 98.56
C ALA Y 159 -0.82 6.56 99.81
N TRP Y 160 -0.29 5.35 99.77
CA TRP Y 160 -0.32 4.47 100.95
C TRP Y 160 0.97 3.66 101.04
C DD6 Z . 2.90 -64.70 -8.84
C1 DD6 Z . 1.85 -63.65 -8.97
C10 DD6 Z . 7.57 -57.86 -3.86
C11 DD6 Z . 7.73 -56.74 -3.15
C12 DD6 Z . 6.55 -55.86 -2.87
C13 DD6 Z . 9.07 -56.39 -2.68
C14 DD6 Z . 9.79 -57.22 -1.92
C15 DD6 Z . 11.17 -56.78 -1.50
C16 DD6 Z . 12.39 -57.50 -2.06
C17 DD6 Z . 13.71 -57.09 -1.40
C18 DD6 Z . 13.72 -55.69 -0.83
C19 DD6 Z . 12.70 -55.63 0.29
C2 DD6 Z . 2.09 -62.40 -8.54
C20 DD6 Z . 11.31 -55.85 -0.29
C21 DD6 Z . 10.07 -55.50 0.52
C22 DD6 Z . 12.48 -57.25 -3.56
C23 DD6 Z . 12.21 -58.99 -1.84
C24 DD6 Z . 0.55 -63.98 -9.57
C25 DD6 Z . 0.19 -65.24 -9.75
C26 DD6 Z . -1.10 -65.52 -10.36
C27 DD6 Z . -1.13 -66.18 -11.52
C28 DD6 Z . 0.16 -66.59 -12.16
C29 DD6 Z . -2.23 -66.41 -12.07
C3 DD6 Z . 3.37 -62.06 -7.95
C30 DD6 Z . -3.26 -66.59 -12.60
C31 DD6 Z . -4.38 -66.86 -13.12
C32 DD6 Z . -4.56 -66.82 -14.62
C33 DD6 Z . -5.86 -66.10 -14.93
C34 DD6 Z . -7.00 -66.76 -14.17
C35 DD6 Z . -6.77 -66.57 -12.67
C36 DD6 Z . -5.42 -67.17 -12.36
C37 DD6 Z . -5.23 -68.07 -11.18
C4 DD6 Z . 3.44 -60.99 -7.16
C40 DD6 Z . -4.61 -68.22 -15.17
C41 DD6 Z . -3.39 -66.05 -15.25
C5 DD6 Z . 4.73 -60.64 -6.58
C6 DD6 Z . 4.84 -59.52 -5.84
C7 DD6 Z . 3.65 -58.64 -5.61
C8 DD6 Z . 6.15 -59.16 -5.29
C9 DD6 Z . 6.24 -58.21 -4.37
O1 DD6 Z . 11.27 -55.36 -1.64
O2 DD6 Z . 15.01 -55.40 -0.31
O4 DD6 Z . -8.25 -66.15 -14.53
C DD6 AA . 10.77 -58.82 -32.64
C1 DD6 AA . 9.65 -59.63 -33.24
C10 DD6 AA . 15.23 -66.11 -36.93
C11 DD6 AA . 16.15 -66.95 -37.43
C12 DD6 AA . 15.72 -67.94 -38.47
C13 DD6 AA . 17.54 -66.86 -36.90
C14 DD6 AA . 18.70 -67.38 -37.34
C15 DD6 AA . 18.99 -68.25 -38.55
C16 DD6 AA . 19.38 -67.60 -39.88
C17 DD6 AA . 19.13 -68.54 -41.05
C18 DD6 AA . 19.71 -69.92 -40.79
C19 DD6 AA . 18.87 -70.61 -39.72
C2 DD6 AA . 9.92 -60.79 -33.85
C20 DD6 AA . 18.80 -69.76 -38.45
C21 DD6 AA . 18.17 -70.35 -37.20
C22 DD6 AA . 20.87 -67.24 -39.84
C23 DD6 AA . 18.59 -66.32 -40.11
C24 DD6 AA . 8.26 -59.14 -33.15
C25 DD6 AA . 7.93 -58.10 -32.37
C26 DD6 AA . 6.53 -57.66 -32.32
C27 DD6 AA . 6.10 -56.81 -31.38
C28 DD6 AA . 7.04 -56.31 -30.33
C29 DD6 AA . 4.90 -56.45 -31.33
C3 DD6 AA . 11.28 -61.31 -33.94
C30 DD6 AA . 3.75 -56.17 -31.27
C31 DD6 AA . 2.53 -55.90 -31.14
C32 DD6 AA . 2.08 -54.50 -31.52
C33 DD6 AA . 0.58 -54.33 -31.28
C34 DD6 AA . -0.17 -55.59 -31.66
C35 DD6 AA . 0.22 -56.66 -30.65
C36 DD6 AA . 1.72 -56.83 -30.66
C37 DD6 AA . 2.29 -58.10 -30.09
C4 DD6 AA . 11.58 -62.39 -34.65
C40 DD6 AA . 2.85 -53.51 -30.67
C41 DD6 AA . 2.41 -54.29 -32.99
C5 DD6 AA . 12.97 -62.85 -34.69
C6 DD6 AA . 13.39 -63.94 -35.34
C7 DD6 AA . 12.39 -64.76 -36.10
C8 DD6 AA . 14.84 -64.25 -35.26
C9 DD6 AA . 15.61 -65.14 -35.91
O1 DD6 AA . 20.05 -69.15 -38.18
O2 DD6 AA . 19.68 -70.70 -41.99
O4 DD6 AA . -1.58 -55.35 -31.58
C DD6 BA . 0.83 -56.98 -15.46
C1 DD6 BA . 0.10 -55.93 -16.19
C10 DD6 BA . 7.31 -55.49 -22.77
C11 DD6 BA . 7.91 -54.84 -23.77
C12 DD6 BA . 7.20 -53.71 -24.43
C13 DD6 BA . 9.26 -55.23 -24.24
C14 DD6 BA . 10.19 -55.58 -23.35
C15 DD6 BA . 11.61 -55.99 -23.71
C16 DD6 BA . 12.75 -55.05 -23.40
C17 DD6 BA . 14.01 -55.46 -24.14
C18 DD6 BA . 14.25 -56.94 -23.95
C19 DD6 BA . 13.30 -57.64 -24.91
C2 DD6 BA . 0.65 -55.36 -17.27
C20 DD6 BA . 11.86 -57.37 -24.41
C21 DD6 BA . 10.74 -58.13 -25.01
C22 DD6 BA . 13.02 -55.08 -21.91
C23 DD6 BA . 12.39 -53.63 -23.82
C24 DD6 BA . -1.23 -55.60 -15.66
C25 DD6 BA . -1.62 -56.16 -14.52
C26 DD6 BA . -2.94 -55.84 -14.00
C27 DD6 BA . -3.49 -56.59 -13.03
C28 DD6 BA . -2.73 -57.75 -12.48
C29 DD6 BA . -4.63 -56.34 -12.59
C3 DD6 BA . 1.98 -55.74 -17.76
C30 DD6 BA . -5.72 -56.15 -12.20
C31 DD6 BA . -6.89 -55.97 -11.78
C32 DD6 BA . -7.09 -55.35 -10.43
C33 DD6 BA . -8.56 -55.23 -10.09
C34 DD6 BA . -9.35 -54.82 -11.31
C35 DD6 BA . -9.32 -55.98 -12.27
C36 DD6 BA . -7.89 -56.35 -12.56
C37 DD6 BA . -7.59 -57.16 -13.77
C4 DD6 BA . 2.42 -55.25 -18.93
C40 DD6 BA . -6.42 -56.22 -9.39
C41 DD6 BA . -6.45 -53.98 -10.41
C5 DD6 BA . 3.74 -55.61 -19.45
C6 DD6 BA . 4.17 -55.15 -20.64
C7 DD6 BA . 3.31 -54.25 -21.48
C8 DD6 BA . 5.51 -55.52 -21.14
C9 DD6 BA . 5.97 -55.09 -22.31
O1 DD6 BA . 11.84 -57.22 -23.01
O2 DD6 BA . 15.59 -57.26 -24.29
O4 DD6 BA . -10.70 -54.58 -10.94
C7 UIX CA . 7.95 -68.41 -15.53
C8 UIX CA . 8.80 -65.82 -14.33
C9 UIX CA . 10.72 -66.56 -15.71
O1 UIX CA . 13.02 -67.25 -13.80
C1 UIX CA . 10.10 -69.47 -14.48
C5 UIX CA . 11.85 -67.96 -13.38
C6 UIX CA . 9.69 -70.55 -15.48
C4 UIX CA . 10.71 -66.96 -13.27
O4 UIX CA . -2.60 -64.89 -39.72
C3 UIX CA . 11.57 -69.07 -14.39
O3 UIX CA . -3.84 -66.55 -35.28
C2 UIX CA . 9.86 -66.89 -14.52
C UIX CA . 9.22 -68.24 -14.75
O UIX CA . 9.16 -68.98 -13.52
C10 UIX CA . 7.73 -67.78 -16.67
C11 UIX CA . 6.48 -68.01 -17.39
C12 UIX CA . 5.33 -68.67 -16.70
C13 UIX CA . 6.35 -67.60 -18.65
C14 UIX CA . 5.11 -67.81 -19.41
C15 UIX CA . -1.08 -68.03 -35.86
C16 UIX CA . -2.53 -66.00 -35.10
C17 UIX CA . -0.48 -67.14 -36.92
C18 UIX CA . -1.51 -66.18 -37.47
C19 UIX CA . -2.11 -65.30 -36.38
C20 UIX CA . -1.60 -67.14 -34.77
C21 UIX CA . -0.03 -68.97 -35.31
C22 UIX CA . -2.24 -68.82 -36.47
C23 UIX CA . 5.07 -67.30 -20.64
C24 UIX CA . -2.55 -65.03 -33.95
C25 UIX CA . -1.30 -67.33 -33.57
C26 UIX CA . 3.90 -67.46 -21.51
C27 UIX CA . -1.45 -65.25 -39.65
C28 UIX CA . -1.02 -67.52 -32.36
O2 UIX CA . -0.83 -65.33 -38.35
C29 UIX CA . 2.57 -67.86 -20.96
C30 UIX CA . 4.08 -67.25 -22.82
C31 UIX CA . -0.65 -65.61 -40.86
C32 UIX CA . 0.25 -67.09 -31.76
C33 UIX CA . 1.22 -66.26 -32.55
C34 UIX CA . 3.04 -67.40 -23.82
C35 UIX CA . 0.51 -67.46 -30.50
C36 UIX CA . 1.71 -67.13 -29.74
C37 UIX CA . 3.37 -67.24 -25.10
C38 UIX CA . 1.61 -67.35 -28.43
C39 UIX CA . 2.39 -67.40 -26.16
C40 UIX CA . 2.66 -67.13 -27.43
C41 UIX CA . 4.02 -66.63 -27.82
C DD6 DA . 5.88 -54.54 -15.81
C1 DD6 DA . 6.77 -54.29 -14.68
C10 DD6 DA . 0.32 -59.01 -9.70
C11 DD6 DA . -0.32 -59.22 -8.56
C12 DD6 DA . 0.08 -58.52 -7.30
C13 DD6 DA . -1.41 -60.18 -8.56
C14 DD6 DA . -2.17 -60.44 -7.50
C15 DD6 DA . -3.23 -61.49 -7.71
C16 DD6 DA . -4.58 -61.10 -8.29
C17 DD6 DA . -5.56 -62.26 -8.24
C18 DD6 DA . -4.88 -63.59 -8.55
C19 DD6 DA . -4.07 -63.97 -7.35
C2 DD6 DA . 6.41 -54.69 -13.46
C20 DD6 DA . -2.88 -62.97 -7.35
C21 DD6 DA . -1.71 -63.21 -6.44
C22 DD6 DA . -4.42 -60.67 -9.73
C23 DD6 DA . -5.11 -59.93 -7.49
C24 DD6 DA . 8.05 -53.64 -14.96
C25 DD6 DA . 8.43 -53.54 -16.23
C26 DD6 DA . 9.72 -52.92 -16.49
C27 DD6 DA . 10.27 -52.93 -17.71
C28 DD6 DA . 9.57 -53.58 -18.87
C29 DD6 DA . 11.39 -52.40 -17.83
C3 DD6 DA . 5.13 -55.38 -13.30
C30 DD6 DA . 12.46 -51.95 -17.88
C31 DD6 DA . 13.62 -51.49 -17.89
C32 DD6 DA . 14.39 -51.32 -19.15
C33 DD6 DA . 15.86 -51.47 -18.78
C34 DD6 DA . 16.30 -50.36 -17.83
C35 DD6 DA . 15.28 -50.13 -16.72
C36 DD6 DA . 14.20 -51.16 -16.75
C37 DD6 DA . 13.76 -51.84 -15.49
C4 DD6 DA . 4.40 -55.23 -12.21
C40 DD6 DA . 14.10 -49.96 -19.75
C41 DD6 DA . 14.01 -52.42 -20.12
C5 DD6 DA . 3.17 -56.01 -12.13
C6 DD6 DA . 2.75 -56.45 -10.95
C7 DD6 DA . 3.55 -56.16 -9.71
C8 DD6 DA . 1.54 -57.27 -10.87
C9 DD6 DA . 1.46 -58.11 -9.86
O1 DD6 DA . -2.63 -62.41 -8.63
O2 DD6 DA . -5.84 -64.59 -8.82
O4 DD6 DA . 17.53 -50.78 -17.24
MG CLA EA . -11.58 -66.38 -5.56
CHA CLA EA . -11.91 -68.07 -8.59
CHB CLA EA . -13.79 -68.54 -4.12
CHC CLA EA . -11.12 -64.76 -2.56
CHD CLA EA . -9.28 -64.18 -7.09
NA CLA EA . -12.67 -68.01 -6.27
C1A CLA EA . -12.66 -68.58 -7.56
C2A CLA EA . -13.60 -69.77 -7.63
C3A CLA EA . -14.26 -69.83 -6.24
C4A CLA EA . -13.53 -68.72 -5.47
CMA CLA EA . -15.74 -69.60 -6.31
CAA CLA EA . -12.79 -71.05 -7.87
CBA CLA EA . -11.58 -71.09 -6.97
CGA CLA EA . -10.79 -72.35 -7.21
O1A CLA EA . -11.20 -73.50 -7.34
O2A CLA EA . -9.44 -72.12 -7.27
NB CLA EA . -12.29 -66.62 -3.69
C1B CLA EA . -13.21 -67.55 -3.31
C2B CLA EA . -13.52 -67.38 -1.86
C3B CLA EA . -12.77 -66.32 -1.41
C4B CLA EA . -11.99 -65.81 -2.57
CMB CLA EA . -14.47 -68.22 -1.14
CAB CLA EA . -12.71 -65.72 -0.09
CBB CLA EA . -11.61 -65.54 0.63
NC CLA EA . -10.44 -64.74 -4.96
C1C CLA EA . -10.41 -64.25 -3.68
C2C CLA EA . -9.50 -63.11 -3.60
C3C CLA EA . -8.95 -62.96 -4.87
C4C CLA EA . -9.55 -63.99 -5.72
CMC CLA EA . -9.22 -62.33 -2.39
CAC CLA EA . -7.97 -61.94 -5.28
CBC CLA EA . -8.54 -60.97 -6.27
ND CLA EA . -10.82 -66.07 -7.40
C1D CLA EA . -9.86 -65.14 -7.89
C2D CLA EA . -9.63 -65.39 -9.34
C3D CLA EA . -10.39 -66.50 -9.65
C4D CLA EA . -11.09 -66.90 -8.42
CMD CLA EA . -8.75 -64.62 -10.20
CAD CLA EA . -10.80 -67.41 -10.70
OBD CLA EA . -10.52 -67.41 -11.90
CBD CLA EA . -11.72 -68.49 -10.03
CGD CLA EA . -13.00 -68.70 -10.81
O1D CLA EA . -13.12 -69.20 -11.93
O2D CLA EA . -14.13 -68.27 -10.18
CED CLA EA . -15.35 -68.91 -10.53
C1 CLA EA . -8.60 -73.04 -6.54
C2 CLA EA . -7.36 -72.30 -6.19
C3 CLA EA . -6.53 -72.71 -5.21
C4 CLA EA . -5.30 -71.96 -4.87
MG CLA FA . -6.06 -73.26 -15.76
CHA CLA FA . -6.99 -73.11 -19.10
CHB CLA FA . -8.76 -75.23 -15.09
CHC CLA FA . -4.99 -73.52 -12.50
CHD CLA FA . -3.21 -71.30 -16.51
NA CLA FA . -7.64 -74.00 -16.92
C1A CLA FA . -7.84 -73.85 -18.30
C2A CLA FA . -9.11 -74.56 -18.74
C3A CLA FA . -9.72 -75.10 -17.42
C4A CLA FA . -8.64 -74.76 -16.38
CMA CLA FA . -11.05 -74.47 -17.11
CAA CLA FA . -8.79 -75.70 -19.70
CBA CLA FA . -8.12 -76.87 -19.01
CGA CLA FA . -6.64 -76.84 -19.21
O1A CLA FA . -5.82 -76.00 -18.85
O2A CLA FA . -6.16 -77.95 -19.87
NB CLA FA . -6.76 -74.18 -14.11
C1B CLA FA . -7.86 -74.99 -14.04
C2B CLA FA . -7.97 -75.59 -12.68
C3B CLA FA . -6.91 -75.11 -11.94
C4B CLA FA . -6.13 -74.20 -12.83
CMB CLA FA . -9.05 -76.49 -12.29
CAB CLA FA . -6.56 -75.38 -10.58
CBB CLA FA . -6.34 -74.46 -9.63
NC CLA FA . -4.44 -72.50 -14.70
C1C CLA FA . -4.21 -72.71 -13.37
C2C CLA FA . -2.99 -72.03 -12.95
C3C CLA FA . -2.46 -71.44 -14.10
C4C CLA FA . -3.37 -71.73 -15.19
CMC CLA FA . -2.44 -72.03 -11.60
CAC CLA FA . -1.22 -70.65 -14.20
CBC CLA FA . -1.45 -69.19 -13.86
ND CLA FA . -5.29 -72.31 -17.37
C1D CLA FA . -4.10 -71.56 -17.55
C2D CLA FA . -4.00 -71.14 -18.97
C3D CLA FA . -5.09 -71.70 -19.60
C4D CLA FA . -5.85 -72.44 -18.57
CMD CLA FA . -2.93 -70.31 -19.53
CAD CLA FA . -5.81 -71.85 -20.86
OBD CLA FA . -5.58 -71.35 -21.96
CBD CLA FA . -7.00 -72.83 -20.58
CGD CLA FA . -8.33 -72.31 -21.07
O1D CLA FA . -8.93 -72.61 -22.11
O2D CLA FA . -8.92 -71.41 -20.22
CED CLA FA . -10.33 -71.21 -20.35
C1 CLA FA . -6.56 -78.10 -21.25
MG CLA GA . -8.13 -58.40 -16.82
CHA CLA GA . -11.53 -59.06 -16.62
CHB CLA GA . -8.80 -55.55 -18.56
CHC CLA GA . -4.78 -57.72 -16.85
CHD CLA GA . -7.51 -61.42 -15.05
NA CLA GA . -9.89 -57.48 -17.47
C1A CLA GA . -11.20 -57.91 -17.28
C2A CLA GA . -12.19 -56.92 -17.89
C3A CLA GA . -11.30 -55.94 -18.65
C4A CLA GA . -9.88 -56.32 -18.19
CMA CLA GA . -11.47 -56.07 -20.14
CAA CLA GA . -12.93 -56.19 -16.79
CBA CLA GA . -12.00 -55.84 -15.63
CGA CLA GA . -11.71 -54.37 -15.59
O1A CLA GA . -12.41 -53.49 -15.10
O2A CLA GA . -10.53 -54.01 -16.18
NB CLA GA . -7.00 -56.96 -17.63
C1B CLA GA . -7.47 -55.82 -18.20
C2B CLA GA . -6.35 -54.86 -18.43
C3B CLA GA . -5.21 -55.46 -17.95
C4B CLA GA . -5.60 -56.80 -17.42
CMB CLA GA . -6.55 -53.55 -19.02
CAB CLA GA . -3.85 -54.97 -17.89
CBB CLA GA . -3.23 -54.24 -18.81
NC CLA GA . -6.45 -59.41 -16.10
C1C CLA GA . -5.17 -58.95 -16.22
C2C CLA GA . -4.25 -59.90 -15.61
C3C CLA GA . -5.01 -60.93 -15.10
C4C CLA GA . -6.41 -60.63 -15.40
CMC CLA GA . -2.78 -59.73 -15.57
CAC CLA GA . -4.53 -62.12 -14.39
CBC CLA GA . -4.68 -62.01 -12.89
ND CLA GA . -9.21 -59.89 -15.96
C1D CLA GA . -8.84 -61.10 -15.30
C2D CLA GA . -10.06 -61.86 -14.96
C3D CLA GA . -11.12 -61.11 -15.43
C4D CLA GA . -10.54 -59.92 -16.06
CMD CLA GA . -10.07 -63.13 -14.25
CAD CLA GA . -12.57 -61.02 -15.56
OBD CLA GA . -13.44 -61.76 -15.14
CBD CLA GA . -12.86 -59.74 -16.38
CGD CLA GA . -13.50 -60.04 -17.71
O1D CLA GA . -12.94 -60.24 -18.78
O2D CLA GA . -14.87 -60.10 -17.69
CED CLA GA . -15.54 -60.20 -18.94
C1 CLA GA . -9.33 -54.16 -15.39
C2 CLA GA . -8.60 -52.86 -15.37
C3 CLA GA . -7.27 -52.79 -15.16
C4 CLA GA . -6.46 -54.02 -14.95
C5 CLA GA . -6.55 -51.49 -15.13
C6 CLA GA . -5.34 -51.48 -14.20
C7 CLA GA . -5.74 -51.24 -12.76
C8 CLA GA . -4.56 -50.97 -11.85
C9 CLA GA . -3.86 -49.69 -12.25
C10 CLA GA . -3.57 -52.12 -11.85
C11 CLA GA . -2.33 -51.80 -11.03
C12 CLA GA . -2.36 -52.47 -9.66
C13 CLA GA . -1.92 -53.93 -9.73
C14 CLA GA . -1.57 -54.45 -8.35
C15 CLA GA . -0.73 -54.12 -10.67
MG CLA HA . -0.01 -50.14 -19.34
CHA CLA HA . -2.71 -48.60 -20.89
CHB CLA HA . -2.02 -50.98 -16.72
CHC CLA HA . 2.65 -51.76 -17.90
CHD CLA HA . 2.01 -49.25 -22.10
NA CLA HA . -2.03 -49.82 -18.90
C1A CLA HA . -3.00 -49.16 -19.68
C2A CLA HA . -4.36 -49.16 -18.99
C3A CLA HA . -4.07 -49.83 -17.62
C4A CLA HA . -2.61 -50.25 -17.74
CMA CLA HA . -4.30 -48.87 -16.49
CAA CLA HA . -5.35 -50.01 -19.76
CBA CLA HA . -6.73 -49.97 -19.12
CGA CLA HA . -7.37 -48.65 -19.40
O1A CLA HA . -7.73 -48.20 -20.48
O2A CLA HA . -7.56 -47.90 -18.28
NB CLA HA . 0.26 -51.18 -17.64
C1B CLA HA . -0.68 -51.40 -16.69
C2B CLA HA . -0.09 -52.16 -15.55
C3B CLA HA . 1.23 -52.39 -15.87
C4B CLA HA . 1.47 -51.77 -17.21
CMB CLA HA . -0.86 -52.54 -14.37
CAB CLA HA . 2.26 -53.07 -15.13
CBB CLA HA . 2.50 -52.89 -13.83
NC CLA HA . 1.97 -50.43 -19.90
C1C CLA HA . 2.89 -51.13 -19.16
C2C CLA HA . 4.17 -51.16 -19.85
C3C CLA HA . 4.00 -50.44 -21.04
C4C CLA HA . 2.61 -50.00 -21.07
CMC CLA HA . 5.39 -51.81 -19.36
CAC CLA HA . 5.01 -50.19 -22.08
CBC CLA HA . 4.82 -51.06 -23.31
ND CLA HA . -0.22 -49.13 -21.09
C1D CLA HA . 0.70 -48.83 -22.13
C2D CLA HA . 0.00 -48.06 -23.17
C3D CLA HA . -1.31 -47.92 -22.75
C4D CLA HA . -1.40 -48.62 -21.45
CMD CLA HA . 0.62 -47.55 -24.40
CAD CLA HA . -2.64 -47.40 -23.03
OBD CLA HA . -3.02 -46.74 -23.99
CBD CLA HA . -3.56 -47.82 -21.86
CGD CLA HA . -4.15 -46.61 -21.17
O1D CLA HA . -3.56 -45.75 -20.52
O2D CLA HA . -5.50 -46.50 -21.30
CED CLA HA . -5.99 -45.40 -22.06
C1 CLA HA . -8.59 -46.90 -18.34
C2 CLA HA . -7.93 -45.58 -18.49
C3 CLA HA . -7.29 -44.98 -17.47
C4 CLA HA . -7.23 -45.58 -16.12
C5 CLA HA . -6.63 -43.66 -17.66
C6 CLA HA . -5.16 -43.78 -18.02
C7 CLA HA . -4.27 -43.59 -16.80
C8 CLA HA . -3.34 -42.40 -16.95
C9 CLA HA . -2.33 -42.38 -15.82
C10 CLA HA . -4.13 -41.09 -16.96
MG CLA IA . 13.32 -59.31 -29.74
CHA CLA IA . 16.61 -58.40 -30.44
CHB CLA IA . 12.64 -56.11 -28.79
CHC CLA IA . 10.07 -60.24 -29.15
CHD CLA IA . 14.06 -62.59 -30.82
NA CLA IA . 14.47 -57.55 -29.63
C1A CLA IA . 15.81 -57.38 -29.98
C2A CLA IA . 16.24 -55.93 -29.77
C3A CLA IA . 14.98 -55.25 -29.19
C4A CLA IA . 13.93 -56.37 -29.20
CMA CLA IA . 15.22 -54.69 -27.82
CAA CLA IA . 16.60 -55.29 -31.10
CBA CLA IA . 15.37 -54.98 -31.94
CGA CLA IA . 15.10 -56.05 -32.95
O1A CLA IA . 15.46 -57.22 -32.96
O2A CLA IA . 14.34 -55.60 -33.99
NB CLA IA . 11.66 -58.34 -29.16
C1B CLA IA . 11.60 -57.05 -28.73
C2B CLA IA . 10.25 -56.77 -28.16
C3B CLA IA . 9.53 -57.93 -28.24
C4B CLA IA . 10.41 -58.94 -28.88
CMB CLA IA . 9.91 -55.46 -27.61
CAB CLA IA . 8.18 -58.27 -27.84
CBB CLA IA . 7.37 -57.57 -27.04
NC CLA IA . 12.28 -61.11 -29.93
C1C CLA IA . 10.95 -61.26 -29.64
C2C CLA IA . 10.53 -62.63 -29.90
C3C CLA IA . 11.65 -63.30 -30.37
C4C CLA IA . 12.75 -62.33 -30.39
CMC CLA IA . 9.18 -63.15 -29.69
CAC CLA IA . 11.72 -64.72 -30.75
CBC CLA IA . 11.50 -64.94 -32.24
ND CLA IA . 14.95 -60.35 -30.36
C1D CLA IA . 15.11 -61.68 -30.81
C2D CLA IA . 16.50 -61.89 -31.24
C3D CLA IA . 17.14 -60.67 -31.09
C4D CLA IA . 16.11 -59.74 -30.58
CMD CLA IA . 17.04 -63.16 -31.72
CAD CLA IA . 18.39 -59.93 -31.22
OBD CLA IA . 19.50 -60.33 -31.52
CBD CLA IA . 18.06 -58.43 -30.89
CGD CLA IA . 18.99 -57.84 -29.86
O1D CLA IA . 19.19 -56.65 -29.63
O2D CLA IA . 19.68 -58.76 -29.12
CED CLA IA . 20.88 -58.33 -28.49
C1 CLA IA . 13.63 -56.59 -34.75
C2 CLA IA . 12.86 -55.86 -35.80
C3 CLA IA . 12.08 -56.49 -36.69
MG CLA JA . 0.73 -42.62 -37.29
CHA CLA JA . -2.03 -42.23 -39.38
CHB CLA JA . 2.35 -44.31 -39.75
CHC CLA JA . 3.48 -42.82 -35.25
CHD CLA JA . -1.01 -40.86 -34.76
NA CLA JA . 0.21 -43.19 -39.24
C1A CLA JA . -0.98 -42.92 -39.93
C2A CLA JA . -0.94 -43.51 -41.34
C3A CLA JA . 0.41 -44.28 -41.38
C4A CLA JA . 1.06 -43.90 -40.04
CMA CLA JA . 0.17 -45.76 -41.51
CAA CLA JA . -0.98 -42.42 -42.39
CBA CLA JA . 0.36 -42.22 -43.09
CGA CLA JA . 0.19 -41.25 -44.22
O1A CLA JA . -0.70 -41.22 -45.07
O2A CLA JA . 1.18 -40.31 -44.27
NB CLA JA . 2.57 -43.41 -37.47
C1B CLA JA . 3.05 -44.06 -38.56
C2B CLA JA . 4.45 -44.49 -38.31
C3B CLA JA . 4.79 -44.08 -37.04
C4B CLA JA . 3.60 -43.38 -36.48
CMB CLA JA . 5.25 -45.22 -39.30
CAB CLA JA . 6.05 -44.26 -36.34
CBB CLA JA . 6.22 -44.50 -35.05
NC CLA JA . 1.14 -41.98 -35.35
C1C CLA JA . 2.33 -42.18 -34.71
C2C CLA JA . 2.28 -41.59 -33.37
C3C CLA JA . 1.01 -41.03 -33.23
C4C CLA JA . 0.30 -41.27 -34.48
CMC CLA JA . 3.39 -41.60 -32.40
CAC CLA JA . 0.49 -40.32 -32.06
CBC CLA JA . 0.57 -38.82 -32.23
ND CLA JA . -1.10 -41.80 -37.03
C1D CLA JA . -1.69 -41.10 -35.94
C2D CLA JA . -3.06 -40.69 -36.30
C3D CLA JA . -3.24 -41.09 -37.62
C4D CLA JA . -1.99 -41.76 -38.03
CMD CLA JA . -3.99 -39.99 -35.43
CAD CLA JA . -4.16 -41.14 -38.74
OBD CLA JA . -5.32 -40.75 -38.84
CBD CLA JA . -3.40 -41.84 -39.92
CGD CLA JA . -4.20 -42.96 -40.54
O1D CLA JA . -5.27 -42.87 -41.14
O2D CLA JA . -3.66 -44.21 -40.39
CED CLA JA . -3.97 -45.18 -41.40
C1 CLA JA . 1.20 -39.47 -45.45
C2 CLA JA . 2.61 -39.04 -45.64
C3 CLA JA . 3.16 -38.02 -44.96
C4 CLA JA . 4.57 -37.63 -45.18
C5 CLA JA . 2.38 -37.25 -43.96
C6 CLA JA . 3.01 -37.26 -42.58
C7 CLA JA . 3.32 -35.85 -42.12
C8 CLA JA . 4.75 -35.73 -41.59
C9 CLA JA . 4.79 -35.90 -40.08
C10 CLA JA . 5.37 -34.38 -41.98
MG CLA KA . 0.91 -48.79 -28.58
CHA CLA KA . -2.03 -49.05 -26.75
CHB CLA KA . -0.55 -46.40 -30.54
CHC CLA KA . 3.91 -48.36 -30.17
CHD CLA KA . 2.35 -51.29 -26.53
NA CLA KA . -0.99 -47.92 -28.64
C1A CLA KA . -2.07 -48.15 -27.77
C2A CLA KA . -3.28 -47.31 -28.18
C3A CLA KA . -2.85 -46.72 -29.54
C4A CLA KA . -1.35 -47.01 -29.59
CMA CLA KA . -3.59 -47.42 -30.63
CAA CLA KA . -3.58 -46.23 -27.16
CBA CLA KA . -2.36 -45.38 -26.83
CGA CLA KA . -2.73 -44.38 -25.77
O1A CLA KA . -3.82 -43.89 -25.51
O2A CLA KA . -1.65 -44.00 -25.01
NB CLA KA . 1.54 -47.65 -30.12
C1B CLA KA . 0.83 -46.63 -30.68
C2B CLA KA . 1.74 -45.77 -31.48
C3B CLA KA . 3.00 -46.31 -31.39
C4B CLA KA . 2.89 -47.52 -30.52
CMB CLA KA . 1.28 -44.60 -32.22
CAB CLA KA . 4.24 -45.87 -31.98
CBB CLA KA . 5.36 -45.59 -31.33
NC CLA KA . 2.77 -49.71 -28.43
C1C CLA KA . 3.85 -49.41 -29.21
C2C CLA KA . 4.98 -50.26 -28.85
C3C CLA KA . 4.56 -51.06 -27.79
C4C CLA KA . 3.16 -50.71 -27.53
CMC CLA KA . 6.29 -50.22 -29.49
CAC CLA KA . 5.34 -52.08 -27.09
CBC CLA KA . 5.39 -53.39 -27.84
ND CLA KA . 0.35 -49.97 -27.03
C1D CLA KA . 1.04 -50.94 -26.27
C2D CLA KA . 0.13 -51.48 -25.24
C3D CLA KA . -1.06 -50.78 -25.37
C4D CLA KA . -0.86 -49.85 -26.49
CMD CLA KA . 0.48 -52.52 -24.28
CAD CLA KA . -2.42 -50.61 -24.89
OBD CLA KA . -3.03 -51.22 -24.01
CBD CLA KA . -3.06 -49.46 -25.73
CGD CLA KA . -4.36 -49.83 -26.37
O1D CLA KA . -4.59 -50.07 -27.56
O2D CLA KA . -5.41 -49.90 -25.50
CED CLA KA . -6.71 -50.09 -26.03
C1 CLA KA . -1.91 -43.71 -23.62
C2 CLA KA . -0.72 -42.99 -23.11
C3 CLA KA . -0.13 -43.30 -21.94
C4 CLA KA . 1.06 -42.55 -21.47
C5 CLA KA . -0.63 -44.41 -21.08
C6 CLA KA . -0.34 -44.22 -19.61
C7 CLA KA . 0.70 -45.21 -19.13
C8 CLA KA . 0.13 -46.29 -18.21
C9 CLA KA . -0.89 -45.69 -17.25
C10 CLA KA . 1.23 -46.99 -17.43
C11 CLA KA . 2.39 -47.37 -18.33
C12 CLA KA . 3.66 -47.69 -17.56
C13 CLA KA . 4.86 -46.93 -18.09
C14 CLA KA . 4.78 -46.72 -19.58
C15 CLA KA . 6.18 -47.60 -17.67
C16 CLA KA . 6.90 -48.29 -18.80
C17 CLA KA . 8.20 -47.60 -19.16
C18 CLA KA . 9.38 -48.56 -19.15
C19 CLA KA . 9.34 -49.48 -20.36
C20 CLA KA . 10.68 -47.79 -19.13
MG CLA LA . -4.19 -64.20 -31.30
CHA CLA LA . -6.75 -63.21 -33.42
CHB CLA LA . -5.98 -66.96 -30.42
CHC CLA LA . -1.54 -65.24 -29.35
CHD CLA LA . -2.34 -61.35 -32.30
NA CLA LA . -6.07 -64.93 -31.83
C1A CLA LA . -6.98 -64.39 -32.74
C2A CLA LA . -8.22 -65.25 -32.86
C3A CLA LA . -8.01 -66.36 -31.80
C4A CLA LA . -6.58 -66.09 -31.31
CMA CLA LA . -9.02 -66.26 -30.69
CAA CLA LA . -8.25 -65.90 -34.24
CBA CLA LA . -6.90 -66.45 -34.66
CGA CLA LA . -6.83 -67.93 -34.42
O1A CLA LA . -7.75 -68.73 -34.30
O2A CLA LA . -5.54 -68.41 -34.35
NB CLA LA . -3.82 -65.80 -30.13
C1B CLA LA . -4.68 -66.82 -29.89
C2B CLA LA . -4.08 -67.79 -28.93
C3B CLA LA . -2.83 -67.31 -28.62
C4B CLA LA . -2.65 -66.03 -29.37
CMB CLA LA . -4.79 -68.99 -28.47
CAB CLA LA . -1.79 -67.82 -27.76
CBB CLA LA . -1.89 -68.78 -26.83
NC CLA LA . -2.30 -63.41 -30.89
C1C CLA LA . -1.38 -64.00 -30.06
C2C CLA LA . -0.17 -63.19 -30.02
C3C CLA LA . -0.38 -62.11 -30.86
C4C CLA LA . -1.73 -62.25 -31.41
CMC CLA LA . 1.03 -63.50 -29.24
CAC CLA LA . 0.56 -61.02 -31.16
CBC CLA LA . 1.39 -61.31 -32.39
ND CLA LA . -4.46 -62.57 -32.48
C1D CLA LA . -3.62 -61.48 -32.80
C2D CLA LA . -4.33 -60.59 -33.74
C3D CLA LA . -5.56 -61.19 -34.00
C4D CLA LA . -5.56 -62.45 -33.21
CMD CLA LA . -3.81 -59.32 -34.26
CAD CLA LA . -6.82 -61.12 -34.71
OBD CLA LA . -7.26 -60.22 -35.42
CBD CLA LA . -7.60 -62.43 -34.39
CGD CLA LA . -8.97 -62.15 -33.83
O1D CLA LA . -10.05 -62.58 -34.25
O2D CLA LA . -8.97 -61.34 -32.75
CED CLA LA . -9.57 -61.83 -31.55
C1 CLA LA . -5.30 -69.40 -33.33
C2 CLA LA . -4.02 -70.09 -33.65
C3 CLA LA . -3.36 -70.87 -32.77
C4 CLA LA . -3.87 -71.08 -31.40
C5 CLA LA . -2.09 -71.54 -33.13
C6 CLA LA . -1.22 -71.87 -31.93
C7 CLA LA . -0.12 -70.85 -31.74
C8 CLA LA . 1.27 -71.49 -31.85
C9 CLA LA . 1.85 -71.76 -30.49
C10 CLA LA . 2.21 -70.61 -32.66
NB KC1 MA . 1.94 -71.63 -24.01
ND KC1 MA . -0.96 -73.13 -21.85
C1A KC1 MA . -1.96 -73.14 -24.73
C1B KC1 MA . 1.94 -71.48 -25.36
C1C KC1 MA . 2.90 -71.67 -21.21
C1D KC1 MA . -0.96 -73.35 -20.52
C2A KC1 MA . -2.36 -73.15 -26.14
C2B KC1 MA . 3.17 -70.94 -25.80
C2C KC1 MA . 3.35 -71.72 -19.83
C2D KC1 MA . -2.20 -73.93 -20.20
C3A KC1 MA . -1.28 -72.62 -26.84
C3B KC1 MA . 3.95 -70.78 -24.68
C3C KC1 MA . 2.35 -72.25 -19.09
C3D KC1 MA . -2.94 -74.05 -21.36
C4A KC1 MA . -0.28 -72.30 -25.91
C4B KC1 MA . 3.15 -71.22 -23.57
C4C KC1 MA . 1.25 -72.52 -19.99
C4D KC1 MA . -2.12 -73.54 -22.39
CAA KC1 MA . -3.65 -73.63 -26.67
CAB KC1 MA . 5.32 -70.24 -24.64
CAC KC1 MA . 2.37 -72.48 -17.60
CAD KC1 MA . -4.21 -74.50 -21.97
CBA KC1 MA . -4.37 -73.00 -27.63
CBB KC1 MA . 6.36 -71.08 -24.53
CBC KC1 MA . 2.94 -73.87 -17.32
CBD KC1 MA . -4.01 -74.29 -23.47
CED KC1 MA . -2.25 -77.22 -24.26
CGA KC1 MA . -5.18 -73.80 -28.48
CGD KC1 MA . -4.00 -75.63 -24.16
CHA KC1 MA . -2.70 -73.59 -23.62
CHB KC1 MA . 0.94 -71.75 -26.27
CHC KC1 MA . 3.65 -71.19 -22.29
CHD KC1 MA . 0.02 -73.08 -19.59
CMA KC1 MA . -1.17 -72.39 -28.33
CMB KC1 MA . 3.56 -70.62 -27.21
CMC KC1 MA . 4.70 -71.28 -19.31
CMD KC1 MA . -2.65 -74.35 -18.82
NA KC1 MA . -0.68 -72.62 -24.63
NC KC1 MA . 1.61 -72.16 -21.27
O1A KC1 MA . -5.48 -74.91 -28.11
O1D KC1 MA . -5.06 -76.18 -24.38
O2A KC1 MA . -5.16 -73.56 -29.81
O2D KC1 MA . -2.90 -76.04 -24.79
OBD KC1 MA . -5.04 -75.22 -21.46
MG KC1 MA . 0.46 -72.34 -22.94
MG CLA NA . 8.30 -64.15 -9.28
CHA CLA NA . 11.23 -64.64 -7.46
CHB CLA NA . 8.19 -67.47 -10.00
CHC CLA NA . 5.48 -63.57 -11.13
CHD CLA NA . 8.47 -60.69 -8.49
NA CLA NA . 9.50 -65.78 -8.77
C1A CLA NA . 10.68 -65.79 -8.00
C2A CLA NA . 11.22 -67.22 -7.86
C3A CLA NA . 10.18 -68.09 -8.60
C4A CLA NA . 9.21 -67.06 -9.17
CMA CLA NA . 10.81 -68.94 -9.67
CAA CLA NA . 11.30 -67.66 -6.40
CBA CLA NA . 10.15 -67.12 -5.56
CGA CLA NA . 9.09 -68.16 -5.39
O1A CLA NA . 8.99 -69.27 -5.93
O2A CLA NA . 8.11 -67.77 -4.52
NB CLA NA . 7.02 -65.31 -10.30
C1B CLA NA . 7.23 -66.62 -10.60
C2B CLA NA . 6.30 -67.06 -11.67
C3B CLA NA . 5.53 -65.96 -12.01
C4B CLA NA . 5.98 -64.84 -11.12
CMB CLA NA . 6.28 -68.41 -12.22
CAB CLA NA . 4.49 -65.85 -12.99
CBB CLA NA . 3.27 -65.37 -12.78
NC CLA NA . 7.17 -62.45 -9.70
C1C CLA NA . 6.03 -62.44 -10.45
C2C CLA NA . 5.46 -61.11 -10.50
C3C CLA NA . 6.33 -60.27 -9.79
C4C CLA NA . 7.39 -61.12 -9.27
CMC CLA NA . 4.23 -60.76 -11.22
CAC CLA NA . 6.18 -58.83 -9.54
CBC CLA NA . 6.31 -57.98 -10.77
ND CLA NA . 9.53 -62.90 -8.26
C1D CLA NA . 9.49 -61.49 -8.01
C2D CLA NA . 10.68 -61.12 -7.21
C3D CLA NA . 11.39 -62.28 -7.01
C4D CLA NA . 10.62 -63.36 -7.65
CMD CLA NA . 10.98 -59.76 -6.77
CAD CLA NA . 12.56 -62.88 -6.39
OBD CLA NA . 13.48 -62.36 -5.77
CBD CLA NA . 12.49 -64.41 -6.67
CGD CLA NA . 13.67 -64.92 -7.46
O1D CLA NA . 13.66 -65.38 -8.60
O2D CLA NA . 14.86 -64.83 -6.81
CED CLA NA . 16.03 -65.04 -7.61
C1 CLA NA . 8.49 -67.56 -3.15
C2 CLA NA . 7.23 -67.31 -2.41
C3 CLA NA . 6.45 -68.29 -1.94
C4 CLA NA . 6.79 -69.73 -2.12
C5 CLA NA . 5.19 -67.99 -1.21
C6 CLA NA . 3.95 -68.25 -2.04
C7 CLA NA . 2.70 -68.17 -1.19
MG CLA OA . 8.81 -52.43 -9.91
CHA CLA OA . 11.78 -52.73 -8.15
CHB CLA OA . 7.16 -54.00 -7.38
CHC CLA OA . 5.86 -51.87 -11.56
CHD CLA OA . 10.59 -50.89 -12.56
NA CLA OA . 9.40 -53.24 -8.09
C1A CLA OA . 10.67 -53.25 -7.52
C2A CLA OA . 10.64 -53.94 -6.16
C3A CLA OA . 9.26 -54.61 -6.14
C4A CLA OA . 8.53 -53.89 -7.26
CMA CLA OA . 9.35 -56.09 -6.38
CAA CLA OA . 10.68 -52.89 -5.04
CBA CLA OA . 10.61 -51.46 -5.52
CGA CLA OA . 9.27 -50.81 -5.40
O1A CLA OA . 8.77 -50.26 -4.42
O2A CLA OA . 8.55 -50.81 -6.56
NB CLA OA . 6.88 -52.93 -9.58
C1B CLA OA . 6.40 -53.40 -8.41
C2B CLA OA . 4.92 -53.22 -8.32
C3B CLA OA . 4.54 -52.62 -9.51
C4B CLA OA . 5.78 -52.43 -10.32
CMB CLA OA . 4.14 -53.65 -7.17
CAB CLA OA . 3.24 -52.22 -9.99
CBB CLA OA . 2.19 -51.88 -9.25
NC CLA OA . 8.32 -51.57 -11.76
C1C CLA OA . 7.05 -51.47 -12.24
C2C CLA OA . 7.07 -50.84 -13.55
C3C CLA OA . 8.41 -50.54 -13.83
C4C CLA OA . 9.18 -51.01 -12.69
CMC CLA OA . 5.89 -50.57 -14.38
CAC CLA OA . 8.93 -49.88 -15.04
CBC CLA OA . 9.37 -48.45 -14.80
ND CLA OA . 10.72 -51.89 -10.33
C1D CLA OA . 11.32 -51.28 -11.45
C2D CLA OA . 12.78 -51.15 -11.22
C3D CLA OA . 13.00 -51.67 -9.95
C4D CLA OA . 11.69 -52.13 -9.46
CMD CLA OA . 13.74 -50.57 -12.14
CAD CLA OA . 13.99 -51.97 -8.92
OBD CLA OA . 15.20 -51.73 -8.90
CBD CLA OA . 13.24 -52.67 -7.75
CGD CLA OA . 13.77 -54.06 -7.48
O1D CLA OA . 14.45 -54.43 -6.52
O2D CLA OA . 13.43 -54.96 -8.45
CED CLA OA . 12.59 -56.06 -8.09
C1 CLA OA . 7.12 -50.69 -6.43
C2 CLA OA . 6.72 -49.29 -6.77
C3 CLA OA . 5.43 -48.94 -6.91
C4 CLA OA . 4.32 -49.91 -6.74
C5 CLA OA . 5.04 -47.54 -7.24
C6 CLA OA . 4.24 -46.87 -6.13
C7 CLA OA . 2.80 -46.66 -6.54
C8 CLA OA . 2.50 -45.21 -6.91
C9 CLA OA . 1.24 -44.74 -6.22
C10 CLA OA . 2.36 -45.06 -8.42
C1A DGD PA . 8.41 -45.24 11.29
C2A DGD PA . 7.21 -44.40 10.91
C3A DGD PA . 7.06 -44.34 9.40
O1A DGD PA . 9.02 -45.87 10.43
C1B DGD PA . 8.54 -45.41 16.00
C2B DGD PA . 7.30 -45.94 16.70
C3B DGD PA . 7.01 -45.12 17.93
C4B DGD PA . 5.85 -44.15 17.71
C5B DGD PA . 5.45 -43.49 19.03
C6B DGD PA . 4.16 -42.71 18.88
O1B DGD PA . 8.84 -44.24 16.09
O1G DGD PA . 8.85 -45.31 12.66
C1G DGD PA . 10.11 -45.88 13.01
C2G DGD PA . 10.36 -45.60 14.48
O2G DGD PA . 9.38 -46.31 15.24
C3G DGD PA . 11.76 -46.04 14.91
O3G DGD PA . 11.89 -47.45 14.84
C1D DGD PA . 12.76 -47.96 15.85
C2D DGD PA . 12.63 -49.48 15.91
O2D DGD PA . 12.28 -49.88 17.24
C3D DGD PA . 13.95 -50.15 15.51
O3D DGD PA . 14.24 -49.85 14.14
C4D DGD PA . 15.09 -49.65 16.39
O4D DGD PA . 16.34 -50.00 15.80
C5D DGD PA . 15.01 -48.14 16.57
O5D DGD PA . 16.24 -46.09 16.42
C6D DGD PA . 16.38 -47.50 16.49
O6D DGD PA . 14.12 -47.59 15.60
C1E DGD PA . 16.59 -45.45 17.65
C2E DGD PA . 16.41 -43.94 17.50
O2E DGD PA . 16.22 -43.61 16.12
C3E DGD PA . 17.63 -43.21 18.04
O3E DGD PA . 17.78 -43.52 19.44
C4E DGD PA . 18.87 -43.65 17.29
O4E DGD PA . 20.04 -43.14 17.96
C5E DGD PA . 18.95 -45.16 17.21
O6E DGD PA . 17.94 -45.76 18.02
C6E DGD PA . 20.32 -45.67 17.63
O5E DGD PA . 21.34 -45.02 16.87
C1 LMG QA . 10.30 -51.30 4.79
O1 LMG QA . 9.18 -50.61 4.27
C2 LMG QA . 11.36 -51.30 3.66
O2 LMG QA . 10.79 -51.98 2.60
C3 LMG QA . 12.51 -52.15 4.23
O3 LMG QA . 13.49 -52.15 3.24
C4 LMG QA . 13.05 -51.47 5.52
O4 LMG QA . 13.65 -50.27 5.18
C5 LMG QA . 11.86 -51.17 6.49
O5 LMG QA . 11.23 -49.85 8.34
C6 LMG QA . 12.37 -50.25 7.62
O6 LMG QA . 10.79 -50.51 5.85
C7 LMG QA . 8.71 -49.54 5.06
C8 LMG QA . 7.38 -50.01 5.72
C9 LMG QA . 6.47 -48.79 5.97
O7 LMG QA . 6.68 -50.91 4.85
C10 LMG QA . 6.17 -50.48 3.66
O9 LMG QA . 6.90 -50.53 2.68
C11 LMG QA . 4.68 -50.59 3.62
C12 LMG QA . 4.12 -49.98 2.36
C13 LMG QA . 2.87 -49.15 2.61
C14 LMG QA . 1.68 -50.09 2.57
C15 LMG QA . 1.16 -50.18 1.15
C16 LMG QA . 0.20 -51.36 1.05
C17 LMG QA . -1.07 -50.85 0.40
C18 LMG QA . -1.26 -51.64 -0.88
O8 LMG QA . 6.48 -48.55 7.35
C28 LMG QA . 5.28 -48.39 7.97
O10 LMG QA . 4.96 -47.29 8.40
C29 LMG QA . 4.61 -49.67 8.33
C30 LMG QA . 3.28 -49.40 9.01
C31 LMG QA . 3.14 -50.40 10.14
C32 LMG QA . 1.96 -51.31 9.81
C33 LMG QA . 1.07 -51.34 11.02
C34 LMG QA . 0.47 -52.72 11.14
C35 LMG QA . -1.02 -52.52 11.35
MG CLA RA . 4.41 -47.59 0.01
CHA CLA RA . 5.90 -45.70 2.52
CHB CLA RA . 1.60 -45.70 0.26
CHC CLA RA . 2.98 -49.52 -2.46
CHD CLA RA . 7.37 -49.52 -0.22
NA CLA RA . 3.87 -45.96 1.19
C1A CLA RA . 4.63 -45.31 2.19
C2A CLA RA . 3.84 -44.16 2.81
C3A CLA RA . 2.47 -44.22 2.10
C4A CLA RA . 2.64 -45.36 1.10
CMA CLA RA . 1.35 -44.49 3.07
CAA CLA RA . 4.52 -42.83 2.50
CBA CLA RA . 3.59 -41.64 2.71
CGA CLA RA . 3.94 -40.94 3.99
O1A CLA RA . 5.05 -40.61 4.40
O2A CLA RA . 2.85 -40.64 4.73
NB CLA RA . 2.64 -47.59 -0.94
C1B CLA RA . 1.61 -46.75 -0.69
C2B CLA RA . 0.45 -47.07 -1.58
C3B CLA RA . 0.84 -48.15 -2.35
C4B CLA RA . 2.23 -48.49 -1.94
CMB CLA RA . -0.81 -46.32 -1.53
CAB CLA RA . 0.14 -48.90 -3.37
CBB CLA RA . -0.95 -48.53 -4.05
NC CLA RA . 5.07 -49.22 -1.12
C1C CLA RA . 4.31 -49.86 -2.07
C2C CLA RA . 5.07 -50.97 -2.64
C3C CLA RA . 6.32 -50.97 -2.01
C4C CLA RA . 6.30 -49.86 -1.06
CMC CLA RA . 4.58 -51.89 -3.67
CAC CLA RA . 7.43 -51.90 -2.23
CBC CLA RA . 7.57 -52.90 -1.10
ND CLA RA . 6.23 -47.65 0.90
C1D CLA RA . 7.36 -48.49 0.70
C2D CLA RA . 8.44 -48.06 1.62
C3D CLA RA . 7.92 -47.03 2.37
C4D CLA RA . 6.55 -46.79 1.87
CMD CLA RA . 9.76 -48.69 1.68
CAD CLA RA . 8.18 -46.05 3.41
OBD CLA RA . 9.18 -45.89 4.10
CBD CLA RA . 6.90 -45.18 3.55
CGD CLA RA . 6.37 -45.26 4.95
O1D CLA RA . 6.95 -44.97 6.00
O2D CLA RA . 5.09 -45.74 5.06
CED CLA RA . 4.26 -45.18 6.07
C1 LMG SA . -17.48 -41.00 -10.20
O1 LMG SA . -16.08 -40.97 -10.29
C2 LMG SA . -17.97 -40.00 -11.28
O2 LMG SA . -17.63 -38.74 -10.76
C3 LMG SA . -19.51 -40.11 -11.31
O3 LMG SA . -19.92 -39.26 -12.34
C4 LMG SA . -19.89 -41.57 -11.65
O4 LMG SA . -19.38 -41.89 -12.90
C5 LMG SA . -19.21 -42.50 -10.60
O5 LMG SA . -19.25 -44.10 -12.31
C6 LMG SA . -19.51 -43.96 -10.94
O6 LMG SA . -17.81 -42.31 -10.60
C7 LMG SA . -15.45 -40.99 -9.04
C8 LMG SA . -13.96 -40.70 -9.34
C9 LMG SA . -13.11 -41.07 -8.13
O7 LMG SA . -13.53 -41.52 -10.44
C10 LMG SA . -13.64 -42.87 -10.39
O9 LMG SA . -14.67 -43.39 -10.80
C11 LMG SA . -12.29 -43.52 -10.43
C12 LMG SA . -11.74 -43.49 -11.83
C13 LMG SA . -10.40 -44.19 -11.94
C14 LMG SA . -9.38 -43.29 -11.24
C15 LMG SA . -8.04 -43.99 -11.22
C16 LMG SA . -7.64 -44.36 -12.64
C17 LMG SA . -6.87 -45.66 -12.56
C18 LMG SA . -5.49 -45.33 -12.06
C19 LMG SA . -4.59 -45.18 -13.26
C20 LMG SA . -3.46 -46.16 -13.08
O8 LMG SA . -11.77 -40.84 -8.49
C28 LMG SA . -11.26 -39.63 -8.20
O10 LMG SA . -11.97 -38.78 -7.68
C29 LMG SA . -9.77 -39.56 -8.30
C30 LMG SA . -9.34 -38.99 -9.64
C31 LMG SA . -7.85 -38.75 -9.58
C32 LMG SA . -7.41 -38.29 -10.96
C33 LMG SA . -5.90 -38.22 -10.92
C34 LMG SA . -5.34 -39.56 -11.32
C35 LMG SA . -4.52 -39.35 -12.58
MG CLA TA . 6.75 -42.00 -3.95
CHA CLA TA . 8.69 -44.15 -2.01
CHB CLA TA . 7.37 -43.95 -6.68
CHC CLA TA . 4.69 -39.96 -5.80
CHD CLA TA . 6.01 -40.14 -1.05
NA CLA TA . 7.88 -43.74 -4.27
C1A CLA TA . 8.60 -44.49 -3.34
C2A CLA TA . 9.24 -45.71 -4.00
C3A CLA TA . 8.83 -45.60 -5.48
C4A CLA TA . 7.96 -44.34 -5.50
CMA CLA TA . 10.01 -45.51 -6.41
CAA CLA TA . 8.63 -47.00 -3.46
CBA CLA TA . 7.16 -47.12 -3.78
CGA CLA TA . 6.35 -46.49 -2.69
O1A CLA TA . 6.63 -46.42 -1.50
O2A CLA TA . 5.19 -45.90 -3.10
NB CLA TA . 6.11 -41.99 -5.86
C1B CLA TA . 6.54 -42.82 -6.85
C2B CLA TA . 6.01 -42.38 -8.17
C3B CLA TA . 5.25 -41.26 -7.93
C4B CLA TA . 5.31 -40.99 -6.46
CMB CLA TA . 6.30 -43.08 -9.41
CAB CLA TA . 4.50 -40.42 -8.83
CBB CLA TA . 3.72 -40.86 -9.83
NC CLA TA . 5.60 -40.32 -3.50
C1C CLA TA . 4.84 -39.65 -4.42
C2C CLA TA . 4.13 -38.56 -3.76
C3C CLA TA . 4.48 -38.60 -2.41
C4C CLA TA . 5.41 -39.73 -2.25
CMC CLA TA . 3.22 -37.63 -4.42
CAC CLA TA . 3.96 -37.69 -1.36
CBC CLA TA . 4.99 -36.99 -0.50
ND CLA TA . 7.32 -41.98 -2.01
C1D CLA TA . 6.90 -41.18 -0.92
C2D CLA TA . 7.57 -41.65 0.32
C3D CLA TA . 8.29 -42.78 -0.05
C4D CLA TA . 8.06 -42.97 -1.50
CMD CLA TA . 7.45 -41.02 1.63
CAD CLA TA . 9.19 -43.84 0.39
OBD CLA TA . 9.72 -44.00 1.49
CBD CLA TA . 9.38 -44.80 -0.82
CGD CLA TA . 10.83 -45.11 -1.08
O1D CLA TA . 11.74 -44.31 -1.32
O2D CLA TA . 11.11 -46.44 -1.05
CED CLA TA . 12.41 -46.82 -0.58
C1 CLA TA . 5.06 -44.52 -2.72
C2 CLA TA . 3.71 -44.27 -2.18
C3 CLA TA . 2.85 -43.40 -2.74
C4 CLA TA . 3.21 -42.63 -3.96
C5 CLA TA . 1.50 -43.16 -2.17
C6 CLA TA . 1.38 -41.80 -1.52
C7 CLA TA . 0.08 -41.68 -0.75
C DD6 UA . -6.90 -64.27 31.81
C1 DD6 UA . -7.79 -63.22 31.22
C10 DD6 UA . -1.77 -56.37 34.28
C11 DD6 UA . -1.43 -55.21 34.84
C12 DD6 UA . -2.48 -54.20 35.22
C13 DD6 UA . 0.00 -54.94 35.07
C14 DD6 UA . 0.53 -54.51 36.21
C15 DD6 UA . 2.02 -54.29 36.22
C16 DD6 UA . 2.99 -55.47 36.28
C17 DD6 UA . 4.30 -55.07 36.94
C18 DD6 UA . 4.87 -53.83 36.26
C19 DD6 UA . 4.02 -52.63 36.64
C2 DD6 UA . -7.44 -61.93 31.23
C20 DD6 UA . 2.56 -52.86 36.31
C21 DD6 UA . 1.55 -51.72 36.46
C22 DD6 UA . 3.27 -55.97 34.88
C23 DD6 UA . 2.36 -56.61 37.08
C24 DD6 UA . -9.08 -63.56 30.60
C25 DD6 UA . -9.58 -64.79 30.58
C26 DD6 UA . -10.86 -64.94 29.89
C27 DD6 UA . -11.25 -66.10 29.37
C28 DD6 UA . -10.38 -67.32 29.50
C29 DD6 UA . -12.34 -66.18 28.75
C3 DD6 UA . -6.17 -61.46 31.78
C30 DD6 UA . -13.32 -66.17 28.09
C31 DD6 UA . -14.37 -66.17 27.38
C32 DD6 UA . -14.33 -66.87 26.03
C33 DD6 UA . -15.39 -66.28 25.11
C34 DD6 UA . -16.73 -66.27 25.82
C35 DD6 UA . -16.65 -65.27 26.94
C36 DD6 UA . -15.46 -65.56 27.83
C37 DD6 UA . -15.50 -65.11 29.27
C4 DD6 UA . -6.04 -60.16 32.04
C40 DD6 UA . -14.64 -68.34 26.26
C41 DD6 UA . -12.96 -66.72 25.42
C5 DD6 UA . -4.78 -59.65 32.54
C6 DD6 UA . -4.64 -58.37 32.90
C7 DD6 UA . -5.82 -57.44 32.80
C8 DD6 UA . -3.33 -57.88 33.33
C9 DD6 UA . -3.16 -56.72 33.96
O1 DD6 UA . 2.38 -53.53 35.07
O2 DD6 UA . 6.22 -53.62 36.70
O4 DD6 UA . -17.76 -65.86 24.90
C7 UIX VA . -4.09 -61.93 7.44
C8 UIX VA . -5.81 -59.91 5.63
C9 UIX VA . -5.01 -59.10 7.80
O1 UIX VA . -9.69 -60.51 7.42
C1 UIX VA . -6.62 -62.60 7.82
C5 UIX VA . -8.33 -60.91 7.23
C6 UIX VA . -6.07 -63.72 8.68
C4 UIX VA . -7.38 -59.76 7.55
O4 UIX VA . 19.52 -69.96 -0.72
C3 UIX VA . -7.98 -62.00 8.21
O3 UIX VA . 14.83 -66.13 0.41
C2 UIX VA . -5.96 -60.10 7.13
C UIX VA . -5.55 -61.54 7.48
O UIX VA . -6.16 -62.39 6.49
C10 UIX VA . -3.30 -61.97 8.53
C11 UIX VA . -1.88 -62.34 8.42
C12 UIX VA . -0.86 -61.60 9.24
C13 UIX VA . -1.49 -63.34 7.62
C14 UIX VA . -0.07 -63.67 7.54
C15 UIX VA . 15.53 -69.14 2.10
C16 UIX VA . 15.50 -66.51 1.62
C17 UIX VA . 16.94 -69.12 1.54
C18 UIX VA . 17.15 -67.99 0.54
C19 UIX VA . 16.97 -66.70 1.33
C20 UIX VA . 14.87 -67.77 2.15
C21 UIX VA . 15.58 -69.65 3.54
C22 UIX VA . 14.64 -70.07 1.28
C23 UIX VA . 0.37 -64.57 6.68
C24 UIX VA . 15.31 -65.39 2.65
C25 UIX VA . 13.74 -67.72 2.68
C26 UIX VA . 1.82 -64.85 6.63
C27 UIX VA . 18.61 -69.18 -0.91
C28 UIX VA . 12.62 -67.67 3.25
O2 UIX VA . 18.47 -68.06 0.01
C29 UIX VA . 2.71 -64.34 7.73
C30 UIX VA . 2.33 -65.56 5.63
C31 UIX VA . 17.65 -69.32 -2.05
C32 UIX VA . 11.34 -67.54 2.53
C33 UIX VA . 11.26 -67.59 1.04
C34 UIX VA . 3.77 -65.82 5.60
C35 UIX VA . 10.25 -67.38 3.30
C36 UIX VA . 8.89 -67.23 2.81
C37 UIX VA . 4.36 -66.32 4.52
C38 UIX VA . 7.99 -67.08 3.78
C39 UIX VA . 5.80 -66.54 4.59
C40 UIX VA . 6.54 -66.91 3.55
C41 UIX VA . 5.93 -67.14 2.20
C DD6 WA . -7.31 -58.34 23.84
C1 DD6 WA . -8.19 -57.79 22.76
C10 DD6 WA . -0.98 -59.58 16.73
C11 DD6 WA . -0.18 -59.77 15.67
C12 DD6 WA . -0.66 -59.57 14.27
C13 DD6 WA . 1.22 -60.17 15.95
C14 DD6 WA . 2.07 -60.54 15.00
C15 DD6 WA . 3.47 -60.92 15.44
C16 DD6 WA . 4.56 -59.85 15.48
C17 DD6 WA . 5.94 -60.47 15.33
C18 DD6 WA . 6.13 -61.64 16.27
C19 DD6 WA . 5.28 -62.81 15.78
C2 DD6 WA . -7.75 -57.71 21.49
C20 DD6 WA . 3.81 -62.40 15.63
C21 DD6 WA . 2.78 -63.43 15.22
C22 DD6 WA . 4.48 -59.09 16.79
C23 DD6 WA . 4.32 -58.87 14.33
C24 DD6 WA . -9.55 -57.31 23.07
C25 DD6 WA . -10.04 -57.27 24.32
C26 DD6 WA . -11.40 -56.78 24.53
C27 DD6 WA . -11.94 -56.76 25.78
C28 DD6 WA . -11.15 -57.26 26.93
C29 DD6 WA . -13.10 -56.33 25.96
C3 DD6 WA . -6.43 -58.13 21.08
C30 DD6 WA . -14.24 -56.01 26.07
C31 DD6 WA . -15.39 -55.56 26.29
C32 DD6 WA . -15.61 -54.50 27.35
C33 DD6 WA . -17.10 -54.27 27.53
C34 DD6 WA . -17.76 -54.07 26.19
C35 DD6 WA . -17.77 -55.42 25.47
C36 DD6 WA . -16.41 -56.10 25.59
C37 DD6 WA . -16.21 -57.40 24.85
C4 DD6 WA . -6.02 -57.95 19.82
C40 DD6 WA . -14.91 -53.25 26.91
C41 DD6 WA . -15.00 -55.03 28.63
C5 DD6 WA . -4.68 -58.36 19.43
C6 DD6 WA . -4.28 -58.46 18.16
C7 DD6 WA . -5.21 -58.13 17.02
C8 DD6 WA . -2.89 -58.89 17.91
C9 DD6 WA . -2.39 -59.17 16.70
O1 DD6 WA . 3.38 -61.57 16.71
O2 DD6 WA . 7.50 -62.05 16.26
O4 DD6 WA . -19.11 -53.63 26.37
C DD6 XA . -4.87 -71.38 14.37
C1 DD6 XA . -6.35 -71.35 14.61
C10 DD6 XA . -3.86 -70.12 23.73
C11 DD6 XA . -3.99 -70.14 25.07
C12 DD6 XA . -5.35 -70.26 25.71
C13 DD6 XA . -2.78 -70.05 25.89
C14 DD6 XA . -2.83 -69.80 27.20
C15 DD6 XA . -1.53 -69.73 27.94
C16 DD6 XA . -1.04 -70.96 28.69
C17 DD6 XA . 0.02 -70.59 29.73
C18 DD6 XA . 1.07 -69.65 29.13
C19 DD6 XA . 0.42 -68.29 28.95
C2 DD6 XA . -6.84 -71.14 15.83
C20 DD6 XA . -0.78 -68.40 28.02
C21 DD6 XA . -1.47 -67.15 27.52
C22 DD6 XA . -0.46 -71.97 27.72
C23 DD6 XA . -2.21 -71.61 29.41
C24 DD6 XA . -7.27 -71.55 13.48
C25 DD6 XA . -6.79 -71.79 12.25
C26 DD6 XA . -7.73 -71.99 11.16
C27 DD6 XA . -7.30 -72.13 9.89
C28 DD6 XA . -5.85 -72.08 9.57
C29 DD6 XA . -8.16 -72.32 8.99
C3 DD6 XA . -5.94 -70.95 16.96
C30 DD6 XA . -8.98 -72.51 8.16
C31 DD6 XA . -9.89 -72.69 7.32
C32 DD6 XA . -11.10 -71.79 7.36
C33 DD6 XA . -12.08 -72.24 6.30
C34 DD6 XA . -11.35 -72.31 4.97
C35 DD6 XA . -10.32 -73.43 5.01
C36 DD6 XA . -9.82 -73.66 6.42
C37 DD6 XA . -9.26 -74.99 6.79
C4 DD6 XA . -6.41 -70.66 18.17
C40 DD6 XA . -10.64 -70.35 7.10
C41 DD6 XA . -11.71 -71.88 8.75
C5 DD6 XA . -5.44 -70.52 19.25
C6 DD6 XA . -5.81 -70.31 20.53
C7 DD6 XA . -7.24 -70.21 20.92
C8 DD6 XA . -4.73 -70.21 21.53
C9 DD6 XA . -4.99 -70.20 22.83
O1 DD6 XA . -0.53 -69.34 26.98
O2 DD6 XA . 2.17 -69.54 30.04
O4 DD6 XA . -12.30 -72.55 3.91
C DD6 YA . -2.15 -57.21 22.19
C1 DD6 YA . -1.39 -56.33 23.12
C10 DD6 YA . -8.64 -58.03 29.18
C11 DD6 YA . -9.46 -57.86 30.22
C12 DD6 YA . -9.17 -56.86 31.30
C13 DD6 YA . -10.67 -58.70 30.29
C14 DD6 YA . -11.25 -58.99 31.44
C15 DD6 YA . -12.47 -59.88 31.45
C16 DD6 YA . -13.84 -59.33 31.07
C17 DD6 YA . -14.96 -60.09 31.79
C18 DD6 YA . -14.77 -61.59 31.61
C19 DD6 YA . -13.58 -62.03 32.46
C2 DD6 YA . -1.91 -55.99 24.31
C20 DD6 YA . -12.33 -61.24 32.11
C21 DD6 YA . -11.02 -61.56 32.81
C22 DD6 YA . -14.05 -59.43 29.57
C23 DD6 YA . -13.92 -57.86 31.47
C24 DD6 YA . -0.05 -55.83 22.75
C25 DD6 YA . 0.54 -56.26 21.64
C26 DD6 YA . 1.88 -55.79 21.30
C27 DD6 YA . 2.52 -56.33 20.25
C28 DD6 YA . 1.84 -57.38 19.43
C29 DD6 YA . 3.69 -55.97 19.95
C3 DD6 YA . -3.22 -56.51 24.71
C30 DD6 YA . 4.81 -55.67 19.71
C31 DD6 YA . 6.00 -55.39 19.45
C32 DD6 YA . 6.28 -54.39 18.35
C33 DD6 YA . 7.76 -54.38 17.95
C34 DD6 YA . 8.66 -54.47 19.17
C35 DD6 YA . 8.43 -55.84 19.77
C36 DD6 YA . 6.97 -55.98 20.15
C37 DD6 YA . 6.62 -56.81 21.35
C4 DD6 YA . -3.64 -56.36 25.96
C40 DD6 YA . 5.89 -53.00 18.84
C41 DD6 YA . 5.44 -54.77 17.15
C5 DD6 YA . -4.93 -56.94 26.34
C6 DD6 YA . -5.50 -56.73 27.54
C7 DD6 YA . -4.84 -55.85 28.56
C8 DD6 YA . -6.78 -57.40 27.83
C9 DD6 YA . -7.40 -57.28 29.01
O1 DD6 YA . -12.19 -61.06 30.71
O2 DD6 YA . -15.94 -62.28 32.08
O4 DD6 YA . 10.03 -54.35 18.76
MG CLA ZA . -21.25 -62.20 34.56
CHA CLA ZA . -21.16 -64.88 32.35
CHB CLA ZA . -23.47 -63.89 36.51
CHC CLA ZA . -21.38 -59.49 36.66
CHD CLA ZA . -19.03 -60.44 32.45
NA CLA ZA . -22.12 -64.09 34.45
C1A CLA ZA . -21.96 -65.07 33.46
C2A CLA ZA . -22.78 -66.32 33.77
C3A CLA ZA . -23.52 -65.95 35.08
C4A CLA ZA . -23.00 -64.55 35.40
CMA CLA ZA . -25.01 -65.99 34.91
CAA CLA ZA . -21.85 -67.48 34.02
CBA CLA ZA . -20.90 -67.18 35.18
CGA CLA ZA . -19.75 -68.13 35.20
O1A CLA ZA . -19.68 -69.25 34.70
O2A CLA ZA . -18.66 -67.65 35.87
NB CLA ZA . -22.24 -61.77 36.27
C1B CLA ZA . -23.10 -62.59 36.91
C2B CLA ZA . -23.65 -61.90 38.11
C3B CLA ZA . -23.07 -60.66 38.17
C4B CLA ZA . -22.16 -60.56 36.99
CMB CLA ZA . -24.62 -62.52 39.02
CAB CLA ZA . -23.26 -59.61 39.14
CBB CLA ZA . -22.29 -59.00 39.84
NC CLA ZA . -20.34 -60.33 34.56
C1C CLA ZA . -20.52 -59.37 35.54
C2C CLA ZA . -19.72 -58.18 35.23
C3C CLA ZA . -19.07 -58.44 34.03
C4C CLA ZA . -19.46 -59.79 33.62
CMC CLA ZA . -19.68 -56.98 36.06
CAC CLA ZA . -18.16 -57.54 33.32
CBC CLA ZA . -16.75 -57.62 33.84
ND CLA ZA . -20.23 -62.55 32.86
C1D CLA ZA . -19.39 -61.72 32.06
C2D CLA ZA . -18.98 -62.46 30.84
C3D CLA ZA . -19.63 -63.68 30.91
C4D CLA ZA . -20.40 -63.68 32.17
CMD CLA ZA . -18.10 -61.96 29.80
CAD CLA ZA . -19.85 -64.97 30.27
OBD CLA ZA . -19.34 -65.44 29.26
CBD CLA ZA . -20.91 -65.73 31.13
CGD CLA ZA . -22.18 -65.91 30.36
O1D CLA ZA . -22.70 -65.11 29.57
O2D CLA ZA . -22.81 -67.10 30.57
CED CLA ZA . -24.04 -67.33 29.87
C1 CLA ZA . -17.85 -68.62 36.55
C2 CLA ZA . -16.97 -67.87 37.49
C3 CLA ZA . -15.64 -67.82 37.37
C4 CLA ZA . -14.79 -67.06 38.32
MG CLA AB . -16.34 -72.94 26.97
CHA CLA AB . -17.32 -73.76 23.75
CHB CLA AB . -19.20 -74.32 28.20
CHC CLA AB . -15.23 -72.25 30.14
CHD CLA AB . -13.34 -71.57 25.66
NA CLA AB . -17.99 -73.86 26.09
C1A CLA AB . -18.21 -74.12 24.73
C2A CLA AB . -19.55 -74.83 24.52
C3A CLA AB . -20.18 -74.84 25.93
C4A CLA AB . -19.06 -74.32 26.82
CMA CLA AB . -21.42 -74.00 26.00
CAA CLA AB . -19.30 -76.26 24.04
CBA CLA AB . -18.34 -77.01 24.95
CGA CLA AB . -17.65 -78.12 24.22
O1A CLA AB . -18.10 -78.87 23.35
O2A CLA AB . -16.35 -78.29 24.61
NB CLA AB . -17.10 -73.17 28.81
C1B CLA AB . -18.23 -73.86 29.12
C2B CLA AB . -18.32 -74.05 30.60
C3B CLA AB . -17.20 -73.47 31.14
C4B CLA AB . -16.42 -72.90 30.02
CMB CLA AB . -19.44 -74.78 31.22
CAB CLA AB . -16.74 -73.35 32.51
CBB CLA AB . -16.53 -72.20 33.14
NC CLA AB . -14.62 -72.03 27.75
C1C CLA AB . -14.38 -71.83 29.08
C2C CLA AB . -13.11 -71.17 29.28
C3C CLA AB . -12.55 -71.01 28.02
C4C CLA AB . -13.51 -71.55 27.06
CMC CLA AB . -12.55 -70.80 30.58
CAC CLA AB . -11.26 -70.39 27.71
CBC CLA AB . -10.13 -71.40 27.74
ND CLA AB . -15.48 -72.68 25.16
C1D CLA AB . -14.25 -72.09 24.76
C2D CLA AB . -14.15 -72.14 23.28
C3D CLA AB . -15.30 -72.78 22.84
C4D CLA AB . -16.09 -73.09 24.05
CMD CLA AB . -13.03 -71.62 22.50
CAD CLA AB . -16.06 -73.25 21.70
OBD CLA AB . -15.77 -73.19 20.51
CBD CLA AB . -17.36 -73.89 22.25
CGD CLA AB . -18.61 -73.27 21.68
O1D CLA AB . -18.97 -72.09 21.77
O2D CLA AB . -19.39 -74.13 20.97
CED CLA AB . -20.74 -73.76 20.72
C1 CLA AB . -15.63 -79.39 24.02
MG CLA BB . -16.33 -58.98 21.89
CHA CLA BB . -19.78 -59.26 22.14
CHB CLA BB . -16.71 -56.68 19.39
CHC CLA BB . -12.93 -58.66 21.75
CHD CLA BB . -16.01 -61.36 24.48
NA CLA BB . -17.99 -58.13 20.94
C1A CLA BB . -19.34 -58.38 21.19
C2A CLA BB . -20.23 -57.55 20.27
C3A CLA BB . -19.23 -56.86 19.31
C4A CLA BB . -17.87 -57.23 19.92
CMA CLA BB . -19.39 -57.36 17.91
CAA CLA BB . -20.95 -56.50 21.10
CBA CLA BB . -20.00 -55.85 22.10
CGA CLA BB . -19.84 -54.41 21.76
O1A CLA BB . -20.66 -53.51 21.89
O2A CLA BB . -18.61 -54.09 21.24
NB CLA BB . -15.06 -57.94 20.72
C1B CLA BB . -15.42 -56.96 19.85
C2B CLA BB . -14.21 -56.19 19.43
C3B CLA BB . -13.14 -56.73 20.09
C4B CLA BB . -13.66 -57.86 20.93
CMB CLA BB . -14.28 -55.06 18.50
CAB CLA BB . -11.74 -56.36 20.07
CBB CLA BB . -11.05 -55.98 19.00
NC CLA BB . -14.76 -59.87 22.91
C1C CLA BB . -13.44 -59.62 22.67
C2C CLA BB . -12.62 -60.45 23.54
C3C CLA BB . -13.48 -61.18 24.35
C4C CLA BB . -14.84 -60.82 23.94
CMC CLA BB . -11.15 -60.47 23.58
CAC CLA BB . -13.13 -62.16 25.39
CBC CLA BB . -13.38 -61.65 26.79
ND CLA BB . -17.55 -60.02 23.12
C1D CLA BB . -17.30 -61.01 24.12
C2D CLA BB . -18.58 -61.52 24.64
C3D CLA BB . -19.57 -60.87 23.92
C4D CLA BB . -18.88 -59.98 22.97
CMD CLA BB . -18.71 -62.51 25.70
CAD CLA BB . -21.00 -60.71 23.72
OBD CLA BB . -21.94 -61.18 24.33
CBD CLA BB . -21.17 -59.72 22.52
CGD CLA BB . -21.82 -60.41 21.35
O1D CLA BB . -21.48 -61.47 20.81
O2D CLA BB . -22.91 -59.76 20.84
CED CLA BB . -22.89 -59.38 19.47
C1 CLA BB . -17.44 -54.38 22.02
C2 CLA BB . -16.42 -53.33 21.74
C3 CLA BB . -15.15 -53.43 22.15
C4 CLA BB . -14.65 -54.59 22.92
C5 CLA BB . -14.15 -52.35 21.86
C6 CLA BB . -12.98 -52.30 22.82
C7 CLA BB . -13.21 -51.30 23.93
C8 CLA BB . -11.93 -50.94 24.67
C9 CLA BB . -11.46 -49.56 24.28
MG CLA CB . -7.91 -52.72 17.67
CHA CLA CB . -10.23 -51.04 15.73
CHB CLA CB . -10.01 -52.54 20.34
CHC CLA CB . -5.61 -54.46 19.54
CHD CLA CB . -5.77 -52.92 14.86
NA CLA CB . -9.81 -51.91 17.96
C1A CLA CB . -10.62 -51.26 17.01
C2A CLA CB . -11.95 -50.84 17.64
C3A CLA CB . -11.81 -51.25 19.12
C4A CLA CB . -10.46 -51.96 19.16
CMA CLA CB . -11.86 -50.06 20.05
CAA CLA CB . -13.11 -51.58 17.01
CBA CLA CB . -14.41 -51.27 17.70
CGA CLA CB . -14.78 -49.84 17.47
O1A CLA CB . -15.19 -49.32 16.43
O2A CLA CB . -14.60 -49.05 18.57
NB CLA CB . -7.84 -53.40 19.57
C1B CLA CB . -8.79 -53.19 20.52
C2B CLA CB . -8.33 -53.76 21.82
C3B CLA CB . -7.09 -54.31 21.61
C4B CLA CB . -6.76 -54.08 20.17
CMB CLA CB . -9.16 -53.68 23.04
CAB CLA CB . -6.17 -54.99 22.49
CBB CLA CB . -6.22 -55.00 23.83
NC CLA CB . -6.03 -53.53 17.26
C1C CLA CB . -5.25 -54.20 18.18
C2C CLA CB . -4.01 -54.64 17.55
C3C CLA CB . -4.05 -54.21 16.23
C4C CLA CB . -5.33 -53.53 16.06
CMC CLA CB . -2.94 -55.37 18.24
CAC CLA CB . -3.02 -54.42 15.20
CBC CLA CB . -2.25 -53.16 14.87
ND CLA CB . -7.90 -52.12 15.74
C1D CLA CB . -6.96 -52.25 14.69
C2D CLA CB . -7.49 -51.60 13.48
C3D CLA CB . -8.74 -51.11 13.82
C4D CLA CB . -8.96 -51.47 15.23
CMD CLA CB . -6.79 -51.52 12.20
CAD CLA CB . -9.92 -50.40 13.37
OBD CLA CB . -10.17 -49.92 12.27
CBD CLA CB . -10.90 -50.33 14.57
CGD CLA CB . -11.18 -48.90 14.96
O1D CLA CB . -10.37 -48.06 15.36
O2D CLA CB . -12.49 -48.53 14.85
CED CLA CB . -12.78 -47.15 15.04
C1 CLA CB . -15.12 -47.71 18.50
C2 CLA CB . -13.96 -46.80 18.31
C3 CLA CB . -13.23 -46.34 19.33
C4 CLA CB . -13.52 -46.70 20.74
C5 CLA CB . -12.07 -45.43 19.09
MG CLA DB . 5.16 -66.17 11.56
CHA CLA DB . 8.58 -65.89 11.08
CHB CLA DB . 4.86 -62.78 11.33
CHC CLA DB . 1.74 -66.50 11.85
CHD CLA DB . 5.52 -69.68 11.79
NA CLA DB . 6.51 -64.61 11.28
C1A CLA DB . 7.90 -64.70 11.08
C2A CLA DB . 8.52 -63.33 10.89
C3A CLA DB . 7.34 -62.36 11.11
C4A CLA DB . 6.13 -63.30 11.24
CMA CLA DB . 7.56 -61.50 12.32
CAA CLA DB . 9.02 -63.21 9.45
CBA CLA DB . 7.95 -63.53 8.43
CGA CLA DB . 8.04 -64.95 7.97
O1A CLA DB . 8.94 -65.50 7.35
O2A CLA DB . 6.94 -65.70 8.32
NB CLA DB . 3.60 -64.88 11.59
C1B CLA DB . 3.69 -63.53 11.46
C2B CLA DB . 2.31 -62.94 11.49
C3B CLA DB . 1.43 -63.99 11.64
C4B CLA DB . 2.24 -65.24 11.70
CMB CLA DB . 2.08 -61.50 11.38
CAB CLA DB . -0.01 -64.00 11.73
CBB CLA DB . -0.76 -63.16 12.46
NC CLA DB . 3.88 -67.80 11.81
C1C CLA DB . 2.51 -67.71 11.90
C2C CLA DB . 1.93 -69.04 12.05
C3C CLA DB . 2.99 -69.94 12.03
C4C CLA DB . 4.21 -69.16 11.88
CMC CLA DB . 0.50 -69.32 12.19
CAC CLA DB . 2.91 -71.40 12.15
CBC CLA DB . 3.09 -72.10 10.83
ND CLA DB . 6.66 -67.52 11.53
C1D CLA DB . 6.67 -68.94 11.62
C2D CLA DB . 8.07 -69.41 11.50
C3D CLA DB . 8.85 -68.28 11.29
C4D CLA DB . 7.92 -67.14 11.31
CMD CLA DB . 8.49 -70.81 11.58
CAD CLA DB . 10.19 -67.76 11.09
OBD CLA DB . 11.26 -68.36 11.05
CBD CLA DB . 10.05 -66.22 10.92
CGD CLA DB . 10.92 -65.44 11.87
O1D CLA DB . 11.46 -64.35 11.68
O2D CLA DB . 11.09 -66.04 13.09
CED CLA DB . 12.04 -65.46 13.98
C1 CLA DB . 6.91 -67.05 7.85
C2 CLA DB . 5.61 -67.64 8.28
C3 CLA DB . 5.18 -68.85 7.86
C4 CLA DB . 5.98 -69.69 6.95
C5 CLA DB . 3.87 -69.40 8.31
C6 CLA DB . 2.69 -68.90 7.50
C7 CLA DB . 1.48 -69.79 7.72
C8 CLA DB . 0.17 -69.00 7.78
C9 CLA DB . -0.24 -68.54 6.40
C10 CLA DB . 0.30 -67.81 8.72
MG CLA EB . 6.87 -63.64 -0.86
CHA CLA EB . 10.05 -63.50 0.54
CHB CLA EB . 8.24 -63.52 -3.97
CHC CLA EB . 3.72 -63.93 -2.18
CHD CLA EB . 5.50 -63.61 2.41
NA CLA EB . 8.83 -63.51 -1.57
C1A CLA EB . 10.02 -63.48 -0.83
C2A CLA EB . 11.24 -63.37 -1.75
C3A CLA EB . 10.61 -63.18 -3.15
C4A CLA EB . 9.12 -63.44 -2.91
CMA CLA EB . 10.85 -61.79 -3.67
CAA CLA EB . 12.11 -64.61 -1.67
CBA CLA EB . 11.77 -65.63 -2.73
CGA CLA EB . 12.96 -66.49 -3.00
O1A CLA EB . 13.48 -66.77 -4.07
O2A CLA EB . 13.50 -67.01 -1.86
NB CLA EB . 6.12 -63.63 -2.72
C1B CLA EB . 6.86 -63.73 -3.86
C2B CLA EB . 5.97 -64.10 -5.00
C3B CLA EB . 4.70 -64.22 -4.51
C4B CLA EB . 4.78 -63.92 -3.05
CMB CLA EB . 6.45 -64.27 -6.37
CAB CLA EB . 3.47 -64.55 -5.19
CBB CLA EB . 2.68 -65.58 -4.89
NC CLA EB . 4.96 -63.73 -0.02
C1C CLA EB . 3.82 -63.84 -0.76
C2C CLA EB . 2.65 -63.86 0.13
C3C CLA EB . 3.15 -63.77 1.44
C4C CLA EB . 4.61 -63.69 1.33
CMC CLA EB . 1.27 -63.97 -0.29
CAC CLA EB . 2.37 -63.76 2.68
CBC CLA EB . 1.87 -62.39 3.06
ND CLA EB . 7.55 -63.64 1.06
C1D CLA EB . 6.88 -63.58 2.31
C2D CLA EB . 7.90 -63.54 3.39
C3D CLA EB . 9.13 -63.56 2.77
C4D CLA EB . 8.85 -63.58 1.32
CMD CLA EB . 7.59 -63.53 4.81
CAD CLA EB . 10.58 -63.56 2.94
OBD CLA EB . 11.24 -63.66 3.96
CBD CLA EB . 11.20 -63.43 1.52
CGD CLA EB . 11.97 -62.15 1.35
O1D CLA EB . 11.61 -61.13 0.77
O2D CLA EB . 13.22 -62.17 1.89
CED CLA EB . 13.96 -60.96 1.91
C1 CLA EB . 13.99 -68.37 -1.94
C2 CLA EB . 12.82 -69.25 -2.23
C3 CLA EB . 12.92 -70.57 -2.35
C4 CLA EB . 14.22 -71.28 -2.18
C5 CLA EB . 11.74 -71.41 -2.66
C6 CLA EB . 11.03 -70.97 -3.93
C7 CLA EB . 10.85 -72.12 -4.88
MG CLA FB . -6.33 -53.63 8.50
CHA CLA FB . -9.38 -53.16 10.10
CHB CLA FB . -7.31 -51.55 6.00
CHC CLA FB . -3.19 -53.90 7.14
CHD CLA FB . -5.35 -55.81 11.13
NA CLA FB . -8.09 -52.58 8.11
C1A CLA FB . -9.23 -52.49 8.91
C2A CLA FB . -10.29 -51.60 8.24
C3A CLA FB . -9.68 -51.30 6.86
C4A CLA FB . -8.25 -51.83 6.98
CMA CLA FB . -10.45 -51.96 5.75
CAA CLA FB . -10.49 -50.32 9.03
CBA CLA FB . -9.22 -49.48 9.08
CGA CLA FB . -9.41 -48.28 9.95
O1A CLA FB . -10.40 -47.56 10.07
O2A CLA FB . -8.30 -47.97 10.69
NB CLA FB . -5.43 -52.88 6.87
C1B CLA FB . -5.98 -52.00 5.99
C2B CLA FB . -4.96 -51.57 4.99
C3B CLA FB . -3.79 -52.23 5.31
C4B CLA FB . -4.08 -53.08 6.50
CMB CLA FB . -5.24 -50.63 3.91
CAB CLA FB . -2.50 -52.20 4.68
CBB CLA FB . -1.79 -51.10 4.39
NC CLA FB . -4.61 -54.70 9.02
C1C CLA FB . -3.44 -54.67 8.30
C2C CLA FB . -2.45 -55.52 8.95
C3C CLA FB . -3.05 -56.06 10.08
C4C CLA FB . -4.41 -55.53 10.13
CMC CLA FB . -1.08 -55.72 8.45
CAC CLA FB . -2.43 -56.97 11.07
CBC CLA FB . -2.45 -58.42 10.61
ND CLA FB . -7.15 -54.43 10.17
C1D CLA FB . -6.63 -55.29 11.18
C2D CLA FB . -7.66 -55.49 12.23
C3D CLA FB . -8.73 -54.69 11.87
C4D CLA FB . -8.36 -54.04 10.59
CMD CLA FB . -7.50 -56.35 13.39
CAD CLA FB . -10.07 -54.26 12.19
OBD CLA FB . -10.81 -54.60 13.11
CBD CLA FB . -10.51 -53.22 11.11
CGD CLA FB . -11.83 -53.62 10.53
O1D CLA FB . -12.94 -53.08 10.71
O2D CLA FB . -11.77 -54.71 9.72
CED CLA FB . -11.97 -54.51 8.32
C1 CLA FB . -8.36 -46.79 11.51
C2 CLA FB . -7.01 -46.58 12.07
C3 CLA FB . -6.40 -47.50 12.84
MG CLA GB . -12.88 -69.08 10.15
CHA CLA GB . -15.28 -68.57 7.71
CHB CLA GB . -15.03 -71.13 11.83
CHC CLA GB . -10.37 -69.79 12.38
CHD CLA GB . -10.69 -66.97 8.34
NA CLA GB . -14.83 -69.70 9.82
C1A CLA GB . -15.65 -69.40 8.73
C2A CLA GB . -17.01 -70.08 8.85
C3A CLA GB . -16.97 -70.67 10.28
C4A CLA GB . -15.51 -70.52 10.68
CMA CLA GB . -17.88 -69.90 11.18
CAA CLA GB . -17.07 -71.21 7.82
CBA CLA GB . -15.79 -72.02 7.72
CGA CLA GB . -15.77 -73.15 8.71
O1A CLA GB . -16.71 -73.61 9.35
O2A CLA GB . -14.54 -73.72 8.88
NB CLA GB . -12.75 -70.19 11.83
C1B CLA GB . -13.71 -71.05 12.29
C2B CLA GB . -13.16 -71.90 13.37
C3B CLA GB . -11.83 -71.53 13.53
C4B CLA GB . -11.57 -70.44 12.56
CMB CLA GB . -13.97 -72.92 14.03
CAB CLA GB . -10.81 -72.04 14.41
CBB CLA GB . -10.92 -72.97 15.36
NC CLA GB . -10.91 -68.44 10.36
C1C CLA GB . -10.07 -68.84 11.36
C2C CLA GB . -8.77 -68.20 11.20
C3C CLA GB . -8.85 -67.44 10.03
C4C CLA GB . -10.19 -67.59 9.50
CMC CLA GB . -7.62 -68.37 12.08
CAC CLA GB . -7.78 -66.62 9.44
CBC CLA GB . -7.15 -67.28 8.24
ND CLA GB . -12.91 -67.98 8.45
C1D CLA GB . -11.96 -67.13 7.84
C2D CLA GB . -12.56 -66.53 6.62
C3D CLA GB . -13.84 -67.05 6.52
C4D CLA GB . -14.00 -67.95 7.68
CMD CLA GB . -11.88 -65.58 5.73
CAD CLA GB . -15.07 -67.08 5.77
OBD CLA GB . -15.39 -66.48 4.75
CBD CLA GB . -16.04 -68.06 6.51
CGD CLA GB . -17.33 -67.42 6.93
O1D CLA GB . -17.49 -66.49 7.73
O2D CLA GB . -18.44 -67.96 6.35
CED CLA GB . -19.71 -67.59 6.87
C1 CLA GB . -14.11 -73.96 10.24
C2 CLA GB . -13.92 -75.42 10.45
C3 CLA GB . -12.85 -75.94 11.05
C4 CLA GB . -12.71 -77.41 11.24
C5 CLA GB . -11.74 -75.09 11.56
C6 CLA GB . -10.43 -75.84 11.66
C7 CLA GB . -9.28 -75.06 11.06
C8 CLA GB . -7.93 -75.70 11.30
C9 CLA GB . -7.59 -76.69 10.19
C10 CLA GB . -7.86 -76.40 12.66
NB KC1 HB . -8.33 -74.71 19.25
ND KC1 HB . -11.49 -75.26 21.51
C1A KC1 HB . -12.37 -75.94 18.67
C1B KC1 HB . -8.26 -74.94 17.93
C1C KC1 HB . -7.54 -74.04 22.02
C1D KC1 HB . -11.57 -75.14 22.85
C2A KC1 HB . -12.69 -76.30 17.29
C2B KC1 HB . -6.95 -74.66 17.45
C2C KC1 HB . -7.15 -73.77 23.40
C2D KC1 HB . -12.89 -75.47 23.23
C3A KC1 HB . -11.52 -76.13 16.57
C3B KC1 HB . -6.23 -74.24 18.54
C3C KC1 HB . -8.24 -74.00 24.17
C3D KC1 HB . -13.59 -75.80 22.07
C4A KC1 HB . -10.53 -75.68 17.45
C4B KC1 HB . -7.13 -74.28 19.66
C4C KC1 HB . -9.31 -74.42 23.30
C4D KC1 HB . -12.68 -75.67 21.02
CAA KC1 HB . -13.97 -76.76 16.77
CAB KC1 HB . -4.81 -73.83 18.55
CAC KC1 HB . -8.31 -73.85 25.67
CAD KC1 HB . -14.88 -76.25 21.51
CBA KC1 HB . -14.66 -76.05 15.84
CBB KC1 HB . -3.89 -74.60 19.12
CBC KC1 HB . -8.21 -75.24 26.32
CBD KC1 HB . -14.62 -76.41 20.02
CED KC1 HB . -13.92 -79.97 19.00
CGA KC1 HB . -15.03 -76.69 14.64
CGD KC1 HB . -14.79 -77.85 19.66
CHA KC1 HB . -13.20 -75.96 19.79
CHB KC1 HB . -9.22 -75.40 17.05
CHC KC1 HB . -6.70 -73.91 20.91
CHD KC1 HB . -10.60 -74.75 23.75
CMA KC1 HB . -11.35 -76.37 15.09
CMB KC1 HB . -6.45 -74.79 16.04
CMC KC1 HB . -5.80 -73.32 23.88
CMD KC1 HB . -13.45 -75.47 24.63
NA KC1 HB . -11.02 -75.56 18.72
NC KC1 HB . -8.86 -74.43 22.01
O1A KC1 HB . -14.65 -76.22 13.59
O1D KC1 HB . -15.89 -78.31 19.51
O2A KC1 HB . -15.36 -77.99 14.68
O2D KC1 HB . -13.71 -78.61 19.48
OBD KC1 HB . -15.79 -76.75 22.13
MG KC1 HB . -9.93 -74.95 20.35
MG CLA IB . -1.65 -64.01 31.73
CHA CLA IB . 0.94 -64.50 33.99
CHB CLA IB . -2.48 -67.30 31.99
CHC CLA IB . -4.19 -63.48 29.49
CHD CLA IB . -0.74 -60.59 31.50
NA CLA IB . -0.88 -65.61 32.84
C1A CLA IB . 0.19 -65.60 33.74
C2A CLA IB . 0.39 -66.99 34.35
C3A CLA IB . -0.72 -67.85 33.71
C4A CLA IB . -1.44 -66.86 32.78
CMA CLA IB . -0.14 -69.03 32.97
CAA CLA IB . 0.17 -66.95 35.86
NB CLA IB . -3.10 -65.16 30.93
C1B CLA IB . -3.21 -66.50 31.09
C2B CLA IB . -4.23 -67.04 30.14
C3B CLA IB . -4.72 -65.96 29.42
C4B CLA IB . -4.01 -64.75 29.92
CMB CLA IB . -4.56 -68.46 30.08
CAB CLA IB . -5.71 -65.88 28.38
CBB CLA IB . -6.68 -66.75 28.12
NC CLA IB . -2.34 -62.33 30.71
C1C CLA IB . -3.42 -62.33 29.87
C2C CLA IB . -3.65 -60.99 29.35
C3C CLA IB . -2.66 -60.16 29.89
C4C CLA IB . -1.84 -61.02 30.76
CMC CLA IB . -4.73 -60.62 28.43
CAC CLA IB . -2.48 -58.72 29.68
CBC CLA IB . -1.88 -58.37 28.34
ND CLA IB . -0.24 -62.78 32.51
C1D CLA IB . 0.02 -61.39 32.33
C2D CLA IB . 1.21 -61.03 33.13
C3D CLA IB . 1.63 -62.18 33.76
C4D CLA IB . 0.68 -63.24 33.35
CMD CLA IB . 1.80 -59.69 33.18
CAD CLA IB . 2.60 -62.80 34.66
OBD CLA IB . 3.58 -62.29 35.22
CBD CLA IB . 2.18 -64.29 34.84
CGD CLA IB . 3.28 -65.21 34.41
O1D CLA IB . 3.28 -65.97 33.45
O2D CLA IB . 4.39 -65.18 35.21
CED CLA IB . 5.64 -64.97 34.57
MG CLA JB . 4.45 -53.16 12.59
CHA CLA JB . 6.74 -50.72 11.65
CHB CLA JB . 4.09 -51.66 15.62
CHC CLA JB . 2.24 -55.62 13.48
CHD CLA JB . 4.93 -54.71 9.45
NA CLA JB . 5.27 -51.44 13.46
C1A CLA JB . 6.21 -50.56 12.91
C2A CLA JB . 6.55 -49.44 13.90
C3A CLA JB . 5.74 -49.80 15.16
C4A CLA JB . 4.96 -51.05 14.73
CMA CLA JB . 6.64 -50.07 16.34
CAA CLA JB . 6.08 -48.10 13.35
CBA CLA JB . 4.63 -48.18 12.90
CGA CLA JB . 4.00 -46.82 12.90
O1A CLA JB . 4.32 -45.82 13.53
O2A CLA JB . 2.90 -46.74 12.09
NB CLA JB . 3.42 -53.59 14.25
C1B CLA JB . 3.33 -52.80 15.35
C2B CLA JB . 2.29 -53.34 16.28
C3B CLA JB . 1.76 -54.47 15.69
C4B CLA JB . 2.47 -54.64 14.39
CMB CLA JB . 1.95 -52.73 17.56
CAB CLA JB . 0.72 -55.34 16.16
CBB CLA JB . 0.76 -56.67 16.17
NC CLA JB . 3.71 -54.84 11.62
C1C CLA JB . 2.82 -55.72 12.18
C2C CLA JB . 2.53 -56.80 11.24
C3C CLA JB . 3.28 -56.54 10.10
C4C CLA JB . 4.03 -55.31 10.35
CMC CLA JB . 1.61 -57.91 11.50
CAC CLA JB . 3.32 -57.34 8.87
CBC CLA JB . 2.38 -56.76 7.84
ND CLA JB . 5.47 -52.80 10.87
C1D CLA JB . 5.62 -53.55 9.68
C2D CLA JB . 6.59 -52.85 8.78
C3D CLA JB . 7.05 -51.77 9.50
C4D CLA JB . 6.34 -51.79 10.79
CMD CLA JB . 6.97 -53.31 7.45
CAD CLA JB . 7.92 -50.60 9.50
OBD CLA JB . 8.64 -50.16 8.61
CBD CLA JB . 7.80 -49.96 10.91
CGD CLA JB . 9.10 -50.09 11.66
O1D CLA JB . 9.42 -51.00 12.44
O2D CLA JB . 9.99 -49.09 11.44
CED CLA JB . 11.20 -49.16 12.19
C1 CLA JB . 2.83 -45.60 11.21
C1 LMG KB . -19.30 -69.23 30.59
O1 LMG KB . -17.95 -69.24 31.00
C2 LMG KB . -19.39 -69.93 29.18
O2 LMG KB . -18.85 -69.04 28.25
C3 LMG KB . -20.89 -70.05 28.85
O3 LMG KB . -20.95 -70.72 27.62
C4 LMG KB . -21.59 -70.88 29.94
O4 LMG KB . -21.00 -72.14 29.98
C5 LMG KB . -21.33 -70.18 31.29
O5 LMG KB . -23.23 -70.49 32.63
C6 LMG KB . -21.95 -71.03 32.40
O6 LMG KB . -19.95 -70.06 31.55
C7 LMG KB . -17.18 -68.14 30.54
C8 LMG KB . -16.40 -67.54 31.75
C9 LMG KB . -17.35 -67.23 32.92
O7 LMG KB . -15.46 -68.48 32.22
C10 LMG KB . -14.17 -68.08 32.30
O9 LMG KB . -13.66 -67.55 31.32
C11 LMG KB . -13.72 -67.94 33.72
C12 LMG KB . -12.28 -67.46 33.77
C13 LMG KB . -12.15 -65.99 34.14
O8 LMG KB . -16.68 -66.25 33.69
C28 LMG KB . -17.41 -65.21 34.15
O10 LMG KB . -18.63 -65.22 34.04
C29 LMG KB . -16.63 -64.22 34.95
C30 LMG KB . -17.30 -63.97 36.29
C31 LMG KB . -18.14 -62.72 36.17
C1 LMG LB . -23.40 -45.51 24.78
O1 LMG LB . -22.22 -45.48 25.53
C2 LMG LB . -24.53 -45.26 25.79
O2 LMG LB . -24.60 -46.44 26.54
C3 LMG LB . -25.82 -45.15 24.96
O3 LMG LB . -26.84 -44.89 25.88
C4 LMG LB . -25.68 -43.98 23.98
O4 LMG LB . -25.47 -42.81 24.69
C5 LMG LB . -24.41 -44.24 23.11
O5 LMG LB . -25.45 -42.52 21.88
C6 LMG LB . -24.19 -43.05 22.16
O6 LMG LB . -23.27 -44.39 23.91
C7 LMG LB . -21.14 -46.14 24.93
C8 LMG LB . -19.97 -45.14 24.99
C9 LMG LB . -19.88 -44.56 26.40
O7 LMG LB . -18.78 -45.87 24.79
C10 LMG LB . -18.34 -46.01 23.52
O9 LMG LB . -18.92 -46.78 22.77
C11 LMG LB . -17.44 -44.90 23.11
C12 LMG LB . -17.30 -44.87 21.61
C13 LMG LB . -16.09 -44.07 21.16
C14 LMG LB . -16.18 -43.97 19.66
C15 LMG LB . -15.97 -42.53 19.26
C16 LMG LB . -16.32 -42.36 17.79
C17 LMG LB . -15.77 -41.03 17.36
C18 LMG LB . -16.49 -40.66 16.09
C19 LMG LB . -15.84 -41.43 14.97
C20 LMG LB . -16.86 -41.49 13.85
C21 LMG LB . -16.09 -41.65 12.56
C22 LMG LB . -15.63 -40.26 12.20
O8 LMG LB . -18.62 -44.91 26.90
C28 LMG LB . -17.79 -43.90 27.26
O10 LMG LB . -16.66 -43.84 26.80
C29 LMG LB . -18.47 -42.82 28.05
C30 LMG LB . -17.45 -41.81 28.56
C31 LMG LB . -17.14 -42.16 30.00
C32 LMG LB . -15.63 -42.06 30.17
C33 LMG LB . -15.40 -41.18 31.39
C34 LMG LB . -14.62 -41.99 32.41
C35 LMG LB . -13.29 -41.28 32.58
C36 LMG LB . -12.49 -42.07 33.57
C37 LMG LB . -12.47 -41.30 34.87
C38 LMG LB . -11.35 -41.96 35.61
C DD6 MB . -16.09 -39.37 35.91
C1 DD6 MB . -16.09 -40.85 36.14
C10 DD6 MB . -9.44 -39.59 43.04
C11 DD6 MB . -8.52 -40.17 43.81
C12 DD6 MB . -8.48 -41.67 43.92
C13 DD6 MB . -7.53 -39.37 44.54
C14 DD6 MB . -7.13 -38.20 44.02
C15 DD6 MB . -6.08 -37.33 44.69
C16 DD6 MB . -4.71 -37.23 44.02
C17 DD6 MB . -3.62 -37.05 45.06
C18 DD6 MB . -3.93 -35.84 45.93
C19 DD6 MB . -5.10 -36.20 46.85
C2 DD6 MB . -15.32 -41.40 37.08
C20 DD6 MB . -6.31 -36.74 46.09
C21 DD6 MB . -7.59 -37.00 46.87
C22 DD6 MB . -4.70 -36.05 43.05
C23 DD6 MB . -4.44 -38.50 43.23
C24 DD6 MB . -16.92 -41.73 35.30
C25 DD6 MB . -17.89 -41.25 34.52
C26 DD6 MB . -18.63 -42.20 33.71
C27 DD6 MB . -19.67 -41.82 32.94
C28 DD6 MB . -20.10 -40.39 32.90
C29 DD6 MB . -20.25 -42.69 32.25
C3 DD6 MB . -14.45 -40.57 37.91
C30 DD6 MB . -20.73 -43.52 31.57
C31 DD6 MB . -21.22 -44.40 30.81
C32 DD6 MB . -22.64 -44.21 30.34
C33 DD6 MB . -23.20 -45.49 29.74
C34 DD6 MB . -22.18 -46.10 28.78
C35 DD6 MB . -21.03 -46.59 29.64
C36 DD6 MB . -20.47 -45.43 30.43
C37 DD6 MB . -19.00 -45.45 30.79
C4 DD6 MB . -13.72 -41.12 38.85
C40 DD6 MB . -22.63 -43.11 29.29
C41 DD6 MB . -23.49 -43.79 31.53
C5 DD6 MB . -12.83 -40.28 39.64
C6 DD6 MB . -12.04 -40.82 40.59
C7 DD6 MB . -12.06 -42.29 40.84
C8 DD6 MB . -11.14 -39.94 41.35
C9 DD6 MB . -10.38 -40.45 42.31
O1 DD6 MB . -6.58 -36.00 44.90
O2 DD6 MB . -2.78 -35.54 46.73
O4 DD6 MB . -22.76 -47.19 28.07
C1A DGD NB . 0.79 -50.77 32.10
C2A DGD NB . -0.25 -50.02 32.90
C3A DGD NB . -1.65 -50.30 32.36
C4A DGD NB . -2.68 -49.55 33.18
C5A DGD NB . -2.51 -49.86 34.66
C6A DGD NB . -3.16 -48.79 35.52
C7A DGD NB . -4.64 -48.66 35.18
C8A DGD NB . -5.19 -47.31 35.65
C9A DGD NB . -6.69 -47.24 35.43
CAA DGD NB . -7.28 -46.03 36.15
O1A DGD NB . 0.48 -51.41 31.12
C1B DGD NB . 4.59 -49.48 34.28
C2B DGD NB . 4.08 -49.03 35.62
C3B DGD NB . 3.81 -47.52 35.59
C4B DGD NB . 2.35 -47.23 35.94
C5B DGD NB . 1.96 -47.86 37.27
C6B DGD NB . 0.52 -47.55 37.63
C7B DGD NB . 0.33 -46.07 37.95
C8B DGD NB . -1.08 -45.82 38.46
C9B DGD NB . -1.30 -44.36 38.85
CAB DGD NB . -2.64 -44.20 39.54
CBB DGD NB . -2.82 -42.78 40.08
CCB DGD NB . -3.71 -42.78 41.32
CDB DGD NB . -5.05 -43.42 41.03
CEB DGD NB . -5.88 -43.55 42.31
O1B DGD NB . 5.14 -48.69 33.53
O1G DGD NB . 2.17 -50.72 32.55
C1G DGD NB . 3.18 -51.48 31.90
C2G DGD NB . 4.51 -50.99 32.44
O2G DGD NB . 4.41 -50.85 33.86
C3G DGD NB . 5.60 -52.00 32.11
O3G DGD NB . 6.38 -52.24 33.28
C1D DGD NB . 7.77 -52.26 32.95
C2D DGD NB . 8.55 -52.94 34.06
O2D DGD NB . 8.38 -52.22 35.29
C3D DGD NB . 10.04 -52.98 33.69
O3D DGD NB . 10.76 -53.75 34.64
C4D DGD NB . 10.23 -53.58 32.30
O4D DGD NB . 9.99 -54.99 32.35
C5D DGD NB . 9.30 -52.92 31.29
O5D DGD NB . 10.77 -53.67 29.56
C6D DGD NB . 9.40 -53.63 29.95
O6D DGD NB . 7.95 -53.00 31.75
C1E DGD NB . 10.95 -54.35 28.32
C2E DGD NB . 12.42 -54.72 28.14
O2E DGD NB . 12.89 -55.37 29.32
C3E DGD NB . 13.27 -53.49 27.88
O3E DGD NB . 14.59 -53.89 27.48
C4E DGD NB . 12.66 -52.63 26.78
O4E DGD NB . 12.66 -53.36 25.55
C5E DGD NB . 11.22 -52.30 27.15
O6E DGD NB . 10.49 -53.51 27.25
C6E DGD NB . 10.57 -51.37 26.13
O5E DGD NB . 10.68 -51.94 24.83
C1A DGD OB . 2.03 -39.37 -38.95
C2A DGD OB . 2.51 -39.59 -37.53
C3A DGD OB . 2.92 -38.28 -36.88
C4A DGD OB . 3.74 -38.58 -35.63
C5A DGD OB . 3.69 -37.43 -34.62
C6A DGD OB . 4.69 -36.33 -34.95
C7A DGD OB . 4.93 -35.44 -33.75
O1A DGD OB . 2.65 -39.84 -39.88
C1B DGD OB . -1.47 -35.50 -40.14
C2B DGD OB . -0.88 -34.23 -39.59
C3B DGD OB . 0.40 -34.56 -38.83
C4B DGD OB . 1.11 -33.29 -38.38
C5B DGD OB . 2.44 -33.62 -37.72
C6B DGD OB . 3.16 -32.36 -37.28
C7B DGD OB . 2.33 -31.57 -36.28
C8B DGD OB . 3.13 -30.43 -35.67
O1B DGD OB . -2.66 -35.74 -40.01
O1G DGD OB . 0.83 -38.61 -39.22
C1G DGD OB . 0.24 -38.70 -40.52
C2G DGD OB . -1.01 -37.82 -40.58
O2G DGD OB . -0.62 -36.46 -40.83
C3G DGD OB . -1.93 -38.33 -41.68
O3G DGD OB . -3.28 -38.11 -41.27
C1D DGD OB . -4.20 -38.77 -42.13
C2D DGD OB . -5.61 -38.51 -41.63
O2D DGD OB . -5.77 -39.02 -40.31
C3D DGD OB . -6.64 -39.16 -42.56
O3D DGD OB . -7.63 -38.19 -42.94
C4D DGD OB . -5.97 -39.78 -43.79
O4D DGD OB . -6.98 -40.12 -44.75
C5D DGD OB . -4.93 -38.86 -44.42
O5D DGD OB . -5.79 -38.18 -46.59
C6D DGD OB . -5.60 -37.77 -45.24
O6D DGD OB . -4.09 -38.23 -43.44
C1E DGD OB . -7.10 -37.88 -47.06
C2E DGD OB . -7.13 -37.93 -48.58
O2E DGD OB . -5.81 -37.67 -49.11
C3E DGD OB . -8.12 -36.92 -49.13
O3E DGD OB . -9.43 -37.22 -48.63
C4E DGD OB . -7.75 -35.49 -48.73
O4E DGD OB . -8.91 -34.67 -48.77
C5E DGD OB . -7.15 -35.46 -47.33
O6E DGD OB . -7.56 -36.60 -46.58
C6E DGD OB . -7.58 -34.19 -46.59
O5E DGD OB . -9.00 -34.21 -46.42
C DD6 PB . 12.10 -44.02 -51.02
C1 DD6 PB . 11.20 -42.86 -50.71
C10 DD6 PB . 15.97 -41.06 -42.39
C11 DD6 PB . 16.04 -40.42 -41.22
C12 DD6 PB . 15.01 -39.39 -40.88
C13 DD6 PB . 17.13 -40.71 -40.26
C14 DD6 PB . 16.98 -40.47 -38.96
C15 DD6 PB . 18.07 -40.77 -37.94
C16 DD6 PB . 19.23 -39.79 -37.75
C17 DD6 PB . 20.11 -40.08 -36.53
C18 DD6 PB . 19.94 -41.45 -35.84
C19 DD6 PB . 19.58 -42.54 -36.83
C2 DD6 PB . 11.41 -42.13 -49.60
C20 DD6 PB . 18.25 -42.20 -37.48
C21 DD6 PB . 17.34 -43.29 -38.02
C22 DD6 PB . 18.66 -38.38 -37.60
C23 DD6 PB . 20.15 -39.79 -38.96
C24 DD6 PB . 10.08 -42.52 -51.59
C25 DD6 PB . 10.10 -41.37 -52.27
C26 DD6 PB . 8.98 -41.01 -53.14
C27 DD6 PB . 8.81 -41.48 -54.39
C28 DD6 PB . 9.79 -42.43 -55.00
C29 DD6 PB . 7.82 -41.08 -55.05
C3 DD6 PB . 12.50 -42.42 -48.66
C30 DD6 PB . 6.87 -40.72 -55.65
C31 DD6 PB . 5.85 -40.31 -56.24
C32 DD6 PB . 6.00 -39.73 -57.63
C33 DD6 PB . 4.79 -38.87 -58.02
C34 DD6 PB . 3.50 -39.60 -57.68
C35 DD6 PB . 3.43 -39.69 -56.16
C36 DD6 PB . 4.65 -40.43 -55.66
C37 DD6 PB . 4.51 -41.34 -54.48
C4 DD6 PB . 12.61 -41.70 -47.55
C40 DD6 PB . 6.15 -40.87 -58.62
C41 DD6 PB . 7.26 -38.87 -57.66
C5 DD6 PB . 13.67 -41.95 -46.58
C6 DD6 PB . 13.75 -41.22 -45.46
C7 DD6 PB . 12.74 -40.16 -45.18
C8 DD6 PB . 14.83 -41.49 -44.49
C9 DD6 PB . 14.90 -40.79 -43.35
O1 DD6 PB . 17.53 -41.23 -36.71
O2 DD6 PB . 21.16 -41.79 -35.18
O4 DD6 PB . 2.39 -38.84 -58.16
C7 UIX QB . 13.06 -21.76 -65.39
C8 UIX QB . 11.34 -18.97 -65.79
C9 UIX QB . 11.73 -19.96 -63.56
O1 UIX QB . 7.43 -20.60 -65.73
C1 UIX QB . 10.70 -22.36 -66.38
C5 UIX QB . 8.84 -20.73 -65.91
C6 UIX QB . 11.28 -23.77 -66.42
C4 UIX QB . 9.56 -20.24 -64.66
O4 UIX QB . 32.81 -18.37 -82.28
C3 UIX QB . 9.21 -22.19 -66.07
O3 UIX QB . 32.71 -20.77 -78.05
C2 UIX QB . 11.05 -20.16 -64.91
C UIX QB . 11.60 -21.43 -65.56
O UIX QB . 11.40 -21.28 -66.97
C10 UIX QB . 13.88 -21.48 -66.40
C11 UIX QB . 15.33 -21.75 -66.36
C12 UIX QB . 16.00 -22.24 -65.11
C13 UIX QB . 16.04 -21.54 -67.47
C14 UIX QB . 17.48 -21.76 -67.57
C15 UIX QB . 31.61 -18.01 -76.76
C16 UIX QB . 31.43 -20.16 -78.27
C17 UIX QB . 31.67 -17.22 -78.06
C18 UIX QB . 32.38 -18.01 -79.16
C19 UIX QB . 31.53 -19.24 -79.48
C20 UIX QB . 31.02 -19.39 -77.04
C21 UIX QB . 30.73 -17.27 -75.76
C22 UIX QB . 33.00 -18.19 -76.18
C23 UIX QB . 18.01 -21.62 -68.77
C24 UIX QB . 30.42 -21.27 -78.56
C25 UIX QB . 30.20 -19.90 -76.24
C26 UIX QB . 19.45 -21.78 -69.04
C27 UIX QB . 33.35 -17.81 -81.34
C28 UIX QB . 29.40 -20.42 -75.41
O2 UIX QB . 32.52 -17.20 -80.31
C29 UIX QB . 20.39 -22.20 -67.95
C30 UIX QB . 19.88 -21.53 -70.28
C31 UIX QB . 34.85 -17.74 -81.20
C32 UIX QB . 27.95 -20.21 -75.48
C33 UIX QB . 27.35 -19.40 -76.60
C34 UIX QB . 21.29 -21.63 -70.64
C35 UIX QB . 27.18 -20.76 -74.53
C36 UIX QB . 25.72 -20.60 -74.49
C37 UIX QB . 21.66 -21.45 -71.91
C38 UIX QB . 25.07 -21.29 -73.56
C39 UIX QB . 23.08 -21.52 -72.22
C40 UIX QB . 23.60 -21.19 -73.41
C41 UIX QB . 22.73 -20.73 -74.54
C DD6 RB . 11.12 -31.26 -53.50
C1 DD6 RB . 10.16 -30.18 -53.75
C10 DD6 RB . 16.76 -25.91 -59.32
C11 DD6 RB . 17.32 -24.85 -59.89
C12 DD6 RB . 16.64 -23.52 -59.89
C13 DD6 RB . 18.65 -24.98 -60.52
C14 DD6 RB . 19.77 -25.00 -59.78
C15 DD6 RB . 21.12 -25.14 -60.46
C16 DD6 RB . 21.64 -26.53 -60.73
C17 DD6 RB . 23.14 -26.55 -60.56
C18 DD6 RB . 23.72 -25.51 -61.48
C19 DD6 RB . 23.51 -24.16 -60.83
C2 DD6 RB . 10.51 -29.17 -54.55
C20 DD6 RB . 21.98 -23.86 -60.71
C21 DD6 RB . 21.54 -22.59 -60.03
C22 DD6 RB . 21.30 -26.92 -62.17
C23 DD6 RB . 20.99 -27.52 -59.78
C24 DD6 RB . 8.85 -30.28 -53.10
C25 DD6 RB . 8.62 -31.25 -52.22
C26 DD6 RB . 7.31 -31.33 -51.60
C27 DD6 RB . 6.85 -32.50 -51.15
C28 DD6 RB . 7.71 -33.72 -51.26
C29 DD6 RB . 5.72 -32.59 -50.62
C3 DD6 RB . 11.83 -29.15 -55.17
C30 DD6 RB . 4.65 -32.69 -50.16
C31 DD6 RB . 3.50 -32.82 -49.68
C32 DD6 RB . 3.30 -33.23 -48.25
C33 DD6 RB . 1.85 -33.64 -48.11
C34 DD6 RB . 0.91 -32.49 -48.46
C35 DD6 RB . 1.26 -31.87 -49.81
C36 DD6 RB . 2.43 -32.58 -50.41
C37 DD6 RB . 2.39 -33.02 -51.84
C4 DD6 RB . 12.22 -28.06 -55.81
C40 DD6 RB . 4.20 -34.40 -47.92
C41 DD6 RB . 3.63 -32.06 -47.35
C5 DD6 RB . 13.53 -27.98 -56.46
C6 DD6 RB . 13.73 -27.09 -57.43
C7 DD6 RB . 12.62 -26.20 -57.87
C8 DD6 RB . 15.03 -27.00 -58.11
C9 DD6 RB . 15.45 -25.88 -58.69
O1 DD6 RB . 21.13 -24.43 -61.69
O2 DD6 RB . 25.11 -25.76 -61.65
O4 DD6 RB . -0.41 -33.02 -48.57
C DD6 SB . 13.76 -32.72 -68.93
C1 DD6 SB . 12.46 -33.41 -68.95
C10 DD6 SB . 15.74 -38.62 -61.53
C11 DD6 SB . 15.59 -39.66 -60.71
C12 DD6 SB . 14.37 -40.52 -60.79
C13 DD6 SB . 16.62 -39.98 -59.71
C14 DD6 SB . 17.88 -40.15 -60.08
C15 DD6 SB . 18.97 -40.47 -59.09
C16 DD6 SB . 19.53 -41.88 -59.08
C17 DD6 SB . 20.45 -42.14 -57.90
C18 DD6 SB . 21.31 -40.93 -57.58
C19 DD6 SB . 20.41 -39.91 -56.94
C2 DD6 SB . 12.24 -34.39 -68.07
C20 DD6 SB . 19.52 -39.34 -58.10
C21 DD6 SB . 18.62 -38.19 -57.78
C22 DD6 SB . 20.29 -42.10 -60.38
C23 DD6 SB . 18.36 -42.85 -59.01
C24 DD6 SB . 11.46 -32.94 -69.94
C25 DD6 SB . 11.77 -31.91 -70.72
C26 DD6 SB . 10.80 -31.43 -71.69
C27 DD6 SB . 11.03 -30.29 -72.36
C28 DD6 SB . 12.30 -29.54 -72.10
C29 DD6 SB . 10.20 -29.87 -73.19
C3 DD6 SB . 13.29 -34.75 -67.13
C30 DD6 SB . 9.41 -29.49 -73.96
C31 DD6 SB . 8.54 -29.13 -74.77
C32 DD6 SB . 8.90 -29.10 -76.22
C33 DD6 SB . 7.93 -28.22 -76.99
C34 DD6 SB . 6.54 -28.67 -76.66
C35 DD6 SB . 6.24 -28.30 -75.23
C36 DD6 SB . 7.33 -28.81 -74.33
C37 DD6 SB . 7.02 -28.99 -72.88
C4 DD6 SB . 13.01 -35.58 -66.12
C40 DD6 SB . 8.81 -30.51 -76.76
C41 DD6 SB . 10.31 -28.57 -76.36
C5 DD6 SB . 14.03 -35.97 -65.14
C6 DD6 SB . 13.71 -36.76 -64.12
C7 DD6 SB . 12.32 -37.26 -63.96
C8 DD6 SB . 14.74 -37.14 -63.13
C9 DD6 SB . 14.70 -38.31 -62.52
O1 DD6 SB . 20.02 -39.55 -59.41
O2 DD6 SB . 22.35 -41.30 -56.68
O4 DD6 SB . 5.62 -28.00 -77.53
C1 PID TB . 21.34 -23.97 -55.66
C2 PID TB . 22.70 -23.59 -56.16
C3 PID TB . 23.75 -24.56 -55.70
C4 PID TB . 23.75 -24.64 -54.18
C5 PID TB . 22.44 -25.15 -53.59
C6 PID TB . 21.21 -24.73 -54.41
C7 PID TB . 19.93 -24.59 -53.62
C8 PID TB . 19.13 -25.59 -53.28
C9 PID TB . 17.92 -25.39 -52.62
C10 PID TB . 16.99 -26.43 -52.14
C11 PID TB . 17.35 -24.16 -52.29
C12 PID TB . 16.09 -24.39 -51.66
C13 PID TB . 15.17 -23.39 -51.23
C14 PID TB . 14.03 -23.53 -50.54
C15 PID TB . 13.17 -22.48 -50.43
C16 PID TB . 11.96 -22.48 -49.79
C17 PID TB . 11.04 -21.47 -49.55
C18 PID TB . 9.86 -21.63 -48.86
C19 PID TB . 8.95 -20.64 -48.52
C20 PID TB . 7.75 -20.75 -47.84
C21 PID TB . 6.86 -19.75 -47.49
C22 PID TB . 5.58 -19.99 -46.83
C23 PID TB . 4.85 -19.03 -46.33
C24 PID TB . 4.11 -18.04 -45.89
C25 PID TB . 2.66 -17.89 -46.34
C26 PID TB . 2.42 -16.42 -46.73
C27 PID TB . 2.89 -15.44 -45.68
C28 PID TB . 4.37 -15.62 -45.42
C29 PID TB . 4.70 -17.01 -44.91
C30 PID TB . 2.48 -13.06 -45.33
C31 PID TB . 2.13 -13.56 -43.97
CM1 PID TB . 20.18 -23.13 -56.14
CM2 PID TB . 22.39 -24.60 -52.16
CM3 PID TB . 22.54 -26.68 -53.53
CM4 PID TB . 13.62 -24.81 -49.85
CM5 PID TB . 7.20 -18.35 -47.83
CM6 PID TB . 2.37 -18.79 -47.56
CM7 PID TB . 1.69 -18.29 -45.22
CM8 PID TB . 6.19 -17.18 -44.70
O1 PID TB . 21.09 -25.40 -55.68
O2 PID TB . 25.03 -24.14 -56.16
O3 PID TB . 17.02 -27.63 -52.18
O4 PID TB . 15.91 -25.76 -51.56
O5 PID TB . 4.03 -17.13 -43.63
O6 PID TB . 2.71 -14.09 -46.20
O7 PID TB . 2.57 -11.92 -45.66
C1 PID UB . 23.36 -20.34 -51.46
C2 PID UB . 24.80 -20.76 -51.52
C3 PID UB . 25.55 -20.07 -52.63
C4 PID UB . 24.80 -20.20 -53.94
C5 PID UB . 23.43 -19.50 -53.95
C6 PID UB . 22.70 -19.72 -52.61
C7 PID UB . 21.20 -19.81 -52.72
C8 PID UB . 20.35 -18.78 -52.65
C9 PID UB . 18.96 -18.85 -52.73
C10 PID UB . 18.15 -20.05 -53.01
C11 PID UB . 18.06 -17.81 -52.54
C12 PID UB . 16.72 -18.31 -52.61
C13 PID UB . 15.51 -17.58 -52.38
C14 PID UB . 14.23 -17.99 -52.34
C15 PID UB . 13.24 -17.07 -52.14
C16 PID UB . 11.88 -17.28 -52.14
C17 PID UB . 10.84 -16.39 -51.90
C18 PID UB . 9.47 -16.63 -52.03
C19 PID UB . 8.44 -15.73 -51.81
C20 PID UB . 7.09 -15.83 -52.05
C21 PID UB . 6.10 -14.85 -51.89
C22 PID UB . 4.76 -14.94 -52.49
C23 PID UB . 3.88 -13.97 -52.44
C24 PID UB . 3.05 -12.96 -52.43
C25 PID UB . 2.45 -12.43 -53.73
C26 PID UB . 2.18 -10.93 -53.57
C27 PID UB . 1.31 -10.54 -52.39
C28 PID UB . 1.35 -11.55 -51.25
C29 PID UB . 2.67 -12.29 -51.09
C30 PID UB . 1.03 -8.55 -51.05
C31 PID UB . 1.74 -7.31 -50.59
CM1 PID UB . 22.52 -21.02 -50.41
CM2 PID UB . 22.65 -20.07 -55.13
CM3 PID UB . 23.70 -18.01 -54.18
CM4 PID UB . 13.81 -19.43 -52.49
CM5 PID UB . 6.40 -13.66 -51.08
CM6 PID UB . 3.45 -12.63 -54.88
CM7 PID UB . 1.16 -13.18 -54.11
CM8 PID UB . 3.76 -11.37 -50.56
O1 PID UB . 23.18 -18.90 -51.52
O2 PID UB . 26.85 -20.64 -52.76
O3 PID UB . 18.45 -21.19 -53.27
O4 PID UB . 16.80 -19.67 -52.93
O5 PID UB . 2.40 -13.31 -50.12
O6 PID UB . 1.81 -9.27 -51.88
O7 PID UB . -0.09 -8.86 -50.75
C DD6 VB . 18.89 -5.63 -67.61
C1 DD6 VB . 19.76 -6.21 -68.67
C10 DD6 VB . 11.85 -8.71 -73.44
C11 DD6 VB . 11.19 -9.24 -74.48
C12 DD6 VB . 11.92 -9.92 -75.60
C13 DD6 VB . 9.72 -9.17 -74.47
C14 DD6 VB . 9.01 -9.58 -75.51
C15 DD6 VB . 7.51 -9.49 -75.43
C16 DD6 VB . 6.72 -10.73 -75.04
C17 DD6 VB . 5.32 -10.69 -75.65
C18 DD6 VB . 4.63 -9.37 -75.33
C19 DD6 VB . 5.29 -8.25 -76.11
C2 DD6 VB . 19.24 -6.63 -69.83
C20 DD6 VB . 6.80 -8.21 -75.88
C21 DD6 VB . 7.65 -7.10 -76.50
C22 DD6 VB . 6.62 -10.78 -73.52
C23 DD6 VB . 7.45 -11.97 -75.53
C24 DD6 VB . 21.21 -6.35 -68.46
C25 DD6 VB . 21.74 -6.22 -67.25
C26 DD6 VB . 23.17 -6.41 -67.11
C27 DD6 VB . 23.78 -6.33 -65.92
C28 DD6 VB . 22.99 -6.04 -64.67
C29 DD6 VB . 25.01 -6.54 -65.87
C3 DD6 VB . 17.80 -6.55 -70.05
C30 DD6 VB . 26.17 -6.79 -65.85
C31 DD6 VB . 27.40 -7.07 -65.88
C32 DD6 VB . 28.03 -7.49 -67.18
C33 DD6 VB . 29.46 -7.00 -67.18
C34 DD6 VB . 30.31 -7.42 -65.97
C35 DD6 VB . 29.51 -7.57 -64.67
C36 DD6 VB . 28.12 -6.98 -64.76
C37 DD6 VB . 27.54 -6.30 -63.55
C4 DD6 VB . 17.30 -7.27 -71.04
C40 DD6 VB . 27.26 -6.87 -68.33
C41 DD6 VB . 27.94 -9.02 -67.33
C5 DD6 VB . 15.86 -7.26 -71.28
C6 DD6 VB . 15.34 -7.99 -72.26
C7 DD6 VB . 16.22 -8.83 -73.15
C8 DD6 VB . 13.88 -7.99 -72.44
C9 DD6 VB . 13.30 -8.76 -73.36
O1 DD6 VB . 7.15 -8.44 -74.52
O2 DD6 VB . 3.25 -9.46 -75.71
O4 DD6 VB . 30.98 -8.66 -66.27
MG CLA WB . 4.00 -45.08 -61.67
CHA CLA WB . 3.11 -43.30 -64.51
CHB CLA WB . 1.30 -47.12 -62.09
CHC CLA WB . 4.93 -46.82 -58.85
CHD CLA WB . 6.79 -42.94 -61.25
NA CLA WB . 2.47 -45.18 -63.09
C1A CLA WB . 2.28 -44.36 -64.21
C2A CLA WB . 1.04 -44.78 -64.99
C3A CLA WB . 0.49 -46.00 -64.19
C4A CLA WB . 1.48 -46.13 -63.04
CMA CLA WB . -0.92 -45.76 -63.72
CAA CLA WB . 1.41 -45.23 -66.40
CBA CLA WB . 2.47 -46.31 -66.38
CGA CLA WB . 3.24 -46.31 -67.65
O1A CLA WB . 2.92 -45.87 -68.76
O2A CLA WB . 4.49 -46.87 -67.53
NB CLA WB . 3.30 -46.72 -60.70
C1B CLA WB . 2.13 -47.35 -60.98
C2B CLA WB . 1.81 -48.32 -59.90
C3B CLA WB . 2.83 -48.23 -58.97
C4B CLA WB . 3.79 -47.22 -59.48
CMB CLA WB . 0.60 -49.14 -59.89
CAB CLA WB . 3.02 -48.93 -57.73
CBB CLA WB . 2.09 -49.10 -56.78
NC CLA WB . 5.58 -44.90 -60.31
C1C CLA WB . 5.77 -45.74 -59.23
C2C CLA WB . 6.97 -45.34 -58.51
C3C CLA WB . 7.50 -44.23 -59.18
C4C CLA WB . 6.61 -43.98 -60.32
CMC CLA WB . 7.47 -46.01 -57.30
CAC CLA WB . 8.70 -43.48 -58.81
CBC CLA WB . 9.99 -44.19 -59.19
ND CLA WB . 4.77 -43.45 -62.57
C1D CLA WB . 5.94 -42.67 -62.31
C2D CLA WB . 6.03 -41.60 -63.33
C3D CLA WB . 4.97 -41.78 -64.19
C4D CLA WB . 4.22 -42.97 -63.68
CMD CLA WB . 7.08 -40.58 -63.38
CAD CLA WB . 4.27 -41.31 -65.37
OBD CLA WB . 4.51 -40.33 -66.08
CBD CLA WB . 3.08 -42.28 -65.63
CGD CLA WB . 1.76 -41.58 -65.68
O1D CLA WB . 1.17 -41.01 -64.76
O2D CLA WB . 1.16 -41.60 -66.91
CED CLA WB . -0.23 -41.29 -66.98
C1 CLA WB . 5.48 -46.46 -68.48
C2 CLA WB . 6.74 -47.15 -68.10
C3 CLA WB . 7.95 -46.81 -68.59
C4 CLA WB . 9.18 -47.53 -68.19
C5 CLA WB . 8.11 -45.68 -69.54
C6 CLA WB . 9.39 -44.90 -69.35
MG CLA XB . 2.42 -31.95 -54.99
CHA CLA XB . -0.96 -32.73 -54.97
CHB CLA XB . 1.66 -28.63 -54.68
CHC CLA XB . 5.77 -31.26 -54.83
CHD CLA XB . 3.15 -35.41 -55.15
NA CLA XB . 0.64 -30.89 -54.88
C1A CLA XB . -0.66 -31.39 -54.86
C2A CLA XB . -1.67 -30.27 -54.72
C3A CLA XB . -0.83 -28.98 -54.84
C4A CLA XB . 0.60 -29.52 -54.78
CMA CLA XB . -1.12 -28.26 -56.12
CAA CLA XB . -2.30 -30.32 -53.34
CBA CLA XB . -1.28 -30.58 -52.24
CGA CLA XB . -0.94 -29.29 -51.54
O1A CLA XB . -1.72 -28.40 -51.18
O2A CLA XB . 0.39 -29.13 -51.29
NB CLA XB . 3.51 -30.26 -54.84
C1B CLA XB . 3.02 -29.01 -54.65
C2B CLA XB . 4.14 -28.04 -54.46
C3B CLA XB . 5.30 -28.77 -54.50
C4B CLA XB . 4.92 -30.20 -54.74
CMB CLA XB . 3.90 -26.62 -54.25
CAB CLA XB . 6.69 -28.39 -54.36
CBB CLA XB . 7.19 -27.15 -54.39
NC CLA XB . 4.14 -33.13 -55.04
C1C CLA XB . 5.42 -32.63 -54.98
C2C CLA XB . 6.38 -33.73 -55.04
C3C CLA XB . 5.65 -34.91 -55.09
C4C CLA XB . 4.24 -34.52 -55.08
CMC CLA XB . 7.84 -33.58 -55.02
CAC CLA XB . 6.17 -36.28 -55.15
CBC CLA XB . 6.29 -36.90 -53.77
ND CLA XB . 1.40 -33.70 -55.09
C1D CLA XB . 1.82 -35.05 -55.17
C2D CLA XB . 0.62 -35.93 -55.26
C3D CLA XB . -0.47 -35.08 -55.20
C4D CLA XB . 0.07 -33.72 -55.08
CMD CLA XB . 0.65 -37.39 -55.38
CAD CLA XB . -1.92 -34.98 -55.21
OBD CLA XB . -2.77 -35.85 -55.32
CBD CLA XB . -2.26 -33.47 -55.05
CGD CLA XB . -3.07 -32.94 -56.21
O1D CLA XB . -2.74 -32.07 -57.02
O2D CLA XB . -4.29 -33.54 -56.36
CED CLA XB . -5.14 -33.03 -57.40
C1 CLA XB . 0.89 -27.78 -51.47
C2 CLA XB . 1.89 -27.46 -50.41
C3 CLA XB . 3.10 -28.02 -50.33
C4 CLA XB . 3.58 -29.04 -51.30
C5 CLA XB . 4.05 -27.65 -49.23
C6 CLA XB . 5.32 -28.47 -49.25
C7 CLA XB . 6.26 -28.05 -48.13
C8 CLA XB . 6.72 -29.25 -47.33
C9 CLA XB . 6.88 -28.88 -45.87
C10 CLA XB . 8.05 -29.81 -47.87
C11 CLA XB . 8.49 -31.03 -47.12
C12 CLA XB . 9.45 -31.90 -47.93
C13 CLA XB . 10.16 -32.91 -47.06
C14 CLA XB . 11.66 -32.85 -47.27
C15 CLA XB . 9.63 -34.32 -47.28
C16 CLA XB . 10.37 -35.07 -48.38
C17 CLA XB . 9.67 -36.36 -48.74
C18 CLA XB . 10.44 -37.17 -49.78
C19 CLA XB . 9.61 -38.32 -50.28
C20 CLA XB . 10.87 -36.28 -50.95
MG CLA YB . 10.37 -23.52 -53.10
CHA CLA YB . 7.55 -21.51 -52.93
CHB CLA YB . 8.79 -25.88 -51.22
CHC CLA YB . 13.12 -25.56 -53.45
CHD CLA YB . 11.97 -21.04 -55.05
NA CLA YB . 8.48 -23.65 -52.23
C1A CLA YB . 7.44 -22.71 -52.29
C2A CLA YB . 6.22 -23.21 -51.52
C3A CLA YB . 6.68 -24.54 -50.90
C4A CLA YB . 8.08 -24.73 -51.49
CMA CLA YB . 6.71 -24.47 -49.39
CAA CLA YB . 5.09 -23.47 -52.51
CBA CLA YB . 3.79 -23.81 -51.82
CGA CLA YB . 3.43 -22.71 -50.87
O1A CLA YB . 2.84 -21.66 -51.11
O2A CLA YB . 3.86 -22.95 -49.60
NB CLA YB . 10.84 -25.39 -52.50
C1B CLA YB . 10.09 -26.17 -51.69
C2B CLA YB . 10.84 -27.41 -51.33
C3B CLA YB . 12.06 -27.33 -51.95
C4B CLA YB . 12.09 -26.04 -52.70
CMB CLA YB . 10.29 -28.45 -50.45
CAB CLA YB . 13.19 -28.23 -51.95
CBB CLA YB . 13.64 -28.94 -50.91
NC CLA YB . 12.22 -23.33 -54.07
C1C CLA YB . 13.18 -24.29 -54.09
C2C CLA YB . 14.32 -23.83 -54.89
C3C CLA YB . 14.01 -22.56 -55.32
C4C CLA YB . 12.68 -22.23 -54.81
CMC CLA YB . 15.54 -24.61 -55.14
CAC CLA YB . 14.85 -21.68 -56.15
CBC CLA YB . 14.54 -21.87 -57.62
ND CLA YB . 9.97 -21.67 -53.78
C1D CLA YB . 10.70 -20.76 -54.57
C2D CLA YB . 9.89 -19.53 -54.80
C3D CLA YB . 8.68 -19.78 -54.19
C4D CLA YB . 8.77 -21.12 -53.59
CMD CLA YB . 10.33 -18.35 -55.53
CAD CLA YB . 7.35 -19.24 -53.89
OBD CLA YB . 6.87 -18.15 -54.16
CBD CLA YB . 6.59 -20.35 -53.11
CGD CLA YB . 6.06 -19.86 -51.80
O1D CLA YB . 6.57 -20.01 -50.68
O2D CLA YB . 4.90 -19.15 -51.89
CED CLA YB . 4.31 -18.67 -50.69
C1 CLA YB . 3.31 -22.11 -48.56
C2 CLA YB . 1.95 -22.63 -48.26
C3 CLA YB . 1.71 -23.49 -47.26
C4 CLA YB . 0.34 -23.98 -46.99
C5 CLA YB . 2.80 -23.95 -46.36
C6 CLA YB . 2.43 -23.81 -44.89
C7 CLA YB . 2.87 -25.03 -44.11
C8 CLA YB . 2.73 -24.85 -42.61
C9 CLA YB . 2.81 -26.19 -41.90
C10 CLA YB . 1.43 -24.15 -42.25
MG CLA ZB . 23.71 -25.47 -66.96
CHA CLA ZB . 26.98 -24.31 -67.09
CHB CLA ZB . 22.88 -22.92 -64.85
CHC CLA ZB . 20.48 -26.63 -66.91
CHD CLA ZB . 24.59 -28.05 -69.22
NA CLA ZB . 24.79 -23.88 -66.11
C1A CLA ZB . 26.13 -23.57 -66.29
C2A CLA ZB . 26.51 -22.32 -65.53
C3A CLA ZB . 25.21 -21.92 -64.80
C4A CLA ZB . 24.20 -22.98 -65.27
CMA CLA ZB . 25.39 -21.90 -63.31
CAA CLA ZB . 26.88 -21.22 -66.51
CBA CLA ZB . 25.74 -20.90 -67.45
CGA CLA ZB . 25.84 -21.66 -68.74
O1A CLA ZB . 26.65 -21.52 -69.65
O2A CLA ZB . 24.90 -22.64 -68.87
NB CLA ZB . 22.00 -24.89 -66.06
C1B CLA ZB . 21.88 -23.84 -65.21
C2B CLA ZB . 20.48 -23.79 -64.67
C3B CLA ZB . 19.80 -24.84 -65.24
C4B CLA ZB . 20.76 -25.54 -66.13
CMB CLA ZB . 20.02 -22.78 -63.73
CAB CLA ZB . 18.42 -25.25 -65.10
CBB CLA ZB . 17.73 -25.30 -63.95
NC CLA ZB . 22.73 -27.05 -67.90
C1C CLA ZB . 21.39 -27.33 -67.75
C2C CLA ZB . 21.03 -28.47 -68.55
C3C CLA ZB . 22.19 -28.89 -69.20
C4C CLA ZB . 23.25 -27.99 -68.79
CMC CLA ZB . 19.68 -29.02 -68.63
CAC CLA ZB . 22.29 -30.01 -70.16
CBC CLA ZB . 22.28 -29.54 -71.58
ND CLA ZB . 25.36 -26.10 -67.94
C1D CLA ZB . 25.59 -27.19 -68.84
C2D CLA ZB . 27.02 -27.18 -69.24
C3D CLA ZB . 27.60 -26.11 -68.60
C4D CLA ZB . 26.52 -25.46 -67.81
CMD CLA ZB . 27.64 -28.14 -70.15
CAD CLA ZB . 28.82 -25.35 -68.37
OBD CLA ZB . 29.94 -25.53 -68.82
CBD CLA ZB . 28.46 -24.18 -67.40
CGD CLA ZB . 29.29 -24.20 -66.15
O1D CLA ZB . 29.73 -23.22 -65.52
O2D CLA ZB . 29.55 -25.44 -65.68
CED CLA ZB . 29.72 -25.61 -64.26
C1 CLA ZB . 24.93 -23.45 -70.07
C2 CLA ZB . 23.69 -24.27 -70.09
C3 CLA ZB . 23.25 -24.93 -71.18
C4 CLA ZB . 23.97 -24.92 -72.46
C5 CLA ZB . 21.99 -25.74 -71.12
C6 CLA ZB . 20.77 -24.98 -71.61
C7 CLA ZB . 19.57 -25.90 -71.71
C8 CLA ZB . 18.29 -25.23 -71.23
C9 CLA ZB . 18.30 -25.09 -69.73
C10 CLA ZB . 17.06 -26.01 -71.68
C11 CLA ZB . 16.19 -25.19 -72.60
C12 CLA ZB . 15.16 -26.05 -73.30
C13 CLA ZB . 14.54 -25.32 -74.48
C14 CLA ZB . 13.03 -25.29 -74.38
C15 CLA ZB . 14.97 -25.94 -75.82
MG CLA AC . 10.75 -16.86 -59.57
CHA CLA AC . 7.92 -18.23 -58.14
CHB CLA AC . 9.27 -13.79 -59.56
CHC CLA AC . 13.64 -15.52 -60.83
CHD CLA AC . 12.20 -20.09 -59.66
NA CLA AC . 8.89 -16.16 -58.96
C1A CLA AC . 7.84 -16.89 -58.36
C2A CLA AC . 6.66 -15.98 -58.05
C3A CLA AC . 7.08 -14.62 -58.65
C4A CLA AC . 8.52 -14.85 -59.08
CMA CLA AC . 6.21 -14.24 -59.82
CAA CLA AC . 6.47 -15.85 -56.55
CBA CLA AC . 7.80 -15.60 -55.85
CGA CLA AC . 7.72 -14.35 -55.04
O1A CLA AC . 6.73 -13.75 -54.65
O2A CLA AC . 8.96 -13.84 -54.72
NB CLA AC . 11.35 -15.00 -60.06
C1B CLA AC . 10.59 -13.88 -60.00
C2B CLA AC . 11.37 -12.72 -60.53
C3B CLA AC . 12.61 -13.19 -60.90
C4B CLA AC . 12.61 -14.66 -60.60
CMB CLA AC . 10.79 -11.38 -60.62
CAB CLA AC . 13.76 -12.54 -61.47
CBB CLA AC . 13.85 -11.29 -61.94
NC CLA AC . 12.58 -17.68 -60.16
C1C CLA AC . 13.63 -16.94 -60.65
C2C CLA AC . 14.76 -17.81 -60.94
C3C CLA AC . 14.36 -19.11 -60.62
C4C CLA AC . 12.99 -19.01 -60.13
CMC CLA AC . 16.05 -17.36 -61.46
CAC CLA AC . 15.17 -20.33 -60.74
CBC CLA AC . 14.72 -21.22 -61.89
ND CLA AC . 10.22 -18.77 -59.13
C1D CLA AC . 10.92 -19.99 -59.18
C2D CLA AC . 10.05 -21.08 -58.65
C3D CLA AC . 8.89 -20.45 -58.23
C4D CLA AC . 9.05 -19.02 -58.54
CMD CLA AC . 10.42 -22.48 -58.56
CAD CLA AC . 7.57 -20.62 -57.64
OBD CLA AC . 6.99 -21.65 -57.28
CBD CLA AC . 6.94 -19.20 -57.52
CGD CLA AC . 5.58 -19.13 -58.16
O1D CLA AC . 5.24 -18.49 -59.16
O2D CLA AC . 4.65 -19.87 -57.50
CED CLA AC . 3.31 -19.85 -58.00
C1 CLA AC . 9.78 -13.40 -55.82
C2 CLA AC . 10.79 -12.46 -55.25
C3 CLA AC . 11.96 -12.19 -55.86
C4 CLA AC . 12.94 -11.26 -55.28
C5 CLA AC . 12.31 -12.83 -57.16
C6 CLA AC . 13.65 -13.53 -57.13
C7 CLA AC . 13.62 -14.75 -56.23
C8 CLA AC . 14.25 -15.96 -56.90
C9 CLA AC . 13.54 -17.23 -56.47
C10 CLA AC . 15.73 -16.07 -56.58
C11 CLA AC . 16.28 -17.42 -56.98
C12 CLA AC . 17.71 -17.34 -57.43
C13 CLA AC . 18.19 -18.67 -57.99
C14 CLA AC . 18.40 -19.68 -56.87
C15 CLA AC . 19.47 -18.51 -58.80
C16 CLA AC . 19.18 -18.55 -60.28
C17 CLA AC . 20.43 -18.33 -61.10
C18 CLA AC . 20.13 -18.10 -62.58
C19 CLA AC . 21.40 -18.18 -63.40
C20 CLA AC . 19.11 -19.11 -63.08
MG CLA BC . 5.84 -28.90 -70.33
CHA CLA BC . 3.27 -26.89 -71.55
CHB CLA BC . 3.93 -31.67 -70.89
CHC CLA BC . 8.46 -30.85 -69.28
CHD CLA BC . 7.81 -26.00 -69.87
NA CLA BC . 3.90 -29.20 -71.07
C1A CLA BC . 2.99 -28.24 -71.54
C2A CLA BC . 1.70 -28.89 -72.01
C3A CLA BC . 1.90 -30.38 -71.67
C4A CLA BC . 3.35 -30.44 -71.18
CMA CLA BC . 0.93 -30.86 -70.62
CAA CLA BC . 1.59 -28.74 -73.52
CBA CLA BC . 2.90 -29.02 -74.21
CGA CLA BC . 2.89 -30.41 -74.79
O1A CLA BC . 2.37 -30.78 -75.83
O2A CLA BC . 3.55 -31.33 -74.04
NB CLA BC . 6.12 -30.88 -70.07
C1B CLA BC . 5.25 -31.85 -70.44
C2B CLA BC . 5.89 -33.18 -70.29
C3B CLA BC . 7.17 -32.96 -69.84
C4B CLA BC . 7.33 -31.48 -69.69
CMB CLA BC . 5.21 -34.45 -70.62
CAB CLA BC . 8.23 -33.89 -69.54
CBB CLA BC . 8.12 -35.02 -68.84
NC CLA BC . 7.76 -28.49 -69.66
C1C CLA BC . 8.66 -29.43 -69.26
C2C CLA BC . 9.90 -28.79 -68.84
C3C CLA BC . 9.74 -27.43 -69.04
C4C CLA BC . 8.38 -27.24 -69.56
CMC CLA BC . 11.09 -29.49 -68.34
CAC CLA BC . 10.72 -26.36 -68.78
CBC CLA BC . 11.38 -25.87 -70.03
ND CLA BC . 5.65 -26.90 -70.61
C1D CLA BC . 6.53 -25.82 -70.35
C2D CLA BC . 5.85 -24.55 -70.69
C3D CLA BC . 4.60 -24.90 -71.16
C4D CLA BC . 4.52 -26.37 -71.09
CMD CLA BC . 6.45 -23.23 -70.53
CAD CLA BC . 3.32 -24.42 -71.68
OBD CLA BC . 2.94 -23.28 -71.90
CBD CLA BC . 2.44 -25.69 -71.94
CGD CLA BC . 1.14 -25.65 -71.19
O1D CLA BC . 0.03 -25.29 -71.60
O2D CLA BC . 1.25 -26.07 -69.90
CED CLA BC . 0.08 -26.59 -69.26
C1 CLA BC . 4.90 -31.67 -74.42
C2 CLA BC . 4.94 -33.13 -74.69
C3 CLA BC . 6.09 -33.83 -74.69
C4 CLA BC . 6.13 -35.28 -74.96
C5 CLA BC . 7.39 -33.15 -74.43
C6 CLA BC . 8.46 -34.06 -73.86
C7 CLA BC . 9.66 -34.11 -74.78
C8 CLA BC . 10.90 -34.66 -74.10
NB KC1 CC . 11.80 -39.11 -68.25
ND KC1 CC . 8.76 -41.47 -67.49
C1A KC1 CC . 7.91 -39.75 -69.85
C1B KC1 CC . 11.90 -38.29 -69.31
C1C KC1 CC . 12.53 -40.74 -65.89
C1D KC1 CC . 8.71 -42.47 -66.59
C2A KC1 CC . 7.61 -38.96 -71.05
C2B KC1 CC . 13.15 -37.62 -69.28
C2C KC1 CC . 12.93 -41.60 -64.80
C2D KC1 CC . 7.44 -43.07 -66.69
C3A KC1 CC . 8.77 -38.25 -71.31
C3B KC1 CC . 13.83 -38.07 -68.18
C3C KC1 CC . 11.94 -42.49 -64.60
C3D KC1 CC . 6.73 -42.40 -67.69
C4A KC1 CC . 9.72 -38.58 -70.34
C4B KC1 CC . 12.93 -39.02 -67.54
C4C KC1 CC . 10.90 -42.19 -65.58
C4D KC1 CC . 7.60 -41.41 -68.17
CAA KC1 CC . 6.37 -38.92 -71.82
CAB KC1 CC . 15.18 -37.67 -67.74
CAC KC1 CC . 11.94 -43.58 -63.55
CAD KC1 CC . 5.47 -42.32 -68.44
CBA KC1 CC . 5.69 -37.77 -72.04
CBB KC1 CC . 16.17 -38.56 -67.67
CBC KC1 CC . 10.75 -43.53 -62.61
CBD KC1 CC . 5.77 -41.31 -69.55
CED KC1 CC . 7.06 -43.50 -72.33
CGA KC1 CC . 4.66 -37.75 -73.02
CGD KC1 CC . 5.90 -42.04 -70.84
CHA KC1 CC . 7.06 -40.64 -69.17
CHB KC1 CC . 11.00 -38.03 -70.32
CHC KC1 CC . 13.31 -39.68 -66.40
CHD KC1 CC . 9.67 -42.89 -65.70
CMA KC1 CC . 9.00 -37.28 -72.45
CMB KC1 CC . 13.66 -36.61 -70.29
CMC KC1 CC . 14.23 -41.52 -64.03
CMD KC1 CC . 6.94 -44.23 -65.88
NA KC1 CC . 9.21 -39.48 -69.45
NC KC1 CC . 11.29 -41.11 -66.34
O1A KC1 CC . 4.56 -38.69 -73.80
O1D KC1 CC . 4.92 -42.26 -71.51
O2A KC1 CC . 3.62 -36.91 -72.87
O2D KC1 CC . 7.05 -42.68 -71.14
OBD KC1 CC . 4.57 -43.12 -68.42
MG KC1 CC . 10.25 -40.25 -67.86
MG CLA DC . 17.91 -41.70 -46.83
CHA CLA DC . 19.46 -41.11 -43.77
CHB CLA DC . 19.02 -44.92 -46.76
CHC CLA DC . 16.37 -42.23 -49.85
CHD CLA DC . 16.84 -38.32 -46.88
NA CLA DC . 19.05 -42.81 -45.46
C1A CLA DC . 19.60 -42.39 -44.24
C2A CLA DC . 20.36 -43.52 -43.56
C3A CLA DC . 20.27 -44.68 -44.58
C4A CLA DC . 19.38 -44.12 -45.69
CMA CLA DC . 21.63 -45.09 -45.09
CAA CLA DC . 19.70 -43.91 -42.26
NB CLA DC . 17.78 -43.25 -48.10
C1B CLA DC . 18.23 -44.52 -47.84
C2B CLA DC . 17.75 -45.45 -48.91
C3B CLA DC . 17.00 -44.70 -49.79
C4B CLA DC . 17.01 -43.29 -49.28
CMB CLA DC . 18.06 -46.87 -48.92
CAB CLA DC . 16.30 -45.11 -50.98
CBB CLA DC . 16.54 -44.64 -52.20
NC CLA DC . 16.80 -40.49 -48.12
C1C CLA DC . 16.28 -40.92 -49.32
C2C CLA DC . 15.59 -39.81 -49.97
C3C CLA DC . 15.70 -38.71 -49.12
C4C CLA DC . 16.47 -39.14 -47.97
CMC CLA DC . 14.91 -39.89 -51.26
CAC CLA DC . 15.17 -37.35 -49.36
CBC CLA DC . 13.93 -37.07 -48.54
ND CLA DC . 18.00 -40.08 -45.61
C1D CLA DC . 17.54 -38.74 -45.78
C2D CLA DC . 17.96 -37.95 -44.60
C3D CLA DC . 18.70 -38.80 -43.80
C4D CLA DC . 18.71 -40.11 -44.48
CMD CLA DC . 17.65 -36.54 -44.38
CAD CLA DC . 19.44 -38.95 -42.56
OBD CLA DC . 19.61 -38.15 -41.65
CBD CLA DC . 20.01 -40.41 -42.54
CGD CLA DC . 21.52 -40.43 -42.53
O1D CLA DC . 22.26 -41.40 -42.72
O2D CLA DC . 22.09 -39.22 -42.27
CED CLA DC . 23.10 -39.18 -41.25
MG CLA EC . 21.72 -11.34 -60.19
CHA CLA EC . 21.40 -12.52 -56.95
CHB CLA EC . 18.34 -11.35 -60.54
CHC CLA EC . 22.10 -10.08 -63.37
CHD CLA EC . 25.24 -11.32 -59.78
NA CLA EC . 20.15 -11.88 -58.94
C1A CLA EC . 20.21 -12.34 -57.62
C2A CLA EC . 18.82 -12.63 -57.07
C3A CLA EC . 17.90 -12.41 -58.29
C4A CLA EC . 18.84 -11.83 -59.35
CMA CLA EC . 17.25 -13.68 -58.76
CAA CLA EC . 18.46 -11.66 -55.95
CBA CLA EC . 17.33 -12.18 -55.09
CGA CLA EC . 17.49 -11.68 -53.69
O1A CLA EC . 17.62 -10.52 -53.29
O2A CLA EC . 17.47 -12.70 -52.77
NB CLA EC . 20.46 -10.88 -61.69
C1B CLA EC . 19.11 -10.81 -61.58
C2B CLA EC . 18.53 -10.08 -62.75
C3B CLA EC . 19.58 -9.71 -63.55
C4B CLA EC . 20.83 -10.22 -62.90
CMB CLA EC . 17.09 -9.86 -62.91
CAB CLA EC . 19.62 -9.01 -64.79
CBB CLA EC . 18.89 -7.94 -65.10
NC CLA EC . 23.38 -10.84 -61.37
C1C CLA EC . 23.29 -10.37 -62.66
C2C CLA EC . 24.63 -10.18 -63.20
C3C CLA EC . 25.53 -10.47 -62.17
C4C CLA EC . 24.73 -10.90 -61.02
CMC CLA EC . 24.93 -9.71 -64.55
CAC CLA EC . 27.00 -10.42 -62.24
CBC CLA EC . 27.60 -11.66 -62.86
ND CLA EC . 23.06 -11.80 -58.75
C1D CLA EC . 24.49 -11.74 -58.70
C2D CLA EC . 24.94 -12.19 -57.37
C3D CLA EC . 23.80 -12.50 -56.65
C4D CLA EC . 22.66 -12.24 -57.56
CMD CLA EC . 26.34 -12.25 -56.94
CAD CLA EC . 23.26 -12.98 -55.40
OBD CLA EC . 23.85 -13.34 -54.38
CBD CLA EC . 21.71 -12.99 -55.54
CGD CLA EC . 21.10 -14.33 -55.26
O1D CLA EC . 20.51 -14.71 -54.25
O2D CLA EC . 21.25 -15.22 -56.29
CED CLA EC . 20.95 -16.58 -56.04
C1 CLA EC . 16.18 -13.20 -52.39
MG CLA FC . 22.52 -15.93 -75.67
CHA CLA FC . 25.92 -16.17 -74.94
CHB CLA FC . 23.24 -14.12 -78.45
CHC CLA FC . 19.15 -15.80 -76.39
CHD CLA FC . 21.82 -17.83 -72.77
NA CLA FC . 24.31 -15.26 -76.53
C1A CLA FC . 25.62 -15.47 -76.09
C2A CLA FC . 26.62 -14.80 -77.04
C3A CLA FC . 25.72 -14.11 -78.09
C4A CLA FC . 24.32 -14.51 -77.69
CMA CLA FC . 25.91 -12.61 -78.10
CAA CLA FC . 27.53 -15.82 -77.71
CBA CLA FC . 27.15 -16.11 -79.14
CGA CLA FC . 26.24 -17.29 -79.21
O1A CLA FC . 25.12 -17.42 -78.73
O2A CLA FC . 26.77 -18.33 -79.91
NB CLA FC . 21.41 -15.14 -77.15
C1B CLA FC . 21.89 -14.40 -78.18
C2B CLA FC . 20.77 -13.92 -79.03
C3B CLA FC . 19.60 -14.39 -78.46
C4B CLA FC . 20.00 -15.17 -77.25
CMB CLA FC . 20.98 -13.09 -80.20
CAB CLA FC . 18.24 -14.20 -78.87
CBB CLA FC . 17.36 -15.17 -79.12
NC CLA FC . 20.81 -16.67 -74.74
C1C CLA FC . 19.52 -16.50 -75.21
C2C CLA FC . 18.58 -17.16 -74.32
C3C CLA FC . 19.33 -17.75 -73.30
C4C CLA FC . 20.73 -17.43 -73.57
CMC CLA FC . 17.13 -17.18 -74.51
CAC CLA FC . 18.81 -18.53 -72.17
CBC CLA FC . 18.61 -17.68 -70.94
ND CLA FC . 23.55 -16.78 -74.16
C1D CLA FC . 23.14 -17.54 -73.02
C2D CLA FC . 24.33 -17.92 -72.24
C3D CLA FC . 25.42 -17.42 -72.93
C4D CLA FC . 24.89 -16.73 -74.12
CMD CLA FC . 24.31 -18.67 -70.98
CAD CLA FC . 26.87 -17.30 -72.96
OBD CLA FC . 27.70 -17.70 -72.15
CBD CLA FC . 27.24 -16.52 -74.25
CGD CLA FC . 28.10 -15.33 -73.91
O1D CLA FC . 28.37 -14.92 -72.77
O2D CLA FC . 28.65 -14.68 -74.97
CED CLA FC . 29.69 -13.74 -74.72
C1 CLA FC . 26.07 -18.74 -81.11
MG CLA GC . 7.63 -6.46 -59.60
CHA CLA GC . 5.79 -6.52 -62.54
CHB CLA GC . 5.03 -4.97 -58.00
CHC CLA GC . 9.49 -6.47 -56.70
CHD CLA GC . 10.36 -7.91 -61.34
NA CLA GC . 5.73 -5.87 -60.19
C1A CLA GC . 5.14 -5.99 -61.46
C2A CLA GC . 3.71 -5.41 -61.47
C3A CLA GC . 3.56 -4.83 -60.04
C4A CLA GC . 4.85 -5.26 -59.33
CMA CLA GC . 3.43 -3.34 -60.06
CAA CLA GC . 2.60 -6.42 -61.73
CBA CLA GC . 2.97 -7.90 -61.73
CGA CLA GC . 3.45 -8.37 -60.39
O1A CLA GC . 3.26 -7.86 -59.28
O2A CLA GC . 4.17 -9.54 -60.47
NB CLA GC . 7.34 -5.80 -57.72
C1B CLA GC . 6.17 -5.29 -57.24
C2B CLA GC . 6.27 -5.09 -55.77
C3B CLA GC . 7.53 -5.50 -55.39
C4B CLA GC . 8.22 -5.97 -56.63
CMB CLA GC . 5.17 -4.56 -54.96
CAB CLA GC . 8.17 -5.56 -54.10
CBB CLA GC . 7.99 -4.71 -53.08
NC CLA GC . 9.57 -7.09 -59.12
C1C CLA GC . 10.12 -7.00 -57.87
C2C CLA GC . 11.49 -7.53 -57.89
C3C CLA GC . 11.73 -7.94 -59.20
C4C CLA GC . 10.53 -7.66 -59.96
CMC CLA GC . 12.37 -7.60 -56.72
CAC CLA GC . 12.98 -8.53 -59.71
CBC CLA GC . 14.05 -7.50 -60.01
ND CLA GC . 8.02 -7.16 -61.46
C1D CLA GC . 9.19 -7.69 -62.06
C2D CLA GC . 8.94 -7.94 -63.50
C3D CLA GC . 7.63 -7.53 -63.73
C4D CLA GC . 7.12 -7.04 -62.44
CMD CLA GC . 9.90 -8.52 -64.43
CAD CLA GC . 6.56 -7.38 -64.71
OBD CLA GC . 6.51 -7.73 -65.89
CBD CLA GC . 5.39 -6.66 -63.99
CGD CLA GC . 5.09 -5.31 -64.57
O1D CLA GC . 4.15 -4.98 -65.30
O2D CLA GC . 6.00 -4.36 -64.21
CED CLA GC . 6.18 -3.23 -65.07
C1 CLA GC . 5.54 -9.51 -60.04
C2 CLA GC . 5.54 -9.68 -58.57
C3 CLA GC . 6.54 -10.22 -57.87
C4 CLA GC . 7.78 -10.70 -58.51
C5 CLA GC . 6.45 -10.34 -56.38
C6 CLA GC . 7.74 -9.94 -55.68
C7 CLA GC . 7.48 -8.96 -54.56
C8 CLA GC . 6.73 -9.58 -53.39
C9 CLA GC . 5.38 -8.93 -53.21
C10 CLA GC . 7.52 -9.45 -52.09
C11 CLA GC . 9.01 -9.57 -52.30
C12 CLA GC . 9.80 -9.12 -51.08
C13 CLA GC . 10.01 -10.25 -50.10
C14 CLA GC . 11.16 -11.14 -50.55
C16 CLA GC . 15.57 -9.23 -47.79
C19 CLA GC . 14.90 -18.26 -43.29
MG CLA HC . -1.01 -16.91 -33.13
CHA CLA HC . -3.65 -15.82 -35.10
CHB CLA HC . -3.18 -18.68 -31.20
CHC CLA HC . 1.65 -18.02 -31.25
CHD CLA HC . 1.20 -15.01 -35.13
NA CLA HC . -3.08 -17.18 -33.17
C1A CLA HC . -4.01 -16.65 -34.07
C2A CLA HC . -5.43 -17.12 -33.73
C3A CLA HC . -5.25 -17.90 -32.41
C4A CLA HC . -3.73 -17.95 -32.24
CMA CLA HC . -5.94 -17.21 -31.26
CAA CLA HC . -5.99 -18.02 -34.83
CBA CLA HC . -5.60 -19.47 -34.63
CGA CLA HC . -4.68 -19.94 -35.71
O1A CLA HC . -4.04 -19.27 -36.53
O2A CLA HC . -4.59 -21.31 -35.78
NB CLA HC . -0.81 -18.08 -31.49
C1B CLA HC . -1.80 -18.80 -30.92
C2B CLA HC . -1.25 -19.74 -29.91
C3B CLA HC . 0.13 -19.56 -29.92
C4B CLA HC . 0.42 -18.49 -30.93
CMB CLA HC . -2.09 -20.64 -29.14
CAB CLA HC . 1.19 -20.18 -29.16
CBB CLA HC . 1.07 -21.05 -28.15
NC CLA HC . 1.05 -16.56 -33.18
C1C CLA HC . 1.96 -17.11 -32.31
C2C CLA HC . 3.30 -16.63 -32.63
C3C CLA HC . 3.17 -15.79 -33.73
C4C CLA HC . 1.76 -15.75 -34.07
CMC CLA HC . 4.51 -17.01 -31.90
CAC CLA HC . 4.26 -15.06 -34.42
CBC CLA HC . 4.57 -15.64 -35.78
ND CLA HC . -1.12 -15.71 -34.75
C1D CLA HC . -0.14 -14.98 -35.48
C2D CLA HC . -0.80 -14.24 -36.57
C3D CLA HC . -2.15 -14.52 -36.47
C4D CLA HC . -2.30 -15.43 -35.32
CMD CLA HC . -0.10 -13.38 -37.52
CAD CLA HC . -3.48 -14.28 -37.01
OBD CLA HC . -3.82 -13.58 -37.96
CBD CLA HC . -4.48 -15.10 -36.14
CGD CLA HC . -5.53 -14.23 -35.49
O1D CLA HC . -5.62 -13.94 -34.30
O2D CLA HC . -6.45 -13.73 -36.36
CED CLA HC . -7.48 -12.89 -35.82
C1 CLA HC . -4.02 -21.86 -36.98
C2 CLA HC . -2.64 -22.30 -36.66
C3 CLA HC . -1.72 -22.57 -37.60
C4 CLA HC . -2.01 -22.45 -39.04
C1A DGD IC . -0.16 -2.76 -43.77
C2A DGD IC . -0.13 -2.32 -42.32
C3A DGD IC . 1.19 -1.62 -42.05
C4A DGD IC . 2.10 -2.50 -41.19
C5A DGD IC . 1.41 -2.83 -39.86
C6A DGD IC . 2.30 -3.69 -38.99
C7A DGD IC . 3.61 -4.00 -39.70
O1A DGD IC . 0.83 -2.65 -44.47
C1B DGD IC . -0.40 -6.67 -42.46
C2B DGD IC . 0.53 -6.33 -41.34
C3B DGD IC . 0.12 -7.17 -40.14
C4B DGD IC . 1.30 -7.50 -39.26
C5B DGD IC . 1.01 -8.72 -38.41
C6B DGD IC . 2.05 -8.86 -37.32
C7B DGD IC . 2.21 -10.31 -36.88
O1B DGD IC . -1.42 -7.27 -42.19
O1G DGD IC . -1.38 -3.29 -44.33
C1G DGD IC . -1.79 -4.59 -43.92
C2G DGD IC . -1.02 -5.65 -44.66
O2G DGD IC . -0.05 -6.34 -43.84
C3G DGD IC . -1.99 -6.64 -45.32
O3G DGD IC . -3.25 -6.50 -44.70
C1D DGD IC . -4.24 -7.21 -45.45
C2D DGD IC . -5.00 -8.12 -44.50
O2D DGD IC . -4.29 -9.38 -44.52
C3D DGD IC . -6.46 -8.40 -44.83
O3D DGD IC . -7.25 -8.17 -43.66
C4D DGD IC . -7.07 -7.60 -45.98
O4D DGD IC . -7.91 -6.57 -45.45
C5D DGD IC . -6.02 -6.97 -46.87
O5D DGD IC . -6.08 -6.06 -49.12
C6D DGD IC . -6.68 -5.99 -47.82
O6D DGD IC . -5.11 -6.29 -46.04
C1E DGD IC . -6.93 -6.70 -50.08
C2E DGD IC . -7.41 -5.69 -51.13
O2E DGD IC . -7.65 -4.40 -50.56
C3E DGD IC . -8.67 -6.15 -51.88
O3E DGD IC . -8.31 -6.83 -53.09
C4E DGD IC . -9.59 -7.02 -51.01
O4E DGD IC . -10.62 -7.61 -51.79
C5E DGD IC . -8.87 -8.07 -50.16
O6E DGD IC . -7.98 -7.32 -49.36
C6E DGD IC . -8.12 -9.20 -50.85
O5E DGD IC . -7.50 -9.99 -49.83
C DD6 JC . 26.27 19.87 -86.43
C1 DD6 JC . 25.20 19.44 -85.46
C10 DD6 JC . 31.52 13.01 -81.99
C11 DD6 JC . 31.87 12.12 -81.05
C12 DD6 JC . 30.87 11.72 -80.01
C13 DD6 JC . 33.21 11.54 -81.02
C14 DD6 JC . 34.27 12.23 -81.43
C15 DD6 JC . 35.69 11.67 -81.42
C16 DD6 JC . 36.08 10.43 -82.21
C17 DD6 JC . 37.59 10.18 -82.28
C18 DD6 JC . 38.48 11.05 -81.40
C19 DD6 JC . 37.85 11.26 -80.03
C2 DD6 JC . 25.43 18.44 -84.60
C20 DD6 JC . 36.57 12.05 -80.24
C21 DD6 JC . 36.00 12.92 -79.12
C22 DD6 JC . 35.55 10.56 -83.64
C23 DD6 JC . 35.46 9.18 -81.59
C24 DD6 JC . 23.89 20.11 -85.46
C25 DD6 JC . 23.59 21.07 -86.31
C26 DD6 JC . 22.27 21.70 -86.20
C27 DD6 JC . 22.03 22.91 -86.70
C28 DD6 JC . 23.12 23.67 -87.41
C29 DD6 JC . 20.89 23.43 -86.57
C3 DD6 JC . 26.72 17.76 -84.57
C30 DD6 JC . 19.83 23.94 -86.45
C31 DD6 JC . 18.70 24.47 -86.30
C32 DD6 JC . 18.61 25.98 -86.22
C33 DD6 JC . 17.31 26.40 -85.55
C34 DD6 JC . 16.13 25.66 -86.16
C35 DD6 JC . 16.29 24.20 -85.79
C36 DD6 JC . 17.62 23.69 -86.26
C37 DD6 JC . 17.74 22.25 -86.67
C4 DD6 JC . 26.92 16.74 -83.74
C40 DD6 JC . 18.68 26.56 -87.63
C41 DD6 JC . 19.79 26.47 -85.40
C5 DD6 JC . 28.22 16.09 -83.71
C6 DD6 JC . 28.47 15.06 -82.91
C7 DD6 JC . 27.41 14.50 -82.01
C8 DD6 JC . 29.82 14.45 -82.92
C9 DD6 JC . 30.18 13.59 -81.98
O1 DD6 JC . 36.64 12.75 -81.48
O2 DD6 JC . 39.75 10.42 -81.24
O4 DD6 JC . 14.91 26.17 -85.62
C DD6 KC . 32.42 37.64 -68.43
C1 DD6 KC . 31.56 38.83 -68.18
C10 DD6 KC . 39.82 43.20 -66.09
C11 DD6 KC . 40.44 44.15 -65.38
C12 DD6 KC . 39.63 45.15 -64.61
C13 DD6 KC . 41.91 44.24 -65.33
C14 DD6 KC . 42.42 45.35 -64.82
C15 DD6 KC . 43.91 45.62 -64.71
C16 DD6 KC . 44.58 45.51 -63.34
C17 DD6 KC . 44.89 46.92 -62.85
C18 DD6 KC . 45.95 47.55 -63.73
C19 DD6 KC . 45.45 47.74 -65.16
C2 DD6 KC . 32.13 40.03 -67.91
C20 DD6 KC . 44.33 46.79 -65.60
C21 DD6 KC . 43.31 47.28 -66.62
C22 DD6 KC . 45.86 44.68 -63.43
C23 DD6 KC . 43.64 44.84 -62.35
C24 DD6 KC . 30.09 38.71 -68.21
C25 DD6 KC . 29.53 37.51 -68.32
C26 DD6 KC . 28.08 37.36 -68.35
C27 DD6 KC . 27.54 36.16 -68.32
C28 DD6 KC . 28.46 34.95 -68.26
C29 DD6 KC . 26.30 35.99 -68.33
C3 DD6 KC . 33.57 40.16 -67.87
C30 DD6 KC . 25.13 35.88 -68.43
C31 DD6 KC . 23.88 35.73 -68.46
C32 DD6 KC . 23.19 35.29 -67.20
C33 DD6 KC . 21.70 35.03 -67.44
C34 DD6 KC . 21.11 36.12 -68.28
C35 DD6 KC . 21.71 35.99 -69.68
C36 DD6 KC . 23.22 36.00 -69.60
C37 DD6 KC . 23.98 36.31 -70.84
C4 DD6 KC . 34.13 41.31 -67.50
C40 DD6 KC . 23.87 34.01 -66.73
C41 DD6 KC . 23.36 36.37 -66.14
C5 DD6 KC . 35.58 41.39 -67.49
C6 DD6 KC . 36.23 42.43 -66.95
C7 DD6 KC . 35.46 43.58 -66.35
C8 DD6 KC . 37.70 42.45 -66.96
C9 DD6 KC . 38.36 43.18 -66.07
O1 DD6 KC . 44.74 45.44 -65.86
O2 DD6 KC . 46.30 48.83 -63.20
O4 DD6 KC . 19.69 35.96 -68.36
C DD6 LC . 25.10 27.42 -72.43
C1 DD6 LC . 26.17 26.96 -73.39
C10 DD6 LC . 19.91 20.58 -77.03
C11 DD6 LC . 19.33 19.80 -77.94
C12 DD6 LC . 20.05 19.46 -79.22
C13 DD6 LC . 17.98 19.27 -77.68
C14 DD6 LC . 17.28 18.61 -78.60
C15 DD6 LC . 15.90 18.09 -78.25
C16 DD6 LC . 15.67 16.58 -78.20
C17 DD6 LC . 14.22 16.16 -77.99
C18 DD6 LC . 13.31 17.25 -77.46
C19 DD6 LC . 13.31 18.40 -78.43
C2 DD6 LC . 25.91 26.03 -74.31
C20 DD6 LC . 14.71 19.01 -78.43
C21 DD6 LC . 14.95 20.38 -79.05
C22 DD6 LC . 16.53 15.98 -77.10
C23 DD6 LC . 16.10 16.00 -79.54
C24 DD6 LC . 27.54 27.51 -73.31
C25 DD6 LC . 27.96 28.30 -72.33
C26 DD6 LC . 29.35 28.73 -72.39
C27 DD6 LC . 29.97 29.44 -71.43
C28 DD6 LC . 29.21 29.87 -70.21
C29 DD6 LC . 31.19 29.71 -71.57
C3 DD6 LC . 24.60 25.39 -74.43
C30 DD6 LC . 32.36 29.91 -71.70
C31 DD6 LC . 33.60 30.07 -71.79
C32 DD6 LC . 34.49 29.19 -70.94
C33 DD6 LC . 35.95 29.59 -71.04
C34 DD6 LC . 36.33 30.00 -72.45
C35 DD6 LC . 35.56 31.28 -72.75
C36 DD6 LC . 34.09 30.98 -72.64
C37 DD6 LC . 33.15 31.74 -73.53
C4 DD6 LC . 24.46 24.37 -75.29
C40 DD6 LC . 34.32 27.76 -71.41
C41 DD6 LC . 34.02 29.32 -69.50
C5 DD6 LC . 23.17 23.70 -75.39
C6 DD6 LC . 22.91 22.78 -76.34
C7 DD6 LC . 23.94 22.41 -77.36
C8 DD6 LC . 21.58 22.13 -76.33
C9 DD6 LC . 21.24 21.15 -77.17
O1 DD6 LC . 15.35 18.82 -77.16
O2 DD6 LC . 11.97 16.72 -77.35
O4 DD6 LC . 37.74 30.27 -72.51
C7 UIX MC . 30.25 27.65 -86.91
C8 UIX MC . 32.54 26.86 -84.66
C9 UIX MC . 30.87 25.23 -85.43
O1 UIX MC . 35.47 25.23 -87.05
C1 UIX MC . 32.60 27.38 -88.12
C5 UIX MC . 34.12 25.55 -87.43
C6 UIX MC . 32.29 28.76 -88.67
C4 UIX MC . 33.19 25.10 -86.30
O4 UIX MC . 20.83 47.49 -73.75
C3 UIX MC . 34.03 27.04 -87.71
O3 UIX MC . 22.01 45.46 -76.68
C2 UIX MC . 32.07 26.06 -85.88
C UIX MC . 31.61 26.98 -87.02
O UIX MC . 31.67 26.30 -88.27
C10 UIX MC . 30.04 28.62 -86.04
C11 UIX MC . 28.72 29.28 -85.92
C12 UIX MC . 27.53 28.73 -86.64
C13 UIX MC . 28.64 30.35 -85.11
C14 UIX MC . 27.41 31.11 -84.87
C15 UIX MC . 19.13 43.64 -76.01
C16 UIX MC . 20.71 45.38 -77.28
C17 UIX MC . 18.42 44.87 -75.47
C18 UIX MC . 19.40 46.02 -75.27
C19 UIX MC . 19.82 46.44 -76.67
C20 UIX MC . 20.16 43.99 -77.07
C21 UIX MC . 18.10 42.72 -76.64
C22 UIX MC . 19.84 42.91 -74.88
C23 UIX MC . 27.48 32.03 -83.91
C24 UIX MC . 20.86 45.63 -78.79
C25 UIX MC . 20.58 43.06 -77.80
C26 UIX MC . 26.36 32.92 -83.56
C27 UIX MC . 19.66 47.83 -73.77
C28 UIX MC . 20.98 42.12 -78.54
O2 UIX MC . 18.74 47.09 -74.61
C29 UIX MC . 24.97 32.64 -84.07
C30 UIX MC . 26.61 33.96 -82.77
C31 UIX MC . 19.15 48.99 -72.95
C32 UIX MC . 22.31 41.52 -78.44
C33 UIX MC . 23.28 41.92 -77.36
C34 UIX MC . 25.57 34.90 -82.38
C35 UIX MC . 22.63 40.60 -79.35
C36 UIX MC . 23.90 39.89 -79.43
C37 UIX MC . 25.89 35.97 -81.66
C38 UIX MC . 23.88 38.83 -80.23
C39 UIX MC . 24.83 36.90 -81.30
C40 UIX MC . 25.03 37.95 -80.49
C41 UIX MC . 26.37 38.23 -79.87
C DD6 NC . 28.10 22.54 -75.14
C1 DD6 NC . 28.97 21.34 -75.32
C10 DD6 NC . 22.87 18.03 -82.05
C11 DD6 NC . 22.45 17.22 -83.02
C12 DD6 NC . 23.12 15.90 -83.27
C13 DD6 NC . 21.32 17.65 -83.87
C14 DD6 NC . 20.81 16.90 -84.85
C15 DD6 NC . 19.67 17.40 -85.71
C16 DD6 NC . 18.25 17.57 -85.16
C17 DD6 NC . 17.17 17.85 -86.21
C18 DD6 NC . 17.68 18.22 -87.59
C19 DD6 NC . 18.58 17.11 -88.07
C2 DD6 NC . 28.64 20.39 -76.20
C20 DD6 NC . 19.82 17.07 -87.19
C21 DD6 NC . 21.07 16.33 -87.64
C22 DD6 NC . 18.19 18.72 -84.15
C23 DD6 NC . 17.84 16.28 -84.49
C24 DD6 NC . 30.21 21.19 -74.54
C25 DD6 NC . 30.62 22.17 -73.73
C26 DD6 NC . 31.86 22.03 -73.00
C27 DD6 NC . 32.25 23.01 -72.17
C28 DD6 NC . 31.38 24.22 -71.99
C29 DD6 NC . 33.34 22.94 -71.53
C3 DD6 NC . 27.43 20.48 -77.03
C30 DD6 NC . 34.34 22.89 -70.91
C31 DD6 NC . 35.45 22.82 -70.32
C32 DD6 NC . 35.53 23.30 -68.89
C33 DD6 NC . 36.96 23.65 -68.51
C34 DD6 NC . 37.95 22.59 -68.99
C35 DD6 NC . 37.91 22.61 -70.50
C36 DD6 NC . 36.50 22.31 -70.95
C37 DD6 NC . 36.27 21.39 -72.11
C4 DD6 NC . 27.11 19.45 -77.81
C40 DD6 NC . 35.02 22.19 -67.98
C41 DD6 NC . 34.64 24.53 -68.73
C5 DD6 NC . 25.94 19.55 -78.68
C6 DD6 NC . 25.56 18.52 -79.46
C7 DD6 NC . 26.32 17.23 -79.43
C8 DD6 NC . 24.40 18.68 -80.35
C9 DD6 NC . 24.00 17.73 -81.18
O1 DD6 NC . 20.09 18.37 -86.66
O2 DD6 NC . 16.55 18.34 -88.46
O4 DD6 NC . 39.26 22.92 -68.54
NB KC1 OC . 18.84 18.52 -91.16
ND KC1 OC . 15.00 19.15 -91.55
C1A KC1 OC . 16.17 21.76 -90.49
C1B KC1 OC . 19.77 19.45 -90.85
C1C KC1 OC . 17.63 15.95 -92.01
C1D KC1 OC . 14.07 18.29 -92.03
C2A KC1 OC . 16.82 22.99 -90.07
C2B KC1 OC . 21.06 18.86 -90.81
C2C KC1 OC . 17.04 14.73 -92.49
C2D KC1 OC . 12.82 18.96 -91.98
C3A KC1 OC . 18.19 22.73 -90.08
C3B KC1 OC . 20.89 17.53 -91.10
C3C KC1 OC . 15.72 14.98 -92.74
C3D KC1 OC . 13.03 20.23 -91.45
C4A KC1 OC . 18.36 21.40 -90.47
C4B KC1 OC . 19.49 17.35 -91.33
C4C KC1 OC . 15.48 16.37 -92.39
C4D KC1 OC . 14.41 20.31 -91.19
CAA KC1 OC . 16.18 24.26 -89.71
CAB KC1 OC . 21.96 16.52 -91.18
CAC KC1 OC . 14.71 14.00 -93.25
CAD KC1 OC . 12.41 21.50 -91.05
CBA KC1 OC . 16.39 25.37 -90.46
CBB KC1 OC . 22.36 16.06 -92.37
CBC KC1 OC . 13.88 13.43 -92.09
CBD KC1 OC . 13.60 22.41 -90.72
CED KC1 OC . 15.01 24.53 -93.52
CGA KC1 OC . 15.54 26.48 -90.29
CGD KC1 OC . 13.76 23.45 -91.80
CHA KC1 OC . 14.80 21.51 -90.65
CHB KC1 OC . 19.61 20.80 -90.59
CHC KC1 OC . 18.98 16.11 -91.65
CHD KC1 OC . 14.25 17.01 -92.50
CMA KC1 OC . 19.30 23.68 -89.72
CMB KC1 OC . 22.35 19.56 -90.49
CMC KC1 OC . 17.74 13.41 -92.71
CMD KC1 OC . 11.50 18.39 -92.42
NA KC1 OC . 17.15 20.80 -90.73
NC KC1 OC . 16.66 16.93 -91.95
O1A KC1 OC . 14.48 26.34 -89.72
O1D KC1 OC . 12.98 24.37 -91.87
O2A KC1 OC . 16.06 27.72 -90.38
O2D KC1 OC . 14.82 23.40 -92.63
OBD KC1 OC . 11.28 21.86 -91.29
MG KC1 OC . 16.92 18.85 -91.34
MG CLA PC . 17.59 29.32 -92.22
CHA CLA PC . 16.26 32.14 -90.69
CHB CLA PC . 15.27 29.54 -94.69
CHC CLA PC . 18.98 26.53 -93.70
CHD CLA PC . 20.02 29.13 -89.65
NA CLA PC . 16.02 30.64 -92.60
C1A CLA PC . 15.64 31.77 -91.85
C2A CLA PC . 14.44 32.47 -92.51
C3A CLA PC . 14.15 31.61 -93.76
C4A CLA PC . 15.21 30.51 -93.70
CMA CLA PC . 12.74 31.06 -93.76
CAA CLA PC . 14.78 33.88 -92.93
CBA CLA PC . 16.05 33.93 -93.74
CGA CLA PC . 16.56 35.34 -93.81
O1A CLA PC . 15.93 36.39 -93.74
O2A CLA PC . 17.91 35.40 -94.00
NB CLA PC . 17.24 28.28 -93.91
C1B CLA PC . 16.19 28.48 -94.75
C2B CLA PC . 16.12 27.39 -95.76
C3B CLA PC . 17.16 26.54 -95.49
C4B CLA PC . 17.89 27.08 -94.30
CMB CLA PC . 15.10 27.32 -96.80
CAB CLA PC . 17.54 25.32 -96.17
CBB CLA PC . 17.82 24.14 -95.60
NC CLA PC . 19.19 28.06 -91.74
C1C CLA PC . 19.59 26.99 -92.50
C2C CLA PC . 20.75 26.35 -91.89
C3C CLA PC . 21.05 27.08 -90.74
C4C CLA PC . 20.07 28.16 -90.66
CMC CLA PC . 21.43 25.17 -92.42
CAC CLA PC . 22.14 26.82 -89.78
CBC CLA PC . 23.37 27.64 -90.10
ND CLA PC . 18.03 30.29 -90.50
C1D CLA PC . 19.08 30.14 -89.56
C2D CLA PC . 18.96 31.19 -88.53
C3D CLA PC . 17.88 31.97 -88.90
C4D CLA PC . 17.36 31.39 -90.15
CMD CLA PC . 19.83 31.32 -87.36
CAD CLA PC . 17.06 33.12 -88.57
OBD CLA PC . 17.09 33.84 -87.57
CBD CLA PC . 16.05 33.31 -89.74
CGD CLA PC . 14.62 33.45 -89.29
O1D CLA PC . 14.01 32.75 -88.48
O2D CLA PC . 13.95 34.50 -89.85
CED CLA PC . 12.52 34.51 -89.72
MG CLA QC . 14.50 23.59 -78.32
CHA CLA QC . 11.23 23.40 -79.43
CHB CLA QC . 13.41 23.91 -75.11
CHC CLA QC . 17.78 23.67 -77.28
CHD CLA QC . 15.60 23.33 -81.69
NA CLA QC . 12.61 23.65 -77.44
C1A CLA QC . 11.37 23.54 -78.07
C2A CLA QC . 10.23 23.63 -77.05
C3A CLA QC . 10.96 23.93 -75.72
C4A CLA QC . 12.44 23.82 -76.10
CMA CLA QC . 10.61 25.29 -75.19
CAA CLA QC . 9.49 22.31 -76.97
CBA CLA QC . 10.41 21.11 -76.96
CGA CLA QC . 10.78 20.73 -75.56
O1A CLA QC . 10.05 20.35 -74.65
O2A CLA QC . 12.12 20.83 -75.33
NB CLA QC . 15.41 23.83 -76.54
C1B CLA QC . 14.80 23.84 -75.33
C2B CLA QC . 15.81 23.74 -74.24
C3B CLA QC . 17.04 23.67 -74.84
C4B CLA QC . 16.81 23.73 -76.32
CMB CLA QC . 15.42 23.73 -72.82
CAB CLA QC . 18.38 23.56 -74.30
CBB CLA QC . 18.74 23.42 -73.03
NC CLA QC . 16.34 23.52 -79.31
C1C CLA QC . 17.57 23.58 -78.68
C2C CLA QC . 18.63 23.51 -79.68
C3C CLA QC . 18.02 23.40 -80.93
C4C CLA QC . 16.58 23.41 -80.68
CMC CLA QC . 20.07 23.55 -79.40
CAC CLA QC . 18.67 23.30 -82.24
CBC CLA QC . 18.97 21.88 -82.62
ND CLA QC . 13.68 23.33 -80.14
C1D CLA QC . 14.24 23.31 -81.45
C2D CLA QC . 13.14 23.21 -82.45
C3D CLA QC . 11.97 23.20 -81.73
C4D CLA QC . 12.36 23.31 -80.30
CMD CLA QC . 13.35 23.13 -83.89
CAD CLA QC . 10.52 23.12 -81.77
OBD CLA QC . 9.78 22.89 -82.72
CBD CLA QC . 10.00 23.36 -80.32
CGD CLA QC . 9.25 24.65 -80.22
O1D CLA QC . 9.70 25.79 -80.45
O2D CLA QC . 7.95 24.54 -79.87
CED CLA QC . 7.06 25.55 -80.31
C1 CLA QC . 12.60 20.36 -74.06
C2 CLA QC . 13.99 19.90 -74.26
C3 CLA QC . 14.89 19.82 -73.26
C4 CLA QC . 14.55 20.19 -71.87
C5 CLA QC . 16.27 19.33 -73.52
C6 CLA QC . 16.63 18.13 -72.67
C7 CLA QC . 17.13 16.99 -73.53
C8 CLA QC . 17.49 15.77 -72.70
C9 CLA QC . 16.37 15.43 -71.73
C10 CLA QC . 18.79 15.99 -71.95
MG CLA RC . 21.99 22.84 -69.33
CHA CLA RC . 19.40 23.22 -67.05
CHB CLA RC . 20.02 20.80 -71.22
CHC CLA RC . 24.54 22.60 -71.64
CHD CLA RC . 24.01 24.95 -67.34
NA CLA RC . 20.04 22.14 -69.13
C1A CLA RC . 19.11 22.43 -68.13
C2A CLA RC . 17.78 21.72 -68.38
C3A CLA RC . 18.04 20.90 -69.66
C4A CLA RC . 19.46 21.30 -70.06
CMA CLA RC . 17.93 19.42 -69.39
CAA CLA RC . 16.70 22.74 -68.67
CBA CLA RC . 15.33 22.11 -68.83
CGA CLA RC . 14.75 21.82 -67.47
O1A CLA RC . 14.34 22.61 -66.62
O2A CLA RC . 14.71 20.48 -67.20
NB CLA RC . 22.22 21.91 -71.11
C1B CLA RC . 21.31 21.08 -71.69
C2B CLA RC . 21.91 20.45 -72.91
C3B CLA RC . 23.18 20.95 -73.04
C4B CLA RC . 23.39 21.89 -71.89
CMB CLA RC . 21.16 19.49 -73.72
CAB CLA RC . 24.23 20.71 -74.00
CBB CLA RC . 24.23 19.78 -74.96
NC CLA RC . 23.92 23.63 -69.45
C1C CLA RC . 24.79 23.42 -70.50
C2C CLA RC . 26.02 24.15 -70.26
C3C CLA RC . 25.89 24.80 -69.03
C4C CLA RC . 24.55 24.48 -68.54
CMC CLA RC . 27.17 24.17 -71.16
CAC CLA RC . 26.88 25.67 -68.37
CBC CLA RC . 26.51 27.14 -68.42
ND CLA RC . 21.83 23.83 -67.58
C1D CLA RC . 22.74 24.66 -66.87
C2D CLA RC . 22.08 25.14 -65.63
C3D CLA RC . 20.80 24.62 -65.65
C4D CLA RC . 20.69 23.82 -66.89
CMD CLA RC . 22.71 26.01 -64.64
CAD CLA RC . 19.53 24.53 -64.97
OBD CLA RC . 19.17 25.05 -63.92
CBD CLA RC . 18.59 23.64 -65.85
CGD CLA RC . 18.09 22.45 -65.09
O1D CLA RC . 16.92 22.07 -64.96
O2D CLA RC . 19.07 21.74 -64.47
CED CLA RC . 18.82 20.36 -64.16
C1 CLA RC . 14.27 20.12 -65.87
C2 CLA RC . 13.30 19.01 -66.04
C3 CLA RC . 11.99 19.14 -65.80
C4 CLA RC . 11.40 20.42 -65.36
C5 CLA RC . 11.06 17.99 -65.98
C6 CLA RC . 11.74 16.75 -66.52
C7 CLA RC . 11.24 15.51 -65.79
C8 CLA RC . 11.67 14.23 -66.50
C9 CLA RC . 10.81 13.07 -66.05
C10 CLA RC . 13.14 13.93 -66.24
MG CLA SC . 35.44 36.55 -72.44
CHA CLA SC . 38.73 36.65 -71.33
CHB CLA SC . 34.69 34.22 -70.07
CHC CLA SC . 32.18 36.59 -73.50
CHD CLA SC . 36.25 39.01 -74.86
NA CLA SC . 36.55 35.60 -70.95
C1A CLA SC . 37.91 35.78 -70.66
C2A CLA SC . 38.31 34.92 -69.47
C3A CLA SC . 37.04 34.10 -69.16
C4A CLA SC . 36.00 34.67 -70.12
CMA CLA SC . 37.27 32.62 -69.35
CAA CLA SC . 38.61 35.86 -68.30
CBA CLA SC . 37.39 36.67 -67.88
CGA CLA SC . 37.36 38.06 -68.43
O1A CLA SC . 37.88 39.08 -67.98
O2A CLA SC . 36.64 38.19 -69.59
NB CLA SC . 33.76 35.59 -71.90
C1B CLA SC . 33.65 34.67 -70.90
C2B CLA SC . 32.25 34.17 -70.81
C3B CLA SC . 31.53 34.83 -71.79
C4B CLA SC . 32.48 35.75 -72.49
CMB CLA SC . 31.84 33.17 -69.85
CAB CLA SC . 30.14 34.76 -72.15
CBB CLA SC . 29.32 33.71 -72.01
NC CLA SC . 34.41 37.61 -73.92
C1C CLA SC . 33.07 37.47 -74.19
C2C CLA SC . 32.68 38.35 -75.27
C3C CLA SC . 33.83 39.04 -75.66
C4C CLA SC . 34.91 38.57 -74.81
CMC CLA SC . 31.32 38.45 -75.82
CAC CLA SC . 33.95 40.05 -76.72
CBC CLA SC . 34.00 41.46 -76.18
ND CLA SC . 37.07 37.59 -73.03
C1D CLA SC . 37.27 38.59 -74.04
C2D CLA SC . 38.68 39.01 -74.02
C3D CLA SC . 39.29 38.29 -73.01
C4D CLA SC . 38.25 37.44 -72.42
CMD CLA SC . 39.26 40.01 -74.93
CAD CLA SC . 40.53 38.02 -72.30
OBD CLA SC . 41.65 38.50 -72.47
CBD CLA SC . 40.20 36.97 -71.18
CGD CLA SC . 41.05 35.74 -71.29
O1D CLA SC . 41.83 35.29 -70.45
O2D CLA SC . 40.90 35.08 -72.47
CED CLA SC . 41.58 33.83 -72.63
C1 CLA SC . 36.62 39.50 -70.20
C2 CLA SC . 35.40 39.57 -71.04
C3 CLA SC . 34.88 40.73 -71.48
C4 CLA SC . 35.48 42.05 -71.17
C5 CLA SC . 33.64 40.74 -72.32
C6 CLA SC . 32.39 40.76 -71.47
C7 CLA SC . 31.14 40.76 -72.32
C8 CLA SC . 29.93 40.23 -71.56
C9 CLA SC . 29.77 38.74 -71.82
C10 CLA SC . 28.68 40.98 -71.95
C11 CLA SC . 27.87 41.40 -70.73
C12 CLA SC . 26.78 40.39 -70.40
C13 CLA SC . 25.75 40.98 -69.44
C14 CLA SC . 25.48 40.04 -68.29
C15 CLA SC . 24.45 41.32 -70.16
C16 CLA SC . 24.13 42.79 -70.05
C17 CLA SC . 24.90 43.62 -71.06
C18 CLA SC . 24.35 43.45 -72.46
C19 CLA SC . 23.43 44.60 -72.82
C20 CLA SC . 25.48 43.35 -73.48
MG CLA TC . 35.55 43.77 -61.14
CHA CLA TC . 38.84 42.68 -61.39
CHB CLA TC . 36.46 45.89 -58.63
CHC CLA TC . 32.34 44.95 -61.04
CHD CLA TC . 34.65 41.48 -63.68
NA CLA TC . 37.36 44.18 -60.16
C1A CLA TC . 38.63 43.62 -60.42
C2A CLA TC . 39.68 44.20 -59.48
C3A CLA TC . 38.85 45.08 -58.51
C4A CLA TC . 37.46 45.07 -59.14
CMA CLA TC . 38.83 44.54 -57.11
CAA CLA TC . 40.71 45.02 -60.23
CBA CLA TC . 40.10 46.28 -60.82
CGA CLA TC . 41.06 47.42 -60.66
O1A CLA TC . 42.12 47.46 -60.04
O2A CLA TC . 40.63 48.56 -61.29
NB CLA TC . 34.56 45.10 -59.98
C1B CLA TC . 35.15 45.96 -59.11
C2B CLA TC . 34.18 47.02 -58.71
C3B CLA TC . 33.01 46.76 -59.39
C4B CLA TC . 33.24 45.54 -60.21
CMB CLA TC . 34.52 48.09 -57.78
CAB CLA TC . 31.76 47.47 -59.39
CBB CLA TC . 31.62 48.79 -59.54
NC CLA TC . 33.81 43.29 -62.16
C1C CLA TC . 32.60 43.89 -61.95
C2C CLA TC . 31.59 43.29 -62.83
C3C CLA TC . 32.25 42.33 -63.59
C4C CLA TC . 33.64 42.32 -63.16
CMC CLA TC . 30.19 43.69 -62.88
CAC CLA TC . 31.67 41.46 -64.63
CBC CLA TC . 31.10 40.18 -64.07
ND CLA TC . 36.47 42.42 -62.33
C1D CLA TC . 35.99 41.51 -63.31
C2D CLA TC . 37.10 40.70 -63.82
C3D CLA TC . 38.24 41.14 -63.15
C4D CLA TC . 37.78 42.18 -62.21
CMD CLA TC . 37.00 39.66 -64.85
CAD CLA TC . 39.67 40.97 -62.96
OBD CLA TC . 40.46 40.26 -63.56
CBD CLA TC . 40.08 41.92 -61.80
CGD CLA TC . 40.68 41.17 -60.64
O1D CLA TC . 40.11 40.39 -59.87
O2D CLA TC . 42.02 41.40 -60.46
CED CLA TC . 42.76 40.42 -59.72
C1 CLA TC . 40.40 48.47 -62.71
MG CLA UC . 22.15 30.08 -63.29
CHA CLA UC . 19.35 28.56 -64.64
CHB CLA UC . 20.48 30.58 -60.38
CHC CLA UC . 25.03 31.35 -61.92
CHD CLA UC . 23.84 29.60 -66.38
NA CLA UC . 20.21 29.66 -62.65
C1A CLA UC . 19.20 29.00 -63.36
C2A CLA UC . 17.93 28.90 -62.52
C3A CLA UC . 18.25 29.77 -61.28
C4A CLA UC . 19.76 30.02 -61.42
CMA CLA UC . 17.44 31.05 -61.26
CAA CLA UC . 17.67 27.47 -62.12
CBA CLA UC . 18.81 26.89 -61.29
CGA CLA UC . 18.66 25.42 -61.06
O1A CLA UC . 17.64 24.73 -61.08
O2A CLA UC . 19.86 24.81 -60.79
NB CLA UC . 22.63 30.91 -61.52
C1B CLA UC . 21.85 30.87 -60.41
C2B CLA UC . 22.66 31.16 -59.19
C3B CLA UC . 23.96 31.37 -59.62
C4B CLA UC . 23.95 31.23 -61.11
CMB CLA UC . 22.07 31.18 -57.85
CAB CLA UC . 25.17 31.69 -58.91
CBB CLA UC . 25.30 32.02 -57.62
NC CLA UC . 24.07 30.45 -64.04
C1C CLA UC . 25.09 31.00 -63.31
C2C CLA UC . 26.28 31.14 -64.15
C3C CLA UC . 25.96 30.61 -65.39
C4C CLA UC . 24.56 30.19 -65.33
CMC CLA UC . 27.56 31.69 -63.69
CAC CLA UC . 26.84 30.53 -66.57
CBC CLA UC . 26.91 31.81 -67.36
ND CLA UC . 21.77 29.27 -65.11
C1D CLA UC . 22.53 29.15 -66.30
C2D CLA UC . 21.72 28.50 -67.34
C3D CLA UC . 20.49 28.22 -66.75
C4D CLA UC . 20.58 28.74 -65.37
CMD CLA UC . 22.17 28.20 -68.70
CAD CLA UC . 19.16 27.68 -66.94
OBD CLA UC . 18.66 27.15 -67.92
CBD CLA UC . 18.39 27.89 -65.59
CGD CLA UC . 17.15 28.71 -65.76
O1D CLA UC . 17.03 29.93 -65.63
O2D CLA UC . 16.05 27.99 -66.11
CED CLA UC . 15.08 28.64 -66.92
C1 CLA UC . 20.06 23.48 -61.28
C2 CLA UC . 21.25 22.93 -60.58
C3 CLA UC . 22.31 22.42 -61.22
C4 CLA UC . 23.50 21.89 -60.49
C5 CLA UC . 22.36 22.35 -62.71
C6 CLA UC . 22.81 20.99 -63.21
C7 CLA UC . 24.02 21.13 -64.11
C8 CLA UC . 23.65 21.08 -65.60
C9 CLA UC . 22.77 19.88 -65.89
C10 CLA UC . 24.89 21.05 -66.47
MG CLA VC . 17.73 39.39 -77.20
CHA CLA VC . 14.88 40.84 -75.87
CHB CLA VC . 16.37 39.57 -80.32
CHC CLA VC . 20.64 38.11 -78.48
CHD CLA VC . 19.12 39.28 -73.95
NA CLA VC . 15.91 40.08 -77.94
C1A CLA VC . 14.86 40.68 -77.24
C2A CLA VC . 13.72 41.05 -78.17
C3A CLA VC . 14.17 40.52 -79.53
C4A CLA VC . 15.59 40.03 -79.27
CMA CLA VC . 13.26 39.41 -80.01
CAA CLA VC . 13.56 42.57 -78.23
CBA CLA VC . 14.90 43.30 -78.28
CGA CLA VC . 15.35 43.48 -79.70
O1A CLA VC . 14.70 43.43 -80.74
O2A CLA VC . 16.70 43.74 -79.79
NB CLA VC . 18.39 38.95 -79.05
C1B CLA VC . 17.68 39.07 -80.20
C2B CLA VC . 18.48 38.56 -81.35
C3B CLA VC . 19.70 38.15 -80.85
C4B CLA VC . 19.65 38.39 -79.37
CMB CLA VC . 17.98 38.54 -82.73
CAB CLA VC . 20.83 37.57 -81.52
CBB CLA VC . 21.41 38.04 -82.62
NC CLA VC . 19.54 38.79 -76.35
C1C CLA VC . 20.61 38.29 -77.06
C2C CLA VC . 21.71 37.99 -76.17
C3C CLA VC . 21.29 38.32 -74.88
C4C CLA VC . 19.92 38.83 -75.01
CMC CLA VC . 23.01 37.45 -76.57
CAC CLA VC . 22.05 38.21 -73.63
CBC CLA VC . 22.66 39.52 -73.19
ND CLA VC . 17.17 39.83 -75.31
C1D CLA VC . 17.83 39.74 -74.06
C2D CLA VC . 16.93 40.23 -73.00
C3D CLA VC . 15.78 40.66 -73.63
C4D CLA VC . 15.99 40.41 -75.07
CMD CLA VC . 17.25 40.25 -71.57
CAD CLA VC . 14.45 41.23 -73.48
OBD CLA VC . 13.85 41.54 -72.46
CBD CLA VC . 13.86 41.41 -74.91
CGD CLA VC . 12.52 40.75 -75.09
O1D CLA VC . 12.30 39.56 -75.33
O2D CLA VC . 11.46 41.59 -74.93
CED CLA VC . 10.39 41.47 -75.88
C1 CLA VC . 17.50 42.79 -80.52
C2 CLA VC . 17.61 43.27 -81.93
C3 CLA VC . 18.81 43.43 -82.52
C4 CLA VC . 18.93 43.90 -83.92
C5 CLA VC . 20.07 43.16 -81.78
C6 CLA VC . 21.20 42.67 -82.66
C7 CLA VC . 22.52 43.25 -82.20
C8 CLA VC . 23.72 42.48 -82.74
C9 CLA VC . 24.85 42.50 -81.74
C10 CLA VC . 24.19 43.07 -84.07
NB KC1 WC . 24.85 36.18 -86.52
ND KC1 WC . 21.98 34.97 -88.91
C1A KC1 WC . 21.01 37.59 -87.68
C1B KC1 WC . 24.83 37.30 -85.77
C1C KC1 WC . 25.78 33.68 -87.82
C1D KC1 WC . 21.97 33.89 -89.70
C2A KC1 WC . 20.63 38.87 -87.06
C2B KC1 WC . 26.06 37.43 -85.06
C2C KC1 WC . 26.23 32.47 -88.47
C2D KC1 WC . 20.75 33.90 -90.42
C3A KC1 WC . 21.67 39.21 -86.23
C3B KC1 WC . 26.83 36.36 -85.41
C3C KC1 WC . 25.24 32.06 -89.28
C3D KC1 WC . 20.04 35.03 -90.04
C4A KC1 WC . 22.65 38.22 -86.32
C4B KC1 WC . 26.03 35.58 -86.34
C4C KC1 WC . 24.14 33.00 -89.14
C4D KC1 WC . 20.84 35.68 -89.09
CAA KC1 WC . 19.39 39.61 -87.29
CAB KC1 WC . 28.19 36.07 -84.95
CAC KC1 WC . 25.26 30.84 -90.17
CAD KC1 WC . 18.81 35.82 -90.21
CBA KC1 WC . 18.55 39.96 -86.29
CBB KC1 WC . 29.23 36.31 -85.74
CBC KC1 WC . 25.53 31.26 -91.61
CBD KC1 WC . 19.07 37.09 -89.43
CED KC1 WC . 18.69 40.29 -91.39
CGA KC1 WC . 17.98 41.26 -86.33
CGD KC1 WC . 19.32 38.22 -90.39
CHA KC1 WC . 20.29 36.82 -88.60
CHB KC1 WC . 23.84 38.25 -85.61
CHC KC1 WC . 26.53 34.42 -86.89
CHD KC1 WC . 22.92 32.90 -89.84
CMA KC1 WC . 21.78 40.44 -85.37
CMB KC1 WC . 26.43 38.55 -84.13
CMC KC1 WC . 27.57 31.81 -88.29
CMD KC1 WC . 20.30 32.87 -91.42
NA KC1 WC . 22.26 37.23 -87.20
NC KC1 WC . 24.51 33.98 -88.24
O1A KC1 WC . 18.70 42.19 -86.67
O1D KC1 WC . 20.03 38.04 -91.35
O2A KC1 WC . 16.66 41.38 -86.52
O2D KC1 WC . 18.56 39.33 -90.31
OBD KC1 WC . 17.99 35.68 -91.10
MG KC1 WC . 23.38 35.56 -87.66
MG CLA XC . 31.87 19.92 -85.70
CHA CLA XC . 34.82 18.46 -86.81
CHB CLA XC . 31.79 21.88 -88.49
CHC CLA XC . 28.96 21.35 -84.55
CHD CLA XC . 32.01 17.91 -82.79
NA CLA XC . 33.11 20.10 -87.37
C1A CLA XC . 34.29 19.40 -87.66
C2A CLA XC . 34.88 19.85 -89.00
C3A CLA XC . 33.91 20.96 -89.47
C4A CLA XC . 32.85 20.99 -88.38
CMA CLA XC . 34.61 22.29 -89.63
CAA CLA XC . 34.88 18.71 -89.99
NB CLA XC . 30.62 21.35 -86.38
C1B CLA XC . 30.74 22.01 -87.56
C2B CLA XC . 29.59 22.95 -87.74
C3B CLA XC . 28.78 22.80 -86.63
C4B CLA XC . 29.43 21.78 -85.75
CMB CLA XC . 29.44 23.80 -88.92
CAB CLA XC . 27.54 23.44 -86.28
CBB CLA XC . 27.27 24.74 -86.41
NC CLA XC . 30.70 19.66 -83.99
C1C CLA XC . 29.55 20.35 -83.72
C2C CLA XC . 28.99 19.92 -82.44
C3C CLA XC . 29.86 18.94 -81.94
C4C CLA XC . 30.93 18.79 -82.92
CMC CLA XC . 27.77 20.44 -81.84
CAC CLA XC . 29.72 18.20 -80.67
CBC CLA XC . 30.26 18.97 -79.48
ND CLA XC . 33.07 18.48 -84.94
C1D CLA XC . 33.02 17.75 -83.72
C2D CLA XC . 34.19 16.84 -83.66
C3D CLA XC . 34.93 17.08 -84.82
C4D CLA XC . 34.18 18.12 -85.58
CMD CLA XC . 34.48 15.92 -82.57
CAD CLA XC . 36.10 16.74 -85.60
OBD CLA XC . 36.99 15.93 -85.34
CBD CLA XC . 36.07 17.62 -86.88
CGD CLA XC . 37.31 18.48 -87.01
O1D CLA XC . 37.67 19.13 -87.99
O2D CLA XC . 38.08 18.51 -85.89
CED CLA XC . 38.74 19.73 -85.59
MG CLA YC . 33.07 26.76 -63.92
CHA CLA YC . 34.70 25.70 -61.04
CHB CLA YC . 32.84 23.54 -64.98
CHC CLA YC . 31.49 27.86 -66.76
CHD CLA YC . 33.37 30.10 -62.80
NA CLA YC . 33.67 24.93 -63.11
C1A CLA YC . 34.34 24.70 -61.90
C2A CLA YC . 34.60 23.20 -61.69
C3A CLA YC . 34.06 22.56 -63.00
C4A CLA YC . 33.47 23.74 -63.77
CMA CLA YC . 35.16 21.87 -63.76
CAA CLA YC . 33.81 22.67 -60.51
CBA CLA YC . 32.38 23.15 -60.54
CGA CLA YC . 31.54 22.52 -59.46
O1A CLA YC . 30.31 22.56 -59.34
O2A CLA YC . 32.26 21.86 -58.52
NB CLA YC . 32.33 25.87 -65.58
C1B CLA YC . 32.27 24.53 -65.79
C2B CLA YC . 31.51 24.26 -67.05
C3B CLA YC . 31.13 25.47 -67.56
C4B CLA YC . 31.64 26.52 -66.62
CMB CLA YC . 31.27 22.91 -67.57
CAB CLA YC . 30.38 25.77 -68.75
CBB CLA YC . 30.70 26.66 -69.68
NC CLA YC . 32.53 28.64 -64.64
C1C CLA YC . 31.91 28.86 -65.83
C2C CLA YC . 31.70 30.29 -66.04
C3C CLA YC . 32.22 30.93 -64.91
C4C CLA YC . 32.75 29.89 -64.04
CMC CLA YC . 31.06 30.88 -67.21
CAC CLA YC . 32.25 32.38 -64.67
CBC CLA YC . 30.95 32.87 -64.08
ND CLA YC . 33.79 27.73 -62.31
C1D CLA YC . 33.85 29.11 -61.97
C2D CLA YC . 34.52 29.27 -60.67
C3D CLA YC . 34.88 27.99 -60.27
C4D CLA YC . 34.41 27.08 -61.32
CMD CLA YC . 34.75 30.55 -59.99
CAD CLA YC . 35.52 27.18 -59.24
OBD CLA YC . 36.05 27.52 -58.19
CBD CLA YC . 35.44 25.69 -59.71
CGD CLA YC . 36.80 25.08 -59.82
O1D CLA YC . 37.21 24.04 -59.27
O2D CLA YC . 37.66 25.77 -60.61
CED CLA YC . 39.03 25.36 -60.66
C1 CLA YC . 31.57 20.82 -57.79
C2 CLA YC . 30.94 21.44 -56.59
MG CLA ZC . 32.63 17.11 -73.90
CHA CLA ZC . 35.58 17.24 -72.06
CHB CLA ZC . 34.31 15.63 -76.47
CHC CLA ZC . 29.67 16.86 -75.61
CHD CLA ZC . 30.95 18.68 -71.21
NA CLA ZC . 34.62 16.54 -74.19
C1A CLA ZC . 35.70 16.67 -73.30
C2A CLA ZC . 36.99 16.12 -73.92
C3A CLA ZC . 36.57 15.75 -75.35
C4A CLA ZC . 35.06 15.97 -75.35
CMA CLA ZC . 37.26 16.63 -76.36
CAA CLA ZC . 37.44 14.87 -73.17
NB CLA ZC . 32.08 16.37 -75.69
C1B CLA ZC . 32.92 15.80 -76.60
C2B CLA ZC . 32.14 15.37 -77.79
C3B CLA ZC . 30.83 15.71 -77.57
C4B CLA ZC . 30.78 16.36 -76.23
CMB CLA ZC . 32.75 14.72 -78.95
CAB CLA ZC . 29.69 15.53 -78.41
CBB CLA ZC . 28.51 15.01 -78.04
NC CLA ZC . 30.68 17.69 -73.48
C1C CLA ZC . 29.62 17.49 -74.32
C2C CLA ZC . 28.39 17.99 -73.71
C3C CLA ZC . 28.75 18.51 -72.47
C4C CLA ZC . 30.19 18.32 -72.33
CMC CLA ZC . 27.07 17.93 -74.32
CAC CLA ZC . 27.86 19.13 -71.47
CBC CLA ZC . 28.02 20.63 -71.36
ND CLA ZC . 33.10 17.85 -72.07
C1D CLA ZC . 32.30 18.47 -71.07
C2D CLA ZC . 33.17 18.81 -69.92
C3D CLA ZC . 34.44 18.35 -70.24
C4D CLA ZC . 34.33 17.76 -71.59
CMD CLA ZC . 32.71 19.47 -68.70
CAD CLA ZC . 35.82 18.22 -69.81
OBD CLA ZC . 36.35 18.58 -68.76
CBD CLA ZC . 36.58 17.49 -70.95
CGD CLA ZC . 37.77 18.28 -71.45
O1D CLA ZC . 37.98 18.69 -72.60
O2D CLA ZC . 38.68 18.57 -70.48
CED CLA ZC . 39.80 19.38 -70.83
O6 SQD AD . 5.29 29.28 -62.22
C44 SQD AD . 6.26 29.14 -61.17
C45 SQD AD . 6.20 27.77 -60.53
C46 SQD AD . 6.76 26.68 -61.41
O47 SQD AD . 6.80 27.84 -59.19
C7 SQD AD . 8.03 27.36 -58.99
O49 SQD AD . 8.22 26.21 -58.69
C8 SQD AD . 9.14 28.37 -59.17
C9 SQD AD . 10.49 27.74 -59.12
C10 SQD AD . 11.62 28.77 -59.19
C11 SQD AD . 12.99 28.17 -59.03
C12 SQD AD . 14.05 29.16 -58.61
C13 SQD AD . 15.38 28.51 -58.29
C14 SQD AD . 16.33 29.41 -57.53
C15 SQD AD . 17.62 28.73 -57.14
C16 SQD AD . 18.49 29.54 -56.21
C17 SQD AD . 19.79 28.88 -55.84
C18 SQD AD . 20.63 29.66 -54.87
C19 SQD AD . 21.97 29.04 -54.56
C20 SQD AD . 22.80 29.81 -53.58
O48 SQD AD . 8.11 27.03 -61.80
C23 SQD AD . 8.78 26.10 -62.47
O10 SQD AD . 8.27 25.15 -62.98
C24 SQD AD . 10.26 26.39 -62.44
C25 SQD AD . 11.11 25.17 -62.57
C26 SQD AD . 10.87 24.17 -61.46
C27 SQD AD . 11.74 22.94 -61.52
C28 SQD AD . 13.22 23.20 -61.36
C29 SQD AD . 14.05 21.97 -61.20
C30 SQD AD . 15.50 22.23 -60.84
C31 SQD AD . 16.25 21.01 -60.38
C32 SQD AD . 17.63 21.30 -59.84
C33 SQD AD . 18.32 20.13 -59.19
C34 SQD AD . 18.59 18.98 -60.11
C35 SQD AD . 19.34 17.84 -59.48
C36 SQD AD . 20.67 18.22 -58.90
C1 SQD AD . 4.05 29.81 -61.82
C2 SQD AD . 4.16 31.31 -61.65
O2 SQD AD . 5.39 31.82 -62.18
C3 SQD AD . 3.94 31.68 -60.20
O3 SQD AD . 4.03 33.10 -60.03
C4 SQD AD . 2.56 31.19 -59.76
O4 SQD AD . 2.37 31.45 -58.37
C5 SQD AD . 2.44 29.70 -60.03
C6 SQD AD . 1.28 29.31 -60.93
O5 SQD AD . 3.67 29.20 -60.59
S SQD AD . 1.08 27.57 -61.21
O7 SQD AD . 0.94 26.94 -59.93
O8 SQD AD . -0.28 27.52 -61.96
O9 SQD AD . 2.13 27.13 -62.07
MG CLA BD . 33.60 26.42 -45.28
CHA CLA BD . 36.47 28.11 -46.25
CHB CLA BD . 32.35 29.30 -43.98
CHC CLA BD . 30.67 24.75 -44.59
CHD CLA BD . 34.89 23.49 -46.80
NA CLA BD . 34.34 28.36 -45.09
C1A CLA BD . 35.55 28.88 -45.57
C2A CLA BD . 35.68 30.36 -45.25
C3A CLA BD . 34.48 30.62 -44.31
C4A CLA BD . 33.64 29.36 -44.46
CMA CLA BD . 34.93 30.85 -42.88
CAA CLA BD . 35.54 31.20 -46.50
CBA CLA BD . 34.72 30.52 -47.58
CGA CLA BD . 33.55 31.36 -48.00
O1A CLA BD . 32.62 31.06 -48.74
O2A CLA BD . 33.57 32.61 -47.46
NB CLA BD . 31.86 26.92 -44.38
C1B CLA BD . 31.49 28.18 -44.05
C2B CLA BD . 30.04 28.22 -43.74
C3B CLA BD . 29.56 26.94 -43.91
C4B CLA BD . 30.72 26.09 -44.31
CMB CLA BD . 29.33 29.44 -43.33
CAB CLA BD . 28.23 26.42 -43.73
CBB CLA BD . 27.29 26.41 -44.68
NC CLA BD . 32.95 24.45 -45.55
C1C CLA BD . 31.73 23.98 -45.15
C2C CLA BD . 31.62 22.57 -45.48
C3C CLA BD . 32.79 22.22 -46.16
C4C CLA BD . 33.62 23.41 -46.20
CMC CLA BD . 30.46 21.73 -45.19
CAC CLA BD . 33.14 20.90 -46.71
CBC CLA BD . 32.98 20.83 -48.20
ND CLA BD . 35.30 25.84 -46.20
C1D CLA BD . 35.69 24.62 -46.83
C2D CLA BD . 37.02 24.79 -47.43
C3D CLA BD . 37.38 26.10 -47.21
C4D CLA BD . 36.27 26.72 -46.47
CMD CLA BD . 37.75 23.73 -48.14
CAD CLA BD . 38.41 27.13 -47.39
OBD CLA BD . 39.55 27.03 -47.84
CBD CLA BD . 37.81 28.46 -46.86
CGD CLA BD . 38.73 29.14 -45.87
O1D CLA BD . 38.77 30.34 -45.58
O2D CLA BD . 39.59 28.30 -45.24
CED CLA BD . 39.78 28.45 -43.83
C1 CLA BD . 32.61 33.55 -47.97
MG CLA CD . 23.74 12.26 -80.95
CHA CLA CD . 21.59 11.76 -83.65
CHB CLA CD . 25.80 9.84 -82.13
CHC CLA CD . 25.85 12.87 -78.31
CHD CLA CD . 21.59 14.83 -79.80
NA CLA CD . 23.68 11.00 -82.62
C1A CLA CD . 22.71 10.96 -83.63
C2A CLA CD . 23.08 9.90 -84.67
C3A CLA CD . 24.39 9.28 -84.14
C4A CLA CD . 24.66 10.09 -82.88
CMA CLA CD . 24.25 7.81 -83.87
CAA CLA CD . 23.36 10.56 -86.01
CBA CLA CD . 23.73 9.55 -87.07
CGA CLA CD . 22.69 8.47 -87.13
O1A CLA CD . 22.85 7.25 -87.14
O2A CLA CD . 21.41 8.98 -87.16
NB CLA CD . 25.54 11.56 -80.38
C1B CLA CD . 26.16 10.49 -80.94
C2B CLA CD . 27.30 10.06 -80.08
C3B CLA CD . 27.33 10.90 -79.00
C4B CLA CD . 26.20 11.87 -79.16
CMB CLA CD . 28.16 8.92 -80.41
CAB CLA CD . 28.24 10.87 -77.88
CBB CLA CD . 28.66 11.88 -77.11
NC CLA CD . 23.71 13.59 -79.34
C1C CLA CD . 24.68 13.68 -78.39
C2C CLA CD . 24.35 14.74 -77.42
C3C CLA CD . 23.14 15.29 -77.84
C4C CLA CD . 22.76 14.58 -79.05
CMC CLA CD . 25.16 15.10 -76.26
CAC CLA CD . 22.40 16.40 -77.22
CBC CLA CD . 21.19 15.94 -76.43
ND CLA CD . 21.95 13.04 -81.45
C1D CLA CD . 21.21 14.12 -80.91
C2D CLA CD . 20.00 14.34 -81.73
C3D CLA CD . 20.08 13.43 -82.78
C4D CLA CD . 21.33 12.68 -82.58
CMD CLA CD . 18.98 15.33 -81.40
CAD CLA CD . 19.44 12.91 -83.98
OBD CLA CD . 18.33 13.15 -84.46
CBD CLA CD . 20.44 11.90 -84.62
CGD CLA CD . 19.78 10.59 -84.96
O1D CLA CD . 19.05 10.34 -85.93
O2D CLA CD . 20.02 9.59 -84.07
CED CLA CD . 19.04 8.55 -83.95
C1 CLA CD . 20.97 9.52 -88.41
FE1 SF4 DD . -25.60 8.13 -6.72
FE2 SF4 DD . -28.18 8.91 -7.17
FE3 SF4 DD . -26.74 7.73 -9.18
FE4 SF4 DD . -26.12 10.27 -8.36
S1 SF4 DD . -28.05 9.58 -9.35
S2 SF4 DD . -24.66 8.55 -8.76
S3 SF4 DD . -26.56 10.12 -6.13
S4 SF4 DD . -27.37 6.78 -7.20
FE1 SF4 ED . -31.85 1.09 -15.12
FE2 SF4 ED . -33.48 2.54 -13.46
FE3 SF4 ED . -34.17 0.00 -14.18
FE4 SF4 ED . -34.26 2.01 -16.02
S1 SF4 ED . -35.53 1.82 -14.14
S2 SF4 ED . -33.40 -0.07 -16.32
S3 SF4 ED . -32.48 3.27 -15.37
S4 SF4 ED . -32.37 0.61 -12.95
MG CLA FD . -9.59 -20.68 -15.11
CHA CLA FD . -10.04 -24.04 -15.81
CHB CLA FD . -10.08 -21.31 -11.79
CHC CLA FD . -8.83 -17.40 -14.42
CHD CLA FD . -9.07 -20.07 -18.56
NA CLA FD . -10.04 -22.40 -14.02
C1A CLA FD . -10.17 -23.71 -14.49
C2A CLA FD . -10.49 -24.68 -13.35
C3A CLA FD . -10.70 -23.74 -12.13
C4A CLA FD . -10.24 -22.39 -12.66
CMA CLA FD . -12.14 -23.74 -11.70
CAA CLA FD . -9.30 -25.60 -13.10
CBA CLA FD . -8.27 -25.00 -12.17
CGA CLA FD . -6.90 -25.56 -12.44
O1A CLA FD . -6.50 -26.20 -13.42
O2A CLA FD . -6.00 -25.29 -11.45
NB CLA FD . -9.50 -19.57 -13.43
C1B CLA FD . -9.68 -20.02 -12.16
C2B CLA FD . -9.40 -18.93 -11.19
C3B CLA FD . -9.05 -17.82 -11.92
C4B CLA FD . -9.11 -18.21 -13.36
CMB CLA FD . -9.51 -19.09 -9.74
CAB CLA FD . -8.69 -16.50 -11.48
CBB CLA FD . -9.40 -15.40 -11.72
NC CLA FD . -9.10 -19.03 -16.28
C1C CLA FD . -8.84 -17.78 -15.80
C2C CLA FD . -8.51 -16.87 -16.90
C3C CLA FD . -8.57 -17.62 -18.07
C4C CLA FD . -8.94 -18.98 -17.68
CMC CLA FD . -8.16 -15.45 -16.74
CAC CLA FD . -8.29 -17.13 -19.43
CBC CLA FD . -9.47 -16.45 -20.09
ND CLA FD . -9.65 -21.73 -16.84
C1D CLA FD . -9.41 -21.36 -18.18
C2D CLA FD . -9.52 -22.57 -19.04
C3D CLA FD . -9.74 -23.62 -18.18
C4D CLA FD . -9.80 -23.06 -16.82
CMD CLA FD . -9.36 -22.57 -20.50
CAD CLA FD . -9.97 -25.06 -18.06
OBD CLA FD . -10.03 -25.92 -18.93
CBD CLA FD . -10.13 -25.37 -16.54
CGD CLA FD . -11.42 -26.08 -16.23
O1D CLA FD . -12.56 -25.62 -16.28
O2D CLA FD . -11.25 -27.38 -15.86
CED CLA FD . -11.96 -28.37 -16.59
C1 CLA FD . -5.04 -26.32 -11.12
C2 CLA FD . -5.13 -26.52 -9.65
C3 CLA FD . -4.14 -27.06 -8.93
C4 CLA FD . -2.86 -27.50 -9.53
C5 CLA FD . -4.29 -27.23 -7.46
C6 CLA FD . -3.07 -26.82 -6.66
C7 CLA FD . -3.34 -26.93 -5.18
C8 CLA FD . -2.08 -27.17 -4.37
C9 CLA FD . -1.87 -28.66 -4.13
C10 CLA FD . -2.13 -26.43 -3.04
MG CLA GD . 1.04 -32.62 -16.54
CHA CLA GD . -0.27 -35.10 -18.58
CHB CLA GD . 4.10 -34.09 -16.73
CHC CLA GD . 2.32 -30.05 -14.68
CHD CLA GD . -2.18 -31.14 -16.36
NA CLA GD . 1.76 -34.34 -17.48
C1A CLA GD . 1.05 -35.24 -18.30
C2A CLA GD . 1.97 -36.37 -18.77
C3A CLA GD . 3.30 -36.09 -18.05
C4A CLA GD . 3.06 -34.75 -17.37
CMA CLA GD . 3.66 -37.19 -17.07
CAA CLA GD . 2.15 -36.32 -20.28
CBA CLA GD . 1.77 -37.65 -20.88
CGA CLA GD . 3.01 -38.42 -21.23
O1A CLA GD . 4.06 -38.02 -21.73
O2A CLA GD . 2.89 -39.74 -20.94
NB CLA GD . 2.85 -32.19 -15.79
C1B CLA GD . 4.00 -32.85 -16.08
C2B CLA GD . 5.18 -32.08 -15.59
C3B CLA GD . 4.68 -30.93 -15.00
C4B CLA GD . 3.20 -30.99 -15.13
CMB CLA GD . 6.54 -32.56 -15.77
CAB CLA GD . 5.33 -29.82 -14.36
CBB CLA GD . 6.57 -29.77 -13.86
NC CLA GD . 0.20 -30.93 -15.65
C1C CLA GD . 0.91 -30.02 -14.92
C2C CLA GD . 0.03 -28.97 -14.43
C3C CLA GD . -1.24 -29.26 -14.92
C4C CLA GD . -1.12 -30.50 -15.68
CMC CLA GD . 0.45 -27.83 -13.60
CAC CLA GD . -2.48 -28.48 -14.71
CBC CLA GD . -3.12 -28.75 -13.36
ND CLA GD . -0.82 -32.97 -17.26
C1D CLA GD . -2.06 -32.30 -17.11
C2D CLA GD . -3.10 -33.01 -17.87
C3D CLA GD . -2.47 -34.08 -18.48
C4D CLA GD . -1.06 -34.01 -18.06
CMD CLA GD . -4.51 -32.60 -17.96
CAD CLA GD . -2.61 -35.22 -19.35
OBD CLA GD . -3.60 -35.62 -19.97
CBD CLA GD . -1.22 -35.94 -19.42
CGD CLA GD . -1.27 -37.38 -19.00
O1D CLA GD . -0.94 -37.86 -17.92
O2D CLA GD . -1.77 -38.20 -19.96
CED CLA GD . -2.07 -39.55 -19.60
C1 CLA GD . 3.19 -40.13 -19.59
MG CLA HD . 20.35 -22.94 -36.69
CHA CLA HD . 20.22 -26.32 -37.48
CHB CLA HD . 16.97 -22.71 -37.10
CHC CLA HD . 20.51 -19.65 -35.74
CHD CLA HD . 23.87 -23.21 -36.37
NA CLA HD . 18.86 -24.32 -37.21
C1A CLA HD . 19.01 -25.68 -37.48
C2A CLA HD . 17.65 -26.31 -37.81
C3A CLA HD . 16.67 -25.12 -37.78
C4A CLA HD . 17.54 -23.95 -37.32
CMA CLA HD . 16.07 -24.89 -39.14
CAA CLA HD . 17.27 -27.32 -36.73
CBA CLA HD . 15.80 -27.29 -36.38
CGA CLA HD . 15.13 -28.53 -36.88
O1A CLA HD . 13.93 -28.79 -36.98
O2A CLA HD . 16.02 -29.50 -37.26
NB CLA HD . 19.00 -21.47 -36.45
C1B CLA HD . 17.66 -21.56 -36.69
C2B CLA HD . 17.01 -20.24 -36.47
C3B CLA HD . 18.01 -19.36 -36.09
C4B CLA HD . 19.28 -20.14 -36.06
CMB CLA HD . 15.58 -20.01 -36.66
CAB CLA HD . 17.95 -17.96 -35.75
CBB CLA HD . 17.22 -17.03 -36.36
NC CLA HD . 21.91 -21.67 -36.15
C1C CLA HD . 21.75 -20.36 -35.78
C2C CLA HD . 23.04 -19.78 -35.44
C3C CLA HD . 24.00 -20.77 -35.64
C4C CLA HD . 23.28 -21.96 -36.09
CMC CLA HD . 23.24 -18.41 -34.98
CAC CLA HD . 25.45 -20.67 -35.43
CBC CLA HD . 26.16 -20.09 -36.63
ND CLA HD . 21.77 -24.37 -36.88
C1D CLA HD . 23.18 -24.35 -36.75
C2D CLA HD . 23.72 -25.70 -37.03
C3D CLA HD . 22.62 -26.50 -37.29
C4D CLA HD . 21.44 -25.62 -37.20
CMD CLA HD . 25.14 -26.05 -37.00
CAD CLA HD . 22.15 -27.83 -37.64
OBD CLA HD . 22.79 -28.87 -37.80
CBD CLA HD . 20.60 -27.75 -37.79
CGD CLA HD . 20.13 -28.14 -39.16
O1D CLA HD . 20.57 -27.75 -40.24
O2D CLA HD . 19.08 -29.00 -39.17
CED CLA HD . 18.21 -28.98 -40.29
C1 CLA HD . 15.55 -30.47 -38.23
C1 BCR ID . -4.26 -25.47 -28.56
C2 BCR ID . -4.20 -26.62 -27.55
C3 BCR ID . -2.79 -27.15 -27.43
C4 BCR ID . -2.40 -27.82 -28.74
C5 BCR ID . -2.74 -26.93 -29.91
C6 BCR ID . -3.41 -25.77 -29.76
C7 BCR ID . -3.32 -24.72 -30.80
C8 BCR ID . -2.17 -24.10 -31.05
C9 BCR ID . -2.08 -23.05 -32.09
C10 BCR ID . -0.90 -22.56 -32.43
C11 BCR ID . -0.79 -21.52 -33.45
C33 BCR ID . -2.35 -27.40 -31.29
C31 BCR ID . -3.74 -24.20 -27.90
C32 BCR ID . -5.69 -25.26 -29.03
C34 BCR ID . -3.34 -22.55 -32.75
C12 BCR ID . 0.39 -21.05 -33.80
C13 BCR ID . 0.49 -20.00 -34.83
C14 BCR ID . 1.68 -19.56 -35.23
C15 BCR ID . 2.90 -20.12 -34.65
C16 BCR ID . 4.09 -19.62 -35.02
C17 BCR ID . 5.29 -20.20 -34.45
C18 BCR ID . 6.50 -19.76 -34.83
C19 BCR ID . 7.70 -20.36 -34.23
C20 BCR ID . 8.92 -20.02 -34.62
C21 BCR ID . 10.05 -20.68 -33.97
C22 BCR ID . 11.31 -20.34 -34.23
C23 BCR ID . 12.38 -21.07 -33.53
C24 BCR ID . 13.66 -20.84 -33.82
C25 BCR ID . 14.75 -21.57 -33.12
C26 BCR ID . 15.03 -22.83 -33.47
C27 BCR ID . 16.06 -23.62 -32.70
C28 BCR ID . 17.21 -22.67 -32.39
C29 BCR ID . 16.70 -21.57 -31.48
C30 BCR ID . 15.51 -20.81 -32.05
C35 BCR ID . -0.76 -19.43 -35.43
C36 BCR ID . 6.63 -18.67 -35.84
C37 BCR ID . 11.63 -19.25 -35.21
C38 BCR ID . 14.36 -23.49 -34.63
C39 BCR ID . 16.00 -19.51 -32.67
C40 BCR ID . 14.55 -20.50 -30.91
C7 UIX JD . 18.57 0.03 -52.52
C8 UIX JD . 21.19 0.77 -54.42
C9 UIX JD . 21.38 -0.64 -52.40
O1 UIX JD . 22.65 4.08 -52.24
C1 UIX JD . 19.22 2.54 -52.09
C5 UIX JD . 21.60 3.17 -52.56
C6 UIX JD . 17.97 2.51 -51.21
C4 UIX JD . 22.07 1.74 -52.33
O4 UIX JD . 4.71 -4.86 -75.25
C3 UIX JD . 20.41 3.40 -51.65
O3 UIX JD . 9.55 -5.87 -70.48
C2 UIX JD . 21.05 0.76 -52.91
C UIX JD . 19.62 1.12 -52.51
O UIX JD . 19.15 2.10 -53.44
C10 UIX JD . 18.01 -0.24 -53.69
C11 UIX JD . 16.96 -1.26 -53.90
C12 UIX JD . 16.43 -2.09 -52.77
C13 UIX JD . 16.49 -1.39 -55.14
C14 UIX JD . 15.45 -2.32 -55.55
C15 UIX JD . 5.83 -5.83 -70.19
C16 UIX JD . 8.32 -6.55 -70.75
C17 UIX JD . 5.60 -6.25 -71.62
C18 UIX JD . 6.68 -5.60 -72.47
C19 UIX JD . 7.99 -6.34 -72.23
C20 UIX JD . 7.28 -6.02 -69.80
C21 UIX JD . 4.96 -6.66 -69.25
C22 UIX JD . 5.50 -4.35 -70.02
C23 UIX JD . 15.15 -2.29 -56.83
C24 UIX JD . 8.53 -8.04 -70.46
C25 UIX JD . 7.60 -5.77 -68.63
C26 UIX JD . 14.12 -3.14 -57.46
C27 UIX JD . 5.46 -4.64 -74.31
C28 UIX JD . 7.88 -5.56 -67.41
O2 UIX JD . 6.33 -5.71 -73.85
C29 UIX JD . 13.30 -4.09 -56.65
C30 UIX JD . 13.93 -3.00 -58.77
C31 UIX JD . 5.48 -3.32 -73.62
C32 UIX JD . 8.98 -4.71 -66.92
C33 UIX JD . 9.55 -3.59 -67.73
C34 UIX JD . 12.93 -3.75 -59.52
C35 UIX JD . 9.42 -5.00 -65.69
C36 UIX JD . 10.49 -4.26 -65.02
C37 UIX JD . 12.85 -3.53 -60.83
C38 UIX JD . 10.74 -4.62 -63.76
C39 UIX JD . 11.86 -4.21 -61.65
C40 UIX JD . 11.77 -3.94 -62.96
C41 UIX JD . 12.70 -2.95 -63.60
MG CLA KD . 6.11 4.47 -52.70
CHA CLA KD . 4.78 7.35 -54.11
CHB CLA KD . 4.02 2.57 -54.59
CHC CLA KD . 7.58 1.66 -51.38
CHD CLA KD . 8.27 6.49 -50.75
NA CLA KD . 4.63 4.92 -54.11
C1A CLA KD . 4.23 6.18 -54.56
C2A CLA KD . 3.12 6.05 -55.60
C3A CLA KD . 2.82 4.53 -55.64
C4A CLA KD . 3.89 3.94 -54.73
CMA CLA KD . 1.42 4.22 -55.16
CAA CLA KD . 3.60 6.51 -56.97
CBA CLA KD . 4.99 6.01 -57.28
CGA CLA KD . 5.36 6.28 -58.70
O1A CLA KD . 4.89 5.77 -59.72
O2A CLA KD . 6.34 7.22 -58.84
NB CLA KD . 5.86 2.49 -52.96
C1B CLA KD . 4.95 1.90 -53.77
C2B CLA KD . 5.05 0.42 -53.66
C3B CLA KD . 6.05 0.15 -52.76
C4B CLA KD . 6.57 1.47 -52.29
CMB CLA KD . 4.20 -0.51 -54.41
CAB CLA KD . 6.56 -1.10 -52.27
CBB CLA KD . 5.85 -2.03 -51.63
NC CLA KD . 7.63 4.14 -51.30
C1C CLA KD . 8.07 2.91 -50.91
C2C CLA KD . 9.14 3.05 -49.94
C3C CLA KD . 9.35 4.42 -49.75
C4C CLA KD . 8.39 5.10 -50.62
CMC CLA KD . 9.84 1.94 -49.30
CAC CLA KD . 10.32 5.05 -48.85
CBC CLA KD . 9.85 5.14 -47.43
ND CLA KD . 6.45 6.44 -52.40
C1D CLA KD . 7.38 7.14 -51.57
C2D CLA KD . 7.21 8.60 -51.78
C3D CLA KD . 6.22 8.74 -52.74
C4D CLA KD . 5.79 7.37 -53.10
CMD CLA KD . 7.97 9.64 -51.09
CAD CLA KD . 5.43 9.67 -53.54
OBD CLA KD . 5.44 10.89 -53.55
CBD CLA KD . 4.50 8.81 -54.45
CGD CLA KD . 3.06 9.16 -54.26
O1D CLA KD . 2.28 8.74 -53.39
O2D CLA KD . 2.57 10.05 -55.18
CED CLA KD . 1.26 10.57 -54.99
C1 CLA KD . 7.33 7.00 -59.85
C2 CLA KD . 8.46 7.90 -59.56
C3 CLA KD . 9.68 7.78 -60.11
C4 CLA KD . 9.99 6.69 -61.07
C5 CLA KD . 10.78 8.72 -59.77
C6 CLA KD . 11.79 8.09 -58.81
C7 CLA KD . 11.93 8.92 -57.56
C8 CLA KD . 13.21 9.75 -57.57
C9 CLA KD . 13.99 9.55 -56.28
C10 CLA KD . 12.90 11.23 -57.77
C DD6 LD . 25.57 17.33 -54.04
C1 DD6 LD . 26.95 17.64 -53.52
C10 DD6 LD . 28.10 8.17 -52.79
C11 DD6 LD . 28.61 7.02 -52.36
C12 DD6 LD . 29.98 6.97 -51.74
C13 DD6 LD . 27.81 5.79 -52.51
C14 DD6 LD . 28.35 4.58 -52.42
C15 DD6 LD . 27.45 3.38 -52.58
C16 DD6 LD . 27.11 2.54 -51.35
C17 DD6 LD . 26.85 1.09 -51.73
C18 DD6 LD . 25.87 1.00 -52.89
C19 DD6 LD . 26.57 1.48 -54.16
C2 DD6 LD . 27.77 16.66 -53.15
C20 DD6 LD . 27.15 2.88 -53.98
C21 DD6 LD . 27.87 3.54 -55.14
C22 DD6 LD . 25.89 3.13 -50.67
C23 DD6 LD . 28.28 2.59 -50.38
C24 DD6 LD . 27.41 19.04 -53.41
C25 DD6 LD . 26.61 20.07 -53.67
C26 DD6 LD . 27.17 21.40 -53.51
C27 DD6 LD . 26.49 22.49 -53.88
C28 DD6 LD . 25.11 22.39 -54.49
C29 DD6 LD . 27.02 23.61 -53.72
C3 DD6 LD . 27.37 15.26 -53.22
C30 DD6 LD . 27.56 24.67 -53.58
C31 DD6 LD . 28.16 25.75 -53.43
C32 DD6 LD . 29.66 25.74 -53.55
C33 DD6 LD . 30.30 27.09 -53.25
C34 DD6 LD . 29.42 28.27 -53.61
C35 DD6 LD . 28.15 28.14 -52.79
C36 DD6 LD . 27.46 26.86 -53.20
C37 DD6 LD . 25.96 26.85 -53.35
C4 DD6 LD . 28.25 14.30 -52.99
C40 DD6 LD . 30.02 25.31 -54.96
C41 DD6 LD . 30.19 24.70 -52.57
C5 DD6 LD . 27.82 12.92 -53.06
C6 DD6 LD . 28.66 11.89 -52.94
C7 DD6 LD . 30.13 12.11 -52.74
C8 DD6 LD . 28.11 10.53 -53.01
C9 DD6 LD . 28.80 9.44 -52.69
O1 DD6 LD . 26.27 3.75 -53.29
O2 DD6 LD . 25.46 -0.36 -53.07
O4 DD6 LD . 30.08 29.49 -53.26
C1 BCR MD . 16.69 28.55 -10.52
C2 BCR MD . 17.66 29.62 -11.02
C3 BCR MD . 17.93 30.65 -9.93
C4 BCR MD . 16.66 31.43 -9.61
C5 BCR MD . 15.47 30.51 -9.71
C6 BCR MD . 15.66 29.19 -9.64
C7 BCR MD . 14.92 28.29 -8.72
C8 BCR MD . 14.14 28.73 -7.74
C9 BCR MD . 13.45 27.78 -6.86
C10 BCR MD . 13.18 28.18 -5.62
C11 BCR MD . 12.51 27.32 -4.65
C33 BCR MD . 14.12 31.12 -9.95
C31 BCR MD . 17.45 27.54 -9.68
C32 BCR MD . 16.01 27.86 -11.69
C34 BCR MD . 13.09 26.41 -7.33
C12 BCR MD . 12.51 27.78 -3.40
C13 BCR MD . 11.90 27.09 -2.27
C14 BCR MD . 12.07 27.63 -1.06
C15 BCR MD . 11.52 27.00 0.12
C16 BCR MD . 11.66 27.58 1.30
C17 BCR MD . 11.11 26.89 2.45
C18 BCR MD . 11.42 27.25 3.70
C19 BCR MD . 10.85 26.48 4.80
C20 BCR MD . 11.36 26.57 6.02
C21 BCR MD . 10.75 25.74 7.06
C22 BCR MD . 11.33 25.62 8.25
C23 BCR MD . 10.68 24.76 9.26
C24 BCR MD . 11.45 23.92 9.95
C25 BCR MD . 10.97 22.99 10.98
C26 BCR MD . 9.69 22.72 11.23
C27 BCR MD . 9.23 21.28 11.20
C28 BCR MD . 10.36 20.38 11.69
C29 BCR MD . 11.35 21.13 12.56
C30 BCR MD . 12.03 22.24 11.76
C35 BCR MD . 11.14 25.81 -2.45
C36 BCR MD . 12.35 28.40 3.96
C37 BCR MD . 12.59 26.33 8.56
C38 BCR MD . 8.68 23.78 11.61
C39 BCR MD . 13.02 21.65 10.78
C40 BCR MD . 12.72 23.22 12.69
C1 LMG ND . -23.97 -46.60 4.52
O1 LMG ND . -22.64 -46.42 4.93
C2 LMG ND . -24.79 -46.81 5.82
O2 LMG ND . -24.47 -48.08 6.26
C3 LMG ND . -26.29 -46.81 5.42
O3 LMG ND . -26.99 -46.88 6.63
C4 LMG ND . -26.63 -45.50 4.69
O4 LMG ND . -26.39 -44.43 5.54
C5 LMG ND . -25.65 -45.39 3.48
O5 LMG ND . -27.10 -44.29 1.99
C6 LMG ND . -25.93 -44.06 2.73
O6 LMG ND . -24.31 -45.37 3.91
C7 LMG ND . -21.70 -47.23 4.27
C8 LMG ND . -20.33 -46.48 4.33
C9 LMG ND . -19.63 -46.86 5.66
O7 LMG ND . -19.51 -46.97 3.30
C10 LMG ND . -18.95 -46.08 2.43
O9 LMG ND . -19.38 -46.03 1.29
C11 LMG ND . -17.62 -45.61 2.90
C12 LMG ND . -16.86 -44.93 1.78
C13 LMG ND . -15.36 -44.94 1.99
C14 LMG ND . -15.06 -44.06 3.20
C15 LMG ND . -13.59 -43.75 3.22
O8 LMG ND . -18.99 -48.10 5.43
C28 LMG ND . -17.63 -48.10 5.34
O10 LMG ND . -17.11 -48.49 4.30
C29 LMG ND . -16.95 -47.36 6.43
C30 LMG ND . -15.46 -47.23 6.15
C31 LMG ND . -14.72 -47.72 7.37
C32 LMG ND . -13.23 -47.76 7.03
C33 LMG ND . -12.82 -46.35 6.65
C34 LMG ND . -11.43 -46.11 7.18
C35 LMG ND . -10.50 -47.04 6.43
C36 LMG ND . -9.83 -46.23 5.37
C37 LMG ND . -8.51 -46.89 5.06
C1 BCR OD . 0.41 -27.40 10.47
C2 BCR OD . -1.05 -27.78 10.67
C3 BCR OD . -1.24 -29.28 10.74
C4 BCR OD . -0.79 -29.91 9.44
C5 BCR OD . 0.65 -29.55 9.21
C6 BCR OD . 1.10 -28.31 9.48
C7 BCR OD . 2.33 -27.82 8.81
C8 BCR OD . 2.30 -27.54 7.51
C9 BCR OD . 3.48 -27.04 6.79
C10 BCR OD . 3.58 -27.33 5.49
C11 BCR OD . 4.70 -26.88 4.66
C33 BCR OD . 1.57 -30.61 8.69
C31 BCR OD . 1.16 -27.49 11.79
C32 BCR OD . 0.49 -25.97 9.94
C34 BCR OD . 4.54 -26.25 7.50
C12 BCR OD . 4.84 -27.51 3.50
C13 BCR OD . 5.89 -27.18 2.53
C14 BCR OD . 6.16 -28.06 1.56
C15 BCR OD . 7.17 -27.76 0.56
C16 BCR OD . 7.23 -28.55 -0.50
C17 BCR OD . 8.19 -28.27 -1.55
C18 BCR OD . 8.12 -28.94 -2.71
C19 BCR OD . 9.07 -28.63 -3.79
C20 BCR OD . 8.73 -28.90 -5.04
C21 BCR OD . 9.67 -28.58 -6.11
C22 BCR OD . 9.41 -28.89 -7.37
C23 BCR OD . 10.38 -28.54 -8.41
C24 BCR OD . 10.29 -29.06 -9.64
C25 BCR OD . 11.26 -28.72 -10.70
C26 BCR OD . 12.44 -29.36 -10.80
C27 BCR OD . 13.16 -29.45 -12.13
C28 BCR OD . 12.19 -29.07 -13.24
C29 BCR OD . 11.65 -27.68 -12.97
C30 BCR OD . 10.85 -27.64 -11.68
C35 BCR OD . 6.62 -25.88 2.61
C36 BCR OD . 7.05 -29.98 -2.92
C37 BCR OD . 8.12 -29.58 -7.74
C38 BCR OD . 13.08 -30.00 -9.61
C39 BCR OD . 9.37 -27.85 -12.00
C40 BCR OD . 11.01 -26.29 -11.01
C1A DGD PD . -17.10 -47.02 11.77
C2A DGD PD . -15.72 -46.47 11.52
C3A DGD PD . -15.21 -45.81 12.80
C4A DGD PD . -14.12 -44.78 12.48
C5A DGD PD . -13.04 -45.38 11.59
C6A DGD PD . -11.97 -44.33 11.27
O1A DGD PD . -17.55 -47.09 12.90
C1B DGD PD . -19.56 -44.94 8.73
C2B DGD PD . -18.44 -43.98 9.04
C3B DGD PD . -17.34 -44.08 7.98
C4B DGD PD . -16.16 -43.18 8.33
C5B DGD PD . -15.13 -43.18 7.21
O1B DGD PD . -20.63 -44.52 8.32
O1G DGD PD . -17.91 -47.46 10.65
C1G DGD PD . -19.26 -47.82 10.84
C2G DGD PD . -20.12 -46.83 10.07
O2G DGD PD . -19.38 -46.37 8.93
C3G DGD PD . -21.44 -47.46 9.65
O3G DGD PD . -22.35 -46.40 9.37
C1D DGD PD . -23.57 -46.56 10.09
C2D DGD PD . -24.27 -45.22 10.21
O2D DGD PD . -23.42 -44.31 10.92
C3D DGD PD . -25.57 -45.39 10.98
O3D DGD PD . -26.30 -44.16 10.99
C4D DGD PD . -26.42 -46.48 10.33
O4D DGD PD . -26.91 -46.01 9.07
C5D DGD PD . -25.61 -47.75 10.13
O5D DGD PD . -27.74 -48.84 9.97
C6D DGD PD . -26.43 -48.80 9.39
O6D DGD PD . -24.42 -47.47 9.39
C1E DGD PD . -28.57 -49.80 9.34
C2E DGD PD . -30.02 -49.52 9.71
O2E DGD PD . -30.35 -48.16 9.37
C3E DGD PD . -30.24 -49.72 11.20
O3E DGD PD . -31.63 -49.57 11.53
C4E DGD PD . -29.78 -51.12 11.59
O4E DGD PD . -30.59 -52.09 10.93
C5E DGD PD . -28.33 -51.31 11.18
O6E DGD PD . -28.21 -51.12 9.77
C6E DGD PD . -27.86 -52.71 11.56
O5E DGD PD . -26.48 -52.87 11.23
MG CLA QD . -10.22 -25.05 -2.18
CHA CLA QD . -10.37 -24.06 -5.52
CHB CLA QD . -6.99 -24.00 -2.01
CHC CLA QD . -10.16 -26.02 1.11
CHD CLA QD . -13.62 -26.03 -2.40
NA CLA QD . -8.92 -24.17 -3.55
C1A CLA QD . -9.16 -23.83 -4.90
C2A CLA QD . -7.93 -23.21 -5.54
C3A CLA QD . -6.86 -23.26 -4.42
C4A CLA QD . -7.62 -23.85 -3.23
CMA CLA QD . -5.68 -24.10 -4.81
CAA CLA QD . -8.18 -21.76 -5.94
CBA CLA QD . -7.01 -21.14 -6.68
CGA CLA QD . -6.64 -21.95 -7.87
O1A CLA QD . -6.18 -23.10 -7.92
O2A CLA QD . -6.85 -21.30 -9.06
NB CLA QD . -8.83 -25.05 -0.74
C1B CLA QD . -7.58 -24.53 -0.85
C2B CLA QD . -6.88 -24.60 0.47
C3B CLA QD . -7.76 -25.17 1.37
C4B CLA QD . -9.02 -25.46 0.61
CMB CLA QD . -5.51 -24.11 0.68
CAB CLA QD . -7.57 -25.43 2.77
CBB CLA QD . -7.95 -26.52 3.44
NC CLA QD . -11.64 -25.90 -0.90
C1C CLA QD . -11.38 -26.23 0.41
C2C CLA QD . -12.58 -26.82 1.01
C3C CLA QD . -13.56 -26.80 0.03
C4C CLA QD . -12.96 -26.21 -1.16
CMC CLA QD . -12.67 -27.32 2.38
CAC CLA QD . -14.95 -27.29 0.16
CBC CLA QD . -15.07 -28.75 -0.19
ND CLA QD . -11.70 -25.06 -3.57
C1D CLA QD . -13.06 -25.49 -3.53
C2D CLA QD . -13.66 -25.30 -4.87
C3D CLA QD . -12.66 -24.78 -5.68
C4D CLA QD . -11.48 -24.64 -4.81
CMD CLA QD . -15.03 -25.64 -5.23
CAD CLA QD . -12.31 -24.31 -7.01
OBD CLA QD . -12.98 -24.31 -8.04
CBD CLA QD . -10.83 -23.80 -6.93
CGD CLA QD . -9.95 -24.46 -7.96
O1D CLA QD . -9.73 -24.08 -9.12
O2D CLA QD . -9.32 -25.58 -7.51
CED CLA QD . -8.52 -26.32 -8.44
C1 CLA QD . -6.69 -22.07 -10.27
C2 CLA QD . -5.25 -21.98 -10.66
C3 CLA QD . -4.86 -22.12 -11.93
C4 CLA QD . -5.83 -22.36 -13.03
C5 CLA QD . -3.42 -22.04 -12.31
C6 CLA QD . -2.70 -23.37 -12.26
C7 CLA QD . -1.71 -23.40 -11.10
C8 CLA QD . -0.36 -23.97 -11.52
C9 CLA QD . -0.17 -25.35 -10.94
C10 CLA QD . 0.77 -23.05 -11.09
C1 PID RD . 12.22 -40.00 0.49
C2 PID RD . 13.52 -40.69 0.72
C3 PID RD . 14.66 -39.73 0.45
C4 PID RD . 14.58 -39.20 -0.96
C5 PID RD . 13.32 -38.40 -1.27
C6 PID RD . 12.11 -38.85 -0.43
C7 PID RD . 10.76 -38.36 -0.92
C8 PID RD . 10.25 -37.23 -0.43
C9 PID RD . 9.15 -36.48 -0.88
C10 PID RD . 8.33 -36.70 -2.08
C11 PID RD . 8.61 -35.36 -0.24
C12 PID RD . 7.50 -34.88 -0.98
C13 PID RD . 6.67 -33.78 -0.60
C14 PID RD . 5.51 -33.30 -1.09
C15 PID RD . 4.86 -32.31 -0.39
C16 PID RD . 3.63 -31.72 -0.64
C17 PID RD . 2.88 -30.81 0.11
C18 PID RD . 1.62 -30.31 -0.19
C19 PID RD . 0.79 -29.48 0.57
C20 PID RD . -0.45 -28.96 0.25
C21 PID RD . -1.29 -28.13 1.01
C22 PID RD . -2.55 -27.58 0.50
C23 PID RD . -3.66 -28.26 0.49
C24 PID RD . -4.77 -28.94 0.49
C25 PID RD . -5.69 -28.97 -0.74
C26 PID RD . -7.14 -28.78 -0.32
C27 PID RD . -7.54 -29.72 0.80
C28 PID RD . -6.71 -29.43 2.03
C29 PID RD . -5.22 -29.65 1.78
C30 PID RD . -9.91 -30.15 0.51
C31 PID RD . -9.39 -31.38 -0.15
CM1 PID RD . 10.98 -40.79 0.82
CM2 PID RD . 13.04 -38.59 -2.77
CM3 PID RD . 13.65 -36.92 -1.00
CM4 PID RD . 4.89 -33.77 -2.38
CM5 PID RD . -0.90 -27.78 2.39
CM6 PID RD . -5.29 -27.87 -1.73
CM7 PID RD . -5.54 -30.32 -1.45
CM8 PID RD . -4.41 -29.22 2.99
O1 PID RD . 12.23 -38.64 1.00
O2 PID RD . 15.91 -40.39 0.66
O3 PID RD . 8.37 -37.52 -2.95
O4 PID RD . 7.38 -35.68 -2.12
O5 PID RD . -5.08 -31.08 1.61
O6 PID RD . -8.93 -29.48 1.16
O7 PID RD . -11.04 -29.78 0.47
MG CLA SD . 15.33 -26.87 -12.82
CHA CLA SD . 17.35 -29.58 -12.05
CHB CLA SD . 15.26 -27.84 -16.07
CHC CLA SD . 13.27 -24.21 -13.51
CHD CLA SD . 15.48 -25.88 -9.43
NA CLA SD . 16.18 -28.47 -13.87
C1A CLA SD . 16.96 -29.51 -13.37
C2A CLA SD . 17.37 -30.47 -14.48
C3A CLA SD . 16.71 -29.88 -15.74
C4A CLA SD . 15.98 -28.64 -15.21
CMA CLA SD . 17.74 -29.53 -16.79
CAA CLA SD . 16.86 -31.87 -14.21
CBA CLA SD . 15.48 -32.09 -14.79
CGA CLA SD . 15.44 -33.44 -15.43
O1A CLA SD . 16.22 -33.92 -16.26
O2A CLA SD . 14.39 -34.20 -15.01
NB CLA SD . 14.34 -26.24 -14.45
C1B CLA SD . 14.57 -26.68 -15.72
C2B CLA SD . 14.01 -25.71 -16.71
C3B CLA SD . 13.44 -24.69 -16.00
C4B CLA SD . 13.65 -25.00 -14.55
CMB CLA SD . 14.12 -25.91 -18.16
CAB CLA SD . 12.78 -23.49 -16.45
CBB CLA SD . 11.90 -23.40 -17.45
NC CLA SD . 14.52 -25.33 -11.67
C1C CLA SD . 13.68 -24.36 -12.14
C2C CLA SD . 13.27 -23.48 -11.07
C3C CLA SD . 13.92 -23.93 -9.92
C4C CLA SD . 14.69 -25.09 -10.30
CMC CLA SD . 12.37 -22.33 -11.24
CAC CLA SD . 13.82 -23.33 -8.57
CBC CLA SD . 12.62 -23.85 -7.80
ND CLA SD . 16.28 -27.45 -11.13
C1D CLA SD . 16.22 -26.97 -9.79
C2D CLA SD . 17.07 -27.83 -8.94
C3D CLA SD . 17.55 -28.85 -9.76
C4D CLA SD . 16.99 -28.58 -11.10
CMD CLA SD . 17.31 -27.60 -7.52
CAD CLA SD . 18.38 -30.03 -9.85
OBD CLA SD . 19.12 -30.55 -9.03
CBD CLA SD . 18.19 -30.59 -11.31
CGD CLA SD . 19.48 -30.87 -12.01
O1D CLA SD . 19.90 -31.95 -12.43
O2D CLA SD . 20.25 -29.76 -12.21
CED CLA SD . 20.81 -29.57 -13.52
C1 CLA SD . 13.98 -35.26 -15.91
C2 CLA SD . 12.53 -35.10 -16.14
C3 CLA SD . 11.95 -35.44 -17.29
C4 CLA SD . 12.71 -36.01 -18.42
C5 CLA SD . 10.48 -35.24 -17.47
C6 CLA SD . 9.89 -36.11 -18.56
C7 CLA SD . 8.52 -35.60 -18.96
C8 CLA SD . 7.43 -36.63 -18.77
C9 CLA SD . 7.38 -37.13 -17.34
C10 CLA SD . 7.62 -37.80 -19.73
C11 CLA SD . 7.18 -37.45 -21.13
C12 CLA SD . 7.44 -38.58 -22.11
C13 CLA SD . 6.97 -38.21 -23.51
C1A DGD TD . -19.14 -41.07 23.55
C2A DGD TD . -17.82 -40.46 23.92
C3A DGD TD . -16.67 -41.02 23.09
C4A DGD TD . -15.36 -40.53 23.69
C5A DGD TD . -14.14 -41.12 22.97
C6A DGD TD . -13.85 -40.36 21.69
C7A DGD TD . -12.46 -40.70 21.17
O1A DGD TD . -19.22 -41.99 22.75
C1B DGD TD . -21.88 -39.96 27.96
C2B DGD TD . -21.05 -39.35 29.06
C3B DGD TD . -20.72 -37.91 28.69
C4B DGD TD . -19.73 -37.29 29.66
C5B DGD TD . -18.43 -36.95 28.96
C6B DGD TD . -17.91 -35.59 29.39
C7B DGD TD . -16.63 -35.21 28.65
C8B DGD TD . -16.24 -33.77 28.96
C9B DGD TD . -14.88 -33.43 28.35
CAB DGD TD . -13.80 -34.32 28.91
CBB DGD TD . -12.43 -33.97 28.34
CCB DGD TD . -11.35 -34.91 28.88
CDB DGD TD . -10.00 -34.60 28.26
O1B DGD TD . -23.07 -40.18 28.12
O1G DGD TD . -20.34 -40.53 24.16
C1G DGD TD . -21.41 -41.38 24.56
C2G DGD TD . -22.18 -40.67 25.67
O2G DGD TD . -21.25 -40.28 26.68
C3G DGD TD . -22.84 -39.41 25.11
O3G DGD TD . -23.05 -39.56 23.71
C1D DGD TD . -24.33 -39.04 23.35
C2D DGD TD . -24.52 -39.14 21.85
O2D DGD TD . -23.53 -38.36 21.18
C3D DGD TD . -25.92 -38.63 21.49
O3D DGD TD . -26.15 -38.78 20.09
C4D DGD TD . -26.96 -39.41 22.27
O4D DGD TD . -27.00 -40.76 21.79
C5D DGD TD . -26.65 -39.41 23.77
O5D DGD TD . -28.92 -39.97 24.27
C6D DGD TD . -27.58 -40.37 24.49
O6D DGD TD . -25.31 -39.85 24.00
C1E DGD TD . -29.80 -41.07 24.13
C2E DGD TD . -31.15 -40.55 23.61
O2E DGD TD . -30.92 -39.79 22.42
C3E DGD TD . -31.79 -39.68 24.66
O3E DGD TD . -33.10 -39.29 24.22
C4E DGD TD . -31.90 -40.44 25.98
O4E DGD TD . -32.78 -41.57 25.81
C5E DGD TD . -30.52 -40.93 26.40
O6E DGD TD . -29.99 -41.76 25.37
C6E DGD TD . -30.61 -41.72 27.70
O5E DGD TD . -29.37 -42.39 27.95
C1 BCR UD . 15.13 30.84 8.26
C2 BCR UD . 14.83 32.01 7.32
C3 BCR UD . 13.71 32.90 7.84
C4 BCR UD . 14.06 33.45 9.21
C5 BCR UD . 14.38 32.30 10.13
C6 BCR UD . 14.60 31.06 9.66
C7 BCR UD . 14.36 29.91 10.55
C8 BCR UD . 13.11 29.54 10.82
C9 BCR UD . 12.81 28.40 11.71
C10 BCR UD . 11.54 28.27 12.12
C11 BCR UD . 11.09 27.22 13.00
C33 BCR UD . 14.46 32.57 11.61
C31 BCR UD . 16.62 30.65 8.38
C32 BCR UD . 14.50 29.58 7.68
C34 BCR UD . 13.88 27.44 12.14
C12 BCR UD . 9.79 27.29 13.34
C13 BCR UD . 9.13 26.35 14.24
C14 BCR UD . 7.87 26.61 14.58
C15 BCR UD . 7.12 25.77 15.50
C16 BCR UD . 5.87 26.12 15.78
C17 BCR UD . 5.07 25.33 16.70
C18 BCR UD . 3.76 25.56 16.85
C19 BCR UD . 3.01 24.74 17.81
C20 BCR UD . 1.86 25.16 18.33
C21 BCR UD . 1.20 24.28 19.30
C22 BCR UD . 0.08 24.64 19.93
C23 BCR UD . -0.59 25.92 19.69
C24 BCR UD . -1.88 26.00 20.01
C25 BCR UD . -2.69 27.22 19.84
C26 BCR UD . -2.56 28.24 20.68
C27 BCR UD . -3.11 29.58 20.29
C28 BCR UD . -4.55 29.35 19.91
C29 BCR UD . -4.63 28.44 18.69
C30 BCR UD . -3.69 27.23 18.70
C35 BCR UD . 9.85 25.13 14.77
C36 BCR UD . 3.08 26.63 16.06
C37 BCR UD . -0.53 23.69 20.90
C38 BCR UD . -1.93 28.05 22.02
C39 BCR UD . -2.90 27.23 17.39
C40 BCR UD . -4.50 25.95 18.80
MG CLA VD . -3.00 39.29 29.74
CHA CLA VD . -4.04 42.40 30.89
CHB CLA VD . -0.05 40.65 28.71
CHC CLA VD . -1.97 36.17 28.77
CHD CLA VD . -6.10 37.94 30.80
NA CLA VD . -2.20 41.22 29.79
C1A CLA VD . -2.80 42.38 30.30
C2A CLA VD . -1.87 43.57 30.15
C3A CLA VD . -0.73 43.03 29.25
C4A CLA VD . -0.98 41.52 29.25
CMA CLA VD . -0.84 43.64 27.87
CAA CLA VD . -1.32 43.92 31.53
CBA CLA VD . -0.60 42.77 32.21
CGA CLA VD . -1.54 41.92 33.00
O1A CLA VD . -2.56 42.25 33.60
O2A CLA VD . -1.17 40.60 33.04
NB CLA VD . -1.37 38.57 28.80
C1B CLA VD . -0.21 39.26 28.63
C2B CLA VD . 0.92 38.32 28.35
C3B CLA VD . 0.39 37.06 28.37
C4B CLA VD . -1.08 37.19 28.64
CMB CLA VD . 2.29 38.75 28.12
CAB CLA VD . 1.04 35.79 28.16
CBB CLA VD . 1.02 34.75 28.99
NC CLA VD . -3.89 37.40 29.76
C1C CLA VD . -3.29 36.27 29.28
C2C CLA VD . -4.20 35.13 29.42
C3C CLA VD . -5.36 35.62 30.03
C4C CLA VD . -5.16 37.05 30.22
CMC CLA VD . -3.90 33.76 29.02
CAC CLA VD . -6.57 34.86 30.37
CBC CLA VD . -6.72 34.66 31.85
ND CLA VD . -4.66 39.93 30.72
C1D CLA VD . -5.89 39.28 31.04
C2D CLA VD . -6.79 40.26 31.66
C3D CLA VD . -6.13 41.47 31.66
C4D CLA VD . -4.82 41.21 31.02
CMD CLA VD . -8.13 39.95 32.18
CAD CLA VD . -6.17 42.88 32.02
OBD CLA VD . -7.01 43.50 32.66
CBD CLA VD . -4.88 43.53 31.44
CGD CLA VD . -5.26 44.53 30.37
O1D CLA VD . -6.37 44.68 29.85
O2D CLA VD . -4.23 45.32 29.95
CED CLA VD . -4.37 45.96 28.68
C1 CLA VD . -2.04 39.72 33.79
C2 CLA VD . -1.22 38.57 34.25
C3 CLA VD . -1.02 37.48 33.49
C4 CLA VD . -1.60 37.34 32.14
C5 CLA VD . -0.19 36.33 33.98
C6 CLA VD . 1.10 36.19 33.19
C7 CLA VD . 1.88 37.48 33.23
C8 CLA VD . 3.06 37.48 32.27
C9 CLA VD . 3.97 36.30 32.54
C10 CLA VD . 3.85 38.78 32.39
C11 CLA VD . 2.93 39.99 32.44
C12 CLA VD . 3.25 40.99 31.35
C13 CLA VD . 4.13 42.16 31.83
C14 CLA VD . 4.14 42.27 33.34
C15 CLA VD . 3.67 43.48 31.20
C16 CLA VD . 4.25 44.67 31.91
C17 CLA VD . 5.69 44.94 31.50
C18 CLA VD . 6.51 45.50 32.65
C19 CLA VD . 7.29 44.42 33.35
C20 CLA VD . 7.44 46.59 32.17
MG CLA WD . -0.78 31.97 20.57
CHA CLA WD . -2.66 33.86 22.82
CHB CLA WD . 1.20 30.89 23.13
CHC CLA WD . 0.87 29.93 18.36
CHD CLA WD . -2.88 33.07 17.98
NA CLA WD . -0.72 32.37 22.62
C1A CLA WD . -1.61 33.16 23.37
C2A CLA WD . -1.22 33.15 24.85
C3A CLA WD . 0.08 32.32 24.88
C4A CLA WD . 0.21 31.81 23.45
CMA CLA WD . 1.27 33.14 25.32
CAA CLA WD . -2.29 32.43 25.64
CBA CLA WD . -2.54 31.05 25.06
CGA CLA WD . -3.84 30.49 25.56
O1A CLA WD . -4.35 30.64 26.66
O2A CLA WD . -4.49 29.72 24.63
NB CLA WD . 0.71 30.62 20.73
C1B CLA WD . 1.43 30.35 21.85
C2B CLA WD . 2.53 29.41 21.54
C3B CLA WD . 2.45 29.13 20.18
C4B CLA WD . 1.29 29.90 19.65
CMB CLA WD . 3.48 28.94 22.55
CAB CLA WD . 3.26 28.29 19.32
CBB CLA WD . 4.52 27.93 19.51
NC CLA WD . -0.94 31.61 18.53
C1C CLA WD . -0.16 30.73 17.82
C2C CLA WD . -0.58 30.72 16.43
C3C CLA WD . -1.64 31.60 16.31
C4C CLA WD . -1.88 32.16 17.64
CMC CLA WD . 0.05 29.90 15.38
CAC CLA WD . -2.41 31.91 15.09
CBC CLA WD . -3.84 31.44 15.17
ND CLA WD . -2.29 33.29 20.34
C1D CLA WD . -3.09 33.61 19.22
C2D CLA WD . -4.15 34.57 19.63
C3D CLA WD . -4.03 34.70 21.00
C4D CLA WD . -2.88 33.86 21.40
CMD CLA WD . -5.13 35.16 18.72
CAD CLA WD . -4.54 35.34 22.20
OBD CLA WD . -5.40 36.21 22.31
CBD CLA WD . -3.75 34.74 23.40
CGD CLA WD . -3.27 35.80 24.35
O1D CLA WD . -3.95 36.44 25.16
O2D CLA WD . -1.94 36.05 24.29
CED CLA WD . -1.40 36.97 25.24
C1 CLA WD . -5.84 29.36 24.93
C2 CLA WD . -6.47 28.87 23.68
C3 CLA WD . -6.21 27.66 23.15
C4 CLA WD . -6.86 27.21 21.90
C5 CLA WD . -5.26 26.70 23.78
C6 CLA WD . -5.95 25.40 24.14
C7 CLA WD . -5.00 24.21 24.02
C8 CLA WD . -5.73 22.90 24.29
C9 CLA WD . -7.13 22.96 23.74
C10 CLA WD . -5.75 22.57 25.78
C11 CLA WD . -7.02 21.87 26.20
C12 CLA WD . -6.76 20.75 27.18
C13 CLA WD . -6.25 21.29 28.51
C14 CLA WD . -5.33 20.31 29.17
C15 CLA WD . -7.42 21.64 29.43
MG CLA XD . 11.42 29.63 26.99
CHA CLA XD . 12.58 32.04 29.20
CHB CLA XD . 14.62 28.77 26.25
CHC CLA XD . 10.20 27.13 24.98
CHD CLA XD . 8.10 30.53 27.86
NA CLA XD . 13.27 30.32 27.62
C1A CLA XD . 13.56 31.33 28.55
C2A CLA XD . 15.06 31.52 28.74
C3A CLA XD . 15.66 30.57 27.68
C4A CLA XD . 14.46 29.82 27.13
CMA CLA XD . 16.41 31.35 26.62
CAA CLA XD . 15.46 31.04 30.13
CBA CLA XD . 16.96 30.90 30.26
CGA CLA XD . 17.54 32.20 30.71
O1A CLA XD . 18.70 32.61 30.60
O2A CLA XD . 16.61 33.00 31.33
NB CLA XD . 12.26 28.26 25.77
C1B CLA XD . 13.58 28.01 25.67
C2B CLA XD . 13.81 26.80 24.84
C3B CLA XD . 12.56 26.32 24.47
C4B CLA XD . 11.56 27.25 25.07
CMB CLA XD . 15.14 26.27 24.54
CAB CLA XD . 12.17 25.17 23.69
CBB CLA XD . 12.83 24.64 22.67
NC CLA XD . 9.49 28.97 26.49
C1C CLA XD . 9.24 27.93 25.65
C2C CLA XD . 7.79 27.73 25.53
C3C CLA XD . 7.20 28.69 26.35
C4C CLA XD . 8.27 29.47 26.96
CMC CLA XD . 7.14 26.70 24.73
CAC CLA XD . 5.75 28.88 26.56
CBC CLA XD . 5.23 27.94 27.62
ND CLA XD . 10.49 30.94 28.23
C1D CLA XD . 9.12 31.22 28.48
C2D CLA XD . 9.03 32.33 29.45
C3D CLA XD . 10.33 32.68 29.78
C4D CLA XD . 11.19 31.78 28.97
CMD CLA XD . 7.80 32.91 29.97
CAD CLA XD . 11.18 33.54 30.57
OBD CLA XD . 10.89 34.40 31.39
CBD CLA XD . 12.66 33.17 30.19
CGD CLA XD . 13.38 34.35 29.60
O1D CLA XD . 13.77 34.48 28.43
O2D CLA XD . 13.60 35.38 30.46
CED CLA XD . 14.23 36.55 29.96
C1 CLA XD . 16.88 34.41 31.34
C2 CLA XD . 17.63 34.69 32.59
C3 CLA XD . 17.09 35.32 33.64
C4 CLA XD . 17.88 35.58 34.87
C5 CLA XD . 15.67 35.79 33.62
C6 CLA XD . 15.45 37.05 34.42
C7 CLA XD . 14.62 36.77 35.65
C8 CLA XD . 13.42 37.70 35.77
C9 CLA XD . 12.60 37.69 34.49
C10 CLA XD . 13.87 39.12 36.11
C11 CLA XD . 12.68 40.00 36.43
C12 CLA XD . 13.11 41.44 36.64
C13 CLA XD . 12.05 42.44 36.20
C14 CLA XD . 10.95 41.80 35.37
C15 CLA XD . 12.68 43.58 35.41
C16 CLA XD . 11.71 44.73 35.26
C17 CLA XD . 11.34 45.32 36.61
C18 CLA XD . 12.42 46.25 37.13
C19 CLA XD . 12.62 47.42 36.20
C20 CLA XD . 12.08 46.74 38.52
C1 BCR YD . 2.81 25.74 -6.71
C2 BCR YD . 2.70 25.88 -8.22
C3 BCR YD . 2.16 27.25 -8.61
C4 BCR YD . 3.12 28.34 -8.18
C5 BCR YD . 3.63 28.11 -6.78
C6 BCR YD . 3.31 27.03 -6.07
C7 BCR YD . 3.50 27.07 -4.60
C8 BCR YD . 2.58 27.58 -3.78
C9 BCR YD . 2.87 27.63 -2.34
C10 BCR YD . 2.17 28.46 -1.56
C11 BCR YD . 2.42 28.59 -0.14
C33 BCR YD . 4.53 29.14 -6.18
C31 BCR YD . 3.79 24.63 -6.37
C32 BCR YD . 1.44 25.40 -6.15
C34 BCR YD . 3.94 26.77 -1.75
C12 BCR YD . 1.70 29.50 0.51
C13 BCR YD . 1.84 29.82 1.94
C14 BCR YD . 0.99 30.74 2.43
C15 BCR YD . 0.99 31.24 3.79
C16 BCR YD . -0.16 31.51 4.40
C17 BCR YD . -0.13 32.11 5.73
C18 BCR YD . -1.27 32.38 6.39
C19 BCR YD . -1.22 33.07 7.69
C20 BCR YD . -2.24 33.13 8.54
C21 BCR YD . -2.03 33.95 9.73
C22 BCR YD . -2.98 34.13 10.64
C23 BCR YD . -2.74 35.02 11.79
C24 BCR YD . -2.58 34.63 13.06
C25 BCR YD . -2.37 35.64 14.11
C26 BCR YD . -3.46 36.19 14.67
C27 BCR YD . -3.39 37.40 15.58
C28 BCR YD . -2.10 37.38 16.34
C29 BCR YD . -0.95 37.30 15.35
C30 BCR YD . -0.96 35.99 14.57
C35 BCR YD . 2.90 29.19 2.79
C36 BCR YD . -2.59 32.05 5.76
C37 BCR YD . -4.32 33.47 10.47
C38 BCR YD . -4.81 35.59 14.43
C39 BCR YD . -0.43 34.88 15.44
C40 BCR YD . -0.05 36.17 13.36
C1 BCR ZD . 0.89 25.49 32.14
C2 BCR ZD . 0.97 24.27 33.06
C3 BCR ZD . 2.34 23.91 33.62
C4 BCR ZD . 3.27 25.11 33.69
C5 BCR ZD . 3.34 25.61 32.28
C6 BCR ZD . 2.23 26.05 31.70
C7 BCR ZD . 2.26 27.09 30.65
C8 BCR ZD . 2.81 28.27 30.88
C9 BCR ZD . 2.85 29.31 29.83
C10 BCR ZD . 3.64 30.37 30.03
C11 BCR ZD . 3.74 31.45 29.05
C33 BCR ZD . 4.65 25.57 31.54
C31 BCR ZD . 0.11 26.61 32.83
C32 BCR ZD . 0.15 25.08 30.87
C34 BCR ZD . 2.03 29.17 28.59
C12 BCR ZD . 4.43 32.52 29.41
C13 BCR ZD . 4.65 33.68 28.52
C14 BCR ZD . 5.05 34.84 29.06
C15 BCR ZD . 5.28 36.01 28.24
C16 BCR ZD . 5.54 37.17 28.81
C17 BCR ZD . 5.78 38.31 27.94
C18 BCR ZD . 6.19 39.50 28.40
C19 BCR ZD . 6.42 40.57 27.42
C20 BCR ZD . 6.67 41.83 27.75
C21 BCR ZD . 6.90 42.75 26.64
C22 BCR ZD . 7.19 44.04 26.81
C23 BCR ZD . 7.42 44.87 25.60
C24 BCR ZD . 7.50 46.19 25.68
C25 BCR ZD . 7.73 47.02 24.47
C26 BCR ZD . 6.78 47.13 23.53
C27 BCR ZD . 7.08 47.68 22.16
C28 BCR ZD . 8.15 48.76 22.26
C29 BCR ZD . 9.38 48.18 22.95
C30 BCR ZD . 9.07 47.74 24.36
C35 BCR ZD . 4.45 33.56 27.05
C36 BCR ZD . 6.40 39.73 29.87
C37 BCR ZD . 7.30 44.63 28.17
C38 BCR ZD . 5.36 46.75 23.82
C39 BCR ZD . 9.02 48.94 25.30
C40 BCR ZD . 10.16 46.78 24.82
MG CLA AE . 11.09 42.83 10.60
CHA CLA AE . 8.93 45.54 10.82
CHB CLA AE . 8.91 41.27 8.50
CHC CLA AE . 13.32 40.22 10.33
CHD CLA AE . 13.30 44.48 12.83
NA CLA AE . 9.22 43.34 9.82
C1A CLA AE . 8.49 44.52 10.02
C2A CLA AE . 7.16 44.47 9.25
C3A CLA AE . 7.13 43.05 8.66
C4A CLA AE . 8.52 42.50 8.99
CMA CLA AE . 6.03 42.21 9.25
CAA CLA AE . 7.13 45.52 8.15
NB CLA AE . 11.09 41.05 9.65
C1B CLA AE . 10.16 40.64 8.75
C2B CLA AE . 10.63 39.43 8.04
C3B CLA AE . 11.88 39.13 8.55
C4B CLA AE . 12.17 40.16 9.59
CMB CLA AE . 9.85 38.75 7.00
CAB CLA AE . 12.79 38.07 8.22
CBB CLA AE . 13.19 37.72 6.99
NC CLA AE . 12.96 42.43 11.44
C1C CLA AE . 13.68 41.29 11.20
C2C CLA AE . 14.93 41.33 11.97
C3C CLA AE . 14.93 42.53 12.67
C4C CLA AE . 13.68 43.21 12.33
CMC CLA AE . 15.95 40.27 11.96
CAC CLA AE . 15.98 43.02 13.59
CBC CLA AE . 16.81 44.12 12.99
ND CLA AE . 11.19 44.60 11.57
C1D CLA AE . 12.13 45.14 12.48
C2D CLA AE . 11.67 46.46 12.93
C3D CLA AE . 10.45 46.68 12.31
C4D CLA AE . 10.19 45.48 11.49
CMD CLA AE . 12.40 47.34 13.85
CAD CLA AE . 9.33 47.58 12.14
OBD CLA AE . 9.15 48.71 12.59
CBD CLA AE . 8.30 46.86 11.21
CGD CLA AE . 6.98 46.67 11.90
O1D CLA AE . 6.64 45.72 12.64
O2D CLA AE . 6.07 47.66 11.67
CED CLA AE . 4.70 47.30 11.60
MG CLA BE . 17.64 46.19 23.26
CHA CLA BE . 21.03 45.62 22.76
CHB CLA BE . 18.26 47.09 26.48
CHC CLA BE . 14.29 46.90 23.65
CHD CLA BE . 17.04 45.27 19.89
NA CLA BE . 19.38 46.31 24.41
C1A CLA BE . 20.69 46.04 24.03
C2A CLA BE . 21.66 46.26 25.19
C3A CLA BE . 20.73 46.60 26.38
C4A CLA BE . 19.35 46.68 25.73
CMA CLA BE . 20.80 45.57 27.46
CAA CLA BE . 22.61 47.41 24.91
NB CLA BE . 16.50 46.89 24.76
C1B CLA BE . 16.94 47.19 26.01
C2B CLA BE . 15.79 47.64 26.86
C3B CLA BE . 14.67 47.58 26.07
C4B CLA BE . 15.10 47.10 24.72
CMB CLA BE . 15.93 48.02 28.27
CAB CLA BE . 13.29 47.89 26.37
CBB CLA BE . 12.61 47.44 27.43
NC CLA BE . 15.97 46.08 22.00
C1C CLA BE . 14.69 46.41 22.37
C2C CLA BE . 13.79 46.21 21.25
C3C CLA BE . 14.56 45.76 20.18
C4C CLA BE . 15.94 45.68 20.66
CMC CLA BE . 12.35 46.46 21.28
CAC CLA BE . 14.08 45.42 18.83
CBC CLA BE . 14.46 46.45 17.79
ND CLA BE . 18.71 45.51 21.68
C1D CLA BE . 18.33 45.18 20.35
C2D CLA BE . 19.55 44.77 19.60
C3D CLA BE . 20.61 44.91 20.48
C4D CLA BE . 20.03 45.39 21.76
CMD CLA BE . 19.57 44.33 18.20
CAD CLA BE . 22.04 44.78 20.68
OBD CLA BE . 22.91 44.36 19.90
CBD CLA BE . 22.36 45.27 22.12
CGD CLA BE . 23.12 44.25 22.93
O1D CLA BE . 23.79 44.46 23.96
O2D CLA BE . 23.05 42.99 22.45
CED CLA BE . 23.85 41.99 23.10
CHA CLA CE . -10.43 -1.02 33.78
CHB CLA CE . -7.17 -3.53 31.18
CHC CLA CE . -9.95 -3.06 27.20
CHD CLA CE . -13.19 -0.40 29.78
NA CLA CE . -9.02 -2.25 32.22
C1A CLA CE . -9.29 -1.74 33.50
C2A CLA CE . -8.18 -2.09 34.48
C3A CLA CE . -7.12 -2.78 33.59
C4A CLA CE . -7.80 -2.89 32.23
CMA CLA CE . -5.83 -1.98 33.53
CAA CLA CE . -8.70 -3.06 35.52
CBA CLA CE . -7.57 -3.70 36.31
CGA CLA CE . -7.37 -2.95 37.59
O1A CLA CE . -8.00 -3.02 38.64
O2A CLA CE . -6.31 -2.09 37.54
NB CLA CE . -8.76 -3.02 29.38
C1B CLA CE . -7.70 -3.68 29.89
C2B CLA CE . -7.13 -4.62 28.87
C3B CLA CE . -7.91 -4.49 27.74
C4B CLA CE . -8.96 -3.47 28.05
CMB CLA CE . -5.98 -5.47 29.11
CAB CLA CE . -7.81 -5.16 26.48
CBB CLA CE . -8.79 -5.82 25.85
NC CLA CE . -11.37 -1.79 28.80
C1C CLA CE . -11.08 -2.27 27.56
C2C CLA CE . -12.12 -1.86 26.62
C3C CLA CE . -13.05 -1.11 27.33
C4C CLA CE . -12.56 -1.07 28.71
CMC CLA CE . -12.13 -2.20 25.19
CAC CLA CE . -14.27 -0.48 26.82
CBC CLA CE . -14.03 0.93 26.33
ND CLA CE . -11.61 -1.10 31.51
C1D CLA CE . -12.77 -0.40 31.09
C2D CLA CE . -13.40 0.25 32.26
C3D CLA CE . -12.55 0.02 33.32
C4D CLA CE . -11.43 -0.79 32.79
CMD CLA CE . -14.66 0.99 32.23
CAD CLA CE . -12.33 0.21 34.74
OBD CLA CE . -13.07 0.68 35.60
CBD CLA CE . -10.90 -0.33 35.04
CGD CLA CE . -10.00 0.83 35.41
O1D CLA CE . -10.11 1.58 36.38
O2D CLA CE . -8.99 1.06 34.54
CED CLA CE . -8.81 2.40 34.07
C1 CLA CE . -5.30 -2.23 38.56
MG CLA DE . -7.91 19.52 23.31
CHA CLA DE . -11.35 19.71 23.74
CHB CLA DE . -8.13 21.59 20.62
CHC CLA DE . -4.52 19.21 22.88
CHD CLA DE . -7.75 17.27 26.04
NA CLA DE . -9.49 20.51 22.37
C1A CLA DE . -10.86 20.47 22.71
C2A CLA DE . -11.67 21.34 21.76
C3A CLA DE . -10.61 21.92 20.79
C4A CLA DE . -9.30 21.31 21.29
CMA CLA DE . -10.88 21.52 19.36
CAA CLA DE . -12.43 22.49 22.43
CBA CLA DE . -11.88 22.92 23.77
CGA CLA DE . -10.82 23.97 23.64
O1A CLA DE . -9.95 24.07 22.80
O2A CLA DE . -10.90 24.92 24.62
NB CLA DE . -6.58 20.25 21.99
C1B CLA DE . -6.86 21.09 20.96
C2B CLA DE . -5.61 21.43 20.22
C3B CLA DE . -4.58 20.77 20.84
C4B CLA DE . -5.18 20.01 21.99
CMB CLA DE . -5.58 22.31 19.06
CAB CLA DE . -3.18 20.76 20.52
CBB CLA DE . -2.17 20.80 21.39
NC CLA DE . -6.41 18.46 24.31
C1C CLA DE . -5.08 18.50 23.97
C2C CLA DE . -4.32 17.65 24.88
C3C CLA DE . -5.22 17.08 25.76
C4C CLA DE . -6.55 17.59 25.40
CMC CLA DE . -2.86 17.44 24.82
CAC CLA DE . -4.93 16.13 26.85
CBC CLA DE . -5.07 16.75 28.23
ND CLA DE . -9.17 18.72 24.67
C1D CLA DE . -9.00 17.78 25.72
C2D CLA DE . -10.30 17.47 26.34
C3D CLA DE . -11.24 18.20 25.63
C4D CLA DE . -10.49 18.94 24.59
CMD CLA DE . -10.50 16.57 27.47
CAD CLA DE . -12.64 18.54 25.47
OBD CLA DE . -13.61 18.20 26.16
CBD CLA DE . -12.76 19.46 24.22
CGD CLA DE . -13.60 18.87 23.14
O1D CLA DE . -13.22 18.42 22.05
O2D CLA DE . -14.94 18.84 23.41
CED CLA DE . -15.84 18.67 22.32
C1 CLA DE . -9.72 25.08 25.44
C2 CLA DE . -10.14 25.91 26.61
C3 CLA DE . -9.27 26.34 27.53
C4 CLA DE . -9.71 27.17 28.68
C5 CLA DE . -7.82 26.02 27.44
C6 CLA DE . -7.15 25.86 28.80
C7 CLA DE . -5.67 25.57 28.67
C8 CLA DE . -4.80 26.76 29.08
C9 CLA DE . -4.77 27.76 27.95
C10 CLA DE . -3.38 26.33 29.42
C11 CLA DE . -2.68 27.38 30.27
C12 CLA DE . -1.64 28.17 29.48
C13 CLA DE . -1.74 29.66 29.81
C14 CLA DE . -1.40 30.49 28.59
C15 CLA DE . -0.86 30.02 31.00
C16 CLA DE . -0.54 31.50 31.05
C17 CLA DE . -0.54 32.03 32.47
C18 CLA DE . -1.91 31.91 33.12
C19 CLA DE . -2.45 33.26 33.53
C20 CLA DE . -1.83 31.00 34.34
MG CLA EE . -13.08 10.66 25.97
CHA CLA EE . -15.76 11.79 27.85
CHB CLA EE . -12.37 13.87 25.09
CHC CLA EE . -10.30 9.53 24.30
CHD CLA EE . -13.92 7.34 26.84
NA CLA EE . -13.96 12.50 26.40
C1A CLA EE . -15.06 12.76 27.22
C2A CLA EE . -15.37 14.26 27.24
C3A CLA EE . -14.44 14.85 26.17
C4A CLA EE . -13.50 13.68 25.86
CMA CLA EE . -15.20 15.31 24.95
CAA CLA EE . -15.04 14.85 28.60
CBA CLA EE . -13.97 15.92 28.54
CGA CLA EE . -14.03 16.77 29.77
O1A CLA EE . -15.00 17.36 30.25
O2A CLA EE . -12.83 16.89 30.40
NB CLA EE . -11.66 11.52 24.83
C1B CLA EE . -11.45 12.86 24.74
C2B CLA EE . -10.10 13.14 24.19
C3B CLA EE . -9.51 11.92 23.96
C4B CLA EE . -10.50 10.88 24.36
CMB CLA EE . -9.59 14.49 23.99
CAB CLA EE . -8.20 11.60 23.45
CBB CLA EE . -7.04 12.14 23.83
NC CLA EE . -12.28 8.76 25.61
C1C CLA EE . -11.14 8.53 24.89
C2C CLA EE . -10.89 7.09 24.83
C3C CLA EE . -11.90 6.47 25.57
C4C CLA EE . -12.77 7.54 26.05
CMC CLA EE . -9.75 6.48 24.14
CAC CLA EE . -12.06 5.03 25.80
CBC CLA EE . -11.78 4.63 27.22
ND CLA EE . -14.46 9.72 27.10
C1D CLA EE . -14.72 8.34 27.35
C2D CLA EE . -15.92 8.22 28.21
C3D CLA EE . -16.34 9.52 28.47
C4D CLA EE . -15.41 10.41 27.73
CMD CLA EE . -16.48 6.96 28.69
CAD CLA EE . -17.33 10.36 29.12
OBD CLA EE . -18.27 10.06 29.84
CBD CLA EE . -17.00 11.84 28.72
CGD CLA EE . -18.12 12.52 27.98
O1D CLA EE . -18.75 12.09 27.01
O2D CLA EE . -18.43 13.75 28.47
CED CLA EE . -19.78 13.97 28.91
C1 CLA EE . -12.87 17.28 31.80
MG CLA FE . -6.32 10.45 31.38
CHA CLA FE . -4.44 7.67 30.43
CHB CLA FE . -7.41 10.79 28.17
CHC CLA FE . -8.21 13.13 32.37
CHD CLA FE . -5.09 10.08 34.67
NA CLA FE . -5.97 9.38 29.61
C1A CLA FE . -5.16 8.26 29.42
C2A CLA FE . -5.21 7.80 27.97
C3A CLA FE . -6.04 8.89 27.27
C4A CLA FE . -6.54 9.75 28.43
CMA CLA FE . -5.19 9.71 26.35
CAA CLA FE . -5.93 6.47 27.90
CBA CLA FE . -6.17 5.97 26.49
CGA CLA FE . -6.24 4.47 26.54
O1A CLA FE . -5.57 3.71 27.23
O2A CLA FE . -7.16 3.93 25.69
NB CLA FE . -7.51 11.77 30.44
C1B CLA FE . -7.93 11.66 29.15
C2B CLA FE . -9.04 12.63 28.89
C3B CLA FE . -9.27 13.30 30.07
C4B CLA FE . -8.30 12.76 31.07
CMB CLA FE . -9.69 12.77 27.59
CAB CLA FE . -10.23 14.31 30.37
CBB CLA FE . -11.55 14.12 30.35
NC CLA FE . -6.60 11.42 33.21
C1C CLA FE . -7.42 12.50 33.39
C2C CLA FE . -7.37 12.94 34.77
C3C CLA FE . -6.49 12.08 35.43
C4C CLA FE . -6.00 11.14 34.44
CMC CLA FE . -8.13 14.06 35.32
CAC CLA FE . -6.11 12.16 36.86
CBC CLA FE . -6.42 10.92 37.66
ND CLA FE . -5.15 9.15 32.40
C1D CLA FE . -4.69 9.15 33.75
C2D CLA FE . -3.75 8.01 33.93
C3D CLA FE . -3.64 7.40 32.70
C4D CLA FE . -4.50 8.17 31.78
CMD CLA FE . -3.10 7.66 35.20
CAD CLA FE . -3.03 6.32 31.94
OBD CLA FE . -2.32 5.40 32.32
CBD CLA FE . -3.47 6.51 30.44
CGD CLA FE . -2.27 6.76 29.57
O1D CLA FE . -1.31 6.02 29.36
O2D CLA FE . -2.29 7.98 28.95
CED CLA FE . -1.04 8.56 28.58
C1 CLA FE . -8.49 3.73 26.22
C2 CLA FE . -8.72 2.27 26.35
C3 CLA FE . -8.96 1.47 25.30
C4 CLA FE . -9.18 0.02 25.45
C5 CLA FE . -9.01 2.02 23.91
C6 CLA FE . -10.14 1.44 23.09
C7 CLA FE . -11.43 2.20 23.34
C8 CLA FE . -12.10 2.61 22.03
C9 CLA FE . -12.27 4.12 21.98
C10 CLA FE . -13.43 1.91 21.85
C11 CLA FE . -14.55 2.59 22.61
C12 CLA FE . -15.85 1.81 22.55
C13 CLA FE . -16.29 1.57 21.11
C14 CLA FE . -17.34 2.58 20.69
C15 CLA FE . -16.82 0.16 20.92
C16 CLA FE . -15.80 -0.71 20.21
C17 CLA FE . -14.80 -1.32 21.17
C18 CLA FE . -15.25 -2.68 21.64
C19 CLA FE . -14.17 -3.35 22.46
C20 CLA FE . -15.58 -3.55 20.44
C1 BCR GE . 8.10 31.47 -19.96
C2 BCR GE . 6.59 31.37 -19.71
C3 BCR GE . 6.18 30.43 -18.59
C4 BCR GE . 6.97 30.72 -17.32
C5 BCR GE . 8.43 30.58 -17.67
C6 BCR GE . 8.89 31.32 -18.68
C7 BCR GE . 10.20 32.03 -18.60
C8 BCR GE . 11.41 31.48 -18.63
C9 BCR GE . 12.51 32.45 -18.52
C10 BCR GE . 13.00 32.76 -17.31
C11 BCR GE . 14.04 33.77 -17.17
C33 BCR GE . 9.28 29.63 -16.89
C31 BCR GE . 8.40 32.84 -20.55
C32 BCR GE . 8.54 30.37 -20.92
C34 BCR GE . 13.07 33.11 -19.74
C12 BCR GE . 14.63 34.00 -16.00
C13 BCR GE . 15.62 35.09 -15.96
C14 BCR GE . 15.88 35.71 -14.80
C15 BCR GE . 16.81 36.82 -14.80
C16 BCR GE . 17.10 37.51 -13.70
C17 BCR GE . 18.00 38.64 -13.88
C18 BCR GE . 18.22 39.57 -12.94
C19 BCR GE . 19.11 40.68 -13.31
C20 BCR GE . 19.28 41.77 -12.57
C21 BCR GE . 20.17 42.78 -13.14
C22 BCR GE . 20.26 44.02 -12.65
C23 BCR GE . 21.16 44.98 -13.32
C24 BCR GE . 21.62 46.07 -12.73
C25 BCR GE . 22.50 46.97 -13.52
C26 BCR GE . 21.93 47.78 -14.42
C27 BCR GE . 22.65 48.19 -15.68
C28 BCR GE . 24.11 48.48 -15.33
C29 BCR GE . 24.72 47.30 -14.59
C30 BCR GE . 23.99 47.00 -13.29
C35 BCR GE . 16.32 35.51 -17.21
C36 BCR GE . 17.55 39.50 -11.61
C37 BCR GE . 19.45 44.43 -11.45
C38 BCR GE . 20.53 48.29 -14.18
C39 BCR GE . 24.31 48.05 -12.24
C40 BCR GE . 24.45 45.62 -12.80
MG CLA HE . 5.19 41.26 -11.22
CHA CLA HE . 1.98 40.37 -12.21
CHB CLA HE . 6.36 38.26 -12.30
CHC CLA HE . 8.34 42.21 -10.26
CHD CLA HE . 3.93 44.37 -10.09
NA CLA HE . 4.29 39.61 -12.12
C1A CLA HE . 2.94 39.43 -12.47
C2A CLA HE . 2.72 38.07 -13.13
C3A CLA HE . 4.14 37.42 -13.13
C4A CLA HE . 5.01 38.49 -12.48
CMA CLA HE . 4.17 36.14 -12.34
CAA CLA HE . 2.28 38.24 -14.57
CBA CLA HE . 2.51 36.98 -15.39
CGA CLA HE . 1.20 36.26 -15.52
O1A CLA HE . 0.32 36.43 -16.38
O2A CLA HE . 0.99 35.33 -14.55
NB CLA HE . 7.03 40.46 -11.40
C1B CLA HE . 7.24 39.15 -11.69
C2B CLA HE . 8.59 38.74 -11.22
C3B CLA HE . 9.17 39.84 -10.64
C4B CLA HE . 8.18 40.95 -10.75
CMB CLA HE . 9.06 37.36 -11.38
CAB CLA HE . 10.44 40.04 -9.99
CBB CLA HE . 11.20 39.10 -9.42
NC CLA HE . 5.99 42.98 -10.34
C1C CLA HE . 7.31 43.17 -10.06
C2C CLA HE . 7.53 44.49 -9.50
C3C CLA HE . 6.28 45.10 -9.42
C4C CLA HE . 5.31 44.14 -9.96
CMC CLA HE . 8.83 45.03 -9.08
CAC CLA HE . 5.98 46.45 -8.92
CBC CLA HE . 5.84 47.47 -10.02
ND CLA HE . 3.39 42.15 -11.02
C1D CLA HE . 3.02 43.46 -10.58
C2D CLA HE . 1.55 43.62 -10.75
C3D CLA HE . 1.10 42.45 -11.34
C4D CLA HE . 2.29 41.59 -11.53
CMD CLA HE . 0.79 44.81 -10.34
CAD CLA HE . -0.05 41.73 -11.86
OBD CLA HE . -1.24 42.02 -11.81
CBD CLA HE . 0.50 40.42 -12.49
CGD CLA HE . -0.21 39.19 -11.96
O1D CLA HE . -0.82 38.33 -12.61
O2D CLA HE . -0.14 39.06 -10.61
CED CLA HE . -0.09 37.73 -10.07
C1 CLA HE . -0.39 34.95 -14.35
C2 CLA HE . -0.52 34.34 -13.00
C3 CLA HE . -0.16 33.08 -12.72
C4 CLA HE . 0.42 32.19 -13.75
C5 CLA HE . -0.31 32.53 -11.35
C6 CLA HE . 1.00 32.10 -10.72
C7 CLA HE . 1.91 33.30 -10.55
C8 CLA HE . 2.37 33.45 -9.11
C9 CLA HE . 1.73 34.67 -8.48
C10 CLA HE . 3.89 33.56 -9.04
C11 CLA HE . 4.56 32.32 -9.58
C12 CLA HE . 6.06 32.46 -9.62
C13 CLA HE . 6.74 31.10 -9.79
C14 CLA HE . 7.32 30.62 -8.48
C15 CLA HE . 7.83 31.16 -10.86
MG CLA IE . 1.37 -53.31 26.34
CHA CLA IE . 4.60 -52.88 25.14
CHB CLA IE . 2.63 -54.28 29.36
CHC CLA IE . -1.83 -53.56 27.53
CHD CLA IE . 0.13 -52.34 23.17
NA CLA IE . 3.31 -53.54 27.09
C1A CLA IE . 4.53 -53.30 26.44
C2A CLA IE . 5.71 -53.58 27.37
C3A CLA IE . 5.04 -54.16 28.63
C4A CLA IE . 3.55 -53.97 28.37
CMA CLA IE . 5.40 -55.61 28.82
CAA CLA IE . 6.41 -52.28 27.72
CBA CLA IE . 5.40 -51.17 27.99
CGA CLA IE . 6.04 -49.99 28.65
O1A CLA IE . 7.22 -49.81 28.95
O2A CLA IE . 5.14 -49.00 28.94
NB CLA IE . 0.56 -53.82 28.10
C1B CLA IE . 1.24 -54.17 29.22
C2B CLA IE . 0.28 -54.46 30.33
C3B CLA IE . -0.99 -54.26 29.82
C4B CLA IE . -0.83 -53.85 28.40
CMB CLA IE . 0.70 -54.87 31.67
CAB CLA IE . -2.27 -54.40 30.46
CBB CLA IE . -2.64 -53.84 31.61
NC CLA IE . -0.50 -53.02 25.49
C1C CLA IE . -1.69 -53.17 26.16
C2C CLA IE . -2.80 -52.88 25.28
C3C CLA IE . -2.25 -52.53 24.04
C4C CLA IE . -0.80 -52.63 24.18
CMC CLA IE . -4.21 -52.93 25.66
CAC CLA IE . -2.98 -52.15 22.82
CBC CLA IE . -3.07 -53.28 21.81
ND CLA IE . 2.12 -52.76 24.54
C1D CLA IE . 1.51 -52.39 23.32
C2D CLA IE . 2.55 -52.06 22.33
C3D CLA IE . 3.76 -52.23 22.97
C4D CLA IE . 3.43 -52.66 24.35
CMD CLA IE . 2.29 -51.65 20.95
CAD CLA IE . 5.21 -52.16 22.85
OBD CLA IE . 5.90 -51.83 21.89
CBD CLA IE . 5.79 -52.58 24.24
CGD CLA IE . 6.70 -53.76 24.12
O1D CLA IE . 6.38 -54.96 24.15
O2D CLA IE . 8.01 -53.45 23.94
CED CLA IE . 8.88 -54.47 23.42
MG CLA JE . 16.32 -4.82 1.11
CHA CLA JE . 14.45 -5.32 3.96
CHB CLA JE . 13.49 -4.16 -0.60
CHC CLA JE . 18.25 -3.86 -1.53
CHD CLA JE . 19.23 -5.54 2.95
NA CLA JE . 14.30 -4.86 1.60
C1A CLA JE . 13.72 -5.02 2.85
C2A CLA JE . 12.20 -5.01 2.75
C3A CLA JE . 11.97 -5.01 1.23
C4A CLA JE . 13.34 -4.64 0.68
CMA CLA JE . 11.59 -6.38 0.76
CAA CLA JE . 11.59 -3.78 3.36
CBA CLA JE . 10.09 -3.87 3.21
CGA CLA JE . 9.41 -2.87 4.07
O1A CLA JE . 8.23 -2.75 4.32
O2A CLA JE . 10.27 -1.98 4.63
NB CLA JE . 15.93 -4.19 -0.75
C1B CLA JE . 14.72 -3.82 -1.19
C2B CLA JE . 14.88 -3.00 -2.41
C3B CLA JE . 16.21 -2.92 -2.67
C4B CLA JE . 16.91 -3.70 -1.63
CMB CLA JE . 13.75 -2.44 -3.15
CAB CLA JE . 16.91 -2.28 -3.74
CBB CLA JE . 16.63 -2.45 -5.03
NC CLA JE . 18.36 -4.80 0.75
C1C CLA JE . 18.93 -4.41 -0.42
C2C CLA JE . 20.38 -4.54 -0.33
C3C CLA JE . 20.65 -4.97 0.95
C4C CLA JE . 19.39 -5.12 1.62
CMC CLA JE . 21.31 -4.24 -1.41
CAC CLA JE . 21.95 -5.26 1.53
CBC CLA JE . 22.07 -6.72 1.87
ND CLA JE . 16.79 -5.45 2.96
C1D CLA JE . 18.03 -5.67 3.59
C2D CLA JE . 17.79 -6.08 4.97
C3D CLA JE . 16.45 -5.92 5.17
C4D CLA JE . 15.87 -5.51 3.89
CMD CLA JE . 18.82 -6.51 5.91
CAD CLA JE . 15.35 -6.16 6.05
OBD CLA JE . 15.27 -6.81 7.08
CBD CLA JE . 14.11 -5.49 5.42
CGD CLA JE . 12.91 -6.27 5.74
O1D CLA JE . 12.76 -7.48 5.64
O2D CLA JE . 11.95 -5.47 6.26
CED CLA JE . 12.38 -4.35 7.00
C1 CLA JE . 9.70 -1.02 5.53
C2 CLA JE . 10.85 -0.29 6.08
C3 CLA JE . 11.01 -0.12 7.39
C4 CLA JE . 10.03 -0.66 8.36
C5 CLA JE . 12.17 0.62 7.93
C6 CLA JE . 13.40 -0.27 8.01
C7 CLA JE . 14.58 0.42 7.37
C8 CLA JE . 15.02 1.66 8.12
C9 CLA JE . 16.39 2.08 7.69
C10 CLA JE . 15.04 1.40 9.62
C11 CLA JE . 15.33 2.66 10.39
C12 CLA JE . 14.39 2.81 11.56
C13 CLA JE . 14.49 4.19 12.19
C14 CLA JE . 14.35 4.10 13.68
C15 CLA JE . 13.40 5.10 11.65
C16 CLA JE . 12.15 4.31 11.38
C17 CLA JE . 10.97 5.21 11.06
C18 CLA JE . 9.70 4.63 11.61
C19 CLA JE . 8.62 5.69 11.67
C20 CLA JE . 9.24 3.48 10.76
MG CLA KE . 3.47 -6.98 -12.81
CHA CLA KE . 2.16 -7.84 -15.87
CHB CLA KE . 4.81 -10.06 -12.52
CHC CLA KE . 5.15 -5.93 -10.02
CHD CLA KE . 2.02 -3.81 -13.12
NA CLA KE . 3.42 -8.67 -13.99
C1A CLA KE . 2.85 -8.82 -15.24
C2A CLA KE . 3.03 -10.22 -15.76
C3A CLA KE . 3.57 -10.96 -14.52
C4A CLA KE . 3.99 -9.84 -13.61
CMA CLA KE . 2.50 -11.80 -13.90
CAA CLA KE . 4.05 -10.15 -16.85
CBA CLA KE . 4.09 -11.45 -17.60
CGA CLA KE . 5.07 -12.33 -16.91
O1A CLA KE . 6.27 -12.17 -16.82
O2A CLA KE . 4.50 -13.39 -16.29
NB CLA KE . 4.72 -7.84 -11.50
C1B CLA KE . 5.22 -9.08 -11.61
C2B CLA KE . 6.28 -9.29 -10.60
C3B CLA KE . 6.38 -8.12 -9.89
C4B CLA KE . 5.38 -7.18 -10.45
CMB CLA KE . 7.00 -10.54 -10.47
CAB CLA KE . 7.23 -7.75 -8.80
CBB CLA KE . 8.19 -8.51 -8.28
NC CLA KE . 3.51 -5.20 -11.73
C1C CLA KE . 4.25 -5.00 -10.61
C2C CLA KE . 4.05 -3.65 -10.12
C3C CLA KE . 3.18 -3.04 -11.02
C4C CLA KE . 2.85 -4.03 -12.02
CMC CLA KE . 4.67 -3.09 -8.94
CAC CLA KE . 2.65 -1.68 -10.97
CBC CLA KE . 1.18 -1.67 -10.70
ND CLA KE . 2.26 -6.03 -14.10
C1D CLA KE . 1.75 -4.72 -14.12
C2D CLA KE . 0.94 -4.55 -15.32
C3D CLA KE . 1.08 -5.71 -16.05
C4D CLA KE . 1.93 -6.59 -15.24
CMD CLA KE . 0.19 -3.35 -15.63
CAD CLA KE . 0.66 -6.47 -17.20
OBD CLA KE . -0.18 -6.22 -18.04
CBD CLA KE . 1.50 -7.78 -17.21
CGD CLA KE . 0.67 -8.99 -17.53
O1D CLA KE . -0.40 -9.32 -17.05
O2D CLA KE . 1.21 -9.79 -18.47
CED CLA KE . 0.36 -10.80 -19.00
C1 CLA KE . 5.40 -14.34 -15.71
C2 CLA KE . 4.93 -14.56 -14.34
C3 CLA KE . 5.74 -14.44 -13.28
C4 CLA KE . 7.17 -14.09 -13.44
C5 CLA KE . 5.24 -14.65 -11.91
C6 CLA KE . 5.86 -15.87 -11.27
C7 CLA KE . 5.04 -17.10 -11.57
C8 CLA KE . 5.62 -18.31 -10.85
C9 CLA KE . 6.17 -17.89 -9.52
C10 CLA KE . 6.70 -18.95 -11.70
MG CLA LE . 8.97 3.98 5.84
CHA CLA LE . 11.84 3.72 3.92
CHB CLA LE . 10.47 6.35 7.74
CHC CLA LE . 6.02 4.43 7.50
CHD CLA LE . 7.50 1.42 3.90
NA CLA LE . 10.88 4.83 5.86
C1A CLA LE . 11.93 4.58 4.98
C2A CLA LE . 13.16 5.40 5.36
C3A CLA LE . 12.79 5.95 6.75
C4A CLA LE . 11.27 5.72 6.81
CMA CLA LE . 13.51 5.23 7.87
CAA CLA LE . 13.41 6.50 4.35
CBA CLA LE . 14.82 7.03 4.43
CGA CLA LE . 14.84 8.26 5.29
O1A CLA LE . 13.88 8.83 5.82
O2A CLA LE . 16.10 8.76 5.48
NB CLA LE . 8.40 5.07 7.44
C1B CLA LE . 9.09 6.17 7.83
C2B CLA LE . 8.16 7.21 8.37
C3B CLA LE . 6.89 6.67 8.31
C4B CLA LE . 7.04 5.30 7.73
CMB CLA LE . 8.63 8.49 8.87
CAB CLA LE . 5.61 7.20 8.70
CBB CLA LE . 5.36 8.39 9.26
NC CLA LE . 7.11 3.03 5.76
C1C CLA LE . 6.06 3.34 6.58
C2C CLA LE . 4.94 2.43 6.31
C3C CLA LE . 5.34 1.61 5.25
C4C CLA LE . 6.71 1.98 4.93
CMC CLA LE . 3.65 2.45 7.00
CAC CLA LE . 4.58 0.52 4.63
CBC CLA LE . 4.70 -0.78 5.38
ND CLA LE . 9.46 2.84 4.24
C1D CLA LE . 8.78 1.80 3.55
C2D CLA LE . 9.63 1.33 2.44
C3D CLA LE . 10.79 2.08 2.49
C4D CLA LE . 10.65 2.97 3.66
CMD CLA LE . 9.23 0.30 1.47
CAD CLA LE . 12.08 2.37 1.89
OBD CLA LE . 12.56 2.01 0.82
CBD CLA LE . 12.83 3.33 2.86
CGD CLA LE . 14.05 2.69 3.45
O1D CLA LE . 14.09 1.72 4.22
O2D CLA LE . 15.22 3.27 3.07
CED CLA LE . 16.29 2.39 2.76
C1 CLA LE . 16.22 9.95 6.29
C2 CLA LE . 15.79 11.10 5.47
C3 CLA LE . 16.55 12.19 5.29
C4 CLA LE . 17.90 12.33 5.89
C5 CLA LE . 16.06 13.32 4.46
C6 CLA LE . 15.58 14.47 5.32
C7 CLA LE . 14.98 15.57 4.49
C8 CLA LE . 13.79 16.22 5.18
C9 CLA LE . 12.70 15.19 5.40
C10 CLA LE . 13.24 17.38 4.36
C11 CLA LE . 14.33 18.22 3.75
C12 CLA LE . 13.77 19.44 3.06
C13 CLA LE . 14.73 20.03 2.05
C14 CLA LE . 16.09 20.29 2.68
C15 CLA LE . 14.16 21.31 1.45
C16 CLA LE . 15.15 21.96 0.50
C17 CLA LE . 14.46 22.87 -0.49
C18 CLA LE . 15.18 24.20 -0.64
C19 CLA LE . 14.69 24.95 -1.86
C20 CLA LE . 16.69 23.99 -0.74
MG CLA ME . -12.06 -24.86 6.74
CHA CLA ME . -15.26 -25.79 5.79
CHB CLA ME . -12.65 -26.09 9.86
CHC CLA ME . -8.85 -24.01 7.61
CHD CLA ME . -11.56 -23.47 3.53
NA CLA ME . -13.70 -25.79 7.65
C1A CLA ME . -14.94 -26.09 7.08
C2A CLA ME . -15.86 -26.74 8.11
C3A CLA ME . -15.05 -26.69 9.42
C4A CLA ME . -13.69 -26.16 8.97
CMA CLA ME . -15.69 -25.73 10.40
CAA CLA ME . -16.21 -28.17 7.72
CBA CLA ME . -15.17 -29.19 8.15
CGA CLA ME . -15.75 -30.53 7.84
O1A CLA ME . -16.87 -30.96 8.10
O2A CLA ME . -14.88 -31.36 7.18
NB CLA ME . -10.97 -25.01 8.43
C1B CLA ME . -11.36 -25.61 9.58
C2B CLA ME . -10.23 -25.67 10.54
C3B CLA ME . -9.14 -25.08 9.91
C4B CLA ME . -9.61 -24.65 8.56
CMB CLA ME . -10.35 -26.26 11.88
CAB CLA ME . -7.80 -24.86 10.39
CBB CLA ME . -7.44 -24.55 11.63
NC CLA ME . -10.51 -23.91 5.75
C1C CLA ME . -9.28 -23.66 6.30
C2C CLA ME . -8.43 -22.96 5.33
C3C CLA ME . -9.19 -22.81 4.17
C4C CLA ME . -10.49 -23.40 4.44
CMC CLA ME . -7.05 -22.54 5.56
CAC CLA ME . -8.77 -22.16 2.91
CBC CLA ME . -9.07 -20.69 2.89
ND CLA ME . -13.10 -24.66 5.01
C1D CLA ME . -12.79 -24.05 3.78
C2D CLA ME . -13.96 -24.18 2.87
C3D CLA ME . -14.93 -24.86 3.58
C4D CLA ME . -14.35 -25.11 4.92
CMD CLA ME . -14.01 -23.67 1.50
CAD CLA ME . -16.28 -25.41 3.58
OBD CLA ME . -17.10 -25.46 2.67
CBD CLA ME . -16.53 -25.99 5.01
CGD CLA ME . -17.68 -25.33 5.72
O1D CLA ME . -17.63 -24.52 6.65
O2D CLA ME . -18.92 -25.71 5.28
CED CLA ME . -19.97 -25.66 6.23
C1 CLA ME . -14.91 -32.75 7.59
C2 CLA ME . -14.08 -32.81 8.81
C3 CLA ME . -13.03 -33.64 8.94
C4 CLA ME . -12.22 -33.67 10.18
C5 CLA ME . -12.63 -34.56 7.83
C6 CLA ME . -11.15 -34.52 7.52
C7 CLA ME . -10.54 -35.90 7.67
C8 CLA ME . -9.75 -36.04 8.97
C9 CLA ME . -8.82 -34.87 9.15
C10 CLA ME . -8.98 -37.35 9.00
MG CLA NE . -12.78 -19.12 17.08
CHA CLA NE . -11.24 -18.70 20.16
CHB CLA NE . -10.34 -21.32 16.16
CHC CLA NE . -14.32 -19.48 14.03
CHD CLA NE . -15.25 -16.78 18.06
NA CLA NE . -11.10 -19.88 18.04
C1A CLA NE . -10.62 -19.58 19.32
C2A CLA NE . -9.35 -20.36 19.63
C3A CLA NE . -9.02 -21.06 18.30
C4A CLA NE . -10.24 -20.76 17.43
CMA CLA NE . -7.80 -20.44 17.68
CAA CLA NE . -9.66 -21.40 20.70
CBA CLA NE . -8.46 -21.74 21.56
CGA CLA NE . -7.58 -22.72 20.83
O1A CLA NE . -7.69 -23.93 20.75
O2A CLA NE . -6.56 -22.10 20.18
NB CLA NE . -12.39 -20.18 15.41
C1B CLA NE . -11.39 -21.08 15.26
C2B CLA NE . -11.54 -21.79 13.95
C3B CLA NE . -12.65 -21.28 13.35
C4B CLA NE . -13.22 -20.24 14.26
CMB CLA NE . -10.59 -22.82 13.51
CAB CLA NE . -13.27 -21.57 12.07
CBB CLA NE . -13.08 -22.64 11.30
NC CLA NE . -14.48 -18.28 16.22
C1C CLA NE . -14.91 -18.56 14.95
C2C CLA NE . -16.10 -17.77 14.66
C3C CLA NE . -16.39 -17.02 15.80
C4C CLA NE . -15.35 -17.34 16.78
CMC CLA NE . -16.83 -17.78 13.39
CAC CLA NE . -17.48 -16.07 15.96
CBC CLA NE . -17.11 -14.67 15.53
ND CLA NE . -13.24 -18.02 18.72
C1D CLA NE . -14.27 -17.08 18.98
C2D CLA NE . -14.07 -16.53 20.34
C3D CLA NE . -12.91 -17.09 20.83
C4D CLA NE . -12.43 -18.01 19.78
CMD CLA NE . -14.96 -15.55 20.98
CAD CLA NE . -11.98 -17.18 21.94
OBD CLA NE . -11.99 -16.61 23.03
CBD CLA NE . -10.85 -18.17 21.51
CGD CLA NE . -9.52 -17.49 21.39
O1D CLA NE . -8.40 -18.00 21.44
O2D CLA NE . -9.61 -16.15 21.18
CED CLA NE . -8.50 -15.50 20.57
C1 CLA NE . -5.56 -21.45 20.99
C2 CLA NE . -4.62 -22.50 21.44
C3 CLA NE . -4.60 -22.98 22.69
C4 CLA NE . -5.54 -22.49 23.74
C5 CLA NE . -3.63 -24.04 23.08
C6 CLA NE . -3.40 -24.12 24.58
C7 CLA NE . -3.83 -25.46 25.13
C8 CLA NE . -5.02 -25.35 26.09
C9 CLA NE . -4.82 -24.21 27.07
C10 CLA NE . -5.21 -26.66 26.84
C11 CLA NE . -6.25 -26.58 27.93
C12 CLA NE . -6.51 -27.93 28.57
C13 CLA NE . -5.22 -28.59 29.03
MG CLA OE . -3.76 -20.91 14.43
CHA CLA OE . -5.82 -20.94 11.63
CHB CLA OE . -5.54 -18.30 15.70
CHC CLA OE . -1.90 -21.12 17.31
CHD CLA OE . -1.97 -23.64 13.08
NA CLA OE . -5.38 -19.80 13.74
C1A CLA OE . -6.11 -19.97 12.55
C2A CLA OE . -7.23 -18.94 12.45
C3A CLA OE . -6.93 -17.97 13.61
C4A CLA OE . -5.89 -18.73 14.43
CMA CLA OE . -6.39 -16.65 13.11
CAA CLA OE . -8.58 -19.60 12.67
CBA CLA OE . -9.45 -19.63 11.43
CGA CLA OE . -10.16 -18.33 11.26
O1A CLA OE . -11.37 -18.11 11.26
O2A CLA OE . -9.30 -17.28 11.08
NB CLA OE . -3.68 -19.86 16.15
C1B CLA OE . -4.58 -18.91 16.53
C2B CLA OE . -4.41 -18.59 17.98
C3B CLA OE . -3.38 -19.38 18.44
C4B CLA OE . -2.89 -20.20 17.29
CMB CLA OE . -5.21 -17.60 18.70
CAB CLA OE . -2.81 -19.47 19.76
CBB CLA OE . -1.52 -19.33 20.07
NC CLA OE . -2.18 -22.12 15.05
C1C CLA OE . -1.55 -22.02 16.26
C2C CLA OE . -0.48 -23.01 16.35
C3C CLA OE . -0.52 -23.75 15.17
C4C CLA OE . -1.59 -23.19 14.35
CMC CLA OE . 0.40 -23.19 17.50
CAC CLA OE . 0.36 -24.87 14.79
CBC CLA OE . 1.44 -24.44 13.83
ND CLA OE . -3.80 -22.04 12.76
C1D CLA OE . -2.99 -23.13 12.31
C2D CLA OE . -3.47 -23.57 10.99
C3D CLA OE . -4.56 -22.78 10.68
C4D CLA OE . -4.72 -21.84 11.82
CMD CLA OE . -2.88 -24.65 10.19
CAD CLA OE . -5.59 -22.47 9.71
OBD CLA OE . -5.81 -22.98 8.62
CBD CLA OE . -6.43 -21.30 10.30
CGD CLA OE . -6.47 -20.11 9.36
O1D CLA OE . -7.30 -19.88 8.48
O2D CLA OE . -5.44 -19.24 9.55
CED CLA OE . -4.62 -18.94 8.43
C1 CLA OE . -9.41 -16.56 9.84
C2 CLA OE . -8.05 -16.05 9.53
C3 CLA OE . -7.81 -14.98 8.76
C4 CLA OE . -8.91 -14.20 8.14
C5 CLA OE . -6.41 -14.54 8.50
C6 CLA OE . -5.46 -15.00 9.59
C7 CLA OE . -4.03 -15.03 9.11
C8 CLA OE . -3.12 -14.19 10.00
C9 CLA OE . -1.67 -14.33 9.55
C10 CLA OE . -3.28 -14.57 11.47
C11 CLA OE . -2.24 -15.56 11.95
C12 CLA OE . -2.77 -16.97 12.02
C13 CLA OE . -2.02 -17.84 13.04
C14 CLA OE . -1.56 -17.00 14.22
C15 CLA OE . -0.84 -18.55 12.39
C16 CLA OE . -1.30 -19.46 11.28
C17 CLA OE . -0.18 -20.36 10.80
C18 CLA OE . -0.65 -21.32 9.71
C19 CLA OE . -1.02 -20.56 8.46
C20 CLA OE . 0.42 -22.33 9.40
MG CLA PE . 6.77 -34.71 10.43
CHA CLA PE . 9.40 -35.86 8.47
CHB CLA PE . 7.10 -31.61 9.06
CHC CLA PE . 4.15 -33.62 12.37
CHD CLA PE . 6.48 -37.93 11.86
NA CLA PE . 8.04 -33.89 8.98
C1A CLA PE . 9.07 -34.54 8.28
C2A CLA PE . 9.75 -33.58 7.30
C3A CLA PE . 9.01 -32.24 7.53
C4A CLA PE . 7.97 -32.59 8.59
CMA CLA PE . 9.95 -31.16 7.99
CAA CLA PE . 9.51 -34.04 5.88
CBA CLA PE . 8.08 -34.48 5.65
CGA CLA PE . 7.97 -35.24 4.37
O1A CLA PE . 8.76 -36.06 3.88
O2A CLA PE . 6.82 -34.98 3.68
NB CLA PE . 5.78 -32.96 10.64
C1B CLA PE . 6.12 -31.79 10.04
C2B CLA PE . 5.29 -30.68 10.59
C3B CLA PE . 4.45 -31.24 11.53
C4B CLA PE . 4.75 -32.70 11.57
CMB CLA PE . 5.40 -29.30 10.15
CAB CLA PE . 3.45 -30.62 12.36
CBB CLA PE . 2.14 -30.84 12.29
NC CLA PE . 5.54 -35.62 11.85
C1C CLA PE . 4.52 -34.99 12.51
C2C CLA PE . 3.85 -35.95 13.41
C3C CLA PE . 4.53 -37.15 13.28
C4C CLA PE . 5.58 -36.95 12.30
CMC CLA PE . 2.70 -35.64 14.26
CAC CLA PE . 4.21 -38.41 13.98
CBC CLA PE . 3.17 -39.24 13.26
ND CLA PE . 7.69 -36.50 10.27
C1D CLA PE . 7.48 -37.75 10.93
C2D CLA PE . 8.47 -38.73 10.41
C3D CLA PE . 9.23 -38.05 9.48
C4D CLA PE . 8.70 -36.68 9.43
CMD CLA PE . 8.57 -40.12 10.86
CAD CLA PE . 10.33 -38.15 8.53
OBD CLA PE . 11.05 -39.10 8.26
CBD CLA PE . 10.46 -36.74 7.86
CGD CLA PE . 11.83 -36.15 8.05
O1D CLA PE . 12.14 -35.16 8.73
O2D CLA PE . 12.82 -36.81 7.39
CED CLA PE . 14.18 -36.58 7.79
C1 CLA PE . 5.87 -36.07 3.56
C2 CLA PE . 4.69 -35.52 2.83
C3 CLA PE . 3.53 -36.18 2.74
C4 CLA PE . 3.33 -37.51 3.37
C5 CLA PE . 2.37 -35.61 2.00
C6 CLA PE . 1.07 -35.71 2.77
MG CLA QE . 11.45 -25.53 8.97
CHA CLA QE . 11.04 -25.60 12.42
CHB CLA QE . 8.90 -27.75 8.64
CHC CLA QE . 11.75 -25.27 5.56
CHD CLA QE . 14.14 -23.27 9.39
NA CLA QE . 10.21 -26.52 10.33
C1A CLA QE . 10.18 -26.39 11.73
C2A CLA QE . 9.11 -27.30 12.33
C3A CLA QE . 8.59 -28.11 11.12
C4A CLA QE . 9.26 -27.42 9.93
CMA CLA QE . 8.99 -29.56 11.23
CAA CLA QE . 7.98 -26.46 12.92
CBA CLA QE . 6.74 -26.44 12.04
CGA CLA QE . 6.40 -25.03 11.65
O1A CLA QE . 7.14 -24.16 11.22
O2A CLA QE . 5.06 -24.76 11.78
NB CLA QE . 10.49 -26.35 7.41
C1B CLA QE . 9.47 -27.22 7.47
C2B CLA QE . 9.03 -27.58 6.10
C3B CLA QE . 9.82 -26.89 5.22
C4B CLA QE . 10.77 -26.09 6.04
CMB CLA QE . 7.93 -28.53 5.85
CAB CLA QE . 9.83 -26.88 3.78
CBB CLA QE . 9.77 -27.95 2.99
NC CLA QE . 12.73 -24.47 7.71
C1C CLA QE . 12.68 -24.51 6.35
C2C CLA QE . 13.71 -23.64 5.79
C3C CLA QE . 14.40 -23.09 6.86
C4C CLA QE . 13.77 -23.61 8.08
CMC CLA QE . 13.96 -23.42 4.36
CAC CLA QE . 15.54 -22.17 6.81
CBC CLA QE . 16.83 -22.89 7.09
ND CLA QE . 12.45 -24.66 10.50
C1D CLA QE . 13.53 -23.73 10.54
C2D CLA QE . 13.84 -23.41 11.95
C3D CLA QE . 12.91 -24.08 12.71
C4D CLA QE . 12.07 -24.84 11.76
CMD CLA QE . 14.91 -22.50 12.38
CAD CLA QE . 12.45 -24.40 14.05
OBD CLA QE . 12.89 -24.02 15.13
CBD CLA QE . 11.21 -25.34 13.90
CGD CLA QE . 11.36 -26.61 14.71
O1D CLA QE . 11.16 -26.76 15.92
O2D CLA QE . 11.74 -27.68 13.97
CED CLA QE . 11.35 -28.98 14.42
C1 CLA QE . 4.37 -24.28 10.62
C2 CLA QE . 4.40 -22.80 10.66
C3 CLA QE . 4.19 -22.03 9.58
C4 CLA QE . 3.91 -22.61 8.24
C5 CLA QE . 4.24 -20.54 9.67
C6 CLA QE . 5.16 -19.93 8.63
C7 CLA QE . 5.33 -18.44 8.88
C8 CLA QE . 6.79 -18.05 8.89
C9 CLA QE . 7.37 -18.16 10.28
C10 CLA QE . 6.99 -16.63 8.35
C11 CLA QE . 8.05 -16.61 7.27
C12 CLA QE . 7.81 -17.72 6.26
C13 CLA QE . 9.05 -17.99 5.41
C14 CLA QE . 10.13 -18.65 6.24
C15 CLA QE . 9.58 -16.71 4.80
C16 CLA QE . 9.62 -16.80 3.28
C17 CLA QE . 8.24 -16.87 2.69
C18 CLA QE . 8.27 -16.72 1.17
C19 CLA QE . 9.18 -15.58 0.77
C20 CLA QE . 8.74 -18.01 0.53
MG CLA RE . 13.08 -28.54 -0.54
CHA CLA RE . 12.23 -30.41 2.28
CHB CLA RE . 11.63 -30.88 -2.53
CHC CLA RE . 14.00 -26.68 -3.28
CHD CLA RE . 14.64 -26.18 1.57
NA CLA RE . 12.07 -30.34 -0.16
C1A CLA RE . 11.81 -30.95 1.08
C2A CLA RE . 11.06 -32.27 0.88
C3A CLA RE . 10.81 -32.33 -0.65
C4A CLA RE . 11.55 -31.11 -1.17
CMA CLA RE . 11.32 -33.62 -1.25
CAA CLA RE . 9.75 -32.39 1.64
CBA CLA RE . 8.85 -31.19 1.45
CGA CLA RE . 8.07 -31.03 2.72
O1A CLA RE . 8.52 -30.83 3.85
O2A CLA RE . 6.73 -31.14 2.56
NB CLA RE . 12.77 -28.69 -2.53
C1B CLA RE . 12.30 -29.81 -3.14
C2B CLA RE . 12.59 -29.74 -4.61
C3B CLA RE . 13.26 -28.56 -4.82
C4B CLA RE . 13.38 -27.87 -3.50
CMB CLA RE . 12.22 -30.80 -5.54
CAB CLA RE . 13.78 -28.00 -6.03
CBB CLA RE . 13.15 -27.14 -6.82
NC CLA RE . 14.09 -26.73 -0.79
C1C CLA RE . 14.33 -26.14 -2.00
C2C CLA RE . 15.03 -24.88 -1.80
C3C CLA RE . 15.25 -24.75 -0.44
C4C CLA RE . 14.66 -25.92 0.19
CMC CLA RE . 15.44 -23.97 -2.87
CAC CLA RE . 15.93 -23.64 0.25
CBC CLA RE . 14.95 -22.66 0.86
ND CLA RE . 13.43 -28.31 1.44
C1D CLA RE . 14.10 -27.29 2.17
C2D CLA RE . 14.04 -27.63 3.61
C3D CLA RE . 13.34 -28.81 3.70
C4D CLA RE . 12.97 -29.19 2.33
CMD CLA RE . 14.64 -26.84 4.66
CAD CLA RE . 12.82 -29.82 4.60
OBD CLA RE . 12.87 -29.89 5.82
CBD CLA RE . 12.10 -30.88 3.71
CGD CLA RE . 12.73 -32.23 3.90
O1D CLA RE . 13.56 -32.78 3.16
O2D CLA RE . 12.31 -32.89 5.01
CED CLA RE . 13.18 -33.86 5.59
C1 CLA RE . 5.94 -30.96 3.76
C2 CLA RE . 4.68 -31.74 3.59
C3 CLA RE . 3.83 -31.94 4.59
C4 CLA RE . 4.08 -31.41 5.96
C5 CLA RE . 2.57 -32.71 4.40
C6 CLA RE . 1.34 -31.91 4.75
C7 CLA RE . 0.12 -32.46 4.05
C8 CLA RE . -1.19 -31.91 4.62
C9 CLA RE . -2.32 -32.15 3.64
C10 CLA RE . -1.07 -30.43 4.95
MG CLA SE . -17.53 -32.09 25.94
CHA CLA SE . -20.65 -33.21 26.96
CHB CLA SE . -18.13 -29.09 27.43
CHC CLA SE . -14.36 -31.09 25.09
CHD CLA SE . -16.92 -35.26 24.52
NA CLA SE . -19.15 -31.29 26.99
C1A CLA SE . -20.35 -31.94 27.33
C2A CLA SE . -21.24 -31.01 28.15
C3A CLA SE . -20.50 -29.66 28.11
C4A CLA SE . -19.15 -30.01 27.48
CMA CLA SE . -21.26 -28.63 27.31
CAA CLA SE . -21.24 -31.53 29.58
CBA CLA SE . -19.93 -32.15 30.00
CGA CLA SE . -19.45 -31.58 31.31
O1A CLA SE . -19.99 -31.63 32.41
O2A CLA SE . -18.24 -30.95 31.20
NB CLA SE . -16.45 -30.42 26.23
C1B CLA SE . -16.87 -29.28 26.85
C2B CLA SE . -15.80 -28.24 26.82
C3B CLA SE . -14.73 -28.80 26.16
C4B CLA SE . -15.13 -30.19 25.76
CMB CLA SE . -16.00 -26.92 27.41
CAB CLA SE . -13.43 -28.27 25.82
CBB CLA SE . -13.00 -27.01 25.96
NC CLA SE . -15.95 -33.00 24.94
C1C CLA SE . -14.74 -32.40 24.69
C2C CLA SE . -13.87 -33.34 23.98
C3C CLA SE . -14.58 -34.53 23.85
C4C CLA SE . -15.89 -34.31 24.46
CMC CLA SE . -12.51 -33.03 23.54
CAC CLA SE . -14.13 -35.78 23.21
CBC CLA SE . -13.78 -36.83 24.24
ND CLA SE . -18.55 -33.81 25.64
C1D CLA SE . -18.17 -35.05 25.06
C2D CLA SE . -19.31 -36.00 25.16
C3D CLA SE . -20.30 -35.33 25.87
C4D CLA SE . -19.75 -34.00 26.17
CMD CLA SE . -19.34 -37.35 24.62
CAD CLA SE . -21.65 -35.39 26.41
OBD CLA SE . -22.49 -36.27 26.29
CBD CLA SE . -21.87 -34.08 27.21
CGD CLA SE . -23.13 -33.36 26.82
O1D CLA SE . -23.40 -32.83 25.75
O2D CLA SE . -24.07 -33.33 27.81
CED CLA SE . -25.45 -33.39 27.43
MG CLA TE . -18.25 -32.62 9.95
CHA CLA TE . -19.82 -29.62 9.20
CHB CLA TE . -20.15 -34.20 7.61
CHC CLA TE . -16.44 -35.49 10.51
CHD CLA TE . -16.29 -30.93 12.36
NA CLA TE . -19.76 -32.00 8.65
C1A CLA TE . -20.25 -30.69 8.47
C2A CLA TE . -21.33 -30.67 7.39
C3A CLA TE . -21.54 -32.17 7.06
C4A CLA TE . -20.40 -32.86 7.80
CMA CLA TE . -22.90 -32.64 7.49
CAA CLA TE . -20.79 -29.95 6.16
CBA CLA TE . -19.31 -30.24 5.94
CGA CLA TE . -18.85 -29.92 4.55
O1A CLA TE . -19.48 -29.93 3.50
O2A CLA TE . -17.51 -29.64 4.49
NB CLA TE . -18.28 -34.48 9.19
C1B CLA TE . -19.15 -34.94 8.25
C2B CLA TE . -18.88 -36.39 7.99
C3B CLA TE . -17.85 -36.76 8.81
C4B CLA TE . -17.45 -35.55 9.58
CMB CLA TE . -19.67 -37.18 7.05
CAB CLA TE . -17.19 -38.04 8.95
CBB CLA TE . -16.69 -38.77 7.96
NC CLA TE . -16.69 -33.12 11.24
C1C CLA TE . -16.10 -34.36 11.29
C2C CLA TE . -15.02 -34.36 12.28
C3C CLA TE . -14.97 -33.07 12.80
C4C CLA TE . -16.01 -32.29 12.14
CMC CLA TE . -14.18 -35.51 12.62
CAC CLA TE . -14.03 -32.56 13.82
CBC CLA TE . -12.99 -31.64 13.22
ND CLA TE . -18.12 -30.76 10.73
C1D CLA TE . -17.26 -30.20 11.71
C2D CLA TE . -17.59 -28.76 11.88
C3D CLA TE . -18.57 -28.48 10.93
C4D CLA TE . -18.84 -29.76 10.23
CMD CLA TE . -16.96 -27.88 12.86
CAD CLA TE . -19.45 -27.48 10.36
OBD CLA TE . -19.60 -26.31 10.68
CBD CLA TE . -20.23 -28.17 9.20
CGD CLA TE . -21.72 -28.07 9.34
O1D CLA TE . -22.41 -28.18 10.36
O2D CLA TE . -22.38 -27.82 8.17
CED CLA TE . -22.92 -26.52 7.97
C1 CLA TE . -16.71 -30.47 3.62
C2 CLA TE . -15.30 -30.37 4.08
C3 CLA TE . -14.35 -31.25 3.72
C4 CLA TE . -14.65 -32.39 2.82
C5 CLA TE . -12.95 -31.13 4.20
C6 CLA TE . -12.75 -29.94 5.12
C7 CLA TE . -11.50 -30.13 5.97
C8 CLA TE . -10.97 -28.82 6.51
C9 CLA TE . -10.65 -27.86 5.39
C10 CLA TE . -9.72 -29.04 7.37
C11 CLA TE . -10.05 -29.43 8.79
C12 CLA TE . -8.81 -29.52 9.64
C13 CLA TE . -8.85 -30.75 10.54
C14 CLA TE . -9.92 -30.61 11.61
C15 CLA TE . -7.49 -31.01 11.20
MG CLA UE . -13.71 -24.38 28.70
CHA CLA UE . -13.31 -22.80 25.64
CHB CLA UE . -10.39 -25.08 28.75
CHC CLA UE . -14.15 -25.92 31.74
CHD CLA UE . -17.18 -23.71 28.56
NA CLA UE . -12.13 -23.97 27.40
C1A CLA UE . -12.16 -23.28 26.19
C2A CLA UE . -10.76 -23.20 25.56
C3A CLA UE . -9.85 -23.92 26.59
C4A CLA UE . -10.84 -24.35 27.68
CMA CLA UE . -9.15 -25.09 25.99
CAA CLA UE . -10.33 -21.75 25.44
CBA CLA UE . -8.85 -21.59 25.15
CGA CLA UE . -8.61 -20.17 24.73
O1A CLA UE . -9.43 -19.28 24.55
O2A CLA UE . -7.29 -19.88 24.56
NB CLA UE . -12.48 -25.19 30.07
C1B CLA UE . -11.19 -25.56 29.80
C2B CLA UE . -10.73 -26.57 30.77
C3B CLA UE . -11.77 -26.81 31.62
C4B CLA UE . -12.90 -25.95 31.19
CMB CLA UE . -9.39 -27.18 30.71
CAB CLA UE . -11.88 -27.72 32.73
CBB CLA UE . -12.20 -27.37 33.98
NC CLA UE . -15.37 -24.73 29.93
C1C CLA UE . -15.32 -25.36 31.15
C2C CLA UE . -16.65 -25.40 31.74
C3C CLA UE . -17.52 -24.81 30.83
C4C CLA UE . -16.70 -24.39 29.69
CMC CLA UE . -16.95 -26.02 33.03
CAC CLA UE . -18.98 -24.65 30.95
CBC CLA UE . -19.44 -23.62 31.96
ND CLA UE . -15.02 -23.55 27.40
C1D CLA UE . -16.41 -23.31 27.48
C2D CLA UE . -16.84 -22.60 26.25
C3D CLA UE . -15.70 -22.39 25.50
C4D CLA UE . -14.58 -22.98 26.27
CMD CLA UE . -18.22 -22.21 25.95
CAD CLA UE . -15.14 -21.84 24.28
OBD CLA UE . -15.70 -21.30 23.33
CBD CLA UE . -13.59 -22.05 24.35
CGD CLA UE . -13.06 -22.85 23.20
O1D CLA UE . -12.12 -22.58 22.46
O2D CLA UE . -13.72 -24.03 23.00
CED CLA UE . -12.93 -25.22 22.88
C1 CLA UE . -7.00 -18.51 24.23
C2 CLA UE . -5.69 -18.47 23.56
C3 CLA UE . -4.53 -18.44 24.23
C4 CLA UE . -4.50 -18.45 25.72
C5 CLA UE . -3.24 -18.40 23.50
C6 CLA UE . -2.04 -18.71 24.36
C7 CLA UE . -1.71 -20.20 24.36
C8 CLA UE . -0.38 -20.50 25.02
C9 CLA UE . -0.23 -19.70 26.31
C10 CLA UE . 0.77 -20.18 24.07
C11 CLA UE . 1.73 -21.34 23.95
C12 CLA UE . 1.01 -22.66 23.79
C13 CLA UE . 1.41 -23.38 22.52
C14 CLA UE . 0.99 -22.58 21.30
C15 CLA UE . 0.78 -24.78 22.46
MG CLA VE . 3.58 -34.00 34.62
CHA CLA VE . 5.83 -36.19 33.12
CHB CLA VE . 3.44 -32.17 31.76
CHC CLA VE . 1.22 -31.97 36.10
CHD CLA VE . 3.76 -35.93 37.58
NA CLA VE . 4.51 -34.16 32.77
C1A CLA VE . 5.40 -35.16 32.32
C2A CLA VE . 5.85 -34.90 30.89
C3A CLA VE . 5.16 -33.56 30.53
C4A CLA VE . 4.30 -33.26 31.76
CMA CLA VE . 6.17 -32.46 30.25
CAA CLA VE . 5.36 -35.99 29.96
CBA CLA VE . 3.92 -36.39 30.27
CGA CLA VE . 3.52 -37.57 29.44
O1A CLA VE . 3.77 -37.80 28.24
O2A CLA VE . 2.78 -38.49 30.13
NB CLA VE . 2.49 -32.42 34.02
C1B CLA VE . 2.62 -31.78 32.83
C2B CLA VE . 1.77 -30.55 32.81
C3B CLA VE . 1.13 -30.49 34.04
C4B CLA VE . 1.59 -31.67 34.83
CMB CLA VE . 1.72 -29.65 31.67
CAB CLA VE . 0.23 -29.51 34.59
CBB CLA VE . -0.63 -28.74 33.91
NC CLA VE . 2.68 -33.95 36.51
C1C CLA VE . 1.74 -33.04 36.90
C2C CLA VE . 1.31 -33.31 38.27
C3C CLA VE . 2.03 -34.43 38.70
C4C CLA VE . 2.88 -34.83 37.58
CMC CLA VE . 0.32 -32.55 39.01
CAC CLA VE . 1.94 -35.10 40.00
CBC CLA VE . 3.19 -34.94 40.83
ND CLA VE . 4.64 -35.59 35.31
C1D CLA VE . 4.58 -36.30 36.53
C2D CLA VE . 5.50 -37.45 36.46
C3D CLA VE . 6.01 -37.46 35.18
C4D CLA VE . 5.42 -36.30 34.49
CMD CLA VE . 5.76 -38.38 37.56
CAD CLA VE . 6.90 -38.11 34.24
OBD CLA VE . 7.68 -39.05 34.42
CBD CLA VE . 6.74 -37.38 32.88
CGD CLA VE . 8.07 -37.01 32.27
O1D CLA VE . 8.86 -37.75 31.68
O2D CLA VE . 8.41 -35.70 32.41
CED CLA VE . 9.75 -35.42 32.79
MG CLA WE . 4.66 -42.32 35.34
CHA CLA WE . 6.27 -44.42 33.10
CHB CLA WE . 3.81 -40.23 32.79
CHC CLA WE . 2.93 -40.37 37.59
CHD CLA WE . 5.59 -44.50 37.98
NA CLA WE . 5.00 -42.34 33.29
C1A CLA WE . 5.69 -43.31 32.54
C2A CLA WE . 5.70 -42.95 31.06
C3A CLA WE . 5.07 -41.53 31.03
C4A CLA WE . 4.58 -41.34 32.46
CMA CLA WE . 6.07 -40.48 30.63
CAA CLA WE . 4.86 -43.92 30.26
CBA CLA WE . 3.68 -44.49 31.01
CGA CLA WE . 2.54 -43.52 31.07
O1A CLA WE . 2.01 -42.89 30.14
O2A CLA WE . 2.06 -43.33 32.33
NB CLA WE . 3.61 -40.61 35.22
C1B CLA WE . 3.31 -39.94 34.07
C2B CLA WE . 2.38 -38.82 34.37
C3B CLA WE . 2.13 -38.85 35.72
C4B CLA WE . 2.90 -39.99 36.28
CMB CLA WE . 1.87 -37.90 33.34
CAB CLA WE . 1.30 -38.01 36.54
CBB CLA WE . 0.02 -37.71 36.32
NC CLA WE . 4.35 -42.41 37.41
C1C CLA WE . 3.62 -41.51 38.12
C2C CLA WE . 3.62 -41.86 39.54
C3C CLA WE . 4.36 -43.03 39.65
C4C CLA WE . 4.82 -43.38 38.31
CMC CLA WE . 2.93 -41.11 40.58
CAC CLA WE . 4.63 -43.79 40.88
CBC CLA WE . 5.84 -43.25 41.63
ND CLA WE . 5.68 -44.05 35.56
C1D CLA WE . 6.01 -44.83 36.70
C2D CLA WE . 6.81 -46.00 36.27
C3D CLA WE . 6.92 -45.91 34.90
C4D CLA WE . 6.21 -44.68 34.51
CMD CLA WE . 7.32 -47.04 37.17
CAD CLA WE . 7.46 -46.51 33.69
OBD CLA WE . 8.10 -47.54 33.55
CBD CLA WE . 7.07 -45.57 32.50
CGD CLA WE . 8.28 -45.07 31.75
O1D CLA WE . 9.06 -44.17 32.08
O2D CLA WE . 8.51 -45.73 30.57
CED CLA WE . 9.34 -46.89 30.61
MG CLA XE . 6.28 -14.22 40.23
CHA CLA XE . 7.80 -13.37 37.23
CHB CLA XE . 9.11 -15.85 41.21
CHC CLA XE . 4.77 -14.93 43.23
CHD CLA XE . 3.33 -12.59 39.15
NA CLA XE . 8.14 -14.54 39.34
C1A CLA XE . 8.59 -14.10 38.09
C2A CLA XE . 10.03 -14.56 37.83
C3A CLA XE . 10.35 -15.46 39.04
C4A CLA XE . 9.12 -15.28 39.95
CMA CLA XE . 10.54 -16.90 38.63
CAA CLA XE . 10.98 -13.38 37.83
CBA CLA XE . 11.48 -13.03 39.22
CGA CLA XE . 12.11 -11.67 39.27
O1A CLA XE . 12.88 -11.15 38.46
O2A CLA XE . 11.75 -10.95 40.38
NB CLA XE . 6.84 -15.19 41.91
C1B CLA XE . 8.05 -15.79 42.13
C2B CLA XE . 8.08 -16.39 43.49
C3B CLA XE . 6.87 -16.13 44.06
C4B CLA XE . 6.05 -15.38 43.07
CMB CLA XE . 9.24 -17.11 44.02
CAB CLA XE . 6.39 -16.52 45.37
CBB CLA XE . 5.86 -15.69 46.28
NC CLA XE . 4.39 -13.83 41.03
C1C CLA XE . 3.99 -14.22 42.27
C2C CLA XE . 2.62 -13.78 42.52
C3C CLA XE . 2.20 -13.12 41.36
C4C CLA XE . 3.33 -13.16 40.43
CMC CLA XE . 1.87 -14.02 43.75
CAC CLA XE . 0.89 -12.50 41.12
CBC CLA XE . 0.93 -10.98 41.19
ND CLA XE . 5.64 -13.22 38.60
C1D CLA XE . 4.40 -12.61 38.28
C2D CLA XE . 4.50 -12.02 36.92
C3D CLA XE . 5.78 -12.27 36.48
C4D CLA XE . 6.45 -13.03 37.56
CMD CLA XE . 3.42 -11.30 36.24
CAD CLA XE . 6.74 -12.12 35.40
OBD CLA XE . 6.60 -11.55 34.33
CBD CLA XE . 8.05 -12.83 35.84
CGD CLA XE . 8.41 -13.93 34.89
O1D CLA XE . 7.79 -14.99 34.71
O2D CLA XE . 9.54 -13.71 34.16
CED CLA XE . 9.69 -14.43 32.94
C1 CLA XE . 12.45 -9.71 40.61
C2 CLA XE . 12.08 -9.24 41.96
MG CLA YE . 3.43 -20.10 33.49
CHA CLA YE . 6.28 -21.64 32.24
CHB CLA YE . 5.25 -17.33 34.20
CHC CLA YE . 0.58 -18.62 34.72
CHD CLA YE . 1.60 -23.05 32.79
NA CLA YE . 5.44 -19.59 33.25
C1A CLA YE . 6.47 -20.37 32.70
C2A CLA YE . 7.79 -19.60 32.71
C3A CLA YE . 7.45 -18.30 33.47
C4A CLA YE . 5.94 -18.38 33.65
CMA CLA YE . 8.18 -18.23 34.79
CAA CLA YE . 8.24 -19.26 31.30
CBA CLA YE . 8.62 -17.80 31.17
CGA CLA YE . 7.61 -17.04 30.36
O1A CLA YE . 7.51 -16.97 29.14
O2A CLA YE . 6.68 -16.37 31.12
NB CLA YE . 3.02 -18.34 34.37
C1B CLA YE . 3.86 -17.28 34.43
C2B CLA YE . 3.13 -16.05 34.83
C3B CLA YE . 1.81 -16.41 34.98
C4B CLA YE . 1.72 -17.87 34.69
CMB CLA YE . 3.79 -14.76 34.98
CAB CLA YE . 0.66 -15.61 35.34
CBB CLA YE . 0.62 -14.64 36.25
NC CLA YE . 1.45 -20.74 33.73
C1C CLA YE . 0.45 -19.97 34.27
C2C CLA YE . -0.78 -20.74 34.31
C3C CLA YE . -0.52 -21.98 33.74
C4C CLA YE . 0.90 -21.98 33.38
CMC CLA YE . -2.05 -20.22 34.83
CAC CLA YE . -1.46 -23.09 33.57
CBC CLA YE . -2.12 -23.09 32.21
ND CLA YE . 3.76 -21.91 32.64
C1D CLA YE . 2.93 -23.04 32.44
C2D CLA YE . 3.73 -24.12 31.82
C3D CLA YE . 5.02 -23.64 31.73
C4D CLA YE . 4.99 -22.26 32.26
CMD CLA YE . 3.20 -25.43 31.43
CAD CLA YE . 6.39 -23.92 31.31
OBD CLA YE . 6.85 -24.91 30.77
CBD CLA YE . 7.24 -22.66 31.69
CGD CLA YE . 8.29 -22.98 32.72
O1D CLA YE . 8.23 -22.77 33.94
O2D CLA YE . 9.42 -23.57 32.22
CED CLA YE . 10.59 -23.54 33.04
C1 CLA YE . 6.12 -15.19 30.53
C2 CLA YE . 4.75 -15.03 31.07
C3 CLA YE . 4.07 -13.88 30.97
C4 CLA YE . 4.65 -12.68 30.32
C5 CLA YE . 2.69 -13.73 31.53
C6 CLA YE . 2.46 -12.38 32.20
C7 CLA YE . 1.02 -12.23 32.62
C8 CLA YE . 0.64 -10.81 33.04
C9 CLA YE . 1.82 -9.86 32.98
C10 CLA YE . 0.04 -10.80 34.44
C11 CLA YE . -1.45 -10.51 34.41
C12 CLA YE . -2.10 -10.75 35.75
MG CLA ZE . -11.15 -3.50 41.11
CHA CLA ZE . -11.82 -0.38 42.46
CHB CLA ZE . -12.31 -2.46 38.09
CHC CLA ZE . -10.41 -6.61 39.81
CHD CLA ZE . -9.96 -4.56 44.28
NA CLA ZE . -11.93 -1.70 40.41
C1A CLA ZE . -12.12 -0.50 41.12
C2A CLA ZE . -12.70 0.58 40.22
C3A CLA ZE . -12.91 -0.14 38.87
C4A CLA ZE . -12.34 -1.53 39.12
CMA CLA ZE . -14.36 -0.20 38.50
CAA CLA ZE . -11.80 1.79 40.02
CBA CLA ZE . -10.34 1.58 40.36
CGA CLA ZE . -9.57 0.99 39.22
O1A CLA ZE . -9.70 -0.12 38.69
O2A CLA ZE . -8.61 1.83 38.73
NB CLA ZE . -11.31 -4.36 39.29
C1B CLA ZE . -11.83 -3.77 38.19
C2B CLA ZE . -11.84 -4.75 37.05
C3B CLA ZE . -11.31 -5.92 37.53
C4B CLA ZE . -10.96 -5.69 38.97
CMB CLA ZE . -12.35 -4.42 35.72
CAB CLA ZE . -11.08 -7.18 36.85
CBB CLA ZE . -9.90 -7.74 36.67
NC CLA ZE . -10.34 -5.25 41.91
C1C CLA ZE . -10.11 -6.40 41.20
C2C CLA ZE . -9.53 -7.41 42.06
C3C CLA ZE . -9.40 -6.85 43.32
C4C CLA ZE . -9.90 -5.48 43.22
CMC CLA ZE . -9.15 -8.76 41.63
CAC CLA ZE . -8.84 -7.48 44.54
CBC CLA ZE . -7.43 -7.05 44.81
ND CLA ZE . -10.94 -2.73 42.97
C1D CLA ZE . -10.44 -3.26 44.18
C2D CLA ZE . -10.53 -2.23 45.24
C3D CLA ZE . -11.07 -1.10 44.63
C4D CLA ZE . -11.30 -1.47 43.22
CMD CLA ZE . -10.13 -2.43 46.63
CAD CLA ZE . -11.50 0.27 44.81
OBD CLA ZE . -11.51 0.96 45.83
CBD CLA ZE . -11.98 0.78 43.42
CGD CLA ZE . -13.40 1.28 43.42
O1D CLA ZE . -13.91 2.10 42.66
O2D CLA ZE . -14.17 0.74 44.40
CED CLA ZE . -15.54 1.14 44.47
C1 CLA ZE . -7.25 1.48 39.03
MG CLA AF . -13.35 -11.14 29.60
CHA CLA AF . -12.18 -14.40 29.82
CHB CLA AF . -10.15 -9.99 29.76
CHC CLA AF . -14.54 -7.94 29.26
CHD CLA AF . -16.65 -12.39 29.52
NA CLA AF . -11.48 -12.07 29.75
C1A CLA AF . -11.20 -13.44 29.83
C2A CLA AF . -9.70 -13.70 29.91
C3A CLA AF . -9.12 -12.28 30.10
C4A CLA AF . -10.31 -11.36 29.83
CMA CLA AF . -8.56 -12.09 31.48
CAA CLA AF . -9.24 -14.27 28.59
CBA CLA AF . -8.39 -15.51 28.73
CGA CLA AF . -9.08 -16.69 28.11
O1A CLA AF . -9.91 -16.69 27.19
O2A CLA AF . -8.72 -17.87 28.68
NB CLA AF . -12.50 -9.31 29.58
C1B CLA AF . -11.18 -9.06 29.54
C2B CLA AF . -10.94 -7.62 29.25
C3B CLA AF . -12.17 -7.03 29.11
C4B CLA AF . -13.19 -8.10 29.32
CMB CLA AF . -9.60 -7.04 29.15
CAB CLA AF . -12.51 -5.67 28.81
CBB CLA AF . -12.45 -4.66 29.68
NC CLA AF . -15.26 -10.33 29.43
C1C CLA AF . -15.51 -8.99 29.30
C2C CLA AF . -16.95 -8.77 29.22
C3C CLA AF . -17.55 -10.03 29.28
C4C CLA AF . -16.48 -11.00 29.42
CMC CLA AF . -17.60 -7.48 29.08
CAC CLA AF . -18.99 -10.31 29.23
CBC CLA AF . -19.58 -10.64 30.57
ND CLA AF . -14.26 -12.94 29.59
C1D CLA AF . -15.62 -13.31 29.60
C2D CLA AF . -15.72 -14.79 29.71
C3D CLA AF . -14.42 -15.26 29.78
C4D CLA AF . -13.56 -14.06 29.72
CMD CLA AF . -16.97 -15.55 29.72
CAD CLA AF . -13.57 -16.42 29.89
OBD CLA AF . -13.87 -17.61 29.92
CBD CLA AF . -12.10 -15.90 29.97
CGD CLA AF . -11.44 -16.25 31.29
O1D CLA AF . -10.74 -17.23 31.54
O2D CLA AF . -11.68 -15.34 32.27
CED CLA AF . -10.86 -15.38 33.44
C1 CLA AF . -9.23 -19.07 28.06
C2 CLA AF . -8.52 -20.20 28.72
MG CLA BF . 0.50 -1.54 23.12
CHA CLA BF . 3.50 -2.28 24.68
CHB CLA BF . -0.83 -0.61 26.11
CHC CLA BF . -2.42 -0.72 21.50
CHD CLA BF . 1.90 -2.59 20.04
NA CLA BF . 1.24 -1.47 25.07
C1A CLA BF . 2.52 -1.80 25.51
C2A CLA BF . 2.65 -1.59 27.02
C3A CLA BF . 1.24 -1.12 27.45
C4A CLA BF . 0.48 -1.05 26.13
CMA CLA BF . 0.62 -2.06 28.43
CAA CLA BF . 3.69 -0.54 27.35
CBA CLA BF . 3.09 0.70 27.99
CGA CLA BF . 4.16 1.71 28.24
O1A CLA BF . 4.91 2.26 27.43
O2A CLA BF . 4.26 2.06 29.56
NB CLA BF . -1.28 -0.80 23.69
C1B CLA BF . -1.65 -0.52 24.97
C2B CLA BF . -3.07 -0.07 25.00
C3B CLA BF . -3.53 -0.11 23.69
C4B CLA BF . -2.39 -0.56 22.85
CMB CLA BF . -3.77 0.29 26.23
CAB CLA BF . -4.83 0.21 23.13
CBB CLA BF . -5.63 1.19 23.52
NC CLA BF . -0.12 -1.63 21.12
C1C CLA BF . -1.35 -1.21 20.68
C2C CLA BF . -1.45 -1.37 19.24
C3C CLA BF . -0.24 -1.95 18.82
C4C CLA BF . 0.58 -2.10 20.02
CMC CLA BF . -2.61 -0.98 18.44
CAC CLA BF . 0.13 -2.30 17.45
CBC CLA BF . 1.10 -1.31 16.85
ND CLA BF . 2.25 -2.27 22.44
C1D CLA BF . 2.71 -2.68 21.15
C2D CLA BF . 4.09 -3.17 21.26
C3D CLA BF . 4.46 -3.03 22.58
C4D CLA BF . 3.27 -2.47 23.28
CMD CLA BF . 4.89 -3.67 20.14
CAD CLA BF . 5.50 -3.21 23.57
OBD CLA BF . 6.64 -3.66 23.45
CBD CLA BF . 4.92 -2.74 24.93
CGD CLA BF . 4.95 -3.83 25.96
O1D CLA BF . 3.98 -4.34 26.53
O2D CLA BF . 6.20 -4.30 26.25
CED CLA BF . 6.29 -5.55 26.94
C1 CLA BF . 4.75 3.40 29.84
C2 CLA BF . 3.56 4.24 30.12
C3 CLA BF . 3.51 5.13 31.12
C4 CLA BF . 4.66 5.33 32.04
C5 CLA BF . 2.30 5.95 31.35
C6 CLA BF . 2.56 7.43 31.54
C7 CLA BF . 1.27 8.22 31.36
C8 CLA BF . 1.30 9.57 32.06
C9 CLA BF . 0.93 9.42 33.52
C10 CLA BF . 0.36 10.55 31.37
C11 CLA BF . -1.09 10.36 31.79
C12 CLA BF . -2.04 11.26 31.03
C13 CLA BF . -2.29 12.60 31.72
C14 CLA BF . -2.17 12.49 33.23
C15 CLA BF . -3.65 13.18 31.34
C16 CLA BF . -3.79 14.60 31.86
C17 CLA BF . -5.24 15.02 31.97
MG CLA CF . 7.99 -5.87 33.43
CHA CLA CF . 5.71 -4.36 31.30
CHB CLA CF . 5.43 -6.96 35.38
CHC CLA CF . 10.27 -7.42 35.45
CHD CLA CF . 10.62 -4.65 31.39
NA CLA CF . 5.91 -5.68 33.33
C1A CLA CF . 5.14 -5.01 32.36
C2A CLA CF . 3.66 -5.11 32.68
C3A CLA CF . 3.63 -5.80 34.06
C4A CLA CF . 5.09 -6.19 34.29
CMA CLA CF . 3.15 -4.85 35.13
CAA CLA CF . 2.93 -5.96 31.66
CBA CLA CF . 1.53 -6.30 32.11
CGA CLA CF . 0.54 -5.92 31.06
O1A CLA CF . 0.72 -5.77 29.85
O2A CLA CF . -0.72 -5.75 31.56
NB CLA CF . 7.88 -6.95 35.12
C1B CLA CF . 6.73 -7.37 35.71
C2B CLA CF . 7.04 -8.33 36.81
C3B CLA CF . 8.41 -8.47 36.83
C4B CLA CF . 8.96 -7.59 35.76
CMB CLA CF . 6.02 -8.96 37.64
CAB CLA CF . 9.22 -9.27 37.70
CBB CLA CF . 10.16 -10.11 37.27
NC CLA CF . 10.07 -5.99 33.42
C1C CLA CF . 10.81 -6.68 34.35
C2C CLA CF . 12.23 -6.54 34.06
C3C CLA CF . 12.34 -5.76 32.91
C4C CLA CF . 10.97 -5.42 32.52
CMC CLA CF . 13.31 -7.14 34.86
CAC CLA CF . 13.57 -5.34 32.24
CBC CLA CF . 13.93 -3.90 32.54
ND CLA CF . 8.20 -4.80 31.72
C1D CLA CF . 9.33 -4.36 30.99
C2D CLA CF . 8.88 -3.57 29.83
C3D CLA CF . 7.50 -3.53 29.89
C4D CLA CF . 7.13 -4.31 31.09
CMD CLA CF . 9.78 -2.96 28.84
CAD CLA CF . 6.28 -3.06 29.28
OBD CLA CF . 6.12 -2.37 28.28
CBD CLA CF . 5.10 -3.56 30.18
CGD CLA CF . 4.31 -2.41 30.74
O1D CLA CF . 3.11 -2.41 31.08
O2D CLA CF . 5.03 -1.26 30.88
CED CLA CF . 4.96 -0.59 32.14
C1 CLA CF . -1.48 -6.94 31.76
C2 CLA CF . -1.94 -7.38 30.42
C3 CLA CF . -2.92 -8.28 30.26
C4 CLA CF . -3.36 -8.71 28.92
C5 CLA CF . -3.61 -8.88 31.42
C6 CLA CF . -5.01 -8.36 31.60
C7 CLA CF . -5.66 -8.97 32.82
C8 CLA CF . -6.56 -7.98 33.56
C9 CLA CF . -7.79 -7.67 32.73
C10 CLA CF . -5.81 -6.69 33.87
C11 CLA CF . -4.65 -6.93 34.83
C12 CLA CF . -4.53 -5.81 35.86
C13 CLA CF . -3.22 -5.03 35.77
C14 CLA CF . -2.78 -4.81 34.33
C15 CLA CF . -2.11 -5.68 36.59
C16 CLA CF . -1.19 -6.57 35.78
C17 CLA CF . 0.23 -6.51 36.31
C18 CLA CF . 0.33 -6.97 37.76
C19 CLA CF . 1.31 -6.13 38.54
C20 CLA CF . 0.73 -8.44 37.81
MG CLA DF . 7.29 -17.51 13.62
CHA CLA DF . 7.44 -20.88 14.44
CHB CLA DF . 10.54 -17.14 14.54
CHC CLA DF . 7.19 -14.30 12.45
CHD CLA DF . 3.87 -17.92 12.76
NA CLA DF . 8.71 -18.80 14.41
C1A CLA DF . 8.59 -20.17 14.66
C2A CLA DF . 9.90 -20.71 15.25
C3A CLA DF . 10.69 -19.44 15.59
C4A CLA DF . 9.95 -18.36 14.78
CMA CLA DF . 10.65 -19.16 17.06
CAA CLA DF . 10.64 -21.57 14.22
CBA CLA DF . 10.74 -20.92 12.86
CGA CLA DF . 9.93 -21.68 11.85
O1A CLA DF . 9.72 -22.89 11.81
O2A CLA DF . 9.38 -20.89 10.89
NB CLA DF . 8.59 -15.96 13.61
C1B CLA DF . 9.92 -16.10 13.83
C2B CLA DF . 10.67 -14.97 13.19
C3B CLA DF . 9.73 -14.16 12.60
C4B CLA DF . 8.39 -14.78 12.86
CMB CLA DF . 12.12 -14.85 13.28
CAB CLA DF . 9.85 -12.93 11.84
CBB CLA DF . 10.95 -12.42 11.28
NC CLA DF . 5.77 -16.30 12.82
C1C CLA DF . 5.95 -15.00 12.44
C2C CLA DF . 4.69 -14.46 11.96
C3C CLA DF . 3.75 -15.49 12.00
C4C CLA DF . 4.45 -16.65 12.56
CMC CLA DF . 4.50 -13.09 11.48
CAC CLA DF . 2.33 -15.43 11.62
CBC CLA DF . 2.09 -15.98 10.23
ND CLA DF . 5.92 -18.99 13.59
C1D CLA DF . 4.54 -19.03 13.23
C2D CLA DF . 4.03 -20.41 13.43
C3D CLA DF . 5.11 -21.17 13.85
C4D CLA DF . 6.25 -20.23 13.96
CMD CLA DF . 2.66 -20.83 13.16
CAD CLA DF . 5.58 -22.48 14.28
OBD CLA DF . 4.96 -23.53 14.35
CBD CLA DF . 7.08 -22.32 14.67
CGD CLA DF . 7.35 -22.76 16.08
O1D CLA DF . 6.72 -22.45 17.10
O2D CLA DF . 8.41 -23.60 16.21
CED CLA DF . 8.16 -25.00 16.19
C1 CLA DF . 8.57 -21.56 9.90
C2 CLA DF . 9.33 -21.58 8.63
C3 CLA DF . 9.00 -22.37 7.60
C4 CLA DF . 7.86 -23.32 7.66
C5 CLA DF . 9.79 -22.35 6.33
C6 CLA DF . 8.93 -22.09 5.11
C7 CLA DF . 9.77 -21.57 3.96
C8 CLA DF . 9.30 -22.05 2.59
C9 CLA DF . 7.80 -22.30 2.60
C10 CLA DF . 10.04 -23.31 2.17
C11 CLA DF . 10.35 -23.29 0.69
C12 CLA DF . 10.50 -24.68 0.12
C13 CLA DF . 10.63 -24.64 -1.39
MG CLA EF . 4.24 -19.19 22.16
CHA CLA EF . 6.72 -20.67 24.10
CHB CLA EF . 5.28 -20.99 19.48
CHC CLA EF . 1.65 -17.89 20.36
CHD CLA EF . 3.22 -17.30 25.00
NA CLA EF . 5.78 -20.57 21.87
C1A CLA EF . 6.70 -21.06 22.81
C2A CLA EF . 7.66 -22.07 22.15
C3A CLA EF . 7.32 -21.95 20.64
C4A CLA EF . 6.03 -21.12 20.64
CMA CLA EF . 8.43 -21.28 19.88
CAA CLA EF . 7.39 -23.47 22.66
CBA CLA EF . 5.93 -23.86 22.53
CGA CLA EF . 5.48 -24.66 23.71
O1A CLA EF . 5.47 -25.88 23.87
O2A CLA EF . 5.01 -23.88 24.73
NB CLA EF . 3.63 -19.35 20.25
C1B CLA EF . 4.09 -20.26 19.36
C2B CLA EF . 3.17 -20.37 18.21
C3B CLA EF . 2.13 -19.50 18.44
C4B CLA EF . 2.42 -18.84 19.75
CMB CLA EF . 3.42 -21.26 17.08
CAB CLA EF . 0.96 -19.20 17.65
CBB CLA EF . 0.91 -19.09 16.32
NC CLA EF . 2.76 -17.80 22.59
C1C CLA EF . 1.82 -17.38 21.68
C2C CLA EF . 0.96 -16.38 22.29
C3C CLA EF . 1.37 -16.23 23.62
C4C CLA EF . 2.51 -17.14 23.80
CMC CLA EF . -0.13 -15.70 21.59
CAC CLA EF . 0.81 -15.33 24.63
CBC CLA EF . 0.04 -16.04 25.72
ND CLA EF . 4.80 -18.97 24.09
C1D CLA EF . 4.29 -18.16 25.15
C2D CLA EF . 5.09 -18.43 26.37
C3D CLA EF . 6.03 -19.38 26.03
C4D CLA EF . 5.81 -19.68 24.61
CMD CLA EF . 4.87 -17.80 27.67
CAD CLA EF . 7.15 -20.18 26.49
OBD CLA EF . 7.67 -20.22 27.59
CBD CLA EF . 7.62 -21.04 25.27
CGD CLA EF . 9.07 -20.82 24.95
O1D CLA EF . 9.72 -19.78 25.05
O2D CLA EF . 9.72 -21.94 24.49
CED CLA EF . 11.11 -22.06 24.77
C1 CLA EF . 4.20 -24.52 25.73
C2 CLA EF . 3.80 -23.46 26.70
C3 CLA EF . 4.64 -22.95 27.62
C4 CLA EF . 6.04 -23.39 27.73
C5 CLA EF . 4.17 -21.90 28.57
C6 CLA EF . 2.73 -21.51 28.36
C7 CLA EF . 2.47 -20.09 28.82
C8 CLA EF . 1.64 -20.03 30.11
C9 CLA EF . 0.25 -20.59 29.86
C10 CLA EF . 1.56 -18.60 30.65
C11 CLA EF . 0.50 -17.78 29.95
C12 CLA EF . 0.20 -16.50 30.69
C13 CLA EF . -0.95 -16.63 31.68
C14 CLA EF . -1.98 -17.65 31.22
C15 CLA EF . -1.59 -15.27 31.95
C16 CLA EF . -2.98 -15.38 32.55
C17 CLA EF . -4.02 -14.71 31.66
C18 CLA EF . -4.94 -13.79 32.45
C19 CLA EF . -5.51 -14.49 33.67
C20 CLA EF . -4.21 -12.54 32.87
MG CLA FF . -10.58 -12.90 11.49
CHA CLA FF . -13.00 -12.32 9.07
CHB CLA FF . -12.45 -15.44 12.76
CHC CLA FF . -8.04 -13.58 13.73
CHD CLA FF . -8.66 -10.27 10.14
NA CLA FF . -12.43 -13.71 11.00
C1A CLA FF . -13.28 -13.35 9.93
C2A CLA FF . -14.53 -14.22 9.92
C3A CLA FF . -14.39 -15.08 11.19
C4A CLA FF . -12.99 -14.75 11.69
CMA CLA FF . -15.45 -14.69 12.19
CAA CLA FF . -14.51 -15.11 8.69
CBA CLA FF . -13.11 -15.61 8.37
CGA CLA FF . -13.10 -16.42 7.11
O1A CLA FF . -14.04 -16.99 6.56
O2A CLA FF . -11.87 -16.51 6.54
NB CLA FF . -10.28 -14.29 12.92
C1B CLA FF . -11.18 -15.20 13.33
C2B CLA FF . -10.67 -15.93 14.51
C3B CLA FF . -9.43 -15.42 14.81
C4B CLA FF . -9.16 -14.35 13.80
CMB CLA FF . -11.46 -16.96 15.17
CAB CLA FF . -8.49 -15.73 15.86
CBB CLA FF . -8.73 -16.36 17.01
NC CLA FF . -8.70 -12.05 11.89
C1C CLA FF . -7.83 -12.49 12.84
C2C CLA FF . -6.61 -11.70 12.81
C3C CLA FF . -6.78 -10.76 11.80
C4C CLA FF . -8.10 -10.99 11.22
CMC CLA FF . -5.47 -11.89 13.69
CAC CLA FF . -5.81 -9.73 11.38
CBC CLA FF . -5.08 -10.13 10.12
ND CLA FF . -10.79 -11.49 10.07
C1D CLA FF . -9.90 -10.49 9.59
C2D CLA FF . -10.56 -9.79 8.46
C3D CLA FF . -11.74 -10.45 8.22
C4D CLA FF . -11.82 -11.53 9.23
CMD CLA FF . -10.01 -8.64 7.75
CAD CLA FF . -12.95 -10.49 7.42
OBD CLA FF . -13.35 -9.72 6.55
CBD CLA FF . -13.75 -11.76 7.87
CGD CLA FF . -15.20 -11.43 8.12
O1D CLA FF . -16.05 -11.15 7.27
O2D CLA FF . -15.58 -11.47 9.43
CED CLA FF . -16.98 -11.55 9.70
C1 CLA FF . -11.60 -17.74 5.81
C2 CLA FF . -10.16 -18.07 6.01
C3 CLA FF . -9.20 -17.69 5.16
C4 CLA FF . -9.50 -16.90 3.94
C5 CLA FF . -7.78 -18.06 5.40
C6 CLA FF . -6.88 -17.80 4.20
C7 CLA FF . -5.41 -17.74 4.61
C8 CLA FF . -4.92 -16.34 4.96
C9 CLA FF . -5.85 -15.26 4.44
C10 CLA FF . -3.51 -16.12 4.43
C11 CLA FF . -2.46 -16.65 5.38
C12 CLA FF . -1.12 -16.87 4.70
C13 CLA FF . -0.24 -17.82 5.49
C14 CLA FF . -0.16 -17.40 6.95
C15 CLA FF . 1.17 -17.91 4.90
C16 CLA FF . 1.27 -19.03 3.90
C17 CLA FF . 2.63 -19.70 3.95
C18 CLA FF . 3.43 -19.48 2.68
C19 CLA FF . 4.86 -19.94 2.86
C20 CLA FF . 2.80 -20.21 1.51
MG CLA GF . 7.52 21.39 19.24
CHA CLA GF . 4.51 21.07 17.55
CHB CLA GF . 9.16 21.67 16.27
CHC CLA GF . 10.46 21.74 20.98
CHD CLA GF . 5.78 21.01 22.30
NA CLA GF . 6.91 21.38 17.25
C1A CLA GF . 5.61 21.23 16.75
C2A CLA GF . 5.60 21.27 15.22
C3A CLA GF . 7.10 21.32 14.85
C4A CLA GF . 7.80 21.48 16.21
CMA CLA GF . 7.53 20.06 14.13
CAA CLA GF . 4.88 22.51 14.72
CBA CLA GF . 3.74 22.17 13.80
CGA CLA GF . 4.33 21.69 12.51
O1A CLA GF . 5.44 21.90 12.04
O2A CLA GF . 3.45 20.92 11.78
NB CLA GF . 9.45 21.60 18.72
C1B CLA GF . 9.91 21.82 17.45
C2B CLA GF . 11.34 22.24 17.49
C3B CLA GF . 11.71 22.27 18.82
C4B CLA GF . 10.51 21.85 19.62
CMB CLA GF . 12.12 22.55 16.30
CAB CLA GF . 12.96 22.60 19.42
CBB CLA GF . 13.55 23.79 19.32
NC CLA GF . 8.02 21.37 21.27
C1C CLA GF . 9.29 21.52 21.76
C2C CLA GF . 9.28 21.42 23.21
C3C CLA GF . 7.96 21.24 23.59
C4C CLA GF . 7.17 21.20 22.36
CMC CLA GF . 10.46 21.54 24.06
CAC CLA GF . 7.43 21.08 24.96
CBC CLA GF . 7.34 19.64 25.40
ND CLA GF . 5.61 21.16 19.85
C1D CLA GF . 5.02 20.99 21.13
C2D CLA GF . 3.57 20.80 20.99
C3D CLA GF . 3.31 20.84 19.63
C4D CLA GF . 4.62 21.04 18.97
CMD CLA GF . 2.63 20.61 22.09
CAD CLA GF . 2.31 20.75 18.59
OBD CLA GF . 1.09 20.61 18.68
CBD CLA GF . 3.06 20.85 17.22
CGD CLA GF . 2.88 19.62 16.37
O1D CLA GF . 3.64 18.66 16.28
O2D CLA GF . 1.75 19.63 15.62
CED CLA GF . 1.11 18.35 15.40
C1 CLA GF . 3.70 20.88 10.37
C2 CLA GF . 2.53 20.21 9.75
C3 CLA GF . 2.22 20.34 8.45
C4 CLA GF . 1.05 19.67 7.86
C5 CLA GF . 3.04 21.20 7.55
C6 CLA GF . 3.45 20.48 6.29
C7 CLA GF . 3.72 21.46 5.18
C8 CLA GF . 4.84 21.00 4.25
C9 CLA GF . 6.17 21.47 4.77
C10 CLA GF . 4.63 21.51 2.83
C11 CLA GF . 4.72 20.39 1.82
C12 CLA GF . 4.36 20.86 0.42
C13 CLA GF . 4.24 19.69 -0.55
C14 CLA GF . 5.49 18.84 -0.53
C15 CLA GF . 3.95 20.18 -1.96
C16 CLA GF . 2.56 20.79 -2.05
MG CLA HF . 16.40 20.73 13.55
CHA CLA HF . 18.77 23.20 14.10
CHB CLA HF . 15.55 20.85 16.86
CHC CLA HF . 13.94 18.41 12.94
CHD CLA HF . 17.45 20.53 10.19
NA CLA HF . 17.04 21.86 15.18
C1A CLA HF . 18.03 22.85 15.20
C2A CLA HF . 18.17 23.45 16.59
C3A CLA HF . 17.30 22.53 17.47
C4A CLA HF . 16.54 21.70 16.43
CMA CLA HF . 18.14 21.68 18.39
CAA CLA HF . 17.55 24.84 16.57
CBA CLA HF . 16.20 24.89 15.88
CGA CLA HF . 15.41 26.10 16.24
O1A CLA HF . 15.74 27.29 16.13
O2A CLA HF . 14.17 25.82 16.74
NB CLA HF . 15.05 19.77 14.70
C1B CLA HF . 14.80 20.03 16.00
C2B CLA HF . 13.60 19.29 16.45
C3B CLA HF . 13.14 18.59 15.37
C4B CLA HF . 14.05 18.90 14.22
CMB CLA HF . 13.08 19.35 17.82
CAB CLA HF . 11.98 17.77 15.29
CBB CLA HF . 10.75 18.19 15.62
NC CLA HF . 15.82 19.66 11.86
C1C CLA HF . 14.78 18.77 11.83
C2C CLA HF . 14.64 18.22 10.49
C3C CLA HF . 15.64 18.80 9.71
C4C CLA HF . 16.38 19.71 10.58
CMC CLA HF . 13.64 17.24 10.09
CAC CLA HF . 15.91 18.55 8.29
CBC CLA HF . 15.16 19.51 7.39
ND CLA HF . 17.71 21.67 12.34
C1D CLA HF . 18.09 21.45 10.98
C2D CLA HF . 19.22 22.36 10.65
C3D CLA HF . 19.50 23.07 11.80
C4D CLA HF . 18.56 22.59 12.82
CMD CLA HF . 19.86 22.46 9.34
CAD CLA HF . 20.33 24.09 12.41
OBD CLA HF . 21.20 24.80 11.92
CBD CLA HF . 19.95 24.14 13.92
CGD CLA HF . 21.12 23.79 14.81
O1D CLA HF . 22.23 24.35 14.83
O2D CLA HF . 20.92 22.76 15.66
CED CLA HF . 21.57 22.80 16.93
C1 CLA HF . 13.15 26.79 16.47
C2 CLA HF . 11.96 26.48 17.31
C3 CLA HF . 10.89 27.29 17.39
C4 CLA HF . 10.80 28.56 16.64
C5 CLA HF . 9.71 26.94 18.24
C6 CLA HF . 9.87 25.60 18.92
C7 CLA HF . 8.52 24.94 19.12
C8 CLA HF . 7.75 25.54 20.29
C9 CLA HF . 8.59 25.55 21.54
C10 CLA HF . 6.45 24.76 20.52
C11 CLA HF . 5.80 25.08 21.84
C12 CLA HF . 4.33 24.75 21.84
C13 CLA HF . 3.66 25.21 23.12
C14 CLA HF . 4.12 24.38 24.30
C15 CLA HF . 2.14 25.17 22.98
C16 CLA HF . 1.43 25.15 24.32
C17 CLA HF . 1.24 26.54 24.89
C18 CLA HF . -0.24 26.86 25.10
C19 CLA HF . -0.39 28.09 25.97
C20 CLA HF . -0.95 25.68 25.73
MG CLA IF . 11.25 -0.74 26.33
CHA CLA IF . 12.22 0.23 29.53
CHB CLA IF . 8.31 0.92 26.73
CHC CLA IF . 10.37 -1.67 23.15
CHD CLA IF . 14.30 -2.51 26.01
NA CLA IF . 10.43 0.40 27.89
C1A CLA IF . 10.99 0.69 29.14
C2A CLA IF . 10.05 1.54 29.98
C3A CLA IF . 8.78 1.66 29.10
C4A CLA IF . 9.18 0.96 27.80
CMA CLA IF . 7.60 1.01 29.75
CAA CLA IF . 10.65 2.91 30.24
CBA CLA IF . 10.66 3.26 31.71
CGA CLA IF . 9.28 3.56 32.17
O1A CLA IF . 8.27 3.79 31.49
O2A CLA IF . 9.15 3.57 33.53
NB CLA IF . 9.63 -0.46 25.17
C1B CLA IF . 8.55 0.30 25.49
C2B CLA IF . 7.62 0.37 24.33
C3B CLA IF . 8.19 -0.35 23.31
C4B CLA IF . 9.48 -0.89 23.83
CMB CLA IF . 6.36 1.12 24.36
CAB CLA IF . 7.70 -0.57 21.97
CBB CLA IF . 7.65 -1.74 21.33
NC CLA IF . 12.18 -1.88 24.85
C1C CLA IF . 11.64 -2.13 23.62
C2C CLA IF . 12.56 -2.95 22.83
C3C CLA IF . 13.66 -3.20 23.64
C4C CLA IF . 13.42 -2.52 24.91
CMC CLA IF . 12.32 -3.40 21.46
CAC CLA IF . 14.86 -3.99 23.29
CBC CLA IF . 16.08 -3.14 23.06
ND CLA IF . 12.92 -1.04 27.43
C1D CLA IF . 14.08 -1.83 27.19
C2D CLA IF . 14.96 -1.75 28.39
C3D CLA IF . 14.31 -0.96 29.29
C4D CLA IF . 13.03 -0.56 28.66
CMD CLA IF . 16.27 -2.41 28.52
CAD CLA IF . 14.36 -0.34 30.62
OBD CLA IF . 15.26 -0.35 31.45
CBD CLA IF . 12.99 0.37 30.83
CGD CLA IF . 12.23 -0.22 31.97
O1D CLA IF . 12.41 -0.05 33.18
O2D CLA IF . 11.23 -1.06 31.58
CED CLA IF . 10.20 -1.36 32.54
C1 CLA IF . 9.22 2.30 34.20
MG CLA JF . 7.80 10.56 26.38
CHA CLA JF . 9.82 8.18 27.87
CHB CLA JF . 5.87 8.11 25.03
CHC CLA JF . 5.81 12.98 24.96
CHD CLA JF . 9.88 13.09 27.74
NA CLA JF . 7.86 8.48 26.46
C1A CLA JF . 8.78 7.67 27.14
C2A CLA JF . 8.45 6.19 26.96
C3A CLA JF . 7.22 6.20 26.02
C4A CLA JF . 6.94 7.69 25.82
CMA CLA JF . 7.50 5.49 24.72
CAA CLA JF . 8.08 5.55 28.29
CBA CLA JF . 6.85 6.19 28.92
CGA CLA JF . 7.22 7.30 29.86
O1A CLA JF . 8.26 7.46 30.49
O2A CLA JF . 6.23 8.24 29.99
NB CLA JF . 6.16 10.54 25.21
C1B CLA JF . 5.52 9.44 24.78
C2B CLA JF . 4.34 9.83 23.94
C3B CLA JF . 4.32 11.21 23.91
C4B CLA JF . 5.47 11.68 24.72
CMB CLA JF . 3.45 8.87 23.32
CAB CLA JF . 3.41 12.14 23.28
CBB CLA JF . 2.09 12.00 23.17
NC CLA JF . 7.84 12.66 26.37
C1C CLA JF . 6.92 13.44 25.73
C2C CLA JF . 7.25 14.86 25.93
C3C CLA JF . 8.41 14.89 26.71
C4C CLA JF . 8.77 13.51 26.97
CMC CLA JF . 6.48 15.97 25.40
CAC CLA JF . 9.12 16.08 27.17
CBC CLA JF . 8.83 16.41 28.62
ND CLA JF . 9.44 10.68 27.57
C1D CLA JF . 10.22 11.78 28.02
C2D CLA JF . 11.35 11.28 28.82
C3D CLA JF . 11.24 9.90 28.82
C4D CLA JF . 10.05 9.58 28.00
CMD CLA JF . 12.36 12.11 29.47
CAD CLA JF . 11.79 8.63 29.28
OBD CLA JF . 12.73 8.42 30.04
CBD CLA JF . 10.94 7.49 28.63
CGD CLA JF . 11.75 6.61 27.73
O1D CLA JF . 12.03 6.78 26.54
O2D CLA JF . 12.23 5.48 28.34
CED CLA JF . 12.76 4.45 27.51
C1 CLA JF . 6.39 9.47 29.26
C2 CLA JF . 6.63 10.55 30.26
C3 CLA JF . 5.88 11.67 30.30
C4 CLA JF . 6.12 12.74 31.28
C5 CLA JF . 4.76 11.86 29.33
C6 CLA JF . 4.40 13.31 29.07
C7 CLA JF . 3.00 13.42 28.51
C8 CLA JF . 2.33 14.72 28.91
C9 CLA JF . 0.90 14.48 29.32
C10 CLA JF . 2.39 15.74 27.77
MG CLA KF . -1.70 7.74 24.40
CHA CLA KF . 0.71 5.63 25.74
CHB CLA KF . -3.50 5.04 23.43
CHC CLA KF . -4.11 9.87 23.19
CHD CLA KF . 0.18 10.51 25.53
NA CLA KF . -1.39 5.68 24.53
C1A CLA KF . -0.33 5.00 25.14
C2A CLA KF . -0.51 3.49 25.02
C3A CLA KF . -1.75 3.34 24.11
C4A CLA KF . -2.28 4.78 24.00
CMA CLA KF . -1.38 2.76 22.77
CAA CLA KF . -0.76 2.86 26.37
CBA CLA KF . -1.82 3.62 27.16
CGA CLA KF . -2.29 2.79 28.31
O1A CLA KF . -3.34 2.87 28.94
O2A CLA KF . -1.39 1.82 28.67
NB CLA KF . -3.45 7.50 23.44
C1B CLA KF . -4.08 6.31 23.24
C2B CLA KF . -5.48 6.54 22.78
C3B CLA KF . -5.65 7.90 22.71
C4B CLA KF . -4.36 8.53 23.11
CMB CLA KF . -6.43 5.46 22.48
CAB CLA KF . -6.80 8.67 22.31
CBB CLA KF . -7.55 8.45 21.24
NC CLA KF . -1.90 9.82 24.33
C1C CLA KF . -2.95 10.47 23.77
C2C CLA KF . -2.76 11.91 23.88
C3C CLA KF . -1.57 12.10 24.58
C4C CLA KF . -1.03 10.78 24.86
CMC CLA KF . -3.69 12.92 23.37
CAC CLA KF . -0.95 13.39 24.94
CBC CLA KF . -1.21 13.76 26.38
ND CLA KF . 0.06 8.07 25.35
C1D CLA KF . 0.71 9.26 25.77
C2D CLA KF . 1.97 8.90 26.47
C3D CLA KF . 2.03 7.52 26.47
C4D CLA KF . 0.82 7.05 25.78
CMD CLA KF . 2.91 9.87 27.02
CAD CLA KF . 2.81 6.35 26.84
OBD CLA KF . 3.92 6.27 27.36
CBD CLA KF . 1.94 5.10 26.46
CGD CLA KF . 2.67 4.08 25.61
O1D CLA KF . 2.62 2.86 25.70
O2D CLA KF . 3.45 4.62 24.64
CED CLA KF . 3.84 3.74 23.57
C1 CLA KF . -1.50 1.28 30.00
C2 CLA KF . -0.87 2.26 30.92
C3 CLA KF . 0.22 1.97 31.64
C4 CLA KF . 0.88 0.64 31.56
C5 CLA KF . 0.83 2.97 32.56
C6 CLA KF . 0.21 2.97 33.94
C7 CLA KF . 1.25 3.28 35.00
C8 CLA KF . 0.73 4.18 36.10
C9 CLA KF . -0.68 3.81 36.51
C10 CLA KF . 0.78 5.65 35.69
C11 CLA KF . 1.02 6.56 36.87
MG CLA LF . -4.58 -20.27 -21.45
CHA CLA LF . -3.00 -17.84 -23.35
CHB CLA LF . -4.79 -22.29 -24.18
CHC CLA LF . -6.02 -22.70 -19.49
CHD CLA LF . -4.38 -18.13 -18.64
NA CLA LF . -3.99 -20.06 -23.44
C1A CLA LF . -3.34 -18.98 -24.04
C2A CLA LF . -3.08 -19.25 -25.52
C3A CLA LF . -3.78 -20.61 -25.77
C4A CLA LF . -4.22 -21.04 -24.37
CMA CLA LF . -4.95 -20.47 -26.71
CAA CLA LF . -1.60 -19.37 -25.80
CBA CLA LF . -0.96 -20.55 -25.11
CGA CLA LF . -0.51 -20.16 -23.74
O1A CLA LF . -0.19 -19.03 -23.34
O2A CLA LF . -0.47 -21.18 -22.83
NB CLA LF . -5.27 -22.13 -21.77
C1B CLA LF . -5.25 -22.79 -22.96
C2B CLA LF . -5.81 -24.17 -22.79
C3B CLA LF . -6.16 -24.29 -21.46
C4B CLA LF . -5.83 -23.00 -20.80
CMB CLA LF . -5.92 -25.13 -23.88
CAB CLA LF . -6.75 -25.39 -20.74
CBB CLA LF . -7.75 -26.16 -21.18
NC CLA LF . -5.11 -20.37 -19.43
C1C CLA LF . -5.69 -21.46 -18.84
C2C CLA LF . -5.92 -21.20 -17.43
C3C CLA LF . -5.46 -19.90 -17.18
C4C CLA LF . -4.96 -19.39 -18.45
CMC CLA LF . -6.50 -22.15 -16.49
CAC CLA LF . -5.48 -19.18 -15.89
CBC CLA LF . -4.11 -19.10 -15.26
ND CLA LF . -3.89 -18.43 -21.02
C1D CLA LF . -3.87 -17.66 -19.83
C2D CLA LF . -3.24 -16.35 -20.09
C3D CLA LF . -2.88 -16.36 -21.43
C4D CLA LF . -3.30 -17.67 -21.96
CMD CLA LF . -3.06 -15.31 -19.09
CAD CLA LF . -2.28 -15.63 -22.53
OBD CLA LF . -1.80 -14.49 -22.54
CBD CLA LF . -2.33 -16.56 -23.79
CGD CLA LF . -3.02 -15.93 -24.96
O1D CLA LF . -4.19 -15.54 -25.03
O2D CLA LF . -2.23 -15.81 -26.07
CED CLA LF . -2.78 -16.17 -27.33
C1 CLA LF . 0.11 -20.86 -21.56
C2 CLA LF . -0.93 -21.09 -20.52
C3 CLA LF . -0.84 -20.56 -19.28
C4 CLA LF . 0.29 -19.70 -18.87
C5 CLA LF . -1.89 -20.82 -18.27
C6 CLA LF . -1.56 -22.00 -17.37
C7 CLA LF . -1.97 -23.30 -18.02
C8 CLA LF . -3.06 -24.00 -17.22
C9 CLA LF . -2.59 -24.21 -15.80
C10 CLA LF . -3.42 -25.33 -17.85
C11 CLA LF . -4.70 -25.89 -17.27
C12 CLA LF . -5.20 -27.05 -18.10
C13 CLA LF . -6.33 -27.81 -17.42
C14 CLA LF . -6.00 -28.04 -15.96
C15 CLA LF . -6.58 -29.14 -18.12
C16 CLA LF . -7.49 -30.04 -17.32
C17 CLA LF . -7.93 -31.22 -18.16
C18 CLA LF . -8.82 -32.18 -17.37
C19 CLA LF . -9.34 -33.29 -18.26
C20 CLA LF . -9.98 -31.43 -16.74
MG CLA MF . 0.01 -16.26 -4.09
CHA CLA MF . -2.72 -16.03 -1.97
CHB CLA MF . 1.98 -17.13 -1.47
CHC CLA MF . 2.67 -16.49 -6.25
CHD CLA MF . -2.06 -15.23 -6.78
NA CLA MF . -0.34 -16.54 -2.05
C1A CLA MF . -1.55 -16.40 -1.36
C2A CLA MF . -1.37 -16.70 0.13
C3A CLA MF . 0.14 -17.00 0.26
C4A CLA MF . 0.65 -16.90 -1.18
CMA CLA MF . 0.82 -16.05 1.19
CAA CLA MF . -2.17 -17.92 0.56
CBA CLA MF . -1.44 -19.21 0.25
CGA CLA MF . -2.22 -20.39 0.73
O1A CLA MF . -2.27 -21.52 0.24
O2A CLA MF . -2.94 -20.13 1.86
NB CLA MF . 1.97 -16.72 -3.90
C1B CLA MF . 2.58 -17.06 -2.74
C2B CLA MF . 4.02 -17.35 -3.00
C3B CLA MF . 4.23 -17.17 -4.34
C4B CLA MF . 2.92 -16.77 -4.94
CMB CLA MF . 4.97 -17.73 -1.95
CAB CLA MF . 5.45 -17.33 -5.11
CBB CLA MF . 5.89 -16.54 -6.09
NC CLA MF . 0.25 -15.93 -6.15
C1C CLA MF . 1.42 -16.10 -6.82
C2C CLA MF . 1.23 -15.80 -8.23
C3C CLA MF . -0.10 -15.42 -8.38
C4C CLA MF . -0.72 -15.50 -7.07
CMC CLA MF . 2.27 -15.87 -9.26
CAC CLA MF . -0.78 -15.01 -9.63
CBC CLA MF . -0.63 -13.54 -9.95
ND CLA MF . -1.93 -15.76 -4.39
C1D CLA MF . -2.65 -15.34 -5.54
C2D CLA MF . -4.05 -15.08 -5.16
C3D CLA MF . -4.15 -15.33 -3.80
C4D CLA MF . -2.79 -15.74 -3.37
CMD CLA MF . -5.10 -14.64 -6.08
CAD CLA MF . -5.01 -15.37 -2.64
OBD CLA MF . -6.21 -15.15 -2.55
CBD CLA MF . -4.11 -15.77 -1.42
CGD CLA MF . -4.11 -14.71 -0.36
O1D CLA MF . -3.42 -13.68 -0.33
O2D CLA MF . -4.99 -14.93 0.66
CED CLA MF . -6.26 -14.30 0.60
C1 CLA MF . -3.62 -21.27 2.43
C2 CLA MF . -3.76 -21.01 3.88
C3 CLA MF . -3.47 -21.95 4.80
C4 CLA MF . -3.62 -21.69 6.25
C5 CLA MF . -2.99 -23.30 4.39
C6 CLA MF . -2.07 -23.95 5.41
C7 CLA MF . -0.65 -23.43 5.29
C8 CLA MF . 0.20 -24.29 4.37
C9 CLA MF . 0.47 -25.65 5.02
C10 CLA MF . 1.52 -23.60 4.05
C11 CLA MF . 2.36 -24.39 3.06
C12 CLA MF . 2.16 -23.89 1.64
C13 CLA MF . 2.52 -24.94 0.59
C14 CLA MF . 2.39 -26.35 1.15
C15 CLA MF . 3.92 -24.73 0.02
C16 CLA MF . 4.25 -25.78 -1.02
C17 CLA MF . 3.51 -25.54 -2.32
C18 CLA MF . 2.99 -26.83 -2.95
C19 CLA MF . 4.00 -27.95 -2.85
C20 CLA MF . 1.68 -27.25 -2.31
C1 PQN NF . -3.84 -7.65 -9.73
O1 PQN NF . -2.78 -7.06 -9.48
C2 PQN NF . -3.82 -8.86 -10.61
C2M PQN NF . -2.51 -9.34 -11.17
C3 PQN NF . -5.08 -9.58 -10.91
C4 PQN NF . -6.37 -9.10 -10.33
O4 PQN NF . -7.43 -9.70 -10.59
C5 PQN NF . -6.38 -7.89 -9.46
C6 PQN NF . -7.57 -7.42 -8.92
C7 PQN NF . -7.55 -6.29 -8.10
C8 PQN NF . -6.37 -5.62 -7.82
C9 PQN NF . -5.15 -6.06 -8.34
C10 PQN NF . -5.12 -7.18 -9.16
C11 PQN NF . -5.07 -10.80 -11.79
C12 PQN NF . -4.64 -11.95 -10.90
C13 PQN NF . -5.36 -13.05 -10.73
C14 PQN NF . -6.68 -13.22 -11.41
C15 PQN NF . -4.82 -14.13 -9.80
C16 PQN NF . -5.42 -15.50 -10.12
C17 PQN NF . -4.47 -16.32 -10.99
C18 PQN NF . -4.41 -17.76 -10.51
C19 PQN NF . -5.81 -18.36 -10.40
C20 PQN NF . -3.68 -17.84 -9.18
C21 PQN NF . -3.28 -19.28 -8.89
C22 PQN NF . -1.84 -19.41 -8.38
C23 PQN NF . -0.78 -19.18 -9.47
C24 PQN NF . -1.23 -19.65 -10.84
C25 PQN NF . 0.50 -19.90 -9.09
C26 PQN NF . 1.02 -19.46 -7.73
C27 PQN NF . 2.05 -20.46 -7.20
C28 PQN NF . 3.22 -20.61 -8.17
C29 PQN NF . 4.50 -20.12 -7.54
C30 PQN NF . 3.38 -22.07 -8.62
O1 LHG OF . -19.80 -8.49 0.67
C1 LHG OF . -19.66 -9.29 -0.50
C2 LHG OF . -18.23 -9.76 -0.69
O2 LHG OF . -17.82 -10.51 0.45
C3 LHG OF . -17.26 -8.64 -0.99
O3 LHG OF . -15.88 -9.10 -0.88
P LHG OF . -15.15 -9.09 0.54
O4 LHG OF . -15.90 -10.02 1.47
O5 LHG OF . -14.95 -7.65 0.94
O6 LHG OF . -13.72 -9.74 0.24
C4 LHG OF . -12.79 -9.89 1.34
C5 LHG OF . -11.47 -10.48 0.88
C6 LHG OF . -10.49 -10.69 2.01
O7 LHG OF . -11.70 -11.80 0.31
C7 LHG OF . -10.63 -12.46 -0.18
O9 LHG OF . -9.66 -11.93 -0.63
C8 LHG OF . -10.77 -13.96 -0.03
C9 LHG OF . -9.60 -14.72 -0.56
C10 LHG OF . -9.52 -16.13 0.01
O8 LHG OF . -10.89 -11.83 2.79
C23 LHG OF . -11.40 -11.58 4.00
O10 LHG OF . -11.92 -10.54 4.28
C24 LHG OF . -11.17 -12.73 4.94
C11 LHG OF . -8.49 -17.03 -0.62
C12 LHG OF . -8.40 -18.40 0.01
C13 LHG OF . -7.80 -19.46 -0.87
C14 LHG OF . -6.33 -19.31 -1.16
C15 LHG OF . -5.74 -20.46 -1.94
C16 LHG OF . -4.24 -20.39 -2.10
C17 LHG OF . -3.76 -19.25 -2.95
C18 LHG OF . -4.20 -19.30 -4.39
C19 LHG OF . -3.78 -20.57 -5.11
C20 LHG OF . -2.30 -20.82 -5.11
C21 LHG OF . -1.89 -22.08 -5.84
C25 LHG OF . -9.84 -13.41 4.76
C26 LHG OF . -8.67 -12.44 4.68
C27 LHG OF . -8.67 -11.37 5.74
C28 LHG OF . -7.80 -10.18 5.40
C29 LHG OF . -6.45 -10.19 6.06
C30 LHG OF . -5.51 -11.27 5.58
C31 LHG OF . -4.21 -11.30 6.33
C32 LHG OF . -3.53 -9.96 6.40
C33 LHG OF . -2.34 -9.90 7.32
C34 LHG OF . -1.05 -10.46 6.76
C35 LHG OF . -0.89 -11.96 6.90
C36 LHG OF . 0.51 -12.45 6.58
C37 LHG OF . 0.73 -13.92 6.79
C38 LHG OF . 2.15 -14.35 6.59
C1 BCR PF . -0.36 -32.65 26.57
C2 BCR PF . 0.10 -31.40 25.80
C3 BCR PF . 1.54 -31.49 25.34
C4 BCR PF . 2.47 -31.68 26.54
C5 BCR PF . 2.01 -32.88 27.32
C6 BCR PF . 0.71 -33.10 27.55
C7 BCR PF . 0.29 -33.80 28.78
C8 BCR PF . 0.35 -33.17 29.94
C9 BCR PF . -0.06 -33.83 31.19
C10 BCR PF . -0.64 -33.09 32.13
C11 BCR PF . -1.08 -33.67 33.39
C33 BCR PF . 3.03 -33.86 27.83
C31 BCR PF . -0.62 -33.79 25.61
C32 BCR PF . -1.64 -32.32 27.32
C34 BCR PF . 0.16 -35.31 31.38
C12 BCR PF . -1.73 -32.88 34.23
C13 BCR PF . -2.22 -33.40 35.52
C14 BCR PF . -2.84 -32.55 36.35
C15 BCR PF . -3.33 -33.03 37.64
C16 BCR PF . -3.89 -32.16 38.48
C17 BCR PF . -4.38 -32.65 39.75
C18 BCR PF . -5.01 -31.85 40.61
C19 BCR PF . -5.48 -32.40 41.88
C20 BCR PF . -6.05 -31.66 42.81
C21 BCR PF . -6.47 -32.35 44.03
C22 BCR PF . -7.08 -31.72 45.04
C23 BCR PF . -7.46 -32.53 46.20
C24 BCR PF . -7.79 -31.98 47.36
C25 BCR PF . -8.17 -32.84 48.51
C26 BCR PF . -7.22 -33.44 49.25
C27 BCR PF . -7.61 -34.34 50.39
C28 BCR PF . -8.79 -33.69 51.09
C29 BCR PF . -9.96 -33.66 50.13
C30 BCR PF . -9.65 -32.97 48.80
C35 BCR PF . -2.02 -34.83 35.90
C36 BCR PF . -5.23 -30.41 40.27
C37 BCR PF . -7.37 -30.25 44.97
C38 BCR PF . -5.76 -33.23 48.97
C39 BCR PF . -10.24 -31.57 48.81
C40 BCR PF . -10.30 -33.78 47.68
MG CLA QF . 11.07 -6.73 -9.55
CHA CLA QF . 12.96 -7.18 -6.68
CHB CLA QF . 12.22 -9.70 -10.73
CHC CLA QF . 8.91 -6.44 -12.18
CHD CLA QF . 9.93 -3.65 -8.27
NA CLA QF . 12.45 -8.13 -8.85
C1A CLA QF . 13.12 -8.15 -7.62
C2A CLA QF . 14.04 -9.36 -7.52
C3A CLA QF . 14.02 -9.94 -8.95
C4A CLA QF . 12.82 -9.23 -9.58
CMA CLA QF . 15.30 -9.66 -9.71
CAA CLA QF . 13.51 -10.33 -6.49
CBA CLA QF . 14.61 -11.08 -5.80
CGA CLA QF . 14.88 -12.31 -6.60
O1A CLA QF . 15.91 -12.65 -7.19
O2A CLA QF . 13.78 -13.14 -6.66
NB CLA QF . 10.74 -7.80 -11.24
C1B CLA QF . 11.12 -9.10 -11.36
C2B CLA QF . 10.18 -9.85 -12.24
C3B CLA QF . 9.23 -8.93 -12.65
C4B CLA QF . 9.58 -7.62 -12.03
CMB CLA QF . 10.33 -11.27 -12.54
CAB CLA QF . 8.10 -9.11 -13.52
CBB CLA QF . 8.01 -9.92 -14.58
NC CLA QF . 9.75 -5.25 -10.17
C1C CLA QF . 9.01 -5.31 -11.32
C2C CLA QF . 8.23 -4.08 -11.47
C3C CLA QF . 8.46 -3.32 -10.32
C4C CLA QF . 9.42 -4.05 -9.51
CMC CLA QF . 7.34 -3.79 -12.59
CAC CLA QF . 7.91 -1.99 -10.01
CBC CLA QF . 8.84 -0.86 -10.40
ND CLA QF . 11.38 -5.59 -7.91
C1D CLA QF . 10.82 -4.35 -7.49
C2D CLA QF . 11.34 -4.03 -6.14
C3D CLA QF . 12.12 -5.10 -5.74
C4D CLA QF . 12.13 -6.04 -6.90
CMD CLA QF . 10.97 -2.82 -5.40
CAD CLA QF . 12.95 -5.70 -4.71
OBD CLA QF . 13.18 -5.32 -3.56
CBD CLA QF . 13.52 -7.03 -5.28
CGD CLA QF . 15.03 -7.10 -5.21
O1D CLA QF . 15.73 -8.10 -5.27
O2D CLA QF . 15.64 -5.89 -5.07
CED CLA QF . 16.93 -5.87 -4.48
C1 CLA QF . 13.54 -13.79 -7.91
C2 CLA QF . 14.15 -15.13 -7.78
C3 CLA QF . 13.47 -16.19 -7.31
C4 CLA QF . 14.12 -17.51 -7.19
C5 CLA QF . 12.04 -16.06 -6.92
C6 CLA QF . 11.31 -17.38 -6.73
C7 CLA QF . 10.61 -17.81 -8.00
C8 CLA QF . 10.16 -19.26 -7.93
C9 CLA QF . 11.29 -20.14 -7.46
C10 CLA QF . 9.66 -19.72 -9.31
C11 CLA QF . 9.49 -21.22 -9.39
C12 CLA QF . 8.28 -21.71 -8.62
C13 CLA QF . 8.20 -23.23 -8.70
C14 CLA QF . 7.96 -23.68 -10.13
C15 CLA QF . 7.11 -23.80 -7.79
C16 CLA QF . 7.53 -25.14 -7.24
C17 CLA QF . 6.46 -26.20 -7.47
C18 CLA QF . 5.60 -26.46 -6.24
C19 CLA QF . 6.28 -26.01 -4.95
C20 CLA QF . 4.25 -25.82 -6.38
C1 BCR RF . 5.17 1.61 39.50
C2 BCR RF . 6.62 1.34 39.89
C3 BCR RF . 7.05 -0.05 39.44
C4 BCR RF . 6.24 -1.11 40.18
C5 BCR RF . 4.78 -0.74 40.14
C6 BCR RF . 4.39 0.32 39.43
C7 BCR RF . 3.20 0.31 38.55
C8 BCR RF . 2.74 -0.77 37.91
C9 BCR RF . 1.55 -0.60 37.06
C10 BCR RF . 1.35 -1.40 36.01
C11 BCR RF . 0.17 -1.20 35.17
C33 BCR RF . 3.81 -1.55 40.95
C31 BCR RF . 5.13 2.29 38.13
C32 BCR RF . 4.51 2.51 40.54
C34 BCR RF . 0.56 0.47 37.39
C12 BCR RF . 0.03 -1.90 34.06
C13 BCR RF . -1.14 -1.70 33.18
C14 BCR RF . -1.20 -2.37 32.03
C15 BCR RF . -2.33 -2.18 31.12
C16 BCR RF . -2.38 -2.90 30.00
C17 BCR RF . -3.48 -2.70 29.07
C18 BCR RF . -3.45 -3.25 27.86
C19 BCR RF . -4.58 -2.99 26.94
C20 BCR RF . -4.53 -3.30 25.66
C21 BCR RF . -5.71 -2.95 24.87
C22 BCR RF . -5.79 -3.17 23.55
C23 BCR RF . -7.02 -2.76 22.87
C24 BCR RF . -7.35 -3.19 21.65
C25 BCR RF . -8.61 -2.73 21.00
C26 BCR RF . -9.80 -3.23 21.37
C27 BCR RF . -11.08 -2.84 20.68
C28 BCR RF . -10.92 -1.53 19.92
C29 BCR RF . -9.70 -1.61 19.04
C30 BCR RF . -8.45 -1.71 19.91
C35 BCR RF . -2.23 -0.76 33.58
C36 BCR RF . -2.29 -4.10 27.43
C37 BCR RF . -4.66 -3.81 22.79
C38 BCR RF . -9.93 -4.22 22.50
C39 BCR RF . -8.20 -0.36 20.56
C40 BCR RF . -7.26 -2.10 19.04
FE1 SF4 SF . -14.38 2.41 -5.48
FE2 SF4 SF . -12.16 1.61 -6.86
FE3 SF4 SF . -12.14 3.97 -5.48
FE4 SF4 SF . -13.64 3.73 -7.76
S1 SF4 SF . -11.37 3.62 -7.59
S2 SF4 SF . -14.29 4.67 -5.78
S3 SF4 SF . -14.32 1.56 -7.60
S4 SF4 SF . -12.35 1.87 -4.60
MG CLA TF . 7.97 -17.87 49.24
CHA CLA TF . 10.48 -16.15 47.55
CHB CLA TF . 6.64 -14.91 50.27
CHC CLA TF . 5.66 -19.62 51.09
CHD CLA TF . 9.43 -20.93 48.20
NA CLA TF . 8.47 -15.87 48.90
C1A CLA TF . 9.57 -15.35 48.18
C2A CLA TF . 9.55 -13.81 48.21
C3A CLA TF . 8.21 -13.47 48.92
C4A CLA TF . 7.72 -14.83 49.42
CMA CLA TF . 8.39 -12.48 50.04
CAA CLA TF . 9.67 -13.12 46.86
CBA CLA TF . 8.67 -13.57 45.82
CGA CLA TF . 9.05 -12.95 44.51
O1A CLA TF . 10.15 -12.95 43.95
O2A CLA TF . 8.02 -12.31 43.88
NB CLA TF . 6.43 -17.36 50.44
C1B CLA TF . 6.08 -16.10 50.78
C2B CLA TF . 4.98 -16.13 51.78
C3B CLA TF . 4.69 -17.45 52.02
C4B CLA TF . 5.61 -18.26 51.17
CMB CLA TF . 4.36 -14.93 52.34
CAB CLA TF . 3.70 -18.04 52.91
CBB CLA TF . 2.77 -18.91 52.55
NC CLA TF . 7.59 -19.90 49.54
C1C CLA TF . 6.58 -20.39 50.33
C2C CLA TF . 6.61 -21.85 50.31
C3C CLA TF . 7.68 -22.23 49.51
C4C CLA TF . 8.30 -20.99 49.03
CMC CLA TF . 5.66 -22.71 51.03
CAC CLA TF . 8.12 -23.60 49.19
CBC CLA TF . 7.75 -24.00 47.78
ND CLA TF . 9.50 -18.47 48.06
C1D CLA TF . 10.01 -19.75 47.75
C2D CLA TF . 11.21 -19.62 46.90
C3D CLA TF . 11.43 -18.25 46.79
C4D CLA TF . 10.36 -17.58 47.55
CMD CLA TF . 11.98 -20.73 46.34
CAD CLA TF . 12.27 -17.22 46.21
OBD CLA TF . 13.22 -17.32 45.45
CBD CLA TF . 11.74 -15.86 46.75
CGD CLA TF . 12.81 -15.20 47.57
O1D CLA TF . 13.96 -14.92 47.21
O2D CLA TF . 12.45 -14.91 48.85
CED CLA TF . 13.51 -14.66 49.79
C1 CLA TF . 8.33 -11.71 42.60
MG CLA UF . -3.41 23.66 11.14
CHA CLA UF . -3.66 21.23 13.63
CHB CLA UF . -4.00 26.08 13.45
CHC CLA UF . -3.07 26.02 8.67
CHD CLA UF . -2.87 21.09 8.77
NA CLA UF . -3.77 23.63 13.20
C1A CLA UF . -3.83 22.53 14.06
C2A CLA UF . -4.12 22.97 15.49
C3A CLA UF . -4.37 24.48 15.36
C4A CLA UF . -4.01 24.78 13.90
CMA CLA UF . -5.81 24.82 15.65
CAA CLA UF . -2.91 22.73 16.38
CBA CLA UF . -1.61 23.15 15.71
CGA CLA UF . -0.89 21.93 15.22
O1A CLA UF . -0.76 20.86 15.82
O2A CLA UF . -0.36 22.05 13.97
NB CLA UF . -3.53 25.67 11.07
C1B CLA UF . -3.72 26.48 12.13
C2B CLA UF . -3.60 27.91 11.70
C3B CLA UF . -3.35 27.89 10.35
C4B CLA UF . -3.30 26.47 9.93
CMB CLA UF . -3.76 29.03 12.62
CAB CLA UF . -3.14 28.99 9.43
CBB CLA UF . -3.86 30.11 9.38
NC CLA UF . -3.05 23.56 9.09
C1C CLA UF . -2.95 24.65 8.27
C2C CLA UF . -2.71 24.22 6.90
C3C CLA UF . -2.64 22.82 6.93
C4C CLA UF . -2.85 22.42 8.31
CMC CLA UF . -2.55 25.11 5.75
CAC CLA UF . -2.40 21.94 5.78
CBC CLA UF . -0.94 21.66 5.56
ND CLA UF . -3.27 21.64 11.13
C1D CLA UF . -3.06 20.70 10.08
C2D CLA UF . -3.08 19.34 10.64
C3D CLA UF . -3.28 19.48 12.01
C4D CLA UF . -3.41 20.93 12.25
CMD CLA UF . -2.89 18.11 9.87
CAD CLA UF . -3.45 18.80 13.27
OBD CLA UF . -3.42 17.61 13.53
CBD CLA UF . -3.71 19.90 14.35
CGD CLA UF . -5.03 19.63 15.00
O1D CLA UF . -5.99 19.03 14.51
O2D CLA UF . -5.14 20.11 16.27
CED CLA UF . -5.53 19.19 17.29
C1 CLA UF . 0.21 23.31 13.58
C2 CLA UF . 0.54 23.20 12.14
C3 CLA UF . 0.50 24.25 11.30
C4 CLA UF . 0.83 24.09 9.86
C5 CLA UF . 0.12 25.61 11.78
C6 CLA UF . 0.50 26.71 10.81
C7 CLA UF . 1.50 27.66 11.44
C8 CLA UF . 1.20 29.11 11.08
C9 CLA UF . -0.12 29.53 11.68
C10 CLA UF . 1.16 29.29 9.57
C11 CLA UF . 1.37 30.75 9.18
C12 CLA UF . 2.83 31.14 9.28
C13 CLA UF . 3.51 31.05 7.91
C14 CLA UF . 4.90 30.47 8.04
C15 CLA UF . 3.55 32.41 7.24
C16 CLA UF . 4.20 32.35 5.87
C17 CLA UF . 3.99 33.65 5.10
C18 CLA UF . 4.72 33.66 3.77
C19 CLA UF . 6.16 33.21 3.92
C20 CLA UF . 4.01 32.78 2.76
C1 BCR VF . 11.34 -31.40 -19.45
C2 BCR VF . 12.80 -31.08 -19.18
C3 BCR VF . 13.30 -31.70 -17.88
C4 BCR VF . 12.49 -31.17 -16.73
C5 BCR VF . 11.03 -31.47 -16.98
C6 BCR VF . 10.49 -31.35 -18.20
C7 BCR VF . 9.03 -31.17 -18.33
C8 BCR VF . 8.47 -30.02 -17.94
C9 BCR VF . 7.04 -29.73 -18.02
C10 BCR VF . 6.60 -28.65 -17.37
C11 BCR VF . 5.20 -28.24 -17.41
C33 BCR VF . 10.20 -31.95 -15.81
C31 BCR VF . 11.22 -32.80 -20.06
C32 BCR VF . 10.81 -30.37 -20.44
C34 BCR VF . 6.08 -30.56 -18.81
C12 BCR VF . 4.94 -27.14 -16.73
C13 BCR VF . 3.59 -26.54 -16.64
C14 BCR VF . 3.51 -25.36 -16.02
C15 BCR VF . 2.28 -24.63 -15.87
C16 BCR VF . 2.38 -23.42 -15.32
C17 BCR VF . 1.23 -22.55 -15.17
C18 BCR VF . 1.38 -21.38 -14.55
C19 BCR VF . 0.21 -20.48 -14.42
C20 BCR VF . 0.43 -19.19 -14.20
C21 BCR VF . -0.71 -18.28 -14.10
C22 BCR VF . -0.49 -16.96 -14.06
C23 BCR VF . -1.63 -16.03 -13.99
C24 BCR VF . -1.64 -15.05 -14.90
C25 BCR VF . -2.67 -14.00 -15.05
C26 BCR VF . -3.97 -14.24 -15.23
C27 BCR VF . -4.76 -13.39 -16.20
C28 BCR VF . -4.45 -11.93 -15.91
C29 BCR VF . -2.95 -11.69 -16.01
C30 BCR VF . -2.15 -12.57 -15.06
C35 BCR VF . 2.40 -27.20 -17.25
C36 BCR VF . 2.71 -20.96 -14.02
C37 BCR VF . 0.90 -16.41 -14.09
C38 BCR VF . -4.73 -15.32 -14.51
C39 BCR VF . -2.21 -12.03 -13.64
C40 BCR VF . -0.70 -12.60 -15.54
MG CLA WF . 17.58 0.25 -1.74
CHA CLA WF . 17.74 0.97 -5.14
CHB CLA WF . 14.22 0.66 -1.82
CHC CLA WF . 17.45 -0.88 1.49
CHD CLA WF . 21.10 -0.16 -1.73
NA CLA WF . 16.24 0.83 -3.22
C1A CLA WF . 16.48 1.05 -4.59
C2A CLA WF . 15.19 1.45 -5.31
C3A CLA WF . 14.22 1.71 -4.13
C4A CLA WF . 14.90 1.01 -2.96
CMA CLA WF . 14.04 3.19 -3.89
CAA CLA WF . 14.70 0.34 -6.20
CBA CLA WF . 13.29 0.62 -6.68
CGA CLA WF . 12.90 -0.34 -7.76
O1A CLA WF . 11.79 -0.49 -8.29
O2A CLA WF . 13.92 -1.12 -8.20
NB CLA WF . 16.11 0.03 -0.38
C1B CLA WF . 14.79 0.03 -0.70
C2B CLA WF . 14.02 -0.74 0.33
C3B CLA WF . 14.94 -1.17 1.26
C4B CLA WF . 16.27 -0.66 0.84
CMB CLA WF . 12.58 -0.95 0.30
CAB CLA WF . 14.74 -1.92 2.48
CBB CLA WF . 14.62 -1.40 3.70
NC CLA WF . 19.03 -0.31 -0.35
C1C CLA WF . 18.75 -0.70 0.94
C2C CLA WF . 20.00 -1.00 1.64
C3C CLA WF . 21.03 -0.84 0.72
C4C CLA WF . 20.41 -0.41 -0.53
CMC CLA WF . 20.11 -1.44 3.03
CAC CLA WF . 22.47 -1.04 0.95
CBC CLA WF . 23.16 0.23 1.39
ND CLA WF . 19.12 0.47 -3.05
C1D CLA WF . 20.51 0.23 -2.92
C2D CLA WF . 21.15 0.45 -4.22
C3D CLA WF . 20.14 0.71 -5.13
C4D CLA WF . 18.89 0.70 -4.34
CMD CLA WF . 22.60 0.34 -4.45
CAD CLA WF . 19.79 1.05 -6.50
OBD CLA WF . 20.53 1.25 -7.46
CBD CLA WF . 18.24 1.13 -6.57
CGD CLA WF . 17.74 2.35 -7.29
O1D CLA WF . 18.18 3.50 -7.21
O2D CLA WF . 16.69 2.12 -8.12
CED CLA WF . 16.84 2.41 -9.50
C1 CLA WF . 13.57 -2.49 -8.47
C2 CLA WF . 14.37 -2.94 -9.64
C3 CLA WF . 15.40 -3.78 -9.53
C4 CLA WF . 16.18 -4.23 -10.70
C5 CLA WF . 15.79 -4.31 -8.19
C6 CLA WF . 17.09 -5.11 -8.19
C7 CLA WF . 16.81 -6.59 -8.09
C8 CLA WF . 17.98 -7.44 -8.58
C9 CLA WF . 19.05 -7.51 -7.51
C10 CLA WF . 18.55 -6.91 -9.89
C11 CLA WF . 18.31 -7.89 -11.02
C12 CLA WF . 18.63 -7.30 -12.38
C13 CLA WF . 18.19 -8.25 -13.48
C14 CLA WF . 18.61 -7.73 -14.84
C15 CLA WF . 16.68 -8.46 -13.45
C16 CLA WF . 16.28 -9.80 -14.02
C17 CLA WF . 14.79 -9.86 -14.29
C18 CLA WF . 14.27 -11.28 -14.34
C19 CLA WF . 14.07 -11.83 -12.94
C20 CLA WF . 12.97 -11.34 -15.10
MG CLA XF . 1.85 7.17 6.04
CHA CLA XF . -0.33 8.43 8.40
CHB CLA XF . 3.94 9.76 6.60
CHC CLA XF . 4.15 5.67 4.00
CHD CLA XF . -0.41 4.56 5.41
NA CLA XF . 1.76 8.84 7.27
C1A CLA XF . 0.80 9.16 8.22
C2A CLA XF . 1.10 10.49 8.89
C3A CLA XF . 2.35 10.98 8.12
C4A CLA XF . 2.74 9.79 7.27
CMA CLA XF . 2.02 12.16 7.24
CAA CLA XF . 1.38 10.27 10.36
CBA CLA XF . 2.83 10.54 10.66
CGA CLA XF . 3.06 12.00 10.79
O1A CLA XF . 2.22 12.88 10.87
O2A CLA XF . 4.39 12.32 10.82
NB CLA XF . 3.69 7.64 5.39
C1B CLA XF . 4.40 8.72 5.79
C2B CLA XF . 5.77 8.63 5.24
C3B CLA XF . 5.84 7.47 4.51
C4B CLA XF . 4.50 6.83 4.60
CMB CLA XF . 6.79 9.63 5.48
CAB CLA XF . 6.92 6.91 3.77
CBB CLA XF . 8.15 6.75 4.24
NC CLA XF . 1.84 5.44 4.88
C1C CLA XF . 2.88 5.03 4.12
C2C CLA XF . 2.55 3.78 3.47
C3C CLA XF . 1.26 3.45 3.87
C4C CLA XF . 0.82 4.50 4.76
CMC CLA XF . 3.43 3.05 2.58
CAC CLA XF . 0.53 2.24 3.46
CBC CLA XF . -0.88 2.50 2.98
ND CLA XF . 0.03 6.61 6.66
C1D CLA XF . -0.79 5.52 6.30
C2D CLA XF . -2.05 5.62 7.04
C3D CLA XF . -1.90 6.68 7.90
C4D CLA XF . -0.60 7.28 7.61
CMD CLA XF . -3.15 4.68 6.88
CAD CLA XF . -2.55 7.52 8.88
OBD CLA XF . -3.70 7.50 9.26
CBD CLA XF . -1.50 8.56 9.36
CGD CLA XF . -2.03 9.95 9.47
O1D CLA XF . -2.04 10.83 8.63
O2D CLA XF . -2.56 10.20 10.69
CED CLA XF . -2.15 11.40 11.34
C1 CLA XF . 4.76 13.55 10.18
C2 CLA XF . 5.20 13.20 8.81
C3 CLA XF . 6.46 12.92 8.48
C4 CLA XF . 6.86 12.58 7.10
C5 CLA XF . 7.55 12.92 9.49
C6 CLA XF . 8.77 13.64 8.95
C7 CLA XF . 8.46 15.10 8.73
C8 CLA XF . 9.67 15.86 8.26
C9 CLA XF . 10.89 14.98 8.39
C10 CLA XF . 9.86 17.13 9.06
C11 CLA XF . 9.41 18.34 8.28
C12 CLA XF . 10.28 18.58 7.08
C13 CLA XF . 10.53 20.06 6.89
C14 CLA XF . 9.33 20.86 7.30
C15 CLA XF . 10.88 20.37 5.44
C16 CLA XF . 9.87 21.32 4.85
C17 CLA XF . 9.50 20.93 3.44
C18 CLA XF . 10.37 21.65 2.42
C19 CLA XF . 9.66 21.75 1.10
C20 CLA XF . 10.69 23.03 2.93
MG CLA YF . 3.12 27.75 -17.07
CHA CLA YF . -0.01 29.23 -16.94
CHB CLA YF . 3.21 28.25 -20.45
CHC CLA YF . 6.33 26.53 -17.11
CHD CLA YF . 3.00 27.28 -13.57
NA CLA YF . 1.78 28.56 -18.46
C1A CLA YF . 0.52 29.14 -18.20
C2A CLA YF . -0.11 29.62 -19.50
C3A CLA YF . 0.84 29.12 -20.60
C4A CLA YF . 2.05 28.61 -19.80
CMA CLA YF . 0.22 28.05 -21.46
CAA CLA YF . -0.19 31.14 -19.51
CBA CLA YF . 1.17 31.78 -19.28
CGA CLA YF . 1.37 32.15 -17.84
O1A CLA YF . 0.79 33.02 -17.19
O2A CLA YF . 2.33 31.40 -17.22
NB CLA YF . 4.51 27.45 -18.51
C1B CLA YF . 4.37 27.76 -19.83
C2B CLA YF . 5.65 27.48 -20.54
C3B CLA YF . 6.53 26.99 -19.61
C4B CLA YF . 5.81 26.95 -18.30
CMB CLA YF . 5.83 27.71 -21.98
CAB CLA YF . 7.89 26.56 -19.75
CBB CLA YF . 8.36 25.69 -20.65
NC CLA YF . 4.40 26.99 -15.61
C1C CLA YF . 5.67 26.52 -15.85
C2C CLA YF . 6.27 26.06 -14.60
C3C CLA YF . 5.33 26.30 -13.59
C4C CLA YF . 4.16 26.88 -14.24
CMC CLA YF . 7.61 25.50 -14.47
CAC CLA YF . 5.50 26.00 -12.16
CBC CLA YF . 4.88 24.68 -11.76
ND CLA YF . 1.79 28.02 -15.58
C1D CLA YF . 1.89 27.82 -14.18
C2D CLA YF . 0.64 28.30 -13.54
C3D CLA YF . -0.13 28.84 -14.55
C4D CLA YF . 0.64 28.68 -15.80
CMD CLA YF . 0.34 28.21 -12.11
CAD CLA YF . -1.39 29.48 -14.91
OBD CLA YF . -2.36 29.73 -14.20
CBD CLA YF . -1.31 29.83 -16.43
CGD CLA YF . -2.52 29.36 -17.19
O1D CLA YF . -3.17 29.99 -18.02
O2D CLA YF . -2.92 28.09 -16.88
CED CLA YF . -3.86 27.47 -17.74
C1 CLA YF . 3.12 32.09 -16.22
C2 CLA YF . 3.89 31.08 -15.45
C3 CLA YF . 4.64 31.43 -14.39
C4 CLA YF . 5.41 30.44 -13.60
C5 CLA YF . 4.73 32.85 -13.94
C6 CLA YF . 6.15 33.35 -13.80
C7 CLA YF . 6.80 33.58 -15.15
C8 CLA YF . 7.85 34.68 -15.10
C9 CLA YF . 8.69 34.67 -16.36
C10 CLA YF . 8.74 34.56 -13.88
C11 CLA YF . 9.80 33.49 -14.04
C12 CLA YF . 10.57 33.26 -12.76
C13 CLA YF . 12.01 33.75 -12.87
C14 CLA YF . 12.95 32.57 -13.09
C15 CLA YF . 12.43 34.56 -11.65
C16 CLA YF . 13.94 34.59 -11.47
C17 CLA YF . 14.45 36.00 -11.29
C18 CLA YF . 14.11 36.56 -9.92
C19 CLA YF . 14.73 35.72 -8.82
C20 CLA YF . 14.56 38.00 -9.80
MG CLA ZF . 4.64 21.23 -27.40
CHA CLA ZF . 7.10 20.21 -29.64
CHB CLA ZF . 7.05 22.43 -25.33
CHC CLA ZF . 2.17 22.31 -25.28
CHD CLA ZF . 2.20 19.74 -29.50
NA CLA ZF . 6.72 21.30 -27.50
C1A CLA ZF . 7.57 20.82 -28.51
C2A CLA ZF . 9.03 21.06 -28.18
C3A CLA ZF . 8.98 21.59 -26.74
C4A CLA ZF . 7.48 21.82 -26.49
CMA CLA ZF . 9.52 20.57 -25.78
CAA CLA ZF . 9.63 22.07 -29.13
CBA CLA ZF . 10.72 22.92 -28.49
CGA CLA ZF . 11.96 22.11 -28.30
O1A CLA ZF . 12.81 22.21 -27.41
O2A CLA ZF . 12.16 21.15 -29.26
NB CLA ZF . 4.61 22.12 -25.60
C1B CLA ZF . 5.69 22.66 -24.99
C2B CLA ZF . 5.26 23.55 -23.88
C3B CLA ZF . 3.88 23.53 -23.85
C4B CLA ZF . 3.46 22.61 -24.95
CMB CLA ZF . 6.22 24.27 -23.03
CAB CLA ZF . 2.93 24.19 -23.00
CBB CLA ZF . 3.14 24.69 -21.78
NC CLA ZF . 2.57 21.06 -27.41
C1C CLA ZF . 1.75 21.58 -26.43
C2C CLA ZF . 0.35 21.28 -26.73
C3C CLA ZF . 0.36 20.53 -27.92
C4C CLA ZF . 1.75 20.39 -28.33
CMC CLA ZF . -0.79 21.70 -25.93
CAC CLA ZF . -0.81 19.98 -28.62
CBC CLA ZF . -1.18 18.59 -28.13
ND CLA ZF . 4.57 20.32 -29.21
C1D CLA ZF . 3.51 19.69 -29.93
C2D CLA ZF . 4.06 19.11 -31.19
C3D CLA ZF . 5.43 19.35 -31.17
C4D CLA ZF . 5.69 20.04 -29.88
CMD CLA ZF . 3.24 18.47 -32.21
CAD CLA ZF . 6.70 19.25 -31.85
OBD CLA ZF . 6.94 18.97 -33.02
CBD CLA ZF . 7.81 19.61 -30.82
CGD CLA ZF . 8.65 18.42 -30.43
O1D CLA ZF . 9.88 18.28 -30.59
O2D CLA ZF . 7.96 17.42 -29.82
CED CLA ZF . 8.70 16.35 -29.24
C1 CLA ZF . 13.35 20.35 -29.08
C2 CLA ZF . 13.42 19.38 -30.21
C3 CLA ZF . 14.36 18.43 -30.28
MG CLA AG . 11.52 20.47 -21.29
CHA CLA AG . 8.58 21.48 -19.74
CHB CLA AG . 9.77 18.23 -23.14
CHC CLA AG . 14.41 19.72 -22.99
CHD CLA AG . 13.31 22.79 -19.29
NA CLA AG . 9.50 19.94 -21.37
C1A CLA AG . 8.43 20.48 -20.66
C2A CLA AG . 7.12 19.79 -21.03
C3A CLA AG . 7.59 18.61 -21.92
C4A CLA AG . 9.05 18.94 -22.20
CMA CLA AG . 7.45 17.30 -21.18
CAA CLA AG . 6.19 20.68 -21.83
CBA CLA AG . 4.77 20.14 -21.87
CGA CLA AG . 4.10 20.43 -20.57
O1A CLA AG . 4.32 21.36 -19.80
O2A CLA AG . 3.14 19.53 -20.22
NB CLA AG . 12.01 19.17 -22.75
C1B CLA AG . 11.12 18.43 -23.47
C2B CLA AG . 11.81 17.81 -24.64
C3B CLA AG . 13.11 18.23 -24.60
C4B CLA AG . 13.26 19.09 -23.40
CMB CLA AG . 11.11 16.95 -25.59
CAB CLA AG . 14.22 17.95 -25.48
CBB CLA AG . 14.18 17.80 -26.81
NC CLA AG . 13.50 21.10 -21.13
C1C CLA AG . 14.53 20.64 -21.92
C2C CLA AG . 15.78 21.29 -21.53
C3C CLA AG . 15.46 22.18 -20.49
C4C CLA AG . 14.03 22.05 -20.25
CMC CLA AG . 17.08 21.05 -22.15
CAC CLA AG . 16.40 23.05 -19.76
CBC CLA AG . 16.85 22.42 -18.47
ND CLA AG . 11.12 21.82 -19.84
C1D CLA AG . 11.94 22.70 -19.09
C2D CLA AG . 11.11 23.47 -18.15
C3D CLA AG . 9.81 23.06 -18.37
C4D CLA AG . 9.87 22.03 -19.42
CMD CLA AG . 11.61 24.48 -17.21
CAD CLA AG . 8.41 23.21 -18.00
OBD CLA AG . 7.91 23.97 -17.18
CBD CLA AG . 7.59 22.21 -18.85
CGD CLA AG . 6.84 21.26 -17.95
O1D CLA AG . 5.72 21.41 -17.45
O2D CLA AG . 7.53 20.13 -17.64
CED CLA AG . 7.40 19.63 -16.31
C1 CLA AG . 3.50 18.13 -20.16
C2 CLA AG . 4.47 17.96 -19.05
C3 CLA AG . 4.69 16.75 -18.50
C4 CLA AG . 3.99 15.54 -18.95
C5 CLA AG . 5.68 16.58 -17.39
C6 CLA AG . 6.48 15.30 -17.52
C7 CLA AG . 7.96 15.58 -17.59
C8 CLA AG . 8.76 14.56 -16.79
C9 CLA AG . 9.20 15.19 -15.48
C10 CLA AG . 9.96 14.04 -17.55
C11 CLA AG . 9.78 14.08 -19.05
C12 CLA AG . 11.09 14.01 -19.79
C13 CLA AG . 11.23 15.16 -20.78
C14 CLA AG . 12.52 15.04 -21.57
C15 CLA AG . 11.18 16.52 -20.08
C16 CLA AG . 12.43 16.78 -19.27
C17 CLA AG . 12.55 18.22 -18.84
C18 CLA AG . 12.26 18.42 -17.37
C19 CLA AG . 10.78 18.60 -17.13
C20 CLA AG . 13.02 19.60 -16.82
MG CLA BG . 23.14 30.83 -11.76
CHA CLA BG . 24.36 31.15 -8.54
CHB CLA BG . 21.65 27.89 -10.90
CHC CLA BG . 21.76 30.67 -14.88
CHD CLA BG . 24.72 33.89 -12.62
NA CLA BG . 23.06 29.71 -10.00
C1A CLA BG . 23.62 30.03 -8.76
C2A CLA BG . 23.31 28.93 -7.73
C3A CLA BG . 22.65 27.82 -8.58
C4A CLA BG . 22.41 28.50 -9.92
CMA CLA BG . 23.54 26.60 -8.68
CAA CLA BG . 22.33 29.45 -6.68
CBA CLA BG . 20.99 29.84 -7.26
CGA CLA BG . 20.88 31.33 -7.41
O1A CLA BG . 20.65 32.18 -6.55
O2A CLA BG . 21.09 31.75 -8.69
NB CLA BG . 21.97 29.50 -12.73
C1B CLA BG . 21.37 28.42 -12.16
C2B CLA BG . 20.34 27.86 -13.09
C3B CLA BG . 20.37 28.64 -14.22
C4B CLA BG . 21.41 29.69 -14.01
CMB CLA BG . 19.53 26.69 -12.75
CAB CLA BG . 19.57 28.54 -15.42
CBB CLA BG . 19.27 27.41 -16.07
NC CLA BG . 23.28 32.02 -13.46
C1C CLA BG . 22.67 31.75 -14.64
C2C CLA BG . 23.00 32.78 -15.64
C3C CLA BG . 23.79 33.71 -14.98
C4C CLA BG . 23.97 33.24 -13.62
CMC CLA BG . 22.55 32.78 -17.03
CAC CLA BG . 24.39 34.92 -15.57
CBC CLA BG . 23.57 36.16 -15.28
ND CLA BG . 24.31 32.21 -10.87
C1D CLA BG . 24.89 33.42 -11.33
C2D CLA BG . 25.66 34.04 -10.22
C3D CLA BG . 25.49 33.21 -9.13
C4D CLA BG . 24.64 32.09 -9.58
CMD CLA BG . 26.42 35.29 -10.33
CAD CLA BG . 25.83 32.96 -7.75
OBD CLA BG . 26.58 33.60 -7.02
CBD CLA BG . 25.07 31.67 -7.31
CGD CLA BG . 25.99 30.63 -6.72
O1D CLA BG . 26.13 30.33 -5.53
O2D CLA BG . 26.73 29.97 -7.65
CED CLA BG . 27.78 29.12 -7.20
C1 CLA BG . 20.82 33.14 -8.96
C2 CLA BG . 21.06 33.37 -10.40
C3 CLA BG . 20.42 34.32 -11.10
C4 CLA BG . 19.43 35.22 -10.47
C5 CLA BG . 20.67 34.53 -12.55
C6 CLA BG . 19.47 34.18 -13.40
C7 CLA BG . 19.10 32.72 -13.21
C8 CLA BG . 18.59 32.05 -14.47
C9 CLA BG . 19.07 32.77 -15.71
C10 CLA BG . 17.07 31.94 -14.47
C11 CLA BG . 16.61 30.64 -15.08
C12 CLA BG . 15.25 30.22 -14.53
C13 CLA BG . 14.69 29.02 -15.28
C14 CLA BG . 14.07 29.46 -16.59
C15 CLA BG . 13.67 28.27 -14.45
C16 CLA BG . 12.42 29.09 -14.23
C17 CLA BG . 11.31 28.25 -13.62
C18 CLA BG . 11.56 27.96 -12.14
C19 CLA BG . 10.65 28.79 -11.26
C20 CLA BG . 11.38 26.49 -11.85
MG CLA CG . 23.97 21.28 -9.62
CHA CLA CG . 25.34 20.77 -12.78
CHB CLA CG . 22.34 24.02 -10.78
CHC CLA CG . 22.38 21.54 -6.58
CHD CLA CG . 25.58 18.34 -8.52
NA CLA CG . 23.92 22.25 -11.46
C1A CLA CG . 24.56 21.89 -12.65
C2A CLA CG . 24.20 22.86 -13.76
C3A CLA CG . 23.50 24.02 -13.01
C4A CLA CG . 23.21 23.41 -11.66
CMA CLA CG . 24.40 25.24 -12.91
CAA CLA CG . 23.24 22.18 -14.71
CBA CLA CG . 21.93 21.69 -14.09
CGA CLA CG . 22.08 20.39 -13.37
O1A CLA CG . 22.81 19.43 -13.67
O2A CLA CG . 21.32 20.26 -12.23
NB CLA CG . 22.67 22.59 -8.80
C1B CLA CG . 22.01 23.54 -9.50
C2B CLA CG . 20.84 24.03 -8.72
C3B CLA CG . 20.83 23.35 -7.53
C4B CLA CG . 22.02 22.42 -7.56
CMB CLA CG . 19.93 25.06 -9.22
CAB CLA CG . 19.88 23.48 -6.46
CBB CLA CG . 19.98 23.05 -5.21
NC CLA CG . 24.06 20.19 -7.84
C1C CLA CG . 23.37 20.51 -6.71
C2C CLA CG . 23.69 19.56 -5.64
C3C CLA CG . 24.55 18.61 -6.21
C4C CLA CG . 24.77 19.02 -7.59
CMC CLA CG . 23.14 19.60 -4.29
CAC CLA CG . 25.15 17.44 -5.55
CBC CLA CG . 24.44 16.15 -5.91
ND CLA CG . 25.25 19.90 -10.37
C1D CLA CG . 25.81 18.73 -9.82
C2D CLA CG . 26.62 18.04 -10.85
C3D CLA CG . 26.47 18.78 -12.00
C4D CLA CG . 25.60 19.92 -11.65
CMD CLA CG . 27.36 16.80 -10.62
CAD CLA CG . 26.84 18.91 -13.40
OBD CLA CG . 27.60 18.21 -14.08
CBD CLA CG . 26.08 20.15 -13.96
CGD CLA CG . 27.01 21.06 -14.73
O1D CLA CG . 27.68 20.76 -15.72
O2D CLA CG . 27.11 22.33 -14.27
CED CLA CG . 28.02 23.20 -14.93
C1 CLA CG . 21.52 19.02 -11.52
C2 CLA CG . 20.89 19.12 -10.18
C3 CLA CG . 21.19 18.28 -9.18
C4 CLA CG . 22.19 17.19 -9.34
C5 CLA CG . 20.55 18.38 -7.83
C6 CLA CG . 19.19 19.04 -7.88
C7 CLA CG . 18.09 18.00 -7.86
C8 CLA CG . 16.70 18.65 -7.90
C9 CLA CG . 16.41 19.38 -6.61
C10 CLA CG . 15.62 17.60 -8.18
C11 CLA CG . 15.00 17.78 -9.54
C12 CLA CG . 14.39 19.16 -9.71
C13 CLA CG . 13.32 19.19 -10.81
C14 CLA CG . 13.66 18.24 -11.94
C15 CLA CG . 13.12 20.60 -11.34
MG CLA DG . 22.26 22.24 0.79
CHA CLA DG . 23.13 23.92 -2.13
CHB CLA DG . 19.90 24.59 1.43
CHC CLA DG . 21.33 20.44 3.57
CHD CLA DG . 24.74 19.81 0.08
NA CLA DG . 21.66 23.99 -0.18
C1A CLA DG . 22.14 24.52 -1.39
C2A CLA DG . 21.42 25.82 -1.74
C3A CLA DG . 20.51 26.07 -0.51
C4A CLA DG . 20.68 24.80 0.32
CMA CLA DG . 20.91 27.32 0.24
CAA CLA DG . 20.60 25.63 -3.01
CBA CLA DG . 19.29 26.39 -2.99
CGA CLA DG . 18.69 26.34 -4.36
O1A CLA DG . 19.24 26.59 -5.44
O2A CLA DG . 17.38 25.98 -4.37
NB CLA DG . 20.93 22.51 2.27
C1B CLA DG . 19.96 23.46 2.28
C2B CLA DG . 18.96 23.15 3.33
C3B CLA DG . 19.35 21.99 3.94
C4B CLA DG . 20.62 21.56 3.27
CMB CLA DG . 17.80 24.00 3.60
CAB CLA DG . 18.75 21.25 5.03
CBB CLA DG . 18.36 21.77 6.19
NC CLA DG . 22.95 20.47 1.68
C1C CLA DG . 22.43 19.93 2.82
C2C CLA DG . 23.15 18.71 3.17
C3C CLA DG . 24.10 18.51 2.17
C4C CLA DG . 23.98 19.64 1.24
CMC CLA DG . 22.86 17.87 4.32
CAC CLA DG . 25.07 17.41 2.10
CBC CLA DG . 26.35 17.69 2.85
ND CLA DG . 23.64 21.89 -0.65
C1D CLA DG . 24.60 20.86 -0.82
C2D CLA DG . 25.35 21.10 -2.08
C3D CLA DG . 24.81 22.26 -2.63
C4D CLA DG . 23.76 22.71 -1.69
CMD CLA DG . 26.40 20.25 -2.61
CAD CLA DG . 24.86 23.19 -3.72
OBD CLA DG . 25.58 23.19 -4.72
CBD CLA DG . 23.80 24.29 -3.44
CGD CLA DG . 24.41 25.67 -3.40
O1D CLA DG . 25.36 26.06 -2.73
O2D CLA DG . 23.81 26.56 -4.24
CED CLA DG . 24.45 27.83 -4.39
C1 CLA DG . 16.90 25.34 -5.58
C2 CLA DG . 15.93 24.31 -5.15
C3 CLA DG . 15.39 23.42 -6.00
C4 CLA DG . 15.74 23.39 -7.43
C5 CLA DG . 14.42 22.40 -5.51
C6 CLA DG . 13.01 22.63 -6.04
C7 CLA DG . 12.05 21.62 -5.44
MG CLA EG . 17.69 27.75 6.57
CHA CLA EG . 19.16 28.06 9.69
CHB CLA EG . 19.66 30.27 5.39
CHC CLA EG . 16.34 27.27 3.45
CHD CLA EG . 15.73 25.08 7.81
NA CLA EG . 19.16 28.97 7.43
C1A CLA EG . 19.64 28.93 8.74
C2A CLA EG . 20.72 29.99 8.95
C3A CLA EG . 20.71 30.79 7.63
C4A CLA EG . 19.79 29.95 6.73
CMA CLA EG . 20.17 32.18 7.85
CAA CLA EG . 22.07 29.31 9.12
CBA CLA EG . 23.18 30.30 9.36
CGA CLA EG . 23.13 30.76 10.79
O1A CLA EG . 23.53 30.16 11.80
O2A CLA EG . 22.54 31.98 10.94
NB CLA EG . 17.95 28.62 4.76
C1B CLA EG . 18.84 29.60 4.47
C2B CLA EG . 18.80 29.90 3.01
C3B CLA EG . 17.87 29.06 2.46
C4B CLA EG . 17.30 28.24 3.56
CMB CLA EG . 19.64 30.91 2.38
CAB CLA EG . 17.45 28.95 1.08
CBB CLA EG . 17.34 27.83 0.37
NC CLA EG . 16.25 26.45 5.79
C1C CLA EG . 15.83 26.45 4.49
C2C CLA EG . 14.82 25.43 4.29
C3C CLA EG . 14.67 24.76 5.52
C4C CLA EG . 15.58 25.42 6.46
CMC CLA EG . 14.14 25.14 3.02
CAC CLA EG . 13.77 23.65 5.81
CBC CLA EG . 14.34 22.32 5.38
ND CLA EG . 17.39 26.81 8.33
C1D CLA EG . 16.58 25.71 8.70
C2D CLA EG . 16.77 25.42 10.14
C3D CLA EG . 17.73 26.33 10.58
C4D CLA EG . 18.10 27.14 9.40
CMD CLA EG . 16.06 24.39 10.90
CAD CLA EG . 18.49 26.83 11.71
OBD CLA EG . 18.39 26.55 12.90
CBD CLA EG . 19.49 27.89 11.15
CGD CLA EG . 19.36 29.19 11.88
O1D CLA EG . 20.19 30.09 12.00
O2D CLA EG . 18.14 29.36 12.47
CED CLA EG . 17.41 30.54 12.12
C1 CLA EG . 22.34 32.43 12.30
C2 CLA EG . 21.14 33.31 12.29
C3 CLA EG . 21.20 34.60 11.91
C4 CLA EG . 22.46 35.23 11.47
C5 CLA EG . 19.98 35.44 11.91
C6 CLA EG . 19.48 35.78 10.52
C7 CLA EG . 17.97 35.93 10.50
C8 CLA EG . 17.48 37.08 9.65
C9 CLA EG . 17.06 36.60 8.27
C10 CLA EG . 18.54 38.18 9.51
MG CLA FG . 8.32 33.99 -38.85
CHA CLA FG . 5.17 34.78 -40.07
CHB CLA FG . 7.35 30.74 -38.47
CHC CLA FG . 11.49 33.22 -37.76
CHD CLA FG . 9.28 37.36 -39.26
NA CLA FG . 6.54 32.95 -39.23
C1A CLA FG . 5.35 33.47 -39.75
C2A CLA FG . 4.31 32.36 -39.91
C3A CLA FG . 5.01 31.11 -39.32
C4A CLA FG . 6.41 31.61 -38.99
CMA CLA FG . 4.29 30.59 -38.09
CAA CLA FG . 4.11 32.14 -41.40
CBA CLA FG . 5.38 31.70 -42.11
CGA CLA FG . 6.07 32.86 -42.74
O1A CLA FG . 5.60 33.67 -43.54
O2A CLA FG . 7.38 33.02 -42.36
NB CLA FG . 9.26 32.29 -38.33
C1B CLA FG . 8.66 31.10 -38.12
C2B CLA FG . 9.59 30.18 -37.41
C3B CLA FG . 10.76 30.86 -37.21
C4B CLA FG . 10.57 32.22 -37.79
CMB CLA FG . 9.20 28.83 -37.03
CAB CLA FG . 11.97 30.43 -36.57
NC CLA FG . 10.05 35.10 -38.55
C1C CLA FG . 11.25 34.59 -38.11
C2C CLA FG . 12.25 35.63 -38.04
C3C CLA FG . 11.63 36.81 -38.45
C4C CLA FG . 10.24 36.46 -38.78
CMC CLA FG . 13.64 35.44 -37.61
CAC CLA FG . 12.23 38.14 -38.56
CBC CLA FG . 12.10 38.92 -37.27
ND CLA FG . 7.45 35.73 -39.41
C1D CLA FG . 7.96 37.04 -39.56
C2D CLA FG . 6.89 37.93 -40.08
C3D CLA FG . 5.78 37.11 -40.27
C4D CLA FG . 6.20 35.76 -39.86
CMD CLA FG . 7.01 39.36 -40.33
CAD CLA FG . 4.39 37.04 -40.69
OBD CLA FG . 3.64 37.94 -41.05
CBD CLA FG . 3.97 35.54 -40.63
CGD CLA FG . 2.75 35.34 -39.78
O1D CLA FG . 2.70 35.15 -38.55
O2D CLA FG . 1.58 35.37 -40.47
CED CLA FG . 0.46 34.65 -39.93
C1 CLA FG . 7.86 34.38 -42.34
C2 CLA FG . 9.26 34.55 -41.88
C3 CLA FG . 10.36 34.35 -42.62
C4 CLA FG . 10.31 33.91 -44.03
C5 CLA FG . 11.71 34.56 -42.03
C6 CLA FG . 12.43 35.77 -42.61
C7 CLA FG . 13.93 35.59 -42.55
C8 CLA FG . 14.66 36.83 -42.07
C9 CLA FG . 15.22 37.61 -43.23
C10 CLA FG . 15.80 36.46 -41.12
MG CLA GG . 10.08 25.90 -38.01
CHA CLA GG . 9.22 25.06 -34.76
CHB CLA GG . 13.37 25.77 -37.17
CHC CLA GG . 10.87 26.61 -41.28
CHD CLA GG . 6.64 26.08 -38.81
NA CLA GG . 11.10 25.47 -36.24
C1A CLA GG . 10.56 25.12 -34.99
C2A CLA GG . 11.67 24.89 -33.96
C3A CLA GG . 12.95 25.24 -34.74
C4A CLA GG . 12.46 25.50 -36.16
CMA CLA GG . 13.59 26.48 -34.15
CAA CLA GG . 11.69 23.43 -33.55
CBA CLA GG . 12.36 23.20 -32.22
CGA CLA GG . 13.85 23.11 -32.38
O1A CLA GG . 14.68 24.01 -32.35
O2A CLA GG . 14.28 21.84 -32.61
NB CLA GG . 11.80 26.09 -39.04
C1B CLA GG . 13.04 26.05 -38.51
C2B CLA GG . 14.05 26.40 -39.55
C3B CLA GG . 13.35 26.64 -40.71
C4B CLA GG . 11.91 26.45 -40.40
CMB CLA GG . 15.47 26.45 -39.27
CAB CLA GG . 13.83 27.03 -42.02
CBB CLA GG . 14.74 27.96 -42.27
NC CLA GG . 8.95 26.27 -39.72
C1C CLA GG . 9.48 26.53 -40.96
C2C CLA GG . 8.42 26.72 -41.93
C3C CLA GG . 7.22 26.59 -41.24
C4C CLA GG . 7.57 26.30 -39.85
CMC CLA GG . 8.61 27.01 -43.36
CAC CLA GG . 5.86 26.71 -41.79
CBC CLA GG . 5.38 28.14 -41.85
ND CLA GG . 8.31 25.70 -37.06
C1D CLA GG . 6.97 25.80 -37.51
C2D CLA GG . 6.06 25.55 -36.36
C3D CLA GG . 6.87 25.26 -35.28
C4D CLA GG . 8.25 25.36 -35.77
CMD CLA GG . 4.59 25.59 -36.43
CAD CLA GG . 6.93 24.94 -33.87
OBD CLA GG . 6.01 24.82 -33.06
CBD CLA GG . 8.44 24.76 -33.50
CGD CLA GG . 8.87 25.68 -32.39
O1D CLA GG . 9.50 25.39 -31.37
O2D CLA GG . 8.50 26.97 -32.58
CED CLA GG . 9.43 27.96 -32.16
C1 CLA GG . 15.65 21.67 -32.99
C2 CLA GG . 15.74 20.43 -33.78
C3 CLA GG . 16.86 20.03 -34.41
C4 CLA GG . 18.11 20.82 -34.35
C5 CLA GG . 16.89 18.77 -35.20
C6 CLA GG . 17.73 17.69 -34.54
C7 CLA GG . 17.68 16.42 -35.36
C8 CLA GG . 16.26 15.92 -35.57
C9 CLA GG . 15.65 15.49 -34.25
C10 CLA GG . 16.19 14.79 -36.60
C11 CLA GG . 17.33 13.81 -36.46
C12 CLA GG . 18.14 13.67 -37.74
C13 CLA GG . 18.03 12.28 -38.36
C14 CLA GG . 16.58 11.94 -38.66
C15 CLA GG . 18.68 11.22 -37.47
C16 CLA GG . 18.30 9.81 -37.88
C17 CLA GG . 19.06 9.34 -39.10
C18 CLA GG . 18.69 7.91 -39.47
C19 CLA GG . 19.16 7.56 -40.87
C20 CLA GG . 19.30 6.94 -38.47
MG CLA HG . 30.57 28.08 -34.79
CHA CLA HG . 32.32 29.53 -32.15
CHB CLA HG . 28.58 26.44 -32.56
CHC CLA HG . 28.79 26.79 -37.42
CHD CLA HG . 32.70 29.78 -37.06
NA CLA HG . 30.49 28.01 -32.70
C1A CLA HG . 31.30 28.69 -31.77
C2A CLA HG . 30.90 28.35 -30.34
C3A CLA HG . 29.79 27.28 -30.51
C4A CLA HG . 29.58 27.22 -32.03
CMA CLA HG . 30.18 25.95 -29.94
CAA CLA HG . 30.34 29.58 -29.65
CBA CLA HG . 29.03 30.02 -30.25
CGA CLA HG . 29.08 31.47 -30.63
O1A CLA HG . 28.22 32.16 -31.17
O2A CLA HG . 30.27 32.07 -30.30
NB CLA HG . 28.99 26.85 -34.96
C1B CLA HG . 28.31 26.29 -33.93
C2B CLA HG . 27.18 25.45 -34.46
C3B CLA HG . 27.23 25.54 -35.84
C4B CLA HG . 28.38 26.44 -36.17
CMB CLA HG . 26.27 24.72 -33.59
CAB CLA HG . 26.42 24.96 -36.87
CBB CLA HG . 25.64 23.88 -36.77
NC CLA HG . 30.74 28.24 -36.86
C1C CLA HG . 29.91 27.62 -37.75
C2C CLA HG . 30.31 27.95 -39.12
C3C CLA HG . 31.40 28.80 -39.02
C4C CLA HG . 31.67 28.97 -37.59
CMC CLA HG . 29.64 27.46 -40.32
CAC CLA HG . 32.16 29.41 -40.12
CBC CLA HG . 33.14 28.44 -40.76
ND CLA HG . 32.16 29.33 -34.70
C1D CLA HG . 32.93 29.96 -35.71
C2D CLA HG . 33.98 30.80 -35.07
C3D CLA HG . 33.77 30.68 -33.71
C4D CLA HG . 32.64 29.75 -33.53
CMD CLA HG . 34.97 31.59 -35.79
CAD CLA HG . 34.24 31.07 -32.38
OBD CLA HG . 35.18 31.79 -32.07
CBD CLA HG . 33.31 30.36 -31.35
CGD CLA HG . 34.09 29.51 -30.38
O1D CLA HG . 34.21 29.69 -29.16
O2D CLA HG . 34.71 28.45 -30.96
CED CLA HG . 35.14 27.38 -30.11
C1 CLA HG . 30.33 33.50 -30.41
MG CLA IG . 32.30 11.87 -49.64
CHA CLA IG . 35.06 9.76 -49.59
CHB CLA IG . 34.34 14.51 -50.30
CHC CLA IG . 29.54 13.92 -49.64
CHD CLA IG . 30.24 9.10 -48.85
NA CLA IG . 34.36 12.07 -49.91
C1A CLA IG . 35.34 11.07 -49.87
C2A CLA IG . 36.72 11.65 -50.14
C3A CLA IG . 36.47 13.16 -50.34
C4A CLA IG . 34.95 13.28 -50.18
CMA CLA IG . 37.22 13.99 -49.34
CAA CLA IG . 37.32 11.06 -51.42
CBA CLA IG . 36.95 11.85 -52.66
CGA CLA IG . 35.59 11.46 -53.18
O1A CLA IG . 34.49 11.63 -52.67
O2A CLA IG . 35.62 10.85 -54.41
NB CLA IG . 32.00 13.84 -49.94
C1B CLA IG . 32.96 14.76 -50.17
C2B CLA IG . 32.36 16.12 -50.24
C3B CLA IG . 31.00 15.96 -50.06
C4B CLA IG . 30.75 14.50 -49.86
CMB CLA IG . 33.14 17.33 -50.47
CAB CLA IG . 29.93 16.93 -50.03
CBB CLA IG . 29.83 18.02 -50.81
NC CLA IG . 30.26 11.55 -49.33
C1C CLA IG . 29.31 12.53 -49.40
C2C CLA IG . 27.99 11.95 -49.15
C3C CLA IG . 28.17 10.59 -48.90
C4C CLA IG . 29.61 10.35 -49.01
CMC CLA IG . 26.73 12.70 -49.17
CAC CLA IG . 27.14 9.60 -48.60
CBC CLA IG . 26.49 9.02 -49.83
ND CLA IG . 32.52 9.88 -49.30
C1D CLA IG . 31.59 8.86 -48.98
C2D CLA IG . 32.31 7.57 -48.82
C3D CLA IG . 33.65 7.86 -49.04
C4D CLA IG . 33.72 9.31 -49.33
CMD CLA IG . 31.69 6.30 -48.48
CAD CLA IG . 35.01 7.34 -49.09
OBD CLA IG . 35.41 6.20 -48.90
CBD CLA IG . 35.94 8.54 -49.44
CGD CLA IG . 37.01 8.77 -48.39
O1D CLA IG . 37.15 9.77 -47.69
O2D CLA IG . 37.89 7.73 -48.25
CED CLA IG . 39.23 8.05 -47.88
C1 CLA IG . 34.41 10.97 -55.18
C2 CLA IG . 34.38 12.34 -55.75
C3 CLA IG . 33.29 12.87 -56.33
C4 CLA IG . 33.30 14.25 -56.89
C5 CLA IG . 32.03 12.09 -56.44
C6 CLA IG . 30.81 12.97 -56.63
C7 CLA IG . 29.58 12.12 -56.93
C8 CLA IG . 28.37 12.95 -57.35
C9 CLA IG . 28.31 14.27 -56.59
C10 CLA IG . 27.08 12.16 -57.12
C11 CLA IG . 25.85 13.01 -57.36
C12 CLA IG . 24.69 12.16 -57.83
C13 CLA IG . 23.39 12.93 -57.83
C14 CLA IG . 22.50 12.48 -56.68
C15 CLA IG . 22.65 12.79 -59.16
MG CLA JG . 28.24 7.96 -39.96
CHA CLA JG . 28.46 7.10 -36.60
CHB CLA JG . 31.56 8.74 -39.97
CHC CLA JG . 28.00 8.68 -43.31
CHD CLA JG . 24.79 7.17 -39.89
NA CLA JG . 29.73 7.94 -38.50
C1A CLA JG . 29.63 7.54 -37.16
C2A CLA JG . 30.96 7.68 -36.44
C3A CLA JG . 31.88 8.35 -37.49
C4A CLA JG . 31.02 8.35 -38.76
CMA CLA JG . 32.28 9.75 -37.08
CAA CLA JG . 31.53 6.32 -36.06
CBA CLA JG . 32.06 5.59 -37.27
CGA CLA JG . 32.55 4.21 -36.91
O1A CLA JG . 33.49 3.89 -36.19
O2A CLA JG . 31.78 3.23 -37.47
NB CLA JG . 29.53 8.61 -41.36
C1B CLA JG . 30.86 8.80 -41.19
C2B CLA JG . 31.50 9.14 -42.49
C3B CLA JG . 30.50 9.13 -43.44
C4B CLA JG . 29.24 8.79 -42.73
CMB CLA JG . 32.94 9.42 -42.62
CAB CLA JG . 30.55 9.37 -44.86
CBB CLA JG . 31.54 9.03 -45.68
NC CLA JG . 26.67 7.94 -41.33
C1C CLA JG . 26.80 8.29 -42.65
C2C CLA JG . 25.51 8.18 -43.32
C3C CLA JG . 24.60 7.73 -42.36
C4C CLA JG . 25.34 7.59 -41.11
CMC CLA JG . 25.27 8.46 -44.73
CAC CLA JG . 23.16 7.47 -42.56
CBC CLA JG . 22.87 6.01 -42.81
ND CLA JG . 26.88 7.28 -38.61
C1D CLA JG . 25.49 7.02 -38.71
C2D CLA JG . 25.00 6.56 -37.39
C3D CLA JG . 26.10 6.55 -36.55
C4D CLA JG . 27.24 7.02 -37.36
CMD CLA JG . 23.61 6.18 -37.10
CAD CLA JG . 26.58 6.29 -35.21
OBD CLA JG . 25.99 5.86 -34.23
CBD CLA JG . 28.11 6.66 -35.20
CGD CLA JG . 28.39 7.77 -34.21
O1D CLA JG . 28.00 8.94 -34.28
O2D CLA JG . 29.15 7.40 -33.16
CED CLA JG . 29.13 8.26 -32.01
C1 CLA JG . 32.49 2.12 -38.07
C2 CLA JG . 31.47 1.13 -38.49
C3 CLA JG . 30.80 0.35 -37.63
C4 CLA JG . 31.04 0.41 -36.17
C5 CLA JG . 29.77 -0.63 -38.12
MG CLA KG . 25.37 15.00 -34.96
CHA CLA KG . 27.59 16.19 -32.57
CHB CLA KG . 26.62 11.86 -34.55
CHC CLA KG . 23.05 13.85 -37.21
CHD CLA KG . 24.13 18.30 -35.39
NA CLA KG . 26.88 14.19 -33.77
C1A CLA KG . 27.68 14.84 -32.83
C2A CLA KG . 28.67 13.87 -32.18
C3A CLA KG . 28.48 12.57 -33.00
C4A CLA KG . 27.24 12.87 -33.83
CMA CLA KG . 29.69 12.27 -33.85
CAA CLA KG . 28.32 13.65 -30.71
CBA CLA KG . 27.64 12.31 -30.45
CGA CLA KG . 26.19 12.36 -30.83
O1A CLA KG . 25.56 13.28 -31.32
O2A CLA KG . 25.55 11.17 -30.61
NB CLA KG . 24.98 13.21 -35.80
C1B CLA KG . 25.48 12.03 -35.37
C2B CLA KG . 24.67 10.90 -35.90
C3B CLA KG . 23.66 11.45 -36.65
C4B CLA KG . 23.85 12.93 -36.60
CMB CLA KG . 24.99 9.51 -35.59
CAB CLA KG . 22.59 10.84 -37.40
CBB CLA KG . 22.63 9.67 -38.03
NC CLA KG . 23.88 15.92 -36.11
C1C CLA KG . 23.07 15.25 -36.97
C2C CLA KG . 22.16 16.18 -37.62
C3C CLA KG . 22.45 17.43 -37.11
C4C CLA KG . 23.54 17.27 -36.16
CMC CLA KG . 21.16 15.77 -38.61
CAC CLA KG . 21.77 18.69 -37.46
CBC CLA KG . 20.51 18.90 -36.66
ND CLA KG . 25.70 16.84 -34.18
C1D CLA KG . 25.14 18.11 -34.46
C2D CLA KG . 25.82 19.12 -33.62
C3D CLA KG . 26.74 18.44 -32.86
C4D CLA KG . 26.64 17.02 -33.27
CMD CLA KG . 25.51 20.55 -33.62
CAD CLA KG . 27.80 18.53 -31.85
OBD CLA KG . 28.20 19.52 -31.24
CBD CLA KG . 28.38 17.10 -31.66
CGD CLA KG . 29.84 17.01 -31.97
O1D CLA KG . 30.39 16.31 -32.83
O2D CLA KG . 30.61 17.81 -31.19
CED CLA KG . 32.00 17.45 -31.07
C1 CLA KG . 25.72 10.17 -31.63
C2 CLA KG . 24.49 9.35 -31.71
C3 CLA KG . 23.31 9.80 -32.19
C4 CLA KG . 22.12 8.92 -32.24
C5 CLA KG . 23.14 11.18 -32.69
C6 CLA KG . 21.90 11.85 -32.11
C7 CLA KG . 20.91 12.24 -33.20
C8 CLA KG . 20.69 13.76 -33.31
C9 CLA KG . 20.53 14.15 -34.76
C10 CLA KG . 21.83 14.53 -32.67
C11 CLA KG . 21.71 16.03 -32.87
C12 CLA KG . 20.51 16.61 -32.15
C13 CLA KG . 20.65 18.11 -31.90
C14 CLA KG . 21.46 18.79 -32.99
C15 CLA KG . 21.23 18.39 -30.51
C16 CLA KG . 22.72 18.68 -30.53
C17 CLA KG . 23.45 18.03 -29.37
C18 CLA KG . 24.71 18.78 -29.02
C19 CLA KG . 24.59 19.51 -27.69
C20 CLA KG . 25.90 17.86 -29.00
MG CLA LG . 16.56 24.49 -52.76
CHA CLA LG . 13.09 24.29 -52.67
CHB CLA LG . 16.47 24.95 -56.12
CHC CLA LG . 20.00 24.70 -52.78
CHD CLA LG . 16.62 24.11 -49.24
NA CLA LG . 15.01 24.58 -54.16
C1A CLA LG . 13.63 24.49 -53.92
C2A CLA LG . 12.85 24.63 -55.23
C3A CLA LG . 13.96 24.84 -56.31
C4A CLA LG . 15.24 24.79 -55.50
CMA CLA LG . 13.90 23.79 -57.39
CAA CLA LG . 11.93 25.83 -55.23
CBA CLA LG . 12.63 27.08 -54.72
CGA CLA LG . 12.23 27.34 -53.30
O1A CLA LG . 11.10 27.33 -52.81
O2A CLA LG . 13.29 27.61 -52.49
NB CLA LG . 17.96 24.84 -54.17
C1B CLA LG . 17.72 24.91 -55.51
C2B CLA LG . 19.02 24.92 -56.25
C3B CLA LG . 20.02 24.85 -55.31
C4B CLA LG . 19.37 24.79 -53.98
CMB CLA LG . 19.11 24.98 -57.70
CAB CLA LG . 21.45 24.80 -55.51
CBB CLA LG . 22.35 25.60 -54.92
NC CLA LG . 18.04 24.41 -51.28
C1C CLA LG . 19.38 24.51 -51.51
C2C CLA LG . 20.12 24.42 -50.26
C3C CLA LG . 19.17 24.26 -49.26
C4C CLA LG . 17.86 24.26 -49.90
CMC CLA LG . 21.57 24.50 -50.14
CAC CLA LG . 19.42 24.14 -47.82
CBC CLA LG . 19.67 25.49 -47.17
ND CLA LG . 15.24 24.15 -51.28
C1D CLA LG . 15.39 24.05 -49.86
C2D CLA LG . 14.06 23.89 -49.25
C3D CLA LG . 13.15 23.93 -50.28
C4D CLA LG . 13.93 24.14 -51.52
CMD CLA LG . 13.82 23.69 -47.81
CAD CLA LG . 11.74 23.87 -50.64
OBD CLA LG . 10.78 23.63 -49.93
CBD CLA LG . 11.66 24.17 -52.17
CGD CLA LG . 10.84 23.17 -52.92
O1D CLA LG . 9.64 23.25 -53.20
O2D CLA LG . 11.52 22.06 -53.31
CED CLA LG . 10.77 21.01 -53.93
C1 CLA LG . 13.05 27.45 -51.07
C2 CLA LG . 14.39 27.37 -50.43
C3 CLA LG . 14.99 28.43 -49.86
C4 CLA LG . 14.36 29.76 -49.81
C5 CLA LG . 16.34 28.28 -49.23
C6 CLA LG . 17.45 28.52 -50.23
MG CLA MG . 9.44 12.49 -55.84
CHA CLA MG . 7.54 14.37 -58.04
CHB CLA MG . 7.72 9.70 -56.71
CHC CLA MG . 11.47 10.64 -53.74
CHD CLA MG . 11.30 15.39 -55.05
NA CLA MG . 7.87 12.13 -57.15
C1A CLA MG . 7.23 13.04 -58.00
C2A CLA MG . 6.16 12.34 -58.82
C3A CLA MG . 6.18 10.89 -58.33
C4A CLA MG . 7.34 10.88 -57.33
CMA CLA MG . 4.86 10.48 -57.70
CAA CLA MG . 6.58 12.37 -60.29
CBA CLA MG . 7.74 11.44 -60.56
CGA CLA MG . 8.77 12.09 -61.44
O1A CLA MG . 8.60 12.82 -62.41
O2A CLA MG . 10.06 11.80 -61.06
NB CLA MG . 9.61 10.54 -55.37
C1B CLA MG . 8.75 9.57 -55.78
C2B CLA MG . 9.04 8.30 -55.05
C3B CLA MG . 10.10 8.54 -54.21
C4B CLA MG . 10.47 9.98 -54.39
CMB CLA MG . 8.29 7.07 -55.27
CAB CLA MG . 10.75 7.66 -53.28
CBB CLA MG . 12.06 7.45 -53.18
NC CLA MG . 11.07 12.95 -54.59
C1C CLA MG . 11.74 12.04 -53.84
C2C CLA MG . 12.83 12.70 -53.12
C3C CLA MG . 12.79 14.04 -53.50
C4C CLA MG . 11.68 14.18 -54.43
CMC CLA MG . 13.76 12.04 -52.20
CAC CLA MG . 13.68 15.12 -53.08
CBC CLA MG . 14.73 15.38 -54.15
ND CLA MG . 9.38 14.47 -56.27
C1D CLA MG . 10.23 15.55 -55.91
C2D CLA MG . 9.76 16.78 -56.58
C3D CLA MG . 8.71 16.39 -57.39
C4D CLA MG . 8.55 14.94 -57.18
CMD CLA MG . 10.34 18.10 -56.39
CAD CLA MG . 7.68 16.83 -58.33
OBD CLA MG . 7.39 17.95 -58.70
CBD CLA MG . 6.98 15.53 -58.85
CGD CLA MG . 5.48 15.62 -58.76
O1D CLA MG . 4.65 14.92 -59.36
O2D CLA MG . 5.01 16.57 -57.91
CED CLA MG . 3.66 17.02 -58.11
C1 CLA MG . 11.01 11.61 -62.12
MG CLA NG . 19.64 13.84 -15.73
CHA CLA NG . 21.49 16.75 -16.11
CHB CLA NG . 22.50 12.11 -15.07
CHC CLA NG . 17.75 11.04 -15.19
CHD CLA NG . 16.70 15.69 -16.42
NA CLA NG . 21.66 14.36 -15.66
C1A CLA NG . 22.23 15.64 -15.84
C2A CLA NG . 23.75 15.57 -15.70
C3A CLA NG . 24.03 14.04 -15.64
C4A CLA NG . 22.65 13.44 -15.43
CMA CLA NG . 24.69 13.55 -16.90
CAA CLA NG . 24.22 16.24 -14.42
CBA CLA NG . 23.25 16.10 -13.27
CGA CLA NG . 23.54 14.89 -12.45
O1A CLA NG . 24.59 14.57 -11.89
O2A CLA NG . 22.47 14.05 -12.34
NB CLA NG . 20.06 11.92 -15.31
C1B CLA NG . 21.26 11.47 -14.88
C2B CLA NG . 21.11 10.15 -14.20
C3B CLA NG . 19.77 9.85 -14.22
C4B CLA NG . 19.09 10.96 -14.95
CMB CLA NG . 22.24 9.41 -13.63
CAB CLA NG . 19.01 8.72 -13.73
CBB CLA NG . 19.36 7.89 -12.73
NC CLA NG . 17.60 13.44 -15.85
C1C CLA NG . 17.05 12.20 -15.63
C2C CLA NG . 15.60 12.26 -15.84
C3C CLA NG . 15.30 13.59 -16.13
C4C CLA NG . 16.56 14.31 -16.15
CMC CLA NG . 14.70 11.12 -15.70
CAC CLA NG . 13.97 14.14 -16.43
CBC CLA NG . 13.41 14.95 -15.28
ND CLA NG . 19.14 15.75 -16.18
C1D CLA NG . 17.89 16.38 -16.42
C2D CLA NG . 18.12 17.83 -16.67
C3D CLA NG . 19.47 18.02 -16.55
C4D CLA NG . 20.07 16.70 -16.25
CMD CLA NG . 17.06 18.80 -16.96
CAD CLA NG . 20.56 18.99 -16.62
OBD CLA NG . 20.52 20.19 -16.86
CBD CLA NG . 21.87 18.20 -16.34
CGD CLA NG . 22.87 18.34 -17.45
O1D CLA NG . 22.77 17.94 -18.61
O2D CLA NG . 23.99 19.02 -17.09
CED CLA NG . 24.37 20.12 -17.91
C1 CLA NG . 21.71 14.12 -11.11
C2 CLA NG . 20.47 13.35 -11.34
C3 CLA NG . 19.36 13.89 -11.87
C4 CLA NG . 18.14 13.09 -12.09
C5 CLA NG . 19.29 15.33 -12.26
C6 CLA NG . 17.98 15.99 -11.87
C7 CLA NG . 17.53 16.98 -12.91
C8 CLA NG . 18.10 18.37 -12.68
MG CLA OG . 21.00 15.50 -24.46
CHA CLA OG . 24.44 15.71 -24.97
CHB CLA OG . 21.39 16.79 -21.34
CHC CLA OG . 17.58 15.45 -24.08
CHD CLA OG . 20.64 14.24 -27.74
NA CLA OG . 22.66 16.07 -23.34
C1A CLA OG . 24.01 16.10 -23.73
C2A CLA OG . 24.91 16.59 -22.58
C3A CLA OG . 23.93 16.72 -21.39
C4A CLA OG . 22.56 16.51 -22.04
CMA CLA OG . 24.22 15.71 -20.32
CAA CLA OG . 25.58 17.92 -22.89
CBA CLA OG . 24.72 18.86 -23.70
CGA CLA OG . 25.21 20.27 -23.55
O1A CLA OG . 25.27 20.95 -22.53
O2A CLA OG . 25.64 20.83 -24.72
NB CLA OG . 19.73 15.94 -22.96
C1B CLA OG . 20.09 16.62 -21.84
C2B CLA OG . 18.87 17.17 -21.17
C3B CLA OG . 17.78 16.80 -21.94
C4B CLA OG . 18.33 16.00 -23.08
CMB CLA OG . 18.92 17.95 -19.95
CAB CLA OG . 16.38 17.05 -21.77
CBB CLA OG . 15.70 17.02 -20.62
NC CLA OG . 19.41 14.89 -25.67
C1C CLA OG . 18.09 14.92 -25.30
C2C CLA OG . 17.26 14.38 -26.37
C3C CLA OG . 18.12 14.09 -27.43
C4C CLA OG . 19.47 14.41 -26.97
CMC CLA OG . 15.80 14.24 -26.31
CAC CLA OG . 17.74 13.53 -28.74
CBC CLA OG . 17.58 14.59 -29.80
ND CLA OG . 22.19 15.02 -26.01
C1D CLA OG . 21.91 14.52 -27.31
C2D CLA OG . 23.18 14.38 -28.05
C3D CLA OG . 24.18 14.82 -27.20
C4D CLA OG . 23.51 15.21 -25.95
CMD CLA OG . 23.26 13.89 -29.42
CAD CLA OG . 25.61 15.04 -27.04
OBD CLA OG . 26.53 14.81 -27.81
CBD CLA OG . 25.80 15.64 -25.60
CGD CLA OG . 26.79 14.87 -24.78
O1D CLA OG . 26.80 13.65 -24.56
O2D CLA OG . 27.76 15.63 -24.21
CED CLA OG . 28.67 15.01 -23.30
C1 CLA OG . 25.98 22.23 -24.68
MG CLA PG . 2.32 15.03 -21.91
CHA CLA PG . -0.98 15.31 -20.91
CHB CLA PG . 2.08 18.04 -23.51
CHC CLA PG . 5.68 14.85 -22.67
CHD CLA PG . 2.52 11.89 -20.34
NA CLA PG . 0.79 16.42 -22.16
C1A CLA PG . -0.50 16.37 -21.63
C2A CLA PG . -1.29 17.62 -22.00
C3A CLA PG . -0.34 18.41 -22.92
C4A CLA PG . 0.95 17.59 -22.86
CMA CLA PG . -0.90 18.50 -24.32
CAA CLA PG . -1.53 18.40 -20.72
CBA CLA PG . -0.23 18.56 -19.93
CGA CLA PG . -0.47 18.64 -18.45
O1A CLA PG . -1.34 18.07 -17.78
O2A CLA PG . 0.41 19.46 -17.81
NB CLA PG . 3.65 16.25 -22.82
C1B CLA PG . 3.31 17.35 -23.55
C2B CLA PG . 4.42 17.72 -24.45
C3B CLA PG . 5.45 16.83 -24.23
C4B CLA PG . 4.96 15.89 -23.18
CMB CLA PG . 4.32 18.85 -25.36
CAB CLA PG . 6.76 16.74 -24.82
CBB CLA PG . 7.06 16.98 -26.11
NC CLA PG . 3.82 13.63 -21.54
C1C CLA PG . 5.14 13.80 -21.88
C2C CLA PG . 5.93 12.69 -21.36
C3C CLA PG . 5.02 11.80 -20.79
C4C CLA PG . 3.70 12.41 -20.89
CMC CLA PG . 7.39 12.57 -21.50
CAC CLA PG . 5.35 10.52 -20.12
CBC CLA PG . 5.65 10.73 -18.66
ND CLA PG . 1.07 13.78 -20.95
C1D CLA PG . 1.28 12.52 -20.35
C2D CLA PG . 0.00 12.06 -19.75
C3D CLA PG . -0.89 13.10 -19.92
C4D CLA PG . -0.17 14.16 -20.66
CMD CLA PG . -0.22 10.79 -19.10
CAD CLA PG . -2.25 13.56 -19.71
OBD CLA PG . -3.20 12.98 -19.19
CBD CLA PG . -2.34 15.02 -20.30
CGD CLA PG . -3.47 15.17 -21.27
O1D CLA PG . -3.42 15.58 -22.43
O2D CLA PG . -4.69 14.81 -20.78
CED CLA PG . -5.71 14.48 -21.73
C1 CLA PG . 0.51 19.33 -16.38
C2 CLA PG . 1.81 18.67 -16.08
C3 CLA PG . 2.42 18.74 -14.88
C4 CLA PG . 1.84 19.50 -13.75
C5 CLA PG . 3.72 18.06 -14.64
C6 CLA PG . 3.86 17.50 -13.23
C7 CLA PG . 5.17 16.77 -13.06
C8 CLA PG . 6.12 17.53 -12.13
C9 CLA PG . 6.86 18.60 -12.88
C10 CLA PG . 7.11 16.58 -11.47
C11 CLA PG . 7.81 17.28 -10.31
C12 CLA PG . 9.03 16.52 -9.82
C13 CLA PG . 9.60 17.20 -8.57
C14 CLA PG . 9.90 18.66 -8.85
C15 CLA PG . 10.86 16.49 -8.08
C16 CLA PG . 11.21 16.93 -6.68
C17 CLA PG . 12.65 16.64 -6.34
C18 CLA PG . 12.78 15.61 -5.22
C19 CLA PG . 14.23 15.46 -4.80
C20 CLA PG . 11.94 15.99 -4.03
MG CLA QG . -1.81 -6.72 -36.92
CHA CLA QG . -3.69 -6.48 -39.84
CHB CLA QG . -2.54 -10.04 -36.73
CHC CLA QG . 0.10 -6.91 -34.07
CHD CLA QG . -1.18 -3.24 -37.12
NA CLA QG . -2.92 -8.03 -38.12
C1A CLA QG . -3.63 -7.74 -39.30
C2A CLA QG . -4.29 -9.00 -39.85
C3A CLA QG . -3.99 -10.08 -38.78
C4A CLA QG . -3.07 -9.35 -37.81
CMA CLA QG . -5.25 -10.53 -38.10
CAA CLA QG . -3.64 -9.41 -41.17
CBA CLA QG . -3.13 -10.84 -41.18
CGA CLA QG . -1.64 -10.90 -40.97
O1A CLA QG . -1.04 -11.46 -40.06
O2A CLA QG . -0.92 -10.24 -41.91
NB CLA QG . -1.31 -8.19 -35.65
C1B CLA QG . -1.70 -9.49 -35.74
C2B CLA QG . -1.11 -10.28 -34.62
C3B CLA QG . -0.36 -9.40 -33.86
C4B CLA QG . -0.48 -8.06 -34.51
CMB CLA QG . -1.34 -11.71 -34.42
CAB CLA QG . 0.40 -9.64 -32.67
CBB CLA QG . 1.34 -10.57 -32.52
NC CLA QG . -0.74 -5.32 -35.81
C1C CLA QG . -0.02 -5.62 -34.68
C2C CLA QG . 0.62 -4.42 -34.16
C3C CLA QG . 0.25 -3.37 -35.01
C4C CLA QG . -0.60 -3.96 -36.05
CMC CLA QG . 1.46 -4.36 -32.96
CAC CLA QG . 0.64 -1.95 -34.90
CBC CLA QG . 1.73 -1.56 -35.89
ND CLA QG . -2.27 -5.18 -38.15
C1D CLA QG . -1.96 -3.80 -38.11
C2D CLA QG . -2.59 -3.12 -39.27
C3D CLA QG . -3.24 -4.11 -39.98
C4D CLA QG . -3.03 -5.37 -39.24
CMD CLA QG . -2.48 -1.69 -39.56
CAD CLA QG . -4.06 -4.41 -41.14
OBD CLA QG . -4.44 -3.68 -42.05
CBD CLA QG . -4.40 -5.94 -41.07
CGD CLA QG . -5.89 -6.16 -41.05
O1D CLA QG . -6.69 -5.96 -41.97
O2D CLA QG . -6.38 -6.64 -39.88
CED CLA QG . -7.75 -7.06 -39.86
C1 CLA QG . -0.08 -11.07 -42.75
C2 CLA QG . 1.14 -10.30 -43.10
C3 CLA QG . 2.29 -10.38 -42.41
C4 CLA QG . 3.50 -9.60 -42.78
C5 CLA QG . 2.42 -11.27 -41.22
MG CLA RG . 7.81 -24.03 -20.96
CHA CLA RG . 4.98 -22.25 -21.89
CHB CLA RG . 6.72 -24.08 -17.74
CHC CLA RG . 10.61 -25.84 -20.11
CHD CLA RG . 8.94 -23.88 -24.32
NA CLA RG . 6.11 -23.27 -19.99
C1A CLA RG . 5.05 -22.57 -20.56
C2A CLA RG . 4.02 -22.19 -19.49
C3A CLA RG . 4.63 -22.74 -18.18
C4A CLA RG . 5.91 -23.42 -18.66
CMA CLA RG . 4.90 -21.65 -17.18
CAA CLA RG . 2.66 -22.83 -19.76
CBA CLA RG . 2.62 -24.26 -19.31
CGA CLA RG . 1.95 -25.12 -20.33
O1A CLA RG . 2.48 -25.71 -21.27
O2A CLA RG . 0.60 -25.24 -20.14
NB CLA RG . 8.54 -24.79 -19.25
C1B CLA RG . 7.92 -24.75 -18.04
C2B CLA RG . 8.70 -25.54 -17.04
C3B CLA RG . 9.79 -26.04 -17.70
C4B CLA RG . 9.71 -25.57 -19.12
CMB CLA RG . 8.30 -25.69 -15.64
CAB CLA RG . 10.86 -26.85 -17.20
CBB CLA RG . 11.24 -28.04 -17.68
NC CLA RG . 9.46 -24.73 -22.03
C1C CLA RG . 10.50 -25.45 -21.48
C2C CLA RG . 11.48 -25.76 -22.51
C3C CLA RG . 11.01 -25.21 -23.70
C4C CLA RG . 9.75 -24.55 -23.38
CMC CLA RG . 12.72 -26.53 -22.29
CAC CLA RG . 11.66 -25.24 -25.02
CBC CLA RG . 12.51 -24.02 -25.29
ND CLA RG . 7.16 -23.30 -22.73
C1D CLA RG . 7.73 -23.28 -24.04
C2D CLA RG . 6.82 -22.58 -24.95
C3D CLA RG . 5.74 -22.17 -24.19
C4D CLA RG . 6.01 -22.63 -22.82
CMD CLA RG . 7.06 -22.38 -26.38
CAD CLA RG . 4.46 -21.49 -24.18
OBD CLA RG . 3.82 -20.99 -25.11
CBD CLA RG . 3.96 -21.48 -22.71
CGD CLA RG . 3.83 -20.09 -22.15
O1D CLA RG . 4.55 -19.54 -21.31
O2D CLA RG . 2.79 -19.38 -22.67
CED CLA RG . 2.54 -18.10 -22.10
C1 CLA RG . -0.09 -26.29 -20.85
C2 CLA RG . -0.39 -25.77 -22.21
C3 CLA RG . -1.47 -25.02 -22.51
C4 CLA RG . -2.48 -24.66 -21.49
C5 CLA RG . -1.70 -24.53 -23.90
C6 CLA RG . -0.75 -25.13 -24.92
C7 CLA RG . 0.44 -24.24 -25.19
C8 CLA RG . 1.69 -25.05 -25.50
C9 CLA RG . 2.89 -24.16 -25.72
C10 CLA RG . 1.47 -25.97 -26.69
C11 CLA RG . 1.69 -25.28 -28.02
C12 CLA RG . 1.98 -26.27 -29.13
C13 CLA RG . 1.93 -25.62 -30.50
C14 CLA RG . 1.20 -26.49 -31.49
C15 CLA RG . 3.32 -25.29 -31.02
C16 CLA RG . 3.67 -23.84 -30.75
C17 CLA RG . 4.84 -23.36 -31.57
C18 CLA RG . 5.36 -22.00 -31.10
C19 CLA RG . 6.25 -22.15 -29.90
C20 CLA RG . 4.21 -21.06 -30.80
MG CLA SG . 15.48 -15.61 -27.66
CHA CLA SG . 18.48 -13.95 -28.23
CHB CLA SG . 13.85 -12.63 -27.55
CHC CLA SG . 12.53 -17.31 -27.24
CHD CLA SG . 17.25 -18.69 -27.71
NA CLA SG . 16.09 -13.62 -27.85
C1A CLA SG . 17.38 -13.13 -28.10
C2A CLA SG . 17.38 -11.62 -28.18
C3A CLA SG . 15.93 -11.22 -27.82
C4A CLA SG . 15.22 -12.57 -27.75
CMA CLA SG . 15.88 -10.45 -26.53
CAA CLA SG . 17.71 -11.18 -29.61
CBA CLA SG . 16.63 -11.56 -30.60
CGA CLA SG . 16.89 -12.89 -31.23
O1A CLA SG . 17.80 -13.23 -31.99
O2A CLA SG . 15.96 -13.84 -30.87
NB CLA SG . 13.56 -15.07 -27.39
C1B CLA SG . 13.09 -13.80 -27.45
C2B CLA SG . 11.59 -13.81 -27.40
C3B CLA SG . 11.21 -15.13 -27.31
C4B CLA SG . 12.46 -15.95 -27.30
CMB CLA SG . 10.79 -12.59 -27.46
CAB CLA SG . 9.91 -15.76 -27.25
CBB CLA SG . 8.76 -15.20 -26.89
NC CLA SG . 14.99 -17.63 -27.48
C1C CLA SG . 13.72 -18.11 -27.31
C2C CLA SG . 13.74 -19.57 -27.24
C3C CLA SG . 15.08 -19.96 -27.37
C4C CLA SG . 15.85 -18.73 -27.52
CMC CLA SG . 12.58 -20.44 -27.08
CAC CLA SG . 15.60 -21.33 -27.37
CBC CLA SG . 16.11 -21.76 -26.00
ND CLA SG . 17.38 -16.25 -27.93
C1D CLA SG . 17.98 -17.53 -27.90
C2D CLA SG . 19.43 -17.40 -28.12
C3D CLA SG . 19.68 -16.05 -28.27
C4D CLA SG . 18.38 -15.38 -28.12
CMD CLA SG . 20.38 -18.52 -28.17
CAD CLA SG . 20.68 -15.02 -28.50
OBD CLA SG . 21.89 -15.13 -28.71
CBD CLA SG . 19.94 -13.65 -28.45
CGD CLA SG . 20.49 -12.75 -27.38
O1D CLA SG . 19.87 -12.17 -26.48
O2D CLA SG . 21.86 -12.57 -27.43
CED CLA SG . 22.42 -11.48 -26.72
C1 CLA SG . 15.74 -14.90 -31.83
C2 CLA SG . 14.27 -15.01 -32.03
C3 CLA SG . 13.52 -15.95 -31.44
C4 CLA SG . 14.11 -16.95 -30.53
C5 CLA SG . 12.04 -16.02 -31.67
C6 CLA SG . 11.49 -17.42 -31.50
C7 CLA SG . 10.09 -17.39 -30.90
C8 CLA SG . 9.51 -18.79 -30.72
C9 CLA SG . 8.01 -18.76 -30.88
C10 CLA SG . 9.88 -19.34 -29.35
C11 CLA SG . 9.59 -20.82 -29.23
C12 CLA SG . 10.38 -21.65 -30.23
C13 CLA SG . 10.26 -23.14 -29.93
C14 CLA SG . 10.61 -23.43 -28.48
C15 CLA SG . 11.13 -23.98 -30.86
C16 CLA SG . 10.93 -25.45 -30.59
C17 CLA SG . 11.69 -26.33 -31.56
C18 CLA SG . 11.23 -27.78 -31.47
C19 CLA SG . 9.99 -28.02 -32.31
C20 CLA SG . 12.33 -28.72 -31.91
MG CLA TG . 8.09 -8.47 -30.22
CHA CLA TG . 11.37 -7.39 -29.91
CHB CLA TG . 6.99 -5.30 -29.63
CHC CLA TG . 4.85 -9.60 -30.48
CHD CLA TG . 9.27 -11.77 -30.70
NA CLA TG . 9.05 -6.65 -29.85
C1A CLA TG . 10.43 -6.41 -29.76
C2A CLA TG . 10.70 -4.93 -29.46
C3A CLA TG . 9.29 -4.32 -29.31
C4A CLA TG . 8.36 -5.49 -29.63
CMA CLA TG . 9.06 -3.77 -27.92
CAA CLA TG . 11.46 -4.24 -30.59
CBA CLA TG . 10.97 -4.67 -31.96
CGA CLA TG . 12.01 -4.31 -32.99
O1A CLA TG . 13.22 -4.50 -32.95
O2A CLA TG . 11.48 -3.70 -34.09
NB CLA TG . 6.26 -7.63 -30.01
C1B CLA TG . 6.03 -6.29 -29.91
C2B CLA TG . 4.58 -6.01 -30.10
C3B CLA TG . 3.97 -7.22 -30.34
C4B CLA TG . 5.04 -8.26 -30.28
CMB CLA TG . 4.01 -4.67 -30.06
CAB CLA TG . 2.58 -7.50 -30.62
CBB CLA TG . 1.80 -8.27 -29.85
NC CLA TG . 7.23 -10.34 -30.55
C1C CLA TG . 5.88 -10.57 -30.61
C2C CLA TG . 5.63 -12.01 -30.82
C3C CLA TG . 6.88 -12.62 -30.90
C4C CLA TG . 7.88 -11.57 -30.71
CMC CLA TG . 4.31 -12.62 -30.95
CAC CLA TG . 7.15 -14.05 -31.10
CBC CLA TG . 7.63 -14.37 -32.50
ND CLA TG . 9.87 -9.40 -30.43
C1D CLA TG . 10.22 -10.77 -30.56
C2D CLA TG . 11.70 -10.90 -30.55
C3D CLA TG . 12.19 -9.63 -30.32
C4D CLA TG . 11.01 -8.75 -30.21
CMD CLA TG . 12.42 -12.15 -30.74
CAD CLA TG . 13.37 -8.80 -30.15
OBD CLA TG . 14.55 -9.11 -30.27
CBD CLA TG . 12.87 -7.38 -29.78
CGD CLA TG . 13.27 -7.00 -28.38
O1D CLA TG . 12.54 -6.92 -27.40
O2D CLA TG . 14.61 -6.73 -28.23
CED CLA TG . 15.05 -6.30 -26.94
C1 CLA TG . 12.42 -3.15 -35.05
C2 CLA TG . 12.75 -4.25 -36.00
MG CLA UG . -5.31 24.76 3.80
CHA CLA UG . -5.18 28.15 4.53
CHB CLA UG . -4.16 25.38 0.66
CHC CLA UG . -5.24 21.38 3.21
CHD CLA UG . -6.47 24.15 7.09
NA CLA UG . -4.79 26.50 2.77
C1A CLA UG . -4.78 27.81 3.27
C2A CLA UG . -4.31 28.79 2.19
C3A CLA UG . -4.18 27.90 0.94
C4A CLA UG . -4.37 26.48 1.48
CMA CLA UG . -5.22 28.26 -0.08
CAA CLA UG . -2.96 29.36 2.58
CBA CLA UG . -1.93 28.28 2.89
CGA CLA UG . -1.54 28.30 4.34
O1A CLA UG . -2.08 28.90 5.26
O2A CLA UG . -0.45 27.54 4.61
NB CLA UG . -4.81 23.60 2.23
C1B CLA UG . -4.32 24.04 1.04
C2B CLA UG . -4.00 22.88 0.16
C3B CLA UG . -4.31 21.74 0.87
C4B CLA UG . -4.83 22.19 2.20
CMB CLA UG . -3.47 23.02 -1.20
CAB CLA UG . -4.21 20.35 0.51
CBB CLA UG . -4.62 19.81 -0.63
NC CLA UG . -5.81 23.08 4.94
C1C CLA UG . -5.72 21.79 4.49
C2C CLA UG . -6.14 20.87 5.55
C3C CLA UG . -6.47 21.64 6.65
C4C CLA UG . -6.26 23.04 6.27
CMC CLA UG . -6.17 19.41 5.41
CAC CLA UG . -6.95 21.16 7.96
CBC CLA UG . -8.41 21.42 8.22
ND CLA UG . -5.81 25.84 5.44
C1D CLA UG . -6.25 25.47 6.74
C2D CLA UG . -6.44 26.69 7.56
C3D CLA UG . -6.06 27.74 6.75
C4D CLA UG . -5.66 27.16 5.46
CMD CLA UG . -6.93 26.71 8.93
CAD CLA UG . -5.91 29.19 6.64
OBD CLA UG . -6.21 30.06 7.45
CBD CLA UG . -5.29 29.48 5.23
CGD CLA UG . -6.12 30.45 4.44
O1D CLA UG . -7.32 30.37 4.17
O2D CLA UG . -5.43 31.54 4.00
CED CLA UG . -6.15 32.75 3.79
C1 CLA UG . 0.05 27.60 5.97
C2 CLA UG . 1.52 27.41 5.89
C3 CLA UG . 2.11 26.21 6.01
C4 CLA UG . 1.35 24.96 6.22
C5 CLA UG . 3.60 26.09 5.92
C6 CLA UG . 4.20 25.33 7.09
C7 CLA UG . 4.16 26.14 8.36
C8 CLA UG . 5.24 25.71 9.36
C9 CLA UG . 5.41 24.22 9.36
C10 CLA UG . 4.90 26.21 10.76
C11 CLA UG . 5.35 27.64 10.95
C12 CLA UG . 5.18 28.11 12.38
C13 CLA UG . 5.28 29.63 12.51
C14 CLA UG . 6.28 30.21 11.54
C15 CLA UG . 5.64 30.02 13.94
C16 CLA UG . 4.40 30.28 14.77
C17 CLA UG . 4.75 30.69 16.18
C18 CLA UG . 3.68 31.53 16.85
C19 CLA UG . 4.26 32.29 18.04
C20 CLA UG . 3.06 32.51 15.88
MG CLA VG . 5.67 15.35 -1.16
CHA CLA VG . 4.54 16.73 -4.14
CHB CLA VG . 8.79 15.05 -2.47
CHC CLA VG . 6.72 13.98 1.81
CHD CLA VG . 2.38 15.62 0.14
NA CLA VG . 6.51 15.83 -3.01
C1A CLA VG . 5.87 16.39 -4.12
C2A CLA VG . 6.86 16.58 -5.27
C3A CLA VG . 8.16 15.94 -4.75
C4A CLA VG . 7.83 15.58 -3.31
CMA CLA VG . 8.55 14.72 -5.56
CAA CLA VG . 7.09 18.05 -5.53
CBA CLA VG . 7.19 18.83 -4.23
CGA CLA VG . 7.96 20.09 -4.42
O1A CLA VG . 9.12 20.34 -4.06
O2A CLA VG . 7.26 21.05 -5.09
NB CLA VG . 7.42 14.62 -0.48
C1B CLA VG . 8.60 14.66 -1.14
C2B CLA VG . 9.70 14.23 -0.23
C3B CLA VG . 9.13 13.93 0.99
C4B CLA VG . 7.66 14.16 0.85
CMB CLA VG . 11.10 14.17 -0.63
CAB CLA VG . 9.74 13.46 2.20
CBB CLA VG . 9.61 14.01 3.41
NC CLA VG . 4.71 14.89 0.63
C1C CLA VG . 5.33 14.32 1.72
C2C CLA VG . 4.37 14.12 2.80
C3C CLA VG . 3.15 14.60 2.33
C4C CLA VG . 3.37 15.08 0.97
CMC CLA VG . 4.68 13.54 4.10
CAC CLA VG . 1.87 14.62 3.06
CBC CLA VG . 1.13 13.32 2.95
ND CLA VG . 3.87 16.06 -1.76
C1D CLA VG . 2.59 16.07 -1.15
C2D CLA VG . 1.60 16.65 -2.09
C3D CLA VG . 2.30 16.93 -3.25
C4D CLA VG . 3.71 16.53 -3.00
CMD CLA VG . 0.18 16.86 -1.80
CAD CLA VG . 2.23 17.47 -4.60
OBD CLA VG . 1.29 17.97 -5.20
CBD CLA VG . 3.65 17.30 -5.22
CGD CLA VG . 3.62 16.40 -6.43
O1D CLA VG . 3.85 15.19 -6.47
O2D CLA VG . 3.31 17.04 -7.58
CED CLA VG . 3.39 16.31 -8.80
C1 CLA VG . 7.54 22.42 -4.73
C2 CLA VG . 7.03 22.62 -3.35
C3 CLA VG . 7.05 23.82 -2.75
C4 CLA VG . 7.57 25.03 -3.43
C5 CLA VG . 6.52 23.99 -1.38
C6 CLA VG . 7.58 24.51 -0.42
C7 CLA VG . 6.99 25.53 0.54
C8 CLA VG . 6.29 24.88 1.73
C9 CLA VG . 4.79 25.00 1.61
C10 CLA VG . 6.75 25.55 3.02
C11 CLA VG . 6.64 27.06 2.89
C12 CLA VG . 6.87 27.76 4.20
C13 CLA VG . 7.15 29.24 3.95
C14 CLA VG . 8.41 29.43 3.13
C15 CLA VG . 7.27 30.01 5.27
C16 CLA VG . 8.11 29.27 6.26
C17 CLA VG . 8.52 30.16 7.42
C18 CLA VG . 9.40 29.43 8.43
C19 CLA VG . 9.59 30.28 9.66
C20 CLA VG . 8.77 28.11 8.81
C1 PQN WG . -3.03 10.07 0.77
O1 PQN WG . -2.21 9.13 0.84
C2 PQN WG . -2.88 11.27 1.62
C2M PQN WG . -1.71 11.36 2.56
C3 PQN WG . -3.85 12.38 1.55
C4 PQN WG . -5.01 12.29 0.64
O4 PQN WG . -5.83 13.22 0.57
C5 PQN WG . -5.17 11.08 -0.22
C6 PQN WG . -6.24 10.98 -1.09
C7 PQN WG . -6.36 9.85 -1.88
C8 PQN WG . -5.45 8.80 -1.81
C9 PQN WG . -4.36 8.86 -0.96
C10 PQN WG . -4.19 9.98 -0.15
C11 PQN WG . -3.69 13.59 2.42
C12 PQN WG . -2.95 14.73 1.77
C13 PQN WG . -3.55 15.91 1.63
C14 PQN WG . -4.95 16.11 2.13
C15 PQN WG . -2.82 17.05 0.99
C16 PQN WG . -1.51 17.26 1.72
C17 PQN WG . -0.88 18.60 1.36
C18 PQN WG . 0.43 18.84 2.11
C19 PQN WG . 0.25 18.72 3.62
C20 PQN WG . 0.96 20.22 1.75
C21 PQN WG . -0.13 21.27 1.91
C22 PQN WG . 0.15 22.49 1.04
C23 PQN WG . 0.65 23.66 1.86
C24 PQN WG . -0.39 24.12 2.87
C25 PQN WG . 1.03 24.79 0.91
C26 PQN WG . -0.21 25.33 0.21
C27 PQN WG . 0.07 25.62 -1.25
C28 PQN WG . -1.18 26.18 -1.93
C29 PQN WG . -1.49 27.58 -1.41
C30 PQN WG . -1.05 26.18 -3.44
C1 BCR XG . 11.73 17.41 -61.34
C2 BCR XG . 10.56 16.57 -61.87
C3 BCR XG . 10.47 15.14 -61.38
C4 BCR XG . 10.74 15.05 -59.88
C5 BCR XG . 12.14 15.58 -59.73
C6 BCR XG . 12.36 16.85 -60.08
C7 BCR XG . 13.20 17.79 -59.30
C8 BCR XG . 13.54 17.65 -58.02
C9 BCR XG . 14.40 18.71 -57.47
C10 BCR XG . 15.51 18.37 -56.82
C11 BCR XG . 16.40 19.40 -56.28
C33 BCR XG . 13.23 14.66 -59.25
C31 BCR XG . 11.22 18.80 -61.01
C32 BCR XG . 12.82 17.49 -62.40
C34 BCR XG . 14.02 20.15 -57.63
C12 BCR XG . 17.52 19.04 -55.69
C13 BCR XG . 18.45 20.05 -55.16
C14 BCR XG . 19.37 19.70 -54.27
C15 BCR XG . 20.29 20.70 -53.76
C16 BCR XG . 21.25 20.33 -52.91
C17 BCR XG . 22.17 21.36 -52.44
C18 BCR XG . 23.17 21.09 -51.60
C19 BCR XG . 24.05 22.20 -51.22
C20 BCR XG . 25.11 22.08 -50.43
C21 BCR XG . 25.84 23.34 -50.22
C22 BCR XG . 26.99 23.43 -49.54
C23 BCR XG . 27.59 24.76 -49.43
C24 BCR XG . 28.19 25.20 -48.33
C25 BCR XG . 28.79 26.55 -48.27
C26 BCR XG . 28.05 27.64 -48.08
C27 BCR XG . 28.55 28.71 -47.13
C28 BCR XG . 30.01 29.01 -47.47
C29 BCR XG . 30.84 27.74 -47.43
C30 BCR XG . 30.30 26.68 -48.39
C35 BCR XG . 18.36 21.47 -55.64
C36 BCR XG . 23.40 19.69 -51.11
C37 BCR XG . 27.63 22.22 -48.93
C38 BCR XG . 26.75 27.88 -48.79
C39 BCR XG . 30.92 25.33 -48.08
C40 BCR XG . 30.67 27.04 -49.81
C DD6 YG . 20.62 26.60 -39.93
C1 DD6 YG . 19.32 27.28 -39.63
C10 DD6 YG . 18.77 23.12 -31.01
C11 DD6 YG . 18.20 22.81 -29.85
C12 DD6 YG . 16.90 23.40 -29.43
C13 DD6 YG . 18.91 21.85 -29.00
C14 DD6 YG . 18.73 21.84 -27.68
C15 DD6 YG . 19.52 20.83 -26.90
C16 DD6 YG . 18.83 19.56 -26.40
C17 DD6 YG . 19.46 19.10 -25.10
C18 DD6 YG . 20.97 18.99 -25.25
C19 DD6 YG . 21.60 20.37 -25.37
C2 DD6 YG . 18.70 27.11 -38.46
C20 DD6 YG . 20.92 21.21 -26.44
C21 DD6 YG . 21.42 22.62 -26.71
C22 DD6 YG . 17.35 19.83 -26.19
C23 DD6 YG . 18.99 18.47 -27.46
C24 DD6 YG . 18.67 28.15 -40.62
C25 DD6 YG . 19.24 28.54 -41.75
C26 DD6 YG . 18.40 29.37 -42.60
C27 DD6 YG . 18.75 29.72 -43.84
C28 DD6 YG . 20.06 29.33 -44.44
C29 DD6 YG . 17.94 30.42 -44.50
C3 DD6 YG . 19.22 26.26 -37.41
C30 DD6 YG . 17.15 31.03 -45.11
C31 DD6 YG . 16.27 31.65 -45.72
C32 DD6 YG . 14.85 31.17 -45.61
C33 DD6 YG . 13.93 32.18 -46.28
C34 DD6 YG . 14.36 33.56 -45.81
C35 DD6 YG . 15.67 33.91 -46.53
C36 DD6 YG . 16.59 32.72 -46.46
C37 DD6 YG . 17.88 32.74 -47.22
C4 DD6 YG . 18.46 26.09 -36.33
C40 DD6 YG . 14.49 31.07 -44.14
C41 DD6 YG . 14.73 29.81 -46.26
C5 DD6 YG . 18.93 25.23 -35.26
C6 DD6 YG . 18.32 25.21 -34.08
C7 DD6 YG . 17.13 26.09 -33.81
C8 DD6 YG . 18.83 24.30 -33.05
C9 DD6 YG . 18.15 24.06 -31.94
O1 DD6 YG . 20.68 20.47 -27.64
O2 DD6 YG . 21.50 18.41 -24.07
O4 DD6 YG . 13.35 34.53 -46.09
C1 BCR ZG . 19.35 20.29 -1.52
C2 BCR ZG . 20.85 20.06 -1.46
C3 BCR ZG . 21.14 18.67 -0.93
C4 BCR ZG . 20.61 17.59 -1.88
C5 BCR ZG . 19.30 18.00 -2.51
C6 BCR ZG . 18.65 19.12 -2.18
C7 BCR ZG . 17.21 19.24 -2.48
C8 BCR ZG . 16.34 18.66 -1.68
C9 BCR ZG . 14.89 18.73 -1.90
C10 BCR ZG . 14.11 18.17 -0.98
C11 BCR ZG . 12.66 18.17 -1.05
C33 BCR ZG . 18.73 17.09 -3.57
C31 BCR ZG . 19.03 21.54 -2.32
C32 BCR ZG . 18.80 20.45 -0.10
C34 BCR ZG . 14.32 19.42 -3.10
C12 BCR ZG . 12.06 17.92 0.10
C13 BCR ZG . 10.61 17.86 0.25
C14 BCR ZG . 10.13 17.61 1.47
C15 BCR ZG . 8.71 17.52 1.73
C16 BCR ZG . 8.31 17.39 2.99
C17 BCR ZG . 6.89 17.26 3.26
C18 BCR ZG . 6.43 17.14 4.50
C19 BCR ZG . 4.97 16.99 4.66
C20 BCR ZG . 4.35 17.01 5.82
C21 BCR ZG . 2.91 16.81 5.70
C22 BCR ZG . 2.12 16.52 6.72
C23 BCR ZG . 0.70 16.32 6.41
C24 BCR ZG . -0.19 16.03 7.36
C25 BCR ZG . -1.60 15.81 7.00
C26 BCR ZG . -2.34 16.75 6.39
C27 BCR ZG . -3.59 16.39 5.61
C28 BCR ZG . -3.82 14.88 5.63
C29 BCR ZG . -3.63 14.37 7.04
C30 BCR ZG . -2.15 14.45 7.36
C35 BCR ZG . 9.69 18.07 -0.91
C36 BCR ZG . 7.35 17.12 5.68
C37 BCR ZG . 2.65 16.39 8.11
C38 BCR ZG . -1.99 18.20 6.46
C39 BCR ZG . -1.40 13.41 6.55
C40 BCR ZG . -1.92 14.21 8.84
C1 LMG AH . -6.91 14.71 -14.11
O1 LMG AH . -5.69 15.35 -13.86
C2 LMG AH . -7.90 15.24 -13.05
O2 LMG AH . -7.43 14.75 -11.83
C3 LMG AH . -9.23 14.54 -13.37
O3 LMG AH . -10.16 15.04 -12.43
C4 LMG AH . -9.69 14.92 -14.81
O4 LMG AH . -9.95 16.28 -14.85
C5 LMG AH . -8.50 14.61 -15.79
O5 LMG AH . -7.94 14.62 -18.08
C6 LMG AH . -8.85 15.19 -17.18
O6 LMG AH . -7.30 15.21 -15.37
C7 LMG AH . -4.61 14.79 -14.57
C8 LMG AH . -3.59 14.35 -13.49
C9 LMG AH . -2.38 13.74 -14.18
O7 LMG AH . -3.12 15.53 -12.86
C10 LMG AH . -3.34 15.67 -11.53
O9 LMG AH . -4.13 14.91 -10.98
C11 LMG AH . -2.33 16.52 -10.86
C12 LMG AH . -2.45 16.45 -9.36
C13 LMG AH . -1.17 16.83 -8.64
C14 LMG AH . -0.78 18.23 -9.11
C15 LMG AH . 0.50 18.63 -8.42
C16 LMG AH . 0.92 20.00 -8.90
C17 LMG AH . 2.40 19.93 -9.17
C18 LMG AH . 3.02 21.16 -8.55
C19 LMG AH . 4.51 20.92 -8.45
C20 LMG AH . 5.07 21.25 -9.81
O8 LMG AH . -2.23 14.45 -15.40
C28 LMG AH . -0.96 14.77 -15.75
O10 LMG AH . -0.63 15.95 -15.75
C29 LMG AH . -0.18 13.65 -16.35
C30 LMG AH . 1.01 14.19 -17.11
C31 LMG AH . 2.18 14.23 -16.16
C32 LMG AH . 2.81 12.85 -16.12
C33 LMG AH . 4.28 13.03 -15.81
C34 LMG AH . 4.76 11.84 -15.03
C35 LMG AH . 5.34 12.40 -13.73
C36 LMG AH . 6.78 12.00 -13.69
C37 LMG AH . 7.53 13.08 -12.92
C38 LMG AH . 8.62 12.29 -12.25
C39 LMG AH . 9.92 12.55 -12.95
C40 LMG AH . 10.59 13.52 -12.02
C41 LMG AH . 11.95 13.01 -11.65
C1 LMG BH . 22.09 -0.63 -25.27
O1 LMG BH . 21.48 0.46 -25.94
C2 LMG BH . 21.89 -1.91 -26.15
O2 LMG BH . 20.99 -2.71 -25.43
C3 LMG BH . 23.24 -2.68 -26.20
O3 LMG BH . 24.02 -1.98 -27.14
C4 LMG BH . 23.92 -2.64 -24.81
O4 LMG BH . 25.14 -3.32 -24.88
C5 LMG BH . 24.21 -1.15 -24.45
O5 LMG BH . 25.81 0.53 -24.81
C6 LMG BH . 25.71 -0.85 -24.67
O6 LMG BH . 23.47 -0.28 -25.26
C7 LMG BH . 20.30 0.16 -26.67
C8 LMG BH . 19.11 0.59 -25.78
C9 LMG BH . 18.37 -0.67 -25.31
O7 LMG BH . 19.61 1.20 -24.61
C10 LMG BH . 19.02 2.34 -24.19
O9 LMG BH . 19.03 3.33 -24.92
C11 LMG BH . 18.15 2.12 -23.00
C12 LMG BH . 16.86 2.91 -23.11
C13 LMG BH . 15.95 2.41 -24.21
C14 LMG BH . 14.52 2.56 -23.72
C15 LMG BH . 13.57 2.10 -24.80
C16 LMG BH . 13.64 3.08 -25.95
C17 LMG BH . 13.29 2.32 -27.21
C18 LMG BH . 11.78 2.13 -27.21
O8 LMG BH . 17.02 -0.51 -25.69
C28 LMG BH . 16.59 -1.29 -26.71
O10 LMG BH . 17.20 -2.31 -26.99
C29 LMG BH . 15.59 -0.63 -27.60
C30 LMG BH . 14.83 -1.65 -28.41
MG CLA CH . 14.10 34.63 -50.10
CHA CLA CH . 11.51 32.55 -51.09
CHB CLA CH . 11.96 36.37 -48.12
CHC CLA CH . 16.75 36.54 -49.02
CHD CLA CH . 16.31 32.72 -52.11
NA CLA CH . 12.06 34.48 -49.71
C1A CLA CH . 11.16 33.53 -50.20
C2A CLA CH . 9.74 33.76 -49.66
C3A CLA CH . 9.89 35.08 -48.86
C4A CLA CH . 11.40 35.34 -48.87
CMA CLA CH . 9.08 36.14 -49.54
CAA CLA CH . 9.30 32.62 -48.75
CBA CLA CH . 10.39 32.15 -47.81
CGA CLA CH . 9.91 30.97 -47.02
O1A CLA CH . 8.92 30.27 -47.22
O2A CLA CH . 10.70 30.68 -45.94
NB CLA CH . 14.30 36.19 -48.84
C1B CLA CH . 13.32 36.70 -48.06
C2B CLA CH . 13.91 37.68 -47.10
C3B CLA CH . 15.27 37.74 -47.36
C4B CLA CH . 15.52 36.79 -48.48
CMB CLA CH . 13.12 38.41 -46.11
CAB CLA CH . 16.32 38.50 -46.74
CBB CLA CH . 16.22 39.70 -46.16
NC CLA CH . 16.14 34.65 -50.54
C1C CLA CH . 17.03 35.54 -50.01
C2C CLA CH . 18.37 35.30 -50.54
C3C CLA CH . 18.26 34.19 -51.37
C4C CLA CH . 16.86 33.79 -51.36
CMC CLA CH . 19.56 36.07 -50.20
CAC CLA CH . 19.35 33.54 -52.13
CBC CLA CH . 19.72 34.29 -53.39
ND CLA CH . 14.00 33.05 -51.37
C1D CLA CH . 14.98 32.36 -52.12
C2D CLA CH . 14.33 31.28 -52.90
C3D CLA CH . 12.98 31.34 -52.57
C4D CLA CH . 12.84 32.43 -51.59
CMD CLA CH . 15.01 30.38 -53.82
CAD CLA CH . 11.65 30.80 -52.80
OBD CLA CH . 11.26 29.99 -53.64
CBD CLA CH . 10.68 31.50 -51.80
CGD CLA CH . 9.48 32.10 -52.49
O1D CLA CH . 9.25 33.30 -52.67
O2D CLA CH . 8.58 31.19 -52.93
CED CLA CH . 7.24 31.64 -53.15
C1 CLA CH . 10.02 30.31 -44.72
C2 CLA CH . 11.07 30.09 -43.70
C3 CLA CH . 10.88 30.28 -42.38
C4 CLA CH . 9.59 30.75 -41.84
C5 CLA CH . 11.97 30.03 -41.41
C6 CLA CH . 12.72 31.30 -41.00
C7 CLA CH . 13.96 30.93 -40.21
C8 CLA CH . 14.88 32.13 -39.98
C9 CLA CH . 15.98 32.16 -41.02
C10 CLA CH . 15.51 32.08 -38.59
C11 CLA CH . 15.77 30.67 -38.13
C12 CLA CH . 16.79 30.61 -37.02
C13 CLA CH . 16.33 31.36 -35.78
C14 CLA CH . 17.29 32.47 -35.43
C15 CLA CH . 16.15 30.43 -34.59
C DD6 DH . 29.72 50.45 -56.71
C1 DD6 DH . 28.63 49.64 -56.16
C10 DD6 DH . 34.83 42.27 -55.68
C11 DD6 DH . 35.12 41.00 -55.41
C12 DD6 DH . 34.05 40.07 -54.94
C13 DD6 DH . 36.51 40.51 -55.56
C14 DD6 DH . 37.20 40.17 -54.46
C15 DD6 DH . 38.62 39.68 -54.50
C16 DD6 DH . 39.75 40.70 -54.52
C17 DD6 DH . 41.12 40.11 -54.80
C18 DD6 DH . 41.27 38.67 -54.36
C19 DD6 DH . 40.33 37.84 -55.20
C2 DD6 DH . 28.88 48.37 -55.80
C20 DD6 DH . 38.90 38.17 -54.72
C21 DD6 DH . 37.74 37.31 -55.25
C22 DD6 DH . 39.77 41.41 -53.19
C23 DD6 DH . 39.45 41.70 -55.62
C24 DD6 DH . 27.31 50.26 -56.05
C25 DD6 DH . 27.17 51.53 -56.43
C26 DD6 DH . 25.85 52.14 -56.32
C27 DD6 DH . 25.66 53.45 -56.37
C28 DD6 DH . 26.81 54.38 -56.55
C29 DD6 DH . 24.49 53.89 -56.25
C3 DD6 DH . 30.22 47.82 -55.94
C30 DD6 DH . 23.37 54.25 -56.15
C31 DD6 DH . 22.18 54.61 -56.06
C32 DD6 DH . 21.23 54.25 -57.15
C33 DD6 DH . 19.92 54.95 -56.88
C34 DD6 DH . 19.46 54.52 -55.51
C35 DD6 DH . 20.38 55.13 -54.46
C36 DD6 DH . 21.76 55.32 -55.02
C37 DD6 DH . 22.65 56.32 -54.38
C4 DD6 DH . 30.38 46.50 -55.90
C40 DD6 DH . 21.03 52.75 -57.11
C41 DD6 DH . 21.81 54.67 -58.50
C5 DD6 DH . 31.69 45.89 -56.02
C6 DD6 DH . 31.84 44.57 -55.86
C8 DD6 DH . 33.19 43.99 -55.98
C9 DD6 DH . 33.47 42.77 -55.53
O1 DD6 DH . 38.81 38.74 -53.42
O2 DD6 DH . 42.61 38.22 -54.60
O4 DD6 DH . 18.13 55.01 -55.30
C DD6 EH . 30.82 59.06 -33.05
C1 DD6 EH . 29.56 59.84 -33.28
C10 DD6 EH . 34.89 67.83 -33.33
C11 DD6 EH . 35.23 69.11 -33.14
C12 DD6 EH . 34.21 70.11 -32.70
C13 DD6 EH . 36.63 69.48 -33.36
C14 DD6 EH . 37.13 70.68 -33.03
C15 DD6 EH . 38.58 71.00 -33.32
C16 DD6 EH . 39.72 70.46 -32.43
C17 DD6 EH . 41.11 71.03 -32.74
C18 DD6 EH . 41.21 71.87 -34.00
C19 DD6 EH . 40.19 73.00 -33.91
C2 DD6 EH . 29.59 61.18 -33.41
C20 DD6 EH . 38.80 72.36 -33.97
C21 DD6 EH . 37.59 73.21 -34.30
C22 DD6 EH . 39.82 68.93 -32.55
C23 DD6 EH . 39.38 70.82 -31.00
C24 DD6 EH . 28.25 59.18 -33.37
C25 DD6 EH . 28.12 57.86 -33.44
C26 DD6 EH . 26.76 57.35 -33.57
C27 DD6 EH . 26.49 56.05 -33.70
C28 DD6 EH . 27.59 55.02 -33.72
C29 DD6 EH . 25.30 55.71 -33.83
C3 DD6 EH . 30.84 61.92 -33.38
C30 DD6 EH . 24.16 55.45 -34.02
C31 DD6 EH . 22.95 55.16 -34.25
C32 DD6 EH . 22.35 53.96 -33.56
C33 DD6 EH . 21.03 53.58 -34.21
C34 DD6 EH . 20.16 54.81 -34.42
C35 DD6 EH . 20.84 55.64 -35.49
C36 DD6 EH . 22.27 55.93 -35.10
C37 DD6 EH . 22.95 57.12 -35.70
C4 DD6 EH . 30.82 63.25 -33.23
C40 DD6 EH . 23.35 52.83 -33.66
C41 DD6 EH . 22.12 54.33 -32.10
C5 DD6 EH . 32.07 63.98 -33.27
C6 DD6 EH . 32.09 65.31 -33.20
C7 DD6 EH . 30.83 66.11 -33.07
C8 DD6 EH . 33.40 66.00 -33.30
C9 DD6 EH . 33.54 67.31 -33.19
O1 DD6 EH . 38.86 71.14 -34.71
O2 DD6 EH . 42.52 72.43 -34.09
O4 DD6 EH . 18.87 54.41 -34.87
C DD6 FH . 25.85 47.91 -48.26
C1 DD6 FH . 24.64 47.74 -47.42
C10 DD6 FH . 30.08 50.79 -40.15
C11 DD6 FH . 30.53 51.02 -38.91
C12 DD6 FH . 29.67 50.84 -37.71
C13 DD6 FH . 31.94 51.43 -38.76
C14 DD6 FH . 32.43 51.91 -37.62
C15 DD6 FH . 33.89 52.31 -37.59
C16 DD6 FH . 34.92 51.28 -37.15
C17 DD6 FH . 36.15 51.98 -36.57
C18 DD6 FH . 36.67 53.04 -37.51
C19 DD6 FH . 35.70 54.22 -37.54
C2 DD6 FH . 24.67 48.00 -46.10
C20 DD6 FH . 34.28 53.76 -37.88
C21 DD6 FH . 33.18 54.79 -38.08
C22 DD6 FH . 35.34 50.42 -38.33
C23 DD6 FH . 34.31 50.40 -36.07
C24 DD6 FH . 23.37 47.27 -48.01
C25 DD6 FH . 23.27 47.01 -49.31
C26 DD6 FH . 21.98 46.56 -49.85
C27 DD6 FH . 21.83 46.30 -51.15
C28 DD6 FH . 22.97 46.46 -52.10
C29 DD6 FH . 20.71 45.90 -51.57
C3 DD6 FH . 25.91 48.46 -45.46
C30 DD6 FH . 19.67 45.48 -51.94
C31 DD6 FH . 18.54 45.10 -52.35
C32 DD6 FH . 18.48 43.84 -53.21
C33 DD6 FH . 17.04 43.50 -53.58
C34 DD6 FH . 16.11 43.78 -52.43
C35 DD6 FH . 16.06 45.29 -52.28
C36 DD6 FH . 17.46 45.79 -52.03
C37 DD6 FH . 17.64 47.14 -51.41
C4 DD6 FH . 25.95 48.63 -44.14
C40 DD6 FH . 19.29 44.11 -54.48
C41 DD6 FH . 19.10 42.70 -52.43
C5 DD6 FH . 27.20 49.10 -43.54
C6 DD6 FH . 27.26 49.45 -42.25
C7 DD6 FH . 26.05 49.37 -41.38
C8 DD6 FH . 28.55 49.93 -41.72
C9 DD6 FH . 28.73 50.35 -40.48
O1 DD6 FH . 34.26 52.77 -38.90
O2 DD6 FH . 37.94 53.50 -37.04
O4 DD6 FH . 14.80 43.30 -52.71
C7 UIX GH . 33.00 57.90 -52.64
C8 UIX GH . 35.92 59.45 -53.26
C9 UIX GH . 34.33 58.74 -55.01
O1 UIX GH . 38.22 55.95 -54.07
C1 UIX GH . 34.97 56.23 -52.17
C5 UIX GH . 37.10 56.61 -53.47
C6 UIX GH . 33.82 55.33 -51.72
C4 UIX GH . 36.33 57.38 -54.54
O4 UIX GH . 16.76 68.88 -33.54
C3 UIX GH . 36.15 55.58 -52.90
O3 UIX GH . 21.36 68.52 -38.37
C2 UIX GH . 35.26 58.25 -53.91
C UIX GH . 34.43 57.48 -52.87
O UIX GH . 35.12 57.53 -51.61
C10 UIX GH . 32.68 58.59 -51.55
C11 UIX GH . 31.31 59.01 -51.29
C12 UIX GH . 30.30 59.02 -52.40
C13 UIX GH . 30.95 59.38 -50.05
C14 UIX GH . 29.61 59.83 -49.72
C15 UIX GH . 18.98 65.88 -37.06
C16 UIX GH . 20.20 68.17 -37.62
C17 UIX GH . 19.37 66.11 -35.60
C18 UIX GH . 19.58 67.58 -35.20
C19 UIX GH . 20.55 68.29 -36.14
C20 UIX GH . 19.84 66.74 -37.97
C21 UIX GH . 17.49 66.17 -37.28
C22 UIX GH . 19.24 64.41 -37.40
C23 UIX GH . 29.32 60.02 -48.43
C24 UIX GH . 19.10 69.13 -38.03
C25 UIX GH . 20.29 66.29 -39.04
C26 UIX GH . 27.99 60.48 -47.98
C27 UIX GH . 17.89 68.44 -33.73
C28 UIX GH . 20.77 65.85 -40.12
O2 UIX GH . 18.33 68.27 -35.10
C29 UIX GH . 26.81 60.45 -48.90
C30 UIX GH . 27.87 60.97 -46.74
C31 UIX GH . 18.80 68.10 -32.59
C32 UIX GH . 22.16 65.33 -40.19
C33 UIX GH . 23.00 65.23 -38.96
C34 UIX GH . 26.62 61.49 -46.23
C35 UIX GH . 22.62 64.97 -41.39
C36 UIX GH . 23.94 64.44 -41.64
C37 UIX GH . 26.62 62.10 -45.05
C38 UIX GH . 24.10 63.81 -42.81
C39 UIX GH . 25.41 62.68 -44.49
C40 UIX GH . 25.38 63.22 -43.27
C41 UIX GH . 26.59 63.23 -42.40
C DD6 HH . 30.36 47.29 -44.69
C1 DD6 HH . 31.33 46.21 -45.06
C10 DD6 HH . 26.53 45.74 -53.30
C11 DD6 HH . 26.34 45.53 -54.60
C12 DD6 HH . 27.20 44.60 -55.39
C13 DD6 HH . 25.22 46.25 -55.25
C14 DD6 HH . 25.03 46.24 -56.56
C15 DD6 HH . 23.88 47.03 -57.14
C16 DD6 HH . 22.44 46.56 -56.97
C17 DD6 HH . 21.56 47.07 -58.10
C18 DD6 HH . 21.75 48.56 -58.31
C19 DD6 HH . 23.11 48.79 -58.95
C2 DD6 HH . 31.21 45.56 -46.22
C20 DD6 HH . 24.21 48.16 -58.11
C21 DD6 HH . 25.67 48.36 -58.52
C22 DD6 HH . 21.88 47.04 -55.64
C23 DD6 HH . 22.42 45.03 -56.99
C24 DD6 HH . 32.44 45.87 -44.16
C25 DD6 HH . 32.64 46.59 -43.06
C26 DD6 HH . 33.76 46.29 -42.18
C27 DD6 HH . 34.01 47.13 -41.16
C28 DD6 HH . 33.14 48.33 -40.95
C29 DD6 HH . 34.98 46.94 -40.39
C3 DD6 HH . 30.14 45.90 -47.14
C30 DD6 HH . 35.93 46.77 -39.71
C31 DD6 HH . 36.95 46.64 -38.98
C32 DD6 HH . 36.83 45.87 -37.69
C33 DD6 HH . 38.11 45.93 -36.86
C34 DD6 HH . 39.35 45.94 -37.72
C35 DD6 HH . 39.31 47.24 -38.52
C36 DD6 HH . 38.10 47.18 -39.40
C37 DD6 HH . 38.19 47.75 -40.80
C4 DD6 HH . 30.12 45.34 -48.36
C40 DD6 HH . 36.50 44.42 -38.03
C41 DD6 HH . 35.69 46.49 -36.90
C5 DD6 HH . 29.07 45.72 -49.29
C6 DD6 HH . 28.85 45.06 -50.42
C7 DD6 HH . 29.66 43.85 -50.79
C8 DD6 HH . 27.79 45.56 -51.31
C9 DD6 HH . 27.61 45.11 -52.55
O1 DD6 HH . 24.01 48.40 -56.72
O2 DD6 HH . 20.73 49.05 -59.19
O4 DD6 HH . 40.52 45.94 -36.89
MG CLA IH . 16.45 48.76 -63.57
CHA CLA IH . 16.25 52.10 -62.62
CHB CLA IH . 15.28 49.59 -66.66
CHC CLA IH . 16.67 45.45 -64.48
CHD CLA IH . 17.64 47.95 -60.34
NA CLA IH . 15.86 50.56 -64.47
C1A CLA IH . 15.86 51.85 -63.90
C2A CLA IH . 15.36 52.88 -64.91
C3A CLA IH . 14.98 52.03 -66.14
C4A CLA IH . 15.41 50.62 -65.75
CMA CLA IH . 13.51 52.13 -66.45
CAA CLA IH . 16.47 53.85 -65.28
CBA CLA IH . 17.51 53.20 -66.16
CGA CLA IH . 18.80 53.96 -66.12
O1A CLA IH . 18.98 55.18 -66.21
O2A CLA IH . 19.89 53.15 -65.95
NB CLA IH . 16.04 47.72 -65.25
C1B CLA IH . 15.61 48.24 -66.42
C2B CLA IH . 15.53 47.17 -67.46
C3B CLA IH . 15.92 46.00 -66.86
C4B CLA IH . 16.25 46.32 -65.44
CMB CLA IH . 15.10 47.43 -68.83
CAB CLA IH . 16.02 44.68 -67.45
CBB CLA IH . 15.68 43.53 -66.88
NC CLA IH . 17.05 47.02 -62.58
C1C CLA IH . 17.04 45.77 -63.15
C2C CLA IH . 17.50 44.78 -62.16
C3C CLA IH . 17.79 45.49 -60.99
C4C CLA IH . 17.50 46.89 -61.27
CMC CLA IH . 17.61 43.35 -62.43
CAC CLA IH . 18.27 44.92 -59.73
CBC CLA IH . 19.73 44.52 -59.77
ND CLA IH . 16.88 49.73 -61.86
C1D CLA IH . 17.35 49.27 -60.59
C2D CLA IH . 17.47 50.43 -59.68
C3D CLA IH . 17.06 51.54 -60.40
C4D CLA IH . 16.70 51.05 -61.75
CMD CLA IH . 17.92 50.37 -58.29
CAD CLA IH . 16.84 52.98 -60.38
OBD CLA IH . 17.00 53.78 -59.47
CBD CLA IH . 16.31 53.37 -61.79
CGD CLA IH . 14.97 54.09 -61.74
O1D CLA IH . 14.78 55.31 -61.71
O2D CLA IH . 13.89 53.26 -61.69
CED CLA IH . 12.62 53.85 -61.43
C1 CLA IH . 21.18 53.75 -66.21
C2 CLA IH . 22.21 52.81 -65.74
C3 CLA IH . 22.55 51.70 -66.40
C4 CLA IH . 23.59 50.77 -65.90
MG CLA JH . 20.26 61.48 -58.62
CHA CLA JH . 18.51 63.04 -56.06
CHB CLA JH . 18.01 62.66 -60.88
CHC CLA JH . 22.10 60.00 -61.13
CHD CLA JH . 22.62 60.33 -56.24
NA CLA JH . 18.54 62.65 -58.46
C1A CLA JH . 17.97 63.21 -57.31
C2A CLA JH . 16.71 64.00 -57.65
C3A CLA JH . 16.55 63.80 -59.17
C4A CLA JH . 17.79 62.98 -59.55
CMA CLA JH . 15.26 63.10 -59.52
CAA CLA JH . 16.88 65.48 -57.34
CBA CLA JH . 17.62 66.23 -58.43
CGA CLA JH . 19.03 66.49 -58.02
O1A CLA JH . 19.46 67.10 -57.04
O2A CLA JH . 19.95 65.97 -58.89
NB CLA JH . 20.10 61.37 -60.63
C1B CLA JH . 19.10 61.91 -61.37
C2B CLA JH . 19.31 61.57 -62.81
C3B CLA JH . 20.46 60.82 -62.88
C4B CLA JH . 20.97 60.68 -61.49
CMB CLA JH . 18.40 62.00 -63.86
CAB CLA JH . 21.12 60.23 -64.02
CBB CLA JH . 20.53 59.51 -64.98
NC CLA JH . 22.02 60.35 -58.66
C1C CLA JH . 22.59 59.84 -59.79
C2C CLA JH . 23.81 59.11 -59.46
C3C CLA JH . 23.96 59.22 -58.08
C4C CLA JH . 22.84 60.00 -57.59
CMC CLA JH . 24.66 58.43 -60.42
CAC CLA JH . 25.05 58.67 -57.27
CBC CLA JH . 24.78 57.23 -56.90
ND CLA JH . 20.52 61.55 -56.61
C1D CLA JH . 21.54 61.05 -55.76
C2D CLA JH . 21.24 61.43 -54.36
C3D CLA JH . 20.07 62.18 -54.41
C4D CLA JH . 19.68 62.24 -55.84
CMD CLA JH . 22.04 61.06 -53.20
CAD CLA JH . 19.08 62.91 -53.65
OBD CLA JH . 18.98 63.06 -52.44
CBD CLA JH . 18.08 63.52 -54.69
CGD CLA JH . 16.65 63.14 -54.40
O1D CLA JH . 16.12 62.03 -54.51
O2D CLA JH . 15.89 64.18 -53.95
CED CLA JH . 14.52 63.91 -53.65
MG CLA KH . 16.54 49.82 -49.94
CHA CLA KH . 13.35 50.09 -51.26
CHB CLA KH . 15.25 48.41 -47.12
CHC CLA KH . 19.74 49.39 -48.76
CHD CLA KH . 17.84 51.24 -52.91
NA CLA KH . 14.61 49.35 -49.31
C1A CLA KH . 13.42 49.53 -50.02
C2A CLA KH . 12.23 49.03 -49.21
C3A CLA KH . 12.85 48.69 -47.84
C4A CLA KH . 14.35 48.80 -48.09
CMA CLA KH . 12.36 49.66 -46.79
CAA CLA KH . 11.69 47.76 -49.85
CBA CLA KH . 12.79 46.84 -50.35
CGA CLA KH . 12.89 45.60 -49.51
O1A CLA KH . 11.99 44.86 -49.14
O2A CLA KH . 14.17 45.31 -49.13
NB CLA KH . 17.34 49.09 -48.24
C1B CLA KH . 16.65 48.49 -47.23
C2B CLA KH . 17.60 47.92 -46.23
C3B CLA KH . 18.88 48.20 -46.68
C4B CLA KH . 18.73 48.94 -47.97
CMB CLA KH . 17.13 47.22 -45.03
CAB CLA KH . 20.17 47.88 -46.14
CBB CLA KH . 20.46 47.02 -45.16
NC CLA KH . 18.44 50.27 -50.69
C1C CLA KH . 19.62 50.02 -50.03
C2C CLA KH . 20.74 50.47 -50.84
C3C CLA KH . 20.21 50.97 -52.02
C4C CLA KH . 18.75 50.85 -51.92
CMC CLA KH . 22.15 50.36 -50.45
CAC CLA KH . 20.95 51.53 -53.16
CBC CLA KH . 21.07 50.53 -54.29
ND CLA KH . 15.83 50.53 -51.69
C1D CLA KH . 16.47 51.11 -52.83
C2D CLA KH . 15.44 51.49 -53.81
C3D CLA KH . 14.22 51.14 -53.27
C4D CLA KH . 14.52 50.53 -51.95
CMD CLA KH . 15.71 52.13 -55.11
CAD CLA KH . 12.78 51.10 -53.43
OBD CLA KH . 12.09 51.49 -54.38
CBD CLA KH . 12.18 50.43 -52.16
CGD CLA KH . 11.23 51.37 -51.45
O1D CLA KH . 11.38 52.58 -51.25
O2D CLA KH . 10.09 50.78 -51.00
CED CLA KH . 9.30 51.51 -50.05
C1 CLA KH . 14.41 45.18 -47.71
C2 CLA KH . 15.35 44.06 -47.45
C3 CLA KH . 16.67 44.08 -47.72
C4 CLA KH . 17.32 45.27 -48.32
C5 CLA KH . 17.54 42.92 -47.42
C6 CLA KH . 18.60 42.70 -48.48
C7 CLA KH . 19.72 41.82 -47.97
C8 CLA KH . 20.34 41.00 -49.09
C9 CLA KH . 20.33 39.53 -48.75
C10 CLA KH . 21.77 41.46 -49.37
C11 CLA KH . 22.10 41.36 -50.85
C12 CLA KH . 23.14 42.37 -51.28
C13 CLA KH . 24.55 41.85 -51.04
C14 CLA KH . 25.26 42.67 -49.98
C15 CLA KH . 25.38 41.85 -52.32
C16 CLA KH . 26.15 40.56 -52.47
C17 CLA KH . 27.62 40.82 -52.74
C18 CLA KH . 28.15 40.00 -53.90
C19 CLA KH . 27.63 38.56 -53.84
C20 CLA KH . 27.77 40.63 -55.22
MG CLA LH . 22.85 44.29 -41.55
CHA CLA LH . 19.85 43.39 -40.08
CHB CLA LH . 21.51 43.69 -44.62
CHC CLA LH . 25.82 45.28 -42.97
CHD CLA LH . 24.18 44.95 -38.34
NA CLA LH . 20.98 43.66 -42.21
C1A CLA LH . 19.85 43.35 -41.45
C2A CLA LH . 18.67 42.95 -42.33
C3A CLA LH . 19.26 42.99 -43.75
C4A CLA LH . 20.68 43.49 -43.54
CMA CLA LH . 19.23 41.62 -44.38
CAA CLA LH . 17.58 44.01 -42.21
CBA CLA LH . 16.22 43.59 -42.74
CGA CLA LH . 15.48 42.77 -41.73
O1A CLA LH . 15.53 41.56 -41.55
O2A CLA LH . 14.66 43.51 -40.91
NB CLA LH . 23.52 44.49 -43.44
C1B CLA LH . 22.85 44.12 -44.56
C2B CLA LH . 23.74 44.22 -45.75
C3B CLA LH . 24.96 44.67 -45.29
C4B CLA LH . 24.84 44.85 -43.81
CMB CLA LH . 23.31 43.88 -47.10
CAB CLA LH . 26.19 44.94 -46.00
CBB CLA LH . 26.74 44.14 -46.91
NC CLA LH . 24.67 44.99 -40.78
C1C CLA LH . 25.75 45.35 -41.54
C2C CLA LH . 26.83 45.81 -40.69
C3C CLA LH . 26.37 45.71 -39.38
C4C CLA LH . 25.01 45.20 -39.44
CMC CLA LH . 28.14 46.26 -41.16
CAC CLA LH . 27.12 46.07 -38.15
CBC CLA LH . 26.85 47.48 -37.70
ND CLA LH . 22.24 44.18 -39.63
C1D CLA LH . 22.88 44.47 -38.40
C2D CLA LH . 21.95 44.17 -37.28
C3D CLA LH . 20.78 43.72 -37.87
C4D CLA LH . 21.01 43.77 -39.34
CMD CLA LH . 22.26 44.32 -35.86
CAD CLA LH . 19.43 43.22 -37.68
OBD CLA LH . 18.83 42.98 -36.64
CBD CLA LH . 18.79 43.01 -39.08
CGD CLA LH . 18.41 41.58 -39.28
O1D CLA LH . 19.14 40.66 -39.67
O2D CLA LH . 17.11 41.27 -39.01
CED CLA LH . 16.74 39.89 -39.03
C1 CLA LH . 15.15 43.75 -39.57
C2 CLA LH . 14.01 43.65 -38.62
C3 CLA LH . 14.21 43.44 -37.31
C4 CLA LH . 15.58 43.30 -36.75
C5 CLA LH . 13.09 43.34 -36.34
C6 CLA LH . 12.97 41.98 -35.67
C7 CLA LH . 13.37 42.03 -34.21
C8 CLA LH . 14.55 41.11 -33.88
C9 CLA LH . 14.70 39.99 -34.89
C10 CLA LH . 14.40 40.53 -32.48
MG CLA MH . 34.35 58.74 -34.95
CHA CLA MH . 37.37 58.76 -33.25
CHB CLA MH . 33.91 55.47 -34.13
CHC CLA MH . 31.35 58.80 -36.63
CHD CLA MH . 34.91 62.12 -35.88
NA CLA MH . 35.47 57.37 -33.86
C1A CLA MH . 36.70 57.57 -33.23
C2A CLA MH . 37.19 56.30 -32.53
C3A CLA MH . 36.12 55.25 -32.92
C4A CLA MH . 35.08 56.07 -33.68
CMA CLA MH . 36.72 54.15 -33.76
CAA CLA MH . 37.21 56.48 -31.02
CBA CLA MH . 35.96 57.18 -30.53
CGA CLA MH . 35.87 57.07 -29.04
O1A CLA MH . 36.75 56.77 -28.23
O2A CLA MH . 34.62 57.36 -28.55
NB CLA MH . 32.95 57.37 -35.38
C1B CLA MH . 32.89 56.12 -34.85
C2B CLA MH . 31.56 55.51 -35.15
C3B CLA MH . 30.84 56.44 -35.85
C4B CLA MH . 31.70 57.64 -36.00
CMB CLA MH . 31.19 54.16 -34.71
CAB CLA MH . 29.50 56.39 -36.37
CBB CLA MH . 29.07 55.48 -37.25
NC CLA MH . 33.32 60.21 -36.03
C1C CLA MH . 32.11 60.01 -36.64
C2C CLA MH . 31.68 61.24 -37.32
C3C CLA MH . 32.69 62.18 -37.11
C4C CLA MH . 33.73 61.52 -36.31
CMC CLA MH . 30.43 61.41 -38.05
CAC CLA MH . 32.73 63.56 -37.62
CBC CLA MH . 32.14 64.57 -36.68
ND CLA MH . 35.71 60.19 -34.56
C1D CLA MH . 35.85 61.51 -35.06
C2D CLA MH . 37.11 62.08 -34.55
C3D CLA MH . 37.72 61.08 -33.82
C4D CLA MH . 36.83 59.91 -33.90
CMD CLA MH . 37.52 63.45 -34.81
CAD CLA MH . 38.86 60.70 -33.01
OBD CLA MH . 39.78 61.38 -32.57
CBD CLA MH . 38.73 59.17 -32.73
CGD CLA MH . 39.78 58.38 -33.44
O1D CLA MH . 39.62 57.41 -34.20
O2D CLA MH . 41.05 58.80 -33.22
CED CLA MH . 41.64 58.42 -31.98
C1 CLA MH . 34.30 58.75 -28.33
C2 CLA MH . 32.84 58.84 -28.07
C3 CLA MH . 32.26 58.42 -26.94
C4 CLA MH . 33.04 57.84 -25.82
C5 CLA MH . 30.78 58.53 -26.74
C6 CLA MH . 30.15 59.58 -27.63
C7 CLA MH . 28.63 59.61 -27.47
C8 CLA MH . 27.89 58.81 -28.53
C9 CLA MH . 28.73 58.64 -29.79
C10 CLA MH . 26.58 59.49 -28.90
C11 CLA MH . 25.41 58.89 -28.15
C12 CLA MH . 25.13 57.46 -28.58
C13 CLA MH . 23.93 57.34 -29.53
C14 CLA MH . 24.40 57.38 -30.97
C15 CLA MH . 22.85 58.38 -29.24
C16 CLA MH . 22.54 59.28 -30.42
C17 CLA MH . 21.17 59.01 -31.00
C18 CLA MH . 20.95 59.80 -32.30
C19 CLA MH . 19.84 60.81 -32.13
C20 CLA MH . 20.63 58.85 -33.44
MG CLA NH . 22.01 47.48 -33.00
CHA CLA NH . 19.52 46.79 -35.32
CHB CLA NH . 20.07 46.15 -30.54
CHC CLA NH . 24.60 47.92 -30.80
CHD CLA NH . 23.98 48.87 -35.60
NA CLA NH . 20.10 46.66 -32.96
C1A CLA NH . 19.22 46.45 -34.03
C2A CLA NH . 17.92 45.82 -33.55
C3A CLA NH . 18.04 45.88 -32.01
C4A CLA NH . 19.51 46.25 -31.79
CMA CLA NH . 17.11 46.93 -31.44
CAA CLA NH . 17.82 44.37 -33.99
CBA CLA NH . 19.05 43.58 -33.61
CGA CLA NH . 18.82 42.12 -33.79
O1A CLA NH . 17.82 41.45 -33.50
O2A CLA NH . 19.89 41.47 -34.35
NB CLA NH . 22.28 47.11 -31.04
C1B CLA NH . 21.40 46.49 -30.22
C2B CLA NH . 22.03 46.24 -28.89
C3B CLA NH . 23.31 46.74 -28.95
C4B CLA NH . 23.48 47.32 -30.32
CMB CLA NH . 21.34 45.59 -27.78
CAB CLA NH . 24.34 46.76 -27.95
CBB CLA NH . 25.53 46.18 -28.05
NC CLA NH . 23.93 48.30 -33.17
C1C CLA NH . 24.81 48.40 -32.13
C2C CLA NH . 26.05 49.03 -32.59
C3C CLA NH . 25.88 49.28 -33.96
C4C CLA NH . 24.54 48.82 -34.31
CMC CLA NH . 27.21 49.30 -31.75
CAC CLA NH . 26.86 49.92 -34.86
CBC CLA NH . 26.93 51.41 -34.65
ND CLA NH . 21.82 47.88 -34.98
C1D CLA NH . 22.72 48.43 -35.94
C2D CLA NH . 22.07 48.41 -37.27
C3D CLA NH . 20.85 47.77 -37.10
C4D CLA NH . 20.75 47.46 -35.66
CMD CLA NH . 22.68 48.93 -38.49
CAD CLA NH . 19.62 47.35 -37.72
OBD CLA NH . 19.24 47.47 -38.88
CBD CLA NH . 18.77 46.64 -36.63
CGD CLA NH . 17.37 47.20 -36.56
O1D CLA NH . 16.82 47.77 -35.62
O2D CLA NH . 16.66 47.01 -37.72
CED CLA NH . 15.24 46.89 -37.63
C1 CLA NH . 19.73 40.06 -34.60
C2 CLA NH . 21.03 39.42 -34.31
C3 CLA NH . 22.08 39.44 -35.16
C4 CLA NH . 23.37 38.79 -34.83
C5 CLA NH . 21.98 40.13 -36.48
C6 CLA NH . 22.41 39.25 -37.63
MG CLA OH . 17.82 62.42 -40.35
CHA CLA OH . 14.76 62.57 -38.71
CHB CLA OH . 16.50 64.11 -42.99
CHC CLA OH . 20.87 62.27 -41.90
CHD CLA OH . 19.16 60.70 -37.55
NA CLA OH . 15.92 63.21 -40.77
C1A CLA OH . 14.79 63.18 -39.95
C2A CLA OH . 13.62 63.88 -40.63
C3A CLA OH . 14.19 64.28 -42.01
C4A CLA OH . 15.64 63.85 -41.94
CMA CLA OH . 13.44 63.62 -43.13
CAA CLA OH . 13.21 65.12 -39.85
CBA CLA OH . 14.40 65.88 -39.30
CGA CLA OH . 14.94 66.84 -40.32
O1A CLA OH . 14.35 67.31 -41.30
O2A CLA OH . 16.24 67.19 -40.08
NB CLA OH . 18.56 63.07 -42.11
C1B CLA OH . 17.85 63.74 -43.06
C2B CLA OH . 18.74 64.03 -44.23
C3B CLA OH . 19.98 63.51 -43.93
C4B CLA OH . 19.87 62.89 -42.57
CMB CLA OH . 18.27 64.74 -45.42
CAB CLA OH . 21.20 63.49 -44.69
CBB CLA OH . 21.69 64.50 -45.42
NC CLA OH . 19.67 61.62 -39.82
C1C CLA OH . 20.79 61.67 -40.61
C2C CLA OH . 21.90 61.03 -39.93
C3C CLA OH . 21.42 60.60 -38.70
C4C CLA OH . 20.02 60.97 -38.64
CMC CLA OH . 23.26 60.90 -40.47
CAC CLA OH . 22.19 59.90 -37.65
CBC CLA OH . 22.53 60.81 -36.50
ND CLA OH . 17.17 61.74 -38.56
C1D CLA OH . 17.82 61.04 -37.50
C2D CLA OH . 16.85 60.78 -36.42
C3D CLA OH . 15.65 61.33 -36.83
C4D CLA OH . 15.91 61.93 -38.17
CMD CLA OH . 17.15 60.07 -35.17
CAD CLA OH . 14.25 61.57 -36.53
OBD CLA OH . 13.60 61.21 -35.55
CBD CLA OH . 13.65 62.39 -37.70
CGD CLA OH . 12.47 61.71 -38.34
O1D CLA OH . 12.40 60.56 -38.78
O2D CLA OH . 11.36 62.51 -38.44
CED CLA OH . 10.39 62.19 -39.44
C1 CLA OH . 17.14 67.19 -41.21
C2 CLA OH . 17.09 68.54 -41.81
C3 CLA OH . 18.08 69.05 -42.56
C4 CLA OH . 18.00 70.41 -43.15
C5 CLA OH . 19.32 68.29 -42.82
C6 CLA OH . 20.57 69.07 -42.46
C7 CLA OH . 21.83 68.29 -42.78
C8 CLA OH . 23.08 69.14 -42.60
C9 CLA OH . 23.28 70.05 -43.80
C10 CLA OH . 24.30 68.25 -42.41
C11 CLA OH . 24.77 68.29 -40.96
C12 CLA OH . 26.19 68.78 -40.85
C13 CLA OH . 27.10 67.71 -40.24
C14 CLA OH . 27.44 66.65 -41.27
C15 CLA OH . 26.44 67.06 -39.02
C16 CLA OH . 27.31 65.97 -38.45
C17 CLA OH . 26.59 65.20 -37.35
C18 CLA OH . 27.54 64.39 -36.49
C19 CLA OH . 28.60 65.30 -35.89
C20 CLA OH . 26.80 63.67 -35.40
NB KC1 PH . 25.50 65.09 -48.98
ND KC1 PH . 23.18 65.20 -52.12
C1A KC1 PH . 21.68 66.68 -49.93
C1B KC1 PH . 25.24 65.66 -47.78
C1C KC1 PH . 26.91 63.66 -51.14
C1D KC1 PH . 23.43 64.71 -53.36
C2A KC1 PH . 21.03 67.41 -48.83
C2B KC1 PH . 26.32 65.44 -46.89
C2C KC1 PH . 27.62 62.98 -52.22
C2D KC1 PH . 22.32 65.00 -54.17
C3A KC1 PH . 21.92 67.36 -47.77
C3B KC1 PH . 27.25 64.71 -47.57
C3C KC1 PH . 26.82 63.05 -53.32
C3D KC1 PH . 21.40 65.70 -53.40
C4A KC1 PH . 23.04 66.64 -48.19
C4B KC1 PH . 26.70 64.51 -48.90
C4C KC1 PH . 25.62 63.76 -52.93
C4D KC1 PH . 21.97 65.80 -52.12
CAA KC1 PH . 19.72 68.06 -48.88
CAB KC1 PH . 28.55 64.24 -47.06
CAC KC1 PH . 27.14 62.48 -54.67
CAD KC1 PH . 20.08 66.35 -53.35
CBA KC1 PH . 18.75 67.79 -47.97
CBB KC1 PH . 29.69 64.72 -47.55
CBC KC1 PH . 27.59 63.61 -55.61
CBD KC1 PH . 20.04 67.02 -51.99
CED KC1 PH . 18.45 69.63 -53.32
CGA KC1 PH . 18.32 68.83 -47.09
CGD KC1 PH . 20.18 68.51 -52.12
CHA KC1 PH . 21.19 66.45 -51.22
CHB KC1 PH . 24.14 66.39 -47.37
CHC KC1 PH . 27.41 63.80 -49.84
CHD KC1 PH . 24.55 64.02 -53.80
CMA KC1 PH . 21.73 67.96 -46.41
CMB KC1 PH . 26.42 65.92 -45.46
CMC KC1 PH . 28.97 62.34 -52.14
CMD KC1 PH . 22.16 64.65 -55.63
NA KC1 PH . 22.91 66.22 -49.49
NC KC1 PH . 25.71 64.11 -51.60
O1A KC1 PH . 18.35 68.64 -45.90
O1D KC1 PH . 21.27 69.01 -51.94
O2A KC1 PH . 18.18 70.08 -47.58
O2D KC1 PH . 19.09 69.28 -52.07
OBD KC1 PH . 19.34 66.57 -54.30
MG KC1 PH . 24.31 65.13 -50.53
MG CLA QH . 35.01 50.60 -55.11
CHA CLA QH . 38.17 49.84 -56.35
CHB CLA QH . 35.10 53.61 -56.69
CHC CLA QH . 31.86 51.28 -53.89
CHD CLA QH . 34.97 47.48 -53.44
NA CLA QH . 36.42 51.54 -56.33
C1A CLA QH . 37.67 51.06 -56.74
C2A CLA QH . 38.38 52.07 -57.65
C3A CLA QH . 37.39 53.27 -57.70
C4A CLA QH . 36.21 52.79 -56.86
CMA CLA QH . 38.02 54.52 -57.14
CAA CLA QH . 38.57 51.51 -59.04
NB CLA QH . 33.72 52.14 -55.28
C1B CLA QH . 33.95 53.30 -55.94
C2B CLA QH . 32.82 54.24 -55.76
C3B CLA QH . 31.89 53.58 -54.96
C4B CLA QH . 32.45 52.24 -54.65
CMB CLA QH . 32.78 55.57 -56.35
CAB CLA QH . 30.61 54.02 -54.47
CBB CLA QH . 30.32 55.23 -53.98
NC CLA QH . 33.67 49.56 -53.89
C1C CLA QH . 32.43 50.01 -53.55
C2C CLA QH . 31.75 49.02 -52.71
C3C CLA QH . 32.63 47.96 -52.55
C4C CLA QH . 33.84 48.30 -53.30
CMC CLA QH . 30.40 49.17 -52.17
CAC CLA QH . 32.41 46.73 -51.79
CBC CLA QH . 32.22 45.51 -52.67
ND CLA QH . 36.23 49.01 -54.89
C1D CLA QH . 36.09 47.79 -54.18
C2D CLA QH . 37.30 46.97 -54.37
C3D CLA QH . 38.15 47.71 -55.17
C4D CLA QH . 37.42 48.97 -55.48
CMD CLA QH . 37.50 45.65 -53.77
CAD CLA QH . 39.43 47.78 -55.86
OBD CLA QH . 40.37 46.99 -55.85
CBD CLA QH . 39.47 49.13 -56.63
CGD CLA QH . 40.66 49.98 -56.24
O1D CLA QH . 41.10 50.97 -56.84
O2D CLA QH . 41.28 49.58 -55.10
CED CLA QH . 42.68 49.30 -55.17
MG CLA RH . 33.36 45.85 -32.51
CHA CLA RH . 35.00 43.90 -30.14
CHB CLA RH . 34.06 43.53 -34.89
CHC CLA RH . 31.70 47.79 -34.79
CHD CLA RH . 32.69 48.25 -29.99
NA CLA RH . 34.37 44.02 -32.49
C1A CLA RH . 34.98 43.38 -31.40
C2A CLA RH . 35.62 42.05 -31.85
C3A CLA RH . 35.39 42.02 -33.37
C4A CLA RH . 34.54 43.27 -33.63
CMA CLA RH . 36.68 42.04 -34.13
CAA CLA RH . 34.96 40.86 -31.17
CBA CLA RH . 33.45 40.90 -31.27
CGA CLA RH . 32.87 39.63 -30.73
O1A CLA RH . 33.27 38.48 -30.90
O2A CLA RH . 31.76 39.82 -29.97
NB CLA RH . 33.01 45.72 -34.49
C1B CLA RH . 33.28 44.63 -35.26
C2B CLA RH . 32.63 44.79 -36.59
C3B CLA RH . 31.96 45.99 -36.57
C4B CLA RH . 32.19 46.60 -35.23
CMB CLA RH . 32.72 43.80 -37.66
CAB CLA RH . 31.16 46.62 -37.60
CBB CLA RH . 31.34 47.85 -38.07
NC CLA RH . 32.39 47.70 -32.40
C1C CLA RH . 31.78 48.31 -33.47
C2C CLA RH . 31.21 49.59 -33.05
C3C CLA RH . 31.48 49.71 -31.69
C4C CLA RH . 32.22 48.52 -31.28
CMC CLA RH . 30.49 50.49 -33.94
CAC CLA RH . 31.08 50.82 -30.79
CBC CLA RH . 31.78 52.13 -31.10
ND CLA RH . 33.69 46.07 -30.52
C1D CLA RH . 33.37 47.12 -29.61
C2D CLA RH . 33.91 46.76 -28.28
C3D CLA RH . 34.53 45.54 -28.42
C4D CLA RH . 34.37 45.16 -29.84
CMD CLA RH . 33.77 47.59 -27.07
CAD CLA RH . 35.28 44.48 -27.76
OBD CLA RH . 35.61 44.38 -26.58
CBD CLA RH . 35.61 43.41 -28.85
CGD CLA RH . 37.09 43.17 -28.98
O1D CLA RH . 37.75 42.22 -28.56
O2D CLA RH . 37.73 44.15 -29.68
CED CLA RH . 38.95 43.80 -30.35
C1 CLA RH . 30.87 38.68 -29.84
MG CLA SH . 34.91 42.50 -46.49
CHA CLA SH . 37.53 42.74 -44.23
CHB CLA SH . 37.12 42.59 -49.08
CHC CLA SH . 32.27 42.21 -48.69
CHD CLA SH . 32.63 42.47 -43.78
NA CLA SH . 36.98 42.65 -46.60
C1A CLA SH . 37.91 42.73 -45.54
C2A CLA SH . 39.33 42.82 -46.08
C3A CLA SH . 39.16 42.80 -47.62
C4A CLA SH . 37.65 42.66 -47.80
CMA CLA SH . 39.69 44.04 -48.30
CAA CLA SH . 40.19 41.64 -45.62
CBA CLA SH . 39.94 40.40 -46.47
CGA CLA SH . 39.14 39.39 -45.71
O1A CLA SH . 38.92 38.21 -45.98
O2A CLA SH . 38.59 39.89 -44.55
NB CLA SH . 34.73 42.42 -48.49
C1B CLA SH . 35.76 42.46 -49.39
C2B CLA SH . 35.22 42.38 -50.77
C3B CLA SH . 33.86 42.26 -50.68
C4B CLA SH . 33.52 42.29 -49.23
CMB CLA SH . 36.08 42.40 -51.96
CAB CLA SH . 32.87 42.15 -51.72
CBB CLA SH . 32.08 41.08 -51.91
NC CLA SH . 32.84 42.36 -46.27
C1C CLA SH . 31.94 42.24 -47.30
C2C CLA SH . 30.59 42.15 -46.79
C3C CLA SH . 30.67 42.24 -45.40
C4C CLA SH . 32.10 42.38 -45.08
CMC CLA SH . 29.38 42.00 -47.61
CAC CLA SH . 29.57 42.20 -44.43
CBC CLA SH . 28.99 43.57 -44.13
ND CLA SH . 34.98 42.58 -44.48
C1D CLA SH . 33.97 42.58 -43.48
C2D CLA SH . 34.60 42.65 -42.15
C3D CLA SH . 35.96 42.70 -42.37
C4D CLA SH . 36.15 42.66 -43.84
CMD CLA SH . 33.88 42.66 -40.88
CAD CLA SH . 37.28 42.77 -41.77
OBD CLA SH . 37.60 42.78 -40.58
CBD CLA SH . 38.32 42.83 -42.93
CGD CLA SH . 39.13 44.09 -42.82
O1D CLA SH . 38.73 45.25 -42.98
O2D CLA SH . 40.43 43.89 -42.51
CED CLA SH . 41.00 44.71 -41.47
C1 LMG TH . 18.67 57.41 -61.65
O1 LMG TH . 19.09 56.13 -62.02
C2 LMG TH . 17.20 57.51 -62.13
O2 LMG TH . 17.30 57.59 -63.53
C3 LMG TH . 16.67 58.87 -61.62
O3 LMG TH . 15.32 58.90 -61.98
C4 LMG TH . 16.81 58.94 -60.08
O4 LMG TH . 15.99 57.96 -59.51
C5 LMG TH . 18.29 58.61 -59.72
O5 LMG TH . 17.33 59.22 -57.64
C6 LMG TH . 18.44 58.56 -58.18
O6 LMG TH . 18.68 57.37 -60.23
C7 LMG TH . 20.49 55.96 -62.00
C8 LMG TH . 20.73 54.43 -61.84
C9 LMG TH . 19.77 53.68 -62.77
O7 LMG TH . 22.04 54.11 -62.32
C10 LMG TH . 22.92 55.08 -62.64
O9 LMG TH . 22.93 55.51 -63.79
C11 LMG TH . 24.11 55.00 -61.75
C12 LMG TH . 24.88 53.73 -62.05
C13 LMG TH . 25.77 53.28 -60.91
C14 LMG TH . 26.12 51.82 -61.16
O8 LMG TH . 19.50 52.45 -62.13
C28 LMG TH . 20.49 51.52 -62.14
O10 LMG TH . 21.10 51.29 -61.11
C29 LMG TH . 20.47 50.64 -63.34
C30 LMG TH . 20.44 49.19 -62.91
C31 LMG TH . 20.86 48.33 -64.08
C32 LMG TH . 20.89 46.89 -63.60
C33 LMG TH . 21.97 46.81 -62.54
C34 LMG TH . 23.02 45.83 -63.00
C35 LMG TH . 23.19 44.84 -61.86
C36 LMG TH . 24.66 44.74 -61.61
C37 LMG TH . 24.87 44.41 -60.14
C38 LMG TH . 26.31 44.05 -60.08
C39 LMG TH . 27.14 45.29 -59.95
C40 LMG TH . 28.51 44.74 -59.65
C1 PID UH . 14.44 -16.76 -104.45
C2 PID UH . 13.21 -16.04 -104.90
C3 PID UH . 13.41 -14.53 -104.84
C4 PID UH . 13.80 -14.10 -103.44
C5 PID UH . 15.12 -14.71 -102.95
C6 PID UH . 15.39 -16.12 -103.51
C7 PID UH . 16.29 -17.00 -102.68
C8 PID UH . 17.62 -16.88 -102.52
C9 PID UH . 18.45 -17.86 -101.98
C10 PID UH . 18.08 -19.25 -101.69
C11 PID UH . 19.80 -17.72 -101.62
C12 PID UH . 20.31 -19.01 -101.25
C13 PID UH . 21.62 -19.39 -100.84
C14 PID UH . 22.15 -20.61 -101.03
C15 PID UH . 23.08 -21.15 -100.17
C16 PID UH . 23.78 -22.33 -100.36
C17 PID UH . 24.48 -23.17 -99.50
C18 PID UH . 25.30 -24.22 -99.85
C19 PID UH . 25.77 -25.25 -99.03
C20 PID UH . 26.74 -26.19 -99.22
C21 PID UH . 27.00 -27.33 -98.43
C22 PID UH . 28.24 -28.12 -98.46
C23 PID UH . 28.31 -29.25 -97.81
C24 PID UH . 28.39 -30.41 -97.21
C25 PID UH . 29.54 -30.71 -96.24
C26 PID UH . 30.10 -32.11 -96.53
C27 PID UH . 29.01 -33.16 -96.61
C28 PID UH . 28.04 -32.83 -97.72
C29 PID UH . 27.34 -31.50 -97.51
C30 PID UH . 30.32 -35.09 -95.98
C31 PID UH . 30.98 -36.31 -96.53
CM1 PID UH . 14.40 -18.26 -104.53
CM2 PID UH . 14.95 -14.77 -101.43
CM3 PID UH . 16.25 -13.74 -103.29
CM4 PID UH . 21.76 -21.45 -102.22
CM5 PID UH . 25.95 -27.78 -97.49
CM6 PID UH . 30.66 -29.68 -96.40
CM7 PID UH . 29.05 -30.65 -94.79
CM8 PID UH . 26.48 -31.16 -98.70
O1 PID UH . 15.68 -16.16 -104.93
O2 PID UH . 12.20 -13.87 -105.23
O3 PID UH . 17.04 -19.84 -101.76
O4 PID UH . 19.24 -19.91 -101.28
O5 PID UH . 26.49 -31.68 -96.35
O6 PID UH . 29.61 -34.46 -96.94
O7 PID UH . 30.40 -34.70 -94.85
C1 PID VH . 15.35 -3.52 -84.42
C2 PID VH . 13.87 -3.33 -84.38
C3 PID VH . 13.26 -3.66 -85.72
C4 PID VH . 13.84 -2.76 -86.79
C5 PID VH . 15.36 -2.87 -86.97
C6 PID VH . 16.09 -3.33 -85.70
C7 PID VH . 17.59 -3.14 -85.69
C8 PID VH . 18.27 -2.04 -85.34
C9 PID VH . 19.66 -1.93 -85.25
C10 PID VH . 20.66 -3.01 -85.37
C11 PID VH . 20.38 -0.76 -85.05
C12 PID VH . 21.75 -1.08 -84.86
C13 PID VH . 22.79 -0.17 -84.47
C14 PID VH . 24.02 -0.41 -84.00
C15 PID VH . 24.73 0.66 -83.49
C16 PID VH . 25.89 0.65 -82.73
C17 PID VH . 26.55 1.73 -82.16
C18 PID VH . 27.62 1.73 -81.28
C19 PID VH . 28.22 2.86 -80.73
C20 PID VH . 29.20 2.99 -79.78
C21 PID VH . 29.77 4.15 -79.26
C22 PID VH . 30.76 4.16 -78.17
C23 PID VH . 31.57 5.13 -77.82
C24 PID VH . 32.30 6.14 -77.44
C25 PID VH . 32.47 6.45 -75.95
C26 PID VH . 32.57 7.96 -75.73
C27 PID VH . 33.53 8.63 -76.67
C28 PID VH . 33.10 8.43 -78.11
C29 PID VH . 33.09 6.95 -78.48
C30 PID VH . 32.50 10.85 -76.42
C31 PID VH . 32.83 12.23 -75.95
CM1 PID VH . 16.08 -3.40 -83.11
CM2 PID VH . 15.78 -1.48 -87.44
CM3 PID VH . 15.62 -3.88 -88.09
CM4 PID VH . 24.69 -1.75 -83.99
CM5 PID VH . 29.33 5.47 -79.78
CM6 PID VH . 31.28 5.90 -75.16
CM7 PID VH . 33.74 5.78 -75.42
CM8 PID VH . 32.56 6.78 -79.90
O1 PID VH . 15.74 -4.66 -85.25
O2 PID VH . 11.84 -3.48 -85.66
O3 PID VH . 20.55 -4.18 -85.62
O4 PID VH . 21.91 -2.44 -85.13
O5 PID VH . 34.47 6.55 -78.46
O6 PID VH . 33.62 10.07 -76.42
O7 PID VH . 31.42 10.48 -76.77
C DD6 WH . 18.76 -12.32 -88.17
C1 DD6 WH . 19.98 -12.82 -88.88
C10 DD6 WH . 14.73 -19.50 -93.07
C11 DD6 WH . 14.41 -20.75 -93.43
C12 DD6 WH . 15.34 -21.57 -94.26
C13 DD6 WH . 13.12 -21.28 -92.91
C14 DD6 WH . 12.08 -21.81 -93.56
C15 DD6 WH . 11.91 -21.98 -95.05
C16 DD6 WH . 11.32 -20.82 -95.86
C17 DD6 WH . 10.26 -21.23 -96.87
C18 DD6 WH . 9.56 -22.55 -96.55
C19 DD6 WH . 10.62 -23.64 -96.56
C2 DD6 WH . 19.93 -13.83 -89.75
C20 DD6 WH . 11.61 -23.43 -95.42
C21 DD6 WH . 11.71 -24.46 -94.31
C22 DD6 WH . 12.45 -20.14 -96.61
C23 DD6 WH . 10.69 -19.82 -94.90
C24 DD6 WH . 21.31 -12.21 -88.65
C25 DD6 WH . 21.56 -11.36 -87.66
C26 DD6 WH . 22.93 -10.86 -87.51
C27 DD6 WH . 23.29 -10.05 -86.51
C28 DD6 WH . 22.29 -9.61 -85.51
C29 DD6 WH . 24.49 -9.68 -86.41
C3 DD6 WH . 18.73 -14.59 -90.07
C30 DD6 WH . 25.63 -9.38 -86.32
C31 DD6 WH . 26.84 -9.09 -86.17
C32 DD6 WH . 27.60 -9.73 -85.02
C33 DD6 WH . 28.90 -9.01 -84.76
C34 DD6 WH . 29.67 -8.89 -86.06
C35 DD6 WH . 28.91 -7.92 -86.96
C36 DD6 WH . 27.44 -8.24 -87.01
C37 DD6 WH . 26.62 -7.57 -88.07
C4 DD6 WH . 18.78 -15.49 -91.06
C40 DD6 WH . 27.88 -11.19 -85.39
C41 DD6 WH . 26.71 -9.69 -83.78
C5 DD6 WH . 17.61 -16.31 -91.35
C6 DD6 WH . 17.58 -17.20 -92.37
C7 DD6 WH . 18.75 -17.43 -93.26
C8 DD6 WH . 16.35 -18.01 -92.49
C9 DD6 WH . 15.99 -18.87 -93.44
O1 DD6 WH . 12.85 -22.80 -95.75
O2 DD6 WH . 8.90 -22.50 -95.28
O4 DD6 WH . 30.98 -8.38 -85.80
C1 PID XH . 18.00 2.15 -85.34
C2 PID XH . 16.65 1.87 -85.96
C3 PID XH . 16.64 2.29 -87.42
C4 PID XH . 17.04 3.74 -87.56
C5 PID XH . 18.48 4.04 -87.11
C6 PID XH . 18.90 3.18 -85.91
C7 PID XH . 20.06 3.71 -85.10
C8 PID XH . 20.05 4.48 -83.98
C9 PID XH . 21.18 4.80 -83.24
C10 PID XH . 22.54 4.28 -83.44
C11 PID XH . 21.26 5.69 -82.15
C12 PID XH . 22.62 5.73 -81.67
C13 PID XH . 23.15 6.53 -80.60
C14 PID XH . 24.39 6.49 -80.04
C15 PID XH . 24.71 7.35 -79.00
C16 PID XH . 25.81 7.19 -78.16
C17 PID XH . 26.35 7.94 -77.11
C18 PID XH . 27.30 7.43 -76.23
C19 PID XH . 28.03 8.05 -75.22
C20 PID XH . 28.25 9.36 -74.84
C21 PID XH . 28.96 9.84 -73.73
C22 PID XH . 29.43 9.01 -72.62
C23 PID XH . 30.25 9.44 -71.69
C24 PID XH . 31.03 9.91 -70.76
C25 PID XH . 30.58 9.91 -69.29
C26 PID XH . 30.81 11.31 -68.71
C27 PID XH . 32.21 11.84 -68.97
C28 PID XH . 32.50 11.89 -70.45
C29 PID XH . 32.38 10.52 -71.11
C30 PID XH . 33.47 13.81 -68.37
C31 PID XH . 33.32 15.25 -67.98
CM1 PID XH . 18.16 1.71 -83.91
CM2 PID XH . 18.52 5.54 -86.83
CM3 PID XH . 19.39 3.73 -88.31
CM4 PID XH . 25.48 5.57 -80.50
CM5 PID XH . 29.26 11.30 -73.65
CM6 PID XH . 29.10 9.54 -69.18
CM7 PID XH . 31.38 8.88 -68.48
CM8 PID XH . 32.62 10.63 -72.61
O1 PID XH . 19.10 1.79 -86.22
O2 PID XH . 15.33 2.09 -87.95
O3 PID XH . 23.00 3.51 -84.24
O4 PID XH . 23.36 4.85 -82.46
O5 PID XH . 33.44 9.73 -70.54
O6 PID XH . 32.26 13.22 -68.49
O7 PID XH . 34.51 13.25 -68.56
C1 PID YH . 29.00 -13.72 -99.62
C2 PID YH . 30.24 -14.56 -99.77
C3 PID YH . 31.26 -13.86 -100.65
C4 PID YH . 30.64 -13.53 -101.99
C5 PID YH . 29.47 -12.54 -101.93
C6 PID YH . 28.65 -12.71 -100.65
C7 PID YH . 27.25 -12.13 -100.70
C8 PID YH . 26.81 -11.24 -99.79
C9 PID YH . 25.60 -10.56 -99.79
C10 PID YH . 24.52 -10.62 -100.80
C11 PID YH . 25.16 -9.66 -98.81
C12 PID YH . 23.88 -9.13 -99.19
C13 PID YH . 23.13 -8.16 -98.46
C14 PID YH . 22.03 -7.47 -98.78
C15 PID YH . 21.73 -6.35 -98.03
C16 PID YH . 20.83 -5.34 -98.28
C17 PID YH . 20.66 -4.16 -97.56
C18 PID YH . 19.84 -3.06 -97.80
C19 PID YH . 19.77 -1.91 -97.03
C20 PID YH . 19.07 -0.73 -97.17
C21 PID YH . 19.09 0.39 -96.34
C22 PID YH . 18.37 1.65 -96.59
C23 PID YH . 18.27 2.60 -95.70
C24 PID YH . 18.23 3.55 -94.82
C25 PID YH . 18.71 4.97 -95.15
C26 PID YH . 19.70 5.41 -94.06
C27 PID YH . 19.19 5.20 -92.65
C28 PID YH . 18.83 3.74 -92.41
C29 PID YH . 17.76 3.27 -93.38
C30 PID YH . 20.28 6.75 -91.13
C31 PID YH . 19.04 7.53 -91.38
CM1 PID YH . 27.94 -14.28 -98.71
CM2 PID YH . 28.62 -12.78 -103.18
CM3 PID YH . 30.06 -11.12 -101.99
CM4 PID YH . 21.09 -7.84 -99.90
CM5 PID YH . 19.93 0.34 -95.11
CM6 PID YH . 17.54 5.95 -95.21
CM7 PID YH . 19.42 4.99 -96.51
CM8 PID YH . 17.44 1.80 -93.16
O1 PID YH . 29.32 -12.31 -99.43
O2 PID YH . 32.40 -14.70 -100.83
O3 PID YH . 24.41 -11.25 -101.81
O4 PID YH . 23.52 -9.74 -100.39
O5 PID YH . 16.59 4.05 -93.08
O6 PID YH . 20.24 5.51 -91.69
O7 PID YH . 21.23 7.14 -90.51
C1 PID ZH . 34.56 -8.83 -101.51
C2 PID ZH . 35.92 -9.30 -101.08
C3 PID ZH . 36.23 -8.92 -99.65
C4 PID ZH . 36.02 -7.43 -99.45
C5 PID ZH . 34.57 -6.97 -99.65
C6 PID ZH . 33.89 -7.72 -100.81
C7 PID ZH . 32.82 -6.94 -101.54
C8 PID ZH . 31.55 -6.80 -101.14
C9 PID ZH . 30.61 -5.99 -101.78
C10 PID ZH . 30.80 -5.16 -102.97
C11 PID ZH . 29.28 -5.79 -101.37
C12 PID ZH . 28.66 -4.86 -102.26
C13 PID ZH . 27.36 -4.28 -102.16
C14 PID ZH . 26.64 -3.68 -103.13
C15 PID ZH . 25.68 -2.76 -102.82
C16 PID ZH . 24.62 -2.33 -103.63
C17 PID ZH . 23.72 -1.29 -103.50
C18 PID ZH . 22.50 -1.19 -104.15
C19 PID ZH . 21.65 -0.09 -104.27
C20 PID ZH . 21.86 1.26 -104.05
C21 PID ZH . 20.93 2.29 -104.12
C22 PID ZH . 19.47 2.11 -104.13
C23 PID ZH . 18.65 3.07 -104.49
C24 PID ZH . 17.83 3.98 -104.91
C25 PID ZH . 16.60 4.37 -104.07
C26 PID ZH . 16.48 5.89 -103.98
C27 PID ZH . 17.41 6.66 -104.90
C28 PID ZH . 17.41 6.02 -106.28
C29 PID ZH . 18.06 4.66 -106.26
C30 PID ZH . 17.70 8.94 -105.64
C31 PID ZH . 16.98 10.23 -105.83
CM1 PID ZH . 34.16 -9.15 -102.93
CM2 PID ZH . 34.64 -5.46 -99.91
CM3 PID ZH . 33.82 -7.22 -98.34
CM4 PID ZH . 26.84 -4.00 -104.59
CM5 PID ZH . 21.42 3.69 -104.16
CM6 PID ZH . 15.32 3.80 -104.69
CM7 PID ZH . 16.73 3.80 -102.65
CM8 PID ZH . 17.59 3.82 -107.44
O1 PID ZH . 33.53 -9.09 -100.52
O2 PID ZH . 37.58 -9.26 -99.34
O3 PID ZH . 31.76 -4.96 -103.67
O4 PID ZH . 29.59 -4.54 -103.26
O5 PID ZH . 19.48 4.93 -106.43
O6 PID ZH . 16.90 8.02 -105.05
O7 PID ZH . 18.83 8.72 -105.95
C1 PID AI . 31.53 -22.65 -86.27
C2 PID AI . 32.94 -23.13 -86.37
C3 PID AI . 33.39 -23.26 -87.82
C4 PID AI . 32.40 -24.08 -88.60
C5 PID AI . 31.00 -23.46 -88.71
C6 PID AI . 30.58 -22.77 -87.40
C7 PID AI . 29.11 -22.80 -87.08
C8 PID AI . 28.15 -21.96 -87.49
C9 PID AI . 26.84 -21.97 -86.98
C10 PID AI . 26.34 -22.75 -85.84
C11 PID AI . 25.74 -21.24 -87.46
C12 PID AI . 24.58 -21.57 -86.69
C13 PID AI . 23.22 -21.18 -86.87
C14 PID AI . 22.18 -21.31 -86.02
C15 PID AI . 20.90 -21.46 -86.48
C16 PID AI . 19.70 -21.39 -85.77
C17 PID AI . 18.41 -21.82 -86.11
C18 PID AI . 17.21 -21.44 -85.52
C19 PID AI . 15.94 -22.00 -85.74
C20 PID AI . 14.68 -21.46 -85.53
C21 PID AI . 13.42 -22.08 -85.58
C22 PID AI . 12.16 -21.37 -85.83
C23 PID AI . 10.97 -21.85 -85.65
C24 PID AI . 9.76 -22.27 -85.42
C25 PID AI . 8.64 -22.09 -86.46
C26 PID AI . 7.81 -23.38 -86.59
C27 PID AI . 8.00 -24.37 -85.47
C28 PID AI . 8.13 -23.68 -84.13
C29 PID AI . 9.43 -22.89 -84.05
C30 PID AI . 6.63 -26.17 -86.35
C31 PID AI . 5.31 -26.84 -86.18
CM1 PID AI . 30.99 -22.52 -84.86
CM2 PID AI . 30.05 -24.59 -89.09
CM3 PID AI . 31.05 -22.44 -89.85
CM4 PID AI . 22.36 -21.29 -84.52
CM5 PID AI . 13.33 -23.54 -85.37
CM6 PID AI . 7.73 -20.93 -86.07
CM7 PID AI . 9.26 -21.77 -87.83
CM8 PID AI . 9.35 -21.86 -82.94
O1 PID AI . 31.25 -21.51 -87.13
O2 PID AI . 34.68 -23.87 -87.87
O3 PID AI . 26.88 -23.54 -85.10
O4 PID AI . 24.99 -22.44 -85.67
O5 PID AI . 10.44 -23.87 -83.72
O6 PID AI . 6.82 -25.23 -85.38
O7 PID AI . 7.43 -26.41 -87.19
MG CLA BI . 14.86 -11.61 -108.65
CHA CLA BI . 13.64 -8.58 -107.46
CHB CLA BI . 12.89 -11.33 -111.39
CHC CLA BI . 16.13 -14.60 -109.78
CHD CLA BI . 17.04 -11.76 -105.87
NA CLA BI . 13.46 -10.19 -109.27
C1A CLA BI . 13.09 -8.99 -108.65
C2A CLA BI . 12.05 -8.24 -109.46
C3A CLA BI . 11.77 -9.18 -110.65
C4A CLA BI . 12.76 -10.33 -110.45
CMA CLA BI . 10.34 -9.64 -110.67
CAA CLA BI . 12.60 -6.93 -109.98
CBA CLA BI . 13.94 -7.15 -110.65
CGA CLA BI . 14.43 -5.87 -111.27
O1A CLA BI . 13.82 -5.09 -112.01
O2A CLA BI . 15.73 -5.60 -110.96
NB CLA BI . 14.57 -12.75 -110.29
C1B CLA BI . 13.73 -12.45 -111.31
C2B CLA BI . 13.77 -13.54 -112.33
C3B CLA BI . 14.69 -14.48 -111.88
C4B CLA BI . 15.20 -13.99 -110.57
CMB CLA BI . 12.98 -13.53 -113.55
CAB CLA BI . 15.11 -15.71 -112.49
CBB CLA BI . 15.05 -16.91 -111.93
NC CLA BI . 16.29 -12.96 -107.93
C1C CLA BI . 16.64 -14.13 -108.54
C2C CLA BI . 17.65 -14.82 -107.76
C3C CLA BI . 17.95 -14.00 -106.67
C4C CLA BI . 17.09 -12.82 -106.79
CMC CLA BI . 18.24 -16.12 -108.10
CAC CLA BI . 18.92 -14.28 -105.60
CBC CLA BI . 20.16 -13.43 -105.71
ND CLA BI . 15.23 -10.53 -106.98
C1D CLA BI . 16.19 -10.68 -105.94
C2D CLA BI . 16.08 -9.53 -105.01
C3D CLA BI . 15.10 -8.71 -105.52
C4D CLA BI . 14.62 -9.36 -106.77
CMD CLA BI . 16.88 -9.36 -103.79
CAD CLA BI . 14.34 -7.48 -105.36
OBD CLA BI . 14.37 -6.67 -104.44
CBD CLA BI . 13.43 -7.33 -106.63
CGD CLA BI . 11.98 -7.10 -106.28
O1D CLA BI . 11.28 -7.77 -105.52
O2D CLA BI . 11.44 -6.02 -106.90
CED CLA BI . 10.02 -5.90 -106.91
C1 CLA BI . 16.11 -4.22 -111.01
C2 CLA BI . 17.53 -4.15 -110.57
MG CLA CI . 10.01 -16.67 -96.01
CHA CLA CI . 7.03 -16.97 -97.78
CHB CLA CI . 8.24 -16.35 -93.11
CHC CLA CI . 12.98 -16.42 -94.30
CHD CLA CI . 11.79 -17.10 -99.03
NA CLA CI . 7.97 -16.65 -95.55
C1A CLA CI . 6.88 -16.79 -96.42
C2A CLA CI . 5.55 -16.74 -95.67
C3A CLA CI . 5.98 -16.45 -94.21
C4A CLA CI . 7.50 -16.50 -94.28
CMA CLA CI . 5.45 -15.13 -93.71
CAA CLA CI . 4.86 -18.08 -95.73
CBA CLA CI . 5.82 -19.24 -95.54
CGA CLA CI . 5.77 -19.78 -94.14
O1A CLA CI . 4.92 -20.53 -93.65
O2A CLA CI . 6.80 -19.36 -93.36
NB CLA CI . 10.52 -16.38 -94.08
C1B CLA CI . 9.65 -16.37 -93.03
C2B CLA CI . 10.40 -16.32 -91.75
C3B CLA CI . 11.75 -16.34 -92.08
C4B CLA CI . 11.83 -16.38 -93.56
CMB CLA CI . 9.74 -16.28 -90.44
CAB CLA CI . 12.94 -16.33 -91.27
CBB CLA CI . 13.06 -15.86 -90.02
NC CLA CI . 12.01 -16.73 -96.57
C1C CLA CI . 13.07 -16.58 -95.71
C2C CLA CI . 14.32 -16.65 -96.45
C3C CLA CI . 13.99 -16.90 -97.78
C4C CLA CI . 12.54 -16.94 -97.85
CMC CLA CI . 15.65 -16.52 -95.87
CAC CLA CI . 14.94 -17.06 -98.89
CBC CLA CI . 15.11 -18.51 -99.28
ND CLA CI . 9.58 -16.99 -97.96
C1D CLA CI . 10.41 -17.11 -99.11
C2D CLA CI . 9.55 -17.27 -100.31
C3D CLA CI . 8.25 -17.21 -99.86
C4D CLA CI . 8.32 -17.04 -98.40
CMD CLA CI . 10.06 -17.43 -101.67
CAD CLA CI . 6.84 -17.27 -100.22
OBD CLA CI . 6.32 -17.42 -101.32
CBD CLA CI . 6.02 -17.08 -98.91
CGD CLA CI . 5.16 -15.84 -98.97
O1D CLA CI . 5.52 -14.68 -99.14
O2D CLA CI . 3.83 -16.09 -98.80
CED CLA CI . 2.91 -15.12 -99.31
C1 CLA CI . 7.64 -20.38 -92.80
NB KC1 DI . 16.59 -16.83 -86.97
ND KC1 DI . 14.49 -14.80 -84.36
C1A KC1 DI . 12.50 -16.63 -85.79
C1B KC1 DI . 16.12 -17.76 -87.81
C1C KC1 DI . 18.46 -15.02 -85.56
C1D KC1 DI . 14.93 -13.85 -83.50
C2A KC1 DI . 11.63 -17.54 -86.54
C2B KC1 DI . 17.17 -18.29 -88.59
C2C KC1 DI . 19.38 -14.12 -84.88
C2D KC1 DI . 13.81 -13.41 -82.76
C3A KC1 DI . 12.44 -18.21 -87.43
C3B KC1 DI . 18.32 -17.65 -88.20
C3C KC1 DI . 18.64 -13.42 -83.99
C3D KC1 DI . 12.69 -14.10 -83.19
C4A KC1 DI . 13.75 -17.74 -87.26
C4B KC1 DI . 17.92 -16.73 -87.16
C4C KC1 DI . 17.27 -13.87 -84.10
C4D KC1 DI . 13.15 -14.97 -84.19
CAA KC1 DI . 10.18 -17.75 -86.40
CAB KC1 DI . 19.67 -17.86 -88.73
CAC KC1 DI . 19.15 -12.36 -83.05
CAD KC1 DI . 11.24 -14.31 -83.04
CBA KC1 DI . 9.29 -16.79 -86.77
CBB KC1 DI . 20.62 -18.41 -87.97
CBC KC1 DI . 19.34 -11.06 -83.82
CBD KC1 DI . 10.89 -15.38 -84.07
CED KC1 DI . 10.81 -18.59 -82.22
CGA KC1 DI . 8.02 -16.75 -86.16
CGD KC1 DI . 10.31 -16.57 -83.37
CHA KC1 DI . 12.17 -15.74 -84.76
CHB KC1 DI . 14.83 -18.22 -88.00
CHC KC1 DI . 18.85 -15.92 -86.57
CHD KC1 DI . 16.20 -13.37 -83.33
CMA KC1 DI . 12.01 -19.25 -88.43
CMB KC1 DI . 17.06 -19.36 -89.64
CMC KC1 DI . 20.86 -14.01 -85.12
CMD KC1 DI . 13.85 -12.36 -81.67
NA KC1 DI . 13.81 -16.79 -86.27
NC KC1 DI . 17.19 -14.84 -85.08
O1A KC1 DI . 7.84 -16.02 -85.20
O1D KC1 DI . 9.38 -16.43 -82.62
O2A KC1 DI . 7.14 -17.74 -86.41
O2D KC1 DI . 11.02 -17.71 -83.34
OBD KC1 DI . 10.53 -13.87 -82.16
MG KC1 DI . 15.52 -15.82 -85.67
MG CLA EI . 28.81 -2.34 -86.93
CHA CLA EI . 31.92 -1.77 -85.49
CHB CLA EI . 28.08 -4.57 -84.46
CHC CLA EI . 25.68 -2.75 -88.30
CHD CLA EI . 29.61 -0.03 -89.48
NA CLA EI . 29.86 -3.05 -85.26
C1A CLA EI . 31.13 -2.67 -84.83
C2A CLA EI . 31.51 -3.43 -83.55
C3A CLA EI . 30.33 -4.40 -83.34
C4A CLA EI . 29.33 -3.99 -84.42
CMA CLA EI . 30.76 -5.84 -83.47
CAA CLA EI . 31.63 -2.46 -82.38
CBA CLA EI . 30.30 -1.80 -82.03
CGA CLA EI . 30.14 -0.49 -82.76
O1A CLA EI . 30.88 0.48 -82.77
O2A CLA EI . 28.98 -0.43 -83.48
NB CLA EI . 27.20 -3.47 -86.47
C1B CLA EI . 27.08 -4.29 -85.41
C2B CLA EI . 25.72 -4.89 -85.38
C3B CLA EI . 25.03 -4.38 -86.46
C4B CLA EI . 25.96 -3.47 -87.18
CMB CLA EI . 25.28 -5.83 -84.34
CAB CLA EI . 23.68 -4.61 -86.91
CBB CLA EI . 23.05 -5.78 -86.93
NC CLA EI . 27.84 -1.54 -88.59
C1C CLA EI . 26.56 -1.86 -88.98
C2C CLA EI . 26.20 -1.11 -90.17
C3C CLA EI . 27.31 -0.33 -90.51
C4C CLA EI . 28.34 -0.62 -89.52
CMC CLA EI . 24.91 -1.18 -90.85
CAC CLA EI . 27.43 0.59 -91.65
CBC CLA EI . 27.27 2.03 -91.23
ND CLA EI . 30.37 -1.16 -87.44
C1D CLA EI . 30.58 -0.27 -88.52
C2D CLA EI . 31.93 0.32 -88.41
C3D CLA EI . 32.49 -0.20 -87.25
C4D CLA EI . 31.47 -1.12 -86.70
CMD CLA EI . 32.51 1.27 -89.35
CAD CLA EI . 33.65 -0.25 -86.37
OBD CLA EI . 34.71 0.36 -86.46
CBD CLA EI . 33.31 -1.24 -85.23
CGD CLA EI . 34.32 -2.36 -85.13
O1D CLA EI . 35.21 -2.50 -84.29
O2D CLA EI . 34.18 -3.30 -86.10
CED CLA EI . 34.95 -4.50 -85.98
C1 CLA EI . 28.97 0.49 -84.60
MG CLA FI . 27.44 4.07 -74.60
CHA CLA FI . 30.34 2.26 -73.98
CHB CLA FI . 28.10 6.05 -71.92
CHC CLA FI . 24.42 5.65 -75.11
CHD CLA FI . 26.79 1.97 -77.38
NA CLA FI . 29.01 4.16 -73.23
C1A CLA FI . 30.13 3.31 -73.12
C2A CLA FI . 31.03 3.75 -71.95
C3A CLA FI . 30.37 5.06 -71.46
C4A CLA FI . 29.06 5.11 -72.24
CMA CLA FI . 30.15 5.11 -69.96
CAA CLA FI . 32.46 4.00 -72.41
CBA CLA FI . 33.36 4.55 -71.32
CGA CLA FI . 34.27 3.46 -70.81
O1A CLA FI . 34.74 2.51 -71.43
O2A CLA FI . 34.59 3.62 -69.49
NB CLA FI . 26.47 5.58 -73.70
C1B CLA FI . 26.87 6.22 -72.57
C2B CLA FI . 25.80 7.16 -72.11
C3B CLA FI . 24.77 7.05 -73.00
C4B CLA FI . 25.17 6.05 -74.04
CMB CLA FI . 25.93 8.00 -70.92
CAB CLA FI . 23.50 7.74 -73.03
CBB CLA FI . 23.06 8.52 -74.02
NC CLA FI . 25.91 3.87 -76.02
C1C CLA FI . 24.78 4.63 -76.05
C2C CLA FI . 23.93 4.23 -77.16
C3C CLA FI . 24.59 3.18 -77.81
C4C CLA FI . 25.83 2.96 -77.08
CMC CLA FI . 22.63 4.83 -77.50
CAC CLA FI . 24.13 2.44 -79.00
CBC CLA FI . 23.82 0.99 -78.73
ND CLA FI . 28.33 2.54 -75.56
C1D CLA FI . 27.96 1.75 -76.68
C2D CLA FI . 28.96 0.71 -76.92
C3D CLA FI . 29.88 0.84 -75.90
C4D CLA FI . 29.45 1.99 -75.08
CMD CLA FI . 28.92 -0.26 -78.02
CAD CLA FI . 31.11 0.33 -75.32
OBD CLA FI . 31.81 -0.61 -75.69
CBD CLA FI . 31.42 1.21 -74.07
CGD CLA FI . 31.52 0.39 -72.81
O1D CLA FI . 30.68 0.30 -71.90
O2D CLA FI . 32.68 -0.31 -72.68
CED CLA FI . 33.05 -0.77 -71.38
C1 CLA FI . 35.14 4.89 -69.10
MG CLA GI . 13.55 -7.95 -80.68
CHA CLA GI . 11.11 -9.74 -82.39
CHB CLA GI . 11.26 -7.10 -78.31
CHC CLA GI . 16.05 -6.42 -78.92
CHD CLA GI . 15.86 -8.74 -83.24
NA CLA GI . 11.51 -8.35 -80.43
C1A CLA GI . 10.68 -9.13 -81.24
C2A CLA GI . 9.27 -9.16 -80.68
C3A CLA GI . 9.29 -8.11 -79.55
C4A CLA GI . 10.79 -7.83 -79.38
CMA CLA GI . 8.53 -6.87 -79.94
CAA CLA GI . 8.95 -10.54 -80.12
CBA CLA GI . 10.10 -11.11 -79.32
CGA CLA GI . 9.88 -12.57 -78.99
O1A CLA GI . 8.85 -13.13 -78.66
O2A CLA GI . 11.03 -13.30 -79.10
NB CLA GI . 13.63 -6.88 -78.97
C1B CLA GI . 12.61 -6.78 -78.07
C2B CLA GI . 13.15 -6.28 -76.77
C3B CLA GI . 14.50 -6.09 -76.94
C4B CLA GI . 14.81 -6.47 -78.34
CMB CLA GI . 12.29 -6.07 -75.61
CAB CLA GI . 15.53 -5.64 -76.04
CBB CLA GI . 15.52 -5.70 -74.70
NC CLA GI . 15.57 -7.60 -81.04
C1C CLA GI . 16.41 -6.93 -80.19
C2C CLA GI . 17.75 -6.87 -80.75
C3C CLA GI . 17.72 -7.54 -81.96
C4C CLA GI . 16.34 -8.00 -82.15
CMC CLA GI . 18.89 -6.21 -80.10
CAC CLA GI . 18.83 -7.73 -82.90
CBC CLA GI . 19.02 -6.55 -83.82
ND CLA GI . 13.57 -9.00 -82.40
C1D CLA GI . 14.57 -9.23 -83.38
C2D CLA GI . 14.01 -10.05 -84.47
C3D CLA GI . 12.70 -10.31 -84.12
C4D CLA GI . 12.47 -9.60 -82.84
CMD CLA GI . 14.77 -10.50 -85.64
CAD CLA GI . 11.45 -10.97 -84.50
OBD CLA GI . 11.21 -11.71 -85.45
CBD CLA GI . 10.39 -10.58 -83.42
CGD CLA GI . 9.24 -9.83 -84.03
O1D CLA GI . 9.01 -8.62 -83.98
O2D CLA GI . 8.36 -10.63 -84.72
CED CLA GI . 7.04 -10.78 -84.19
MG CLA HI . 12.02 -0.80 -95.40
CHA CLA HI . 8.89 0.33 -94.41
CHB CLA HI . 10.99 -0.76 -98.64
CHC CLA HI . 15.10 -2.01 -96.32
CHD CLA HI . 13.05 -0.79 -92.01
NA CLA HI . 10.23 -0.27 -96.34
C1A CLA HI . 9.04 0.17 -95.76
C2A CLA HI . 7.97 0.46 -96.83
C3A CLA HI . 8.72 0.19 -98.15
C4A CLA HI . 10.09 -0.32 -97.70
CMA CLA HI . 7.99 -0.79 -99.01
CAA CLA HI . 7.57 1.92 -96.87
CBA CLA HI . 6.09 2.18 -96.65
CGA CLA HI . 5.27 1.75 -97.82
O1A CLA HI . 5.59 1.74 -99.02
O2A CLA HI . 4.01 1.37 -97.47
NB CLA HI . 12.88 -1.30 -97.15
C1B CLA HI . 12.29 -1.23 -98.37
C2B CLA HI . 13.21 -1.71 -99.42
C3B CLA HI . 14.38 -2.07 -98.78
C4B CLA HI . 14.19 -1.80 -97.33
CMB CLA HI . 12.87 -1.75 -100.84
CAB CLA HI . 15.58 -2.58 -99.38
CBB CLA HI . 16.79 -2.03 -99.26
NC CLA HI . 13.76 -1.28 -94.35
C1C CLA HI . 14.90 -1.77 -94.93
C2C CLA HI . 15.92 -2.01 -93.91
C3C CLA HI . 15.33 -1.67 -92.69
C4C CLA HI . 13.98 -1.21 -92.97
CMC CLA HI . 17.26 -2.53 -94.16
CAC CLA HI . 15.97 -1.75 -91.35
CBC CLA HI . 16.23 -0.39 -90.74
ND CLA HI . 11.25 -0.30 -93.61
C1D CLA HI . 11.77 -0.36 -92.29
C2D CLA HI . 10.73 0.07 -91.32
C3D CLA HI . 9.60 0.33 -92.09
C4D CLA HI . 9.97 0.09 -93.49
CMD CLA HI . 10.90 0.15 -89.89
CAD CLA HI . 8.21 0.76 -92.08
OBD CLA HI . 7.51 1.08 -91.13
CBD CLA HI . 7.71 0.74 -93.56
CGD CLA HI . 6.54 -0.18 -93.75
O1D CLA HI . 6.56 -1.42 -93.78
O2D CLA HI . 5.33 0.43 -93.90
CED CLA HI . 5.14 1.77 -93.42
C1 CLA HI . 3.29 2.22 -96.56
NB KC1 II . 20.87 -4.16 -102.52
ND KC1 II . 18.18 -5.00 -105.25
C1A KC1 II . 17.26 -2.39 -103.96
C1B KC1 II . 20.87 -3.07 -101.74
C1C KC1 II . 21.71 -6.69 -103.83
C1D KC1 II . 18.18 -6.05 -106.10
C2A KC1 II . 16.91 -1.12 -103.31
C2B KC1 II . 22.01 -3.07 -100.90
C2C KC1 II . 22.13 -7.90 -104.50
C2D KC1 II . 17.04 -5.92 -106.92
C3A KC1 II . 17.91 -0.89 -102.38
C3B KC1 II . 22.73 -4.20 -101.20
C3C KC1 II . 21.20 -8.18 -105.44
C3D KC1 II . 16.36 -4.77 -106.54
C4A KC1 II . 18.83 -1.95 -102.45
C4B KC1 II . 21.97 -4.87 -102.24
C4C KC1 II . 20.20 -7.14 -105.38
C4D KC1 II . 17.11 -4.23 -105.49
CAA KC1 II . 15.77 -0.23 -103.55
CAB KC1 II . 24.00 -4.58 -100.55
CAC KC1 II . 21.22 -9.37 -106.37
CAD KC1 II . 15.20 -3.90 -106.77
CBA KC1 II . 14.50 -0.66 -103.67
CBB KC1 II . 24.42 -5.83 -100.37
CBC KC1 II . 21.64 -8.91 -107.77
CBD KC1 II . 15.48 -2.67 -105.92
CED KC1 II . 15.54 0.53 -107.93
CGA KC1 II . 13.49 0.26 -104.03
CGD KC1 II . 15.93 -1.52 -106.77
CHA KC1 II . 16.58 -3.07 -104.98
CHB KC1 II . 19.95 -2.04 -101.64
CHC KC1 II . 22.41 -6.06 -102.80
CHD KC1 II . 19.07 -7.09 -106.20
CMA KC1 II . 18.00 0.30 -101.45
CMB KC1 II . 22.38 -2.04 -99.88
CMC KC1 II . 23.37 -8.71 -104.19
CMD KC1 II . 16.65 -6.88 -108.02
NA KC1 II . 18.44 -2.87 -103.40
NC KC1 II . 20.54 -6.25 -104.39
O1A KC1 II . 13.52 1.38 -103.56
O1D KC1 II . 17.10 -1.31 -106.92
O2A KC1 II . 12.81 0.08 -105.19
O2D KC1 II . 15.02 -0.61 -107.20
OBD KC1 II . 14.15 -4.20 -107.30
MG KC1 II . 19.49 -4.58 -103.86
MG CLA JI . 28.13 -20.50 -98.71
CHA CLA JI . 31.09 -22.16 -99.46
CHB CLA JI . 28.84 -18.17 -101.08
CHC CLA JI . 25.12 -18.98 -98.03
CHD CLA JI . 27.46 -22.94 -96.23
NA CLA JI . 29.73 -20.22 -100.03
C1A CLA JI . 30.86 -21.03 -100.21
C2A CLA JI . 31.78 -20.46 -101.29
C3A CLA JI . 31.09 -19.13 -101.70
C4A CLA JI . 29.78 -19.16 -100.90
CMA CLA JI . 31.94 -17.94 -101.38
CAA CLA JI . 31.86 -21.39 -102.49
NB CLA JI . 27.18 -18.86 -99.40
C1B CLA JI . 27.61 -18.06 -100.42
C2B CLA JI . 26.57 -17.04 -100.72
C3B CLA JI . 25.52 -17.26 -99.86
C4B CLA JI . 25.89 -18.43 -99.00
CMB CLA JI . 26.74 -16.03 -101.77
CAB CLA JI . 24.26 -16.58 -99.72
CBB CLA JI . 23.43 -16.26 -100.73
NC CLA JI . 26.59 -20.89 -97.36
C1C CLA JI . 25.45 -20.14 -97.25
C2C CLA JI . 24.59 -20.70 -96.23
C3C CLA JI . 25.24 -21.82 -95.72
C4C CLA JI . 26.50 -21.93 -96.43
CMC CLA JI . 23.28 -20.17 -95.85
CAC CLA JI . 24.76 -22.72 -94.65
CBC CLA JI . 24.16 -23.99 -95.20
ND CLA JI . 29.01 -22.17 -97.97
C1D CLA JI . 28.64 -23.07 -96.94
C2D CLA JI . 29.68 -24.11 -96.81
C3D CLA JI . 30.64 -23.82 -97.76
C4D CLA JI . 30.18 -22.60 -98.45
CMD CLA JI . 29.64 -25.22 -95.85
CAD CLA JI . 31.90 -24.21 -98.34
OBD CLA JI . 32.64 -25.15 -98.08
CBD CLA JI . 32.23 -23.15 -99.46
CGD CLA JI . 33.56 -22.49 -99.23
O1D CLA JI . 33.79 -21.29 -99.05
O2D CLA JI . 34.62 -23.36 -99.23
CED CLA JI . 35.92 -22.83 -98.96
C1 LMG KI . 32.09 2.01 -67.78
O1 LMG KI . 30.70 1.98 -67.75
C2 LMG KI . 32.50 2.80 -66.51
O2 LMG KI . 32.19 4.13 -66.80
C3 LMG KI . 34.04 2.69 -66.40
O3 LMG KI . 34.38 3.32 -65.19
C4 LMG KI . 34.46 1.20 -66.36
O4 LMG KI . 33.90 0.62 -65.22
C5 LMG KI . 33.85 0.51 -67.61
O5 LMG KI . 35.54 -1.08 -67.23
C6 LMG KI . 34.18 -0.99 -67.56
O6 LMG KI . 32.47 0.65 -67.62
C7 LMG KI . 30.14 0.87 -68.42
C8 LMG KI . 28.63 1.15 -68.48
C9 LMG KI . 28.37 2.11 -69.65
O7 LMG KI . 27.98 -0.04 -68.84
C10 LMG KI . 26.69 -0.22 -68.46
O9 LMG KI . 26.17 0.60 -67.72
C11 LMG KI . 26.16 -1.55 -68.85
C12 LMG KI . 24.72 -1.70 -68.40
C13 LMG KI . 23.73 -1.43 -69.52
C14 LMG KI . 22.39 -1.98 -69.06
C15 LMG KI . 21.41 -1.87 -70.19
C16 LMG KI . 20.68 -3.20 -70.35
C17 LMG KI . 19.22 -2.89 -70.48
C18 LMG KI . 18.84 -3.19 -71.92
C19 LMG KI . 17.36 -3.51 -71.95
C20 LMG KI . 16.64 -2.29 -71.42
C21 LMG KI . 15.48 -2.01 -72.34
C22 LMG KI . 14.61 -3.23 -72.31
C23 LMG KI . 13.20 -2.79 -72.52
O8 LMG KI . 27.57 3.15 -69.13
C28 LMG KI . 26.28 3.16 -69.53
O10 LMG KI . 25.84 2.18 -70.14
C29 LMG KI . 25.66 4.51 -69.52
C30 LMG KI . 24.14 4.40 -69.58
C31 LMG KI . 23.73 4.38 -71.04
C32 LMG KI . 22.34 3.77 -71.11
C33 LMG KI . 22.41 2.61 -72.09
C34 LMG KI . 22.52 3.18 -73.47
C35 LMG KI . 21.26 2.77 -74.21
C36 LMG KI . 20.35 3.97 -74.25
C37 LMG KI . 19.38 3.78 -75.40
C38 LMG KI . 18.39 4.88 -75.18
C39 LMG KI . 18.95 6.16 -75.71
C41 LMG KI . 15.22 7.57 -74.40
C42 LMG KI . 16.44 8.20 -73.77
C43 LMG KI . 16.92 7.24 -72.68
C44 LMG KI . 18.34 7.62 -72.34
C DD6 LI . 14.41 71.17 32.73
C1 DD6 LI . 13.76 70.27 31.73
C10 DD6 LI . 22.20 68.70 27.20
C11 DD6 LI . 22.65 68.55 25.95
C12 DD6 LI . 21.68 68.33 24.83
C13 DD6 LI . 24.10 68.60 25.64
C14 DD6 LI . 24.91 67.64 26.09
C15 DD6 LI . 26.40 67.65 25.81
C16 DD6 LI . 27.34 68.57 26.58
C17 DD6 LI . 28.83 68.33 26.32
C18 DD6 LI . 29.17 67.25 25.29
C19 DD6 LI . 28.31 67.41 24.05
C2 DD6 LI . 14.50 69.61 30.83
C20 DD6 LI . 26.88 67.10 24.47
C21 DD6 LI . 25.87 66.60 23.44
C22 DD6 LI . 27.08 68.38 28.08
C23 DD6 LI . 27.06 70.03 26.24
C24 DD6 LI . 12.29 70.10 31.74
C25 DD6 LI . 11.59 70.65 32.72
C26 DD6 LI . 10.13 70.54 32.80
C27 DD6 LI . 9.53 71.12 33.85
C28 DD6 LI . 10.37 71.83 34.87
C29 DD6 LI . 8.28 71.08 33.98
C3 DD6 LI . 15.95 69.78 30.82
C30 DD6 LI . 7.11 71.05 34.18
C31 DD6 LI . 5.87 71.03 34.32
C32 DD6 LI . 5.26 70.25 35.47
C33 DD6 LI . 3.95 70.85 35.98
C34 DD6 LI . 3.36 71.97 35.12
C35 DD6 LI . 3.60 71.70 33.65
C36 DD6 LI . 5.09 71.66 33.45
C37 DD6 LI . 5.68 72.32 32.24
C4 DD6 LI . 16.66 69.22 29.85
C40 DD6 LI . 6.26 70.14 36.61
C41 DD6 LI . 5.03 68.82 35.01
C5 DD6 LI . 18.11 69.34 29.79
C6 DD6 LI . 18.75 68.92 28.69
C7 DD6 LI . 17.95 68.33 27.56
C8 DD6 LI . 20.21 69.02 28.57
C9 DD6 LI . 20.76 68.64 27.42
O1 DD6 LI . 26.88 66.32 25.66
O2 DD6 LI . 30.56 67.37 24.92
O4 DD6 LI . 1.95 72.04 35.38
C1 PID MI . 3.16 52.07 42.53
C2 PID MI . 1.96 52.63 41.84
C3 PID MI . 1.04 51.50 41.38
C4 PID MI . 1.81 50.54 40.49
C5 PID MI . 2.98 49.82 41.19
C6 PID MI . 3.64 50.70 42.26
C7 PID MI . 5.06 50.35 42.59
C8 PID MI . 5.43 49.52 43.58
C9 PID MI . 6.74 49.20 43.95
C10 PID MI . 7.96 49.61 43.25
C11 PID MI . 7.14 48.44 45.05
C12 PID MI . 8.57 48.34 45.06
C13 PID MI . 9.39 47.66 46.01
C14 PID MI . 10.74 47.56 46.06
C15 PID MI . 11.34 46.77 47.01
C16 PID MI . 12.69 46.46 47.10
C17 PID MI . 13.41 45.72 48.03
C18 PID MI . 12.89 45.18 49.20
C19 PID MI . 13.51 44.41 50.17
C20 PID MI . 14.74 43.79 50.29
C21 PID MI . 15.22 43.07 51.39
C22 PID MI . 16.44 42.24 51.42
C23 PID MI . 16.79 41.65 52.52
C24 PID MI . 17.06 41.02 53.63
C25 PID MI . 16.96 39.49 53.72
C26 PID MI . 16.16 39.13 54.98
C27 PID MI . 16.70 39.80 56.22
C28 PID MI . 16.67 41.31 56.07
C29 PID MI . 17.48 41.80 54.89
C30 PID MI . 16.37 39.03 58.50
C31 PID MI . 17.84 38.80 58.38
CM1 PID MI . 4.14 53.09 43.07
CM2 PID MI . 3.96 49.47 40.07
CM3 PID MI . 2.42 48.54 41.80
CM4 PID MI . 11.66 48.28 45.11
CM5 PID MI . 14.45 43.12 52.64
CM6 PID MI . 16.21 38.94 52.48
CM7 PID MI . 18.33 38.84 53.78
CM8 PID MI . 17.33 43.30 54.72
O1 PID MI . 2.83 50.98 43.42
O2 PID MI . -0.06 52.05 40.67
O3 PID MI . 8.16 50.26 42.26
O4 PID MI . 9.04 49.06 43.95
O5 PID MI . 18.86 41.50 55.21
O6 PID MI . 15.83 39.47 57.34
O7 PID MI . 15.72 38.84 59.49
C DD6 NI . 8.23 55.20 34.90
C1 DD6 NI . 9.45 56.05 34.84
C10 DD6 NI . 5.35 62.42 28.73
C11 DD6 NI . 5.38 63.67 28.25
C12 DD6 NI . 6.53 64.57 28.56
C13 DD6 NI . 4.27 64.14 27.41
C14 DD6 NI . 4.05 65.43 27.16
C15 DD6 NI . 2.89 65.80 26.27
C16 DD6 NI . 3.17 66.10 24.79
C17 DD6 NI . 2.03 66.90 24.18
C18 DD6 NI . 0.69 66.27 24.49
C19 DD6 NI . 0.37 66.54 25.96
C2 DD6 NI . 9.45 57.20 34.13
C20 DD6 NI . 1.49 66.01 26.84
C21 DD6 NI . 1.34 66.06 28.36
C22 DD6 NI . 3.35 64.81 24.03
C23 DD6 NI . 4.45 66.93 24.70
C24 DD6 NI . 10.67 55.68 35.58
C25 DD6 NI . 10.75 54.55 36.26
C26 DD6 NI . 12.00 54.26 36.98
C27 DD6 NI . 12.15 53.09 37.62
C28 DD6 NI . 11.06 52.08 37.62
C29 DD6 NI . 13.20 52.81 38.24
C3 DD6 NI . 8.27 57.65 33.40
C30 DD6 NI . 14.25 52.56 38.75
C31 DD6 NI . 15.36 52.34 39.28
C32 DD6 NI . 16.30 51.39 38.59
C33 DD6 NI . 17.46 51.03 39.50
C34 DD6 NI . 18.03 52.27 40.16
C35 DD6 NI . 16.98 52.76 41.14
C36 DD6 NI . 15.66 52.96 40.44
C37 DD6 NI . 14.67 53.89 41.09
C4 DD6 NI . 8.34 58.79 32.73
C40 DD6 NI . 16.82 52.05 37.29
C41 DD6 NI . 15.49 50.16 38.25
C5 DD6 NI . 7.21 59.30 31.96
C6 DD6 NI . 7.34 60.42 31.24
C7 DD6 NI . 8.64 61.16 31.22
C8 DD6 NI . 6.21 60.92 30.43
C9 DD6 NI . 6.43 61.90 29.56
O1 DD6 NI . 1.93 64.74 26.38
O2 DD6 NI . -0.33 66.85 23.67
O4 DD6 NI . 19.24 51.94 40.85
C1 PID OI . 17.13 66.51 38.21
C2 PID OI . 18.58 66.29 37.88
C3 PID OI . 19.53 66.85 38.92
C4 PID OI . 19.11 68.25 39.31
C5 PID OI . 17.74 68.32 40.00
C6 PID OI . 16.70 67.47 39.25
C7 PID OI . 15.38 68.15 39.02
C8 PID OI . 14.11 67.96 39.45
C9 PID OI . 13.53 67.10 40.40
C10 PID OI . 14.20 66.28 41.44
C11 PID OI . 12.16 66.84 40.54
C12 PID OI . 11.95 65.89 41.58
C13 PID OI . 10.68 65.38 42.03
C14 PID OI . 10.43 64.51 43.03
C15 PID OI . 9.13 64.19 43.38
C16 PID OI . 8.77 63.31 44.39
C17 PID OI . 7.57 62.92 44.97
C18 PID OI . 7.51 62.03 46.05
C19 PID OI . 6.46 61.65 46.87
C20 PID OI . 6.57 60.95 48.07
C21 PID OI . 5.61 60.61 49.01
C22 PID OI . 5.92 60.04 50.33
C23 PID OI . 5.15 59.23 51.02
C24 PID OI . 4.45 58.37 51.69
C25 PID OI . 4.56 58.28 53.22
C26 PID OI . 4.98 56.84 53.57
C27 PID OI . 4.10 55.78 52.93
C28 PID OI . 4.05 55.94 51.43
C29 PID OI . 3.60 57.31 50.97
C30 PID OI . 4.64 53.94 54.42
C31 PID OI . 3.38 54.29 55.13
CM1 PID OI . 16.17 66.12 37.12
CM2 PID OI . 17.35 69.80 40.04
CM3 PID OI . 17.96 67.82 41.44
CM4 PID OI . 11.51 63.85 43.85
CM5 PID OI . 4.19 60.89 48.72
CM6 PID OI . 5.64 59.25 53.74
CM7 PID OI . 3.23 58.61 53.91
CM8 PID OI . 3.70 57.42 49.46
O1 PID OI . 16.76 66.05 39.54
O2 PID OI . 20.86 66.87 38.38
O3 PID OI . 15.34 66.17 41.78
O4 PID OI . 13.20 65.54 42.08
O5 PID OI . 2.22 57.42 51.36
O6 PID OI . 4.69 54.47 53.18
O7 PID OI . 5.52 53.26 54.88
C1 PID PI . 20.05 51.96 26.25
C2 PID PI . 21.55 51.85 26.23
C3 PID PI . 22.12 51.66 27.62
C4 PID PI . 21.63 52.77 28.53
C5 PID PI . 20.11 52.77 28.76
C6 PID PI . 19.35 52.39 27.48
C7 PID PI . 17.98 53.00 27.35
C8 PID PI . 16.84 52.53 27.89
C9 PID PI . 15.60 53.17 27.78
C10 PID PI . 15.35 54.49 27.21
C11 PID PI . 14.36 52.66 28.18
C12 PID PI . 13.33 53.56 27.73
C13 PID PI . 11.90 53.38 27.80
C14 PID PI . 10.93 54.07 27.18
C15 PID PI . 9.61 53.71 27.39
C16 PID PI . 8.42 54.12 26.76
C17 PID PI . 8.05 54.94 25.71
C18 PID PI . 6.76 55.13 25.22
C19 PID PI . 5.63 54.47 25.68
C20 PID PI . 4.27 54.50 25.41
C21 PID PI . 3.54 55.10 24.36
C22 PID PI . 2.11 55.42 24.46
C23 PID PI . 1.37 55.79 23.46
C24 PID PI . 0.60 56.10 22.45
C25 PID PI . -0.17 57.44 22.51
C26 PID PI . -1.30 57.48 21.48
C27 PID PI . -0.91 56.91 20.15
C28 PID PI . -0.66 55.44 20.34
C29 PID PI . 0.53 55.16 21.25
C30 PID PI . -2.23 58.22 18.59
C31 PID PI . -0.97 59.00 18.44
CM1 PID PI . 19.38 52.15 24.91
CM2 PID PI . 19.76 54.18 29.23
CM3 PID PI . 19.80 51.76 29.87
CM4 PID PI . 11.22 55.24 26.26
CM5 PID PI . 4.22 55.43 23.09
CM6 PID PI . -0.77 57.65 23.91
CM7 PID PI . 0.79 58.60 22.22
CM8 PID PI . 0.50 53.70 21.68
O1 PID PI . 19.42 50.99 27.12
O2 PID PI . 23.54 51.69 27.56
O3 PID PI . 16.08 55.33 26.76
O4 PID PI . 13.96 54.70 27.24
O5 PID PI . 1.69 55.37 20.41
O6 PID PI . -2.03 57.03 19.23
O7 PID PI . -3.31 58.58 18.21
C1 PID QI . 3.99 51.54 50.34
C2 PID QI . 3.12 52.68 49.89
C3 PID QI . 2.11 52.21 48.87
C4 PID QI . 2.80 51.54 47.70
C5 PID QI . 3.57 50.26 48.07
C6 PID QI . 4.17 50.35 49.48
C7 PID QI . 5.36 49.45 49.74
C8 PID QI . 5.26 48.22 50.26
C9 PID QI . 6.31 47.36 50.55
C10 PID QI . 7.74 47.55 50.24
C11 PID QI . 6.22 46.14 51.23
C12 PID QI . 7.53 45.56 51.33
C13 PID QI . 7.87 44.31 51.95
C14 PID QI . 9.06 43.68 52.07
C15 PID QI . 9.14 42.47 52.69
C16 PID QI . 10.26 41.65 52.80
C17 PID QI . 10.44 40.44 53.43
C18 PID QI . 11.60 39.66 53.43
C19 PID QI . 11.84 38.49 54.13
C20 PID QI . 12.96 37.68 54.17
C21 PID QI . 13.23 36.61 55.03
C22 PID QI . 14.53 35.93 55.14
C23 PID QI . 14.83 35.12 56.12
C24 PID QI . 15.13 34.29 57.08
C25 PID QI . 16.47 34.45 57.83
C26 PID QI . 16.97 33.10 58.33
C27 PID QI . 15.89 32.29 59.01
C28 PID QI . 14.84 31.95 57.99
C29 PID QI . 14.13 33.19 57.44
C30 PID QI . 15.74 30.28 60.33
C31 PID QI . 16.44 28.99 60.63
CM1 PID QI . 5.01 51.86 51.38
CM2 PID QI . 4.65 50.09 47.00
CM3 PID QI . 2.58 49.09 48.00
CM4 PID QI . 10.35 44.26 51.54
CM5 PID QI . 12.14 36.13 55.91
CM6 PID QI . 17.52 35.09 56.92
CM7 PID QI . 16.26 35.39 59.04
CM8 PID QI . 13.24 32.79 56.28
O1 PID QI . 3.22 50.32 50.57
O2 PID QI . 1.35 53.32 48.40
O3 PID QI . 8.33 48.43 49.68
O4 PID QI . 8.43 46.44 50.73
O5 PID QI . 13.31 33.64 58.54
O6 PID QI . 16.47 31.03 59.47
O7 PID QI . 14.69 30.62 60.77
MG CLA RI . 3.10 74.83 39.61
CHA CLA RI . 1.62 72.85 42.05
CHB CLA RI . 0.69 77.19 40.07
CHC CLA RI . 4.66 76.80 37.27
CHD CLA RI . 5.64 72.38 39.24
NA CLA RI . 1.43 74.96 40.85
C1A CLA RI . 0.99 74.05 41.82
C2A CLA RI . -0.26 74.55 42.53
C3A CLA RI . -0.57 75.89 41.82
C4A CLA RI . 0.59 76.05 40.85
CMA CLA RI . -1.91 75.86 41.14
CAA CLA RI . 0.04 74.83 44.00
CBA CLA RI . 1.34 75.57 44.15
CGA CLA RI . 1.49 76.17 45.51
O1A CLA RI . 0.77 77.01 46.07
O2A CLA RI . 2.56 75.68 46.19
NB CLA RI . 2.75 76.64 38.83
C1B CLA RI . 1.72 77.47 39.13
C2B CLA RI . 1.78 78.71 38.31
C3B CLA RI . 2.91 78.59 37.52
C4B CLA RI . 3.54 77.28 37.83
CMB CLA RI . 0.81 79.79 38.41
CAB CLA RI . 3.46 79.49 36.54
CBB CLA RI . 2.79 80.07 35.54
NC CLA RI . 4.82 74.60 38.45
C1C CLA RI . 5.27 75.54 37.56
C2C CLA RI . 6.50 75.08 36.93
C3C CLA RI . 6.79 73.84 37.49
C4C CLA RI . 5.73 73.55 38.46
CMC CLA RI . 7.26 75.82 35.91
CAC CLA RI . 7.96 73.01 37.17
CBC CLA RI . 9.01 73.01 38.26
ND CLA RI . 3.54 73.00 40.37
C1D CLA RI . 4.62 72.11 40.14
C2D CLA RI . 4.45 70.91 41.00
C3D CLA RI . 3.30 71.13 41.74
C4D CLA RI . 2.79 72.46 41.32
CMD CLA RI . 5.33 69.75 41.00
CAD CLA RI . 2.39 70.61 42.74
OBD CLA RI . 2.41 69.52 43.32
CBD CLA RI . 1.32 71.72 43.01
CGD CLA RI . -0.09 71.20 42.86
O1D CLA RI . -0.56 70.56 41.92
O2D CLA RI . -0.90 71.51 43.92
CED CLA RI . -2.31 71.42 43.72
C1 CLA RI . 2.31 75.17 47.52
MG CLA SI . -0.33 64.26 30.84
CHA CLA SI . -3.20 66.17 30.43
CHB CLA SI . -2.06 61.45 29.99
CHC CLA SI . 2.57 62.45 31.15
CHD CLA SI . 1.44 67.21 31.71
NA CLA SI . -2.31 63.90 30.31
C1A CLA SI . -3.35 64.83 30.18
C2A CLA SI . -4.65 64.13 29.76
C3A CLA SI . -4.28 62.63 29.80
C4A CLA SI . -2.78 62.64 30.03
CMA CLA SI . -5.04 61.89 30.88
CAA CLA SI . -5.04 64.54 28.35
CBA CLA SI . -3.85 64.80 27.45
CGA CLA SI . -3.33 63.52 26.86
O1A CLA SI . -3.96 62.63 26.27
O2A CLA SI . -1.98 63.36 27.00
NB CLA SI . 0.15 62.32 30.67
C1B CLA SI . -0.68 61.34 30.21
C2B CLA SI . 0.10 60.08 29.99
C3B CLA SI . 1.40 60.36 30.31
C4B CLA SI . 1.45 61.78 30.75
CMB CLA SI . -0.51 58.84 29.50
CAB CLA SI . 2.58 59.52 30.27
CBB CLA SI . 2.77 58.43 31.02
NC CLA SI . 1.64 64.74 31.36
C1C CLA SI . 2.66 63.83 31.44
C2C CLA SI . 3.89 64.51 31.84
C3C CLA SI . 3.57 65.85 31.95
C4C CLA SI . 2.16 66.00 31.65
CMC CLA SI . 5.19 63.87 32.04
CAC CLA SI . 4.51 66.92 32.31
CBC CLA SI . 5.03 67.66 31.10
ND CLA SI . -0.71 66.24 31.03
C1D CLA SI . 0.10 67.34 31.42
C2D CLA SI . -0.74 68.56 31.45
C3D CLA SI . -2.01 68.18 31.07
C4D CLA SI . -1.93 66.72 30.82
CMD CLA SI . -0.25 69.89 31.83
CAD CLA SI . -3.38 68.59 30.82
OBD CLA SI . -3.88 69.71 30.86
CBD CLA SI . -4.18 67.30 30.43
CGD CLA SI . -5.30 67.02 31.41
O1D CLA SI . -5.18 66.69 32.59
O2D CLA SI . -6.54 67.15 30.88
CED CLA SI . -7.65 67.04 31.78
C1 CLA SI . -1.37 62.33 26.21
NB KC1 TI . 6.86 55.77 29.92
ND KC1 TI . 4.46 52.78 30.68
C1A KC1 TI . 2.85 54.70 28.95
C1B KC1 TI . 6.58 56.82 29.11
C1C KC1 TI . 8.38 53.87 31.60
C1D KC1 TI . 4.77 51.65 31.35
C2A KC1 TI . 2.18 55.66 28.05
C2B KC1 TI . 7.71 57.67 29.01
C2C KC1 TI . 9.14 52.89 32.36
C2D KC1 TI . 3.62 50.83 31.31
C3A KC1 TI . 3.11 56.65 27.80
C3B KC1 TI . 8.71 57.09 29.77
C3C KC1 TI . 8.31 51.85 32.59
C3D KC1 TI . 2.64 51.48 30.59
C4A KC1 TI . 4.28 56.34 28.50
C4B KC1 TI . 8.13 55.90 30.33
C4C KC1 TI . 7.04 52.15 31.98
C4D KC1 TI . 3.19 52.71 30.22
CAA KC1 TI . 0.83 55.63 27.47
CAB KC1 TI . 10.07 57.60 29.97
CAC KC1 TI . 8.66 50.60 33.35
CAD KC1 TI . 1.26 51.43 30.08
CBA KC1 TI . -0.31 55.36 28.16
CBB KC1 TI . 11.09 57.02 29.35
CBC KC1 TI . 8.35 50.83 34.83
CBD KC1 TI . 1.12 52.68 29.25
CED KC1 TI . 1.84 51.98 25.60
CGA KC1 TI . -1.46 55.01 27.42
CGD KC1 TI . 0.98 52.31 27.80
CHA KC1 TI . 2.35 53.51 29.49
CHB KC1 TI . 5.42 57.14 28.46
CHC KC1 TI . 8.88 55.09 31.15
CHD KC1 TI . 5.92 51.29 32.00
CMA KC1 TI . 2.88 57.86 26.93
CMB KC1 TI . 7.82 58.93 28.21
CMC KC1 TI . 10.57 53.02 32.82
CMD KC1 TI . 3.53 49.45 31.93
NA KC1 TI . 4.14 55.17 29.20
NC KC1 TI . 7.10 53.39 31.38
O1A KC1 TI . -1.86 53.87 27.46
O1D KC1 TI . 0.04 51.62 27.45
O2A KC1 TI . -1.83 55.79 26.38
O2D KC1 TI . 1.97 52.55 26.93
OBD KC1 TI . 0.54 50.44 30.04
MG KC1 TI . 5.61 54.33 30.36
MG CLA UI . 15.74 51.95 46.69
CHA CLA UI . 18.78 50.62 47.72
CHB CLA UI . 15.72 49.83 44.03
CHC CLA UI . 12.70 53.25 45.76
CHD CLA UI . 15.83 54.15 49.46
NA CLA UI . 17.06 50.48 46.02
C1A CLA UI . 18.26 50.06 46.58
C2A CLA UI . 18.88 48.93 45.75
C3A CLA UI . 17.95 48.79 44.55
C4A CLA UI . 16.81 49.75 44.87
CMA CLA UI . 18.64 49.14 43.26
CAA CLA UI . 18.92 47.60 46.51
CBA CLA UI . 18.01 47.50 47.71
CGA CLA UI . 16.55 47.45 47.36
O1A CLA UI . 16.02 47.18 46.30
O2A CLA UI . 15.76 47.75 48.43
NB CLA UI . 14.47 51.63 45.16
C1B CLA UI . 14.61 50.68 44.20
C2B CLA UI . 13.42 50.68 43.29
C3B CLA UI . 12.56 51.65 43.78
C4B CLA UI . 13.21 52.27 44.98
CMB CLA UI . 13.28 49.77 42.16
CAB CLA UI . 11.26 52.06 43.31
CBB CLA UI . 10.92 52.24 42.03
NC CLA UI . 14.50 53.44 47.48
C1C CLA UI . 13.30 53.80 46.93
C2C CLA UI . 12.69 54.85 47.74
C3C CLA UI . 13.58 55.12 48.78
C4C CLA UI . 14.71 54.22 48.61
CMC CLA UI . 11.41 55.50 47.47
CAC CLA UI . 13.40 56.10 49.87
CBC CLA UI . 12.89 55.47 51.14
ND CLA UI . 16.95 52.33 48.27
C1D CLA UI . 16.88 53.27 49.32
C2D CLA UI . 18.08 53.13 50.18
C3D CLA UI . 18.84 52.12 49.62
C4D CLA UI . 18.10 51.67 48.42
CMD CLA UI . 18.37 53.91 51.38
CAD CLA UI . 20.04 51.31 49.72
OBD CLA UI . 20.91 51.32 50.58
CBD CLA UI . 20.08 50.38 48.48
CGD CLA UI . 21.32 50.63 47.65
O1D CLA UI . 22.47 50.75 48.06
O2D CLA UI . 21.11 50.73 46.31
CED CLA UI . 21.68 51.84 45.62
C1 CLA UI . 15.16 49.07 48.45
MG CLA VI . 13.41 37.95 49.92
CHA CLA VI . 16.82 37.86 49.27
CHB CLA VI . 13.60 34.92 51.45
CHC CLA VI . 10.03 38.11 50.56
CHD CLA VI . 13.26 41.14 48.37
NA CLA VI . 14.97 36.63 50.29
C1A CLA VI . 16.33 36.77 49.94
C2A CLA VI . 17.14 35.55 50.43
C3A CLA VI . 16.09 34.65 51.09
C4A CLA VI . 14.79 35.45 50.95
CMA CLA VI . 16.01 33.29 50.44
CAA CLA VI . 18.18 35.99 51.44
CBA CLA VI . 19.09 34.84 51.85
CGA CLA VI . 20.47 35.08 51.31
O1A CLA VI . 21.53 35.19 51.91
O2A CLA VI . 20.49 35.16 49.94
NB CLA VI . 12.08 36.76 50.85
C1B CLA VI . 12.35 35.55 51.38
C2B CLA VI . 11.10 34.92 51.89
C3B CLA VI . 10.08 35.82 51.65
C4B CLA VI . 10.70 37.00 50.97
CMB CLA VI . 11.04 33.61 52.52
CAB CLA VI . 8.67 35.73 51.94
CBB CLA VI . 8.02 36.45 52.86
NC CLA VI . 11.92 39.37 49.52
C1C CLA VI . 10.61 39.23 49.87
C2C CLA VI . 9.85 40.41 49.46
C3C CLA VI . 10.76 41.27 48.85
C4C CLA VI . 12.06 40.61 48.89
CMC CLA VI . 8.41 40.59 49.67
CAC CLA VI . 10.46 42.59 48.29
CBC CLA VI . 10.48 42.61 46.77
ND CLA VI . 14.68 39.23 48.98
C1D CLA VI . 14.48 40.51 48.39
C2D CLA VI . 15.78 40.99 47.86
C3D CLA VI . 16.71 40.01 48.16
C4D CLA VI . 15.98 38.95 48.87
CMD CLA VI . 15.97 42.26 47.16
CAD CLA VI . 18.10 39.61 48.07
OBD CLA VI . 19.06 40.19 47.58
CBD CLA VI . 18.21 38.22 48.78
CGD CLA VI . 18.81 37.15 47.90
O1D CLA VI . 18.62 35.94 47.96
O2D CLA VI . 19.67 37.59 46.95
CED CLA VI . 20.38 36.59 46.21
C1 CLA VI . 20.82 33.95 49.24
MG CLA WI . 2.54 47.15 35.56
CHA CLA WI . 0.61 49.49 33.97
CHB CLA WI . 0.17 44.79 34.95
CHC CLA WI . 4.69 44.76 36.72
CHD CLA WI . 4.98 49.61 36.14
NA CLA WI . 0.66 47.18 34.67
C1A CLA WI . 0.05 48.25 34.03
C2A CLA WI . -1.31 47.86 33.48
C3A CLA WI . -1.50 46.42 33.99
C4A CLA WI . -0.13 46.08 34.58
CMA CLA WI . -2.57 46.33 35.03
CAA CLA WI . -1.25 47.90 31.98
CBA CLA WI . 0.01 47.26 31.45
CGA CLA WI . 0.12 47.45 29.98
O1A CLA WI . -0.77 47.75 29.18
O2A CLA WI . 1.39 47.26 29.49
NB CLA WI . 2.46 45.15 35.76
C1B CLA WI . 1.39 44.37 35.50
C2B CLA WI . 1.67 42.97 35.88
C3B CLA WI . 2.96 42.96 36.37
C4B CLA WI . 3.47 44.34 36.31
CMB CLA WI . 0.72 41.90 35.72
CAB CLA WI . 3.74 41.88 36.88
CBB CLA WI . 3.69 40.63 36.41
NC CLA WI . 4.46 47.20 36.36
C1C CLA WI . 5.15 46.10 36.76
C2C CLA WI . 6.47 46.48 37.19
C3C CLA WI . 6.56 47.86 37.06
C4C CLA WI . 5.29 48.30 36.52
CMC CLA WI . 7.48 45.56 37.69
CAC CLA WI . 7.73 48.69 37.38
CBC CLA WI . 7.43 49.71 38.45
ND CLA WI . 2.71 49.14 35.34
C1D CLA WI . 3.79 50.01 35.57
C2D CLA WI . 3.43 51.35 35.09
C3D CLA WI . 2.22 51.21 34.45
C4D CLA WI . 1.83 49.81 34.61
CMD CLA WI . 4.27 52.52 35.24
CAD CLA WI . 1.15 51.85 33.73
OBD CLA WI . 0.99 53.02 33.45
CBD CLA WI . 0.14 50.76 33.32
CGD CLA WI . -1.23 51.11 33.79
O1D CLA WI . -1.81 50.67 34.78
O2D CLA WI . -1.85 52.01 32.99
CED CLA WI . -2.90 51.50 32.16
C1 CLA WI . 1.65 47.58 28.11
MG CLA XI . -1.00 58.59 46.48
CHA CLA XI . -4.11 57.07 46.65
CHB CLA XI . -2.47 61.64 46.87
CHC CLA XI . 2.09 60.06 46.24
CHD CLA XI . 0.50 55.41 46.14
NA CLA XI . -2.98 59.21 46.68
C1A CLA XI . -4.16 58.44 46.73
C2A CLA XI . -5.40 59.34 46.85
C3A CLA XI . -4.81 60.76 46.97
C4A CLA XI . -3.31 60.54 46.81
CMA CLA XI . -5.28 61.72 45.94
CAA CLA XI . -6.40 58.99 47.96
CBA CLA XI . -7.30 60.16 48.30
CGA CLA XI . -8.52 59.71 49.04
O1A CLA XI . -8.61 58.87 49.95
O2A CLA XI . -9.65 60.35 48.64
NB CLA XI . -0.32 60.48 46.55
C1B CLA XI . -1.08 61.59 46.74
C2B CLA XI . -0.21 62.81 46.81
C3B CLA XI . 1.09 62.37 46.63
C4B CLA XI . 1.03 60.89 46.45
CMB CLA XI . -0.72 64.15 47.01
CAB CLA XI . 2.33 63.09 46.59
CBB CLA XI . 2.53 64.22 45.91
NC CLA XI . 0.94 57.86 46.22
C1C CLA XI . 2.05 58.65 46.13
C2C CLA XI . 3.23 57.82 45.92
C3C CLA XI . 2.79 56.49 45.92
C4C CLA XI . 1.35 56.52 46.11
CMC CLA XI . 4.59 58.33 45.77
CAC CLA XI . 3.63 55.29 45.74
CBC CLA XI . 4.26 54.80 47.02
ND CLA XI . -1.60 56.66 46.34
C1D CLA XI . -0.88 55.45 46.24
C2D CLA XI . -1.83 54.32 46.29
C3D CLA XI . -3.08 54.87 46.43
C4D CLA XI . -2.89 56.35 46.48
CMD CLA XI . -1.46 52.92 46.19
CAD CLA XI . -4.51 54.62 46.55
OBD CLA XI . -5.12 53.56 46.51
CBD CLA XI . -5.19 56.01 46.76
CGD CLA XI . -6.36 56.26 45.84
O1D CLA XI . -6.36 56.87 44.77
O2D CLA XI . -7.55 55.75 46.29
CED CLA XI . -7.74 55.59 47.70
C1 CLA XI . -10.28 61.22 49.60
NB KC1 YI . 7.41 67.10 46.96
ND KC1 YI . 5.09 70.12 46.02
C1A KC1 YI . 3.42 68.31 47.81
C1B KC1 YI . 7.10 66.12 47.83
C1C KC1 YI . 8.95 68.84 45.11
C1D KC1 YI . 5.41 71.20 45.28
C2A KC1 YI . 2.70 67.43 48.73
C2B KC1 YI . 8.18 65.21 47.94
C2C KC1 YI . 9.72 69.73 44.26
C2D KC1 YI . 4.27 72.02 45.22
C3A KC1 YI . 3.60 66.45 49.08
C3B KC1 YI . 9.17 65.68 47.11
C3C KC1 YI . 8.94 70.81 44.01
C3D KC1 YI . 3.26 71.41 45.94
C4A KC1 YI . 4.80 66.70 48.41
C4B KC1 YI . 8.64 66.89 46.50
C4C KC1 YI . 7.68 70.60 44.69
C4D KC1 YI . 3.81 70.21 46.42
CAA KC1 YI . 1.30 67.58 49.17
CAB KC1 YI . 10.49 65.07 46.90
CAC KC1 YI . 9.33 72.00 43.16
CAD KC1 YI . 1.86 71.46 46.42
CBA KC1 YI . 0.98 67.62 50.49
CBB KC1 YI . 11.59 65.69 47.31
CBC KC1 YI . 8.67 71.90 41.78
CBD KC1 YI . 1.86 70.43 47.54
CED KC1 YI . 2.37 70.89 51.23
CGA KC1 YI . -0.34 67.27 50.90
CGD KC1 YI . 2.19 71.08 48.86
CHA KC1 YI . 2.94 69.46 47.17
CHB KC1 YI . 5.94 65.91 48.55
CHC KC1 YI . 9.40 67.61 45.61
CHD KC1 YI . 6.61 71.51 44.66
CMA KC1 YI . 3.36 65.28 50.01
CMB KC1 YI . 8.24 63.99 48.80
CMC KC1 YI . 11.12 69.50 43.76
CMD KC1 YI . 4.18 73.34 44.50
NA KC1 YI . 4.70 67.83 47.64
NC KC1 YI . 7.72 69.40 45.36
O1A KC1 YI . -0.57 67.07 52.08
O1D KC1 YI . 3.11 71.87 48.93
O2A KC1 YI . -1.36 67.35 50.02
O2D KC1 YI . 1.66 70.60 50.00
OBD KC1 YI . 1.04 72.33 46.22
MG KC1 YI . 6.22 68.60 46.49
MG CLA ZI . 18.96 67.52 32.46
CHA CLA ZI . 22.35 68.21 32.11
CHB CLA ZI . 18.73 69.89 34.90
CHC CLA ZI . 15.61 66.79 32.77
CHD CLA ZI . 19.26 65.03 29.95
NA CLA ZI . 20.33 68.83 33.33
C1A CLA ZI . 21.70 68.98 33.05
C2A CLA ZI . 22.33 70.07 33.92
C3A CLA ZI . 21.15 70.58 34.78
C4A CLA ZI . 19.97 69.72 34.31
CMA CLA ZI . 21.43 70.41 36.26
CAA CLA ZI . 22.86 71.21 33.05
NB CLA ZI . 17.46 68.21 33.61
C1B CLA ZI . 17.57 69.17 34.57
C2B CLA ZI . 16.25 69.35 35.26
C3B CLA ZI . 15.36 68.47 34.66
C4B CLA ZI . 16.12 67.75 33.60
CMB CLA ZI . 16.05 70.31 36.34
CAB CLA ZI . 13.96 68.22 34.90
CBB CLA ZI . 13.35 68.26 36.09
NC CLA ZI . 17.68 66.18 31.51
C1C CLA ZI . 16.33 66.06 31.79
C2C CLA ZI . 15.73 65.04 30.93
C3C CLA ZI . 16.77 64.53 30.14
C4C CLA ZI . 17.98 65.24 30.52
CMC CLA ZI . 14.32 64.67 30.94
CAC CLA ZI . 16.65 63.47 29.12
CBC CLA ZI . 16.32 64.05 27.76
ND CLA ZI . 20.40 66.78 31.25
C1D CLA ZI . 20.40 65.73 30.29
C2D CLA ZI . 21.77 65.57 29.75
C3D CLA ZI . 22.55 66.50 30.40
C4D CLA ZI . 21.66 67.22 31.33
CMD CLA ZI . 22.15 64.61 28.72
CAD CLA ZI . 23.88 67.06 30.55
OBD CLA ZI . 24.91 66.79 29.94
CBD CLA ZI . 23.81 68.13 31.68
CGD CLA ZI . 24.74 67.77 32.81
O1D CLA ZI . 25.95 67.51 32.73
O2D CLA ZI . 24.16 67.72 34.04
CED CLA ZI . 24.79 66.91 35.04
C1 PID AJ . -4.60 58.00 77.51
C2 PID AJ . -6.10 57.96 77.46
C3 PID AJ . -6.66 57.08 78.56
C4 PID AJ . -6.03 55.70 78.50
C5 PID AJ . -4.52 55.70 78.77
C6 PID AJ . -3.83 56.92 78.16
C7 PID AJ . -2.38 56.74 77.78
C8 PID AJ . -1.33 56.70 78.61
C9 PID AJ . 0.01 56.69 78.21
C10 PID AJ . 0.52 56.99 76.86
C11 PID AJ . 1.13 56.39 78.99
C12 PID AJ . 2.30 56.39 78.17
C13 PID AJ . 3.65 56.09 78.51
C14 PID AJ . 4.65 55.78 77.65
C15 PID AJ . 5.97 55.91 77.98
C16 PID AJ . 7.01 55.64 77.12
C17 PID AJ . 8.39 55.87 77.11
C18 PID AJ . 9.19 55.50 76.03
C19 PID AJ . 10.51 55.78 75.72
C20 PID AJ . 11.21 55.37 74.61
C21 PID AJ . 12.50 55.69 74.19
C22 PID AJ . 13.17 55.07 73.02
C23 PID AJ . 14.34 55.46 72.59
C24 PID AJ . 15.53 55.82 72.19
C25 PID AJ . 16.54 54.77 71.71
C26 PID AJ . 17.53 55.45 70.76
C27 PID AJ . 16.88 56.53 69.95
C28 PID AJ . 16.50 57.70 70.83
C29 PID AJ . 15.90 57.30 72.17
C30 PID AJ . 17.44 57.28 67.70
C31 PID AJ . 16.04 56.81 67.45
CM1 PID AJ . -3.93 58.86 76.46
CM2 PID AJ . -3.99 54.39 78.18
CM3 PID AJ . -4.34 55.67 80.29
CM4 PID AJ . 4.36 55.24 76.27
CM5 PID AJ . 13.27 56.72 74.94
CM6 PID AJ . 17.29 54.14 72.89
CM7 PID AJ . 15.81 53.65 70.96
CM8 PID AJ . 16.85 57.68 73.30
O1 PID AJ . -4.08 58.17 78.86
O2 PID AJ . -8.08 56.98 78.41
O3 PID AJ . -0.03 57.32 75.85
O4 PID AJ . 1.90 56.82 76.90
O5 PID AJ . 14.71 58.10 72.30
O6 PID AJ . 17.85 57.03 68.98
O7 PID AJ . 18.15 57.80 66.89
C1 PID BJ . -8.80 36.23 77.68
C2 PID BJ . -9.90 37.02 77.02
C3 PID BJ . -10.40 36.32 75.78
C4 PID BJ . -9.24 36.03 74.84
C5 PID BJ . -8.21 35.05 75.41
C6 PID BJ . -8.00 35.26 76.92
C7 PID BJ . -6.68 34.75 77.47
C8 PID BJ . -6.64 33.91 78.52
C9 PID BJ . -5.52 33.37 79.14
C10 PID BJ . -4.11 33.54 78.79
C11 PID BJ . -5.55 32.52 80.25
C12 PID BJ . -4.22 32.04 80.50
C13 PID BJ . -3.87 31.05 81.46
C14 PID BJ . -2.68 30.50 81.75
C15 PID BJ . -2.65 29.24 82.30
C16 PID BJ . -1.58 28.39 82.48
C17 PID BJ . -1.54 27.10 83.00
C18 PID BJ . -0.45 26.25 83.13
C19 PID BJ . -0.42 24.99 83.69
C20 PID BJ . 0.62 24.11 83.90
C21 PID BJ . 0.61 22.88 84.58
C22 PID BJ . 1.82 22.08 84.86
C23 PID BJ . 2.09 21.52 86.00
C24 PID BJ . 2.32 20.90 87.12
C25 PID BJ . 3.25 19.67 87.18
C26 PID BJ . 2.62 18.61 88.10
C27 PID BJ . 2.26 19.19 89.46
C28 PID BJ . 1.22 20.28 89.29
C29 PID BJ . 1.73 21.43 88.44
C30 PID BJ . 2.51 17.42 91.10
C31 PID BJ . 3.84 18.07 91.28
CM1 PID BJ . -8.24 36.83 78.94
CM2 PID BJ . -6.92 35.28 74.61
CM3 PID BJ . -8.72 33.63 75.13
CM4 PID BJ . -1.37 31.21 81.53
CM5 PID BJ . -0.69 22.31 85.00
CM6 PID BJ . 3.42 19.07 85.78
CM7 PID BJ . 4.63 20.05 87.72
CM8 PID BJ . 0.62 22.44 88.22
O1 PID BJ . -9.10 34.81 77.74
O2 PID BJ . -11.35 37.15 75.12
O3 PID BJ . -3.55 34.21 77.96
O4 PID BJ . -3.36 32.74 79.65
O5 PID BJ . 2.76 22.05 89.23
O6 PID BJ . 1.68 18.16 90.31
O7 PID BJ . 2.18 16.39 91.59
C DD6 CJ . -0.43 41.60 72.97
C1 DD6 CJ . 0.81 42.14 73.61
C10 DD6 CJ . -1.32 50.71 69.74
C11 DD6 CJ . -1.47 52.03 69.79
C12 DD6 CJ . -0.76 52.85 70.83
C13 DD6 CJ . -2.34 52.68 68.79
C14 DD6 CJ . -2.76 53.93 68.91
C15 DD6 CJ . -3.64 54.49 67.80
C16 DD6 CJ . -2.96 55.14 66.61
C17 DD6 CJ . -3.91 56.09 65.91
C18 DD6 CJ . -5.26 55.45 65.67
C19 DD6 CJ . -5.98 55.33 66.99
C2 DD6 CJ . 1.16 43.42 73.43
C20 DD6 CJ . -5.15 54.54 67.99
C21 DD6 CJ . -5.74 54.14 69.34
C22 DD6 CJ . -2.52 54.07 65.62
C23 DD6 CJ . -1.74 55.91 67.09
C24 DD6 CJ . 1.67 41.28 74.44
C25 DD6 CJ . 1.43 39.98 74.59
C26 DD6 CJ . 2.34 39.20 75.42
C27 DD6 CJ . 2.25 37.86 75.48
C28 DD6 CJ . 1.19 37.15 74.71
C29 DD6 CJ . 3.03 37.19 76.21
C3 DD6 CJ . 0.36 44.32 72.60
C30 DD6 CJ . 3.85 36.63 76.84
C31 DD6 CJ . 4.74 36.07 77.54
C32 DD6 CJ . 5.94 35.50 76.83
C33 DD6 CJ . 6.82 34.67 77.76
C34 DD6 CJ . 6.95 35.34 79.12
C35 DD6 CJ . 5.59 35.32 79.77
C36 DD6 CJ . 4.58 35.99 78.87
C37 DD6 CJ . 3.32 36.52 79.50
C4 DD6 CJ . 0.68 45.61 72.54
C40 DD6 CJ . 6.72 36.65 76.24
C41 DD6 CJ . 5.42 34.61 75.71
C5 DD6 CJ . -0.11 46.50 71.69
C6 DD6 CJ . 0.15 47.81 71.63
C7 DD6 CJ . 1.26 48.41 72.42
C8 DD6 CJ . -0.66 48.65 70.74
C9 DD6 CJ . -0.48 49.97 70.66
O1 DD6 CJ . -4.50 53.43 67.35
O2 DD6 CJ . -6.02 56.25 64.76
O4 DD6 CJ . 7.88 34.61 79.92
MG CLA DJ . -7.62 58.11 84.66
CHA CLA DJ . -9.81 55.50 85.30
CHB CLA DJ . -10.08 60.35 85.37
CHC CLA DJ . -5.45 60.65 83.83
CHD CLA DJ . -5.10 55.74 83.88
NA CLA DJ . -9.61 57.93 85.28
C1A CLA DJ . -10.34 56.76 85.48
C2A CLA DJ . -11.77 57.08 85.94
C3A CLA DJ . -11.78 58.62 86.06
C4A CLA DJ . -10.39 59.02 85.54
CMA CLA DJ . -12.89 59.25 85.26
CAA CLA DJ . -12.12 56.44 87.28
CBA CLA DJ . -11.15 56.82 88.38
CGA CLA DJ . -11.57 56.14 89.66
O1A CLA DJ . -12.68 56.08 90.18
O2A CLA DJ . -10.52 55.53 90.30
NB CLA DJ . -7.74 60.12 84.60
C1B CLA DJ . -8.85 60.85 84.90
C2B CLA DJ . -8.58 62.29 84.66
C3B CLA DJ . -7.28 62.39 84.22
C4B CLA DJ . -6.72 61.01 84.19
CMB CLA DJ . -9.57 63.35 84.88
CAB CLA DJ . -6.50 63.56 83.87
CBB CLA DJ . -5.91 63.76 82.68
NC CLA DJ . -5.62 58.17 84.02
C1C CLA DJ . -4.93 59.32 83.77
C2C CLA DJ . -3.58 59.01 83.35
C3C CLA DJ . -3.47 57.62 83.35
C4C CLA DJ . -4.76 57.09 83.78
CMC CLA DJ . -2.55 60.00 83.00
CAC CLA DJ . -2.28 56.82 83.00
CBC CLA DJ . -1.51 56.37 84.22
ND CLA DJ . -7.39 56.10 84.68
C1D CLA DJ . -6.32 55.24 84.30
C2D CLA DJ . -6.75 53.84 84.42
C3D CLA DJ . -8.09 53.88 84.79
C4D CLA DJ . -8.45 55.31 84.92
CMD CLA DJ . -5.90 52.68 84.15
CAD CLA DJ . -9.27 53.10 85.14
OBD CLA DJ . -9.40 51.89 85.26
CBD CLA DJ . -10.42 54.13 85.39
CGD CLA DJ . -11.52 53.99 84.36
O1D CLA DJ . -11.40 53.74 83.15
O2D CLA DJ . -12.77 54.18 84.85
CED CLA DJ . -13.73 54.81 84.00
C1 CLA DJ . -9.57 56.38 90.96
C2 CLA DJ . -8.54 55.50 91.57
MG CLA EJ . -7.44 51.76 71.14
CHA CLA EJ . -10.22 53.79 70.72
CHB CLA EJ . -8.70 49.58 68.85
CHC CLA EJ . -4.59 49.87 71.47
CHD CLA EJ . -6.13 54.11 73.45
NA CLA EJ . -9.20 51.70 70.01
C1A CLA EJ . -10.22 52.66 69.96
C2A CLA EJ . -11.31 52.24 68.99
C3A CLA EJ . -10.86 50.84 68.51
C4A CLA EJ . -9.48 50.68 69.15
CMA CLA EJ . -11.82 49.77 68.94
CAA CLA EJ . -11.39 53.20 67.80
CBA CLA EJ . -10.03 53.68 67.35
CGA CLA EJ . -9.43 52.73 66.36
O1A CLA EJ . -9.85 52.39 65.26
O2A CLA EJ . -8.24 52.21 66.79
NB CLA EJ . -6.76 50.06 70.30
C1B CLA EJ . -7.42 49.31 69.37
C2B CLA EJ . -6.59 48.14 68.99
C3B CLA EJ . -5.43 48.21 69.73
C4B CLA EJ . -5.53 49.43 70.59
CMB CLA EJ . -7.04 47.14 68.01
CAB CLA EJ . -4.28 47.34 69.79
CBB CLA EJ . -4.26 46.02 69.57
NC CLA EJ . -5.71 51.94 72.29
C1C CLA EJ . -4.68 51.04 72.28
C2C CLA EJ . -3.64 51.47 73.20
C3C CLA EJ . -4.04 52.69 73.74
C4C CLA EJ . -5.36 52.98 73.15
CMC CLA EJ . -2.39 50.74 73.48
CAC CLA EJ . -3.32 53.51 74.72
CBC CLA EJ . -2.55 54.64 74.07
ND CLA EJ . -8.03 53.49 72.01
C1D CLA EJ . -7.39 54.36 72.93
C2D CLA EJ . -8.29 55.51 73.21
C3D CLA EJ . -9.40 55.34 72.40
C4D CLA EJ . -9.17 54.08 71.66
CMD CLA EJ . -8.00 56.59 74.15
CAD CLA EJ . -10.71 55.85 72.01
OBD CLA EJ . -11.34 56.80 72.45
CBD CLA EJ . -11.21 54.93 70.85
CGD CLA EJ . -12.62 54.40 71.05
O1D CLA EJ . -12.97 53.46 71.76
O2D CLA EJ . -13.56 55.08 70.34
CED CLA EJ . -14.93 54.75 70.59
C1 CLA EJ . -7.62 51.26 65.90
C2 CLA EJ . -6.29 50.92 66.45
C3 CLA EJ . -5.33 50.36 65.70
C4 CLA EJ . -5.56 50.06 64.26
C5 CLA EJ . -4.00 50.04 66.27
C6 CLA EJ . -2.87 50.30 65.30
C7 CLA EJ . -1.56 50.54 66.03
C8 CLA EJ . -0.47 51.04 65.10
C9 CLA EJ . -0.29 50.10 63.92
C10 CLA EJ . 0.85 51.22 65.84
C11 CLA EJ . 0.78 52.35 66.84
C12 CLA EJ . 2.14 52.71 67.38
C13 CLA EJ . 2.71 51.61 68.27
C14 CLA EJ . 2.61 51.98 69.73
C15 CLA EJ . 4.16 51.30 67.91
C16 CLA EJ . 4.76 50.28 68.86
C17 CLA EJ . 6.27 50.28 68.79
C18 CLA EJ . 6.81 48.88 68.51
C19 CLA EJ . 6.85 48.61 67.02
C20 CLA EJ . 8.19 48.71 69.11
NB KC1 FJ . -0.51 44.06 67.64
ND KC1 FJ . -2.52 40.82 66.78
C1A KC1 FJ . -4.01 43.10 65.43
C1B KC1 FJ . -0.84 45.32 67.25
C1C KC1 FJ . 0.92 41.81 68.91
C1D KC1 FJ . -2.25 39.55 67.18
C2A KC1 FJ . -4.69 44.24 64.82
C2B KC1 FJ . 0.12 46.24 67.75
C2C KC1 FJ . 1.59 40.69 69.55
C2D KC1 FJ . -3.26 38.72 66.63
C3A KC1 FJ . -3.94 45.35 65.19
C3B KC1 FJ . 1.05 45.51 68.45
C3C KC1 FJ . 0.88 39.57 69.27
C3D KC1 FJ . -4.13 39.52 65.89
C4A KC1 FJ . -2.87 44.92 65.97
C4B KC1 FJ . 0.62 44.13 68.35
C4C KC1 FJ . -0.25 39.98 68.46
C4D KC1 FJ . -3.63 40.83 66.01
CAA KC1 FJ . -5.91 44.25 64.00
CAB KC1 FJ . 2.24 46.03 69.15
CAC KC1 FJ . 1.20 38.17 69.72
CAD KC1 FJ . -5.34 39.56 65.04
CBA KC1 FJ . -7.09 43.94 64.57
CBB KC1 FJ . 3.46 45.75 68.70
CBC KC1 FJ . 0.40 37.84 70.98
CBD KC1 FJ . -5.43 41.01 64.59
CED KC1 FJ . -5.78 41.77 60.91
CGA KC1 FJ . -8.30 44.09 63.85
CGD KC1 FJ . -5.16 41.11 63.12
CHA KC1 FJ . -4.38 41.75 65.36
CHB KC1 FJ . -1.91 45.77 66.51
CHC KC1 FJ . 1.34 43.13 68.96
CHD KC1 FJ . -1.23 39.09 67.97
CMA KC1 FJ . -4.25 46.78 64.80
CMB KC1 FJ . 0.13 47.73 67.54
CMC KC1 FJ . 2.86 40.76 70.36
CMD KC1 FJ . -3.37 37.22 66.80
NA KC1 FJ . -2.90 43.55 66.12
NC KC1 FJ . -0.20 41.34 68.26
O1A KC1 FJ . -8.29 44.56 62.73
O1D KC1 FJ . -4.01 41.12 62.72
O2A KC1 FJ . -9.46 43.67 64.39
O2D KC1 FJ . -6.14 41.49 62.28
OBD KC1 FJ . -5.85 38.61 64.50
MG KC1 FJ . -1.54 42.46 67.19
MG CLA GJ . 2.69 33.06 83.61
CHA CLA GJ . 5.41 31.04 84.37
CHB CLA GJ . 3.08 32.34 80.30
CHC CLA GJ . -0.10 34.95 82.92
CHD CLA GJ . 2.41 33.88 87.04
NA CLA GJ . 4.03 31.87 82.54
C1A CLA GJ . 5.08 31.09 83.04
C2A CLA GJ . 5.82 30.36 81.92
C3A CLA GJ . 5.14 30.91 80.64
C4A CLA GJ . 3.98 31.76 81.17
CMA CLA GJ . 6.11 31.74 79.85
CAA CLA GJ . 5.64 28.86 82.03
CBA CLA GJ . 4.25 28.41 81.66
CGA CLA GJ . 3.45 28.21 82.91
O1A CLA GJ . 3.64 27.42 83.83
O2A CLA GJ . 2.36 29.04 82.98
NB CLA GJ . 1.68 33.55 81.93
C1B CLA GJ . 2.00 33.16 80.67
C2B CLA GJ . 1.04 33.75 79.70
C3B CLA GJ . 0.14 34.49 80.43
C4B CLA GJ . 0.53 34.37 81.86
CMB CLA GJ . 1.12 33.51 78.25
CAB CLA GJ . -1.00 35.26 79.99
CBB CLA GJ . -1.02 36.13 78.98
NC CLA GJ . 1.39 34.19 84.78
C1C CLA GJ . 0.29 34.86 84.29
C2C CLA GJ . -0.41 35.52 85.39
C3C CLA GJ . 0.31 35.25 86.55
C4C CLA GJ . 1.44 34.41 86.16
CMC CLA GJ . -1.64 36.31 85.24
CAC CLA GJ . -0.02 35.70 87.91
CBC CLA GJ . -0.80 34.66 88.68
ND CLA GJ . 3.61 32.60 85.34
C1D CLA GJ . 3.43 33.04 86.68
C2D CLA GJ . 4.47 32.43 87.54
C3D CLA GJ . 5.23 31.62 86.71
C4D CLA GJ . 4.67 31.78 85.35
CMD CLA GJ . 4.60 32.64 88.98
CAD CLA GJ . 6.36 30.71 86.62
OBD CLA GJ . 7.07 30.25 87.51
CBD CLA GJ . 6.53 30.35 85.11
CGD CLA GJ . 7.87 30.78 84.58
O1D CLA GJ . 8.11 31.42 83.54
O2D CLA GJ . 8.93 30.42 85.36
CED CLA GJ . 9.77 31.48 85.84
C1 CLA GJ . 1.67 29.07 84.25
C2 CLA GJ . 0.73 30.22 84.21
C3 CLA GJ . -0.11 30.49 85.21
C4 CLA GJ . -0.19 29.66 86.43
C5 CLA GJ . -1.04 31.66 85.14
C6 CLA GJ . -2.50 31.26 85.21
MG CLA HJ . -5.84 34.20 68.76
CHA CLA HJ . -7.45 37.13 67.79
CHB CLA HJ . -7.93 32.40 66.78
CHC CLA HJ . -4.13 31.36 69.65
CHD CLA HJ . -3.67 36.14 70.79
NA CLA HJ . -7.45 34.71 67.51
C1A CLA HJ . -7.96 35.98 67.23
C2A CLA HJ . -9.15 35.89 66.27
C3A CLA HJ . -9.31 34.38 66.02
C4A CLA HJ . -8.16 33.76 66.82
CMA CLA HJ . -10.66 33.86 66.46
CAA CLA HJ . -8.89 36.61 64.96
CBA CLA HJ . -7.68 36.02 64.25
CGA CLA HJ . -7.75 36.34 62.79
O1A CLA HJ . -8.44 37.19 62.21
O2A CLA HJ . -6.90 35.57 62.04
NB CLA HJ . -5.95 32.26 68.24
C1B CLA HJ . -6.92 31.71 67.47
C2B CLA HJ . -6.78 30.22 67.47
C3B CLA HJ . -5.71 29.93 68.27
C4B CLA HJ . -5.18 31.22 68.79
CMB CLA HJ . -7.69 29.34 66.74
CAB CLA HJ . -5.15 28.66 68.66
CBB CLA HJ . -4.91 27.63 67.84
NC CLA HJ . -4.22 33.83 70.01
C1C CLA HJ . -3.69 32.58 70.23
C2C CLA HJ . -2.55 32.68 71.16
C3C CLA HJ . -2.42 34.03 71.48
C4C CLA HJ . -3.47 34.75 70.75
CMC CLA HJ . -1.76 31.56 71.63
CAC CLA HJ . -1.42 34.64 72.38
CBC CLA HJ . -1.84 34.62 73.83
ND CLA HJ . -5.65 36.14 69.32
C1D CLA HJ . -4.67 36.80 70.12
C2D CLA HJ . -4.94 38.25 70.10
C3D CLA HJ . -6.00 38.44 69.22
C4D CLA HJ . -6.37 37.10 68.74
CMD CLA HJ . -4.19 39.25 70.86
CAD CLA HJ . -6.90 39.39 68.61
OBD CLA HJ . -6.99 40.60 68.79
CBD CLA HJ . -7.79 38.60 67.60
CGD CLA HJ . -9.26 38.88 67.73
O1D CLA HJ . -10.12 38.21 68.32
O2D CLA HJ . -9.68 40.01 67.10
CED CLA HJ . -10.94 39.98 66.43
C1 CLA HJ . -5.54 35.46 62.49
MG CLA IJ . -12.52 41.54 83.16
CHA CLA IJ . -15.63 40.48 81.98
CHB CLA IJ . -13.98 44.30 84.52
CHC CLA IJ . -9.48 42.42 84.48
CHD CLA IJ . -11.06 38.67 81.69
NA CLA IJ . -14.48 42.26 83.21
C1A CLA IJ . -15.64 41.66 82.69
C2A CLA IJ . -16.87 42.52 82.96
C3A CLA IJ . -16.28 43.81 83.57
C4A CLA IJ . -14.82 43.44 83.81
CMA CLA IJ . -16.40 44.93 82.58
CAA CLA IJ . -17.77 41.86 83.99
CBA CLA IJ . -19.11 41.42 83.43
CGA CLA IJ . -19.85 42.55 82.79
O1A CLA IJ . -19.56 43.74 82.71
O2A CLA IJ . -21.03 42.15 82.23
NB CLA IJ . -11.85 43.07 84.29
C1B CLA IJ . -12.61 44.09 84.77
C2B CLA IJ . -11.76 45.00 85.59
C3B CLA IJ . -10.49 44.47 85.58
C4B CLA IJ . -10.54 43.23 84.75
CMB CLA IJ . -12.29 46.20 86.24
CAB CLA IJ . -9.29 44.96 86.22
CBB CLA IJ . -8.15 45.25 85.60
NC CLA IJ . -10.61 40.70 83.06
C1C CLA IJ . -9.52 41.23 83.69
C2C CLA IJ . -8.35 40.39 83.43
C3C CLA IJ . -8.79 39.33 82.65
C4C CLA IJ . -10.22 39.53 82.42
CMC CLA IJ . -7.01 40.65 83.94
CAC CLA IJ . -7.98 38.21 82.15
CBC CLA IJ . -8.26 36.92 82.89
ND CLA IJ . -13.12 39.97 82.03
C1D CLA IJ . -12.41 38.85 81.49
C2D CLA IJ . -13.36 37.98 80.75
C3D CLA IJ . -14.61 38.57 80.91
C4D CLA IJ . -14.41 39.78 81.72
CMD CLA IJ . -13.01 36.76 80.05
CAD CLA IJ . -16.03 38.49 80.59
OBD CLA IJ . -16.63 37.67 79.91
CBD CLA IJ . -16.72 39.70 81.30
CGD CLA IJ . -17.52 40.55 80.35
O1D CLA IJ . -17.33 41.74 80.06
O2D CLA IJ . -18.55 39.90 79.75
CED CLA IJ . -19.52 39.26 80.59
C1 CLA IJ . -21.92 41.40 83.09
C2 CLA IJ . -23.15 41.12 82.29
NB KC1 JJ . -4.83 48.11 88.14
ND KC1 JJ . -6.89 51.44 88.27
C1A KC1 JJ . -8.85 49.20 88.95
C1B KC1 JJ . -5.28 46.89 88.51
C1C KC1 JJ . -3.00 50.29 87.34
C1D KC1 JJ . -6.43 52.69 88.10
C2A KC1 JJ . -9.72 48.10 89.36
C2B KC1 JJ . -4.25 45.94 88.35
C2C KC1 JJ . -2.09 51.39 87.02
C2D KC1 JJ . -7.54 53.57 88.25
C3A KC1 JJ . -8.90 46.98 89.41
C3B KC1 JJ . -3.15 46.61 87.87
C3C KC1 JJ . -2.78 52.54 87.17
C3D KC1 JJ . -8.67 52.78 88.51
C4A KC1 JJ . -7.60 47.38 89.04
C4B KC1 JJ . -3.55 47.98 87.75
C4C KC1 JJ . -4.14 52.19 87.57
C4D KC1 JJ . -8.22 51.45 88.52
CAA KC1 JJ . -11.14 48.15 89.66
CAB KC1 JJ . -1.83 46.03 87.55
CAC KC1 JJ . -2.25 53.93 86.95
CAD KC1 JJ . -10.11 52.75 88.80
CBA KC1 JJ . -12.00 48.63 88.72
CBB KC1 JJ . -0.77 46.33 88.28
CBC KC1 JJ . -1.77 54.50 88.29
CBD KC1 JJ . -10.30 51.36 89.37
CED KC1 JJ . -12.40 51.99 91.38
CGA KC1 JJ . -13.40 48.48 88.88
CGD KC1 JJ . -10.14 51.40 90.87
CHA KC1 JJ . -9.21 50.55 88.76
CHB KC1 JJ . -6.51 46.51 88.98
CHC KC1 JJ . -2.67 48.94 87.30
CHD KC1 JJ . -5.15 53.12 87.83
CMA KC1 JJ . -9.34 45.58 89.78
CMB KC1 JJ . -4.36 44.47 88.65
CMC KC1 JJ . -0.65 51.26 86.61
CMD KC1 JJ . -7.50 55.06 88.15
NA KC1 JJ . -7.56 48.73 88.76
NC KC1 JJ . -4.22 50.81 87.66
O1A KC1 JJ . -13.84 47.98 89.90
O1D KC1 JJ . -9.10 51.73 91.37
O2A KC1 JJ . -14.20 48.61 87.81
O2D KC1 JJ . -11.21 51.20 91.66
OBD KC1 JJ . -10.98 53.50 88.39
MG KC1 JJ . -5.89 49.76 88.19
MG CLA KJ . 10.83 52.47 79.39
CHA CLA KJ . 14.27 52.67 79.77
CHB CLA KJ . 10.46 52.48 82.76
CHC CLA KJ . 7.43 52.26 78.94
CHD CLA KJ . 11.29 52.23 75.89
NA CLA KJ . 12.17 52.59 80.99
C1A CLA KJ . 13.57 52.66 80.95
C2A CLA KJ . 14.15 52.72 82.35
C3A CLA KJ . 12.93 52.57 83.27
C4A CLA KJ . 11.75 52.56 82.30
CMA CLA KJ . 12.99 51.32 84.10
CAA CLA KJ . 14.86 54.06 82.59
NB CLA KJ . 9.25 52.26 80.62
C1B CLA KJ . 9.31 52.46 81.97
C2B CLA KJ . 7.93 52.65 82.51
C3B CLA KJ . 7.07 52.59 81.44
C4B CLA KJ . 7.90 52.36 80.22
CMB CLA KJ . 7.64 52.89 83.92
CAB CLA KJ . 5.64 52.73 81.38
CBB CLA KJ . 4.96 53.81 81.80
NC CLA KJ . 9.59 52.32 77.71
C1C CLA KJ . 8.22 52.25 77.77
C2C CLA KJ . 7.68 52.13 76.41
C3C CLA KJ . 8.77 52.11 75.54
C4C CLA KJ . 9.96 52.22 76.36
CMC CLA KJ . 6.25 52.06 76.10
CAC CLA KJ . 8.71 52.00 74.07
CBC CLA KJ . 8.36 53.30 73.39
ND CLA KJ . 12.36 52.66 78.06
C1D CLA KJ . 12.41 52.42 76.66
C2D CLA KJ . 13.83 52.47 76.22
C3D CLA KJ . 14.59 52.64 77.37
C4D CLA KJ . 13.62 52.67 78.49
CMD CLA KJ . 14.29 52.37 74.83
CAD CLA KJ . 15.91 52.79 77.94
OBD CLA KJ . 16.99 53.01 77.39
CBD CLA KJ . 15.75 52.62 79.49
CGD CLA KJ . 16.33 51.31 79.95
O1D CLA KJ . 16.47 50.91 81.10
O2D CLA KJ . 16.71 50.50 78.93
CED CLA KJ . 15.80 49.50 78.47
MG CLA LJ . 8.22 32.43 71.72
CHA CLA LJ . 11.27 33.98 71.13
CHB CLA LJ . 6.78 35.48 72.20
CHC CLA LJ . 5.20 30.86 72.20
CHD CLA LJ . 9.79 29.28 71.28
NA CLA LJ . 8.94 34.40 71.67
C1A CLA LJ . 10.24 34.84 71.40
C2A CLA LJ . 10.33 36.36 71.47
C3A CLA LJ . 8.91 36.79 71.92
C4A CLA LJ . 8.13 35.48 71.93
CMA CLA LJ . 8.92 37.45 73.27
CAA CLA LJ . 10.62 36.93 70.09
CBA CLA LJ . 11.64 38.05 70.14
CGA CLA LJ . 12.66 37.84 69.07
O1A CLA LJ . 12.49 37.71 67.85
O2A CLA LJ . 13.94 37.80 69.55
NB CLA LJ . 6.36 33.04 72.17
C1B CLA LJ . 5.95 34.33 72.25
C2B CLA LJ . 4.47 34.39 72.41
C3B CLA LJ . 4.02 33.09 72.41
C4B CLA LJ . 5.21 32.22 72.26
CMB CLA LJ . 3.74 35.66 72.53
CAB CLA LJ . 2.68 32.57 72.53
CBB CLA LJ . 1.75 32.98 73.39
NC CLA LJ . 7.62 30.43 71.73
C1C CLA LJ . 6.34 30.01 71.95
C2C CLA LJ . 6.26 28.57 71.89
C3C CLA LJ . 7.56 28.11 71.64
C4C CLA LJ . 8.41 29.30 71.55
CMC CLA LJ . 5.03 27.79 72.04
CAC CLA LJ . 8.01 26.72 71.48
CBC CLA LJ . 8.69 26.19 72.73
ND CLA LJ . 10.06 31.72 71.26
C1D CLA LJ . 10.58 30.41 71.15
C2D CLA LJ . 12.03 30.48 70.85
C3D CLA LJ . 12.33 31.83 70.80
C4D CLA LJ . 11.08 32.55 71.09
CMD CLA LJ . 12.90 29.32 70.64
CAD CLA LJ . 13.39 32.82 70.61
OBD CLA LJ . 14.56 32.66 70.29
CBD CLA LJ . 12.74 34.21 70.85
CGD CLA LJ . 13.41 34.93 72.00
O1D CLA LJ . 13.56 36.15 72.13
O2D CLA LJ . 13.89 34.09 72.95
CED CLA LJ . 15.26 34.20 73.33
C1 CLA LJ . 14.78 36.73 69.06
MG CLA MJ . 2.41 -32.70 46.60
CHA CLA MJ . 3.78 -35.33 48.42
CHB CLA MJ . 0.73 -34.93 44.64
CHC CLA MJ . 0.98 -30.06 44.93
CHD CLA MJ . 4.23 -30.42 48.63
NA CLA MJ . 2.30 -34.79 46.55
C1A CLA MJ . 2.93 -35.70 47.40
C2A CLA MJ . 2.56 -37.13 47.01
C3A CLA MJ . 1.75 -36.97 45.70
C4A CLA MJ . 1.56 -35.45 45.62
CMA CLA MJ . 2.51 -37.52 44.51
CAA CLA MJ . 1.67 -37.78 48.06
CBA CLA MJ . 0.90 -36.78 48.91
CGA CLA MJ . -0.51 -36.63 48.45
O1A CLA MJ . -1.05 -37.06 47.42
O2A CLA MJ . -1.28 -35.89 49.31
NB CLA MJ . 1.13 -32.53 45.06
C1B CLA MJ . 0.49 -33.56 44.45
C2B CLA MJ . -0.56 -33.03 43.52
C3B CLA MJ . -0.49 -31.65 43.59
C4B CLA MJ . 0.58 -31.32 44.58
CMB CLA MJ . -1.42 -33.88 42.70
CAB CLA MJ . -1.26 -30.66 42.89
CBB CLA MJ . -2.18 -29.87 43.45
NC CLA MJ . 2.62 -30.62 46.73
C1C CLA MJ . 1.96 -29.73 45.94
C2C CLA MJ . 2.33 -28.37 46.29
C3C CLA MJ . 3.23 -28.46 47.35
C4C CLA MJ . 3.40 -29.89 47.62
CMC CLA MJ . 1.82 -27.17 45.63
CAC CLA MJ . 3.88 -27.33 48.06
CBC CLA MJ . 5.38 -27.27 47.92
ND CLA MJ . 3.72 -32.78 48.14
C1D CLA MJ . 4.39 -31.77 48.88
C2D CLA MJ . 5.23 -32.41 49.92
C3D CLA MJ . 5.02 -33.77 49.80
C4D CLA MJ . 4.08 -33.95 48.67
CMD CLA MJ . 6.07 -31.69 50.88
CAD CLA MJ . 5.35 -35.10 50.29
OBD CLA MJ . 6.10 -35.42 51.21
CBD CLA MJ . 4.57 -36.13 49.42
CGD CLA MJ . 5.51 -37.11 48.77
O1D CLA MJ . 6.71 -36.96 48.54
O2D CLA MJ . 4.93 -38.30 48.43
CED CLA MJ . 5.51 -39.03 47.34
C1 CLA MJ . -2.29 -36.61 50.05
C2 CLA MJ . -3.19 -35.58 50.64
C3 CLA MJ . -2.92 -34.93 51.78
C4 CLA MJ . -1.67 -35.18 52.55
C5 CLA MJ . -3.84 -33.90 52.32
C6 CLA MJ . -4.58 -34.37 53.57
C7 CLA MJ . -5.09 -33.19 54.37
C8 CLA MJ . -6.31 -33.55 55.22
C9 CLA MJ . -7.33 -34.26 54.37
C10 CLA MJ . -6.92 -32.30 55.85
C11 CLA MJ . -7.15 -32.47 57.34
C12 CLA MJ . -5.91 -32.12 58.13
C13 CLA MJ . -6.21 -32.08 59.63
C14 CLA MJ . -7.42 -31.22 59.92
C15 CLA MJ . -4.99 -31.58 60.41
C DD6 NJ . -3.63 12.24 64.68
C1 DD6 NJ . -4.34 13.50 65.08
C10 DD6 NJ . 2.88 14.32 71.45
C11 DD6 NJ . 3.28 14.69 72.67
C12 DD6 NJ . 2.34 15.44 73.57
C13 DD6 NJ . 4.64 14.36 73.15
C14 DD6 NJ . 5.24 15.25 73.95
C15 DD6 NJ . 6.63 15.08 74.53
C16 DD6 NJ . 6.81 15.08 76.04
C17 DD6 NJ . 7.47 16.38 76.46
C18 DD6 NJ . 8.90 16.47 75.93
C19 DD6 NJ . 8.97 16.34 74.40
C2 DD6 NJ . -3.76 14.34 65.96
C20 DD6 NJ . 7.71 15.81 73.72
C21 DD6 NJ . 7.35 16.36 72.35
C22 DD6 NJ . 7.64 13.87 76.48
C23 DD6 NJ . 5.44 14.99 76.70
C24 DD6 NJ . -5.67 13.76 64.54
C25 DD6 NJ . -6.13 12.96 63.58
C26 DD6 NJ . -7.46 13.16 63.00
C27 DD6 NJ . -7.91 12.35 62.03
C28 DD6 NJ . -7.03 11.25 61.51
C29 DD6 NJ . -9.04 12.49 61.52
C3 DD6 NJ . -2.43 14.01 66.48
C30 DD6 NJ . -10.11 12.60 61.03
C31 DD6 NJ . -11.26 12.63 60.51
C32 DD6 NJ . -11.45 12.97 59.06
C33 DD6 NJ . -12.75 13.70 58.87
C34 DD6 NJ . -13.86 12.81 59.40
C35 DD6 NJ . -13.72 12.81 60.92
C36 DD6 NJ . -12.32 12.35 61.29
C37 DD6 NJ . -12.11 11.55 62.55
C4 DD6 NJ . -1.99 14.56 67.61
C40 DD6 NJ . -11.51 11.71 58.23
C41 DD6 NJ . -10.25 13.76 58.57
C5 DD6 NJ . -0.65 14.23 68.11
C6 DD6 NJ . -0.23 14.69 69.30
C7 DD6 NJ . -1.11 15.56 70.13
C8 DD6 NJ . 1.13 14.35 69.77
C9 DD6 NJ . 1.53 14.67 70.99
O1 DD6 NJ . 7.61 14.38 73.76
O2 DD6 NJ . 9.45 17.74 76.31
O4 DD6 NJ . -15.15 13.34 59.07
C DD6 OJ . 4.00 23.19 41.75
C1 DD6 OJ . 3.02 23.18 40.65
C10 DD6 OJ . 10.89 23.37 35.25
C11 DD6 OJ . 11.47 23.62 34.08
C12 DD6 OJ . 10.65 23.95 32.89
C13 DD6 OJ . 12.94 23.59 34.00
C14 DD6 OJ . 13.62 22.46 33.96
C15 DD6 OJ . 15.12 22.58 33.89
C16 DD6 OJ . 15.81 22.82 32.55
C17 DD6 OJ . 17.28 22.49 32.61
C18 DD6 OJ . 17.95 23.11 33.83
C19 DD6 OJ . 17.48 22.35 35.04
C2 DD6 OJ . 3.46 23.02 39.40
C20 DD6 OJ . 15.94 22.60 35.23
C21 DD6 OJ . 15.28 21.97 36.44
C22 DD6 OJ . 15.66 24.29 32.18
C23 DD6 OJ . 15.14 21.98 31.48
C24 DD6 OJ . 1.60 23.40 40.94
C25 DD6 OJ . 1.25 23.75 42.17
C26 DD6 OJ . -0.15 24.00 42.42
C27 DD6 OJ . -0.59 24.35 43.62
C28 DD6 OJ . 0.36 24.50 44.76
C29 DD6 OJ . -1.80 24.59 43.77
C3 DD6 OJ . 4.90 22.86 39.22
C30 DD6 OJ . -2.94 24.89 43.85
C31 DD6 OJ . -4.12 25.28 43.90
C32 DD6 OJ . -4.38 26.74 44.00
C33 DD6 OJ . -5.78 26.94 44.52
C34 DD6 OJ . -6.71 26.31 43.51
C35 DD6 OJ . -6.53 24.80 43.54
C36 DD6 OJ . -5.11 24.40 43.85
C37 DD6 OJ . -4.81 22.96 44.10
C4 DD6 OJ . 5.44 23.05 38.01
C40 DD6 OJ . -3.36 27.39 44.93
C41 DD6 OJ . -4.27 27.34 42.61
C5 DD6 OJ . 6.87 22.93 37.85
C6 DD6 OJ . 7.42 23.25 36.68
C7 DD6 OJ . 6.57 23.70 35.54
C8 DD6 OJ . 8.88 23.17 36.52
C9 DD6 OJ . 9.43 23.43 35.35
O1 DD6 OJ . 15.40 23.77 34.65
O2 DD6 OJ . 19.36 22.98 33.73
O4 DD6 OJ . -8.04 26.63 43.87
C DD6 PJ . -4.96 21.58 59.55
C1 DD6 PJ . -5.87 22.44 58.76
C10 DD6 PJ . 1.41 22.56 52.38
C11 DD6 PJ . 1.98 23.14 51.33
C12 DD6 PJ . 1.25 24.24 50.63
C13 DD6 PJ . 3.30 22.74 50.83
C14 DD6 PJ . 4.20 22.21 51.64
C15 DD6 PJ . 5.56 21.78 51.15
C16 DD6 PJ . 6.78 22.59 51.54
C17 DD6 PJ . 7.97 22.26 50.68
C18 DD6 PJ . 8.15 20.76 50.53
C19 DD6 PJ . 7.07 20.29 49.58
C2 DD6 PJ . -5.48 22.83 57.54
C20 DD6 PJ . 5.68 20.53 50.23
C21 DD6 PJ . 4.47 19.98 49.55
C22 DD6 PJ . 7.12 22.26 52.99
C23 DD6 PJ . 6.45 24.06 51.42
C24 DD6 PJ . -7.16 22.76 59.38
C25 DD6 PJ . -7.37 22.34 60.62
C26 DD6 PJ . -8.65 22.60 61.28
C27 DD6 PJ . -9.01 21.87 62.34
C28 DD6 PJ . -8.10 20.79 62.82
C29 DD6 PJ . -10.11 22.06 62.90
C3 DD6 PJ . -4.17 22.43 57.04
C30 DD6 PJ . -11.17 22.18 63.39
C31 DD6 PJ . -12.32 22.24 63.88
C32 DD6 PJ . -12.55 22.36 65.35
C33 DD6 PJ . -14.02 22.07 65.60
C34 DD6 PJ . -14.87 23.06 64.84
C35 DD6 PJ . -14.61 22.95 63.35
C36 DD6 PJ . -13.37 22.15 63.08
C37 DD6 PJ . -13.33 21.25 61.89
C4 DD6 PJ . -3.75 22.76 55.81
C40 DD6 PJ . -11.69 21.36 66.07
C41 DD6 PJ . -12.22 23.77 65.79
C5 DD6 PJ . -2.44 22.34 55.34
C6 DD6 PJ . -1.91 22.81 54.21
C7 DD6 PJ . -2.66 23.80 53.37
C8 DD6 PJ . -0.57 22.36 53.77
C9 DD6 PJ . 0.08 23.00 52.81
O1 DD6 PJ . 5.75 20.45 51.64
O2 DD6 PJ . 9.42 20.47 49.96
O4 DD6 PJ . -16.25 22.76 65.05
C7 UIX QJ . 0.54 9.67 56.80
C8 UIX QJ . 1.28 10.80 60.01
C9 UIX QJ . 1.75 12.01 57.94
O1 UIX QJ . 5.11 9.32 60.26
C1 UIX QJ . 2.29 8.16 58.02
C5 UIX QJ . 3.80 9.32 59.71
C6 UIX QJ . 2.12 7.34 56.74
C4 UIX QJ . 3.52 10.64 59.02
O4 UIX QJ . -13.69 14.82 36.53
C3 UIX QJ . 3.70 8.25 58.63
O3 UIX QJ . -13.02 12.87 40.20
C2 UIX QJ . 2.04 10.73 58.70
C UIX QJ . 1.58 9.51 57.89
O UIX QJ . 1.15 8.49 58.80
C10 UIX QJ . -0.73 10.01 57.07
C11 UIX QJ . -1.72 10.16 55.99
C12 UIX QJ . -3.14 9.79 56.27
C13 UIX QJ . -1.35 10.62 54.78
C14 UIX QJ . -2.32 10.76 53.68
C15 UIX QJ . -10.82 11.08 38.73
C16 UIX QJ . -11.64 13.21 40.00
C17 UIX QJ . -10.71 11.95 37.48
C18 UIX QJ . -11.75 13.06 37.49
C19 UIX QJ . -11.49 13.97 38.68
C20 UIX QJ . -10.80 11.96 39.95
C21 UIX QJ . -9.67 10.09 38.77
C22 UIX QJ . -12.13 10.29 38.68
C23 UIX QJ . -2.94 11.89 53.37
C24 UIX QJ . -11.21 14.10 41.16
C25 UIX QJ . -10.10 11.64 40.95
C26 UIX QJ . -3.88 11.83 52.22
C27 UIX QJ . -12.51 14.96 36.20
C28 UIX QJ . -9.42 11.29 41.96
O2 UIX QJ . -11.63 13.81 36.27
C29 UIX QJ . -5.30 11.43 52.46
C30 UIX QJ . -3.47 12.09 50.98
C31 UIX QJ . -11.98 16.27 35.70
C32 UIX QJ . -8.22 12.02 42.40
C33 UIX QJ . -7.53 13.01 41.53
C34 UIX QJ . -4.42 11.97 49.87
C35 UIX QJ . -7.76 11.74 43.64
C36 UIX QJ . -6.59 12.32 44.29
C37 UIX QJ . -4.35 12.60 48.71
C38 UIX QJ . -6.50 12.12 45.61
C39 UIX QJ . -5.40 12.26 47.75
C40 UIX QJ . -5.39 12.60 46.45
C41 UIX QJ . -4.26 13.40 45.87
MG CLA RJ . -14.51 7.55 57.33
CHA CLA RJ . -15.13 7.84 53.93
CHB CLA RJ . -17.61 6.26 57.81
CHC CLA RJ . -13.82 7.26 60.69
CHD CLA RJ . -11.22 8.71 56.77
NA CLA RJ . -16.10 7.13 56.05
C1A CLA RJ . -16.17 7.31 54.66
C2A CLA RJ . -17.53 6.86 54.12
C3A CLA RJ . -18.28 6.37 55.37
C4A CLA RJ . -17.28 6.60 56.51
CMA CLA RJ . -19.58 7.11 55.59
CAA CLA RJ . -17.36 5.70 53.16
CBA CLA RJ . -16.44 4.64 53.73
CGA CLA RJ . -16.17 3.58 52.73
O1A CLA RJ . -16.92 3.13 51.85
O2A CLA RJ . -14.91 3.04 52.83
NB CLA RJ . -15.50 6.83 58.92
C1B CLA RJ . -16.79 6.43 58.93
C2B CLA RJ . -17.24 6.18 60.33
C3B CLA RJ . -16.18 6.47 61.15
C4B CLA RJ . -15.05 6.88 60.27
CMB CLA RJ . -18.60 5.75 60.68
CAB CLA RJ . -16.06 6.43 62.59
CBB CLA RJ . -16.89 7.04 63.44
NC CLA RJ . -12.83 7.96 58.50
C1C CLA RJ . -12.78 7.78 59.86
C2C CLA RJ . -11.46 8.17 60.37
C3C CLA RJ . -10.71 8.54 59.26
C4C CLA RJ . -11.57 8.39 58.09
CMC CLA RJ . -11.08 8.15 61.78
CAC CLA RJ . -9.32 9.03 59.27
CBC CLA RJ . -8.31 7.94 59.53
ND CLA RJ . -13.42 8.27 55.78
C1D CLA RJ . -12.07 8.68 55.68
C2D CLA RJ . -11.78 9.04 54.27
C3D CLA RJ . -12.94 8.78 53.56
C4D CLA RJ . -13.91 8.26 54.55
CMD CLA RJ . -10.51 9.57 53.81
CAD CLA RJ . -13.59 8.81 52.26
OBD CLA RJ . -13.21 9.27 51.20
CBD CLA RJ . -14.98 8.11 52.45
CGD CLA RJ . -16.13 8.93 51.91
O1D CLA RJ . -16.52 10.03 52.29
O2D CLA RJ . -16.78 8.33 50.86
CED CLA RJ . -18.19 8.51 50.76
C1 CLA RJ . -14.73 1.71 52.29
MG CLA SJ . -13.84 21.17 58.60
CHA CLA SJ . -17.27 20.74 58.95
CHB CLA SJ . -14.36 24.33 57.49
CHC CLA SJ . -10.44 21.59 58.41
CHD CLA SJ . -13.35 17.87 59.77
NA CLA SJ . -15.55 22.32 58.25
C1A CLA SJ . -16.89 21.97 58.48
C2A CLA SJ . -17.82 23.12 58.10
C3A CLA SJ . -16.87 24.16 57.48
C4A CLA SJ . -15.48 23.59 57.75
CMA CLA SJ . -17.14 24.36 56.02
CAA CLA SJ . -18.48 23.70 59.32
CBA CLA SJ . -17.66 24.84 59.87
CGA CLA SJ . -16.68 24.31 60.87
O1A CLA SJ . -16.58 23.16 61.28
O2A CLA SJ . -15.82 25.26 61.34
NB CLA SJ . -12.63 22.66 57.99
C1B CLA SJ . -13.02 23.92 57.69
C2B CLA SJ . -11.85 24.83 57.59
C3B CLA SJ . -10.73 24.06 57.85
C4B CLA SJ . -11.22 22.67 58.10
CMB CLA SJ . -11.96 26.26 57.28
CAB CLA SJ . -9.34 24.41 57.89
CBB CLA SJ . -8.70 25.17 57.00
NC CLA SJ . -12.20 19.94 58.98
C1C CLA SJ . -10.89 20.32 58.82
C2C CLA SJ . -10.02 19.21 59.17
C3C CLA SJ . -10.84 18.16 59.59
C4C CLA SJ . -12.21 18.63 59.47
CMC CLA SJ . -8.56 19.23 59.11
CAC CLA SJ . -10.41 16.83 60.05
CBC CLA SJ . -10.55 16.65 61.54
ND CLA SJ . -14.98 19.63 59.23
C1D CLA SJ . -14.66 18.31 59.67
C2D CLA SJ . -15.90 17.58 59.98
C3D CLA SJ . -16.94 18.47 59.73
C4D CLA SJ . -16.31 19.72 59.26
CMD CLA SJ . -15.93 16.20 60.47
CAD CLA SJ . -18.37 18.67 59.75
OBD CLA SJ . -19.27 17.90 60.09
CBD CLA SJ . -18.63 20.12 59.22
CGD CLA SJ . -19.50 20.10 57.99
O1D CLA SJ . -19.54 20.94 57.09
O2D CLA SJ . -20.31 19.02 57.89
CED CLA SJ . -21.61 19.18 57.34
C1 CLA SJ . -15.22 26.14 60.37
C2 CLA SJ . -14.06 26.79 61.04
C3 CLA SJ . -12.92 26.14 61.33
C4 CLA SJ . -12.72 24.71 61.00
C5 CLA SJ . -11.80 26.84 62.01
C6 CLA SJ . -10.46 26.19 61.78
C7 CLA SJ . -9.92 25.60 63.06
C8 CLA SJ . -9.55 26.67 64.09
C9 CLA SJ . -8.68 27.75 63.49
C10 CLA SJ . -8.83 26.05 65.29
C11 CLA SJ . -7.98 24.87 64.89
C12 CLA SJ . -6.54 25.07 65.26
C13 CLA SJ . -5.88 23.75 65.62
C14 CLA SJ . -6.41 23.23 66.94
C15 CLA SJ . -4.37 23.87 65.67
C16 CLA SJ . -3.76 23.64 64.30
C17 CLA SJ . -2.93 22.37 64.26
C18 CLA SJ . -3.80 21.12 64.33
C19 CLA SJ . -3.72 20.31 63.06
C20 CLA SJ . -3.42 20.26 65.52
MG CLA TJ . -4.37 28.99 56.18
CHA CLA TJ . -7.12 30.56 57.61
CHB CLA TJ . -4.41 26.65 58.64
CHC CLA TJ . -1.51 27.61 54.85
CHD CLA TJ . -4.33 31.48 53.66
NA CLA TJ . -5.62 28.65 57.81
C1A CLA TJ . -6.70 29.42 58.27
C2A CLA TJ . -7.34 28.79 59.51
C3A CLA TJ . -6.54 27.48 59.70
C4A CLA TJ . -5.44 27.58 58.65
CMA CLA TJ . -5.99 27.34 61.10
CAA CLA TJ . -8.81 28.46 59.28
CBA CLA TJ . -9.71 29.23 60.23
CGA CLA TJ . -10.79 29.95 59.49
O1A CLA TJ . -11.63 30.74 59.92
O2A CLA TJ . -10.79 29.67 58.14
NB CLA TJ . -3.20 27.43 56.65
C1B CLA TJ . -3.34 26.63 57.73
C2B CLA TJ . -2.20 25.69 57.84
C3B CLA TJ . -1.37 25.95 56.77
C4B CLA TJ . -2.00 27.05 55.98
CMB CLA TJ . -2.09 24.70 58.91
CAB CLA TJ . -0.13 25.32 56.38
CBB CLA TJ . 1.04 25.94 56.25
NC CLA TJ . -3.18 29.43 54.51
C1C CLA TJ . -2.08 28.72 54.13
C2C CLA TJ . -1.50 29.29 52.93
C3C CLA TJ . -2.27 30.41 52.61
C4C CLA TJ . -3.32 30.48 53.61
CMC CLA TJ . -0.31 28.77 52.24
CAC CLA TJ . -2.07 31.33 51.48
CBC CLA TJ . -0.93 32.31 51.70
ND CLA TJ . -5.51 30.55 55.61
C1D CLA TJ . -5.35 31.53 54.59
C2D CLA TJ . -6.42 32.53 54.71
C3D CLA TJ . -7.12 32.22 55.85
C4D CLA TJ . -6.50 30.99 56.39
CMD CLA TJ . -6.64 33.65 53.80
CAD CLA TJ . -8.25 32.54 56.70
OBD CLA TJ . -9.13 33.39 56.55
CBD CLA TJ . -8.18 31.59 57.92
CGD CLA TJ . -7.81 32.37 59.16
O1D CLA TJ . -6.89 33.20 59.26
O2D CLA TJ . -8.59 32.13 60.25
CED CLA TJ . -8.90 33.23 61.09
C1 CLA TJ . -11.68 30.44 57.33
MG CLA UJ . 6.40 19.93 44.63
CHA CLA UJ . 9.80 20.29 44.01
CHB CLA UJ . 6.37 22.92 46.26
CHC CLA UJ . 3.02 19.55 45.14
CHD CLA UJ . 6.49 16.81 42.97
NA CLA UJ . 7.87 21.35 45.06
C1A CLA UJ . 9.23 21.32 44.72
C2A CLA UJ . 9.94 22.58 45.22
C3A CLA UJ . 8.85 23.34 45.99
C4A CLA UJ . 7.59 22.50 45.76
CMA CLA UJ . 9.18 23.50 47.45
CAA CLA UJ . 10.44 23.41 44.06
CBA CLA UJ . 9.32 23.78 43.10
CGA CLA UJ . 9.19 22.75 42.02
O1A CLA UJ . 10.04 22.38 41.20
O2A CLA UJ . 7.97 22.15 41.98
NB CLA UJ . 4.97 21.01 45.54
C1B CLA UJ . 5.15 22.22 46.13
C2B CLA UJ . 3.85 22.72 46.65
C3B CLA UJ . 2.90 21.78 46.33
C4B CLA UJ . 3.60 20.67 45.62
CMB CLA UJ . 3.70 24.01 47.33
CAB CLA UJ . 1.49 21.75 46.58
CBB CLA UJ . 0.91 21.96 47.77
NC CLA UJ . 5.02 18.45 44.13
C1C CLA UJ . 3.69 18.50 44.43
C2C CLA UJ . 3.01 17.31 43.93
C3C CLA UJ . 3.99 16.52 43.35
C4C CLA UJ . 5.25 17.24 43.48
CMC CLA UJ . 1.58 17.01 44.04
CAC CLA UJ . 3.79 15.23 42.71
CBC CLA UJ . 3.85 15.39 41.22
ND CLA UJ . 7.76 18.77 43.67
C1D CLA UJ . 7.67 17.50 43.05
C2D CLA UJ . 9.00 17.13 42.52
C3D CLA UJ . 9.85 18.17 42.83
C4D CLA UJ . 9.03 19.17 43.58
CMD CLA UJ . 9.29 15.89 41.79
CAD CLA UJ . 11.19 18.71 42.73
OBD CLA UJ . 12.15 18.25 42.13
CBD CLA UJ . 11.22 20.04 43.54
CGD CLA UJ . 12.22 19.98 44.66
O1D CLA UJ . 13.43 20.14 44.60
O2D CLA UJ . 11.65 19.71 45.87
CED CLA UJ . 12.33 20.17 47.04
C1 CLA UJ . 7.77 21.23 40.89
C2 CLA UJ . 6.54 20.45 41.10
C3 CLA UJ . 6.10 19.55 40.20
C4 CLA UJ . 6.84 19.28 38.94
C5 CLA UJ . 4.86 18.77 40.43
C6 CLA UJ . 3.77 19.11 39.43
C7 CLA UJ . 2.46 18.47 39.84
C8 CLA UJ . 1.36 19.49 40.03
C9 CLA UJ . 1.19 19.81 41.50
C10 CLA UJ . 0.04 18.99 39.45
C11 CLA UJ . -1.06 20.01 39.59
MG CLA VJ . 11.41 27.28 35.22
CHA CLA VJ . 14.44 26.69 36.84
CHB CLA VJ . 13.11 28.43 32.52
CHC CLA VJ . 8.41 27.78 33.65
CHD CLA VJ . 9.70 26.08 38.08
NA CLA VJ . 13.45 27.54 34.80
C1A CLA VJ . 14.56 27.23 35.59
C2A CLA VJ . 15.87 27.62 34.89
C3A CLA VJ . 15.39 28.33 33.59
C4A CLA VJ . 13.88 28.10 33.62
CMA CLA VJ . 15.75 29.80 33.60
CAA CLA VJ . 16.76 26.44 34.56
CBA CLA VJ . 18.17 26.88 34.22
CGA CLA VJ . 18.93 27.16 35.47
O1A CLA VJ . 19.48 26.36 36.25
O2A CLA VJ . 18.99 28.50 35.78
NB CLA VJ . 10.86 28.11 33.48
C1B CLA VJ . 11.71 28.25 32.44
C2B CLA VJ . 10.99 28.18 31.15
C3B CLA VJ . 9.65 28.00 31.45
C4B CLA VJ . 9.56 27.96 32.93
CMB CLA VJ . 11.66 28.29 29.88
CAB CLA VJ . 8.51 27.87 30.58
CBB CLA VJ . 7.78 26.78 30.44
NC CLA VJ . 9.42 27.02 35.79
C1C CLA VJ . 8.35 27.33 35.00
C2C CLA VJ . 7.11 27.11 35.71
C3C CLA VJ . 7.46 26.55 36.93
C4C CLA VJ . 8.93 26.52 36.98
CMC CLA VJ . 5.77 27.35 35.18
CAC CLA VJ . 6.53 26.15 38.00
CBC CLA VJ . 6.56 27.09 39.17
ND CLA VJ . 11.89 26.47 37.02
C1D CLA VJ . 11.08 26.03 38.11
C2D CLA VJ . 11.97 25.59 39.21
C3D CLA VJ . 13.27 25.80 38.77
C4D CLA VJ . 13.16 26.37 37.41
CMD CLA VJ . 11.51 25.05 40.48
CAD CLA VJ . 14.69 25.70 39.08
OBD CLA VJ . 15.23 25.25 40.08
CBD CLA VJ . 15.47 26.31 37.88
CGD CLA VJ . 16.31 27.50 38.25
O1D CLA VJ . 16.24 28.64 37.77
O2D CLA VJ . 17.23 27.26 39.23
CED CLA VJ . 18.36 28.13 39.28
C1 CLA VJ . 20.30 29.09 35.81
MG CLA WJ . -3.33 31.82 48.30
CHA CLA WJ . -6.46 31.62 49.78
CHB CLA WJ . -4.04 34.96 47.21
CHC CLA WJ . -0.15 32.03 47.02
CHD CLA WJ . -2.63 28.54 49.45
NA CLA WJ . -5.01 33.06 48.46
C1A CLA WJ . -6.21 32.80 49.13
C2A CLA WJ . -7.17 33.99 49.00
C3A CLA WJ . -6.42 34.95 48.06
C4A CLA WJ . -5.05 34.29 47.89
CMA CLA WJ . -7.14 35.12 46.75
CAA CLA WJ . -7.45 34.63 50.35
CBA CLA WJ . -6.52 35.78 50.67
CGA CLA WJ . -6.99 36.46 51.92
O1A CLA WJ . -8.15 36.52 52.37
O2A CLA WJ . -6.01 37.08 52.64
NB CLA WJ . -2.30 33.23 47.30
C1B CLA WJ . -2.75 34.47 47.00
C2B CLA WJ . -1.66 35.27 46.36
C3B CLA WJ . -0.55 34.44 46.30
C4B CLA WJ . -0.95 33.14 46.88
CMB CLA WJ . -1.86 36.65 45.92
CAB CLA WJ . 0.79 34.66 45.78
CBB CLA WJ . 1.20 35.64 44.99
NC CLA WJ . -1.70 30.50 48.21
C1C CLA WJ . -0.51 30.79 47.62
C2C CLA WJ . 0.40 29.66 47.75
C3C CLA WJ . -0.29 28.68 48.45
C4C CLA WJ . -1.61 29.21 48.74
CMC CLA WJ . 1.77 29.61 47.24
CAC CLA WJ . 0.21 27.35 48.83
CBC CLA WJ . -0.11 26.29 47.81
ND CLA WJ . -4.29 30.34 49.29
C1D CLA WJ . -3.88 29.05 49.73
C2D CLA WJ . -4.99 28.42 50.49
C3D CLA WJ . -6.00 29.36 50.53
C4D CLA WJ . -5.51 30.54 49.79
CMD CLA WJ . -4.96 27.08 51.08
CAD CLA WJ . -7.35 29.66 50.97
OBD CLA WJ . -8.17 28.94 51.54
CBD CLA WJ . -7.66 31.14 50.57
CGD CLA WJ . -8.93 31.27 49.78
O1D CLA WJ . -9.07 31.54 48.60
O2D CLA WJ . -10.07 31.05 50.53
CED CLA WJ . -11.24 31.77 50.18
C1 CLA WJ . -4.72 36.42 52.75
C2 CLA WJ . -4.24 36.64 54.14
MG CLA XJ . -11.47 17.57 43.35
CHA CLA XJ . -13.85 19.60 41.83
CHB CLA XJ . -13.85 15.21 43.91
CHC CLA XJ . -9.06 15.57 44.76
CHD CLA XJ . -9.03 20.06 42.71
NA CLA XJ . -13.50 17.45 42.92
C1A CLA XJ . -14.30 18.40 42.28
C2A CLA XJ . -15.73 17.88 42.14
C3A CLA XJ . -15.73 16.56 42.92
C4A CLA XJ . -14.26 16.36 43.27
CMA CLA XJ . -16.60 16.65 44.15
CAA CLA XJ . -15.96 17.59 40.66
CBA CLA XJ . -14.94 16.63 40.07
CGA CLA XJ . -13.88 17.33 39.29
O1A CLA XJ . -13.95 17.86 38.18
O2A CLA XJ . -12.66 17.35 39.92
NB CLA XJ . -11.45 15.74 44.17
C1B CLA XJ . -12.53 14.92 44.31
C2B CLA XJ . -12.12 13.67 45.00
C3B CLA XJ . -10.78 13.76 45.25
C4B CLA XJ . -10.33 15.08 44.73
CMB CLA XJ . -13.07 12.58 45.30
CAB CLA XJ . -9.89 12.82 45.88
CBB CLA XJ . -10.15 12.10 46.97
NC CLA XJ . -9.42 17.79 43.68
C1C CLA XJ . -8.62 16.84 44.27
C2C CLA XJ . -7.25 17.32 44.33
C3C CLA XJ . -7.24 18.58 43.75
C4C CLA XJ . -8.61 18.88 43.34
CMC CLA XJ . -6.12 16.58 44.89
CAC CLA XJ . -6.07 19.46 43.57
CBC CLA XJ . -5.59 19.50 42.13
ND CLA XJ . -11.38 19.40 42.50
C1D CLA XJ . -10.32 20.32 42.30
C2D CLA XJ . -10.84 21.54 41.64
C3D CLA XJ . -12.19 21.33 41.45
C4D CLA XJ . -12.48 19.99 41.99
CMD CLA XJ . -10.01 22.69 41.28
CAD CLA XJ . -13.44 21.86 40.94
OBD CLA XJ . -13.67 22.95 40.43
CBD CLA XJ . -14.54 20.79 41.19
CGD CLA XJ . -15.59 21.35 42.09
O1D CLA XJ . -15.46 22.28 42.90
O2D CLA XJ . -16.82 20.77 42.01
CED CLA XJ . -17.70 20.99 43.12
C1 CLA XJ . -11.52 17.59 39.06
C2 CLA XJ . -10.29 17.32 39.85
C3 CLA XJ . -9.10 17.06 39.28
C4 CLA XJ . -7.89 16.79 40.07
C5 CLA XJ . -8.95 17.02 37.79
C6 CLA XJ . -7.71 17.72 37.29
C7 CLA XJ . -8.02 19.15 36.88
C8 CLA XJ . -6.86 19.78 36.10
NB KC1 YJ . -6.25 8.16 49.33
ND KC1 YJ . -9.61 6.83 50.84
C1A KC1 YJ . -10.25 7.66 47.99
C1B KC1 YJ . -6.05 8.47 48.04
C1C KC1 YJ . -5.72 7.46 52.16
C1D KC1 YJ . -9.80 6.25 52.04
C2A KC1 YJ . -10.45 7.96 46.58
C2B KC1 YJ . -4.70 8.87 47.85
C2C KC1 YJ . -5.43 6.99 53.50
C2D KC1 YJ . -11.16 5.88 52.12
C3A KC1 YJ . -9.20 8.28 46.07
C3B KC1 YJ . -4.08 8.77 49.07
C3C KC1 YJ . -6.57 6.41 53.97
C3D KC1 YJ . -11.78 6.25 50.94
C4A KC1 YJ . -8.28 8.20 47.12
C4B KC1 YJ . -5.10 8.31 50.00
C4C KC1 YJ . -7.56 6.50 52.93
C4D KC1 YJ . -10.77 6.84 50.16
CAA KC1 YJ . -11.71 7.91 45.83
CAB KC1 YJ . -2.66 9.07 49.37
CAC KC1 YJ . -6.73 5.77 55.33
CAD KC1 YJ . -13.03 6.29 50.16
CBA KC1 YJ . -12.23 9.01 45.22
CBB KC1 YJ . -1.82 8.10 49.71
CBC KC1 YJ . -7.28 6.76 56.37
CBD KC1 YJ . -12.54 6.61 48.76
CED KC1 YJ . -12.98 3.84 46.22
CGA KC1 YJ . -12.69 8.88 43.89
CGD KC1 YJ . -12.38 5.33 47.98
CHA KC1 YJ . -11.22 7.27 48.94
CHB KC1 YJ . -6.92 8.46 46.98
CHC KC1 YJ . -4.81 8.11 51.32
CHD KC1 YJ . -8.88 6.02 53.04
CMA KC1 YJ . -8.88 8.67 44.65
CMB KC1 YJ . -4.06 9.30 46.55
CMC KC1 YJ . -4.12 7.11 54.24
CMD KC1 YJ . -11.84 5.20 53.29
NA KC1 YJ . -8.90 7.83 48.29
NC KC1 YJ . -7.01 7.15 51.84
O1A KC1 YJ . -12.06 8.16 43.14
O1D KC1 YJ . -11.66 4.45 48.40
O2A KC1 YJ . -13.99 9.11 43.62
O2D KC1 YJ . -13.07 5.16 46.84
OBD KC1 YJ . -14.07 5.73 50.44
MG KC1 YJ . -7.96 7.56 50.09
MG CLA ZJ . 1.57 12.72 64.90
CHA CLA ZJ . 4.05 11.37 66.94
CHB CLA ZJ . 0.92 9.62 63.66
CHC CLA ZJ . -0.87 14.09 62.91
CHD CLA ZJ . 2.34 15.93 66.17
NA CLA ZJ . 2.37 10.82 65.26
C1A CLA ZJ . 3.39 10.46 66.16
C2A CLA ZJ . 3.66 8.96 66.10
C3A CLA ZJ . 2.73 8.46 64.98
C4A CLA ZJ . 1.93 9.70 64.60
CMA CLA ZJ . 3.53 7.91 63.81
CAA CLA ZJ . 3.30 8.29 67.42
NB CLA ZJ . 0.30 12.00 63.51
C1B CLA ZJ . 0.13 10.69 63.21
C2B CLA ZJ . -1.03 10.52 62.29
C3B CLA ZJ . -1.54 11.79 62.06
C4B CLA ZJ . -0.70 12.74 62.84
CMB CLA ZJ . -1.47 9.23 61.77
CAB CLA ZJ . -2.65 12.22 61.26
CBB CLA ZJ . -3.00 11.75 60.06
NC CLA ZJ . 0.86 14.66 64.62
C1C CLA ZJ . -0.14 14.99 63.75
C2C CLA ZJ . -0.37 16.43 63.79
C3C CLA ZJ . 0.53 16.96 64.71
C4C CLA ZJ . 1.31 15.83 65.23
CMC CLA ZJ . -1.37 17.16 63.00
CAC CLA ZJ . 0.68 18.37 65.10
CBC CLA ZJ . -0.15 18.72 66.30
ND CLA ZJ . 2.82 13.52 66.27
C1D CLA ZJ . 3.07 14.87 66.68
C2D CLA ZJ . 4.16 14.88 67.68
C3D CLA ZJ . 4.56 13.57 67.84
C4D CLA ZJ . 3.71 12.77 66.92
CMD CLA ZJ . 4.66 16.08 68.35
CAD CLA ZJ . 5.45 12.64 68.51
OBD CLA ZJ . 6.29 12.87 69.38
CBD CLA ZJ . 5.19 11.23 67.92
CGD CLA ZJ . 6.42 10.66 67.25
O1D CLA ZJ . 7.34 11.28 66.71
O2D CLA ZJ . 6.47 9.29 67.25
CED CLA ZJ . 7.21 8.65 66.21
MG CLA AK . 6.06 1.72 51.08
CHA CLA AK . 7.58 -0.76 52.98
CHB CLA AK . 6.25 -0.28 48.32
CHC CLA AK . 4.57 4.20 49.23
CHD CLA AK . 5.93 3.77 53.96
NA CLA AK . 6.78 -0.22 50.74
C1A CLA AK . 7.37 -1.10 51.66
C2A CLA AK . 7.75 -2.42 50.99
C3A CLA AK . 7.32 -2.22 49.52
C4A CLA AK . 6.73 -0.82 49.51
CMA CLA AK . 8.48 -2.38 48.58
CAA CLA AK . 6.97 -3.58 51.61
CBA CLA AK . 5.49 -3.23 51.75
CGA CLA AK . 5.14 -3.05 53.20
O1A CLA AK . 5.37 -3.82 54.15
O2A CLA AK . 4.51 -1.88 53.45
NB CLA AK . 5.51 1.92 49.15
C1B CLA AK . 5.70 0.99 48.17
C2B CLA AK . 5.23 1.55 46.86
C3B CLA AK . 4.76 2.82 47.11
C4B CLA AK . 4.92 3.06 48.57
CMB CLA AK . 5.31 0.80 45.61
CAB CLA AK . 4.19 3.81 46.22
CBB CLA AK . 3.24 3.57 45.32
NC CLA AK . 5.35 3.62 51.53
C1C CLA AK . 4.77 4.46 50.62
C2C CLA AK . 4.38 5.71 51.28
C3C CLA AK . 4.77 5.60 52.62
C4C CLA AK . 5.39 4.28 52.76
CMC CLA AK . 3.71 6.82 50.62
CAC CLA AK . 4.58 6.58 53.69
CBC CLA AK . 5.61 7.70 53.67
ND CLA AK . 6.58 1.58 53.02
C1D CLA AK . 6.48 2.52 54.10
C2D CLA AK . 7.08 1.90 55.32
C3D CLA AK . 7.51 0.65 54.94
C4D CLA AK . 7.19 0.51 53.51
CMD CLA AK . 7.15 2.56 56.61
CAD CLA AK . 8.16 -0.59 55.38
OBD CLA AK . 8.57 -0.90 56.49
CBD CLA AK . 8.25 -1.51 54.12
CGD CLA AK . 9.68 -1.84 53.79
O1D CLA AK . 10.37 -1.37 52.88
O2D CLA AK . 10.24 -2.76 54.63
CED CLA AK . 11.63 -2.60 54.94
C1 CLA AK . 4.35 -1.51 54.83
MG CLA BK . 6.41 11.41 39.08
CHA CLA BK . 8.49 8.73 39.78
CHB CLA BK . 3.76 9.68 40.36
CHC CLA BK . 4.36 14.03 38.25
CHD CLA BK . 9.17 13.13 37.70
NA CLA BK . 6.20 9.52 39.96
C1A CLA BK . 7.18 8.55 40.15
C2A CLA BK . 6.60 7.31 40.82
C3A CLA BK . 5.10 7.63 40.94
C4A CLA BK . 4.99 9.05 40.40
CMA CLA BK . 4.26 6.65 40.16
CAA CLA BK . 7.18 7.14 42.22
CBA CLA BK . 7.14 8.44 42.99
CGA CLA BK . 6.09 8.42 44.06
O1A CLA BK . 5.12 9.15 44.20
O2A CLA BK . 6.31 7.43 44.99
NB CLA BK . 4.43 11.75 39.20
C1B CLA BK . 3.53 10.97 39.87
C2B CLA BK . 2.22 11.68 39.99
C3B CLA BK . 2.37 12.90 39.40
C4B CLA BK . 3.78 12.97 38.89
CMB CLA BK . 1.07 11.10 40.67
CAB CLA BK . 1.42 13.98 39.28
CBB CLA BK . 1.12 14.64 38.16
NC CLA BK . 6.73 13.27 38.19
C1C CLA BK . 5.74 14.18 37.96
C2C CLA BK . 6.30 15.36 37.28
C3C CLA BK . 7.66 15.10 37.13
C4C CLA BK . 7.92 13.78 37.69
CMC CLA BK . 5.55 16.54 36.89
CAC CLA BK . 8.66 15.99 36.50
CBC CLA BK . 8.88 15.67 35.05
ND CLA BK . 8.41 11.15 38.94
C1D CLA BK . 9.41 11.90 38.26
C2D CLA BK . 10.69 11.15 38.30
C3D CLA BK . 10.39 9.93 38.88
C4D CLA BK . 8.95 9.96 39.21
CMD CLA BK . 11.96 11.64 37.80
CAD CLA BK . 10.91 8.65 39.34
OBD CLA BK . 12.06 8.25 39.41
CBD CLA BK . 9.68 7.80 39.77
CGD CLA BK . 9.45 6.68 38.79
O1D CLA BK . 8.38 6.37 38.25
O2D CLA BK . 10.56 5.96 38.47
CED CLA BK . 10.52 5.16 37.29
C1 CLA BK . 5.39 7.38 46.10
C1A DGD CK . -0.06 -27.93 49.46
C2A DGD CK . -0.75 -26.94 48.56
O1A DGD CK . 0.53 -27.54 50.46
C1B DGD CK . -1.49 -32.38 48.06
C2B DGD CK . -2.05 -32.38 46.65
C3B DGD CK . -3.29 -31.51 46.58
C4B DGD CK . -2.96 -30.05 46.86
C5B DGD CK . -4.14 -29.16 46.50
C6B DGD CK . -3.77 -27.68 46.59
O1B DGD CK . -2.14 -32.80 49.00
O1G DGD CK . -0.10 -29.34 49.16
C1G DGD CK . 0.66 -30.27 49.93
C2G DGD CK . 0.07 -31.66 49.71
O2G DGD CK . -0.16 -31.83 48.31
C3G DGD CK . 1.05 -32.72 50.19
O3G DGD CK . 1.32 -32.52 51.58
C1D DGD CK . 2.24 -33.49 52.07
C2D DGD CK . 2.78 -33.06 53.43
O2D DGD CK . 3.51 -31.84 53.30
C3D DGD CK . 3.70 -34.13 53.99
O3D DGD CK . 4.03 -33.82 55.36
C4D DGD CK . 3.05 -35.51 53.93
O4D DGD CK . 1.99 -35.59 54.88
C5D DGD CK . 2.51 -35.78 52.53
O5D DGD CK . 2.85 -38.13 52.69
C6D DGD CK . 1.84 -37.14 52.47
O6D DGD CK . 1.59 -34.76 52.18
C1E DGD CK . 2.31 -39.42 53.00
C2E DGD CK . 3.40 -40.25 53.65
O2E DGD CK . 3.90 -39.57 54.80
C3E DGD CK . 4.53 -40.49 52.66
O3E DGD CK . 5.52 -41.35 53.24
C4E DGD CK . 3.99 -41.10 51.37
O4E DGD CK . 3.51 -42.42 51.66
C5E DGD CK . 2.86 -40.25 50.81
O6E DGD CK . 1.85 -40.06 51.81
C6E DGD CK . 2.24 -40.93 49.60
O5E DGD CK . 3.26 -41.14 48.60
C DD6 DK . -16.87 -40.65 66.34
C1 DD6 DK . -17.42 -39.89 65.17
C10 DD6 DK . -9.39 -34.55 65.16
C11 DD6 DK . -8.66 -33.48 64.81
C12 DD6 DK . -9.24 -32.42 63.92
C13 DD6 DK . -7.28 -33.36 65.30
C14 DD6 DK . -6.30 -33.60 64.43
C15 DD6 DK . -4.84 -33.54 64.81
C16 DD6 DK . -4.18 -32.22 65.20
C17 DD6 DK . -2.71 -32.19 64.81
C18 DD6 DK . -2.00 -33.47 65.29
C19 DD6 DK . -2.46 -34.60 64.39
C2 DD6 DK . -16.72 -38.90 64.61
C20 DD6 DK . -3.98 -34.73 64.39
C21 DD6 DK . -4.65 -35.85 63.61
C22 DD6 DK . -4.32 -31.98 66.70
C23 DD6 DK . -4.86 -31.06 64.46
C24 DD6 DK . -18.75 -40.23 64.61
C25 DD6 DK . -19.45 -41.27 65.05
C26 DD6 DK . -20.73 -41.57 64.43
C27 DD6 DK . -21.48 -42.59 64.87
C28 DD6 DK . -20.97 -43.39 66.03
C29 DD6 DK . -22.58 -42.86 64.31
C3 DD6 DK . -15.40 -38.55 65.10
C30 DD6 DK . -23.57 -43.13 63.72
C31 DD6 DK . -24.60 -43.36 63.03
C32 DD6 DK . -24.80 -44.72 62.41
C33 DD6 DK . -25.84 -44.68 61.31
C34 DD6 DK . -27.08 -43.98 61.83
C35 DD6 DK . -26.70 -42.51 61.96
C36 DD6 DK . -25.51 -42.37 62.88
C37 DD6 DK . -25.33 -41.09 63.62
C4 DD6 DK . -14.78 -37.47 64.60
C40 DD6 DK . -25.28 -45.68 63.48
C41 DD6 DK . -23.46 -45.20 61.85
C5 DD6 DK . -13.44 -37.14 65.06
C6 DD6 DK . -12.84 -36.00 64.70
C7 DD6 DK . -13.54 -35.00 63.82
C8 DD6 DK . -11.47 -35.75 65.17
C9 DD6 DK . -10.76 -34.73 64.69
O1 DD6 DK . -4.51 -34.59 65.72
O2 DD6 DK . -0.59 -33.30 65.17
O4 DD6 DK . -28.15 -44.13 60.91
C DD6 EK . -8.09 -55.74 46.82
C1 DD6 EK . -9.04 -56.61 46.05
C10 DD6 EK . -1.49 -62.40 45.00
C11 DD6 EK . -0.76 -63.31 44.32
C12 DD6 EK . -1.39 -64.08 43.21
C13 DD6 EK . 0.65 -63.51 44.70
C14 DD6 EK . 1.39 -64.45 44.11
C15 DD6 EK . 2.83 -64.62 44.51
C16 DD6 EK . 3.93 -64.32 43.51
C17 DD6 EK . 5.18 -65.15 43.78
C18 DD6 EK . 5.59 -65.06 45.24
C19 DD6 EK . 4.58 -65.88 46.05
C2 DD6 EK . -8.65 -57.81 45.61
C20 DD6 EK . 3.15 -65.43 45.77
C21 DD6 EK . 1.98 -66.13 46.45
C22 DD6 EK . 4.28 -62.84 43.55
C23 DD6 EK . 3.43 -64.67 42.12
C24 DD6 EK . -10.41 -56.14 45.80
C25 DD6 EK . -10.72 -54.85 45.90
C26 DD6 EK . -12.08 -54.42 45.63
C27 DD6 EK . -12.41 -53.12 45.64
C28 DD6 EK . -11.38 -52.07 45.92
C29 DD6 EK . -13.61 -52.80 45.40
C3 DD6 EK . -7.28 -58.28 45.85
C30 DD6 EK . -14.71 -52.43 45.19
C31 DD6 EK . -15.90 -52.11 44.96
C32 DD6 EK . -16.18 -51.17 43.80
C33 DD6 EK . -17.61 -50.66 43.81
C34 DD6 EK . -18.58 -51.76 44.19
C35 DD6 EK . -18.30 -52.11 45.63
C36 DD6 EK . -16.88 -52.63 45.71
C37 DD6 EK . -16.54 -53.74 46.65
C4 DD6 EK . -6.89 -59.47 45.43
C40 DD6 EK . -15.20 -49.99 43.86
C41 DD6 EK . -15.94 -51.94 42.50
C5 DD6 EK . -5.52 -59.88 45.68
C6 DD6 EK . -4.99 -60.99 45.14
C7 DD6 EK . -5.79 -61.84 44.21
C8 DD6 EK . -3.59 -61.31 45.44
C9 DD6 EK . -2.89 -62.14 44.67
O1 DD6 EK . 3.05 -63.99 45.79
O2 DD6 EK . 6.90 -65.61 45.42
O4 DD6 EK . -19.93 -51.27 44.10
C DD6 FK . -16.95 -40.58 56.13
C1 DD6 FK . -17.74 -40.65 54.86
C10 DD6 FK . -11.09 -46.80 51.68
C11 DD6 FK . -10.28 -47.47 50.85
C12 DD6 FK . -10.59 -47.62 49.39
C13 DD6 FK . -9.04 -48.03 51.42
C14 DD6 FK . -8.19 -48.79 50.75
C15 DD6 FK . -6.94 -49.29 51.46
C16 DD6 FK . -5.60 -48.63 51.16
C17 DD6 FK . -4.47 -49.62 51.36
C18 DD6 FK . -4.53 -50.24 52.74
C19 DD6 FK . -5.72 -51.18 52.81
C2 DD6 FK . -17.36 -41.44 53.85
C20 DD6 FK . -7.02 -50.53 52.35
C21 DD6 FK . -8.32 -51.31 52.44
C22 DD6 FK . -5.40 -47.43 52.07
C23 DD6 FK . -5.59 -48.15 49.71
C24 DD6 FK . -18.96 -39.82 54.71
C25 DD6 FK . -19.33 -38.96 55.65
C26 DD6 FK . -20.54 -38.15 55.47
C27 DD6 FK . -21.07 -37.47 56.50
C28 DD6 FK . -20.43 -37.55 57.85
C29 DD6 FK . -22.10 -36.78 56.32
C3 DD6 FK . -16.15 -42.25 53.96
C30 DD6 FK . -23.09 -36.14 56.13
C31 DD6 FK . -24.10 -35.43 55.96
C32 DD6 FK . -23.98 -33.92 56.12
C33 DD6 FK . -25.30 -33.22 55.86
C34 DD6 FK . -26.12 -33.90 54.78
C35 DD6 FK . -26.51 -35.26 55.33
C36 DD6 FK . -25.25 -36.02 55.63
C37 DD6 FK . -25.28 -37.52 55.53
C4 DD6 FK . -15.83 -43.10 52.98
C40 DD6 FK . -23.54 -33.67 57.55
C41 DD6 FK . -22.92 -33.43 55.16
C5 DD6 FK . -14.60 -43.89 53.09
C6 DD6 FK . -14.16 -44.65 52.08
C7 DD6 FK . -14.93 -44.73 50.80
C8 DD6 FK . -12.91 -45.41 52.26
C9 DD6 FK . -12.35 -46.15 51.30
O1 DD6 FK . -7.16 -49.21 52.88
O2 DD6 FK . -3.33 -50.97 53.00
O4 DD6 FK . -27.30 -33.14 54.51
C DD6 GK . -17.40 -56.79 55.51
C1 DD6 GK . -18.84 -56.46 55.75
C10 DD6 GK . -15.97 -50.63 62.93
C11 DD6 GK . -16.22 -49.92 64.03
C12 DD6 GK . -17.62 -49.75 64.52
C13 DD6 GK . -15.13 -49.27 64.80
C14 DD6 GK . -14.03 -49.91 65.16
C15 DD6 GK . -12.97 -49.16 65.96
C16 DD6 GK . -12.13 -48.08 65.30
C17 DD6 GK . -10.76 -47.99 65.96
C18 DD6 GK . -10.90 -47.86 67.46
C19 DD6 GK . -11.32 -49.21 68.02
C2 DD6 GK . -19.20 -55.58 56.69
C20 DD6 GK . -12.58 -49.72 67.32
C21 DD6 GK . -13.20 -51.05 67.76
C22 DD6 GK . -12.81 -46.73 65.42
C23 DD6 GK . -11.96 -48.36 63.82
C24 DD6 GK . -19.88 -57.11 54.91
C25 DD6 GK . -19.55 -57.96 53.94
C26 DD6 GK . -20.58 -58.60 53.14
C27 DD6 GK . -20.26 -59.32 52.05
C28 DD6 GK . -18.81 -59.47 51.68
C29 DD6 GK . -21.14 -59.86 51.33
C3 DD6 GK . -18.19 -54.92 57.51
C30 DD6 GK . -21.99 -60.34 50.67
C31 DD6 GK . -22.88 -60.86 49.95
C32 DD6 GK . -23.80 -59.94 49.19
C33 DD6 GK . -25.00 -60.69 48.62
C34 DD6 GK . -24.54 -61.99 48.01
C35 DD6 GK . -24.12 -62.87 49.17
C36 DD6 GK . -22.96 -62.19 49.87
C37 DD6 GK . -21.89 -63.05 50.50
C4 DD6 GK . -18.55 -54.01 58.42
C40 DD6 GK . -24.27 -58.87 50.15
C41 DD6 GK . -23.01 -59.31 48.06
C5 DD6 GK . -17.53 -53.36 59.24
C6 DD6 GK . -17.86 -52.48 60.19
C7 DD6 GK . -19.29 -52.14 60.45
C8 DD6 GK . -16.79 -51.85 60.99
C9 DD6 GK . -17.05 -51.25 62.16
O1 DD6 GK . -13.55 -48.69 67.18
O2 DD6 GK . -9.63 -47.50 68.02
O4 DD6 GK . -25.62 -62.59 47.30
C DD6 HK . -12.16 -41.38 55.08
C1 DD6 HK . -11.17 -40.54 55.82
C10 DD6 HK . -18.23 -36.70 61.27
C11 DD6 HK . -18.54 -36.07 62.40
C12 DD6 HK . -17.46 -35.50 63.25
C13 DD6 HK . -19.94 -35.92 62.81
C14 DD6 HK . -20.77 -36.96 62.75
C15 DD6 HK . -22.21 -36.83 63.20
C16 DD6 HK . -22.57 -37.14 64.65
C17 DD6 HK . -23.95 -37.77 64.74
C18 DD6 HK . -24.98 -36.90 64.04
C19 DD6 HK . -24.74 -36.99 62.53
C2 DD6 HK . -11.56 -39.68 56.77
C20 DD6 HK . -23.30 -36.70 62.14
C21 DD6 HK . -22.89 -36.76 60.67
C22 DD6 HK . -22.55 -35.85 65.46
C23 DD6 HK . -21.54 -38.11 65.22
C24 DD6 HK . -9.72 -40.67 55.52
C25 DD6 HK . -9.30 -41.41 54.51
C26 DD6 HK . -7.86 -41.52 54.26
C27 DD6 HK . -7.42 -42.30 53.27
C28 DD6 HK . -8.41 -43.06 52.44
C29 DD6 HK . -6.20 -42.44 53.04
C3 DD6 HK . -12.97 -39.53 57.10
C30 DD6 HK . -5.03 -42.57 52.85
C31 DD6 HK . -3.80 -42.75 52.64
C32 DD6 HK . -2.91 -43.08 53.81
C33 DD6 HK . -1.47 -42.68 53.54
C34 DD6 HK . -1.04 -43.15 52.15
C35 DD6 HK . -1.88 -42.38 51.14
C36 DD6 HK . -3.33 -42.69 51.40
C37 DD6 HK . -4.24 -42.94 50.25
C4 DD6 HK . -13.32 -38.68 58.07
C40 DD6 HK . -2.99 -44.58 54.05
C41 DD6 HK . -3.42 -42.35 55.05
C5 DD6 HK . -14.72 -38.52 58.44
C6 DD6 HK . -15.07 -37.71 59.44
C7 DD6 HK . -14.02 -36.95 60.19
C8 DD6 HK . -16.49 -37.57 59.81
C9 DD6 HK . -16.82 -36.84 60.87
O1 DD6 HK . -22.75 -35.56 62.81
O2 DD6 HK . -26.28 -37.39 64.34
O4 DD6 HK . 0.35 -42.85 51.96
NB KC1 IK . -25.32 -38.70 68.00
ND KC1 IK . -29.15 -38.72 67.13
C1A KC1 IK . -28.13 -41.54 66.57
C1B KC1 IK . -24.49 -39.74 67.89
C1C KC1 IK . -26.36 -35.98 68.55
C1D KC1 IK . -30.01 -37.70 67.23
C2A KC1 IK . -27.59 -42.88 66.32
C2B KC1 IK . -23.18 -39.37 68.31
C2C KC1 IK . -26.88 -34.64 68.83
C2D KC1 IK . -31.28 -38.18 66.84
C3A KC1 IK . -26.24 -42.78 66.63
C3B KC1 IK . -23.25 -38.05 68.67
C3C KC1 IK . -28.20 -34.66 68.52
C3D KC1 IK . -31.14 -39.52 66.50
C4A KC1 IK . -25.98 -41.47 67.05
C4B KC1 IK . -24.63 -37.66 68.46
C4C KC1 IK . -28.51 -36.00 68.04
C4D KC1 IK . -29.79 -39.82 66.70
CAA KC1 IK . -28.34 -44.03 65.82
CAB KC1 IK . -22.16 -37.19 69.19
CAC KC1 IK . -29.16 -33.51 68.63
CAD KC1 IK . -31.83 -40.75 66.03
CBA KC1 IK . -28.28 -45.29 66.29
CBB KC1 IK . -21.09 -36.89 68.46
CBC KC1 IK . -29.34 -32.85 67.26
CBD KC1 IK . -30.75 -41.83 66.10
CED KC1 IK . -30.55 -44.16 69.07
CGA KC1 IK . -28.96 -46.29 65.56
CGD KC1 IK . -31.09 -42.82 67.18
CHA KC1 IK . -29.47 -41.11 66.41
CHB KC1 IK . -24.72 -41.03 67.45
CHC KC1 IK . -25.03 -36.37 68.75
CHD KC1 IK . -29.79 -36.40 67.62
CMA KC1 IK . -25.21 -43.87 66.55
CMB KC1 IK . -21.96 -40.25 68.33
CMC KC1 IK . -26.11 -33.47 69.36
CMD KC1 IK . -32.55 -37.36 66.78
NA KC1 IK . -27.12 -40.72 67.02
NC KC1 IK . -27.37 -36.77 68.09
O1A KC1 IK . -30.05 -46.00 65.10
O1D KC1 IK . -32.09 -43.48 67.11
O2A KC1 IK . -28.23 -47.21 64.90
O2D KC1 IK . -30.20 -43.09 68.15
OBD KC1 IK . -33.02 -40.93 66.04
MG KC1 IK . -27.23 -38.73 67.54
MG CLA JK . -28.18 -49.17 67.15
CHA CLA JK . -29.11 -51.31 64.58
CHB CLA JK . -31.21 -49.61 68.61
CHC CLA JK . -27.19 -47.07 69.69
CHD CLA JK . -25.00 -48.82 65.63
NA CLA JK . -29.87 -50.27 66.65
C1A CLA JK . -30.07 -51.12 65.53
C2A CLA JK . -31.45 -51.76 65.57
C3A CLA JK . -32.11 -51.15 66.82
C4A CLA JK . -31.01 -50.28 67.42
CMA CLA JK . -33.37 -50.38 66.48
CAA CLA JK . -31.37 -53.26 65.70
CBA CLA JK . -31.35 -53.71 67.16
CGA CLA JK . -29.97 -54.11 67.57
O1A CLA JK . -29.21 -54.91 67.04
O2A CLA JK . -29.56 -53.47 68.71
NB CLA JK . -29.04 -48.47 68.83
C1B CLA JK . -30.30 -48.76 69.25
C2B CLA JK . -30.58 -48.03 70.52
C3B CLA JK . -29.45 -47.31 70.84
C4B CLA JK . -28.45 -47.58 69.76
CMB CLA JK . -31.85 -48.13 71.24
CAB CLA JK . -29.18 -46.45 71.96
CBB CLA JK . -28.77 -46.87 73.16
NC CLA JK . -26.41 -48.12 67.57
C1C CLA JK . -26.23 -47.32 68.67
C2C CLA JK . -24.88 -46.76 68.66
C3C CLA JK . -24.25 -47.26 67.52
C4C CLA JK . -25.22 -48.12 66.84
CMC CLA JK . -24.35 -45.86 69.68
CAC CLA JK . -22.85 -46.96 67.12
CBC CLA JK . -22.69 -46.41 65.73
ND CLA JK . -27.22 -49.84 65.50
C1D CLA JK . -25.92 -49.62 64.99
C2D CLA JK . -25.76 -50.36 63.71
C3D CLA JK . -26.95 -51.02 63.51
C4D CLA JK . -27.83 -50.67 64.65
CMD CLA JK . -24.55 -50.35 62.89
CAD CLA JK . -27.70 -51.91 62.63
OBD CLA JK . -27.38 -52.42 61.57
CBD CLA JK . -29.09 -52.14 63.31
CGD CLA JK . -30.24 -51.78 62.39
C1 CLA JK . -28.16 -53.11 68.77
C2 CLA JK . -27.97 -52.22 69.94
C3 CLA JK . -26.85 -51.50 70.12
C4 CLA JK . -26.68 -50.61 71.30
C5 CLA JK . -25.72 -51.56 69.16
MG CLA KK . -26.08 -40.45 54.55
CHA CLA KK . -29.49 -39.84 54.72
CHB CLA KK . -26.16 -39.94 51.19
CHC CLA KK . -22.68 -40.95 54.46
CHD CLA KK . -26.05 -40.96 58.05
NA CLA KK . -27.60 -39.97 53.20
C1A CLA KK . -28.95 -39.75 53.48
C2A CLA KK . -29.72 -39.41 52.19
C3A CLA KK . -28.67 -39.61 51.08
C4A CLA KK . -27.36 -39.84 51.86
CMA CLA KK . -29.02 -40.77 50.18
CAA CLA KK . -30.18 -37.96 52.23
CBA CLA KK . -29.05 -36.99 52.51
CGA CLA KK . -28.53 -36.42 51.23
O1A CLA KK . -29.14 -36.22 50.18
O2A CLA KK . -27.20 -36.10 51.27
NB CLA KK . -24.71 -40.56 53.07
C1B CLA KK . -24.92 -40.16 51.80
C2B CLA KK . -23.61 -39.98 51.09
C3B CLA KK . -22.62 -40.27 52.00
C4B CLA KK . -23.31 -40.63 53.29
CMB CLA KK . -23.51 -39.56 49.69
CAB CLA KK . -21.18 -40.24 51.89
CBB CLA KK . -20.46 -40.63 50.83
NC CLA KK . -24.64 -40.89 55.99
C1C CLA KK . -23.31 -41.07 55.73
C2C CLA KK . -22.60 -41.39 56.97
C3C CLA KK . -23.55 -41.37 57.99
C4C CLA KK . -24.83 -41.06 57.37
CMC CLA KK . -21.16 -41.67 57.07
CAC CLA KK . -23.33 -41.63 59.42
CBC CLA KK . -23.44 -40.39 60.27
ND CLA KK . -27.39 -40.32 56.09
C1D CLA KK . -27.26 -40.62 57.47
C2D CLA KK . -28.58 -40.50 58.13
C3D CLA KK . -29.47 -40.18 57.12
C4D CLA KK . -28.68 -40.11 55.87
CMD CLA KK . -28.82 -40.69 59.56
CAD CLA KK . -30.85 -39.86 56.78
OBD CLA KK . -31.82 -39.70 57.52
CBD CLA KK . -30.91 -39.75 55.24
CGD CLA KK . -31.72 -40.90 54.70
O1D CLA KK . -31.57 -42.10 54.96
O2D CLA KK . -32.71 -40.56 53.83
CED CLA KK . -33.31 -41.62 53.09
C1 CLA KK . -26.41 -36.55 50.15
C2 CLA KK . -25.20 -35.69 50.03
C3 CLA KK . -24.15 -35.76 50.87
C4 CLA KK . -24.12 -36.70 52.01
C5 CLA KK . -22.97 -34.87 50.68
C6 CLA KK . -21.67 -35.50 51.13
C7 CLA KK . -21.07 -34.76 52.32
C8 CLA KK . -20.31 -33.51 51.89
MG CLA LK . -16.36 -39.38 48.04
CHA CLA LK . -18.38 -38.77 45.27
CHB CLA LK . -18.39 -37.41 49.94
CHC CLA LK . -14.47 -40.18 50.79
CHD CLA LK . -14.34 -41.47 46.03
NA CLA LK . -18.09 -38.26 47.64
C1A CLA LK . -18.78 -38.15 46.44
C2A CLA LK . -20.01 -37.26 46.58
C3A CLA LK . -19.92 -36.75 48.03
C4A CLA LK . -18.72 -37.52 48.60
CMA CLA LK . -19.70 -35.26 48.10
CAA CLA LK . -21.26 -38.09 46.42
CBA CLA LK . -22.53 -37.28 46.60
CGA CLA LK . -22.65 -36.30 45.47
O1A CLA LK . -22.74 -36.53 44.26
O2A CLA LK . -22.66 -35.00 45.90
NB CLA LK . -16.44 -38.92 50.00
C1B CLA LK . -17.32 -38.05 50.58
C2B CLA LK . -16.96 -37.85 52.01
C3B CLA LK . -15.84 -38.62 52.26
C4B CLA LK . -15.51 -39.32 50.98
CMB CLA LK . -17.72 -36.95 52.87
CAB CLA LK . -15.07 -38.82 53.46
CBB CLA LK . -15.12 -38.10 54.58
NC CLA LK . -14.69 -40.59 48.35
C1C CLA LK . -14.08 -40.78 49.56
C2C CLA LK . -12.96 -41.71 49.40
C3C CLA LK . -12.91 -42.07 48.05
C4C CLA LK . -14.01 -41.36 47.40
CMC CLA LK . -12.08 -42.14 50.49
CAC CLA LK . -11.96 -42.99 47.42
CBC CLA LK . -11.02 -42.30 46.46
ND CLA LK . -16.25 -39.94 46.11
C1D CLA LK . -15.37 -40.80 45.40
C2D CLA LK . -15.77 -40.87 43.98
C3D CLA LK . -16.92 -40.10 43.88
C4D CLA LK . -17.18 -39.56 45.22
CMD CLA LK . -15.08 -41.62 42.95
CAD CLA LK . -17.95 -39.60 42.99
OBD CLA LK . -18.10 -39.76 41.78
CBD CLA LK . -18.93 -38.74 43.87
CGD CLA LK . -19.06 -37.34 43.35
O1D CLA LK . -18.22 -36.44 43.44
O2D CLA LK . -20.24 -37.07 42.74
CED CLA LK . -20.38 -35.79 42.10
C1 CLA LK . -22.94 -34.00 44.90
C2 CLA LK . -21.76 -33.10 44.84
C3 CLA LK . -21.48 -32.19 45.79
C4 CLA LK . -22.34 -32.00 46.98
C5 CLA LK . -20.28 -31.32 45.68
C6 CLA LK . -19.31 -31.49 46.83
C7 CLA LK . -18.10 -30.60 46.65
C8 CLA LK . -17.10 -30.74 47.80
C9 CLA LK . -16.29 -32.01 47.66
C10 CLA LK . -17.81 -30.71 49.15
MG CLA MK . -6.52 -56.12 51.41
CHA CLA MK . -3.16 -57.04 51.34
CHB CLA MK . -5.85 -53.47 49.39
CHC CLA MK . -9.86 -55.29 51.47
CHD CLA MK . -7.19 -58.94 53.45
NA CLA MK . -4.77 -55.39 50.53
C1A CLA MK . -3.47 -55.91 50.62
C2A CLA MK . -2.50 -55.07 49.80
C3A CLA MK . -3.37 -53.92 49.24
C4A CLA MK . -4.77 -54.27 49.75
CMA CLA MK . -2.91 -52.56 49.70
CAA CLA MK . -1.95 -55.90 48.65
CBA CLA MK . -3.04 -56.51 47.78
CGA CLA MK . -3.39 -57.89 48.23
O1A CLA MK . -2.70 -58.91 48.23
O2A CLA MK . -4.68 -57.98 48.70
NB CLA MK . -7.63 -54.64 50.60
C1B CLA MK . -7.17 -53.66 49.78
C2B CLA MK . -8.31 -52.80 49.35
C3B CLA MK . -9.45 -53.31 49.92
C4B CLA MK . -9.03 -54.49 50.75
CMB CLA MK . -8.13 -51.65 48.45
CAB CLA MK . -10.82 -52.87 49.85
CBB CLA MK . -11.24 -51.61 49.87
NC CLA MK . -8.20 -56.95 52.32
C1C CLA MK . -9.47 -56.44 52.22
C2C CLA MK . -10.40 -57.27 52.98
C3C CLA MK . -9.65 -58.31 53.52
C4C CLA MK . -8.28 -58.11 53.10
CMC CLA MK . -11.84 -57.03 53.10
CAC CLA MK . -10.15 -59.42 54.36
CBC CLA MK . -10.30 -60.70 53.60
ND CLA MK . -5.48 -57.64 52.24
C1D CLA MK . -5.88 -58.73 53.06
C2D CLA MK . -4.69 -59.56 53.38
C3D CLA MK . -3.63 -58.95 52.75
C4D CLA MK . -4.17 -57.77 52.06
CMD CLA MK . -4.71 -60.77 54.21
CAD CLA MK . -2.20 -58.99 52.49
OBD CLA MK . -1.35 -59.80 52.88
CBD CLA MK . -1.86 -57.77 51.58
CGD CLA MK . -0.80 -56.90 52.18
O1D CLA MK . 0.43 -56.99 52.05
O2D CLA MK . -1.30 -55.89 52.94
CED CLA MK . -0.39 -55.17 53.78
C1 CLA MK . -5.14 -59.29 49.10
C2 CLA MK . -6.57 -59.15 49.47
C3 CLA MK . -7.43 -60.18 49.48
C4 CLA MK . -7.03 -61.56 49.14
C5 CLA MK . -8.87 -59.97 49.85
C6 CLA MK . -9.67 -59.37 48.73
C7 CLA MK . -11.15 -59.39 49.05
C8 CLA MK . -11.93 -58.35 48.23
C9 CLA MK . -11.81 -56.98 48.88
C10 CLA MK . -13.39 -58.74 48.11
MG CLA NK . -3.29 -60.64 39.35
CHA CLA NK . -0.22 -60.55 40.97
CHB CLA NK . -1.80 -62.11 36.66
CHC CLA NK . -6.38 -60.97 37.89
CHD CLA NK . -4.75 -58.98 42.10
NA CLA NK . -1.33 -61.20 38.90
C1A CLA NK . -0.20 -61.10 39.73
C2A CLA NK . 1.04 -61.63 39.01
C3A CLA NK . 0.54 -61.83 37.57
C4A CLA NK . -0.98 -61.74 37.70
CMA CLA NK . 1.05 -60.69 36.72
CAA CLA NK . 1.50 -62.93 39.64
CBA CLA NK . 1.35 -64.13 38.73
CGA CLA NK . 2.60 -64.95 38.77
O1A CLA NK . 3.76 -64.56 38.79
O2A CLA NK . 2.37 -66.30 38.77
NB CLA NK . -3.96 -61.38 37.60
C1B CLA NK . -3.21 -62.02 36.66
C2B CLA NK . -4.09 -62.59 35.60
C3B CLA NK . -5.39 -62.26 35.94
C4B CLA NK . -5.32 -61.48 37.21
CMB CLA NK . -3.59 -63.31 34.44
CAB CLA NK . -6.62 -62.55 35.25
CBB CLA NK . -7.65 -63.23 35.76
NC CLA NK . -5.21 -60.05 39.90
C1C CLA NK . -6.33 -60.28 39.14
C2C CLA NK . -7.50 -59.73 39.83
C3C CLA NK . -7.05 -59.18 41.02
C4C CLA NK . -5.60 -59.37 41.05
CMC CLA NK . -8.87 -59.80 39.31
CAC CLA NK . -7.86 -58.50 42.05
CBC CLA NK . -8.18 -57.07 41.70
ND CLA NK . -2.69 -59.88 41.12
C1D CLA NK . -3.39 -59.21 42.16
C2D CLA NK . -2.42 -58.86 43.23
C3D CLA NK . -1.20 -59.38 42.84
C4D CLA NK . -1.42 -60.00 41.52
CMD CLA NK . -2.76 -58.13 44.46
CAD CLA NK . 0.21 -59.52 43.16
OBD CLA NK . 0.82 -59.13 44.15
CBD CLA NK . 0.88 -60.29 41.98
CGD CLA NK . 2.03 -59.54 41.37
O1D CLA NK . 1.99 -58.67 40.49
O2D CLA NK . 3.25 -59.90 41.85
CED CLA NK . 3.79 -59.17 42.95
C1 CLA NK . 3.51 -67.14 38.51
MG CLA OK . -15.72 -44.92 40.71
CHA CLA OK . -18.63 -43.40 41.83
CHB CLA OK . -16.74 -44.45 37.48
CHC CLA OK . -12.72 -46.16 39.64
CHD CLA OK . -14.71 -45.34 44.07
NA CLA OK . -17.43 -44.10 39.83
C1A CLA OK . -18.51 -43.50 40.47
C2A CLA OK . -19.54 -43.01 39.45
C3A CLA OK . -19.03 -43.57 38.10
C4A CLA OK . -17.62 -44.07 38.48
CMA CLA OK . -19.92 -44.68 37.59
CAA CLA OK . -19.55 -41.50 39.45
CBA CLA OK . -19.11 -40.87 38.14
CGA CLA OK . -19.49 -39.42 38.12
O1A CLA OK . -20.60 -38.91 38.27
O2A CLA OK . -18.43 -38.56 37.91
NB CLA OK . -14.89 -45.24 38.90
C1B CLA OK . -15.44 -44.94 37.71
C2B CLA OK . -14.47 -45.21 36.61
C3B CLA OK . -13.33 -45.70 37.21
C4B CLA OK . -13.58 -45.74 38.68
CMB CLA OK . -14.79 -44.99 35.20
CAB CLA OK . -12.09 -46.15 36.63
CBB CLA OK . -11.42 -45.54 35.64
NC CLA OK . -14.05 -45.68 41.69
C1C CLA OK . -12.93 -46.16 41.05
C2C CLA OK . -11.95 -46.61 42.03
C3C CLA OK . -12.51 -46.36 43.29
C4C CLA OK . -13.82 -45.76 43.06
CMC CLA OK . -10.65 -47.20 41.70
CAC CLA OK . -11.88 -46.64 44.60
CBC CLA OK . -12.00 -48.08 45.02
ND CLA OK . -16.49 -44.60 42.55
C1D CLA OK . -15.95 -44.79 43.85
C2D CLA OK . -16.94 -44.29 44.85
C3D CLA OK . -17.99 -43.76 44.13
C4D CLA OK . -17.64 -43.95 42.71
CMD CLA OK . -16.76 -44.37 46.30
CAD CLA OK . -19.30 -43.13 44.18
OBD CLA OK . -20.02 -42.88 45.14
CBD CLA OK . -19.70 -42.80 42.71
CGD CLA OK . -21.05 -43.33 42.36
O1D CLA OK . -21.38 -44.50 42.15
O2D CLA OK . -22.01 -42.36 42.26
CED CLA OK . -23.33 -42.67 42.67
C1 CLA OK . -17.66 -38.19 39.06
C2 CLA OK . -17.61 -36.71 39.09
C3 CLA OK . -16.46 -36.01 39.16
C4 CLA OK . -16.45 -34.53 39.19
C5 CLA OK . -15.14 -36.70 39.19
C6 CLA OK . -14.11 -36.03 38.31
C7 CLA OK . -13.21 -37.07 37.65
C8 CLA OK . -11.91 -36.46 37.12
C9 CLA OK . -11.84 -36.58 35.61
C10 CLA OK . -10.70 -37.12 37.76
MG CLA PK . -24.94 -55.69 50.50
CHA CLA PK . -27.39 -56.15 48.09
CHB CLA PK . -27.27 -56.13 52.94
CHC CLA PK . -22.46 -55.39 52.85
CHD CLA PK . -22.54 -55.34 47.93
NA CLA PK . -27.00 -56.06 50.49
C1A CLA PK . -27.84 -56.23 49.38
C2A CLA PK . -29.28 -56.49 49.81
C3A CLA PK . -29.22 -56.35 51.35
C4A CLA PK . -27.73 -56.18 51.63
CMA CLA PK . -30.04 -55.18 51.82
CAA CLA PK . -29.69 -57.91 49.42
CBA CLA PK . -28.62 -58.94 49.72
CGA CLA PK . -28.81 -59.52 51.09
O1A CLA PK . -29.75 -59.38 51.86
O2A CLA PK . -27.75 -60.28 51.50
NB CLA PK . -24.88 -55.73 52.52
C1B CLA PK . -25.94 -55.96 53.33
C2B CLA PK . -25.49 -56.00 54.75
C3B CLA PK . -24.12 -55.78 54.74
C4B CLA PK . -23.72 -55.61 53.31
CMB CLA PK . -26.41 -56.22 55.87
CAB CLA PK . -23.14 -55.72 55.81
CBB CLA PK . -23.38 -55.45 57.09
NC CLA PK . -22.88 -55.38 50.40
C1C CLA PK . -22.06 -55.28 51.48
C2C CLA PK . -20.68 -55.05 51.05
C3C CLA PK . -20.70 -55.07 49.65
C4C CLA PK . -22.09 -55.28 49.25
CMC CLA PK . -19.54 -54.87 51.94
CAC CLA PK . -19.54 -54.89 48.75
CBC CLA PK . -19.03 -56.21 48.23
ND CLA PK . -24.91 -55.68 48.47
C1D CLA PK . -23.85 -55.53 47.54
C2D CLA PK . -24.41 -55.60 46.17
C3D CLA PK . -25.77 -55.82 46.32
C4D CLA PK . -26.02 -55.88 47.77
CMD CLA PK . -23.63 -55.46 44.94
CAD CLA PK . -27.04 -56.03 45.65
OBD CLA PK . -27.31 -56.03 44.45
CBD CLA PK . -28.11 -56.27 46.77
CGD CLA PK . -29.26 -55.29 46.69
O1D CLA PK . -29.20 -54.07 46.82
O2D CLA PK . -30.46 -55.87 46.45
CED CLA PK . -31.62 -55.25 47.00
C1 CLA PK . -26.85 -59.67 52.45
C2 CLA PK . -27.09 -60.29 53.78
C3 CLA PK . -26.12 -60.83 54.50
C4 CLA PK . -26.36 -61.45 55.83
C5 CLA PK . -24.71 -60.86 54.01
C6 CLA PK . -23.72 -60.30 55.01
C7 CLA PK . -22.42 -61.08 54.96
C8 CLA PK . -21.44 -60.61 56.04
NB KC1 QK . -20.84 -56.31 61.40
ND KC1 QK . -24.02 -55.09 63.34
C1A KC1 QK . -25.03 -56.94 61.15
C1B KC1 QK . -20.83 -57.21 60.41
C1C KC1 QK . -19.91 -54.46 63.53
C1D KC1 QK . -24.06 -54.32 64.44
C2A KC1 QK . -25.45 -57.89 60.12
C2B KC1 QK . -19.50 -57.43 59.97
C2C KC1 QK . -19.45 -53.61 64.61
C2D KC1 QK . -25.42 -54.18 64.80
C3A KC1 QK . -24.27 -58.33 59.53
C3B KC1 QK . -18.69 -56.63 60.75
C3C KC1 QK . -20.55 -53.24 65.33
C3D KC1 QK . -26.19 -54.91 63.90
C4A KC1 QK . -23.20 -57.68 60.15
C4B KC1 QK . -19.57 -55.93 61.64
C4C KC1 QK . -21.70 -53.86 64.69
C4D KC1 QK . -25.27 -55.46 62.99
CAA KC1 QK . -26.81 -58.31 59.78
CAB KC1 QK . -17.22 -56.52 60.66
CAC KC1 QK . -20.53 -52.38 66.56
CAD KC1 QK . -27.53 -55.34 63.50
CBA KC1 QK . -27.23 -59.53 60.19
CBB KC1 QK . -16.45 -57.09 61.59
CBC KC1 QK . -21.35 -51.08 66.41
CBD KC1 QK . -27.24 -56.48 62.54
CED KC1 QK . -29.36 -58.29 64.26
CGA KC1 QK . -28.19 -60.25 59.42
CGD KC1 QK . -27.25 -57.80 63.28
CHA KC1 QK . -25.86 -56.22 62.02
CHB KC1 QK . -21.87 -57.89 59.80
CHC KC1 QK . -19.08 -55.04 62.56
CHD KC1 QK . -23.03 -53.71 65.13
CMA KC1 QK . -24.17 -59.32 58.40
CMB KC1 QK . -19.05 -58.36 58.88
CMC KC1 QK . -18.03 -53.23 64.90
CMD KC1 QK . -25.95 -53.40 65.98
NA KC1 QK . -23.65 -56.83 61.14
NC KC1 QK . -21.27 -54.59 63.60
O1A KC1 QK . -28.66 -59.74 58.43
O1D KC1 QK . -26.20 -58.27 63.66
O2A KC1 QK . -28.36 -61.57 59.65
O2D KC1 QK . -28.35 -58.56 63.26
OBD KC1 QK . -28.56 -55.16 64.10
MG KC1 QK . -22.45 -55.68 62.34
MG CLA RK . -11.38 -41.98 66.99
CHA CLA RK . -8.71 -41.54 69.18
CHB CLA RK . -12.69 -44.34 69.06
CHC CLA RK . -13.96 -42.41 64.76
CHD CLA RK . -9.98 -39.50 64.88
NA CLA RK . -10.79 -42.77 68.83
C1A CLA RK . -9.64 -42.45 69.59
C2A CLA RK . -9.62 -43.26 70.87
C3A CLA RK . -10.88 -44.15 70.80
C4A CLA RK . -11.52 -43.73 69.48
CMA CLA RK . -10.56 -45.62 70.85
CAA CLA RK . -9.70 -42.37 72.09
NB CLA RK . -13.04 -43.12 66.94
C1B CLA RK . -13.37 -44.07 67.86
C2B CLA RK . -14.59 -44.80 67.42
C3B CLA RK . -14.95 -44.27 66.20
C4B CLA RK . -13.96 -43.19 65.88
CMB CLA RK . -15.20 -45.88 68.18
CAB CLA RK . -16.05 -44.65 65.34
CBB CLA RK . -17.06 -43.85 64.97
NC CLA RK . -11.88 -41.10 65.16
C1C CLA RK . -12.99 -41.42 64.42
C2C CLA RK . -13.03 -40.60 63.21
C3C CLA RK . -11.90 -39.78 63.24
C4C CLA RK . -11.19 -40.09 64.47
CMC CLA RK . -14.06 -40.66 62.19
CAC CLA RK . -11.51 -38.76 62.25
CBC CLA RK . -10.82 -39.30 61.03
ND CLA RK . -9.75 -40.78 66.96
C1D CLA RK . -9.30 -39.81 66.04
C2D CLA RK . -8.01 -39.24 66.52
C3D CLA RK . -7.73 -39.88 67.71
C4D CLA RK . -8.85 -40.82 67.94
CMD CLA RK . -7.23 -38.22 65.82
CAD CLA RK . -6.82 -39.99 68.83
OBD CLA RK . -5.76 -39.41 69.04
CBD CLA RK . -7.41 -41.07 69.79
CGD CLA RK . -6.44 -42.21 69.96
O1D CLA RK . -5.51 -42.52 69.20
O2D CLA RK . -6.63 -42.95 71.08
CED CLA RK . -5.49 -43.37 71.82
MG CLA SK . -3.91 -44.39 45.39
CHA CLA SK . -0.98 -43.62 43.69
CHB CLA SK . -4.01 -41.23 46.66
CHC CLA SK . -6.78 -45.22 47.06
CHD CLA SK . -3.67 -47.71 44.16
NA CLA SK . -2.70 -42.70 45.16
C1A CLA SK . -1.52 -42.59 44.42
C2A CLA SK . -0.95 -41.18 44.54
C3A CLA SK . -1.84 -40.50 45.58
C4A CLA SK . -2.95 -41.53 45.82
CMA CLA SK . -1.09 -40.21 46.85
CAA CLA SK . -1.11 -40.47 43.21
CBA CLA SK . 0.18 -39.94 42.64
CGA CLA SK . -0.12 -38.77 41.74
O1A CLA SK . -0.37 -37.61 42.06
O2A CLA SK . -0.09 -39.09 40.41
NB CLA SK . -5.13 -43.43 46.67
C1B CLA SK . -5.06 -42.10 46.98
C2B CLA SK . -6.27 -41.70 47.75
C3B CLA SK . -7.06 -42.82 47.87
C4B CLA SK . -6.35 -43.93 47.18
CMB CLA SK . -6.49 -40.34 48.23
CAB CLA SK . -8.34 -42.95 48.53
CBB CLA SK . -8.81 -44.00 49.19
NC CLA SK . -5.03 -46.15 45.56
C1C CLA SK . -6.17 -46.26 46.30
C2C CLA SK . -6.68 -47.62 46.24
C3C CLA SK . -5.80 -48.34 45.42
C4C CLA SK . -4.76 -47.40 45.00
CMC CLA SK . -7.89 -48.08 46.92
CAC CLA SK . -5.90 -49.76 45.06
CBC CLA SK . -7.06 -50.07 44.14
ND CLA SK . -2.74 -45.44 44.11
C1D CLA SK . -2.71 -46.82 43.74
C2D CLA SK . -1.54 -47.05 42.86
C3D CLA SK . -0.86 -45.85 42.79
C4D CLA SK . -1.61 -44.89 43.63
CMD CLA SK . -1.19 -48.30 42.20
CAD CLA SK . 0.28 -45.13 42.24
OBD CLA SK . 1.11 -45.50 41.41
CBD CLA SK . 0.29 -43.73 42.90
CGD CLA SK . 1.47 -43.59 43.83
O1D CLA SK . 1.56 -44.00 44.99
O2D CLA SK . 2.55 -42.94 43.30
CED CLA SK . 3.42 -42.26 44.21
C1 CLA SK . -1.36 -39.31 39.77
C2 CLA SK . -1.92 -37.97 39.44
C3 CLA SK . -3.22 -37.77 39.18
C4 CLA SK . -3.75 -36.43 38.87
C5 CLA SK . -4.19 -38.90 39.19
C6 CLA SK . -5.32 -38.74 38.19
C7 CLA SK . -6.66 -38.92 38.87
MG CLA TK . -6.76 -37.07 56.60
CHA CLA TK . -3.44 -37.72 55.84
CHB CLA TK . -5.91 -36.32 59.80
CHC CLA TK . -10.05 -36.29 57.24
CHD CLA TK . -7.62 -37.89 53.25
NA CLA TK . -4.95 -37.06 57.64
C1A CLA TK . -3.67 -37.34 57.14
C2A CLA TK . -2.63 -37.19 58.25
C3A CLA TK . -3.47 -36.88 59.51
C4A CLA TK . -4.89 -36.72 58.96
CMA CLA TK . -3.39 -37.98 60.53
CAA CLA TK . -1.67 -36.04 57.94
CBA CLA TK . -2.37 -34.71 58.09
CGA CLA TK . -1.83 -33.71 57.10
O1A CLA TK . -2.15 -32.53 56.96
O2A CLA TK . -0.89 -34.24 56.28
NB CLA TK . -7.78 -36.46 58.22
C1B CLA TK . -7.24 -36.16 59.43
C2B CLA TK . -8.29 -35.60 60.33
C3B CLA TK . -9.47 -35.59 59.61
C4B CLA TK . -9.16 -36.14 58.26
CMB CLA TK . -8.03 -35.18 61.70
CAB CLA TK . -10.79 -35.15 60.00
CBB CLA TK . -11.40 -34.06 59.53
NC CLA TK . -8.51 -37.11 55.45
C1C CLA TK . -9.74 -36.75 55.92
C2C CLA TK . -10.73 -36.87 54.86
C3C CLA TK . -10.06 -37.33 53.73
C4C CLA TK . -8.65 -37.47 54.11
CMC CLA TK . -12.15 -36.55 55.01
CAC CLA TK . -10.63 -37.61 52.40
CBC CLA TK . -11.37 -38.93 52.32
ND CLA TK . -5.82 -37.67 54.91
C1D CLA TK . -6.29 -37.98 53.61
C2D CLA TK . -5.13 -38.38 52.77
C3D CLA TK . -4.02 -38.29 53.57
C4D CLA TK . -4.50 -37.85 54.89
CMD CLA TK . -5.23 -38.79 51.36
CAD CLA TK . -2.58 -38.46 53.66
OBD CLA TK . -1.78 -38.81 52.80
CBD CLA TK . -2.17 -38.10 55.12
CGD CLA TK . -1.48 -39.24 55.83
O1D CLA TK . -1.96 -39.98 56.69
O2D CLA TK . -0.19 -39.45 55.43
CED CLA TK . 0.80 -39.54 56.46
C1 CLA TK . -0.29 -33.32 55.34
C1 PID UK . -10.30 -42.11 84.60
C2 PID UK . -9.51 -42.56 85.80
C3 PID UK . -8.89 -43.94 85.60
C4 PID UK . -9.94 -44.91 85.11
C5 PID UK . -10.52 -44.58 83.73
C6 PID UK . -10.77 -43.07 83.58
C7 PID UK . -12.01 -42.70 82.81
C8 PID UK . -12.16 -42.54 81.49
C9 PID UK . -13.40 -42.34 80.88
C10 PID UK . -14.71 -42.33 81.56
C11 PID UK . -13.66 -42.11 79.52
C12 PID UK . -15.08 -42.00 79.33
C13 PID UK . -15.80 -41.81 78.10
C14 PID UK . -17.14 -41.74 77.89
C15 PID UK . -17.65 -41.54 76.63
C16 PID UK . -19.00 -41.45 76.33
C17 PID UK . -19.75 -41.26 75.17
C18 PID UK . -21.13 -41.20 75.17
C19 PID UK . -22.06 -41.03 74.13
C20 PID UK . -23.43 -41.03 74.26
C21 PID UK . -24.44 -40.90 73.30
C22 PID UK . -25.87 -41.00 73.64
C23 PID UK . -26.91 -40.68 72.93
C24 PID UK . -27.95 -40.40 72.19
C25 PID UK . -29.09 -41.43 72.13
C26 PID UK . -30.12 -41.08 71.05
C27 PID UK . -30.40 -39.61 70.97
C28 PID UK . -29.15 -38.91 70.51
C29 PID UK . -28.05 -39.00 71.55
C30 PID UK . -32.70 -39.75 70.27
C31 PID UK . -33.58 -39.80 69.07
CM1 PID UK . -11.00 -40.78 84.75
CM2 PID UK . -11.81 -45.39 83.59
CM3 PID UK . -9.50 -45.05 82.68
CM4 PID UK . -18.16 -41.90 78.99
CM5 PID UK . -24.08 -40.73 71.87
CM6 PID UK . -28.53 -42.82 71.84
CM7 PID UK . -29.80 -41.49 73.49
CM8 PID UK . -26.73 -38.55 70.95
O1 PID UK . -9.58 -42.27 83.34
O2 PID UK . -8.34 -44.40 86.84
O3 PID UK . -15.03 -42.48 82.71
O4 PID UK . -15.68 -42.12 80.59
O5 PID UK . -28.44 -38.05 72.57
O6 PID UK . -31.44 -39.39 69.96
O7 PID UK . -33.06 -39.99 71.39
C DD6 VK . -9.57 -8.83 63.09
C1 DD6 VK . -10.62 -9.86 62.85
C10 DD6 VK . -3.18 -13.82 58.58
C11 DD6 VK . -2.49 -14.69 57.83
C12 DD6 VK . -3.18 -15.75 57.02
C13 DD6 VK . -1.03 -14.57 57.84
C14 DD6 VK . -0.24 -15.09 56.91
C15 DD6 VK . 1.25 -14.86 57.11
C16 DD6 VK . 1.85 -13.55 56.65
C17 DD6 VK . 3.32 -13.73 56.33
C18 DD6 VK . 4.02 -14.40 57.49
C19 DD6 VK . 3.64 -15.87 57.48
C2 DD6 VK . -10.25 -11.01 62.32
C20 DD6 VK . 2.11 -16.00 57.74
C21 DD6 VK . 1.50 -17.41 57.70
C22 DD6 VK . 1.74 -12.52 57.76
C23 DD6 VK . 1.11 -13.06 55.43
C24 DD6 VK . -12.02 -9.57 63.23
C25 DD6 VK . -12.39 -8.35 63.63
C26 DD6 VK . -13.80 -8.19 64.00
C27 DD6 VK . -14.15 -7.50 65.08
C28 DD6 VK . -13.09 -6.88 65.94
C29 DD6 VK . -15.36 -7.40 65.37
C3 DD6 VK . -8.84 -11.20 61.99
C30 DD6 VK . -16.51 -7.35 65.66
C31 DD6 VK . -17.72 -7.34 65.97
C32 DD6 VK . -18.08 -7.47 67.42
C33 DD6 VK . -19.53 -7.86 67.59
C34 DD6 VK . -20.39 -7.00 66.70
C35 DD6 VK . -20.09 -7.39 65.27
C36 DD6 VK . -18.62 -7.20 65.02
C37 DD6 VK . -18.18 -6.85 63.63
C4 DD6 VK . -8.48 -11.70 60.81
C40 DD6 VK . -17.83 -6.14 68.11
C41 DD6 VK . -17.20 -8.53 68.04
C5 DD6 VK . -7.06 -11.88 60.55
C6 DD6 VK . -6.61 -12.79 59.69
C7 DD6 VK . -7.55 -13.67 58.93
C8 DD6 VK . -5.17 -12.91 59.48
C9 DD6 VK . -4.64 -13.82 58.68
O1 DD6 VK . 1.48 -14.98 58.52
O2 DD6 VK . 5.44 -14.26 57.35
O4 DD6 VK . -21.77 -7.25 66.98
C DD6 WK . -14.19 -17.43 64.98
C1 DD6 WK . -15.40 -18.24 65.27
C10 DD6 WK . -10.67 -22.68 72.57
C11 DD6 WK . -10.71 -23.77 73.34
C12 DD6 WK . -11.89 -24.67 73.27
C13 DD6 WK . -9.62 -24.12 74.27
C14 DD6 WK . -8.36 -23.82 73.99
C15 DD6 WK . -7.22 -24.17 74.93
C16 DD6 WK . -6.32 -25.36 74.60
C17 DD6 WK . -5.32 -25.65 75.71
C18 DD6 WK . -4.82 -24.38 76.37
C19 DD6 WK . -5.95 -23.86 77.22
C2 DD6 WK . -15.40 -19.13 66.28
C20 DD6 WK . -6.96 -23.31 76.19
C21 DD6 WK . -8.14 -22.48 76.75
C22 DD6 WK . -5.55 -25.06 73.32
C23 DD6 WK . -7.17 -26.61 74.39
C24 DD6 WK . -16.55 -18.00 64.40
C25 DD6 WK . -16.44 -17.12 63.41
C26 DD6 WK . -17.59 -16.88 62.56
C27 DD6 WK . -17.55 -15.94 61.61
C28 DD6 WK . -16.32 -15.10 61.44
C29 DD6 WK . -18.54 -15.74 60.89
C3 DD6 WK . -14.23 -19.33 67.11
C30 DD6 WK . -19.47 -15.53 60.21
C31 DD6 WK . -20.46 -15.27 59.49
C32 DD6 WK . -20.28 -15.17 58.00
C33 DD6 WK . -21.50 -14.45 57.48
C34 DD6 WK . -22.73 -15.26 57.79
C35 DD6 WK . -22.90 -15.42 59.29
C36 DD6 WK . -21.64 -15.07 60.03
C37 DD6 WK . -21.74 -14.50 61.41
C4 DD6 WK . -14.24 -20.21 68.11
C40 DD6 WK . -19.03 -14.38 57.68
C41 DD6 WK . -20.20 -16.56 57.41
C5 DD6 WK . -13.04 -20.39 68.93
C6 DD6 WK . -13.05 -21.24 69.97
C7 DD6 WK . -14.30 -21.98 70.31
C8 DD6 WK . -11.84 -21.42 70.81
C9 DD6 WK . -11.81 -22.43 71.68
O1 DD6 WK . -6.39 -23.00 74.93
O2 DD6 WK . -3.70 -24.69 77.21
O4 DD6 WK . -23.86 -14.57 57.27
C DD6 XK . -14.35 -14.25 81.10
C1 DD6 XK . -15.59 -13.57 80.60
C10 DD6 XK . -9.72 -9.98 73.99
C11 DD6 XK . -9.25 -9.26 72.97
C12 DD6 XK . -10.14 -8.39 72.15
C13 DD6 XK . -7.80 -9.36 72.68
C14 DD6 XK . -7.25 -8.80 71.62
C15 DD6 XK . -5.76 -8.97 71.41
C16 DD6 XK . -4.78 -7.93 71.93
C17 DD6 XK . -3.50 -7.94 71.11
C18 DD6 XK . -2.95 -9.35 70.98
C19 DD6 XK . -3.85 -10.14 70.03
C2 DD6 XK . -15.54 -12.78 79.51
C20 DD6 XK . -5.29 -10.11 70.51
C21 DD6 XK . -6.35 -10.91 69.77
C22 DD6 XK . -4.45 -8.21 73.38
C23 DD6 XK . -5.43 -6.55 71.82
C24 DD6 XK . -16.89 -13.78 81.28
C25 DD6 XK . -16.99 -14.55 82.35
C26 DD6 XK . -18.30 -14.68 82.97
C27 DD6 XK . -18.48 -15.38 84.10
C28 DD6 XK . -17.34 -16.05 84.79
C29 DD6 XK . -19.64 -15.45 84.57
C3 DD6 XK . -14.27 -12.56 78.82
C30 DD6 XK . -20.75 -15.53 84.95
C31 DD6 XK . -21.92 -15.62 85.38
C32 DD6 XK . -23.05 -15.59 84.37
C33 DD6 XK . -24.40 -15.52 85.08
C34 DD6 XK . -24.43 -16.64 86.11
C35 DD6 XK . -23.46 -16.29 87.23
C36 DD6 XK . -22.17 -15.73 86.68
C37 DD6 XK . -21.12 -15.29 87.66
C4 DD6 XK . -14.25 -11.90 77.67
C40 DD6 XK . -22.95 -16.87 83.54
C41 DD6 XK . -22.83 -14.38 83.49
C5 DD6 XK . -12.95 -11.70 77.03
C6 DD6 XK . -12.79 -10.93 75.95
C7 DD6 XK . -13.96 -10.24 75.31
C8 DD6 XK . -11.43 -10.80 75.40
C9 DD6 XK . -11.12 -9.99 74.39
O1 DD6 XK . -5.40 -10.27 71.93
O2 DD6 XK . -1.62 -9.31 70.43
O4 DD6 XK . -25.76 -16.76 86.63
C DD6 YK . -9.82 -21.00 66.67
C1 DD6 YK . -8.63 -21.28 65.80
C10 DD6 YK . -12.28 -14.24 60.48
C11 DD6 YK . -12.29 -13.20 59.64
C12 DD6 YK . -11.16 -12.96 58.69
C13 DD6 YK . -13.44 -12.27 59.69
C14 DD6 YK . -13.44 -11.13 59.00
C15 DD6 YK . -14.64 -10.21 59.09
C16 DD6 YK . -15.94 -10.54 58.37
C17 DD6 YK . -16.64 -9.28 57.89
C18 DD6 YK . -16.80 -8.28 59.04
C19 DD6 YK . -15.43 -7.71 59.39
C2 DD6 YK . -8.45 -20.60 64.65
C20 DD6 YK . -14.39 -8.80 59.62
C21 DD6 YK . -12.96 -8.41 59.95
C22 DD6 YK . -16.86 -11.31 59.31
C23 DD6 YK . -15.63 -11.41 57.15
C24 DD6 YK . -7.65 -22.29 66.21
C25 DD6 YK . -7.79 -22.94 67.35
C26 DD6 YK . -6.77 -23.92 67.75
C27 DD6 YK . -6.80 -24.44 69.00
C28 DD6 YK . -7.86 -24.02 69.95
C29 DD6 YK . -5.92 -25.24 69.35
C3 DD6 YK . -9.42 -19.59 64.26
C30 DD6 YK . -5.11 -26.02 69.74
C31 DD6 YK . -4.23 -26.84 70.11
C32 DD6 YK . -4.59 -28.30 70.24
C33 DD6 YK . -3.52 -29.09 70.98
C34 DD6 YK . -2.12 -28.66 70.56
C35 DD6 YK . -1.94 -27.22 71.02
C36 DD6 YK . -2.99 -26.38 70.35
C37 DD6 YK . -2.65 -24.98 69.93
C4 DD6 YK . -9.19 -18.80 63.22
C40 DD6 YK . -4.79 -28.88 68.84
C41 DD6 YK . -5.90 -28.39 71.01
C5 DD6 YK . -10.18 -17.78 62.89
C6 DD6 YK . -10.16 -17.09 61.75
C7 DD6 YK . -9.11 -17.34 60.70
C8 DD6 YK . -11.20 -16.06 61.53
C9 DD6 YK . -11.19 -15.20 60.53
O1 DD6 YK . -14.89 -9.85 60.45
O2 DD6 YK . -17.66 -7.22 58.62
O4 DD6 YK . -1.15 -29.47 71.22
C DD6 ZK . -10.27 -21.44 89.00
C1 DD6 ZK . -9.12 -22.25 88.53
C10 DD6 ZK . -14.72 -24.45 80.99
C11 DD6 ZK . -14.87 -24.92 79.75
C12 DD6 ZK . -13.76 -25.69 79.11
C13 DD6 ZK . -16.12 -24.70 78.99
C14 DD6 ZK . -17.26 -25.26 79.39
C15 DD6 ZK . -18.57 -25.06 78.64
C16 DD6 ZK . -19.19 -26.25 77.94
C17 DD6 ZK . -20.37 -25.87 77.08
C18 DD6 ZK . -21.21 -24.80 77.74
C19 DD6 ZK . -20.43 -23.51 77.58
C2 DD6 ZK . -9.18 -22.88 87.35
C20 DD6 ZK . -19.25 -23.65 78.55
C21 DD6 ZK . -18.42 -22.43 78.85
C22 DD6 ZK . -19.67 -27.23 78.99
C23 DD6 ZK . -18.13 -26.93 77.08
C24 DD6 ZK . -7.96 -22.31 89.43
C25 DD6 ZK . -8.03 -21.48 90.46
C26 DD6 ZK . -6.98 -21.41 91.48
C27 DD6 ZK . -7.21 -21.98 92.66
C28 DD6 ZK . -8.53 -22.67 92.90
C29 DD6 ZK . -6.36 -21.93 93.55
C3 DD6 ZK . -10.38 -22.76 86.54
C30 DD6 ZK . -5.57 -21.87 94.42
C31 DD6 ZK . -4.71 -21.80 95.32
C32 DD6 ZK . -3.56 -20.85 95.18
C33 DD6 ZK . -2.29 -21.61 95.50
C34 DD6 ZK . -2.38 -22.23 96.88
C35 DD6 ZK . -3.55 -23.20 96.96
C36 DD6 ZK . -4.79 -22.56 96.40
C37 DD6 ZK . -6.12 -22.78 97.07
C4 DD6 ZK . -10.55 -23.50 85.46
C40 DD6 ZK . -3.76 -19.71 96.16
C41 DD6 ZK . -3.52 -20.33 93.75
C5 DD6 ZK . -11.77 -23.36 84.66
C6 DD6 ZK . -11.91 -24.02 83.51
C7 DD6 ZK . -10.81 -24.93 83.05
C8 DD6 ZK . -13.14 -23.86 82.73
C9 DD6 ZK . -13.47 -24.67 81.72
O1 DD6 ZK . -19.51 -24.59 79.61
O2 DD6 ZK . -22.47 -24.68 77.11
O4 DD6 ZK . -1.16 -22.92 97.15
NB KC1 AL . -16.00 -3.87 60.20
ND KC1 AL . -19.68 -2.53 60.12
C1A KC1 AL . -19.07 -3.16 63.04
C1B KC1 AL . -15.27 -4.10 61.31
C1C KC1 AL . -16.72 -3.48 57.35
C1D KC1 AL . -20.35 -2.07 59.06
C2A KC1 AL . -18.67 -3.38 64.43
C2B KC1 AL . -13.99 -4.59 60.95
C2C KC1 AL . -17.06 -3.20 55.96
C2D KC1 AL . -21.64 -1.70 59.50
C3A KC1 AL . -17.32 -3.70 64.39
C3B KC1 AL . -13.95 -4.64 59.58
C3C KC1 AL . -18.27 -2.60 55.96
C3D KC1 AL . -21.70 -1.96 60.87
C4A KC1 AL . -16.92 -3.68 63.05
C4B KC1 AL . -15.24 -4.17 59.14
C4C KC1 AL . -18.72 -2.52 57.34
C4D KC1 AL . -20.46 -2.49 61.22
CAA KC1 AL . -19.53 -3.29 65.62
CAB KC1 AL . -12.82 -5.07 58.74
CAC KC1 AL . -19.01 -2.13 54.74
CAD KC1 AL . -22.53 -1.91 62.09
CBA KC1 AL . -19.28 -2.50 66.69
CBB KC1 AL . -12.14 -4.18 58.02
CBC KC1 AL . -20.08 -3.17 54.36
CBD KC1 AL . -21.54 -2.24 63.20
CED KC1 AL . -19.38 0.37 64.74
CGA KC1 AL . -20.18 -2.51 67.76
CGD KC1 AL . -21.17 -1.00 63.97
CHA KC1 AL . -20.33 -2.81 62.54
CHB KC1 AL . -15.61 -3.95 62.64
CHC KC1 AL . -15.54 -4.10 57.80
CHD KC1 AL . -19.94 -1.95 57.74
CMA KC1 AL . -16.43 -4.03 65.55
CMB KC1 AL . -12.88 -4.96 61.90
CMC KC1 AL . -16.20 -3.51 54.76
CMD KC1 AL . -22.75 -1.13 58.66
NA KC1 AL . -17.96 -3.35 62.23
NC KC1 AL . -17.75 -3.06 58.15
O1A KC1 AL . -21.37 -2.38 67.50
O1D KC1 AL . -21.54 -0.92 65.11
O2A KC1 AL . -19.87 -3.22 68.85
O2D KC1 AL . -20.04 -0.34 63.65
OBD KC1 AL . -23.60 -1.36 62.21
MG KC1 AL . -17.84 -3.20 60.19
MG CLA BL . -18.65 -0.94 70.25
CHA CLA BL . -20.77 -1.94 72.81
CHB CLA BL . -20.50 1.90 69.83
CHC CLA BL . -16.51 0.03 67.75
CHD CLA BL . -16.80 -3.93 70.67
NA CLA BL . -20.35 -0.16 71.19
C1A CLA BL . -21.07 -0.72 72.25
C2A CLA BL . -22.22 0.19 72.67
C3A CLA BL . -22.16 1.34 71.65
C4A CLA BL . -20.91 1.03 70.83
CMA CLA BL . -23.41 1.42 70.81
CAA CLA BL . -21.91 0.70 74.06
CBA CLA BL . -20.56 1.43 74.11
CGA CLA BL . -19.97 1.41 75.48
O1A CLA BL . -20.43 0.92 76.51
O2A CLA BL . -18.75 2.02 75.55
NB CLA BL . -18.52 0.66 69.03
C1B CLA BL . -19.39 1.71 69.00
C2B CLA BL . -19.00 2.66 67.91
C3B CLA BL . -17.87 2.13 67.32
C4B CLA BL . -17.55 0.86 68.03
CMB CLA BL . -19.73 3.88 67.62
CAB CLA BL . -17.07 2.63 66.23
CBB CLA BL . -16.56 3.87 66.15
NC CLA BL . -16.96 -1.79 69.39
C1C CLA BL . -16.22 -1.21 68.40
C2C CLA BL . -15.09 -2.06 68.05
C3C CLA BL . -15.19 -3.19 68.85
C4C CLA BL . -16.37 -3.02 69.69
CMC CLA BL . -14.09 -1.75 67.03
CAC CLA BL . -14.27 -4.35 68.87
CBC CLA BL . -13.05 -4.08 69.71
ND CLA BL . -18.70 -2.58 71.44
C1D CLA BL . -17.90 -3.74 71.50
C2D CLA BL . -18.43 -4.64 72.55
C3D CLA BL . -19.54 -4.00 73.09
C4D CLA BL . -19.66 -2.72 72.36
CMD CLA BL . -17.86 -5.94 72.90
CAD CLA BL . -20.61 -4.06 74.05
OBD CLA BL . -20.88 -4.93 74.87
CBD CLA BL . -21.44 -2.75 73.91
CGD CLA BL . -22.89 -3.02 73.58
O1D CLA BL . -23.51 -2.69 72.57
O2D CLA BL . -23.56 -3.71 74.55
CED CLA BL . -24.93 -3.39 74.76
C1 CLA BL . -17.62 1.17 75.87
C2 CLA BL . -16.92 1.79 77.03
C3 CLA BL . -16.18 1.08 77.89
C4 CLA BL . -15.48 1.71 79.03
C5 CLA BL . -16.04 -0.40 77.74
C6 CLA BL . -14.72 -0.94 78.26
C7 CLA BL . -14.93 -2.25 79.00
C8 CLA BL . -13.62 -2.96 79.29
MG CLA CL . -23.07 -14.57 64.21
CHA CLA CL . -26.12 -13.14 63.45
CHB CLA CL . -24.52 -17.65 64.28
CHC CLA CL . -20.00 -15.94 64.90
CHD CLA CL . -21.59 -11.35 64.09
NA CLA CL . -25.01 -15.25 63.92
C1A CLA CL . -26.15 -14.50 63.59
C2A CLA CL . -27.38 -15.39 63.46
C3A CLA CL . -26.85 -16.79 63.83
C4A CLA CL . -25.35 -16.58 64.02
CMA CLA CL . -27.54 -17.32 65.07
CAA CLA CL . -27.91 -15.40 62.03
CBA CLA CL . -26.80 -15.45 61.00
CGA CLA CL . -26.43 -16.86 60.68
O1A CLA CL . -27.12 -17.73 60.15
O2A CLA CL . -25.16 -17.17 61.06
NB CLA CL . -22.39 -16.44 64.56
C1B CLA CL . -23.13 -17.58 64.49
C2B CLA CL . -22.25 -18.77 64.70
C3B CLA CL . -20.97 -18.29 64.87
C4B CLA CL . -21.04 -16.80 64.79
CMB CLA CL . -22.77 -20.13 64.69
CAB CLA CL . -19.73 -18.98 65.10
CBB CLA CL . -19.37 -20.15 64.59
NC CLA CL . -21.14 -13.78 64.47
C1C CLA CL . -20.04 -14.52 64.75
C2C CLA CL . -18.87 -13.65 64.87
C3C CLA CL . -19.31 -12.36 64.62
C4C CLA CL . -20.75 -12.45 64.37
CMC CLA CL . -17.51 -14.11 65.18
CAC CLA CL . -18.50 -11.12 64.62
CBC CLA CL . -18.08 -10.70 63.24
ND CLA CL . -23.65 -12.66 63.87
C1D CLA CL . -22.95 -11.43 63.86
C2D CLA CL . -23.90 -10.34 63.57
C3D CLA CL . -25.14 -10.93 63.42
C4D CLA CL . -24.92 -12.38 63.61
CMD CLA CL . -23.55 -8.92 63.50
CAD CLA CL . -26.56 -10.73 63.16
OBD CLA CL . -27.18 -9.69 62.98
CBD CLA CL . -27.23 -12.15 63.15
CGD CLA CL . -28.34 -12.30 64.14
O1D CLA CL . -28.27 -12.70 65.30
O2D CLA CL . -29.56 -11.94 63.66
CED CLA CL . -30.46 -11.27 64.54
C1 CLA CL . -24.77 -18.56 60.93
C2 CLA CL . -23.44 -18.56 60.29
C3 CLA CL . -22.65 -19.64 60.24
C4 CLA CL . -23.05 -20.94 60.84
C5 CLA CL . -21.31 -19.58 59.58
C6 CLA CL . -20.22 -20.26 60.37
C7 CLA CL . -18.86 -19.94 59.78
C8 CLA CL . -18.72 -20.48 58.36
C9 CLA CL . -18.67 -21.99 58.37
C10 CLA CL . -17.45 -19.92 57.70
MG CLA DL . -17.19 -24.98 65.38
CHA CLA DL . -20.27 -26.55 65.08
CHB CLA DL . -18.04 -22.85 62.87
CHC CLA DL . -14.19 -23.37 65.81
CHD CLA DL . -16.39 -27.17 68.03
NA CLA DL . -18.89 -24.77 64.17
C1A CLA DL . -20.08 -25.51 64.21
C2A CLA DL . -21.07 -25.01 63.16
C3A CLA DL . -20.29 -23.90 62.42
C4A CLA DL . -18.97 -23.82 63.20
CMA CLA DL . -20.05 -24.24 60.97
CAA CLA DL . -22.31 -24.44 63.81
CBA CLA DL . -23.34 -24.01 62.79
CGA CLA DL . -23.38 -24.97 61.64
O1A CLA DL . -23.49 -26.21 61.68
O2A CLA DL . -23.27 -24.37 60.43
NB CLA DL . -16.29 -23.40 64.51
C1B CLA DL . -16.79 -22.67 63.48
C2B CLA DL . -15.80 -21.62 63.09
C3B CLA DL . -14.71 -21.75 63.92
C4B CLA DL . -15.01 -22.90 64.82
CMB CLA DL . -16.06 -20.66 62.01
CAB CLA DL . -13.47 -21.02 63.99
CBB CLA DL . -12.84 -20.40 62.98
NC CLA DL . -15.58 -25.24 66.67
C1C CLA DL . -14.44 -24.47 66.67
C2C CLA DL . -13.53 -24.93 67.72
C3C CLA DL . -14.16 -25.99 68.35
C4C CLA DL . -15.45 -26.18 67.69
CMC CLA DL . -12.22 -24.34 68.00
CAC CLA DL . -13.65 -26.79 69.47
CBC CLA DL . -14.23 -26.35 70.80
ND CLA DL . -18.04 -26.55 66.33
C1D CLA DL . -17.60 -27.35 67.41
C2D CLA DL . -18.65 -28.37 67.71
C3D CLA DL . -19.68 -28.11 66.84
C4D CLA DL . -19.26 -26.96 66.01
CMD CLA DL . -18.53 -29.41 68.74
CAD CLA DL . -21.01 -28.52 66.39
OBD CLA DL . -21.71 -29.45 66.76
CBD CLA DL . -21.44 -27.50 65.29
CGD CLA DL . -21.82 -28.18 64.00
O1D CLA DL . -22.94 -28.61 63.66
O2D CLA DL . -20.78 -28.32 63.13
CED CLA DL . -20.76 -29.47 62.29
C1 CLA DL . -23.87 -25.06 59.31
C2 CLA DL . -23.46 -24.32 58.08
C3 CLA DL . -23.80 -24.73 56.86
MG CLA EL . -7.93 -23.60 82.41
CHA CLA EL . -5.34 -25.44 83.82
CHB CLA EL . -8.10 -25.83 79.84
CHC CLA EL . -10.52 -21.78 81.08
CHD CLA EL . -7.68 -21.29 85.07
NA CLA EL . -6.87 -25.35 81.93
C1A CLA EL . -5.83 -25.95 82.65
C2A CLA EL . -5.35 -27.22 81.94
C3A CLA EL . -6.19 -27.26 80.65
C4A CLA EL . -7.14 -26.08 80.81
CMA CLA EL . -5.33 -27.15 79.42
CAA CLA EL . -5.61 -28.46 82.78
CBA CLA EL . -7.08 -28.82 82.84
CGA CLA EL . -7.61 -28.50 84.21
O1A CLA EL . -7.21 -27.64 84.99
O2A CLA EL . -8.67 -29.28 84.59
NB CLA EL . -9.06 -23.75 80.76
C1B CLA EL . -9.02 -24.77 79.86
C2B CLA EL . -10.11 -24.60 78.86
C3B CLA EL . -10.81 -23.46 79.20
C4B CLA EL . -10.14 -22.91 80.41
CMB CLA EL . -10.33 -25.55 77.76
CAB CLA EL . -11.94 -22.84 78.58
CBB CLA EL . -12.13 -22.68 77.27
NC CLA EL . -8.92 -21.86 82.98
C1C CLA EL . -9.95 -21.28 82.29
C2C CLA EL . -10.39 -20.06 82.96
C3C CLA EL . -9.59 -19.93 84.10
C4C CLA EL . -8.66 -21.06 84.10
CMC CLA EL . -11.48 -19.20 82.52
CAC CLA EL . -9.66 -18.85 85.10
CBC CLA EL . -10.71 -19.11 86.17
ND CLA EL . -6.85 -23.39 84.10
C1D CLA EL . -6.82 -22.37 85.10
C2D CLA EL . -5.77 -22.70 86.09
C3D CLA EL . -5.18 -23.86 85.66
C4D CLA EL . -5.87 -24.24 84.41
CMD CLA EL . -5.48 -21.90 87.28
CAD CLA EL . -4.17 -24.87 85.92
OBD CLA EL . -3.40 -24.99 86.87
CBD CLA EL . -4.20 -25.88 84.72
CGD CLA EL . -2.91 -25.83 83.96
O1D CLA EL . -2.02 -26.69 83.93
O2D CLA EL . -2.73 -24.69 83.25
CED CLA EL . -1.98 -24.77 82.02
C1 CLA EL . -9.47 -28.79 85.68
MG CLA FL . -19.64 -29.78 73.02
CHA CLA FL . -21.60 -28.40 70.52
CHB CLA FL . -21.91 -32.31 73.38
CHC CLA FL . -17.55 -31.24 75.33
CHD CLA FL . -17.31 -27.15 72.60
NA CLA FL . -21.46 -30.25 72.10
C1A CLA FL . -22.10 -29.56 71.06
C2A CLA FL . -23.40 -30.25 70.66
C3A CLA FL . -23.54 -31.39 71.70
C4A CLA FL . -22.20 -31.34 72.45
CMA CLA FL . -24.72 -31.18 72.60
CAA CLA FL . -23.25 -30.85 69.28
CBA CLA FL . -22.02 -31.74 69.20
CGA CLA FL . -21.91 -32.45 67.88
O1A CLA FL . -22.79 -32.73 67.07
O2A CLA FL . -20.61 -32.80 67.58
NB CLA FL . -19.70 -31.47 74.10
C1B CLA FL . -20.72 -32.35 74.14
C2B CLA FL . -20.46 -33.38 75.17
C3B CLA FL . -19.24 -33.10 75.73
C4B CLA FL . -18.73 -31.87 75.06
CMB CLA FL . -21.41 -34.45 75.47
CAB CLA FL . -18.49 -33.78 76.75
CBB CLA FL . -18.18 -35.07 76.74
NC CLA FL . -17.80 -29.26 73.84
C1C CLA FL . -17.12 -30.01 74.77
C2C CLA FL . -15.86 -29.38 75.10
C3C CLA FL . -15.78 -28.21 74.34
C4C CLA FL . -17.00 -28.16 73.54
CMC CLA FL . -14.90 -29.90 76.08
CAC CLA FL . -14.68 -27.23 74.33
CBC CLA FL . -14.59 -26.43 75.60
ND CLA FL . -19.49 -28.09 71.94
C1D CLA FL . -18.47 -27.10 71.84
C2D CLA FL . -18.88 -26.09 70.83
C3D CLA FL . -20.07 -26.53 70.30
C4D CLA FL . -20.40 -27.79 71.00
CMD CLA FL . -18.10 -24.89 70.49
CAD CLA FL . -21.15 -26.28 69.36
OBD CLA FL . -21.34 -25.31 68.63
CBD CLA FL . -22.13 -27.49 69.44
CGD CLA FL . -23.55 -27.07 69.72
O1D CLA FL . -24.19 -27.28 70.75
O2D CLA FL . -24.15 -26.41 68.70
CED CLA FL . -25.51 -26.03 68.88
C1 CLA FL . -20.06 -32.25 66.38
C2 CLA FL . -18.62 -32.65 66.33
C3 CLA FL . -17.77 -32.16 65.42
MG CLA GL . -23.70 -15.34 80.23
CHA CLA GL . -26.99 -16.21 80.86
CHB CLA GL . -24.65 -12.08 79.86
CHC CLA GL . -20.40 -14.49 79.81
CHD CLA GL . -22.78 -18.74 80.64
NA CLA GL . -25.53 -14.34 80.32
C1A CLA GL . -26.78 -14.88 80.62
C2A CLA GL . -27.85 -13.81 80.61
C3A CLA GL . -27.11 -12.57 80.06
C4A CLA GL . -25.65 -13.00 80.09
CMA CLA GL . -27.58 -12.26 78.66
CAA CLA GL . -28.31 -13.53 82.02
CBA CLA GL . -27.17 -13.61 83.03
CGA CLA GL . -26.49 -12.28 83.20
O1A CLA GL . -26.78 -11.20 82.70
O2A CLA GL . -25.39 -12.33 84.01
NB CLA GL . -22.72 -13.62 79.84
C1B CLA GL . -23.27 -12.38 79.84
C2B CLA GL . -22.22 -11.34 79.81
C3B CLA GL . -21.02 -11.99 79.81
C4B CLA GL . -21.31 -13.46 79.81
CMB CLA GL . -22.52 -9.90 79.81
CAB CLA GL . -19.68 -11.45 79.78
CBB CLA GL . -19.25 -10.45 79.02
NC CLA GL . -21.92 -16.43 80.19
C1C CLA GL . -20.69 -15.88 79.98
C2C CLA GL . -19.67 -16.92 79.99
C3C CLA GL . -20.34 -18.13 80.27
C4C CLA GL . -21.76 -17.80 80.39
CMC CLA GL . -18.24 -16.72 79.78
CAC CLA GL . -19.74 -19.46 80.39
CBC CLA GL . -19.46 -19.84 81.83
ND CLA GL . -24.60 -17.10 80.65
C1D CLA GL . -24.12 -18.43 80.76
C2D CLA GL . -25.26 -19.34 81.04
C3D CLA GL . -26.39 -18.53 81.09
C4D CLA GL . -25.93 -17.15 80.83
CMD CLA GL . -25.15 -20.78 81.22
CAD CLA GL . -27.83 -18.47 81.29
OBD CLA GL . -28.62 -19.38 81.54
CBD CLA GL . -28.25 -16.99 81.10
CGD CLA GL . -29.17 -16.81 79.93
O1D CLA GL . -29.12 -17.39 78.84
O2D CLA GL . -30.15 -15.89 80.11
CED CLA GL . -30.96 -15.55 78.97
C1 CLA GL . -24.50 -11.20 83.96
NB KC1 HL . -14.74 -7.68 78.92
ND KC1 HL . -16.52 -4.79 76.96
C1A KC1 HL . -18.48 -5.68 79.11
C1B KC1 HL . -15.23 -8.30 80.00
C1C KC1 HL . -12.87 -6.76 76.82
C1D KC1 HL . -16.02 -4.03 75.96
C2A KC1 HL . -19.36 -6.12 80.21
C2B KC1 HL . -14.28 -9.25 80.49
C2C KC1 HL . -11.92 -6.25 75.84
C2D KC1 HL . -16.99 -3.08 75.62
C3A KC1 HL . -18.65 -7.10 80.87
C3B KC1 HL . -13.20 -9.16 79.66
C3C KC1 HL . -12.52 -5.23 75.19
C3D KC1 HL . -18.10 -3.29 76.43
C4A KC1 HL . -17.41 -7.26 80.23
C4B KC1 HL . -13.51 -8.16 78.68
C4C KC1 HL . -13.84 -5.09 75.77
C4D KC1 HL . -17.76 -4.37 77.27
CAA KC1 HL . -20.69 -5.63 80.55
CAB KC1 HL . -11.95 -9.95 79.76
CAC KC1 HL . -11.95 -4.36 74.09
CAD KC1 HL . -19.46 -2.85 76.79
CBA KC1 HL . -21.73 -5.71 79.67
CBB KC1 HL . -10.81 -9.35 80.10
CBC KC1 HL . -11.63 -5.12 72.79
CBD KC1 HL . -19.71 -3.57 78.10
CED KC1 HL . -21.66 -1.94 79.69
CGA KC1 HL . -22.97 -5.12 80.01
CGD KC1 HL . -19.43 -2.65 79.25
CHA KC1 HL . -18.76 -4.71 78.14
CHB KC1 HL . -16.44 -8.17 80.65
CHC KC1 HL . -12.61 -7.82 77.69
CHD KC1 HL . -14.78 -4.12 75.35
CMA KC1 HL . -19.13 -7.86 82.09
CMB KC1 HL . -14.45 -10.16 81.68
CMC KC1 HL . -10.52 -6.80 75.61
CMD KC1 HL . -16.86 -2.04 74.54
NA KC1 HL . -17.31 -6.41 79.15
NC KC1 HL . -14.02 -6.03 76.75
O1A KC1 HL . -23.16 -4.83 81.18
O1D KC1 HL . -18.35 -2.11 79.35
O2A KC1 HL . -23.68 -4.49 79.06
O2D KC1 HL . -20.37 -2.41 80.18
OBD KC1 HL . -19.97 -1.80 76.47
MG KC1 HL . -15.68 -6.28 77.91
MG CLA IL . -3.96 -10.84 64.81
CHA CLA IL . -0.63 -10.18 64.04
CHB CLA IL . -4.10 -7.97 66.64
CHC CLA IL . -7.26 -11.51 65.49
CHD CLA IL . -3.70 -13.89 63.05
NA CLA IL . -2.58 -9.33 65.24
C1A CLA IL . -1.25 -9.23 64.81
C2A CLA IL . -0.60 -7.95 65.35
C3A CLA IL . -1.72 -7.31 66.23
C4A CLA IL . -2.90 -8.25 66.02
CMA CLA IL . -1.30 -7.23 67.68
CAA CLA IL . -0.23 -7.00 64.23
NB CLA IL . -5.39 -9.94 65.90
C1B CLA IL . -5.27 -8.76 66.55
C2B CLA IL . -6.58 -8.38 67.18
C3B CLA IL . -7.48 -9.38 66.85
C4B CLA IL . -6.74 -10.38 66.02
CMB CLA IL . -6.75 -7.15 67.94
CAB CLA IL . -8.88 -9.56 67.15
CBB CLA IL . -9.58 -8.93 68.10
NC CLA IL . -5.25 -12.40 64.32
C1C CLA IL . -6.57 -12.46 64.68
C2C CLA IL . -7.17 -13.68 64.15
C3C CLA IL . -6.16 -14.38 63.50
C4C CLA IL . -4.95 -13.57 63.61
CMC CLA IL . -8.58 -14.06 64.32
CAC CLA IL . -6.30 -15.69 62.81
CBC CLA IL . -6.04 -15.63 61.33
ND CLA IL . -2.58 -11.80 63.68
C1D CLA IL . -2.59 -13.08 63.07
C2D CLA IL . -1.25 -13.34 62.47
C3D CLA IL . -0.48 -12.24 62.77
C4D CLA IL . -1.33 -11.33 63.57
CMD CLA IL . -0.90 -14.54 61.70
CAD CLA IL . 0.81 -11.60 62.64
OBD CLA IL . 1.79 -11.94 61.97
CBD CLA IL . 0.80 -10.32 63.53
CGD CLA IL . 1.83 -10.46 64.61
O1D CLA IL . 2.96 -10.95 64.51
O2D CLA IL . 1.46 -9.99 65.83
CED CLA IL . 2.38 -9.12 66.49
MG CLA JL . -8.89 -32.65 72.57
CHA CLA JL . -8.11 -36.04 72.59
CHB CLA JL . -8.00 -32.48 69.28
CHC CLA JL . -9.74 -29.34 72.57
CHD CLA JL . -9.81 -32.90 75.97
NA CLA JL . -8.16 -34.05 71.19
C1A CLA JL . -7.92 -35.41 71.39
C2A CLA JL . -7.41 -36.07 70.11
C3A CLA JL . -7.27 -34.89 69.11
C4A CLA JL . -7.85 -33.71 69.89
CMA CLA JL . -5.82 -34.67 68.73
CAA CLA JL . -8.43 -37.06 69.59
CBA CLA JL . -9.71 -36.39 69.14
CGA CLA JL . -10.91 -37.19 69.54
O1A CLA JL . -11.47 -37.23 70.64
O2A CLA JL . -11.40 -37.95 68.51
NB CLA JL . -8.90 -31.19 71.18
C1B CLA JL . -8.50 -31.31 69.89
C2B CLA JL . -8.64 -30.01 69.19
C3B CLA JL . -9.14 -29.11 70.10
C4B CLA JL . -9.30 -29.84 71.39
CMB CLA JL . -8.29 -29.82 67.78
CAB CLA JL . -9.43 -27.71 69.91
CBB CLA JL . -10.41 -27.00 70.46
NC CLA JL . -9.62 -31.35 74.03
C1C CLA JL . -9.89 -30.03 73.81
C2C CLA JL . -10.39 -29.42 75.03
C3C CLA JL . -10.43 -30.43 76.00
C4C CLA JL . -9.94 -31.64 75.36
CMC CLA JL . -10.78 -28.02 75.15
CAC CLA JL . -10.88 -30.30 77.41
CBC CLA JL . -9.93 -29.56 78.31
ND CLA JL . -8.90 -34.06 74.02
C1D CLA JL . -9.33 -34.03 75.37
C2D CLA JL . -9.15 -35.38 75.95
C3D CLA JL . -8.67 -36.19 74.94
C4D CLA JL . -8.55 -35.32 73.75
CMD CLA JL . -9.44 -35.73 77.34
CAD CLA JL . -8.20 -37.52 74.56
OBD CLA JL . -8.06 -38.52 75.26
CBD CLA JL . -7.90 -37.47 73.03
CGD CLA JL . -6.52 -37.98 72.70
O1D CLA JL . -5.55 -37.32 72.29
O2D CLA JL . -6.36 -39.32 72.89
CED CLA JL . -5.17 -39.76 73.56
C1 CLA JL . -12.11 -39.15 68.88
C2 CLA JL . -13.56 -38.80 68.95
C3 CLA JL . -14.49 -39.59 69.52
C4 CLA JL . -15.91 -39.20 69.57
C5 CLA JL . -14.11 -40.91 70.12
C6 CLA JL . -15.21 -41.96 70.00
C7 CLA JL . -15.72 -42.37 71.37
MG CLA KL . -4.87 -22.97 62.52
CHA CLA KL . -2.69 -25.14 64.14
CHB CLA KL . -2.24 -21.06 61.52
CHC CLA KL . -7.08 -20.86 60.93
CHD CLA KL . -7.59 -24.97 63.62
NA CLA KL . -2.80 -23.10 62.80
C1A CLA KL . -2.09 -24.08 63.50
C2A CLA KL . -0.58 -23.79 63.44
C3A CLA KL . -0.49 -22.48 62.62
C4A CLA KL . -1.94 -22.17 62.27
CMA CLA KL . 0.17 -21.36 63.38
CAA CLA KL . 0.15 -24.90 62.71
CBA CLA KL . -0.46 -25.15 61.35
CGA CLA KL . -0.28 -26.58 60.95
O1A CLA KL . -0.48 -27.11 59.85
O2A CLA KL . 0.16 -27.37 61.98
NB CLA KL . -4.70 -21.26 61.46
C1B CLA KL . -3.53 -20.65 61.12
C2B CLA KL . -3.80 -19.49 60.25
C3B CLA KL . -5.17 -19.42 60.07
C4B CLA KL . -5.75 -20.56 60.85
CMB CLA KL . -2.75 -18.63 59.70
CAB CLA KL . -5.98 -18.51 59.31
CBB CLA KL . -5.87 -18.29 57.99
NC CLA KL . -6.95 -22.94 62.31
C1C CLA KL . -7.65 -21.98 61.62
C2C CLA KL . -9.08 -22.27 61.67
C3C CLA KL . -9.22 -23.43 62.44
C4C CLA KL . -7.88 -23.84 62.83
CMC CLA KL . -10.11 -21.46 61.03
CAC CLA KL . -10.48 -24.11 62.77
CBC CLA KL . -10.97 -23.80 64.17
ND CLA KL . -5.15 -24.68 63.57
C1D CLA KL . -6.32 -25.37 63.97
C2D CLA KL . -5.93 -26.55 64.78
C3D CLA KL . -4.55 -26.52 64.87
C4D CLA KL . -4.11 -25.32 64.11
CMD CLA KL . -6.86 -27.52 65.35
CAD CLA KL . -3.36 -27.16 65.39
OBD CLA KL . -3.25 -28.21 66.02
CBD CLA KL . -2.14 -26.27 64.97
CGD CLA KL . -1.41 -25.75 66.17
O1D CLA KL . -1.16 -24.58 66.44
O2D CLA KL . -1.01 -26.71 67.06
CED CLA KL . -0.05 -27.68 66.61
C1 CLA KL . 1.11 -28.39 61.64
MG CLA LL . -24.15 -38.01 79.10
CHA CLA LL . -27.31 -38.45 80.47
CHB CLA LL . -22.78 -38.02 82.21
CHC CLA LL . -21.05 -37.71 77.66
CHD CLA LL . -25.64 -37.77 75.89
NA CLA LL . -24.94 -38.22 81.01
C1A CLA LL . -26.28 -38.41 81.39
C2A CLA LL . -26.42 -38.53 82.90
C3A CLA LL . -24.99 -38.29 83.43
C4A CLA LL . -24.16 -38.20 82.14
CMA CLA LL . -24.90 -37.03 84.25
CAA CLA LL . -26.87 -39.94 83.25
CBA CLA LL . -26.10 -40.54 84.42
CGA CLA LL . -25.55 -41.89 84.09
O1A CLA LL . -26.03 -42.77 83.37
O2A CLA LL . -24.35 -42.14 84.70
NB CLA LL . -22.28 -37.87 79.80
C1B CLA LL . -21.92 -37.90 81.11
C2B CLA LL . -20.44 -37.77 81.24
C3B CLA LL . -19.94 -37.68 79.96
C4B CLA LL . -21.11 -37.76 79.03
CMB CLA LL . -19.74 -37.78 82.52
CAB CLA LL . -18.57 -37.56 79.53
CBB CLA LL . -17.95 -38.38 78.67
NC CLA LL . -23.48 -37.83 77.12
C1C CLA LL . -22.16 -37.76 76.76
C2C CLA LL . -22.05 -37.70 75.31
C3C CLA LL . -23.34 -37.64 74.81
C4C CLA LL . -24.24 -37.71 75.97
CMC CLA LL . -20.78 -37.68 74.57
CAC CLA LL . -23.75 -37.56 73.40
CBC CLA LL . -23.76 -36.14 72.87
ND CLA LL . -26.00 -38.18 78.29
C1D CLA LL . -26.49 -37.99 76.96
C2D CLA LL . -27.97 -38.11 76.97
C3D CLA LL . -28.32 -38.34 78.29
C4D CLA LL . -27.07 -38.32 79.07
CMD CLA LL . -28.81 -38.04 75.78
CAD CLA LL . -29.42 -38.58 79.21
OBD CLA LL . -30.60 -38.79 78.98
CBD CLA LL . -28.81 -38.53 80.64
CGD CLA LL . -29.32 -37.36 81.42
O1D CLA LL . -29.15 -37.10 82.62
O2D CLA LL . -30.05 -36.49 80.67
CED CLA LL . -31.46 -36.39 80.96
C1 CLA LL . -23.76 -43.44 84.48
C1 PID ML . -20.96 16.98 101.70
C2 PID ML . -22.34 17.00 101.11
C3 PID ML . -22.50 15.89 100.09
C4 PID ML . -21.42 15.98 99.03
C5 PID ML . -20.00 15.78 99.56
C6 PID ML . -19.82 16.36 100.97
C7 PID ML . -18.41 16.77 101.34
C8 PID ML . -17.46 15.95 101.82
C9 PID ML . -16.14 16.30 102.09
C10 PID ML . -15.51 17.62 101.87
C11 PID ML . -15.14 15.49 102.64
C12 PID ML . -13.91 16.22 102.70
C13 PID ML . -12.63 15.82 103.19
C14 PID ML . -11.46 16.39 102.87
C15 PID ML . -10.41 16.50 103.75
C16 PID ML . -9.23 17.18 103.52
C17 PID ML . -8.20 17.61 104.35
C18 PID ML . -7.11 18.40 103.95
C19 PID ML . -6.21 19.09 104.74
C20 PID ML . -5.16 19.92 104.39
C21 PID ML . -4.36 20.73 105.22
C22 PID ML . -3.24 21.57 104.74
C23 PID ML . -2.65 22.46 105.50
C24 PID ML . -2.05 23.29 106.28
C25 PID ML . -0.56 23.63 106.04
C26 PID ML . -0.27 25.03 106.58
C27 PID ML . -1.47 25.94 106.48
C28 PID ML . -2.54 25.48 107.45
C29 PID ML . -2.81 23.98 107.42
C30 PID ML . -1.84 28.35 106.50
C31 PID ML . -2.55 28.08 105.22
CM1 PID ML . -20.67 18.01 102.76
CM2 PID ML . -19.08 16.48 98.55
CM3 PID ML . -19.71 14.28 99.53
CM4 PID ML . -11.21 16.91 101.47
CM5 PID ML . -4.64 20.75 106.67
CM6 PID ML . 0.35 22.61 106.75
CM7 PID ML . -0.24 23.58 104.55
CM8 PID ML . -2.49 23.38 108.77
O1 PID ML . -20.51 15.63 102.02
O2 PID ML . -23.79 15.99 99.47
O3 PID ML . -15.96 18.67 101.47
O4 PID ML . -14.16 17.51 102.21
O5 PID ML . -4.23 23.87 107.17
O6 PID ML . -1.09 27.29 106.89
O7 PID ML . -1.91 29.37 107.13
C1 PID NL . -15.37 10.97 80.74
C2 PID NL . -16.59 11.85 80.75
C3 PID NL . -16.43 13.07 79.87
C4 PID NL . -15.14 13.80 80.19
C5 PID NL . -13.88 12.97 79.89
C6 PID NL . -14.05 11.51 80.34
C7 PID NL . -12.79 10.82 80.73
C8 PID NL . -12.40 9.69 80.12
C9 PID NL . -11.28 8.93 80.38
C10 PID NL . -10.23 9.18 81.39
C11 PID NL . -10.93 7.74 79.74
C12 PID NL . -9.71 7.25 80.28
C13 PID NL . -9.03 6.09 79.84
C14 PID NL . -7.88 5.55 80.25
C15 PID NL . -7.36 4.51 79.55
C16 PID NL . -6.18 3.85 79.79
C17 PID NL . -5.63 2.81 79.07
C18 PID NL . -4.47 2.11 79.30
C19 PID NL . -4.03 1.13 78.43
C20 PID NL . -2.95 0.27 78.40
C21 PID NL . -2.62 -0.56 77.35
C22 PID NL . -1.45 -1.43 77.30
C23 PID NL . -1.29 -2.20 76.25
C24 PID NL . -1.14 -2.88 75.17
C25 PID NL . -0.06 -2.45 74.17
C26 PID NL . -0.20 -3.15 72.80
C27 PID NL . -0.60 -4.59 72.91
C28 PID NL . -1.98 -4.66 73.54
C29 PID NL . -1.96 -4.18 74.98
C30 PID NL . 0.38 -5.56 70.92
C31 PID NL . 1.43 -6.02 71.86
CM1 PID NL . -15.43 9.76 81.63
CM2 PID NL . -12.68 13.65 80.55
CM3 PID NL . -13.68 12.94 78.37
CM4 PID NL . -7.09 6.03 81.44
CM5 PID NL . -3.48 -0.56 76.15
CM6 PID NL . -0.15 -0.93 73.93
CM7 PID NL . 1.33 -2.74 74.74
CM8 PID NL . -3.39 -4.03 75.48
O1 PID NL . -14.85 10.73 79.41
O2 PID NL . -17.53 13.95 80.07
O3 PID NL . -10.07 10.06 82.19
O4 PID NL . -9.32 8.12 81.30
O5 PID NL . -1.32 -5.25 75.72
O6 PID NL . -0.73 -5.15 71.57
O7 PID NL . 0.48 -5.54 69.72
C DD6 OL . -9.88 16.76 87.56
C1 DD6 OL . -9.15 16.44 88.83
C10 DD6 OL . -14.26 23.06 93.70
C11 DD6 OL . -14.84 23.40 94.86
C12 DD6 OL . -14.47 22.69 96.13
C13 DD6 OL . -15.85 24.47 94.87
C14 DD6 OL . -16.56 24.74 95.96
C15 DD6 OL . -17.59 25.85 95.90
C16 DD6 OL . -17.34 27.14 96.67
C17 DD6 OL . -18.65 27.88 96.95
C18 DD6 OL . -19.48 27.96 95.68
C19 DD6 OL . -20.08 26.58 95.45
C2 DD6 OL . -9.42 17.08 89.96
C20 DD6 OL . -18.96 25.57 95.31
C21 DD6 OL . -19.29 24.13 94.91
C22 DD6 OL . -16.44 28.06 95.87
C23 DD6 OL . -16.67 26.81 97.99
C24 DD6 OL . -8.08 15.42 88.83
C25 DD6 OL . -7.58 14.97 87.69
C26 DD6 OL . -6.52 13.97 87.73
C27 DD6 OL . -5.80 13.72 86.64
C28 DD6 OL . -6.06 14.49 85.37
C29 DD6 OL . -4.87 12.88 86.67
C3 DD6 OL . -10.45 18.12 90.00
C30 DD6 OL . -4.07 12.03 86.73
C31 DD6 OL . -3.12 11.19 86.76
C32 DD6 OL . -1.72 11.70 86.57
C33 DD6 OL . -0.70 10.56 86.48
C34 DD6 OL . -1.05 9.43 87.43
C35 DD6 OL . -2.36 8.83 86.93
C36 DD6 OL . -3.42 9.90 87.00
C37 DD6 OL . -4.82 9.50 87.31
C4 DD6 OL . -10.67 18.75 91.15
C40 DD6 OL . -1.38 12.61 87.74
C41 DD6 OL . -1.70 12.50 85.27
C5 DD6 OL . -11.68 19.79 91.23
C6 DD6 OL . -11.97 20.36 92.41
C7 DD6 OL . -11.26 19.92 93.65
C8 DD6 OL . -12.99 21.42 92.48
C9 DD6 OL . -13.25 22.01 93.64
O1 DD6 OL . -17.89 26.11 94.52
O2 DD6 OL . -20.52 28.93 95.80
O4 DD6 OL . -0.02 8.43 87.37
MG CLA PL . -24.61 11.48 102.51
CHA CLA PL . -25.72 9.93 99.61
CHB CLA PL . -27.74 11.25 103.84
CHC CLA PL . -23.45 13.00 105.37
CHD CLA PL . -21.38 11.68 101.10
NA CLA PL . -26.42 10.70 101.82
C1A CLA PL . -26.69 10.08 100.58
C2A CLA PL . -28.14 9.64 100.49
C3A CLA PL . -28.76 10.11 101.83
C4A CLA PL . -27.57 10.73 102.58
CMA CLA PL . -29.89 11.09 101.64
CAA CLA PL . -28.25 8.13 100.38
CBA CLA PL . -27.39 7.44 101.43
CGA CLA PL . -27.58 5.96 101.37
O1A CLA PL . -28.62 5.31 101.44
O2A CLA PL . -26.39 5.28 101.25
NB CLA PL . -25.44 12.00 104.28
C1B CLA PL . -26.75 11.85 104.62
C2B CLA PL . -26.98 12.46 105.97
C3B CLA PL . -25.78 12.96 106.40
C4B CLA PL . -24.77 12.67 105.34
CMB CLA PL . -28.29 12.48 106.62
CAB CLA PL . -25.45 13.63 107.63
CBB CLA PL . -24.93 14.85 107.73
NC CLA PL . -22.75 12.20 103.12
C1C CLA PL . -22.50 12.77 104.34
C2C CLA PL . -21.09 13.15 104.42
C3C CLA PL . -20.50 12.79 103.22
C4C CLA PL . -21.54 12.19 102.40
CMC CLA PL . -20.47 13.80 105.59
CAC CLA PL . -19.08 12.96 102.84
CBC CLA PL . -18.25 11.74 103.18
ND CLA PL . -23.71 10.98 100.78
C1D CLA PL . -22.36 11.12 100.32
C2D CLA PL . -22.26 10.58 98.95
C3D CLA PL . -23.53 10.10 98.63
C4D CLA PL . -24.38 10.38 99.80
CMD CLA PL . -21.04 10.56 98.15
CAD CLA PL . -24.35 9.47 97.62
OBD CLA PL . -24.04 9.06 96.50
CBD CLA PL . -25.78 9.34 98.22
CGD CLA PL . -26.79 10.04 97.36
O1D CLA PL . -26.80 11.24 97.04
O2D CLA PL . -27.79 9.24 96.90
CED CLA PL . -28.90 9.87 96.26
C1 CLA PL . -25.72 4.93 102.48
C2 CLA PL . -24.51 4.16 102.10
MG CLA QL . -20.35 21.84 92.92
CHA CLA QL . -23.63 22.74 93.61
CHB CLA QL . -20.58 23.33 89.86
CHC CLA QL . -17.05 21.08 92.37
CHD CLA QL . -20.12 20.42 96.16
NA CLA QL . -21.88 22.83 91.91
C1A CLA QL . -23.17 23.12 92.37
C2A CLA QL . -23.97 23.90 91.32
C3A CLA QL . -23.02 23.92 90.10
C4A CLA QL . -21.72 23.33 90.64
CMA CLA QL . -23.55 23.11 88.93
CAA CLA QL . -24.19 25.33 91.78
CBA CLA QL . -23.07 25.84 92.68
CGA CLA QL . -22.40 27.06 92.10
O1A CLA QL . -22.90 27.97 91.46
O2A CLA QL . -21.06 27.11 92.37
NB CLA QL . -19.07 22.11 91.39
C1B CLA QL . -19.33 22.81 90.26
C2B CLA QL . -18.10 22.94 89.44
C3B CLA QL . -17.09 22.31 90.14
C4B CLA QL . -17.70 21.77 91.39
CMB CLA QL . -18.06 23.63 88.15
CAB CLA QL . -15.70 22.12 89.83
CBB CLA QL . -15.19 21.83 88.62
NC CLA QL . -18.88 20.86 94.04
C1C CLA QL . -17.60 20.64 93.61
C2C CLA QL . -16.85 19.92 94.62
C3C CLA QL . -17.70 19.78 95.72
C4C CLA QL . -18.98 20.37 95.35
CMC CLA QL . -15.46 19.48 94.50
CAC CLA QL . -17.39 19.12 96.99
CBC CLA QL . -17.13 20.11 98.11
ND CLA QL . -21.55 21.55 94.52
C1D CLA QL . -21.33 20.96 95.79
C2D CLA QL . -22.58 21.06 96.59
C3D CLA QL . -23.49 21.72 95.80
C4D CLA QL . -22.81 22.02 94.52
CMD CLA QL . -22.73 20.55 97.95
CAD CLA QL . -24.84 22.25 95.69
OBD CLA QL . -25.76 22.22 96.50
CBD CLA QL . -24.97 22.93 94.29
CGD CLA QL . -26.09 22.34 93.48
O1D CLA QL . -26.39 21.14 93.37
O2D CLA QL . -26.85 23.26 92.82
CED CLA QL . -27.95 22.78 92.05
C1 CLA QL . -20.33 28.19 91.75
C2 CLA QL . -18.94 28.11 92.25
C3 CLA QL . -17.90 28.72 91.65
C4 CLA QL . -18.08 29.55 90.44
C5 CLA QL . -16.53 28.60 92.19
C6 CLA QL . -15.72 27.51 91.52
C7 CLA QL . -14.68 26.93 92.47
C8 CLA QL . -13.56 27.92 92.77
C9 CLA QL . -12.87 28.34 91.50
C10 CLA QL . -12.55 27.32 93.75
C11 CLA QL . -13.20 26.86 95.03
C12 CLA QL . -12.22 26.76 96.18
C13 CLA QL . -11.23 25.61 95.98
C14 CLA QL . -11.42 24.56 97.04
C15 CLA QL . -9.80 26.11 95.96
C16 CLA QL . -8.98 25.37 94.92
C17 CLA QL . -7.50 25.60 95.12
C18 CLA QL . -6.71 25.33 93.85
C19 CLA QL . -6.57 26.59 93.03
C20 CLA QL . -5.34 24.76 94.18
NB KC1 RL . -10.74 23.16 88.22
ND KC1 RL . -11.00 22.94 84.32
C1A KC1 RL . -13.13 24.94 85.19
C1B KC1 RL . -11.43 24.00 89.01
C1C KC1 RL . -8.77 21.14 87.32
C1D KC1 RL . -10.22 22.23 83.48
C2A KC1 RL . -14.10 25.93 85.68
C2B KC1 RL . -11.08 23.79 90.37
C2C KC1 RL . -7.76 20.19 86.88
C2D KC1 RL . -10.67 22.47 82.16
C3A KC1 RL . -13.89 26.01 87.04
C3B KC1 RL . -10.12 22.81 90.38
C3C KC1 RL . -7.80 20.19 85.53
C3D KC1 RL . -11.75 23.36 82.24
C4A KC1 RL . -12.86 25.12 87.39
C4B KC1 RL . -9.94 22.43 89.00
C4C KC1 RL . -8.83 21.12 85.12
C4D KC1 RL . -11.92 23.63 83.60
CAA KC1 RL . -15.08 26.69 84.92
CAB KC1 RL . -9.45 22.25 91.56
CAC KC1 RL . -6.93 19.35 84.62
CAD KC1 RL . -12.77 24.12 81.50
CBA KC1 RL . -16.37 26.29 84.84
CBB KC1 RL . -8.15 22.48 91.76
CBC KC1 RL . -7.63 18.02 84.33
CBD KC1 RL . -13.40 25.01 82.54
CED KC1 RL . -13.57 28.74 82.32
CGA KC1 RL . -17.35 27.20 84.39
CGD KC1 RL . -12.95 26.44 82.36
CHA KC1 RL . -12.94 24.49 83.87
CHB KC1 RL . -12.38 24.95 88.68
CHC KC1 RL . -9.04 21.43 88.67
CHD KC1 RL . -9.17 21.39 83.78
CMA KC1 RL . -14.64 26.90 87.99
CMB KC1 RL . -11.62 24.53 91.56
CMC KC1 RL . -6.84 19.38 87.75
CMD KC1 RL . -10.10 21.88 80.90
NA KC1 RL . -12.39 24.46 86.26
NC KC1 RL . -9.39 21.68 86.24
O1A KC1 RL . -17.12 28.39 84.43
O1D KC1 RL . -11.93 26.80 82.90
O2A KC1 RL . -18.33 26.76 83.56
O2D KC1 RL . -13.84 27.35 81.96
OBD KC1 RL . -12.83 24.24 80.28
MG KC1 RL . -10.89 23.05 86.27
MG CLA SL . -4.25 5.01 84.98
CHA CLA SL . -0.98 3.87 85.06
CHB CLA SL . -3.19 7.84 83.39
CHC CLA SL . -7.48 6.13 84.95
CHD CLA SL . -5.30 1.95 86.38
NA CLA SL . -2.38 5.72 84.34
C1A CLA SL . -1.14 5.09 84.46
C2A CLA SL . -0.03 5.89 83.80
C3A CLA SL . -0.78 7.11 83.20
C4A CLA SL . -2.22 6.90 83.66
CMA CLA SL . -0.21 8.42 83.69
CAA CLA SL . 0.55 5.08 82.65
CBA CLA SL . -0.49 4.60 81.64
CGA CLA SL . -1.14 3.28 82.00
O1A CLA SL . -0.63 2.16 82.12
O2A CLA SL . -2.48 3.42 82.24
NB CLA SL . -5.18 6.62 84.19
C1B CLA SL . -4.54 7.75 83.79
C2B CLA SL . -5.45 8.92 83.84
C3B CLA SL . -6.67 8.45 84.28
C4B CLA SL . -6.52 6.99 84.51
CMB CLA SL . -5.03 10.27 83.46
CAB CLA SL . -7.92 9.14 84.52
CBB CLA SL . -8.03 10.34 85.09
NC CLA SL . -6.06 4.19 85.57
C1C CLA SL . -7.28 4.81 85.45
C2C CLA SL . -8.34 3.92 85.91
C3C CLA SL . -7.71 2.74 86.33
C4C CLA SL . -6.29 2.91 86.10
CMC CLA SL . -9.77 4.23 85.93
CAC CLA SL . -8.37 1.54 86.87
CBC CLA SL . -8.53 0.46 85.83
ND CLA SL . -3.40 3.35 85.75
C1D CLA SL . -3.95 2.12 86.21
C2D CLA SL . -2.84 1.19 86.52
C3D CLA SL . -1.68 1.86 86.20
C4D CLA SL . -2.09 3.16 85.65
CMD CLA SL . -2.96 -0.14 87.10
CAD CLA SL . -0.23 1.80 86.16
OBD CLA SL . 0.52 1.01 86.71
CBD CLA SL . 0.24 3.00 85.29
CGD CLA SL . 1.38 3.76 85.89
O1D CLA SL . 2.41 4.15 85.32
O2D CLA SL . 1.24 4.04 87.22
CED CLA SL . 1.08 5.41 87.60
C1 CLA SL . -3.26 2.25 82.57
C2 CLA SL . -4.66 2.72 82.67
C3 CLA SL . -5.74 1.91 82.77
C4 CLA SL . -5.64 0.44 82.78
C5 CLA SL . -7.11 2.49 82.88
C6 CLA SL . -8.11 1.86 81.91
NB KC1 TL . -3.39 2.27 70.08
ND KC1 TL . -1.61 2.80 73.52
C1A KC1 TL . 0.55 1.69 71.64
C1B KC1 TL . -2.86 1.62 69.02
C1C KC1 TL . -5.39 3.44 71.89
C1D KC1 TL . -2.21 3.14 74.69
C2A KC1 TL . 1.44 1.00 70.67
C2B KC1 TL . -3.81 1.53 67.97
C2C KC1 TL . -6.41 3.88 72.82
C2D KC1 TL . -1.21 3.13 75.68
C3A KC1 TL . 0.66 0.72 69.55
C3B KC1 TL . -4.95 2.15 68.43
C3C KC1 TL . -5.84 3.94 74.04
C3D KC1 TL . -0.01 2.78 75.08
C4A KC1 TL . -0.62 1.21 69.80
C4B KC1 TL . -4.65 2.59 69.77
C4C KC1 TL . -4.46 3.52 73.89
C4D KC1 TL . -0.29 2.56 73.71
CAA KC1 TL . 2.85 0.63 70.80
CAB KC1 TL . -6.22 2.31 67.69
CAC KC1 TL . -6.50 4.33 75.33
CAD KC1 TL . 1.41 2.52 75.30
CBA KC1 TL . 3.74 0.77 69.76
CBB KC1 TL . -6.94 1.24 67.38
CBC KC1 TL . -6.71 5.84 75.40
CBD KC1 TL . 1.96 2.24 73.91
CED KC1 TL . 3.67 5.56 73.82
CGA KC1 TL . 4.69 -0.24 69.46
CGD KC1 TL . 2.99 3.32 73.73
CHA KC1 TL . 0.80 2.21 72.95
CHB KC1 TL . -1.61 1.08 68.86
CHC KC1 TL . -5.59 3.25 70.52
CHD KC1 TL . -3.53 3.46 74.94
CMA KC1 TL . 1.02 0.04 68.26
CMB KC1 TL . -3.58 0.88 66.63
CMC KC1 TL . -7.85 4.20 72.47
CMD KC1 TL . -1.41 3.46 77.14
NA KC1 TL . -0.71 1.79 71.04
NC KC1 TL . -4.21 3.24 72.56
O1A KC1 TL . 5.74 -0.29 70.05
O1D KC1 TL . 4.00 3.19 74.40
O2A KC1 TL . 4.60 -0.89 68.27
O2D KC1 TL . 2.65 4.58 73.47
OBD KC1 TL . 1.99 2.41 76.36
MG KC1 TL . -2.45 2.61 71.76
MG CLA UL . -10.73 18.00 77.99
CHA CLA UL . -13.16 20.25 79.06
CHB CLA UL . -11.49 18.75 74.75
CHC CLA UL . -8.13 16.03 76.98
CHD CLA UL . -9.98 17.28 81.36
NA CLA UL . -12.15 19.24 77.08
C1A CLA UL . -13.05 20.11 77.71
C2A CLA UL . -13.89 20.82 76.65
C3A CLA UL . -13.55 20.09 75.34
C4A CLA UL . -12.30 19.31 75.72
CMA CLA UL . -14.69 19.20 74.90
CAA CLA UL . -13.43 22.27 76.56
CBA CLA UL . -12.02 22.52 77.08
CGA CLA UL . -10.96 22.04 76.12
O1A CLA UL . -9.90 21.48 76.39
O2A CLA UL . -11.26 22.26 74.81
NB CLA UL . -10.00 17.45 76.20
C1B CLA UL . -10.33 18.01 75.01
C2B CLA UL . -9.30 17.70 73.98
C3B CLA UL . -8.34 16.93 74.60
C4B CLA UL . -8.79 16.74 76.02
CMB CLA UL . -9.37 18.15 72.59
CAB CLA UL . -7.14 16.34 74.07
CBB CLA UL . -6.06 17.01 73.69
NC CLA UL . -9.37 16.79 79.00
C1C CLA UL . -8.43 16.03 78.38
C2C CLA UL . -7.68 15.28 79.37
C3C CLA UL . -8.15 15.68 80.62
C4C CLA UL . -9.23 16.63 80.37
CMC CLA UL . -6.60 14.35 79.05
CAC CLA UL . -7.69 15.19 81.93
CBC CLA UL . -8.12 13.76 82.21
ND CLA UL . -11.44 18.50 79.82
C1D CLA UL . -11.00 18.17 81.13
C2D CLA UL . -11.82 18.93 82.11
C3D CLA UL . -12.66 19.75 81.38
C4D CLA UL . -12.37 19.45 79.95
CMD CLA UL . -11.67 18.82 83.55
CAD CLA UL . -13.72 20.74 81.41
OBD CLA UL . -14.31 21.20 82.37
CBD CLA UL . -14.01 21.14 79.93
CGD CLA UL . -15.48 21.09 79.58
O1D CLA UL . -16.01 20.48 78.64
O2D CLA UL . -16.29 21.80 80.40
CED CLA UL . -17.70 21.74 80.14
C1 CLA UL . -10.28 21.86 73.84
MG CLA VL . -22.56 7.71 84.99
CHA CLA VL . -24.79 8.47 82.44
CHB CLA VL . -25.16 7.31 87.16
CHC CLA VL . -20.30 7.05 87.51
CHD CLA VL . -19.88 8.09 82.71
NA CLA VL . -24.64 7.90 84.81
C1A CLA VL . -25.38 8.22 83.67
C2A CLA VL . -26.87 8.29 84.02
C3A CLA VL . -26.94 7.80 85.48
C4A CLA VL . -25.47 7.68 85.87
CMA CLA VL . -27.72 8.75 86.36
CAA CLA VL . -27.84 7.54 83.13
CBA CLA VL . -29.04 8.41 82.83
CGA CLA VL . -30.29 7.60 82.93
O1A CLA VL . -30.53 6.65 83.67
O2A CLA VL . -31.28 8.02 82.08
NB CLA VL . -22.70 7.27 86.95
C1B CLA VL . -23.85 7.12 87.65
C2B CLA VL . -23.55 6.74 89.06
C3B CLA VL . -22.18 6.66 89.17
C4B CLA VL . -21.62 7.01 87.83
CMB CLA VL . -24.59 6.52 90.08
CAB CLA VL . -21.37 6.35 90.32
CBB CLA VL . -20.47 5.36 90.36
NC CLA VL . -20.47 7.60 85.08
C1C CLA VL . -19.76 7.33 86.22
C2C CLA VL . -18.34 7.36 85.94
C3C CLA VL . -18.20 7.62 84.58
C4C CLA VL . -19.56 7.78 84.04
CMC CLA VL . -17.28 7.13 86.92
CAC CLA VL . -16.95 7.73 83.86
CBC CLA VL . -16.64 6.52 83.02
ND CLA VL . -22.32 8.20 83.05
C1D CLA VL . -21.16 8.30 82.22
C2D CLA VL . -21.58 8.62 80.84
C3D CLA VL . -22.96 8.69 80.87
C4D CLA VL . -23.36 8.42 82.26
CMD CLA VL . -20.67 8.81 79.71
CAD CLA VL . -24.16 8.92 80.10
OBD CLA VL . -24.29 9.19 78.91
CBD CLA VL . -25.38 8.74 81.08
CGD CLA VL . -26.34 9.90 81.06
O1D CLA VL . -26.62 10.66 82.00
O2D CLA VL . -26.95 10.09 79.86
CED CLA VL . -28.03 9.21 79.51
C1 CLA VL . -31.13 7.65 80.69
C2 CLA VL . -32.20 6.69 80.38
NB KC1 WL . -18.31 4.90 95.63
ND KC1 WL . -21.51 5.85 97.68
C1A KC1 WL . -22.51 4.47 95.17
C1B KC1 WL . -18.30 4.20 94.48
C1C KC1 WL . -17.39 6.36 98.04
C1D KC1 WL . -21.56 6.44 98.90
C2A KC1 WL . -22.92 3.74 93.96
C2B KC1 WL . -16.96 4.04 94.03
C2C KC1 WL . -16.94 7.02 99.26
C2D KC1 WL . -22.92 6.57 99.24
C3A KC1 WL . -21.75 3.37 93.33
C3B KC1 WL . -16.16 4.68 94.94
C3C KC1 WL . -18.05 7.28 100.01
C3D KC1 WL . -23.68 6.05 98.21
C4A KC1 WL . -20.67 3.84 94.10
C4B KC1 WL . -17.05 5.21 95.94
C4C KC1 WL . -19.20 6.77 99.25
C4D KC1 WL . -22.75 5.60 97.24
CAA KC1 WL . -24.28 3.45 93.51
CAB KC1 WL . -14.69 4.79 94.90
CAC KC1 WL . -18.08 7.95 101.35
CAD KC1 WL . -25.03 5.76 97.70
CBA KC1 WL . -25.14 4.46 93.21
CBB KC1 WL . -13.93 4.17 95.81
CBC KC1 WL . -18.34 6.92 102.45
CBD KC1 WL . -24.78 4.85 96.51
CED KC1 WL . -27.40 3.38 96.67
CGA KC1 WL . -26.30 4.21 92.45
CGD KC1 WL . -25.03 3.42 96.89
CHA KC1 WL . -23.34 5.04 96.14
CHB KC1 WL . -19.34 3.65 93.76
CHC KC1 WL . -16.55 5.93 97.02
CHD KC1 WL . -20.53 6.86 99.71
CMA KC1 WL . -21.65 2.59 92.04
CMB KC1 WL . -16.50 3.32 92.79
CMC KC1 WL . -15.53 7.35 99.63
CMD KC1 WL . -23.46 7.18 100.51
NA KC1 WL . -21.13 4.51 95.21
NC KC1 WL . -18.75 6.23 98.07
O1A KC1 WL . -26.44 3.14 91.89
O1D KC1 WL . -24.38 2.91 97.78
O2A KC1 WL . -27.33 5.08 92.47
O2D KC1 WL . -26.11 2.77 96.42
OBD KC1 WL . -26.09 5.98 98.25
MG KC1 WL . -19.92 5.38 96.64
#